data_7TAU
#
_entry.id   7TAU
#
_cell.length_a   1.00
_cell.length_b   1.00
_cell.length_c   1.00
_cell.angle_alpha   90.00
_cell.angle_beta   90.00
_cell.angle_gamma   90.00
#
_symmetry.space_group_name_H-M   'P 1'
#
loop_
_entity.id
_entity.type
_entity.pdbx_description
1 polymer 'Hexon protein'
2 polymer 'Penton protein'
3 polymer Fiber
4 polymer 'Pre-hexon-linking protein IIIa'
5 polymer PIX
6 polymer PVIII
7 polymer 'Pre-protein VI'
8 polymer 'Unknown fragment'
#
loop_
_entity_poly.entity_id
_entity_poly.type
_entity_poly.pdbx_seq_one_letter_code
_entity_poly.pdbx_strand_id
1 'polypeptide(L)'
;MATPSMMPQWAYMHIAGQDASEYLSPGLVQFARATDTYFSLGNKFRNPTVAPTHDVTTDRSQRLTLRFVPVDREATTYLY
KARFTLAVGDNRVLDMASTYFDIRGVLDRGPSFKPYSGTAYNSLAPKGAPNPSQWETKEKQGTTGGVQQEKDVTKTFGVA
ATGGINITNQGLLLGTDETAENGKKDIYADKTFQPEPQVGEENWQENEAFYGGRALKKDTKMKPCYGSFARPTNEKGGQA
KFKPVNEGEQPKDLDIDFAYFDVPGGSPPAGGSGEEYKADIILYTENVNLETPDTHVVYKPGTSDNSSEINLVQQSMPNR
PNYIGFRDNFVGLMYYNSTGNMGVLAGQASQLNAVVDLQDRNTELSYQLLLDSLGDRTRYFSMWNSAVDSYDPDVRIIEN
HGVEDELPNYCFPLNGTGTNSTYQGVKITNGNDGAEESEWEKDDAISRQNQICKGNVYAMEINLQANLWKSFLYSNVALY
LPDSYKYTPANVKLPANTNTYEYMNGRVVAPSLVDAYINIGARWSLDPMDNVNPFNHPRNAGLRYRSMLLGNGRYVPFHI
QVPQKFFAIKNLLLLPGSYTYEWNFRKDVNMILQSSLGNDLRVDGASVRFDSVNLYATFFPMAHNTASTLEAMLRNDTHD
QSFNDYLSAANMLYPIPAKATNVPISIPSRNWAAFRGWSFTRLKTKETPSLGSGFDPYFVYSGSIPYLDGTFYLNHTFKK
VSIMFDSSVSWPGNDRLLTPNEFEIKRSVDGEGYNVAQCNMTKDWFLVQMLSHYNIGYQGFHVPEGYKDRMYSFFRNFQP
MSRQVVDEINYKDYKAVTLPFQHNNSGFTGYLAPTMRQGQPYPANFPYPLIGQTAVPSVTQKKFLCDRVMWRIPFSSNFM
SMGALTDLGQNMLYANSAHALDMTFEVDPMDEPTLLYLLFEVFDVVRVHQPHRGVIEAVYLRTPFSAGNATT
;
A,B,C,D,E,F,G,H,I,J,K,L
2 'polypeptide(L)'
;MRRAVVSSSPPPSYESVMAQATLEVPFVPPRYMAPTEGRNSIRYSELAPQYDTTRVYLVDNKSADIASLNYQNDHSNFLT
TVVQNNDFTPAEASTQTINFDERSRWGGDLKTILHTNMPNVNEYMFTSKFKARVMVSRKHPEGVVETDLSQDKLEYEWFE
FTLPEGNFSETMTIDLMNNAILENYLQVGRQNGVLESDIGVKFDSRNFKLGWDPVTKLVMPGVYTYEAFHPDVVLLPGCG
VDFTESRLSNLLGIRKKQPFQEGFRIMYEDLEGGNIPALLDVPKYLESKKKVEDETKNAAAATADTTTRGDTFATPAQET
AADKKVEVLPIEKDESGRSYNLIQGTHDTLYRSWYLSYTYGDPEKGVQSWTLLTTPDVTCGAEQVYWSLPDLMQDPVTFR
STQQVSNYPVVGAELMPFRAKSFYNDLAVYSQLIRSYTSLTHVFNRFPDNQILCRPPAPTITTVSENVPALTDHGTLPLR
SSIRGVQRVTVTDARRRTCPYVYKALGIVAPRVLSSRTF
;
N
3 'polypeptide(L)'
;MAKRLRVEDDFNPVYPYGYARNQNIPFLTPPFVSSDGFKNFPPGVLSLKLADPITINNGDVSLKVGGGLAVEQQTGNLSV
NPDAPLQVASDKLQLALAPPFEVRDGKLALKAGNGLKVLDNSITGLTGLLNTLVVLTGRGIGTEELKNDDGVTNKGVGLR
VRLGDDGGLTFDKKGDLVAWNKKDDRRTLWTTPDTSPNCKMSTEKDSKLTLTLTKCGSQVLGNVSLLAVTGEYHQMTATT
KKDVKISLLFDENGILLPSSSLSKDYWNYRSDDSIVSQKYNNAVPFMPNLTAYPKPSAQNAKNYSRTKIISNVYLGALTY
QPVIITIAFNQETENGCAYSITFTFTWQKDYSAQQFDVTSFTFSYLTQENKDKD
;
O
4 'polypeptide(L)'
;MSQQAPDPAIRAALQSQPSGLASDDWEAAMQRIMALTTRNPESFRQQPQANRLSAILEAVVPSRTNPTHEKVLAIVNALA
ENKAIRPDEAGLVYNALLERVGRYNSTNVQSNLDRLVTDVREAVAQRERFKNEGLGSLVALNAFLATQPANVPRGQDDYT
NFISALRLMVTEVPQSEVYQSGPDYFFQTSRQGLQTVNLSQAFKNLRGLWGVQAPVGDRSTVSSLLTPNSRLLLLLIAPF
TDSGSVNRNSYLGHLLTLYREAIGQAQVDEQTFQEITSVSRALGQNDTDSLRATLNFLLTNRQQKIPAQYALSAEEERIL
RYVQQSVGLFLMQEGATPSAALDMTARNMEPSMYAANRPFINKLMDYLHRAAAMNTDYFTNAILNPHWLPPPGFYTGEYD
MPDPNDGFLWDDVDSAVFSPTFQKRQEAPPSEGAVGRSPFPSLGSLHSLPGSVNSGRVSRPRLLGEDEYLNDSLLQPPRA
KNAMANNGIESLVDKLNRWKTYAQDHRDAPAPRRQRHDRQRGLVWDDEDSADDSSVLDLGGSGGVNPFAHLQPKLGRRMF
;
M
5 'polypeptide(L)'
;MNGTGGAFEGGLFSPYLTTRLPGWAGVRQNVMGSTVDGRPVLPANSSTMTYATVGNSSLDSTAAAAAAAAAMTATRLASS
YMPSSGSSPSVPSSIIAEEKLLALLAELEALSRQLAALTQQVSELREQQQQQNK
;
P,Q,R,S
6 'polypeptide(L)'
;MSKEIPTPYMWSYQPQMGLAAGASQDYSTRMNWLSAGPSMISRVNGVRSHRNQILLEQAAVTSTPRAKLNPRNWPSTLVY
QEIPGPTTVLLPRDALAEVRMTNSGVQLAGGASRCPLRPQSGIKTLVIRGRGTQLNDELVSSSIGLRPDGVFQLAGAGRS
SFTPNQAYLTLQSSSSEPRSGGIGTLQFVEEFVPSVYFNPFSGSPGLYPDEFIPNFDAVREAVDGYD
;
U,V
7 'polypeptide(L)'
;MEDINFASLAPRHGTRPFMGTWNEIGTSQLNGGAFNWSSVWSGLKNFGSTLRTYGNKAWNSSTGQLLREKLKDQNFQQKV
VDGLASGINGVVDIANQAVQREINSRLDPRPPTVVEMEDATLPPPKGEKRPRPDAEETILQVDEPPSYEEAVKAGMPTTR
IIAPLATGVMKPATLDLPPPPAPAPPKATPVVQAPPVATAVRRVPARRQAQNWQSTLHSIVGLGVKSLKRRRCY
;
1,2,3,4,5,6,7,8,9
8 'polypeptide(L)' (UNK)(UNK)(UNK)(UNK)(UNK)(UNK)(UNK)(UNK)(UNK)(UNK)(UNK)(UNK)(UNK)(UNK)(UNK) X
#
# COMPACT_ATOMS: atom_id res chain seq x y z
N MET A 1 35.33 -29.39 -98.98
CA MET A 1 34.84 -28.18 -99.62
C MET A 1 34.10 -28.49 -100.91
N ALA A 2 32.79 -28.68 -100.81
CA ALA A 2 31.98 -28.93 -102.01
C ALA A 2 31.83 -27.63 -102.78
N THR A 3 32.65 -27.47 -103.81
CA THR A 3 32.58 -26.25 -104.63
C THR A 3 31.22 -26.08 -105.31
N PRO A 4 30.64 -27.08 -105.97
CA PRO A 4 29.34 -26.87 -106.60
C PRO A 4 28.19 -27.28 -105.68
N SER A 5 26.99 -26.87 -106.06
CA SER A 5 25.77 -27.24 -105.35
C SER A 5 24.63 -27.16 -106.37
N MET A 6 24.17 -28.31 -106.84
CA MET A 6 23.21 -28.34 -107.93
C MET A 6 21.77 -28.28 -107.46
N MET A 7 21.51 -28.15 -106.16
CA MET A 7 20.14 -27.99 -105.71
C MET A 7 19.62 -26.61 -106.11
N PRO A 8 18.29 -26.44 -106.17
CA PRO A 8 17.74 -25.16 -106.64
C PRO A 8 18.20 -23.99 -105.78
N GLN A 9 18.49 -22.87 -106.45
CA GLN A 9 19.06 -21.71 -105.76
C GLN A 9 18.07 -21.05 -104.81
N TRP A 10 16.79 -21.35 -104.90
CA TRP A 10 15.83 -20.80 -103.95
C TRP A 10 15.62 -21.68 -102.73
N ALA A 11 16.18 -22.89 -102.73
CA ALA A 11 16.23 -23.70 -101.52
C ALA A 11 17.63 -23.86 -100.98
N TYR A 12 18.66 -23.57 -101.78
CA TYR A 12 20.02 -23.61 -101.31
C TYR A 12 20.35 -22.39 -100.47
N MET A 13 19.80 -21.24 -100.82
CA MET A 13 19.99 -20.00 -100.07
C MET A 13 18.88 -19.76 -99.07
N HIS A 14 17.97 -20.71 -98.92
CA HIS A 14 16.92 -20.66 -97.89
C HIS A 14 15.96 -19.50 -98.09
N ILE A 15 15.71 -19.12 -99.34
CA ILE A 15 14.62 -18.18 -99.60
C ILE A 15 13.28 -18.85 -99.35
N ALA A 16 13.14 -20.10 -99.78
CA ALA A 16 11.96 -20.90 -99.50
C ALA A 16 12.41 -22.35 -99.38
N GLY A 17 11.90 -23.04 -98.38
CA GLY A 17 12.31 -24.40 -98.10
C GLY A 17 12.20 -24.67 -96.62
N GLN A 18 13.04 -25.58 -96.12
CA GLN A 18 13.01 -25.90 -94.70
C GLN A 18 13.58 -24.76 -93.88
N ASP A 19 13.20 -24.72 -92.61
CA ASP A 19 13.70 -23.70 -91.69
C ASP A 19 14.81 -24.29 -90.81
N ALA A 20 15.44 -23.41 -90.03
CA ALA A 20 16.62 -23.78 -89.28
C ALA A 20 16.37 -24.96 -88.35
N SER A 21 15.18 -25.04 -87.78
CA SER A 21 14.89 -26.12 -86.84
C SER A 21 14.84 -27.48 -87.53
N GLU A 22 14.82 -27.53 -88.86
CA GLU A 22 14.68 -28.81 -89.55
C GLU A 22 15.57 -28.92 -90.77
N TYR A 23 16.64 -28.13 -90.85
CA TYR A 23 17.66 -28.41 -91.86
C TYR A 23 19.07 -28.40 -91.31
N LEU A 24 19.29 -28.02 -90.06
CA LEU A 24 20.58 -28.23 -89.44
C LEU A 24 20.67 -29.66 -88.92
N SER A 25 21.88 -30.08 -88.60
CA SER A 25 22.05 -31.39 -88.01
C SER A 25 21.39 -31.44 -86.63
N PRO A 26 20.78 -32.57 -86.27
CA PRO A 26 20.12 -32.64 -84.97
C PRO A 26 21.08 -32.46 -83.81
N GLY A 27 22.38 -32.66 -84.04
CA GLY A 27 23.35 -32.34 -83.01
C GLY A 27 23.46 -30.85 -82.76
N LEU A 28 23.39 -30.06 -83.83
CA LEU A 28 23.50 -28.61 -83.67
C LEU A 28 22.22 -28.03 -83.09
N VAL A 29 21.06 -28.52 -83.52
CA VAL A 29 19.80 -28.00 -82.97
C VAL A 29 19.71 -28.29 -81.48
N GLN A 30 20.05 -29.53 -81.09
CA GLN A 30 20.08 -29.87 -79.67
C GLN A 30 21.14 -29.07 -78.93
N PHE A 31 22.28 -28.79 -79.56
CA PHE A 31 23.28 -27.94 -78.93
C PHE A 31 22.77 -26.51 -78.76
N ALA A 32 22.24 -25.93 -79.84
CA ALA A 32 21.83 -24.53 -79.79
C ALA A 32 20.68 -24.33 -78.82
N ARG A 33 19.77 -25.29 -78.74
CA ARG A 33 18.64 -25.17 -77.83
C ARG A 33 19.09 -25.21 -76.38
N ALA A 34 20.15 -25.98 -76.09
CA ALA A 34 20.62 -26.11 -74.72
C ALA A 34 21.18 -24.79 -74.19
N THR A 35 21.88 -24.04 -75.04
CA THR A 35 22.58 -22.83 -74.62
C THR A 35 21.93 -21.57 -75.17
N ASP A 36 20.60 -21.50 -75.17
CA ASP A 36 19.93 -20.29 -75.64
C ASP A 36 20.14 -19.14 -74.68
N THR A 37 20.30 -19.42 -73.39
CA THR A 37 20.41 -18.35 -72.41
C THR A 37 21.67 -17.51 -72.63
N TYR A 38 22.79 -18.16 -72.94
CA TYR A 38 24.07 -17.51 -73.10
C TYR A 38 24.67 -17.91 -74.44
N PHE A 39 25.11 -16.91 -75.21
CA PHE A 39 25.72 -17.13 -76.52
C PHE A 39 24.77 -17.90 -77.44
N SER A 40 23.68 -17.23 -77.78
CA SER A 40 22.68 -17.81 -78.64
C SER A 40 23.16 -17.84 -80.10
N LEU A 41 22.67 -18.83 -80.84
CA LEU A 41 22.99 -18.99 -82.25
C LEU A 41 21.76 -18.80 -83.14
N GLY A 42 20.70 -18.18 -82.61
CA GLY A 42 19.47 -18.07 -83.37
C GLY A 42 19.59 -17.12 -84.56
N ASN A 43 20.27 -16.00 -84.40
CA ASN A 43 20.33 -14.99 -85.43
C ASN A 43 21.37 -15.27 -86.49
N LYS A 44 21.87 -16.50 -86.57
CA LYS A 44 22.91 -16.85 -87.53
C LYS A 44 22.46 -17.91 -88.51
N PHE A 45 21.16 -18.13 -88.66
CA PHE A 45 20.65 -19.09 -89.61
C PHE A 45 19.32 -18.59 -90.16
N ARG A 46 19.13 -18.75 -91.46
CA ARG A 46 17.92 -18.25 -92.10
C ARG A 46 16.71 -19.08 -91.68
N ASN A 47 15.55 -18.43 -91.68
CA ASN A 47 14.27 -19.09 -91.47
C ASN A 47 13.31 -18.61 -92.54
N PRO A 48 13.07 -19.41 -93.58
CA PRO A 48 12.20 -18.98 -94.67
C PRO A 48 10.79 -18.68 -94.17
N THR A 49 10.18 -17.66 -94.76
CA THR A 49 8.81 -17.27 -94.45
C THR A 49 8.06 -17.12 -95.77
N VAL A 50 7.15 -18.05 -96.05
CA VAL A 50 6.46 -18.11 -97.32
C VAL A 50 4.98 -17.81 -97.08
N ALA A 51 4.48 -16.80 -97.76
CA ALA A 51 3.06 -16.47 -97.66
C ALA A 51 2.23 -17.51 -98.39
N PRO A 52 0.99 -17.75 -97.94
CA PRO A 52 0.13 -18.70 -98.66
C PRO A 52 -0.19 -18.18 -100.05
N THR A 53 -0.37 -19.12 -100.98
CA THR A 53 -0.43 -18.78 -102.40
C THR A 53 -1.84 -18.73 -102.96
N HIS A 54 -2.57 -19.85 -102.90
CA HIS A 54 -3.81 -19.94 -103.67
C HIS A 54 -5.04 -19.49 -102.89
N ASP A 55 -5.34 -20.15 -101.79
CA ASP A 55 -6.62 -19.97 -101.12
C ASP A 55 -6.63 -18.83 -100.12
N VAL A 56 -5.75 -17.85 -100.27
CA VAL A 56 -5.77 -16.70 -99.36
C VAL A 56 -6.34 -15.47 -100.05
N THR A 57 -6.09 -15.30 -101.34
CA THR A 57 -6.56 -14.13 -102.07
C THR A 57 -7.06 -14.54 -103.43
N THR A 58 -8.00 -13.77 -103.96
CA THR A 58 -8.68 -14.12 -105.19
C THR A 58 -7.87 -13.68 -106.41
N ASP A 59 -8.37 -14.06 -107.58
CA ASP A 59 -7.80 -13.65 -108.85
C ASP A 59 -8.79 -12.94 -109.76
N ARG A 60 -10.08 -13.09 -109.52
CA ARG A 60 -11.08 -12.40 -110.33
C ARG A 60 -11.05 -10.90 -110.03
N SER A 61 -11.78 -10.15 -110.84
CA SER A 61 -11.91 -8.72 -110.60
C SER A 61 -12.67 -8.48 -109.30
N GLN A 62 -12.14 -7.62 -108.45
CA GLN A 62 -12.81 -7.29 -107.21
C GLN A 62 -12.34 -5.92 -106.74
N ARG A 63 -13.26 -5.17 -106.14
CA ARG A 63 -13.01 -3.82 -105.68
C ARG A 63 -12.78 -3.83 -104.18
N LEU A 64 -11.72 -3.15 -103.73
CA LEU A 64 -11.43 -3.11 -102.30
C LEU A 64 -12.37 -2.19 -101.54
N THR A 65 -12.67 -1.01 -102.09
CA THR A 65 -13.45 -0.02 -101.38
C THR A 65 -14.63 0.41 -102.24
N LEU A 66 -15.82 0.38 -101.67
CA LEU A 66 -17.04 0.75 -102.37
C LEU A 66 -17.61 2.03 -101.77
N ARG A 67 -18.34 2.77 -102.59
CA ARG A 67 -18.96 4.03 -102.18
C ARG A 67 -20.42 4.00 -102.55
N PHE A 68 -21.29 3.98 -101.54
CA PHE A 68 -22.73 3.92 -101.75
C PHE A 68 -23.31 5.31 -101.56
N VAL A 69 -23.99 5.81 -102.59
CA VAL A 69 -24.70 7.09 -102.50
C VAL A 69 -26.02 6.85 -101.79
N PRO A 70 -26.57 7.84 -101.10
CA PRO A 70 -27.85 7.62 -100.39
C PRO A 70 -28.99 7.45 -101.38
N VAL A 71 -29.82 6.43 -101.13
CA VAL A 71 -30.92 6.14 -102.04
C VAL A 71 -32.14 7.01 -101.75
N ASP A 72 -32.22 7.60 -100.56
CA ASP A 72 -33.35 8.42 -100.18
C ASP A 72 -32.99 9.22 -98.95
N ARG A 73 -33.27 10.52 -98.98
CA ARG A 73 -32.88 11.41 -97.90
C ARG A 73 -34.08 12.21 -97.42
N GLU A 74 -34.27 12.25 -96.10
CA GLU A 74 -35.29 13.05 -95.46
C GLU A 74 -34.65 13.98 -94.46
N ALA A 75 -35.15 15.21 -94.40
CA ALA A 75 -34.54 16.24 -93.57
C ALA A 75 -35.62 16.93 -92.74
N THR A 76 -35.22 17.44 -91.59
CA THR A 76 -36.09 18.20 -90.69
C THR A 76 -35.33 19.43 -90.20
N THR A 77 -35.97 20.20 -89.33
CA THR A 77 -35.32 21.40 -88.79
C THR A 77 -34.09 21.02 -87.98
N TYR A 78 -34.20 19.96 -87.17
CA TYR A 78 -33.08 19.48 -86.39
C TYR A 78 -32.63 18.08 -86.76
N LEU A 79 -33.54 17.21 -87.17
CA LEU A 79 -33.24 15.85 -87.58
C LEU A 79 -32.62 15.84 -88.97
N TYR A 80 -31.99 14.71 -89.30
CA TYR A 80 -31.42 14.52 -90.63
C TYR A 80 -31.23 13.03 -90.83
N LYS A 81 -31.92 12.45 -91.81
CA LYS A 81 -31.98 11.02 -92.01
C LYS A 81 -31.49 10.64 -93.39
N ALA A 82 -30.66 9.60 -93.47
CA ALA A 82 -30.16 9.09 -94.74
C ALA A 82 -30.40 7.58 -94.81
N ARG A 83 -30.49 7.07 -96.02
CA ARG A 83 -30.84 5.66 -96.23
C ARG A 83 -30.06 5.12 -97.42
N PHE A 84 -29.43 3.97 -97.24
CA PHE A 84 -28.63 3.34 -98.27
C PHE A 84 -29.13 1.93 -98.55
N THR A 85 -28.36 1.22 -99.38
CA THR A 85 -28.57 -0.20 -99.63
C THR A 85 -27.19 -0.85 -99.70
N LEU A 86 -26.86 -1.66 -98.70
CA LEU A 86 -25.49 -2.14 -98.55
C LEU A 86 -25.06 -3.00 -99.73
N ALA A 87 -25.84 -4.02 -100.06
CA ALA A 87 -25.62 -4.84 -101.26
C ALA A 87 -24.19 -5.38 -101.29
N VAL A 88 -23.91 -6.28 -100.35
CA VAL A 88 -22.55 -6.80 -100.23
C VAL A 88 -22.37 -7.96 -101.19
N GLY A 89 -22.06 -7.63 -102.44
CA GLY A 89 -21.57 -8.54 -103.46
C GLY A 89 -22.09 -9.96 -103.45
N ASP A 90 -21.17 -10.90 -103.64
CA ASP A 90 -21.42 -12.33 -103.56
C ASP A 90 -20.07 -13.03 -103.63
N ASN A 91 -19.98 -14.19 -102.97
CA ASN A 91 -18.71 -14.90 -102.79
C ASN A 91 -17.68 -14.02 -102.10
N ARG A 92 -18.14 -13.09 -101.27
CA ARG A 92 -17.24 -12.24 -100.49
C ARG A 92 -17.97 -11.81 -99.24
N VAL A 93 -17.19 -11.40 -98.24
CA VAL A 93 -17.70 -11.17 -96.90
C VAL A 93 -17.20 -9.82 -96.40
N LEU A 94 -18.11 -9.01 -95.89
CA LEU A 94 -17.81 -7.67 -95.41
C LEU A 94 -17.86 -7.64 -93.88
N ASP A 95 -16.81 -7.08 -93.27
CA ASP A 95 -16.79 -6.86 -91.84
C ASP A 95 -17.31 -5.47 -91.55
N MET A 96 -18.41 -5.39 -90.79
CA MET A 96 -19.04 -4.10 -90.54
C MET A 96 -18.13 -3.13 -89.81
N ALA A 97 -17.08 -3.63 -89.15
CA ALA A 97 -16.16 -2.70 -88.51
C ALA A 97 -15.17 -2.17 -89.54
N SER A 98 -15.68 -1.73 -90.69
CA SER A 98 -14.92 -0.97 -91.66
C SER A 98 -15.73 0.10 -92.35
N THR A 99 -17.05 0.05 -92.25
CA THR A 99 -17.91 1.04 -92.88
C THR A 99 -17.92 2.32 -92.05
N TYR A 100 -18.01 3.45 -92.73
CA TYR A 100 -18.04 4.73 -92.05
C TYR A 100 -18.68 5.76 -92.97
N PHE A 101 -19.59 6.55 -92.39
CA PHE A 101 -20.28 7.58 -93.14
C PHE A 101 -19.32 8.73 -93.41
N ASP A 102 -19.29 9.18 -94.66
CA ASP A 102 -18.43 10.27 -95.08
C ASP A 102 -19.28 11.52 -95.22
N ILE A 103 -19.46 12.22 -94.10
CA ILE A 103 -20.29 13.42 -94.06
C ILE A 103 -19.42 14.62 -94.36
N ARG A 104 -19.90 15.51 -95.22
CA ARG A 104 -19.17 16.73 -95.51
C ARG A 104 -20.14 17.87 -95.76
N GLY A 105 -19.65 19.08 -95.55
CA GLY A 105 -20.48 20.26 -95.64
C GLY A 105 -19.69 21.47 -95.18
N VAL A 106 -20.41 22.57 -95.02
CA VAL A 106 -19.83 23.83 -94.59
C VAL A 106 -20.35 24.16 -93.21
N LEU A 107 -19.44 24.49 -92.30
CA LEU A 107 -19.76 24.79 -90.91
C LEU A 107 -19.32 26.21 -90.57
N ASP A 108 -20.15 26.91 -89.82
CA ASP A 108 -19.86 28.27 -89.40
C ASP A 108 -19.92 28.35 -87.89
N ARG A 109 -18.77 28.53 -87.25
CA ARG A 109 -18.75 28.82 -85.83
C ARG A 109 -19.20 30.26 -85.60
N GLY A 110 -19.72 30.52 -84.41
CA GLY A 110 -20.33 31.80 -84.13
C GLY A 110 -19.29 32.90 -83.99
N PRO A 111 -19.76 34.11 -83.70
CA PRO A 111 -18.84 35.19 -83.37
C PRO A 111 -18.05 34.93 -82.11
N SER A 112 -18.53 34.06 -81.25
CA SER A 112 -17.86 33.67 -80.00
C SER A 112 -16.64 32.86 -80.22
N PHE A 113 -16.22 32.64 -81.46
CA PHE A 113 -15.07 31.78 -81.74
C PHE A 113 -13.79 32.60 -81.70
N LYS A 114 -12.85 32.15 -80.88
CA LYS A 114 -11.53 32.76 -80.80
C LYS A 114 -10.53 31.73 -80.30
N PRO A 115 -9.73 31.15 -81.17
CA PRO A 115 -8.83 30.07 -80.74
C PRO A 115 -7.57 30.57 -80.05
N TYR A 116 -7.01 31.68 -80.50
CA TYR A 116 -5.77 32.17 -79.90
C TYR A 116 -6.05 32.83 -78.56
N SER A 117 -5.10 32.74 -77.65
CA SER A 117 -5.32 33.18 -76.29
C SER A 117 -5.21 34.69 -76.17
N GLY A 118 -4.06 35.26 -76.50
CA GLY A 118 -3.83 36.68 -76.34
C GLY A 118 -4.53 37.49 -77.41
N THR A 119 -3.95 38.63 -77.73
CA THR A 119 -4.45 39.46 -78.81
C THR A 119 -3.68 39.14 -80.09
N ALA A 120 -3.89 39.92 -81.13
CA ALA A 120 -3.23 39.69 -82.41
C ALA A 120 -2.50 40.90 -82.97
N TYR A 121 -2.95 42.11 -82.65
CA TYR A 121 -2.40 43.32 -83.22
C TYR A 121 -1.82 44.19 -82.12
N ASN A 122 -0.60 44.68 -82.33
CA ASN A 122 0.07 45.55 -81.38
C ASN A 122 0.14 44.90 -80.00
N SER A 123 0.46 43.61 -79.99
CA SER A 123 0.50 42.88 -78.73
C SER A 123 1.54 43.46 -77.79
N LEU A 124 2.72 43.82 -78.32
CA LEU A 124 3.77 44.37 -77.48
C LEU A 124 3.40 45.71 -76.87
N ALA A 125 2.45 46.43 -77.46
CA ALA A 125 2.06 47.71 -76.91
C ALA A 125 1.47 47.53 -75.52
N PRO A 126 1.70 48.47 -74.60
CA PRO A 126 1.10 48.35 -73.27
C PRO A 126 -0.41 48.44 -73.34
N LYS A 127 -1.07 47.86 -72.33
CA LYS A 127 -2.53 47.80 -72.34
C LYS A 127 -3.13 49.20 -72.38
N GLY A 128 -2.62 50.12 -71.57
CA GLY A 128 -3.15 51.46 -71.52
C GLY A 128 -2.46 52.42 -72.45
N ALA A 129 -2.24 52.01 -73.70
CA ALA A 129 -1.54 52.86 -74.65
C ALA A 129 -2.52 53.45 -75.63
N PRO A 130 -2.76 54.76 -75.62
CA PRO A 130 -3.68 55.35 -76.57
C PRO A 130 -3.00 55.72 -77.87
N ASN A 131 -3.52 55.22 -78.99
CA ASN A 131 -2.98 55.61 -80.28
C ASN A 131 -3.23 57.10 -80.51
N PRO A 132 -2.33 57.66 -81.36
CA PRO A 132 -2.44 59.07 -81.55
C PRO A 132 -3.74 59.50 -81.95
N SER A 133 -4.15 60.66 -81.50
CA SER A 133 -5.49 61.09 -81.77
C SER A 133 -5.78 62.53 -81.53
N GLN A 134 -6.94 62.99 -81.93
CA GLN A 134 -7.33 64.35 -81.70
C GLN A 134 -8.72 64.46 -81.07
N TRP A 135 -8.90 65.29 -80.05
CA TRP A 135 -10.19 65.44 -79.47
C TRP A 135 -10.60 66.84 -79.34
N GLU A 136 -11.70 67.19 -79.95
CA GLU A 136 -12.16 68.55 -79.91
C GLU A 136 -12.65 68.75 -78.56
N THR A 137 -12.52 69.96 -78.07
CA THR A 137 -12.93 70.23 -76.73
C THR A 137 -13.09 71.69 -76.53
N LYS A 138 -13.32 72.10 -75.31
CA LYS A 138 -13.45 73.51 -74.99
C LYS A 138 -12.12 74.02 -74.44
N GLU A 139 -11.64 75.13 -74.99
CA GLU A 139 -10.39 75.73 -74.56
C GLU A 139 -10.63 76.70 -73.41
N LYS A 140 -9.73 76.68 -72.43
CA LYS A 140 -9.87 77.49 -71.22
C LYS A 140 -9.04 78.76 -71.37
N GLN A 141 -9.72 79.82 -71.80
CA GLN A 141 -9.11 81.14 -71.94
C GLN A 141 -10.03 82.21 -71.34
N GLY A 142 -10.56 81.95 -70.15
CA GLY A 142 -11.50 82.87 -69.54
C GLY A 142 -10.91 84.16 -69.04
N THR A 143 -9.60 84.18 -68.78
CA THR A 143 -8.96 85.41 -68.32
C THR A 143 -9.05 86.51 -69.37
N THR A 144 -8.81 86.15 -70.63
CA THR A 144 -8.95 87.10 -71.74
C THR A 144 -10.31 87.02 -72.40
N GLY A 145 -11.19 86.15 -71.93
CA GLY A 145 -12.52 86.01 -72.52
C GLY A 145 -12.60 85.06 -73.68
N GLY A 146 -11.62 84.18 -73.87
CA GLY A 146 -11.62 83.28 -75.00
C GLY A 146 -11.97 81.84 -74.64
N VAL A 147 -12.92 81.67 -73.73
CA VAL A 147 -13.34 80.33 -73.32
C VAL A 147 -14.33 79.81 -74.33
N GLN A 148 -13.84 79.17 -75.39
CA GLN A 148 -14.69 78.65 -76.44
C GLN A 148 -14.19 77.30 -76.95
N GLN A 149 -14.96 76.66 -77.81
CA GLN A 149 -14.68 75.30 -78.26
C GLN A 149 -13.60 75.34 -79.33
N GLU A 150 -12.34 75.37 -78.89
CA GLU A 150 -11.20 75.34 -79.79
C GLU A 150 -10.59 73.95 -79.83
N LYS A 151 -9.74 73.74 -80.82
CA LYS A 151 -8.93 72.52 -80.85
C LYS A 151 -7.80 72.57 -79.84
N ASP A 152 -8.19 72.62 -78.57
CA ASP A 152 -7.19 72.74 -77.47
C ASP A 152 -6.27 71.55 -77.35
N VAL A 153 -6.44 70.66 -76.39
CA VAL A 153 -5.47 69.62 -76.33
C VAL A 153 -5.87 68.63 -77.38
N THR A 154 -6.07 69.12 -78.58
CA THR A 154 -6.45 68.34 -79.66
C THR A 154 -5.13 67.84 -80.10
N LYS A 155 -5.12 66.82 -80.93
CA LYS A 155 -3.89 66.31 -81.49
C LYS A 155 -2.96 65.87 -80.48
N THR A 156 -3.51 65.32 -79.46
CA THR A 156 -2.68 64.82 -78.47
C THR A 156 -2.07 63.56 -78.79
N PHE A 157 -1.12 63.26 -77.98
CA PHE A 157 -0.54 62.01 -78.14
C PHE A 157 -0.14 61.66 -79.51
N GLY A 158 0.57 62.53 -80.20
CA GLY A 158 1.07 62.21 -81.51
C GLY A 158 2.43 61.61 -81.39
N VAL A 159 3.07 61.29 -82.51
CA VAL A 159 4.38 60.74 -82.27
C VAL A 159 5.44 61.49 -83.05
N ALA A 160 5.16 61.81 -84.32
CA ALA A 160 6.12 62.44 -85.21
C ALA A 160 7.40 61.62 -85.28
N ALA A 161 7.23 60.37 -85.71
CA ALA A 161 8.34 59.43 -85.73
C ALA A 161 9.36 59.78 -86.79
N THR A 162 8.91 60.03 -88.01
CA THR A 162 9.80 60.20 -89.14
C THR A 162 10.37 61.62 -89.19
N GLY A 163 11.65 61.71 -89.49
CA GLY A 163 12.32 63.00 -89.65
C GLY A 163 12.44 63.38 -91.11
N GLY A 164 12.47 64.68 -91.38
CA GLY A 164 12.51 65.18 -92.73
C GLY A 164 13.49 66.31 -92.88
N ILE A 165 13.84 66.59 -94.14
CA ILE A 165 14.80 67.65 -94.44
C ILE A 165 14.21 69.02 -94.13
N ASN A 166 12.98 69.27 -94.57
CA ASN A 166 12.32 70.56 -94.38
C ASN A 166 10.83 70.35 -94.55
N ILE A 167 10.06 71.29 -94.01
CA ILE A 167 8.60 71.18 -93.98
C ILE A 167 7.99 72.38 -94.67
N THR A 168 7.12 72.12 -95.64
CA THR A 168 6.36 73.16 -96.33
C THR A 168 4.93 72.68 -96.49
N ASN A 169 4.07 73.58 -96.98
CA ASN A 169 2.68 73.21 -97.21
C ASN A 169 2.55 72.11 -98.25
N GLN A 170 3.54 71.96 -99.13
CA GLN A 170 3.49 70.91 -100.13
C GLN A 170 3.46 69.52 -99.49
N GLY A 171 4.24 69.33 -98.43
CA GLY A 171 4.31 68.03 -97.79
C GLY A 171 5.34 67.96 -96.68
N LEU A 172 6.17 66.91 -96.70
CA LEU A 172 7.18 66.71 -95.67
C LEU A 172 8.61 66.69 -96.19
N LEU A 173 8.81 66.48 -97.49
CA LEU A 173 10.13 66.58 -98.13
C LEU A 173 11.12 65.61 -97.47
N LEU A 174 10.83 64.32 -97.63
CA LEU A 174 11.69 63.29 -97.06
C LEU A 174 13.10 63.37 -97.64
N GLY A 175 13.22 63.38 -98.95
CA GLY A 175 14.52 63.38 -99.59
C GLY A 175 14.62 64.31 -100.78
N THR A 176 15.71 65.08 -100.84
CA THR A 176 15.95 66.01 -101.93
C THR A 176 16.93 65.46 -102.96
N ASP A 177 17.28 64.18 -102.88
CA ASP A 177 18.19 63.56 -103.83
C ASP A 177 17.64 63.72 -105.25
N GLU A 178 18.30 64.53 -106.07
CA GLU A 178 17.76 64.94 -107.35
C GLU A 178 18.77 64.66 -108.45
N THR A 179 18.33 63.92 -109.46
CA THR A 179 19.07 63.77 -110.71
C THR A 179 18.53 64.69 -111.81
N ALA A 180 17.23 64.94 -111.80
CA ALA A 180 16.60 65.91 -112.69
C ALA A 180 16.32 67.23 -112.00
N GLU A 181 16.89 67.45 -110.81
CA GLU A 181 16.73 68.68 -110.03
C GLU A 181 15.28 68.87 -109.57
N ASN A 182 14.74 67.85 -108.91
CA ASN A 182 13.42 67.91 -108.31
C ASN A 182 13.49 67.35 -106.89
N GLY A 183 12.66 67.93 -106.01
CA GLY A 183 12.64 67.51 -104.62
C GLY A 183 11.45 66.68 -104.26
N LYS A 184 11.66 65.37 -104.07
CA LYS A 184 10.60 64.47 -103.69
C LYS A 184 10.03 64.87 -102.33
N LYS A 185 8.71 65.11 -102.28
CA LYS A 185 8.09 65.54 -101.03
C LYS A 185 7.54 64.35 -100.24
N ASP A 186 6.52 63.70 -100.78
CA ASP A 186 5.90 62.52 -100.17
C ASP A 186 4.73 62.09 -101.04
N ILE A 187 4.14 60.96 -100.67
CA ILE A 187 2.83 60.54 -101.16
C ILE A 187 1.99 60.31 -99.91
N TYR A 188 1.20 61.30 -99.52
CA TYR A 188 0.47 61.22 -98.26
C TYR A 188 -0.65 60.19 -98.31
N ALA A 189 -0.98 59.67 -99.49
CA ALA A 189 -2.04 58.67 -99.58
C ALA A 189 -1.65 57.41 -98.81
N ASP A 190 -0.60 56.72 -99.27
CA ASP A 190 -0.23 55.42 -98.70
C ASP A 190 1.16 55.42 -98.10
N LYS A 191 2.19 55.77 -98.86
CA LYS A 191 3.57 55.66 -98.43
C LYS A 191 4.10 56.98 -97.87
N THR A 192 3.19 57.79 -97.31
CA THR A 192 3.60 58.99 -96.59
C THR A 192 4.72 58.67 -95.62
N PHE A 193 4.39 57.87 -94.61
CA PHE A 193 5.41 57.18 -93.83
C PHE A 193 4.71 56.02 -93.14
N GLN A 194 4.95 54.81 -93.61
CA GLN A 194 4.55 53.65 -92.85
C GLN A 194 5.16 53.79 -91.45
N PRO A 195 4.40 53.66 -90.39
CA PRO A 195 4.98 53.98 -89.09
C PRO A 195 5.78 52.84 -88.50
N GLU A 196 6.52 52.10 -89.33
CA GLU A 196 7.67 51.33 -88.83
C GLU A 196 8.94 52.18 -88.91
N PRO A 197 9.26 52.80 -90.05
CA PRO A 197 10.46 53.67 -90.07
C PRO A 197 10.20 54.98 -89.37
N GLN A 198 10.79 55.15 -88.20
CA GLN A 198 10.86 56.41 -87.50
C GLN A 198 12.13 57.12 -87.93
N VAL A 199 12.54 58.14 -87.15
CA VAL A 199 13.85 58.75 -87.31
C VAL A 199 14.89 57.64 -87.26
N GLY A 200 16.03 57.85 -87.91
CA GLY A 200 17.06 56.84 -88.06
C GLY A 200 17.30 56.01 -86.80
N GLU A 201 17.53 54.71 -86.99
CA GLU A 201 17.64 53.78 -85.87
C GLU A 201 18.70 54.20 -84.86
N GLU A 202 19.52 55.19 -85.18
CA GLU A 202 20.52 55.68 -84.24
C GLU A 202 19.81 56.30 -83.04
N ASN A 203 19.82 55.58 -81.91
CA ASN A 203 19.26 56.14 -80.68
C ASN A 203 19.89 57.49 -80.36
N TRP A 204 21.21 57.52 -80.35
CA TRP A 204 21.94 58.77 -80.16
C TRP A 204 21.82 59.63 -81.40
N GLN A 205 21.94 60.94 -81.22
CA GLN A 205 22.04 61.90 -82.32
C GLN A 205 20.86 61.77 -83.28
N GLU A 206 19.68 61.55 -82.72
CA GLU A 206 18.44 61.59 -83.51
C GLU A 206 18.01 63.04 -83.61
N ASN A 207 18.94 63.90 -84.02
CA ASN A 207 18.70 65.34 -84.10
C ASN A 207 18.26 65.68 -85.51
N GLU A 208 16.97 65.97 -85.66
CA GLU A 208 16.42 66.39 -86.94
C GLU A 208 15.64 67.69 -86.74
N ALA A 209 15.91 68.67 -87.61
CA ALA A 209 15.23 69.94 -87.50
C ALA A 209 13.74 69.85 -87.83
N PHE A 210 13.29 68.73 -88.39
CA PHE A 210 11.89 68.57 -88.76
C PHE A 210 11.46 67.14 -88.52
N TYR A 211 10.24 66.96 -88.02
CA TYR A 211 9.67 65.65 -87.77
C TYR A 211 8.23 65.62 -88.27
N GLY A 212 7.77 64.43 -88.62
CA GLY A 212 6.42 64.26 -89.10
C GLY A 212 5.84 62.93 -88.63
N GLY A 213 4.52 62.91 -88.46
CA GLY A 213 3.84 61.75 -87.94
C GLY A 213 2.41 61.67 -88.42
N ARG A 214 1.73 60.63 -87.99
CA ARG A 214 0.38 60.31 -88.44
C ARG A 214 -0.53 60.21 -87.23
N ALA A 215 -1.74 60.76 -87.34
CA ALA A 215 -2.68 60.86 -86.23
C ALA A 215 -4.03 60.31 -86.66
N LEU A 216 -5.05 60.56 -85.85
CA LEU A 216 -6.40 60.14 -86.15
C LEU A 216 -7.38 61.30 -85.99
N LYS A 217 -8.43 61.26 -86.80
CA LYS A 217 -9.44 62.31 -86.81
C LYS A 217 -10.33 62.22 -85.57
N LYS A 218 -11.08 63.29 -85.34
CA LYS A 218 -12.03 63.30 -84.22
C LYS A 218 -13.24 62.43 -84.52
N ASP A 219 -13.56 62.21 -85.79
CA ASP A 219 -14.71 61.38 -86.13
C ASP A 219 -14.52 59.96 -85.63
N THR A 220 -13.34 59.41 -85.80
CA THR A 220 -13.07 58.06 -85.33
C THR A 220 -13.02 58.03 -83.81
N LYS A 221 -13.74 57.10 -83.21
CA LYS A 221 -13.82 57.00 -81.76
C LYS A 221 -12.58 56.29 -81.23
N MET A 222 -11.89 56.92 -80.29
CA MET A 222 -10.59 56.44 -79.87
C MET A 222 -10.71 55.12 -79.13
N LYS A 223 -9.71 54.27 -79.31
CA LYS A 223 -9.59 52.98 -78.67
C LYS A 223 -8.14 52.79 -78.27
N PRO A 224 -7.87 51.92 -77.30
CA PRO A 224 -6.47 51.65 -76.94
C PRO A 224 -5.73 50.98 -78.09
N CYS A 225 -4.43 51.24 -78.15
CA CYS A 225 -3.61 50.65 -79.21
C CYS A 225 -3.50 49.14 -79.08
N TYR A 226 -3.77 48.59 -77.90
CA TYR A 226 -3.48 47.18 -77.65
C TYR A 226 -4.28 46.25 -78.55
N GLY A 227 -5.45 46.68 -79.02
CA GLY A 227 -6.26 45.80 -79.84
C GLY A 227 -6.82 46.48 -81.07
N SER A 228 -6.08 47.45 -81.61
CA SER A 228 -6.58 48.26 -82.71
C SER A 228 -6.22 47.61 -84.04
N PHE A 229 -7.20 47.46 -84.91
CA PHE A 229 -7.00 46.97 -86.26
C PHE A 229 -7.72 47.89 -87.23
N ALA A 230 -7.21 47.99 -88.44
CA ALA A 230 -7.82 48.85 -89.46
C ALA A 230 -7.37 48.34 -90.82
N ARG A 231 -8.30 47.79 -91.59
CA ARG A 231 -7.96 47.18 -92.86
C ARG A 231 -7.35 48.21 -93.80
N PRO A 232 -6.47 47.80 -94.69
CA PRO A 232 -5.85 48.75 -95.62
C PRO A 232 -6.82 49.16 -96.71
N THR A 233 -6.44 50.21 -97.44
CA THR A 233 -7.20 50.67 -98.59
C THR A 233 -6.39 50.64 -99.88
N ASN A 234 -5.15 51.12 -99.84
CA ASN A 234 -4.29 51.09 -101.01
C ASN A 234 -3.44 49.83 -101.00
N GLU A 235 -3.17 49.29 -102.20
CA GLU A 235 -2.33 48.11 -102.31
C GLU A 235 -0.91 48.37 -101.83
N LYS A 236 -0.51 49.64 -101.72
CA LYS A 236 0.82 50.01 -101.30
C LYS A 236 1.00 49.97 -99.79
N GLY A 237 0.09 49.31 -99.08
CA GLY A 237 0.18 49.18 -97.65
C GLY A 237 -0.37 50.35 -96.87
N GLY A 238 -0.86 51.39 -97.55
CA GLY A 238 -1.38 52.55 -96.88
C GLY A 238 -2.52 52.23 -95.94
N GLN A 239 -2.46 52.74 -94.72
CA GLN A 239 -3.56 52.57 -93.79
C GLN A 239 -4.80 53.22 -94.34
N ALA A 240 -5.89 52.64 -94.00
CA ALA A 240 -7.04 53.14 -94.58
C ALA A 240 -7.24 54.53 -94.32
N LYS A 241 -7.83 55.16 -95.27
CA LYS A 241 -8.23 56.45 -95.01
C LYS A 241 -9.55 56.19 -95.54
N PHE A 242 -10.57 56.58 -94.84
CA PHE A 242 -11.84 56.45 -95.41
C PHE A 242 -11.83 57.52 -96.45
N LYS A 243 -12.49 57.32 -97.57
CA LYS A 243 -12.60 58.39 -98.51
C LYS A 243 -13.59 59.32 -97.83
N PRO A 244 -13.46 60.65 -97.97
CA PRO A 244 -14.40 61.45 -97.20
C PRO A 244 -15.77 61.32 -97.67
N VAL A 245 -16.68 61.43 -96.75
CA VAL A 245 -18.04 61.25 -97.09
C VAL A 245 -18.50 62.21 -98.15
N ASN A 246 -19.07 61.68 -99.22
CA ASN A 246 -19.62 62.53 -100.25
C ASN A 246 -21.11 62.67 -100.02
N GLU A 247 -21.82 63.19 -101.02
CA GLU A 247 -23.27 63.25 -100.93
C GLU A 247 -23.80 62.28 -101.98
N GLY A 248 -24.55 61.27 -101.55
CA GLY A 248 -25.04 60.27 -102.48
C GLY A 248 -24.36 60.04 -103.83
N GLU A 249 -23.02 59.84 -103.88
CA GLU A 249 -22.38 59.73 -105.18
C GLU A 249 -21.14 58.86 -105.03
N GLN A 250 -20.35 58.78 -106.08
CA GLN A 250 -19.14 57.95 -106.07
C GLN A 250 -18.03 58.66 -105.30
N PRO A 251 -17.50 58.06 -104.24
CA PRO A 251 -16.41 58.71 -103.50
C PRO A 251 -15.08 58.47 -104.20
N LYS A 252 -14.34 59.56 -104.42
CA LYS A 252 -13.03 59.49 -105.05
C LYS A 252 -11.91 59.97 -104.15
N ASP A 253 -12.03 61.17 -103.59
CA ASP A 253 -10.99 61.75 -102.75
C ASP A 253 -10.88 60.97 -101.44
N LEU A 254 -9.75 61.14 -100.77
CA LEU A 254 -9.50 60.50 -99.48
C LEU A 254 -9.33 61.56 -98.40
N ASP A 255 -9.77 61.22 -97.19
CA ASP A 255 -9.63 62.11 -96.05
C ASP A 255 -8.17 62.12 -95.64
N ILE A 256 -7.55 63.30 -95.69
CA ILE A 256 -6.19 63.49 -95.21
C ILE A 256 -5.98 64.99 -94.99
N ASP A 257 -5.40 65.35 -93.86
CA ASP A 257 -5.20 66.75 -93.52
C ASP A 257 -3.84 66.93 -92.88
N PHE A 258 -3.32 68.14 -93.00
CA PHE A 258 -2.04 68.50 -92.41
C PHE A 258 -2.26 69.31 -91.15
N ALA A 259 -1.68 68.85 -90.05
CA ALA A 259 -1.70 69.56 -88.79
C ALA A 259 -0.28 69.97 -88.44
N TYR A 260 -0.07 71.27 -88.26
CA TYR A 260 1.26 71.83 -88.01
C TYR A 260 1.38 72.22 -86.55
N PHE A 261 2.62 72.21 -86.04
CA PHE A 261 2.85 72.54 -84.65
C PHE A 261 4.18 73.28 -84.52
N ASP A 262 4.27 74.11 -83.49
CA ASP A 262 5.46 74.89 -83.23
C ASP A 262 5.76 74.86 -81.74
N VAL A 263 7.04 74.76 -81.39
CA VAL A 263 7.47 74.74 -80.00
C VAL A 263 7.23 76.14 -79.43
N PRO A 264 6.41 76.28 -78.39
CA PRO A 264 6.14 77.62 -77.85
C PRO A 264 7.43 78.31 -77.42
N GLY A 265 7.49 79.60 -77.69
CA GLY A 265 8.72 80.34 -77.52
C GLY A 265 9.52 80.38 -78.81
N GLY A 266 10.80 80.73 -78.65
CA GLY A 266 11.68 80.90 -79.77
C GLY A 266 12.22 82.31 -79.86
N SER A 267 13.50 82.48 -79.52
CA SER A 267 14.10 83.81 -79.55
C SER A 267 14.12 84.45 -80.94
N PRO A 268 14.46 83.77 -82.03
CA PRO A 268 14.61 84.46 -83.32
C PRO A 268 13.29 85.06 -83.77
N PRO A 269 13.22 86.38 -83.91
CA PRO A 269 12.03 87.00 -84.49
C PRO A 269 11.90 86.64 -85.96
N ALA A 270 10.65 86.55 -86.42
CA ALA A 270 10.37 86.20 -87.82
C ALA A 270 10.65 87.42 -88.70
N GLY A 271 11.94 87.73 -88.83
CA GLY A 271 12.37 88.84 -89.64
C GLY A 271 12.09 90.21 -89.06
N GLY A 272 11.75 90.29 -87.77
CA GLY A 272 11.38 91.52 -87.13
C GLY A 272 9.90 91.80 -87.09
N SER A 273 9.12 91.14 -87.95
CA SER A 273 7.67 91.30 -87.96
C SER A 273 6.98 90.50 -86.86
N GLY A 274 7.70 89.61 -86.18
CA GLY A 274 7.12 88.83 -85.11
C GLY A 274 8.16 88.54 -84.05
N GLU A 275 7.79 87.67 -83.12
CA GLU A 275 8.68 87.22 -82.04
C GLU A 275 8.98 85.74 -82.15
N GLU A 276 7.96 84.89 -82.17
CA GLU A 276 8.17 83.46 -82.29
C GLU A 276 8.34 83.06 -83.75
N TYR A 277 8.73 81.81 -83.95
CA TYR A 277 9.02 81.26 -85.26
C TYR A 277 7.93 80.27 -85.67
N LYS A 278 8.14 79.60 -86.80
CA LYS A 278 7.28 78.52 -87.27
C LYS A 278 8.11 77.23 -87.21
N ALA A 279 7.85 76.40 -86.20
CA ALA A 279 8.61 75.17 -86.05
C ALA A 279 8.09 74.07 -86.96
N ASP A 280 8.48 72.83 -86.66
CA ASP A 280 8.40 71.75 -87.62
C ASP A 280 7.15 70.89 -87.51
N ILE A 281 7.00 70.18 -86.39
CA ILE A 281 6.22 68.95 -86.30
C ILE A 281 4.92 69.02 -87.07
N ILE A 282 4.71 68.07 -87.97
CA ILE A 282 3.53 68.03 -88.82
C ILE A 282 2.85 66.67 -88.65
N LEU A 283 1.53 66.71 -88.48
CA LEU A 283 0.75 65.51 -88.27
C LEU A 283 -0.23 65.33 -89.44
N TYR A 284 -0.31 64.10 -89.93
CA TYR A 284 -1.27 63.72 -90.96
C TYR A 284 -2.47 63.11 -90.25
N THR A 285 -3.65 63.70 -90.47
CA THR A 285 -4.84 63.32 -89.74
C THR A 285 -5.91 62.82 -90.70
N GLU A 286 -6.44 61.63 -90.41
CA GLU A 286 -7.52 61.04 -91.19
C GLU A 286 -8.31 60.09 -90.32
N ASN A 287 -9.50 59.74 -90.79
CA ASN A 287 -10.36 58.79 -90.11
C ASN A 287 -10.14 57.39 -90.68
N VAL A 288 -10.27 56.38 -89.84
CA VAL A 288 -10.01 55.01 -90.20
C VAL A 288 -11.07 54.12 -89.56
N ASN A 289 -11.15 52.87 -90.03
CA ASN A 289 -12.18 51.96 -89.55
C ASN A 289 -12.04 51.72 -88.04
N LEU A 290 -10.85 51.31 -87.61
CA LEU A 290 -10.52 51.17 -86.19
C LEU A 290 -11.54 50.32 -85.44
N GLU A 291 -11.56 49.03 -85.79
CA GLU A 291 -12.41 48.06 -85.12
C GLU A 291 -11.54 47.10 -84.32
N THR A 292 -11.86 46.93 -83.03
CA THR A 292 -11.16 45.97 -82.20
C THR A 292 -11.87 44.63 -82.33
N PRO A 293 -11.24 43.62 -82.91
CA PRO A 293 -11.97 42.38 -83.19
C PRO A 293 -11.89 41.34 -82.08
N ASP A 294 -10.96 41.50 -81.14
CA ASP A 294 -10.80 40.48 -80.11
C ASP A 294 -10.52 41.05 -78.72
N THR A 295 -10.59 42.36 -78.53
CA THR A 295 -10.35 42.95 -77.22
C THR A 295 -11.51 43.85 -76.85
N HIS A 296 -11.77 43.94 -75.55
CA HIS A 296 -12.83 44.78 -75.01
C HIS A 296 -12.24 45.68 -73.94
N VAL A 297 -12.74 46.90 -73.87
CA VAL A 297 -12.26 47.84 -72.87
C VAL A 297 -12.77 47.40 -71.50
N VAL A 298 -11.86 47.29 -70.53
CA VAL A 298 -12.26 46.89 -69.19
C VAL A 298 -12.55 48.12 -68.34
N TYR A 299 -11.64 49.07 -68.31
CA TYR A 299 -11.79 50.28 -67.51
C TYR A 299 -12.20 51.44 -68.42
N LYS A 300 -13.48 51.76 -68.42
CA LYS A 300 -14.01 52.90 -69.15
C LYS A 300 -14.35 53.99 -68.16
N PRO A 301 -13.58 55.07 -68.08
CA PRO A 301 -13.79 56.05 -67.02
C PRO A 301 -15.16 56.73 -67.09
N GLY A 302 -15.47 57.36 -68.23
CA GLY A 302 -16.73 58.01 -68.41
C GLY A 302 -17.75 57.13 -69.11
N THR A 303 -19.01 57.54 -69.06
CA THR A 303 -20.09 56.82 -69.74
C THR A 303 -20.34 57.42 -71.12
N SER A 304 -19.29 57.44 -71.92
CA SER A 304 -19.36 58.03 -73.26
C SER A 304 -18.32 57.37 -74.14
N ASP A 305 -18.53 57.48 -75.45
CA ASP A 305 -17.61 56.93 -76.44
C ASP A 305 -17.09 57.98 -77.40
N ASN A 306 -17.43 59.25 -77.18
CA ASN A 306 -16.87 60.31 -78.01
C ASN A 306 -15.40 60.53 -77.67
N SER A 307 -14.68 61.09 -78.63
CA SER A 307 -13.25 61.34 -78.48
C SER A 307 -13.04 62.49 -77.51
N SER A 308 -12.33 62.22 -76.42
CA SER A 308 -12.06 63.22 -75.41
C SER A 308 -10.87 62.77 -74.57
N GLU A 309 -10.30 63.72 -73.82
CA GLU A 309 -9.17 63.39 -72.96
C GLU A 309 -9.57 62.39 -71.89
N ILE A 310 -10.81 62.46 -71.40
CA ILE A 310 -11.26 61.53 -70.39
C ILE A 310 -11.21 60.11 -70.92
N ASN A 311 -11.64 59.91 -72.16
CA ASN A 311 -11.62 58.59 -72.77
C ASN A 311 -10.25 58.18 -73.26
N LEU A 312 -9.24 59.04 -73.11
CA LEU A 312 -7.90 58.68 -73.53
C LEU A 312 -7.30 57.58 -72.66
N VAL A 313 -7.88 57.35 -71.49
CA VAL A 313 -7.37 56.33 -70.57
C VAL A 313 -8.23 55.10 -70.77
N GLN A 314 -7.82 54.23 -71.68
CA GLN A 314 -8.50 52.97 -71.94
C GLN A 314 -7.55 51.83 -71.66
N GLN A 315 -8.03 50.84 -70.92
CA GLN A 315 -7.28 49.61 -70.68
C GLN A 315 -8.15 48.45 -71.10
N SER A 316 -7.67 47.66 -72.04
CA SER A 316 -8.45 46.60 -72.66
C SER A 316 -7.73 45.27 -72.53
N MET A 317 -8.44 44.28 -72.01
CA MET A 317 -7.89 42.93 -71.98
C MET A 317 -8.37 42.17 -73.20
N PRO A 318 -7.57 41.25 -73.72
CA PRO A 318 -8.05 40.39 -74.81
C PRO A 318 -9.15 39.48 -74.33
N ASN A 319 -10.08 39.18 -75.24
CA ASN A 319 -11.16 38.26 -74.91
C ASN A 319 -10.59 36.89 -74.58
N ARG A 320 -11.21 36.23 -73.61
CA ARG A 320 -10.72 34.93 -73.20
C ARG A 320 -10.89 33.92 -74.33
N PRO A 321 -9.94 33.01 -74.51
CA PRO A 321 -10.00 32.08 -75.64
C PRO A 321 -11.17 31.13 -75.52
N ASN A 322 -11.67 30.70 -76.68
CA ASN A 322 -12.84 29.83 -76.73
C ASN A 322 -12.76 29.01 -78.01
N TYR A 323 -12.29 27.77 -77.89
CA TYR A 323 -12.18 26.88 -79.03
C TYR A 323 -13.51 26.22 -79.32
N ILE A 324 -13.80 26.01 -80.61
CA ILE A 324 -15.04 25.35 -81.00
C ILE A 324 -14.75 24.29 -82.07
N GLY A 325 -14.88 23.03 -81.69
CA GLY A 325 -14.66 21.93 -82.62
C GLY A 325 -15.63 20.79 -82.35
N PHE A 326 -15.52 19.76 -83.17
CA PHE A 326 -16.37 18.60 -83.00
C PHE A 326 -15.98 17.82 -81.75
N ARG A 327 -16.94 17.05 -81.24
CA ARG A 327 -16.67 16.17 -80.12
C ARG A 327 -15.70 15.08 -80.54
N ASP A 328 -14.95 14.56 -79.57
CA ASP A 328 -14.07 13.44 -79.85
C ASP A 328 -14.91 12.23 -80.26
N ASN A 329 -14.42 11.49 -81.25
CA ASN A 329 -15.14 10.39 -81.87
C ASN A 329 -16.50 10.80 -82.40
N PHE A 330 -16.75 12.10 -82.52
CA PHE A 330 -18.02 12.63 -83.00
C PHE A 330 -19.20 12.10 -82.18
N VAL A 331 -19.05 12.09 -80.87
CA VAL A 331 -20.17 11.69 -80.02
C VAL A 331 -21.23 12.78 -80.12
N GLY A 332 -22.31 12.49 -80.82
CA GLY A 332 -23.37 13.47 -81.00
C GLY A 332 -23.85 13.56 -82.43
N LEU A 333 -22.98 13.27 -83.39
CA LEU A 333 -23.34 13.41 -84.79
C LEU A 333 -24.32 12.35 -85.27
N MET A 334 -24.54 11.29 -84.50
CA MET A 334 -25.48 10.24 -84.88
C MET A 334 -26.41 9.96 -83.72
N TYR A 335 -27.69 9.81 -84.01
CA TYR A 335 -28.69 9.58 -82.98
C TYR A 335 -28.58 8.15 -82.46
N TYR A 336 -28.13 8.01 -81.22
CA TYR A 336 -28.07 6.71 -80.55
C TYR A 336 -29.02 6.73 -79.37
N ASN A 337 -29.79 5.65 -79.24
CA ASN A 337 -30.65 5.44 -78.06
C ASN A 337 -31.69 6.54 -77.90
N SER A 338 -32.13 7.12 -79.00
CA SER A 338 -33.24 8.07 -79.00
C SER A 338 -34.41 7.41 -79.72
N THR A 339 -35.54 7.26 -79.03
CA THR A 339 -36.67 6.56 -79.60
C THR A 339 -37.27 7.29 -80.79
N GLY A 340 -37.16 8.61 -80.83
CA GLY A 340 -37.73 9.36 -81.93
C GLY A 340 -37.12 9.01 -83.27
N ASN A 341 -35.86 8.56 -83.26
CA ASN A 341 -35.16 8.28 -84.50
C ASN A 341 -34.08 7.25 -84.21
N MET A 342 -34.21 6.07 -84.82
CA MET A 342 -33.27 4.98 -84.62
C MET A 342 -32.87 4.40 -85.97
N GLY A 343 -31.69 3.80 -86.01
CA GLY A 343 -31.20 3.20 -87.22
C GLY A 343 -31.94 1.92 -87.56
N VAL A 344 -31.63 1.40 -88.74
CA VAL A 344 -32.26 0.17 -89.21
C VAL A 344 -31.29 -0.55 -90.14
N LEU A 345 -31.16 -1.85 -89.95
CA LEU A 345 -30.37 -2.72 -90.83
C LEU A 345 -31.22 -3.96 -91.09
N ALA A 346 -31.97 -3.97 -92.18
CA ALA A 346 -32.89 -5.03 -92.48
C ALA A 346 -32.50 -5.73 -93.77
N GLY A 347 -33.08 -6.90 -93.99
CA GLY A 347 -32.76 -7.72 -95.13
C GLY A 347 -33.42 -7.35 -96.44
N GLN A 348 -34.26 -6.32 -96.43
CA GLN A 348 -34.92 -5.75 -97.61
C GLN A 348 -35.98 -6.67 -98.19
N ALA A 349 -36.13 -7.89 -97.68
CA ALA A 349 -37.17 -8.82 -98.12
C ALA A 349 -38.21 -9.02 -97.04
N SER A 350 -37.79 -9.42 -95.85
CA SER A 350 -38.65 -9.46 -94.67
C SER A 350 -38.19 -8.29 -93.79
N GLN A 351 -38.87 -7.17 -93.90
CA GLN A 351 -38.40 -5.93 -93.31
C GLN A 351 -38.54 -5.95 -91.80
N LEU A 352 -37.76 -6.80 -91.15
CA LEU A 352 -37.73 -6.91 -89.69
C LEU A 352 -36.42 -6.30 -89.23
N ASN A 353 -36.49 -5.11 -88.61
CA ASN A 353 -35.31 -4.40 -88.20
C ASN A 353 -34.48 -5.22 -87.23
N ALA A 354 -33.16 -5.22 -87.45
CA ALA A 354 -32.24 -6.02 -86.64
C ALA A 354 -31.59 -5.23 -85.52
N VAL A 355 -31.42 -3.93 -85.68
CA VAL A 355 -30.82 -3.09 -84.65
C VAL A 355 -31.96 -2.47 -83.84
N VAL A 356 -32.17 -2.97 -82.63
CA VAL A 356 -33.18 -2.44 -81.72
C VAL A 356 -32.46 -1.96 -80.48
N ASP A 357 -32.61 -0.68 -80.16
CA ASP A 357 -31.96 -0.09 -79.00
C ASP A 357 -33.00 0.60 -78.13
N LEU A 358 -32.68 0.73 -76.85
CA LEU A 358 -33.60 1.24 -75.86
C LEU A 358 -33.20 2.66 -75.45
N GLN A 359 -34.02 3.25 -74.59
CA GLN A 359 -33.69 4.55 -74.03
C GLN A 359 -32.48 4.48 -73.10
N ASP A 360 -32.12 3.29 -72.65
CA ASP A 360 -30.97 3.07 -71.79
C ASP A 360 -29.76 2.72 -72.63
N ARG A 361 -28.71 2.22 -71.99
CA ARG A 361 -27.48 1.75 -72.61
C ARG A 361 -26.95 2.76 -73.65
N ASN A 362 -26.56 3.92 -73.14
CA ASN A 362 -25.97 4.93 -74.01
C ASN A 362 -24.72 4.38 -74.68
N THR A 363 -24.80 4.17 -76.00
CA THR A 363 -23.67 3.59 -76.72
C THR A 363 -22.55 4.58 -76.93
N GLU A 364 -22.80 5.87 -76.71
CA GLU A 364 -21.72 6.85 -76.80
C GLU A 364 -20.67 6.60 -75.72
N LEU A 365 -21.12 6.47 -74.48
CA LEU A 365 -20.19 6.24 -73.38
C LEU A 365 -19.52 4.88 -73.50
N SER A 366 -20.28 3.86 -73.88
CA SER A 366 -19.72 2.51 -73.94
C SER A 366 -18.56 2.46 -74.92
N TYR A 367 -18.72 3.08 -76.09
CA TYR A 367 -17.63 3.12 -77.06
C TYR A 367 -16.54 4.08 -76.62
N GLN A 368 -16.88 5.06 -75.78
CA GLN A 368 -15.89 6.02 -75.33
C GLN A 368 -14.84 5.35 -74.46
N LEU A 369 -15.26 4.48 -73.55
CA LEU A 369 -14.33 3.80 -72.66
C LEU A 369 -14.01 2.39 -73.12
N LEU A 370 -14.57 1.94 -74.24
CA LEU A 370 -14.11 0.70 -74.84
C LEU A 370 -12.77 0.90 -75.54
N LEU A 371 -12.61 2.02 -76.25
CA LEU A 371 -11.37 2.28 -76.95
C LEU A 371 -10.19 2.34 -75.99
N ASP A 372 -10.39 2.97 -74.84
CA ASP A 372 -9.32 3.05 -73.84
C ASP A 372 -8.92 1.66 -73.36
N SER A 373 -9.87 0.73 -73.32
CA SER A 373 -9.53 -0.62 -72.89
C SER A 373 -8.78 -1.38 -73.98
N LEU A 374 -9.10 -1.12 -75.25
CA LEU A 374 -8.45 -1.86 -76.33
C LEU A 374 -6.97 -1.53 -76.43
N GLY A 375 -6.63 -0.25 -76.47
CA GLY A 375 -5.26 0.17 -76.62
C GLY A 375 -4.95 1.33 -75.70
N ASP A 376 -4.13 2.25 -76.19
CA ASP A 376 -3.78 3.46 -75.46
C ASP A 376 -4.68 4.60 -75.91
N ARG A 377 -5.02 5.47 -74.96
CA ARG A 377 -5.88 6.61 -75.22
C ARG A 377 -5.12 7.92 -75.08
N THR A 378 -3.86 7.94 -75.50
CA THR A 378 -3.01 9.11 -75.33
C THR A 378 -2.74 9.83 -76.63
N ARG A 379 -2.30 9.12 -77.67
CA ARG A 379 -1.98 9.74 -78.94
C ARG A 379 -3.22 9.83 -79.82
N TYR A 380 -3.27 10.90 -80.62
CA TYR A 380 -4.47 11.26 -81.34
C TYR A 380 -4.53 10.57 -82.70
N PHE A 381 -5.73 10.18 -83.10
CA PHE A 381 -6.01 9.61 -84.41
C PHE A 381 -6.95 10.57 -85.11
N SER A 382 -6.42 11.38 -86.03
CA SER A 382 -7.21 12.42 -86.66
C SER A 382 -8.36 11.86 -87.50
N MET A 383 -8.25 10.63 -87.97
CA MET A 383 -9.29 10.07 -88.84
C MET A 383 -10.62 9.99 -88.10
N TRP A 384 -10.64 9.38 -86.93
CA TRP A 384 -11.86 9.28 -86.13
C TRP A 384 -12.04 10.45 -85.19
N ASN A 385 -11.24 11.50 -85.34
CA ASN A 385 -11.30 12.66 -84.44
C ASN A 385 -11.06 12.27 -83.00
N SER A 386 -10.31 11.18 -82.79
CA SER A 386 -10.07 10.65 -81.46
C SER A 386 -9.06 11.53 -80.75
N ALA A 387 -9.55 12.35 -79.82
CA ALA A 387 -8.67 13.18 -79.00
C ALA A 387 -9.39 13.40 -77.67
N VAL A 388 -9.04 12.60 -76.67
CA VAL A 388 -9.73 12.66 -75.39
C VAL A 388 -9.44 13.97 -74.70
N ASP A 389 -10.48 14.56 -74.11
CA ASP A 389 -10.31 15.80 -73.36
C ASP A 389 -9.39 15.54 -72.18
N SER A 390 -8.36 16.37 -72.03
CA SER A 390 -7.28 16.14 -71.07
C SER A 390 -7.01 17.44 -70.32
N TYR A 391 -7.62 17.60 -69.16
CA TYR A 391 -7.32 18.73 -68.31
C TYR A 391 -5.87 18.69 -67.87
N ASP A 392 -5.23 19.84 -67.87
CA ASP A 392 -3.82 19.90 -67.48
C ASP A 392 -3.71 19.55 -66.00
N PRO A 393 -2.93 18.52 -65.64
CA PRO A 393 -2.88 18.12 -64.22
C PRO A 393 -2.36 19.21 -63.31
N ASP A 394 -1.48 20.08 -63.81
CA ASP A 394 -0.94 21.14 -62.97
C ASP A 394 -2.01 22.15 -62.60
N VAL A 395 -2.93 22.45 -63.52
CA VAL A 395 -3.89 23.51 -63.27
C VAL A 395 -5.08 23.05 -62.44
N ARG A 396 -5.42 21.76 -62.46
CA ARG A 396 -6.48 21.28 -61.59
C ARG A 396 -6.04 21.27 -60.14
N ILE A 397 -4.76 20.98 -59.90
CA ILE A 397 -4.20 20.85 -58.56
C ILE A 397 -3.04 21.84 -58.49
N ILE A 398 -3.31 23.02 -57.93
CA ILE A 398 -2.32 24.10 -57.93
C ILE A 398 -1.19 23.72 -56.97
N GLU A 399 -0.05 23.33 -57.52
CA GLU A 399 1.11 22.96 -56.71
C GLU A 399 1.96 24.22 -56.53
N ASN A 400 1.51 25.08 -55.64
CA ASN A 400 2.16 26.38 -55.46
C ASN A 400 3.48 26.24 -54.72
N HIS A 401 4.56 25.99 -55.46
CA HIS A 401 5.89 25.96 -54.87
C HIS A 401 6.51 27.34 -54.78
N GLY A 402 5.80 28.37 -55.18
CA GLY A 402 6.36 29.70 -55.17
C GLY A 402 7.24 29.95 -56.38
N VAL A 403 7.77 31.16 -56.44
CA VAL A 403 8.56 31.61 -57.58
C VAL A 403 10.03 31.44 -57.27
N GLU A 404 10.72 30.71 -58.14
CA GLU A 404 12.14 30.40 -57.93
C GLU A 404 13.00 31.59 -58.32
N ASP A 405 12.92 32.64 -57.50
CA ASP A 405 13.64 33.88 -57.73
C ASP A 405 14.65 34.10 -56.61
N GLU A 406 15.88 34.41 -56.99
CA GLU A 406 16.89 34.82 -56.03
C GLU A 406 17.73 36.00 -56.47
N LEU A 407 17.75 36.35 -57.76
CA LEU A 407 18.52 37.45 -58.26
C LEU A 407 17.61 38.54 -58.81
N PRO A 408 17.87 39.80 -58.50
CA PRO A 408 17.11 40.88 -59.14
C PRO A 408 17.33 40.88 -60.64
N ASN A 409 16.27 41.19 -61.37
CA ASN A 409 16.31 41.30 -62.82
C ASN A 409 16.14 42.76 -63.18
N TYR A 410 17.13 43.31 -63.88
CA TYR A 410 17.16 44.74 -64.15
C TYR A 410 16.85 45.04 -65.61
N CYS A 411 16.36 46.24 -65.85
CA CYS A 411 16.11 46.74 -67.19
C CYS A 411 16.87 48.06 -67.37
N PHE A 412 17.67 48.14 -68.41
CA PHE A 412 18.62 49.23 -68.56
C PHE A 412 18.23 50.14 -69.73
N PRO A 413 18.64 51.39 -69.71
CA PRO A 413 18.32 52.30 -70.81
C PRO A 413 19.00 51.87 -72.10
N LEU A 414 18.40 52.27 -73.21
CA LEU A 414 18.91 51.88 -74.52
C LEU A 414 20.32 52.40 -74.74
N ASN A 415 20.57 53.65 -74.38
CA ASN A 415 21.86 54.26 -74.67
C ASN A 415 22.95 53.82 -73.72
N GLY A 416 22.75 52.74 -72.97
CA GLY A 416 23.73 52.24 -72.02
C GLY A 416 23.66 52.91 -70.67
N THR A 417 23.31 54.20 -70.64
CA THR A 417 23.20 54.92 -69.39
C THR A 417 22.35 56.16 -69.60
N GLY A 418 21.31 56.33 -68.80
CA GLY A 418 20.43 57.47 -68.92
C GLY A 418 20.98 58.78 -68.42
N THR A 419 22.14 58.76 -67.75
CA THR A 419 22.74 59.99 -67.27
C THR A 419 23.16 60.87 -68.45
N ASN A 420 22.83 62.15 -68.38
CA ASN A 420 23.04 63.08 -69.48
C ASN A 420 23.87 64.29 -69.05
N SER A 421 24.70 64.10 -68.03
CA SER A 421 25.56 65.18 -67.57
C SER A 421 26.63 65.50 -68.61
N THR A 422 27.09 66.75 -68.57
CA THR A 422 28.16 67.21 -69.45
C THR A 422 29.31 67.73 -68.59
N TYR A 423 30.52 67.62 -69.11
CA TYR A 423 31.71 68.03 -68.38
C TYR A 423 32.72 68.65 -69.34
N GLN A 424 33.77 69.21 -68.76
CA GLN A 424 34.88 69.77 -69.52
C GLN A 424 36.18 69.25 -68.94
N GLY A 425 37.16 69.03 -69.82
CA GLY A 425 38.44 68.54 -69.37
C GLY A 425 39.18 69.55 -68.51
N VAL A 426 40.10 69.03 -67.69
CA VAL A 426 40.91 69.87 -66.83
C VAL A 426 42.36 69.40 -66.88
N LYS A 427 43.28 70.33 -66.66
CA LYS A 427 44.70 70.15 -66.98
C LYS A 427 45.56 70.62 -65.81
N ILE A 428 45.31 70.08 -64.63
CA ILE A 428 46.04 70.43 -63.41
C ILE A 428 47.53 70.56 -63.71
N THR A 429 48.10 71.71 -63.35
CA THR A 429 49.45 72.07 -63.77
C THR A 429 50.47 71.37 -62.88
N ASN A 430 51.74 71.78 -62.98
CA ASN A 430 52.83 71.12 -62.27
C ASN A 430 52.76 71.33 -60.76
N GLY A 431 51.99 72.30 -60.30
CA GLY A 431 51.92 72.59 -58.88
C GLY A 431 51.26 71.47 -58.10
N ASN A 432 51.27 71.63 -56.77
CA ASN A 432 50.69 70.62 -55.90
C ASN A 432 49.18 70.56 -56.10
N ASP A 433 48.65 69.34 -56.12
CA ASP A 433 47.23 69.12 -56.42
C ASP A 433 46.40 69.53 -55.22
N GLY A 434 46.27 70.85 -55.04
CA GLY A 434 45.57 71.40 -53.90
C GLY A 434 44.15 71.80 -54.22
N ALA A 435 43.92 73.10 -54.43
CA ALA A 435 42.57 73.61 -54.68
C ALA A 435 42.44 74.46 -55.93
N GLU A 436 43.48 75.15 -56.36
CA GLU A 436 43.38 76.10 -57.48
C GLU A 436 44.52 75.87 -58.48
N GLU A 437 44.76 74.62 -58.84
CA GLU A 437 45.81 74.27 -59.78
C GLU A 437 45.29 73.82 -61.13
N SER A 438 43.98 73.68 -61.29
CA SER A 438 43.42 73.25 -62.56
C SER A 438 43.54 74.34 -63.61
N GLU A 439 43.60 73.94 -64.88
CA GLU A 439 43.72 74.87 -65.99
C GLU A 439 42.69 74.67 -67.09
N TRP A 440 42.03 73.51 -67.16
CA TRP A 440 41.03 73.19 -68.18
C TRP A 440 41.51 73.60 -69.57
N GLU A 441 42.56 72.90 -70.01
CA GLU A 441 43.20 73.12 -71.30
C GLU A 441 42.21 73.01 -72.46
N LYS A 442 42.59 73.54 -73.62
CA LYS A 442 41.76 73.47 -74.82
C LYS A 442 42.01 72.18 -75.60
N ASP A 443 41.92 71.05 -74.90
CA ASP A 443 42.07 69.75 -75.54
C ASP A 443 40.82 68.89 -75.45
N ASP A 444 39.85 69.24 -74.62
CA ASP A 444 38.62 68.49 -74.48
C ASP A 444 37.44 69.41 -74.73
N ALA A 445 36.23 68.85 -74.66
CA ALA A 445 35.02 69.63 -74.91
C ALA A 445 34.82 70.58 -73.75
N ILE A 446 35.25 71.83 -73.92
CA ILE A 446 35.14 72.81 -72.84
C ILE A 446 33.70 73.14 -72.55
N SER A 447 32.78 72.87 -73.48
CA SER A 447 31.39 73.28 -73.30
C SER A 447 30.42 72.11 -73.19
N ARG A 448 30.37 71.21 -74.17
CA ARG A 448 29.23 70.31 -74.29
C ARG A 448 29.61 68.83 -74.26
N GLN A 449 30.48 68.40 -75.17
CA GLN A 449 30.44 67.01 -75.64
C GLN A 449 30.82 65.98 -74.59
N ASN A 450 31.69 66.32 -73.64
CA ASN A 450 32.16 65.30 -72.70
C ASN A 450 31.02 64.91 -71.77
N GLN A 451 30.39 63.78 -72.06
CA GLN A 451 29.26 63.26 -71.29
C GLN A 451 29.72 62.05 -70.49
N ILE A 452 29.54 62.10 -69.17
CA ILE A 452 29.98 61.04 -68.28
C ILE A 452 28.92 60.82 -67.21
N CYS A 453 28.64 59.56 -66.92
CA CYS A 453 27.70 59.20 -65.85
C CYS A 453 28.46 59.21 -64.53
N LYS A 454 28.35 60.32 -63.79
CA LYS A 454 29.06 60.42 -62.53
C LYS A 454 28.54 59.44 -61.49
N GLY A 455 27.32 58.95 -61.65
CA GLY A 455 26.75 57.97 -60.76
C GLY A 455 26.85 56.57 -61.30
N ASN A 456 25.94 55.72 -60.86
CA ASN A 456 25.83 54.36 -61.37
C ASN A 456 24.84 54.34 -62.54
N VAL A 457 24.63 53.16 -63.11
CA VAL A 457 23.69 53.06 -64.23
C VAL A 457 22.26 53.25 -63.72
N TYR A 458 21.35 53.51 -64.66
CA TYR A 458 19.98 53.88 -64.34
C TYR A 458 19.01 52.71 -64.53
N ALA A 459 19.38 51.52 -64.10
CA ALA A 459 18.48 50.38 -64.23
C ALA A 459 17.26 50.54 -63.32
N MET A 460 16.21 49.79 -63.63
CA MET A 460 15.07 49.63 -62.76
C MET A 460 14.69 48.16 -62.69
N GLU A 461 14.20 47.74 -61.53
CA GLU A 461 14.05 46.32 -61.24
C GLU A 461 12.70 45.80 -61.66
N ILE A 462 12.62 44.48 -61.80
CA ILE A 462 11.38 43.77 -62.03
C ILE A 462 11.57 42.31 -61.62
N ASN A 463 10.64 41.77 -60.84
CA ASN A 463 10.70 40.37 -60.46
C ASN A 463 10.23 39.53 -61.63
N LEU A 464 11.17 39.02 -62.43
CA LEU A 464 10.82 38.32 -63.65
C LEU A 464 10.05 37.04 -63.36
N GLN A 465 10.48 36.28 -62.36
CA GLN A 465 9.86 34.99 -62.09
C GLN A 465 8.46 35.16 -61.50
N ALA A 466 8.26 36.18 -60.67
CA ALA A 466 6.97 36.36 -60.02
C ALA A 466 5.87 36.63 -61.04
N ASN A 467 6.15 37.49 -62.02
CA ASN A 467 5.12 37.87 -62.98
C ASN A 467 4.66 36.68 -63.79
N LEU A 468 5.59 35.84 -64.24
CA LEU A 468 5.22 34.69 -65.06
C LEU A 468 4.28 33.76 -64.30
N TRP A 469 4.65 33.40 -63.08
CA TRP A 469 3.81 32.51 -62.28
C TRP A 469 2.48 33.19 -61.95
N LYS A 470 2.51 34.47 -61.61
CA LYS A 470 1.27 35.19 -61.33
C LYS A 470 0.39 35.26 -62.57
N SER A 471 1.00 35.50 -63.74
CA SER A 471 0.22 35.58 -64.96
C SER A 471 -0.33 34.23 -65.37
N PHE A 472 0.45 33.17 -65.18
CA PHE A 472 -0.05 31.82 -65.47
C PHE A 472 -1.22 31.49 -64.56
N LEU A 473 -1.12 31.85 -63.29
CA LEU A 473 -2.19 31.54 -62.34
C LEU A 473 -3.48 32.24 -62.72
N TYR A 474 -3.39 33.50 -63.13
CA TYR A 474 -4.58 34.26 -63.47
C TYR A 474 -5.33 33.66 -64.65
N SER A 475 -4.64 33.53 -65.78
CA SER A 475 -5.32 33.10 -67.00
C SER A 475 -5.87 31.70 -66.90
N ASN A 476 -5.29 30.86 -66.05
CA ASN A 476 -5.62 29.45 -66.04
C ASN A 476 -6.46 29.02 -64.86
N VAL A 477 -6.51 29.78 -63.77
CA VAL A 477 -7.26 29.33 -62.62
C VAL A 477 -8.14 30.44 -62.05
N ALA A 478 -7.88 31.68 -62.45
CA ALA A 478 -8.65 32.78 -61.89
C ALA A 478 -9.86 33.15 -62.74
N LEU A 479 -9.69 33.19 -64.07
CA LEU A 479 -10.79 33.55 -64.95
C LEU A 479 -11.86 32.46 -65.03
N TYR A 480 -11.60 31.29 -64.48
CA TYR A 480 -12.53 30.17 -64.58
C TYR A 480 -13.26 29.90 -63.27
N LEU A 481 -13.28 30.86 -62.37
CA LEU A 481 -14.07 30.73 -61.16
C LEU A 481 -15.56 30.81 -61.49
N PRO A 482 -16.41 30.19 -60.68
CA PRO A 482 -17.85 30.25 -60.95
C PRO A 482 -18.37 31.67 -60.85
N ASP A 483 -19.43 31.96 -61.60
CA ASP A 483 -19.88 33.34 -61.75
C ASP A 483 -20.58 33.82 -60.49
N SER A 484 -19.86 33.81 -59.37
CA SER A 484 -20.29 34.47 -58.15
C SER A 484 -19.19 35.27 -57.50
N TYR A 485 -17.93 34.96 -57.77
CA TYR A 485 -16.81 35.73 -57.27
C TYR A 485 -16.46 36.90 -58.17
N LYS A 486 -16.85 36.82 -59.45
CA LYS A 486 -16.55 37.88 -60.39
C LYS A 486 -17.67 38.91 -60.40
N TYR A 487 -17.30 40.19 -60.42
CA TYR A 487 -18.23 41.29 -60.42
C TYR A 487 -18.25 41.96 -61.79
N THR A 488 -19.07 43.01 -61.91
CA THR A 488 -19.26 43.71 -63.16
C THR A 488 -18.89 45.18 -62.99
N PRO A 489 -18.06 45.74 -63.88
CA PRO A 489 -17.74 47.16 -63.78
C PRO A 489 -18.98 48.02 -63.98
N ALA A 490 -18.98 49.19 -63.35
CA ALA A 490 -20.16 50.03 -63.35
C ALA A 490 -20.53 50.54 -64.73
N ASN A 491 -19.55 50.92 -65.54
CA ASN A 491 -19.80 51.61 -66.79
C ASN A 491 -19.99 50.67 -67.98
N VAL A 492 -20.00 49.35 -67.75
CA VAL A 492 -20.10 48.38 -68.82
C VAL A 492 -21.43 47.66 -68.71
N LYS A 493 -22.17 47.63 -69.82
CA LYS A 493 -23.45 46.92 -69.88
C LYS A 493 -23.25 45.51 -70.39
N LEU A 494 -24.06 44.59 -69.88
CA LEU A 494 -23.97 43.18 -70.23
C LEU A 494 -25.33 42.65 -70.62
N PRO A 495 -25.37 41.61 -71.46
CA PRO A 495 -26.65 41.01 -71.83
C PRO A 495 -27.34 40.30 -70.67
N ALA A 496 -28.52 39.75 -70.93
CA ALA A 496 -29.33 39.19 -69.86
C ALA A 496 -28.88 37.77 -69.49
N ASN A 497 -28.97 36.85 -70.44
CA ASN A 497 -28.72 35.45 -70.13
C ASN A 497 -27.25 35.21 -69.81
N THR A 498 -27.02 34.38 -68.79
CA THR A 498 -25.65 34.11 -68.35
C THR A 498 -24.88 33.29 -69.38
N ASN A 499 -25.57 32.45 -70.15
CA ASN A 499 -24.88 31.49 -71.01
C ASN A 499 -24.09 32.17 -72.13
N THR A 500 -24.57 33.29 -72.64
CA THR A 500 -24.01 33.88 -73.84
C THR A 500 -22.55 34.29 -73.62
N TYR A 501 -21.76 34.22 -74.70
CA TYR A 501 -20.35 34.56 -74.63
C TYR A 501 -20.14 36.01 -74.22
N GLU A 502 -21.05 36.90 -74.62
CA GLU A 502 -20.90 38.30 -74.26
C GLU A 502 -20.93 38.48 -72.75
N TYR A 503 -21.80 37.74 -72.06
CA TYR A 503 -21.92 37.90 -70.62
C TYR A 503 -20.65 37.44 -69.92
N MET A 504 -20.17 36.24 -70.21
CA MET A 504 -18.94 35.78 -69.58
C MET A 504 -17.70 36.30 -70.28
N ASN A 505 -17.68 37.59 -70.60
CA ASN A 505 -16.51 38.22 -71.15
C ASN A 505 -16.33 39.65 -70.65
N GLY A 506 -17.22 40.14 -69.79
CA GLY A 506 -17.13 41.50 -69.31
C GLY A 506 -17.02 41.54 -67.81
N ARG A 507 -17.27 40.40 -67.16
CA ARG A 507 -17.18 40.29 -65.71
C ARG A 507 -15.74 39.94 -65.35
N VAL A 508 -15.11 40.79 -64.55
CA VAL A 508 -13.71 40.60 -64.23
C VAL A 508 -13.57 39.90 -62.88
N VAL A 509 -12.40 39.34 -62.64
CA VAL A 509 -12.08 38.70 -61.37
C VAL A 509 -10.95 39.47 -60.72
N ALA A 510 -11.04 39.65 -59.43
CA ALA A 510 -10.00 40.36 -58.70
C ALA A 510 -8.72 39.53 -58.72
N PRO A 511 -7.58 40.10 -59.09
CA PRO A 511 -6.31 39.38 -58.91
C PRO A 511 -6.04 39.04 -57.46
N SER A 512 -6.59 39.81 -56.52
CA SER A 512 -6.45 39.53 -55.10
C SER A 512 -7.15 38.23 -54.73
N LEU A 513 -7.75 37.57 -55.72
CA LEU A 513 -8.18 36.19 -55.61
C LEU A 513 -6.93 35.33 -55.73
N VAL A 514 -7.10 34.05 -56.07
CA VAL A 514 -5.98 33.11 -56.14
C VAL A 514 -4.78 33.77 -56.79
N ASP A 515 -3.65 33.75 -56.09
CA ASP A 515 -2.50 34.57 -56.42
C ASP A 515 -1.26 33.79 -56.03
N ALA A 516 -0.09 34.43 -56.11
CA ALA A 516 1.16 33.77 -55.77
C ALA A 516 1.21 33.35 -54.31
N TYR A 517 0.33 33.89 -53.46
CA TYR A 517 0.42 33.68 -52.03
C TYR A 517 -0.73 32.84 -51.47
N ILE A 518 -1.41 32.06 -52.30
CA ILE A 518 -2.50 31.22 -51.83
C ILE A 518 -1.99 29.79 -51.66
N ASN A 519 -2.23 29.22 -50.48
CA ASN A 519 -1.88 27.84 -50.19
C ASN A 519 -0.44 27.55 -50.57
N ILE A 520 0.46 28.45 -50.17
CA ILE A 520 1.86 28.35 -50.56
C ILE A 520 2.46 27.07 -50.01
N GLY A 521 3.16 26.34 -50.88
CA GLY A 521 3.77 25.09 -50.47
C GLY A 521 2.82 23.94 -50.29
N ALA A 522 1.65 23.97 -50.94
CA ALA A 522 0.66 22.92 -50.78
C ALA A 522 0.12 22.50 -52.13
N ARG A 523 -0.42 21.29 -52.17
CA ARG A 523 -1.11 20.77 -53.35
C ARG A 523 -2.61 21.00 -53.29
N TRP A 524 -3.05 22.09 -52.66
CA TRP A 524 -4.46 22.33 -52.50
C TRP A 524 -5.09 22.77 -53.81
N SER A 525 -6.16 22.10 -54.20
CA SER A 525 -6.96 22.52 -55.34
C SER A 525 -7.99 23.52 -54.86
N LEU A 526 -8.03 24.67 -55.53
CA LEU A 526 -8.85 25.79 -55.06
C LEU A 526 -10.30 25.36 -54.86
N ASP A 527 -10.75 25.38 -53.61
CA ASP A 527 -12.08 24.88 -53.28
C ASP A 527 -13.22 25.56 -54.03
N PRO A 528 -13.22 26.89 -54.24
CA PRO A 528 -14.33 27.48 -55.01
C PRO A 528 -14.55 26.83 -56.35
N MET A 529 -13.48 26.46 -57.05
CA MET A 529 -13.61 25.78 -58.32
C MET A 529 -13.31 24.28 -58.21
N ASP A 530 -13.67 23.67 -57.09
CA ASP A 530 -13.58 22.21 -57.01
C ASP A 530 -14.70 21.56 -57.81
N ASN A 531 -15.91 22.09 -57.71
CA ASN A 531 -17.05 21.63 -58.49
C ASN A 531 -17.21 22.46 -59.77
N VAL A 532 -16.14 22.59 -60.53
CA VAL A 532 -16.15 23.31 -61.80
C VAL A 532 -15.50 22.42 -62.85
N ASN A 533 -16.18 22.23 -63.97
CA ASN A 533 -15.74 21.34 -65.02
C ASN A 533 -14.33 21.69 -65.48
N PRO A 534 -13.35 20.82 -65.24
CA PRO A 534 -11.98 21.13 -65.63
C PRO A 534 -11.68 20.84 -67.09
N PHE A 535 -12.60 20.18 -67.80
CA PHE A 535 -12.41 19.89 -69.20
C PHE A 535 -12.88 21.02 -70.11
N ASN A 536 -12.95 22.23 -69.57
CA ASN A 536 -13.30 23.44 -70.33
C ASN A 536 -12.17 24.42 -70.10
N HIS A 537 -11.15 24.38 -70.95
CA HIS A 537 -9.94 25.14 -70.68
C HIS A 537 -9.16 25.31 -71.98
N PRO A 538 -8.38 26.39 -72.10
CA PRO A 538 -7.39 26.43 -73.20
C PRO A 538 -6.31 25.39 -73.05
N ARG A 539 -6.14 24.82 -71.87
CA ARG A 539 -5.18 23.76 -71.64
C ARG A 539 -5.74 22.38 -71.96
N ASN A 540 -7.00 22.29 -72.36
CA ASN A 540 -7.59 21.00 -72.73
C ASN A 540 -6.99 20.60 -74.07
N ALA A 541 -5.77 20.07 -74.01
CA ALA A 541 -5.03 19.76 -75.23
C ALA A 541 -5.75 18.72 -76.07
N GLY A 542 -6.66 17.97 -75.46
CA GLY A 542 -7.47 17.04 -76.24
C GLY A 542 -8.55 17.73 -77.03
N LEU A 543 -8.75 19.03 -76.80
CA LEU A 543 -9.78 19.75 -77.53
C LEU A 543 -9.19 20.62 -78.61
N ARG A 544 -8.24 21.48 -78.26
CA ARG A 544 -7.69 22.39 -79.25
C ARG A 544 -6.94 21.67 -80.35
N TYR A 545 -6.61 20.39 -80.16
CA TYR A 545 -6.12 19.60 -81.28
C TYR A 545 -7.21 19.45 -82.34
N ARG A 546 -8.42 19.11 -81.91
CA ARG A 546 -9.52 18.98 -82.86
C ARG A 546 -10.25 20.28 -83.09
N SER A 547 -9.96 21.32 -82.32
CA SER A 547 -10.46 22.64 -82.66
C SER A 547 -9.68 23.24 -83.82
N MET A 548 -8.37 23.06 -83.82
CA MET A 548 -7.52 23.54 -84.90
C MET A 548 -7.45 22.56 -86.07
N LEU A 549 -7.97 21.35 -85.90
CA LEU A 549 -7.99 20.39 -87.00
C LEU A 549 -8.90 20.88 -88.12
N LEU A 550 -10.04 21.46 -87.78
CA LEU A 550 -10.91 22.04 -88.79
C LEU A 550 -10.30 23.31 -89.40
N GLY A 551 -9.42 23.97 -88.67
CA GLY A 551 -8.85 25.22 -89.14
C GLY A 551 -8.85 26.29 -88.08
N ASN A 552 -8.86 27.55 -88.51
CA ASN A 552 -8.87 28.66 -87.57
C ASN A 552 -9.88 29.75 -87.96
N GLY A 553 -10.67 29.54 -88.99
CA GLY A 553 -11.57 30.56 -89.47
C GLY A 553 -12.96 30.45 -88.89
N ARG A 554 -13.73 31.52 -89.06
CA ARG A 554 -15.12 31.51 -88.63
C ARG A 554 -15.96 30.58 -89.49
N TYR A 555 -15.76 30.61 -90.80
CA TYR A 555 -16.46 29.74 -91.74
C TYR A 555 -15.50 28.68 -92.26
N VAL A 556 -15.85 27.42 -92.08
CA VAL A 556 -14.98 26.33 -92.50
C VAL A 556 -15.78 25.23 -93.17
N PRO A 557 -15.40 24.79 -94.37
CA PRO A 557 -15.91 23.52 -94.89
C PRO A 557 -15.15 22.38 -94.26
N PHE A 558 -15.84 21.24 -94.10
CA PHE A 558 -15.25 20.10 -93.44
C PHE A 558 -15.51 18.83 -94.25
N HIS A 559 -14.78 17.79 -93.90
CA HIS A 559 -14.96 16.48 -94.51
C HIS A 559 -14.68 15.45 -93.41
N ILE A 560 -15.72 14.71 -93.02
CA ILE A 560 -15.69 13.94 -91.79
C ILE A 560 -16.08 12.50 -92.09
N GLN A 561 -15.39 11.56 -91.46
CA GLN A 561 -15.71 10.14 -91.54
C GLN A 561 -16.10 9.65 -90.15
N VAL A 562 -17.37 9.76 -89.83
CA VAL A 562 -17.86 9.29 -88.53
C VAL A 562 -17.88 7.76 -88.53
N PRO A 563 -17.45 7.11 -87.46
CA PRO A 563 -17.60 5.66 -87.35
C PRO A 563 -18.98 5.29 -86.84
N GLN A 564 -19.18 3.99 -86.66
CA GLN A 564 -20.37 3.50 -86.01
C GLN A 564 -20.00 2.80 -84.71
N LYS A 565 -20.75 3.11 -83.65
CA LYS A 565 -20.40 2.67 -82.31
C LYS A 565 -21.57 1.96 -81.64
N PHE A 566 -22.33 1.19 -82.42
CA PHE A 566 -23.42 0.40 -81.86
C PHE A 566 -22.97 -1.04 -81.74
N PHE A 567 -23.21 -1.65 -80.58
CA PHE A 567 -22.51 -2.89 -80.23
C PHE A 567 -22.90 -4.05 -81.13
N ALA A 568 -24.15 -4.09 -81.59
CA ALA A 568 -24.55 -5.20 -82.46
C ALA A 568 -23.86 -5.09 -83.82
N ILE A 569 -23.89 -3.91 -84.44
CA ILE A 569 -23.35 -3.73 -85.78
C ILE A 569 -21.90 -3.29 -85.77
N LYS A 570 -21.29 -3.14 -84.59
CA LYS A 570 -19.93 -2.63 -84.54
C LYS A 570 -18.94 -3.59 -85.19
N ASN A 571 -19.08 -4.89 -84.90
CA ASN A 571 -18.12 -5.88 -85.37
C ASN A 571 -18.76 -6.98 -86.19
N LEU A 572 -20.01 -6.79 -86.62
CA LEU A 572 -20.72 -7.84 -87.33
C LEU A 572 -20.00 -8.20 -88.62
N LEU A 573 -19.96 -9.49 -88.93
CA LEU A 573 -19.36 -10.00 -90.16
C LEU A 573 -20.49 -10.26 -91.14
N LEU A 574 -20.66 -9.35 -92.10
CA LEU A 574 -21.86 -9.35 -92.94
C LEU A 574 -21.65 -10.28 -94.13
N LEU A 575 -22.41 -11.36 -94.15
CA LEU A 575 -22.33 -12.33 -95.23
C LEU A 575 -23.05 -11.79 -96.45
N PRO A 576 -22.75 -12.31 -97.65
CA PRO A 576 -23.25 -11.69 -98.88
C PRO A 576 -24.76 -11.63 -98.93
N GLY A 577 -25.26 -10.55 -99.52
CA GLY A 577 -26.69 -10.28 -99.56
C GLY A 577 -26.93 -8.88 -100.09
N SER A 578 -28.08 -8.32 -99.73
CA SER A 578 -28.39 -6.95 -100.11
C SER A 578 -29.27 -6.35 -99.01
N TYR A 579 -28.62 -5.68 -98.06
CA TYR A 579 -29.30 -5.15 -96.89
C TYR A 579 -29.53 -3.65 -97.03
N THR A 580 -30.53 -3.16 -96.32
CA THR A 580 -30.79 -1.73 -96.20
C THR A 580 -30.07 -1.22 -94.96
N TYR A 581 -29.76 0.08 -94.96
CA TYR A 581 -28.94 0.65 -93.91
C TYR A 581 -29.24 2.14 -93.82
N GLU A 582 -30.03 2.53 -92.84
CA GLU A 582 -30.46 3.91 -92.68
C GLU A 582 -30.13 4.39 -91.28
N TRP A 583 -29.68 5.63 -91.16
CA TRP A 583 -29.36 6.21 -89.86
C TRP A 583 -29.68 7.69 -89.88
N ASN A 584 -29.84 8.26 -88.69
CA ASN A 584 -30.19 9.67 -88.52
C ASN A 584 -28.99 10.45 -88.05
N PHE A 585 -29.08 11.77 -88.18
CA PHE A 585 -28.00 12.65 -87.76
C PHE A 585 -28.61 13.93 -87.21
N ARG A 586 -27.83 14.67 -86.43
CA ARG A 586 -28.31 15.86 -85.75
C ARG A 586 -27.81 17.12 -86.44
N LYS A 587 -28.73 18.00 -86.78
CA LYS A 587 -28.35 19.36 -87.19
C LYS A 587 -28.39 20.30 -86.00
N ASP A 588 -27.78 19.91 -84.89
CA ASP A 588 -27.85 20.66 -83.64
C ASP A 588 -26.45 21.17 -83.33
N VAL A 589 -26.27 22.49 -83.44
CA VAL A 589 -24.97 23.09 -83.14
C VAL A 589 -24.62 22.90 -81.67
N ASN A 590 -25.61 23.05 -80.80
CA ASN A 590 -25.35 23.01 -79.36
C ASN A 590 -24.89 21.64 -78.89
N MET A 591 -25.12 20.59 -79.68
CA MET A 591 -24.76 19.24 -79.28
C MET A 591 -23.50 18.73 -79.92
N ILE A 592 -23.22 19.09 -81.17
CA ILE A 592 -22.11 18.51 -81.92
C ILE A 592 -20.96 19.49 -82.09
N LEU A 593 -20.93 20.56 -81.30
CA LEU A 593 -19.91 21.60 -81.43
C LEU A 593 -19.36 21.98 -80.06
N GLN A 594 -18.88 20.99 -79.30
CA GLN A 594 -18.27 21.23 -78.00
C GLN A 594 -17.36 22.44 -78.03
N SER A 595 -17.62 23.39 -77.13
CA SER A 595 -16.86 24.62 -77.01
C SER A 595 -15.93 24.52 -75.80
N SER A 596 -15.26 25.62 -75.51
CA SER A 596 -14.33 25.68 -74.39
C SER A 596 -14.89 26.46 -73.20
N LEU A 597 -15.80 27.40 -73.45
CA LEU A 597 -16.44 28.12 -72.36
C LEU A 597 -17.78 27.53 -71.96
N GLY A 598 -18.30 26.58 -72.74
CA GLY A 598 -19.62 26.05 -72.46
C GLY A 598 -20.75 26.99 -72.80
N ASN A 599 -20.46 28.09 -73.48
CA ASN A 599 -21.49 29.07 -73.79
C ASN A 599 -22.49 28.49 -74.78
N ASP A 600 -23.72 28.98 -74.69
CA ASP A 600 -24.80 28.50 -75.54
C ASP A 600 -24.50 28.85 -77.00
N LEU A 601 -24.44 27.84 -77.86
CA LEU A 601 -24.08 28.06 -79.24
C LEU A 601 -25.28 28.22 -80.17
N ARG A 602 -26.50 27.92 -79.70
CA ARG A 602 -27.67 28.17 -80.53
C ARG A 602 -27.86 29.66 -80.76
N VAL A 603 -27.49 30.48 -79.77
CA VAL A 603 -27.64 31.91 -79.90
C VAL A 603 -26.62 32.47 -80.89
N ASP A 604 -25.40 31.95 -80.88
CA ASP A 604 -24.28 32.58 -81.58
C ASP A 604 -24.24 32.23 -83.07
N GLY A 605 -24.02 30.95 -83.39
CA GLY A 605 -23.89 30.55 -84.78
C GLY A 605 -23.96 29.04 -84.94
N ALA A 606 -24.41 28.58 -86.10
CA ALA A 606 -24.74 27.17 -86.30
C ALA A 606 -24.27 26.70 -87.67
N SER A 607 -24.18 25.38 -87.81
CA SER A 607 -23.90 24.73 -89.09
C SER A 607 -25.10 23.86 -89.42
N VAL A 608 -26.12 24.48 -90.01
CA VAL A 608 -27.32 23.75 -90.36
C VAL A 608 -27.19 23.04 -91.70
N ARG A 609 -26.05 23.17 -92.37
CA ARG A 609 -25.91 22.69 -93.74
C ARG A 609 -25.03 21.44 -93.75
N PHE A 610 -25.63 20.32 -94.15
CA PHE A 610 -24.89 19.10 -94.47
C PHE A 610 -24.95 18.92 -95.98
N ASP A 611 -23.81 19.11 -96.65
CA ASP A 611 -23.79 19.08 -98.10
C ASP A 611 -24.24 17.72 -98.63
N SER A 612 -23.62 16.64 -98.15
CA SER A 612 -23.93 15.32 -98.65
C SER A 612 -23.37 14.27 -97.70
N VAL A 613 -23.89 13.05 -97.84
CA VAL A 613 -23.48 11.92 -97.02
C VAL A 613 -23.19 10.74 -97.93
N ASN A 614 -22.12 10.01 -97.65
CA ASN A 614 -21.80 8.80 -98.37
C ASN A 614 -21.33 7.74 -97.39
N LEU A 615 -21.54 6.48 -97.76
CA LEU A 615 -21.12 5.35 -96.96
C LEU A 615 -20.03 4.60 -97.71
N TYR A 616 -18.89 4.41 -97.06
CA TYR A 616 -17.77 3.69 -97.64
C TYR A 616 -17.60 2.35 -96.93
N ALA A 617 -17.27 1.33 -97.70
CA ALA A 617 -17.08 -0.02 -97.17
C ALA A 617 -15.82 -0.62 -97.77
N THR A 618 -15.25 -1.57 -97.03
CA THR A 618 -14.01 -2.23 -97.47
C THR A 618 -14.16 -3.73 -97.29
N PHE A 619 -13.66 -4.49 -98.26
CA PHE A 619 -13.76 -5.93 -98.27
C PHE A 619 -12.37 -6.55 -98.32
N PHE A 620 -12.22 -7.71 -97.70
CA PHE A 620 -10.99 -8.46 -97.82
C PHE A 620 -11.07 -9.36 -99.04
N PRO A 621 -10.26 -9.15 -100.05
CA PRO A 621 -10.42 -9.92 -101.30
C PRO A 621 -9.96 -11.36 -101.17
N MET A 622 -10.63 -12.14 -100.33
CA MET A 622 -10.25 -13.54 -100.18
C MET A 622 -10.76 -14.34 -101.37
N ALA A 623 -10.11 -15.47 -101.60
CA ALA A 623 -10.47 -16.32 -102.73
C ALA A 623 -11.90 -16.80 -102.60
N HIS A 624 -12.57 -16.93 -103.73
CA HIS A 624 -13.99 -17.28 -103.70
C HIS A 624 -14.19 -18.72 -103.26
N ASN A 625 -13.22 -19.60 -103.55
CA ASN A 625 -13.35 -20.99 -103.15
C ASN A 625 -13.29 -21.17 -101.64
N THR A 626 -12.75 -20.20 -100.91
CA THR A 626 -12.76 -20.23 -99.45
C THR A 626 -13.69 -19.21 -98.83
N ALA A 627 -13.90 -18.07 -99.47
CA ALA A 627 -14.90 -17.12 -98.96
C ALA A 627 -16.29 -17.74 -99.01
N SER A 628 -16.53 -18.64 -99.96
CA SER A 628 -17.79 -19.37 -99.98
C SER A 628 -17.84 -20.42 -98.88
N THR A 629 -16.74 -21.12 -98.66
CA THR A 629 -16.68 -22.09 -97.58
C THR A 629 -16.86 -21.41 -96.23
N LEU A 630 -16.22 -20.26 -96.04
CA LEU A 630 -16.42 -19.51 -94.81
C LEU A 630 -17.88 -19.14 -94.62
N GLU A 631 -18.49 -18.52 -95.63
CA GLU A 631 -19.88 -18.12 -95.48
C GLU A 631 -20.83 -19.31 -95.54
N ALA A 632 -20.36 -20.47 -95.98
CA ALA A 632 -21.19 -21.66 -95.91
C ALA A 632 -21.30 -22.17 -94.48
N MET A 633 -20.19 -22.15 -93.75
CA MET A 633 -20.19 -22.57 -92.36
C MET A 633 -20.40 -21.42 -91.39
N LEU A 634 -20.61 -20.22 -91.88
CA LEU A 634 -20.98 -19.12 -91.02
C LEU A 634 -22.48 -18.91 -90.96
N ARG A 635 -23.24 -19.61 -91.80
CA ARG A 635 -24.69 -19.53 -91.82
C ARG A 635 -25.34 -20.70 -91.12
N ASN A 636 -24.58 -21.65 -90.61
CA ASN A 636 -25.16 -22.70 -89.79
C ASN A 636 -25.56 -22.13 -88.45
N ASP A 637 -26.73 -22.55 -87.95
CA ASP A 637 -27.25 -21.96 -86.73
C ASP A 637 -26.39 -22.28 -85.52
N THR A 638 -25.53 -23.30 -85.61
CA THR A 638 -24.73 -23.67 -84.44
C THR A 638 -23.69 -22.61 -84.10
N HIS A 639 -23.15 -21.93 -85.11
CA HIS A 639 -22.10 -20.93 -84.89
C HIS A 639 -22.47 -19.64 -85.62
N ASP A 640 -23.24 -18.80 -84.93
CA ASP A 640 -23.55 -17.46 -85.38
C ASP A 640 -22.97 -16.48 -84.37
N GLN A 641 -22.27 -15.46 -84.86
CA GLN A 641 -21.50 -14.61 -83.96
C GLN A 641 -22.42 -13.89 -82.98
N SER A 642 -21.88 -13.58 -81.81
CA SER A 642 -22.64 -12.98 -80.73
C SER A 642 -21.74 -12.08 -79.91
N PHE A 643 -22.10 -10.81 -79.81
CA PHE A 643 -21.30 -9.85 -79.06
C PHE A 643 -22.21 -9.04 -78.16
N ASN A 644 -21.61 -8.43 -77.14
CA ASN A 644 -22.32 -7.55 -76.22
C ASN A 644 -21.49 -6.30 -75.99
N ASP A 645 -22.17 -5.22 -75.62
CA ASP A 645 -21.49 -3.95 -75.44
C ASP A 645 -20.53 -4.02 -74.26
N TYR A 646 -19.48 -3.20 -74.34
CA TYR A 646 -18.48 -3.20 -73.28
C TYR A 646 -19.07 -2.72 -71.96
N LEU A 647 -19.86 -1.65 -71.99
CA LEU A 647 -20.51 -1.13 -70.79
C LEU A 647 -21.87 -1.79 -70.66
N SER A 648 -21.84 -3.10 -70.39
CA SER A 648 -23.09 -3.86 -70.36
C SER A 648 -23.89 -3.48 -69.14
N ALA A 649 -24.77 -2.50 -69.27
CA ALA A 649 -25.41 -1.95 -68.09
C ALA A 649 -26.60 -1.08 -68.49
N ALA A 650 -27.70 -1.24 -67.77
CA ALA A 650 -28.90 -0.42 -67.95
C ALA A 650 -28.87 0.69 -66.91
N ASN A 651 -28.91 1.94 -67.37
CA ASN A 651 -28.66 3.08 -66.52
C ASN A 651 -29.85 4.04 -66.54
N MET A 652 -30.19 4.55 -65.37
CA MET A 652 -31.22 5.56 -65.20
C MET A 652 -30.70 6.67 -64.32
N LEU A 653 -31.28 7.85 -64.49
CA LEU A 653 -30.87 9.05 -63.76
C LEU A 653 -31.97 9.47 -62.80
N TYR A 654 -31.57 9.95 -61.63
CA TYR A 654 -32.50 10.43 -60.63
C TYR A 654 -32.17 11.86 -60.26
N PRO A 655 -33.14 12.77 -60.30
CA PRO A 655 -32.84 14.17 -60.00
C PRO A 655 -32.47 14.35 -58.54
N ILE A 656 -31.63 15.36 -58.29
CA ILE A 656 -31.27 15.80 -56.96
C ILE A 656 -31.68 17.26 -56.83
N PRO A 657 -32.35 17.65 -55.76
CA PRO A 657 -32.79 19.04 -55.64
C PRO A 657 -31.64 20.02 -55.48
N ALA A 658 -31.96 21.29 -55.27
CA ALA A 658 -30.95 22.34 -55.30
C ALA A 658 -29.85 22.09 -54.28
N LYS A 659 -30.21 21.83 -53.03
CA LYS A 659 -29.22 21.66 -51.98
C LYS A 659 -29.45 20.43 -51.12
N ALA A 660 -30.35 19.53 -51.51
CA ALA A 660 -30.65 18.36 -50.69
C ALA A 660 -29.46 17.41 -50.67
N THR A 661 -29.05 17.00 -49.48
CA THR A 661 -27.97 16.02 -49.37
C THR A 661 -28.51 14.61 -49.64
N ASN A 662 -29.49 14.18 -48.87
CA ASN A 662 -30.03 12.84 -48.98
C ASN A 662 -30.83 12.70 -50.27
N VAL A 663 -30.68 11.54 -50.92
CA VAL A 663 -31.43 11.24 -52.14
C VAL A 663 -31.78 9.76 -52.15
N PRO A 664 -33.01 9.40 -51.82
CA PRO A 664 -33.39 7.99 -51.80
C PRO A 664 -33.74 7.47 -53.19
N ILE A 665 -33.45 6.18 -53.38
CA ILE A 665 -33.69 5.50 -54.64
C ILE A 665 -34.42 4.20 -54.34
N SER A 666 -35.49 3.93 -55.08
CA SER A 666 -36.27 2.72 -54.90
C SER A 666 -36.41 2.00 -56.23
N ILE A 667 -36.42 0.67 -56.18
CA ILE A 667 -36.57 -0.17 -57.36
C ILE A 667 -37.68 -1.16 -57.09
N PRO A 668 -38.69 -1.27 -57.95
CA PRO A 668 -39.76 -2.23 -57.72
C PRO A 668 -39.24 -3.66 -57.68
N SER A 669 -40.08 -4.59 -57.24
CA SER A 669 -39.64 -5.97 -57.04
C SER A 669 -39.34 -6.61 -58.39
N ARG A 670 -38.12 -7.11 -58.56
CA ARG A 670 -37.69 -7.79 -59.77
C ARG A 670 -37.00 -9.09 -59.39
N ASN A 671 -36.41 -9.74 -60.38
CA ASN A 671 -35.51 -10.86 -60.16
C ASN A 671 -34.10 -10.42 -60.53
N TRP A 672 -33.16 -10.65 -59.62
CA TRP A 672 -31.80 -10.14 -59.77
C TRP A 672 -30.82 -11.20 -60.23
N ALA A 673 -31.26 -12.15 -61.05
CA ALA A 673 -30.34 -13.14 -61.58
C ALA A 673 -29.36 -12.48 -62.54
N ALA A 674 -28.13 -13.00 -62.56
CA ALA A 674 -27.06 -12.52 -63.42
C ALA A 674 -26.73 -11.05 -63.20
N PHE A 675 -27.15 -10.50 -62.08
CA PHE A 675 -26.87 -9.11 -61.77
C PHE A 675 -25.40 -8.92 -61.43
N ARG A 676 -24.89 -7.75 -61.75
CA ARG A 676 -23.53 -7.38 -61.35
C ARG A 676 -23.57 -6.08 -60.57
N GLY A 677 -22.41 -5.51 -60.29
CA GLY A 677 -22.36 -4.38 -59.38
C GLY A 677 -23.03 -3.12 -59.86
N TRP A 678 -23.09 -2.10 -59.00
CA TRP A 678 -23.59 -0.80 -59.36
C TRP A 678 -22.44 0.06 -59.88
N SER A 679 -22.79 1.27 -60.32
CA SER A 679 -21.81 2.26 -60.73
C SER A 679 -22.50 3.60 -60.79
N PHE A 680 -21.97 4.60 -60.10
CA PHE A 680 -22.68 5.85 -59.96
C PHE A 680 -21.71 7.02 -59.96
N THR A 681 -22.24 8.17 -60.36
CA THR A 681 -21.53 9.44 -60.42
C THR A 681 -22.56 10.52 -60.72
N ARG A 682 -22.40 11.68 -60.09
CA ARG A 682 -23.36 12.76 -60.27
C ARG A 682 -22.89 13.74 -61.33
N LEU A 683 -23.84 14.24 -62.10
CA LEU A 683 -23.59 15.21 -63.14
C LEU A 683 -24.58 16.35 -63.02
N LYS A 684 -24.15 17.56 -63.34
CA LYS A 684 -25.03 18.71 -63.26
C LYS A 684 -26.16 18.59 -64.27
N THR A 685 -27.37 18.97 -63.85
CA THR A 685 -28.51 18.94 -64.76
C THR A 685 -28.35 19.94 -65.90
N LYS A 686 -27.62 21.03 -65.65
CA LYS A 686 -27.35 21.99 -66.71
C LYS A 686 -26.56 21.35 -67.85
N GLU A 687 -25.70 20.39 -67.54
CA GLU A 687 -24.82 19.76 -68.52
C GLU A 687 -25.35 18.41 -68.97
N THR A 688 -26.66 18.27 -69.11
CA THR A 688 -27.20 16.97 -69.50
C THR A 688 -28.45 17.14 -70.34
N PRO A 689 -28.44 16.62 -71.56
CA PRO A 689 -29.60 16.78 -72.44
C PRO A 689 -30.66 15.71 -72.19
N SER A 690 -31.87 16.01 -72.64
CA SER A 690 -32.95 15.02 -72.63
C SER A 690 -32.70 14.07 -73.78
N LEU A 691 -31.95 13.01 -73.49
CA LEU A 691 -31.54 12.06 -74.53
C LEU A 691 -32.71 11.27 -75.10
N GLY A 692 -33.88 11.32 -74.47
CA GLY A 692 -35.01 10.53 -74.91
C GLY A 692 -35.93 11.29 -75.85
N SER A 693 -35.43 12.36 -76.45
CA SER A 693 -36.20 13.15 -77.40
C SER A 693 -35.25 13.72 -78.44
N GLY A 694 -35.75 14.66 -79.23
CA GLY A 694 -34.92 15.34 -80.21
C GLY A 694 -35.04 16.84 -80.05
N PHE A 695 -33.89 17.49 -79.97
CA PHE A 695 -33.82 18.95 -79.86
C PHE A 695 -34.60 19.45 -78.65
N ASP A 696 -34.12 19.09 -77.47
CA ASP A 696 -34.72 19.61 -76.26
C ASP A 696 -34.33 21.07 -76.10
N PRO A 697 -35.29 22.00 -76.06
CA PRO A 697 -34.95 23.42 -76.08
C PRO A 697 -34.44 23.99 -74.77
N TYR A 698 -34.29 23.16 -73.73
CA TYR A 698 -33.76 23.63 -72.46
C TYR A 698 -32.27 23.35 -72.32
N PHE A 699 -31.64 22.84 -73.37
CA PHE A 699 -30.22 22.50 -73.36
C PHE A 699 -29.46 23.69 -73.92
N VAL A 700 -28.91 24.53 -73.02
CA VAL A 700 -28.21 25.74 -73.41
C VAL A 700 -26.74 25.70 -73.02
N TYR A 701 -26.16 24.52 -72.95
CA TYR A 701 -24.77 24.35 -72.55
C TYR A 701 -24.04 23.57 -73.63
N SER A 702 -22.89 24.08 -74.06
CA SER A 702 -22.15 23.51 -75.19
C SER A 702 -20.72 23.16 -74.81
N GLY A 703 -20.47 22.85 -73.55
CA GLY A 703 -19.18 22.37 -73.11
C GLY A 703 -19.07 20.88 -73.30
N SER A 704 -18.16 20.27 -72.54
CA SER A 704 -18.07 18.82 -72.53
C SER A 704 -19.28 18.23 -71.80
N ILE A 705 -19.77 17.11 -72.31
CA ILE A 705 -20.95 16.46 -71.77
C ILE A 705 -20.50 15.27 -70.93
N PRO A 706 -20.61 15.31 -69.61
CA PRO A 706 -20.18 14.17 -68.79
C PRO A 706 -20.99 12.91 -69.04
N TYR A 707 -22.18 13.02 -69.64
CA TYR A 707 -23.01 11.85 -69.84
C TYR A 707 -22.53 11.04 -71.04
N LEU A 708 -22.56 11.64 -72.23
CA LEU A 708 -22.14 10.93 -73.43
C LEU A 708 -20.66 10.61 -73.39
N ASP A 709 -19.84 11.55 -72.96
CA ASP A 709 -18.39 11.41 -72.94
C ASP A 709 -17.93 10.98 -71.55
N GLY A 710 -16.75 10.36 -71.52
CA GLY A 710 -16.19 9.89 -70.27
C GLY A 710 -15.46 10.97 -69.48
N THR A 711 -16.21 11.85 -68.82
CA THR A 711 -15.65 12.85 -67.94
C THR A 711 -16.56 12.98 -66.73
N PHE A 712 -16.01 12.78 -65.54
CA PHE A 712 -16.82 12.67 -64.33
C PHE A 712 -16.20 13.48 -63.20
N TYR A 713 -16.15 14.79 -63.38
CA TYR A 713 -15.60 15.66 -62.39
C TYR A 713 -16.13 15.67 -61.05
N LEU A 714 -17.30 15.19 -60.79
CA LEU A 714 -17.89 15.33 -59.48
C LEU A 714 -17.93 14.11 -58.68
N ASN A 715 -17.13 13.13 -58.96
CA ASN A 715 -17.23 11.90 -58.26
C ASN A 715 -16.82 12.07 -56.87
N HIS A 716 -16.27 13.20 -56.49
CA HIS A 716 -15.74 13.39 -55.17
C HIS A 716 -16.65 13.88 -54.15
N THR A 717 -17.93 13.96 -54.40
CA THR A 717 -18.86 14.32 -53.39
C THR A 717 -19.82 13.24 -53.00
N PHE A 718 -19.50 12.37 -52.09
CA PHE A 718 -20.29 11.24 -51.61
C PHE A 718 -19.87 10.96 -50.19
N LYS A 719 -20.82 10.55 -49.35
CA LYS A 719 -20.48 10.13 -48.01
C LYS A 719 -20.86 8.69 -47.74
N LYS A 720 -22.11 8.31 -47.97
CA LYS A 720 -22.59 6.95 -47.72
C LYS A 720 -23.40 6.48 -48.91
N VAL A 721 -23.42 5.18 -49.12
CA VAL A 721 -24.15 4.62 -50.26
C VAL A 721 -25.06 3.49 -49.80
N SER A 722 -25.55 3.58 -48.57
CA SER A 722 -26.31 2.51 -47.92
C SER A 722 -27.25 1.80 -48.88
N ILE A 723 -27.13 0.47 -48.95
CA ILE A 723 -27.99 -0.36 -49.78
C ILE A 723 -28.93 -1.12 -48.84
N MET A 724 -29.98 -1.68 -49.42
CA MET A 724 -30.94 -2.45 -48.64
C MET A 724 -31.87 -3.19 -49.59
N PHE A 725 -32.11 -4.45 -49.29
CA PHE A 725 -33.00 -5.30 -50.09
C PHE A 725 -34.29 -5.50 -49.31
N ASP A 726 -35.38 -4.90 -49.81
CA ASP A 726 -36.72 -5.03 -49.24
C ASP A 726 -36.71 -4.93 -47.71
N SER A 727 -36.02 -3.90 -47.24
CA SER A 727 -35.88 -3.56 -45.81
C SER A 727 -35.15 -4.63 -45.01
N SER A 728 -34.33 -5.46 -45.65
CA SER A 728 -33.44 -6.35 -44.91
C SER A 728 -32.19 -5.59 -44.49
N VAL A 729 -31.18 -6.35 -44.04
CA VAL A 729 -29.89 -5.76 -43.82
C VAL A 729 -29.28 -5.43 -45.18
N SER A 730 -28.37 -4.46 -45.19
CA SER A 730 -27.72 -4.07 -46.44
C SER A 730 -27.07 -5.27 -47.10
N TRP A 731 -26.89 -5.18 -48.41
CA TRP A 731 -26.36 -6.31 -49.16
C TRP A 731 -25.03 -6.85 -48.62
N PRO A 732 -24.04 -6.02 -48.25
CA PRO A 732 -22.83 -6.59 -47.66
C PRO A 732 -23.00 -6.90 -46.19
N GLY A 733 -24.26 -6.98 -45.74
CA GLY A 733 -24.57 -7.00 -44.33
C GLY A 733 -24.23 -8.29 -43.60
N ASN A 734 -23.34 -9.11 -44.16
CA ASN A 734 -22.85 -10.27 -43.44
C ASN A 734 -21.77 -9.86 -42.45
N ASP A 735 -21.71 -8.56 -42.14
CA ASP A 735 -20.64 -7.97 -41.32
C ASP A 735 -19.30 -8.09 -42.05
N ARG A 736 -19.28 -7.63 -43.29
CA ARG A 736 -18.13 -7.79 -44.17
C ARG A 736 -17.32 -6.53 -44.32
N LEU A 737 -17.47 -5.54 -43.44
CA LEU A 737 -16.75 -4.28 -43.57
C LEU A 737 -16.40 -3.75 -42.20
N LEU A 738 -15.71 -2.64 -42.21
CA LEU A 738 -15.34 -2.01 -40.98
C LEU A 738 -16.53 -1.30 -40.44
N THR A 739 -17.52 -0.99 -41.26
CA THR A 739 -18.75 -0.44 -40.73
C THR A 739 -19.63 -1.22 -41.55
N PRO A 740 -20.18 -2.23 -40.98
CA PRO A 740 -20.88 -3.09 -41.86
C PRO A 740 -22.04 -2.58 -42.59
N ASN A 741 -22.88 -1.77 -42.04
CA ASN A 741 -24.02 -1.40 -42.80
C ASN A 741 -23.85 -0.55 -43.99
N GLU A 742 -23.04 0.47 -43.96
CA GLU A 742 -22.98 1.38 -45.08
C GLU A 742 -21.63 1.59 -45.55
N PHE A 743 -21.47 1.96 -46.80
CA PHE A 743 -20.15 2.10 -47.34
C PHE A 743 -19.91 3.50 -47.09
N GLU A 744 -18.72 3.85 -46.72
CA GLU A 744 -18.47 5.23 -46.36
C GLU A 744 -17.47 5.80 -47.36
N ILE A 745 -17.95 6.59 -48.31
CA ILE A 745 -17.08 7.09 -49.38
C ILE A 745 -15.99 7.98 -48.78
N LYS A 746 -16.36 8.86 -47.87
CA LYS A 746 -15.39 9.70 -47.19
C LYS A 746 -15.92 10.03 -45.81
N ARG A 747 -15.00 10.23 -44.88
CA ARG A 747 -15.35 10.54 -43.50
C ARG A 747 -14.91 11.94 -43.16
N SER A 748 -15.76 12.66 -42.45
CA SER A 748 -15.52 14.06 -42.14
C SER A 748 -14.47 14.15 -41.04
N VAL A 749 -14.34 15.33 -40.42
CA VAL A 749 -13.42 15.49 -39.31
C VAL A 749 -13.69 14.44 -38.24
N ASP A 750 -14.97 14.16 -37.98
CA ASP A 750 -15.32 13.07 -37.11
C ASP A 750 -14.82 11.75 -37.69
N GLY A 751 -14.21 10.94 -36.84
CA GLY A 751 -13.56 9.73 -37.28
C GLY A 751 -12.18 9.63 -36.68
N GLU A 752 -11.90 8.54 -35.97
CA GLU A 752 -10.66 8.47 -35.20
C GLU A 752 -9.53 7.85 -36.02
N GLY A 753 -9.72 6.63 -36.50
CA GLY A 753 -8.63 5.91 -37.13
C GLY A 753 -8.97 5.14 -38.39
N TYR A 754 -9.89 5.66 -39.21
CA TYR A 754 -10.34 4.91 -40.37
C TYR A 754 -10.00 5.54 -41.71
N ASN A 755 -9.85 6.85 -41.79
CA ASN A 755 -9.45 7.46 -43.05
C ASN A 755 -8.05 6.96 -43.44
N VAL A 756 -7.83 6.78 -44.75
CA VAL A 756 -6.68 6.06 -45.24
C VAL A 756 -5.91 6.93 -46.24
N ALA A 757 -4.64 6.58 -46.43
CA ALA A 757 -3.80 7.14 -47.49
C ALA A 757 -3.63 8.66 -47.33
N GLN A 758 -3.53 9.12 -46.09
CA GLN A 758 -3.31 10.54 -45.80
C GLN A 758 -4.37 11.42 -46.43
N CYS A 759 -5.61 10.94 -46.44
CA CYS A 759 -6.74 11.68 -46.97
C CYS A 759 -8.00 11.09 -46.35
N ASN A 760 -9.12 11.78 -46.54
CA ASN A 760 -10.39 11.32 -45.99
C ASN A 760 -11.07 10.35 -46.96
N MET A 761 -10.57 9.12 -46.94
CA MET A 761 -11.19 8.00 -47.63
C MET A 761 -11.22 6.83 -46.67
N THR A 762 -12.39 6.23 -46.49
CA THR A 762 -12.51 5.17 -45.50
C THR A 762 -11.63 3.99 -45.87
N LYS A 763 -11.10 3.33 -44.85
CA LYS A 763 -10.17 2.24 -45.07
C LYS A 763 -10.81 1.09 -45.81
N ASP A 764 -12.13 0.94 -45.71
CA ASP A 764 -12.82 -0.10 -46.43
C ASP A 764 -13.23 0.33 -47.84
N TRP A 765 -13.63 1.59 -48.02
CA TRP A 765 -13.98 2.05 -49.36
C TRP A 765 -12.77 2.01 -50.28
N PHE A 766 -11.60 2.39 -49.77
CA PHE A 766 -10.38 2.24 -50.55
C PHE A 766 -10.17 0.78 -50.92
N LEU A 767 -10.39 -0.13 -49.97
CA LEU A 767 -10.24 -1.54 -50.26
C LEU A 767 -11.19 -1.99 -51.36
N VAL A 768 -12.48 -1.67 -51.22
CA VAL A 768 -13.46 -2.14 -52.20
C VAL A 768 -13.14 -1.61 -53.59
N GLN A 769 -12.78 -0.34 -53.68
CA GLN A 769 -12.45 0.23 -54.98
C GLN A 769 -11.22 -0.44 -55.57
N MET A 770 -10.15 -0.56 -54.78
CA MET A 770 -8.94 -1.18 -55.31
C MET A 770 -9.12 -2.67 -55.49
N LEU A 771 -10.09 -3.27 -54.79
CA LEU A 771 -10.36 -4.68 -54.97
C LEU A 771 -11.15 -4.92 -56.25
N SER A 772 -12.02 -3.99 -56.61
CA SER A 772 -12.84 -4.16 -57.81
C SER A 772 -12.02 -4.01 -59.08
N HIS A 773 -11.18 -2.98 -59.14
CA HIS A 773 -10.48 -2.69 -60.38
C HIS A 773 -9.32 -3.64 -60.64
N TYR A 774 -8.56 -3.99 -59.60
CA TYR A 774 -7.33 -4.73 -59.80
C TYR A 774 -7.17 -5.98 -58.95
N ASN A 775 -8.15 -6.30 -58.10
CA ASN A 775 -8.12 -7.46 -57.22
C ASN A 775 -6.97 -7.44 -56.23
N ILE A 776 -6.27 -6.32 -56.10
CA ILE A 776 -5.15 -6.22 -55.14
C ILE A 776 -5.73 -5.69 -53.84
N GLY A 777 -6.37 -6.58 -53.08
CA GLY A 777 -6.90 -6.18 -51.80
C GLY A 777 -6.52 -7.03 -50.61
N TYR A 778 -6.26 -8.31 -50.84
CA TYR A 778 -6.11 -9.27 -49.75
C TYR A 778 -4.68 -9.67 -49.48
N GLN A 779 -3.75 -9.30 -50.35
CA GLN A 779 -2.34 -9.67 -50.21
C GLN A 779 -1.46 -8.46 -50.45
N GLY A 780 -1.79 -7.36 -49.78
CA GLY A 780 -1.02 -6.15 -49.86
C GLY A 780 -1.63 -5.13 -50.80
N PHE A 781 -1.10 -3.92 -50.74
CA PHE A 781 -1.53 -2.82 -51.60
C PHE A 781 -0.31 -2.33 -52.37
N HIS A 782 -0.06 -2.92 -53.52
CA HIS A 782 1.03 -2.49 -54.37
C HIS A 782 0.48 -1.69 -55.54
N VAL A 783 1.36 -0.92 -56.17
CA VAL A 783 0.93 -0.16 -57.35
C VAL A 783 0.58 -1.14 -58.46
N PRO A 784 -0.61 -1.07 -59.04
CA PRO A 784 -0.99 -2.05 -60.06
C PRO A 784 -0.15 -1.88 -61.32
N GLU A 785 -0.08 -2.98 -62.09
CA GLU A 785 0.74 -2.99 -63.28
C GLU A 785 0.24 -1.97 -64.29
N GLY A 786 1.15 -1.49 -65.14
CA GLY A 786 0.82 -0.38 -66.02
C GLY A 786 -0.37 -0.67 -66.93
N TYR A 787 -0.43 -1.87 -67.50
CA TYR A 787 -1.55 -2.21 -68.36
C TYR A 787 -2.82 -2.53 -67.57
N LYS A 788 -2.70 -2.81 -66.27
CA LYS A 788 -3.88 -3.14 -65.49
C LYS A 788 -4.77 -1.93 -65.29
N ASP A 789 -4.19 -0.73 -65.19
CA ASP A 789 -4.94 0.49 -64.95
C ASP A 789 -4.87 1.37 -66.20
N ARG A 790 -6.05 1.73 -66.72
CA ARG A 790 -6.17 2.59 -67.88
C ARG A 790 -6.39 4.02 -67.41
N MET A 791 -6.75 4.91 -68.34
CA MET A 791 -7.00 6.29 -67.94
C MET A 791 -8.31 6.42 -67.20
N TYR A 792 -9.28 5.55 -67.48
CA TYR A 792 -10.55 5.53 -66.75
C TYR A 792 -10.49 4.55 -65.59
N SER A 793 -9.47 4.67 -64.75
CA SER A 793 -9.26 3.73 -63.67
C SER A 793 -9.10 4.47 -62.35
N PHE A 794 -9.28 3.74 -61.26
CA PHE A 794 -9.28 4.34 -59.93
C PHE A 794 -7.90 4.87 -59.56
N PHE A 795 -6.86 4.07 -59.78
CA PHE A 795 -5.55 4.44 -59.27
C PHE A 795 -4.97 5.62 -60.03
N ARG A 796 -5.03 5.59 -61.37
CA ARG A 796 -4.46 6.66 -62.17
C ARG A 796 -5.04 8.01 -61.77
N ASN A 797 -6.34 8.05 -61.48
CA ASN A 797 -7.03 9.28 -61.13
C ASN A 797 -7.37 9.22 -59.65
N PHE A 798 -6.42 9.62 -58.81
CA PHE A 798 -6.63 9.65 -57.37
C PHE A 798 -5.55 10.54 -56.79
N GLN A 799 -5.95 11.68 -56.21
CA GLN A 799 -5.00 12.71 -55.80
C GLN A 799 -5.29 13.17 -54.38
N PRO A 800 -4.75 12.51 -53.36
CA PRO A 800 -4.85 13.04 -52.00
C PRO A 800 -4.13 14.38 -51.89
N MET A 801 -4.67 15.23 -51.02
CA MET A 801 -4.09 16.56 -50.83
C MET A 801 -4.60 17.10 -49.51
N SER A 802 -3.85 18.05 -48.94
CA SER A 802 -4.23 18.63 -47.67
C SER A 802 -3.50 19.95 -47.49
N ARG A 803 -3.95 20.72 -46.50
CA ARG A 803 -3.38 22.02 -46.19
C ARG A 803 -3.68 22.36 -44.74
N GLN A 804 -2.98 23.37 -44.23
CA GLN A 804 -3.20 23.86 -42.87
C GLN A 804 -3.67 25.31 -42.95
N VAL A 805 -4.95 25.53 -42.64
CA VAL A 805 -5.50 26.87 -42.59
C VAL A 805 -5.36 27.40 -41.18
N VAL A 806 -5.48 28.73 -41.04
CA VAL A 806 -5.36 29.35 -39.73
C VAL A 806 -6.50 28.92 -38.84
N ASP A 807 -6.19 28.60 -37.59
CA ASP A 807 -7.22 28.24 -36.62
C ASP A 807 -7.94 29.50 -36.15
N GLU A 808 -9.21 29.62 -36.52
CA GLU A 808 -9.98 30.82 -36.21
C GLU A 808 -10.52 30.83 -34.79
N ILE A 809 -10.51 29.69 -34.10
CA ILE A 809 -11.18 29.58 -32.80
C ILE A 809 -10.14 29.52 -31.69
N ASN A 810 -9.27 28.53 -31.74
CA ASN A 810 -8.28 28.33 -30.68
C ASN A 810 -7.01 29.12 -30.98
N TYR A 811 -7.19 30.41 -31.29
CA TYR A 811 -6.07 31.31 -31.54
C TYR A 811 -6.58 32.73 -31.40
N LYS A 812 -6.11 33.44 -30.39
CA LYS A 812 -6.54 34.80 -30.18
C LYS A 812 -5.92 35.71 -31.23
N ASP A 813 -6.17 37.02 -31.09
CA ASP A 813 -5.74 38.07 -32.01
C ASP A 813 -5.87 37.65 -33.46
N TYR A 814 -6.95 36.96 -33.80
CA TYR A 814 -7.27 36.60 -35.17
C TYR A 814 -8.44 37.45 -35.64
N LYS A 815 -8.20 38.26 -36.68
CA LYS A 815 -9.22 39.13 -37.22
C LYS A 815 -9.55 38.68 -38.64
N ALA A 816 -10.83 38.43 -38.89
CA ALA A 816 -11.26 37.96 -40.19
C ALA A 816 -11.29 39.12 -41.17
N VAL A 817 -10.43 39.08 -42.18
CA VAL A 817 -10.34 40.11 -43.20
C VAL A 817 -10.94 39.55 -44.48
N THR A 818 -11.95 40.22 -45.02
CA THR A 818 -12.54 39.78 -46.27
C THR A 818 -11.70 40.28 -47.44
N LEU A 819 -12.11 39.91 -48.65
CA LEU A 819 -11.31 40.21 -49.84
C LEU A 819 -11.11 41.70 -50.08
N PRO A 820 -12.14 42.55 -50.10
CA PRO A 820 -11.93 43.93 -50.56
C PRO A 820 -11.20 44.81 -49.59
N PHE A 821 -10.63 44.23 -48.53
CA PHE A 821 -9.86 45.00 -47.56
C PHE A 821 -8.42 44.52 -47.39
N GLN A 822 -8.13 43.25 -47.66
CA GLN A 822 -6.78 42.74 -47.49
C GLN A 822 -5.86 43.32 -48.55
N HIS A 823 -4.66 43.74 -48.13
CA HIS A 823 -3.71 44.42 -49.03
C HIS A 823 -2.36 43.74 -48.98
N ASN A 824 -2.18 42.71 -49.80
CA ASN A 824 -0.87 42.13 -50.04
C ASN A 824 -0.37 42.62 -51.39
N ASN A 825 0.95 42.83 -51.48
CA ASN A 825 1.58 43.28 -52.72
C ASN A 825 1.00 44.61 -53.16
N SER A 826 0.63 45.46 -52.21
CA SER A 826 -0.04 46.71 -52.53
C SER A 826 0.94 47.69 -53.18
N GLY A 827 0.38 48.57 -54.01
CA GLY A 827 1.18 49.56 -54.69
C GLY A 827 1.89 49.07 -55.93
N PHE A 828 1.77 47.78 -56.26
CA PHE A 828 2.40 47.23 -57.43
C PHE A 828 1.45 46.42 -58.29
N THR A 829 0.19 46.30 -57.90
CA THR A 829 -0.79 45.51 -58.65
C THR A 829 -2.15 46.19 -58.55
N GLY A 830 -3.00 45.89 -59.51
CA GLY A 830 -4.32 46.51 -59.53
C GLY A 830 -5.16 46.09 -58.34
N TYR A 831 -6.11 46.94 -57.98
CA TYR A 831 -6.99 46.71 -56.84
C TYR A 831 -8.31 46.16 -57.36
N LEU A 832 -8.56 44.88 -57.09
CA LEU A 832 -9.78 44.19 -57.49
C LEU A 832 -10.03 44.25 -58.99
N ALA A 833 -8.96 44.31 -59.79
CA ALA A 833 -9.09 44.34 -61.24
C ALA A 833 -7.75 44.08 -61.89
N PRO A 834 -7.71 43.44 -63.05
CA PRO A 834 -6.47 43.28 -63.80
C PRO A 834 -6.11 44.53 -64.61
N THR A 835 -6.20 45.68 -63.97
CA THR A 835 -5.99 46.97 -64.60
C THR A 835 -4.60 47.49 -64.25
N MET A 836 -4.40 48.79 -64.26
CA MET A 836 -3.12 49.37 -63.90
C MET A 836 -2.71 49.11 -62.50
N ARG A 837 -1.57 49.60 -62.09
CA ARG A 837 -1.09 49.36 -60.79
C ARG A 837 -1.35 50.58 -60.06
N GLN A 838 -2.04 50.45 -58.96
CA GLN A 838 -2.38 51.58 -58.22
C GLN A 838 -2.03 51.34 -56.83
N GLY A 839 -1.56 52.34 -56.12
CA GLY A 839 -1.36 52.15 -54.70
C GLY A 839 -0.16 52.69 -54.00
N GLN A 840 0.10 52.25 -52.79
CA GLN A 840 1.31 52.64 -52.12
C GLN A 840 2.04 51.48 -51.49
N PRO A 841 3.32 51.33 -51.75
CA PRO A 841 3.96 50.23 -51.03
C PRO A 841 3.64 50.32 -49.54
N TYR A 842 3.54 49.15 -48.92
CA TYR A 842 3.18 49.03 -47.51
C TYR A 842 3.28 47.57 -47.10
N PRO A 843 3.52 47.27 -45.82
CA PRO A 843 3.58 45.87 -45.40
C PRO A 843 2.25 45.15 -45.66
N ALA A 844 2.36 43.90 -46.08
CA ALA A 844 1.17 43.11 -46.38
C ALA A 844 0.51 42.63 -45.10
N ASN A 845 -0.76 42.26 -45.21
CA ASN A 845 -1.53 41.84 -44.06
C ASN A 845 -2.35 40.57 -44.24
N PHE A 846 -2.65 40.15 -45.46
CA PHE A 846 -3.60 39.05 -45.58
C PHE A 846 -3.02 37.68 -45.24
N PRO A 847 -1.99 37.20 -45.96
CA PRO A 847 -1.61 35.80 -45.77
C PRO A 847 -0.97 35.57 -44.42
N TYR A 848 -1.67 34.92 -43.50
CA TYR A 848 -1.10 34.66 -42.20
C TYR A 848 0.09 33.72 -42.32
N PRO A 849 1.17 33.96 -41.60
CA PRO A 849 2.33 33.08 -41.70
C PRO A 849 2.01 31.70 -41.16
N LEU A 850 2.66 30.69 -41.73
CA LEU A 850 2.52 29.31 -41.27
C LEU A 850 3.87 28.64 -41.11
N ILE A 851 4.96 29.39 -41.15
CA ILE A 851 6.30 28.86 -41.01
C ILE A 851 7.09 29.78 -40.08
N GLY A 852 8.36 29.44 -39.89
CA GLY A 852 9.22 30.27 -39.07
C GLY A 852 8.84 30.22 -37.60
N GLN A 853 9.42 31.16 -36.85
CA GLN A 853 9.16 31.24 -35.41
C GLN A 853 7.96 32.09 -35.07
N THR A 854 7.23 32.61 -36.07
CA THR A 854 6.04 33.42 -35.84
C THR A 854 4.81 32.78 -36.46
N ALA A 855 4.85 31.46 -36.67
CA ALA A 855 3.70 30.76 -37.23
C ALA A 855 2.53 30.78 -36.24
N VAL A 856 1.33 30.75 -36.80
CA VAL A 856 0.11 30.82 -36.00
C VAL A 856 -0.49 29.41 -35.89
N PRO A 857 -1.23 29.13 -34.82
CA PRO A 857 -1.86 27.81 -34.70
C PRO A 857 -2.79 27.55 -35.87
N SER A 858 -2.79 26.30 -36.34
CA SER A 858 -3.47 25.94 -37.57
C SER A 858 -4.25 24.66 -37.38
N VAL A 859 -5.26 24.47 -38.22
CA VAL A 859 -6.06 23.25 -38.24
C VAL A 859 -5.93 22.62 -39.62
N THR A 860 -5.68 21.32 -39.66
CA THR A 860 -5.44 20.60 -40.90
C THR A 860 -6.75 20.11 -41.48
N GLN A 861 -6.99 20.40 -42.76
CA GLN A 861 -8.15 19.90 -43.47
C GLN A 861 -7.70 19.15 -44.72
N LYS A 862 -8.27 17.98 -44.92
CA LYS A 862 -7.90 17.10 -46.02
C LYS A 862 -9.06 16.94 -46.99
N LYS A 863 -8.73 16.43 -48.17
CA LYS A 863 -9.71 16.04 -49.17
C LYS A 863 -8.97 15.29 -50.26
N PHE A 864 -9.72 14.84 -51.27
CA PHE A 864 -9.13 14.16 -52.41
C PHE A 864 -9.97 14.47 -53.64
N LEU A 865 -9.35 14.32 -54.82
CA LEU A 865 -9.99 14.61 -56.09
C LEU A 865 -9.98 13.35 -56.94
N CYS A 866 -11.15 12.96 -57.43
CA CYS A 866 -11.29 11.83 -58.31
C CYS A 866 -12.09 12.25 -59.53
N ASP A 867 -11.72 11.73 -60.70
CA ASP A 867 -12.45 12.05 -61.91
C ASP A 867 -12.17 10.96 -62.94
N ARG A 868 -13.10 10.81 -63.88
CA ARG A 868 -13.06 9.73 -64.86
C ARG A 868 -12.91 8.38 -64.18
N VAL A 869 -13.59 8.22 -63.04
CA VAL A 869 -13.41 7.07 -62.17
C VAL A 869 -14.68 6.24 -62.06
N MET A 870 -15.81 6.88 -61.77
CA MET A 870 -17.12 6.21 -61.80
C MET A 870 -17.16 5.04 -60.80
N TRP A 871 -17.23 5.41 -59.51
CA TRP A 871 -17.26 4.45 -58.41
C TRP A 871 -18.07 3.22 -58.76
N ARG A 872 -17.55 2.04 -58.39
CA ARG A 872 -18.23 0.79 -58.64
C ARG A 872 -18.27 -0.05 -57.38
N ILE A 873 -19.36 -0.82 -57.25
CA ILE A 873 -19.57 -1.69 -56.10
C ILE A 873 -19.95 -3.08 -56.61
N PRO A 874 -18.99 -3.94 -56.90
CA PRO A 874 -19.32 -5.21 -57.56
C PRO A 874 -20.20 -6.09 -56.70
N PHE A 875 -21.04 -6.88 -57.36
CA PHE A 875 -22.02 -7.73 -56.70
C PHE A 875 -21.45 -9.09 -56.34
N SER A 876 -20.14 -9.20 -56.16
CA SER A 876 -19.55 -10.47 -55.79
C SER A 876 -19.56 -10.65 -54.27
N SER A 877 -19.26 -11.87 -53.84
CA SER A 877 -19.23 -12.15 -52.40
C SER A 877 -18.15 -11.37 -51.69
N ASN A 878 -16.96 -11.28 -52.30
CA ASN A 878 -15.80 -10.64 -51.69
C ASN A 878 -15.32 -9.46 -52.53
N PHE A 879 -16.22 -8.82 -53.26
CA PHE A 879 -15.89 -7.66 -54.09
C PHE A 879 -14.77 -7.96 -55.08
N MET A 880 -14.67 -9.21 -55.51
CA MET A 880 -13.55 -9.67 -56.31
C MET A 880 -14.05 -10.21 -57.64
N SER A 881 -13.34 -9.88 -58.71
CA SER A 881 -13.73 -10.29 -60.06
C SER A 881 -13.16 -11.67 -60.34
N MET A 882 -13.81 -12.69 -59.76
CA MET A 882 -13.45 -14.07 -60.05
C MET A 882 -14.13 -14.58 -61.31
N GLY A 883 -14.96 -13.77 -61.95
CA GLY A 883 -15.62 -14.15 -63.18
C GLY A 883 -16.64 -13.12 -63.61
N ALA A 884 -17.07 -13.17 -64.87
CA ALA A 884 -18.04 -12.19 -65.34
C ALA A 884 -19.39 -12.41 -64.69
N LEU A 885 -19.84 -13.66 -64.59
CA LEU A 885 -21.10 -14.00 -63.93
C LEU A 885 -20.79 -14.21 -62.46
N THR A 886 -21.06 -13.19 -61.65
CA THR A 886 -20.57 -13.17 -60.27
C THR A 886 -21.13 -14.33 -59.46
N ASP A 887 -20.51 -14.57 -58.31
CA ASP A 887 -20.91 -15.67 -57.44
C ASP A 887 -22.35 -15.49 -56.99
N LEU A 888 -22.73 -14.28 -56.60
CA LEU A 888 -24.09 -14.03 -56.15
C LEU A 888 -25.08 -14.02 -57.31
N GLY A 889 -24.60 -13.75 -58.53
CA GLY A 889 -25.50 -13.75 -59.67
C GLY A 889 -26.11 -15.12 -59.92
N GLN A 890 -25.35 -16.17 -59.65
CA GLN A 890 -25.87 -17.52 -59.81
C GLN A 890 -26.78 -17.90 -58.65
N ASN A 891 -26.45 -17.46 -57.44
CA ASN A 891 -27.27 -17.78 -56.28
C ASN A 891 -28.67 -17.21 -56.42
N MET A 892 -28.77 -15.99 -56.96
CA MET A 892 -30.09 -15.39 -57.17
C MET A 892 -30.91 -16.21 -58.16
N LEU A 893 -30.24 -16.89 -59.08
CA LEU A 893 -30.96 -17.73 -60.04
C LEU A 893 -31.55 -18.95 -59.36
N TYR A 894 -30.73 -19.66 -58.56
CA TYR A 894 -31.21 -20.87 -57.90
C TYR A 894 -32.28 -20.55 -56.87
N ALA A 895 -32.14 -19.43 -56.16
CA ALA A 895 -33.15 -19.05 -55.17
C ALA A 895 -34.51 -18.83 -55.83
N ASN A 896 -34.51 -18.18 -56.99
CA ASN A 896 -35.73 -17.99 -57.79
C ASN A 896 -36.79 -17.25 -56.98
N SER A 897 -36.47 -16.02 -56.61
CA SER A 897 -37.38 -15.19 -55.83
C SER A 897 -37.18 -13.74 -56.24
N ALA A 898 -38.01 -12.86 -55.69
CA ALA A 898 -37.99 -11.45 -56.02
C ALA A 898 -37.58 -10.63 -54.82
N HIS A 899 -36.84 -9.55 -55.06
CA HIS A 899 -36.40 -8.67 -53.98
C HIS A 899 -36.34 -7.24 -54.49
N ALA A 900 -36.95 -6.33 -53.74
CA ALA A 900 -36.86 -4.93 -54.07
C ALA A 900 -35.47 -4.40 -53.72
N LEU A 901 -35.29 -3.09 -53.88
CA LEU A 901 -33.99 -2.49 -53.64
C LEU A 901 -34.16 -1.04 -53.24
N ASP A 902 -33.46 -0.64 -52.17
CA ASP A 902 -33.50 0.72 -51.68
C ASP A 902 -32.08 1.19 -51.44
N MET A 903 -31.76 2.39 -51.91
CA MET A 903 -30.42 2.94 -51.78
C MET A 903 -30.51 4.38 -51.33
N THR A 904 -29.61 4.79 -50.45
CA THR A 904 -29.58 6.14 -49.90
C THR A 904 -28.16 6.68 -50.01
N PHE A 905 -28.02 7.91 -50.49
CA PHE A 905 -26.72 8.43 -50.88
C PHE A 905 -26.21 9.60 -50.04
N GLU A 906 -27.08 10.52 -49.62
CA GLU A 906 -26.70 11.67 -48.80
C GLU A 906 -25.36 12.27 -49.21
N VAL A 907 -25.29 12.83 -50.41
CA VAL A 907 -24.01 13.14 -51.02
C VAL A 907 -23.29 14.28 -50.31
N ASP A 908 -23.79 15.50 -50.47
CA ASP A 908 -23.29 16.71 -49.81
C ASP A 908 -24.12 17.89 -50.29
N PRO A 909 -24.07 19.03 -49.62
CA PRO A 909 -24.73 20.22 -50.17
C PRO A 909 -24.07 20.66 -51.47
N MET A 910 -24.88 21.25 -52.33
CA MET A 910 -24.43 21.77 -53.61
C MET A 910 -25.12 23.12 -53.86
N ASP A 911 -25.04 23.61 -55.08
CA ASP A 911 -25.68 24.87 -55.44
C ASP A 911 -26.74 24.71 -56.52
N GLU A 912 -26.39 24.09 -57.63
CA GLU A 912 -27.29 23.97 -58.77
C GLU A 912 -27.88 22.57 -58.84
N PRO A 913 -29.03 22.41 -59.51
CA PRO A 913 -29.60 21.08 -59.65
C PRO A 913 -28.64 20.13 -60.35
N THR A 914 -28.54 18.92 -59.84
CA THR A 914 -27.65 17.90 -60.37
C THR A 914 -28.44 16.64 -60.64
N LEU A 915 -27.74 15.59 -61.03
CA LEU A 915 -28.33 14.27 -61.27
C LEU A 915 -27.55 13.24 -60.46
N LEU A 916 -27.98 11.99 -60.55
CA LEU A 916 -27.37 10.89 -59.81
C LEU A 916 -27.18 9.70 -60.74
N TYR A 917 -26.53 9.93 -61.88
CA TYR A 917 -26.44 8.91 -62.92
C TYR A 917 -25.92 7.61 -62.34
N LEU A 918 -26.80 6.62 -62.26
CA LEU A 918 -26.51 5.33 -61.67
C LEU A 918 -26.64 4.26 -62.75
N LEU A 919 -25.83 3.23 -62.63
CA LEU A 919 -25.59 2.32 -63.74
C LEU A 919 -25.62 0.88 -63.24
N PHE A 920 -26.80 0.27 -63.24
CA PHE A 920 -26.89 -1.15 -62.92
C PHE A 920 -26.27 -1.98 -64.03
N GLU A 921 -25.35 -2.85 -63.67
CA GLU A 921 -24.64 -3.68 -64.64
C GLU A 921 -25.46 -4.91 -64.97
N VAL A 922 -25.55 -5.23 -66.27
CA VAL A 922 -26.37 -6.34 -66.74
C VAL A 922 -25.59 -7.12 -67.79
N PHE A 923 -26.24 -8.12 -68.38
CA PHE A 923 -25.71 -8.88 -69.51
C PHE A 923 -26.67 -8.67 -70.67
N ASP A 924 -26.30 -7.83 -71.63
CA ASP A 924 -27.15 -7.58 -72.80
C ASP A 924 -26.37 -7.94 -74.07
N VAL A 925 -26.67 -9.10 -74.63
CA VAL A 925 -25.94 -9.63 -75.78
C VAL A 925 -26.92 -9.84 -76.93
N VAL A 926 -26.36 -9.98 -78.13
CA VAL A 926 -27.12 -10.27 -79.33
C VAL A 926 -26.55 -11.53 -79.96
N ARG A 927 -27.35 -12.16 -80.82
CA ARG A 927 -26.97 -13.40 -81.46
C ARG A 927 -27.33 -13.39 -82.95
N VAL A 928 -26.88 -12.35 -83.65
CA VAL A 928 -27.14 -12.23 -85.08
C VAL A 928 -26.86 -13.54 -85.79
N HIS A 929 -27.77 -13.94 -86.69
CA HIS A 929 -27.81 -15.29 -87.24
C HIS A 929 -27.58 -15.35 -88.73
N GLN A 930 -28.32 -14.55 -89.52
CA GLN A 930 -28.26 -14.47 -90.98
C GLN A 930 -28.15 -15.84 -91.65
N PRO A 931 -29.23 -16.61 -91.68
CA PRO A 931 -29.17 -17.98 -92.20
C PRO A 931 -29.32 -18.12 -93.70
N HIS A 932 -29.31 -17.05 -94.47
CA HIS A 932 -29.41 -17.16 -95.92
C HIS A 932 -28.85 -15.89 -96.55
N ARG A 933 -29.05 -15.75 -97.85
CA ARG A 933 -28.58 -14.58 -98.58
C ARG A 933 -29.62 -13.49 -98.51
N GLY A 934 -29.41 -12.54 -97.61
CA GLY A 934 -30.26 -11.37 -97.53
C GLY A 934 -31.23 -11.35 -96.36
N VAL A 935 -30.99 -12.14 -95.33
CA VAL A 935 -31.83 -12.15 -94.14
C VAL A 935 -30.95 -11.99 -92.91
N ILE A 936 -31.43 -11.25 -91.92
CA ILE A 936 -30.74 -11.07 -90.66
C ILE A 936 -31.74 -11.28 -89.53
N GLU A 937 -31.39 -12.12 -88.57
CA GLU A 937 -32.20 -12.33 -87.38
C GLU A 937 -31.33 -12.12 -86.16
N ALA A 938 -31.70 -11.15 -85.33
CA ALA A 938 -30.96 -10.82 -84.12
C ALA A 938 -31.87 -11.00 -82.92
N VAL A 939 -31.35 -11.67 -81.89
CA VAL A 939 -32.10 -11.89 -80.65
C VAL A 939 -31.34 -11.20 -79.52
N TYR A 940 -32.04 -10.37 -78.77
CA TYR A 940 -31.44 -9.59 -77.69
C TYR A 940 -31.89 -10.14 -76.35
N LEU A 941 -30.96 -10.29 -75.43
CA LEU A 941 -31.28 -10.82 -74.10
C LEU A 941 -30.49 -10.03 -73.06
N ARG A 942 -31.17 -9.10 -72.40
CA ARG A 942 -30.61 -8.39 -71.25
C ARG A 942 -31.22 -9.01 -70.00
N THR A 943 -30.41 -9.71 -69.21
CA THR A 943 -31.01 -10.57 -68.19
C THR A 943 -31.50 -9.84 -66.94
N PRO A 944 -30.66 -9.14 -66.18
CA PRO A 944 -31.13 -8.61 -64.89
C PRO A 944 -32.28 -7.63 -65.01
N PHE A 945 -32.35 -6.85 -66.08
CA PHE A 945 -33.36 -5.81 -66.25
C PHE A 945 -34.10 -6.00 -67.56
N SER A 946 -34.60 -7.22 -67.78
CA SER A 946 -35.09 -7.64 -69.08
C SER A 946 -36.16 -6.71 -69.62
N ALA A 947 -35.99 -6.31 -70.88
CA ALA A 947 -37.01 -5.56 -71.60
C ALA A 947 -37.90 -6.46 -72.45
N GLY A 948 -37.66 -7.77 -72.45
CA GLY A 948 -38.45 -8.71 -73.21
C GLY A 948 -37.59 -9.50 -74.19
N ASN A 949 -38.10 -9.66 -75.40
CA ASN A 949 -37.46 -10.43 -76.45
C ASN A 949 -37.13 -9.52 -77.63
N ALA A 950 -36.73 -10.13 -78.74
CA ALA A 950 -36.51 -9.41 -79.98
C ALA A 950 -36.74 -10.37 -81.13
N THR A 951 -36.39 -9.93 -82.34
CA THR A 951 -36.61 -10.73 -83.54
C THR A 951 -35.73 -11.97 -83.55
N ALA B 2 14.29 -33.94 -40.06
CA ALA B 2 14.04 -33.00 -41.14
C ALA B 2 15.09 -31.89 -41.13
N THR B 3 15.65 -31.63 -39.95
CA THR B 3 16.68 -30.63 -39.79
C THR B 3 17.92 -31.10 -40.55
N PRO B 4 18.98 -30.25 -40.64
CA PRO B 4 20.20 -30.68 -41.36
C PRO B 4 20.72 -32.07 -41.01
N SER B 5 20.22 -32.66 -39.94
CA SER B 5 20.55 -34.04 -39.59
C SER B 5 19.76 -35.06 -40.39
N MET B 6 18.86 -34.64 -41.28
CA MET B 6 18.11 -35.57 -42.11
C MET B 6 18.22 -35.30 -43.60
N MET B 7 18.61 -34.10 -44.01
CA MET B 7 18.85 -33.81 -45.42
C MET B 7 19.81 -32.62 -45.49
N PRO B 8 20.52 -32.46 -46.60
CA PRO B 8 21.55 -31.41 -46.67
C PRO B 8 20.96 -30.02 -46.56
N GLN B 9 21.84 -29.06 -46.30
CA GLN B 9 21.39 -27.69 -46.07
C GLN B 9 20.75 -27.10 -47.33
N TRP B 10 21.43 -27.19 -48.46
CA TRP B 10 20.90 -26.60 -49.68
C TRP B 10 19.58 -27.24 -50.09
N ALA B 11 19.50 -28.57 -50.01
CA ALA B 11 18.25 -29.24 -50.37
C ALA B 11 17.16 -29.04 -49.34
N TYR B 12 17.48 -28.48 -48.18
CA TYR B 12 16.49 -28.20 -47.16
C TYR B 12 16.00 -26.77 -47.22
N MET B 13 16.88 -25.83 -47.52
CA MET B 13 16.53 -24.44 -47.71
C MET B 13 16.20 -24.11 -49.15
N HIS B 14 16.23 -25.10 -50.04
CA HIS B 14 15.91 -24.92 -51.46
C HIS B 14 16.81 -23.86 -52.10
N ILE B 15 18.10 -24.19 -52.13
CA ILE B 15 19.04 -23.52 -53.03
C ILE B 15 19.42 -24.41 -54.19
N ALA B 16 19.04 -25.69 -54.17
CA ALA B 16 19.34 -26.63 -55.23
C ALA B 16 18.56 -27.90 -54.97
N GLY B 17 18.11 -28.55 -56.05
CA GLY B 17 17.60 -29.90 -55.93
C GLY B 17 16.22 -30.20 -56.46
N GLN B 18 15.23 -29.36 -56.20
CA GLN B 18 13.85 -29.69 -56.55
C GLN B 18 13.02 -28.41 -56.60
N ASP B 19 12.44 -28.13 -57.76
CA ASP B 19 11.56 -26.98 -57.87
C ASP B 19 10.28 -27.20 -57.09
N ALA B 20 9.61 -26.11 -56.76
CA ALA B 20 8.43 -26.17 -55.91
C ALA B 20 7.28 -26.94 -56.56
N SER B 21 7.31 -27.10 -57.88
CA SER B 21 6.24 -27.82 -58.54
C SER B 21 6.24 -29.31 -58.21
N GLU B 22 7.29 -29.80 -57.58
CA GLU B 22 7.41 -31.23 -57.36
C GLU B 22 7.84 -31.65 -55.97
N TYR B 23 8.20 -30.74 -55.07
CA TYR B 23 8.48 -31.17 -53.71
C TYR B 23 7.34 -30.86 -52.75
N LEU B 24 6.31 -30.16 -53.20
CA LEU B 24 5.11 -29.98 -52.38
C LEU B 24 4.23 -31.21 -52.51
N SER B 25 3.23 -31.28 -51.64
CA SER B 25 2.29 -32.39 -51.70
C SER B 25 1.50 -32.33 -52.99
N PRO B 26 1.05 -33.48 -53.51
CA PRO B 26 0.22 -33.45 -54.72
C PRO B 26 -1.07 -32.67 -54.53
N GLY B 27 -1.60 -32.65 -53.31
CA GLY B 27 -2.79 -31.86 -53.05
C GLY B 27 -2.53 -30.37 -53.14
N LEU B 28 -1.42 -29.91 -52.56
CA LEU B 28 -1.18 -28.48 -52.49
C LEU B 28 -0.82 -27.89 -53.84
N VAL B 29 -0.09 -28.64 -54.67
CA VAL B 29 0.22 -28.14 -56.00
C VAL B 29 -1.06 -28.02 -56.84
N GLN B 30 -2.03 -28.90 -56.57
CA GLN B 30 -3.32 -28.77 -57.23
C GLN B 30 -4.13 -27.63 -56.64
N PHE B 31 -4.11 -27.48 -55.32
CA PHE B 31 -4.84 -26.38 -54.69
C PHE B 31 -4.28 -25.03 -55.13
N ALA B 32 -2.95 -24.90 -55.15
CA ALA B 32 -2.35 -23.64 -55.57
C ALA B 32 -2.63 -23.36 -57.03
N ARG B 33 -2.68 -24.41 -57.85
CA ARG B 33 -3.00 -24.23 -59.27
C ARG B 33 -4.42 -23.73 -59.45
N ALA B 34 -5.37 -24.29 -58.70
CA ALA B 34 -6.77 -23.98 -58.92
C ALA B 34 -7.09 -22.53 -58.57
N THR B 35 -6.68 -22.09 -57.39
CA THR B 35 -7.00 -20.75 -56.92
C THR B 35 -5.89 -19.75 -57.22
N ASP B 36 -5.17 -19.95 -58.32
CA ASP B 36 -4.07 -19.04 -58.64
C ASP B 36 -4.58 -17.70 -59.15
N THR B 37 -5.82 -17.62 -59.59
CA THR B 37 -6.32 -16.37 -60.16
C THR B 37 -6.54 -15.32 -59.08
N TYR B 38 -7.09 -15.71 -57.94
CA TYR B 38 -7.43 -14.74 -56.90
C TYR B 38 -6.56 -14.87 -55.65
N PHE B 39 -6.40 -16.07 -55.10
CA PHE B 39 -5.62 -16.27 -53.88
C PHE B 39 -4.29 -16.89 -54.27
N SER B 40 -3.34 -16.03 -54.65
CA SER B 40 -2.05 -16.51 -55.13
C SER B 40 -1.21 -17.06 -53.99
N LEU B 41 -0.52 -18.18 -54.27
CA LEU B 41 0.40 -18.79 -53.32
C LEU B 41 1.79 -18.98 -53.89
N GLY B 42 2.07 -18.42 -55.06
CA GLY B 42 3.37 -18.65 -55.70
C GLY B 42 4.52 -18.00 -54.96
N ASN B 43 4.32 -16.78 -54.48
CA ASN B 43 5.43 -16.03 -53.88
C ASN B 43 5.92 -16.61 -52.57
N LYS B 44 5.17 -17.54 -51.97
CA LYS B 44 5.56 -18.09 -50.67
C LYS B 44 6.70 -19.10 -50.83
N PHE B 45 6.44 -20.18 -51.55
CA PHE B 45 7.44 -21.22 -51.73
C PHE B 45 8.41 -20.83 -52.83
N ARG B 46 9.71 -20.94 -52.56
CA ARG B 46 10.73 -20.62 -53.54
C ARG B 46 11.30 -21.89 -54.13
N ASN B 47 11.54 -21.86 -55.44
CA ASN B 47 12.15 -22.98 -56.11
C ASN B 47 13.57 -22.64 -56.55
N PRO B 48 14.48 -23.60 -56.50
CA PRO B 48 15.89 -23.29 -56.71
C PRO B 48 16.20 -23.01 -58.16
N THR B 49 17.32 -22.31 -58.35
CA THR B 49 17.85 -22.03 -59.67
C THR B 49 19.37 -22.03 -59.56
N VAL B 50 20.01 -23.00 -60.21
CA VAL B 50 21.45 -23.16 -60.12
C VAL B 50 22.05 -22.92 -61.51
N ALA B 51 23.32 -22.59 -61.52
CA ALA B 51 24.03 -22.45 -62.78
C ALA B 51 24.53 -23.81 -63.25
N PRO B 52 24.54 -24.06 -64.55
CA PRO B 52 25.19 -25.27 -65.05
C PRO B 52 26.67 -25.24 -64.72
N THR B 53 27.21 -26.41 -64.37
CA THR B 53 28.58 -26.46 -63.89
C THR B 53 29.57 -26.79 -65.01
N HIS B 54 29.36 -27.89 -65.71
CA HIS B 54 30.31 -28.38 -66.69
C HIS B 54 29.91 -27.95 -68.10
N ASP B 55 30.91 -27.91 -68.99
CA ASP B 55 30.72 -27.72 -70.41
C ASP B 55 30.14 -26.34 -70.77
N VAL B 56 30.26 -25.37 -69.88
CA VAL B 56 29.71 -24.05 -70.17
C VAL B 56 30.81 -23.01 -70.21
N THR B 57 31.86 -23.21 -69.42
CA THR B 57 32.93 -22.21 -69.35
C THR B 57 34.25 -22.91 -69.03
N THR B 58 35.31 -22.42 -69.67
CA THR B 58 36.63 -23.02 -69.51
C THR B 58 37.21 -22.66 -68.15
N ASP B 59 38.42 -23.16 -67.92
CA ASP B 59 39.22 -22.79 -66.77
C ASP B 59 40.67 -22.54 -67.11
N ARG B 60 41.06 -22.68 -68.37
CA ARG B 60 42.42 -22.39 -68.80
C ARG B 60 42.59 -20.88 -68.92
N SER B 61 43.74 -20.46 -69.44
CA SER B 61 44.03 -19.04 -69.61
C SER B 61 43.46 -18.59 -70.94
N GLN B 62 42.53 -17.63 -70.89
CA GLN B 62 41.93 -17.06 -72.08
C GLN B 62 41.75 -15.57 -71.88
N ARG B 63 42.25 -14.77 -72.81
CA ARG B 63 41.97 -13.35 -72.79
C ARG B 63 40.53 -13.12 -73.19
N LEU B 64 39.74 -12.47 -72.33
CA LEU B 64 38.37 -12.17 -72.67
C LEU B 64 38.28 -11.22 -73.85
N THR B 65 38.98 -10.10 -73.77
CA THR B 65 39.02 -9.12 -74.85
C THR B 65 40.47 -8.83 -75.15
N LEU B 66 40.84 -8.90 -76.42
CA LEU B 66 42.19 -8.60 -76.83
C LEU B 66 42.16 -7.53 -77.92
N ARG B 67 43.17 -6.68 -77.90
CA ARG B 67 43.29 -5.57 -78.82
C ARG B 67 44.28 -5.92 -79.91
N PHE B 68 43.90 -5.70 -81.17
CA PHE B 68 44.78 -5.94 -82.29
C PHE B 68 45.32 -4.62 -82.79
N VAL B 69 46.64 -4.54 -82.91
CA VAL B 69 47.30 -3.36 -83.47
C VAL B 69 47.46 -3.59 -84.97
N PRO B 70 47.23 -2.59 -85.81
CA PRO B 70 47.24 -2.82 -87.26
C PRO B 70 48.61 -3.25 -87.74
N VAL B 71 48.62 -4.08 -88.79
CA VAL B 71 49.87 -4.52 -89.38
C VAL B 71 50.37 -3.50 -90.40
N ASP B 72 49.49 -3.07 -91.30
CA ASP B 72 49.83 -2.07 -92.31
C ASP B 72 48.84 -0.92 -92.22
N ARG B 73 49.35 0.29 -92.32
CA ARG B 73 48.52 1.49 -92.25
C ARG B 73 49.05 2.51 -93.22
N GLU B 74 48.21 2.93 -94.17
CA GLU B 74 48.60 3.87 -95.20
C GLU B 74 47.63 5.03 -95.21
N ALA B 75 48.08 6.19 -94.76
CA ALA B 75 47.26 7.39 -94.72
C ALA B 75 47.36 8.08 -96.07
N THR B 76 46.31 7.94 -96.89
CA THR B 76 46.29 8.52 -98.22
C THR B 76 45.95 10.01 -98.12
N THR B 77 45.68 10.64 -99.25
CA THR B 77 45.34 12.06 -99.25
C THR B 77 44.04 12.32 -98.49
N TYR B 78 43.03 11.47 -98.72
CA TYR B 78 41.75 11.66 -98.07
C TYR B 78 41.13 10.36 -97.58
N LEU B 79 41.94 9.37 -97.22
CA LEU B 79 41.44 8.15 -96.61
C LEU B 79 42.58 7.48 -95.85
N TYR B 80 42.22 6.62 -94.92
CA TYR B 80 43.18 5.95 -94.05
C TYR B 80 42.85 4.46 -94.05
N LYS B 81 43.71 3.66 -94.68
CA LYS B 81 43.51 2.24 -94.78
C LYS B 81 44.39 1.52 -93.77
N ALA B 82 43.77 0.71 -92.91
CA ALA B 82 44.49 -0.07 -91.92
C ALA B 82 44.10 -1.53 -92.05
N ARG B 83 45.10 -2.41 -92.11
CA ARG B 83 44.86 -3.84 -92.31
C ARG B 83 45.32 -4.60 -91.08
N PHE B 84 44.44 -5.42 -90.53
CA PHE B 84 44.73 -6.27 -89.39
C PHE B 84 44.85 -7.72 -89.84
N THR B 85 45.23 -8.57 -88.92
CA THR B 85 45.36 -10.00 -89.17
C THR B 85 44.75 -10.78 -88.02
N LEU B 86 43.53 -10.42 -87.64
CA LEU B 86 42.88 -11.04 -86.50
C LEU B 86 42.94 -12.55 -86.61
N ALA B 87 43.43 -13.20 -85.57
CA ALA B 87 43.73 -14.62 -85.59
C ALA B 87 43.04 -15.24 -84.38
N VAL B 88 41.83 -15.75 -84.59
CA VAL B 88 41.15 -16.49 -83.55
C VAL B 88 41.94 -17.75 -83.27
N GLY B 89 42.23 -18.00 -81.99
CA GLY B 89 43.06 -19.12 -81.60
C GLY B 89 42.41 -20.46 -81.83
N ASP B 90 42.92 -21.49 -81.16
CA ASP B 90 42.37 -22.84 -81.31
C ASP B 90 41.27 -23.05 -80.27
N ASN B 91 40.14 -23.58 -80.73
CA ASN B 91 38.99 -23.88 -79.86
C ASN B 91 38.45 -22.63 -79.18
N ARG B 92 38.49 -21.50 -79.89
CA ARG B 92 37.96 -20.22 -79.37
C ARG B 92 37.05 -19.61 -80.43
N VAL B 93 35.79 -20.02 -80.44
CA VAL B 93 34.87 -19.55 -81.47
C VAL B 93 34.54 -18.08 -81.23
N LEU B 94 34.78 -17.24 -82.23
CA LEU B 94 34.63 -15.80 -82.11
C LEU B 94 33.39 -15.33 -82.85
N ASP B 95 32.58 -14.52 -82.19
CA ASP B 95 31.42 -13.89 -82.81
C ASP B 95 31.81 -12.52 -83.33
N MET B 96 31.58 -12.28 -84.62
CA MET B 96 32.01 -11.04 -85.24
C MET B 96 31.21 -9.83 -84.78
N ALA B 97 30.10 -10.04 -84.08
CA ALA B 97 29.31 -8.90 -83.64
C ALA B 97 30.06 -8.06 -82.61
N SER B 98 30.97 -8.67 -81.86
CA SER B 98 31.68 -7.96 -80.80
C SER B 98 32.83 -7.11 -81.30
N THR B 99 33.27 -7.29 -82.54
CA THR B 99 34.39 -6.53 -83.05
C THR B 99 33.98 -5.09 -83.34
N TYR B 100 34.92 -4.17 -83.18
CA TYR B 100 34.70 -2.76 -83.47
C TYR B 100 36.03 -2.06 -83.49
N PHE B 101 36.21 -1.17 -84.45
CA PHE B 101 37.46 -0.44 -84.61
C PHE B 101 37.55 0.67 -83.57
N ASP B 102 38.71 0.81 -82.97
CA ASP B 102 38.98 1.88 -82.02
C ASP B 102 39.86 2.91 -82.69
N ILE B 103 39.41 4.17 -82.70
CA ILE B 103 40.04 5.23 -83.46
C ILE B 103 40.28 6.41 -82.55
N ARG B 104 41.47 6.99 -82.61
CA ARG B 104 41.75 8.21 -81.87
C ARG B 104 42.68 9.10 -82.68
N GLY B 105 42.44 10.40 -82.58
CA GLY B 105 43.21 11.37 -83.35
C GLY B 105 42.77 12.76 -82.95
N VAL B 106 43.28 13.73 -83.66
CA VAL B 106 43.02 15.13 -83.34
C VAL B 106 42.00 15.68 -84.33
N LEU B 107 40.98 16.34 -83.81
CA LEU B 107 39.91 16.92 -84.60
C LEU B 107 39.91 18.43 -84.41
N ASP B 108 39.91 19.15 -85.52
CA ASP B 108 39.75 20.60 -85.52
C ASP B 108 38.36 20.94 -86.00
N ARG B 109 37.54 21.53 -85.13
CA ARG B 109 36.15 21.79 -85.48
C ARG B 109 36.05 22.88 -86.53
N GLY B 110 36.85 23.93 -86.43
CA GLY B 110 36.85 24.99 -87.40
C GLY B 110 36.25 26.28 -86.88
N PRO B 111 36.49 27.39 -87.60
CA PRO B 111 35.97 28.68 -87.14
C PRO B 111 34.46 28.73 -87.05
N SER B 112 33.75 27.99 -87.91
CA SER B 112 32.30 28.02 -87.91
C SER B 112 31.69 27.39 -86.67
N PHE B 113 32.48 26.72 -85.85
CA PHE B 113 31.93 26.02 -84.71
C PHE B 113 31.51 27.00 -83.62
N LYS B 114 30.26 26.89 -83.19
CA LYS B 114 29.73 27.68 -82.09
C LYS B 114 28.57 26.90 -81.48
N PRO B 115 28.81 26.19 -80.38
CA PRO B 115 27.78 25.28 -79.86
C PRO B 115 26.79 25.92 -78.92
N TYR B 116 26.86 27.22 -78.69
CA TYR B 116 25.96 27.91 -77.77
C TYR B 116 25.36 29.12 -78.46
N SER B 117 24.04 29.26 -78.35
CA SER B 117 23.39 30.44 -78.90
C SER B 117 23.69 31.65 -78.03
N GLY B 118 23.31 32.81 -78.52
CA GLY B 118 23.59 34.01 -77.76
C GLY B 118 25.09 34.26 -77.69
N THR B 119 25.50 34.93 -76.60
CA THR B 119 26.90 35.29 -76.40
C THR B 119 27.31 34.86 -75.00
N ALA B 120 28.59 35.09 -74.69
CA ALA B 120 29.14 34.72 -73.40
C ALA B 120 29.80 35.88 -72.67
N TYR B 121 29.81 37.07 -73.26
CA TYR B 121 30.45 38.24 -72.67
C TYR B 121 29.45 39.37 -72.62
N ASN B 122 29.24 39.92 -71.44
CA ASN B 122 28.30 41.03 -71.23
C ASN B 122 26.93 40.68 -71.80
N SER B 123 26.46 39.48 -71.48
CA SER B 123 25.18 39.03 -72.01
C SER B 123 24.04 39.93 -71.56
N LEU B 124 24.03 40.30 -70.28
CA LEU B 124 22.95 41.12 -69.75
C LEU B 124 22.97 42.55 -70.27
N ALA B 125 24.07 42.99 -70.86
CA ALA B 125 24.12 44.35 -71.38
C ALA B 125 23.15 44.51 -72.54
N PRO B 126 22.49 45.66 -72.65
CA PRO B 126 21.67 45.90 -73.84
C PRO B 126 22.53 45.92 -75.09
N LYS B 127 21.98 45.36 -76.18
CA LYS B 127 22.77 45.12 -77.37
C LYS B 127 23.27 46.40 -78.02
N GLY B 128 22.60 47.53 -77.78
CA GLY B 128 23.03 48.78 -78.39
C GLY B 128 23.97 49.58 -77.52
N ALA B 129 24.17 49.15 -76.28
CA ALA B 129 24.94 49.95 -75.33
C ALA B 129 26.41 49.94 -75.69
N PRO B 130 27.01 51.09 -75.98
CA PRO B 130 28.44 51.12 -76.30
C PRO B 130 29.29 51.13 -75.05
N ASN B 131 30.45 50.52 -75.21
CA ASN B 131 31.37 50.44 -74.12
C ASN B 131 31.96 51.77 -73.94
N PRO B 132 32.39 52.05 -72.75
CA PRO B 132 32.86 53.38 -72.54
C PRO B 132 33.96 53.65 -73.44
N SER B 133 34.00 54.81 -74.04
CA SER B 133 35.03 55.04 -75.01
C SER B 133 35.44 56.44 -75.38
N GLN B 134 36.51 56.59 -76.15
CA GLN B 134 37.02 57.88 -76.51
C GLN B 134 37.23 58.11 -77.99
N TRP B 135 36.87 59.25 -78.55
CA TRP B 135 37.13 59.48 -79.95
C TRP B 135 37.46 60.87 -80.26
N GLU B 136 37.90 61.16 -81.48
CA GLU B 136 38.36 62.51 -81.79
C GLU B 136 37.65 63.22 -82.90
N THR B 137 37.66 64.55 -82.90
CA THR B 137 36.90 65.29 -83.91
C THR B 137 37.12 66.78 -84.06
N LYS B 138 36.39 67.45 -84.96
CA LYS B 138 36.47 68.90 -84.96
C LYS B 138 35.35 69.47 -84.12
N GLU B 139 35.64 70.52 -83.37
CA GLU B 139 34.69 71.11 -82.44
C GLU B 139 34.61 72.62 -82.63
N LYS B 140 33.44 73.17 -82.34
CA LYS B 140 33.22 74.61 -82.40
C LYS B 140 33.39 75.19 -81.00
N GLN B 141 34.33 76.12 -80.86
CA GLN B 141 34.62 76.74 -79.57
C GLN B 141 35.21 78.13 -79.81
N GLY B 142 34.45 79.16 -79.50
CA GLY B 142 34.94 80.51 -79.62
C GLY B 142 34.42 81.20 -80.87
N THR B 143 34.24 82.52 -80.77
CA THR B 143 33.73 83.30 -81.90
C THR B 143 34.77 83.40 -83.00
N THR B 144 36.01 83.73 -82.65
CA THR B 144 37.05 83.95 -83.65
C THR B 144 37.44 82.64 -84.33
N GLY B 145 38.05 81.73 -83.60
CA GLY B 145 38.38 80.43 -84.15
C GLY B 145 37.31 79.42 -83.84
N GLY B 146 36.36 79.25 -84.75
CA GLY B 146 35.24 78.35 -84.51
C GLY B 146 35.64 76.90 -84.49
N VAL B 147 36.02 76.37 -85.65
CA VAL B 147 36.34 74.95 -85.76
C VAL B 147 37.76 74.72 -85.31
N GLN B 148 37.95 73.80 -84.36
CA GLN B 148 39.28 73.41 -83.91
C GLN B 148 39.31 71.89 -83.85
N GLN B 149 40.33 71.30 -84.48
CA GLN B 149 40.46 69.85 -84.57
C GLN B 149 41.30 69.39 -83.39
N GLU B 150 40.64 68.75 -82.42
CA GLU B 150 41.30 68.23 -81.23
C GLU B 150 40.43 67.13 -80.65
N LYS B 151 41.02 66.35 -79.75
CA LYS B 151 40.26 65.29 -79.12
C LYS B 151 39.33 65.90 -78.07
N ASP B 152 38.46 66.80 -78.53
CA ASP B 152 37.63 67.56 -77.62
C ASP B 152 36.47 66.73 -77.08
N VAL B 153 35.92 65.86 -77.92
CA VAL B 153 34.77 65.03 -77.58
C VAL B 153 35.27 63.78 -76.88
N THR B 154 36.53 63.81 -76.44
CA THR B 154 37.30 62.62 -76.10
C THR B 154 36.47 61.54 -75.43
N LYS B 155 35.93 61.84 -74.25
CA LYS B 155 35.13 60.86 -73.53
C LYS B 155 33.66 61.20 -73.73
N THR B 156 33.17 60.90 -74.94
CA THR B 156 31.74 61.08 -75.20
C THR B 156 30.90 60.18 -74.29
N PHE B 157 31.38 58.99 -74.00
CA PHE B 157 30.69 58.08 -73.11
C PHE B 157 31.70 57.53 -72.12
N GLY B 158 31.49 57.84 -70.85
CA GLY B 158 32.30 57.30 -69.77
C GLY B 158 31.43 57.02 -68.57
N VAL B 159 31.66 55.89 -67.91
CA VAL B 159 30.90 55.51 -66.72
C VAL B 159 31.86 55.52 -65.54
N ALA B 160 31.62 56.42 -64.60
CA ALA B 160 32.43 56.54 -63.40
C ALA B 160 31.56 56.22 -62.19
N ALA B 161 31.96 55.21 -61.42
CA ALA B 161 31.27 54.86 -60.19
C ALA B 161 32.34 54.45 -59.18
N THR B 162 32.79 55.41 -58.38
CA THR B 162 33.98 55.22 -57.57
C THR B 162 33.88 56.07 -56.31
N GLY B 163 34.50 55.60 -55.24
CA GLY B 163 34.57 56.37 -54.02
C GLY B 163 35.72 57.36 -54.06
N GLY B 164 36.57 57.31 -53.05
CA GLY B 164 37.70 58.22 -52.98
C GLY B 164 37.37 59.48 -52.17
N ILE B 165 38.42 60.13 -51.70
CA ILE B 165 38.31 61.32 -50.88
C ILE B 165 38.84 62.55 -51.60
N ASN B 166 39.95 62.40 -52.33
CA ASN B 166 40.54 63.53 -53.05
C ASN B 166 41.17 63.00 -54.33
N ILE B 167 41.44 63.91 -55.25
CA ILE B 167 42.00 63.56 -56.55
C ILE B 167 43.31 64.30 -56.72
N THR B 168 44.38 63.55 -56.94
CA THR B 168 45.70 64.08 -57.24
C THR B 168 46.17 63.48 -58.56
N ASN B 169 47.38 63.86 -58.97
CA ASN B 169 47.94 63.23 -60.17
C ASN B 169 48.57 61.90 -59.82
N GLN B 170 47.85 61.08 -59.06
CA GLN B 170 48.28 59.72 -58.75
C GLN B 170 47.13 58.73 -58.74
N GLY B 171 45.90 59.16 -59.01
CA GLY B 171 44.76 58.28 -58.92
C GLY B 171 43.59 58.88 -58.17
N LEU B 172 42.83 58.04 -57.47
CA LEU B 172 41.61 58.46 -56.81
C LEU B 172 41.76 58.63 -55.30
N LEU B 173 42.85 58.16 -54.70
CA LEU B 173 43.09 58.29 -53.27
C LEU B 173 41.90 57.74 -52.47
N LEU B 174 41.70 56.43 -52.61
CA LEU B 174 40.49 55.80 -52.09
C LEU B 174 40.36 55.99 -50.58
N GLY B 175 41.44 55.76 -49.84
CA GLY B 175 41.36 55.84 -48.39
C GLY B 175 42.72 56.04 -47.78
N THR B 176 42.70 56.25 -46.47
CA THR B 176 43.92 56.48 -45.69
C THR B 176 43.98 55.48 -44.54
N ASP B 177 45.18 55.01 -44.23
CA ASP B 177 45.40 54.12 -43.11
C ASP B 177 46.19 54.84 -42.03
N GLU B 178 45.90 54.50 -40.77
CA GLU B 178 46.53 55.19 -39.65
C GLU B 178 48.04 54.95 -39.58
N THR B 179 48.54 53.93 -40.26
CA THR B 179 49.97 53.63 -40.27
C THR B 179 50.70 54.70 -41.07
N ALA B 180 51.32 55.64 -40.37
CA ALA B 180 52.06 56.77 -40.93
C ALA B 180 51.18 57.70 -41.75
N GLU B 181 49.87 57.45 -41.81
CA GLU B 181 48.92 58.31 -42.52
C GLU B 181 49.32 58.52 -43.97
N ASN B 182 49.38 57.42 -44.73
CA ASN B 182 49.66 57.47 -46.16
C ASN B 182 48.40 57.09 -46.91
N GLY B 183 47.93 57.98 -47.77
CA GLY B 183 46.74 57.70 -48.55
C GLY B 183 46.97 56.58 -49.54
N LYS B 184 45.90 55.83 -49.82
CA LYS B 184 45.98 54.67 -50.70
C LYS B 184 45.60 55.11 -52.12
N LYS B 185 46.61 55.44 -52.91
CA LYS B 185 46.39 55.67 -54.32
C LYS B 185 46.00 54.37 -55.00
N ASP B 186 45.19 54.47 -56.04
CA ASP B 186 44.71 53.30 -56.76
C ASP B 186 45.82 52.72 -57.62
N ILE B 187 46.00 51.41 -57.54
CA ILE B 187 46.97 50.72 -58.39
C ILE B 187 46.40 50.67 -59.80
N TYR B 188 46.86 51.57 -60.66
CA TYR B 188 46.27 51.67 -61.99
C TYR B 188 46.57 50.46 -62.86
N ALA B 189 47.49 49.58 -62.44
CA ALA B 189 47.78 48.39 -63.22
C ALA B 189 46.55 47.49 -63.31
N ASP B 190 45.90 47.25 -62.20
CA ASP B 190 44.68 46.44 -62.19
C ASP B 190 43.53 47.13 -61.48
N LYS B 191 43.81 47.84 -60.40
CA LYS B 191 42.76 48.43 -59.56
C LYS B 191 42.52 49.89 -59.96
N THR B 192 42.11 50.07 -61.22
CA THR B 192 41.66 51.38 -61.65
C THR B 192 40.21 51.57 -61.24
N PHE B 193 39.93 51.26 -59.98
CA PHE B 193 38.56 51.01 -59.55
C PHE B 193 37.88 50.15 -60.59
N GLN B 194 38.33 48.90 -60.70
CA GLN B 194 37.92 47.92 -61.70
C GLN B 194 36.42 47.93 -61.93
N PRO B 195 35.95 47.58 -63.12
CA PRO B 195 34.53 47.72 -63.43
C PRO B 195 33.62 46.91 -62.51
N GLU B 196 34.12 45.89 -61.84
CA GLU B 196 33.24 45.09 -61.00
C GLU B 196 32.82 45.84 -59.73
N PRO B 197 33.74 46.18 -58.79
CA PRO B 197 33.29 46.69 -57.48
C PRO B 197 33.10 48.20 -57.49
N GLN B 198 32.30 48.70 -58.43
CA GLN B 198 32.00 50.12 -58.47
C GLN B 198 31.07 50.46 -57.32
N VAL B 199 31.58 51.20 -56.33
CA VAL B 199 30.81 51.53 -55.15
C VAL B 199 29.56 52.32 -55.55
N GLY B 200 28.53 52.23 -54.72
CA GLY B 200 27.25 52.80 -55.04
C GLY B 200 26.14 51.81 -54.82
N GLU B 201 26.43 50.76 -54.05
CA GLU B 201 25.39 49.82 -53.66
C GLU B 201 24.28 50.51 -52.89
N GLU B 202 24.63 51.54 -52.14
CA GLU B 202 23.61 52.38 -51.50
C GLU B 202 22.98 53.26 -52.56
N ASN B 203 21.92 52.77 -53.18
CA ASN B 203 21.28 53.48 -54.27
C ASN B 203 20.85 54.89 -53.86
N TRP B 204 20.46 55.05 -52.59
CA TRP B 204 20.01 56.35 -52.11
C TRP B 204 21.18 57.21 -51.64
N GLN B 205 22.14 56.61 -50.94
CA GLN B 205 23.27 57.34 -50.38
C GLN B 205 24.56 57.07 -51.13
N GLU B 206 24.49 56.95 -52.45
CA GLU B 206 25.67 56.85 -53.29
C GLU B 206 26.41 58.17 -53.45
N ASN B 207 26.03 59.18 -52.67
CA ASN B 207 26.58 60.53 -52.82
C ASN B 207 28.06 60.52 -52.47
N GLU B 208 28.88 60.70 -53.50
CA GLU B 208 30.32 60.86 -53.35
C GLU B 208 30.78 62.13 -54.06
N ALA B 209 31.80 62.76 -53.50
CA ALA B 209 32.31 64.00 -54.08
C ALA B 209 33.24 63.76 -55.27
N PHE B 210 33.70 62.53 -55.48
CA PHE B 210 34.61 62.24 -56.58
C PHE B 210 34.35 60.83 -57.10
N TYR B 211 34.48 60.66 -58.41
CA TYR B 211 34.28 59.37 -59.04
C TYR B 211 35.41 59.14 -60.04
N GLY B 212 35.46 57.91 -60.54
CA GLY B 212 36.52 57.53 -61.46
C GLY B 212 36.12 56.30 -62.24
N GLY B 213 36.88 56.00 -63.28
CA GLY B 213 36.59 54.88 -64.13
C GLY B 213 37.63 54.73 -65.20
N ARG B 214 37.30 53.88 -66.19
CA ARG B 214 38.24 53.56 -67.25
C ARG B 214 37.51 53.57 -68.58
N ALA B 215 38.26 53.85 -69.64
CA ALA B 215 37.69 53.97 -70.98
C ALA B 215 38.73 53.53 -72.00
N LEU B 216 38.24 53.12 -73.16
CA LEU B 216 39.09 52.68 -74.26
C LEU B 216 39.62 53.89 -75.02
N LYS B 217 40.89 53.82 -75.42
CA LYS B 217 41.51 54.93 -76.10
C LYS B 217 41.04 55.00 -77.56
N LYS B 218 41.39 56.11 -78.22
CA LYS B 218 40.92 56.34 -79.58
C LYS B 218 41.46 55.30 -80.55
N ASP B 219 42.71 54.88 -80.38
CA ASP B 219 43.32 53.97 -81.34
C ASP B 219 42.69 52.58 -81.34
N THR B 220 41.85 52.27 -80.36
CA THR B 220 41.10 51.03 -80.35
C THR B 220 39.73 51.26 -80.95
N LYS B 221 39.39 50.50 -81.98
CA LYS B 221 38.10 50.64 -82.63
C LYS B 221 36.98 50.23 -81.69
N MET B 222 35.94 51.05 -81.61
CA MET B 222 34.87 50.81 -80.65
C MET B 222 33.98 49.66 -81.11
N LYS B 223 33.33 49.04 -80.13
CA LYS B 223 32.51 47.86 -80.33
C LYS B 223 31.23 48.01 -79.50
N PRO B 224 30.19 47.25 -79.82
CA PRO B 224 28.90 47.42 -79.14
C PRO B 224 28.84 46.87 -77.73
N CYS B 225 29.96 46.46 -77.13
CA CYS B 225 29.99 46.03 -75.72
C CYS B 225 28.96 44.95 -75.44
N TYR B 226 28.76 44.05 -76.40
CA TYR B 226 27.84 42.94 -76.29
C TYR B 226 28.53 41.67 -76.76
N GLY B 227 29.73 41.45 -76.25
CA GLY B 227 30.55 40.35 -76.71
C GLY B 227 31.98 40.82 -76.82
N SER B 228 32.24 41.99 -76.24
CA SER B 228 33.57 42.59 -76.26
C SER B 228 34.43 41.87 -75.23
N PHE B 229 35.43 41.13 -75.71
CA PHE B 229 36.35 40.40 -74.85
C PHE B 229 37.74 41.00 -74.98
N ALA B 230 38.46 41.06 -73.87
CA ALA B 230 39.81 41.59 -73.86
C ALA B 230 40.66 40.73 -72.94
N ARG B 231 41.59 39.98 -73.51
CA ARG B 231 42.35 39.01 -72.75
C ARG B 231 43.15 39.71 -71.65
N PRO B 232 43.14 39.18 -70.42
CA PRO B 232 43.84 39.86 -69.32
C PRO B 232 45.34 39.91 -69.56
N THR B 233 45.96 40.96 -69.04
CA THR B 233 47.40 41.17 -69.20
C THR B 233 48.20 40.71 -67.99
N ASN B 234 47.71 40.96 -66.78
CA ASN B 234 48.40 40.55 -65.56
C ASN B 234 47.45 39.74 -64.69
N GLU B 235 48.03 38.84 -63.90
CA GLU B 235 47.23 37.91 -63.10
C GLU B 235 46.42 38.61 -62.03
N LYS B 236 46.57 39.91 -61.89
CA LYS B 236 45.86 40.57 -60.82
C LYS B 236 44.60 41.00 -61.36
N GLY B 237 44.24 40.43 -62.47
CA GLY B 237 42.93 40.71 -62.97
C GLY B 237 42.80 41.95 -63.73
N GLY B 238 43.93 42.47 -64.11
CA GLY B 238 43.89 43.68 -64.86
C GLY B 238 43.29 43.32 -66.14
N GLN B 239 42.66 44.27 -66.75
CA GLN B 239 42.16 43.99 -68.03
C GLN B 239 43.30 44.21 -68.83
N ALA B 240 43.01 44.19 -70.07
CA ALA B 240 44.08 44.29 -70.88
C ALA B 240 44.59 45.63 -70.79
N LYS B 241 45.86 45.76 -71.02
CA LYS B 241 46.44 47.02 -71.09
C LYS B 241 47.76 46.69 -71.70
N PHE B 242 47.90 46.47 -73.01
CA PHE B 242 49.16 46.04 -73.56
C PHE B 242 50.14 47.21 -73.67
N LYS B 243 51.38 46.88 -73.96
CA LYS B 243 52.46 47.84 -73.89
C LYS B 243 52.23 48.97 -74.88
N PRO B 244 52.71 50.18 -74.59
CA PRO B 244 52.47 51.31 -75.49
C PRO B 244 53.26 51.19 -76.79
N VAL B 245 53.18 52.22 -77.62
CA VAL B 245 53.91 52.22 -78.89
C VAL B 245 55.39 52.07 -78.58
N ASN B 246 55.98 50.98 -79.05
CA ASN B 246 57.37 50.65 -78.75
C ASN B 246 58.13 50.41 -80.04
N GLU B 247 59.43 50.67 -79.99
CA GLU B 247 60.31 50.45 -81.14
C GLU B 247 60.69 48.97 -81.19
N GLY B 248 61.72 48.65 -81.99
CA GLY B 248 62.13 47.27 -82.15
C GLY B 248 62.63 46.62 -80.87
N GLU B 249 62.95 47.42 -79.84
CA GLU B 249 63.38 46.86 -78.58
C GLU B 249 62.18 46.32 -77.80
N GLN B 250 62.49 45.52 -76.78
CA GLN B 250 61.45 44.89 -75.99
C GLN B 250 60.67 45.94 -75.19
N PRO B 251 59.33 45.89 -75.20
CA PRO B 251 58.54 46.85 -74.43
C PRO B 251 58.32 46.39 -72.99
N LYS B 252 58.33 47.36 -72.08
CA LYS B 252 58.20 47.06 -70.66
C LYS B 252 56.94 47.64 -70.05
N ASP B 253 56.71 48.94 -70.16
CA ASP B 253 55.63 49.58 -69.45
C ASP B 253 54.28 49.25 -70.11
N LEU B 254 53.22 49.79 -69.54
CA LEU B 254 51.87 49.63 -70.05
C LEU B 254 51.40 50.93 -70.68
N ASP B 255 50.17 50.91 -71.19
CA ASP B 255 49.58 52.07 -71.87
C ASP B 255 48.38 52.53 -71.06
N ILE B 256 48.64 53.36 -70.06
CA ILE B 256 47.59 53.92 -69.21
C ILE B 256 47.92 55.39 -68.96
N ASP B 257 46.90 56.24 -69.02
CA ASP B 257 47.05 57.66 -68.71
C ASP B 257 45.72 58.18 -68.17
N PHE B 258 45.80 59.30 -67.46
CA PHE B 258 44.64 59.85 -66.77
C PHE B 258 44.00 60.95 -67.59
N ALA B 259 42.73 61.19 -67.31
CA ALA B 259 41.97 62.29 -67.92
C ALA B 259 40.98 62.80 -66.90
N TYR B 260 40.90 64.11 -66.74
CA TYR B 260 40.09 64.72 -65.70
C TYR B 260 38.96 65.54 -66.31
N PHE B 261 37.86 65.66 -65.57
CA PHE B 261 36.69 66.38 -66.02
C PHE B 261 36.01 67.08 -64.86
N ASP B 262 35.80 68.39 -65.01
CA ASP B 262 35.16 69.20 -63.98
C ASP B 262 33.82 69.71 -64.49
N VAL B 263 32.86 69.82 -63.57
CA VAL B 263 31.52 70.29 -63.93
C VAL B 263 31.61 71.75 -64.34
N PRO B 264 31.07 72.13 -65.50
CA PRO B 264 31.20 73.51 -65.96
C PRO B 264 30.55 74.48 -65.00
N GLY B 265 31.11 75.68 -64.92
CA GLY B 265 30.65 76.67 -63.97
C GLY B 265 31.19 76.38 -62.58
N GLY B 266 30.48 76.90 -61.59
CA GLY B 266 30.84 76.73 -60.20
C GLY B 266 31.49 77.98 -59.62
N SER B 267 31.71 77.93 -58.32
CA SER B 267 32.31 79.05 -57.62
C SER B 267 33.78 79.23 -58.04
N PRO B 268 34.28 80.46 -58.03
CA PRO B 268 35.69 80.70 -58.32
C PRO B 268 36.57 79.98 -57.31
N PRO B 269 37.72 79.45 -57.76
CA PRO B 269 38.60 78.74 -56.82
C PRO B 269 39.11 79.61 -55.68
N ALA B 270 39.34 80.89 -55.93
CA ALA B 270 39.82 81.80 -54.91
C ALA B 270 39.38 83.22 -55.27
N GLY B 271 39.49 84.12 -54.30
CA GLY B 271 39.11 85.50 -54.54
C GLY B 271 39.93 86.15 -55.63
N GLY B 272 41.23 85.87 -55.66
CA GLY B 272 42.11 86.41 -56.66
C GLY B 272 42.37 85.51 -57.86
N SER B 273 41.84 84.30 -57.85
CA SER B 273 42.06 83.36 -58.94
C SER B 273 40.95 83.51 -59.98
N GLY B 274 40.88 82.56 -60.92
CA GLY B 274 39.91 82.60 -61.99
C GLY B 274 38.51 82.26 -61.54
N GLU B 275 37.75 81.64 -62.44
CA GLU B 275 36.35 81.30 -62.18
C GLU B 275 36.02 79.83 -62.37
N GLU B 276 36.83 79.08 -63.11
CA GLU B 276 36.60 77.66 -63.31
C GLU B 276 37.57 76.85 -62.45
N TYR B 277 37.04 75.84 -61.79
CA TYR B 277 37.72 75.06 -60.76
C TYR B 277 37.85 73.62 -61.22
N LYS B 278 38.24 72.74 -60.30
CA LYS B 278 38.33 71.31 -60.57
C LYS B 278 37.37 70.56 -59.65
N ALA B 279 36.30 70.02 -60.22
CA ALA B 279 35.37 69.13 -59.55
C ALA B 279 35.55 67.72 -60.09
N ASP B 280 36.81 67.33 -60.25
CA ASP B 280 37.17 66.30 -61.21
C ASP B 280 36.52 64.95 -60.92
N ILE B 281 36.27 64.20 -62.00
CA ILE B 281 36.01 62.78 -61.95
C ILE B 281 36.89 62.12 -63.00
N ILE B 282 37.98 61.52 -62.55
CA ILE B 282 39.05 61.11 -63.43
C ILE B 282 38.63 59.91 -64.24
N LEU B 283 39.40 59.64 -65.29
CA LEU B 283 39.21 58.47 -66.13
C LEU B 283 40.57 57.90 -66.51
N TYR B 284 40.70 56.59 -66.45
CA TYR B 284 41.91 55.91 -66.86
C TYR B 284 41.74 55.44 -68.31
N THR B 285 42.62 55.89 -69.19
CA THR B 285 42.54 55.57 -70.61
C THR B 285 43.57 54.50 -70.95
N GLU B 286 43.13 53.48 -71.68
CA GLU B 286 43.99 52.34 -71.98
C GLU B 286 43.55 51.72 -73.29
N ASN B 287 44.42 50.86 -73.83
CA ASN B 287 44.13 50.12 -75.05
C ASN B 287 43.95 48.65 -74.71
N VAL B 288 42.83 48.08 -75.16
CA VAL B 288 42.56 46.67 -74.97
C VAL B 288 42.57 46.00 -76.34
N ASN B 289 42.77 44.68 -76.33
CA ASN B 289 42.74 43.93 -77.58
C ASN B 289 41.35 44.00 -78.21
N LEU B 290 40.30 43.93 -77.39
CA LEU B 290 38.92 44.08 -77.84
C LEU B 290 38.57 43.10 -78.95
N GLU B 291 39.04 41.87 -78.82
CA GLU B 291 38.61 40.81 -79.70
C GLU B 291 37.16 40.46 -79.34
N THR B 292 36.29 40.39 -80.34
CA THR B 292 34.85 40.24 -80.14
C THR B 292 34.37 39.01 -80.87
N PRO B 293 34.47 37.83 -80.26
CA PRO B 293 34.04 36.60 -80.93
C PRO B 293 32.54 36.44 -80.87
N ASP B 294 32.05 35.53 -81.72
CA ASP B 294 30.65 35.13 -81.81
C ASP B 294 29.66 36.28 -81.66
N THR B 295 29.96 37.43 -82.26
CA THR B 295 29.05 38.57 -82.22
C THR B 295 29.42 39.52 -83.35
N HIS B 296 28.53 39.69 -84.31
CA HIS B 296 28.77 40.55 -85.46
C HIS B 296 27.82 41.75 -85.40
N VAL B 297 28.34 42.91 -85.79
CA VAL B 297 27.50 44.10 -85.82
C VAL B 297 26.45 43.95 -86.91
N VAL B 298 25.28 44.55 -86.68
CA VAL B 298 24.17 44.51 -87.62
C VAL B 298 23.92 45.90 -88.22
N TYR B 299 23.70 46.90 -87.37
CA TYR B 299 23.49 48.26 -87.82
C TYR B 299 24.82 49.01 -87.72
N LYS B 300 25.41 49.34 -88.86
CA LYS B 300 26.63 50.13 -88.90
C LYS B 300 26.35 51.39 -89.72
N PRO B 301 26.01 52.50 -89.08
CA PRO B 301 25.65 53.71 -89.83
C PRO B 301 26.77 54.24 -90.71
N GLY B 302 28.02 54.10 -90.29
CA GLY B 302 29.13 54.61 -91.08
C GLY B 302 29.81 53.54 -91.91
N THR B 303 30.37 53.94 -93.04
CA THR B 303 31.07 53.00 -93.91
C THR B 303 32.38 52.50 -93.29
N SER B 304 32.95 53.23 -92.34
CA SER B 304 34.25 52.89 -91.76
C SER B 304 34.08 52.53 -90.29
N ASP B 305 35.21 52.22 -89.66
CA ASP B 305 35.23 51.86 -88.25
C ASP B 305 36.31 52.65 -87.52
N ASN B 306 36.36 53.96 -87.76
CA ASN B 306 37.32 54.83 -87.10
C ASN B 306 36.90 55.24 -85.71
N SER B 307 35.81 54.66 -85.19
CA SER B 307 35.29 55.00 -83.86
C SER B 307 34.95 56.49 -83.78
N SER B 308 33.97 56.88 -84.59
CA SER B 308 33.52 58.26 -84.67
C SER B 308 32.22 58.42 -83.87
N GLU B 309 31.62 59.61 -84.00
CA GLU B 309 30.37 59.89 -83.30
C GLU B 309 29.29 58.91 -83.69
N ILE B 310 28.90 58.91 -84.97
CA ILE B 310 27.84 58.03 -85.44
C ILE B 310 28.20 56.58 -85.21
N ASN B 311 29.49 56.26 -85.17
CA ASN B 311 29.92 54.89 -84.96
C ASN B 311 29.62 54.39 -83.56
N LEU B 312 29.13 55.25 -82.70
CA LEU B 312 28.90 54.84 -81.34
C LEU B 312 27.58 54.22 -81.25
N VAL B 313 26.90 54.11 -82.34
CA VAL B 313 25.57 53.61 -82.28
C VAL B 313 25.44 52.16 -82.71
N GLN B 314 26.54 51.48 -82.93
CA GLN B 314 26.43 50.16 -83.48
C GLN B 314 25.66 49.20 -82.65
N GLN B 315 24.97 48.26 -83.28
CA GLN B 315 24.28 47.24 -82.52
C GLN B 315 24.76 45.93 -82.98
N SER B 316 24.78 44.93 -82.12
CA SER B 316 25.33 43.64 -82.48
C SER B 316 24.46 42.52 -82.06
N MET B 317 24.47 41.44 -82.80
CA MET B 317 23.61 40.33 -82.52
C MET B 317 24.48 39.14 -82.44
N PRO B 318 24.03 38.13 -81.79
CA PRO B 318 24.94 37.06 -81.63
C PRO B 318 25.13 36.27 -82.86
N ASN B 319 26.26 35.63 -83.03
CA ASN B 319 26.46 34.77 -84.18
C ASN B 319 25.49 33.59 -84.14
N ARG B 320 25.10 33.15 -85.32
CA ARG B 320 24.10 32.09 -85.42
C ARG B 320 24.67 30.79 -84.87
N PRO B 321 23.96 30.09 -83.99
CA PRO B 321 24.50 28.85 -83.43
C PRO B 321 24.70 27.79 -84.48
N ASN B 322 25.76 26.98 -84.29
CA ASN B 322 26.11 25.96 -85.27
C ASN B 322 26.87 24.85 -84.55
N TYR B 323 26.18 23.75 -84.27
CA TYR B 323 26.81 22.59 -83.66
C TYR B 323 27.56 21.78 -84.71
N ILE B 324 28.60 21.08 -84.26
CA ILE B 324 29.37 20.19 -85.13
C ILE B 324 29.68 18.92 -84.35
N GLY B 325 29.50 17.77 -85.01
CA GLY B 325 29.81 16.51 -84.37
C GLY B 325 29.74 15.39 -85.39
N PHE B 326 30.11 14.20 -84.95
CA PHE B 326 30.07 13.05 -85.83
C PHE B 326 28.62 12.66 -86.13
N ARG B 327 28.46 11.90 -87.20
CA ARG B 327 27.14 11.45 -87.61
C ARG B 327 26.57 10.45 -86.60
N ASP B 328 25.26 10.23 -86.69
CA ASP B 328 24.64 9.17 -85.90
C ASP B 328 25.27 7.83 -86.28
N ASN B 329 25.57 7.02 -85.27
CA ASN B 329 26.19 5.72 -85.47
C ASN B 329 27.47 5.81 -86.28
N PHE B 330 28.06 7.00 -86.36
CA PHE B 330 29.30 7.22 -87.10
C PHE B 330 29.17 6.82 -88.56
N VAL B 331 28.08 7.22 -89.21
CA VAL B 331 27.92 6.85 -90.60
C VAL B 331 28.59 7.90 -91.48
N GLY B 332 29.91 7.95 -91.47
CA GLY B 332 30.62 8.68 -92.49
C GLY B 332 31.95 8.07 -92.90
N LEU B 333 32.43 7.13 -92.09
CA LEU B 333 33.86 6.81 -92.10
C LEU B 333 34.09 5.32 -92.09
N MET B 334 33.41 4.61 -92.98
CA MET B 334 33.70 3.21 -93.18
C MET B 334 33.80 2.80 -94.64
N TYR B 335 33.46 3.68 -95.58
CA TYR B 335 33.55 3.37 -97.01
C TYR B 335 32.74 2.13 -97.35
N TYR B 336 31.51 2.07 -96.88
CA TYR B 336 30.65 0.95 -97.19
C TYR B 336 30.16 1.03 -98.63
N ASN B 337 30.03 -0.14 -99.25
CA ASN B 337 29.44 -0.30 -100.58
C ASN B 337 29.94 0.74 -101.57
N SER B 338 31.25 0.95 -101.56
CA SER B 338 31.93 1.77 -102.55
C SER B 338 33.02 0.91 -103.18
N THR B 339 32.81 0.51 -104.43
CA THR B 339 33.70 -0.45 -105.07
C THR B 339 35.10 0.11 -105.32
N GLY B 340 35.29 1.41 -105.20
CA GLY B 340 36.62 1.97 -105.36
C GLY B 340 37.60 1.41 -104.35
N ASN B 341 37.16 1.25 -103.10
CA ASN B 341 38.01 0.72 -102.04
C ASN B 341 37.12 0.10 -100.99
N MET B 342 36.99 -1.22 -101.02
CA MET B 342 36.12 -1.94 -100.10
C MET B 342 36.95 -2.76 -99.12
N GLY B 343 36.31 -3.14 -98.03
CA GLY B 343 36.97 -3.97 -97.04
C GLY B 343 37.16 -5.39 -97.55
N VAL B 344 37.99 -6.13 -96.83
CA VAL B 344 38.26 -7.53 -97.16
C VAL B 344 38.32 -8.32 -95.87
N LEU B 345 37.63 -9.46 -95.84
CA LEU B 345 37.64 -10.38 -94.72
C LEU B 345 38.00 -11.77 -95.19
N ALA B 346 39.06 -11.85 -96.00
CA ALA B 346 39.48 -13.11 -96.58
C ALA B 346 40.37 -13.88 -95.62
N GLY B 347 40.46 -15.19 -95.86
CA GLY B 347 41.38 -16.01 -95.10
C GLY B 347 42.82 -15.61 -95.35
N GLN B 348 43.64 -15.78 -94.33
CA GLN B 348 45.04 -15.37 -94.44
C GLN B 348 45.78 -16.18 -95.48
N ALA B 349 45.53 -17.50 -95.54
CA ALA B 349 46.25 -18.35 -96.48
C ALA B 349 45.65 -18.26 -97.88
N SER B 350 44.41 -18.70 -98.04
CA SER B 350 43.76 -18.74 -99.34
C SER B 350 43.00 -17.44 -99.52
N GLN B 351 43.67 -16.44 -100.10
CA GLN B 351 43.11 -15.11 -100.17
C GLN B 351 41.99 -15.06 -101.20
N LEU B 352 40.77 -14.85 -100.72
CA LEU B 352 39.58 -14.72 -101.56
C LEU B 352 38.52 -14.03 -100.74
N ASN B 353 38.07 -12.86 -101.19
CA ASN B 353 37.20 -12.02 -100.37
C ASN B 353 35.90 -12.72 -100.03
N ALA B 354 35.42 -12.44 -98.82
CA ALA B 354 34.06 -12.80 -98.41
C ALA B 354 33.17 -11.58 -98.29
N VAL B 355 33.63 -10.42 -98.73
CA VAL B 355 32.91 -9.17 -98.56
C VAL B 355 32.55 -8.59 -99.92
N VAL B 356 32.21 -9.46 -100.86
CA VAL B 356 31.80 -8.97 -102.18
C VAL B 356 30.63 -8.02 -102.01
N ASP B 357 30.85 -6.76 -102.37
CA ASP B 357 29.90 -5.69 -102.11
C ASP B 357 29.53 -5.01 -103.42
N LEU B 358 28.24 -4.71 -103.56
CA LEU B 358 27.73 -4.13 -104.79
C LEU B 358 27.83 -2.62 -104.75
N GLN B 359 27.22 -1.96 -105.72
CA GLN B 359 27.28 -0.51 -105.85
C GLN B 359 25.99 0.20 -105.47
N ASP B 360 24.86 -0.51 -105.48
CA ASP B 360 23.58 0.12 -105.21
C ASP B 360 23.16 0.03 -103.74
N ARG B 361 23.18 -1.16 -103.16
CA ARG B 361 22.74 -1.31 -101.78
C ARG B 361 23.64 -0.52 -100.85
N ASN B 362 23.03 0.18 -99.92
CA ASN B 362 23.76 0.98 -98.93
C ASN B 362 23.49 0.39 -97.55
N THR B 363 24.54 -0.16 -96.94
CA THR B 363 24.42 -0.65 -95.58
C THR B 363 24.29 0.48 -94.57
N GLU B 364 24.57 1.71 -94.99
CA GLU B 364 24.45 2.85 -94.10
C GLU B 364 23.00 3.04 -93.66
N LEU B 365 22.08 3.07 -94.61
CA LEU B 365 20.67 3.23 -94.28
C LEU B 365 20.08 1.97 -93.68
N SER B 366 20.51 0.81 -94.15
CA SER B 366 19.95 -0.44 -93.65
C SER B 366 20.19 -0.58 -92.15
N TYR B 367 21.41 -0.29 -91.70
CA TYR B 367 21.69 -0.38 -90.27
C TYR B 367 20.90 0.65 -89.49
N GLN B 368 20.61 1.80 -90.11
CA GLN B 368 19.83 2.82 -89.44
C GLN B 368 18.42 2.33 -89.13
N LEU B 369 17.78 1.65 -90.09
CA LEU B 369 16.45 1.12 -89.86
C LEU B 369 16.48 -0.04 -88.89
N LEU B 370 17.52 -0.87 -88.97
CA LEU B 370 17.57 -2.07 -88.14
C LEU B 370 17.59 -1.74 -86.66
N LEU B 371 18.37 -0.72 -86.27
CA LEU B 371 18.46 -0.37 -84.87
C LEU B 371 17.11 0.02 -84.31
N ASP B 372 16.34 0.79 -85.07
CA ASP B 372 15.01 1.19 -84.63
C ASP B 372 14.11 -0.03 -84.47
N SER B 373 14.18 -0.96 -85.42
CA SER B 373 13.33 -2.16 -85.34
C SER B 373 13.79 -3.10 -84.24
N LEU B 374 15.10 -3.15 -83.99
CA LEU B 374 15.62 -4.07 -82.99
C LEU B 374 15.19 -3.67 -81.59
N GLY B 375 15.37 -2.40 -81.24
CA GLY B 375 15.03 -1.89 -79.93
C GLY B 375 14.22 -0.61 -80.06
N ASP B 376 14.71 0.43 -79.39
CA ASP B 376 14.13 1.77 -79.50
C ASP B 376 15.25 2.79 -79.58
N ARG B 377 14.95 3.94 -80.18
CA ARG B 377 15.94 4.96 -80.45
C ARG B 377 15.75 6.21 -79.60
N THR B 378 14.82 6.19 -78.64
CA THR B 378 14.62 7.35 -77.79
C THR B 378 15.79 7.55 -76.84
N ARG B 379 16.41 6.47 -76.37
CA ARG B 379 17.45 6.52 -75.36
C ARG B 379 18.82 6.49 -76.02
N TYR B 380 19.70 7.41 -75.60
CA TYR B 380 20.99 7.60 -76.25
C TYR B 380 22.01 6.60 -75.73
N PHE B 381 22.90 6.17 -76.62
CA PHE B 381 23.97 5.23 -76.30
C PHE B 381 25.27 5.84 -76.83
N SER B 382 26.06 6.42 -75.93
CA SER B 382 27.24 7.15 -76.37
C SER B 382 28.38 6.24 -76.82
N MET B 383 28.37 4.97 -76.43
CA MET B 383 29.45 4.08 -76.81
C MET B 383 29.48 3.87 -78.32
N TRP B 384 28.32 3.65 -78.93
CA TRP B 384 28.22 3.61 -80.38
C TRP B 384 27.88 4.96 -80.97
N ASN B 385 27.81 6.00 -80.14
CA ASN B 385 27.43 7.34 -80.60
C ASN B 385 26.06 7.31 -81.26
N SER B 386 25.13 6.61 -80.63
CA SER B 386 23.78 6.43 -81.15
C SER B 386 22.91 7.55 -80.63
N ALA B 387 22.52 8.47 -81.52
CA ALA B 387 21.65 9.58 -81.15
C ALA B 387 20.91 9.99 -82.41
N VAL B 388 19.61 9.65 -82.47
CA VAL B 388 18.84 9.89 -83.68
C VAL B 388 18.67 11.39 -83.88
N ASP B 389 18.98 11.86 -85.08
CA ASP B 389 18.73 13.24 -85.43
C ASP B 389 17.23 13.48 -85.45
N SER B 390 16.75 14.34 -84.56
CA SER B 390 15.32 14.60 -84.44
C SER B 390 15.11 16.10 -84.33
N TYR B 391 13.88 16.52 -84.66
CA TYR B 391 13.49 17.91 -84.60
C TYR B 391 12.43 18.08 -83.52
N ASP B 392 12.37 19.28 -82.97
CA ASP B 392 11.33 19.60 -82.01
C ASP B 392 9.99 19.60 -82.74
N PRO B 393 9.03 18.75 -82.36
CA PRO B 393 7.75 18.76 -83.07
C PRO B 393 7.00 20.08 -82.93
N ASP B 394 7.32 20.88 -81.91
CA ASP B 394 6.66 22.17 -81.75
C ASP B 394 7.13 23.17 -82.78
N VAL B 395 8.38 23.05 -83.24
CA VAL B 395 8.92 24.04 -84.16
C VAL B 395 8.64 23.66 -85.61
N ARG B 396 8.59 22.36 -85.92
CA ARG B 396 8.29 21.95 -87.28
C ARG B 396 6.87 22.36 -87.67
N ILE B 397 5.91 22.15 -86.78
CA ILE B 397 4.53 22.54 -86.99
C ILE B 397 4.23 23.62 -85.96
N ILE B 398 4.18 24.86 -86.41
CA ILE B 398 4.04 25.98 -85.49
C ILE B 398 2.61 26.01 -84.97
N GLU B 399 2.40 25.46 -83.78
CA GLU B 399 1.07 25.43 -83.15
C GLU B 399 0.88 26.77 -82.46
N ASN B 400 0.51 27.77 -83.26
CA ASN B 400 0.55 29.17 -82.82
C ASN B 400 -0.72 29.51 -82.02
N HIS B 401 -0.80 28.91 -80.84
CA HIS B 401 -1.73 29.43 -79.85
C HIS B 401 -1.26 30.80 -79.41
N GLY B 402 -2.20 31.72 -79.26
CA GLY B 402 -1.85 33.02 -78.74
C GLY B 402 -1.20 32.91 -77.38
N VAL B 403 -0.29 33.83 -77.09
CA VAL B 403 0.36 33.82 -75.79
C VAL B 403 -0.62 34.29 -74.73
N GLU B 404 -0.66 33.57 -73.61
CA GLU B 404 -1.65 33.83 -72.58
C GLU B 404 -1.13 34.92 -71.64
N ASP B 405 -1.81 36.07 -71.65
CA ASP B 405 -1.41 37.19 -70.81
C ASP B 405 -2.61 38.09 -70.60
N GLU B 406 -2.99 38.29 -69.34
CA GLU B 406 -3.99 39.27 -68.98
C GLU B 406 -3.51 40.26 -67.93
N LEU B 407 -2.63 39.86 -67.04
CA LEU B 407 -2.08 40.78 -66.06
C LEU B 407 -0.92 41.54 -66.67
N PRO B 408 -0.97 42.87 -66.70
CA PRO B 408 0.21 43.63 -67.13
C PRO B 408 1.36 43.45 -66.15
N ASN B 409 2.58 43.43 -66.68
CA ASN B 409 3.78 43.26 -65.89
C ASN B 409 4.59 44.54 -65.92
N TYR B 410 4.96 45.03 -64.74
CA TYR B 410 5.56 46.36 -64.60
C TYR B 410 6.99 46.27 -64.11
N CYS B 411 7.78 47.28 -64.49
CA CYS B 411 9.13 47.47 -63.98
C CYS B 411 9.14 48.71 -63.09
N PHE B 412 9.68 48.58 -61.89
CA PHE B 412 9.67 49.64 -60.90
C PHE B 412 11.07 50.14 -60.62
N PRO B 413 11.23 51.39 -60.22
CA PRO B 413 12.57 51.93 -59.99
C PRO B 413 13.24 51.30 -58.78
N LEU B 414 14.57 51.37 -58.77
CA LEU B 414 15.34 50.74 -57.71
C LEU B 414 15.03 51.36 -56.35
N ASN B 415 14.95 52.70 -56.29
CA ASN B 415 14.72 53.35 -55.01
C ASN B 415 13.34 53.08 -54.44
N GLY B 416 12.52 52.29 -55.12
CA GLY B 416 11.22 51.93 -54.61
C GLY B 416 10.10 52.76 -55.22
N THR B 417 10.34 54.06 -55.37
CA THR B 417 9.30 54.93 -55.90
C THR B 417 9.77 55.94 -56.94
N GLY B 418 11.07 56.17 -57.10
CA GLY B 418 11.53 57.08 -58.13
C GLY B 418 11.11 58.52 -57.93
N THR B 419 10.81 58.92 -56.70
CA THR B 419 10.33 60.25 -56.43
C THR B 419 11.43 61.29 -56.62
N ASN B 420 11.01 62.52 -56.88
CA ASN B 420 11.94 63.63 -57.02
C ASN B 420 11.48 64.89 -56.29
N SER B 421 10.20 65.04 -55.99
CA SER B 421 9.70 66.25 -55.36
C SER B 421 9.91 66.22 -53.86
N THR B 422 10.39 67.34 -53.33
CA THR B 422 10.67 67.49 -51.90
C THR B 422 9.64 68.44 -51.30
N TYR B 423 9.08 68.06 -50.15
CA TYR B 423 8.11 68.87 -49.44
C TYR B 423 8.70 69.34 -48.11
N GLN B 424 7.91 70.09 -47.34
CA GLN B 424 8.30 70.55 -46.02
C GLN B 424 7.15 70.36 -45.06
N GLY B 425 7.48 70.09 -43.80
CA GLY B 425 6.44 69.84 -42.82
C GLY B 425 5.74 71.12 -42.41
N VAL B 426 4.43 71.01 -42.16
CA VAL B 426 3.62 72.11 -41.65
C VAL B 426 2.64 71.54 -40.63
N LYS B 427 2.41 72.30 -39.55
CA LYS B 427 1.50 71.89 -38.49
C LYS B 427 0.32 72.84 -38.46
N ILE B 428 -0.85 72.35 -38.87
CA ILE B 428 -2.05 73.18 -38.91
C ILE B 428 -2.49 73.51 -37.49
N THR B 429 -2.44 74.83 -37.20
CA THR B 429 -2.62 75.33 -35.83
C THR B 429 -3.92 75.47 -35.11
N ASN B 430 -3.99 76.42 -34.19
CA ASN B 430 -5.19 76.50 -33.35
C ASN B 430 -6.50 76.78 -34.03
N GLY B 431 -6.50 77.63 -35.04
CA GLY B 431 -7.73 78.03 -35.71
C GLY B 431 -8.35 77.20 -36.81
N ASN B 432 -9.09 77.88 -37.69
CA ASN B 432 -9.76 77.20 -38.80
C ASN B 432 -8.86 76.56 -39.83
N ASP B 433 -9.29 75.44 -40.37
CA ASP B 433 -8.52 74.79 -41.40
C ASP B 433 -8.90 75.41 -42.74
N GLY B 434 -8.67 76.72 -42.88
CA GLY B 434 -8.92 77.41 -44.12
C GLY B 434 -7.59 77.53 -44.83
N ALA B 435 -7.25 78.68 -45.36
CA ALA B 435 -6.02 78.81 -46.14
C ALA B 435 -4.92 79.50 -45.42
N GLU B 436 -5.18 79.87 -44.19
CA GLU B 436 -4.21 80.56 -43.41
C GLU B 436 -4.50 79.75 -42.24
N GLU B 437 -3.70 79.89 -41.21
CA GLU B 437 -3.86 79.12 -40.02
C GLU B 437 -3.21 77.80 -40.14
N SER B 438 -2.58 77.54 -41.27
CA SER B 438 -1.83 76.34 -41.35
C SER B 438 -0.46 76.95 -41.39
N GLU B 439 0.41 76.65 -40.43
CA GLU B 439 1.73 77.25 -40.35
C GLU B 439 2.77 76.23 -40.05
N TRP B 440 4.00 76.40 -40.50
CA TRP B 440 5.00 75.35 -40.32
C TRP B 440 5.62 75.45 -38.94
N GLU B 441 6.24 74.35 -38.51
CA GLU B 441 6.92 74.27 -37.23
C GLU B 441 8.34 73.74 -37.42
N LYS B 442 9.22 74.18 -36.52
CA LYS B 442 10.64 73.82 -36.57
C LYS B 442 10.89 72.36 -36.24
N ASP B 443 9.87 71.62 -35.78
CA ASP B 443 10.06 70.23 -35.41
C ASP B 443 10.35 69.35 -36.61
N ASP B 444 10.02 69.72 -37.82
CA ASP B 444 10.25 68.80 -38.91
C ASP B 444 11.29 69.35 -39.76
N ALA B 445 11.85 68.59 -40.69
CA ALA B 445 12.86 69.24 -41.51
C ALA B 445 12.17 70.12 -42.45
N ILE B 446 12.92 70.90 -43.14
CA ILE B 446 12.26 71.85 -43.94
C ILE B 446 12.87 71.93 -45.25
N SER B 447 14.09 72.39 -45.27
CA SER B 447 14.69 72.63 -46.55
C SER B 447 14.88 71.41 -47.48
N ARG B 448 15.38 70.30 -46.97
CA ARG B 448 15.64 69.16 -47.82
C ARG B 448 14.74 68.20 -47.23
N GLN B 449 13.70 68.74 -46.69
CA GLN B 449 12.83 67.91 -45.98
C GLN B 449 12.24 66.80 -46.79
N ASN B 450 11.74 65.82 -46.12
CA ASN B 450 11.23 64.67 -46.78
C ASN B 450 10.59 64.77 -48.07
N GLN B 451 10.94 63.82 -48.95
CA GLN B 451 10.35 63.82 -50.26
C GLN B 451 9.22 62.80 -50.31
N ILE B 452 8.09 63.09 -50.87
CA ILE B 452 7.04 62.13 -50.81
C ILE B 452 6.59 61.91 -52.21
N CYS B 453 6.38 60.68 -52.62
CA CYS B 453 5.89 60.51 -53.94
C CYS B 453 4.51 60.94 -53.95
N LYS B 454 4.17 61.72 -54.91
CA LYS B 454 2.84 62.13 -55.01
C LYS B 454 2.38 61.37 -56.12
N GLY B 455 1.33 60.62 -55.92
CA GLY B 455 0.76 59.98 -57.05
C GLY B 455 1.08 58.69 -57.67
N ASN B 456 1.49 57.69 -56.94
CA ASN B 456 1.65 56.37 -57.46
C ASN B 456 3.04 56.24 -57.95
N VAL B 457 3.54 55.04 -58.05
CA VAL B 457 4.91 54.86 -58.38
C VAL B 457 5.22 55.02 -59.84
N TYR B 458 6.39 55.51 -60.20
CA TYR B 458 6.77 55.62 -61.60
C TYR B 458 6.84 54.24 -61.98
N ALA B 459 6.51 53.90 -63.21
CA ALA B 459 6.67 52.53 -63.64
C ALA B 459 6.61 52.36 -65.09
N MET B 460 7.07 51.25 -65.60
CA MET B 460 6.88 51.06 -66.99
C MET B 460 6.61 49.63 -67.20
N GLU B 461 5.76 49.27 -68.11
CA GLU B 461 5.40 47.87 -68.27
C GLU B 461 5.97 47.28 -69.54
N ILE B 462 5.80 45.96 -69.67
CA ILE B 462 6.32 45.17 -70.77
C ILE B 462 5.46 43.93 -70.91
N ASN B 463 5.02 43.62 -72.12
CA ASN B 463 4.25 42.41 -72.33
C ASN B 463 5.21 41.24 -72.20
N LEU B 464 5.32 40.72 -70.98
CA LEU B 464 6.34 39.73 -70.68
C LEU B 464 6.12 38.44 -71.44
N GLN B 465 4.89 37.92 -71.40
CA GLN B 465 4.62 36.64 -72.03
C GLN B 465 4.78 36.70 -73.54
N ALA B 466 4.32 37.78 -74.17
CA ALA B 466 4.42 37.89 -75.62
C ALA B 466 5.87 37.96 -76.09
N ASN B 467 6.72 38.65 -75.33
CA ASN B 467 8.11 38.78 -75.74
C ASN B 467 8.79 37.43 -75.82
N LEU B 468 8.49 36.52 -74.88
CA LEU B 468 9.05 35.18 -74.95
C LEU B 468 8.58 34.46 -76.20
N TRP B 469 7.30 34.62 -76.56
CA TRP B 469 6.78 33.94 -77.74
C TRP B 469 7.46 34.44 -79.01
N LYS B 470 7.63 35.76 -79.13
CA LYS B 470 8.32 36.29 -80.31
C LYS B 470 9.77 35.86 -80.34
N SER B 471 10.45 35.91 -79.20
CA SER B 471 11.86 35.53 -79.15
C SER B 471 12.04 34.07 -79.51
N PHE B 472 11.10 33.21 -79.10
CA PHE B 472 11.16 31.81 -79.46
C PHE B 472 11.01 31.63 -80.97
N LEU B 473 10.20 32.49 -81.59
CA LEU B 473 9.98 32.36 -83.03
C LEU B 473 11.20 32.81 -83.83
N TYR B 474 11.82 33.93 -83.44
CA TYR B 474 12.88 34.48 -84.26
C TYR B 474 14.13 33.61 -84.22
N SER B 475 14.56 33.20 -83.02
CA SER B 475 15.73 32.34 -82.93
C SER B 475 15.48 31.01 -83.65
N ASN B 476 14.28 30.49 -83.52
CA ASN B 476 13.80 29.34 -84.29
C ASN B 476 13.38 29.81 -85.67
N VAL B 477 12.46 29.09 -86.30
CA VAL B 477 12.27 28.99 -87.74
C VAL B 477 12.51 30.29 -88.49
N ALA B 478 12.22 31.43 -87.87
CA ALA B 478 12.40 32.72 -88.56
C ALA B 478 13.79 32.86 -89.17
N LEU B 479 14.82 32.37 -88.48
CA LEU B 479 16.17 32.44 -89.02
C LEU B 479 16.47 31.34 -90.03
N TYR B 480 15.65 30.29 -90.08
CA TYR B 480 15.93 29.14 -90.91
C TYR B 480 15.13 29.14 -92.20
N LEU B 481 14.65 30.29 -92.64
CA LEU B 481 13.92 30.40 -93.88
C LEU B 481 14.86 30.30 -95.08
N PRO B 482 14.33 29.95 -96.24
CA PRO B 482 15.18 29.87 -97.43
C PRO B 482 15.82 31.21 -97.74
N ASP B 483 16.99 31.15 -98.37
CA ASP B 483 17.80 32.34 -98.59
C ASP B 483 17.12 33.37 -99.48
N SER B 484 16.08 33.00 -100.22
CA SER B 484 15.38 33.97 -101.04
C SER B 484 14.70 35.05 -100.21
N TYR B 485 14.44 34.78 -98.94
CA TYR B 485 13.78 35.76 -98.07
C TYR B 485 14.77 36.69 -97.39
N LYS B 486 15.90 36.16 -96.92
CA LYS B 486 16.87 36.99 -96.23
C LYS B 486 17.49 38.00 -97.19
N TYR B 487 17.63 39.23 -96.72
CA TYR B 487 18.26 40.29 -97.49
C TYR B 487 19.52 40.75 -96.77
N THR B 488 20.57 41.03 -97.55
CA THR B 488 21.80 41.48 -96.95
C THR B 488 21.67 42.93 -96.51
N PRO B 489 22.32 43.32 -95.41
CA PRO B 489 22.29 44.73 -95.01
C PRO B 489 23.02 45.60 -96.00
N ALA B 490 22.66 46.88 -95.99
CA ALA B 490 23.18 47.81 -97.00
C ALA B 490 24.67 48.05 -96.83
N ASN B 491 25.15 48.18 -95.60
CA ASN B 491 26.49 48.69 -95.36
C ASN B 491 27.51 47.61 -95.04
N VAL B 492 27.19 46.34 -95.25
CA VAL B 492 28.13 45.25 -95.02
C VAL B 492 28.38 44.51 -96.32
N LYS B 493 29.41 43.67 -96.32
CA LYS B 493 29.78 42.88 -97.48
C LYS B 493 29.93 41.42 -97.07
N LEU B 494 29.63 40.52 -98.01
CA LEU B 494 29.61 39.09 -97.74
C LEU B 494 30.41 38.34 -98.80
N PRO B 495 30.93 37.16 -98.45
CA PRO B 495 31.63 36.34 -99.45
C PRO B 495 30.68 35.92 -100.56
N ALA B 496 31.24 35.75 -101.76
CA ALA B 496 30.44 35.45 -102.93
C ALA B 496 29.74 34.10 -102.79
N ASN B 497 30.49 33.06 -102.40
CA ASN B 497 29.92 31.73 -102.32
C ASN B 497 28.89 31.65 -101.20
N THR B 498 27.91 30.76 -101.39
CA THR B 498 26.78 30.69 -100.47
C THR B 498 27.11 29.86 -99.25
N ASN B 499 27.59 28.63 -99.46
CA ASN B 499 27.76 27.66 -98.38
C ASN B 499 28.99 28.04 -97.56
N THR B 500 28.81 29.03 -96.67
CA THR B 500 29.87 29.43 -95.77
C THR B 500 29.26 30.16 -94.59
N TYR B 501 29.80 29.88 -93.40
CA TYR B 501 29.27 30.49 -92.18
C TYR B 501 29.38 32.00 -92.23
N GLU B 502 30.34 32.53 -92.99
CA GLU B 502 30.45 33.97 -93.13
C GLU B 502 29.25 34.55 -93.87
N TYR B 503 28.54 33.73 -94.65
CA TYR B 503 27.42 34.19 -95.45
C TYR B 503 26.08 33.83 -94.86
N MET B 504 25.93 32.62 -94.33
CA MET B 504 24.68 32.23 -93.69
C MET B 504 24.45 32.97 -92.39
N ASN B 505 25.44 33.67 -91.87
CA ASN B 505 25.33 34.44 -90.65
C ASN B 505 25.43 35.94 -90.90
N GLY B 506 25.65 36.35 -92.14
CA GLY B 506 25.87 37.75 -92.44
C GLY B 506 24.67 38.47 -93.02
N ARG B 507 23.58 37.75 -93.25
CA ARG B 507 22.38 38.32 -93.83
C ARG B 507 21.22 38.20 -92.86
N VAL B 508 20.44 39.27 -92.74
CA VAL B 508 19.39 39.35 -91.74
C VAL B 508 18.05 39.07 -92.39
N VAL B 509 17.10 38.62 -91.57
CA VAL B 509 15.74 38.37 -92.02
C VAL B 509 14.82 39.44 -91.41
N ALA B 510 13.61 39.51 -91.93
CA ALA B 510 12.63 40.44 -91.39
C ALA B 510 11.82 39.76 -90.30
N PRO B 511 11.86 40.25 -89.06
CA PRO B 511 11.04 39.61 -88.01
C PRO B 511 9.56 39.61 -88.32
N SER B 512 9.07 40.58 -89.08
CA SER B 512 7.67 40.60 -89.47
C SER B 512 7.31 39.44 -90.39
N LEU B 513 8.31 38.80 -91.01
CA LEU B 513 8.01 37.70 -91.93
C LEU B 513 7.31 36.57 -91.21
N VAL B 514 7.75 36.26 -89.99
CA VAL B 514 7.03 35.35 -89.11
C VAL B 514 7.05 35.98 -87.72
N ASP B 515 5.87 36.39 -87.25
CA ASP B 515 5.71 37.11 -85.99
C ASP B 515 4.72 36.34 -85.13
N ALA B 516 4.33 36.94 -84.01
CA ALA B 516 3.38 36.30 -83.12
C ALA B 516 1.99 36.22 -83.69
N TYR B 517 1.77 36.57 -84.96
CA TYR B 517 0.43 36.55 -85.55
C TYR B 517 0.38 35.71 -86.83
N ILE B 518 1.32 34.80 -87.02
CA ILE B 518 1.30 33.96 -88.22
C ILE B 518 0.33 32.82 -87.97
N ASN B 519 -0.79 32.81 -88.71
CA ASN B 519 -1.77 31.75 -88.63
C ASN B 519 -2.21 31.52 -87.19
N ILE B 520 -2.60 32.61 -86.54
CA ILE B 520 -2.96 32.55 -85.12
C ILE B 520 -4.10 31.56 -84.93
N GLY B 521 -3.93 30.65 -83.98
CA GLY B 521 -4.92 29.62 -83.72
C GLY B 521 -4.94 28.50 -84.74
N ALA B 522 -3.97 28.45 -85.64
CA ALA B 522 -3.93 27.43 -86.67
C ALA B 522 -2.67 26.61 -86.53
N ARG B 523 -2.82 25.28 -86.52
CA ARG B 523 -1.69 24.36 -86.45
C ARG B 523 -1.20 24.14 -87.87
N TRP B 524 -0.26 24.97 -88.30
CA TRP B 524 0.07 25.09 -89.71
C TRP B 524 1.56 25.34 -89.89
N SER B 525 2.27 24.33 -90.38
CA SER B 525 3.68 24.51 -90.73
C SER B 525 3.79 25.48 -91.90
N LEU B 526 4.80 26.34 -91.85
CA LEU B 526 4.94 27.37 -92.87
C LEU B 526 5.21 26.76 -94.24
N ASP B 527 4.53 27.29 -95.25
CA ASP B 527 4.80 26.86 -96.62
C ASP B 527 6.23 27.12 -97.08
N PRO B 528 6.83 28.29 -96.83
CA PRO B 528 8.18 28.52 -97.39
C PRO B 528 9.21 27.51 -96.94
N MET B 529 9.16 27.06 -95.69
CA MET B 529 10.21 26.21 -95.14
C MET B 529 9.73 24.79 -94.85
N ASP B 530 8.57 24.38 -95.37
CA ASP B 530 8.15 23.00 -95.15
C ASP B 530 9.02 22.03 -95.93
N ASN B 531 9.57 22.46 -97.05
CA ASN B 531 10.48 21.63 -97.85
C ASN B 531 11.94 21.88 -97.52
N VAL B 532 12.22 22.53 -96.40
CA VAL B 532 13.58 22.69 -95.89
C VAL B 532 13.77 21.71 -94.75
N ASN B 533 14.83 20.90 -94.83
CA ASN B 533 14.98 19.78 -93.91
C ASN B 533 15.00 20.26 -92.47
N PRO B 534 14.14 19.71 -91.60
CA PRO B 534 14.09 20.19 -90.22
C PRO B 534 15.21 19.66 -89.35
N PHE B 535 16.03 18.74 -89.85
CA PHE B 535 17.11 18.18 -89.03
C PHE B 535 18.36 19.04 -89.12
N ASN B 536 18.18 20.35 -88.94
CA ASN B 536 19.28 21.32 -88.89
C ASN B 536 18.81 22.43 -87.97
N HIS B 537 19.13 22.31 -86.69
CA HIS B 537 18.46 23.18 -85.73
C HIS B 537 19.15 23.17 -84.37
N PRO B 538 19.07 24.26 -83.61
CA PRO B 538 19.47 24.18 -82.21
C PRO B 538 18.62 23.20 -81.42
N ARG B 539 17.38 22.99 -81.86
CA ARG B 539 16.48 22.03 -81.22
C ARG B 539 16.56 20.68 -81.90
N ASN B 540 17.78 20.13 -81.89
CA ASN B 540 18.09 18.87 -82.54
C ASN B 540 18.74 17.93 -81.54
N ALA B 541 18.04 17.71 -80.42
CA ALA B 541 18.53 17.00 -79.25
C ALA B 541 19.47 15.85 -79.60
N GLY B 542 19.14 15.09 -80.64
CA GLY B 542 20.04 14.05 -81.09
C GLY B 542 21.40 14.59 -81.50
N LEU B 543 21.42 15.78 -82.12
CA LEU B 543 22.68 16.33 -82.62
C LEU B 543 23.43 17.07 -81.53
N ARG B 544 22.79 18.01 -80.84
CA ARG B 544 23.49 18.79 -79.84
C ARG B 544 24.08 17.91 -78.75
N TYR B 545 23.41 16.81 -78.40
CA TYR B 545 24.01 15.83 -77.52
C TYR B 545 25.23 15.21 -78.18
N ARG B 546 25.15 14.93 -79.48
CA ARG B 546 26.27 14.34 -80.19
C ARG B 546 27.40 15.34 -80.39
N SER B 547 27.12 16.63 -80.24
CA SER B 547 28.15 17.64 -80.38
C SER B 547 28.83 17.94 -79.05
N MET B 548 28.05 18.09 -77.98
CA MET B 548 28.63 18.33 -76.67
C MET B 548 29.41 17.12 -76.18
N LEU B 549 29.13 15.94 -76.74
CA LEU B 549 29.82 14.73 -76.30
C LEU B 549 31.32 14.83 -76.54
N LEU B 550 31.74 15.40 -77.67
CA LEU B 550 33.15 15.61 -77.93
C LEU B 550 33.74 16.77 -77.16
N GLY B 551 32.91 17.71 -76.70
CA GLY B 551 33.40 18.84 -75.95
C GLY B 551 32.86 20.15 -76.52
N ASN B 552 33.42 21.25 -76.00
CA ASN B 552 33.02 22.59 -76.41
C ASN B 552 34.17 23.38 -77.00
N GLY B 553 35.20 22.70 -77.50
CA GLY B 553 36.39 23.40 -77.96
C GLY B 553 36.63 23.33 -79.46
N ARG B 554 37.44 24.26 -79.96
CA ARG B 554 37.84 24.23 -81.36
C ARG B 554 38.63 22.97 -81.67
N TYR B 555 39.68 22.71 -80.88
CA TYR B 555 40.55 21.57 -81.08
C TYR B 555 40.21 20.50 -80.05
N VAL B 556 39.91 19.30 -80.52
CA VAL B 556 39.46 18.25 -79.60
C VAL B 556 40.05 16.90 -80.02
N PRO B 557 40.89 16.29 -79.18
CA PRO B 557 41.30 14.90 -79.44
C PRO B 557 40.18 13.95 -79.08
N PHE B 558 39.83 13.06 -79.99
CA PHE B 558 38.69 12.18 -79.82
C PHE B 558 39.14 10.74 -79.64
N HIS B 559 38.19 9.90 -79.23
CA HIS B 559 38.44 8.47 -79.04
C HIS B 559 37.09 7.77 -79.24
N ILE B 560 36.88 7.27 -80.46
CA ILE B 560 35.60 6.72 -80.85
C ILE B 560 35.74 5.22 -81.09
N GLN B 561 34.59 4.54 -81.15
CA GLN B 561 34.53 3.10 -81.39
C GLN B 561 33.49 2.83 -82.46
N VAL B 562 33.91 2.84 -83.73
CA VAL B 562 32.99 2.61 -84.83
C VAL B 562 32.64 1.14 -84.91
N PRO B 563 31.38 0.77 -85.03
CA PRO B 563 31.01 -0.64 -85.12
C PRO B 563 31.13 -1.17 -86.53
N GLN B 564 30.70 -2.42 -86.74
CA GLN B 564 30.67 -3.02 -88.07
C GLN B 564 29.22 -3.07 -88.54
N LYS B 565 28.97 -2.57 -89.76
CA LYS B 565 27.61 -2.44 -90.25
C LYS B 565 27.27 -3.34 -91.43
N PHE B 566 28.27 -3.92 -92.10
CA PHE B 566 27.98 -4.74 -93.27
C PHE B 566 27.19 -5.97 -92.87
N PHE B 567 26.20 -6.32 -93.71
CA PHE B 567 25.19 -7.28 -93.28
C PHE B 567 25.76 -8.69 -93.15
N ALA B 568 26.63 -9.09 -94.07
CA ALA B 568 27.15 -10.45 -94.06
C ALA B 568 28.20 -10.69 -92.99
N ILE B 569 28.70 -9.64 -92.34
CA ILE B 569 29.75 -9.79 -91.36
C ILE B 569 29.28 -9.47 -89.94
N LYS B 570 28.18 -8.73 -89.78
CA LYS B 570 27.70 -8.36 -88.46
C LYS B 570 27.60 -9.55 -87.52
N ASN B 571 26.79 -10.53 -87.89
CA ASN B 571 26.49 -11.65 -87.00
C ASN B 571 27.34 -12.88 -87.30
N LEU B 572 28.37 -12.74 -88.13
CA LEU B 572 29.16 -13.89 -88.53
C LEU B 572 29.82 -14.55 -87.33
N LEU B 573 29.87 -15.87 -87.36
CA LEU B 573 30.49 -16.67 -86.30
C LEU B 573 31.79 -17.22 -86.86
N LEU B 574 32.90 -16.59 -86.52
CA LEU B 574 34.18 -17.02 -87.04
C LEU B 574 34.65 -18.29 -86.35
N LEU B 575 35.62 -18.95 -86.97
CA LEU B 575 36.11 -20.25 -86.55
C LEU B 575 37.62 -20.22 -86.49
N PRO B 576 38.25 -21.23 -85.85
CA PRO B 576 39.62 -21.05 -85.35
C PRO B 576 40.71 -20.75 -86.37
N GLY B 577 40.38 -20.53 -87.64
CA GLY B 577 41.40 -20.14 -88.58
C GLY B 577 42.05 -18.80 -88.29
N SER B 578 42.89 -18.32 -89.21
CA SER B 578 43.50 -17.01 -89.11
C SER B 578 43.09 -16.19 -90.32
N TYR B 579 42.66 -14.95 -90.09
CA TYR B 579 42.02 -14.16 -91.13
C TYR B 579 42.66 -12.78 -91.22
N THR B 580 42.39 -12.10 -92.33
CA THR B 580 42.83 -10.73 -92.54
C THR B 580 41.61 -9.82 -92.57
N TYR B 581 41.69 -8.71 -91.85
CA TYR B 581 40.58 -7.77 -91.73
C TYR B 581 41.11 -6.39 -92.11
N GLU B 582 40.85 -5.97 -93.34
CA GLU B 582 41.35 -4.71 -93.85
C GLU B 582 40.17 -3.81 -94.21
N TRP B 583 40.29 -2.53 -93.89
CA TRP B 583 39.18 -1.62 -94.16
C TRP B 583 39.73 -0.23 -94.44
N ASN B 584 38.95 0.56 -95.18
CA ASN B 584 39.32 1.91 -95.54
C ASN B 584 38.42 2.89 -94.81
N PHE B 585 39.03 3.85 -94.11
CA PHE B 585 38.30 4.82 -93.32
C PHE B 585 38.29 6.16 -94.04
N ARG B 586 37.10 6.75 -94.15
CA ARG B 586 36.95 7.99 -94.88
C ARG B 586 37.49 9.16 -94.05
N LYS B 587 38.39 9.94 -94.65
CA LYS B 587 39.01 11.06 -93.97
C LYS B 587 38.43 12.39 -94.44
N ASP B 588 37.34 12.35 -95.19
CA ASP B 588 36.68 13.56 -95.66
C ASP B 588 35.94 14.21 -94.50
N VAL B 589 36.36 15.43 -94.14
CA VAL B 589 35.73 16.13 -93.03
C VAL B 589 34.27 16.42 -93.33
N ASN B 590 33.97 16.76 -94.60
CA ASN B 590 32.64 17.22 -94.95
C ASN B 590 31.60 16.10 -94.89
N MET B 591 32.02 14.85 -94.79
CA MET B 591 31.09 13.73 -94.80
C MET B 591 31.10 12.92 -93.52
N ILE B 592 32.09 13.09 -92.65
CA ILE B 592 32.08 12.42 -91.36
C ILE B 592 31.63 13.33 -90.23
N LEU B 593 31.45 14.63 -90.51
CA LEU B 593 30.93 15.57 -89.54
C LEU B 593 29.54 16.00 -89.97
N GLN B 594 28.81 16.62 -89.05
CA GLN B 594 27.45 17.07 -89.29
C GLN B 594 27.28 18.44 -88.66
N SER B 595 27.46 19.49 -89.44
CA SER B 595 27.26 20.85 -88.96
C SER B 595 25.77 21.12 -88.84
N SER B 596 25.37 21.65 -87.68
CA SER B 596 23.95 21.91 -87.46
C SER B 596 23.42 22.95 -88.43
N LEU B 597 24.20 23.99 -88.70
CA LEU B 597 23.74 25.02 -89.62
C LEU B 597 23.56 24.48 -91.03
N GLY B 598 24.31 23.44 -91.38
CA GLY B 598 24.21 22.84 -92.70
C GLY B 598 25.15 23.42 -93.73
N ASN B 599 26.14 24.21 -93.33
CA ASN B 599 27.03 24.84 -94.29
C ASN B 599 28.10 23.84 -94.72
N ASP B 600 29.06 24.31 -95.52
CA ASP B 600 30.19 23.50 -95.92
C ASP B 600 31.28 23.56 -94.85
N LEU B 601 31.88 22.40 -94.57
CA LEU B 601 32.98 22.32 -93.63
C LEU B 601 34.33 22.17 -94.30
N ARG B 602 34.36 21.58 -95.49
CA ARG B 602 35.61 21.41 -96.22
C ARG B 602 36.25 22.75 -96.55
N VAL B 603 35.44 23.79 -96.75
CA VAL B 603 35.98 25.09 -97.13
C VAL B 603 36.77 25.71 -95.99
N ASP B 604 36.21 25.69 -94.77
CA ASP B 604 36.75 26.44 -93.66
C ASP B 604 37.29 25.56 -92.54
N GLY B 605 36.46 24.68 -91.98
CA GLY B 605 36.89 23.87 -90.86
C GLY B 605 37.93 22.84 -91.28
N ALA B 606 39.02 22.76 -90.53
CA ALA B 606 40.05 21.78 -90.83
C ALA B 606 39.51 20.37 -90.61
N SER B 607 40.29 19.38 -91.04
CA SER B 607 39.82 18.02 -91.06
C SER B 607 40.42 17.22 -89.90
N VAL B 608 39.99 15.97 -89.79
CA VAL B 608 40.49 15.06 -88.76
C VAL B 608 41.80 14.45 -89.24
N ARG B 609 42.52 13.79 -88.33
CA ARG B 609 43.67 12.98 -88.68
C ARG B 609 43.68 11.78 -87.76
N PHE B 610 43.89 10.60 -88.32
CA PHE B 610 43.88 9.39 -87.52
C PHE B 610 45.29 9.10 -87.03
N ASP B 611 45.45 8.96 -85.71
CA ASP B 611 46.74 8.60 -85.15
C ASP B 611 46.86 7.12 -84.86
N SER B 612 45.76 6.44 -84.57
CA SER B 612 45.80 5.01 -84.29
C SER B 612 44.45 4.41 -84.60
N VAL B 613 44.45 3.20 -85.14
CA VAL B 613 43.23 2.45 -85.43
C VAL B 613 43.46 1.03 -84.95
N ASN B 614 42.79 0.64 -83.87
CA ASN B 614 42.93 -0.68 -83.31
C ASN B 614 41.61 -1.43 -83.35
N LEU B 615 41.69 -2.72 -83.67
CA LEU B 615 40.52 -3.58 -83.80
C LEU B 615 40.39 -4.39 -82.53
N TYR B 616 39.27 -4.22 -81.83
CA TYR B 616 39.00 -4.92 -80.59
C TYR B 616 38.05 -6.08 -80.82
N ALA B 617 38.24 -7.15 -80.06
CA ALA B 617 37.40 -8.33 -80.16
C ALA B 617 37.15 -8.88 -78.76
N THR B 618 36.05 -9.61 -78.63
CA THR B 618 35.67 -10.23 -77.36
C THR B 618 35.34 -11.69 -77.62
N PHE B 619 35.92 -12.57 -76.81
CA PHE B 619 35.78 -14.01 -76.99
C PHE B 619 35.00 -14.60 -75.83
N PHE B 620 34.02 -15.43 -76.15
CA PHE B 620 33.29 -16.14 -75.11
C PHE B 620 34.14 -17.28 -74.58
N PRO B 621 34.31 -17.41 -73.28
CA PRO B 621 35.00 -18.60 -72.75
C PRO B 621 34.12 -19.82 -72.84
N MET B 622 34.41 -20.70 -73.79
CA MET B 622 33.69 -21.96 -73.93
C MET B 622 34.62 -23.10 -73.58
N ALA B 623 34.12 -24.04 -72.79
CA ALA B 623 34.90 -25.22 -72.47
C ALA B 623 35.39 -25.88 -73.73
N HIS B 624 36.70 -26.11 -73.81
CA HIS B 624 37.28 -26.67 -75.02
C HIS B 624 36.66 -28.02 -75.36
N ASN B 625 36.14 -28.71 -74.36
CA ASN B 625 35.42 -29.96 -74.63
C ASN B 625 34.23 -29.75 -75.54
N THR B 626 33.61 -28.56 -75.50
CA THR B 626 32.45 -28.27 -76.33
C THR B 626 32.78 -27.38 -77.52
N ALA B 627 33.76 -26.49 -77.39
CA ALA B 627 34.10 -25.61 -78.50
C ALA B 627 34.58 -26.42 -79.70
N SER B 628 35.36 -27.46 -79.46
CA SER B 628 35.78 -28.33 -80.56
C SER B 628 34.58 -29.02 -81.19
N THR B 629 33.67 -29.54 -80.37
CA THR B 629 32.48 -30.18 -80.91
C THR B 629 31.62 -29.20 -81.67
N LEU B 630 31.46 -27.98 -81.15
CA LEU B 630 30.73 -26.95 -81.88
C LEU B 630 31.41 -26.63 -83.19
N GLU B 631 32.73 -26.46 -83.15
CA GLU B 631 33.49 -26.21 -84.38
C GLU B 631 33.43 -27.39 -85.33
N ALA B 632 33.46 -28.62 -84.78
CA ALA B 632 33.49 -29.80 -85.63
C ALA B 632 32.25 -29.87 -86.52
N MET B 633 31.07 -29.77 -85.94
CA MET B 633 29.86 -29.87 -86.74
C MET B 633 29.58 -28.61 -87.54
N LEU B 634 30.08 -27.45 -87.10
CA LEU B 634 29.81 -26.21 -87.81
C LEU B 634 30.57 -26.08 -89.11
N ARG B 635 31.22 -27.15 -89.58
CA ARG B 635 32.00 -27.13 -90.81
C ARG B 635 31.58 -28.23 -91.77
N ASN B 636 30.30 -28.58 -91.81
CA ASN B 636 29.83 -29.63 -92.69
C ASN B 636 29.03 -29.12 -93.88
N ASP B 637 28.83 -27.81 -93.99
CA ASP B 637 28.16 -27.19 -95.13
C ASP B 637 26.72 -27.68 -95.28
N THR B 638 26.26 -28.52 -94.36
CA THR B 638 24.82 -28.73 -94.21
C THR B 638 24.22 -27.79 -93.19
N HIS B 639 25.04 -27.20 -92.32
CA HIS B 639 24.57 -26.14 -91.41
C HIS B 639 25.69 -25.11 -91.31
N ASP B 640 25.62 -24.10 -92.17
CA ASP B 640 26.55 -22.99 -92.18
C ASP B 640 25.76 -21.69 -92.17
N GLN B 641 26.36 -20.66 -91.58
CA GLN B 641 25.64 -19.42 -91.34
C GLN B 641 25.11 -18.84 -92.64
N SER B 642 24.04 -18.07 -92.52
CA SER B 642 23.48 -17.36 -93.66
C SER B 642 22.67 -16.18 -93.14
N PHE B 643 22.85 -15.02 -93.76
CA PHE B 643 22.26 -13.79 -93.27
C PHE B 643 21.59 -13.05 -94.43
N ASN B 644 20.76 -12.08 -94.07
CA ASN B 644 20.12 -11.23 -95.06
C ASN B 644 20.19 -9.79 -94.61
N ASP B 645 20.42 -8.89 -95.57
CA ASP B 645 20.38 -7.47 -95.27
C ASP B 645 18.98 -7.08 -94.83
N TYR B 646 18.91 -6.24 -93.79
CA TYR B 646 17.60 -5.84 -93.27
C TYR B 646 16.82 -5.07 -94.32
N LEU B 647 17.42 -4.02 -94.89
CA LEU B 647 16.81 -3.29 -95.98
C LEU B 647 17.17 -3.98 -97.30
N SER B 648 16.54 -5.13 -97.51
CA SER B 648 16.86 -5.97 -98.65
C SER B 648 16.28 -5.32 -99.90
N ALA B 649 17.01 -4.33 -100.42
CA ALA B 649 16.54 -3.58 -101.57
C ALA B 649 17.72 -3.09 -102.38
N ALA B 650 17.48 -2.91 -103.69
CA ALA B 650 18.47 -2.38 -104.63
C ALA B 650 18.12 -0.93 -104.89
N ASN B 651 19.02 -0.03 -104.52
CA ASN B 651 18.71 1.39 -104.53
C ASN B 651 19.09 2.03 -105.85
N MET B 652 18.10 2.61 -106.52
CA MET B 652 18.30 3.30 -107.79
C MET B 652 17.85 4.75 -107.64
N LEU B 653 18.62 5.66 -108.23
CA LEU B 653 18.32 7.09 -108.16
C LEU B 653 18.08 7.62 -109.56
N TYR B 654 17.08 8.48 -109.69
CA TYR B 654 16.70 9.04 -110.98
C TYR B 654 16.59 10.55 -110.85
N PRO B 655 17.30 11.33 -111.67
CA PRO B 655 17.27 12.78 -111.52
C PRO B 655 15.92 13.35 -111.90
N ILE B 656 15.60 14.50 -111.28
CA ILE B 656 14.39 15.24 -111.59
C ILE B 656 14.76 16.70 -111.79
N PRO B 657 14.62 17.24 -113.00
CA PRO B 657 14.99 18.64 -113.23
C PRO B 657 14.10 19.59 -112.46
N ALA B 658 14.62 20.79 -112.25
CA ALA B 658 13.89 21.79 -111.48
C ALA B 658 12.59 22.16 -112.17
N LYS B 659 11.55 22.39 -111.36
CA LYS B 659 10.23 22.77 -111.84
C LYS B 659 9.62 21.74 -112.78
N ALA B 660 9.99 20.48 -112.64
CA ALA B 660 9.42 19.41 -113.43
C ALA B 660 8.42 18.63 -112.59
N THR B 661 7.16 18.64 -113.01
CA THR B 661 6.10 17.99 -112.24
C THR B 661 6.03 16.50 -112.50
N ASN B 662 6.21 16.08 -113.75
CA ASN B 662 6.06 14.68 -114.15
C ASN B 662 7.43 14.11 -114.49
N VAL B 663 7.74 12.95 -113.91
CA VAL B 663 9.01 12.28 -114.21
C VAL B 663 8.74 10.81 -114.54
N PRO B 664 8.91 10.41 -115.80
CA PRO B 664 8.75 8.99 -116.15
C PRO B 664 10.06 8.24 -116.06
N ILE B 665 9.99 7.00 -115.58
CA ILE B 665 11.14 6.13 -115.46
C ILE B 665 10.82 4.80 -116.10
N SER B 666 11.84 4.14 -116.65
CA SER B 666 11.70 2.84 -117.25
C SER B 666 12.82 1.93 -116.79
N ILE B 667 12.55 0.63 -116.76
CA ILE B 667 13.50 -0.38 -116.32
C ILE B 667 13.60 -1.43 -117.40
N PRO B 668 14.80 -1.75 -117.89
CA PRO B 668 14.91 -2.79 -118.91
C PRO B 668 14.44 -4.13 -118.37
N SER B 669 13.93 -4.96 -119.27
CA SER B 669 13.24 -6.17 -118.86
C SER B 669 14.19 -7.13 -118.16
N ARG B 670 13.70 -7.77 -117.10
CA ARG B 670 14.46 -8.74 -116.34
C ARG B 670 13.48 -9.61 -115.58
N ASN B 671 14.01 -10.57 -114.84
CA ASN B 671 13.18 -11.53 -114.12
C ASN B 671 12.91 -11.03 -112.71
N TRP B 672 11.65 -10.71 -112.42
CA TRP B 672 11.24 -10.32 -111.07
C TRP B 672 10.88 -11.58 -110.28
N ALA B 673 11.92 -12.36 -109.99
CA ALA B 673 11.72 -13.70 -109.46
C ALA B 673 11.03 -13.68 -108.10
N ALA B 674 11.56 -12.88 -107.18
CA ALA B 674 11.07 -12.85 -105.80
C ALA B 674 10.90 -11.42 -105.32
N PHE B 675 10.24 -10.59 -106.12
CA PHE B 675 10.02 -9.20 -105.78
C PHE B 675 9.29 -9.08 -104.45
N ARG B 676 9.43 -7.93 -103.80
CA ARG B 676 8.74 -7.70 -102.54
C ARG B 676 8.14 -6.30 -102.42
N GLY B 677 8.15 -5.50 -103.47
CA GLY B 677 7.49 -4.21 -103.46
C GLY B 677 8.46 -3.06 -103.64
N TRP B 678 7.88 -1.89 -103.91
CA TRP B 678 8.62 -0.65 -104.07
C TRP B 678 8.61 0.14 -102.77
N SER B 679 9.50 1.11 -102.70
CA SER B 679 9.48 2.10 -101.62
C SER B 679 10.31 3.28 -102.05
N PHE B 680 9.68 4.45 -102.17
CA PHE B 680 10.30 5.58 -102.84
C PHE B 680 10.23 6.83 -101.96
N THR B 681 11.16 7.75 -102.21
CA THR B 681 11.22 9.01 -101.49
C THR B 681 12.07 9.98 -102.30
N ARG B 682 11.74 11.26 -102.20
CA ARG B 682 12.37 12.31 -102.98
C ARG B 682 13.47 12.97 -102.16
N LEU B 683 14.65 13.12 -102.74
CA LEU B 683 15.80 13.74 -102.11
C LEU B 683 16.23 14.96 -102.91
N LYS B 684 16.95 15.86 -102.25
CA LYS B 684 17.59 16.98 -102.92
C LYS B 684 18.95 16.53 -103.44
N THR B 685 19.27 16.92 -104.66
CA THR B 685 20.55 16.52 -105.25
C THR B 685 21.72 17.20 -104.55
N LYS B 686 21.48 18.33 -103.87
CA LYS B 686 22.55 18.98 -103.13
C LYS B 686 23.02 18.11 -101.97
N GLU B 687 22.09 17.43 -101.31
CA GLU B 687 22.42 16.67 -100.11
C GLU B 687 22.97 15.29 -100.43
N THR B 688 22.66 14.74 -101.59
CA THR B 688 23.05 13.37 -101.89
C THR B 688 24.50 13.34 -102.40
N PRO B 689 25.39 12.61 -101.74
CA PRO B 689 26.77 12.48 -102.25
C PRO B 689 26.86 11.50 -103.40
N SER B 690 28.05 11.17 -103.85
CA SER B 690 28.12 10.19 -104.90
C SER B 690 28.46 8.88 -104.36
N LEU B 691 29.31 8.83 -103.37
CA LEU B 691 29.64 7.58 -102.74
C LEU B 691 30.27 6.65 -103.73
N GLY B 692 30.90 7.18 -104.75
CA GLY B 692 31.67 6.34 -105.63
C GLY B 692 32.94 7.10 -105.52
N SER B 693 33.96 6.47 -105.00
CA SER B 693 35.24 7.09 -104.80
C SER B 693 35.34 7.93 -103.62
N GLY B 694 36.54 8.39 -103.40
CA GLY B 694 36.78 9.16 -102.22
C GLY B 694 36.21 10.50 -102.00
N PHE B 695 36.21 11.31 -103.00
CA PHE B 695 35.80 12.61 -102.72
C PHE B 695 34.87 12.86 -103.82
N ASP B 696 33.75 13.50 -103.57
CA ASP B 696 32.89 13.92 -104.63
C ASP B 696 33.26 15.33 -104.45
N PRO B 697 34.01 15.89 -105.37
CA PRO B 697 34.47 17.22 -105.04
C PRO B 697 33.39 18.19 -105.19
N TYR B 698 32.25 17.76 -105.58
CA TYR B 698 31.04 18.55 -105.75
C TYR B 698 30.08 18.44 -104.58
N PHE B 699 30.44 17.69 -103.54
CA PHE B 699 29.58 17.54 -102.36
C PHE B 699 29.93 18.64 -101.37
N VAL B 700 29.20 19.75 -101.46
CA VAL B 700 29.50 20.93 -100.67
C VAL B 700 28.71 20.96 -99.37
N TYR B 701 27.40 20.73 -99.45
CA TYR B 701 26.56 20.73 -98.26
C TYR B 701 26.97 19.63 -97.30
N SER B 702 26.96 19.94 -96.00
CA SER B 702 27.43 19.04 -94.96
C SER B 702 26.44 18.96 -93.81
N GLY B 703 25.17 18.77 -94.14
CA GLY B 703 24.16 18.70 -93.11
C GLY B 703 23.77 17.28 -92.71
N SER B 704 22.59 16.83 -93.13
CA SER B 704 22.03 15.59 -92.61
C SER B 704 22.21 14.40 -93.53
N ILE B 705 22.27 14.61 -94.85
CA ILE B 705 22.42 13.53 -95.83
C ILE B 705 21.36 12.46 -95.60
N PRO B 706 20.11 12.70 -95.95
CA PRO B 706 19.08 11.68 -95.73
C PRO B 706 19.31 10.41 -96.51
N TYR B 707 20.13 10.45 -97.56
CA TYR B 707 20.32 9.28 -98.41
C TYR B 707 20.87 8.09 -97.61
N LEU B 708 21.68 8.36 -96.60
CA LEU B 708 22.25 7.33 -95.75
C LEU B 708 22.03 7.61 -94.27
N ASP B 709 20.92 8.26 -93.93
CA ASP B 709 20.65 8.62 -92.55
C ASP B 709 19.23 8.30 -92.11
N GLY B 710 18.29 8.09 -93.02
CA GLY B 710 16.91 7.84 -92.65
C GLY B 710 16.13 9.06 -92.26
N THR B 711 16.65 10.26 -92.49
CA THR B 711 15.94 11.48 -92.15
C THR B 711 15.30 12.08 -93.39
N PHE B 712 14.22 11.44 -93.83
CA PHE B 712 13.50 11.88 -95.02
C PHE B 712 12.48 12.95 -94.64
N TYR B 713 12.47 13.99 -95.47
CA TYR B 713 11.62 15.10 -95.22
C TYR B 713 10.81 15.59 -96.33
N LEU B 714 10.88 15.01 -97.51
CA LEU B 714 10.22 15.58 -98.65
C LEU B 714 9.26 14.64 -99.27
N ASN B 715 8.68 13.76 -98.49
CA ASN B 715 7.79 12.77 -98.99
C ASN B 715 6.46 13.29 -99.23
N HIS B 716 6.23 14.52 -98.88
CA HIS B 716 4.95 15.10 -98.99
C HIS B 716 4.74 15.72 -100.31
N THR B 717 5.67 15.60 -101.21
CA THR B 717 5.50 16.30 -102.43
C THR B 717 5.20 15.48 -103.59
N PHE B 718 4.59 14.35 -103.42
CA PHE B 718 4.18 13.52 -104.53
C PHE B 718 2.71 13.70 -104.85
N LYS B 719 2.27 13.53 -106.08
CA LYS B 719 0.92 13.76 -106.52
C LYS B 719 0.26 12.55 -107.17
N LYS B 720 1.03 11.67 -107.79
CA LYS B 720 0.45 10.54 -108.50
C LYS B 720 1.55 9.53 -108.81
N VAL B 721 1.19 8.25 -108.77
CA VAL B 721 2.11 7.16 -109.08
C VAL B 721 1.40 6.17 -109.98
N SER B 722 2.05 5.78 -111.07
CA SER B 722 1.49 4.80 -111.99
C SER B 722 2.50 3.69 -112.20
N ILE B 723 2.06 2.45 -112.08
CA ILE B 723 2.90 1.28 -112.30
C ILE B 723 2.38 0.55 -113.54
N MET B 724 3.29 -0.12 -114.24
CA MET B 724 2.90 -0.82 -115.46
C MET B 724 3.93 -1.89 -115.77
N PHE B 725 3.48 -3.14 -115.82
CA PHE B 725 4.34 -4.29 -116.12
C PHE B 725 4.25 -4.58 -117.61
N ASP B 726 5.37 -4.43 -118.31
CA ASP B 726 5.49 -4.68 -119.75
C ASP B 726 4.26 -4.18 -120.52
N SER B 727 3.94 -2.91 -120.29
CA SER B 727 2.82 -2.24 -120.94
C SER B 727 1.49 -2.95 -120.68
N SER B 728 1.30 -3.45 -119.46
CA SER B 728 0.00 -3.93 -119.03
C SER B 728 -0.87 -2.77 -118.59
N VAL B 729 -1.97 -3.08 -117.92
CA VAL B 729 -2.85 -2.03 -117.40
C VAL B 729 -2.15 -1.30 -116.26
N SER B 730 -1.90 -2.02 -115.17
CA SER B 730 -1.19 -1.53 -114.00
C SER B 730 -1.03 -2.73 -113.07
N TRP B 731 -0.08 -2.64 -112.16
CA TRP B 731 0.08 -3.74 -111.20
C TRP B 731 -1.15 -3.93 -110.33
N PRO B 732 -1.73 -2.89 -109.72
CA PRO B 732 -3.03 -3.10 -109.07
C PRO B 732 -4.10 -3.27 -110.13
N GLY B 733 -4.05 -4.40 -110.84
CA GLY B 733 -4.81 -4.56 -112.06
C GLY B 733 -6.31 -4.57 -111.90
N ASN B 734 -6.82 -5.61 -111.25
CA ASN B 734 -8.26 -5.84 -111.25
C ASN B 734 -8.98 -4.84 -110.37
N ASP B 735 -8.92 -3.57 -110.76
CA ASP B 735 -9.57 -2.44 -110.08
C ASP B 735 -9.52 -2.57 -108.57
N ARG B 736 -8.39 -3.00 -108.03
CA ARG B 736 -8.28 -3.16 -106.59
C ARG B 736 -8.32 -1.84 -105.85
N LEU B 737 -8.19 -0.72 -106.54
CA LEU B 737 -8.20 0.59 -105.89
C LEU B 737 -9.49 1.32 -106.21
N LEU B 738 -9.74 2.38 -105.44
CA LEU B 738 -10.91 3.22 -105.70
C LEU B 738 -10.78 3.93 -107.04
N THR B 739 -9.56 4.30 -107.41
CA THR B 739 -9.27 4.74 -108.77
C THR B 739 -8.48 3.63 -109.45
N PRO B 740 -9.09 2.83 -110.33
CA PRO B 740 -8.43 1.60 -110.78
C PRO B 740 -7.18 1.84 -111.61
N ASN B 741 -7.09 2.98 -112.30
CA ASN B 741 -6.01 3.17 -113.26
C ASN B 741 -4.64 3.24 -112.58
N GLU B 742 -4.51 4.06 -111.54
CA GLU B 742 -3.21 4.23 -110.91
C GLU B 742 -3.40 4.74 -109.49
N PHE B 743 -2.34 4.60 -108.69
CA PHE B 743 -2.35 5.09 -107.32
C PHE B 743 -2.49 6.61 -107.30
N GLU B 744 -3.23 7.11 -106.32
CA GLU B 744 -3.52 8.53 -106.20
C GLU B 744 -3.12 8.98 -104.81
N ILE B 745 -2.24 9.97 -104.74
CA ILE B 745 -1.80 10.55 -103.47
C ILE B 745 -2.03 12.04 -103.54
N LYS B 746 -2.21 12.66 -102.36
CA LYS B 746 -2.26 14.11 -102.24
C LYS B 746 -3.22 14.73 -103.26
N ARG B 747 -4.44 14.21 -103.28
CA ARG B 747 -5.43 14.68 -104.24
C ARG B 747 -5.70 16.16 -104.05
N SER B 748 -5.80 16.88 -105.16
CA SER B 748 -5.83 18.33 -105.14
C SER B 748 -7.21 18.84 -104.71
N VAL B 749 -7.45 20.14 -104.92
CA VAL B 749 -8.71 20.75 -104.50
C VAL B 749 -9.90 20.04 -105.14
N ASP B 750 -9.73 19.53 -106.35
CA ASP B 750 -10.80 18.81 -107.03
C ASP B 750 -11.07 17.52 -106.29
N GLY B 751 -12.18 17.46 -105.57
CA GLY B 751 -12.54 16.28 -104.82
C GLY B 751 -14.00 15.94 -105.01
N GLU B 752 -14.29 14.64 -104.97
CA GLU B 752 -15.64 14.10 -105.03
C GLU B 752 -15.87 13.13 -103.88
N GLY B 753 -15.28 13.44 -102.73
CA GLY B 753 -15.36 12.58 -101.57
C GLY B 753 -14.18 11.66 -101.38
N TYR B 754 -13.14 11.78 -102.19
CA TYR B 754 -11.96 10.94 -102.07
C TYR B 754 -10.90 11.70 -101.28
N ASN B 755 -11.08 11.73 -99.96
CA ASN B 755 -10.11 12.30 -99.04
C ASN B 755 -10.30 11.58 -97.71
N VAL B 756 -9.31 11.73 -96.82
CA VAL B 756 -9.31 11.00 -95.57
C VAL B 756 -8.57 11.80 -94.51
N ALA B 757 -8.86 11.49 -93.25
CA ALA B 757 -8.14 12.05 -92.10
C ALA B 757 -8.16 13.57 -92.08
N GLN B 758 -9.18 14.17 -92.68
CA GLN B 758 -9.33 15.62 -92.75
C GLN B 758 -8.12 16.29 -93.39
N CYS B 759 -7.47 15.58 -94.31
CA CYS B 759 -6.41 16.16 -95.13
C CYS B 759 -6.70 15.83 -96.58
N ASN B 760 -5.76 16.09 -97.48
CA ASN B 760 -5.97 15.85 -98.90
C ASN B 760 -5.45 14.49 -99.35
N MET B 761 -4.99 13.66 -98.42
CA MET B 761 -4.57 12.31 -98.78
C MET B 761 -5.76 11.48 -99.23
N THR B 762 -5.57 10.73 -100.30
CA THR B 762 -6.65 9.93 -100.86
C THR B 762 -6.95 8.72 -99.98
N LYS B 763 -8.21 8.31 -99.97
CA LYS B 763 -8.62 7.16 -99.16
C LYS B 763 -7.84 5.91 -99.53
N ASP B 764 -7.76 5.62 -100.83
CA ASP B 764 -7.12 4.39 -101.27
C ASP B 764 -5.63 4.38 -100.91
N TRP B 765 -4.96 5.51 -101.09
CA TRP B 765 -3.54 5.57 -100.72
C TRP B 765 -3.37 5.40 -99.21
N PHE B 766 -4.25 6.02 -98.43
CA PHE B 766 -4.16 5.86 -96.97
C PHE B 766 -4.35 4.40 -96.59
N LEU B 767 -5.31 3.73 -97.21
CA LEU B 767 -5.52 2.31 -96.92
C LEU B 767 -4.30 1.49 -97.26
N VAL B 768 -3.68 1.75 -98.41
CA VAL B 768 -2.47 1.02 -98.81
C VAL B 768 -1.37 1.24 -97.79
N GLN B 769 -1.15 2.48 -97.39
CA GLN B 769 -0.09 2.77 -96.44
C GLN B 769 -0.35 2.11 -95.10
N MET B 770 -1.60 2.18 -94.63
CA MET B 770 -1.95 1.53 -93.37
C MET B 770 -1.87 0.02 -93.50
N LEU B 771 -2.06 -0.49 -94.73
CA LEU B 771 -2.04 -1.93 -94.95
C LEU B 771 -0.62 -2.45 -95.13
N SER B 772 0.35 -1.56 -95.32
CA SER B 772 1.71 -2.02 -95.55
C SER B 772 2.50 -2.09 -94.26
N HIS B 773 2.59 -0.97 -93.54
CA HIS B 773 3.33 -0.96 -92.28
C HIS B 773 2.67 -1.86 -91.24
N TYR B 774 1.35 -1.81 -91.16
CA TYR B 774 0.61 -2.70 -90.28
C TYR B 774 -0.46 -3.43 -91.10
N ASN B 775 -1.38 -4.12 -90.44
CA ASN B 775 -2.39 -4.87 -91.16
C ASN B 775 -3.78 -4.48 -90.65
N ILE B 776 -4.04 -3.17 -90.58
CA ILE B 776 -5.21 -2.66 -89.87
C ILE B 776 -6.18 -1.99 -90.81
N GLY B 777 -6.28 -2.49 -92.04
CA GLY B 777 -7.14 -1.84 -93.02
C GLY B 777 -8.51 -2.45 -93.22
N TYR B 778 -8.59 -3.77 -93.36
CA TYR B 778 -9.86 -4.39 -93.72
C TYR B 778 -10.83 -4.53 -92.56
N GLN B 779 -10.37 -4.35 -91.33
CA GLN B 779 -11.26 -4.48 -90.19
C GLN B 779 -11.18 -3.25 -89.31
N GLY B 780 -11.26 -2.07 -89.92
CA GLY B 780 -11.33 -0.83 -89.18
C GLY B 780 -9.99 -0.21 -88.91
N PHE B 781 -9.94 1.11 -88.87
CA PHE B 781 -8.71 1.84 -88.63
C PHE B 781 -8.65 2.22 -87.16
N HIS B 782 -7.92 1.44 -86.38
CA HIS B 782 -7.60 1.79 -85.02
C HIS B 782 -6.13 2.17 -84.94
N VAL B 783 -5.75 2.88 -83.89
CA VAL B 783 -4.34 3.22 -83.74
C VAL B 783 -3.53 1.94 -83.59
N PRO B 784 -2.39 1.81 -84.27
CA PRO B 784 -1.64 0.56 -84.19
C PRO B 784 -1.05 0.37 -82.81
N GLU B 785 -0.73 -0.90 -82.51
CA GLU B 785 -0.12 -1.24 -81.24
C GLU B 785 1.20 -0.49 -81.06
N GLY B 786 1.53 -0.20 -79.80
CA GLY B 786 2.70 0.61 -79.52
C GLY B 786 3.98 0.01 -80.07
N TYR B 787 4.12 -1.31 -79.97
CA TYR B 787 5.31 -1.97 -80.48
C TYR B 787 5.30 -2.10 -82.00
N LYS B 788 4.12 -2.16 -82.62
CA LYS B 788 4.06 -2.33 -84.08
C LYS B 788 4.59 -1.10 -84.80
N ASP B 789 4.35 0.09 -84.26
CA ASP B 789 4.84 1.32 -84.86
C ASP B 789 6.06 1.82 -84.08
N ARG B 790 6.96 2.49 -84.78
CA ARG B 790 8.20 2.94 -84.18
C ARG B 790 8.59 4.26 -84.84
N MET B 791 9.85 4.65 -84.68
CA MET B 791 10.26 5.99 -85.09
C MET B 791 10.12 6.18 -86.59
N TYR B 792 10.48 5.16 -87.38
CA TYR B 792 10.44 5.24 -88.83
C TYR B 792 9.16 4.66 -89.42
N SER B 793 8.07 4.68 -88.66
CA SER B 793 6.81 4.14 -89.12
C SER B 793 5.96 5.26 -89.74
N PHE B 794 4.76 4.89 -90.18
CA PHE B 794 3.88 5.83 -90.88
C PHE B 794 2.98 6.59 -89.93
N PHE B 795 2.18 5.86 -89.15
CA PHE B 795 1.25 6.52 -88.24
C PHE B 795 1.95 7.32 -87.16
N ARG B 796 3.21 6.98 -86.87
CA ARG B 796 3.92 7.67 -85.80
C ARG B 796 4.06 9.16 -86.10
N ASN B 797 4.36 9.51 -87.35
CA ASN B 797 4.62 10.88 -87.73
C ASN B 797 3.81 11.27 -88.95
N PHE B 798 2.52 10.95 -88.93
CA PHE B 798 1.61 11.43 -89.95
C PHE B 798 0.84 12.63 -89.40
N GLN B 799 1.09 13.80 -89.96
CA GLN B 799 0.56 15.06 -89.41
C GLN B 799 -0.35 15.74 -90.42
N PRO B 800 -1.66 15.71 -90.22
CA PRO B 800 -2.56 16.55 -91.01
C PRO B 800 -2.70 17.94 -90.41
N MET B 801 -3.07 18.89 -91.26
CA MET B 801 -3.16 20.27 -90.81
C MET B 801 -3.98 21.07 -91.82
N SER B 802 -4.55 22.18 -91.36
CA SER B 802 -5.37 23.03 -92.20
C SER B 802 -5.34 24.46 -91.68
N ARG B 803 -5.71 25.40 -92.55
CA ARG B 803 -5.80 26.80 -92.17
C ARG B 803 -6.75 27.51 -93.11
N GLN B 804 -7.19 28.70 -92.71
CA GLN B 804 -8.04 29.53 -93.53
C GLN B 804 -7.28 30.78 -93.96
N VAL B 805 -7.40 31.12 -95.23
CA VAL B 805 -6.73 32.28 -95.80
C VAL B 805 -7.78 33.16 -96.46
N VAL B 806 -7.58 34.48 -96.36
CA VAL B 806 -8.49 35.41 -97.00
C VAL B 806 -8.46 35.17 -98.51
N ASP B 807 -9.64 35.06 -99.12
CA ASP B 807 -9.72 34.80 -100.55
C ASP B 807 -10.04 36.08 -101.29
N GLU B 808 -9.21 36.40 -102.28
CA GLU B 808 -9.37 37.62 -103.06
C GLU B 808 -10.65 37.60 -103.89
N ILE B 809 -11.01 36.44 -104.44
CA ILE B 809 -12.06 36.38 -105.45
C ILE B 809 -13.41 36.73 -104.84
N ASN B 810 -13.75 36.12 -103.71
CA ASN B 810 -15.08 36.26 -103.14
C ASN B 810 -15.19 37.37 -102.12
N TYR B 811 -14.13 38.15 -101.92
CA TYR B 811 -14.12 39.20 -100.91
C TYR B 811 -13.90 40.55 -101.58
N LYS B 812 -14.79 41.50 -101.29
CA LYS B 812 -14.62 42.86 -101.77
C LYS B 812 -13.52 43.55 -100.99
N ASP B 813 -13.01 44.65 -101.56
CA ASP B 813 -12.15 45.60 -100.86
C ASP B 813 -10.81 45.00 -100.44
N TYR B 814 -10.59 43.72 -100.77
CA TYR B 814 -9.32 43.09 -100.44
C TYR B 814 -8.17 43.81 -101.12
N LYS B 815 -7.09 44.04 -100.38
CA LYS B 815 -5.90 44.69 -100.89
C LYS B 815 -4.68 43.87 -100.51
N ALA B 816 -3.86 43.53 -101.50
CA ALA B 816 -2.67 42.72 -101.28
C ALA B 816 -1.52 43.63 -100.88
N VAL B 817 -1.14 43.58 -99.61
CA VAL B 817 -0.05 44.40 -99.08
C VAL B 817 1.22 43.57 -99.04
N THR B 818 2.30 44.12 -99.58
CA THR B 818 3.58 43.44 -99.54
C THR B 818 4.22 43.64 -98.18
N LEU B 819 5.19 42.78 -97.87
CA LEU B 819 5.88 42.84 -96.59
C LEU B 819 6.48 44.20 -96.26
N PRO B 820 7.12 44.93 -97.19
CA PRO B 820 7.70 46.22 -96.82
C PRO B 820 6.70 47.22 -96.27
N PHE B 821 5.41 47.08 -96.58
CA PHE B 821 4.39 48.00 -96.07
C PHE B 821 3.31 47.19 -95.36
N GLN B 822 3.52 46.86 -94.10
CA GLN B 822 2.46 46.33 -93.25
C GLN B 822 2.86 46.58 -91.81
N HIS B 823 2.16 47.40 -91.08
CA HIS B 823 2.59 47.70 -89.75
C HIS B 823 1.85 47.10 -88.63
N ASN B 824 2.40 46.13 -87.93
CA ASN B 824 1.73 45.65 -86.78
C ASN B 824 2.74 45.83 -85.76
N ASN B 825 2.34 46.01 -84.53
CA ASN B 825 3.26 46.27 -83.50
C ASN B 825 4.12 47.33 -83.94
N SER B 826 3.57 48.40 -84.40
CA SER B 826 4.35 49.40 -84.91
C SER B 826 4.77 50.26 -83.83
N GLY B 827 6.03 50.58 -83.74
CA GLY B 827 6.50 51.52 -82.76
C GLY B 827 7.10 50.81 -81.62
N PHE B 828 6.92 49.55 -81.57
CA PHE B 828 7.42 48.74 -80.47
C PHE B 828 8.34 47.61 -80.95
N THR B 829 8.75 47.64 -82.22
CA THR B 829 9.65 46.64 -82.76
C THR B 829 10.35 47.22 -83.98
N GLY B 830 11.41 46.54 -84.41
CA GLY B 830 12.22 47.04 -85.50
C GLY B 830 11.50 46.97 -86.83
N TYR B 831 11.99 47.78 -87.77
CA TYR B 831 11.40 47.83 -89.11
C TYR B 831 11.53 46.48 -89.82
N LEU B 832 12.75 46.07 -90.10
CA LEU B 832 12.96 44.85 -90.85
C LEU B 832 14.08 43.98 -90.27
N ALA B 833 14.56 44.29 -89.08
CA ALA B 833 15.64 43.54 -88.45
C ALA B 833 15.59 43.81 -86.96
N PRO B 834 16.18 42.95 -86.14
CA PRO B 834 16.31 43.27 -84.72
C PRO B 834 17.09 44.56 -84.54
N THR B 835 16.41 45.59 -84.06
CA THR B 835 16.94 46.95 -84.08
C THR B 835 16.33 47.71 -82.90
N MET B 836 16.33 49.04 -82.98
CA MET B 836 16.02 49.92 -81.86
C MET B 836 14.53 50.23 -81.74
N ARG B 837 13.66 49.28 -82.08
CA ARG B 837 12.22 49.36 -81.88
C ARG B 837 11.56 50.36 -82.82
N GLN B 838 12.33 50.97 -83.72
CA GLN B 838 11.93 52.14 -84.50
C GLN B 838 10.49 52.10 -84.95
N GLY B 839 9.80 53.22 -84.79
CA GLY B 839 8.46 53.39 -85.31
C GLY B 839 7.64 54.30 -84.43
N GLN B 840 6.33 54.25 -84.64
CA GLN B 840 5.35 54.96 -83.84
C GLN B 840 4.17 54.04 -83.60
N PRO B 841 3.44 54.24 -82.51
CA PRO B 841 2.22 53.44 -82.30
C PRO B 841 1.13 53.88 -83.25
N TYR B 842 0.37 52.90 -83.73
CA TYR B 842 -0.67 53.11 -84.73
C TYR B 842 -1.44 51.81 -84.93
N PRO B 843 -2.73 51.87 -85.29
CA PRO B 843 -3.48 50.63 -85.50
C PRO B 843 -2.86 49.78 -86.60
N ALA B 844 -2.87 48.47 -86.38
CA ALA B 844 -2.26 47.54 -87.30
C ALA B 844 -3.10 47.37 -88.56
N ASN B 845 -2.47 46.82 -89.60
CA ASN B 845 -3.16 46.63 -90.87
C ASN B 845 -2.93 45.27 -91.52
N PHE B 846 -1.88 44.54 -91.17
CA PHE B 846 -1.59 43.35 -91.97
C PHE B 846 -2.56 42.20 -91.71
N PRO B 847 -2.62 41.64 -90.49
CA PRO B 847 -3.36 40.38 -90.33
C PRO B 847 -4.86 40.58 -90.45
N TYR B 848 -5.45 40.14 -91.56
CA TYR B 848 -6.89 40.24 -91.71
C TYR B 848 -7.56 39.32 -90.69
N PRO B 849 -8.51 39.82 -89.91
CA PRO B 849 -9.16 38.97 -88.91
C PRO B 849 -9.97 37.87 -89.57
N LEU B 850 -10.05 36.74 -88.89
CA LEU B 850 -10.84 35.60 -89.36
C LEU B 850 -11.88 35.16 -88.36
N ILE B 851 -11.95 35.79 -87.19
CA ILE B 851 -12.91 35.45 -86.15
C ILE B 851 -13.63 36.73 -85.73
N GLY B 852 -14.54 36.58 -84.77
CA GLY B 852 -15.29 37.71 -84.27
C GLY B 852 -16.37 38.14 -85.24
N GLN B 853 -17.09 39.18 -84.87
CA GLN B 853 -18.15 39.69 -85.72
C GLN B 853 -17.60 40.73 -86.71
N THR B 854 -16.47 40.39 -87.31
CA THR B 854 -15.86 41.17 -88.38
C THR B 854 -15.22 40.27 -89.42
N ALA B 855 -15.35 38.95 -89.28
CA ALA B 855 -14.55 38.02 -90.05
C ALA B 855 -14.81 38.18 -91.54
N VAL B 856 -13.72 38.20 -92.30
CA VAL B 856 -13.78 38.33 -93.75
C VAL B 856 -14.05 36.95 -94.35
N PRO B 857 -14.62 36.87 -95.55
CA PRO B 857 -14.76 35.56 -96.20
C PRO B 857 -13.39 34.95 -96.43
N SER B 858 -13.34 33.62 -96.41
CA SER B 858 -12.05 32.94 -96.46
C SER B 858 -12.19 31.62 -97.19
N VAL B 859 -11.06 31.12 -97.67
CA VAL B 859 -10.97 29.82 -98.31
C VAL B 859 -10.06 28.94 -97.45
N THR B 860 -10.24 27.64 -97.57
CA THR B 860 -9.55 26.67 -96.72
C THR B 860 -8.47 25.95 -97.50
N GLN B 861 -7.28 25.89 -96.94
CA GLN B 861 -6.15 25.16 -97.52
C GLN B 861 -5.82 23.97 -96.64
N LYS B 862 -5.58 22.82 -97.25
CA LYS B 862 -5.21 21.61 -96.54
C LYS B 862 -3.91 21.06 -97.10
N LYS B 863 -3.14 20.42 -96.24
CA LYS B 863 -1.94 19.70 -96.63
C LYS B 863 -1.55 18.80 -95.47
N PHE B 864 -0.43 18.10 -95.60
CA PHE B 864 0.04 17.25 -94.52
C PHE B 864 1.56 17.10 -94.63
N LEU B 865 2.17 16.72 -93.51
CA LEU B 865 3.62 16.52 -93.44
C LEU B 865 3.85 15.11 -92.90
N CYS B 866 4.55 14.29 -93.67
CA CYS B 866 4.88 12.91 -93.29
C CYS B 866 6.36 12.70 -93.53
N ASP B 867 7.17 13.09 -92.55
CA ASP B 867 8.61 13.02 -92.66
C ASP B 867 9.15 11.81 -91.91
N ARG B 868 10.46 11.61 -92.00
CA ARG B 868 11.17 10.50 -91.35
C ARG B 868 10.68 9.15 -91.83
N VAL B 869 9.88 9.10 -92.89
CA VAL B 869 9.31 7.86 -93.38
C VAL B 869 9.38 7.84 -94.90
N MET B 870 9.31 6.64 -95.46
CA MET B 870 9.34 6.44 -96.90
C MET B 870 8.08 5.70 -97.33
N TRP B 871 7.50 6.11 -98.44
CA TRP B 871 6.30 5.46 -98.92
C TRP B 871 6.61 4.00 -99.27
N ARG B 872 5.58 3.16 -99.19
CA ARG B 872 5.76 1.75 -99.51
C ARG B 872 4.54 1.23 -100.27
N ILE B 873 4.79 0.44 -101.30
CA ILE B 873 3.73 -0.21 -102.07
C ILE B 873 4.03 -1.70 -102.10
N PRO B 874 3.51 -2.48 -101.16
CA PRO B 874 3.93 -3.89 -101.05
C PRO B 874 3.42 -4.69 -102.24
N PHE B 875 4.33 -5.43 -102.87
CA PHE B 875 3.99 -6.25 -104.03
C PHE B 875 3.28 -7.51 -103.55
N SER B 876 2.02 -7.34 -103.16
CA SER B 876 1.18 -8.44 -102.73
C SER B 876 -0.21 -8.26 -103.29
N SER B 877 -0.98 -9.35 -103.28
CA SER B 877 -2.30 -9.33 -103.90
C SER B 877 -3.22 -8.32 -103.23
N ASN B 878 -3.20 -8.28 -101.89
CA ASN B 878 -4.09 -7.42 -101.13
C ASN B 878 -3.31 -6.44 -100.26
N PHE B 879 -2.09 -6.09 -100.67
CA PHE B 879 -1.26 -5.12 -99.99
C PHE B 879 -0.98 -5.49 -98.55
N MET B 880 -1.08 -6.77 -98.22
CA MET B 880 -0.95 -7.23 -96.86
C MET B 880 0.29 -8.10 -96.71
N SER B 881 0.94 -8.00 -95.56
CA SER B 881 2.17 -8.73 -95.28
C SER B 881 1.81 -10.02 -94.56
N MET B 882 1.84 -11.13 -95.29
CA MET B 882 1.67 -12.44 -94.70
C MET B 882 2.96 -13.22 -94.60
N GLY B 883 4.02 -12.78 -95.27
CA GLY B 883 5.29 -13.47 -95.20
C GLY B 883 6.32 -12.73 -96.03
N ALA B 884 7.55 -13.23 -95.96
CA ALA B 884 8.63 -12.62 -96.72
C ALA B 884 8.41 -12.81 -98.22
N LEU B 885 8.15 -14.04 -98.65
CA LEU B 885 7.90 -14.33 -100.06
C LEU B 885 6.46 -14.02 -100.39
N THR B 886 6.23 -12.91 -101.07
CA THR B 886 4.87 -12.49 -101.37
C THR B 886 4.19 -13.46 -102.33
N ASP B 887 2.86 -13.49 -102.26
CA ASP B 887 2.11 -14.41 -103.12
C ASP B 887 2.30 -14.09 -104.58
N LEU B 888 2.27 -12.81 -104.94
CA LEU B 888 2.43 -12.43 -106.34
C LEU B 888 3.86 -12.70 -106.82
N GLY B 889 4.85 -12.44 -105.99
CA GLY B 889 6.22 -12.72 -106.37
C GLY B 889 6.54 -14.20 -106.33
N GLN B 890 5.61 -14.99 -105.81
CA GLN B 890 5.83 -16.43 -105.72
C GLN B 890 5.44 -17.12 -107.03
N ASN B 891 4.68 -16.43 -107.88
CA ASN B 891 4.26 -17.03 -109.15
C ASN B 891 5.42 -17.08 -110.13
N MET B 892 6.19 -16.00 -110.22
CA MET B 892 7.28 -15.92 -111.18
C MET B 892 8.58 -16.53 -110.67
N LEU B 893 8.51 -17.43 -109.68
CA LEU B 893 9.72 -17.96 -109.08
C LEU B 893 10.44 -18.90 -110.03
N TYR B 894 9.77 -19.97 -110.46
CA TYR B 894 10.39 -20.93 -111.36
C TYR B 894 10.06 -20.70 -112.82
N ALA B 895 9.15 -19.77 -113.13
CA ALA B 895 8.96 -19.37 -114.50
C ALA B 895 10.14 -18.51 -114.95
N ASN B 896 10.58 -18.71 -116.19
CA ASN B 896 11.70 -17.97 -116.75
C ASN B 896 11.23 -16.80 -117.61
N SER B 897 10.12 -16.18 -117.25
CA SER B 897 9.66 -14.99 -117.94
C SER B 897 10.57 -13.82 -117.62
N ALA B 898 10.27 -12.67 -118.23
CA ALA B 898 11.02 -11.45 -117.96
C ALA B 898 10.12 -10.27 -118.28
N HIS B 899 9.51 -9.69 -117.24
CA HIS B 899 8.67 -8.54 -117.45
C HIS B 899 9.51 -7.29 -117.64
N ALA B 900 8.86 -6.22 -118.09
CA ALA B 900 9.45 -4.90 -118.13
C ALA B 900 8.61 -3.97 -117.26
N LEU B 901 9.26 -3.04 -116.59
CA LEU B 901 8.58 -2.18 -115.63
C LEU B 901 8.67 -0.73 -116.07
N ASP B 902 7.52 -0.08 -116.18
CA ASP B 902 7.43 1.34 -116.47
C ASP B 902 6.66 2.02 -115.35
N MET B 903 7.19 3.14 -114.89
CA MET B 903 6.55 3.88 -113.81
C MET B 903 6.62 5.37 -114.11
N THR B 904 5.50 6.06 -113.91
CA THR B 904 5.42 7.50 -114.12
C THR B 904 5.10 8.17 -112.79
N PHE B 905 5.98 9.06 -112.36
CA PHE B 905 5.79 9.82 -111.15
C PHE B 905 5.45 11.26 -111.49
N GLU B 906 4.43 11.78 -110.82
CA GLU B 906 4.03 13.18 -110.93
C GLU B 906 4.14 13.77 -109.54
N VAL B 907 5.06 14.71 -109.34
CA VAL B 907 5.40 15.06 -107.97
C VAL B 907 5.04 16.50 -107.61
N ASP B 908 5.77 17.48 -108.15
CA ASP B 908 5.60 18.86 -107.75
C ASP B 908 6.54 19.78 -108.52
N PRO B 909 6.22 21.04 -108.68
CA PRO B 909 7.16 21.99 -109.28
C PRO B 909 8.13 22.58 -108.25
N MET B 910 9.11 21.78 -107.86
CA MET B 910 10.14 22.25 -106.92
C MET B 910 11.06 23.26 -107.60
N ASP B 911 11.75 24.05 -106.79
CA ASP B 911 12.64 25.06 -107.34
C ASP B 911 14.06 24.54 -107.54
N GLU B 912 14.49 23.57 -106.74
CA GLU B 912 15.85 23.06 -106.81
C GLU B 912 15.88 21.67 -107.44
N PRO B 913 16.96 21.31 -108.11
CA PRO B 913 17.06 19.95 -108.67
C PRO B 913 16.96 18.92 -107.56
N THR B 914 16.27 17.82 -107.86
CA THR B 914 16.00 16.79 -106.87
C THR B 914 16.15 15.43 -107.53
N LEU B 915 16.30 14.40 -106.68
CA LEU B 915 16.39 13.03 -107.12
C LEU B 915 15.21 12.24 -106.56
N LEU B 916 14.81 11.20 -107.29
CA LEU B 916 13.77 10.30 -106.84
C LEU B 916 14.46 9.03 -106.34
N TYR B 917 14.66 8.95 -105.03
CA TYR B 917 15.33 7.80 -104.43
C TYR B 917 14.33 6.66 -104.33
N LEU B 918 14.51 5.64 -105.15
CA LEU B 918 13.57 4.54 -105.27
C LEU B 918 14.24 3.24 -104.88
N LEU B 919 13.52 2.40 -104.14
CA LEU B 919 14.01 1.11 -103.68
C LEU B 919 13.16 0.00 -104.27
N PHE B 920 13.81 -1.06 -104.72
CA PHE B 920 13.12 -2.27 -105.15
C PHE B 920 13.45 -3.36 -104.13
N GLU B 921 12.48 -3.70 -103.30
CA GLU B 921 12.70 -4.74 -102.31
C GLU B 921 13.06 -6.05 -102.99
N VAL B 922 14.13 -6.68 -102.51
CA VAL B 922 14.69 -7.88 -103.10
C VAL B 922 15.01 -8.86 -101.99
N PHE B 923 15.64 -9.97 -102.36
CA PHE B 923 16.21 -10.92 -101.41
C PHE B 923 17.71 -11.01 -101.64
N ASP B 924 18.48 -10.30 -100.83
CA ASP B 924 19.94 -10.41 -100.87
C ASP B 924 20.39 -11.17 -99.63
N VAL B 925 20.94 -12.37 -99.86
CA VAL B 925 21.39 -13.23 -98.78
C VAL B 925 22.82 -13.66 -99.08
N VAL B 926 23.35 -14.51 -98.20
CA VAL B 926 24.72 -14.98 -98.31
C VAL B 926 24.85 -16.26 -97.51
N ARG B 927 25.48 -17.27 -98.08
CA ARG B 927 25.83 -18.50 -97.36
C ARG B 927 27.33 -18.52 -97.16
N VAL B 928 27.76 -18.85 -95.95
CA VAL B 928 29.15 -18.71 -95.55
C VAL B 928 29.72 -20.09 -95.29
N HIS B 929 30.48 -20.61 -96.25
CA HIS B 929 31.17 -21.89 -96.07
C HIS B 929 32.50 -21.67 -95.35
N GLN B 930 32.79 -22.57 -94.40
CA GLN B 930 34.08 -22.59 -93.72
C GLN B 930 34.58 -24.02 -93.64
N PRO B 931 34.98 -24.60 -94.77
CA PRO B 931 35.38 -26.01 -94.78
C PRO B 931 36.58 -26.31 -93.90
N HIS B 932 37.68 -25.61 -94.12
CA HIS B 932 38.93 -25.87 -93.42
C HIS B 932 39.40 -24.60 -92.71
N ARG B 933 40.32 -24.77 -91.76
CA ARG B 933 40.82 -23.64 -91.01
C ARG B 933 41.45 -22.61 -91.94
N GLY B 934 41.08 -21.35 -91.74
CA GLY B 934 41.57 -20.29 -92.60
C GLY B 934 40.91 -20.21 -93.95
N VAL B 935 39.86 -20.99 -94.19
CA VAL B 935 39.13 -20.99 -95.45
C VAL B 935 37.73 -20.50 -95.19
N ILE B 936 37.37 -19.39 -95.83
CA ILE B 936 36.02 -18.82 -95.71
C ILE B 936 35.54 -18.44 -97.10
N GLU B 937 34.35 -18.93 -97.47
CA GLU B 937 33.77 -18.67 -98.78
C GLU B 937 32.34 -18.20 -98.61
N ALA B 938 31.96 -17.20 -99.37
CA ALA B 938 30.63 -16.61 -99.29
C ALA B 938 29.95 -16.70 -100.65
N VAL B 939 28.68 -17.05 -100.66
CA VAL B 939 27.89 -17.18 -101.88
C VAL B 939 26.73 -16.22 -101.79
N TYR B 940 26.83 -15.08 -102.47
CA TYR B 940 25.81 -14.04 -102.45
C TYR B 940 24.75 -14.33 -103.50
N LEU B 941 23.59 -13.69 -103.33
CA LEU B 941 22.47 -13.94 -104.23
C LEU B 941 21.44 -12.84 -104.05
N ARG B 942 21.10 -12.15 -105.12
CA ARG B 942 19.95 -11.25 -105.18
C ARG B 942 19.07 -11.69 -106.33
N THR B 943 17.81 -12.03 -106.03
CA THR B 943 17.00 -12.68 -107.04
C THR B 943 16.37 -11.71 -108.04
N PRO B 944 15.73 -10.61 -107.62
CA PRO B 944 15.15 -9.71 -108.63
C PRO B 944 16.21 -8.96 -109.42
N PHE B 945 17.22 -8.41 -108.75
CA PHE B 945 18.33 -7.73 -109.41
C PHE B 945 19.54 -8.65 -109.27
N SER B 946 19.74 -9.51 -110.25
CA SER B 946 20.72 -10.59 -110.13
C SER B 946 22.11 -10.04 -109.85
N ALA B 947 22.83 -10.72 -108.95
CA ALA B 947 24.16 -10.29 -108.54
C ALA B 947 25.16 -11.44 -108.49
N GLY B 948 24.82 -12.60 -109.06
CA GLY B 948 25.78 -13.67 -109.21
C GLY B 948 26.07 -14.45 -107.95
N ASN B 949 26.55 -15.68 -108.11
CA ASN B 949 26.84 -16.59 -107.01
C ASN B 949 28.30 -16.49 -106.56
N ALA B 950 28.89 -15.32 -106.64
CA ALA B 950 30.27 -15.11 -106.20
C ALA B 950 30.43 -15.46 -104.74
N PRO C 4 -31.94 -23.85 -62.86
CA PRO C 4 -32.79 -24.74 -63.65
C PRO C 4 -32.13 -25.20 -64.94
N SER C 5 -31.33 -26.27 -64.85
CA SER C 5 -30.59 -26.80 -65.99
C SER C 5 -29.77 -25.71 -66.67
N MET C 6 -29.14 -24.87 -65.86
CA MET C 6 -28.38 -23.70 -66.30
C MET C 6 -29.25 -22.68 -67.02
N MET C 7 -30.57 -22.71 -66.79
CA MET C 7 -31.48 -21.73 -67.39
C MET C 7 -31.28 -21.68 -68.90
N PRO C 8 -31.81 -22.65 -69.66
CA PRO C 8 -31.33 -22.83 -71.03
C PRO C 8 -31.68 -21.67 -71.94
N GLN C 9 -31.36 -20.48 -71.48
CA GLN C 9 -31.32 -19.27 -72.28
C GLN C 9 -30.03 -18.50 -72.07
N TRP C 10 -29.41 -18.64 -70.90
CA TRP C 10 -28.03 -18.22 -70.75
C TRP C 10 -27.11 -19.06 -71.62
N ALA C 11 -27.36 -20.36 -71.69
CA ALA C 11 -26.57 -21.22 -72.56
C ALA C 11 -26.76 -20.85 -74.02
N TYR C 12 -27.99 -20.51 -74.40
CA TYR C 12 -28.23 -20.13 -75.79
C TYR C 12 -27.61 -18.78 -76.11
N MET C 13 -27.53 -17.89 -75.12
CA MET C 13 -26.94 -16.58 -75.32
C MET C 13 -25.48 -16.50 -74.89
N HIS C 14 -24.89 -17.63 -74.49
CA HIS C 14 -23.48 -17.68 -74.08
C HIS C 14 -23.20 -16.77 -72.89
N ILE C 15 -24.15 -16.66 -71.97
CA ILE C 15 -23.86 -16.04 -70.69
C ILE C 15 -23.22 -17.06 -69.75
N ALA C 16 -23.55 -18.34 -69.93
CA ALA C 16 -22.96 -19.41 -69.17
C ALA C 16 -23.03 -20.68 -70.00
N GLY C 17 -22.00 -21.52 -69.89
CA GLY C 17 -22.02 -22.78 -70.59
C GLY C 17 -20.72 -23.10 -71.31
N GLN C 18 -20.83 -23.57 -72.55
CA GLN C 18 -19.66 -23.96 -73.32
C GLN C 18 -18.88 -22.75 -73.79
N ASP C 19 -17.56 -22.89 -73.82
CA ASP C 19 -16.69 -21.83 -74.27
C ASP C 19 -16.81 -21.65 -75.79
N ALA C 20 -16.34 -20.50 -76.27
CA ALA C 20 -16.44 -20.20 -77.69
C ALA C 20 -15.65 -21.19 -78.52
N SER C 21 -14.47 -21.57 -78.06
CA SER C 21 -13.68 -22.57 -78.76
C SER C 21 -14.30 -23.95 -78.75
N GLU C 22 -15.49 -24.10 -78.17
CA GLU C 22 -16.10 -25.40 -78.00
C GLU C 22 -17.45 -25.54 -78.66
N TYR C 23 -18.31 -24.53 -78.57
CA TYR C 23 -19.63 -24.67 -79.18
C TYR C 23 -19.62 -24.41 -80.67
N LEU C 24 -18.66 -23.64 -81.18
CA LEU C 24 -18.50 -23.51 -82.61
C LEU C 24 -18.14 -24.87 -83.21
N SER C 25 -18.52 -25.06 -84.46
CA SER C 25 -18.22 -26.33 -85.12
C SER C 25 -16.72 -26.44 -85.33
N PRO C 26 -16.10 -27.52 -84.89
CA PRO C 26 -14.67 -27.70 -85.15
C PRO C 26 -14.41 -27.73 -86.64
N GLY C 27 -13.73 -26.72 -87.14
CA GLY C 27 -13.66 -26.49 -88.56
C GLY C 27 -13.84 -25.02 -88.85
N LEU C 28 -14.64 -24.36 -88.02
CA LEU C 28 -14.65 -22.90 -88.04
C LEU C 28 -13.61 -22.35 -87.08
N VAL C 29 -13.53 -22.90 -85.87
CA VAL C 29 -12.47 -22.52 -84.96
C VAL C 29 -11.12 -22.90 -85.55
N GLN C 30 -11.07 -24.03 -86.26
CA GLN C 30 -9.86 -24.38 -87.00
C GLN C 30 -9.57 -23.37 -88.09
N PHE C 31 -10.61 -22.90 -88.78
CA PHE C 31 -10.41 -21.91 -89.83
C PHE C 31 -9.85 -20.62 -89.26
N ALA C 32 -10.52 -20.07 -88.24
CA ALA C 32 -10.04 -18.82 -87.65
C ALA C 32 -8.71 -19.00 -86.94
N ARG C 33 -8.35 -20.25 -86.64
CA ARG C 33 -7.04 -20.51 -86.06
C ARG C 33 -5.93 -20.30 -87.08
N ALA C 34 -6.14 -20.76 -88.32
CA ALA C 34 -5.10 -20.65 -89.34
C ALA C 34 -4.96 -19.21 -89.82
N THR C 35 -6.02 -18.67 -90.41
CA THR C 35 -5.99 -17.29 -90.91
C THR C 35 -6.22 -16.33 -89.74
N ASP C 36 -5.26 -16.35 -88.81
CA ASP C 36 -5.32 -15.51 -87.63
C ASP C 36 -4.46 -14.27 -87.73
N THR C 37 -3.30 -14.36 -88.39
CA THR C 37 -2.45 -13.20 -88.58
C THR C 37 -3.19 -12.11 -89.36
N TYR C 38 -3.90 -12.49 -90.41
CA TYR C 38 -4.71 -11.58 -91.20
C TYR C 38 -6.16 -12.00 -91.08
N PHE C 39 -7.06 -11.02 -91.00
CA PHE C 39 -8.50 -11.28 -91.00
C PHE C 39 -8.90 -12.21 -89.86
N SER C 40 -8.74 -11.69 -88.64
CA SER C 40 -9.05 -12.45 -87.45
C SER C 40 -10.56 -12.50 -87.21
N LEU C 41 -11.01 -13.60 -86.61
CA LEU C 41 -12.41 -13.78 -86.22
C LEU C 41 -12.58 -13.93 -84.72
N GLY C 42 -11.56 -13.58 -83.94
CA GLY C 42 -11.62 -13.85 -82.51
C GLY C 42 -12.68 -13.03 -81.79
N ASN C 43 -12.87 -11.78 -82.20
CA ASN C 43 -13.67 -10.84 -81.42
C ASN C 43 -15.15 -10.87 -81.77
N LYS C 44 -15.59 -11.81 -82.61
CA LYS C 44 -17.01 -11.92 -82.90
C LYS C 44 -17.73 -12.81 -81.88
N PHE C 45 -17.27 -14.05 -81.73
CA PHE C 45 -17.92 -14.98 -80.82
C PHE C 45 -17.46 -14.74 -79.38
N ARG C 46 -18.41 -14.79 -78.46
CA ARG C 46 -18.14 -14.56 -77.05
C ARG C 46 -18.31 -15.83 -76.25
N ASN C 47 -17.54 -15.94 -75.17
CA ASN C 47 -17.51 -17.13 -74.34
C ASN C 47 -17.78 -16.77 -72.89
N PRO C 48 -18.42 -17.67 -72.16
CA PRO C 48 -18.76 -17.37 -70.77
C PRO C 48 -17.53 -17.35 -69.86
N THR C 49 -17.68 -16.65 -68.74
CA THR C 49 -16.63 -16.51 -67.74
C THR C 49 -17.23 -16.70 -66.35
N VAL C 50 -17.99 -17.78 -66.16
CA VAL C 50 -18.70 -17.99 -64.91
C VAL C 50 -17.71 -18.15 -63.76
N ALA C 51 -18.09 -17.61 -62.62
CA ALA C 51 -17.30 -17.66 -61.39
C ALA C 51 -17.64 -18.90 -60.58
N PRO C 52 -16.73 -19.35 -59.72
CA PRO C 52 -17.03 -20.50 -58.88
C PRO C 52 -18.09 -20.14 -57.84
N THR C 53 -18.81 -21.16 -57.40
CA THR C 53 -19.97 -20.93 -56.55
C THR C 53 -19.88 -21.62 -55.19
N HIS C 54 -19.36 -22.85 -55.14
CA HIS C 54 -19.53 -23.65 -53.94
C HIS C 54 -18.57 -23.23 -52.82
N ASP C 55 -17.27 -23.36 -53.04
CA ASP C 55 -16.32 -23.26 -51.96
C ASP C 55 -15.30 -22.15 -52.15
N VAL C 56 -15.77 -20.95 -52.49
CA VAL C 56 -14.89 -19.80 -52.64
C VAL C 56 -15.18 -18.71 -51.62
N THR C 57 -16.33 -18.73 -50.95
CA THR C 57 -16.62 -17.75 -49.93
C THR C 57 -17.65 -18.33 -48.97
N THR C 58 -17.47 -18.07 -47.68
CA THR C 58 -18.30 -18.65 -46.65
C THR C 58 -19.61 -17.88 -46.52
N ASP C 59 -20.42 -18.27 -45.54
CA ASP C 59 -21.67 -17.58 -45.24
C ASP C 59 -21.80 -17.17 -43.78
N ARG C 60 -20.93 -17.64 -42.90
CA ARG C 60 -20.94 -17.17 -41.53
C ARG C 60 -20.62 -15.69 -41.50
N SER C 61 -21.26 -14.98 -40.56
CA SER C 61 -21.04 -13.54 -40.44
C SER C 61 -19.68 -13.33 -39.80
N GLN C 62 -18.67 -13.05 -40.62
CA GLN C 62 -17.32 -12.81 -40.12
C GLN C 62 -16.76 -11.55 -40.77
N ARG C 63 -15.85 -10.90 -40.06
CA ARG C 63 -15.28 -9.64 -40.52
C ARG C 63 -14.45 -9.85 -41.78
N LEU C 64 -14.08 -8.73 -42.40
CA LEU C 64 -13.21 -8.74 -43.56
C LEU C 64 -11.85 -8.14 -43.27
N THR C 65 -11.80 -7.08 -42.47
CA THR C 65 -10.55 -6.44 -42.09
C THR C 65 -10.59 -6.15 -40.60
N LEU C 66 -9.80 -6.89 -39.83
CA LEU C 66 -9.76 -6.73 -38.39
C LEU C 66 -8.93 -5.51 -38.01
N ARG C 67 -8.85 -5.26 -36.71
CA ARG C 67 -8.09 -4.16 -36.15
C ARG C 67 -7.66 -4.52 -34.75
N PHE C 68 -6.35 -4.58 -34.52
CA PHE C 68 -5.80 -4.97 -33.24
C PHE C 68 -5.25 -3.75 -32.53
N VAL C 69 -5.58 -3.62 -31.26
CA VAL C 69 -5.13 -2.50 -30.43
C VAL C 69 -4.05 -3.04 -29.49
N PRO C 70 -2.93 -2.35 -29.32
CA PRO C 70 -1.82 -2.92 -28.55
C PRO C 70 -2.22 -3.28 -27.14
N VAL C 71 -1.70 -4.42 -26.66
CA VAL C 71 -1.98 -4.87 -25.31
C VAL C 71 -0.95 -4.37 -24.31
N ASP C 72 0.10 -3.69 -24.77
CA ASP C 72 1.11 -3.14 -23.88
C ASP C 72 1.95 -2.14 -24.65
N ARG C 73 2.14 -0.97 -24.08
CA ARG C 73 2.92 0.09 -24.69
C ARG C 73 4.16 0.37 -23.84
N GLU C 74 5.15 1.01 -24.46
CA GLU C 74 6.36 1.40 -23.73
C GLU C 74 6.97 2.57 -24.48
N ALA C 75 6.75 3.77 -23.97
CA ALA C 75 7.23 4.99 -24.61
C ALA C 75 8.44 5.50 -23.84
N THR C 76 9.63 5.16 -24.32
CA THR C 76 10.85 5.71 -23.76
C THR C 76 11.14 7.07 -24.38
N THR C 77 12.35 7.58 -24.17
CA THR C 77 12.69 8.90 -24.68
C THR C 77 12.74 8.93 -26.19
N TYR C 78 13.07 7.81 -26.83
CA TYR C 78 13.21 7.77 -28.28
C TYR C 78 12.64 6.51 -28.92
N LEU C 79 11.94 5.67 -28.17
CA LEU C 79 11.44 4.39 -28.68
C LEU C 79 10.04 4.17 -28.17
N TYR C 80 9.16 3.66 -29.02
CA TYR C 80 7.77 3.42 -28.68
C TYR C 80 7.43 1.97 -29.01
N LYS C 81 7.70 1.06 -28.08
CA LYS C 81 7.44 -0.35 -28.28
C LYS C 81 5.97 -0.64 -28.06
N ALA C 82 5.34 -1.29 -29.03
CA ALA C 82 3.93 -1.66 -28.94
C ALA C 82 3.78 -3.14 -29.22
N ARG C 83 3.01 -3.82 -28.39
CA ARG C 83 2.84 -5.27 -28.49
C ARG C 83 1.39 -5.61 -28.75
N PHE C 84 1.15 -6.42 -29.78
CA PHE C 84 -0.19 -6.88 -30.13
C PHE C 84 -0.26 -8.38 -29.97
N THR C 85 -1.47 -8.90 -29.83
CA THR C 85 -1.72 -10.34 -29.86
C THR C 85 -2.51 -10.62 -31.12
N LEU C 86 -1.80 -10.78 -32.22
CA LEU C 86 -2.42 -11.13 -33.50
C LEU C 86 -2.96 -12.54 -33.40
N ALA C 87 -4.29 -12.68 -33.37
CA ALA C 87 -4.95 -13.97 -33.26
C ALA C 87 -5.71 -14.25 -34.54
N VAL C 88 -5.42 -15.39 -35.17
CA VAL C 88 -5.93 -15.71 -36.48
C VAL C 88 -7.21 -16.55 -36.40
N GLY C 89 -7.75 -16.76 -35.22
CA GLY C 89 -8.98 -17.52 -35.14
C GLY C 89 -8.77 -18.96 -35.58
N ASP C 90 -9.82 -19.55 -36.14
CA ASP C 90 -9.76 -20.92 -36.63
C ASP C 90 -10.34 -20.96 -38.03
N ASN C 91 -9.84 -21.91 -38.82
CA ASN C 91 -10.13 -22.05 -40.25
C ASN C 91 -10.21 -20.70 -40.94
N ARG C 92 -9.26 -19.83 -40.65
CA ARG C 92 -9.06 -18.58 -41.37
C ARG C 92 -7.57 -18.41 -41.59
N VAL C 93 -7.17 -18.05 -42.79
CA VAL C 93 -5.77 -17.97 -43.17
C VAL C 93 -5.44 -16.51 -43.49
N LEU C 94 -4.46 -15.96 -42.78
CA LEU C 94 -4.06 -14.58 -42.93
C LEU C 94 -2.77 -14.48 -43.72
N ASP C 95 -2.79 -13.71 -44.79
CA ASP C 95 -1.58 -13.42 -45.55
C ASP C 95 -0.90 -12.22 -44.91
N MET C 96 0.30 -12.44 -44.38
CA MET C 96 0.96 -11.43 -43.58
C MET C 96 1.33 -10.18 -44.37
N ALA C 97 1.28 -10.23 -45.70
CA ALA C 97 1.57 -9.04 -46.48
C ALA C 97 0.54 -7.95 -46.25
N SER C 98 -0.67 -8.32 -45.84
CA SER C 98 -1.76 -7.36 -45.63
C SER C 98 -1.84 -6.93 -44.17
N THR C 99 -0.73 -6.48 -43.59
CA THR C 99 -0.72 -5.94 -42.24
C THR C 99 0.14 -4.69 -42.23
N TYR C 100 -0.36 -3.64 -41.59
CA TYR C 100 0.35 -2.38 -41.59
C TYR C 100 0.00 -1.57 -40.36
N PHE C 101 1.01 -1.17 -39.60
CA PHE C 101 0.82 -0.27 -38.49
C PHE C 101 0.37 1.08 -39.02
N ASP C 102 -0.47 1.77 -38.24
CA ASP C 102 -1.05 3.04 -38.66
C ASP C 102 -0.79 4.11 -37.60
N ILE C 103 0.48 4.28 -37.24
CA ILE C 103 0.87 5.27 -36.25
C ILE C 103 0.19 6.60 -36.55
N ARG C 104 -0.28 7.27 -35.49
CA ARG C 104 -0.97 8.54 -35.63
C ARG C 104 -0.62 9.44 -34.46
N GLY C 105 -0.01 10.57 -34.75
CA GLY C 105 0.36 11.50 -33.71
C GLY C 105 0.23 12.91 -34.18
N VAL C 106 1.15 13.75 -33.72
CA VAL C 106 1.23 15.13 -34.17
C VAL C 106 2.70 15.55 -34.14
N LEU C 107 3.25 15.88 -35.30
CA LEU C 107 4.63 16.31 -35.40
C LEU C 107 4.68 17.82 -35.54
N ASP C 108 5.91 18.34 -35.50
CA ASP C 108 6.14 19.78 -35.58
C ASP C 108 7.48 20.01 -36.26
N ARG C 109 7.45 20.37 -37.53
CA ARG C 109 8.66 20.81 -38.20
C ARG C 109 9.15 22.10 -37.56
N GLY C 110 10.46 22.21 -37.39
CA GLY C 110 11.02 23.32 -36.66
C GLY C 110 10.88 24.63 -37.40
N PRO C 111 11.50 25.68 -36.87
CA PRO C 111 11.52 26.97 -37.58
C PRO C 111 12.18 26.88 -38.94
N SER C 112 13.05 25.89 -39.15
CA SER C 112 13.75 25.73 -40.42
C SER C 112 12.81 25.41 -41.57
N PHE C 113 11.58 25.01 -41.29
CA PHE C 113 10.68 24.58 -42.35
C PHE C 113 10.23 25.76 -43.20
N LYS C 114 10.41 25.65 -44.51
CA LYS C 114 9.91 26.62 -45.46
C LYS C 114 9.77 25.94 -46.81
N PRO C 115 8.56 25.53 -47.18
CA PRO C 115 8.38 24.69 -48.37
C PRO C 115 8.20 25.44 -49.68
N TYR C 116 8.25 26.76 -49.69
CA TYR C 116 8.08 27.53 -50.90
C TYR C 116 9.29 28.40 -51.13
N SER C 117 9.85 28.35 -52.34
CA SER C 117 10.99 29.17 -52.69
C SER C 117 10.50 30.56 -53.07
N GLY C 118 11.06 31.58 -52.42
CA GLY C 118 10.67 32.94 -52.69
C GLY C 118 9.99 33.59 -51.50
N THR C 119 9.01 34.45 -51.77
CA THR C 119 8.32 35.19 -50.72
C THR C 119 6.83 35.20 -51.01
N ALA C 120 6.05 35.48 -49.98
CA ALA C 120 4.61 35.57 -50.11
C ALA C 120 4.07 36.99 -49.94
N TYR C 121 4.85 37.90 -49.37
CA TYR C 121 4.37 39.24 -49.04
C TYR C 121 5.11 40.26 -49.90
N ASN C 122 4.35 41.04 -50.65
CA ASN C 122 4.90 42.06 -51.55
C ASN C 122 5.97 41.45 -52.45
N SER C 123 5.67 40.27 -53.00
CA SER C 123 6.65 39.57 -53.81
C SER C 123 7.04 40.38 -55.04
N LEU C 124 6.15 41.21 -55.55
CA LEU C 124 6.45 42.00 -56.73
C LEU C 124 7.24 43.27 -56.43
N ALA C 125 7.37 43.63 -55.16
CA ALA C 125 8.13 44.82 -54.81
C ALA C 125 9.60 44.62 -55.11
N PRO C 126 10.31 45.67 -55.51
CA PRO C 126 11.75 45.53 -55.76
C PRO C 126 12.49 45.11 -54.50
N LYS C 127 13.50 44.26 -54.67
CA LYS C 127 14.29 43.79 -53.54
C LYS C 127 15.18 44.94 -53.08
N GLY C 128 14.61 45.79 -52.24
CA GLY C 128 15.32 46.95 -51.77
C GLY C 128 14.43 48.17 -51.65
N ALA C 129 13.17 48.03 -52.05
CA ALA C 129 12.24 49.13 -51.91
C ALA C 129 11.89 49.32 -50.44
N PRO C 130 12.21 50.47 -49.85
CA PRO C 130 11.95 50.65 -48.43
C PRO C 130 10.48 50.92 -48.15
N ASN C 131 10.02 50.44 -47.02
CA ASN C 131 8.67 50.75 -46.58
C ASN C 131 8.57 52.23 -46.27
N PRO C 132 7.44 52.86 -46.59
CA PRO C 132 7.28 54.28 -46.23
C PRO C 132 7.27 54.46 -44.73
N SER C 133 8.33 55.08 -44.20
CA SER C 133 8.53 55.11 -42.76
C SER C 133 9.22 56.43 -42.39
N GLN C 134 9.77 56.47 -41.18
CA GLN C 134 10.37 57.67 -40.64
C GLN C 134 11.53 57.29 -39.75
N TRP C 135 12.42 58.25 -39.50
CA TRP C 135 13.66 57.98 -38.78
C TRP C 135 14.13 59.25 -38.09
N GLU C 136 13.96 59.30 -36.77
CA GLU C 136 14.37 60.47 -36.00
C GLU C 136 15.86 60.74 -36.20
N THR C 137 16.20 62.01 -36.39
CA THR C 137 17.58 62.36 -36.73
C THR C 137 17.83 63.82 -36.38
N LYS C 138 19.05 64.26 -36.67
CA LYS C 138 19.48 65.64 -36.49
C LYS C 138 19.63 66.30 -37.86
N GLU C 139 19.05 67.48 -38.01
CA GLU C 139 19.15 68.23 -39.25
C GLU C 139 19.95 69.51 -39.02
N LYS C 140 20.92 69.76 -39.88
CA LYS C 140 21.76 70.94 -39.79
C LYS C 140 20.99 72.16 -40.27
N GLN C 141 20.95 73.20 -39.45
CA GLN C 141 20.22 74.42 -39.79
C GLN C 141 20.92 75.62 -39.17
N GLY C 142 20.23 76.76 -39.10
CA GLY C 142 20.80 77.93 -38.47
C GLY C 142 21.71 78.71 -39.40
N THR C 143 21.77 80.02 -39.16
CA THR C 143 22.60 80.88 -40.00
C THR C 143 24.08 80.52 -39.87
N THR C 144 24.52 80.27 -38.63
CA THR C 144 25.90 79.88 -38.35
C THR C 144 25.94 78.59 -37.54
N GLY C 145 24.97 77.71 -37.77
CA GLY C 145 24.89 76.45 -37.06
C GLY C 145 23.71 76.40 -36.10
N GLY C 146 22.63 75.77 -36.52
CA GLY C 146 21.43 75.64 -35.71
C GLY C 146 20.91 74.22 -35.72
N VAL C 147 21.80 73.24 -35.70
CA VAL C 147 21.41 71.83 -35.77
C VAL C 147 20.41 71.53 -34.67
N GLN C 148 19.29 70.90 -35.03
CA GLN C 148 18.20 70.65 -34.11
C GLN C 148 17.70 69.23 -34.33
N GLN C 149 17.84 68.38 -33.33
CA GLN C 149 17.42 66.99 -33.42
C GLN C 149 15.92 66.91 -33.15
N GLU C 150 15.14 66.81 -34.21
CA GLU C 150 13.68 66.73 -34.12
C GLU C 150 13.19 65.77 -35.21
N LYS C 151 11.90 65.79 -35.46
CA LYS C 151 11.34 64.98 -36.53
C LYS C 151 11.74 65.59 -37.88
N ASP C 152 13.02 65.46 -38.19
CA ASP C 152 13.72 66.05 -39.32
C ASP C 152 13.43 65.23 -40.57
N VAL C 153 14.39 65.15 -41.49
CA VAL C 153 14.27 64.44 -42.77
C VAL C 153 13.52 63.11 -42.62
N THR C 154 13.29 62.68 -41.38
CA THR C 154 12.36 61.62 -41.04
C THR C 154 11.07 61.76 -41.83
N LYS C 155 10.36 60.63 -42.02
CA LYS C 155 9.25 60.52 -42.95
C LYS C 155 9.75 60.75 -44.38
N THR C 156 10.98 60.29 -44.63
CA THR C 156 11.63 60.50 -45.91
C THR C 156 10.88 59.83 -47.04
N PHE C 157 10.24 58.70 -46.77
CA PHE C 157 9.42 58.03 -47.76
C PHE C 157 8.00 57.93 -47.23
N GLY C 158 7.08 58.57 -47.93
CA GLY C 158 5.70 58.65 -47.50
C GLY C 158 4.73 58.50 -48.65
N VAL C 159 5.01 57.60 -49.58
CA VAL C 159 4.30 57.54 -50.86
C VAL C 159 2.80 57.64 -50.65
N ALA C 160 2.19 58.62 -51.29
CA ALA C 160 0.79 58.96 -51.09
C ALA C 160 0.03 58.70 -52.38
N ALA C 161 -0.92 57.78 -52.33
CA ALA C 161 -1.67 57.37 -53.52
C ALA C 161 -3.05 58.01 -53.57
N THR C 162 -3.87 57.78 -52.54
CA THR C 162 -5.24 58.26 -52.57
C THR C 162 -5.28 59.77 -52.40
N GLY C 163 -6.25 60.41 -53.06
CA GLY C 163 -6.43 61.83 -52.99
C GLY C 163 -7.82 62.19 -52.49
N GLY C 164 -8.00 63.47 -52.19
CA GLY C 164 -9.25 63.94 -51.63
C GLY C 164 -9.55 65.36 -52.05
N ILE C 165 -10.78 65.78 -51.72
CA ILE C 165 -11.24 67.11 -52.13
C ILE C 165 -10.45 68.20 -51.41
N ASN C 166 -10.34 68.09 -50.09
CA ASN C 166 -9.69 69.14 -49.32
C ASN C 166 -9.22 68.57 -47.99
N ILE C 167 -8.07 69.04 -47.53
CA ILE C 167 -7.48 68.57 -46.27
C ILE C 167 -7.95 69.50 -45.16
N THR C 168 -8.47 68.89 -44.09
CA THR C 168 -8.89 69.62 -42.89
C THR C 168 -8.09 69.13 -41.70
N ASN C 169 -8.33 69.75 -40.55
CA ASN C 169 -7.67 69.37 -39.32
C ASN C 169 -8.16 68.04 -38.76
N GLN C 170 -9.02 67.32 -39.49
CA GLN C 170 -9.50 66.02 -39.07
C GLN C 170 -8.97 64.88 -39.93
N GLY C 171 -8.92 65.05 -41.24
CA GLY C 171 -8.47 63.99 -42.13
C GLY C 171 -8.31 64.44 -43.56
N LEU C 172 -8.73 63.60 -44.51
CA LEU C 172 -8.55 63.90 -45.92
C LEU C 172 -9.82 64.38 -46.61
N LEU C 173 -11.00 64.06 -46.08
CA LEU C 173 -12.27 64.48 -46.66
C LEU C 173 -12.38 63.97 -48.11
N LEU C 174 -12.50 62.64 -48.21
CA LEU C 174 -12.59 61.96 -49.50
C LEU C 174 -13.51 62.67 -50.48
N GLY C 175 -14.78 62.79 -50.13
CA GLY C 175 -15.74 63.40 -51.04
C GLY C 175 -16.94 63.96 -50.31
N THR C 176 -17.63 64.87 -50.99
CA THR C 176 -18.83 65.48 -50.43
C THR C 176 -19.97 64.46 -50.38
N ASP C 177 -20.87 64.65 -49.42
CA ASP C 177 -21.95 63.70 -49.18
C ASP C 177 -23.31 64.37 -49.22
N GLU C 178 -24.33 63.66 -48.75
CA GLU C 178 -25.70 64.16 -48.63
C GLU C 178 -25.74 65.47 -47.86
N THR C 179 -26.81 66.25 -48.05
CA THR C 179 -26.93 67.53 -47.38
C THR C 179 -26.91 67.39 -45.86
N ALA C 180 -27.31 66.24 -45.34
CA ALA C 180 -27.34 66.05 -43.89
C ALA C 180 -25.95 66.17 -43.28
N GLU C 181 -24.93 65.59 -43.93
CA GLU C 181 -23.55 65.72 -43.50
C GLU C 181 -22.67 65.80 -44.74
N ASN C 182 -22.34 67.02 -45.15
CA ASN C 182 -21.58 67.22 -46.37
C ASN C 182 -20.11 66.84 -46.23
N GLY C 183 -19.59 66.75 -45.01
CA GLY C 183 -18.20 66.38 -44.78
C GLY C 183 -18.08 64.90 -44.50
N LYS C 184 -17.11 64.27 -45.18
CA LYS C 184 -16.87 62.83 -45.04
C LYS C 184 -15.36 62.61 -44.97
N LYS C 185 -14.83 62.59 -43.74
CA LYS C 185 -13.41 62.33 -43.55
C LYS C 185 -13.14 60.85 -43.76
N ASP C 186 -11.92 60.41 -43.47
CA ASP C 186 -11.52 59.03 -43.60
C ASP C 186 -11.42 58.39 -42.23
N ILE C 187 -11.99 57.19 -42.10
CA ILE C 187 -11.89 56.44 -40.85
C ILE C 187 -10.44 55.99 -40.69
N TYR C 188 -9.71 56.63 -39.78
CA TYR C 188 -8.29 56.31 -39.64
C TYR C 188 -8.06 54.96 -39.00
N ALA C 189 -9.13 54.28 -38.55
CA ALA C 189 -8.97 52.92 -38.06
C ALA C 189 -8.58 51.97 -39.17
N ASP C 190 -9.44 51.82 -40.18
CA ASP C 190 -9.15 50.93 -41.30
C ASP C 190 -9.04 51.68 -42.62
N LYS C 191 -10.08 52.39 -43.04
CA LYS C 191 -10.09 53.03 -44.36
C LYS C 191 -9.56 54.46 -44.29
N THR C 192 -8.40 54.60 -43.65
CA THR C 192 -7.68 55.86 -43.72
C THR C 192 -7.09 56.03 -45.11
N PHE C 193 -6.20 55.12 -45.48
CA PHE C 193 -5.70 55.04 -46.84
C PHE C 193 -5.42 53.56 -47.11
N GLN C 194 -6.41 52.88 -47.66
CA GLN C 194 -6.19 51.51 -48.07
C GLN C 194 -5.05 51.51 -49.07
N PRO C 195 -3.98 50.74 -48.84
CA PRO C 195 -2.82 50.84 -49.73
C PRO C 195 -3.12 50.43 -51.17
N GLU C 196 -4.19 49.69 -51.42
CA GLU C 196 -4.47 49.28 -52.79
C GLU C 196 -5.03 50.44 -53.63
N PRO C 197 -6.16 51.04 -53.26
CA PRO C 197 -6.76 52.05 -54.14
C PRO C 197 -5.97 53.35 -54.12
N GLN C 198 -6.25 54.18 -55.12
CA GLN C 198 -5.56 55.44 -55.30
C GLN C 198 -6.52 56.41 -55.99
N VAL C 199 -5.96 57.49 -56.53
CA VAL C 199 -6.73 58.42 -57.35
C VAL C 199 -6.97 57.79 -58.72
N GLY C 200 -8.24 57.70 -59.11
CA GLY C 200 -8.58 57.47 -60.51
C GLY C 200 -8.32 56.07 -61.03
N GLU C 201 -7.13 55.52 -60.71
CA GLU C 201 -6.60 54.34 -61.39
C GLU C 201 -6.36 54.66 -62.87
N GLU C 202 -6.02 55.93 -63.14
CA GLU C 202 -5.73 56.41 -64.47
C GLU C 202 -4.46 57.26 -64.41
N ASN C 203 -3.55 56.99 -65.34
CA ASN C 203 -2.27 57.70 -65.32
C ASN C 203 -2.44 59.17 -65.65
N TRP C 204 -3.01 59.47 -66.81
CA TRP C 204 -3.21 60.85 -67.20
C TRP C 204 -4.33 61.47 -66.39
N GLN C 205 -4.39 62.81 -66.43
CA GLN C 205 -5.48 63.64 -65.91
C GLN C 205 -5.93 63.20 -64.51
N GLU C 206 -5.02 62.58 -63.74
CA GLU C 206 -5.29 62.22 -62.36
C GLU C 206 -4.82 63.28 -61.38
N ASN C 207 -4.44 64.46 -61.88
CA ASN C 207 -4.01 65.53 -61.00
C ASN C 207 -5.09 65.82 -59.96
N GLU C 208 -4.72 65.64 -58.69
CA GLU C 208 -5.62 65.85 -57.57
C GLU C 208 -5.04 66.94 -56.68
N ALA C 209 -5.93 67.75 -56.10
CA ALA C 209 -5.49 68.88 -55.31
C ALA C 209 -4.68 68.42 -54.09
N PHE C 210 -5.16 67.40 -53.39
CA PHE C 210 -4.51 66.93 -52.18
C PHE C 210 -4.49 65.41 -52.16
N TYR C 211 -3.35 64.86 -51.76
CA TYR C 211 -3.18 63.42 -51.66
C TYR C 211 -2.94 63.04 -50.21
N GLY C 212 -2.76 61.74 -49.97
CA GLY C 212 -2.47 61.26 -48.64
C GLY C 212 -2.08 59.80 -48.67
N GLY C 213 -1.51 59.34 -47.56
CA GLY C 213 -1.06 57.98 -47.47
C GLY C 213 -0.79 57.59 -46.03
N ARG C 214 -0.23 56.40 -45.86
CA ARG C 214 0.11 55.87 -44.55
C ARG C 214 1.60 55.60 -44.46
N ALA C 215 2.13 55.66 -43.24
CA ALA C 215 3.56 55.53 -43.02
C ALA C 215 3.80 54.94 -41.64
N LEU C 216 5.05 54.55 -41.40
CA LEU C 216 5.42 53.89 -40.16
C LEU C 216 6.16 54.85 -39.23
N LYS C 217 5.84 54.77 -37.94
CA LYS C 217 6.52 55.59 -36.96
C LYS C 217 7.95 55.09 -36.74
N LYS C 218 8.74 55.92 -36.06
CA LYS C 218 10.15 55.59 -35.86
C LYS C 218 10.34 54.43 -34.89
N ASP C 219 9.33 54.13 -34.07
CA ASP C 219 9.44 53.01 -33.13
C ASP C 219 9.63 51.70 -33.86
N THR C 220 8.94 51.51 -34.99
CA THR C 220 9.06 50.30 -35.78
C THR C 220 10.37 50.33 -36.55
N LYS C 221 11.19 49.30 -36.38
CA LYS C 221 12.46 49.20 -37.09
C LYS C 221 12.17 48.88 -38.55
N MET C 222 12.33 49.88 -39.41
CA MET C 222 11.88 49.73 -40.80
C MET C 222 12.73 48.72 -41.55
N LYS C 223 12.07 47.92 -42.37
CA LYS C 223 12.63 46.84 -43.16
C LYS C 223 12.20 47.02 -44.60
N PRO C 224 12.88 46.39 -45.55
CA PRO C 224 12.47 46.51 -46.95
C PRO C 224 11.07 45.98 -47.16
N CYS C 225 10.36 46.60 -48.11
CA CYS C 225 8.99 46.20 -48.39
C CYS C 225 8.91 44.75 -48.82
N TYR C 226 9.97 44.24 -49.47
CA TYR C 226 10.00 42.86 -49.92
C TYR C 226 10.09 41.94 -48.70
N GLY C 227 9.02 41.19 -48.45
CA GLY C 227 9.03 40.24 -47.35
C GLY C 227 8.56 40.80 -46.02
N SER C 228 7.89 41.94 -46.01
CA SER C 228 7.41 42.54 -44.78
C SER C 228 5.95 42.18 -44.55
N PHE C 229 5.62 41.81 -43.31
CA PHE C 229 4.27 41.42 -42.95
C PHE C 229 3.88 42.11 -41.65
N ALA C 230 2.59 42.40 -41.51
CA ALA C 230 2.09 43.09 -40.33
C ALA C 230 0.69 42.58 -40.04
N ARG C 231 0.56 41.80 -38.97
CA ARG C 231 -0.69 41.13 -38.66
C ARG C 231 -1.81 42.15 -38.43
N PRO C 232 -2.96 42.00 -39.07
CA PRO C 232 -4.03 42.98 -38.89
C PRO C 232 -4.56 42.99 -37.48
N THR C 233 -5.10 44.14 -37.07
CA THR C 233 -5.60 44.31 -35.72
C THR C 233 -7.12 44.40 -35.65
N ASN C 234 -7.79 44.87 -36.70
CA ASN C 234 -9.24 44.97 -36.71
C ASN C 234 -9.78 44.28 -37.96
N GLU C 235 -10.97 43.69 -37.81
CA GLU C 235 -11.56 42.90 -38.88
C GLU C 235 -11.85 43.71 -40.13
N LYS C 236 -11.90 45.04 -40.01
CA LYS C 236 -12.19 45.90 -41.15
C LYS C 236 -11.01 46.06 -42.08
N GLY C 237 -9.98 45.24 -41.94
CA GLY C 237 -8.82 45.33 -42.79
C GLY C 237 -7.77 46.31 -42.34
N GLY C 238 -8.01 47.00 -41.23
CA GLY C 238 -7.03 47.94 -40.72
C GLY C 238 -5.70 47.29 -40.43
N GLN C 239 -4.62 47.88 -40.93
CA GLN C 239 -3.30 47.30 -40.75
C GLN C 239 -2.95 47.26 -39.27
N ALA C 240 -1.90 46.50 -38.96
CA ALA C 240 -1.39 46.41 -37.60
C ALA C 240 -1.23 47.81 -37.01
N LYS C 241 -1.82 48.00 -35.85
CA LYS C 241 -1.72 49.28 -35.13
C LYS C 241 -1.55 48.95 -33.66
N PHE C 242 -0.31 49.07 -33.18
CA PHE C 242 -0.04 48.87 -31.77
C PHE C 242 -0.92 49.77 -30.93
N LYS C 243 -1.46 49.21 -29.86
CA LYS C 243 -2.09 50.05 -28.86
C LYS C 243 -1.03 50.97 -28.25
N PRO C 244 -1.38 52.21 -27.92
CA PRO C 244 -0.37 53.13 -27.39
C PRO C 244 0.22 52.60 -26.10
N VAL C 245 1.48 52.97 -25.85
CA VAL C 245 2.21 52.42 -24.71
C VAL C 245 1.46 52.73 -23.43
N ASN C 246 1.01 51.67 -22.74
CA ASN C 246 0.32 51.79 -21.48
C ASN C 246 1.12 51.08 -20.40
N GLU C 247 1.20 51.69 -19.22
CA GLU C 247 2.03 51.14 -18.14
C GLU C 247 1.55 49.78 -17.70
N GLY C 248 0.40 49.71 -17.04
CA GLY C 248 -0.18 48.43 -16.66
C GLY C 248 -1.70 48.43 -16.65
N GLU C 249 -2.31 49.51 -17.14
CA GLU C 249 -3.73 49.71 -16.92
C GLU C 249 -4.59 48.93 -17.93
N GLN C 250 -4.48 49.26 -19.22
CA GLN C 250 -5.40 48.73 -20.23
C GLN C 250 -5.03 49.23 -21.62
N PRO C 251 -5.24 48.43 -22.66
CA PRO C 251 -5.05 48.91 -24.05
C PRO C 251 -6.23 49.76 -24.49
N LYS C 252 -5.96 51.05 -24.74
CA LYS C 252 -6.98 52.01 -25.12
C LYS C 252 -7.06 52.08 -26.65
N ASP C 253 -7.72 53.11 -27.18
CA ASP C 253 -7.90 53.26 -28.62
C ASP C 253 -6.55 53.33 -29.33
N LEU C 254 -6.60 53.08 -30.64
CA LEU C 254 -5.40 52.84 -31.43
C LEU C 254 -4.47 54.05 -31.44
N ASP C 255 -3.27 53.82 -31.96
CA ASP C 255 -2.21 54.83 -32.02
C ASP C 255 -2.09 55.32 -33.46
N ILE C 256 -2.53 56.55 -33.71
CA ILE C 256 -2.48 57.15 -35.04
C ILE C 256 -2.13 58.62 -34.88
N ASP C 257 -1.24 59.12 -35.73
CA ASP C 257 -0.86 60.53 -35.72
C ASP C 257 -0.88 61.07 -37.14
N PHE C 258 -1.07 62.39 -37.24
CA PHE C 258 -1.19 63.07 -38.52
C PHE C 258 0.04 63.92 -38.78
N ALA C 259 0.49 63.92 -40.03
CA ALA C 259 1.62 64.73 -40.45
C ALA C 259 1.28 65.41 -41.77
N TYR C 260 1.54 66.71 -41.86
CA TYR C 260 1.17 67.51 -43.02
C TYR C 260 2.43 68.04 -43.68
N PHE C 261 2.48 67.97 -45.01
CA PHE C 261 3.67 68.33 -45.77
C PHE C 261 3.31 69.25 -46.91
N ASP C 262 3.63 70.53 -46.77
CA ASP C 262 3.35 71.54 -47.78
C ASP C 262 4.52 71.67 -48.75
N VAL C 263 4.22 71.96 -50.01
CA VAL C 263 5.27 72.16 -51.01
C VAL C 263 6.07 73.41 -50.64
N PRO C 264 7.40 73.35 -50.62
CA PRO C 264 8.18 74.48 -50.11
C PRO C 264 7.98 75.77 -50.89
N GLY C 265 7.79 75.68 -52.21
CA GLY C 265 7.68 76.89 -53.00
C GLY C 265 6.25 77.36 -53.19
N GLY C 266 5.83 78.31 -52.36
CA GLY C 266 4.52 78.92 -52.53
C GLY C 266 4.58 80.43 -52.63
N SER C 267 4.28 80.95 -53.81
CA SER C 267 4.29 82.40 -54.00
C SER C 267 3.22 83.13 -53.18
N PRO C 268 1.94 82.73 -53.19
CA PRO C 268 0.91 83.58 -52.58
C PRO C 268 0.97 83.52 -51.07
N PRO C 269 1.09 84.68 -50.41
CA PRO C 269 0.90 84.72 -48.96
C PRO C 269 -0.55 84.47 -48.58
N ALA C 270 -0.74 83.99 -47.36
CA ALA C 270 -2.08 83.72 -46.84
C ALA C 270 -2.67 85.02 -46.30
N GLY C 271 -3.15 85.85 -47.21
CA GLY C 271 -3.81 87.09 -46.84
C GLY C 271 -2.93 88.09 -46.14
N GLY C 272 -1.72 88.32 -46.67
CA GLY C 272 -0.82 89.28 -46.08
C GLY C 272 0.18 88.71 -45.10
N SER C 273 0.27 87.39 -44.99
CA SER C 273 1.23 86.75 -44.10
C SER C 273 2.53 86.49 -44.87
N GLY C 274 3.40 85.66 -44.31
CA GLY C 274 4.64 85.28 -44.98
C GLY C 274 4.41 84.46 -46.23
N GLU C 275 5.47 83.83 -46.74
CA GLU C 275 5.41 83.07 -47.98
C GLU C 275 4.97 81.63 -47.75
N GLU C 276 4.30 81.34 -46.64
CA GLU C 276 3.81 80.01 -46.32
C GLU C 276 2.39 79.84 -46.83
N TYR C 277 1.90 78.63 -46.73
CA TYR C 277 0.56 78.26 -47.20
C TYR C 277 0.28 76.83 -46.71
N LYS C 278 -0.86 76.29 -47.11
CA LYS C 278 -1.30 74.98 -46.62
C LYS C 278 -1.46 73.94 -47.72
N ALA C 279 -1.05 74.21 -48.95
CA ALA C 279 -1.17 73.21 -50.00
C ALA C 279 -0.24 72.05 -49.68
N ASP C 280 -0.81 70.95 -49.19
CA ASP C 280 0.01 69.96 -48.51
C ASP C 280 -0.51 68.55 -48.81
N ILE C 281 0.15 67.58 -48.19
CA ILE C 281 -0.20 66.17 -48.25
C ILE C 281 -0.14 65.61 -46.83
N ILE C 282 -1.16 64.87 -46.43
CA ILE C 282 -1.21 64.30 -45.09
C ILE C 282 -0.66 62.88 -45.13
N LEU C 283 -0.25 62.40 -43.96
CA LEU C 283 0.27 61.06 -43.80
C LEU C 283 -0.14 60.50 -42.46
N TYR C 284 -0.81 59.35 -42.48
CA TYR C 284 -1.22 58.66 -41.26
C TYR C 284 -0.07 57.77 -40.81
N THR C 285 0.61 58.18 -39.74
CA THR C 285 1.80 57.48 -39.28
C THR C 285 1.49 56.71 -38.00
N GLU C 286 1.99 55.49 -37.92
CA GLU C 286 1.74 54.63 -36.77
C GLU C 286 2.74 53.48 -36.78
N ASN C 287 2.80 52.77 -35.67
CA ASN C 287 3.66 51.60 -35.55
C ASN C 287 2.84 50.34 -35.77
N VAL C 288 3.48 49.35 -36.39
CA VAL C 288 2.83 48.11 -36.78
C VAL C 288 3.65 46.94 -36.27
N ASN C 289 3.04 45.76 -36.26
CA ASN C 289 3.73 44.52 -35.89
C ASN C 289 4.59 44.01 -37.04
N LEU C 290 5.58 44.82 -37.42
CA LEU C 290 6.41 44.49 -38.56
C LEU C 290 7.25 43.26 -38.26
N GLU C 291 7.28 42.32 -39.21
CA GLU C 291 7.97 41.06 -39.02
C GLU C 291 8.12 40.38 -40.37
N THR C 292 9.32 39.85 -40.64
CA THR C 292 9.58 39.19 -41.91
C THR C 292 9.57 37.69 -41.67
N PRO C 293 8.50 36.97 -42.06
CA PRO C 293 8.43 35.55 -41.72
C PRO C 293 9.52 34.71 -42.35
N ASP C 294 9.94 35.03 -43.57
CA ASP C 294 10.98 34.26 -44.24
C ASP C 294 12.20 35.07 -44.60
N THR C 295 12.02 36.20 -45.29
CA THR C 295 13.16 36.91 -45.87
C THR C 295 14.11 37.42 -44.80
N HIS C 296 15.40 37.42 -45.14
CA HIS C 296 16.45 37.91 -44.27
C HIS C 296 17.27 38.94 -45.02
N VAL C 297 17.77 39.94 -44.29
CA VAL C 297 18.52 41.02 -44.91
C VAL C 297 19.90 40.51 -45.31
N VAL C 298 20.29 40.78 -46.56
CA VAL C 298 21.60 40.38 -47.05
C VAL C 298 22.58 41.51 -46.81
N TYR C 299 22.31 42.67 -47.42
CA TYR C 299 23.20 43.82 -47.34
C TYR C 299 22.68 44.78 -46.28
N LYS C 300 23.41 44.89 -45.18
CA LYS C 300 23.12 45.89 -44.17
C LYS C 300 24.24 46.92 -44.18
N PRO C 301 23.97 48.17 -44.56
CA PRO C 301 25.05 49.14 -44.72
C PRO C 301 25.79 49.43 -43.43
N GLY C 302 25.07 49.80 -42.38
CA GLY C 302 25.66 50.10 -41.09
C GLY C 302 25.72 48.88 -40.19
N THR C 303 25.68 49.14 -38.89
CA THR C 303 25.67 48.07 -37.89
C THR C 303 24.36 48.03 -37.11
N SER C 304 23.91 49.16 -36.58
CA SER C 304 22.65 49.19 -35.87
C SER C 304 21.49 49.04 -36.85
N ASP C 305 20.36 48.55 -36.32
CA ASP C 305 19.16 48.37 -37.11
C ASP C 305 18.11 49.44 -36.88
N ASN C 306 18.40 50.42 -36.02
CA ASN C 306 17.46 51.51 -35.80
C ASN C 306 17.28 52.32 -37.07
N SER C 307 16.09 52.86 -37.26
CA SER C 307 15.77 53.59 -38.47
C SER C 307 16.68 54.80 -38.64
N SER C 308 17.20 54.97 -39.85
CA SER C 308 18.10 56.07 -40.17
C SER C 308 18.22 56.14 -41.69
N GLU C 309 18.81 57.24 -42.17
CA GLU C 309 18.95 57.42 -43.61
C GLU C 309 19.80 56.32 -44.23
N ILE C 310 20.90 55.96 -43.57
CA ILE C 310 21.75 54.90 -44.09
C ILE C 310 21.00 53.58 -44.11
N ASN C 311 20.28 53.29 -43.03
CA ASN C 311 19.55 52.02 -42.92
C ASN C 311 18.37 51.95 -43.85
N LEU C 312 18.01 53.04 -44.52
CA LEU C 312 16.98 52.99 -45.54
C LEU C 312 17.39 52.06 -46.68
N VAL C 313 18.66 52.12 -47.08
CA VAL C 313 19.22 51.17 -48.03
C VAL C 313 19.18 49.80 -47.39
N GLN C 314 18.36 48.90 -47.92
CA GLN C 314 18.20 47.59 -47.30
C GLN C 314 17.69 46.62 -48.34
N GLN C 315 18.50 45.63 -48.68
CA GLN C 315 18.14 44.62 -49.66
C GLN C 315 18.12 43.27 -48.98
N SER C 316 17.06 42.50 -49.21
CA SER C 316 16.84 41.24 -48.51
C SER C 316 16.41 40.17 -49.51
N MET C 317 17.27 39.20 -49.74
CA MET C 317 16.90 38.06 -50.55
C MET C 317 16.00 37.13 -49.76
N PRO C 318 15.16 36.35 -50.43
CA PRO C 318 14.28 35.44 -49.71
C PRO C 318 15.06 34.33 -49.04
N ASN C 319 14.43 33.74 -48.03
CA ASN C 319 15.06 32.66 -47.31
C ASN C 319 15.22 31.43 -48.20
N ARG C 320 16.22 30.62 -47.88
CA ARG C 320 16.49 29.44 -48.69
C ARG C 320 15.43 28.39 -48.45
N PRO C 321 14.82 27.84 -49.49
CA PRO C 321 13.74 26.87 -49.31
C PRO C 321 14.24 25.62 -48.63
N ASN C 322 13.37 25.00 -47.85
CA ASN C 322 13.72 23.78 -47.12
C ASN C 322 12.45 22.98 -46.90
N TYR C 323 12.39 21.79 -47.48
CA TYR C 323 11.26 20.89 -47.32
C TYR C 323 11.54 19.89 -46.21
N ILE C 324 10.49 19.50 -45.51
CA ILE C 324 10.57 18.48 -44.46
C ILE C 324 9.46 17.48 -44.70
N GLY C 325 9.76 16.21 -44.51
CA GLY C 325 8.76 15.19 -44.68
C GLY C 325 9.33 13.82 -44.37
N PHE C 326 8.43 12.85 -44.28
CA PHE C 326 8.83 11.50 -43.95
C PHE C 326 9.69 10.91 -45.07
N ARG C 327 10.38 9.85 -44.78
CA ARG C 327 11.23 9.30 -45.78
C ARG C 327 10.52 8.35 -46.62
N ASP C 328 11.16 7.84 -47.62
CA ASP C 328 10.47 7.01 -48.54
C ASP C 328 10.11 5.79 -47.91
N ASN C 329 8.94 5.29 -48.15
CA ASN C 329 8.55 4.03 -47.67
C ASN C 329 8.80 4.02 -46.25
N PHE C 330 8.77 5.14 -45.63
CA PHE C 330 8.98 5.25 -44.25
C PHE C 330 10.21 4.63 -43.69
N VAL C 331 11.36 4.74 -44.30
CA VAL C 331 12.50 4.13 -43.75
C VAL C 331 12.86 4.70 -42.42
N GLY C 332 13.48 3.91 -41.57
CA GLY C 332 13.95 4.46 -40.33
C GLY C 332 12.88 4.74 -39.30
N LEU C 333 11.61 4.52 -39.64
CA LEU C 333 10.54 4.75 -38.67
C LEU C 333 10.40 3.61 -37.68
N MET C 334 10.70 2.39 -38.09
CA MET C 334 10.65 1.24 -37.20
C MET C 334 12.01 0.56 -37.18
N TYR C 335 12.47 0.21 -35.99
CA TYR C 335 13.81 -0.35 -35.83
C TYR C 335 13.95 -1.63 -36.62
N TYR C 336 15.03 -1.71 -37.40
CA TYR C 336 15.32 -2.88 -38.21
C TYR C 336 16.76 -3.30 -37.98
N ASN C 337 16.98 -4.62 -38.04
CA ASN C 337 18.28 -5.25 -37.92
C ASN C 337 19.14 -4.62 -36.84
N SER C 338 18.53 -4.31 -35.69
CA SER C 338 19.24 -3.81 -34.53
C SER C 338 19.08 -4.82 -33.41
N THR C 339 20.20 -5.27 -32.84
CA THR C 339 20.13 -6.27 -31.78
C THR C 339 19.65 -5.69 -30.46
N GLY C 340 19.78 -4.39 -30.27
CA GLY C 340 19.33 -3.76 -29.04
C GLY C 340 17.84 -3.91 -28.81
N ASN C 341 17.05 -3.71 -29.86
CA ASN C 341 15.60 -3.81 -29.79
C ASN C 341 15.12 -4.38 -31.11
N MET C 342 14.69 -5.64 -31.09
CA MET C 342 14.47 -6.40 -32.31
C MET C 342 12.99 -6.47 -32.71
N GLY C 343 12.14 -6.97 -31.82
CA GLY C 343 10.76 -7.23 -32.18
C GLY C 343 10.55 -8.69 -32.52
N VAL C 344 9.40 -9.25 -32.15
CA VAL C 344 9.20 -10.68 -32.19
C VAL C 344 7.89 -11.02 -32.89
N LEU C 345 7.77 -12.27 -33.30
CA LEU C 345 6.53 -12.86 -33.81
C LEU C 345 6.34 -14.24 -33.21
N ALA C 346 6.52 -14.36 -31.90
CA ALA C 346 6.43 -15.65 -31.25
C ALA C 346 4.98 -16.11 -31.16
N GLY C 347 4.80 -17.41 -31.18
CA GLY C 347 3.51 -17.99 -30.88
C GLY C 347 3.16 -17.81 -29.41
N GLN C 348 1.86 -17.74 -29.15
CA GLN C 348 1.38 -17.48 -27.79
C GLN C 348 1.75 -18.61 -26.84
N ALA C 349 1.62 -19.85 -27.28
CA ALA C 349 1.82 -20.98 -26.37
C ALA C 349 3.28 -21.14 -25.99
N SER C 350 4.13 -21.44 -26.97
CA SER C 350 5.53 -21.72 -26.67
C SER C 350 6.32 -20.45 -26.39
N GLN C 351 5.83 -19.29 -26.82
CA GLN C 351 6.52 -18.01 -26.62
C GLN C 351 7.94 -18.07 -27.16
N LEU C 352 8.12 -18.73 -28.29
CA LEU C 352 9.43 -18.91 -28.90
C LEU C 352 9.54 -18.01 -30.13
N ASN C 353 10.45 -17.05 -30.07
CA ASN C 353 10.57 -16.04 -31.10
C ASN C 353 10.95 -16.67 -32.44
N ALA C 354 10.35 -16.13 -33.51
CA ALA C 354 10.58 -16.63 -34.85
C ALA C 354 11.25 -15.62 -35.77
N VAL C 355 11.58 -14.44 -35.28
CA VAL C 355 12.28 -13.43 -36.06
C VAL C 355 13.62 -13.17 -35.39
N VAL C 356 14.70 -13.36 -36.14
CA VAL C 356 16.05 -13.09 -35.67
C VAL C 356 16.68 -12.09 -36.62
N ASP C 357 17.19 -11.00 -36.08
CA ASP C 357 17.78 -9.92 -36.86
C ASP C 357 19.27 -9.86 -36.59
N LEU C 358 20.06 -9.74 -37.65
CA LEU C 358 21.49 -9.61 -37.54
C LEU C 358 21.90 -8.15 -37.67
N GLN C 359 23.14 -7.87 -37.27
CA GLN C 359 23.66 -6.51 -37.35
C GLN C 359 24.17 -6.16 -38.74
N ASP C 360 24.12 -7.10 -39.68
CA ASP C 360 24.64 -6.89 -41.03
C ASP C 360 23.61 -7.36 -42.06
N ARG C 361 22.37 -6.94 -41.88
CA ARG C 361 21.29 -7.28 -42.79
C ARG C 361 20.50 -5.99 -43.04
N ASN C 362 20.86 -5.27 -44.10
CA ASN C 362 20.30 -3.95 -44.36
C ASN C 362 18.93 -4.10 -45.03
N THR C 363 17.96 -4.53 -44.22
CA THR C 363 16.63 -4.80 -44.75
C THR C 363 15.89 -3.53 -45.15
N GLU C 364 16.38 -2.35 -44.75
CA GLU C 364 15.77 -1.12 -45.25
C GLU C 364 16.17 -0.87 -46.70
N LEU C 365 17.43 -1.09 -47.03
CA LEU C 365 17.87 -0.93 -48.41
C LEU C 365 17.34 -2.06 -49.29
N SER C 366 17.23 -3.27 -48.73
CA SER C 366 16.75 -4.39 -49.52
C SER C 366 15.33 -4.17 -50.02
N TYR C 367 14.47 -3.62 -49.16
CA TYR C 367 13.10 -3.36 -49.58
C TYR C 367 13.04 -2.33 -50.68
N GLN C 368 13.95 -1.36 -50.65
CA GLN C 368 13.96 -0.32 -51.68
C GLN C 368 14.25 -0.91 -53.05
N LEU C 369 15.25 -1.79 -53.13
CA LEU C 369 15.58 -2.42 -54.40
C LEU C 369 14.44 -3.32 -54.87
N LEU C 370 13.80 -4.02 -53.93
CA LEU C 370 12.76 -4.97 -54.30
C LEU C 370 11.61 -4.27 -55.01
N LEU C 371 11.23 -3.08 -54.54
CA LEU C 371 10.12 -2.37 -55.15
C LEU C 371 10.42 -1.99 -56.59
N ASP C 372 11.65 -1.57 -56.86
CA ASP C 372 12.01 -1.19 -58.22
C ASP C 372 11.93 -2.37 -59.18
N SER C 373 12.40 -3.54 -58.74
CA SER C 373 12.34 -4.71 -59.59
C SER C 373 10.90 -5.21 -59.72
N LEU C 374 10.13 -5.13 -58.64
CA LEU C 374 8.76 -5.62 -58.67
C LEU C 374 7.89 -4.80 -59.60
N GLY C 375 7.93 -3.47 -59.46
CA GLY C 375 7.15 -2.60 -60.31
C GLY C 375 8.01 -1.62 -61.07
N ASP C 376 7.76 -0.33 -60.88
CA ASP C 376 8.55 0.70 -61.54
C ASP C 376 8.96 1.78 -60.56
N ARG C 377 8.16 1.95 -59.51
CA ARG C 377 8.27 3.06 -58.55
C ARG C 377 8.68 4.36 -59.25
N THR C 378 7.86 4.74 -60.21
CA THR C 378 7.89 6.07 -60.78
C THR C 378 6.57 6.80 -60.61
N ARG C 379 5.53 6.10 -60.15
CA ARG C 379 4.24 6.70 -59.82
C ARG C 379 4.12 6.77 -58.31
N TYR C 380 3.72 7.93 -57.80
CA TYR C 380 3.72 8.17 -56.37
C TYR C 380 2.50 7.52 -55.74
N PHE C 381 2.72 6.43 -55.01
CA PHE C 381 1.66 5.78 -54.25
C PHE C 381 1.59 6.44 -52.88
N SER C 382 0.54 7.23 -52.66
CA SER C 382 0.42 8.01 -51.44
C SER C 382 0.24 7.16 -50.20
N MET C 383 -0.11 5.87 -50.36
CA MET C 383 -0.46 5.05 -49.20
C MET C 383 0.70 4.94 -48.23
N TRP C 384 1.88 4.56 -48.71
CA TRP C 384 3.05 4.48 -47.86
C TRP C 384 4.24 5.18 -48.50
N ASN C 385 4.02 6.40 -48.99
CA ASN C 385 5.08 7.27 -49.44
C ASN C 385 6.01 6.56 -50.43
N SER C 386 5.43 6.10 -51.52
CA SER C 386 6.23 5.50 -52.58
C SER C 386 6.89 6.55 -53.45
N ALA C 387 6.89 7.81 -53.03
CA ALA C 387 7.61 8.85 -53.77
C ALA C 387 9.10 8.59 -53.67
N VAL C 388 9.76 8.49 -54.81
CA VAL C 388 11.16 8.09 -54.86
C VAL C 388 12.04 9.34 -54.95
N ASP C 389 13.06 9.40 -54.10
CA ASP C 389 14.00 10.51 -54.13
C ASP C 389 14.70 10.53 -55.48
N SER C 390 14.41 11.55 -56.30
CA SER C 390 14.92 11.58 -57.67
C SER C 390 15.23 13.03 -58.02
N TYR C 391 16.51 13.31 -58.26
CA TYR C 391 16.92 14.65 -58.64
C TYR C 391 16.48 14.97 -60.06
N ASP C 392 16.42 16.26 -60.35
CA ASP C 392 16.15 16.68 -61.71
C ASP C 392 17.40 16.44 -62.56
N PRO C 393 17.29 15.73 -63.68
CA PRO C 393 18.46 15.43 -64.50
C PRO C 393 18.86 16.57 -65.42
N ASP C 394 18.88 17.79 -64.88
CA ASP C 394 19.43 18.94 -65.57
C ASP C 394 20.27 19.82 -64.67
N VAL C 395 20.16 19.65 -63.35
CA VAL C 395 21.05 20.33 -62.41
C VAL C 395 22.22 19.46 -61.99
N ARG C 396 22.09 18.13 -62.08
CA ARG C 396 23.24 17.27 -61.88
C ARG C 396 24.29 17.52 -62.94
N ILE C 397 23.95 17.27 -64.20
CA ILE C 397 24.81 17.55 -65.34
C ILE C 397 24.21 18.75 -66.05
N ILE C 398 24.78 19.93 -65.81
CA ILE C 398 24.21 21.16 -66.33
C ILE C 398 24.53 21.27 -67.81
N GLU C 399 23.58 20.90 -68.66
CA GLU C 399 23.72 21.04 -70.09
C GLU C 399 23.61 22.51 -70.46
N ASN C 400 24.74 23.20 -70.54
CA ASN C 400 24.74 24.67 -70.64
C ASN C 400 24.81 25.07 -72.11
N HIS C 401 23.64 25.06 -72.75
CA HIS C 401 23.53 25.67 -74.06
C HIS C 401 23.60 27.18 -73.91
N GLY C 402 23.43 27.88 -75.02
CA GLY C 402 23.29 29.32 -74.95
C GLY C 402 21.90 29.68 -74.48
N VAL C 403 21.46 30.90 -74.78
CA VAL C 403 20.11 31.34 -74.47
C VAL C 403 19.56 32.04 -75.70
N GLU C 404 18.38 31.62 -76.15
CA GLU C 404 17.83 32.13 -77.40
C GLU C 404 17.34 33.56 -77.21
N ASP C 405 18.20 34.53 -77.51
CA ASP C 405 17.90 35.95 -77.31
C ASP C 405 18.30 36.75 -78.53
N GLU C 406 17.90 36.29 -79.71
CA GLU C 406 18.32 36.97 -80.93
C GLU C 406 17.77 38.39 -81.01
N LEU C 407 16.51 38.59 -80.61
CA LEU C 407 15.96 39.93 -80.69
C LEU C 407 15.85 40.57 -79.32
N PRO C 408 15.92 41.89 -79.23
CA PRO C 408 15.81 42.55 -77.93
C PRO C 408 14.37 42.64 -77.45
N ASN C 409 14.25 42.84 -76.14
CA ASN C 409 12.95 43.01 -75.48
C ASN C 409 12.95 44.37 -74.79
N TYR C 410 11.89 45.14 -74.97
CA TYR C 410 11.82 46.49 -74.47
C TYR C 410 10.71 46.65 -73.44
N CYS C 411 10.92 47.58 -72.51
CA CYS C 411 9.91 48.00 -71.56
C CYS C 411 9.51 49.43 -71.90
N PHE C 412 8.23 49.64 -72.15
CA PHE C 412 7.72 50.91 -72.63
C PHE C 412 7.01 51.65 -71.51
N PRO C 413 6.93 52.98 -71.60
CA PRO C 413 6.33 53.75 -70.51
C PRO C 413 4.83 53.48 -70.40
N LEU C 414 4.31 53.72 -69.21
CA LEU C 414 2.90 53.42 -68.93
C LEU C 414 1.98 54.25 -69.80
N ASN C 415 2.34 55.50 -70.06
CA ASN C 415 1.48 56.42 -70.79
C ASN C 415 1.58 56.25 -72.29
N GLY C 416 2.04 55.10 -72.76
CA GLY C 416 2.20 54.88 -74.18
C GLY C 416 3.43 55.57 -74.72
N THR C 417 3.58 56.84 -74.39
CA THR C 417 4.75 57.62 -74.76
C THR C 417 5.12 58.53 -73.60
N GLY C 418 6.38 58.50 -73.20
CA GLY C 418 6.82 59.31 -72.08
C GLY C 418 7.06 60.77 -72.46
N THR C 419 6.35 61.23 -73.49
CA THR C 419 6.52 62.60 -73.95
C THR C 419 6.11 63.59 -72.87
N ASN C 420 6.87 64.67 -72.75
CA ASN C 420 6.60 65.70 -71.77
C ASN C 420 6.62 67.10 -72.37
N SER C 421 6.77 67.23 -73.68
CA SER C 421 6.86 68.53 -74.32
C SER C 421 5.49 68.95 -74.84
N THR C 422 5.33 70.26 -75.04
CA THR C 422 4.09 70.85 -75.52
C THR C 422 4.35 71.64 -76.79
N TYR C 423 3.29 71.82 -77.58
CA TYR C 423 3.39 72.53 -78.85
C TYR C 423 2.11 73.32 -79.08
N GLN C 424 2.06 74.02 -80.21
CA GLN C 424 0.90 74.82 -80.57
C GLN C 424 0.77 74.82 -82.09
N GLY C 425 -0.48 74.79 -82.55
CA GLY C 425 -0.73 74.78 -83.99
C GLY C 425 -0.40 76.12 -84.63
N VAL C 426 0.00 76.06 -85.89
CA VAL C 426 0.31 77.23 -86.69
C VAL C 426 -0.39 77.10 -88.04
N LYS C 427 -0.13 78.07 -88.92
CA LYS C 427 -0.79 78.13 -90.22
C LYS C 427 0.26 78.49 -91.27
N ILE C 428 -0.21 78.84 -92.46
CA ILE C 428 0.69 79.17 -93.57
C ILE C 428 0.48 80.57 -94.11
N THR C 429 -0.68 81.19 -93.91
CA THR C 429 -0.94 82.58 -94.31
C THR C 429 -0.69 82.79 -95.80
N ASN C 430 -1.20 81.88 -96.63
CA ASN C 430 -1.21 82.01 -98.08
C ASN C 430 0.20 82.18 -98.64
N GLY C 431 0.99 81.13 -98.45
CA GLY C 431 2.35 81.12 -98.95
C GLY C 431 2.99 79.79 -98.65
N ASN C 432 4.24 79.65 -99.07
CA ASN C 432 4.99 78.43 -98.79
C ASN C 432 6.42 78.65 -98.32
N ASP C 433 7.04 79.79 -98.61
CA ASP C 433 8.41 80.02 -98.18
C ASP C 433 8.50 80.11 -96.67
N GLY C 434 9.51 79.48 -96.10
CA GLY C 434 9.61 79.38 -94.66
C GLY C 434 10.00 80.68 -93.98
N ALA C 435 9.98 80.62 -92.65
CA ALA C 435 10.42 81.66 -91.71
C ALA C 435 9.52 82.88 -91.69
N GLU C 436 8.48 82.96 -92.54
CA GLU C 436 7.59 84.11 -92.51
C GLU C 436 6.13 83.71 -92.69
N GLU C 437 5.74 82.50 -92.31
CA GLU C 437 4.38 82.03 -92.45
C GLU C 437 3.91 81.50 -91.11
N SER C 438 2.96 82.20 -90.50
CA SER C 438 2.49 81.81 -89.17
C SER C 438 1.20 82.53 -88.78
N GLU C 439 0.21 81.76 -88.32
CA GLU C 439 -1.01 82.30 -87.73
C GLU C 439 -1.32 81.51 -86.46
N TRP C 440 -0.32 81.37 -85.60
CA TRP C 440 -0.41 80.47 -84.45
C TRP C 440 -1.49 80.88 -83.45
N GLU C 441 -1.66 80.05 -82.42
CA GLU C 441 -2.72 80.19 -81.40
C GLU C 441 -4.05 80.64 -82.00
N LYS C 442 -4.49 79.91 -83.03
CA LYS C 442 -5.74 80.20 -83.73
C LYS C 442 -6.42 78.88 -84.05
N ASP C 443 -7.59 78.66 -83.47
CA ASP C 443 -8.43 77.49 -83.74
C ASP C 443 -7.68 76.19 -83.45
N ASP C 444 -6.76 76.27 -82.49
CA ASP C 444 -5.99 75.12 -82.04
C ASP C 444 -5.57 75.37 -80.60
N ALA C 445 -4.79 74.45 -80.04
CA ALA C 445 -4.31 74.62 -78.67
C ALA C 445 -3.39 75.84 -78.60
N ILE C 446 -3.83 76.85 -77.84
CA ILE C 446 -3.10 78.11 -77.78
C ILE C 446 -1.68 77.89 -77.28
N SER C 447 -1.53 77.15 -76.18
CA SER C 447 -0.24 76.82 -75.61
C SER C 447 -0.41 75.77 -74.53
N ARG C 448 0.68 75.35 -73.91
CA ARG C 448 0.67 74.46 -72.74
C ARG C 448 0.12 73.08 -73.06
N GLN C 449 -0.25 72.81 -74.31
CA GLN C 449 -0.95 71.57 -74.63
C GLN C 449 -0.30 70.83 -75.79
N ASN C 450 -1.00 69.81 -76.29
CA ASN C 450 -0.56 69.02 -77.44
C ASN C 450 0.78 68.33 -77.18
N GLN C 451 0.75 67.43 -76.22
CA GLN C 451 1.91 66.56 -76.00
C GLN C 451 2.22 65.78 -77.26
N ILE C 452 3.49 65.79 -77.66
CA ILE C 452 3.93 65.11 -78.87
C ILE C 452 5.27 64.46 -78.59
N CYS C 453 5.43 63.22 -79.07
CA CYS C 453 6.62 62.44 -78.74
C CYS C 453 7.90 63.08 -79.28
N LYS C 454 7.88 63.53 -80.53
CA LYS C 454 9.08 64.05 -81.20
C LYS C 454 10.19 63.01 -81.19
N GLY C 455 9.97 61.91 -81.88
CA GLY C 455 10.99 60.89 -81.99
C GLY C 455 10.42 59.53 -81.66
N ASN C 456 11.28 58.67 -81.12
CA ASN C 456 10.91 57.33 -80.71
C ASN C 456 10.24 57.36 -79.35
N VAL C 457 9.45 56.33 -79.08
CA VAL C 457 8.89 56.13 -77.75
C VAL C 457 10.03 55.87 -76.78
N TYR C 458 10.13 56.68 -75.73
CA TYR C 458 11.20 56.51 -74.76
C TYR C 458 11.05 55.18 -74.04
N ALA C 459 11.96 54.26 -74.30
CA ALA C 459 11.85 52.92 -73.75
C ALA C 459 13.23 52.39 -73.39
N MET C 460 13.31 51.74 -72.23
CA MET C 460 14.52 51.04 -71.84
C MET C 460 14.32 49.55 -72.09
N GLU C 461 15.41 48.80 -72.15
CA GLU C 461 15.35 47.44 -72.65
C GLU C 461 16.07 46.49 -71.71
N ILE C 462 15.74 45.20 -71.83
CA ILE C 462 16.20 44.18 -70.91
C ILE C 462 16.39 42.88 -71.68
N ASN C 463 17.52 42.22 -71.45
CA ASN C 463 17.77 40.91 -72.06
C ASN C 463 16.92 39.90 -71.30
N LEU C 464 15.67 39.75 -71.74
CA LEU C 464 14.69 38.98 -70.98
C LEU C 464 15.09 37.51 -70.91
N GLN C 465 15.52 36.94 -72.03
CA GLN C 465 15.79 35.51 -72.07
C GLN C 465 17.02 35.14 -71.26
N ALA C 466 18.11 35.88 -71.42
CA ALA C 466 19.34 35.57 -70.69
C ALA C 466 19.14 35.76 -69.20
N ASN C 467 18.41 36.80 -68.81
CA ASN C 467 18.17 37.06 -67.39
C ASN C 467 17.48 35.88 -66.72
N LEU C 468 16.57 35.23 -67.45
CA LEU C 468 15.85 34.08 -66.90
C LEU C 468 16.79 32.89 -66.68
N TRP C 469 17.65 32.61 -67.66
CA TRP C 469 18.56 31.48 -67.56
C TRP C 469 19.53 31.68 -66.40
N LYS C 470 19.97 32.91 -66.18
CA LYS C 470 20.87 33.19 -65.06
C LYS C 470 20.21 32.91 -63.72
N SER C 471 18.93 33.25 -63.60
CA SER C 471 18.23 33.05 -62.34
C SER C 471 18.10 31.57 -62.01
N PHE C 472 17.78 30.75 -63.01
CA PHE C 472 17.66 29.31 -62.78
C PHE C 472 18.99 28.72 -62.34
N LEU C 473 20.09 29.21 -62.92
CA LEU C 473 21.41 28.71 -62.54
C LEU C 473 21.71 29.00 -61.08
N TYR C 474 21.41 30.22 -60.63
CA TYR C 474 21.79 30.61 -59.28
C TYR C 474 21.02 29.83 -58.24
N SER C 475 19.70 29.73 -58.40
CA SER C 475 18.87 29.16 -57.35
C SER C 475 18.98 27.64 -57.29
N ASN C 476 19.62 27.01 -58.27
CA ASN C 476 19.64 25.56 -58.31
C ASN C 476 21.02 24.96 -58.11
N VAL C 477 22.09 25.62 -58.54
CA VAL C 477 23.41 25.04 -58.37
C VAL C 477 24.34 26.00 -57.62
N ALA C 478 24.06 27.29 -57.69
CA ALA C 478 24.98 28.24 -57.07
C ALA C 478 24.85 28.26 -55.56
N LEU C 479 23.67 27.94 -55.02
CA LEU C 479 23.48 27.94 -53.58
C LEU C 479 23.82 26.61 -52.94
N TYR C 480 23.99 25.56 -53.73
CA TYR C 480 24.32 24.24 -53.19
C TYR C 480 25.80 23.91 -53.33
N LEU C 481 26.63 24.89 -53.63
CA LEU C 481 28.06 24.69 -53.59
C LEU C 481 28.49 24.43 -52.14
N PRO C 482 29.56 23.67 -51.94
CA PRO C 482 29.98 23.33 -50.57
C PRO C 482 30.31 24.58 -49.77
N ASP C 483 30.36 24.40 -48.45
CA ASP C 483 30.46 25.54 -47.54
C ASP C 483 31.74 26.34 -47.75
N SER C 484 32.80 25.71 -48.26
CA SER C 484 34.07 26.41 -48.43
C SER C 484 33.95 27.53 -49.44
N TYR C 485 33.20 27.32 -50.52
CA TYR C 485 33.12 28.31 -51.59
C TYR C 485 32.37 29.56 -51.13
N LYS C 486 31.41 29.41 -50.24
CA LYS C 486 30.65 30.55 -49.78
C LYS C 486 31.50 31.44 -48.89
N TYR C 487 30.89 32.50 -48.37
CA TYR C 487 31.56 33.41 -47.45
C TYR C 487 30.51 34.14 -46.64
N THR C 488 30.78 34.31 -45.35
CA THR C 488 29.90 35.08 -44.50
C THR C 488 30.19 36.57 -44.68
N PRO C 489 29.20 37.39 -45.02
CA PRO C 489 29.48 38.81 -45.23
C PRO C 489 29.77 39.52 -43.92
N ALA C 490 29.99 40.82 -43.99
CA ALA C 490 30.32 41.58 -42.79
C ALA C 490 29.07 41.88 -41.98
N ASN C 491 29.29 42.20 -40.70
CA ASN C 491 28.27 42.69 -39.76
C ASN C 491 27.00 41.84 -39.79
N VAL C 492 27.18 40.52 -39.74
CA VAL C 492 26.07 39.60 -39.58
C VAL C 492 26.49 38.44 -38.68
N LYS C 493 25.85 38.32 -37.53
CA LYS C 493 26.15 37.23 -36.62
C LYS C 493 25.55 35.93 -37.12
N LEU C 494 26.29 34.84 -36.92
CA LEU C 494 25.85 33.51 -37.33
C LEU C 494 26.01 32.53 -36.19
N PRO C 495 25.23 31.46 -36.16
CA PRO C 495 25.42 30.44 -35.14
C PRO C 495 26.81 29.83 -35.23
N ALA C 496 27.33 29.43 -34.07
CA ALA C 496 28.70 28.92 -34.01
C ALA C 496 28.85 27.65 -34.84
N ASN C 497 27.90 26.73 -34.73
CA ASN C 497 28.01 25.45 -35.41
C ASN C 497 27.37 25.51 -36.79
N THR C 498 27.91 24.71 -37.70
CA THR C 498 27.37 24.60 -39.04
C THR C 498 26.14 23.70 -38.99
N ASN C 499 25.69 23.24 -40.16
CA ASN C 499 24.50 22.41 -40.33
C ASN C 499 23.33 22.93 -39.49
N THR C 500 23.11 24.24 -39.53
CA THR C 500 21.96 24.87 -38.89
C THR C 500 21.32 25.80 -39.90
N TYR C 501 19.99 25.71 -40.02
CA TYR C 501 19.29 26.48 -41.05
C TYR C 501 19.62 27.95 -40.98
N GLU C 502 19.81 28.49 -39.77
CA GLU C 502 20.20 29.88 -39.64
C GLU C 502 21.58 30.12 -40.25
N TYR C 503 22.49 29.18 -40.07
CA TYR C 503 23.83 29.32 -40.64
C TYR C 503 23.86 28.90 -42.09
N MET C 504 23.23 27.76 -42.41
CA MET C 504 23.28 27.25 -43.78
C MET C 504 22.58 28.16 -44.77
N ASN C 505 21.75 29.08 -44.30
CA ASN C 505 21.12 30.07 -45.17
C ASN C 505 21.65 31.48 -44.94
N GLY C 506 22.25 31.74 -43.78
CA GLY C 506 22.76 33.06 -43.49
C GLY C 506 23.98 33.42 -44.32
N ARG C 507 24.62 32.42 -44.90
CA ARG C 507 25.79 32.62 -45.75
C ARG C 507 25.34 33.02 -47.15
N VAL C 508 26.27 33.55 -47.93
CA VAL C 508 25.97 34.08 -49.26
C VAL C 508 27.04 33.60 -50.22
N VAL C 509 26.62 33.29 -51.45
CA VAL C 509 27.54 32.92 -52.52
C VAL C 509 27.67 34.09 -53.48
N ALA C 510 28.66 34.00 -54.36
CA ALA C 510 28.92 35.05 -55.33
C ALA C 510 28.33 34.68 -56.67
N PRO C 511 27.44 35.49 -57.25
CA PRO C 511 26.92 35.18 -58.58
C PRO C 511 28.00 35.10 -59.65
N SER C 512 29.10 35.86 -59.49
CA SER C 512 30.21 35.77 -60.43
C SER C 512 30.84 34.39 -60.47
N LEU C 513 30.40 33.49 -59.59
CA LEU C 513 30.72 32.07 -59.67
C LEU C 513 29.82 31.49 -60.74
N VAL C 514 29.58 30.18 -60.73
CA VAL C 514 28.86 29.47 -61.78
C VAL C 514 27.70 30.31 -62.27
N ASP C 515 27.66 30.55 -63.58
CA ASP C 515 26.85 31.61 -64.16
C ASP C 515 26.40 31.16 -65.55
N ALA C 516 25.94 32.10 -66.36
CA ALA C 516 25.53 31.78 -67.72
C ALA C 516 26.70 31.49 -68.65
N TYR C 517 27.93 31.72 -68.20
CA TYR C 517 29.09 31.62 -69.07
C TYR C 517 30.09 30.58 -68.58
N ILE C 518 29.63 29.54 -67.90
CA ILE C 518 30.51 28.48 -67.43
C ILE C 518 30.29 27.25 -68.30
N ASN C 519 31.38 26.74 -68.86
CA ASN C 519 31.36 25.52 -69.68
C ASN C 519 30.30 25.62 -70.77
N ILE C 520 30.27 26.78 -71.43
CA ILE C 520 29.24 27.04 -72.43
C ILE C 520 29.29 25.98 -73.51
N GLY C 521 28.12 25.44 -73.86
CA GLY C 521 28.04 24.42 -74.88
C GLY C 521 28.74 23.14 -74.49
N ALA C 522 28.61 22.70 -73.23
CA ALA C 522 29.27 21.49 -72.77
C ALA C 522 28.49 20.91 -71.61
N ARG C 523 28.04 19.66 -71.76
CA ARG C 523 27.46 18.93 -70.64
C ARG C 523 28.57 18.62 -69.65
N TRP C 524 28.56 19.27 -68.49
CA TRP C 524 29.68 19.13 -67.56
C TRP C 524 29.18 19.51 -66.16
N SER C 525 29.05 18.50 -65.30
CA SER C 525 28.76 18.77 -63.91
C SER C 525 29.93 19.49 -63.27
N LEU C 526 29.64 20.41 -62.36
CA LEU C 526 30.70 21.20 -61.75
C LEU C 526 31.54 20.32 -60.82
N ASP C 527 32.85 20.39 -60.99
CA ASP C 527 33.75 19.67 -60.09
C ASP C 527 33.58 20.04 -58.63
N PRO C 528 33.42 21.31 -58.24
CA PRO C 528 33.22 21.60 -56.81
C PRO C 528 32.02 20.87 -56.21
N MET C 529 30.94 20.72 -56.97
CA MET C 529 29.76 20.01 -56.50
C MET C 529 29.54 18.71 -57.25
N ASP C 530 30.61 18.10 -57.75
CA ASP C 530 30.48 16.79 -58.38
C ASP C 530 30.28 15.70 -57.35
N ASN C 531 30.81 15.88 -56.14
CA ASN C 531 30.70 14.89 -55.08
C ASN C 531 29.80 15.34 -53.94
N VAL C 532 28.98 16.34 -54.16
CA VAL C 532 27.99 16.76 -53.16
C VAL C 532 26.70 15.98 -53.40
N ASN C 533 25.94 15.77 -52.35
CA ASN C 533 24.79 14.88 -52.40
C ASN C 533 23.69 15.46 -53.29
N PRO C 534 23.44 14.88 -54.47
CA PRO C 534 22.44 15.47 -55.36
C PRO C 534 21.04 14.96 -55.09
N PHE C 535 20.65 14.89 -53.83
CA PHE C 535 19.28 14.55 -53.47
C PHE C 535 18.75 15.51 -52.42
N ASN C 536 19.52 16.55 -52.11
CA ASN C 536 19.10 17.61 -51.21
C ASN C 536 18.93 18.85 -52.07
N HIS C 537 17.73 19.01 -52.62
CA HIS C 537 17.49 20.03 -53.63
C HIS C 537 16.01 20.33 -53.68
N PRO C 538 15.61 21.58 -53.96
CA PRO C 538 14.18 21.86 -54.13
C PRO C 538 13.58 21.17 -55.34
N ARG C 539 14.41 20.73 -56.29
CA ARG C 539 13.93 20.03 -57.46
C ARG C 539 13.81 18.53 -57.24
N ASN C 540 14.06 18.06 -56.02
CA ASN C 540 13.91 16.64 -55.71
C ASN C 540 12.43 16.32 -55.73
N ALA C 541 11.97 15.78 -56.86
CA ALA C 541 10.53 15.62 -57.08
C ALA C 541 9.92 14.68 -56.05
N GLY C 542 10.67 13.69 -55.59
CA GLY C 542 10.14 12.79 -54.58
C GLY C 542 9.91 13.48 -53.25
N LEU C 543 10.86 14.30 -52.81
CA LEU C 543 10.74 14.91 -51.50
C LEU C 543 9.66 15.97 -51.46
N ARG C 544 9.64 16.87 -52.45
CA ARG C 544 8.64 17.93 -52.43
C ARG C 544 7.23 17.36 -52.49
N TYR C 545 7.07 16.15 -53.01
CA TYR C 545 5.77 15.49 -52.95
C TYR C 545 5.45 15.06 -51.52
N ARG C 546 6.40 14.44 -50.84
CA ARG C 546 6.15 13.99 -49.48
C ARG C 546 6.02 15.17 -48.52
N SER C 547 6.78 16.24 -48.75
CA SER C 547 6.68 17.40 -47.89
C SER C 547 5.29 18.03 -47.97
N MET C 548 4.75 18.14 -49.18
CA MET C 548 3.42 18.70 -49.36
C MET C 548 2.31 17.70 -49.09
N LEU C 549 2.64 16.42 -48.92
CA LEU C 549 1.61 15.43 -48.63
C LEU C 549 1.08 15.58 -47.21
N LEU C 550 1.94 15.98 -46.27
CA LEU C 550 1.47 16.28 -44.92
C LEU C 550 0.86 17.66 -44.82
N GLY C 551 1.18 18.57 -45.73
CA GLY C 551 0.63 19.91 -45.70
C GLY C 551 1.69 20.99 -45.78
N ASN C 552 1.34 22.21 -45.38
CA ASN C 552 2.27 23.34 -45.39
C ASN C 552 2.11 24.08 -44.07
N GLY C 553 2.86 23.67 -43.06
CA GLY C 553 2.80 24.33 -41.77
C GLY C 553 3.62 23.58 -40.76
N ARG C 554 3.99 24.30 -39.71
CA ARG C 554 4.78 23.70 -38.64
C ARG C 554 4.03 22.55 -37.99
N TYR C 555 2.93 22.87 -37.33
CA TYR C 555 2.19 21.89 -36.55
C TYR C 555 1.18 21.18 -37.45
N VAL C 556 1.28 19.85 -37.52
CA VAL C 556 0.46 19.09 -38.45
C VAL C 556 0.26 17.67 -37.94
N PRO C 557 -0.97 17.26 -37.65
CA PRO C 557 -1.21 15.86 -37.32
C PRO C 557 -1.07 14.98 -38.55
N PHE C 558 -0.79 13.69 -38.31
CA PHE C 558 -0.58 12.75 -39.39
C PHE C 558 -1.26 11.43 -39.08
N HIS C 559 -1.59 10.68 -40.12
CA HIS C 559 -2.23 9.37 -40.01
C HIS C 559 -1.56 8.38 -40.94
N ILE C 560 -0.23 8.30 -40.89
CA ILE C 560 0.52 7.45 -41.80
C ILE C 560 0.16 5.98 -41.58
N GLN C 561 0.31 5.20 -42.65
CA GLN C 561 0.28 3.75 -42.59
C GLN C 561 1.66 3.22 -42.94
N VAL C 562 2.22 2.37 -42.10
CA VAL C 562 3.59 1.90 -42.26
C VAL C 562 3.53 0.42 -42.62
N PRO C 563 4.17 -0.01 -43.71
CA PRO C 563 4.15 -1.43 -44.09
C PRO C 563 5.13 -2.24 -43.28
N GLN C 564 5.28 -3.52 -43.63
CA GLN C 564 6.29 -4.38 -43.03
C GLN C 564 7.37 -4.68 -44.06
N LYS C 565 8.63 -4.50 -43.66
CA LYS C 565 9.75 -4.62 -44.58
C LYS C 565 10.61 -5.84 -44.35
N PHE C 566 10.44 -6.56 -43.23
CA PHE C 566 11.26 -7.73 -42.97
C PHE C 566 10.94 -8.84 -43.96
N PHE C 567 11.97 -9.57 -44.38
CA PHE C 567 11.79 -10.52 -45.48
C PHE C 567 11.09 -11.80 -45.03
N ALA C 568 11.29 -12.26 -43.80
CA ALA C 568 10.64 -13.48 -43.34
C ALA C 568 9.22 -13.25 -42.86
N ILE C 569 8.75 -12.00 -42.86
CA ILE C 569 7.40 -11.68 -42.47
C ILE C 569 6.58 -11.09 -43.61
N LYS C 570 7.22 -10.40 -44.55
CA LYS C 570 6.52 -9.65 -45.56
C LYS C 570 5.58 -10.51 -46.40
N ASN C 571 5.81 -11.81 -46.46
CA ASN C 571 4.97 -12.68 -47.28
C ASN C 571 4.48 -13.92 -46.56
N LEU C 572 4.57 -13.97 -45.23
CA LEU C 572 4.16 -15.16 -44.51
C LEU C 572 2.66 -15.41 -44.70
N LEU C 573 2.26 -16.63 -44.41
CA LEU C 573 0.88 -17.08 -44.57
C LEU C 573 0.37 -17.69 -43.27
N LEU C 574 0.49 -16.93 -42.19
CA LEU C 574 0.18 -17.39 -40.84
C LEU C 574 -1.10 -18.22 -40.78
N LEU C 575 -0.98 -19.42 -40.28
CA LEU C 575 -2.09 -20.34 -40.11
C LEU C 575 -2.79 -20.07 -38.78
N PRO C 576 -3.99 -20.62 -38.58
CA PRO C 576 -4.76 -20.26 -37.38
C PRO C 576 -4.01 -20.52 -36.09
N GLY C 577 -4.20 -19.61 -35.14
CA GLY C 577 -3.53 -19.69 -33.86
C GLY C 577 -3.60 -18.35 -33.16
N SER C 578 -2.72 -18.17 -32.18
CA SER C 578 -2.59 -16.89 -31.48
C SER C 578 -1.12 -16.54 -31.42
N TYR C 579 -0.77 -15.33 -31.82
CA TYR C 579 0.62 -14.91 -31.94
C TYR C 579 0.81 -13.57 -31.27
N THR C 580 2.02 -13.35 -30.73
CA THR C 580 2.40 -12.03 -30.23
C THR C 580 3.23 -11.36 -31.30
N TYR C 581 2.93 -10.11 -31.59
CA TYR C 581 3.55 -9.38 -32.68
C TYR C 581 3.93 -8.01 -32.16
N GLU C 582 5.12 -7.88 -31.59
CA GLU C 582 5.56 -6.64 -30.99
C GLU C 582 6.73 -6.09 -31.79
N TRP C 583 6.87 -4.77 -31.80
CA TRP C 583 7.84 -4.13 -32.68
C TRP C 583 8.11 -2.72 -32.21
N ASN C 584 9.39 -2.38 -32.03
CA ASN C 584 9.76 -1.05 -31.58
C ASN C 584 9.52 -0.03 -32.69
N PHE C 585 9.72 1.24 -32.35
CA PHE C 585 9.60 2.31 -33.31
C PHE C 585 10.58 3.42 -32.93
N ARG C 586 11.00 4.19 -33.94
CA ARG C 586 11.98 5.23 -33.71
C ARG C 586 11.29 6.58 -33.57
N LYS C 587 11.51 7.23 -32.43
CA LYS C 587 10.96 8.56 -32.17
C LYS C 587 11.97 9.66 -32.46
N ASP C 588 13.14 9.30 -33.00
CA ASP C 588 14.19 10.25 -33.28
C ASP C 588 13.84 11.04 -34.53
N VAL C 589 13.57 12.34 -34.35
CA VAL C 589 13.14 13.18 -35.47
C VAL C 589 14.20 13.21 -36.55
N ASN C 590 15.46 13.28 -36.16
CA ASN C 590 16.55 13.42 -37.12
C ASN C 590 16.63 12.25 -38.09
N MET C 591 16.10 11.10 -37.73
CA MET C 591 16.16 9.93 -38.59
C MET C 591 14.88 9.70 -39.39
N ILE C 592 13.71 9.93 -38.78
CA ILE C 592 12.46 9.64 -39.46
C ILE C 592 11.97 10.80 -40.32
N LEU C 593 12.68 11.89 -40.43
CA LEU C 593 12.27 13.01 -41.25
C LEU C 593 13.38 13.47 -42.16
N GLN C 594 13.14 13.74 -43.42
CA GLN C 594 14.16 14.08 -44.33
C GLN C 594 13.98 15.45 -44.67
N SER C 595 15.03 16.20 -44.79
CA SER C 595 14.95 17.56 -45.03
C SER C 595 15.85 17.85 -46.05
N SER C 596 15.46 18.69 -46.95
CA SER C 596 16.24 18.98 -48.06
C SER C 596 17.48 19.69 -47.91
N LEU C 597 17.51 20.74 -47.18
CA LEU C 597 18.72 21.44 -47.17
C LEU C 597 19.59 20.53 -46.44
N GLY C 598 19.09 19.46 -45.86
CA GLY C 598 20.05 18.57 -45.24
C GLY C 598 20.58 19.04 -43.91
N ASN C 599 19.89 19.94 -43.23
CA ASN C 599 20.37 20.50 -41.98
C ASN C 599 20.11 19.51 -40.84
N ASP C 600 20.26 19.98 -39.60
CA ASP C 600 20.07 19.16 -38.42
C ASP C 600 18.71 19.47 -37.82
N LEU C 601 17.82 18.48 -37.81
CA LEU C 601 16.50 18.63 -37.23
C LEU C 601 16.47 18.31 -35.74
N ARG C 602 17.57 17.80 -35.19
CA ARG C 602 17.61 17.48 -33.77
C ARG C 602 17.47 18.72 -32.90
N VAL C 603 17.79 19.90 -33.42
CA VAL C 603 17.78 21.13 -32.64
C VAL C 603 16.63 22.04 -33.02
N ASP C 604 15.74 21.62 -33.92
CA ASP C 604 14.64 22.46 -34.39
C ASP C 604 13.39 21.60 -34.53
N GLY C 605 12.56 21.58 -33.49
CA GLY C 605 11.29 20.89 -33.57
C GLY C 605 11.41 19.37 -33.61
N ALA C 606 10.33 18.67 -33.25
CA ALA C 606 10.40 17.23 -33.16
C ALA C 606 9.01 16.62 -33.27
N SER C 607 8.99 15.33 -33.59
CA SER C 607 7.78 14.53 -33.75
C SER C 607 7.47 13.71 -32.52
N VAL C 608 7.68 14.28 -31.34
CA VAL C 608 7.72 13.51 -30.10
C VAL C 608 6.45 12.70 -29.91
N ARG C 609 5.29 13.30 -30.15
CA ARG C 609 4.03 12.66 -29.82
C ARG C 609 3.72 11.55 -30.81
N PHE C 610 3.57 10.33 -30.32
CA PHE C 610 2.99 9.21 -31.04
C PHE C 610 1.74 8.82 -30.27
N ASP C 611 0.60 9.39 -30.67
CA ASP C 611 -0.60 9.26 -29.86
C ASP C 611 -1.07 7.81 -29.76
N SER C 612 -1.06 7.08 -30.88
CA SER C 612 -1.55 5.72 -30.86
C SER C 612 -1.12 5.00 -32.14
N VAL C 613 -0.85 3.71 -32.01
CA VAL C 613 -0.57 2.85 -33.15
C VAL C 613 -1.50 1.65 -33.07
N ASN C 614 -1.76 1.03 -34.22
CA ASN C 614 -2.64 -0.14 -34.27
C ASN C 614 -2.14 -1.07 -35.36
N LEU C 615 -2.88 -2.15 -35.55
CA LEU C 615 -2.63 -3.11 -36.62
C LEU C 615 -3.87 -3.24 -37.47
N TYR C 616 -3.70 -3.73 -38.69
CA TYR C 616 -4.81 -3.94 -39.60
C TYR C 616 -4.54 -5.16 -40.45
N ALA C 617 -5.21 -6.26 -40.14
CA ALA C 617 -5.07 -7.49 -40.89
C ALA C 617 -6.36 -7.79 -41.64
N THR C 618 -6.26 -7.89 -42.95
CA THR C 618 -7.40 -8.18 -43.81
C THR C 618 -7.37 -9.66 -44.16
N PHE C 619 -8.51 -10.33 -44.00
CA PHE C 619 -8.62 -11.76 -44.20
C PHE C 619 -9.43 -12.04 -45.45
N PHE C 620 -9.00 -13.03 -46.22
CA PHE C 620 -9.82 -13.49 -47.34
C PHE C 620 -10.97 -14.30 -46.78
N PRO C 621 -12.22 -13.93 -47.05
CA PRO C 621 -13.35 -14.65 -46.44
C PRO C 621 -13.54 -16.03 -47.04
N MET C 622 -12.50 -16.85 -46.98
CA MET C 622 -12.54 -18.16 -47.61
C MET C 622 -13.51 -19.08 -46.89
N ALA C 623 -14.14 -19.98 -47.65
CA ALA C 623 -15.07 -20.92 -47.06
C ALA C 623 -14.37 -21.80 -46.05
N HIS C 624 -15.10 -22.16 -44.99
CA HIS C 624 -14.46 -22.82 -43.85
C HIS C 624 -14.05 -24.24 -44.17
N ASN C 625 -14.64 -24.83 -45.21
CA ASN C 625 -14.20 -26.17 -45.61
C ASN C 625 -12.86 -26.12 -46.33
N THR C 626 -12.69 -25.15 -47.23
CA THR C 626 -11.41 -25.03 -47.93
C THR C 626 -10.36 -24.38 -47.04
N ALA C 627 -10.75 -23.42 -46.22
CA ALA C 627 -9.77 -22.79 -45.32
C ALA C 627 -9.24 -23.80 -44.32
N SER C 628 -10.05 -24.78 -43.94
CA SER C 628 -9.56 -25.85 -43.09
C SER C 628 -8.89 -26.95 -43.87
N THR C 629 -8.98 -26.91 -45.21
CA THR C 629 -8.19 -27.81 -46.04
C THR C 629 -6.91 -27.14 -46.51
N LEU C 630 -6.94 -25.82 -46.69
CA LEU C 630 -5.72 -25.09 -47.01
C LEU C 630 -4.69 -25.27 -45.91
N GLU C 631 -5.00 -24.82 -44.70
CA GLU C 631 -4.25 -25.30 -43.56
C GLU C 631 -4.66 -26.74 -43.27
N ALA C 632 -3.94 -27.37 -42.34
CA ALA C 632 -4.04 -28.80 -42.06
C ALA C 632 -3.51 -29.60 -43.25
N MET C 633 -3.19 -28.92 -44.34
CA MET C 633 -2.33 -29.44 -45.37
C MET C 633 -1.13 -28.54 -45.62
N LEU C 634 -1.19 -27.29 -45.19
CA LEU C 634 -0.08 -26.36 -45.31
C LEU C 634 0.85 -26.42 -44.10
N ARG C 635 0.54 -27.25 -43.11
CA ARG C 635 1.41 -27.42 -41.96
C ARG C 635 2.17 -28.73 -41.97
N ASN C 636 2.06 -29.51 -43.03
CA ASN C 636 2.92 -30.67 -43.19
C ASN C 636 4.35 -30.21 -43.45
N ASP C 637 5.32 -30.91 -42.85
CA ASP C 637 6.71 -30.52 -43.00
C ASP C 637 7.21 -30.65 -44.42
N THR C 638 6.47 -31.35 -45.30
CA THR C 638 6.89 -31.46 -46.69
C THR C 638 6.91 -30.10 -47.36
N HIS C 639 5.88 -29.29 -47.15
CA HIS C 639 5.73 -28.00 -47.82
C HIS C 639 5.55 -26.91 -46.76
N ASP C 640 6.66 -26.38 -46.31
CA ASP C 640 6.69 -25.20 -45.45
C ASP C 640 7.28 -24.05 -46.26
N GLN C 641 6.65 -22.88 -46.16
CA GLN C 641 7.05 -21.76 -46.99
C GLN C 641 8.46 -21.30 -46.62
N SER C 642 9.15 -20.73 -47.60
CA SER C 642 10.52 -20.27 -47.42
C SER C 642 10.74 -19.01 -48.25
N PHE C 643 11.30 -17.99 -47.62
CA PHE C 643 11.50 -16.70 -48.26
C PHE C 643 12.98 -16.34 -48.21
N ASN C 644 13.45 -15.62 -49.21
CA ASN C 644 14.84 -15.18 -49.27
C ASN C 644 14.89 -13.67 -49.36
N ASP C 645 15.77 -13.06 -48.57
CA ASP C 645 15.97 -11.63 -48.62
C ASP C 645 16.46 -11.22 -49.99
N TYR C 646 15.86 -10.17 -50.56
CA TYR C 646 16.16 -9.77 -51.92
C TYR C 646 17.62 -9.40 -52.08
N LEU C 647 18.05 -8.33 -51.40
CA LEU C 647 19.47 -7.97 -51.38
C LEU C 647 20.16 -8.83 -50.34
N SER C 648 20.31 -10.11 -50.68
CA SER C 648 20.94 -11.06 -49.77
C SER C 648 22.41 -10.75 -49.71
N ALA C 649 22.85 -10.13 -48.61
CA ALA C 649 24.21 -9.65 -48.52
C ALA C 649 24.65 -9.60 -47.06
N ALA C 650 25.96 -9.51 -46.87
CA ALA C 650 26.56 -9.49 -45.55
C ALA C 650 27.33 -8.19 -45.35
N ASN C 651 26.69 -7.07 -45.69
CA ASN C 651 27.36 -5.79 -45.80
C ASN C 651 28.07 -5.40 -44.51
N MET C 652 29.29 -4.89 -44.66
CA MET C 652 30.04 -4.25 -43.60
C MET C 652 30.43 -2.84 -44.03
N LEU C 653 31.17 -2.15 -43.17
CA LEU C 653 31.55 -0.76 -43.40
C LEU C 653 33.01 -0.60 -42.99
N TYR C 654 33.89 -0.35 -43.94
CA TYR C 654 35.29 -0.14 -43.66
C TYR C 654 35.63 1.33 -43.76
N PRO C 655 36.10 1.96 -42.69
CA PRO C 655 36.35 3.40 -42.72
C PRO C 655 37.48 3.77 -43.65
N ILE C 656 37.37 4.98 -44.20
CA ILE C 656 38.41 5.57 -45.04
C ILE C 656 38.80 6.92 -44.46
N PRO C 657 40.02 7.08 -43.95
CA PRO C 657 40.40 8.37 -43.37
C PRO C 657 40.39 9.47 -44.40
N ALA C 658 40.29 10.71 -43.91
CA ALA C 658 40.25 11.87 -44.80
C ALA C 658 41.55 11.95 -45.60
N LYS C 659 41.42 12.20 -46.90
CA LYS C 659 42.55 12.31 -47.82
C LYS C 659 43.44 11.07 -47.73
N ALA C 660 42.85 9.93 -48.08
CA ALA C 660 43.53 8.66 -47.96
C ALA C 660 43.57 7.92 -49.29
N THR C 661 44.64 7.18 -49.49
CA THR C 661 44.81 6.31 -50.65
C THR C 661 44.03 5.02 -50.47
N ASN C 662 44.38 4.01 -51.25
CA ASN C 662 43.77 2.68 -51.18
C ASN C 662 43.48 2.25 -49.75
N VAL C 663 42.27 1.76 -49.52
CA VAL C 663 41.85 1.24 -48.23
C VAL C 663 41.97 -0.30 -48.29
N PRO C 664 42.87 -0.91 -47.53
CA PRO C 664 43.02 -2.36 -47.59
C PRO C 664 42.11 -3.08 -46.62
N ILE C 665 41.54 -4.19 -47.10
CA ILE C 665 40.68 -5.05 -46.31
C ILE C 665 41.22 -6.47 -46.43
N SER C 666 40.90 -7.30 -45.45
CA SER C 666 41.40 -8.68 -45.45
C SER C 666 40.42 -9.56 -44.70
N ILE C 667 39.76 -10.45 -45.41
CA ILE C 667 38.91 -11.47 -44.78
C ILE C 667 39.80 -12.65 -44.37
N PRO C 668 39.77 -13.09 -43.13
CA PRO C 668 40.57 -14.26 -42.75
C PRO C 668 40.09 -15.52 -43.43
N SER C 669 40.80 -16.62 -43.21
CA SER C 669 40.44 -17.88 -43.84
C SER C 669 39.02 -18.30 -43.46
N ARG C 670 38.23 -18.68 -44.45
CA ARG C 670 36.86 -19.15 -44.24
C ARG C 670 36.38 -19.80 -45.53
N ASN C 671 35.19 -20.38 -45.46
CA ASN C 671 34.60 -21.05 -46.60
C ASN C 671 33.88 -20.05 -47.50
N TRP C 672 33.76 -20.39 -48.78
CA TRP C 672 33.12 -19.55 -49.78
C TRP C 672 32.12 -20.36 -50.60
N ALA C 673 31.28 -21.11 -49.91
CA ALA C 673 30.45 -22.12 -50.57
C ALA C 673 29.54 -21.55 -51.65
N ALA C 674 28.55 -20.75 -51.25
CA ALA C 674 27.55 -20.24 -52.20
C ALA C 674 27.75 -18.77 -52.52
N PHE C 675 28.86 -18.19 -52.11
CA PHE C 675 29.10 -16.77 -52.31
C PHE C 675 29.00 -16.41 -53.79
N ARG C 676 28.32 -15.31 -54.08
CA ARG C 676 28.13 -14.88 -55.46
C ARG C 676 28.29 -13.37 -55.57
N GLY C 677 29.53 -12.93 -55.78
CA GLY C 677 29.79 -11.55 -56.16
C GLY C 677 29.94 -10.56 -55.04
N TRP C 678 30.62 -9.45 -55.32
CA TRP C 678 30.75 -8.33 -54.40
C TRP C 678 29.84 -7.19 -54.85
N SER C 679 29.83 -6.13 -54.06
CA SER C 679 29.16 -4.88 -54.40
C SER C 679 29.64 -3.82 -53.44
N PHE C 680 29.99 -2.65 -53.96
CA PHE C 680 30.64 -1.68 -53.10
C PHE C 680 30.45 -0.26 -53.63
N THR C 681 30.23 0.66 -52.71
CA THR C 681 30.26 2.10 -52.95
C THR C 681 30.83 2.74 -51.70
N ARG C 682 31.03 4.05 -51.74
CA ARG C 682 31.49 4.78 -50.56
C ARG C 682 30.47 5.83 -50.16
N LEU C 683 30.25 5.94 -48.85
CA LEU C 683 29.31 6.90 -48.28
C LEU C 683 30.06 7.79 -47.31
N LYS C 684 29.67 9.06 -47.23
CA LYS C 684 30.23 9.94 -46.23
C LYS C 684 29.81 9.50 -44.84
N THR C 685 30.73 9.60 -43.88
CA THR C 685 30.42 9.20 -42.51
C THR C 685 29.44 10.16 -41.86
N LYS C 686 29.49 11.44 -42.22
CA LYS C 686 28.60 12.41 -41.61
C LYS C 686 27.14 12.12 -41.90
N GLU C 687 26.86 11.28 -42.89
CA GLU C 687 25.48 10.95 -43.24
C GLU C 687 25.25 9.45 -43.17
N THR C 688 25.72 8.82 -42.10
CA THR C 688 25.47 7.41 -41.88
C THR C 688 25.31 7.14 -40.39
N PRO C 689 24.16 6.61 -39.98
CA PRO C 689 23.96 6.30 -38.57
C PRO C 689 24.88 5.19 -38.10
N SER C 690 25.15 5.18 -36.80
CA SER C 690 26.13 4.26 -36.24
C SER C 690 25.64 2.83 -36.15
N LEU C 691 24.47 2.47 -36.68
CA LEU C 691 23.90 1.13 -36.68
C LEU C 691 23.54 0.63 -35.28
N GLY C 692 23.79 1.41 -34.24
CA GLY C 692 23.47 1.00 -32.89
C GLY C 692 22.07 1.44 -32.49
N SER C 693 21.47 0.66 -31.60
CA SER C 693 20.11 0.96 -31.16
C SER C 693 20.08 2.27 -30.37
N GLY C 694 18.93 2.93 -30.44
CA GLY C 694 18.77 4.19 -29.73
C GLY C 694 19.48 5.33 -30.44
N PHE C 695 19.82 6.35 -29.66
CA PHE C 695 20.44 7.54 -30.21
C PHE C 695 21.84 7.25 -30.72
N ASP C 696 22.42 8.27 -31.34
CA ASP C 696 23.84 8.38 -31.66
C ASP C 696 24.11 9.86 -31.87
N PRO C 697 24.43 10.58 -30.79
CA PRO C 697 24.47 12.05 -30.87
C PRO C 697 25.46 12.60 -31.89
N TYR C 698 26.25 11.74 -32.51
CA TYR C 698 27.17 12.14 -33.55
C TYR C 698 26.58 12.01 -34.94
N PHE C 699 25.26 12.05 -35.05
CA PHE C 699 24.54 11.97 -36.33
C PHE C 699 23.70 13.23 -36.42
N VAL C 700 24.25 14.25 -37.01
CA VAL C 700 23.57 15.47 -37.12
C VAL C 700 23.29 15.86 -38.54
N TYR C 701 22.83 14.99 -39.39
CA TYR C 701 22.46 15.34 -40.74
C TYR C 701 21.19 14.70 -40.98
N SER C 702 20.20 15.37 -41.52
CA SER C 702 19.01 14.70 -41.91
C SER C 702 18.86 15.02 -43.29
N GLY C 703 18.86 14.04 -44.15
CA GLY C 703 18.87 14.32 -45.54
C GLY C 703 18.97 12.92 -45.97
N SER C 704 19.07 12.65 -47.23
CA SER C 704 19.01 11.29 -47.62
C SER C 704 20.06 10.52 -46.97
N ILE C 705 19.80 9.25 -46.78
CA ILE C 705 20.78 8.36 -46.18
C ILE C 705 21.10 7.26 -47.18
N PRO C 706 22.22 7.33 -47.88
CA PRO C 706 22.53 6.32 -48.89
C PRO C 706 22.59 4.91 -48.31
N TYR C 707 23.05 4.76 -47.07
CA TYR C 707 23.13 3.43 -46.48
C TYR C 707 21.75 2.82 -46.29
N LEU C 708 20.71 3.66 -46.19
CA LEU C 708 19.35 3.20 -45.98
C LEU C 708 18.46 3.45 -47.18
N ASP C 709 18.39 4.69 -47.67
CA ASP C 709 17.50 5.02 -48.77
C ASP C 709 17.88 4.26 -50.03
N GLY C 710 19.16 4.17 -50.33
CA GLY C 710 19.59 3.50 -51.56
C GLY C 710 19.86 4.47 -52.68
N THR C 711 20.42 5.64 -52.35
CA THR C 711 20.77 6.65 -53.34
C THR C 711 22.24 6.98 -53.14
N PHE C 712 23.10 6.40 -53.98
CA PHE C 712 24.54 6.57 -53.88
C PHE C 712 25.02 7.53 -54.95
N TYR C 713 25.98 8.38 -54.59
CA TYR C 713 26.47 9.36 -55.54
C TYR C 713 27.99 9.36 -55.63
N LEU C 714 28.68 9.05 -54.54
CA LEU C 714 30.13 8.95 -54.57
C LEU C 714 30.62 7.73 -55.31
N ASN C 715 29.72 7.00 -55.96
CA ASN C 715 30.07 5.77 -56.63
C ASN C 715 31.06 5.98 -57.78
N HIS C 716 31.21 7.22 -58.23
CA HIS C 716 32.05 7.53 -59.39
C HIS C 716 33.50 7.82 -59.02
N THR C 717 33.96 7.42 -57.84
CA THR C 717 35.33 7.66 -57.41
C THR C 717 35.94 6.33 -56.98
N PHE C 718 36.51 5.61 -57.93
CA PHE C 718 37.12 4.31 -57.65
C PHE C 718 38.20 4.04 -58.68
N LYS C 719 39.26 3.36 -58.24
CA LYS C 719 40.29 2.85 -59.12
C LYS C 719 40.85 1.56 -58.53
N LYS C 720 41.34 0.69 -59.41
CA LYS C 720 42.22 -0.41 -59.02
C LYS C 720 41.65 -1.22 -57.85
N VAL C 721 40.51 -1.86 -58.09
CA VAL C 721 39.88 -2.69 -57.06
C VAL C 721 40.51 -4.08 -57.20
N SER C 722 41.69 -4.22 -56.63
CA SER C 722 42.46 -5.44 -56.78
C SER C 722 42.00 -6.50 -55.80
N ILE C 723 41.75 -7.70 -56.29
CA ILE C 723 41.29 -8.82 -55.47
C ILE C 723 42.38 -9.89 -55.47
N MET C 724 42.75 -10.35 -54.29
CA MET C 724 43.76 -11.37 -54.13
C MET C 724 43.26 -12.43 -53.17
N PHE C 725 43.44 -13.69 -53.54
CA PHE C 725 43.28 -14.77 -52.58
C PHE C 725 44.62 -14.98 -51.87
N ASP C 726 44.79 -16.10 -51.18
CA ASP C 726 45.99 -16.31 -50.39
C ASP C 726 47.22 -16.40 -51.28
N SER C 727 48.01 -15.33 -51.33
CA SER C 727 49.26 -15.27 -52.10
C SER C 727 49.06 -15.67 -53.56
N SER C 728 47.84 -15.52 -54.06
CA SER C 728 47.45 -15.91 -55.41
C SER C 728 46.82 -14.74 -56.11
N VAL C 729 47.52 -13.61 -56.14
CA VAL C 729 46.86 -12.32 -56.33
C VAL C 729 46.45 -12.19 -57.78
N SER C 730 45.32 -12.81 -58.09
CA SER C 730 44.47 -12.51 -59.23
C SER C 730 43.18 -13.27 -59.00
N TRP C 731 42.06 -12.60 -58.80
CA TRP C 731 40.90 -13.48 -58.71
C TRP C 731 40.44 -13.94 -60.09
N PRO C 732 40.16 -13.02 -61.04
CA PRO C 732 39.85 -13.51 -62.38
C PRO C 732 40.99 -14.31 -62.97
N GLY C 733 42.23 -13.86 -62.75
CA GLY C 733 43.40 -14.64 -63.06
C GLY C 733 43.53 -15.09 -64.50
N ASN C 734 43.32 -16.39 -64.71
CA ASN C 734 43.55 -16.98 -66.03
C ASN C 734 42.65 -16.35 -67.07
N ASP C 735 41.35 -16.19 -66.77
CA ASP C 735 40.44 -15.52 -67.67
C ASP C 735 40.69 -14.02 -67.62
N ARG C 736 41.85 -13.61 -68.12
CA ARG C 736 42.35 -12.27 -67.89
C ARG C 736 41.42 -11.23 -68.51
N LEU C 737 41.45 -10.04 -67.93
CA LEU C 737 40.85 -8.86 -68.52
C LEU C 737 41.87 -8.21 -69.45
N LEU C 738 41.59 -7.00 -69.93
CA LEU C 738 42.61 -6.26 -70.66
C LEU C 738 43.79 -5.95 -69.77
N THR C 739 43.54 -5.49 -68.55
CA THR C 739 44.65 -5.55 -67.61
C THR C 739 44.67 -6.93 -66.95
N PRO C 740 45.83 -7.47 -66.64
CA PRO C 740 45.88 -8.87 -66.18
C PRO C 740 45.52 -9.05 -64.71
N ASN C 741 45.90 -8.11 -63.85
CA ASN C 741 45.84 -8.36 -62.42
C ASN C 741 44.54 -7.88 -61.77
N GLU C 742 44.26 -6.59 -61.85
CA GLU C 742 43.16 -6.01 -61.07
C GLU C 742 42.09 -5.46 -62.00
N PHE C 743 40.87 -5.42 -61.49
CA PHE C 743 39.79 -4.72 -62.19
C PHE C 743 40.08 -3.24 -62.11
N GLU C 744 40.66 -2.69 -63.16
CA GLU C 744 40.89 -1.25 -63.18
C GLU C 744 39.58 -0.55 -63.47
N ILE C 745 39.39 0.60 -62.80
CA ILE C 745 38.25 1.46 -63.06
C ILE C 745 38.79 2.87 -63.20
N LYS C 746 38.07 3.70 -63.97
CA LYS C 746 38.36 5.12 -64.08
C LYS C 746 39.84 5.35 -64.38
N ARG C 747 40.24 4.90 -65.56
CA ARG C 747 41.62 5.06 -65.99
C ARG C 747 42.01 6.52 -65.94
N SER C 748 43.22 6.80 -65.49
CA SER C 748 43.64 8.15 -65.17
C SER C 748 43.93 8.91 -66.46
N VAL C 749 44.59 10.06 -66.32
CA VAL C 749 44.99 10.85 -67.48
C VAL C 749 45.74 10.01 -68.50
N ASP C 750 46.47 9.00 -68.04
CA ASP C 750 47.22 8.12 -68.92
C ASP C 750 46.26 7.11 -69.54
N GLY C 751 46.81 6.10 -70.20
CA GLY C 751 45.98 5.12 -70.88
C GLY C 751 45.95 5.36 -72.37
N GLU C 752 46.74 4.58 -73.12
CA GLU C 752 46.86 4.80 -74.55
C GLU C 752 45.57 4.44 -75.29
N GLY C 753 45.01 3.27 -75.01
CA GLY C 753 43.84 2.82 -75.74
C GLY C 753 42.79 2.09 -74.93
N TYR C 754 42.66 2.42 -73.65
CA TYR C 754 41.74 1.67 -72.80
C TYR C 754 40.67 2.55 -72.18
N ASN C 755 40.04 3.41 -72.97
CA ASN C 755 38.88 4.16 -72.53
C ASN C 755 37.71 3.84 -73.44
N VAL C 756 36.50 4.08 -72.95
CA VAL C 756 35.29 3.67 -73.64
C VAL C 756 34.25 4.77 -73.55
N ALA C 757 33.45 4.89 -74.62
CA ALA C 757 32.27 5.76 -74.64
C ALA C 757 32.63 7.22 -74.33
N GLN C 758 33.78 7.66 -74.83
CA GLN C 758 34.25 9.02 -74.64
C GLN C 758 34.30 9.42 -73.17
N CYS C 759 34.64 8.48 -72.30
CA CYS C 759 34.83 8.76 -70.89
C CYS C 759 36.04 7.97 -70.41
N ASN C 760 36.51 8.31 -69.21
CA ASN C 760 37.74 7.72 -68.71
C ASN C 760 37.53 6.35 -68.09
N MET C 761 36.30 5.86 -68.01
CA MET C 761 36.08 4.49 -67.60
C MET C 761 36.77 3.55 -68.58
N THR C 762 37.46 2.56 -68.04
CA THR C 762 38.25 1.66 -68.87
C THR C 762 37.36 0.63 -69.56
N LYS C 763 37.91 0.03 -70.61
CA LYS C 763 37.12 -0.83 -71.47
C LYS C 763 36.68 -2.09 -70.76
N ASP C 764 37.60 -2.73 -70.02
CA ASP C 764 37.26 -3.99 -69.37
C ASP C 764 36.18 -3.80 -68.30
N TRP C 765 36.28 -2.72 -67.52
CA TRP C 765 35.29 -2.49 -66.47
C TRP C 765 33.89 -2.33 -67.05
N PHE C 766 33.79 -1.61 -68.17
CA PHE C 766 32.51 -1.51 -68.86
C PHE C 766 32.02 -2.89 -69.27
N LEU C 767 32.92 -3.75 -69.73
CA LEU C 767 32.52 -5.07 -70.20
C LEU C 767 31.96 -5.92 -69.08
N VAL C 768 32.65 -5.97 -67.94
CA VAL C 768 32.16 -6.78 -66.83
C VAL C 768 30.90 -6.17 -66.25
N GLN C 769 30.86 -4.84 -66.11
CA GLN C 769 29.68 -4.20 -65.56
C GLN C 769 28.47 -4.42 -66.46
N MET C 770 28.65 -4.31 -67.77
CA MET C 770 27.55 -4.59 -68.69
C MET C 770 27.13 -6.05 -68.62
N LEU C 771 28.12 -6.96 -68.53
CA LEU C 771 27.80 -8.38 -68.44
C LEU C 771 27.06 -8.70 -67.15
N SER C 772 27.45 -8.06 -66.05
CA SER C 772 26.89 -8.44 -64.76
C SER C 772 25.42 -8.02 -64.64
N HIS C 773 25.03 -6.96 -65.35
CA HIS C 773 23.66 -6.47 -65.24
C HIS C 773 22.75 -7.12 -66.28
N TYR C 774 23.08 -6.99 -67.57
CA TYR C 774 22.19 -7.39 -68.64
C TYR C 774 22.70 -8.54 -69.49
N ASN C 775 23.91 -9.05 -69.22
CA ASN C 775 24.47 -10.17 -69.99
C ASN C 775 24.53 -9.86 -71.48
N ILE C 776 25.03 -8.67 -71.81
CA ILE C 776 25.07 -8.22 -73.20
C ILE C 776 26.49 -7.89 -73.62
N GLY C 777 27.46 -8.63 -73.10
CA GLY C 777 28.85 -8.30 -73.37
C GLY C 777 29.51 -9.04 -74.51
N TYR C 778 29.25 -10.33 -74.64
CA TYR C 778 29.99 -11.13 -75.62
C TYR C 778 29.51 -10.90 -77.04
N GLN C 779 28.21 -10.71 -77.23
CA GLN C 779 27.74 -10.21 -78.51
C GLN C 779 27.86 -8.69 -78.53
N GLY C 780 27.43 -8.08 -79.64
CA GLY C 780 27.60 -6.65 -79.79
C GLY C 780 26.90 -5.89 -78.68
N PHE C 781 27.57 -4.85 -78.18
CA PHE C 781 26.98 -3.97 -77.18
C PHE C 781 25.77 -3.25 -77.77
N HIS C 782 24.58 -3.59 -77.29
CA HIS C 782 23.36 -2.92 -77.72
C HIS C 782 22.63 -2.39 -76.51
N VAL C 783 21.91 -1.29 -76.71
CA VAL C 783 21.17 -0.69 -75.58
C VAL C 783 20.16 -1.70 -75.07
N PRO C 784 20.16 -2.02 -73.78
CA PRO C 784 19.34 -3.14 -73.29
C PRO C 784 17.86 -2.81 -73.34
N GLU C 785 17.07 -3.86 -73.19
CA GLU C 785 15.62 -3.73 -73.26
C GLU C 785 15.11 -2.87 -72.11
N GLY C 786 13.98 -2.19 -72.36
CA GLY C 786 13.47 -1.23 -71.40
C GLY C 786 13.16 -1.83 -70.05
N TYR C 787 12.71 -3.08 -70.01
CA TYR C 787 12.36 -3.72 -68.76
C TYR C 787 13.54 -4.38 -68.07
N LYS C 788 14.73 -4.31 -68.65
CA LYS C 788 15.92 -4.86 -68.01
C LYS C 788 16.69 -3.82 -67.20
N ASP C 789 16.52 -2.54 -67.49
CA ASP C 789 17.13 -1.46 -66.72
C ASP C 789 16.02 -0.53 -66.28
N ARG C 790 15.75 -0.48 -64.98
CA ARG C 790 14.56 0.20 -64.49
C ARG C 790 14.89 1.44 -63.64
N MET C 791 15.52 1.28 -62.49
CA MET C 791 15.84 2.45 -61.69
C MET C 791 17.31 2.50 -61.31
N TYR C 792 17.82 1.38 -60.79
CA TYR C 792 19.15 1.32 -60.22
C TYR C 792 20.14 0.60 -61.12
N SER C 793 19.77 0.34 -62.37
CA SER C 793 20.65 -0.39 -63.26
C SER C 793 21.77 0.51 -63.77
N PHE C 794 22.79 -0.12 -64.34
CA PHE C 794 23.99 0.60 -64.75
C PHE C 794 23.71 1.52 -65.92
N PHE C 795 23.05 1.01 -66.96
CA PHE C 795 22.94 1.78 -68.19
C PHE C 795 21.95 2.93 -68.07
N ARG C 796 20.89 2.75 -67.28
CA ARG C 796 19.86 3.79 -67.19
C ARG C 796 20.44 5.11 -66.70
N ASN C 797 21.46 5.07 -65.85
CA ASN C 797 22.00 6.30 -65.28
C ASN C 797 23.52 6.33 -65.34
N PHE C 798 24.10 5.93 -66.46
CA PHE C 798 25.53 6.10 -66.71
C PHE C 798 25.70 7.24 -67.69
N GLN C 799 26.24 8.36 -67.23
CA GLN C 799 26.30 9.59 -68.03
C GLN C 799 27.73 10.00 -68.26
N PRO C 800 28.31 9.71 -69.41
CA PRO C 800 29.63 10.26 -69.75
C PRO C 800 29.53 11.66 -70.30
N MET C 801 30.52 12.47 -69.97
CA MET C 801 30.56 13.85 -70.44
C MET C 801 31.97 14.39 -70.28
N SER C 802 32.27 15.45 -71.02
CA SER C 802 33.61 16.01 -71.05
C SER C 802 33.54 17.45 -71.51
N ARG C 803 34.66 18.15 -71.36
CA ARG C 803 34.74 19.56 -71.72
C ARG C 803 36.20 19.90 -71.99
N GLN C 804 36.42 21.13 -72.47
CA GLN C 804 37.75 21.62 -72.79
C GLN C 804 38.03 22.88 -72.00
N VAL C 805 39.25 22.99 -71.47
CA VAL C 805 39.67 24.19 -70.76
C VAL C 805 41.03 24.62 -71.29
N VAL C 806 41.38 25.87 -71.01
CA VAL C 806 42.66 26.41 -71.47
C VAL C 806 43.78 25.66 -70.77
N ASP C 807 44.74 25.19 -71.56
CA ASP C 807 45.91 24.53 -70.99
C ASP C 807 46.97 25.57 -70.66
N GLU C 808 47.26 25.71 -69.37
CA GLU C 808 48.14 26.75 -68.87
C GLU C 808 49.57 26.61 -69.37
N ILE C 809 50.11 25.39 -69.42
CA ILE C 809 51.53 25.20 -69.69
C ILE C 809 51.89 25.41 -71.16
N ASN C 810 50.90 25.51 -72.05
CA ASN C 810 51.17 25.63 -73.48
C ASN C 810 50.81 27.00 -74.04
N TYR C 811 49.68 27.58 -73.61
CA TYR C 811 49.26 28.87 -74.11
C TYR C 811 50.11 29.96 -73.48
N LYS C 812 50.84 30.72 -74.30
CA LYS C 812 51.78 31.69 -73.77
C LYS C 812 51.07 32.81 -73.01
N ASP C 813 49.97 33.32 -73.55
CA ASP C 813 49.31 34.47 -72.98
C ASP C 813 48.37 34.13 -71.83
N TYR C 814 48.48 32.92 -71.26
CA TYR C 814 47.59 32.51 -70.20
C TYR C 814 47.86 33.30 -68.92
N LYS C 815 46.80 33.62 -68.20
CA LYS C 815 46.89 34.22 -66.88
C LYS C 815 45.94 33.47 -65.95
N ALA C 816 46.01 33.81 -64.67
CA ALA C 816 45.36 33.03 -63.61
C ALA C 816 44.44 33.92 -62.79
N VAL C 817 43.58 34.68 -63.48
CA VAL C 817 42.64 35.55 -62.78
C VAL C 817 41.73 34.73 -61.88
N THR C 818 41.66 35.11 -60.61
CA THR C 818 40.82 34.41 -59.66
C THR C 818 39.40 34.97 -59.70
N LEU C 819 38.55 34.47 -58.80
CA LEU C 819 37.15 34.92 -58.78
C LEU C 819 36.99 36.40 -58.47
N PRO C 820 37.63 36.97 -57.44
CA PRO C 820 37.38 38.38 -57.13
C PRO C 820 38.06 39.36 -58.06
N PHE C 821 38.57 38.92 -59.22
CA PHE C 821 39.20 39.81 -60.17
C PHE C 821 38.72 39.61 -61.61
N GLN C 822 37.72 38.76 -61.82
CA GLN C 822 37.14 38.55 -63.14
C GLN C 822 35.77 39.22 -63.20
N HIS C 823 35.56 39.87 -64.37
CA HIS C 823 34.35 40.63 -64.59
C HIS C 823 33.51 40.65 -65.82
N ASN C 824 32.85 39.58 -66.22
CA ASN C 824 31.96 39.58 -67.34
C ASN C 824 30.79 40.27 -66.85
N ASN C 825 30.04 40.87 -67.73
CA ASN C 825 28.82 41.50 -67.38
C ASN C 825 29.00 42.44 -66.31
N SER C 826 30.03 43.20 -66.39
CA SER C 826 30.24 44.19 -65.40
C SER C 826 29.33 45.27 -65.55
N GLY C 827 28.78 45.76 -64.48
CA GLY C 827 27.97 46.92 -64.59
C GLY C 827 26.53 46.63 -64.74
N PHE C 828 26.22 45.40 -64.87
CA PHE C 828 24.82 45.04 -64.95
C PHE C 828 24.47 43.92 -63.96
N THR C 829 25.29 43.75 -62.93
CA THR C 829 25.07 42.72 -61.93
C THR C 829 25.77 43.13 -60.65
N GLY C 830 25.70 42.26 -59.64
CA GLY C 830 26.29 42.52 -58.34
C GLY C 830 27.69 41.94 -58.24
N TYR C 831 28.54 42.62 -57.47
CA TYR C 831 29.92 42.21 -57.29
C TYR C 831 30.01 41.28 -56.09
N LEU C 832 30.17 39.98 -56.35
CA LEU C 832 30.32 38.98 -55.30
C LEU C 832 29.13 39.00 -54.34
N ALA C 833 27.95 39.23 -54.88
CA ALA C 833 26.73 39.27 -54.08
C ALA C 833 25.50 39.28 -54.99
N PRO C 834 24.39 38.73 -54.56
CA PRO C 834 23.16 38.83 -55.34
C PRO C 834 22.48 40.17 -55.13
N THR C 835 23.22 41.13 -54.60
CA THR C 835 22.68 42.43 -54.23
C THR C 835 22.53 43.30 -55.47
N MET C 836 22.30 44.60 -55.24
CA MET C 836 22.02 45.52 -56.33
C MET C 836 23.17 45.60 -57.33
N ARG C 837 22.82 45.73 -58.60
CA ARG C 837 23.81 45.98 -59.64
C ARG C 837 24.59 47.24 -59.31
N GLN C 838 25.92 47.17 -59.40
CA GLN C 838 26.74 48.29 -58.97
C GLN C 838 27.86 48.67 -59.91
N GLY C 839 28.25 47.82 -60.85
CA GLY C 839 29.46 48.03 -61.61
C GLY C 839 29.36 49.11 -62.66
N GLN C 840 30.29 49.06 -63.60
CA GLN C 840 30.36 49.93 -64.76
C GLN C 840 30.51 49.09 -66.02
N PRO C 841 29.90 49.50 -67.13
CA PRO C 841 30.05 48.74 -68.37
C PRO C 841 31.50 48.75 -68.84
N TYR C 842 31.95 47.61 -69.35
CA TYR C 842 33.31 47.43 -69.82
C TYR C 842 33.44 46.06 -70.48
N PRO C 843 34.36 45.88 -71.43
CA PRO C 843 34.57 44.54 -72.00
C PRO C 843 35.02 43.56 -70.93
N ALA C 844 34.57 42.32 -71.07
CA ALA C 844 34.84 41.26 -70.11
C ALA C 844 36.23 40.67 -70.33
N ASN C 845 36.68 39.88 -69.35
CA ASN C 845 37.98 39.23 -69.47
C ASN C 845 38.04 37.78 -69.04
N PHE C 846 37.07 37.26 -68.31
CA PHE C 846 37.29 35.95 -67.71
C PHE C 846 37.16 34.77 -68.68
N PRO C 847 35.99 34.54 -69.28
CA PRO C 847 35.77 33.25 -69.96
C PRO C 847 36.51 33.15 -71.28
N TYR C 848 37.77 32.73 -71.23
CA TYR C 848 38.59 32.61 -72.41
C TYR C 848 37.83 31.92 -73.54
N PRO C 849 37.80 32.48 -74.74
CA PRO C 849 37.06 31.85 -75.83
C PRO C 849 37.71 30.56 -76.27
N LEU C 850 36.88 29.66 -76.78
CA LEU C 850 37.36 28.38 -77.30
C LEU C 850 36.86 28.14 -78.73
N ILE C 851 36.17 29.11 -79.32
CA ILE C 851 35.61 28.98 -80.66
C ILE C 851 36.01 30.21 -81.47
N GLY C 852 35.66 30.19 -82.76
CA GLY C 852 35.99 31.27 -83.65
C GLY C 852 37.45 31.24 -84.06
N GLN C 853 37.82 32.00 -85.09
CA GLN C 853 39.23 32.02 -85.48
C GLN C 853 39.99 33.01 -84.61
N THR C 854 39.78 32.93 -83.30
CA THR C 854 40.54 33.67 -82.31
C THR C 854 40.74 32.85 -81.05
N ALA C 855 40.50 31.54 -81.12
CA ALA C 855 40.46 30.71 -79.94
C ALA C 855 41.86 30.52 -79.36
N VAL C 856 41.94 29.71 -78.31
CA VAL C 856 43.20 29.45 -77.62
C VAL C 856 43.45 27.95 -77.59
N PRO C 857 44.70 27.51 -77.55
CA PRO C 857 44.95 26.08 -77.35
C PRO C 857 44.34 25.60 -76.05
N SER C 858 43.89 24.35 -76.03
CA SER C 858 43.12 23.84 -74.91
C SER C 858 43.49 22.39 -74.65
N VAL C 859 43.01 21.88 -73.51
CA VAL C 859 43.21 20.50 -73.11
C VAL C 859 41.84 19.92 -72.76
N THR C 860 41.74 18.59 -72.80
CA THR C 860 40.48 17.90 -72.65
C THR C 860 40.44 17.15 -71.32
N GLN C 861 39.31 17.23 -70.64
CA GLN C 861 39.09 16.52 -69.39
C GLN C 861 37.83 15.67 -69.53
N LYS C 862 37.93 14.40 -69.15
CA LYS C 862 36.81 13.47 -69.24
C LYS C 862 36.52 12.88 -67.87
N LYS C 863 35.23 12.73 -67.58
CA LYS C 863 34.79 12.01 -66.38
C LYS C 863 33.40 11.48 -66.67
N PHE C 864 32.78 10.89 -65.64
CA PHE C 864 31.46 10.31 -65.80
C PHE C 864 30.76 10.30 -64.46
N LEU C 865 29.45 10.07 -64.50
CA LEU C 865 28.63 10.04 -63.29
C LEU C 865 27.76 8.80 -63.29
N CYS C 866 27.67 8.15 -62.13
CA CYS C 866 26.88 6.93 -61.97
C CYS C 866 26.20 7.01 -60.59
N ASP C 867 24.97 7.49 -60.58
CA ASP C 867 24.20 7.64 -59.36
C ASP C 867 23.19 6.49 -59.23
N ARG C 868 22.83 6.21 -57.98
CA ARG C 868 21.85 5.18 -57.64
C ARG C 868 22.25 3.80 -58.15
N VAL C 869 23.54 3.58 -58.39
CA VAL C 869 24.04 2.30 -58.86
C VAL C 869 25.29 1.96 -58.05
N MET C 870 25.41 0.70 -57.68
CA MET C 870 26.54 0.20 -56.90
C MET C 870 27.31 -0.81 -57.75
N TRP C 871 28.62 -0.63 -57.83
CA TRP C 871 29.44 -1.51 -58.64
C TRP C 871 29.26 -2.95 -58.19
N ARG C 872 29.48 -3.88 -59.12
CA ARG C 872 29.38 -5.29 -58.79
C ARG C 872 30.41 -6.08 -59.57
N ILE C 873 30.96 -7.10 -58.93
CA ILE C 873 31.93 -8.00 -59.53
C ILE C 873 31.43 -9.42 -59.32
N PRO C 874 30.60 -9.94 -60.22
CA PRO C 874 29.99 -11.24 -59.99
C PRO C 874 31.03 -12.34 -59.88
N PHE C 875 30.77 -13.27 -58.97
CA PHE C 875 31.70 -14.36 -58.68
C PHE C 875 31.36 -15.53 -59.59
N SER C 876 31.37 -15.24 -60.90
CA SER C 876 31.14 -16.27 -61.89
C SER C 876 32.36 -16.37 -62.78
N SER C 877 32.52 -17.52 -63.43
CA SER C 877 33.70 -17.76 -64.23
C SER C 877 33.80 -16.78 -65.40
N ASN C 878 32.67 -16.48 -66.04
CA ASN C 878 32.65 -15.61 -67.21
C ASN C 878 31.89 -14.31 -66.96
N PHE C 879 31.72 -13.93 -65.70
CA PHE C 879 31.09 -12.67 -65.28
C PHE C 879 29.62 -12.60 -65.63
N MET C 880 29.06 -13.61 -66.29
CA MET C 880 27.66 -13.57 -66.66
C MET C 880 26.81 -14.00 -65.47
N SER C 881 25.49 -13.94 -65.64
CA SER C 881 24.54 -14.34 -64.59
C SER C 881 23.59 -15.37 -65.19
N MET C 882 24.02 -16.62 -65.22
CA MET C 882 23.20 -17.74 -65.63
C MET C 882 22.88 -18.58 -64.41
N GLY C 883 21.62 -18.97 -64.29
CA GLY C 883 21.28 -19.57 -63.03
C GLY C 883 21.35 -18.51 -61.94
N ALA C 884 21.38 -18.98 -60.71
CA ALA C 884 21.49 -18.01 -59.62
C ALA C 884 22.58 -18.35 -58.63
N LEU C 885 22.88 -19.63 -58.42
CA LEU C 885 23.84 -19.97 -57.38
C LEU C 885 25.22 -19.42 -57.73
N THR C 886 25.93 -20.09 -58.65
CA THR C 886 27.04 -19.56 -59.45
C THR C 886 27.65 -20.70 -60.24
N ASP C 887 28.60 -20.38 -61.13
CA ASP C 887 29.49 -21.42 -61.63
C ASP C 887 30.54 -21.77 -60.58
N LEU C 888 31.10 -20.76 -59.92
CA LEU C 888 32.16 -20.95 -58.95
C LEU C 888 31.64 -21.17 -57.54
N GLY C 889 30.34 -21.08 -57.32
CA GLY C 889 29.79 -21.44 -56.03
C GLY C 889 29.56 -22.91 -55.86
N GLN C 890 30.03 -23.71 -56.81
CA GLN C 890 29.88 -25.15 -56.74
C GLN C 890 31.15 -25.93 -57.04
N ASN C 891 32.17 -25.31 -57.64
CA ASN C 891 33.39 -26.04 -57.93
C ASN C 891 34.06 -26.48 -56.64
N MET C 892 34.66 -27.66 -56.68
CA MET C 892 35.03 -28.35 -55.45
C MET C 892 36.10 -27.61 -54.66
N LEU C 893 36.83 -26.69 -55.29
CA LEU C 893 37.90 -26.01 -54.57
C LEU C 893 37.34 -25.07 -53.51
N TYR C 894 36.37 -24.24 -53.90
CA TYR C 894 35.84 -23.27 -52.96
C TYR C 894 34.89 -23.90 -51.96
N ALA C 895 34.17 -24.94 -52.35
CA ALA C 895 33.15 -25.51 -51.48
C ALA C 895 33.70 -26.51 -50.48
N ASN C 896 34.97 -26.91 -50.60
CA ASN C 896 35.53 -27.96 -49.77
C ASN C 896 36.80 -27.53 -49.05
N SER C 897 36.99 -26.24 -48.82
CA SER C 897 38.21 -25.78 -48.17
C SER C 897 37.96 -24.41 -47.57
N ALA C 898 39.03 -23.72 -47.20
CA ALA C 898 38.93 -22.37 -46.65
C ALA C 898 40.12 -21.57 -47.13
N HIS C 899 39.86 -20.48 -47.86
CA HIS C 899 40.90 -19.69 -48.48
C HIS C 899 40.81 -18.26 -48.00
N ALA C 900 41.95 -17.69 -47.62
CA ALA C 900 41.98 -16.30 -47.19
C ALA C 900 41.71 -15.37 -48.36
N LEU C 901 41.07 -14.25 -48.07
CA LEU C 901 40.78 -13.23 -49.07
C LEU C 901 41.22 -11.87 -48.56
N ASP C 902 41.85 -11.10 -49.42
CA ASP C 902 42.26 -9.75 -49.08
C ASP C 902 42.28 -8.91 -50.35
N MET C 903 41.49 -7.84 -50.36
CA MET C 903 41.37 -7.00 -51.54
C MET C 903 41.71 -5.57 -51.15
N THR C 904 42.15 -4.78 -52.13
CA THR C 904 42.66 -3.45 -51.89
C THR C 904 41.99 -2.46 -52.84
N PHE C 905 40.84 -1.94 -52.42
CA PHE C 905 40.19 -0.88 -53.17
C PHE C 905 41.04 0.39 -53.09
N GLU C 906 41.12 1.12 -54.20
CA GLU C 906 41.94 2.33 -54.28
C GLU C 906 41.09 3.48 -54.78
N VAL C 907 40.61 4.32 -53.86
CA VAL C 907 39.75 5.43 -54.21
C VAL C 907 40.58 6.70 -54.26
N ASP C 908 40.07 7.68 -55.00
CA ASP C 908 40.69 8.98 -55.08
C ASP C 908 40.44 9.77 -53.79
N PRO C 909 41.38 10.63 -53.41
CA PRO C 909 41.26 11.33 -52.12
C PRO C 909 40.08 12.29 -52.10
N MET C 910 39.59 12.56 -50.88
CA MET C 910 38.49 13.48 -50.68
C MET C 910 38.59 14.04 -49.26
N ASP C 911 38.03 15.23 -49.07
CA ASP C 911 38.17 15.92 -47.78
C ASP C 911 37.37 15.22 -46.69
N GLU C 912 36.12 14.88 -46.98
CA GLU C 912 35.25 14.31 -45.96
C GLU C 912 35.77 12.94 -45.53
N PRO C 913 35.71 12.62 -44.24
CA PRO C 913 36.11 11.28 -43.78
C PRO C 913 35.02 10.25 -44.08
N THR C 914 35.03 9.76 -45.31
CA THR C 914 34.00 8.84 -45.78
C THR C 914 34.38 7.40 -45.43
N LEU C 915 33.62 6.44 -45.97
CA LEU C 915 33.91 5.04 -45.70
C LEU C 915 33.33 4.18 -46.82
N LEU C 916 34.03 3.08 -47.11
CA LEU C 916 33.57 2.13 -48.10
C LEU C 916 32.37 1.35 -47.57
N TYR C 917 31.52 0.89 -48.49
CA TYR C 917 30.34 0.12 -48.17
C TYR C 917 30.34 -1.21 -48.91
N LEU C 918 31.46 -1.92 -48.83
CA LEU C 918 31.54 -3.24 -49.43
C LEU C 918 30.47 -4.15 -48.85
N LEU C 919 29.82 -4.93 -49.72
CA LEU C 919 28.87 -5.95 -49.27
C LEU C 919 29.05 -7.21 -50.07
N PHE C 920 29.47 -8.28 -49.40
CA PHE C 920 29.53 -9.59 -50.04
C PHE C 920 28.12 -10.10 -50.22
N GLU C 921 27.86 -10.69 -51.38
CA GLU C 921 26.53 -11.25 -51.64
C GLU C 921 26.49 -12.70 -51.21
N VAL C 922 25.31 -13.13 -50.78
CA VAL C 922 25.16 -14.36 -50.02
C VAL C 922 23.80 -14.95 -50.37
N PHE C 923 23.50 -16.14 -49.85
CA PHE C 923 22.15 -16.68 -49.88
C PHE C 923 21.58 -16.52 -48.48
N ASP C 924 20.43 -15.87 -48.37
CA ASP C 924 19.84 -15.54 -47.08
C ASP C 924 18.38 -15.98 -47.11
N VAL C 925 18.11 -17.16 -46.58
CA VAL C 925 16.78 -17.76 -46.69
C VAL C 925 16.28 -18.13 -45.30
N VAL C 926 14.99 -18.44 -45.22
CA VAL C 926 14.36 -18.96 -44.01
C VAL C 926 13.53 -20.17 -44.41
N ARG C 927 12.94 -20.81 -43.41
CA ARG C 927 11.99 -21.90 -43.67
C ARG C 927 11.11 -22.04 -42.43
N VAL C 928 9.91 -21.49 -42.50
CA VAL C 928 9.01 -21.43 -41.36
C VAL C 928 8.06 -22.62 -41.43
N HIS C 929 7.93 -23.33 -40.30
CA HIS C 929 7.32 -24.66 -40.29
C HIS C 929 5.85 -24.64 -39.87
N GLN C 930 5.55 -24.15 -38.68
CA GLN C 930 4.21 -24.13 -38.13
C GLN C 930 3.59 -25.52 -38.05
N PRO C 931 4.14 -26.43 -37.26
CA PRO C 931 3.60 -27.80 -37.22
C PRO C 931 2.20 -27.90 -36.63
N HIS C 932 2.01 -27.39 -35.41
CA HIS C 932 0.73 -27.50 -34.72
C HIS C 932 0.07 -26.12 -34.64
N ARG C 933 -1.05 -26.07 -33.94
CA ARG C 933 -1.83 -24.84 -33.87
C ARG C 933 -1.16 -23.82 -32.97
N GLY C 934 -0.85 -22.65 -33.52
CA GLY C 934 -0.32 -21.57 -32.73
C GLY C 934 1.15 -21.62 -32.43
N VAL C 935 1.90 -22.50 -33.07
CA VAL C 935 3.33 -22.64 -32.84
C VAL C 935 4.04 -22.55 -34.18
N ILE C 936 5.00 -21.63 -34.30
CA ILE C 936 5.82 -21.52 -35.50
C ILE C 936 7.28 -21.46 -35.07
N GLU C 937 8.15 -21.86 -36.00
CA GLU C 937 9.59 -21.88 -35.75
C GLU C 937 10.30 -21.85 -37.08
N ALA C 938 11.18 -20.87 -37.26
CA ALA C 938 11.86 -20.65 -38.52
C ALA C 938 13.34 -20.96 -38.38
N VAL C 939 13.91 -21.56 -39.42
CA VAL C 939 15.32 -21.91 -39.46
C VAL C 939 15.99 -21.02 -40.50
N TYR C 940 16.93 -20.19 -40.04
CA TYR C 940 17.61 -19.24 -40.89
C TYR C 940 18.93 -19.83 -41.38
N LEU C 941 19.48 -19.23 -42.43
CA LEU C 941 20.72 -19.72 -42.99
C LEU C 941 21.34 -18.66 -43.88
N ARG C 942 22.63 -18.40 -43.68
CA ARG C 942 23.46 -17.65 -44.61
C ARG C 942 24.61 -18.55 -45.02
N THR C 943 24.80 -18.75 -46.32
CA THR C 943 25.66 -19.86 -46.71
C THR C 943 27.15 -19.52 -46.61
N PRO C 944 27.64 -18.39 -47.15
CA PRO C 944 28.86 -17.81 -46.59
C PRO C 944 28.51 -16.75 -45.54
N PHE C 945 29.50 -16.44 -44.71
CA PHE C 945 29.33 -15.50 -43.61
C PHE C 945 28.16 -15.90 -42.73
N SER C 946 28.08 -17.19 -42.42
CA SER C 946 26.97 -17.70 -41.62
C SER C 946 26.94 -17.09 -40.22
N ALA C 947 28.06 -16.58 -39.73
CA ALA C 947 28.09 -15.87 -38.46
C ALA C 947 29.33 -14.98 -38.42
N GLY C 948 29.22 -13.92 -37.63
CA GLY C 948 30.33 -13.02 -37.41
C GLY C 948 30.27 -11.79 -38.31
N ASN C 949 30.75 -10.68 -37.76
CA ASN C 949 30.75 -9.42 -38.49
C ASN C 949 32.11 -9.16 -39.13
N MET D 6 -43.70 -21.53 -43.86
CA MET D 6 -42.61 -22.49 -43.82
C MET D 6 -42.53 -23.18 -42.47
N MET D 7 -43.10 -24.38 -42.39
CA MET D 7 -43.09 -25.12 -41.13
C MET D 7 -41.70 -25.52 -40.66
N PRO D 8 -40.80 -26.08 -41.49
CA PRO D 8 -39.53 -26.59 -40.95
C PRO D 8 -38.71 -25.56 -40.20
N GLN D 9 -38.69 -24.32 -40.68
CA GLN D 9 -37.94 -23.28 -39.96
C GLN D 9 -38.68 -22.85 -38.71
N TRP D 10 -40.00 -22.94 -38.71
CA TRP D 10 -40.78 -22.60 -37.52
C TRP D 10 -40.45 -23.58 -36.40
N ALA D 11 -40.47 -24.88 -36.71
CA ALA D 11 -40.24 -25.88 -35.68
C ALA D 11 -38.82 -25.79 -35.13
N TYR D 12 -37.85 -25.56 -35.99
CA TYR D 12 -36.46 -25.56 -35.54
C TYR D 12 -36.18 -24.39 -34.60
N MET D 13 -36.73 -23.22 -34.88
CA MET D 13 -36.54 -22.06 -34.02
C MET D 13 -37.58 -21.97 -32.92
N HIS D 14 -38.47 -22.95 -32.83
CA HIS D 14 -39.51 -22.98 -31.79
C HIS D 14 -40.42 -21.77 -31.85
N ILE D 15 -40.67 -21.27 -33.06
CA ILE D 15 -41.77 -20.33 -33.24
C ILE D 15 -43.10 -21.05 -33.10
N ALA D 16 -43.19 -22.30 -33.53
CA ALA D 16 -44.37 -23.11 -33.29
C ALA D 16 -43.98 -24.58 -33.34
N GLY D 17 -44.73 -25.40 -32.61
CA GLY D 17 -44.59 -26.83 -32.76
C GLY D 17 -44.47 -27.67 -31.50
N GLN D 18 -43.74 -27.20 -30.49
CA GLN D 18 -43.56 -28.01 -29.30
C GLN D 18 -42.98 -27.17 -28.18
N ASP D 19 -43.59 -27.25 -27.01
CA ASP D 19 -43.16 -26.48 -25.86
C ASP D 19 -41.93 -27.12 -25.21
N ALA D 20 -41.27 -26.35 -24.34
CA ALA D 20 -40.02 -26.80 -23.76
C ALA D 20 -40.19 -28.07 -22.94
N SER D 21 -41.40 -28.34 -22.46
CA SER D 21 -41.63 -29.56 -21.71
C SER D 21 -41.62 -30.81 -22.58
N GLU D 22 -41.64 -30.66 -23.90
CA GLU D 22 -41.76 -31.80 -24.80
C GLU D 22 -40.49 -32.06 -25.60
N TYR D 23 -39.91 -31.05 -26.24
CA TYR D 23 -38.74 -31.31 -27.06
C TYR D 23 -37.46 -31.44 -26.25
N LEU D 24 -37.44 -30.97 -25.01
CA LEU D 24 -36.29 -31.23 -24.16
C LEU D 24 -36.17 -32.71 -23.87
N SER D 25 -34.93 -33.15 -23.65
CA SER D 25 -34.69 -34.55 -23.33
C SER D 25 -35.37 -34.91 -22.01
N PRO D 26 -35.82 -36.15 -21.86
CA PRO D 26 -36.51 -36.52 -20.61
C PRO D 26 -35.65 -36.34 -19.37
N GLY D 27 -34.34 -36.55 -19.49
CA GLY D 27 -33.47 -36.36 -18.35
C GLY D 27 -33.39 -34.91 -17.90
N LEU D 28 -33.29 -33.99 -18.85
CA LEU D 28 -33.09 -32.59 -18.50
C LEU D 28 -34.32 -32.01 -17.81
N VAL D 29 -35.51 -32.43 -18.22
CA VAL D 29 -36.73 -31.93 -17.59
C VAL D 29 -36.77 -32.33 -16.13
N GLN D 30 -36.31 -33.54 -15.81
CA GLN D 30 -36.21 -33.95 -14.42
C GLN D 30 -35.26 -33.06 -13.65
N PHE D 31 -34.12 -32.71 -14.25
CA PHE D 31 -33.15 -31.86 -13.58
C PHE D 31 -33.74 -30.48 -13.31
N ALA D 32 -34.41 -29.90 -14.30
CA ALA D 32 -34.94 -28.55 -14.14
C ALA D 32 -36.02 -28.50 -13.06
N ARG D 33 -36.90 -29.50 -13.03
CA ARG D 33 -37.93 -29.55 -12.00
C ARG D 33 -37.32 -29.73 -10.61
N ALA D 34 -36.29 -30.56 -10.50
CA ALA D 34 -35.71 -30.86 -9.20
C ALA D 34 -35.08 -29.62 -8.57
N THR D 35 -34.35 -28.84 -9.35
CA THR D 35 -33.55 -27.75 -8.82
C THR D 35 -34.18 -26.39 -9.04
N ASP D 36 -35.49 -26.32 -9.26
CA ASP D 36 -36.12 -25.04 -9.56
C ASP D 36 -36.11 -24.10 -8.36
N THR D 37 -35.97 -24.61 -7.14
CA THR D 37 -36.02 -23.76 -5.97
C THR D 37 -34.83 -22.82 -5.90
N TYR D 38 -33.64 -23.33 -6.19
CA TYR D 38 -32.42 -22.52 -6.05
C TYR D 38 -31.75 -22.17 -7.37
N PHE D 39 -31.72 -23.08 -8.34
CA PHE D 39 -31.04 -22.84 -9.61
C PHE D 39 -32.04 -23.11 -10.73
N SER D 40 -32.67 -22.05 -11.22
CA SER D 40 -33.78 -22.18 -12.17
C SER D 40 -33.29 -22.12 -13.60
N LEU D 41 -33.72 -23.08 -14.42
CA LEU D 41 -33.43 -23.10 -15.84
C LEU D 41 -34.66 -22.78 -16.68
N GLY D 42 -35.69 -22.22 -16.07
CA GLY D 42 -36.96 -22.07 -16.77
C GLY D 42 -36.91 -21.09 -17.92
N ASN D 43 -36.25 -19.96 -17.73
CA ASN D 43 -36.37 -18.87 -18.70
C ASN D 43 -35.43 -19.01 -19.88
N LYS D 44 -34.58 -20.05 -19.92
CA LYS D 44 -33.68 -20.20 -21.05
C LYS D 44 -34.40 -20.73 -22.29
N PHE D 45 -35.42 -21.55 -22.11
CA PHE D 45 -36.05 -22.24 -23.22
C PHE D 45 -37.39 -21.59 -23.56
N ARG D 46 -37.77 -21.67 -24.83
CA ARG D 46 -38.97 -21.03 -25.34
C ARG D 46 -40.10 -22.03 -25.48
N ASN D 47 -41.32 -21.59 -25.18
CA ASN D 47 -42.52 -22.38 -25.39
C ASN D 47 -43.39 -21.70 -26.43
N PRO D 48 -43.67 -22.34 -27.55
CA PRO D 48 -44.50 -21.72 -28.58
C PRO D 48 -45.96 -21.66 -28.15
N THR D 49 -46.58 -20.49 -28.34
CA THR D 49 -48.01 -20.32 -28.16
C THR D 49 -48.60 -19.92 -29.50
N VAL D 50 -49.62 -20.65 -29.94
CA VAL D 50 -50.18 -20.48 -31.27
C VAL D 50 -51.68 -20.23 -31.15
N ALA D 51 -52.16 -19.19 -31.81
CA ALA D 51 -53.58 -18.88 -31.81
C ALA D 51 -54.35 -19.87 -32.67
N PRO D 52 -55.64 -20.06 -32.40
CA PRO D 52 -56.45 -20.91 -33.27
C PRO D 52 -56.58 -20.29 -34.65
N THR D 53 -56.75 -21.16 -35.65
CA THR D 53 -56.67 -20.72 -37.04
C THR D 53 -58.04 -20.64 -37.71
N HIS D 54 -58.79 -21.75 -37.71
CA HIS D 54 -59.93 -21.86 -38.61
C HIS D 54 -61.24 -21.38 -38.00
N ASP D 55 -61.70 -22.04 -36.93
CA ASP D 55 -63.07 -21.92 -36.49
C ASP D 55 -63.24 -20.99 -35.29
N VAL D 56 -62.41 -19.96 -35.19
CA VAL D 56 -62.51 -19.01 -34.10
C VAL D 56 -63.13 -17.70 -34.54
N THR D 57 -62.87 -17.27 -35.78
CA THR D 57 -63.40 -16.02 -36.30
C THR D 57 -63.94 -16.25 -37.69
N THR D 58 -64.88 -15.40 -38.08
CA THR D 58 -65.60 -15.56 -39.33
C THR D 58 -64.78 -15.03 -40.50
N ASP D 59 -65.22 -15.39 -41.71
CA ASP D 59 -64.65 -14.87 -42.94
C ASP D 59 -65.65 -14.08 -43.77
N ARG D 60 -66.93 -14.15 -43.46
CA ARG D 60 -67.90 -13.30 -44.12
C ARG D 60 -67.78 -11.87 -43.59
N SER D 61 -68.37 -10.94 -44.32
CA SER D 61 -68.39 -9.56 -43.89
C SER D 61 -69.34 -9.38 -42.72
N GLN D 62 -68.88 -8.68 -41.69
CA GLN D 62 -69.70 -8.51 -40.49
C GLN D 62 -69.18 -7.33 -39.70
N ARG D 63 -70.04 -6.34 -39.46
CA ARG D 63 -69.68 -5.18 -38.67
C ARG D 63 -69.42 -5.57 -37.23
N LEU D 64 -68.53 -4.82 -36.56
CA LEU D 64 -68.22 -5.05 -35.16
C LEU D 64 -69.10 -4.23 -34.23
N THR D 65 -69.22 -2.93 -34.48
CA THR D 65 -70.00 -2.03 -33.63
C THR D 65 -71.21 -1.54 -34.40
N LEU D 66 -72.39 -1.71 -33.81
CA LEU D 66 -73.63 -1.31 -34.45
C LEU D 66 -74.26 -0.15 -33.69
N ARG D 67 -74.90 0.75 -34.44
CA ARG D 67 -75.59 1.90 -33.86
C ARG D 67 -77.06 1.80 -34.21
N PHE D 68 -77.92 2.00 -33.22
CA PHE D 68 -79.36 1.94 -33.42
C PHE D 68 -79.97 3.32 -33.17
N VAL D 69 -81.06 3.61 -33.86
CA VAL D 69 -81.77 4.88 -33.72
C VAL D 69 -83.15 4.57 -33.13
N PRO D 70 -83.62 5.33 -32.15
CA PRO D 70 -84.91 5.01 -31.52
C PRO D 70 -86.05 5.07 -32.53
N VAL D 71 -86.97 4.10 -32.42
CA VAL D 71 -88.12 4.07 -33.30
C VAL D 71 -89.10 5.18 -32.97
N ASP D 72 -89.38 5.39 -31.69
CA ASP D 72 -90.28 6.44 -31.26
C ASP D 72 -89.91 6.86 -29.85
N ARG D 73 -90.35 8.05 -29.47
CA ARG D 73 -90.00 8.57 -28.15
C ARG D 73 -91.08 9.55 -27.68
N GLU D 74 -91.39 9.49 -26.40
CA GLU D 74 -92.29 10.44 -25.76
C GLU D 74 -91.55 11.12 -24.61
N ALA D 75 -91.73 12.43 -24.51
CA ALA D 75 -91.00 13.21 -23.52
C ALA D 75 -91.98 13.99 -22.66
N THR D 76 -91.91 13.79 -21.35
CA THR D 76 -92.67 14.58 -20.40
C THR D 76 -91.78 15.71 -19.89
N THR D 77 -92.23 16.45 -18.89
CA THR D 77 -91.39 17.48 -18.29
C THR D 77 -90.27 16.89 -17.45
N TYR D 78 -90.32 15.59 -17.16
CA TYR D 78 -89.31 14.95 -16.32
C TYR D 78 -88.91 13.58 -16.84
N LEU D 79 -89.35 13.19 -18.03
CA LEU D 79 -89.20 11.83 -18.50
C LEU D 79 -88.70 11.84 -19.94
N TYR D 80 -88.09 10.75 -20.34
CA TYR D 80 -87.66 10.58 -21.73
C TYR D 80 -87.64 9.08 -22.02
N LYS D 81 -88.64 8.61 -22.74
CA LYS D 81 -88.77 7.20 -23.05
C LYS D 81 -88.39 6.97 -24.49
N ALA D 82 -87.42 6.08 -24.71
CA ALA D 82 -86.95 5.76 -26.05
C ALA D 82 -87.10 4.27 -26.29
N ARG D 83 -87.55 3.90 -27.48
CA ARG D 83 -87.79 2.50 -27.81
C ARG D 83 -86.96 2.11 -29.03
N PHE D 84 -86.19 1.04 -28.91
CA PHE D 84 -85.35 0.56 -29.99
C PHE D 84 -85.78 -0.85 -30.39
N THR D 85 -85.58 -1.16 -31.66
CA THR D 85 -85.78 -2.52 -32.16
C THR D 85 -84.41 -3.18 -32.27
N LEU D 86 -83.92 -3.64 -31.12
CA LEU D 86 -82.60 -4.26 -31.04
C LEU D 86 -82.62 -5.56 -31.82
N ALA D 87 -82.02 -5.55 -33.00
CA ALA D 87 -81.98 -6.71 -33.87
C ALA D 87 -80.56 -7.24 -33.85
N VAL D 88 -80.36 -8.35 -33.15
CA VAL D 88 -79.02 -8.93 -33.05
C VAL D 88 -78.53 -9.40 -34.41
N GLY D 89 -79.41 -10.05 -35.17
CA GLY D 89 -79.06 -10.53 -36.49
C GLY D 89 -79.20 -12.03 -36.59
N ASP D 90 -78.33 -12.64 -37.39
CA ASP D 90 -78.36 -14.08 -37.59
C ASP D 90 -76.94 -14.64 -37.51
N ASN D 91 -76.82 -15.83 -36.94
CA ASN D 91 -75.55 -16.50 -36.76
C ASN D 91 -74.56 -15.63 -35.99
N ARG D 92 -75.05 -14.95 -34.95
CA ARG D 92 -74.18 -14.18 -34.08
C ARG D 92 -74.85 -14.05 -32.73
N VAL D 93 -74.03 -13.72 -31.73
CA VAL D 93 -74.49 -13.65 -30.35
C VAL D 93 -74.07 -12.29 -29.77
N LEU D 94 -75.02 -11.59 -29.17
CA LEU D 94 -74.78 -10.25 -28.64
C LEU D 94 -74.79 -10.32 -27.13
N ASP D 95 -73.61 -10.33 -26.52
CA ASP D 95 -73.50 -10.26 -25.08
C ASP D 95 -74.00 -8.88 -24.63
N MET D 96 -75.06 -8.86 -23.83
CA MET D 96 -75.66 -7.58 -23.45
C MET D 96 -74.75 -6.75 -22.56
N ALA D 97 -73.65 -7.32 -22.05
CA ALA D 97 -72.74 -6.54 -21.23
C ALA D 97 -72.13 -5.38 -21.99
N SER D 98 -72.16 -5.41 -23.32
CA SER D 98 -71.68 -4.31 -24.14
C SER D 98 -72.88 -3.76 -24.90
N THR D 99 -73.62 -2.88 -24.23
CA THR D 99 -74.77 -2.20 -24.84
C THR D 99 -75.04 -0.96 -24.00
N TYR D 100 -74.57 0.19 -24.47
CA TYR D 100 -74.64 1.41 -23.68
C TYR D 100 -75.38 2.48 -24.46
N PHE D 101 -76.36 3.09 -23.83
CA PHE D 101 -77.07 4.20 -24.45
C PHE D 101 -76.12 5.38 -24.59
N ASP D 102 -76.23 6.10 -25.70
CA ASP D 102 -75.37 7.23 -25.98
C ASP D 102 -76.22 8.50 -25.98
N ILE D 103 -76.22 9.21 -24.86
CA ILE D 103 -77.09 10.37 -24.66
C ILE D 103 -76.30 11.62 -24.97
N ARG D 104 -76.91 12.51 -25.76
CA ARG D 104 -76.24 13.73 -26.19
C ARG D 104 -77.21 14.88 -26.07
N GLY D 105 -76.74 15.99 -25.50
CA GLY D 105 -77.60 17.13 -25.27
C GLY D 105 -76.82 18.27 -24.67
N VAL D 106 -77.51 19.37 -24.42
CA VAL D 106 -76.91 20.57 -23.85
C VAL D 106 -77.31 20.65 -22.38
N LEU D 107 -76.33 20.95 -21.53
CA LEU D 107 -76.54 21.02 -20.10
C LEU D 107 -76.13 22.40 -19.61
N ASP D 108 -76.94 22.97 -18.73
CA ASP D 108 -76.68 24.28 -18.14
C ASP D 108 -76.79 24.15 -16.63
N ARG D 109 -75.66 24.24 -15.95
CA ARG D 109 -75.68 24.34 -14.50
C ARG D 109 -76.17 25.73 -14.09
N GLY D 110 -76.70 25.81 -12.88
CA GLY D 110 -77.32 27.03 -12.43
C GLY D 110 -76.30 28.12 -12.14
N PRO D 111 -76.79 29.28 -11.72
CA PRO D 111 -75.87 30.33 -11.25
C PRO D 111 -75.06 29.90 -10.05
N SER D 112 -75.54 28.91 -9.30
CA SER D 112 -74.88 28.36 -8.12
C SER D 112 -73.64 27.60 -8.44
N PHE D 113 -73.17 27.61 -9.68
CA PHE D 113 -72.01 26.82 -10.06
C PHE D 113 -70.76 27.65 -9.88
N LYS D 114 -69.80 27.09 -9.16
CA LYS D 114 -68.50 27.71 -8.94
C LYS D 114 -67.51 26.61 -8.59
N PRO D 115 -66.68 26.18 -9.55
CA PRO D 115 -65.82 25.01 -9.32
C PRO D 115 -64.45 25.32 -8.73
N TYR D 116 -64.20 26.52 -8.22
CA TYR D 116 -62.92 26.84 -7.62
C TYR D 116 -63.13 27.53 -6.29
N SER D 117 -62.14 27.37 -5.40
CA SER D 117 -62.32 27.80 -4.01
C SER D 117 -62.33 29.31 -3.89
N GLY D 118 -61.25 29.96 -4.26
CA GLY D 118 -61.13 31.40 -4.09
C GLY D 118 -61.77 32.16 -5.22
N THR D 119 -61.29 33.38 -5.42
CA THR D 119 -61.70 34.19 -6.55
C THR D 119 -60.69 34.04 -7.68
N ALA D 120 -60.82 34.85 -8.72
CA ALA D 120 -59.89 34.85 -9.83
C ALA D 120 -59.38 36.22 -10.21
N TYR D 121 -60.02 37.30 -9.80
CA TYR D 121 -59.66 38.65 -10.18
C TYR D 121 -59.10 39.35 -8.95
N ASN D 122 -57.88 39.88 -9.07
CA ASN D 122 -57.19 40.54 -7.96
C ASN D 122 -57.14 39.65 -6.72
N SER D 123 -56.82 38.38 -6.92
CA SER D 123 -56.76 37.46 -5.80
C SER D 123 -55.73 37.89 -4.77
N LEU D 124 -54.67 38.57 -5.20
CA LEU D 124 -53.61 38.98 -4.29
C LEU D 124 -53.93 40.24 -3.51
N ALA D 125 -54.93 41.01 -3.93
CA ALA D 125 -55.26 42.23 -3.22
C ALA D 125 -55.78 41.91 -1.83
N PRO D 126 -55.51 42.76 -0.84
CA PRO D 126 -56.12 42.57 0.48
C PRO D 126 -57.62 42.71 0.40
N LYS D 127 -58.32 42.01 1.31
CA LYS D 127 -59.76 41.91 1.22
C LYS D 127 -60.42 43.28 1.24
N GLY D 128 -59.97 44.16 2.11
CA GLY D 128 -60.62 45.45 2.29
C GLY D 128 -60.06 46.56 1.43
N ALA D 129 -59.30 46.21 0.41
CA ALA D 129 -58.70 47.21 -0.45
C ALA D 129 -59.71 47.75 -1.45
N PRO D 130 -60.02 49.04 -1.43
CA PRO D 130 -60.96 49.59 -2.41
C PRO D 130 -60.23 50.12 -3.63
N ASN D 131 -60.82 49.89 -4.79
CA ASN D 131 -60.26 50.42 -6.02
C ASN D 131 -60.39 51.95 -6.02
N PRO D 132 -59.42 52.59 -6.67
CA PRO D 132 -59.53 54.00 -6.70
C PRO D 132 -60.82 54.45 -7.12
N SER D 133 -61.34 55.48 -6.50
CA SER D 133 -62.66 55.87 -6.83
C SER D 133 -63.00 57.21 -6.32
N GLN D 134 -64.14 57.73 -6.71
CA GLN D 134 -64.59 59.01 -6.26
C GLN D 134 -66.05 59.04 -5.80
N TRP D 135 -66.37 59.62 -4.65
CA TRP D 135 -67.72 59.74 -4.17
C TRP D 135 -68.06 61.12 -3.80
N GLU D 136 -69.16 61.62 -4.26
CA GLU D 136 -69.48 63.00 -4.00
C GLU D 136 -69.90 63.14 -2.62
N THR D 137 -69.77 64.33 -2.09
CA THR D 137 -70.23 64.57 -0.75
C THR D 137 -70.43 65.98 -0.46
N LYS D 138 -70.80 66.28 0.76
CA LYS D 138 -70.93 67.65 1.24
C LYS D 138 -69.79 67.94 2.20
N GLU D 139 -69.18 69.11 2.06
CA GLU D 139 -67.96 69.43 2.78
C GLU D 139 -68.05 70.80 3.43
N LYS D 140 -67.36 70.93 4.57
CA LYS D 140 -67.27 72.20 5.28
C LYS D 140 -66.18 73.06 4.67
N GLN D 141 -66.56 74.22 4.14
CA GLN D 141 -65.61 75.16 3.55
C GLN D 141 -65.51 76.44 4.38
N GLY D 142 -65.50 76.28 5.70
CA GLY D 142 -65.39 77.41 6.60
C GLY D 142 -66.73 78.04 6.89
N THR D 143 -66.77 78.80 8.00
CA THR D 143 -67.98 79.53 8.35
C THR D 143 -68.32 80.56 7.29
N THR D 144 -67.31 81.26 6.76
CA THR D 144 -67.55 82.23 5.70
C THR D 144 -68.09 81.57 4.45
N GLY D 145 -67.56 80.39 4.10
CA GLY D 145 -68.02 79.68 2.92
C GLY D 145 -69.17 78.74 3.18
N GLY D 146 -69.49 78.51 4.45
CA GLY D 146 -70.56 77.59 4.78
C GLY D 146 -70.15 76.15 4.52
N VAL D 147 -71.16 75.30 4.35
CA VAL D 147 -70.97 73.90 4.02
C VAL D 147 -71.47 73.68 2.60
N GLN D 148 -70.59 73.17 1.74
CA GLN D 148 -70.87 73.05 0.32
C GLN D 148 -70.78 71.60 -0.12
N GLN D 149 -71.67 71.21 -1.03
CA GLN D 149 -71.74 69.84 -1.55
C GLN D 149 -71.31 69.87 -3.00
N GLU D 150 -70.10 69.39 -3.27
CA GLU D 150 -69.54 69.40 -4.61
C GLU D 150 -68.63 68.17 -4.74
N LYS D 151 -67.78 68.17 -5.78
CA LYS D 151 -66.81 67.10 -5.95
C LYS D 151 -65.71 67.24 -4.90
N ASP D 152 -66.10 67.04 -3.65
CA ASP D 152 -65.31 67.28 -2.44
C ASP D 152 -64.32 66.14 -2.26
N VAL D 153 -64.01 65.78 -1.01
CA VAL D 153 -63.02 64.77 -0.64
C VAL D 153 -63.04 63.56 -1.58
N THR D 154 -64.04 63.48 -2.44
CA THR D 154 -64.10 62.55 -3.56
C THR D 154 -62.77 62.48 -4.30
N LYS D 155 -62.55 61.36 -5.01
CA LYS D 155 -61.23 60.89 -5.41
C LYS D 155 -60.43 60.50 -4.17
N THR D 156 -61.06 59.69 -3.33
CA THR D 156 -60.48 59.36 -2.03
C THR D 156 -59.18 58.60 -2.16
N PHE D 157 -59.15 57.61 -3.04
CA PHE D 157 -58.04 56.67 -3.01
C PHE D 157 -57.47 56.45 -4.40
N GLY D 158 -57.27 57.52 -5.15
CA GLY D 158 -56.48 57.41 -6.36
C GLY D 158 -55.06 56.99 -6.03
N VAL D 159 -54.45 56.28 -6.97
CA VAL D 159 -53.10 55.77 -6.77
C VAL D 159 -52.08 56.58 -7.55
N ALA D 160 -52.30 56.74 -8.86
CA ALA D 160 -51.47 57.59 -9.71
C ALA D 160 -50.01 57.15 -9.67
N ALA D 161 -49.78 55.97 -10.22
CA ALA D 161 -48.45 55.35 -10.14
C ALA D 161 -47.78 55.20 -11.49
N THR D 162 -47.81 56.24 -12.33
CA THR D 162 -47.07 56.24 -13.58
C THR D 162 -46.31 57.56 -13.72
N GLY D 163 -45.35 57.57 -14.64
CA GLY D 163 -44.47 58.71 -14.80
C GLY D 163 -44.89 59.62 -15.94
N GLY D 164 -44.26 60.79 -15.98
CA GLY D 164 -44.51 61.74 -17.05
C GLY D 164 -43.54 62.88 -17.00
N ILE D 165 -43.21 63.39 -18.18
CA ILE D 165 -42.31 64.54 -18.25
C ILE D 165 -42.99 65.78 -17.70
N ASN D 166 -44.20 66.06 -18.15
CA ASN D 166 -44.96 67.23 -17.73
C ASN D 166 -46.38 67.10 -18.24
N ILE D 167 -47.35 67.43 -17.40
CA ILE D 167 -48.75 67.26 -17.73
C ILE D 167 -49.34 68.59 -18.16
N THR D 168 -50.35 68.51 -19.03
CA THR D 168 -51.11 69.66 -19.46
C THR D 168 -52.54 69.22 -19.72
N ASN D 169 -53.37 70.15 -20.19
CA ASN D 169 -54.77 69.82 -20.44
C ASN D 169 -54.91 68.74 -21.49
N GLN D 170 -53.95 68.66 -22.42
CA GLN D 170 -54.02 67.63 -23.45
C GLN D 170 -53.87 66.24 -22.86
N GLY D 171 -52.98 66.07 -21.89
CA GLY D 171 -52.77 64.76 -21.30
C GLY D 171 -51.56 64.71 -20.41
N LEU D 172 -51.04 63.49 -20.22
CA LEU D 172 -49.93 63.25 -19.31
C LEU D 172 -48.57 63.51 -19.93
N LEU D 173 -48.41 63.26 -21.23
CA LEU D 173 -47.13 63.45 -21.93
C LEU D 173 -46.04 62.58 -21.31
N LEU D 174 -46.22 61.27 -21.49
CA LEU D 174 -45.23 60.29 -21.04
C LEU D 174 -43.84 60.64 -21.52
N GLY D 175 -43.65 60.67 -22.84
CA GLY D 175 -42.37 61.02 -23.42
C GLY D 175 -42.57 61.95 -24.62
N THR D 176 -41.45 62.36 -25.19
CA THR D 176 -41.47 63.27 -26.34
C THR D 176 -40.96 62.59 -27.61
N ASP D 177 -39.72 62.12 -27.60
CA ASP D 177 -39.08 61.48 -28.75
C ASP D 177 -39.40 62.21 -30.05
N GLU D 178 -39.07 63.51 -30.07
CA GLU D 178 -39.41 64.36 -31.20
C GLU D 178 -38.37 64.21 -32.32
N THR D 179 -38.13 62.95 -32.70
CA THR D 179 -37.33 62.69 -33.90
C THR D 179 -38.07 63.15 -35.14
N ALA D 180 -39.39 63.08 -35.12
CA ALA D 180 -40.24 63.62 -36.17
C ALA D 180 -40.86 64.95 -35.78
N GLU D 181 -40.31 65.62 -34.75
CA GLU D 181 -40.80 66.90 -34.26
C GLU D 181 -42.26 66.80 -33.79
N ASN D 182 -42.46 65.96 -32.76
CA ASN D 182 -43.75 65.81 -32.12
C ASN D 182 -43.58 65.01 -30.84
N GLY D 183 -44.34 65.36 -29.81
CA GLY D 183 -44.30 64.67 -28.54
C GLY D 183 -45.56 63.87 -28.30
N LYS D 184 -45.38 62.61 -27.92
CA LYS D 184 -46.50 61.70 -27.72
C LYS D 184 -47.13 61.97 -26.36
N LYS D 185 -48.40 62.38 -26.36
CA LYS D 185 -49.06 62.71 -25.10
C LYS D 185 -49.58 61.45 -24.40
N ASP D 186 -50.58 60.81 -24.98
CA ASP D 186 -51.21 59.63 -24.39
C ASP D 186 -52.34 59.18 -25.31
N ILE D 187 -52.94 58.05 -24.94
CA ILE D 187 -54.22 57.60 -25.50
C ILE D 187 -55.15 57.37 -24.32
N TYR D 188 -56.28 58.08 -24.29
CA TYR D 188 -57.22 57.92 -23.18
C TYR D 188 -57.89 56.56 -23.19
N ALA D 189 -58.00 55.92 -24.36
CA ALA D 189 -58.71 54.64 -24.43
C ALA D 189 -58.01 53.58 -23.60
N ASP D 190 -56.72 53.39 -23.82
CA ASP D 190 -56.01 52.36 -23.06
C ASP D 190 -54.72 52.85 -22.43
N LYS D 191 -53.96 53.69 -23.13
CA LYS D 191 -52.57 53.94 -22.79
C LYS D 191 -52.36 55.17 -21.91
N THR D 192 -53.43 55.83 -21.49
CA THR D 192 -53.25 56.96 -20.58
C THR D 192 -52.60 56.51 -19.28
N PHE D 193 -53.09 55.42 -18.71
CA PHE D 193 -52.34 54.72 -17.67
C PHE D 193 -52.83 53.29 -17.65
N GLN D 194 -52.07 52.40 -18.27
CA GLN D 194 -52.34 50.98 -18.10
C GLN D 194 -52.08 50.62 -16.64
N PRO D 195 -53.00 49.94 -15.98
CA PRO D 195 -52.78 49.61 -14.56
C PRO D 195 -51.57 48.74 -14.31
N GLU D 196 -51.10 47.98 -15.31
CA GLU D 196 -49.92 47.13 -15.06
C GLU D 196 -48.66 47.95 -14.86
N PRO D 197 -48.15 48.69 -15.85
CA PRO D 197 -46.85 49.34 -15.68
C PRO D 197 -46.93 50.48 -14.69
N GLN D 198 -45.79 50.79 -14.11
CA GLN D 198 -45.66 51.89 -13.18
C GLN D 198 -44.62 52.88 -13.70
N VAL D 199 -44.43 53.96 -12.94
CA VAL D 199 -43.28 54.82 -13.14
C VAL D 199 -42.06 54.11 -12.55
N GLY D 200 -41.12 53.72 -13.40
CA GLY D 200 -39.87 53.28 -12.83
C GLY D 200 -39.93 51.96 -12.09
N GLU D 201 -39.91 50.85 -12.83
CA GLU D 201 -39.86 49.51 -12.23
C GLU D 201 -38.90 49.46 -11.05
N GLU D 202 -37.88 50.32 -11.07
CA GLU D 202 -36.99 50.47 -9.92
C GLU D 202 -37.75 50.73 -8.64
N ASN D 203 -37.08 50.56 -7.52
CA ASN D 203 -37.70 50.83 -6.23
C ASN D 203 -37.39 52.24 -5.73
N TRP D 204 -36.12 52.55 -5.53
CA TRP D 204 -35.75 53.78 -4.85
C TRP D 204 -35.98 55.00 -5.73
N GLN D 205 -35.31 55.05 -6.88
CA GLN D 205 -35.04 56.31 -7.56
C GLN D 205 -36.25 56.87 -8.27
N GLU D 206 -37.45 56.41 -7.94
CA GLU D 206 -38.66 56.90 -8.58
C GLU D 206 -39.15 58.13 -7.81
N ASN D 207 -38.77 59.31 -8.29
CA ASN D 207 -39.32 60.57 -7.82
C ASN D 207 -39.48 61.47 -9.04
N GLU D 208 -40.65 61.38 -9.65
CA GLU D 208 -40.94 62.17 -10.84
C GLU D 208 -41.71 63.43 -10.46
N ALA D 209 -41.58 64.44 -11.31
CA ALA D 209 -42.28 65.70 -11.06
C ALA D 209 -43.78 65.56 -11.27
N PHE D 210 -44.23 64.53 -11.98
CA PHE D 210 -45.64 64.37 -12.27
C PHE D 210 -45.99 62.89 -12.32
N TYR D 211 -47.25 62.58 -12.04
CA TYR D 211 -47.74 61.21 -12.10
C TYR D 211 -49.14 61.21 -12.69
N GLY D 212 -49.65 60.01 -12.94
CA GLY D 212 -50.99 59.87 -13.50
C GLY D 212 -51.58 58.53 -13.13
N GLY D 213 -52.91 58.46 -13.19
CA GLY D 213 -53.59 57.26 -12.78
C GLY D 213 -55.04 57.25 -13.19
N ARG D 214 -55.68 56.10 -13.01
CA ARG D 214 -57.07 55.89 -13.35
C ARG D 214 -57.93 55.97 -12.10
N ALA D 215 -59.22 56.18 -12.30
CA ALA D 215 -60.17 56.22 -11.20
C ALA D 215 -61.57 55.98 -11.74
N LEU D 216 -62.44 55.44 -10.89
CA LEU D 216 -63.82 55.17 -11.25
C LEU D 216 -64.69 56.34 -10.82
N LYS D 217 -65.53 56.82 -11.73
CA LYS D 217 -66.31 58.02 -11.47
C LYS D 217 -67.44 57.71 -10.47
N LYS D 218 -68.24 58.73 -10.17
CA LYS D 218 -69.24 58.61 -9.12
C LYS D 218 -70.30 57.57 -9.47
N ASP D 219 -70.73 57.52 -10.74
CA ASP D 219 -71.88 56.72 -11.11
C ASP D 219 -71.67 55.25 -10.78
N THR D 220 -70.48 54.72 -11.05
CA THR D 220 -70.20 53.33 -10.75
C THR D 220 -70.15 53.12 -9.24
N LYS D 221 -70.95 52.19 -8.75
CA LYS D 221 -70.96 51.88 -7.33
C LYS D 221 -69.63 51.24 -6.94
N MET D 222 -69.07 51.70 -5.83
CA MET D 222 -67.76 51.23 -5.40
C MET D 222 -67.85 49.85 -4.76
N LYS D 223 -66.81 49.06 -4.99
CA LYS D 223 -66.70 47.71 -4.45
C LYS D 223 -65.25 47.45 -4.12
N PRO D 224 -64.97 46.51 -3.22
CA PRO D 224 -63.58 46.18 -2.93
C PRO D 224 -62.88 45.62 -4.15
N CYS D 225 -61.59 45.93 -4.26
CA CYS D 225 -60.82 45.46 -5.40
C CYS D 225 -60.66 43.94 -5.41
N TYR D 226 -60.91 43.28 -4.29
CA TYR D 226 -60.59 41.86 -4.15
C TYR D 226 -61.32 40.98 -5.15
N GLY D 227 -62.43 41.44 -5.71
CA GLY D 227 -63.16 40.61 -6.65
C GLY D 227 -63.67 41.36 -7.85
N SER D 228 -63.32 42.64 -7.95
CA SER D 228 -63.89 43.50 -8.97
C SER D 228 -63.45 43.06 -10.36
N PHE D 229 -64.39 43.13 -11.30
CA PHE D 229 -64.12 42.78 -12.69
C PHE D 229 -64.86 43.75 -13.60
N ALA D 230 -64.31 43.95 -14.79
CA ALA D 230 -64.96 44.73 -15.82
C ALA D 230 -64.70 44.07 -17.15
N ARG D 231 -65.57 44.36 -18.13
CA ARG D 231 -65.45 43.77 -19.44
C ARG D 231 -64.73 44.71 -20.37
N PRO D 232 -63.63 44.33 -20.99
CA PRO D 232 -62.90 45.26 -21.86
C PRO D 232 -63.79 45.75 -22.99
N THR D 233 -63.61 47.02 -23.35
CA THR D 233 -64.48 47.66 -24.33
C THR D 233 -63.83 47.88 -25.68
N ASN D 234 -62.51 47.79 -25.79
CA ASN D 234 -61.83 47.92 -27.06
C ASN D 234 -60.74 46.87 -27.17
N GLU D 235 -60.39 46.53 -28.41
CA GLU D 235 -59.47 45.42 -28.66
C GLU D 235 -58.10 45.65 -28.06
N LYS D 236 -57.71 46.90 -27.81
CA LYS D 236 -56.37 47.22 -27.32
C LYS D 236 -56.27 47.14 -25.81
N GLY D 237 -57.14 46.38 -25.15
CA GLY D 237 -57.04 46.17 -23.73
C GLY D 237 -57.58 47.30 -22.88
N GLY D 238 -58.13 48.34 -23.49
CA GLY D 238 -58.68 49.43 -22.71
C GLY D 238 -59.77 48.94 -21.77
N GLN D 239 -59.71 49.41 -20.53
CA GLN D 239 -60.69 49.00 -19.55
C GLN D 239 -62.08 49.49 -19.95
N ALA D 240 -63.09 48.86 -19.37
CA ALA D 240 -64.48 49.18 -19.72
C ALA D 240 -64.75 50.66 -19.56
N LYS D 241 -65.03 51.33 -20.67
CA LYS D 241 -65.45 52.72 -20.66
C LYS D 241 -66.89 52.76 -21.14
N PHE D 242 -67.82 52.93 -20.21
CA PHE D 242 -69.21 53.14 -20.57
C PHE D 242 -69.31 54.34 -21.50
N LYS D 243 -69.97 54.15 -22.64
CA LYS D 243 -70.22 55.28 -23.51
C LYS D 243 -71.21 56.22 -22.84
N PRO D 244 -71.07 57.54 -23.03
CA PRO D 244 -71.92 58.49 -22.31
C PRO D 244 -73.39 58.26 -22.61
N VAL D 245 -74.21 58.48 -21.58
CA VAL D 245 -75.65 58.29 -21.72
C VAL D 245 -76.18 59.30 -22.74
N ASN D 246 -76.98 58.82 -23.68
CA ASN D 246 -77.52 59.63 -24.75
C ASN D 246 -79.05 59.58 -24.73
N GLU D 247 -79.66 60.13 -25.78
CA GLU D 247 -81.10 60.16 -25.94
C GLU D 247 -81.63 59.01 -26.79
N GLY D 248 -80.96 57.86 -26.75
CA GLY D 248 -81.34 56.75 -27.60
C GLY D 248 -81.14 57.01 -29.07
N GLU D 249 -80.07 57.72 -29.43
CA GLU D 249 -79.81 58.08 -30.83
C GLU D 249 -78.56 57.41 -31.37
N GLN D 250 -77.39 57.63 -30.76
CA GLN D 250 -76.15 57.07 -31.30
C GLN D 250 -75.04 57.06 -30.25
N PRO D 251 -74.90 55.99 -29.48
CA PRO D 251 -73.81 55.92 -28.49
C PRO D 251 -72.48 55.62 -29.17
N LYS D 252 -71.57 56.60 -29.13
CA LYS D 252 -70.25 56.42 -29.76
C LYS D 252 -69.07 56.88 -28.91
N ASP D 253 -69.23 57.84 -28.00
CA ASP D 253 -68.10 58.43 -27.29
C ASP D 253 -67.70 57.57 -26.09
N LEU D 254 -66.86 58.12 -25.22
CA LEU D 254 -66.40 57.43 -24.03
C LEU D 254 -66.57 58.33 -22.81
N ASP D 255 -66.51 57.71 -21.63
CA ASP D 255 -66.74 58.41 -20.37
C ASP D 255 -65.45 58.97 -19.75
N ILE D 256 -64.32 58.85 -20.44
CA ILE D 256 -63.05 59.21 -19.83
C ILE D 256 -62.98 60.72 -19.62
N ASP D 257 -62.67 61.12 -18.39
CA ASP D 257 -62.57 62.53 -18.04
C ASP D 257 -61.25 62.80 -17.33
N PHE D 258 -60.90 64.08 -17.18
CA PHE D 258 -59.62 64.45 -16.58
C PHE D 258 -59.86 65.09 -15.22
N ALA D 259 -59.01 64.74 -14.27
CA ALA D 259 -59.01 65.35 -12.95
C ALA D 259 -57.58 65.73 -12.59
N TYR D 260 -57.40 66.91 -12.02
CA TYR D 260 -56.08 67.44 -11.71
C TYR D 260 -55.99 67.74 -10.22
N PHE D 261 -54.80 67.58 -9.66
CA PHE D 261 -54.58 67.82 -8.25
C PHE D 261 -53.22 68.47 -8.04
N ASP D 262 -53.06 69.13 -6.90
CA ASP D 262 -51.81 69.78 -6.55
C ASP D 262 -51.43 69.46 -5.12
N VAL D 263 -50.13 69.42 -4.87
CA VAL D 263 -49.64 69.40 -3.49
C VAL D 263 -50.12 70.66 -2.78
N PRO D 264 -50.60 70.58 -1.54
CA PRO D 264 -51.22 71.74 -0.89
C PRO D 264 -50.29 72.94 -0.84
N GLY D 265 -50.66 73.97 -1.60
CA GLY D 265 -49.97 75.25 -1.56
C GLY D 265 -48.71 75.32 -2.39
N GLY D 266 -47.61 74.79 -1.87
CA GLY D 266 -46.34 74.94 -2.54
C GLY D 266 -45.73 76.31 -2.30
N SER D 267 -44.44 76.35 -1.97
CA SER D 267 -43.80 77.64 -1.66
C SER D 267 -43.79 78.60 -2.84
N PRO D 268 -43.39 78.22 -4.06
CA PRO D 268 -43.20 79.23 -5.10
C PRO D 268 -44.52 79.82 -5.56
N PRO D 269 -44.65 81.14 -5.49
CA PRO D 269 -45.86 81.79 -6.03
C PRO D 269 -45.89 81.71 -7.55
N ALA D 270 -47.09 81.83 -8.10
CA ALA D 270 -47.28 81.85 -9.54
C ALA D 270 -46.87 83.22 -10.06
N GLY D 271 -45.55 83.44 -10.13
CA GLY D 271 -45.04 84.71 -10.56
C GLY D 271 -45.28 85.85 -9.59
N GLY D 272 -45.61 85.54 -8.35
CA GLY D 272 -45.90 86.56 -7.36
C GLY D 272 -47.37 86.63 -7.01
N SER D 273 -48.23 86.42 -8.02
CA SER D 273 -49.67 86.44 -7.83
C SER D 273 -50.15 85.04 -7.46
N GLY D 274 -50.71 84.91 -6.26
CA GLY D 274 -51.15 83.63 -5.77
C GLY D 274 -50.00 82.79 -5.24
N GLU D 275 -50.37 81.68 -4.60
CA GLU D 275 -49.39 80.77 -4.03
C GLU D 275 -49.52 79.34 -4.53
N GLU D 276 -50.75 78.85 -4.69
CA GLU D 276 -50.95 77.47 -5.11
C GLU D 276 -50.47 77.31 -6.55
N TYR D 277 -49.37 76.58 -6.72
CA TYR D 277 -48.68 76.50 -7.99
C TYR D 277 -49.41 75.54 -8.93
N LYS D 278 -48.74 75.15 -10.02
CA LYS D 278 -49.38 74.42 -11.10
C LYS D 278 -49.69 72.98 -10.69
N ALA D 279 -50.51 72.33 -11.50
CA ALA D 279 -51.07 71.04 -11.15
C ALA D 279 -50.00 69.96 -11.08
N ASP D 280 -50.04 69.18 -10.01
CA ASP D 280 -49.28 67.95 -9.87
C ASP D 280 -50.10 66.80 -10.43
N ILE D 281 -49.79 65.56 -10.02
CA ILE D 281 -50.32 64.33 -10.59
C ILE D 281 -51.80 64.43 -10.93
N ILE D 282 -52.18 63.86 -12.09
CA ILE D 282 -53.53 63.94 -12.61
C ILE D 282 -54.17 62.57 -12.54
N LEU D 283 -55.49 62.54 -12.70
CA LEU D 283 -56.27 61.32 -12.70
C LEU D 283 -57.19 61.27 -13.90
N TYR D 284 -57.46 60.06 -14.36
CA TYR D 284 -58.43 59.83 -15.43
C TYR D 284 -59.63 59.13 -14.81
N THR D 285 -60.80 59.74 -14.94
CA THR D 285 -62.01 59.26 -14.31
C THR D 285 -63.01 58.83 -15.37
N GLU D 286 -63.59 57.66 -15.20
CA GLU D 286 -64.55 57.13 -16.16
C GLU D 286 -65.42 56.08 -15.50
N ASN D 287 -66.58 55.84 -16.09
CA ASN D 287 -67.44 54.77 -15.64
C ASN D 287 -66.93 53.43 -16.17
N VAL D 288 -67.46 52.35 -15.60
CA VAL D 288 -66.96 51.01 -15.88
C VAL D 288 -68.11 50.02 -15.69
N ASN D 289 -67.90 48.79 -16.14
CA ASN D 289 -68.90 47.72 -16.06
C ASN D 289 -68.77 46.91 -14.78
N LEU D 290 -68.37 47.56 -13.69
CA LEU D 290 -67.98 46.87 -12.47
C LEU D 290 -69.03 45.86 -12.01
N GLU D 291 -68.57 44.67 -11.65
CA GLU D 291 -69.42 43.64 -11.08
C GLU D 291 -68.55 42.52 -10.54
N THR D 292 -68.86 42.04 -9.34
CA THR D 292 -68.13 40.94 -8.73
C THR D 292 -68.78 39.63 -9.17
N PRO D 293 -68.10 38.81 -9.96
CA PRO D 293 -68.76 37.62 -10.49
C PRO D 293 -68.88 36.50 -9.47
N ASP D 294 -67.94 36.43 -8.53
CA ASP D 294 -67.90 35.28 -7.63
C ASP D 294 -67.61 35.65 -6.19
N THR D 295 -67.69 36.92 -5.82
CA THR D 295 -67.44 37.34 -4.44
C THR D 295 -68.56 38.24 -3.97
N HIS D 296 -68.89 38.13 -2.69
CA HIS D 296 -69.95 38.90 -2.07
C HIS D 296 -69.37 39.63 -0.87
N VAL D 297 -69.84 40.86 -0.65
CA VAL D 297 -69.37 41.64 0.49
C VAL D 297 -69.89 41.01 1.77
N VAL D 298 -69.06 41.01 2.80
CA VAL D 298 -69.42 40.45 4.10
C VAL D 298 -69.74 41.55 5.10
N TYR D 299 -68.84 42.52 5.23
CA TYR D 299 -69.04 43.65 6.14
C TYR D 299 -69.33 44.89 5.31
N LYS D 300 -70.57 45.35 5.36
CA LYS D 300 -70.97 46.60 4.72
C LYS D 300 -71.50 47.51 5.82
N PRO D 301 -70.83 48.62 6.12
CA PRO D 301 -71.20 49.42 7.30
C PRO D 301 -72.61 49.95 7.26
N GLY D 302 -72.94 50.73 6.24
CA GLY D 302 -74.26 51.34 6.16
C GLY D 302 -75.23 50.52 5.35
N THR D 303 -76.50 50.87 5.48
CA THR D 303 -77.56 50.23 4.72
C THR D 303 -77.82 50.97 3.41
N SER D 304 -76.76 51.18 2.64
CA SER D 304 -76.87 51.88 1.36
C SER D 304 -75.70 51.46 0.50
N ASP D 305 -75.99 50.92 -0.68
CA ASP D 305 -74.95 50.51 -1.62
C ASP D 305 -74.73 51.62 -2.64
N ASN D 306 -74.11 52.70 -2.17
CA ASN D 306 -73.81 53.85 -2.99
C ASN D 306 -72.38 54.29 -2.72
N SER D 307 -71.78 54.94 -3.72
CA SER D 307 -70.41 55.44 -3.58
C SER D 307 -70.40 56.58 -2.58
N SER D 308 -69.84 56.33 -1.40
CA SER D 308 -69.79 57.32 -0.35
C SER D 308 -68.53 57.09 0.49
N GLU D 309 -68.35 57.91 1.52
CA GLU D 309 -67.13 57.84 2.32
C GLU D 309 -67.00 56.50 3.02
N ILE D 310 -68.04 56.10 3.76
CA ILE D 310 -67.93 54.90 4.59
C ILE D 310 -67.79 53.66 3.75
N ASN D 311 -68.43 53.62 2.59
CA ASN D 311 -68.39 52.43 1.75
C ASN D 311 -67.01 52.14 1.18
N LEU D 312 -66.01 52.97 1.46
CA LEU D 312 -64.64 52.62 1.14
C LEU D 312 -64.22 51.36 1.88
N VAL D 313 -64.81 51.11 3.04
CA VAL D 313 -64.44 49.98 3.89
C VAL D 313 -65.47 48.89 3.66
N GLN D 314 -65.18 48.00 2.71
CA GLN D 314 -66.03 46.85 2.44
C GLN D 314 -65.12 45.66 2.21
N GLN D 315 -65.28 44.62 3.02
CA GLN D 315 -64.47 43.42 2.91
C GLN D 315 -65.32 42.31 2.32
N SER D 316 -64.83 41.70 1.25
CA SER D 316 -65.58 40.70 0.51
C SER D 316 -64.87 39.36 0.60
N MET D 317 -65.64 38.31 0.82
CA MET D 317 -65.03 37.00 0.80
C MET D 317 -65.55 36.22 -0.41
N PRO D 318 -64.75 35.33 -0.98
CA PRO D 318 -65.20 34.57 -2.14
C PRO D 318 -66.34 33.63 -1.78
N ASN D 319 -67.20 33.39 -2.76
CA ASN D 319 -68.34 32.50 -2.55
C ASN D 319 -67.86 31.08 -2.28
N ARG D 320 -68.68 30.33 -1.56
CA ARG D 320 -68.34 28.95 -1.27
C ARG D 320 -68.23 28.16 -2.57
N PRO D 321 -67.17 27.38 -2.74
CA PRO D 321 -67.05 26.54 -3.94
C PRO D 321 -68.16 25.51 -3.98
N ASN D 322 -68.66 25.24 -5.18
CA ASN D 322 -69.82 24.37 -5.35
C ASN D 322 -69.67 23.64 -6.67
N TYR D 323 -69.11 22.43 -6.62
CA TYR D 323 -68.96 21.62 -7.82
C TYR D 323 -70.29 20.99 -8.20
N ILE D 324 -70.55 20.91 -9.50
CA ILE D 324 -71.75 20.27 -10.02
C ILE D 324 -71.34 19.32 -11.13
N GLY D 325 -71.86 18.10 -11.09
CA GLY D 325 -71.55 17.14 -12.13
C GLY D 325 -72.46 15.95 -12.01
N PHE D 326 -72.33 15.03 -12.97
CA PHE D 326 -73.18 13.86 -12.98
C PHE D 326 -72.80 12.92 -11.84
N ARG D 327 -73.70 11.99 -11.56
CA ARG D 327 -73.53 11.08 -10.44
C ARG D 327 -72.47 10.03 -10.76
N ASP D 328 -72.29 9.10 -9.83
CA ASP D 328 -71.41 7.97 -10.06
C ASP D 328 -72.08 6.96 -10.98
N ASN D 329 -71.35 6.51 -12.00
CA ASN D 329 -71.89 5.57 -12.99
C ASN D 329 -73.20 6.06 -13.59
N PHE D 330 -73.48 7.35 -13.48
CA PHE D 330 -74.76 7.93 -13.85
C PHE D 330 -75.91 7.19 -13.17
N VAL D 331 -75.86 7.13 -11.84
CA VAL D 331 -77.02 6.62 -11.11
C VAL D 331 -78.08 7.72 -11.08
N GLY D 332 -79.25 7.42 -11.67
CA GLY D 332 -80.34 8.37 -11.79
C GLY D 332 -80.78 8.61 -13.22
N LEU D 333 -79.87 8.48 -14.18
CA LEU D 333 -80.21 8.72 -15.57
C LEU D 333 -81.16 7.69 -16.14
N MET D 334 -81.35 6.56 -15.49
CA MET D 334 -82.27 5.53 -15.96
C MET D 334 -83.17 5.09 -14.81
N TYR D 335 -84.46 5.02 -15.07
CA TYR D 335 -85.40 4.57 -14.05
C TYR D 335 -85.20 3.09 -13.77
N TYR D 336 -84.85 2.76 -12.53
CA TYR D 336 -84.70 1.38 -12.11
C TYR D 336 -85.65 1.08 -10.97
N ASN D 337 -86.03 -0.19 -10.87
CA ASN D 337 -86.87 -0.73 -9.82
C ASN D 337 -88.02 0.22 -9.46
N SER D 338 -88.56 0.88 -10.47
CA SER D 338 -89.71 1.76 -10.30
C SER D 338 -90.83 1.26 -11.19
N THR D 339 -92.00 1.04 -10.59
CA THR D 339 -93.13 0.50 -11.35
C THR D 339 -93.78 1.55 -12.23
N GLY D 340 -93.60 2.84 -11.94
CA GLY D 340 -94.20 3.86 -12.77
C GLY D 340 -93.64 3.87 -14.19
N ASN D 341 -92.33 3.80 -14.31
CA ASN D 341 -91.64 3.97 -15.59
C ASN D 341 -90.62 2.87 -15.81
N MET D 342 -91.01 1.63 -15.58
CA MET D 342 -90.11 0.52 -15.84
C MET D 342 -89.90 0.33 -17.34
N GLY D 343 -88.72 -0.16 -17.69
CA GLY D 343 -88.41 -0.45 -19.07
C GLY D 343 -89.00 -1.77 -19.51
N VAL D 344 -88.76 -2.11 -20.77
CA VAL D 344 -89.18 -3.38 -21.32
C VAL D 344 -88.03 -3.99 -22.11
N LEU D 345 -88.06 -5.31 -22.23
CA LEU D 345 -87.18 -6.04 -23.14
C LEU D 345 -87.94 -7.30 -23.55
N ALA D 346 -88.65 -7.23 -24.67
CA ALA D 346 -89.52 -8.30 -25.09
C ALA D 346 -89.27 -8.65 -26.54
N GLY D 347 -89.21 -9.94 -26.84
CA GLY D 347 -89.12 -10.38 -28.21
C GLY D 347 -90.36 -9.97 -28.98
N GLN D 348 -90.22 -9.73 -30.28
CA GLN D 348 -91.32 -9.23 -31.08
C GLN D 348 -92.51 -10.18 -31.12
N ALA D 349 -92.28 -11.47 -30.89
CA ALA D 349 -93.34 -12.46 -31.12
C ALA D 349 -94.50 -12.30 -30.15
N SER D 350 -94.21 -12.23 -28.85
CA SER D 350 -95.25 -12.34 -27.84
C SER D 350 -95.42 -11.11 -26.95
N GLN D 351 -94.51 -10.15 -27.03
CA GLN D 351 -94.54 -8.91 -26.23
C GLN D 351 -95.01 -9.16 -24.80
N LEU D 352 -94.22 -9.97 -24.09
CA LEU D 352 -94.52 -10.31 -22.71
C LEU D 352 -93.64 -9.60 -21.70
N ASN D 353 -92.66 -8.81 -22.15
CA ASN D 353 -91.91 -7.90 -21.29
C ASN D 353 -91.22 -8.64 -20.15
N ALA D 354 -90.20 -9.41 -20.52
CA ALA D 354 -89.48 -10.22 -19.54
C ALA D 354 -88.41 -9.43 -18.79
N VAL D 355 -88.79 -8.30 -18.20
CA VAL D 355 -87.86 -7.52 -17.38
C VAL D 355 -88.55 -7.06 -16.09
N VAL D 356 -89.55 -7.81 -15.66
CA VAL D 356 -90.37 -7.41 -14.52
C VAL D 356 -89.49 -7.11 -13.31
N ASP D 357 -89.65 -5.92 -12.73
CA ASP D 357 -88.92 -5.51 -11.55
C ASP D 357 -89.89 -4.91 -10.53
N LEU D 358 -89.45 -4.93 -9.27
CA LEU D 358 -90.32 -4.61 -8.15
C LEU D 358 -90.10 -3.18 -7.68
N GLN D 359 -90.88 -2.79 -6.68
CA GLN D 359 -90.75 -1.49 -6.03
C GLN D 359 -89.64 -1.47 -5.00
N ASP D 360 -89.04 -2.61 -4.71
CA ASP D 360 -87.91 -2.72 -3.80
C ASP D 360 -86.70 -3.24 -4.58
N ARG D 361 -85.66 -3.65 -3.87
CA ARG D 361 -84.42 -4.15 -4.44
C ARG D 361 -83.87 -3.18 -5.50
N ASN D 362 -83.45 -2.02 -4.99
CA ASN D 362 -82.84 -1.02 -5.86
C ASN D 362 -81.61 -1.57 -6.56
N THR D 363 -81.54 -1.40 -7.88
CA THR D 363 -80.42 -1.93 -8.62
C THR D 363 -79.29 -0.91 -8.75
N GLU D 364 -79.51 0.33 -8.33
CA GLU D 364 -78.42 1.29 -8.31
C GLU D 364 -77.40 0.93 -7.23
N LEU D 365 -77.89 0.65 -6.02
CA LEU D 365 -76.99 0.28 -4.94
C LEU D 365 -76.36 -1.08 -5.18
N SER D 366 -77.10 -2.01 -5.76
CA SER D 366 -76.56 -3.33 -6.03
C SER D 366 -75.37 -3.24 -6.98
N TYR D 367 -75.48 -2.39 -7.99
CA TYR D 367 -74.40 -2.24 -8.96
C TYR D 367 -73.19 -1.57 -8.33
N GLN D 368 -73.42 -0.64 -7.41
CA GLN D 368 -72.30 0.04 -6.76
C GLN D 368 -71.44 -0.94 -5.97
N LEU D 369 -72.08 -1.84 -5.24
CA LEU D 369 -71.33 -2.87 -4.52
C LEU D 369 -70.65 -3.83 -5.48
N LEU D 370 -71.32 -4.20 -6.57
CA LEU D 370 -70.78 -5.20 -7.47
C LEU D 370 -69.49 -4.73 -8.11
N LEU D 371 -69.42 -3.47 -8.53
CA LEU D 371 -68.20 -2.95 -9.13
C LEU D 371 -67.03 -3.03 -8.15
N ASP D 372 -67.29 -2.70 -6.89
CA ASP D 372 -66.24 -2.79 -5.88
C ASP D 372 -65.81 -4.23 -5.64
N SER D 373 -66.73 -5.17 -5.77
CA SER D 373 -66.39 -6.57 -5.52
C SER D 373 -65.51 -7.13 -6.63
N LEU D 374 -65.76 -6.74 -7.88
CA LEU D 374 -64.99 -7.28 -8.99
C LEU D 374 -63.60 -6.67 -9.04
N GLY D 375 -63.52 -5.36 -9.24
CA GLY D 375 -62.24 -4.68 -9.30
C GLY D 375 -61.95 -3.89 -8.05
N ASP D 376 -61.21 -2.79 -8.19
CA ASP D 376 -60.99 -1.85 -7.10
C ASP D 376 -61.45 -0.49 -7.54
N ARG D 377 -62.24 0.17 -6.71
CA ARG D 377 -62.83 1.46 -7.05
C ARG D 377 -62.02 2.60 -6.47
N THR D 378 -60.76 2.68 -6.91
CA THR D 378 -59.89 3.78 -6.55
C THR D 378 -59.33 4.51 -7.77
N ARG D 379 -59.39 3.91 -8.94
CA ARG D 379 -58.92 4.50 -10.18
C ARG D 379 -60.13 4.88 -11.04
N TYR D 380 -60.07 6.05 -11.64
CA TYR D 380 -61.23 6.64 -12.29
C TYR D 380 -61.34 6.17 -13.74
N PHE D 381 -62.49 5.62 -14.08
CA PHE D 381 -62.81 5.23 -15.45
C PHE D 381 -63.70 6.32 -16.02
N SER D 382 -63.15 7.10 -16.96
CA SER D 382 -63.89 8.24 -17.49
C SER D 382 -65.13 7.79 -18.25
N MET D 383 -65.03 6.68 -18.99
CA MET D 383 -66.10 6.30 -19.90
C MET D 383 -67.40 6.06 -19.15
N TRP D 384 -67.37 5.22 -18.13
CA TRP D 384 -68.57 5.01 -17.33
C TRP D 384 -68.75 6.07 -16.26
N ASN D 385 -67.89 7.08 -16.22
CA ASN D 385 -67.97 8.13 -15.22
C ASN D 385 -67.93 7.53 -13.82
N SER D 386 -67.03 6.57 -13.62
CA SER D 386 -66.96 5.80 -12.38
C SER D 386 -65.90 6.41 -11.48
N ALA D 387 -66.26 7.51 -10.82
CA ALA D 387 -65.39 8.15 -9.85
C ALA D 387 -66.10 8.09 -8.50
N VAL D 388 -65.59 7.28 -7.58
CA VAL D 388 -66.31 6.99 -6.36
C VAL D 388 -66.34 8.22 -5.47
N ASP D 389 -67.44 8.41 -4.77
CA ASP D 389 -67.54 9.50 -3.80
C ASP D 389 -66.62 9.21 -2.62
N SER D 390 -65.72 10.15 -2.32
CA SER D 390 -64.77 9.97 -1.25
C SER D 390 -64.65 11.26 -0.45
N TYR D 391 -64.22 11.12 0.79
CA TYR D 391 -64.03 12.23 1.70
C TYR D 391 -62.62 12.19 2.22
N ASP D 392 -61.98 13.34 2.32
CA ASP D 392 -60.62 13.39 2.82
C ASP D 392 -60.59 12.85 4.24
N PRO D 393 -59.83 11.79 4.52
CA PRO D 393 -59.85 11.23 5.88
C PRO D 393 -59.38 12.20 6.94
N ASP D 394 -58.58 13.21 6.55
CA ASP D 394 -58.11 14.18 7.53
C ASP D 394 -59.23 15.13 7.94
N VAL D 395 -60.01 15.61 6.98
CA VAL D 395 -61.01 16.64 7.30
C VAL D 395 -62.15 16.04 8.13
N ARG D 396 -62.51 14.78 7.89
CA ARG D 396 -63.56 14.17 8.69
C ARG D 396 -63.09 13.96 10.14
N ILE D 397 -61.92 13.37 10.30
CA ILE D 397 -61.36 13.08 11.62
C ILE D 397 -60.18 14.02 11.79
N ILE D 398 -60.45 15.18 12.41
CA ILE D 398 -59.43 16.22 12.51
C ILE D 398 -58.30 15.73 13.42
N GLU D 399 -57.08 15.99 13.06
CA GLU D 399 -56.09 15.57 14.00
C GLU D 399 -55.40 16.57 14.93
N ASN D 400 -55.27 17.83 14.61
CA ASN D 400 -54.71 18.84 15.50
C ASN D 400 -53.47 18.50 16.18
N HIS D 401 -52.46 18.16 15.43
CA HIS D 401 -51.19 17.89 15.97
C HIS D 401 -50.52 19.14 16.20
N GLY D 402 -51.09 20.22 15.83
CA GLY D 402 -50.47 21.44 16.18
C GLY D 402 -49.86 21.96 14.97
N VAL D 403 -49.11 23.04 15.06
CA VAL D 403 -48.46 23.64 13.94
C VAL D 403 -47.00 23.64 14.12
N GLU D 404 -46.24 23.15 13.18
CA GLU D 404 -44.81 23.02 13.39
C GLU D 404 -44.10 24.29 13.18
N ASP D 405 -44.20 25.17 14.12
CA ASP D 405 -43.55 26.47 14.07
C ASP D 405 -42.57 26.57 15.23
N GLU D 406 -41.34 26.93 14.92
CA GLU D 406 -40.34 27.19 15.95
C GLU D 406 -39.67 28.53 15.79
N LEU D 407 -39.42 28.95 14.58
CA LEU D 407 -38.78 30.24 14.41
C LEU D 407 -39.78 31.27 13.94
N PRO D 408 -39.57 32.53 14.30
CA PRO D 408 -40.40 33.60 13.73
C PRO D 408 -40.10 33.77 12.25
N ASN D 409 -41.11 34.18 11.50
CA ASN D 409 -40.98 34.49 10.08
C ASN D 409 -41.23 35.98 9.88
N TYR D 410 -40.38 36.61 9.08
CA TYR D 410 -40.35 38.06 8.99
C TYR D 410 -40.67 38.53 7.58
N CYS D 411 -41.12 39.78 7.49
CA CYS D 411 -41.29 40.48 6.24
C CYS D 411 -40.39 41.70 6.25
N PHE D 412 -39.57 41.84 5.23
CA PHE D 412 -38.61 42.93 5.22
C PHE D 412 -38.93 43.94 4.12
N PRO D 413 -38.53 45.20 4.27
CA PRO D 413 -38.87 46.19 3.26
C PRO D 413 -38.17 45.89 1.95
N LEU D 414 -38.81 46.33 0.85
CA LEU D 414 -38.23 46.12 -0.46
C LEU D 414 -36.86 46.76 -0.58
N ASN D 415 -36.63 47.86 0.12
CA ASN D 415 -35.38 48.59 0.03
C ASN D 415 -34.36 48.15 1.06
N GLY D 416 -34.41 46.89 1.49
CA GLY D 416 -33.47 46.38 2.48
C GLY D 416 -33.73 46.92 3.87
N THR D 417 -33.87 48.24 3.99
CA THR D 417 -34.27 48.89 5.23
C THR D 417 -35.00 50.18 4.91
N GLY D 418 -36.00 50.52 5.71
CA GLY D 418 -36.85 51.66 5.40
C GLY D 418 -36.35 52.97 5.98
N THR D 419 -35.08 53.01 6.37
CA THR D 419 -34.55 54.21 7.01
C THR D 419 -34.50 55.38 6.04
N ASN D 420 -34.92 56.55 6.52
CA ASN D 420 -34.76 57.80 5.81
C ASN D 420 -33.69 58.68 6.46
N SER D 421 -32.93 58.13 7.40
CA SER D 421 -31.97 58.92 8.16
C SER D 421 -30.83 59.38 7.26
N THR D 422 -30.44 60.63 7.41
CA THR D 422 -29.31 61.19 6.69
C THR D 422 -28.11 61.34 7.62
N TYR D 423 -26.93 61.46 7.02
CA TYR D 423 -25.70 61.62 7.77
C TYR D 423 -24.70 62.38 6.91
N GLN D 424 -23.65 62.88 7.55
CA GLN D 424 -22.56 63.54 6.85
C GLN D 424 -21.24 62.96 7.33
N GLY D 425 -20.41 62.55 6.38
CA GLY D 425 -19.10 62.01 6.70
C GLY D 425 -18.22 63.01 7.41
N VAL D 426 -17.60 62.59 8.52
CA VAL D 426 -16.75 63.46 9.31
C VAL D 426 -15.42 62.75 9.54
N LYS D 427 -14.40 63.57 9.79
CA LYS D 427 -13.06 63.07 10.07
C LYS D 427 -12.49 63.85 11.23
N ILE D 428 -11.42 63.32 11.81
CA ILE D 428 -10.83 63.88 13.02
C ILE D 428 -9.42 64.38 12.72
N THR D 429 -9.03 65.46 13.37
CA THR D 429 -7.65 65.90 13.34
C THR D 429 -6.80 64.96 14.21
N ASN D 430 -5.51 65.26 14.32
CA ASN D 430 -4.65 64.46 15.17
C ASN D 430 -5.14 64.51 16.61
N GLY D 431 -5.55 63.37 17.13
CA GLY D 431 -6.14 63.26 18.45
C GLY D 431 -6.97 62.00 18.55
N ASN D 432 -7.24 61.59 19.78
CA ASN D 432 -7.91 60.33 20.03
C ASN D 432 -9.41 60.50 20.20
N ASP D 433 -9.82 61.30 21.18
CA ASP D 433 -11.23 61.46 21.52
C ASP D 433 -11.48 62.89 21.95
N GLY D 434 -12.73 63.17 22.33
CA GLY D 434 -13.17 64.50 22.71
C GLY D 434 -14.08 65.05 21.64
N ALA D 435 -15.16 65.69 22.08
CA ALA D 435 -16.12 66.26 21.13
C ALA D 435 -15.52 67.39 20.32
N GLU D 436 -14.43 67.99 20.78
CA GLU D 436 -13.83 69.12 20.07
C GLU D 436 -13.07 68.67 18.82
N GLU D 437 -12.72 67.39 18.73
CA GLU D 437 -11.91 66.88 17.62
C GLU D 437 -12.83 66.36 16.54
N SER D 438 -13.08 67.18 15.52
CA SER D 438 -13.89 66.79 14.37
C SER D 438 -13.67 67.82 13.27
N GLU D 439 -13.98 67.41 12.04
CA GLU D 439 -13.70 68.25 10.88
C GLU D 439 -14.86 68.41 9.91
N TRP D 440 -15.84 67.49 9.90
CA TRP D 440 -16.92 67.49 8.92
C TRP D 440 -16.35 67.45 7.50
N GLU D 441 -15.72 66.31 7.21
CA GLU D 441 -14.98 66.12 5.97
C GLU D 441 -15.83 66.45 4.76
N LYS D 442 -15.27 67.24 3.84
CA LYS D 442 -15.97 67.70 2.66
C LYS D 442 -15.92 66.69 1.53
N ASP D 443 -15.24 65.56 1.72
CA ASP D 443 -15.17 64.51 0.71
C ASP D 443 -16.24 63.45 0.90
N ASP D 444 -17.37 63.84 1.49
CA ASP D 444 -18.49 62.93 1.77
C ASP D 444 -19.78 63.72 1.62
N ALA D 445 -20.87 63.18 2.14
CA ALA D 445 -22.15 63.86 2.03
C ALA D 445 -22.12 65.18 2.79
N ILE D 446 -23.03 66.07 2.41
CA ILE D 446 -23.16 67.38 3.03
C ILE D 446 -24.34 67.32 3.99
N SER D 447 -24.60 66.12 4.52
CA SER D 447 -25.69 65.74 5.40
C SER D 447 -26.97 65.51 4.60
N ARG D 448 -26.88 65.51 3.27
CA ARG D 448 -28.02 65.20 2.43
C ARG D 448 -27.94 63.82 1.80
N GLN D 449 -26.75 63.25 1.70
CA GLN D 449 -26.50 62.13 0.80
C GLN D 449 -25.89 60.95 1.56
N ASN D 450 -26.49 60.59 2.70
CA ASN D 450 -26.14 59.34 3.36
C ASN D 450 -27.42 58.72 3.91
N GLN D 451 -27.45 57.40 3.93
CA GLN D 451 -28.59 56.67 4.48
C GLN D 451 -28.06 55.46 5.23
N ILE D 452 -28.21 55.47 6.55
CA ILE D 452 -27.76 54.38 7.40
C ILE D 452 -28.85 54.11 8.44
N CYS D 453 -29.21 52.84 8.61
CA CYS D 453 -30.14 52.44 9.66
C CYS D 453 -29.33 52.09 10.90
N LYS D 454 -29.35 52.97 11.90
CA LYS D 454 -28.52 52.76 13.08
C LYS D 454 -28.96 51.55 13.89
N GLY D 455 -30.18 51.05 13.67
CA GLY D 455 -30.62 49.82 14.29
C GLY D 455 -30.61 48.67 13.30
N ASN D 456 -31.23 47.57 13.73
CA ASN D 456 -31.39 46.45 12.82
C ASN D 456 -32.36 46.82 11.70
N VAL D 457 -32.53 45.91 10.76
CA VAL D 457 -33.46 46.13 9.66
C VAL D 457 -34.88 46.12 10.21
N TYR D 458 -35.66 47.15 9.89
CA TYR D 458 -37.04 47.21 10.34
C TYR D 458 -37.84 46.12 9.67
N ALA D 459 -38.62 45.39 10.45
CA ALA D 459 -39.37 44.25 9.91
C ALA D 459 -40.54 43.94 10.83
N MET D 460 -41.48 43.18 10.31
CA MET D 460 -42.64 42.74 11.05
C MET D 460 -42.79 41.23 10.91
N GLU D 461 -43.39 40.63 11.93
CA GLU D 461 -43.43 39.18 12.07
C GLU D 461 -44.77 38.63 11.62
N ILE D 462 -44.78 37.35 11.25
CA ILE D 462 -45.99 36.66 10.87
C ILE D 462 -45.78 35.18 11.08
N ASN D 463 -46.75 34.52 11.70
CA ASN D 463 -46.69 33.08 11.93
C ASN D 463 -47.21 32.39 10.69
N LEU D 464 -46.29 31.87 9.87
CA LEU D 464 -46.69 31.20 8.63
C LEU D 464 -47.48 29.94 8.92
N GLN D 465 -46.93 29.05 9.76
CA GLN D 465 -47.53 27.73 9.94
C GLN D 465 -48.91 27.83 10.57
N ALA D 466 -49.09 28.72 11.55
CA ALA D 466 -50.39 28.86 12.18
C ALA D 466 -51.44 29.33 11.18
N ASN D 467 -51.09 30.31 10.34
CA ASN D 467 -52.06 30.83 9.38
C ASN D 467 -52.47 29.77 8.37
N LEU D 468 -51.63 28.85 8.03
CA LEU D 468 -52.10 27.87 7.11
C LEU D 468 -53.07 26.97 7.78
N TRP D 469 -52.80 26.51 8.97
CA TRP D 469 -53.70 25.57 9.62
C TRP D 469 -54.98 26.24 9.83
N LYS D 470 -55.00 27.49 10.21
CA LYS D 470 -56.25 28.10 10.50
C LYS D 470 -57.05 28.17 9.31
N SER D 471 -56.43 28.38 8.21
CA SER D 471 -57.16 28.50 7.00
C SER D 471 -57.70 27.22 6.52
N PHE D 472 -56.93 26.17 6.61
CA PHE D 472 -57.38 24.89 6.17
C PHE D 472 -58.50 24.60 7.00
N LEU D 473 -58.34 24.79 8.27
CA LEU D 473 -59.39 24.37 9.11
C LEU D 473 -60.52 25.13 8.80
N TYR D 474 -60.43 26.41 8.67
CA TYR D 474 -61.63 27.14 8.52
C TYR D 474 -62.31 26.72 7.39
N SER D 475 -61.72 26.74 6.21
CA SER D 475 -62.56 26.50 5.09
C SER D 475 -63.21 25.25 5.25
N ASN D 476 -62.40 24.24 5.40
CA ASN D 476 -63.10 23.03 5.39
C ASN D 476 -64.10 22.77 6.50
N VAL D 477 -63.62 22.78 7.70
CA VAL D 477 -64.55 22.33 8.71
C VAL D 477 -65.48 23.30 9.23
N ALA D 478 -65.40 24.48 8.72
CA ALA D 478 -66.34 25.30 9.29
C ALA D 478 -67.28 25.82 8.41
N LEU D 479 -66.92 25.82 7.18
CA LEU D 479 -67.87 26.54 6.47
C LEU D 479 -68.92 25.55 6.40
N TYR D 480 -68.62 24.38 6.78
CA TYR D 480 -69.57 23.34 6.53
C TYR D 480 -70.33 22.93 7.74
N LEU D 481 -70.31 23.70 8.79
CA LEU D 481 -70.92 23.33 10.05
C LEU D 481 -72.37 23.37 9.95
N PRO D 482 -73.04 22.70 10.84
CA PRO D 482 -74.45 22.62 10.67
C PRO D 482 -74.95 23.97 10.78
N ASP D 483 -76.07 24.23 10.22
CA ASP D 483 -76.51 25.57 10.16
C ASP D 483 -76.75 26.30 11.40
N SER D 484 -77.34 25.69 12.37
CA SER D 484 -77.68 26.45 13.54
C SER D 484 -76.55 27.27 14.04
N TYR D 485 -75.35 26.83 13.80
CA TYR D 485 -74.16 27.49 14.29
C TYR D 485 -73.83 28.77 13.54
N LYS D 486 -74.53 29.06 12.44
CA LYS D 486 -74.24 30.22 11.61
C LYS D 486 -75.27 31.31 11.87
N TYR D 487 -74.80 32.53 12.06
CA TYR D 487 -75.68 33.69 12.12
C TYR D 487 -75.55 34.48 10.82
N THR D 488 -76.26 35.60 10.75
CA THR D 488 -76.21 36.44 9.57
C THR D 488 -75.87 37.87 9.94
N PRO D 489 -75.11 38.57 9.10
CA PRO D 489 -74.84 39.99 9.38
C PRO D 489 -76.12 40.80 9.35
N ALA D 490 -76.11 41.90 10.11
CA ALA D 490 -77.34 42.64 10.37
C ALA D 490 -77.91 43.25 9.10
N ASN D 491 -77.09 43.93 8.31
CA ASN D 491 -77.61 44.74 7.22
C ASN D 491 -78.05 43.89 6.02
N VAL D 492 -77.33 42.80 5.74
CA VAL D 492 -77.63 42.03 4.54
C VAL D 492 -78.96 41.29 4.70
N LYS D 493 -79.51 40.86 3.56
CA LYS D 493 -80.76 40.14 3.52
C LYS D 493 -80.56 38.82 2.77
N LEU D 494 -81.34 37.82 3.15
CA LEU D 494 -81.20 36.49 2.57
C LEU D 494 -82.55 36.01 2.08
N PRO D 495 -82.56 35.14 1.07
CA PRO D 495 -83.82 34.55 0.61
C PRO D 495 -84.45 33.68 1.69
N ALA D 496 -85.77 33.51 1.57
CA ALA D 496 -86.54 32.85 2.62
C ALA D 496 -86.14 31.38 2.76
N ASN D 497 -86.11 30.64 1.65
CA ASN D 497 -85.88 29.21 1.73
C ASN D 497 -84.45 28.91 2.17
N THR D 498 -84.31 27.81 2.91
CA THR D 498 -83.05 27.43 3.54
C THR D 498 -82.17 26.58 2.65
N ASN D 499 -82.63 26.22 1.45
CA ASN D 499 -81.88 25.34 0.57
C ASN D 499 -81.18 26.07 -0.57
N THR D 500 -81.63 27.27 -0.93
CA THR D 500 -81.06 27.95 -2.07
C THR D 500 -79.60 28.31 -1.81
N TYR D 501 -78.82 28.38 -2.89
CA TYR D 501 -77.42 28.72 -2.78
C TYR D 501 -77.24 30.13 -2.24
N GLU D 502 -78.10 31.06 -2.66
CA GLU D 502 -78.02 32.43 -2.17
C GLU D 502 -78.08 32.50 -0.66
N TYR D 503 -78.77 31.56 -0.03
CA TYR D 503 -78.87 31.55 1.43
C TYR D 503 -77.63 30.93 2.07
N MET D 504 -77.36 29.66 1.80
CA MET D 504 -76.25 28.97 2.45
C MET D 504 -74.90 29.54 2.08
N ASN D 505 -74.85 30.56 1.21
CA ASN D 505 -73.65 31.30 0.92
C ASN D 505 -73.61 32.65 1.63
N GLY D 506 -74.76 33.20 1.99
CA GLY D 506 -74.81 34.49 2.65
C GLY D 506 -74.54 34.42 4.14
N ARG D 507 -74.80 33.26 4.75
CA ARG D 507 -74.58 33.11 6.18
C ARG D 507 -73.08 33.18 6.48
N VAL D 508 -72.77 33.40 7.74
CA VAL D 508 -71.38 33.53 8.17
C VAL D 508 -71.15 32.62 9.38
N VAL D 509 -69.89 32.22 9.56
CA VAL D 509 -69.49 31.34 10.64
C VAL D 509 -68.42 32.05 11.46
N ALA D 510 -68.49 31.89 12.77
CA ALA D 510 -67.50 32.50 13.65
C ALA D 510 -66.20 31.71 13.59
N PRO D 511 -65.07 32.33 13.26
CA PRO D 511 -63.79 31.60 13.31
C PRO D 511 -63.48 31.08 14.71
N SER D 512 -63.98 31.73 15.75
CA SER D 512 -63.81 31.24 17.12
C SER D 512 -64.54 29.93 17.36
N LEU D 513 -65.19 29.38 16.34
CA LEU D 513 -65.63 28.00 16.33
C LEU D 513 -64.39 27.17 16.06
N VAL D 514 -64.57 25.93 15.57
CA VAL D 514 -63.45 25.02 15.33
C VAL D 514 -62.28 25.80 14.73
N ASP D 515 -61.13 25.71 15.38
CA ASP D 515 -60.03 26.63 15.17
C ASP D 515 -58.72 25.86 15.29
N ALA D 516 -57.61 26.58 15.42
CA ALA D 516 -56.32 25.93 15.58
C ALA D 516 -56.15 25.28 16.94
N TYR D 517 -57.07 25.51 17.89
CA TYR D 517 -56.89 25.04 19.25
C TYR D 517 -58.03 24.15 19.72
N ILE D 518 -58.81 23.57 18.81
CA ILE D 518 -59.90 22.68 19.22
C ILE D 518 -59.36 21.27 19.37
N ASN D 519 -59.57 20.68 20.54
CA ASN D 519 -59.17 19.31 20.82
C ASN D 519 -57.69 19.09 20.48
N ILE D 520 -56.85 20.03 20.92
CA ILE D 520 -55.43 19.97 20.60
C ILE D 520 -54.85 18.65 21.07
N GLY D 521 -54.21 17.93 20.15
CA GLY D 521 -53.66 16.62 20.41
C GLY D 521 -54.60 15.49 20.06
N ALA D 522 -55.88 15.64 20.39
CA ALA D 522 -56.85 14.60 20.13
C ALA D 522 -57.17 14.52 18.65
N ARG D 523 -57.70 13.37 18.24
CA ARG D 523 -58.16 13.16 16.88
C ARG D 523 -59.69 13.12 16.84
N TRP D 524 -60.31 14.00 17.61
CA TRP D 524 -61.76 14.03 17.73
C TRP D 524 -62.39 14.39 16.39
N SER D 525 -63.68 14.05 16.26
CA SER D 525 -64.41 14.18 15.01
C SER D 525 -65.30 15.41 14.97
N LEU D 526 -65.16 16.32 15.93
CA LEU D 526 -65.92 17.58 15.94
C LEU D 526 -67.42 17.29 15.95
N ASP D 527 -67.86 16.73 17.08
CA ASP D 527 -69.22 16.29 17.36
C ASP D 527 -70.33 17.14 16.74
N PRO D 528 -70.26 18.48 16.78
CA PRO D 528 -71.33 19.26 16.14
C PRO D 528 -71.61 18.87 14.70
N MET D 529 -70.59 18.60 13.91
CA MET D 529 -70.77 18.11 12.55
C MET D 529 -70.23 16.68 12.50
N ASP D 530 -71.06 15.75 12.93
CA ASP D 530 -70.80 14.32 12.78
C ASP D 530 -71.93 13.61 12.08
N ASN D 531 -73.15 14.09 12.20
CA ASN D 531 -74.27 13.64 11.39
C ASN D 531 -74.43 14.46 10.12
N VAL D 532 -73.52 15.40 9.87
CA VAL D 532 -73.51 16.13 8.61
C VAL D 532 -72.86 15.24 7.55
N ASN D 533 -73.49 15.18 6.38
CA ASN D 533 -73.04 14.29 5.32
C ASN D 533 -71.60 14.61 4.94
N PRO D 534 -70.68 13.65 5.01
CA PRO D 534 -69.27 13.95 4.75
C PRO D 534 -68.88 13.91 3.29
N PHE D 535 -69.77 13.49 2.40
CA PHE D 535 -69.47 13.42 0.97
C PHE D 535 -69.92 14.66 0.22
N ASN D 536 -69.97 15.79 0.90
CA ASN D 536 -70.34 17.08 0.31
C ASN D 536 -69.25 18.07 0.70
N HIS D 537 -68.22 18.18 -0.14
CA HIS D 537 -67.04 18.93 0.26
C HIS D 537 -66.26 19.31 -0.99
N PRO D 538 -65.52 20.42 -0.96
CA PRO D 538 -64.57 20.68 -2.05
C PRO D 538 -63.45 19.67 -2.09
N ARG D 539 -63.22 18.95 -1.00
CA ARG D 539 -62.19 17.92 -0.93
C ARG D 539 -62.71 16.56 -1.38
N ASN D 540 -63.93 16.48 -1.87
CA ASN D 540 -64.47 15.22 -2.37
C ASN D 540 -63.75 14.91 -3.67
N ALA D 541 -62.66 14.13 -3.58
CA ALA D 541 -61.82 13.89 -4.74
C ALA D 541 -62.60 13.22 -5.86
N GLY D 542 -63.56 12.36 -5.51
CA GLY D 542 -64.36 11.72 -6.54
C GLY D 542 -65.25 12.68 -7.27
N LEU D 543 -65.90 13.59 -6.55
CA LEU D 543 -66.86 14.49 -7.19
C LEU D 543 -66.15 15.52 -8.07
N ARG D 544 -65.09 16.13 -7.57
CA ARG D 544 -64.42 17.16 -8.34
C ARG D 544 -63.87 16.62 -9.66
N TYR D 545 -63.63 15.32 -9.74
CA TYR D 545 -63.22 14.74 -11.02
C TYR D 545 -64.38 14.77 -12.02
N ARG D 546 -65.55 14.33 -11.58
CA ARG D 546 -66.71 14.33 -12.47
C ARG D 546 -67.19 15.74 -12.76
N SER D 547 -67.08 16.65 -11.79
CA SER D 547 -67.44 18.03 -12.05
C SER D 547 -66.46 18.71 -12.98
N MET D 548 -65.29 18.11 -13.20
CA MET D 548 -64.31 18.64 -14.12
C MET D 548 -64.24 17.88 -15.42
N LEU D 549 -64.75 16.65 -15.45
CA LEU D 549 -64.78 15.88 -16.69
C LEU D 549 -65.64 16.57 -17.74
N LEU D 550 -66.77 17.13 -17.33
CA LEU D 550 -67.57 17.94 -18.23
C LEU D 550 -66.85 19.24 -18.58
N GLY D 551 -65.89 19.64 -17.75
CA GLY D 551 -65.19 20.89 -17.95
C GLY D 551 -65.84 22.03 -17.20
N ASN D 552 -65.06 23.07 -16.94
CA ASN D 552 -65.59 24.21 -16.22
C ASN D 552 -66.58 24.98 -17.10
N GLY D 553 -67.11 26.06 -16.55
CA GLY D 553 -68.09 26.87 -17.25
C GLY D 553 -69.50 26.42 -16.95
N ARG D 554 -70.44 27.30 -17.34
CA ARG D 554 -71.84 27.13 -16.98
C ARG D 554 -72.61 26.30 -17.98
N TYR D 555 -72.52 26.61 -19.27
CA TYR D 555 -73.25 25.90 -20.32
C TYR D 555 -72.32 24.90 -20.97
N VAL D 556 -72.69 23.62 -20.93
CA VAL D 556 -71.86 22.54 -21.44
C VAL D 556 -72.69 21.61 -22.33
N PRO D 557 -72.32 21.41 -23.58
CA PRO D 557 -72.84 20.25 -24.32
C PRO D 557 -72.07 19.01 -23.91
N PHE D 558 -72.77 17.90 -23.75
CA PHE D 558 -72.15 16.70 -23.22
C PHE D 558 -72.37 15.51 -24.15
N HIS D 559 -71.63 14.44 -23.89
CA HIS D 559 -71.78 13.19 -24.61
C HIS D 559 -71.49 12.08 -23.62
N ILE D 560 -72.49 11.25 -23.35
CA ILE D 560 -72.48 10.34 -22.21
C ILE D 560 -72.88 8.96 -22.65
N GLN D 561 -72.17 7.94 -22.15
CA GLN D 561 -72.48 6.55 -22.42
C GLN D 561 -72.95 5.90 -21.13
N VAL D 562 -74.25 5.78 -20.97
CA VAL D 562 -74.83 5.20 -19.75
C VAL D 562 -74.79 3.69 -19.87
N PRO D 563 -74.34 2.98 -18.83
CA PRO D 563 -74.36 1.51 -18.88
C PRO D 563 -75.73 0.94 -18.56
N GLN D 564 -75.80 -0.39 -18.46
CA GLN D 564 -77.01 -1.09 -18.06
C GLN D 564 -76.72 -1.87 -16.79
N LYS D 565 -77.47 -1.61 -15.73
CA LYS D 565 -77.18 -2.21 -14.43
C LYS D 565 -78.35 -2.99 -13.85
N PHE D 566 -79.24 -3.51 -14.69
CA PHE D 566 -80.25 -4.44 -14.24
C PHE D 566 -79.71 -5.86 -14.32
N PHE D 567 -79.94 -6.65 -13.28
CA PHE D 567 -79.23 -7.91 -13.13
C PHE D 567 -79.65 -8.96 -14.15
N ALA D 568 -80.88 -8.92 -14.65
CA ALA D 568 -81.31 -9.86 -15.67
C ALA D 568 -80.70 -9.57 -17.04
N ILE D 569 -80.46 -8.32 -17.36
CA ILE D 569 -79.94 -7.95 -18.67
C ILE D 569 -78.44 -7.70 -18.66
N LYS D 570 -77.83 -7.45 -17.50
CA LYS D 570 -76.45 -6.99 -17.46
C LYS D 570 -75.48 -7.99 -18.07
N ASN D 571 -75.85 -9.27 -18.15
CA ASN D 571 -74.94 -10.27 -18.71
C ASN D 571 -75.62 -11.24 -19.65
N LEU D 572 -76.82 -10.93 -20.13
CA LEU D 572 -77.52 -11.84 -21.01
C LEU D 572 -76.75 -12.04 -22.31
N LEU D 573 -76.87 -13.24 -22.89
CA LEU D 573 -76.13 -13.54 -24.11
C LEU D 573 -76.93 -13.22 -25.37
N LEU D 574 -78.25 -13.23 -25.31
CA LEU D 574 -79.10 -12.65 -26.35
C LEU D 574 -78.85 -13.30 -27.72
N LEU D 575 -79.23 -14.56 -27.80
CA LEU D 575 -79.15 -15.30 -29.05
C LEU D 575 -79.91 -14.58 -30.17
N PRO D 576 -79.66 -14.94 -31.43
CA PRO D 576 -80.20 -14.14 -32.54
C PRO D 576 -81.72 -14.06 -32.53
N GLY D 577 -82.22 -12.93 -33.02
CA GLY D 577 -83.64 -12.64 -33.01
C GLY D 577 -83.89 -11.21 -33.43
N SER D 578 -84.97 -10.64 -32.88
CA SER D 578 -85.27 -9.23 -33.10
C SER D 578 -86.14 -8.75 -31.95
N TYR D 579 -85.54 -8.07 -30.98
CA TYR D 579 -86.23 -7.73 -29.74
C TYR D 579 -86.48 -6.23 -29.67
N THR D 580 -87.61 -5.86 -29.09
CA THR D 580 -87.81 -4.48 -28.67
C THR D 580 -87.02 -4.23 -27.41
N TYR D 581 -86.63 -2.97 -27.19
CA TYR D 581 -85.78 -2.65 -26.06
C TYR D 581 -85.96 -1.17 -25.75
N GLU D 582 -86.73 -0.85 -24.73
CA GLU D 582 -87.03 0.53 -24.38
C GLU D 582 -86.70 0.78 -22.93
N TRP D 583 -86.45 2.04 -22.60
CA TRP D 583 -86.17 2.42 -21.23
C TRP D 583 -86.59 3.86 -21.02
N ASN D 584 -86.81 4.22 -19.76
CA ASN D 584 -87.26 5.55 -19.38
C ASN D 584 -86.10 6.30 -18.76
N PHE D 585 -85.74 7.43 -19.34
CA PHE D 585 -84.61 8.21 -18.88
C PHE D 585 -85.10 9.41 -18.09
N ARG D 586 -84.52 9.61 -16.92
CA ARG D 586 -84.95 10.65 -15.99
C ARG D 586 -84.14 11.90 -16.24
N LYS D 587 -84.81 12.99 -16.61
CA LYS D 587 -84.14 14.26 -16.86
C LYS D 587 -84.55 15.32 -15.84
N ASP D 588 -84.68 14.90 -14.60
CA ASP D 588 -84.87 15.82 -13.48
C ASP D 588 -83.50 16.20 -12.94
N VAL D 589 -83.18 17.50 -13.00
CA VAL D 589 -81.84 17.97 -12.67
C VAL D 589 -81.49 17.63 -11.22
N ASN D 590 -82.46 17.73 -10.32
CA ASN D 590 -82.20 17.55 -8.90
C ASN D 590 -81.74 16.15 -8.57
N MET D 591 -81.97 15.18 -9.45
CA MET D 591 -81.59 13.80 -9.21
C MET D 591 -80.36 13.36 -9.98
N ILE D 592 -80.16 13.87 -11.20
CA ILE D 592 -79.07 13.43 -12.05
C ILE D 592 -77.90 14.41 -12.04
N LEU D 593 -77.84 15.30 -11.06
CA LEU D 593 -76.74 16.27 -10.96
C LEU D 593 -76.38 16.43 -9.49
N GLN D 594 -75.40 15.67 -9.04
CA GLN D 594 -74.86 15.85 -7.70
C GLN D 594 -74.11 17.17 -7.62
N SER D 595 -74.31 17.90 -6.54
CA SER D 595 -73.60 19.15 -6.30
C SER D 595 -72.93 19.11 -4.95
N SER D 596 -71.79 19.79 -4.85
CA SER D 596 -70.99 19.73 -3.63
C SER D 596 -71.74 20.29 -2.44
N LEU D 597 -72.40 21.43 -2.59
CA LEU D 597 -73.07 22.03 -1.46
C LEU D 597 -74.34 21.29 -1.07
N GLY D 598 -74.94 20.53 -1.97
CA GLY D 598 -76.19 19.89 -1.68
C GLY D 598 -77.39 20.81 -1.70
N ASN D 599 -77.29 21.95 -2.36
CA ASN D 599 -78.39 22.90 -2.42
C ASN D 599 -79.47 22.37 -3.35
N ASP D 600 -80.51 23.16 -3.57
CA ASP D 600 -81.63 22.78 -4.43
C ASP D 600 -81.32 23.23 -5.85
N LEU D 601 -80.92 22.29 -6.70
CA LEU D 601 -80.61 22.63 -8.08
C LEU D 601 -81.86 22.93 -8.90
N ARG D 602 -83.02 22.47 -8.44
CA ARG D 602 -84.25 22.71 -9.19
C ARG D 602 -84.64 24.18 -9.21
N VAL D 603 -84.10 24.98 -8.29
CA VAL D 603 -84.38 26.41 -8.25
C VAL D 603 -83.41 27.24 -9.07
N ASP D 604 -82.29 26.65 -9.50
CA ASP D 604 -81.20 27.41 -10.10
C ASP D 604 -81.05 27.14 -11.59
N GLY D 605 -80.84 25.89 -12.00
CA GLY D 605 -80.60 25.59 -13.39
C GLY D 605 -80.75 24.12 -13.70
N ALA D 606 -81.30 23.79 -14.87
CA ALA D 606 -81.71 22.44 -15.19
C ALA D 606 -81.09 21.98 -16.50
N SER D 607 -80.94 20.66 -16.62
CA SER D 607 -80.55 20.04 -17.88
C SER D 607 -81.55 20.44 -18.95
N VAL D 608 -81.09 21.20 -19.94
CA VAL D 608 -82.02 21.80 -20.90
C VAL D 608 -82.77 20.72 -21.67
N ARG D 609 -82.07 19.70 -22.14
CA ARG D 609 -82.70 18.73 -23.02
C ARG D 609 -81.76 17.57 -23.29
N PHE D 610 -82.36 16.43 -23.62
CA PHE D 610 -81.63 15.32 -24.23
C PHE D 610 -81.92 15.40 -25.72
N ASP D 611 -80.93 15.85 -26.49
CA ASP D 611 -81.14 16.01 -27.93
C ASP D 611 -81.42 14.67 -28.60
N SER D 612 -80.66 13.64 -28.24
CA SER D 612 -80.85 12.33 -28.84
C SER D 612 -80.22 11.28 -27.97
N VAL D 613 -80.68 10.04 -28.12
CA VAL D 613 -80.07 8.87 -27.51
C VAL D 613 -79.90 7.82 -28.59
N ASN D 614 -78.91 6.95 -28.41
CA ASN D 614 -78.63 5.88 -29.35
C ASN D 614 -78.13 4.66 -28.58
N LEU D 615 -78.53 3.49 -29.03
CA LEU D 615 -78.11 2.23 -28.43
C LEU D 615 -76.98 1.68 -29.28
N TYR D 616 -75.82 1.47 -28.66
CA TYR D 616 -74.66 0.90 -29.32
C TYR D 616 -74.45 -0.52 -28.86
N ALA D 617 -74.16 -1.41 -29.79
CA ALA D 617 -73.94 -2.81 -29.48
C ALA D 617 -72.65 -3.28 -30.13
N THR D 618 -72.04 -4.30 -29.54
CA THR D 618 -70.80 -4.85 -30.05
C THR D 618 -70.94 -6.35 -30.17
N PHE D 619 -70.55 -6.89 -31.32
CA PHE D 619 -70.73 -8.30 -31.64
C PHE D 619 -69.36 -8.95 -31.77
N PHE D 620 -69.18 -10.08 -31.11
CA PHE D 620 -67.96 -10.84 -31.29
C PHE D 620 -68.00 -11.50 -32.66
N PRO D 621 -67.05 -11.26 -33.52
CA PRO D 621 -67.08 -11.79 -34.89
C PRO D 621 -66.69 -13.26 -34.99
N MET D 622 -67.35 -14.10 -34.21
CA MET D 622 -67.04 -15.53 -34.23
C MET D 622 -67.59 -16.17 -35.49
N ALA D 623 -66.96 -17.29 -35.88
CA ALA D 623 -67.31 -17.96 -37.11
C ALA D 623 -68.78 -18.34 -37.14
N HIS D 624 -69.41 -18.14 -38.29
CA HIS D 624 -70.83 -18.43 -38.41
C HIS D 624 -71.15 -19.91 -38.26
N ASN D 625 -70.15 -20.78 -38.33
CA ASN D 625 -70.40 -22.20 -38.19
C ASN D 625 -70.30 -22.67 -36.74
N THR D 626 -69.55 -21.96 -35.90
CA THR D 626 -69.53 -22.28 -34.49
C THR D 626 -70.51 -21.45 -33.68
N ALA D 627 -70.81 -20.23 -34.14
CA ALA D 627 -71.87 -19.46 -33.49
C ALA D 627 -73.20 -20.16 -33.65
N SER D 628 -73.44 -20.79 -34.81
CA SER D 628 -74.64 -21.59 -34.99
C SER D 628 -74.63 -22.80 -34.06
N THR D 629 -73.47 -23.43 -33.90
CA THR D 629 -73.37 -24.52 -32.95
C THR D 629 -73.54 -24.01 -31.52
N LEU D 630 -72.97 -22.85 -31.20
CA LEU D 630 -73.11 -22.30 -29.87
C LEU D 630 -74.57 -21.98 -29.57
N GLU D 631 -75.28 -21.38 -30.52
CA GLU D 631 -76.69 -21.09 -30.31
C GLU D 631 -77.57 -22.27 -30.60
N ALA D 632 -77.02 -23.40 -31.01
CA ALA D 632 -77.82 -24.62 -31.08
C ALA D 632 -78.04 -25.22 -29.71
N MET D 633 -77.08 -25.07 -28.80
CA MET D 633 -77.19 -25.61 -27.46
C MET D 633 -77.63 -24.58 -26.44
N LEU D 634 -77.26 -23.32 -26.59
CA LEU D 634 -77.79 -22.30 -25.70
C LEU D 634 -79.29 -22.11 -25.91
N ARG D 635 -79.76 -22.33 -27.13
CA ARG D 635 -81.18 -22.23 -27.43
C ARG D 635 -81.85 -23.56 -27.10
N ASN D 636 -81.63 -24.04 -25.88
CA ASN D 636 -82.15 -25.31 -25.43
C ASN D 636 -82.74 -25.13 -24.04
N ASP D 637 -83.26 -26.22 -23.49
CA ASP D 637 -83.93 -26.16 -22.20
C ASP D 637 -82.97 -26.38 -21.05
N THR D 638 -82.03 -27.30 -21.20
CA THR D 638 -81.17 -27.67 -20.08
C THR D 638 -80.13 -26.60 -19.78
N HIS D 639 -79.64 -25.87 -20.78
CA HIS D 639 -78.65 -24.82 -20.55
C HIS D 639 -79.30 -23.47 -20.86
N ASP D 640 -79.92 -22.88 -19.85
CA ASP D 640 -80.43 -21.53 -19.93
C ASP D 640 -79.74 -20.68 -18.88
N GLN D 641 -79.36 -19.46 -19.26
CA GLN D 641 -78.62 -18.59 -18.37
C GLN D 641 -79.43 -18.33 -17.11
N SER D 642 -78.75 -18.00 -16.02
CA SER D 642 -79.40 -17.71 -14.75
C SER D 642 -78.46 -16.87 -13.90
N PHE D 643 -78.91 -15.67 -13.53
CA PHE D 643 -78.11 -14.77 -12.71
C PHE D 643 -79.00 -14.15 -11.64
N ASN D 644 -78.37 -13.70 -10.56
CA ASN D 644 -79.06 -12.97 -9.51
C ASN D 644 -78.26 -11.73 -9.14
N ASP D 645 -78.96 -10.70 -8.69
CA ASP D 645 -78.31 -9.44 -8.38
C ASP D 645 -77.37 -9.60 -7.18
N TYR D 646 -76.31 -8.81 -7.18
CA TYR D 646 -75.28 -8.96 -6.15
C TYR D 646 -75.83 -8.68 -4.76
N LEU D 647 -76.65 -7.63 -4.62
CA LEU D 647 -77.22 -7.33 -3.32
C LEU D 647 -78.15 -8.45 -2.85
N SER D 648 -79.01 -8.92 -3.75
CA SER D 648 -79.89 -10.05 -3.50
C SER D 648 -80.68 -9.88 -2.20
N ALA D 649 -81.34 -8.73 -2.08
CA ALA D 649 -81.99 -8.41 -0.82
C ALA D 649 -83.28 -7.66 -1.07
N ALA D 650 -84.35 -8.09 -0.42
CA ALA D 650 -85.63 -7.39 -0.45
C ALA D 650 -85.67 -6.42 0.72
N ASN D 651 -85.81 -5.14 0.42
CA ASN D 651 -85.61 -4.11 1.42
C ASN D 651 -86.82 -3.19 1.51
N MET D 652 -87.08 -2.71 2.73
CA MET D 652 -88.13 -1.74 2.98
C MET D 652 -87.61 -0.70 3.95
N LEU D 653 -88.21 0.49 3.90
CA LEU D 653 -87.81 1.61 4.73
C LEU D 653 -88.88 1.88 5.78
N TYR D 654 -88.45 2.16 7.00
CA TYR D 654 -89.35 2.45 8.09
C TYR D 654 -89.07 3.85 8.63
N PRO D 655 -90.08 4.71 8.74
CA PRO D 655 -89.83 6.08 9.19
C PRO D 655 -89.38 6.12 10.64
N ILE D 656 -88.60 7.15 10.96
CA ILE D 656 -88.20 7.44 12.33
C ILE D 656 -88.51 8.91 12.59
N PRO D 657 -89.50 9.22 13.41
CA PRO D 657 -89.86 10.62 13.62
C PRO D 657 -88.75 11.37 14.34
N ALA D 658 -88.93 12.68 14.45
CA ALA D 658 -87.92 13.53 15.06
C ALA D 658 -87.76 13.20 16.53
N LYS D 659 -86.50 13.08 16.97
CA LYS D 659 -86.17 12.82 18.37
C LYS D 659 -86.86 11.55 18.88
N ALA D 660 -86.85 10.50 18.07
CA ALA D 660 -87.43 9.23 18.44
C ALA D 660 -86.31 8.26 18.80
N THR D 661 -86.38 7.71 20.01
CA THR D 661 -85.32 6.84 20.49
C THR D 661 -85.31 5.47 19.81
N ASN D 662 -86.46 4.82 19.69
CA ASN D 662 -86.49 3.46 19.17
C ASN D 662 -87.62 3.31 18.17
N VAL D 663 -87.43 2.37 17.24
CA VAL D 663 -88.38 2.12 16.16
C VAL D 663 -88.81 0.66 16.19
N PRO D 664 -90.06 0.35 16.50
CA PRO D 664 -90.50 -1.04 16.55
C PRO D 664 -90.97 -1.59 15.22
N ILE D 665 -90.07 -2.07 14.37
CA ILE D 665 -90.48 -2.71 13.12
C ILE D 665 -91.14 -4.05 13.44
N SER D 666 -91.88 -4.57 12.48
CA SER D 666 -92.53 -5.87 12.65
C SER D 666 -92.85 -6.47 11.28
N ILE D 667 -92.75 -7.80 11.21
CA ILE D 667 -93.06 -8.53 9.98
C ILE D 667 -94.08 -9.62 10.33
N PRO D 668 -95.15 -9.77 9.55
CA PRO D 668 -96.16 -10.78 9.89
C PRO D 668 -95.68 -12.19 9.62
N SER D 669 -96.53 -13.18 9.90
CA SER D 669 -96.13 -14.57 9.76
C SER D 669 -95.85 -14.91 8.30
N ARG D 670 -94.81 -15.71 8.09
CA ARG D 670 -94.44 -16.20 6.76
C ARG D 670 -93.43 -17.32 6.95
N ASN D 671 -92.89 -17.82 5.85
CA ASN D 671 -91.87 -18.86 5.88
C ASN D 671 -90.50 -18.24 5.66
N TRP D 672 -89.51 -18.73 6.39
CA TRP D 672 -88.18 -18.15 6.38
C TRP D 672 -87.13 -19.08 5.79
N ALA D 673 -87.53 -19.95 4.87
CA ALA D 673 -86.56 -20.83 4.23
C ALA D 673 -85.58 -20.02 3.40
N ALA D 674 -84.34 -20.51 3.34
CA ALA D 674 -83.28 -19.90 2.54
C ALA D 674 -83.05 -18.45 2.91
N PHE D 675 -83.42 -18.08 4.13
CA PHE D 675 -83.19 -16.71 4.59
C PHE D 675 -81.70 -16.48 4.82
N ARG D 676 -81.29 -15.23 4.73
CA ARG D 676 -79.94 -14.82 5.08
C ARG D 676 -80.01 -13.70 6.10
N GLY D 677 -78.90 -13.06 6.40
CA GLY D 677 -78.87 -12.07 7.45
C GLY D 677 -79.68 -10.83 7.11
N TRP D 678 -79.72 -9.92 8.07
CA TRP D 678 -80.30 -8.60 7.88
C TRP D 678 -79.23 -7.62 7.42
N SER D 679 -79.63 -6.37 7.26
CA SER D 679 -78.72 -5.27 6.99
C SER D 679 -79.48 -3.97 7.18
N PHE D 680 -78.94 -3.06 7.96
CA PHE D 680 -79.67 -1.86 8.29
C PHE D 680 -78.74 -0.65 8.35
N THR D 681 -79.31 0.51 8.06
CA THR D 681 -78.62 1.78 8.16
C THR D 681 -79.68 2.85 8.41
N ARG D 682 -79.24 4.03 8.82
CA ARG D 682 -80.15 5.10 9.19
C ARG D 682 -79.98 6.26 8.21
N LEU D 683 -80.76 6.23 7.14
CA LEU D 683 -80.76 7.32 6.18
C LEU D 683 -81.42 8.56 6.79
N LYS D 684 -81.40 9.64 6.04
CA LYS D 684 -82.05 10.88 6.45
C LYS D 684 -83.17 11.22 5.48
N THR D 685 -84.31 11.64 6.00
CA THR D 685 -85.49 11.82 5.15
C THR D 685 -85.27 12.89 4.11
N LYS D 686 -84.52 13.94 4.47
CA LYS D 686 -84.25 15.01 3.52
C LYS D 686 -83.55 14.49 2.28
N GLU D 687 -82.53 13.65 2.47
CA GLU D 687 -81.71 13.15 1.38
C GLU D 687 -82.13 11.74 0.96
N THR D 688 -83.35 11.64 0.47
CA THR D 688 -83.84 10.41 -0.14
C THR D 688 -85.13 10.68 -0.89
N PRO D 689 -85.25 10.21 -2.12
CA PRO D 689 -86.47 10.42 -2.90
C PRO D 689 -87.52 9.39 -2.53
N SER D 690 -88.77 9.69 -2.89
CA SER D 690 -89.84 8.74 -2.71
C SER D 690 -89.60 7.52 -3.58
N LEU D 691 -89.82 6.33 -3.02
CA LEU D 691 -89.54 5.10 -3.74
C LEU D 691 -90.53 4.92 -4.89
N GLY D 692 -90.00 4.56 -6.05
CA GLY D 692 -90.84 4.21 -7.18
C GLY D 692 -91.80 5.29 -7.64
N SER D 693 -91.33 6.53 -7.68
CA SER D 693 -92.14 7.64 -8.17
C SER D 693 -91.30 8.50 -9.09
N GLY D 694 -91.95 9.18 -10.03
CA GLY D 694 -91.29 10.07 -10.94
C GLY D 694 -91.42 11.50 -10.48
N PHE D 695 -90.29 12.12 -10.16
CA PHE D 695 -90.21 13.56 -9.88
C PHE D 695 -91.16 13.95 -8.75
N ASP D 696 -90.83 13.47 -7.56
CA ASP D 696 -91.55 13.88 -6.37
C ASP D 696 -91.17 15.31 -6.02
N PRO D 697 -92.12 16.24 -5.97
CA PRO D 697 -91.75 17.64 -5.76
C PRO D 697 -91.50 17.98 -4.30
N TYR D 698 -90.78 17.10 -3.61
CA TYR D 698 -90.33 17.38 -2.25
C TYR D 698 -88.88 17.00 -2.04
N PHE D 699 -88.17 16.60 -3.09
CA PHE D 699 -86.76 16.21 -2.99
C PHE D 699 -85.90 17.41 -3.34
N VAL D 700 -85.87 18.37 -2.42
CA VAL D 700 -85.15 19.62 -2.65
C VAL D 700 -83.65 19.39 -2.62
N TYR D 701 -83.18 18.56 -1.69
CA TYR D 701 -81.75 18.29 -1.55
C TYR D 701 -81.20 17.65 -2.82
N SER D 702 -80.00 18.05 -3.21
CA SER D 702 -79.39 17.57 -4.45
C SER D 702 -77.93 17.19 -4.25
N GLY D 703 -77.54 16.80 -3.04
CA GLY D 703 -76.19 16.32 -2.83
C GLY D 703 -76.10 14.84 -3.15
N SER D 704 -75.43 14.08 -2.29
CA SER D 704 -75.28 12.64 -2.49
C SER D 704 -76.37 11.90 -1.72
N ILE D 705 -77.00 10.95 -2.37
CA ILE D 705 -78.08 10.17 -1.79
C ILE D 705 -77.51 8.86 -1.27
N PRO D 706 -77.56 8.60 0.04
CA PRO D 706 -77.03 7.33 0.57
C PRO D 706 -77.87 6.13 0.19
N TYR D 707 -79.07 6.32 -0.37
CA TYR D 707 -79.91 5.19 -0.70
C TYR D 707 -79.49 4.55 -2.02
N LEU D 708 -79.57 5.32 -3.10
CA LEU D 708 -79.17 4.80 -4.41
C LEU D 708 -77.67 4.51 -4.45
N ASP D 709 -76.87 5.40 -3.89
CA ASP D 709 -75.42 5.23 -3.86
C ASP D 709 -74.99 4.78 -2.47
N GLY D 710 -74.00 3.90 -2.41
CA GLY D 710 -73.66 3.24 -1.17
C GLY D 710 -72.86 4.06 -0.19
N THR D 711 -73.05 5.38 -0.16
CA THR D 711 -72.30 6.26 0.72
C THR D 711 -73.12 6.49 1.99
N PHE D 712 -73.01 5.54 2.92
CA PHE D 712 -73.68 5.64 4.20
C PHE D 712 -72.75 6.24 5.24
N TYR D 713 -73.29 7.10 6.09
CA TYR D 713 -72.47 7.75 7.10
C TYR D 713 -73.08 7.78 8.48
N LEU D 714 -74.36 7.45 8.62
CA LEU D 714 -75.08 7.64 9.87
C LEU D 714 -75.26 6.36 10.66
N ASN D 715 -74.56 5.29 10.29
CA ASN D 715 -74.70 4.02 10.99
C ASN D 715 -73.72 3.94 12.16
N HIS D 716 -73.70 4.98 12.99
CA HIS D 716 -73.02 4.96 14.26
C HIS D 716 -73.92 5.46 15.37
N THR D 717 -75.21 5.59 15.10
CA THR D 717 -76.18 6.05 16.08
C THR D 717 -77.07 4.92 16.59
N PHE D 718 -76.83 3.69 16.14
CA PHE D 718 -77.56 2.55 16.66
C PHE D 718 -77.00 2.15 18.01
N LYS D 719 -77.88 1.91 18.98
CA LYS D 719 -77.46 1.41 20.28
C LYS D 719 -77.66 -0.09 20.42
N LYS D 720 -78.88 -0.58 20.18
CA LYS D 720 -79.15 -2.01 20.33
C LYS D 720 -80.33 -2.39 19.46
N VAL D 721 -80.22 -3.56 18.83
CA VAL D 721 -81.28 -4.13 18.01
C VAL D 721 -81.63 -5.48 18.60
N SER D 722 -82.91 -5.71 18.87
CA SER D 722 -83.36 -6.91 19.54
C SER D 722 -84.27 -7.69 18.60
N ILE D 723 -83.74 -8.75 18.00
CA ILE D 723 -84.57 -9.62 17.19
C ILE D 723 -85.51 -10.38 18.11
N MET D 724 -86.65 -10.80 17.58
CA MET D 724 -87.58 -11.62 18.34
C MET D 724 -88.59 -12.24 17.39
N PHE D 725 -88.68 -13.56 17.43
CA PHE D 725 -89.67 -14.27 16.66
C PHE D 725 -91.00 -14.21 17.42
N ASP D 726 -91.96 -15.06 17.06
CA ASP D 726 -93.34 -14.93 17.53
C ASP D 726 -93.46 -14.46 18.97
N SER D 727 -92.91 -15.24 19.91
CA SER D 727 -92.74 -14.76 21.28
C SER D 727 -91.40 -15.10 21.89
N SER D 728 -90.63 -16.02 21.32
CA SER D 728 -89.33 -16.35 21.85
C SER D 728 -88.33 -15.25 21.57
N VAL D 729 -87.35 -15.12 22.45
CA VAL D 729 -86.30 -14.11 22.31
C VAL D 729 -85.48 -14.42 21.06
N SER D 730 -84.65 -13.47 20.65
CA SER D 730 -83.91 -13.57 19.40
C SER D 730 -83.29 -14.95 19.26
N TRP D 731 -83.18 -15.40 18.03
CA TRP D 731 -82.65 -16.71 17.68
C TRP D 731 -81.29 -17.00 18.32
N PRO D 732 -80.46 -15.99 18.68
CA PRO D 732 -79.35 -16.27 19.58
C PRO D 732 -79.80 -16.69 20.97
N GLY D 733 -81.10 -16.89 21.17
CA GLY D 733 -81.64 -17.21 22.48
C GLY D 733 -81.09 -18.44 23.16
N ASN D 734 -80.17 -19.14 22.50
CA ASN D 734 -79.45 -20.23 23.13
C ASN D 734 -78.33 -19.73 24.02
N ASP D 735 -78.39 -18.46 24.42
CA ASP D 735 -77.36 -17.83 25.25
C ASP D 735 -76.05 -17.71 24.50
N ARG D 736 -76.12 -17.32 23.23
CA ARG D 736 -74.90 -17.19 22.43
C ARG D 736 -74.12 -15.96 22.84
N LEU D 737 -74.71 -14.78 22.66
CA LEU D 737 -74.02 -13.56 23.03
C LEU D 737 -73.92 -13.44 24.54
N LEU D 738 -73.01 -12.59 25.00
CA LEU D 738 -72.78 -12.40 26.43
C LEU D 738 -73.70 -11.35 27.03
N THR D 739 -74.64 -10.81 26.25
CA THR D 739 -75.84 -10.16 26.76
C THR D 739 -76.99 -10.81 26.00
N PRO D 740 -77.37 -12.02 26.38
CA PRO D 740 -77.99 -12.94 25.41
C PRO D 740 -79.30 -12.46 24.80
N ASN D 741 -80.11 -11.71 25.54
CA ASN D 741 -81.45 -11.39 25.09
C ASN D 741 -81.48 -10.40 23.92
N GLU D 742 -80.37 -9.74 23.61
CA GLU D 742 -80.39 -8.74 22.55
C GLU D 742 -78.98 -8.48 22.07
N PHE D 743 -78.89 -7.83 20.91
CA PHE D 743 -77.60 -7.31 20.46
C PHE D 743 -77.34 -5.95 21.10
N GLU D 744 -76.11 -5.47 20.95
CA GLU D 744 -75.72 -4.21 21.59
C GLU D 744 -74.58 -3.59 20.79
N ILE D 745 -74.82 -2.42 20.22
CA ILE D 745 -73.85 -1.81 19.34
C ILE D 745 -72.87 -0.97 20.14
N LYS D 746 -73.36 0.08 20.80
CA LYS D 746 -72.53 1.00 21.55
C LYS D 746 -73.04 1.07 22.98
N ARG D 747 -72.13 0.90 23.95
CA ARG D 747 -72.49 0.79 25.36
C ARG D 747 -71.70 1.83 26.12
N SER D 748 -72.26 3.03 26.21
CA SER D 748 -71.50 4.17 26.74
C SER D 748 -71.46 4.15 28.26
N VAL D 749 -72.62 4.26 28.90
CA VAL D 749 -72.66 4.41 30.36
C VAL D 749 -72.19 3.13 31.04
N ASP D 750 -72.71 1.99 30.61
CA ASP D 750 -72.42 0.71 31.24
C ASP D 750 -71.02 0.27 30.85
N GLY D 751 -70.02 1.02 31.35
CA GLY D 751 -68.65 0.73 31.02
C GLY D 751 -67.99 -0.23 32.00
N GLU D 752 -68.73 -1.25 32.43
CA GLU D 752 -68.17 -2.24 33.35
C GLU D 752 -67.46 -3.36 32.61
N GLY D 753 -66.57 -2.98 31.70
CA GLY D 753 -65.73 -3.94 31.01
C GLY D 753 -66.43 -4.76 29.95
N TYR D 754 -67.04 -4.09 28.98
CA TYR D 754 -67.60 -4.77 27.82
C TYR D 754 -67.30 -4.08 26.49
N ASN D 755 -66.71 -2.89 26.50
CA ASN D 755 -66.32 -2.25 25.25
C ASN D 755 -65.14 -3.00 24.64
N VAL D 756 -64.66 -2.52 23.50
CA VAL D 756 -63.60 -3.20 22.77
C VAL D 756 -62.92 -2.21 21.86
N ALA D 757 -61.64 -2.47 21.56
CA ALA D 757 -60.89 -1.72 20.54
C ALA D 757 -60.83 -0.23 20.86
N GLN D 758 -60.66 0.09 22.15
CA GLN D 758 -60.42 1.47 22.59
C GLN D 758 -61.55 2.40 22.19
N CYS D 759 -62.76 1.88 22.07
CA CYS D 759 -63.93 2.68 21.74
C CYS D 759 -65.09 2.18 22.59
N ASN D 760 -66.31 2.57 22.23
CA ASN D 760 -67.49 2.16 22.99
C ASN D 760 -68.29 1.08 22.28
N MET D 761 -67.79 0.53 21.19
CA MET D 761 -68.44 -0.62 20.58
C MET D 761 -68.33 -1.83 21.49
N THR D 762 -69.40 -2.62 21.56
CA THR D 762 -69.42 -3.76 22.45
C THR D 762 -68.59 -4.91 21.89
N LYS D 763 -68.28 -5.87 22.78
CA LYS D 763 -67.46 -7.01 22.38
C LYS D 763 -68.24 -7.99 21.53
N ASP D 764 -69.49 -8.26 21.87
CA ASP D 764 -70.30 -9.16 21.04
C ASP D 764 -70.51 -8.58 19.66
N TRP D 765 -70.68 -7.27 19.47
CA TRP D 765 -70.79 -6.70 18.13
C TRP D 765 -69.56 -6.68 17.36
N PHE D 766 -68.42 -6.48 17.92
CA PHE D 766 -67.28 -6.42 17.09
C PHE D 766 -67.27 -7.74 16.55
N LEU D 767 -67.44 -8.74 17.34
CA LEU D 767 -67.33 -10.05 16.77
C LEU D 767 -68.36 -10.41 15.77
N VAL D 768 -69.59 -10.04 15.89
CA VAL D 768 -70.50 -10.41 14.91
C VAL D 768 -70.10 -9.73 13.68
N GLN D 769 -69.70 -8.50 13.72
CA GLN D 769 -69.29 -7.92 12.52
C GLN D 769 -68.10 -8.57 11.91
N MET D 770 -67.11 -8.97 12.65
CA MET D 770 -65.97 -9.54 11.98
C MET D 770 -66.04 -10.95 11.79
N LEU D 771 -67.16 -11.57 12.08
CA LEU D 771 -67.29 -12.96 11.76
C LEU D 771 -68.12 -12.91 10.54
N SER D 772 -68.81 -11.84 10.40
CA SER D 772 -69.65 -11.76 9.26
C SER D 772 -68.89 -11.46 8.00
N HIS D 773 -68.31 -10.30 7.89
CA HIS D 773 -67.57 -9.95 6.69
C HIS D 773 -66.48 -10.98 6.38
N TYR D 774 -65.67 -11.31 7.38
CA TYR D 774 -64.63 -12.32 7.25
C TYR D 774 -64.71 -13.24 8.46
N ASN D 775 -64.13 -14.43 8.33
CA ASN D 775 -64.21 -15.42 9.40
C ASN D 775 -62.96 -15.38 10.27
N ILE D 776 -62.80 -14.26 10.99
CA ILE D 776 -61.61 -14.07 11.82
C ILE D 776 -61.99 -13.84 13.28
N GLY D 777 -63.03 -14.53 13.73
CA GLY D 777 -63.49 -14.32 15.10
C GLY D 777 -63.08 -15.37 16.11
N TYR D 778 -63.19 -16.65 15.75
CA TYR D 778 -63.03 -17.73 16.73
C TYR D 778 -61.59 -18.14 16.96
N GLN D 779 -60.64 -17.63 16.18
CA GLN D 779 -59.25 -18.02 16.32
C GLN D 779 -58.35 -16.80 16.34
N GLY D 780 -58.71 -15.82 17.15
CA GLY D 780 -57.89 -14.64 17.33
C GLY D 780 -58.13 -13.59 16.29
N PHE D 781 -58.20 -12.34 16.72
CA PHE D 781 -58.42 -11.24 15.80
C PHE D 781 -57.11 -10.83 15.15
N HIS D 782 -57.15 -10.61 13.85
CA HIS D 782 -56.00 -10.10 13.10
C HIS D 782 -56.52 -9.30 11.92
N VAL D 783 -55.74 -8.30 11.53
CA VAL D 783 -56.19 -7.46 10.42
C VAL D 783 -56.28 -8.30 9.15
N PRO D 784 -57.42 -8.34 8.47
CA PRO D 784 -57.57 -9.24 7.33
C PRO D 784 -56.74 -8.77 6.14
N GLU D 785 -56.49 -9.70 5.23
CA GLU D 785 -55.66 -9.42 4.07
C GLU D 785 -56.33 -8.39 3.16
N GLY D 786 -55.52 -7.78 2.30
CA GLY D 786 -55.98 -6.64 1.53
C GLY D 786 -57.16 -6.95 0.63
N TYR D 787 -57.07 -8.06 -0.11
CA TYR D 787 -58.17 -8.41 -1.01
C TYR D 787 -59.41 -8.86 -0.26
N LYS D 788 -59.29 -9.18 1.03
CA LYS D 788 -60.44 -9.66 1.78
C LYS D 788 -61.39 -8.53 2.16
N ASP D 789 -60.88 -7.32 2.37
CA ASP D 789 -61.71 -6.18 2.73
C ASP D 789 -61.67 -5.16 1.61
N ARG D 790 -62.83 -4.80 1.10
CA ARG D 790 -62.95 -3.82 0.04
C ARG D 790 -63.24 -2.44 0.63
N MET D 791 -63.48 -1.46 -0.23
CA MET D 791 -63.71 -0.12 0.27
C MET D 791 -65.06 0.01 0.96
N TYR D 792 -65.98 -0.93 0.74
CA TYR D 792 -67.24 -0.97 1.44
C TYR D 792 -67.24 -1.95 2.60
N SER D 793 -66.07 -2.47 2.97
CA SER D 793 -65.98 -3.46 4.03
C SER D 793 -65.97 -2.78 5.39
N PHE D 794 -65.87 -3.59 6.44
CA PHE D 794 -65.99 -3.09 7.80
C PHE D 794 -64.67 -2.53 8.30
N PHE D 795 -63.64 -3.37 8.36
CA PHE D 795 -62.39 -2.96 9.00
C PHE D 795 -61.71 -1.83 8.25
N ARG D 796 -61.95 -1.72 6.95
CA ARG D 796 -61.25 -0.71 6.16
C ARG D 796 -61.58 0.70 6.64
N ASN D 797 -62.81 0.93 7.08
CA ASN D 797 -63.28 2.25 7.44
C ASN D 797 -63.90 2.26 8.83
N PHE D 798 -63.22 1.62 9.78
CA PHE D 798 -63.60 1.67 11.20
C PHE D 798 -62.58 2.53 11.92
N GLN D 799 -63.05 3.51 12.68
CA GLN D 799 -62.19 4.53 13.28
C GLN D 799 -62.60 4.81 14.71
N PRO D 800 -61.88 4.22 15.68
CA PRO D 800 -62.17 4.63 17.03
C PRO D 800 -61.53 5.92 17.32
N MET D 801 -62.02 6.72 18.23
CA MET D 801 -61.48 8.01 18.48
C MET D 801 -61.80 8.44 19.88
N SER D 802 -61.10 9.37 20.53
CA SER D 802 -61.33 9.76 21.95
C SER D 802 -60.85 11.13 22.46
N ARG D 803 -61.43 11.77 23.47
CA ARG D 803 -61.00 13.08 23.88
C ARG D 803 -61.28 13.22 25.26
N GLN D 804 -60.63 14.11 25.94
CA GLN D 804 -60.83 14.31 27.34
C GLN D 804 -61.15 15.71 27.58
N VAL D 805 -62.28 16.02 28.18
CA VAL D 805 -62.64 17.38 28.31
C VAL D 805 -63.00 17.75 29.71
N VAL D 806 -62.69 18.96 30.16
CA VAL D 806 -62.94 19.38 31.52
C VAL D 806 -64.24 18.97 32.12
N ASP D 807 -64.22 18.29 33.25
CA ASP D 807 -65.43 17.84 33.95
C ASP D 807 -65.90 18.96 34.86
N GLU D 808 -67.14 19.39 34.66
CA GLU D 808 -67.66 20.55 35.36
C GLU D 808 -68.01 20.26 36.81
N ILE D 809 -68.11 18.99 37.19
CA ILE D 809 -68.58 18.63 38.51
C ILE D 809 -67.44 18.59 39.52
N ASN D 810 -66.37 17.88 39.22
CA ASN D 810 -65.27 17.73 40.16
C ASN D 810 -64.29 18.90 40.14
N TYR D 811 -64.39 19.80 39.16
CA TYR D 811 -63.50 20.94 39.08
C TYR D 811 -64.13 22.11 39.83
N LYS D 812 -63.50 22.51 40.94
CA LYS D 812 -64.09 23.53 41.79
C LYS D 812 -64.17 24.87 41.08
N ASP D 813 -63.14 25.22 40.31
CA ASP D 813 -63.04 26.54 39.70
C ASP D 813 -63.50 26.55 38.24
N TYR D 814 -64.52 25.76 37.90
CA TYR D 814 -65.00 25.72 36.53
C TYR D 814 -65.96 26.86 36.25
N LYS D 815 -65.78 27.51 35.10
CA LYS D 815 -66.69 28.53 34.63
C LYS D 815 -67.00 28.24 33.16
N ALA D 816 -68.29 28.20 32.83
CA ALA D 816 -68.73 27.87 31.48
C ALA D 816 -68.89 29.17 30.69
N VAL D 817 -67.98 29.40 29.76
CA VAL D 817 -67.99 30.59 28.92
C VAL D 817 -68.60 30.23 27.58
N THR D 818 -69.52 31.06 27.09
CA THR D 818 -70.15 30.81 25.82
C THR D 818 -69.25 31.28 24.67
N LEU D 819 -69.70 31.03 23.45
CA LEU D 819 -68.90 31.41 22.28
C LEU D 819 -68.66 32.91 22.15
N PRO D 820 -69.67 33.78 22.27
CA PRO D 820 -69.43 35.21 22.01
C PRO D 820 -68.64 35.93 23.11
N PHE D 821 -68.03 35.17 24.00
CA PHE D 821 -67.21 35.78 25.03
C PHE D 821 -66.00 34.97 25.37
N GLN D 822 -65.48 34.15 24.50
CA GLN D 822 -64.25 33.48 24.83
C GLN D 822 -63.20 33.98 23.93
N HIS D 823 -62.03 34.38 24.42
CA HIS D 823 -61.07 35.02 23.56
C HIS D 823 -59.63 34.72 23.36
N ASN D 824 -59.24 33.64 22.69
CA ASN D 824 -57.87 33.34 22.38
C ASN D 824 -57.54 34.17 21.27
N ASN D 825 -56.27 34.37 21.05
CA ASN D 825 -55.83 35.13 19.93
C ASN D 825 -56.46 36.42 19.75
N SER D 826 -56.68 37.16 20.79
CA SER D 826 -57.35 38.36 20.62
C SER D 826 -56.47 39.28 20.03
N GLY D 827 -57.00 40.21 19.29
CA GLY D 827 -56.19 41.26 18.76
C GLY D 827 -55.54 40.97 17.47
N PHE D 828 -55.68 39.76 17.04
CA PHE D 828 -55.08 39.38 15.77
C PHE D 828 -56.07 38.63 14.89
N THR D 829 -57.36 38.69 15.21
CA THR D 829 -58.40 38.04 14.42
C THR D 829 -59.69 38.84 14.59
N GLY D 830 -60.71 38.49 13.80
CA GLY D 830 -61.98 39.16 13.90
C GLY D 830 -62.79 38.71 15.09
N TYR D 831 -63.80 39.51 15.45
CA TYR D 831 -64.63 39.20 16.59
C TYR D 831 -65.37 37.88 16.39
N LEU D 832 -66.27 37.84 15.40
CA LEU D 832 -67.03 36.63 15.13
C LEU D 832 -67.16 36.37 13.64
N ALA D 833 -66.28 36.94 12.84
CA ALA D 833 -66.36 36.84 11.38
C ALA D 833 -64.96 36.69 10.83
N PRO D 834 -64.92 36.22 9.58
CA PRO D 834 -63.60 36.20 9.03
C PRO D 834 -63.37 37.55 8.52
N THR D 835 -63.69 38.56 9.26
CA THR D 835 -63.35 39.86 8.82
C THR D 835 -62.05 40.25 9.37
N MET D 836 -61.76 41.53 9.40
CA MET D 836 -60.45 41.98 9.77
C MET D 836 -60.05 41.84 11.19
N ARG D 837 -58.77 41.96 11.47
CA ARG D 837 -58.29 41.92 12.81
C ARG D 837 -58.84 43.01 13.57
N GLN D 838 -59.49 42.73 14.68
CA GLN D 838 -59.95 43.77 15.52
C GLN D 838 -59.69 43.27 16.86
N GLY D 839 -59.08 44.05 17.70
CA GLY D 839 -58.91 43.68 19.08
C GLY D 839 -57.66 44.29 19.67
N GLN D 840 -57.34 43.84 20.88
CA GLN D 840 -56.10 44.16 21.55
C GLN D 840 -55.47 42.88 22.07
N PRO D 841 -54.14 42.84 22.17
CA PRO D 841 -53.50 41.66 22.78
C PRO D 841 -53.92 41.50 24.23
N TYR D 842 -54.07 40.26 24.65
CA TYR D 842 -54.46 39.95 26.02
C TYR D 842 -54.38 38.45 26.23
N PRO D 843 -54.16 37.99 27.47
CA PRO D 843 -54.12 36.55 27.71
C PRO D 843 -55.43 35.88 27.33
N ALA D 844 -55.34 34.71 26.72
CA ALA D 844 -56.52 33.97 26.32
C ALA D 844 -57.18 33.35 27.54
N ASN D 845 -58.44 32.96 27.37
CA ASN D 845 -59.17 32.36 28.48
C ASN D 845 -59.97 31.12 28.12
N PHE D 846 -60.28 30.85 26.86
CA PHE D 846 -61.20 29.75 26.62
C PHE D 846 -60.60 28.37 26.89
N PRO D 847 -59.61 27.91 26.10
CA PRO D 847 -59.29 26.48 26.14
C PRO D 847 -58.57 26.08 27.41
N TYR D 848 -59.27 25.40 28.31
CA TYR D 848 -58.66 24.98 29.55
C TYR D 848 -57.52 24.02 29.27
N PRO D 849 -56.36 24.17 29.91
CA PRO D 849 -55.21 23.32 29.59
C PRO D 849 -55.42 21.92 30.14
N LEU D 850 -55.31 20.93 29.25
CA LEU D 850 -55.40 19.53 29.65
C LEU D 850 -54.04 18.91 29.90
N ILE D 851 -52.95 19.64 29.70
CA ILE D 851 -51.60 19.12 29.90
C ILE D 851 -50.82 20.06 30.80
N GLY D 852 -49.54 19.77 30.97
CA GLY D 852 -48.68 20.61 31.78
C GLY D 852 -48.84 20.34 33.26
N GLN D 853 -48.00 21.02 34.04
CA GLN D 853 -48.07 20.89 35.48
C GLN D 853 -49.27 21.58 36.09
N THR D 854 -49.98 22.41 35.32
CA THR D 854 -51.17 23.11 35.78
C THR D 854 -52.42 22.62 35.07
N ALA D 855 -52.50 21.32 34.83
CA ALA D 855 -53.63 20.75 34.14
C ALA D 855 -54.87 20.77 35.04
N VAL D 856 -55.98 20.33 34.49
CA VAL D 856 -57.26 20.33 35.21
C VAL D 856 -57.86 18.93 35.15
N PRO D 857 -58.72 18.56 36.09
CA PRO D 857 -59.35 17.24 36.03
C PRO D 857 -60.19 17.10 34.76
N SER D 858 -60.31 15.86 34.29
CA SER D 858 -60.92 15.61 33.00
C SER D 858 -61.69 14.30 33.03
N VAL D 859 -62.57 14.14 32.04
CA VAL D 859 -63.33 12.91 31.84
C VAL D 859 -63.35 12.61 30.35
N THR D 860 -63.23 11.33 30.01
CA THR D 860 -63.08 10.92 28.62
C THR D 860 -64.42 10.76 27.92
N GLN D 861 -64.49 11.22 26.67
CA GLN D 861 -65.59 10.92 25.77
C GLN D 861 -65.04 10.11 24.62
N LYS D 862 -65.63 8.95 24.36
CA LYS D 862 -65.15 8.08 23.31
C LYS D 862 -66.31 7.60 22.46
N LYS D 863 -66.03 7.42 21.16
CA LYS D 863 -67.01 6.92 20.22
C LYS D 863 -66.26 6.49 18.96
N PHE D 864 -67.02 6.04 17.97
CA PHE D 864 -66.44 5.56 16.72
C PHE D 864 -67.27 6.08 15.55
N LEU D 865 -66.70 5.94 14.35
CA LEU D 865 -67.23 6.58 13.16
C LEU D 865 -67.27 5.62 11.99
N CYS D 866 -67.83 4.44 12.19
CA CYS D 866 -67.89 3.43 11.13
C CYS D 866 -68.91 3.86 10.09
N ASP D 867 -68.44 4.44 8.99
CA ASP D 867 -69.30 4.86 7.89
C ASP D 867 -68.91 4.10 6.63
N ARG D 868 -69.65 4.37 5.54
CA ARG D 868 -69.52 3.71 4.25
C ARG D 868 -69.95 2.25 4.29
N VAL D 869 -70.31 1.71 5.45
CA VAL D 869 -70.68 0.31 5.58
C VAL D 869 -72.04 0.23 6.27
N MET D 870 -72.72 -0.89 6.07
CA MET D 870 -74.02 -1.14 6.64
C MET D 870 -73.94 -2.36 7.54
N TRP D 871 -74.44 -2.22 8.77
CA TRP D 871 -74.37 -3.31 9.73
C TRP D 871 -75.11 -4.53 9.22
N ARG D 872 -74.59 -5.70 9.55
CA ARG D 872 -75.20 -6.94 9.10
C ARG D 872 -75.18 -7.95 10.23
N ILE D 873 -76.21 -8.79 10.27
CA ILE D 873 -76.35 -9.82 11.29
C ILE D 873 -76.66 -11.13 10.59
N PRO D 874 -75.66 -11.89 10.16
CA PRO D 874 -75.92 -13.07 9.32
C PRO D 874 -76.81 -14.06 10.04
N PHE D 875 -77.76 -14.62 9.30
CA PHE D 875 -78.71 -15.59 9.84
C PHE D 875 -78.09 -16.98 9.76
N SER D 876 -77.09 -17.19 10.61
CA SER D 876 -76.38 -18.47 10.66
C SER D 876 -76.14 -18.83 12.11
N SER D 877 -75.84 -20.11 12.34
CA SER D 877 -75.75 -20.62 13.70
C SER D 877 -74.64 -19.92 14.48
N ASN D 878 -73.49 -19.70 13.85
CA ASN D 878 -72.35 -19.08 14.50
C ASN D 878 -71.89 -17.82 13.78
N PHE D 879 -72.78 -17.18 13.03
CA PHE D 879 -72.49 -15.93 12.34
C PHE D 879 -71.33 -16.07 11.37
N MET D 880 -71.17 -17.23 10.76
CA MET D 880 -70.08 -17.49 9.84
C MET D 880 -70.65 -17.88 8.49
N SER D 881 -70.05 -17.36 7.41
CA SER D 881 -70.53 -17.62 6.07
C SER D 881 -69.85 -18.89 5.53
N MET D 882 -70.41 -20.03 5.91
CA MET D 882 -69.93 -21.29 5.37
C MET D 882 -70.40 -21.49 3.95
N GLY D 883 -71.61 -21.04 3.64
CA GLY D 883 -72.14 -21.13 2.29
C GLY D 883 -73.19 -20.06 2.08
N ALA D 884 -73.60 -19.91 0.82
CA ALA D 884 -74.62 -18.93 0.50
C ALA D 884 -75.94 -19.28 1.15
N LEU D 885 -76.33 -20.55 1.12
CA LEU D 885 -77.55 -21.02 1.77
C LEU D 885 -77.20 -21.39 3.20
N THR D 886 -77.51 -20.51 4.14
CA THR D 886 -77.07 -20.69 5.51
C THR D 886 -77.69 -21.94 6.13
N ASP D 887 -76.97 -22.52 7.08
CA ASP D 887 -77.44 -23.75 7.72
C ASP D 887 -78.72 -23.54 8.51
N LEU D 888 -79.03 -22.31 8.92
CA LEU D 888 -80.33 -22.01 9.50
C LEU D 888 -81.39 -21.71 8.46
N GLY D 889 -80.99 -21.49 7.20
CA GLY D 889 -81.93 -21.28 6.13
C GLY D 889 -82.49 -22.54 5.54
N GLN D 890 -82.07 -23.69 6.01
CA GLN D 890 -82.59 -24.97 5.55
C GLN D 890 -82.79 -25.93 6.71
N ASN D 891 -83.03 -25.40 7.90
CA ASN D 891 -83.29 -26.20 9.09
C ASN D 891 -84.78 -26.35 9.29
N MET D 892 -85.21 -27.55 9.68
CA MET D 892 -86.64 -27.84 9.73
C MET D 892 -87.38 -27.00 10.76
N LEU D 893 -86.69 -26.48 11.77
CA LEU D 893 -87.36 -25.62 12.74
C LEU D 893 -87.80 -24.30 12.12
N TYR D 894 -87.20 -23.91 11.01
CA TYR D 894 -87.52 -22.65 10.32
C TYR D 894 -88.03 -22.83 8.91
N ALA D 895 -87.65 -23.92 8.23
CA ALA D 895 -88.01 -24.07 6.83
C ALA D 895 -89.47 -24.46 6.65
N ASN D 896 -90.02 -25.26 7.56
CA ASN D 896 -91.32 -25.86 7.38
C ASN D 896 -92.33 -25.40 8.42
N SER D 897 -92.30 -24.12 8.77
CA SER D 897 -93.29 -23.56 9.67
C SER D 897 -93.32 -22.05 9.48
N ALA D 898 -94.39 -21.44 9.96
CA ALA D 898 -94.59 -20.01 9.82
C ALA D 898 -94.29 -19.31 11.15
N HIS D 899 -93.38 -18.34 11.10
CA HIS D 899 -93.01 -17.59 12.29
C HIS D 899 -93.03 -16.10 11.98
N ALA D 900 -93.62 -15.34 12.88
CA ALA D 900 -93.58 -13.89 12.81
C ALA D 900 -92.23 -13.38 13.27
N LEU D 901 -91.97 -12.11 13.01
CA LEU D 901 -90.72 -11.48 13.43
C LEU D 901 -91.02 -10.12 14.03
N ASP D 902 -90.22 -9.74 15.03
CA ASP D 902 -90.41 -8.47 15.73
C ASP D 902 -89.05 -7.95 16.15
N MET D 903 -88.58 -6.93 15.46
CA MET D 903 -87.27 -6.33 15.72
C MET D 903 -87.48 -4.93 16.27
N THR D 904 -86.73 -4.57 17.29
CA THR D 904 -86.89 -3.29 17.96
C THR D 904 -85.54 -2.58 18.00
N PHE D 905 -85.27 -1.79 16.98
CA PHE D 905 -84.03 -1.02 16.91
C PHE D 905 -84.11 0.15 17.89
N GLU D 906 -82.99 0.44 18.54
CA GLU D 906 -82.87 1.55 19.47
C GLU D 906 -81.76 2.45 18.97
N VAL D 907 -82.11 3.68 18.60
CA VAL D 907 -81.18 4.58 17.94
C VAL D 907 -80.98 5.83 18.79
N ASP D 908 -79.92 6.55 18.48
CA ASP D 908 -79.70 7.83 19.14
C ASP D 908 -80.70 8.86 18.61
N PRO D 909 -81.20 9.75 19.46
CA PRO D 909 -82.16 10.75 18.99
C PRO D 909 -81.50 11.82 18.14
N MET D 910 -82.17 12.19 17.06
CA MET D 910 -81.75 13.31 16.22
C MET D 910 -82.96 14.18 15.91
N ASP D 911 -82.69 15.44 15.62
CA ASP D 911 -83.74 16.45 15.53
C ASP D 911 -84.36 16.57 14.15
N GLU D 912 -83.95 15.74 13.19
CA GLU D 912 -84.54 15.79 11.87
C GLU D 912 -85.12 14.43 11.53
N PRO D 913 -86.22 14.38 10.77
CA PRO D 913 -86.82 13.09 10.43
C PRO D 913 -85.83 12.25 9.65
N THR D 914 -85.84 10.94 9.93
CA THR D 914 -84.89 10.02 9.33
C THR D 914 -85.62 8.75 8.91
N LEU D 915 -84.89 7.86 8.25
CA LEU D 915 -85.40 6.60 7.79
C LEU D 915 -84.51 5.47 8.30
N LEU D 916 -85.12 4.39 8.75
CA LEU D 916 -84.41 3.14 8.94
C LEU D 916 -84.39 2.40 7.63
N TYR D 917 -83.28 1.71 7.34
CA TYR D 917 -83.13 1.08 6.04
C TYR D 917 -82.95 -0.42 6.17
N LEU D 918 -83.82 -1.07 6.94
CA LEU D 918 -83.74 -2.52 7.06
C LEU D 918 -83.76 -3.17 5.69
N LEU D 919 -82.92 -4.19 5.53
CA LEU D 919 -82.67 -4.79 4.22
C LEU D 919 -82.50 -6.28 4.41
N PHE D 920 -83.58 -7.04 4.26
CA PHE D 920 -83.51 -8.48 4.42
C PHE D 920 -82.83 -9.12 3.22
N GLU D 921 -81.89 -10.02 3.49
CA GLU D 921 -81.11 -10.67 2.47
C GLU D 921 -81.81 -11.96 2.04
N VAL D 922 -81.98 -12.11 0.73
CA VAL D 922 -82.76 -13.21 0.16
C VAL D 922 -82.02 -13.80 -1.02
N PHE D 923 -82.65 -14.73 -1.72
CA PHE D 923 -82.19 -15.21 -3.03
C PHE D 923 -83.22 -14.78 -4.06
N ASP D 924 -82.78 -14.10 -5.12
CA ASP D 924 -83.67 -13.72 -6.21
C ASP D 924 -82.95 -13.92 -7.54
N VAL D 925 -83.12 -15.09 -8.13
CA VAL D 925 -82.45 -15.42 -9.37
C VAL D 925 -83.47 -15.35 -10.51
N VAL D 926 -82.95 -15.27 -11.73
CA VAL D 926 -83.76 -15.38 -12.93
C VAL D 926 -83.30 -16.60 -13.70
N ARG D 927 -83.98 -16.89 -14.79
CA ARG D 927 -83.62 -18.02 -15.64
C ARG D 927 -84.15 -17.74 -17.05
N VAL D 928 -83.28 -17.22 -17.91
CA VAL D 928 -83.67 -16.76 -19.24
C VAL D 928 -83.49 -17.91 -20.23
N HIS D 929 -84.52 -18.16 -21.04
CA HIS D 929 -84.58 -19.40 -21.81
C HIS D 929 -84.25 -19.22 -23.27
N GLN D 930 -84.96 -18.35 -24.00
CA GLN D 930 -84.74 -18.15 -25.43
C GLN D 930 -84.88 -19.44 -26.23
N PRO D 931 -86.08 -19.98 -26.40
CA PRO D 931 -86.22 -21.26 -27.11
C PRO D 931 -86.30 -21.13 -28.61
N HIS D 932 -86.43 -19.93 -29.15
CA HIS D 932 -86.54 -19.73 -30.60
C HIS D 932 -86.11 -18.31 -30.91
N ARG D 933 -85.83 -18.04 -32.18
CA ARG D 933 -85.35 -16.71 -32.53
C ARG D 933 -86.49 -15.71 -32.39
N GLY D 934 -86.33 -14.77 -31.46
CA GLY D 934 -87.31 -13.74 -31.24
C GLY D 934 -88.20 -13.91 -30.04
N VAL D 935 -87.94 -14.89 -29.18
CA VAL D 935 -88.73 -15.10 -27.96
C VAL D 935 -87.79 -15.15 -26.77
N ILE D 936 -88.11 -14.35 -25.75
CA ILE D 936 -87.40 -14.35 -24.47
C ILE D 936 -88.38 -14.85 -23.43
N GLU D 937 -87.97 -15.86 -22.67
CA GLU D 937 -88.80 -16.43 -21.62
C GLU D 937 -87.98 -16.45 -20.33
N ALA D 938 -88.25 -15.50 -19.44
CA ALA D 938 -87.53 -15.36 -18.19
C ALA D 938 -88.45 -15.68 -17.02
N VAL D 939 -87.90 -16.37 -16.02
CA VAL D 939 -88.65 -16.76 -14.83
C VAL D 939 -87.93 -16.19 -13.62
N TYR D 940 -88.69 -15.56 -12.72
CA TYR D 940 -88.13 -14.95 -11.53
C TYR D 940 -88.53 -15.74 -10.29
N LEU D 941 -87.68 -15.70 -9.28
CA LEU D 941 -87.97 -16.40 -8.04
C LEU D 941 -87.18 -15.76 -6.91
N ARG D 942 -87.87 -15.03 -6.03
CA ARG D 942 -87.30 -14.54 -4.79
C ARG D 942 -87.81 -15.43 -3.67
N THR D 943 -86.91 -16.14 -3.01
CA THR D 943 -87.37 -17.29 -2.22
C THR D 943 -88.02 -16.90 -0.89
N PRO D 944 -87.34 -16.23 0.05
CA PRO D 944 -88.01 -15.95 1.33
C PRO D 944 -89.15 -14.95 1.20
N PHE D 945 -88.87 -13.77 0.65
CA PHE D 945 -89.89 -12.74 0.51
C PHE D 945 -90.47 -12.79 -0.90
N SER D 946 -91.20 -13.87 -1.16
CA SER D 946 -91.71 -14.14 -2.49
C SER D 946 -92.57 -12.98 -3.00
N ALA D 947 -92.30 -12.57 -4.23
CA ALA D 947 -93.14 -11.63 -4.94
C ALA D 947 -94.22 -12.32 -5.77
N GLY D 948 -94.35 -13.63 -5.63
CA GLY D 948 -95.23 -14.42 -6.47
C GLY D 948 -94.47 -15.06 -7.62
N ASN D 949 -95.14 -16.01 -8.26
CA ASN D 949 -94.58 -16.68 -9.43
C ASN D 949 -94.83 -15.80 -10.64
N ALA D 950 -93.75 -15.31 -11.25
CA ALA D 950 -93.84 -14.41 -12.40
C ALA D 950 -93.06 -15.03 -13.54
N THR D 951 -93.73 -15.89 -14.30
CA THR D 951 -93.11 -16.60 -15.42
C THR D 951 -93.23 -15.85 -16.74
N THR D 952 -93.35 -14.53 -16.69
CA THR D 952 -93.51 -13.74 -17.89
C THR D 952 -92.27 -13.85 -18.78
N MET E 6 -30.17 -37.78 10.33
CA MET E 6 -31.41 -37.89 11.08
C MET E 6 -31.20 -38.61 12.40
N MET E 7 -31.86 -38.13 13.44
CA MET E 7 -31.78 -38.68 14.79
C MET E 7 -33.17 -38.98 15.29
N PRO E 8 -33.29 -39.90 16.25
CA PRO E 8 -34.60 -40.11 16.87
C PRO E 8 -35.17 -38.86 17.51
N GLN E 9 -34.32 -38.00 18.07
CA GLN E 9 -34.81 -36.77 18.67
C GLN E 9 -35.41 -35.85 17.62
N TRP E 10 -34.78 -35.75 16.45
CA TRP E 10 -35.31 -34.88 15.41
C TRP E 10 -36.65 -35.40 14.90
N ALA E 11 -36.74 -36.69 14.61
CA ALA E 11 -38.00 -37.24 14.11
C ALA E 11 -39.11 -37.09 15.14
N TYR E 12 -38.80 -37.33 16.40
CA TYR E 12 -39.80 -37.21 17.45
C TYR E 12 -40.28 -35.77 17.59
N MET E 13 -39.37 -34.81 17.51
CA MET E 13 -39.71 -33.41 17.66
C MET E 13 -40.07 -32.74 16.35
N HIS E 14 -40.10 -33.50 15.25
CA HIS E 14 -40.50 -32.99 13.94
C HIS E 14 -39.57 -31.89 13.44
N ILE E 15 -38.27 -32.19 13.48
CA ILE E 15 -37.29 -31.39 12.76
C ILE E 15 -36.92 -32.05 11.44
N ALA E 16 -37.11 -33.35 11.31
CA ALA E 16 -36.92 -34.06 10.06
C ALA E 16 -37.83 -35.28 10.07
N GLY E 17 -38.12 -35.79 8.88
CA GLY E 17 -38.96 -36.96 8.77
C GLY E 17 -40.32 -36.68 8.16
N GLN E 18 -41.33 -37.47 8.54
CA GLN E 18 -42.66 -37.31 7.98
C GLN E 18 -43.20 -35.92 8.26
N ASP E 19 -43.85 -35.32 7.26
CA ASP E 19 -44.05 -33.87 7.31
C ASP E 19 -45.28 -33.47 8.13
N ALA E 20 -46.47 -33.68 7.58
CA ALA E 20 -47.70 -33.41 8.32
C ALA E 20 -48.81 -34.40 8.06
N SER E 21 -48.82 -35.07 6.90
CA SER E 21 -49.91 -35.94 6.51
C SER E 21 -49.56 -37.40 6.62
N GLU E 22 -48.37 -37.72 7.09
CA GLU E 22 -47.97 -39.10 7.29
C GLU E 22 -48.12 -39.57 8.72
N TYR E 23 -47.51 -38.89 9.68
CA TYR E 23 -47.58 -39.34 11.07
C TYR E 23 -48.93 -39.10 11.71
N LEU E 24 -49.65 -38.07 11.29
CA LEU E 24 -51.03 -37.91 11.73
C LEU E 24 -51.85 -39.10 11.25
N SER E 25 -52.64 -39.68 12.17
CA SER E 25 -53.44 -40.83 11.82
C SER E 25 -54.44 -40.45 10.73
N PRO E 26 -54.82 -41.40 9.88
CA PRO E 26 -55.68 -41.05 8.74
C PRO E 26 -57.03 -40.49 9.15
N GLY E 27 -57.47 -40.74 10.38
CA GLY E 27 -58.69 -40.15 10.86
C GLY E 27 -58.61 -38.64 11.01
N LEU E 28 -57.50 -38.14 11.56
CA LEU E 28 -57.41 -36.71 11.81
C LEU E 28 -57.16 -35.93 10.52
N VAL E 29 -56.28 -36.44 9.65
CA VAL E 29 -55.92 -35.68 8.47
C VAL E 29 -57.10 -35.47 7.54
N GLN E 30 -57.99 -36.45 7.41
CA GLN E 30 -59.19 -36.25 6.62
C GLN E 30 -60.27 -35.49 7.38
N PHE E 31 -60.13 -35.37 8.70
CA PHE E 31 -61.00 -34.46 9.45
C PHE E 31 -60.62 -33.01 9.19
N ALA E 32 -59.32 -32.72 9.21
CA ALA E 32 -58.87 -31.34 9.02
C ALA E 32 -59.20 -30.84 7.63
N ARG E 33 -59.08 -31.71 6.63
CA ARG E 33 -59.43 -31.31 5.27
C ARG E 33 -60.90 -30.95 5.16
N ALA E 34 -61.76 -31.72 5.80
CA ALA E 34 -63.19 -31.48 5.70
C ALA E 34 -63.59 -30.16 6.35
N THR E 35 -63.03 -29.86 7.52
CA THR E 35 -63.46 -28.71 8.30
C THR E 35 -62.53 -27.51 8.15
N ASP E 36 -61.64 -27.52 7.15
CA ASP E 36 -60.69 -26.42 7.01
C ASP E 36 -61.38 -25.12 6.60
N THR E 37 -62.61 -25.19 6.10
CA THR E 37 -63.28 -23.98 5.64
C THR E 37 -63.54 -23.01 6.80
N TYR E 38 -63.94 -23.53 7.94
CA TYR E 38 -64.33 -22.69 9.08
C TYR E 38 -63.43 -22.83 10.28
N PHE E 39 -63.15 -24.05 10.73
CA PHE E 39 -62.31 -24.27 11.91
C PHE E 39 -60.99 -24.89 11.44
N SER E 40 -60.05 -24.03 11.08
CA SER E 40 -58.77 -24.48 10.55
C SER E 40 -57.85 -24.86 11.70
N LEU E 41 -57.40 -26.11 11.70
CA LEU E 41 -56.46 -26.61 12.70
C LEU E 41 -55.21 -27.15 12.03
N GLY E 42 -54.78 -26.50 10.96
CA GLY E 42 -53.59 -26.94 10.26
C GLY E 42 -52.31 -26.23 10.65
N ASN E 43 -52.39 -25.12 11.38
CA ASN E 43 -51.20 -24.40 11.77
C ASN E 43 -50.67 -24.87 13.12
N LYS E 44 -51.23 -25.94 13.67
CA LYS E 44 -50.83 -26.47 14.96
C LYS E 44 -49.99 -27.73 14.85
N PHE E 45 -49.57 -28.10 13.65
CA PHE E 45 -48.75 -29.29 13.42
C PHE E 45 -47.60 -28.92 12.50
N ARG E 46 -46.38 -29.01 13.01
CA ARG E 46 -45.22 -28.63 12.23
C ARG E 46 -44.93 -29.68 11.16
N ASN E 47 -44.42 -29.22 10.02
CA ASN E 47 -43.96 -30.10 8.96
C ASN E 47 -42.53 -29.73 8.63
N PRO E 48 -41.57 -30.64 8.81
CA PRO E 48 -40.17 -30.30 8.57
C PRO E 48 -39.89 -30.06 7.10
N THR E 49 -38.88 -29.22 6.83
CA THR E 49 -38.41 -28.93 5.49
C THR E 49 -36.89 -28.99 5.51
N VAL E 50 -36.34 -30.17 5.26
CA VAL E 50 -34.89 -30.34 5.24
C VAL E 50 -34.37 -30.02 3.84
N ALA E 51 -33.13 -29.64 3.77
CA ALA E 51 -32.49 -29.26 2.52
C ALA E 51 -31.68 -30.41 1.96
N PRO E 52 -31.45 -30.46 0.66
CA PRO E 52 -30.61 -31.53 0.10
C PRO E 52 -29.20 -31.43 0.63
N THR E 53 -28.55 -32.59 0.77
CA THR E 53 -27.28 -32.65 1.47
C THR E 53 -26.15 -33.31 0.71
N HIS E 54 -26.39 -33.83 -0.49
CA HIS E 54 -25.38 -34.65 -1.16
C HIS E 54 -24.82 -33.99 -2.42
N ASP E 55 -25.65 -33.63 -3.38
CA ASP E 55 -25.16 -33.15 -4.67
C ASP E 55 -25.67 -31.76 -5.00
N VAL E 56 -26.15 -31.01 -4.01
CA VAL E 56 -26.58 -29.65 -4.27
C VAL E 56 -25.39 -28.75 -4.54
N THR E 57 -24.33 -28.87 -3.73
CA THR E 57 -23.20 -27.98 -3.83
C THR E 57 -21.92 -28.74 -3.53
N THR E 58 -20.80 -28.18 -3.99
CA THR E 58 -19.51 -28.84 -3.89
C THR E 58 -18.89 -28.61 -2.52
N ASP E 59 -17.67 -29.13 -2.36
CA ASP E 59 -16.87 -28.94 -1.18
C ASP E 59 -15.47 -28.42 -1.47
N ARG E 60 -15.06 -28.36 -2.73
CA ARG E 60 -13.74 -27.91 -3.09
C ARG E 60 -13.68 -26.38 -3.05
N SER E 61 -12.45 -25.86 -3.06
CA SER E 61 -12.22 -24.43 -2.93
C SER E 61 -12.56 -23.77 -4.26
N GLN E 62 -13.83 -23.43 -4.44
CA GLN E 62 -14.31 -22.79 -5.65
C GLN E 62 -14.64 -21.33 -5.36
N ARG E 63 -14.02 -20.43 -6.12
CA ARG E 63 -14.32 -19.02 -5.99
C ARG E 63 -15.79 -18.77 -6.33
N LEU E 64 -16.41 -17.82 -5.63
CA LEU E 64 -17.80 -17.52 -5.89
C LEU E 64 -17.97 -16.46 -6.96
N THR E 65 -17.18 -15.40 -6.92
CA THR E 65 -17.26 -14.32 -7.89
C THR E 65 -15.88 -14.01 -8.41
N LEU E 66 -15.76 -13.81 -9.72
CA LEU E 66 -14.49 -13.55 -10.38
C LEU E 66 -14.44 -12.09 -10.83
N ARG E 67 -13.23 -11.66 -11.19
CA ARG E 67 -12.94 -10.26 -11.49
C ARG E 67 -12.09 -10.13 -12.74
N PHE E 68 -12.54 -10.74 -13.83
CA PHE E 68 -11.78 -10.71 -15.09
C PHE E 68 -11.35 -9.29 -15.43
N VAL E 69 -10.06 -9.11 -15.71
CA VAL E 69 -9.50 -7.81 -16.04
C VAL E 69 -9.30 -7.72 -17.55
N PRO E 70 -9.37 -6.54 -18.15
CA PRO E 70 -9.28 -6.44 -19.60
C PRO E 70 -7.91 -6.86 -20.10
N VAL E 71 -7.89 -7.72 -21.12
CA VAL E 71 -6.63 -8.11 -21.74
C VAL E 71 -6.04 -6.92 -22.50
N ASP E 72 -6.85 -6.23 -23.29
CA ASP E 72 -6.43 -5.03 -23.99
C ASP E 72 -7.51 -3.98 -23.86
N ARG E 73 -7.12 -2.73 -24.07
CA ARG E 73 -8.04 -1.61 -23.92
C ARG E 73 -7.59 -0.47 -24.82
N GLU E 74 -8.54 0.39 -25.18
CA GLU E 74 -8.22 1.59 -25.91
C GLU E 74 -9.17 2.69 -25.44
N ALA E 75 -8.72 3.94 -25.56
CA ALA E 75 -9.52 5.10 -25.17
C ALA E 75 -9.41 6.12 -26.29
N THR E 76 -10.31 6.03 -27.25
CA THR E 76 -10.32 6.97 -28.37
C THR E 76 -11.00 8.26 -27.92
N THR E 77 -11.28 9.14 -28.88
CA THR E 77 -11.91 10.40 -28.55
C THR E 77 -13.38 10.23 -28.19
N TYR E 78 -14.07 9.28 -28.82
CA TYR E 78 -15.51 9.17 -28.69
C TYR E 78 -15.98 7.91 -27.98
N LEU E 79 -15.15 6.88 -27.90
CA LEU E 79 -15.56 5.61 -27.31
C LEU E 79 -14.41 4.99 -26.54
N TYR E 80 -14.73 3.94 -25.81
CA TYR E 80 -13.75 3.20 -25.01
C TYR E 80 -14.04 1.73 -25.18
N LYS E 81 -13.04 0.98 -25.63
CA LYS E 81 -13.20 -0.44 -25.93
C LYS E 81 -12.32 -1.26 -25.02
N ALA E 82 -12.92 -2.23 -24.34
CA ALA E 82 -12.20 -3.15 -23.47
C ALA E 82 -12.49 -4.58 -23.88
N ARG E 83 -11.50 -5.45 -23.73
CA ARG E 83 -11.62 -6.83 -24.19
C ARG E 83 -11.21 -7.77 -23.08
N PHE E 84 -12.11 -8.65 -22.70
CA PHE E 84 -11.88 -9.63 -21.65
C PHE E 84 -11.94 -11.03 -22.25
N THR E 85 -11.20 -11.95 -21.64
CA THR E 85 -11.28 -13.37 -21.99
C THR E 85 -11.78 -14.09 -20.76
N LEU E 86 -13.11 -14.12 -20.60
CA LEU E 86 -13.69 -14.83 -19.47
C LEU E 86 -13.53 -16.32 -19.69
N ALA E 87 -13.04 -17.01 -18.67
CA ALA E 87 -12.75 -18.43 -18.76
C ALA E 87 -13.64 -19.17 -17.78
N VAL E 88 -14.42 -20.12 -18.29
CA VAL E 88 -15.26 -20.97 -17.47
C VAL E 88 -14.56 -22.30 -17.34
N GLY E 89 -14.11 -22.64 -16.14
CA GLY E 89 -13.39 -23.87 -15.94
C GLY E 89 -14.28 -25.08 -16.10
N ASP E 90 -13.65 -26.25 -16.18
CA ASP E 90 -14.41 -27.48 -16.30
C ASP E 90 -15.24 -27.74 -15.04
N ASN E 91 -16.36 -28.40 -15.23
CA ASN E 91 -17.26 -28.80 -14.14
C ASN E 91 -17.81 -27.59 -13.39
N ARG E 92 -18.00 -26.48 -14.09
CA ARG E 92 -18.75 -25.37 -13.55
C ARG E 92 -19.40 -24.62 -14.70
N VAL E 93 -20.57 -24.06 -14.45
CA VAL E 93 -21.41 -23.48 -15.48
C VAL E 93 -21.79 -22.07 -15.06
N LEU E 94 -21.63 -21.12 -15.97
CA LEU E 94 -21.86 -19.71 -15.68
C LEU E 94 -23.17 -19.26 -16.31
N ASP E 95 -24.03 -18.67 -15.50
CA ASP E 95 -25.24 -18.03 -16.00
C ASP E 95 -24.89 -16.60 -16.39
N MET E 96 -25.07 -16.27 -17.67
CA MET E 96 -24.60 -14.99 -18.18
C MET E 96 -25.35 -13.81 -17.58
N ALA E 97 -26.50 -14.05 -16.95
CA ALA E 97 -27.23 -12.94 -16.34
C ALA E 97 -26.45 -12.32 -15.20
N SER E 98 -25.60 -13.09 -14.53
CA SER E 98 -24.82 -12.58 -13.41
C SER E 98 -23.47 -12.05 -13.86
N THR E 99 -23.48 -11.20 -14.89
CA THR E 99 -22.27 -10.57 -15.37
C THR E 99 -22.54 -9.09 -15.56
N TYR E 100 -21.58 -8.25 -15.20
CA TYR E 100 -21.78 -6.82 -15.30
C TYR E 100 -20.44 -6.11 -15.22
N PHE E 101 -20.18 -5.26 -16.19
CA PHE E 101 -19.01 -4.39 -16.13
C PHE E 101 -19.20 -3.40 -14.99
N ASP E 102 -18.09 -3.00 -14.38
CA ASP E 102 -18.11 -1.91 -13.41
C ASP E 102 -17.08 -0.88 -13.81
N ILE E 103 -17.54 0.34 -14.05
CA ILE E 103 -16.71 1.42 -14.57
C ILE E 103 -16.30 2.31 -13.41
N ARG E 104 -15.04 2.69 -13.36
CA ARG E 104 -14.52 3.54 -12.30
C ARG E 104 -13.78 4.69 -12.96
N GLY E 105 -14.50 5.75 -13.30
CA GLY E 105 -13.93 6.89 -13.99
C GLY E 105 -14.12 8.16 -13.19
N VAL E 106 -13.92 9.28 -13.88
CA VAL E 106 -14.06 10.61 -13.31
C VAL E 106 -15.00 11.41 -14.19
N LEU E 107 -16.02 12.00 -13.60
CA LEU E 107 -17.07 12.69 -14.33
C LEU E 107 -17.12 14.16 -13.92
N ASP E 108 -17.22 15.03 -14.90
CA ASP E 108 -17.40 16.46 -14.69
C ASP E 108 -18.75 16.84 -15.28
N ARG E 109 -19.60 17.48 -14.48
CA ARG E 109 -20.93 17.83 -14.91
C ARG E 109 -21.01 19.21 -15.56
N GLY E 110 -19.96 20.00 -15.51
CA GLY E 110 -19.91 21.26 -16.23
C GLY E 110 -20.55 22.41 -15.46
N PRO E 111 -20.29 23.64 -15.92
CA PRO E 111 -20.83 24.80 -15.22
C PRO E 111 -22.35 24.89 -15.28
N SER E 112 -22.99 24.21 -16.22
CA SER E 112 -24.44 24.26 -16.33
C SER E 112 -25.15 23.55 -15.19
N PHE E 113 -24.42 22.84 -14.34
CA PHE E 113 -25.02 22.03 -13.30
C PHE E 113 -25.52 22.90 -12.16
N LYS E 114 -26.76 22.68 -11.75
CA LYS E 114 -27.31 23.33 -10.56
C LYS E 114 -28.42 22.42 -10.03
N PRO E 115 -28.12 21.61 -9.02
CA PRO E 115 -29.08 20.58 -8.60
C PRO E 115 -30.20 21.08 -7.71
N TYR E 116 -30.13 22.30 -7.18
CA TYR E 116 -31.19 22.81 -6.33
C TYR E 116 -31.98 23.90 -7.04
N SER E 117 -33.12 24.25 -6.45
CA SER E 117 -34.04 25.16 -7.11
C SER E 117 -33.72 26.62 -6.78
N GLY E 118 -33.73 26.97 -5.50
CA GLY E 118 -33.52 28.34 -5.11
C GLY E 118 -32.05 28.74 -5.13
N THR E 119 -31.63 29.49 -4.12
CA THR E 119 -30.25 29.86 -3.93
C THR E 119 -29.75 29.31 -2.60
N ALA E 120 -28.52 29.66 -2.25
CA ALA E 120 -27.96 29.19 -0.99
C ALA E 120 -27.19 30.27 -0.24
N TYR E 121 -27.38 31.53 -0.60
CA TYR E 121 -26.66 32.63 0.03
C TYR E 121 -27.62 33.79 0.23
N ASN E 122 -27.84 34.15 1.49
CA ASN E 122 -28.80 35.19 1.84
C ASN E 122 -30.16 34.89 1.20
N SER E 123 -30.61 33.65 1.37
CA SER E 123 -31.85 33.22 0.75
C SER E 123 -33.03 34.04 1.24
N LEU E 124 -33.09 34.31 2.55
CA LEU E 124 -34.20 35.06 3.10
C LEU E 124 -34.15 36.54 2.74
N ALA E 125 -33.04 37.02 2.21
CA ALA E 125 -32.93 38.43 1.86
C ALA E 125 -33.94 38.77 0.77
N PRO E 126 -34.62 39.91 0.88
CA PRO E 126 -35.54 40.31 -0.20
C PRO E 126 -34.78 40.57 -1.48
N LYS E 127 -35.33 40.10 -2.60
CA LYS E 127 -34.71 40.35 -3.89
C LYS E 127 -34.67 41.84 -4.15
N GLY E 128 -33.54 42.31 -4.66
CA GLY E 128 -33.36 43.72 -4.95
C GLY E 128 -32.79 44.52 -3.80
N ALA E 129 -32.75 43.96 -2.60
CA ALA E 129 -32.13 44.65 -1.48
C ALA E 129 -30.63 44.65 -1.65
N PRO E 130 -29.98 45.81 -1.70
CA PRO E 130 -28.53 45.84 -1.91
C PRO E 130 -27.77 45.71 -0.60
N ASN E 131 -26.68 44.96 -0.66
CA ASN E 131 -25.75 44.93 0.46
C ASN E 131 -25.08 46.30 0.60
N PRO E 132 -24.68 46.68 1.81
CA PRO E 132 -24.11 48.02 2.00
C PRO E 132 -22.92 48.25 1.08
N SER E 133 -22.87 49.43 0.47
CA SER E 133 -21.90 49.68 -0.59
C SER E 133 -21.49 51.14 -0.55
N GLN E 134 -20.47 51.46 -1.35
CA GLN E 134 -19.97 52.82 -1.50
C GLN E 134 -19.69 53.07 -2.97
N TRP E 135 -19.79 54.35 -3.37
CA TRP E 135 -19.63 54.68 -4.78
C TRP E 135 -19.35 56.17 -4.89
N GLU E 136 -18.17 56.51 -5.39
CA GLU E 136 -17.84 57.92 -5.64
C GLU E 136 -18.71 58.45 -6.77
N THR E 137 -19.07 59.73 -6.67
CA THR E 137 -20.02 60.30 -7.62
C THR E 137 -19.89 61.82 -7.58
N LYS E 138 -20.80 62.49 -8.28
CA LYS E 138 -20.90 63.95 -8.28
C LYS E 138 -21.95 64.37 -7.27
N GLU E 139 -21.67 65.44 -6.53
CA GLU E 139 -22.61 65.99 -5.56
C GLU E 139 -22.71 67.49 -5.76
N LYS E 140 -23.95 67.97 -5.88
CA LYS E 140 -24.22 69.40 -6.09
C LYS E 140 -24.35 70.06 -4.72
N GLN E 141 -23.27 70.66 -4.25
CA GLN E 141 -23.22 71.31 -2.96
C GLN E 141 -22.82 72.77 -3.13
N GLY E 142 -23.46 73.65 -2.37
CA GLY E 142 -23.17 75.07 -2.44
C GLY E 142 -23.84 75.75 -3.62
N THR E 143 -24.43 76.92 -3.37
CA THR E 143 -25.09 77.65 -4.45
C THR E 143 -24.09 78.06 -5.53
N THR E 144 -22.92 78.54 -5.12
CA THR E 144 -21.86 78.89 -6.05
C THR E 144 -20.78 77.83 -6.16
N GLY E 145 -20.74 76.88 -5.21
CA GLY E 145 -19.73 75.83 -5.26
C GLY E 145 -19.94 74.85 -6.39
N GLY E 146 -21.11 74.84 -7.01
CA GLY E 146 -21.35 73.93 -8.11
C GLY E 146 -21.42 72.48 -7.64
N VAL E 147 -20.80 71.61 -8.42
CA VAL E 147 -20.80 70.17 -8.18
C VAL E 147 -19.36 69.75 -7.91
N GLN E 148 -19.13 69.14 -6.75
CA GLN E 148 -17.82 68.61 -6.39
C GLN E 148 -17.88 67.10 -6.34
N GLN E 149 -16.99 66.45 -7.08
CA GLN E 149 -17.00 64.99 -7.18
C GLN E 149 -16.18 64.39 -6.05
N GLU E 150 -16.81 63.51 -5.29
CA GLU E 150 -16.13 62.75 -4.24
C GLU E 150 -17.06 61.64 -3.78
N LYS E 151 -16.56 60.83 -2.86
CA LYS E 151 -17.37 59.76 -2.26
C LYS E 151 -18.39 60.41 -1.33
N ASP E 152 -19.34 61.10 -1.95
CA ASP E 152 -20.27 61.97 -1.24
C ASP E 152 -21.61 61.34 -0.95
N VAL E 153 -22.35 60.91 -1.97
CA VAL E 153 -23.50 60.05 -1.78
C VAL E 153 -23.06 58.62 -1.53
N THR E 154 -21.75 58.41 -1.44
CA THR E 154 -21.20 57.11 -1.11
C THR E 154 -21.72 56.65 0.25
N LYS E 155 -21.71 55.34 0.45
CA LYS E 155 -22.41 54.71 1.56
C LYS E 155 -23.87 55.15 1.56
N THR E 156 -24.47 55.11 0.37
CA THR E 156 -25.89 55.40 0.27
C THR E 156 -26.70 54.36 1.01
N PHE E 157 -26.11 53.20 1.28
CA PHE E 157 -26.74 52.19 2.09
C PHE E 157 -25.70 51.56 2.99
N GLY E 158 -26.01 51.55 4.28
CA GLY E 158 -25.18 50.89 5.27
C GLY E 158 -26.03 50.54 6.47
N VAL E 159 -25.80 49.38 7.06
CA VAL E 159 -26.56 49.02 8.25
C VAL E 159 -25.58 48.95 9.42
N ALA E 160 -25.41 50.07 10.10
CA ALA E 160 -24.54 50.13 11.26
C ALA E 160 -25.34 49.68 12.47
N ALA E 161 -25.35 48.37 12.74
CA ALA E 161 -26.16 47.82 13.82
C ALA E 161 -25.26 46.95 14.68
N THR E 162 -24.60 47.59 15.65
CA THR E 162 -23.78 46.91 16.65
C THR E 162 -23.46 47.92 17.74
N GLY E 163 -23.59 47.51 18.98
CA GLY E 163 -23.36 48.42 20.10
C GLY E 163 -21.93 48.89 20.18
N GLY E 164 -21.73 49.94 20.97
CA GLY E 164 -20.41 50.49 21.18
C GLY E 164 -20.41 51.60 22.21
N ILE E 165 -19.46 51.54 23.16
CA ILE E 165 -19.42 52.54 24.20
C ILE E 165 -18.99 53.89 23.66
N ASN E 166 -17.95 53.91 22.82
CA ASN E 166 -17.45 55.15 22.25
C ASN E 166 -16.59 54.82 21.05
N ILE E 167 -16.62 55.72 20.06
CA ILE E 167 -15.90 55.52 18.80
C ILE E 167 -14.74 56.49 18.75
N THR E 168 -13.54 55.95 18.49
CA THR E 168 -12.34 56.76 18.37
C THR E 168 -11.57 56.28 17.14
N ASN E 169 -10.36 56.79 16.96
CA ASN E 169 -9.56 56.50 15.78
C ASN E 169 -9.12 55.07 15.68
N GLN E 170 -9.52 54.15 16.57
CA GLN E 170 -9.04 52.77 16.45
C GLN E 170 -10.12 51.74 16.74
N GLY E 171 -11.40 52.08 16.59
CA GLY E 171 -12.43 51.08 16.80
C GLY E 171 -13.69 51.59 17.48
N LEU E 172 -14.27 50.77 18.37
CA LEU E 172 -15.54 51.09 19.00
C LEU E 172 -15.60 50.86 20.49
N LEU E 173 -14.58 50.28 21.10
CA LEU E 173 -14.51 50.17 22.56
C LEU E 173 -15.74 49.50 23.14
N LEU E 174 -16.16 48.39 22.52
CA LEU E 174 -17.37 47.69 22.93
C LEU E 174 -17.14 46.88 24.21
N GLY E 175 -16.78 47.60 25.27
CA GLY E 175 -16.56 46.93 26.55
C GLY E 175 -15.15 47.15 27.05
N THR E 176 -15.04 47.56 28.31
CA THR E 176 -13.76 47.80 28.94
C THR E 176 -13.24 46.51 29.55
N ASP E 177 -12.14 46.62 30.29
CA ASP E 177 -11.46 45.43 30.81
C ASP E 177 -11.30 45.48 32.32
N GLU E 178 -10.56 44.53 32.88
CA GLU E 178 -10.39 44.40 34.33
C GLU E 178 -8.96 44.59 34.79
N THR E 179 -7.98 44.04 34.07
CA THR E 179 -6.59 44.13 34.50
C THR E 179 -6.13 45.57 34.60
N ALA E 180 -6.11 46.28 33.47
CA ALA E 180 -5.77 47.70 33.46
C ALA E 180 -6.85 48.52 32.76
N GLU E 181 -8.06 47.98 32.67
CA GLU E 181 -9.16 48.63 31.95
C GLU E 181 -8.77 48.98 30.52
N ASN E 182 -8.04 48.06 29.87
CA ASN E 182 -7.70 48.21 28.46
C ASN E 182 -8.95 47.91 27.65
N GLY E 183 -9.67 48.96 27.28
CA GLY E 183 -10.89 48.81 26.52
C GLY E 183 -10.64 48.06 25.22
N LYS E 184 -11.45 47.05 24.95
CA LYS E 184 -11.19 46.13 23.85
C LYS E 184 -11.72 46.73 22.56
N LYS E 185 -10.83 47.35 21.78
CA LYS E 185 -11.17 47.72 20.42
C LYS E 185 -11.36 46.47 19.58
N ASP E 186 -12.26 46.56 18.60
CA ASP E 186 -12.59 45.40 17.79
C ASP E 186 -11.45 45.07 16.83
N ILE E 187 -11.11 43.79 16.76
CA ILE E 187 -10.17 43.33 15.74
C ILE E 187 -10.89 43.41 14.40
N TYR E 188 -10.53 44.39 13.58
CA TYR E 188 -11.23 44.58 12.33
C TYR E 188 -10.94 43.49 11.32
N ALA E 189 -9.98 42.61 11.59
CA ALA E 189 -9.72 41.50 10.68
C ALA E 189 -10.92 40.58 10.57
N ASP E 190 -11.44 40.12 11.71
CA ASP E 190 -12.60 39.24 11.72
C ASP E 190 -13.76 39.82 12.52
N LYS E 191 -13.49 40.35 13.71
CA LYS E 191 -14.52 40.75 14.65
C LYS E 191 -14.83 42.23 14.55
N THR E 192 -14.79 42.76 13.33
CA THR E 192 -15.18 44.15 13.11
C THR E 192 -16.59 44.33 13.67
N PHE E 193 -17.53 43.71 12.98
CA PHE E 193 -18.84 43.36 13.51
C PHE E 193 -19.27 42.19 12.63
N GLN E 194 -19.14 40.99 13.16
CA GLN E 194 -19.77 39.88 12.46
C GLN E 194 -21.20 40.29 12.17
N PRO E 195 -21.65 40.26 10.92
CA PRO E 195 -22.98 40.80 10.60
C PRO E 195 -24.10 40.14 11.38
N GLU E 196 -23.86 38.99 12.00
CA GLU E 196 -24.88 38.25 12.71
C GLU E 196 -25.16 38.77 14.11
N PRO E 197 -24.13 39.00 14.98
CA PRO E 197 -24.44 39.46 16.35
C PRO E 197 -24.64 40.95 16.52
N GLN E 198 -25.87 41.44 16.36
CA GLN E 198 -26.20 42.74 16.92
C GLN E 198 -26.07 42.70 18.44
N VAL E 199 -25.62 43.82 19.01
CA VAL E 199 -25.83 44.05 20.43
C VAL E 199 -27.27 44.41 20.73
N GLY E 200 -27.97 45.03 19.79
CA GLY E 200 -29.39 45.26 19.93
C GLY E 200 -30.18 43.99 19.70
N GLU E 201 -30.05 43.04 20.64
CA GLU E 201 -30.78 41.79 20.55
C GLU E 201 -32.25 41.98 20.92
N GLU E 202 -32.54 42.92 21.82
CA GLU E 202 -33.91 43.24 22.16
C GLU E 202 -34.46 44.27 21.18
N ASN E 203 -35.73 44.12 20.81
CA ASN E 203 -36.36 45.11 19.93
C ASN E 203 -36.37 46.48 20.58
N TRP E 204 -36.85 46.56 21.82
CA TRP E 204 -36.84 47.81 22.56
C TRP E 204 -35.44 48.10 23.07
N GLN E 205 -35.29 49.23 23.74
CA GLN E 205 -34.13 49.56 24.56
C GLN E 205 -32.82 49.57 23.78
N GLU E 206 -32.87 49.42 22.46
CA GLU E 206 -31.66 49.50 21.65
C GLU E 206 -31.33 50.98 21.47
N ASN E 207 -30.65 51.53 22.47
CA ASN E 207 -30.34 52.95 22.53
C ASN E 207 -28.88 53.17 22.89
N GLU E 208 -27.99 52.39 22.29
CA GLU E 208 -26.57 52.66 22.45
C GLU E 208 -26.21 53.97 21.77
N ALA E 209 -25.26 54.68 22.38
CA ALA E 209 -24.90 56.00 21.88
C ALA E 209 -24.15 55.94 20.55
N PHE E 210 -23.60 54.78 20.20
CA PHE E 210 -22.83 54.65 18.96
C PHE E 210 -23.10 53.30 18.34
N TYR E 211 -22.93 53.23 17.02
CA TYR E 211 -23.11 52.00 16.28
C TYR E 211 -22.02 51.87 15.24
N GLY E 212 -21.87 50.67 14.70
CA GLY E 212 -20.90 50.42 13.67
C GLY E 212 -21.36 49.33 12.74
N GLY E 213 -20.72 49.27 11.57
CA GLY E 213 -21.09 48.28 10.58
C GLY E 213 -19.97 48.09 9.57
N ARG E 214 -20.17 47.12 8.69
CA ARG E 214 -19.24 46.81 7.62
C ARG E 214 -19.91 47.03 6.28
N ALA E 215 -19.17 47.61 5.34
CA ALA E 215 -19.74 47.91 4.04
C ALA E 215 -18.68 47.75 2.96
N LEU E 216 -19.13 47.30 1.79
CA LEU E 216 -18.25 47.15 0.64
C LEU E 216 -17.84 48.53 0.14
N LYS E 217 -16.59 48.67 -0.29
CA LYS E 217 -16.10 49.96 -0.75
C LYS E 217 -16.26 50.06 -2.26
N LYS E 218 -15.65 51.10 -2.84
CA LYS E 218 -15.93 51.47 -4.23
C LYS E 218 -15.52 50.37 -5.21
N ASP E 219 -14.34 49.77 -4.99
CA ASP E 219 -13.75 48.92 -6.03
C ASP E 219 -14.65 47.74 -6.37
N THR E 220 -15.24 47.10 -5.37
CA THR E 220 -16.07 45.94 -5.61
C THR E 220 -17.38 46.35 -6.28
N LYS E 221 -17.74 45.64 -7.34
CA LYS E 221 -19.03 45.89 -8.00
C LYS E 221 -20.17 45.49 -7.09
N MET E 222 -21.27 46.24 -7.17
CA MET E 222 -22.39 46.06 -6.25
C MET E 222 -23.40 45.10 -6.86
N LYS E 223 -23.38 43.87 -6.42
CA LYS E 223 -24.42 42.91 -6.71
C LYS E 223 -25.51 42.98 -5.66
N PRO E 224 -26.72 42.54 -5.97
CA PRO E 224 -27.76 42.49 -4.93
C PRO E 224 -27.39 41.50 -3.85
N CYS E 225 -27.87 41.76 -2.64
CA CYS E 225 -27.54 40.91 -1.51
C CYS E 225 -28.12 39.50 -1.66
N TYR E 226 -29.12 39.34 -2.52
CA TYR E 226 -29.87 38.08 -2.57
C TYR E 226 -29.01 36.88 -2.96
N GLY E 227 -27.90 37.08 -3.65
CA GLY E 227 -27.11 35.95 -4.08
C GLY E 227 -25.63 36.14 -3.89
N SER E 228 -25.25 37.13 -3.07
CA SER E 228 -23.85 37.47 -2.92
C SER E 228 -23.10 36.42 -2.12
N PHE E 229 -21.85 36.20 -2.49
CA PHE E 229 -20.96 35.29 -1.76
C PHE E 229 -19.54 35.84 -1.83
N ALA E 230 -18.76 35.56 -0.80
CA ALA E 230 -17.39 36.06 -0.73
C ALA E 230 -16.60 35.13 0.17
N ARG E 231 -15.65 34.41 -0.40
CA ARG E 231 -14.92 33.41 0.35
C ARG E 231 -14.16 34.07 1.51
N PRO E 232 -14.11 33.42 2.68
CA PRO E 232 -13.42 34.02 3.81
C PRO E 232 -11.92 34.12 3.56
N THR E 233 -11.32 35.16 4.10
CA THR E 233 -9.89 35.38 3.95
C THR E 233 -9.09 34.74 5.08
N ASN E 234 -9.59 34.79 6.30
CA ASN E 234 -8.88 34.25 7.45
C ASN E 234 -9.76 33.26 8.20
N GLU E 235 -9.10 32.29 8.83
CA GLU E 235 -9.79 31.22 9.55
C GLU E 235 -10.61 31.71 10.73
N LYS E 236 -10.39 32.95 11.18
CA LYS E 236 -11.11 33.50 12.32
C LYS E 236 -12.51 33.97 11.94
N GLY E 237 -13.03 33.54 10.80
CA GLY E 237 -14.34 33.94 10.34
C GLY E 237 -14.37 35.24 9.59
N GLY E 238 -13.23 35.90 9.42
CA GLY E 238 -13.18 37.16 8.71
C GLY E 238 -13.72 37.06 7.31
N GLN E 239 -14.52 38.04 6.91
CA GLN E 239 -15.07 38.06 5.56
C GLN E 239 -13.94 38.25 4.56
N ALA E 240 -14.28 38.17 3.27
CA ALA E 240 -13.30 38.36 2.23
C ALA E 240 -12.66 39.74 2.36
N LYS E 241 -11.34 39.77 2.44
CA LYS E 241 -10.58 41.01 2.41
C LYS E 241 -9.46 40.83 1.40
N PHE E 242 -9.58 41.48 0.25
CA PHE E 242 -8.46 41.54 -0.68
C PHE E 242 -7.27 42.19 0.00
N LYS E 243 -6.09 41.64 -0.23
CA LYS E 243 -4.89 42.36 0.12
C LYS E 243 -4.82 43.63 -0.74
N PRO E 244 -4.47 44.77 -0.16
CA PRO E 244 -4.42 46.00 -0.96
C PRO E 244 -3.43 45.86 -2.10
N VAL E 245 -3.79 46.44 -3.25
CA VAL E 245 -3.03 46.21 -4.47
C VAL E 245 -1.60 46.68 -4.29
N ASN E 246 -0.66 45.81 -4.64
CA ASN E 246 0.76 46.08 -4.48
C ASN E 246 1.49 45.89 -5.81
N GLU E 247 2.58 46.61 -6.00
CA GLU E 247 3.38 46.55 -7.21
C GLU E 247 4.66 45.79 -6.93
N GLY E 248 4.88 44.72 -7.69
CA GLY E 248 6.12 43.95 -7.56
C GLY E 248 6.28 43.11 -6.32
N GLU E 249 6.20 43.73 -5.15
CA GLU E 249 6.40 43.01 -3.89
C GLU E 249 5.22 42.09 -3.61
N GLN E 250 5.43 41.14 -2.71
CA GLN E 250 4.38 40.23 -2.31
C GLN E 250 3.31 40.96 -1.52
N PRO E 251 2.04 40.90 -1.91
CA PRO E 251 0.99 41.63 -1.17
C PRO E 251 0.75 40.98 0.18
N LYS E 252 1.15 41.68 1.25
CA LYS E 252 0.91 41.20 2.61
C LYS E 252 0.43 42.39 3.43
N ASP E 253 -0.88 42.60 3.44
CA ASP E 253 -1.52 43.69 4.16
C ASP E 253 -3.02 43.43 4.10
N LEU E 254 -3.79 44.33 4.72
CA LEU E 254 -5.24 44.19 4.80
C LEU E 254 -5.89 45.47 4.30
N ASP E 255 -6.89 45.32 3.43
CA ASP E 255 -7.56 46.46 2.81
C ASP E 255 -8.84 46.78 3.59
N ILE E 256 -8.65 47.46 4.73
CA ILE E 256 -9.76 47.87 5.58
C ILE E 256 -9.48 49.28 6.09
N ASP E 257 -10.50 50.13 6.06
CA ASP E 257 -10.37 51.49 6.53
C ASP E 257 -11.71 51.95 7.11
N PHE E 258 -11.66 52.97 7.96
CA PHE E 258 -12.82 53.42 8.69
C PHE E 258 -13.49 54.59 8.00
N ALA E 259 -14.74 54.84 8.39
CA ALA E 259 -15.50 56.01 7.96
C ALA E 259 -16.40 56.44 9.10
N TYR E 260 -16.57 57.76 9.25
CA TYR E 260 -17.32 58.31 10.36
C TYR E 260 -18.41 59.23 9.83
N PHE E 261 -19.64 59.01 10.28
CA PHE E 261 -20.80 59.76 9.80
C PHE E 261 -21.55 60.34 10.99
N ASP E 262 -21.68 61.66 11.02
CA ASP E 262 -22.34 62.36 12.11
C ASP E 262 -23.78 62.71 11.74
N VAL E 263 -24.66 62.70 12.73
CA VAL E 263 -26.05 63.13 12.53
C VAL E 263 -26.06 64.59 12.11
N PRO E 264 -26.89 64.99 11.15
CA PRO E 264 -26.80 66.36 10.63
C PRO E 264 -27.19 67.42 11.64
N GLY E 265 -26.28 67.70 12.57
CA GLY E 265 -26.52 68.75 13.53
C GLY E 265 -26.20 68.36 14.96
N GLY E 266 -26.94 68.94 15.90
CA GLY E 266 -26.68 68.72 17.31
C GLY E 266 -26.52 70.03 18.05
N SER E 267 -25.62 70.07 19.02
CA SER E 267 -25.37 71.27 19.79
C SER E 267 -23.88 71.59 19.76
N PRO E 268 -23.51 72.86 19.82
CA PRO E 268 -22.10 73.24 19.84
C PRO E 268 -21.38 72.62 21.03
N PRO E 269 -20.16 72.14 20.84
CA PRO E 269 -19.42 71.56 21.98
C PRO E 269 -19.18 72.55 23.10
N ALA E 270 -18.96 73.82 22.77
CA ALA E 270 -18.69 74.85 23.75
C ALA E 270 -18.91 76.22 23.11
N GLY E 271 -18.81 77.26 23.94
CA GLY E 271 -18.94 78.61 23.43
C GLY E 271 -17.86 78.97 22.43
N GLY E 272 -16.63 78.55 22.71
CA GLY E 272 -15.52 78.73 21.79
C GLY E 272 -15.40 77.69 20.71
N SER E 273 -16.29 76.70 20.70
CA SER E 273 -16.27 75.66 19.69
C SER E 273 -17.15 76.06 18.51
N GLY E 274 -17.38 75.14 17.59
CA GLY E 274 -18.20 75.42 16.42
C GLY E 274 -19.68 75.36 16.73
N GLU E 275 -20.47 74.78 15.81
CA GLU E 275 -21.90 74.64 16.00
C GLU E 275 -22.37 73.18 16.06
N GLU E 276 -21.63 72.25 15.49
CA GLU E 276 -21.97 70.84 15.48
C GLU E 276 -20.81 70.05 16.09
N TYR E 277 -20.88 68.74 15.97
CA TYR E 277 -19.87 67.87 16.57
C TYR E 277 -19.98 66.49 15.93
N LYS E 278 -19.33 65.50 16.53
CA LYS E 278 -19.34 64.13 16.01
C LYS E 278 -20.37 63.28 16.76
N ALA E 279 -21.63 63.65 16.63
CA ALA E 279 -22.74 62.78 17.05
C ALA E 279 -22.86 61.70 15.98
N ASP E 280 -21.93 60.74 16.03
CA ASP E 280 -21.61 59.95 14.86
C ASP E 280 -21.70 58.46 15.14
N ILE E 281 -21.65 57.69 14.05
CA ILE E 281 -21.47 56.25 14.08
C ILE E 281 -20.40 55.90 13.05
N ILE E 282 -19.76 54.75 13.25
CA ILE E 282 -18.66 54.33 12.44
C ILE E 282 -19.14 53.32 11.41
N LEU E 283 -18.31 53.06 10.40
CA LEU E 283 -18.62 52.05 9.40
C LEU E 283 -17.33 51.69 8.67
N TYR E 284 -17.01 50.42 8.66
CA TYR E 284 -15.76 49.94 8.11
C TYR E 284 -15.88 49.54 6.70
N THR E 285 -14.95 49.88 5.85
CA THR E 285 -15.09 49.60 4.49
C THR E 285 -14.05 48.68 3.97
N GLU E 286 -14.44 47.68 3.21
CA GLU E 286 -13.54 46.67 2.71
C GLU E 286 -13.86 46.28 1.32
N ASN E 287 -13.04 45.48 0.68
CA ASN E 287 -13.28 44.98 -0.64
C ASN E 287 -13.28 43.51 -0.55
N VAL E 288 -14.23 42.83 -1.16
CA VAL E 288 -14.33 41.39 -1.01
C VAL E 288 -14.41 40.62 -2.31
N ASN E 289 -14.29 39.30 -2.28
CA ASN E 289 -14.31 38.50 -3.49
C ASN E 289 -15.75 38.22 -3.92
N LEU E 290 -16.51 39.31 -4.05
CA LEU E 290 -17.94 39.22 -4.36
C LEU E 290 -18.12 38.55 -5.72
N GLU E 291 -18.67 37.35 -5.73
CA GLU E 291 -18.92 36.60 -6.96
C GLU E 291 -20.20 35.80 -6.76
N THR E 292 -21.32 36.35 -7.24
CA THR E 292 -22.60 35.66 -7.16
C THR E 292 -22.53 34.36 -7.93
N PRO E 293 -22.56 33.22 -7.29
CA PRO E 293 -22.23 31.96 -7.98
C PRO E 293 -23.40 31.37 -8.76
N ASP E 294 -24.62 31.57 -8.29
CA ASP E 294 -25.78 30.90 -8.87
C ASP E 294 -26.97 31.85 -8.98
N THR E 295 -26.74 33.08 -9.42
CA THR E 295 -27.86 34.01 -9.57
C THR E 295 -27.49 35.10 -10.54
N HIS E 296 -28.23 35.20 -11.65
CA HIS E 296 -28.02 36.27 -12.61
C HIS E 296 -28.73 37.52 -12.10
N VAL E 297 -28.87 38.53 -12.96
CA VAL E 297 -29.50 39.80 -12.61
C VAL E 297 -30.61 40.05 -13.62
N VAL E 298 -31.85 39.89 -13.18
CA VAL E 298 -32.99 40.05 -14.09
C VAL E 298 -33.14 41.51 -14.50
N TYR E 299 -33.11 42.42 -13.53
CA TYR E 299 -33.35 43.84 -13.79
C TYR E 299 -32.05 44.60 -13.61
N LYS E 300 -31.63 45.29 -14.67
CA LYS E 300 -30.49 46.19 -14.62
C LYS E 300 -30.89 47.50 -15.26
N PRO E 301 -31.09 48.56 -14.50
CA PRO E 301 -31.55 49.82 -15.08
C PRO E 301 -30.58 50.40 -16.09
N GLY E 302 -29.36 50.65 -15.67
CA GLY E 302 -28.35 51.18 -16.56
C GLY E 302 -27.68 50.11 -17.38
N THR E 303 -27.00 50.55 -18.44
CA THR E 303 -26.24 49.62 -19.27
C THR E 303 -24.95 49.17 -18.59
N SER E 304 -24.39 49.98 -17.71
CA SER E 304 -23.18 49.66 -16.98
C SER E 304 -23.54 49.23 -15.56
N ASP E 305 -22.55 48.67 -14.87
CA ASP E 305 -22.73 48.21 -13.49
C ASP E 305 -21.53 48.55 -12.62
N ASN E 306 -20.85 49.66 -12.91
CA ASN E 306 -19.65 50.01 -12.16
C ASN E 306 -20.00 50.80 -10.91
N SER E 307 -20.88 50.24 -10.07
CA SER E 307 -21.18 50.77 -8.74
C SER E 307 -21.65 52.22 -8.82
N SER E 308 -22.83 52.39 -9.40
CA SER E 308 -23.51 53.67 -9.46
C SER E 308 -24.80 53.61 -8.66
N GLU E 309 -25.39 54.79 -8.44
CA GLU E 309 -26.60 54.87 -7.63
C GLU E 309 -27.74 54.09 -8.26
N ILE E 310 -27.93 54.24 -9.58
CA ILE E 310 -29.02 53.54 -10.25
C ILE E 310 -28.84 52.04 -10.14
N ASN E 311 -27.59 51.57 -10.17
CA ASN E 311 -27.29 50.15 -10.07
C ASN E 311 -27.49 49.60 -8.67
N LEU E 312 -28.06 50.39 -7.77
CA LEU E 312 -28.43 49.92 -6.44
C LEU E 312 -29.77 49.21 -6.43
N VAL E 313 -30.44 49.13 -7.56
CA VAL E 313 -31.82 48.66 -7.63
C VAL E 313 -31.91 47.30 -8.32
N GLN E 314 -30.82 46.70 -8.69
CA GLN E 314 -30.85 45.46 -9.40
C GLN E 314 -31.61 44.46 -8.63
N GLN E 315 -32.20 43.48 -9.28
CA GLN E 315 -32.99 42.48 -8.62
C GLN E 315 -32.61 41.20 -9.22
N SER E 316 -32.53 40.13 -8.46
CA SER E 316 -32.03 38.93 -9.05
C SER E 316 -32.68 37.61 -8.86
N MET E 317 -33.14 36.98 -9.91
CA MET E 317 -33.84 35.76 -9.77
C MET E 317 -32.86 34.67 -9.70
N PRO E 318 -33.16 33.60 -9.01
CA PRO E 318 -32.29 32.49 -8.91
C PRO E 318 -32.16 31.75 -10.18
N ASN E 319 -31.00 31.28 -10.62
CA ASN E 319 -30.95 30.65 -11.91
C ASN E 319 -31.61 29.32 -11.88
N ARG E 320 -32.18 28.85 -12.98
CA ARG E 320 -32.97 27.65 -12.97
C ARG E 320 -32.40 26.33 -12.80
N PRO E 321 -33.14 25.46 -12.23
CA PRO E 321 -32.58 24.19 -11.91
C PRO E 321 -32.22 23.31 -12.98
N ASN E 322 -31.09 22.64 -13.03
CA ASN E 322 -30.79 21.64 -14.02
C ASN E 322 -30.17 20.56 -13.27
N TYR E 323 -30.56 19.34 -13.41
CA TYR E 323 -30.04 18.24 -12.69
C TYR E 323 -29.47 17.23 -13.63
N ILE E 324 -28.21 16.83 -13.61
CA ILE E 324 -27.64 15.93 -14.62
C ILE E 324 -27.09 14.64 -14.07
N GLY E 325 -27.31 13.47 -14.63
CA GLY E 325 -26.92 12.16 -14.14
C GLY E 325 -27.08 11.14 -15.24
N PHE E 326 -26.59 9.95 -14.97
CA PHE E 326 -26.67 8.88 -15.95
C PHE E 326 -28.13 8.51 -16.21
N ARG E 327 -28.39 8.00 -17.41
CA ARG E 327 -29.75 7.67 -17.80
C ARG E 327 -30.28 6.50 -16.98
N ASP E 328 -31.56 6.20 -17.17
CA ASP E 328 -32.14 5.01 -16.56
C ASP E 328 -31.43 3.78 -17.08
N ASN E 329 -31.20 2.82 -16.18
CA ASN E 329 -30.55 1.56 -16.51
C ASN E 329 -29.26 1.76 -17.30
N PHE E 330 -28.63 2.92 -17.15
CA PHE E 330 -27.45 3.28 -17.92
C PHE E 330 -27.69 3.13 -19.41
N VAL E 331 -28.87 3.58 -19.86
CA VAL E 331 -29.17 3.54 -21.28
C VAL E 331 -28.22 4.44 -22.03
N GLY E 332 -27.63 3.93 -23.10
CA GLY E 332 -26.74 4.71 -23.92
C GLY E 332 -25.28 4.64 -23.53
N LEU E 333 -24.91 3.77 -22.61
CA LEU E 333 -23.51 3.65 -22.20
C LEU E 333 -22.76 2.56 -22.95
N MET E 334 -23.46 1.62 -23.57
CA MET E 334 -22.84 0.59 -24.39
C MET E 334 -23.43 0.64 -25.78
N TYR E 335 -22.59 0.56 -26.77
CA TYR E 335 -23.06 0.72 -28.09
C TYR E 335 -23.78 -0.51 -28.40
N TYR E 336 -25.07 -0.46 -28.49
CA TYR E 336 -25.79 -1.62 -28.72
C TYR E 336 -26.44 -1.24 -29.95
N ASN E 337 -26.82 -2.19 -30.76
CA ASN E 337 -27.50 -1.97 -32.00
C ASN E 337 -26.79 -1.12 -32.90
N SER E 338 -25.50 -1.19 -32.94
CA SER E 338 -24.86 -0.41 -33.92
C SER E 338 -23.93 -1.35 -34.48
N THR E 339 -24.05 -1.64 -35.73
CA THR E 339 -23.23 -2.67 -36.29
C THR E 339 -21.79 -2.32 -36.33
N GLY E 340 -21.48 -1.09 -36.55
CA GLY E 340 -20.10 -0.84 -36.67
C GLY E 340 -19.26 -1.10 -35.47
N ASN E 341 -19.68 -0.71 -34.29
CA ASN E 341 -18.83 -0.84 -33.15
C ASN E 341 -19.52 -1.74 -32.26
N MET E 342 -19.60 -3.01 -32.57
CA MET E 342 -20.40 -3.79 -31.65
C MET E 342 -19.51 -4.79 -30.92
N GLY E 343 -19.95 -5.20 -29.74
CA GLY E 343 -19.21 -6.17 -28.97
C GLY E 343 -19.30 -7.55 -29.58
N VAL E 344 -18.43 -8.43 -29.10
CA VAL E 344 -18.40 -9.81 -29.56
C VAL E 344 -18.41 -10.74 -28.36
N LEU E 345 -18.89 -11.96 -28.59
CA LEU E 345 -18.80 -13.06 -27.63
C LEU E 345 -18.45 -14.29 -28.45
N ALA E 346 -17.16 -14.59 -28.53
CA ALA E 346 -16.67 -15.63 -29.41
C ALA E 346 -15.80 -16.60 -28.64
N GLY E 347 -15.70 -17.82 -29.14
CA GLY E 347 -14.80 -18.78 -28.55
C GLY E 347 -13.35 -18.31 -28.70
N GLN E 348 -12.54 -18.63 -27.69
CA GLN E 348 -11.13 -18.26 -27.77
C GLN E 348 -10.44 -18.94 -28.93
N ALA E 349 -10.82 -20.19 -29.20
CA ALA E 349 -10.19 -20.97 -30.25
C ALA E 349 -10.80 -20.75 -31.62
N SER E 350 -11.81 -19.89 -31.74
CA SER E 350 -12.48 -19.72 -33.02
C SER E 350 -12.54 -18.27 -33.45
N GLN E 351 -12.66 -17.36 -32.49
CA GLN E 351 -12.76 -15.93 -32.76
C GLN E 351 -13.91 -15.58 -33.69
N LEU E 352 -14.91 -16.45 -33.79
CA LEU E 352 -16.10 -16.19 -34.60
C LEU E 352 -17.16 -15.58 -33.70
N ASN E 353 -17.42 -14.29 -33.88
CA ASN E 353 -18.33 -13.58 -33.00
C ASN E 353 -19.76 -14.07 -33.18
N ALA E 354 -20.44 -14.34 -32.07
CA ALA E 354 -21.78 -14.87 -32.07
C ALA E 354 -22.85 -13.81 -31.85
N VAL E 355 -22.48 -12.55 -31.75
CA VAL E 355 -23.42 -11.47 -31.48
C VAL E 355 -23.69 -10.77 -32.80
N VAL E 356 -24.71 -11.24 -33.52
CA VAL E 356 -25.11 -10.64 -34.77
C VAL E 356 -26.20 -9.63 -34.46
N ASP E 357 -25.84 -8.35 -34.39
CA ASP E 357 -26.75 -7.29 -34.04
C ASP E 357 -27.08 -6.49 -35.29
N LEU E 358 -28.37 -6.23 -35.50
CA LEU E 358 -28.86 -5.53 -36.67
C LEU E 358 -28.87 -4.03 -36.44
N GLN E 359 -29.14 -3.29 -37.51
CA GLN E 359 -29.23 -1.84 -37.45
C GLN E 359 -30.62 -1.35 -37.01
N ASP E 360 -31.63 -2.21 -37.05
CA ASP E 360 -33.00 -1.77 -36.81
C ASP E 360 -33.60 -2.23 -35.50
N ARG E 361 -33.12 -3.31 -34.91
CA ARG E 361 -33.64 -3.72 -33.62
C ARG E 361 -33.24 -2.71 -32.55
N ASN E 362 -34.02 -2.67 -31.47
CA ASN E 362 -33.83 -1.70 -30.40
C ASN E 362 -33.70 -2.46 -29.08
N THR E 363 -32.47 -2.77 -28.70
CA THR E 363 -32.23 -3.53 -27.48
C THR E 363 -32.22 -2.66 -26.24
N GLU E 364 -32.39 -1.36 -26.38
CA GLU E 364 -32.55 -0.50 -25.22
C GLU E 364 -34.02 -0.32 -24.87
N LEU E 365 -34.85 -0.01 -25.86
CA LEU E 365 -36.28 0.09 -25.62
C LEU E 365 -36.87 -1.24 -25.20
N SER E 366 -36.36 -2.34 -25.77
CA SER E 366 -36.84 -3.66 -25.39
C SER E 366 -36.58 -3.93 -23.92
N TYR E 367 -35.38 -3.58 -23.44
CA TYR E 367 -35.07 -3.81 -22.04
C TYR E 367 -35.89 -2.92 -21.14
N GLN E 368 -36.19 -1.70 -21.59
CA GLN E 368 -37.04 -0.82 -20.81
C GLN E 368 -38.44 -1.42 -20.66
N LEU E 369 -38.98 -1.96 -21.74
CA LEU E 369 -40.29 -2.58 -21.67
C LEU E 369 -40.25 -3.87 -20.88
N LEU E 370 -39.17 -4.63 -21.01
CA LEU E 370 -39.09 -5.94 -20.37
C LEU E 370 -39.20 -5.81 -18.85
N LEU E 371 -38.53 -4.81 -18.28
CA LEU E 371 -38.53 -4.66 -16.83
C LEU E 371 -39.93 -4.36 -16.30
N ASP E 372 -40.70 -3.57 -17.04
CA ASP E 372 -42.04 -3.22 -16.56
C ASP E 372 -42.91 -4.45 -16.41
N SER E 373 -42.86 -5.36 -17.39
CA SER E 373 -43.64 -6.59 -17.31
C SER E 373 -43.04 -7.61 -16.35
N LEU E 374 -41.77 -7.45 -15.97
CA LEU E 374 -41.13 -8.38 -15.05
C LEU E 374 -41.27 -7.97 -13.60
N GLY E 375 -41.56 -6.69 -13.31
CA GLY E 375 -41.65 -6.23 -11.95
C GLY E 375 -42.62 -5.08 -11.79
N ASP E 376 -42.23 -4.08 -11.00
CA ASP E 376 -43.08 -2.92 -10.75
C ASP E 376 -42.59 -1.64 -11.42
N ARG E 377 -41.28 -1.47 -11.55
CA ARG E 377 -40.70 -0.26 -12.12
C ARG E 377 -41.12 0.99 -11.36
N THR E 378 -41.47 0.85 -10.09
CA THR E 378 -41.82 1.99 -9.25
C THR E 378 -40.81 2.21 -8.13
N ARG E 379 -40.40 1.16 -7.45
CA ARG E 379 -39.38 1.29 -6.41
C ARG E 379 -38.01 1.35 -7.04
N TYR E 380 -37.15 2.20 -6.48
CA TYR E 380 -35.85 2.47 -7.07
C TYR E 380 -34.83 1.42 -6.66
N PHE E 381 -33.97 1.06 -7.62
CA PHE E 381 -32.86 0.16 -7.38
C PHE E 381 -31.58 0.91 -7.72
N SER E 382 -30.75 1.17 -6.71
CA SER E 382 -29.57 2.00 -6.94
C SER E 382 -28.54 1.29 -7.80
N MET E 383 -28.39 -0.02 -7.63
CA MET E 383 -27.27 -0.72 -8.25
C MET E 383 -27.32 -0.61 -9.78
N TRP E 384 -28.44 -0.95 -10.37
CA TRP E 384 -28.59 -0.84 -11.81
C TRP E 384 -28.99 0.56 -12.25
N ASN E 385 -29.09 1.50 -11.33
CA ASN E 385 -29.44 2.88 -11.65
C ASN E 385 -30.78 2.93 -12.39
N SER E 386 -31.75 2.17 -11.87
CA SER E 386 -33.00 1.93 -12.56
C SER E 386 -34.13 2.81 -12.06
N ALA E 387 -33.84 4.06 -11.72
CA ALA E 387 -34.90 4.99 -11.35
C ALA E 387 -35.67 5.39 -12.61
N VAL E 388 -36.93 4.97 -12.69
CA VAL E 388 -37.72 5.20 -13.89
C VAL E 388 -37.97 6.69 -14.08
N ASP E 389 -37.91 7.12 -15.34
CA ASP E 389 -38.14 8.53 -15.66
C ASP E 389 -39.63 8.81 -15.63
N SER E 390 -40.03 9.82 -14.86
CA SER E 390 -41.44 10.12 -14.68
C SER E 390 -41.64 11.61 -14.50
N TYR E 391 -42.90 12.02 -14.54
CA TYR E 391 -43.28 13.41 -14.34
C TYR E 391 -44.36 13.51 -13.27
N ASP E 392 -44.52 14.70 -12.71
CA ASP E 392 -45.53 14.91 -11.71
C ASP E 392 -46.91 14.76 -12.33
N PRO E 393 -47.77 13.91 -11.78
CA PRO E 393 -49.10 13.72 -12.39
C PRO E 393 -49.91 14.98 -12.48
N ASP E 394 -49.80 15.88 -11.51
CA ASP E 394 -50.58 17.10 -11.50
C ASP E 394 -49.81 18.33 -11.95
N VAL E 395 -48.76 18.16 -12.76
CA VAL E 395 -48.08 19.30 -13.35
C VAL E 395 -48.11 19.26 -14.87
N ARG E 396 -48.43 18.10 -15.44
CA ARG E 396 -48.66 17.98 -16.88
C ARG E 396 -50.11 18.26 -17.23
N ILE E 397 -51.02 17.89 -16.34
CA ILE E 397 -52.46 17.97 -16.55
C ILE E 397 -53.04 18.95 -15.54
N ILE E 398 -52.31 20.04 -15.30
CA ILE E 398 -52.52 20.92 -14.16
C ILE E 398 -54.00 21.14 -13.89
N GLU E 399 -54.42 20.84 -12.67
CA GLU E 399 -55.82 20.82 -12.26
C GLU E 399 -56.02 22.03 -11.35
N ASN E 400 -56.45 23.13 -11.94
CA ASN E 400 -56.45 24.42 -11.26
C ASN E 400 -57.72 24.58 -10.41
N HIS E 401 -57.78 23.80 -9.34
CA HIS E 401 -58.67 24.16 -8.24
C HIS E 401 -58.24 25.52 -7.72
N GLY E 402 -59.20 26.42 -7.54
CA GLY E 402 -58.87 27.73 -7.03
C GLY E 402 -58.22 27.63 -5.66
N VAL E 403 -57.40 28.62 -5.34
CA VAL E 403 -56.79 28.67 -4.02
C VAL E 403 -57.88 28.84 -2.96
N GLU E 404 -57.62 28.34 -1.76
CA GLU E 404 -58.64 28.20 -0.73
C GLU E 404 -58.47 29.20 0.41
N ASP E 405 -58.13 30.43 0.07
CA ASP E 405 -58.05 31.49 1.08
C ASP E 405 -59.45 31.99 1.37
N GLU E 406 -59.87 31.92 2.64
CA GLU E 406 -61.15 32.45 3.07
C GLU E 406 -61.00 33.59 4.05
N LEU E 407 -60.11 33.47 5.03
CA LEU E 407 -59.86 34.54 5.98
C LEU E 407 -58.48 35.15 5.73
N PRO E 408 -58.28 36.42 6.07
CA PRO E 408 -57.01 37.07 5.76
C PRO E 408 -55.89 36.58 6.64
N ASN E 409 -54.68 36.76 6.14
CA ASN E 409 -53.46 36.53 6.90
C ASN E 409 -52.80 37.87 7.16
N TYR E 410 -52.38 38.11 8.39
CA TYR E 410 -51.81 39.38 8.78
C TYR E 410 -50.38 39.20 9.28
N CYS E 411 -49.57 40.23 9.08
CA CYS E 411 -48.23 40.30 9.64
C CYS E 411 -48.16 41.49 10.58
N PHE E 412 -47.74 41.25 11.81
CA PHE E 412 -47.75 42.24 12.87
C PHE E 412 -46.34 42.69 13.20
N PRO E 413 -46.17 43.90 13.72
CA PRO E 413 -44.82 44.39 14.01
C PRO E 413 -44.18 43.62 15.15
N LEU E 414 -42.85 43.75 15.24
CA LEU E 414 -42.11 43.02 16.26
C LEU E 414 -42.52 43.45 17.65
N ASN E 415 -42.79 44.74 17.84
CA ASN E 415 -43.08 45.26 19.17
C ASN E 415 -44.54 45.06 19.58
N GLY E 416 -45.24 44.14 18.93
CA GLY E 416 -46.61 43.81 19.30
C GLY E 416 -47.66 44.75 18.77
N THR E 417 -47.40 46.05 18.82
CA THR E 417 -48.39 47.04 18.40
C THR E 417 -47.87 48.11 17.47
N GLY E 418 -46.58 48.38 17.43
CA GLY E 418 -46.08 49.41 16.56
C GLY E 418 -46.47 50.82 16.95
N THR E 419 -47.03 51.00 18.13
CA THR E 419 -47.47 52.32 18.57
C THR E 419 -46.26 53.23 18.78
N ASN E 420 -46.50 54.53 18.58
CA ASN E 420 -45.46 55.53 18.78
C ASN E 420 -46.04 56.77 19.45
N SER E 421 -47.11 56.61 20.21
CA SER E 421 -47.84 57.72 20.81
C SER E 421 -47.58 57.77 22.31
N THR E 422 -47.19 58.94 22.80
CA THR E 422 -46.97 59.15 24.22
C THR E 422 -48.26 59.66 24.86
N TYR E 423 -48.34 59.51 26.18
CA TYR E 423 -49.48 59.99 26.95
C TYR E 423 -48.98 60.39 28.34
N GLN E 424 -49.92 60.78 29.21
CA GLN E 424 -49.58 61.15 30.57
C GLN E 424 -50.80 60.94 31.45
N GLY E 425 -50.60 60.35 32.62
CA GLY E 425 -51.71 60.06 33.50
C GLY E 425 -52.33 61.33 34.05
N VAL E 426 -53.65 61.25 34.32
CA VAL E 426 -54.40 62.37 34.86
C VAL E 426 -55.32 61.87 35.98
N LYS E 427 -55.80 62.82 36.76
CA LYS E 427 -56.59 62.55 37.95
C LYS E 427 -57.90 63.32 37.88
N ILE E 428 -58.94 62.78 38.53
CA ILE E 428 -60.29 63.30 38.33
C ILE E 428 -60.65 64.45 39.25
N THR E 429 -59.84 64.72 40.28
CA THR E 429 -60.06 65.86 41.18
C THR E 429 -61.42 65.77 41.89
N ASN E 430 -61.87 64.55 42.16
CA ASN E 430 -63.01 64.24 43.03
C ASN E 430 -64.28 65.01 42.64
N GLY E 431 -64.34 65.56 41.43
CA GLY E 431 -65.44 66.39 41.02
C GLY E 431 -66.40 65.69 40.07
N ASN E 432 -67.03 66.49 39.22
CA ASN E 432 -67.99 66.01 38.25
C ASN E 432 -67.29 65.82 36.90
N ASP E 433 -68.08 65.55 35.86
CA ASP E 433 -67.55 65.45 34.51
C ASP E 433 -67.28 66.84 33.95
N GLY E 434 -66.90 66.90 32.68
CA GLY E 434 -66.57 68.16 32.05
C GLY E 434 -65.13 68.20 31.59
N ALA E 435 -64.49 69.36 31.70
CA ALA E 435 -63.09 69.49 31.31
C ALA E 435 -62.25 70.27 32.31
N GLU E 436 -62.81 70.67 33.45
CA GLU E 436 -62.06 71.39 34.46
C GLU E 436 -61.50 70.49 35.56
N GLU E 437 -61.70 69.17 35.44
CA GLU E 437 -61.31 68.23 36.50
C GLU E 437 -60.16 67.39 35.97
N SER E 438 -58.94 67.88 36.19
CA SER E 438 -57.75 67.17 35.71
C SER E 438 -56.57 67.54 36.59
N GLU E 439 -55.76 66.56 36.95
CA GLU E 439 -54.52 66.78 37.69
C GLU E 439 -53.38 66.05 37.02
N TRP E 440 -52.22 66.69 36.97
CA TRP E 440 -51.04 66.14 36.34
C TRP E 440 -49.93 66.01 37.38
N GLU E 441 -48.85 65.32 36.98
CA GLU E 441 -47.69 65.09 37.84
C GLU E 441 -48.06 64.37 39.13
N LYS E 442 -49.04 63.46 39.06
CA LYS E 442 -49.50 62.69 40.21
C LYS E 442 -48.91 61.28 40.10
N ASP E 443 -47.76 61.08 40.73
CA ASP E 443 -47.02 59.81 40.72
C ASP E 443 -47.06 59.17 39.34
N ASP E 444 -46.87 60.00 38.32
CA ASP E 444 -46.99 59.60 36.92
C ASP E 444 -46.27 60.64 36.08
N ALA E 445 -45.28 60.21 35.30
CA ALA E 445 -44.48 61.16 34.53
C ALA E 445 -45.35 61.89 33.52
N ILE E 446 -44.80 62.97 32.95
CA ILE E 446 -45.58 63.85 32.09
C ILE E 446 -44.90 64.04 30.74
N SER E 447 -43.59 63.82 30.68
CA SER E 447 -42.84 64.04 29.45
C SER E 447 -42.36 62.74 28.83
N ARG E 448 -41.58 61.95 29.55
CA ARG E 448 -41.19 60.62 29.10
C ARG E 448 -42.12 59.56 29.68
N GLN E 449 -43.42 59.76 29.52
CA GLN E 449 -44.40 58.92 30.17
C GLN E 449 -44.85 57.81 29.22
N ASN E 450 -45.65 56.89 29.75
CA ASN E 450 -46.06 55.66 29.08
C ASN E 450 -46.63 55.87 27.69
N GLN E 451 -46.60 54.83 26.88
CA GLN E 451 -47.03 54.89 25.49
C GLN E 451 -48.06 53.80 25.23
N ILE E 452 -49.21 54.19 24.69
CA ILE E 452 -50.28 53.25 24.39
C ILE E 452 -50.74 53.47 22.97
N CYS E 453 -51.38 52.45 22.40
CA CYS E 453 -51.86 52.49 21.02
C CYS E 453 -53.30 52.96 21.02
N LYS E 454 -53.54 54.22 20.63
CA LYS E 454 -54.89 54.75 20.68
C LYS E 454 -55.81 54.04 19.71
N GLY E 455 -55.27 53.53 18.61
CA GLY E 455 -56.01 52.68 17.71
C GLY E 455 -55.85 51.23 18.07
N ASN E 456 -56.17 50.37 17.11
CA ASN E 456 -55.89 48.95 17.25
C ASN E 456 -54.49 48.67 16.71
N VAL E 457 -54.11 47.40 16.64
CA VAL E 457 -52.74 47.06 16.25
C VAL E 457 -52.53 47.37 14.76
N TYR E 458 -51.49 48.11 14.46
CA TYR E 458 -51.11 48.36 13.08
C TYR E 458 -50.59 47.07 12.46
N ALA E 459 -51.10 46.74 11.27
CA ALA E 459 -50.74 45.48 10.63
C ALA E 459 -50.91 45.62 9.13
N MET E 460 -50.34 44.65 8.41
CA MET E 460 -50.43 44.60 6.97
C MET E 460 -50.87 43.19 6.56
N GLU E 461 -51.44 43.09 5.36
CA GLU E 461 -52.13 41.89 4.92
C GLU E 461 -51.33 41.20 3.84
N ILE E 462 -51.53 39.89 3.73
CA ILE E 462 -50.88 39.08 2.71
C ILE E 462 -51.76 37.88 2.42
N ASN E 463 -52.02 37.63 1.14
CA ASN E 463 -52.77 36.45 0.72
C ASN E 463 -51.77 35.30 0.70
N LEU E 464 -51.63 34.64 1.85
CA LEU E 464 -50.62 33.60 1.99
C LEU E 464 -50.87 32.44 1.04
N GLN E 465 -52.12 32.00 0.94
CA GLN E 465 -52.41 30.80 0.16
C GLN E 465 -52.19 31.04 -1.32
N ALA E 466 -52.61 32.20 -1.83
CA ALA E 466 -52.52 32.44 -3.27
C ALA E 466 -51.06 32.50 -3.74
N ASN E 467 -50.19 33.11 -2.94
CA ASN E 467 -48.79 33.23 -3.35
C ASN E 467 -48.14 31.86 -3.53
N LEU E 468 -48.47 30.91 -2.67
CA LEU E 468 -47.97 29.55 -2.85
C LEU E 468 -48.45 28.96 -4.17
N TRP E 469 -49.72 29.18 -4.50
CA TRP E 469 -50.26 28.65 -5.74
C TRP E 469 -49.64 29.34 -6.95
N LYS E 470 -49.37 30.64 -6.85
CA LYS E 470 -48.72 31.34 -7.94
C LYS E 470 -47.27 30.89 -8.11
N SER E 471 -46.56 30.71 -6.99
CA SER E 471 -45.18 30.25 -7.06
C SER E 471 -45.10 28.85 -7.65
N PHE E 472 -46.03 27.98 -7.26
CA PHE E 472 -46.05 26.64 -7.82
C PHE E 472 -46.29 26.66 -9.32
N LEU E 473 -47.21 27.49 -9.78
CA LEU E 473 -47.51 27.58 -11.19
C LEU E 473 -46.33 28.13 -11.98
N TYR E 474 -45.70 29.18 -11.46
CA TYR E 474 -44.63 29.83 -12.20
C TYR E 474 -43.42 28.93 -12.34
N SER E 475 -43.02 28.27 -11.25
CA SER E 475 -41.81 27.47 -11.27
C SER E 475 -41.93 26.27 -12.20
N ASN E 476 -43.12 25.69 -12.29
CA ASN E 476 -43.27 24.38 -12.95
C ASN E 476 -43.99 24.48 -14.29
N VAL E 477 -44.58 25.64 -14.58
CA VAL E 477 -45.27 25.78 -15.86
C VAL E 477 -44.73 26.96 -16.64
N ALA E 478 -44.62 28.12 -16.00
CA ALA E 478 -44.23 29.33 -16.71
C ALA E 478 -42.83 29.22 -17.29
N LEU E 479 -41.89 28.66 -16.51
CA LEU E 479 -40.50 28.63 -16.96
C LEU E 479 -40.27 27.60 -18.04
N TYR E 480 -41.18 26.63 -18.21
CA TYR E 480 -40.99 25.55 -19.14
C TYR E 480 -41.80 25.73 -20.43
N LEU E 481 -42.24 26.95 -20.70
CA LEU E 481 -42.93 27.22 -21.95
C LEU E 481 -41.94 27.22 -23.11
N PRO E 482 -42.43 27.00 -24.33
CA PRO E 482 -41.54 27.04 -25.49
C PRO E 482 -40.89 28.41 -25.63
N ASP E 483 -39.68 28.42 -26.22
CA ASP E 483 -38.86 29.62 -26.23
C ASP E 483 -39.49 30.76 -27.01
N SER E 484 -40.49 30.47 -27.86
CA SER E 484 -41.14 31.54 -28.61
C SER E 484 -41.91 32.48 -27.70
N TYR E 485 -42.50 31.95 -26.62
CA TYR E 485 -43.27 32.80 -25.72
C TYR E 485 -42.37 33.72 -24.92
N LYS E 486 -41.19 33.25 -24.54
CA LYS E 486 -40.29 34.07 -23.74
C LYS E 486 -39.77 35.25 -24.55
N TYR E 487 -39.23 36.24 -23.84
CA TYR E 487 -38.61 37.41 -24.44
C TYR E 487 -37.36 37.78 -23.64
N THR E 488 -36.48 38.52 -24.27
CA THR E 488 -35.28 38.91 -23.53
C THR E 488 -35.37 40.35 -23.08
N PRO E 489 -34.95 40.65 -21.85
CA PRO E 489 -35.06 42.02 -21.35
C PRO E 489 -34.14 42.97 -22.09
N ALA E 490 -34.22 44.24 -21.69
CA ALA E 490 -33.54 45.30 -22.45
C ALA E 490 -32.03 45.24 -22.27
N ASN E 491 -31.54 45.10 -21.05
CA ASN E 491 -30.13 45.28 -20.74
C ASN E 491 -29.41 43.99 -20.39
N VAL E 492 -29.72 42.90 -21.09
CA VAL E 492 -28.94 41.67 -20.96
C VAL E 492 -28.53 41.22 -22.35
N LYS E 493 -27.48 40.41 -22.39
CA LYS E 493 -26.97 39.86 -23.63
C LYS E 493 -26.84 38.35 -23.48
N LEU E 494 -27.22 37.63 -24.51
CA LEU E 494 -27.29 36.17 -24.49
C LEU E 494 -26.51 35.59 -25.65
N PRO E 495 -26.03 34.36 -25.53
CA PRO E 495 -25.29 33.75 -26.64
C PRO E 495 -26.16 33.49 -27.85
N ALA E 496 -25.56 32.99 -28.92
CA ALA E 496 -26.28 32.83 -30.18
C ALA E 496 -27.13 31.55 -30.16
N ASN E 497 -26.48 30.41 -29.98
CA ASN E 497 -27.19 29.14 -30.08
C ASN E 497 -28.15 28.97 -28.91
N THR E 498 -29.36 28.49 -29.22
CA THR E 498 -30.41 28.34 -28.23
C THR E 498 -30.04 27.33 -27.14
N ASN E 499 -29.40 26.24 -27.51
CA ASN E 499 -29.19 25.11 -26.61
C ASN E 499 -28.26 25.42 -25.45
N THR E 500 -27.55 26.54 -25.47
CA THR E 500 -26.69 26.90 -24.36
C THR E 500 -27.50 27.09 -23.09
N TYR E 501 -26.95 26.68 -21.96
CA TYR E 501 -27.64 26.88 -20.69
C TYR E 501 -27.87 28.35 -20.41
N GLU E 502 -26.86 29.18 -20.65
CA GLU E 502 -27.01 30.60 -20.37
C GLU E 502 -27.97 31.29 -21.32
N TYR E 503 -28.38 30.64 -22.40
CA TYR E 503 -29.44 31.21 -23.24
C TYR E 503 -30.80 30.97 -22.60
N MET E 504 -31.16 29.71 -22.35
CA MET E 504 -32.41 29.44 -21.66
C MET E 504 -32.26 29.62 -20.17
N ASN E 505 -31.60 30.69 -19.76
CA ASN E 505 -31.59 31.16 -18.39
C ASN E 505 -31.65 32.67 -18.29
N GLY E 506 -31.38 33.40 -19.37
CA GLY E 506 -31.50 34.84 -19.37
C GLY E 506 -32.87 35.29 -19.84
N ARG E 507 -33.53 34.46 -20.64
CA ARG E 507 -34.85 34.79 -21.12
C ARG E 507 -35.86 34.71 -19.98
N VAL E 508 -36.89 35.54 -20.05
CA VAL E 508 -37.86 35.68 -18.98
C VAL E 508 -39.26 35.56 -19.55
N VAL E 509 -40.09 34.79 -18.86
CA VAL E 509 -41.50 34.65 -19.22
C VAL E 509 -42.31 35.64 -18.42
N ALA E 510 -43.42 36.07 -18.97
CA ALA E 510 -44.34 36.91 -18.22
C ALA E 510 -45.06 36.07 -17.17
N PRO E 511 -45.03 36.45 -15.90
CA PRO E 511 -45.73 35.66 -14.88
C PRO E 511 -47.21 35.50 -15.17
N SER E 512 -47.85 36.51 -15.76
CA SER E 512 -49.27 36.45 -16.04
C SER E 512 -49.61 35.45 -17.14
N LEU E 513 -48.61 34.91 -17.84
CA LEU E 513 -48.89 34.01 -18.95
C LEU E 513 -49.60 32.75 -18.48
N VAL E 514 -49.22 32.24 -17.30
CA VAL E 514 -49.87 31.06 -16.74
C VAL E 514 -50.32 31.37 -15.32
N ASP E 515 -50.66 32.63 -15.06
CA ASP E 515 -51.03 33.06 -13.72
C ASP E 515 -52.22 32.27 -13.18
N ALA E 516 -52.51 32.41 -11.88
CA ALA E 516 -53.44 31.52 -11.20
C ALA E 516 -54.84 31.54 -11.79
N TYR E 517 -55.13 32.41 -12.74
CA TYR E 517 -56.47 32.51 -13.33
C TYR E 517 -56.54 31.89 -14.71
N ILE E 518 -55.87 30.78 -14.96
CA ILE E 518 -55.91 30.12 -16.26
C ILE E 518 -56.71 28.83 -16.13
N ASN E 519 -57.75 28.69 -16.96
CA ASN E 519 -58.55 27.48 -17.01
C ASN E 519 -59.07 27.11 -15.62
N ILE E 520 -59.53 28.12 -14.89
CA ILE E 520 -59.93 27.91 -13.50
C ILE E 520 -61.10 26.93 -13.45
N GLY E 521 -60.96 25.89 -12.64
CA GLY E 521 -61.99 24.89 -12.49
C GLY E 521 -61.91 23.72 -13.44
N ALA E 522 -60.89 23.66 -14.30
CA ALA E 522 -60.76 22.58 -15.26
C ALA E 522 -59.38 21.96 -15.17
N ARG E 523 -59.30 20.68 -15.50
CA ARG E 523 -58.01 19.99 -15.57
C ARG E 523 -57.49 19.98 -17.02
N TRP E 524 -57.32 21.19 -17.55
CA TRP E 524 -56.95 21.39 -18.93
C TRP E 524 -55.47 21.71 -19.01
N SER E 525 -54.70 20.83 -19.65
CA SER E 525 -53.30 21.09 -19.87
C SER E 525 -53.12 22.23 -20.87
N LEU E 526 -52.05 22.99 -20.70
CA LEU E 526 -51.80 24.14 -21.56
C LEU E 526 -51.50 23.68 -22.98
N ASP E 527 -52.32 24.11 -23.93
CA ASP E 527 -52.04 23.81 -25.34
C ASP E 527 -50.68 24.30 -25.81
N PRO E 528 -50.18 25.49 -25.43
CA PRO E 528 -48.84 25.87 -25.87
C PRO E 528 -47.77 24.85 -25.51
N MET E 529 -47.84 24.27 -24.31
CA MET E 529 -46.88 23.28 -23.88
C MET E 529 -47.46 21.88 -23.83
N ASP E 530 -48.53 21.64 -24.57
CA ASP E 530 -49.09 20.28 -24.64
C ASP E 530 -48.11 19.32 -25.29
N ASN E 531 -47.44 19.76 -26.36
CA ASN E 531 -46.54 18.91 -27.12
C ASN E 531 -45.07 19.20 -26.82
N VAL E 532 -44.77 19.80 -25.68
CA VAL E 532 -43.40 19.93 -25.22
C VAL E 532 -43.12 18.77 -24.27
N ASN E 533 -41.87 18.35 -24.20
CA ASN E 533 -41.55 17.14 -23.47
C ASN E 533 -41.81 17.32 -21.98
N PRO E 534 -42.59 16.44 -21.35
CA PRO E 534 -42.89 16.58 -19.93
C PRO E 534 -41.92 15.89 -19.00
N PHE E 535 -40.98 15.11 -19.54
CA PHE E 535 -40.01 14.40 -18.73
C PHE E 535 -38.74 15.20 -18.52
N ASN E 536 -38.80 16.51 -18.68
CA ASN E 536 -37.68 17.42 -18.41
C ASN E 536 -38.18 18.42 -17.38
N HIS E 537 -37.97 18.13 -16.11
CA HIS E 537 -38.58 18.92 -15.05
C HIS E 537 -37.75 18.77 -13.78
N PRO E 538 -37.69 19.79 -12.92
CA PRO E 538 -37.01 19.61 -11.64
C PRO E 538 -37.64 18.52 -10.80
N ARG E 539 -38.97 18.40 -10.85
CA ARG E 539 -39.66 17.31 -10.16
C ARG E 539 -39.90 16.15 -11.11
N ASN E 540 -38.82 15.74 -11.77
CA ASN E 540 -38.75 14.44 -12.43
C ASN E 540 -38.21 13.49 -11.38
N ALA E 541 -39.12 12.95 -10.57
CA ALA E 541 -38.72 12.24 -9.37
C ALA E 541 -37.74 11.12 -9.66
N GLY E 542 -37.82 10.54 -10.86
CA GLY E 542 -36.82 9.58 -11.26
C GLY E 542 -35.45 10.22 -11.50
N LEU E 543 -35.43 11.32 -12.26
CA LEU E 543 -34.16 11.93 -12.63
C LEU E 543 -33.47 12.55 -11.42
N ARG E 544 -34.21 13.33 -10.64
CA ARG E 544 -33.59 13.99 -9.50
C ARG E 544 -33.03 12.98 -8.51
N TYR E 545 -33.52 11.74 -8.53
CA TYR E 545 -32.87 10.69 -7.76
C TYR E 545 -31.56 10.27 -8.41
N ARG E 546 -31.58 10.08 -9.73
CA ARG E 546 -30.37 9.62 -10.41
C ARG E 546 -29.29 10.69 -10.45
N SER E 547 -29.65 11.95 -10.20
CA SER E 547 -28.66 13.01 -10.12
C SER E 547 -28.03 13.08 -8.74
N MET E 548 -28.85 13.09 -7.69
CA MET E 548 -28.31 13.18 -6.34
C MET E 548 -27.55 11.92 -5.97
N LEU E 549 -27.99 10.77 -6.46
CA LEU E 549 -27.31 9.52 -6.16
C LEU E 549 -25.86 9.56 -6.59
N LEU E 550 -25.58 10.24 -7.70
CA LEU E 550 -24.21 10.38 -8.16
C LEU E 550 -23.41 11.28 -7.25
N GLY E 551 -24.02 12.38 -6.80
CA GLY E 551 -23.31 13.33 -5.96
C GLY E 551 -24.08 14.64 -5.90
N ASN E 552 -23.38 15.68 -5.49
CA ASN E 552 -23.97 17.01 -5.42
C ASN E 552 -23.13 18.11 -6.03
N GLY E 553 -21.82 17.93 -6.15
CA GLY E 553 -20.95 18.94 -6.70
C GLY E 553 -20.78 18.81 -8.19
N ARG E 554 -19.82 19.57 -8.72
CA ARG E 554 -19.54 19.54 -10.16
C ARG E 554 -18.63 18.37 -10.51
N TYR E 555 -17.42 18.35 -9.98
CA TYR E 555 -16.48 17.25 -10.22
C TYR E 555 -16.83 16.11 -9.28
N VAL E 556 -17.10 14.93 -9.84
CA VAL E 556 -17.57 13.83 -9.01
C VAL E 556 -17.09 12.50 -9.56
N PRO E 557 -16.24 11.78 -8.84
CA PRO E 557 -15.89 10.42 -9.24
C PRO E 557 -17.11 9.51 -9.15
N PHE E 558 -17.14 8.51 -10.02
CA PHE E 558 -18.25 7.58 -10.04
C PHE E 558 -17.73 6.15 -10.16
N HIS E 559 -18.52 5.22 -9.64
CA HIS E 559 -18.19 3.79 -9.68
C HIS E 559 -19.51 3.07 -9.92
N ILE E 560 -19.82 2.81 -11.17
CA ILE E 560 -21.12 2.27 -11.56
C ILE E 560 -20.94 0.87 -12.11
N GLN E 561 -22.02 0.10 -12.06
CA GLN E 561 -22.07 -1.24 -12.64
C GLN E 561 -23.17 -1.28 -13.68
N VAL E 562 -22.81 -1.59 -14.91
CA VAL E 562 -23.76 -1.62 -16.03
C VAL E 562 -24.14 -3.07 -16.31
N PRO E 563 -25.40 -3.36 -16.54
CA PRO E 563 -25.80 -4.74 -16.80
C PRO E 563 -25.57 -5.13 -18.24
N GLN E 564 -26.04 -6.31 -18.63
CA GLN E 564 -26.07 -6.72 -20.02
C GLN E 564 -27.51 -6.80 -20.49
N LYS E 565 -27.79 -6.23 -21.66
CA LYS E 565 -29.17 -6.11 -22.11
C LYS E 565 -29.31 -6.50 -23.58
N PHE E 566 -28.62 -7.56 -23.98
CA PHE E 566 -28.77 -8.14 -25.31
C PHE E 566 -29.42 -9.50 -25.17
N PHE E 567 -30.46 -9.77 -25.97
CA PHE E 567 -31.32 -10.90 -25.70
C PHE E 567 -30.61 -12.24 -25.85
N ALA E 568 -29.61 -12.32 -26.72
CA ALA E 568 -28.88 -13.57 -26.87
C ALA E 568 -27.87 -13.80 -25.77
N ILE E 569 -27.52 -12.76 -25.01
CA ILE E 569 -26.54 -12.88 -23.93
C ILE E 569 -27.12 -12.53 -22.58
N LYS E 570 -28.30 -11.92 -22.52
CA LYS E 570 -28.83 -11.44 -21.25
C LYS E 570 -28.95 -12.56 -20.24
N ASN E 571 -29.27 -13.77 -20.69
CA ASN E 571 -29.26 -14.94 -19.81
C ASN E 571 -28.93 -16.15 -20.68
N LEU E 572 -27.65 -16.49 -20.75
CA LEU E 572 -27.17 -17.45 -21.73
C LEU E 572 -26.82 -18.81 -21.16
N LEU E 573 -26.34 -18.87 -19.91
CA LEU E 573 -26.00 -20.13 -19.25
C LEU E 573 -25.01 -20.91 -20.10
N LEU E 574 -23.81 -20.35 -20.23
CA LEU E 574 -22.81 -20.90 -21.12
C LEU E 574 -21.94 -21.91 -20.39
N LEU E 575 -21.72 -23.05 -21.04
CA LEU E 575 -21.02 -24.18 -20.47
C LEU E 575 -19.52 -23.88 -20.43
N PRO E 576 -18.72 -24.75 -19.79
CA PRO E 576 -17.29 -24.47 -19.67
C PRO E 576 -16.61 -24.25 -21.00
N GLY E 577 -15.43 -23.66 -20.93
CA GLY E 577 -14.66 -23.30 -22.10
C GLY E 577 -13.86 -22.04 -21.83
N SER E 578 -13.55 -21.32 -22.91
CA SER E 578 -12.84 -20.05 -22.81
C SER E 578 -13.33 -19.16 -23.95
N TYR E 579 -13.92 -18.02 -23.59
CA TYR E 579 -14.52 -17.13 -24.57
C TYR E 579 -13.93 -15.74 -24.43
N THR E 580 -13.70 -15.07 -25.56
CA THR E 580 -13.32 -13.67 -25.53
C THR E 580 -14.58 -12.84 -25.44
N TYR E 581 -14.51 -11.72 -24.76
CA TYR E 581 -15.69 -10.91 -24.47
C TYR E 581 -15.33 -9.44 -24.45
N GLU E 582 -15.68 -8.73 -25.51
CA GLU E 582 -15.33 -7.33 -25.60
C GLU E 582 -16.58 -6.52 -25.91
N TRP E 583 -16.53 -5.23 -25.57
CA TRP E 583 -17.66 -4.36 -25.80
C TRP E 583 -17.16 -2.92 -25.88
N ASN E 584 -17.81 -2.13 -26.72
CA ASN E 584 -17.44 -0.75 -26.93
C ASN E 584 -18.35 0.15 -26.12
N PHE E 585 -17.75 0.99 -25.28
CA PHE E 585 -18.50 1.84 -24.36
C PHE E 585 -18.55 3.26 -24.89
N ARG E 586 -19.76 3.81 -24.93
CA ARG E 586 -19.94 5.19 -25.35
C ARG E 586 -19.20 6.12 -24.42
N LYS E 587 -18.64 7.19 -24.96
CA LYS E 587 -18.00 8.21 -24.16
C LYS E 587 -18.53 9.60 -24.50
N ASP E 588 -19.53 9.70 -25.36
CA ASP E 588 -20.15 10.97 -25.69
C ASP E 588 -20.94 11.46 -24.49
N VAL E 589 -20.54 12.61 -23.94
CA VAL E 589 -21.19 13.13 -22.74
C VAL E 589 -22.67 13.40 -23.00
N ASN E 590 -23.00 13.88 -24.20
CA ASN E 590 -24.37 14.27 -24.49
C ASN E 590 -25.30 13.07 -24.41
N MET E 591 -24.90 11.93 -24.96
CA MET E 591 -25.76 10.76 -24.96
C MET E 591 -25.73 10.03 -23.62
N ILE E 592 -24.57 10.01 -22.95
CA ILE E 592 -24.39 9.17 -21.77
C ILE E 592 -25.32 9.61 -20.65
N LEU E 593 -25.32 10.89 -20.32
CA LEU E 593 -26.04 11.40 -19.16
C LEU E 593 -27.03 12.48 -19.59
N GLN E 594 -28.21 12.45 -19.00
CA GLN E 594 -29.29 13.35 -19.36
C GLN E 594 -29.30 14.56 -18.44
N SER E 595 -29.80 15.67 -18.95
CA SER E 595 -29.94 16.90 -18.21
C SER E 595 -31.41 17.30 -18.14
N SER E 596 -31.82 17.75 -16.96
CA SER E 596 -33.21 18.12 -16.74
C SER E 596 -33.66 19.28 -17.61
N LEU E 597 -32.82 20.31 -17.76
CA LEU E 597 -33.22 21.48 -18.53
C LEU E 597 -33.32 21.19 -20.01
N GLY E 598 -32.82 20.05 -20.48
CA GLY E 598 -32.88 19.73 -21.88
C GLY E 598 -31.83 20.40 -22.73
N ASN E 599 -30.89 21.11 -22.13
CA ASN E 599 -29.91 21.88 -22.87
C ASN E 599 -28.86 20.94 -23.46
N ASP E 600 -27.86 21.54 -24.11
CA ASP E 600 -26.76 20.79 -24.71
C ASP E 600 -25.57 20.79 -23.76
N LEU E 601 -25.04 19.60 -23.50
CA LEU E 601 -23.94 19.44 -22.57
C LEU E 601 -22.58 19.40 -23.25
N ARG E 602 -22.54 18.94 -24.50
CA ARG E 602 -21.28 18.86 -25.23
C ARG E 602 -20.65 20.24 -25.41
N VAL E 603 -21.47 21.27 -25.62
CA VAL E 603 -20.95 22.60 -25.89
C VAL E 603 -20.29 23.19 -24.65
N ASP E 604 -20.93 23.06 -23.49
CA ASP E 604 -20.55 23.81 -22.30
C ASP E 604 -19.88 22.93 -21.25
N GLY E 605 -20.55 21.87 -20.81
CA GLY E 605 -20.00 21.03 -19.78
C GLY E 605 -18.89 20.14 -20.31
N ALA E 606 -18.17 19.53 -19.38
CA ALA E 606 -17.15 18.57 -19.76
C ALA E 606 -17.77 17.19 -19.93
N SER E 607 -16.92 16.18 -20.09
CA SER E 607 -17.33 14.84 -20.43
C SER E 607 -16.81 13.85 -19.39
N VAL E 608 -17.26 12.61 -19.53
CA VAL E 608 -16.82 11.51 -18.66
C VAL E 608 -15.42 11.10 -19.09
N ARG E 609 -14.77 10.29 -18.27
CA ARG E 609 -13.41 9.86 -18.55
C ARG E 609 -13.20 8.50 -17.87
N PHE E 610 -13.33 7.43 -18.64
CA PHE E 610 -13.14 6.11 -18.08
C PHE E 610 -11.69 5.89 -17.68
N ASP E 611 -11.49 5.25 -16.54
CA ASP E 611 -10.16 4.90 -16.07
C ASP E 611 -9.90 3.42 -15.99
N SER E 612 -10.90 2.61 -15.64
CA SER E 612 -10.71 1.17 -15.58
C SER E 612 -12.06 0.49 -15.67
N VAL E 613 -12.11 -0.62 -16.39
CA VAL E 613 -13.32 -1.41 -16.57
C VAL E 613 -12.99 -2.86 -16.26
N ASN E 614 -13.82 -3.51 -15.45
CA ASN E 614 -13.65 -4.91 -15.11
C ASN E 614 -14.96 -5.65 -15.29
N LEU E 615 -14.85 -6.94 -15.56
CA LEU E 615 -16.00 -7.80 -15.76
C LEU E 615 -16.12 -8.70 -14.54
N TYR E 616 -17.30 -8.72 -13.93
CA TYR E 616 -17.56 -9.57 -12.78
C TYR E 616 -18.56 -10.66 -13.15
N ALA E 617 -18.35 -11.85 -12.59
CA ALA E 617 -19.22 -12.98 -12.90
C ALA E 617 -19.22 -13.93 -11.72
N THR E 618 -20.42 -14.27 -11.23
CA THR E 618 -20.57 -15.15 -10.08
C THR E 618 -21.12 -16.49 -10.54
N PHE E 619 -20.46 -17.56 -10.13
CA PHE E 619 -20.86 -18.92 -10.48
C PHE E 619 -21.57 -19.56 -9.30
N PHE E 620 -22.62 -20.30 -9.60
CA PHE E 620 -23.28 -21.09 -8.56
C PHE E 620 -22.36 -22.23 -8.16
N PRO E 621 -21.97 -22.32 -6.89
CA PRO E 621 -21.10 -23.42 -6.49
C PRO E 621 -21.84 -24.74 -6.53
N MET E 622 -21.57 -25.54 -7.56
CA MET E 622 -22.30 -26.77 -7.81
C MET E 622 -21.32 -27.94 -7.80
N ALA E 623 -21.75 -29.05 -7.22
CA ALA E 623 -20.88 -30.22 -7.14
C ALA E 623 -20.44 -30.64 -8.53
N HIS E 624 -19.14 -30.94 -8.66
CA HIS E 624 -18.61 -31.35 -9.95
C HIS E 624 -19.29 -32.61 -10.46
N ASN E 625 -19.86 -33.40 -9.54
CA ASN E 625 -20.57 -34.60 -9.95
C ASN E 625 -21.78 -34.26 -10.80
N THR E 626 -22.53 -33.23 -10.42
CA THR E 626 -23.73 -32.87 -11.15
C THR E 626 -23.52 -31.76 -12.17
N ALA E 627 -22.47 -30.96 -12.04
CA ALA E 627 -22.19 -29.97 -13.07
C ALA E 627 -21.74 -30.64 -14.36
N SER E 628 -21.01 -31.75 -14.25
CA SER E 628 -20.67 -32.53 -15.44
C SER E 628 -21.91 -33.11 -16.08
N THR E 629 -22.85 -33.60 -15.28
CA THR E 629 -24.09 -34.12 -15.83
C THR E 629 -24.90 -33.02 -16.50
N LEU E 630 -25.03 -31.87 -15.84
CA LEU E 630 -25.77 -30.76 -16.44
C LEU E 630 -25.09 -30.30 -17.72
N GLU E 631 -23.77 -30.22 -17.72
CA GLU E 631 -23.05 -29.88 -18.94
C GLU E 631 -23.25 -30.94 -20.00
N ALA E 632 -23.35 -32.21 -19.59
CA ALA E 632 -23.57 -33.28 -20.54
C ALA E 632 -24.92 -33.15 -21.23
N MET E 633 -25.95 -32.77 -20.46
CA MET E 633 -27.27 -32.57 -21.05
C MET E 633 -27.26 -31.39 -22.00
N LEU E 634 -26.75 -30.24 -21.54
CA LEU E 634 -26.81 -29.02 -22.35
C LEU E 634 -25.95 -29.10 -23.59
N ARG E 635 -25.01 -30.03 -23.65
CA ARG E 635 -24.22 -30.22 -24.86
C ARG E 635 -24.97 -31.02 -25.92
N ASN E 636 -26.11 -31.59 -25.57
CA ASN E 636 -26.85 -32.42 -26.50
C ASN E 636 -27.43 -31.57 -27.63
N ASP E 637 -27.64 -32.19 -28.78
CA ASP E 637 -28.19 -31.47 -29.91
C ASP E 637 -29.68 -31.18 -29.73
N THR E 638 -30.39 -32.06 -29.02
CA THR E 638 -31.85 -31.96 -28.96
C THR E 638 -32.30 -30.66 -28.29
N HIS E 639 -31.65 -30.28 -27.20
CA HIS E 639 -32.08 -29.15 -26.40
C HIS E 639 -30.96 -28.14 -26.27
N ASP E 640 -31.24 -26.91 -26.71
CA ASP E 640 -30.30 -25.81 -26.63
C ASP E 640 -31.06 -24.55 -26.29
N GLN E 641 -30.38 -23.61 -25.63
CA GLN E 641 -31.04 -22.40 -25.19
C GLN E 641 -31.60 -21.64 -26.37
N SER E 642 -32.76 -21.02 -26.18
CA SER E 642 -33.39 -20.21 -27.21
C SER E 642 -34.13 -19.06 -26.57
N PHE E 643 -33.77 -17.83 -26.95
CA PHE E 643 -34.41 -16.65 -26.40
C PHE E 643 -34.91 -15.77 -27.54
N ASN E 644 -35.87 -14.92 -27.22
CA ASN E 644 -36.42 -13.98 -28.19
C ASN E 644 -36.42 -12.58 -27.61
N ASP E 645 -36.11 -11.61 -28.45
CA ASP E 645 -36.17 -10.21 -28.04
C ASP E 645 -37.59 -9.90 -27.55
N TYR E 646 -37.68 -9.20 -26.43
CA TYR E 646 -38.99 -8.92 -25.84
C TYR E 646 -39.83 -8.04 -26.75
N LEU E 647 -39.26 -6.94 -27.24
CA LEU E 647 -39.99 -6.08 -28.16
C LEU E 647 -40.30 -6.83 -29.45
N SER E 648 -39.30 -7.51 -30.01
CA SER E 648 -39.46 -8.34 -31.20
C SER E 648 -40.10 -7.55 -32.35
N ALA E 649 -39.40 -6.51 -32.79
CA ALA E 649 -39.94 -5.66 -33.84
C ALA E 649 -38.81 -5.09 -34.68
N ALA E 650 -39.16 -4.68 -35.90
CA ALA E 650 -38.23 -4.10 -36.85
C ALA E 650 -38.54 -2.62 -36.97
N ASN E 651 -37.68 -1.79 -36.38
CA ASN E 651 -37.96 -0.37 -36.26
C ASN E 651 -37.53 0.38 -37.52
N MET E 652 -38.45 1.19 -38.05
CA MET E 652 -38.14 2.10 -39.14
C MET E 652 -38.58 3.50 -38.75
N LEU E 653 -37.80 4.49 -39.14
CA LEU E 653 -38.07 5.89 -38.82
C LEU E 653 -38.27 6.65 -40.12
N TYR E 654 -39.51 7.07 -40.38
CA TYR E 654 -39.83 7.81 -41.58
C TYR E 654 -39.93 9.28 -41.25
N PRO E 655 -39.09 10.13 -41.84
CA PRO E 655 -39.12 11.56 -41.50
C PRO E 655 -40.43 12.20 -41.91
N ILE E 656 -40.86 13.17 -41.12
CA ILE E 656 -42.07 13.95 -41.38
C ILE E 656 -41.64 15.40 -41.58
N PRO E 657 -41.90 16.00 -42.74
CA PRO E 657 -41.48 17.38 -42.97
C PRO E 657 -42.17 18.33 -41.99
N ALA E 658 -41.51 19.47 -41.78
CA ALA E 658 -42.05 20.47 -40.86
C ALA E 658 -43.39 20.96 -41.34
N LYS E 659 -44.35 21.03 -40.41
CA LYS E 659 -45.69 21.54 -40.68
C LYS E 659 -46.42 20.75 -41.77
N ALA E 660 -46.10 19.47 -41.88
CA ALA E 660 -46.76 18.59 -42.85
C ALA E 660 -47.69 17.64 -42.10
N THR E 661 -48.86 17.40 -42.69
CA THR E 661 -49.92 16.67 -42.01
C THR E 661 -50.17 15.28 -42.56
N ASN E 662 -49.46 14.86 -43.60
CA ASN E 662 -49.69 13.56 -44.22
C ASN E 662 -48.35 12.89 -44.49
N VAL E 663 -48.21 11.65 -44.05
CA VAL E 663 -46.97 10.90 -44.26
C VAL E 663 -47.28 9.58 -44.97
N PRO E 664 -47.03 9.49 -46.26
CA PRO E 664 -47.28 8.26 -47.03
C PRO E 664 -46.13 7.25 -47.05
N ILE E 665 -46.06 6.42 -46.02
CA ILE E 665 -45.08 5.34 -45.98
C ILE E 665 -45.46 4.29 -47.02
N SER E 666 -44.52 3.41 -47.34
CA SER E 666 -44.77 2.35 -48.31
C SER E 666 -43.72 1.27 -48.16
N ILE E 667 -44.17 0.01 -48.20
CA ILE E 667 -43.26 -1.14 -48.09
C ILE E 667 -43.40 -1.97 -49.37
N PRO E 668 -42.29 -2.30 -50.03
CA PRO E 668 -42.38 -3.10 -51.26
C PRO E 668 -42.83 -4.52 -50.97
N SER E 669 -43.15 -5.23 -52.04
CA SER E 669 -43.67 -6.58 -51.91
C SER E 669 -42.69 -7.50 -51.20
N ARG E 670 -43.21 -8.33 -50.30
CA ARG E 670 -42.42 -9.29 -49.53
C ARG E 670 -43.40 -10.26 -48.89
N ASN E 671 -42.90 -11.10 -48.00
CA ASN E 671 -43.70 -12.09 -47.33
C ASN E 671 -44.03 -11.64 -45.91
N TRP E 672 -45.17 -12.08 -45.41
CA TRP E 672 -45.69 -11.71 -44.09
C TRP E 672 -46.01 -12.96 -43.29
N ALA E 673 -45.05 -13.88 -43.23
CA ALA E 673 -45.31 -15.23 -42.73
C ALA E 673 -45.93 -15.22 -41.34
N ALA E 674 -45.30 -14.53 -40.40
CA ALA E 674 -45.79 -14.48 -39.03
C ALA E 674 -45.79 -13.05 -38.51
N PHE E 675 -46.28 -12.14 -39.34
CA PHE E 675 -46.43 -10.75 -38.92
C PHE E 675 -47.39 -10.67 -37.72
N ARG E 676 -47.10 -9.75 -36.81
CA ARG E 676 -47.84 -9.67 -35.56
C ARG E 676 -48.53 -8.34 -35.31
N GLY E 677 -48.32 -7.33 -36.15
CA GLY E 677 -49.03 -6.09 -36.02
C GLY E 677 -48.11 -4.90 -35.92
N TRP E 678 -48.67 -3.72 -36.14
CA TRP E 678 -47.93 -2.47 -36.15
C TRP E 678 -47.89 -1.87 -34.74
N SER E 679 -47.03 -0.86 -34.60
CA SER E 679 -46.96 -0.05 -33.38
C SER E 679 -46.26 1.24 -33.74
N PHE E 680 -46.97 2.35 -33.71
CA PHE E 680 -46.44 3.61 -34.19
C PHE E 680 -46.57 4.70 -33.13
N THR E 681 -45.57 5.57 -33.09
CA THR E 681 -45.59 6.72 -32.19
C THR E 681 -44.60 7.76 -32.70
N ARG E 682 -45.07 8.97 -32.92
CA ARG E 682 -44.26 10.01 -33.51
C ARG E 682 -43.40 10.69 -32.45
N LEU E 683 -42.10 10.82 -32.71
CA LEU E 683 -41.21 11.52 -31.81
C LEU E 683 -40.42 12.58 -32.58
N LYS E 684 -40.02 13.62 -31.85
CA LYS E 684 -39.38 14.77 -32.46
C LYS E 684 -37.99 14.41 -32.97
N THR E 685 -37.58 15.05 -34.07
CA THR E 685 -36.29 14.74 -34.67
C THR E 685 -35.13 15.42 -33.97
N LYS E 686 -35.40 16.47 -33.19
CA LYS E 686 -34.34 17.11 -32.43
C LYS E 686 -33.80 16.16 -31.37
N GLU E 687 -34.68 15.40 -30.74
CA GLU E 687 -34.33 14.54 -29.62
C GLU E 687 -33.96 13.12 -30.04
N THR E 688 -33.96 12.81 -31.33
CA THR E 688 -33.66 11.47 -31.78
C THR E 688 -32.32 11.43 -32.47
N PRO E 689 -31.33 10.75 -31.91
CA PRO E 689 -30.04 10.62 -32.57
C PRO E 689 -30.08 9.54 -33.64
N SER E 690 -29.00 9.48 -34.41
CA SER E 690 -28.82 8.40 -35.39
C SER E 690 -27.97 7.32 -34.73
N LEU E 691 -28.59 6.17 -34.45
CA LEU E 691 -27.89 5.10 -33.75
C LEU E 691 -26.92 4.34 -34.64
N GLY E 692 -27.08 4.42 -35.96
CA GLY E 692 -26.12 3.79 -36.85
C GLY E 692 -24.74 4.39 -36.72
N SER E 693 -24.66 5.72 -36.64
CA SER E 693 -23.38 6.38 -36.51
C SER E 693 -22.77 6.11 -35.14
N GLY E 694 -21.46 5.91 -35.10
CA GLY E 694 -20.77 5.79 -33.83
C GLY E 694 -20.83 7.07 -33.02
N PHE E 695 -20.79 8.22 -33.70
CA PHE E 695 -20.88 9.50 -33.03
C PHE E 695 -21.30 10.54 -34.07
N ASP E 696 -22.39 11.26 -33.80
CA ASP E 696 -22.89 12.23 -34.75
C ASP E 696 -22.83 13.63 -34.17
N PRO E 697 -22.46 14.63 -34.95
CA PRO E 697 -22.34 16.00 -34.45
C PRO E 697 -23.60 16.83 -34.52
N TYR E 698 -24.69 16.30 -35.08
CA TYR E 698 -25.94 17.03 -35.17
C TYR E 698 -26.86 16.81 -33.98
N PHE E 699 -26.48 15.94 -33.05
CA PHE E 699 -27.31 15.58 -31.91
C PHE E 699 -26.85 16.42 -30.73
N VAL E 700 -27.60 17.48 -30.43
CA VAL E 700 -27.25 18.39 -29.36
C VAL E 700 -28.22 18.31 -28.18
N TYR E 701 -29.47 17.93 -28.41
CA TYR E 701 -30.42 17.80 -27.31
C TYR E 701 -29.96 16.70 -26.35
N SER E 702 -30.23 16.92 -25.07
CA SER E 702 -29.93 15.93 -24.04
C SER E 702 -31.02 15.97 -23.00
N GLY E 703 -31.52 14.80 -22.61
CA GLY E 703 -32.44 14.76 -21.49
C GLY E 703 -33.59 13.78 -21.56
N SER E 704 -34.14 13.49 -22.73
CA SER E 704 -35.20 12.49 -22.80
C SER E 704 -34.84 11.33 -23.72
N ILE E 705 -34.55 11.60 -25.00
CA ILE E 705 -34.36 10.58 -26.03
C ILE E 705 -35.44 9.51 -25.89
N PRO E 706 -36.69 9.80 -26.26
CA PRO E 706 -37.74 8.78 -26.16
C PRO E 706 -37.54 7.62 -27.11
N TYR E 707 -36.58 7.69 -28.02
CA TYR E 707 -36.39 6.61 -28.98
C TYR E 707 -36.00 5.31 -28.28
N LEU E 708 -35.14 5.39 -27.29
CA LEU E 708 -34.66 4.22 -26.55
C LEU E 708 -34.90 4.38 -25.05
N ASP E 709 -36.01 5.00 -24.67
CA ASP E 709 -36.37 5.12 -23.26
C ASP E 709 -37.82 4.78 -22.96
N GLY E 710 -38.70 4.72 -23.93
CA GLY E 710 -40.10 4.46 -23.66
C GLY E 710 -40.88 5.66 -23.18
N THR E 711 -40.27 6.84 -23.14
CA THR E 711 -40.95 8.04 -22.65
C THR E 711 -41.51 8.83 -23.83
N PHE E 712 -42.57 8.32 -24.40
CA PHE E 712 -43.12 8.97 -25.56
C PHE E 712 -44.14 9.97 -25.20
N TYR E 713 -44.14 11.12 -25.85
CA TYR E 713 -45.07 12.15 -25.57
C TYR E 713 -46.00 12.68 -26.62
N LEU E 714 -45.93 12.27 -27.86
CA LEU E 714 -46.73 12.85 -28.89
C LEU E 714 -47.62 11.87 -29.51
N ASN E 715 -48.03 10.87 -28.78
CA ASN E 715 -48.97 9.97 -29.33
C ASN E 715 -50.18 10.70 -29.66
N HIS E 716 -50.52 11.71 -28.91
CA HIS E 716 -51.76 12.36 -29.13
C HIS E 716 -51.95 12.94 -30.44
N THR E 717 -50.97 13.42 -31.11
CA THR E 717 -51.26 14.03 -32.34
C THR E 717 -51.35 13.12 -33.49
N PHE E 718 -52.33 12.26 -33.68
CA PHE E 718 -52.39 11.43 -34.88
C PHE E 718 -53.85 11.48 -35.20
N LYS E 719 -54.33 11.22 -36.41
CA LYS E 719 -55.74 11.18 -36.69
C LYS E 719 -56.25 9.95 -37.43
N LYS E 720 -55.85 9.58 -38.65
CA LYS E 720 -56.24 8.35 -39.30
C LYS E 720 -54.99 7.58 -39.67
N VAL E 721 -55.19 6.34 -40.12
CA VAL E 721 -54.08 5.43 -40.43
C VAL E 721 -54.16 4.94 -41.87
N SER E 722 -55.28 4.34 -42.26
CA SER E 722 -55.53 3.94 -43.64
C SER E 722 -54.51 2.93 -44.14
N ILE E 723 -54.48 1.77 -43.48
CA ILE E 723 -53.71 0.66 -43.99
C ILE E 723 -54.30 0.20 -45.32
N MET E 724 -53.44 -0.29 -46.20
CA MET E 724 -53.90 -0.80 -47.48
C MET E 724 -52.81 -1.69 -48.08
N PHE E 725 -53.19 -2.89 -48.45
CA PHE E 725 -52.29 -3.80 -49.14
C PHE E 725 -52.24 -3.41 -50.62
N ASP E 726 -51.73 -4.30 -51.48
CA ASP E 726 -51.46 -3.96 -52.87
C ASP E 726 -52.69 -3.34 -53.55
N SER E 727 -53.83 -4.00 -53.45
CA SER E 727 -55.05 -3.52 -54.10
C SER E 727 -56.21 -3.47 -53.12
N SER E 728 -56.23 -4.39 -52.15
CA SER E 728 -57.27 -4.42 -51.14
C SER E 728 -57.33 -3.09 -50.42
N VAL E 729 -58.40 -2.32 -50.66
CA VAL E 729 -58.48 -0.91 -50.31
C VAL E 729 -58.17 -0.69 -48.84
N SER E 730 -58.36 -1.72 -48.03
CA SER E 730 -58.06 -1.61 -46.60
C SER E 730 -57.88 -3.01 -46.03
N TRP E 731 -56.90 -3.14 -45.16
CA TRP E 731 -56.75 -4.36 -44.38
C TRP E 731 -57.74 -4.49 -43.22
N PRO E 732 -58.11 -3.38 -42.51
CA PRO E 732 -58.89 -3.54 -41.27
C PRO E 732 -59.99 -4.57 -41.32
N GLY E 733 -60.47 -4.87 -42.51
CA GLY E 733 -61.31 -6.02 -42.70
C GLY E 733 -62.37 -5.76 -43.72
N ASN E 734 -63.32 -6.68 -43.79
CA ASN E 734 -64.43 -6.56 -44.72
C ASN E 734 -65.31 -5.37 -44.34
N ASP E 735 -65.84 -5.38 -43.11
CA ASP E 735 -66.63 -4.26 -42.63
C ASP E 735 -66.41 -4.01 -41.14
N ARG E 736 -65.22 -4.28 -40.63
CA ARG E 736 -65.03 -4.39 -39.20
C ARG E 736 -65.21 -3.08 -38.45
N LEU E 737 -65.05 -1.93 -39.11
CA LEU E 737 -65.03 -0.66 -38.41
C LEU E 737 -66.23 0.20 -38.76
N LEU E 738 -66.55 1.12 -37.86
CA LEU E 738 -67.66 2.04 -38.10
C LEU E 738 -67.40 2.90 -39.32
N THR E 739 -66.18 3.37 -39.49
CA THR E 739 -65.76 3.96 -40.75
C THR E 739 -64.90 2.94 -41.46
N PRO E 740 -65.49 2.05 -42.27
CA PRO E 740 -64.76 0.86 -42.72
C PRO E 740 -63.56 1.15 -43.60
N ASN E 741 -63.51 2.32 -44.22
CA ASN E 741 -62.41 2.59 -45.15
C ASN E 741 -61.06 2.62 -44.45
N GLU E 742 -60.99 3.25 -43.27
CA GLU E 742 -59.72 3.43 -42.60
C GLU E 742 -59.94 3.65 -41.12
N PHE E 743 -58.89 3.38 -40.34
CA PHE E 743 -58.92 3.67 -38.91
C PHE E 743 -59.07 5.16 -38.68
N GLU E 744 -59.84 5.52 -37.66
CA GLU E 744 -60.05 6.91 -37.29
C GLU E 744 -59.80 7.07 -35.81
N ILE E 745 -58.95 8.03 -35.44
CA ILE E 745 -58.50 8.10 -34.06
C ILE E 745 -59.24 9.18 -33.28
N LYS E 746 -59.11 10.44 -33.69
CA LYS E 746 -59.66 11.54 -32.91
C LYS E 746 -60.41 12.52 -33.78
N ARG E 747 -61.35 12.02 -34.59
CA ARG E 747 -62.26 12.91 -35.29
C ARG E 747 -62.86 13.91 -34.32
N SER E 748 -62.55 15.17 -34.52
CA SER E 748 -62.88 16.16 -33.50
C SER E 748 -63.65 17.35 -34.02
N VAL E 749 -63.38 17.79 -35.25
CA VAL E 749 -64.05 18.98 -35.77
C VAL E 749 -65.55 18.76 -35.83
N ASP E 750 -65.97 17.58 -36.29
CA ASP E 750 -67.38 17.31 -36.48
C ASP E 750 -67.79 16.03 -35.76
N GLY E 751 -68.99 15.53 -36.06
CA GLY E 751 -69.40 14.25 -35.54
C GLY E 751 -70.89 14.06 -35.42
N GLU E 752 -71.37 12.89 -35.85
CA GLU E 752 -72.71 12.42 -35.54
C GLU E 752 -72.77 11.74 -34.19
N GLY E 753 -71.65 11.71 -33.48
CA GLY E 753 -71.51 11.01 -32.23
C GLY E 753 -70.76 9.71 -32.46
N TYR E 754 -69.44 9.76 -32.28
CA TYR E 754 -68.61 8.56 -32.34
C TYR E 754 -67.50 8.61 -31.30
N ASN E 755 -67.48 9.63 -30.46
CA ASN E 755 -66.46 9.79 -29.44
C ASN E 755 -66.83 8.98 -28.20
N VAL E 756 -65.83 8.74 -27.35
CA VAL E 756 -66.01 7.98 -26.12
C VAL E 756 -65.25 8.65 -25.00
N ALA E 757 -65.52 8.18 -23.78
CA ALA E 757 -64.83 8.61 -22.57
C ALA E 757 -64.93 10.11 -22.36
N GLN E 758 -65.93 10.76 -22.96
CA GLN E 758 -66.08 12.21 -22.87
C GLN E 758 -64.81 12.92 -23.35
N CYS E 759 -64.22 12.40 -24.43
CA CYS E 759 -63.09 13.04 -25.08
C CYS E 759 -63.38 12.98 -26.58
N ASN E 760 -62.38 13.22 -27.41
CA ASN E 760 -62.58 13.22 -28.85
C ASN E 760 -62.09 11.95 -29.53
N MET E 761 -61.58 10.97 -28.78
CA MET E 761 -61.17 9.71 -29.37
C MET E 761 -62.38 8.94 -29.88
N THR E 762 -62.25 8.33 -31.06
CA THR E 762 -63.35 7.65 -31.70
C THR E 762 -63.71 6.35 -30.98
N LYS E 763 -64.97 5.93 -31.15
CA LYS E 763 -65.42 4.69 -30.53
C LYS E 763 -64.62 3.49 -31.02
N ASP E 764 -64.50 3.35 -32.33
CA ASP E 764 -63.84 2.17 -32.88
C ASP E 764 -62.37 2.11 -32.47
N TRP E 765 -61.69 3.26 -32.49
CA TRP E 765 -60.28 3.27 -32.10
C TRP E 765 -60.11 2.93 -30.63
N PHE E 766 -61.00 3.45 -29.78
CA PHE E 766 -60.95 3.08 -28.38
C PHE E 766 -61.14 1.58 -28.21
N LEU E 767 -62.03 0.99 -29.02
CA LEU E 767 -62.22 -0.45 -28.97
C LEU E 767 -60.94 -1.19 -29.33
N VAL E 768 -60.23 -0.73 -30.36
CA VAL E 768 -59.04 -1.44 -30.82
C VAL E 768 -57.97 -1.45 -29.72
N GLN E 769 -57.72 -0.29 -29.12
CA GLN E 769 -56.74 -0.22 -28.05
C GLN E 769 -57.18 -1.05 -26.84
N MET E 770 -58.44 -0.91 -26.44
CA MET E 770 -58.95 -1.67 -25.31
C MET E 770 -59.05 -3.15 -25.61
N LEU E 771 -58.91 -3.53 -26.88
CA LEU E 771 -58.96 -4.94 -27.27
C LEU E 771 -57.59 -5.52 -27.53
N SER E 772 -56.57 -4.68 -27.62
CA SER E 772 -55.23 -5.18 -27.90
C SER E 772 -54.44 -5.43 -26.61
N HIS E 773 -54.34 -4.41 -25.76
CA HIS E 773 -53.63 -4.57 -24.49
C HIS E 773 -54.31 -5.60 -23.60
N TYR E 774 -55.63 -5.55 -23.53
CA TYR E 774 -56.42 -6.52 -22.78
C TYR E 774 -57.61 -6.93 -23.65
N ASN E 775 -58.24 -8.03 -23.30
CA ASN E 775 -59.38 -8.53 -24.09
C ASN E 775 -60.69 -8.08 -23.48
N ILE E 776 -60.89 -6.78 -23.33
CA ILE E 776 -62.06 -6.27 -22.62
C ILE E 776 -62.95 -5.47 -23.58
N GLY E 777 -63.01 -5.90 -24.83
CA GLY E 777 -63.82 -5.19 -25.79
C GLY E 777 -65.23 -5.73 -26.00
N TYR E 778 -65.35 -7.02 -26.26
CA TYR E 778 -66.62 -7.57 -26.71
C TYR E 778 -67.60 -7.85 -25.58
N GLN E 779 -67.15 -7.85 -24.33
CA GLN E 779 -68.02 -8.09 -23.18
C GLN E 779 -67.79 -6.97 -22.18
N GLY E 780 -68.47 -5.85 -22.40
CA GLY E 780 -68.40 -4.72 -21.49
C GLY E 780 -67.06 -4.04 -21.45
N PHE E 781 -67.03 -2.82 -20.92
CA PHE E 781 -65.80 -2.10 -20.65
C PHE E 781 -65.67 -1.96 -19.14
N HIS E 782 -64.47 -2.23 -18.64
CA HIS E 782 -64.22 -2.12 -17.21
C HIS E 782 -62.73 -1.93 -16.99
N VAL E 783 -62.38 -1.44 -15.82
CA VAL E 783 -60.95 -1.26 -15.54
C VAL E 783 -60.27 -2.62 -15.54
N PRO E 784 -59.17 -2.80 -16.23
CA PRO E 784 -58.48 -4.10 -16.23
C PRO E 784 -57.83 -4.35 -14.88
N GLU E 785 -57.51 -5.62 -14.65
CA GLU E 785 -56.91 -6.02 -13.38
C GLU E 785 -55.57 -5.33 -13.19
N GLY E 786 -55.16 -5.22 -11.93
CA GLY E 786 -53.96 -4.45 -11.61
C GLY E 786 -52.72 -4.95 -12.32
N TYR E 787 -52.56 -6.26 -12.44
CA TYR E 787 -51.38 -6.79 -13.10
C TYR E 787 -51.47 -6.65 -14.62
N LYS E 788 -52.68 -6.70 -15.18
CA LYS E 788 -52.83 -6.64 -16.63
C LYS E 788 -52.38 -5.30 -17.18
N ASP E 789 -52.69 -4.21 -16.50
CA ASP E 789 -52.26 -2.88 -16.92
C ASP E 789 -51.03 -2.48 -16.13
N ARG E 790 -50.02 -1.97 -16.83
CA ARG E 790 -48.78 -1.62 -16.17
C ARG E 790 -48.36 -0.21 -16.55
N MET E 791 -47.12 0.16 -16.23
CA MET E 791 -46.68 1.53 -16.47
C MET E 791 -46.75 1.88 -17.95
N TYR E 792 -46.28 0.99 -18.81
CA TYR E 792 -46.32 1.22 -20.26
C TYR E 792 -47.55 0.54 -20.88
N SER E 793 -48.72 1.07 -20.56
CA SER E 793 -49.96 0.56 -21.16
C SER E 793 -51.01 1.60 -21.26
N PHE E 794 -52.16 1.32 -21.81
CA PHE E 794 -53.14 2.32 -22.10
C PHE E 794 -53.85 2.91 -21.00
N PHE E 795 -54.61 2.13 -20.31
CA PHE E 795 -55.49 2.71 -19.35
C PHE E 795 -54.78 3.46 -18.32
N ARG E 796 -53.66 3.01 -17.88
CA ARG E 796 -53.08 3.73 -16.81
C ARG E 796 -52.83 5.08 -17.29
N ASN E 797 -52.40 5.20 -18.52
CA ASN E 797 -52.01 6.48 -18.99
C ASN E 797 -52.96 7.27 -19.81
N PHE E 798 -54.16 6.81 -20.12
CA PHE E 798 -55.10 7.65 -20.86
C PHE E 798 -55.63 8.71 -19.98
N GLN E 799 -55.83 9.91 -20.45
CA GLN E 799 -56.28 10.94 -19.63
C GLN E 799 -57.10 11.92 -20.45
N PRO E 800 -58.43 11.90 -20.42
CA PRO E 800 -59.25 12.90 -21.11
C PRO E 800 -59.39 14.17 -20.32
N MET E 801 -59.82 15.23 -21.00
CA MET E 801 -59.98 16.53 -20.36
C MET E 801 -60.83 17.41 -21.27
N SER E 802 -61.39 18.47 -20.70
CA SER E 802 -62.23 19.39 -21.44
C SER E 802 -62.24 20.74 -20.73
N ARG E 803 -62.63 21.76 -21.48
CA ARG E 803 -62.74 23.10 -20.92
C ARG E 803 -63.71 23.90 -21.77
N GLN E 804 -64.16 25.03 -21.23
CA GLN E 804 -65.06 25.94 -21.91
C GLN E 804 -64.35 27.27 -22.14
N VAL E 805 -64.38 27.75 -23.38
CA VAL E 805 -63.72 29.00 -23.74
C VAL E 805 -64.77 29.96 -24.26
N VAL E 806 -64.46 31.25 -24.18
CA VAL E 806 -65.42 32.28 -24.58
C VAL E 806 -65.71 32.14 -26.06
N ASP E 807 -66.99 32.19 -26.41
CA ASP E 807 -67.40 32.12 -27.81
C ASP E 807 -67.03 33.42 -28.50
N GLU E 808 -66.13 33.34 -29.48
CA GLU E 808 -65.64 34.53 -30.15
C GLU E 808 -66.60 35.06 -31.20
N ILE E 809 -67.69 34.36 -31.48
CA ILE E 809 -68.62 34.74 -32.53
C ILE E 809 -70.02 34.98 -31.98
N ASN E 810 -70.55 34.04 -31.20
CA ASN E 810 -71.89 34.19 -30.65
C ASN E 810 -71.98 35.23 -29.54
N TYR E 811 -70.85 35.75 -29.07
CA TYR E 811 -70.87 36.80 -28.07
C TYR E 811 -70.96 38.15 -28.77
N LYS E 812 -71.99 38.93 -28.42
CA LYS E 812 -72.24 40.19 -29.12
C LYS E 812 -71.09 41.16 -28.95
N ASP E 813 -70.68 41.39 -27.71
CA ASP E 813 -69.56 42.27 -27.41
C ASP E 813 -68.43 41.43 -26.84
N TYR E 814 -67.31 41.38 -27.56
CA TYR E 814 -66.17 40.58 -27.15
C TYR E 814 -64.93 41.14 -27.83
N LYS E 815 -63.99 41.64 -27.04
CA LYS E 815 -62.77 42.22 -27.55
C LYS E 815 -61.60 41.29 -27.23
N ALA E 816 -60.83 40.94 -28.26
CA ALA E 816 -59.68 40.06 -28.09
C ALA E 816 -58.52 40.90 -27.56
N VAL E 817 -58.11 40.64 -26.33
CA VAL E 817 -57.05 41.39 -25.68
C VAL E 817 -55.78 40.55 -25.68
N THR E 818 -54.70 41.11 -26.18
CA THR E 818 -53.41 40.42 -26.20
C THR E 818 -52.80 40.42 -24.80
N LEU E 819 -51.68 39.71 -24.66
CA LEU E 819 -51.03 39.62 -23.36
C LEU E 819 -50.57 40.95 -22.80
N PRO E 820 -49.89 41.83 -23.55
CA PRO E 820 -49.33 43.02 -22.91
C PRO E 820 -50.35 44.10 -22.62
N PHE E 821 -51.64 43.76 -22.65
CA PHE E 821 -52.69 44.72 -22.33
C PHE E 821 -53.72 44.20 -21.33
N GLN E 822 -53.74 42.90 -21.05
CA GLN E 822 -54.71 42.35 -20.09
C GLN E 822 -54.17 42.52 -18.68
N HIS E 823 -54.74 43.46 -17.94
CA HIS E 823 -54.29 43.75 -16.58
C HIS E 823 -55.17 43.00 -15.59
N ASN E 824 -54.60 41.99 -14.95
CA ASN E 824 -55.23 41.34 -13.82
C ASN E 824 -54.30 41.43 -12.62
N ASN E 825 -54.91 41.57 -11.44
CA ASN E 825 -54.16 41.64 -10.19
C ASN E 825 -53.14 42.76 -10.21
N SER E 826 -53.43 43.81 -10.98
CA SER E 826 -52.46 44.87 -11.19
C SER E 826 -52.18 45.62 -9.90
N GLY E 827 -50.98 46.16 -9.78
CA GLY E 827 -50.56 46.87 -8.60
C GLY E 827 -50.03 46.00 -7.48
N PHE E 828 -50.19 44.68 -7.58
CA PHE E 828 -49.66 43.76 -6.59
C PHE E 828 -48.77 42.70 -7.21
N THR E 829 -48.35 42.88 -8.46
CA THR E 829 -47.52 41.89 -9.14
C THR E 829 -46.76 42.58 -10.27
N GLY E 830 -45.72 41.91 -10.74
CA GLY E 830 -44.87 42.49 -11.77
C GLY E 830 -45.59 42.68 -13.08
N TYR E 831 -45.10 43.64 -13.86
CA TYR E 831 -45.73 43.97 -15.15
C TYR E 831 -45.63 42.80 -16.11
N LEU E 832 -44.41 42.43 -16.49
CA LEU E 832 -44.21 41.30 -17.40
C LEU E 832 -43.05 40.41 -16.98
N ALA E 833 -42.55 40.57 -15.76
CA ALA E 833 -41.43 39.80 -15.29
C ALA E 833 -41.65 39.47 -13.82
N PRO E 834 -40.88 38.57 -13.23
CA PRO E 834 -41.01 38.33 -11.79
C PRO E 834 -40.38 39.44 -10.97
N THR E 835 -40.14 40.59 -11.59
CA THR E 835 -39.52 41.72 -10.92
C THR E 835 -40.47 42.31 -9.88
N MET E 836 -40.04 43.42 -9.28
CA MET E 836 -40.76 44.03 -8.18
C MET E 836 -42.18 44.38 -8.58
N ARG E 837 -43.08 44.31 -7.61
CA ARG E 837 -44.47 44.69 -7.83
C ARG E 837 -44.56 46.14 -8.31
N GLN E 838 -45.40 46.38 -9.30
CA GLN E 838 -45.54 47.71 -9.87
C GLN E 838 -46.94 47.87 -10.42
N GLY E 839 -47.48 49.09 -10.31
CA GLY E 839 -48.79 49.37 -10.86
C GLY E 839 -49.73 50.01 -9.86
N GLN E 840 -51.02 49.82 -10.05
CA GLN E 840 -52.03 50.34 -9.13
C GLN E 840 -53.18 49.35 -9.05
N PRO E 841 -53.91 49.35 -7.95
CA PRO E 841 -55.14 48.54 -7.90
C PRO E 841 -56.18 49.08 -8.86
N TYR E 842 -56.96 48.17 -9.43
CA TYR E 842 -57.97 48.52 -10.43
C TYR E 842 -58.78 47.30 -10.77
N PRO E 843 -60.05 47.44 -11.15
CA PRO E 843 -60.80 46.29 -11.65
C PRO E 843 -60.10 45.69 -12.85
N ALA E 844 -60.03 44.37 -12.88
CA ALA E 844 -59.10 43.65 -13.73
C ALA E 844 -59.84 42.76 -14.71
N ASN E 845 -59.38 42.77 -15.98
CA ASN E 845 -60.01 41.96 -17.03
C ASN E 845 -58.97 41.23 -17.87
N PHE E 846 -58.42 40.13 -17.38
CA PHE E 846 -58.01 39.16 -18.39
C PHE E 846 -59.13 38.16 -18.67
N PRO E 847 -59.59 37.39 -17.66
CA PRO E 847 -60.45 36.26 -17.96
C PRO E 847 -61.93 36.60 -17.94
N TYR E 848 -62.65 36.24 -18.98
CA TYR E 848 -64.08 36.43 -18.96
C TYR E 848 -64.72 35.43 -18.00
N PRO E 849 -65.65 35.86 -17.15
CA PRO E 849 -66.30 34.93 -16.24
C PRO E 849 -67.13 33.92 -17.00
N LEU E 850 -67.16 32.70 -16.49
CA LEU E 850 -67.94 31.62 -17.10
C LEU E 850 -69.01 31.07 -16.18
N ILE E 851 -69.18 31.64 -14.99
CA ILE E 851 -70.14 31.16 -14.02
C ILE E 851 -70.92 32.35 -13.47
N GLY E 852 -71.94 32.06 -12.67
CA GLY E 852 -72.70 33.09 -12.00
C GLY E 852 -73.75 33.71 -12.88
N GLN E 853 -74.39 34.74 -12.33
CA GLN E 853 -75.44 35.45 -13.05
C GLN E 853 -74.89 36.11 -14.31
N THR E 854 -73.71 36.71 -14.22
CA THR E 854 -73.10 37.42 -15.34
C THR E 854 -72.09 36.51 -16.04
N ALA E 855 -72.62 35.47 -16.69
CA ALA E 855 -71.79 34.57 -17.47
C ALA E 855 -71.75 35.03 -18.93
N VAL E 856 -70.94 34.34 -19.72
CA VAL E 856 -70.80 34.66 -21.13
C VAL E 856 -71.01 33.40 -21.96
N PRO E 857 -71.49 33.51 -23.20
CA PRO E 857 -71.60 32.33 -24.06
C PRO E 857 -70.24 31.69 -24.27
N SER E 858 -70.21 30.36 -24.28
CA SER E 858 -68.95 29.63 -24.32
C SER E 858 -69.08 28.42 -25.22
N VAL E 859 -67.94 27.96 -25.72
CA VAL E 859 -67.85 26.80 -26.58
C VAL E 859 -66.88 25.80 -25.94
N THR E 860 -67.14 24.52 -26.17
CA THR E 860 -66.42 23.45 -25.48
C THR E 860 -65.28 22.93 -26.34
N GLN E 861 -64.08 22.91 -25.77
CA GLN E 861 -62.94 22.27 -26.40
C GLN E 861 -62.70 20.93 -25.70
N LYS E 862 -62.48 19.88 -26.48
CA LYS E 862 -62.17 18.58 -25.96
C LYS E 862 -60.89 18.06 -26.57
N LYS E 863 -60.12 17.31 -25.76
CA LYS E 863 -58.94 16.63 -26.24
C LYS E 863 -58.55 15.61 -25.18
N PHE E 864 -57.69 14.68 -25.58
CA PHE E 864 -57.16 13.69 -24.66
C PHE E 864 -55.64 13.73 -24.74
N LEU E 865 -54.99 13.49 -23.61
CA LEU E 865 -53.54 13.63 -23.49
C LEU E 865 -52.98 12.32 -22.98
N CYS E 866 -52.68 11.41 -23.89
CA CYS E 866 -52.05 10.15 -23.55
C CYS E 866 -50.57 10.20 -23.93
N ASP E 867 -49.76 9.44 -23.20
CA ASP E 867 -48.32 9.41 -23.45
C ASP E 867 -47.74 8.17 -22.78
N ARG E 868 -46.44 7.99 -22.95
CA ARG E 868 -45.71 6.84 -22.42
C ARG E 868 -46.26 5.52 -22.94
N VAL E 869 -46.79 5.52 -24.17
CA VAL E 869 -47.36 4.32 -24.76
C VAL E 869 -47.33 4.48 -26.27
N MET E 870 -47.43 3.35 -26.97
CA MET E 870 -47.39 3.30 -28.41
C MET E 870 -48.71 2.76 -28.94
N TRP E 871 -49.33 3.50 -29.86
CA TRP E 871 -50.53 2.98 -30.51
C TRP E 871 -50.18 1.68 -31.20
N ARG E 872 -51.03 0.67 -31.03
CA ARG E 872 -50.79 -0.62 -31.64
C ARG E 872 -52.04 -1.09 -32.37
N ILE E 873 -51.83 -1.78 -33.48
CA ILE E 873 -52.91 -2.36 -34.27
C ILE E 873 -52.59 -3.84 -34.49
N PRO E 874 -53.10 -4.74 -33.65
CA PRO E 874 -52.75 -6.15 -33.79
C PRO E 874 -53.20 -6.69 -35.13
N PHE E 875 -52.47 -7.67 -35.62
CA PHE E 875 -52.73 -8.27 -36.92
C PHE E 875 -53.59 -9.52 -36.82
N SER E 876 -54.51 -9.55 -35.87
CA SER E 876 -55.47 -10.63 -35.77
C SER E 876 -56.77 -10.24 -36.45
N SER E 877 -57.65 -11.22 -36.60
CA SER E 877 -58.90 -11.00 -37.32
C SER E 877 -59.90 -10.19 -36.50
N ASN E 878 -59.84 -10.29 -35.17
CA ASN E 878 -60.76 -9.59 -34.29
C ASN E 878 -60.04 -8.65 -33.34
N PHE E 879 -58.83 -8.22 -33.68
CA PHE E 879 -58.06 -7.29 -32.87
C PHE E 879 -57.86 -7.80 -31.45
N MET E 880 -57.60 -9.09 -31.32
CA MET E 880 -57.46 -9.70 -30.01
C MET E 880 -56.24 -10.61 -30.00
N SER E 881 -55.71 -10.85 -28.81
CA SER E 881 -54.53 -11.69 -28.62
C SER E 881 -54.99 -13.04 -28.11
N MET E 882 -55.28 -13.97 -29.03
CA MET E 882 -55.48 -15.36 -28.63
C MET E 882 -54.14 -16.05 -28.42
N GLY E 883 -53.05 -15.38 -28.75
CA GLY E 883 -51.72 -15.91 -28.52
C GLY E 883 -50.74 -15.29 -29.48
N ALA E 884 -49.47 -15.58 -29.28
CA ALA E 884 -48.49 -15.22 -30.28
C ALA E 884 -48.74 -16.04 -31.55
N LEU E 885 -48.09 -15.65 -32.64
CA LEU E 885 -48.35 -16.25 -33.95
C LEU E 885 -49.83 -16.10 -34.31
N THR E 886 -50.21 -14.84 -34.53
CA THR E 886 -51.60 -14.44 -34.63
C THR E 886 -52.33 -15.23 -35.71
N ASP E 887 -53.66 -15.14 -35.66
CA ASP E 887 -54.52 -15.89 -36.58
C ASP E 887 -54.18 -15.59 -38.02
N LEU E 888 -54.04 -14.31 -38.37
CA LEU E 888 -53.76 -13.92 -39.74
C LEU E 888 -52.33 -14.21 -40.16
N GLY E 889 -51.44 -14.50 -39.22
CA GLY E 889 -50.09 -14.88 -39.58
C GLY E 889 -50.07 -16.19 -40.32
N GLN E 890 -50.48 -17.26 -39.65
CA GLN E 890 -50.49 -18.60 -40.24
C GLN E 890 -51.73 -18.79 -41.13
N ASN E 891 -51.82 -17.97 -42.16
CA ASN E 891 -53.01 -17.94 -43.00
C ASN E 891 -52.61 -18.11 -44.47
N MET E 892 -53.53 -18.68 -45.25
CA MET E 892 -53.25 -18.94 -46.65
C MET E 892 -53.04 -17.66 -47.45
N LEU E 893 -53.71 -16.57 -47.05
CA LEU E 893 -53.56 -15.33 -47.78
C LEU E 893 -52.15 -14.75 -47.64
N TYR E 894 -51.44 -15.10 -46.57
CA TYR E 894 -50.16 -14.48 -46.28
C TYR E 894 -49.02 -15.48 -46.17
N ALA E 895 -49.25 -16.63 -45.56
CA ALA E 895 -48.18 -17.62 -45.45
C ALA E 895 -47.87 -18.31 -46.77
N ASN E 896 -48.68 -18.10 -47.80
CA ASN E 896 -48.49 -18.78 -49.07
C ASN E 896 -47.91 -17.88 -50.15
N SER E 897 -48.25 -16.60 -50.18
CA SER E 897 -47.84 -15.71 -51.24
C SER E 897 -47.28 -14.42 -50.65
N ALA E 898 -46.95 -13.48 -51.52
CA ALA E 898 -46.36 -12.22 -51.14
C ALA E 898 -47.25 -11.05 -51.54
N HIS E 899 -47.30 -10.03 -50.67
CA HIS E 899 -48.12 -8.86 -50.92
C HIS E 899 -47.31 -7.61 -50.62
N ALA E 900 -47.66 -6.53 -51.30
CA ALA E 900 -47.09 -5.23 -51.00
C ALA E 900 -47.81 -4.63 -49.80
N LEU E 901 -47.53 -3.35 -49.52
CA LEU E 901 -48.15 -2.67 -48.40
C LEU E 901 -47.85 -1.18 -48.51
N ASP E 902 -48.81 -0.38 -48.08
CA ASP E 902 -48.62 1.07 -48.02
C ASP E 902 -49.65 1.66 -47.07
N MET E 903 -49.18 2.58 -46.23
CA MET E 903 -50.03 3.19 -45.22
C MET E 903 -49.94 4.69 -45.36
N THR E 904 -50.98 5.39 -44.90
CA THR E 904 -51.07 6.84 -45.02
C THR E 904 -51.54 7.43 -43.71
N PHE E 905 -50.61 7.73 -42.80
CA PHE E 905 -50.96 8.38 -41.56
C PHE E 905 -51.31 9.84 -41.81
N GLU E 906 -52.26 10.36 -41.03
CA GLU E 906 -52.60 11.78 -41.04
C GLU E 906 -52.36 12.32 -39.64
N VAL E 907 -51.48 13.32 -39.53
CA VAL E 907 -51.01 13.80 -38.23
C VAL E 907 -51.26 15.30 -38.15
N ASP E 908 -51.21 15.81 -36.92
CA ASP E 908 -51.38 17.23 -36.72
C ASP E 908 -50.12 17.98 -37.17
N PRO E 909 -50.28 19.14 -37.80
CA PRO E 909 -49.12 19.86 -38.31
C PRO E 909 -48.40 20.69 -37.25
N MET E 910 -47.48 20.08 -36.52
CA MET E 910 -46.66 20.82 -35.58
C MET E 910 -45.48 21.45 -36.31
N ASP E 911 -44.73 22.28 -35.58
CA ASP E 911 -43.71 23.12 -36.22
C ASP E 911 -42.42 22.35 -36.46
N GLU E 912 -41.79 21.88 -35.40
CA GLU E 912 -40.47 21.27 -35.52
C GLU E 912 -40.55 19.95 -36.30
N PRO E 913 -39.54 19.65 -37.10
CA PRO E 913 -39.55 18.39 -37.84
C PRO E 913 -39.53 17.21 -36.90
N THR E 914 -40.19 16.12 -37.32
CA THR E 914 -40.35 14.95 -36.47
C THR E 914 -40.21 13.69 -37.31
N LEU E 915 -39.99 12.57 -36.62
CA LEU E 915 -39.97 11.26 -37.24
C LEU E 915 -41.37 10.65 -37.18
N LEU E 916 -41.46 9.36 -37.45
CA LEU E 916 -42.68 8.60 -37.23
C LEU E 916 -42.45 7.37 -36.38
N TYR E 917 -41.32 6.70 -36.56
CA TYR E 917 -40.92 5.54 -35.75
C TYR E 917 -42.03 4.50 -35.67
N LEU E 918 -42.32 3.92 -36.81
CA LEU E 918 -43.22 2.80 -36.92
C LEU E 918 -42.41 1.51 -36.79
N LEU E 919 -42.88 0.59 -35.96
CA LEU E 919 -42.21 -0.69 -35.78
C LEU E 919 -43.18 -1.83 -36.04
N PHE E 920 -42.78 -2.76 -36.90
CA PHE E 920 -43.56 -3.94 -37.17
C PHE E 920 -43.17 -5.05 -36.20
N GLU E 921 -44.15 -5.55 -35.46
CA GLU E 921 -43.91 -6.61 -34.48
C GLU E 921 -43.67 -7.92 -35.23
N VAL E 922 -42.54 -8.56 -34.94
CA VAL E 922 -42.09 -9.73 -35.67
C VAL E 922 -41.66 -10.79 -34.68
N PHE E 923 -41.28 -11.95 -35.20
CA PHE E 923 -40.64 -13.00 -34.41
C PHE E 923 -39.14 -12.97 -34.70
N ASP E 924 -38.34 -12.66 -33.69
CA ASP E 924 -36.88 -12.82 -33.80
C ASP E 924 -36.41 -13.66 -32.62
N VAL E 925 -35.73 -14.76 -32.92
CA VAL E 925 -35.28 -15.72 -31.93
C VAL E 925 -33.83 -16.09 -32.24
N VAL E 926 -33.30 -17.02 -31.46
CA VAL E 926 -31.94 -17.51 -31.63
C VAL E 926 -31.79 -18.83 -30.90
N ARG E 927 -31.12 -19.80 -31.51
CA ARG E 927 -30.80 -21.07 -30.86
C ARG E 927 -29.29 -21.13 -30.67
N VAL E 928 -28.86 -21.31 -29.43
CA VAL E 928 -27.45 -21.30 -29.07
C VAL E 928 -27.03 -22.73 -28.78
N HIS E 929 -26.21 -23.29 -29.65
CA HIS E 929 -25.71 -24.65 -29.50
C HIS E 929 -24.21 -24.61 -29.24
N GLN E 930 -23.77 -25.26 -28.17
CA GLN E 930 -22.36 -25.29 -27.79
C GLN E 930 -21.92 -26.74 -27.63
N PRO E 931 -21.48 -27.38 -28.69
CA PRO E 931 -21.21 -28.82 -28.63
C PRO E 931 -19.88 -29.21 -28.02
N HIS E 932 -18.85 -28.38 -28.20
CA HIS E 932 -17.52 -28.71 -27.73
C HIS E 932 -17.05 -27.65 -26.75
N ARG E 933 -16.14 -28.06 -25.87
CA ARG E 933 -15.61 -27.17 -24.86
C ARG E 933 -14.93 -25.96 -25.51
N GLY E 934 -15.53 -24.78 -25.34
CA GLY E 934 -14.99 -23.57 -25.92
C GLY E 934 -15.55 -23.18 -27.26
N VAL E 935 -16.58 -23.88 -27.75
CA VAL E 935 -17.18 -23.60 -29.05
C VAL E 935 -18.62 -23.21 -28.83
N ILE E 936 -18.99 -22.02 -29.30
CA ILE E 936 -20.37 -21.54 -29.21
C ILE E 936 -20.75 -20.97 -30.57
N GLU E 937 -21.85 -21.45 -31.12
CA GLU E 937 -22.40 -20.90 -32.36
C GLU E 937 -23.88 -20.68 -32.19
N ALA E 938 -24.39 -19.62 -32.80
CA ALA E 938 -25.76 -19.20 -32.64
C ALA E 938 -26.43 -19.08 -34.01
N VAL E 939 -27.74 -19.29 -34.02
CA VAL E 939 -28.54 -19.28 -35.24
C VAL E 939 -29.66 -18.27 -35.05
N TYR E 940 -29.57 -17.15 -35.75
CA TYR E 940 -30.56 -16.10 -35.67
C TYR E 940 -31.63 -16.29 -36.73
N LEU E 941 -32.80 -15.71 -36.47
CA LEU E 941 -33.92 -15.82 -37.39
C LEU E 941 -34.97 -14.77 -37.07
N ARG E 942 -35.37 -13.98 -38.05
CA ARG E 942 -36.40 -12.97 -37.91
C ARG E 942 -37.41 -13.19 -39.03
N THR E 943 -38.65 -13.56 -38.67
CA THR E 943 -39.52 -14.19 -39.66
C THR E 943 -40.05 -13.21 -40.70
N PRO E 944 -40.83 -12.18 -40.34
CA PRO E 944 -41.39 -11.34 -41.41
C PRO E 944 -40.35 -10.47 -42.09
N PHE E 945 -39.49 -9.81 -41.33
CA PHE E 945 -38.44 -8.96 -41.88
C PHE E 945 -37.11 -9.67 -41.66
N SER E 946 -36.78 -10.57 -42.56
CA SER E 946 -35.59 -11.38 -42.41
C SER E 946 -34.34 -10.53 -42.51
N ALA E 947 -33.35 -10.85 -41.69
CA ALA E 947 -32.09 -10.11 -41.72
C ALA E 947 -31.30 -10.43 -42.98
N GLY E 948 -31.18 -11.71 -43.31
CA GLY E 948 -30.43 -12.12 -44.48
C GLY E 948 -31.32 -12.89 -45.44
N ASN E 949 -30.80 -13.06 -46.66
CA ASN E 949 -31.51 -13.78 -47.70
C ASN E 949 -30.48 -14.31 -48.69
N ALA E 950 -30.96 -14.77 -49.84
CA ALA E 950 -30.05 -15.34 -50.84
C ALA E 950 -29.03 -14.32 -51.32
N THR E 951 -29.40 -13.05 -51.35
CA THR E 951 -28.46 -12.01 -51.76
C THR E 951 -27.31 -11.89 -50.78
N THR E 952 -27.62 -11.77 -49.49
CA THR E 952 -26.60 -11.65 -48.47
C THR E 952 -25.83 -12.96 -48.33
N MET F 1 -81.78 -34.58 4.85
CA MET F 1 -83.03 -34.80 5.57
C MET F 1 -84.23 -34.49 4.68
N ALA F 2 -83.99 -33.76 3.59
CA ALA F 2 -85.04 -33.32 2.67
C ALA F 2 -86.12 -32.53 3.41
N THR F 3 -85.77 -32.00 4.59
CA THR F 3 -86.70 -31.18 5.34
C THR F 3 -87.20 -29.96 4.58
N PRO F 4 -86.37 -29.22 3.82
CA PRO F 4 -86.93 -28.11 3.02
C PRO F 4 -87.90 -28.61 1.97
N SER F 5 -89.18 -28.25 2.12
CA SER F 5 -90.20 -28.73 1.22
C SER F 5 -90.19 -28.02 -0.13
N MET F 6 -89.37 -26.98 -0.29
CA MET F 6 -89.25 -26.25 -1.53
C MET F 6 -88.03 -26.68 -2.33
N MET F 7 -87.43 -27.81 -1.98
CA MET F 7 -86.22 -28.27 -2.68
C MET F 7 -86.39 -28.39 -4.19
N PRO F 8 -87.47 -29.00 -4.72
CA PRO F 8 -87.54 -29.12 -6.19
C PRO F 8 -87.62 -27.79 -6.90
N GLN F 9 -88.00 -26.72 -6.21
CA GLN F 9 -88.01 -25.40 -6.81
C GLN F 9 -86.77 -24.59 -6.45
N TRP F 10 -85.85 -25.17 -5.67
CA TRP F 10 -84.54 -24.58 -5.51
C TRP F 10 -83.57 -25.16 -6.53
N ALA F 11 -83.60 -26.48 -6.72
CA ALA F 11 -82.73 -27.10 -7.70
C ALA F 11 -83.02 -26.59 -9.11
N TYR F 12 -84.29 -26.30 -9.40
CA TYR F 12 -84.63 -25.78 -10.71
C TYR F 12 -84.06 -24.38 -10.91
N MET F 13 -84.05 -23.57 -9.87
CA MET F 13 -83.51 -22.22 -9.97
C MET F 13 -82.05 -22.13 -9.57
N HIS F 14 -81.40 -23.25 -9.30
CA HIS F 14 -79.97 -23.30 -8.99
C HIS F 14 -79.66 -22.53 -7.71
N ILE F 15 -80.33 -22.94 -6.64
CA ILE F 15 -79.95 -22.56 -5.29
C ILE F 15 -79.42 -23.74 -4.50
N ALA F 16 -79.61 -24.97 -5.00
CA ALA F 16 -79.11 -26.15 -4.32
C ALA F 16 -78.94 -27.27 -5.34
N GLY F 17 -78.19 -28.29 -4.93
CA GLY F 17 -78.10 -29.55 -5.65
C GLY F 17 -77.02 -29.69 -6.69
N GLN F 18 -77.18 -29.07 -7.86
CA GLN F 18 -76.36 -29.39 -9.02
C GLN F 18 -75.42 -28.25 -9.34
N ASP F 19 -74.13 -28.55 -9.45
CA ASP F 19 -73.14 -27.55 -9.79
C ASP F 19 -73.23 -27.21 -11.27
N ALA F 20 -72.69 -26.04 -11.62
CA ALA F 20 -72.87 -25.51 -12.97
C ALA F 20 -72.26 -26.43 -14.02
N SER F 21 -71.09 -26.99 -13.74
CA SER F 21 -70.48 -27.88 -14.70
C SER F 21 -71.06 -29.28 -14.67
N GLU F 22 -72.21 -29.48 -14.04
CA GLU F 22 -72.80 -30.80 -13.92
C GLU F 22 -74.23 -30.89 -14.40
N TYR F 23 -74.91 -29.77 -14.63
CA TYR F 23 -76.23 -29.83 -15.25
C TYR F 23 -76.26 -29.30 -16.67
N LEU F 24 -75.33 -28.44 -17.06
CA LEU F 24 -75.18 -28.12 -18.45
C LEU F 24 -74.76 -29.37 -19.22
N SER F 25 -75.14 -29.44 -20.48
CA SER F 25 -74.77 -30.58 -21.28
C SER F 25 -73.25 -30.62 -21.44
N PRO F 26 -72.68 -31.82 -21.56
CA PRO F 26 -71.21 -31.91 -21.66
C PRO F 26 -70.66 -31.17 -22.87
N GLY F 27 -71.48 -30.95 -23.90
CA GLY F 27 -71.03 -30.16 -25.02
C GLY F 27 -70.76 -28.72 -24.64
N LEU F 28 -71.69 -28.11 -23.91
CA LEU F 28 -71.53 -26.69 -23.56
C LEU F 28 -70.44 -26.50 -22.51
N VAL F 29 -70.31 -27.44 -21.58
CA VAL F 29 -69.29 -27.28 -20.56
C VAL F 29 -67.89 -27.43 -21.15
N GLN F 30 -67.77 -28.05 -22.32
CA GLN F 30 -66.49 -28.14 -23.01
C GLN F 30 -66.29 -27.00 -24.00
N PHE F 31 -67.37 -26.54 -24.63
CA PHE F 31 -67.27 -25.37 -25.49
C PHE F 31 -66.79 -24.16 -24.70
N ALA F 32 -67.47 -23.84 -23.60
CA ALA F 32 -67.08 -22.70 -22.80
C ALA F 32 -65.73 -22.88 -22.15
N ARG F 33 -65.29 -24.13 -21.99
CA ARG F 33 -63.97 -24.39 -21.42
C ARG F 33 -62.87 -24.09 -22.44
N ALA F 34 -63.08 -24.50 -23.69
CA ALA F 34 -62.04 -24.32 -24.70
C ALA F 34 -61.81 -22.86 -25.01
N THR F 35 -62.88 -22.11 -25.29
CA THR F 35 -62.77 -20.70 -25.64
C THR F 35 -63.04 -19.87 -24.39
N ASP F 36 -62.07 -19.86 -23.50
CA ASP F 36 -62.17 -19.10 -22.25
C ASP F 36 -61.22 -17.92 -22.18
N THR F 37 -60.09 -17.98 -22.89
CA THR F 37 -59.22 -16.81 -22.97
C THR F 37 -59.94 -15.63 -23.61
N TYR F 38 -60.83 -15.92 -24.54
CA TYR F 38 -61.66 -14.93 -25.21
C TYR F 38 -63.10 -15.41 -25.16
N PHE F 39 -64.03 -14.48 -25.03
CA PHE F 39 -65.46 -14.79 -25.04
C PHE F 39 -65.82 -15.81 -23.95
N SER F 40 -65.67 -15.36 -22.72
CA SER F 40 -65.98 -16.20 -21.56
C SER F 40 -67.48 -16.37 -21.39
N LEU F 41 -67.88 -17.57 -20.96
CA LEU F 41 -69.28 -17.85 -20.65
C LEU F 41 -69.47 -18.24 -19.18
N GLY F 42 -68.45 -18.05 -18.35
CA GLY F 42 -68.58 -18.47 -16.96
C GLY F 42 -69.59 -17.67 -16.18
N ASN F 43 -69.58 -16.35 -16.34
CA ASN F 43 -70.39 -15.46 -15.51
C ASN F 43 -71.86 -15.49 -15.88
N LYS F 44 -72.29 -16.38 -16.78
CA LYS F 44 -73.70 -16.48 -17.14
C LYS F 44 -74.43 -17.46 -16.23
N PHE F 45 -74.07 -18.70 -16.27
CA PHE F 45 -74.73 -19.69 -15.50
C PHE F 45 -74.34 -19.70 -14.05
N ARG F 46 -75.22 -20.04 -13.09
CA ARG F 46 -74.94 -19.96 -11.64
C ARG F 46 -74.81 -21.22 -10.92
N ASN F 47 -73.95 -21.29 -9.94
CA ASN F 47 -73.66 -22.53 -9.31
C ASN F 47 -74.00 -22.47 -7.87
N PRO F 48 -74.54 -23.51 -7.31
CA PRO F 48 -74.95 -23.51 -5.94
C PRO F 48 -73.94 -23.53 -4.89
N THR F 49 -74.20 -22.96 -3.71
CA THR F 49 -73.31 -23.06 -2.57
C THR F 49 -74.24 -23.30 -1.43
N VAL F 50 -74.10 -24.37 -0.67
CA VAL F 50 -75.04 -24.69 0.35
C VAL F 50 -74.20 -25.06 1.54
N ALA F 51 -74.57 -24.68 2.75
CA ALA F 51 -73.72 -24.86 3.90
C ALA F 51 -73.97 -26.22 4.54
N PRO F 52 -72.99 -26.76 5.26
CA PRO F 52 -73.21 -28.03 5.95
C PRO F 52 -74.26 -27.88 7.04
N THR F 53 -74.93 -28.98 7.33
CA THR F 53 -76.07 -28.96 8.24
C THR F 53 -75.90 -29.85 9.45
N HIS F 54 -75.27 -31.01 9.31
CA HIS F 54 -75.34 -32.03 10.36
C HIS F 54 -74.36 -31.76 11.49
N ASP F 55 -73.06 -31.80 11.20
CA ASP F 55 -72.04 -31.84 12.24
C ASP F 55 -71.12 -30.64 12.16
N VAL F 56 -71.68 -29.45 11.99
CA VAL F 56 -70.88 -28.24 11.96
C VAL F 56 -71.18 -27.31 13.12
N THR F 57 -72.37 -27.39 13.72
CA THR F 57 -72.72 -26.51 14.82
C THR F 57 -73.74 -27.20 15.70
N THR F 58 -73.77 -26.77 16.96
CA THR F 58 -74.65 -27.38 17.95
C THR F 58 -75.97 -26.63 18.04
N ASP F 59 -76.94 -27.29 18.66
CA ASP F 59 -78.22 -26.66 18.97
C ASP F 59 -78.44 -26.44 20.46
N ARG F 60 -77.68 -27.14 21.32
CA ARG F 60 -77.80 -26.96 22.75
C ARG F 60 -77.33 -25.57 23.15
N SER F 61 -77.89 -25.06 24.24
CA SER F 61 -77.53 -23.73 24.71
C SER F 61 -76.07 -23.71 25.12
N GLN F 62 -75.35 -22.66 24.72
CA GLN F 62 -73.93 -22.57 24.98
C GLN F 62 -73.46 -21.16 24.70
N ARG F 63 -72.62 -20.62 25.59
CA ARG F 63 -72.07 -19.29 25.40
C ARG F 63 -71.19 -19.25 24.16
N LEU F 64 -70.77 -18.03 23.80
CA LEU F 64 -69.81 -17.83 22.72
C LEU F 64 -68.51 -17.21 23.19
N THR F 65 -68.53 -16.45 24.27
CA THR F 65 -67.32 -15.81 24.79
C THR F 65 -67.45 -15.64 26.29
N LEU F 66 -66.65 -16.41 27.03
CA LEU F 66 -66.69 -16.33 28.48
C LEU F 66 -65.88 -15.13 28.97
N ARG F 67 -66.04 -14.83 30.25
CA ARG F 67 -65.52 -13.61 30.86
C ARG F 67 -64.87 -13.93 32.20
N PHE F 68 -63.96 -14.89 32.22
CA PHE F 68 -63.34 -15.32 33.46
C PHE F 68 -62.80 -14.14 34.26
N VAL F 69 -63.12 -14.11 35.55
CA VAL F 69 -62.72 -13.03 36.46
C VAL F 69 -61.65 -13.59 37.38
N PRO F 70 -60.60 -12.84 37.70
CA PRO F 70 -59.46 -13.43 38.41
C PRO F 70 -59.86 -14.00 39.76
N VAL F 71 -59.25 -15.15 40.08
CA VAL F 71 -59.51 -15.81 41.36
C VAL F 71 -58.57 -15.34 42.45
N ASP F 72 -57.50 -14.63 42.10
CA ASP F 72 -56.58 -14.10 43.09
C ASP F 72 -55.83 -12.93 42.46
N ARG F 73 -55.49 -11.95 43.28
CA ARG F 73 -54.81 -10.75 42.82
C ARG F 73 -53.63 -10.45 43.72
N GLU F 74 -52.51 -10.05 43.12
CA GLU F 74 -51.33 -9.65 43.85
C GLU F 74 -50.79 -8.38 43.21
N ALA F 75 -50.87 -7.27 43.94
CA ALA F 75 -50.47 -5.97 43.41
C ALA F 75 -49.29 -5.46 44.22
N THR F 76 -48.08 -5.76 43.75
CA THR F 76 -46.88 -5.27 44.40
C THR F 76 -46.61 -3.84 43.94
N THR F 77 -45.44 -3.31 44.27
CA THR F 77 -45.10 -1.95 43.87
C THR F 77 -44.96 -1.82 42.36
N TYR F 78 -44.36 -2.83 41.72
CA TYR F 78 -44.08 -2.76 40.29
C TYR F 78 -44.57 -4.00 39.55
N LEU F 79 -45.62 -4.64 40.06
CA LEU F 79 -46.13 -5.87 39.47
C LEU F 79 -47.64 -5.89 39.56
N TYR F 80 -48.23 -6.90 38.92
CA TYR F 80 -49.63 -7.23 39.15
C TYR F 80 -49.79 -8.68 38.71
N LYS F 81 -50.17 -9.54 39.64
CA LYS F 81 -50.25 -10.97 39.38
C LYS F 81 -51.71 -11.40 39.40
N ALA F 82 -52.21 -11.81 38.25
CA ALA F 82 -53.57 -12.30 38.13
C ALA F 82 -53.54 -13.80 37.90
N ARG F 83 -54.54 -14.49 38.44
CA ARG F 83 -54.59 -15.94 38.35
C ARG F 83 -56.03 -16.36 38.09
N PHE F 84 -56.26 -17.07 37.00
CA PHE F 84 -57.59 -17.45 36.58
C PHE F 84 -57.70 -18.96 36.53
N THR F 85 -58.90 -19.48 36.78
CA THR F 85 -59.18 -20.91 36.62
C THR F 85 -59.84 -21.08 35.25
N LEU F 86 -59.01 -21.05 34.22
CA LEU F 86 -59.48 -21.15 32.85
C LEU F 86 -59.99 -22.57 32.64
N ALA F 87 -61.31 -22.73 32.72
CA ALA F 87 -61.94 -24.05 32.67
C ALA F 87 -62.74 -24.16 31.38
N VAL F 88 -62.22 -24.92 30.43
CA VAL F 88 -62.93 -25.25 29.21
C VAL F 88 -63.80 -26.47 29.51
N GLY F 89 -65.11 -26.30 29.39
CA GLY F 89 -66.05 -27.33 29.77
C GLY F 89 -65.96 -28.59 28.93
N ASP F 90 -66.91 -29.50 29.11
CA ASP F 90 -66.85 -30.79 28.45
C ASP F 90 -67.35 -30.70 27.01
N ASN F 91 -66.85 -31.62 26.19
CA ASN F 91 -67.15 -31.73 24.77
C ASN F 91 -67.25 -30.36 24.08
N ARG F 92 -66.19 -29.57 24.26
CA ARG F 92 -65.97 -28.40 23.42
C ARG F 92 -64.50 -28.02 23.54
N VAL F 93 -63.95 -27.47 22.46
CA VAL F 93 -62.53 -27.19 22.37
C VAL F 93 -62.32 -25.68 22.32
N LEU F 94 -61.19 -25.24 22.84
CA LEU F 94 -60.84 -23.83 22.88
C LEU F 94 -59.49 -23.63 22.21
N ASP F 95 -59.42 -22.65 21.30
CA ASP F 95 -58.17 -22.26 20.70
C ASP F 95 -57.58 -21.11 21.51
N MET F 96 -56.36 -21.31 22.02
CA MET F 96 -55.76 -20.32 22.90
C MET F 96 -55.47 -19.00 22.20
N ALA F 97 -55.51 -18.96 20.86
CA ALA F 97 -55.31 -17.71 20.17
C ALA F 97 -56.45 -16.72 20.37
N SER F 98 -57.59 -17.19 20.88
CA SER F 98 -58.74 -16.32 21.10
C SER F 98 -58.72 -15.64 22.46
N THR F 99 -57.92 -16.12 23.40
CA THR F 99 -57.86 -15.52 24.72
C THR F 99 -57.11 -14.19 24.68
N TYR F 100 -57.47 -13.30 25.60
CA TYR F 100 -56.76 -12.04 25.76
C TYR F 100 -57.14 -11.36 27.06
N PHE F 101 -56.15 -10.97 27.86
CA PHE F 101 -56.42 -10.21 29.07
C PHE F 101 -56.81 -8.79 28.70
N ASP F 102 -57.92 -8.31 29.22
CA ASP F 102 -58.28 -6.92 29.09
C ASP F 102 -58.04 -6.21 30.42
N ILE F 103 -57.17 -5.20 30.39
CA ILE F 103 -56.72 -4.53 31.60
C ILE F 103 -57.34 -3.14 31.62
N ARG F 104 -57.96 -2.80 32.74
CA ARG F 104 -58.66 -1.52 32.87
C ARG F 104 -58.18 -0.83 34.12
N GLY F 105 -57.75 0.41 33.97
CA GLY F 105 -57.19 1.14 35.09
C GLY F 105 -57.16 2.62 34.81
N VAL F 106 -56.42 3.34 35.63
CA VAL F 106 -56.26 4.79 35.51
C VAL F 106 -54.81 5.08 35.21
N LEU F 107 -54.56 5.80 34.12
CA LEU F 107 -53.21 6.15 33.69
C LEU F 107 -52.98 7.63 33.87
N ASP F 108 -51.79 7.99 34.30
CA ASP F 108 -51.42 9.39 34.56
C ASP F 108 -50.12 9.69 33.82
N ARG F 109 -50.23 10.22 32.61
CA ARG F 109 -49.04 10.69 31.91
C ARG F 109 -48.50 11.93 32.61
N GLY F 110 -47.19 12.10 32.55
CA GLY F 110 -46.53 13.07 33.37
C GLY F 110 -46.82 14.48 32.93
N PRO F 111 -46.32 15.45 33.71
CA PRO F 111 -46.35 16.84 33.25
C PRO F 111 -45.53 17.07 31.99
N SER F 112 -44.62 16.16 31.68
CA SER F 112 -43.84 16.22 30.45
C SER F 112 -44.69 16.03 29.21
N PHE F 113 -45.93 15.60 29.35
CA PHE F 113 -46.77 15.29 28.21
C PHE F 113 -47.18 16.57 27.49
N LYS F 114 -47.04 16.57 26.17
CA LYS F 114 -47.48 17.66 25.31
C LYS F 114 -47.67 17.12 23.90
N PRO F 115 -48.86 16.67 23.55
CA PRO F 115 -49.09 16.00 22.28
C PRO F 115 -49.44 16.93 21.13
N TYR F 116 -48.70 18.01 20.98
CA TYR F 116 -48.91 18.91 19.85
C TYR F 116 -47.77 19.91 19.78
N SER F 117 -47.37 20.22 18.56
CA SER F 117 -46.35 21.24 18.33
C SER F 117 -46.93 22.62 18.55
N GLY F 118 -46.05 23.57 18.85
CA GLY F 118 -46.51 24.92 19.01
C GLY F 118 -47.31 25.09 20.29
N THR F 119 -48.05 26.19 20.34
CA THR F 119 -48.89 26.53 21.49
C THR F 119 -50.36 26.48 21.10
N ALA F 120 -51.22 26.84 22.05
CA ALA F 120 -52.65 26.90 21.82
C ALA F 120 -53.28 28.24 22.14
N TYR F 121 -52.60 29.12 22.87
CA TYR F 121 -53.16 30.40 23.29
C TYR F 121 -52.39 31.52 22.62
N ASN F 122 -53.11 32.43 21.96
CA ASN F 122 -52.49 33.55 21.26
C ASN F 122 -51.42 33.05 20.29
N SER F 123 -51.75 32.00 19.55
CA SER F 123 -50.77 31.40 18.65
C SER F 123 -50.32 32.38 17.59
N LEU F 124 -51.25 33.16 17.05
CA LEU F 124 -50.92 34.13 16.00
C LEU F 124 -50.10 35.30 16.51
N ALA F 125 -49.95 35.44 17.81
CA ALA F 125 -49.24 36.59 18.35
C ALA F 125 -47.77 36.55 17.91
N PRO F 126 -47.17 37.69 17.65
CA PRO F 126 -45.74 37.71 17.28
C PRO F 126 -44.85 37.51 18.48
N LYS F 127 -44.53 36.25 18.80
CA LYS F 127 -43.75 35.90 19.97
C LYS F 127 -42.66 36.93 20.25
N GLY F 128 -42.61 37.38 21.49
CA GLY F 128 -41.88 38.58 21.83
C GLY F 128 -42.75 39.81 21.96
N ALA F 129 -44.06 39.68 21.75
CA ALA F 129 -44.99 40.79 21.91
C ALA F 129 -45.49 40.81 23.34
N PRO F 130 -45.19 41.83 24.13
CA PRO F 130 -45.53 41.80 25.54
C PRO F 130 -47.02 42.02 25.76
N ASN F 131 -47.52 41.50 26.88
CA ASN F 131 -48.87 41.83 27.31
C ASN F 131 -48.91 43.28 27.79
N PRO F 132 -50.03 43.95 27.59
CA PRO F 132 -50.16 45.31 28.14
C PRO F 132 -50.13 45.29 29.66
N SER F 133 -49.08 45.83 30.26
CA SER F 133 -48.90 45.68 31.70
C SER F 133 -48.23 46.93 32.25
N GLN F 134 -47.86 46.87 33.53
CA GLN F 134 -47.30 48.00 34.25
C GLN F 134 -46.11 47.54 35.07
N TRP F 135 -45.23 48.48 35.39
CA TRP F 135 -43.97 48.15 36.07
C TRP F 135 -43.51 49.35 36.86
N GLU F 136 -43.51 49.22 38.19
CA GLU F 136 -43.03 50.31 39.05
C GLU F 136 -41.60 50.65 38.69
N THR F 137 -41.31 51.96 38.64
CA THR F 137 -40.04 52.41 38.09
C THR F 137 -39.52 53.60 38.86
N LYS F 138 -38.35 54.06 38.43
CA LYS F 138 -37.66 55.21 38.98
C LYS F 138 -37.51 56.26 37.90
N GLU F 139 -38.15 57.41 38.08
CA GLU F 139 -38.22 58.44 37.06
C GLU F 139 -37.70 59.77 37.60
N LYS F 140 -36.91 60.46 36.78
CA LYS F 140 -36.41 61.79 37.12
C LYS F 140 -37.39 62.81 36.55
N GLN F 141 -38.22 63.38 37.43
CA GLN F 141 -39.19 64.40 37.03
C GLN F 141 -39.25 65.46 38.12
N GLY F 142 -38.80 66.66 37.79
CA GLY F 142 -38.82 67.75 38.74
C GLY F 142 -38.20 68.99 38.15
N THR F 143 -38.27 70.07 38.94
CA THR F 143 -37.69 71.34 38.49
C THR F 143 -36.19 71.24 38.29
N THR F 144 -35.49 70.61 39.24
CA THR F 144 -34.05 70.39 39.11
C THR F 144 -33.71 68.98 38.66
N GLY F 145 -34.65 68.04 38.79
CA GLY F 145 -34.36 66.66 38.46
C GLY F 145 -34.57 65.72 39.62
N GLY F 146 -35.46 66.08 40.53
CA GLY F 146 -35.79 65.22 41.65
C GLY F 146 -36.33 63.88 41.18
N VAL F 147 -35.53 62.84 41.33
CA VAL F 147 -35.87 61.51 40.81
C VAL F 147 -36.85 60.87 41.78
N GLN F 148 -38.09 60.70 41.34
CA GLN F 148 -39.15 60.13 42.16
C GLN F 148 -39.55 58.78 41.57
N GLN F 149 -39.68 57.77 42.43
CA GLN F 149 -39.94 56.40 42.01
C GLN F 149 -41.36 56.02 42.41
N GLU F 150 -42.27 56.06 41.44
CA GLU F 150 -43.68 55.77 41.66
C GLU F 150 -44.22 55.09 40.41
N LYS F 151 -45.55 55.08 40.25
CA LYS F 151 -46.14 54.54 39.03
C LYS F 151 -45.87 55.49 37.88
N ASP F 152 -44.59 55.57 37.52
CA ASP F 152 -44.03 56.41 36.47
C ASP F 152 -44.33 55.78 35.12
N VAL F 153 -43.42 55.91 34.15
CA VAL F 153 -43.58 55.41 32.78
C VAL F 153 -44.29 54.06 32.71
N THR F 154 -44.49 53.42 33.86
CA THR F 154 -45.35 52.25 33.98
C THR F 154 -46.68 52.44 33.25
N LYS F 155 -47.33 51.33 32.90
CA LYS F 155 -48.45 51.29 31.96
C LYS F 155 -47.98 51.56 30.55
N THR F 156 -46.74 51.19 30.26
CA THR F 156 -46.04 51.57 29.03
C THR F 156 -46.49 50.76 27.83
N PHE F 157 -47.33 49.75 28.01
CA PHE F 157 -48.00 49.08 26.89
C PHE F 157 -49.48 49.07 27.22
N GLY F 158 -50.26 49.79 26.43
CA GLY F 158 -51.64 50.05 26.78
C GLY F 158 -52.61 49.93 25.62
N VAL F 159 -52.39 48.99 24.72
CA VAL F 159 -53.20 48.86 23.51
C VAL F 159 -54.67 48.91 23.89
N ALA F 160 -55.36 49.93 23.37
CA ALA F 160 -56.74 50.21 23.77
C ALA F 160 -57.44 50.79 22.56
N ALA F 161 -58.45 50.08 22.05
CA ALA F 161 -59.09 50.51 20.81
C ALA F 161 -60.60 50.32 20.83
N THR F 162 -61.21 50.21 22.01
CA THR F 162 -62.64 49.94 22.05
C THR F 162 -63.45 51.12 21.54
N GLY F 163 -63.05 52.34 21.88
CA GLY F 163 -63.77 53.51 21.42
C GLY F 163 -65.06 53.75 22.19
N GLY F 164 -65.48 55.01 22.27
CA GLY F 164 -66.69 55.35 22.98
C GLY F 164 -67.14 56.76 22.69
N ILE F 165 -68.07 57.23 23.51
CA ILE F 165 -68.65 58.55 23.36
C ILE F 165 -67.94 59.58 24.22
N ASN F 166 -67.78 59.28 25.51
CA ASN F 166 -67.19 60.24 26.44
C ASN F 166 -66.73 59.51 27.68
N ILE F 167 -65.53 59.83 28.14
CA ILE F 167 -64.93 59.18 29.30
C ILE F 167 -65.30 59.95 30.55
N THR F 168 -65.84 59.24 31.54
CA THR F 168 -66.21 59.87 32.80
C THR F 168 -65.80 59.01 33.99
N ASN F 169 -66.31 59.37 35.17
CA ASN F 169 -65.88 58.71 36.40
C ASN F 169 -66.23 57.23 36.40
N GLN F 170 -67.42 56.89 35.93
CA GLN F 170 -67.94 55.53 36.09
C GLN F 170 -67.48 54.57 35.00
N GLY F 171 -66.77 55.03 34.00
CA GLY F 171 -66.31 54.15 32.95
C GLY F 171 -66.08 54.92 31.66
N LEU F 172 -66.53 54.33 30.55
CA LEU F 172 -66.25 54.88 29.23
C LEU F 172 -67.49 55.34 28.47
N LEU F 173 -68.69 55.00 28.93
CA LEU F 173 -69.93 55.39 28.26
C LEU F 173 -69.95 54.87 26.80
N LEU F 174 -70.03 53.54 26.72
CA LEU F 174 -70.03 52.86 25.43
C LEU F 174 -71.00 53.49 24.45
N GLY F 175 -72.27 53.52 24.80
CA GLY F 175 -73.29 54.03 23.89
C GLY F 175 -74.45 54.63 24.65
N THR F 176 -75.10 55.61 24.02
CA THR F 176 -76.28 56.25 24.58
C THR F 176 -77.52 55.48 24.15
N ASP F 177 -78.38 55.17 25.10
CA ASP F 177 -79.57 54.37 24.84
C ASP F 177 -80.65 55.25 24.22
N GLU F 178 -81.88 54.72 24.14
CA GLU F 178 -83.00 55.48 23.62
C GLU F 178 -83.34 56.65 24.54
N THR F 179 -83.91 57.70 23.94
CA THR F 179 -84.36 58.90 24.64
C THR F 179 -83.19 59.64 25.29
N ALA F 180 -81.97 59.17 25.05
CA ALA F 180 -80.74 59.85 25.50
C ALA F 180 -80.77 60.11 27.00
N GLU F 181 -81.17 59.12 27.78
CA GLU F 181 -81.25 59.23 29.23
C GLU F 181 -80.17 58.46 29.96
N ASN F 182 -80.00 57.18 29.65
CA ASN F 182 -79.07 56.35 30.39
C ASN F 182 -77.70 56.35 29.72
N GLY F 183 -76.66 56.56 30.52
CA GLY F 183 -75.31 56.55 29.97
C GLY F 183 -74.91 55.19 29.45
N LYS F 184 -75.38 54.13 30.11
CA LYS F 184 -75.05 52.75 29.72
C LYS F 184 -73.53 52.57 29.65
N LYS F 185 -72.85 52.97 30.72
CA LYS F 185 -71.41 53.15 30.69
C LYS F 185 -70.67 51.87 30.36
N ASP F 186 -70.68 50.90 31.27
CA ASP F 186 -70.05 49.62 31.04
C ASP F 186 -70.27 48.72 32.25
N ILE F 187 -70.11 47.43 32.04
CA ILE F 187 -70.01 46.45 33.11
C ILE F 187 -68.55 46.03 33.18
N TYR F 188 -67.85 46.47 34.21
CA TYR F 188 -66.42 46.26 34.28
C TYR F 188 -66.04 44.89 34.83
N ALA F 189 -66.99 43.94 34.82
CA ALA F 189 -66.70 42.57 35.22
C ALA F 189 -66.43 41.67 34.01
N ASP F 190 -67.31 41.66 33.03
CA ASP F 190 -67.18 40.80 31.86
C ASP F 190 -66.82 41.56 30.60
N LYS F 191 -67.65 42.53 30.21
CA LYS F 191 -67.36 43.38 29.07
C LYS F 191 -66.58 44.63 29.48
N THR F 192 -65.79 44.52 30.55
CA THR F 192 -64.94 45.59 31.03
C THR F 192 -64.35 46.36 29.86
N PHE F 193 -63.59 45.64 29.04
CA PHE F 193 -63.46 45.95 27.63
C PHE F 193 -63.00 44.66 26.96
N GLN F 194 -63.95 43.95 26.36
CA GLN F 194 -63.62 42.65 25.79
C GLN F 194 -62.46 42.82 24.83
N PRO F 195 -61.41 41.99 24.93
CA PRO F 195 -60.21 42.25 24.14
C PRO F 195 -60.43 42.27 22.66
N GLU F 196 -61.33 41.44 22.12
CA GLU F 196 -61.45 41.33 20.67
C GLU F 196 -62.30 42.42 20.01
N PRO F 197 -63.46 42.84 20.55
CA PRO F 197 -64.28 43.79 19.79
C PRO F 197 -63.84 45.24 19.93
N GLN F 198 -63.01 45.67 18.99
CA GLN F 198 -62.64 47.06 18.94
C GLN F 198 -63.29 47.80 17.84
N VAL F 199 -62.82 49.01 17.53
CA VAL F 199 -63.50 49.85 16.54
C VAL F 199 -62.84 49.46 15.34
N GLY F 200 -62.31 48.29 15.42
CA GLY F 200 -61.60 47.86 14.29
C GLY F 200 -62.46 47.61 13.09
N GLU F 201 -63.74 47.56 13.25
CA GLU F 201 -64.45 47.16 12.10
C GLU F 201 -64.29 47.99 10.86
N GLU F 202 -64.46 49.30 10.90
CA GLU F 202 -64.42 50.04 9.69
C GLU F 202 -63.05 50.39 9.73
N ASN F 203 -62.23 49.48 9.38
CA ASN F 203 -60.84 49.69 9.52
C ASN F 203 -60.40 51.04 9.53
N TRP F 204 -60.05 51.43 8.37
CA TRP F 204 -59.46 52.67 8.34
C TRP F 204 -60.24 53.78 8.89
N GLN F 205 -61.53 53.76 8.70
CA GLN F 205 -62.19 54.92 9.16
C GLN F 205 -62.48 54.65 10.60
N GLU F 206 -61.56 55.07 11.43
CA GLU F 206 -61.71 54.85 12.84
C GLU F 206 -61.41 56.10 13.55
N ASN F 207 -62.33 57.01 13.58
CA ASN F 207 -61.95 58.24 14.18
C ASN F 207 -62.79 58.42 15.35
N GLU F 208 -62.33 57.88 16.45
CA GLU F 208 -63.15 57.95 17.65
C GLU F 208 -62.59 58.99 18.60
N ALA F 209 -63.47 59.62 19.36
CA ALA F 209 -63.03 60.68 20.26
C ALA F 209 -62.27 60.12 21.45
N PHE F 210 -62.71 58.99 22.01
CA PHE F 210 -62.08 58.43 23.19
C PHE F 210 -61.94 56.93 23.01
N TYR F 211 -60.97 56.36 23.70
CA TYR F 211 -60.70 54.92 23.62
C TYR F 211 -60.49 54.37 25.02
N GLY F 212 -60.47 53.05 25.11
CA GLY F 212 -60.25 52.39 26.38
C GLY F 212 -59.90 50.94 26.16
N GLY F 213 -59.21 50.36 27.16
CA GLY F 213 -58.79 48.98 27.07
C GLY F 213 -58.47 48.39 28.42
N ARG F 214 -57.97 47.16 28.44
CA ARG F 214 -57.64 46.46 29.67
C ARG F 214 -56.15 46.15 29.69
N ALA F 215 -55.57 46.18 30.89
CA ALA F 215 -54.14 45.96 31.05
C ALA F 215 -53.89 45.31 32.40
N LEU F 216 -52.72 44.69 32.53
CA LEU F 216 -52.35 43.94 33.72
C LEU F 216 -51.67 44.85 34.73
N LYS F 217 -51.95 44.62 36.01
CA LYS F 217 -51.36 45.43 37.07
C LYS F 217 -49.92 44.98 37.34
N LYS F 218 -49.19 45.83 38.05
CA LYS F 218 -47.77 45.58 38.27
C LYS F 218 -47.52 44.34 39.12
N ASP F 219 -48.51 43.90 39.91
CA ASP F 219 -48.29 42.76 40.78
C ASP F 219 -48.08 41.48 39.98
N THR F 220 -48.81 41.32 38.89
CA THR F 220 -48.66 40.14 38.05
C THR F 220 -47.36 40.20 37.28
N LYS F 221 -46.52 39.17 37.42
CA LYS F 221 -45.25 39.09 36.70
C LYS F 221 -45.54 38.90 35.22
N MET F 222 -45.24 39.91 34.42
CA MET F 222 -45.65 39.90 33.03
C MET F 222 -44.81 38.95 32.20
N LYS F 223 -45.46 38.29 31.25
CA LYS F 223 -44.85 37.36 30.32
C LYS F 223 -45.38 37.68 28.93
N PRO F 224 -44.67 37.29 27.88
CA PRO F 224 -45.09 37.67 26.53
C PRO F 224 -46.45 37.08 26.18
N CYS F 225 -47.16 37.78 25.29
CA CYS F 225 -48.51 37.38 24.93
C CYS F 225 -48.55 35.97 24.37
N TYR F 226 -47.54 35.60 23.59
CA TYR F 226 -47.49 34.29 22.97
C TYR F 226 -47.60 33.19 24.02
N GLY F 227 -48.68 32.42 23.98
CA GLY F 227 -48.86 31.33 24.92
C GLY F 227 -49.06 31.75 26.35
N SER F 228 -49.82 32.81 26.59
CA SER F 228 -50.15 33.26 27.94
C SER F 228 -51.65 33.10 28.14
N PHE F 229 -52.01 32.33 29.16
CA PHE F 229 -53.40 31.98 29.43
C PHE F 229 -53.74 32.28 30.88
N ALA F 230 -54.97 32.71 31.12
CA ALA F 230 -55.44 33.03 32.46
C ALA F 230 -56.89 32.64 32.56
N ARG F 231 -57.20 31.70 33.46
CA ARG F 231 -58.52 31.10 33.51
C ARG F 231 -59.58 32.16 33.84
N PRO F 232 -60.78 32.03 33.28
CA PRO F 232 -61.83 33.00 33.58
C PRO F 232 -62.27 32.92 35.03
N THR F 233 -62.71 34.06 35.55
CA THR F 233 -63.20 34.14 36.93
C THR F 233 -64.71 34.10 37.04
N ASN F 234 -65.42 34.73 36.10
CA ASN F 234 -66.86 34.71 36.10
C ASN F 234 -67.37 34.02 34.83
N GLU F 235 -68.58 33.48 34.91
CA GLU F 235 -69.15 32.70 33.83
C GLU F 235 -69.36 33.53 32.57
N LYS F 236 -69.36 34.86 32.67
CA LYS F 236 -69.64 35.72 31.54
C LYS F 236 -68.39 36.08 30.76
N GLY F 237 -67.36 35.23 30.81
CA GLY F 237 -66.16 35.44 30.02
C GLY F 237 -65.18 36.42 30.60
N GLY F 238 -65.45 36.98 31.77
CA GLY F 238 -64.54 37.92 32.39
C GLY F 238 -63.18 37.30 32.62
N GLN F 239 -62.12 38.02 32.26
CA GLN F 239 -60.78 37.48 32.40
C GLN F 239 -60.46 37.28 33.87
N ALA F 240 -59.43 36.49 34.12
CA ALA F 240 -58.97 36.24 35.48
C ALA F 240 -58.82 37.54 36.24
N LYS F 241 -59.58 37.68 37.32
CA LYS F 241 -59.52 38.86 38.17
C LYS F 241 -59.44 38.36 39.61
N PHE F 242 -58.24 38.32 40.16
CA PHE F 242 -58.07 37.96 41.56
C PHE F 242 -58.89 38.90 42.44
N LYS F 243 -59.50 38.33 43.46
CA LYS F 243 -60.10 39.16 44.50
C LYS F 243 -58.99 39.93 45.23
N PRO F 244 -59.28 41.14 45.69
CA PRO F 244 -58.27 41.89 46.44
C PRO F 244 -57.82 41.10 47.66
N VAL F 245 -56.54 41.24 47.98
CA VAL F 245 -55.94 40.51 49.10
C VAL F 245 -56.73 40.80 50.37
N ASN F 246 -57.25 39.74 50.99
CA ASN F 246 -58.09 39.86 52.16
C ASN F 246 -57.33 39.41 53.40
N GLU F 247 -57.47 40.18 54.49
CA GLU F 247 -56.74 39.93 55.73
C GLU F 247 -57.50 38.90 56.56
N GLY F 248 -57.50 37.66 56.06
CA GLY F 248 -58.12 36.56 56.75
C GLY F 248 -59.62 36.42 56.57
N GLU F 249 -60.25 37.31 55.80
CA GLU F 249 -61.68 37.28 55.56
C GLU F 249 -61.98 36.58 54.24
N GLN F 250 -63.27 36.47 53.93
CA GLN F 250 -63.68 35.83 52.69
C GLN F 250 -63.41 36.75 51.51
N PRO F 251 -63.17 36.18 50.33
CA PRO F 251 -63.06 37.01 49.11
C PRO F 251 -64.39 37.67 48.81
N LYS F 252 -64.36 38.98 48.67
CA LYS F 252 -65.58 39.79 48.58
C LYS F 252 -65.89 40.27 47.17
N ASP F 253 -64.94 40.93 46.52
CA ASP F 253 -65.19 41.54 45.22
C ASP F 253 -63.97 41.32 44.34
N LEU F 254 -63.89 42.05 43.24
CA LEU F 254 -62.79 41.94 42.30
C LEU F 254 -61.85 43.12 42.45
N ASP F 255 -60.61 42.94 41.98
CA ASP F 255 -59.54 43.91 42.15
C ASP F 255 -59.28 44.59 40.81
N ILE F 256 -60.03 45.66 40.54
CA ILE F 256 -59.90 46.44 39.31
C ILE F 256 -59.85 47.91 39.68
N ASP F 257 -59.14 48.69 38.89
CA ASP F 257 -59.08 50.14 39.07
C ASP F 257 -58.94 50.81 37.71
N PHE F 258 -58.97 52.13 37.72
CA PHE F 258 -59.00 52.93 36.50
C PHE F 258 -57.71 53.73 36.36
N ALA F 259 -57.29 53.92 35.12
CA ALA F 259 -56.11 54.72 34.80
C ALA F 259 -56.46 55.67 33.67
N TYR F 260 -56.54 56.96 33.96
CA TYR F 260 -56.91 57.97 32.98
C TYR F 260 -55.66 58.68 32.48
N PHE F 261 -55.58 58.83 31.16
CA PHE F 261 -54.42 59.45 30.52
C PHE F 261 -54.84 60.73 29.79
N ASP F 262 -53.89 61.32 29.07
CA ASP F 262 -54.16 62.48 28.24
C ASP F 262 -53.01 62.65 27.25
N VAL F 263 -53.33 63.18 26.09
CA VAL F 263 -52.29 63.47 25.10
C VAL F 263 -51.33 64.51 25.67
N PRO F 264 -50.02 64.28 25.64
CA PRO F 264 -49.10 65.22 26.28
C PRO F 264 -49.17 66.62 25.71
N GLY F 265 -49.63 66.77 24.47
CA GLY F 265 -49.81 68.08 23.91
C GLY F 265 -50.74 68.92 24.75
N GLY F 266 -50.30 70.13 25.09
CA GLY F 266 -51.10 71.00 25.90
C GLY F 266 -52.07 71.82 25.07
N SER F 267 -53.29 71.32 24.93
CA SER F 267 -54.32 72.05 24.22
C SER F 267 -54.71 73.30 25.01
N PRO F 268 -55.31 74.28 24.36
CA PRO F 268 -55.68 75.51 25.06
C PRO F 268 -56.57 75.22 26.25
N PRO F 269 -56.43 75.97 27.33
CA PRO F 269 -57.15 75.64 28.58
C PRO F 269 -58.65 75.66 28.37
N ALA F 270 -59.34 74.80 29.11
CA ALA F 270 -60.80 74.71 29.04
C ALA F 270 -61.39 75.94 29.71
N GLY F 271 -61.75 76.95 28.90
CA GLY F 271 -62.32 78.16 29.44
C GLY F 271 -61.35 79.03 30.19
N GLY F 272 -60.06 78.91 29.91
CA GLY F 272 -59.06 79.69 30.61
C GLY F 272 -58.62 79.14 31.95
N SER F 273 -59.09 77.95 32.32
CA SER F 273 -58.72 77.32 33.58
C SER F 273 -57.58 76.34 33.34
N GLY F 274 -56.52 76.47 34.15
CA GLY F 274 -55.36 75.61 33.97
C GLY F 274 -54.61 75.96 32.69
N GLU F 275 -53.76 75.02 32.27
CA GLU F 275 -53.03 75.16 31.02
C GLU F 275 -53.42 74.10 30.00
N GLU F 276 -53.31 72.82 30.35
CA GLU F 276 -53.62 71.74 29.44
C GLU F 276 -55.01 71.16 29.74
N TYR F 277 -55.42 70.23 28.90
CA TYR F 277 -56.79 69.75 28.86
C TYR F 277 -56.88 68.32 29.40
N LYS F 278 -58.07 67.73 29.30
CA LYS F 278 -58.34 66.37 29.76
C LYS F 278 -59.01 65.61 28.62
N ALA F 279 -58.20 65.06 27.71
CA ALA F 279 -58.67 64.21 26.62
C ALA F 279 -58.04 62.84 26.81
N ASP F 280 -58.85 61.86 27.21
CA ASP F 280 -58.34 60.70 27.91
C ASP F 280 -58.48 59.42 27.10
N ILE F 281 -57.70 58.43 27.54
CA ILE F 281 -57.89 57.02 27.21
C ILE F 281 -57.74 56.26 28.51
N ILE F 282 -58.77 55.48 28.87
CA ILE F 282 -58.75 54.79 30.15
C ILE F 282 -58.20 53.38 29.94
N LEU F 283 -57.78 52.77 31.05
CA LEU F 283 -57.27 51.40 31.04
C LEU F 283 -57.72 50.71 32.32
N TYR F 284 -58.64 49.78 32.19
CA TYR F 284 -59.02 48.93 33.31
C TYR F 284 -57.84 48.05 33.65
N THR F 285 -57.45 48.03 34.92
CA THR F 285 -56.23 47.37 35.36
C THR F 285 -56.56 46.37 36.46
N GLU F 286 -56.01 45.17 36.35
CA GLU F 286 -56.29 44.13 37.33
C GLU F 286 -55.18 43.09 37.27
N ASN F 287 -55.31 42.07 38.13
CA ASN F 287 -54.38 40.95 38.18
C ASN F 287 -55.07 39.70 37.69
N VAL F 288 -54.33 38.85 36.99
CA VAL F 288 -54.87 37.62 36.42
C VAL F 288 -54.02 36.46 36.88
N ASN F 289 -54.58 35.25 36.76
CA ASN F 289 -53.86 34.02 37.08
C ASN F 289 -52.96 33.64 35.90
N LEU F 290 -52.08 34.57 35.54
CA LEU F 290 -51.25 34.40 34.35
C LEU F 290 -50.35 33.17 34.50
N GLU F 291 -50.26 32.41 33.43
CA GLU F 291 -49.45 31.20 33.41
C GLU F 291 -49.29 30.72 31.98
N THR F 292 -48.10 30.22 31.66
CA THR F 292 -47.78 29.71 30.34
C THR F 292 -47.72 28.19 30.42
N PRO F 293 -48.85 27.50 30.24
CA PRO F 293 -48.85 26.05 30.48
C PRO F 293 -47.94 25.26 29.57
N ASP F 294 -47.71 25.71 28.34
CA ASP F 294 -46.85 24.98 27.42
C ASP F 294 -45.59 25.75 27.04
N THR F 295 -45.72 27.00 26.60
CA THR F 295 -44.55 27.75 26.16
C THR F 295 -43.63 28.06 27.32
N HIS F 296 -42.35 28.27 27.00
CA HIS F 296 -41.35 28.65 27.97
C HIS F 296 -40.56 29.84 27.42
N VAL F 297 -39.98 30.61 28.33
CA VAL F 297 -39.22 31.79 27.95
C VAL F 297 -37.83 31.35 27.51
N VAL F 298 -37.44 31.76 26.30
CA VAL F 298 -36.14 31.37 25.75
C VAL F 298 -35.14 32.52 25.78
N TYR F 299 -35.59 33.77 25.83
CA TYR F 299 -34.71 34.91 25.95
C TYR F 299 -35.11 35.70 27.18
N LYS F 300 -34.12 36.03 28.01
CA LYS F 300 -34.38 36.84 29.18
C LYS F 300 -33.23 37.83 29.37
N PRO F 301 -33.48 39.13 29.29
CA PRO F 301 -32.38 40.09 29.35
C PRO F 301 -31.64 40.09 30.68
N GLY F 302 -32.34 40.27 31.79
CA GLY F 302 -31.75 40.29 33.10
C GLY F 302 -32.22 39.13 33.97
N THR F 303 -31.36 38.76 34.91
CA THR F 303 -31.64 37.66 35.83
C THR F 303 -32.64 38.16 36.86
N SER F 304 -33.88 38.35 36.40
CA SER F 304 -34.94 38.85 37.25
C SER F 304 -36.27 38.41 36.67
N ASP F 305 -37.31 38.53 37.49
CA ASP F 305 -38.64 38.06 37.14
C ASP F 305 -39.69 39.15 37.18
N ASN F 306 -39.61 40.05 38.16
CA ASN F 306 -40.64 41.06 38.34
C ASN F 306 -40.73 41.97 37.12
N SER F 307 -41.84 42.70 37.05
CA SER F 307 -42.11 43.52 35.88
C SER F 307 -41.19 44.74 35.83
N SER F 308 -40.58 44.95 34.67
CA SER F 308 -39.76 46.13 34.41
C SER F 308 -39.62 46.26 32.91
N GLU F 309 -39.35 47.50 32.46
CA GLU F 309 -39.30 47.77 31.02
C GLU F 309 -38.29 46.87 30.31
N ILE F 310 -37.23 46.46 31.01
CA ILE F 310 -36.28 45.53 30.41
C ILE F 310 -36.91 44.15 30.26
N ASN F 311 -37.74 43.75 31.22
CA ASN F 311 -38.45 42.47 31.14
C ASN F 311 -39.57 42.50 30.11
N LEU F 312 -39.85 43.67 29.53
CA LEU F 312 -40.86 43.74 28.49
C LEU F 312 -40.45 42.99 27.24
N VAL F 313 -39.18 42.66 27.10
CA VAL F 313 -38.65 42.00 25.90
C VAL F 313 -38.25 40.60 26.29
N GLN F 314 -39.03 39.61 25.84
CA GLN F 314 -38.65 38.21 26.05
C GLN F 314 -39.44 37.34 25.10
N GLN F 315 -38.74 36.68 24.18
CA GLN F 315 -39.39 35.74 23.28
C GLN F 315 -39.77 34.47 24.04
N SER F 316 -40.53 33.60 23.38
CA SER F 316 -40.96 32.36 24.01
C SER F 316 -41.20 31.30 22.94
N MET F 317 -40.21 30.43 22.74
CA MET F 317 -40.45 29.26 21.91
C MET F 317 -41.37 28.29 22.67
N PRO F 318 -42.27 27.61 21.99
CA PRO F 318 -43.12 26.63 22.67
C PRO F 318 -42.32 25.41 23.07
N ASN F 319 -42.87 24.69 24.05
CA ASN F 319 -42.20 23.50 24.54
C ASN F 319 -42.11 22.43 23.44
N ARG F 320 -41.12 21.58 23.58
CA ARG F 320 -40.91 20.52 22.60
C ARG F 320 -42.09 19.56 22.60
N PRO F 321 -42.63 19.20 21.45
CA PRO F 321 -43.71 18.22 21.41
C PRO F 321 -43.26 16.88 21.97
N ASN F 322 -44.16 16.20 22.67
CA ASN F 322 -43.83 14.93 23.30
C ASN F 322 -45.10 14.11 23.39
N TYR F 323 -45.15 13.00 22.66
CA TYR F 323 -46.29 12.11 22.65
C TYR F 323 -45.99 10.89 23.50
N ILE F 324 -46.84 10.61 24.48
CA ILE F 324 -46.66 9.49 25.39
C ILE F 324 -47.82 8.52 25.20
N GLY F 325 -47.54 7.34 24.67
CA GLY F 325 -48.56 6.34 24.49
C GLY F 325 -48.04 4.97 24.82
N PHE F 326 -48.95 4.01 24.84
CA PHE F 326 -48.56 2.64 25.13
C PHE F 326 -47.65 2.10 24.04
N ARG F 327 -46.90 1.06 24.39
CA ARG F 327 -46.00 0.44 23.44
C ARG F 327 -46.78 -0.20 22.30
N ASP F 328 -46.08 -0.43 21.19
CA ASP F 328 -46.68 -1.16 20.09
C ASP F 328 -46.92 -2.61 20.49
N ASN F 329 -48.09 -3.14 20.13
CA ASN F 329 -48.50 -4.49 20.51
C ASN F 329 -48.46 -4.70 22.02
N PHE F 330 -48.39 -3.61 22.78
CA PHE F 330 -48.24 -3.66 24.23
C PHE F 330 -47.03 -4.49 24.65
N VAL F 331 -45.90 -4.29 23.98
CA VAL F 331 -44.69 -4.99 24.39
C VAL F 331 -44.25 -4.48 25.74
N GLY F 332 -43.74 -5.38 26.58
CA GLY F 332 -43.30 -5.01 27.90
C GLY F 332 -44.39 -4.96 28.95
N LEU F 333 -45.66 -4.99 28.54
CA LEU F 333 -46.74 -4.90 29.53
C LEU F 333 -46.82 -6.14 30.40
N MET F 334 -46.47 -7.30 29.86
CA MET F 334 -46.49 -8.53 30.63
C MET F 334 -45.14 -9.21 30.54
N TYR F 335 -44.74 -9.85 31.64
CA TYR F 335 -43.40 -10.40 31.77
C TYR F 335 -43.22 -11.59 30.83
N TYR F 336 -42.23 -11.50 29.96
CA TYR F 336 -41.81 -12.61 29.13
C TYR F 336 -40.34 -12.89 29.39
N ASN F 337 -39.99 -14.17 29.49
CA ASN F 337 -38.62 -14.64 29.61
C ASN F 337 -37.95 -14.19 30.90
N SER F 338 -38.67 -13.52 31.79
CA SER F 338 -38.17 -13.23 33.12
C SER F 338 -38.45 -14.46 33.97
N THR F 339 -37.46 -15.34 34.08
CA THR F 339 -37.66 -16.61 34.77
C THR F 339 -38.08 -16.42 36.22
N GLY F 340 -37.73 -15.29 36.83
CA GLY F 340 -38.15 -15.05 38.21
C GLY F 340 -39.65 -15.03 38.35
N ASN F 341 -40.34 -14.35 37.45
CA ASN F 341 -41.80 -14.25 37.47
C ASN F 341 -42.31 -14.60 36.07
N MET F 342 -42.48 -15.90 35.83
CA MET F 342 -43.03 -16.39 34.58
C MET F 342 -44.47 -16.82 34.78
N GLY F 343 -45.29 -16.61 33.75
CA GLY F 343 -46.64 -17.10 33.79
C GLY F 343 -46.69 -18.61 33.72
N VAL F 344 -47.81 -19.18 34.16
CA VAL F 344 -47.98 -20.62 34.17
C VAL F 344 -49.27 -20.96 33.44
N LEU F 345 -49.33 -22.19 32.93
CA LEU F 345 -50.55 -22.75 32.36
C LEU F 345 -50.48 -24.25 32.64
N ALA F 346 -51.15 -24.69 33.69
CA ALA F 346 -51.03 -26.05 34.16
C ALA F 346 -52.39 -26.61 34.47
N GLY F 347 -52.48 -27.94 34.50
CA GLY F 347 -53.70 -28.56 34.96
C GLY F 347 -53.99 -28.18 36.40
N GLN F 348 -55.28 -28.03 36.71
CA GLN F 348 -55.64 -27.75 38.09
C GLN F 348 -55.35 -28.95 38.98
N ALA F 349 -55.55 -30.16 38.46
CA ALA F 349 -55.29 -31.37 39.24
C ALA F 349 -53.82 -31.49 39.60
N SER F 350 -52.93 -31.22 38.64
CA SER F 350 -51.49 -31.33 38.85
C SER F 350 -50.85 -30.02 38.46
N GLN F 351 -50.19 -29.37 39.41
CA GLN F 351 -49.69 -28.02 39.20
C GLN F 351 -48.46 -28.00 38.32
N LEU F 352 -48.19 -29.11 37.63
CA LEU F 352 -47.03 -29.19 36.75
C LEU F 352 -47.13 -28.15 35.65
N ASN F 353 -46.31 -27.11 35.72
CA ASN F 353 -46.36 -26.03 34.76
C ASN F 353 -45.90 -26.50 33.39
N ALA F 354 -46.44 -25.86 32.35
CA ALA F 354 -46.14 -26.24 30.97
C ALA F 354 -45.67 -25.05 30.15
N VAL F 355 -45.15 -24.00 30.79
CA VAL F 355 -44.71 -22.78 30.11
C VAL F 355 -43.25 -22.53 30.42
N VAL F 356 -42.45 -23.59 30.49
CA VAL F 356 -41.03 -23.46 30.80
C VAL F 356 -40.40 -22.43 29.87
N ASP F 357 -39.88 -21.36 30.44
CA ASP F 357 -39.40 -20.21 29.69
C ASP F 357 -37.93 -19.96 30.00
N LEU F 358 -37.18 -19.57 28.99
CA LEU F 358 -35.74 -19.37 29.10
C LEU F 358 -35.41 -17.90 29.27
N GLN F 359 -34.21 -17.64 29.78
CA GLN F 359 -33.76 -16.28 29.99
C GLN F 359 -33.36 -15.59 28.70
N ASP F 360 -33.07 -16.35 27.64
CA ASP F 360 -32.55 -15.78 26.41
C ASP F 360 -33.52 -15.82 25.24
N ARG F 361 -34.55 -16.65 25.29
CA ARG F 361 -35.48 -16.73 24.17
C ARG F 361 -36.34 -15.47 24.11
N ASN F 362 -35.93 -14.50 23.32
CA ASN F 362 -36.70 -13.27 23.18
C ASN F 362 -38.04 -13.55 22.53
N THR F 363 -39.12 -13.09 23.15
CA THR F 363 -40.46 -13.32 22.63
C THR F 363 -41.22 -12.05 22.26
N GLU F 364 -40.79 -10.89 22.73
CA GLU F 364 -41.36 -9.66 22.21
C GLU F 364 -40.91 -9.41 20.78
N LEU F 365 -39.60 -9.56 20.53
CA LEU F 365 -39.07 -9.39 19.18
C LEU F 365 -39.59 -10.46 18.24
N SER F 366 -39.70 -11.70 18.73
CA SER F 366 -40.15 -12.79 17.88
C SER F 366 -41.57 -12.55 17.38
N TYR F 367 -42.43 -12.03 18.23
CA TYR F 367 -43.81 -11.78 17.81
C TYR F 367 -43.91 -10.53 16.94
N GLN F 368 -42.91 -9.66 17.02
CA GLN F 368 -42.89 -8.48 16.17
C GLN F 368 -42.62 -8.87 14.72
N LEU F 369 -41.62 -9.71 14.50
CA LEU F 369 -41.33 -10.17 13.15
C LEU F 369 -42.42 -11.10 12.64
N LEU F 370 -43.03 -11.87 13.54
CA LEU F 370 -44.07 -12.81 13.12
C LEU F 370 -45.26 -12.09 12.51
N LEU F 371 -45.67 -10.97 13.11
CA LEU F 371 -46.77 -10.20 12.57
C LEU F 371 -46.43 -9.65 11.18
N ASP F 372 -45.20 -9.19 11.01
CA ASP F 372 -44.78 -8.67 9.71
C ASP F 372 -44.80 -9.77 8.65
N SER F 373 -44.38 -10.98 9.02
CA SER F 373 -44.40 -12.08 8.08
C SER F 373 -45.82 -12.42 7.64
N LEU F 374 -46.78 -12.38 8.57
CA LEU F 374 -48.15 -12.73 8.23
C LEU F 374 -48.85 -11.60 7.50
N GLY F 375 -48.99 -10.44 8.15
CA GLY F 375 -49.73 -9.35 7.57
C GLY F 375 -48.87 -8.38 6.80
N ASP F 376 -49.06 -7.09 7.05
CA ASP F 376 -48.24 -6.06 6.41
C ASP F 376 -47.75 -4.97 7.37
N ARG F 377 -48.40 -4.77 8.51
CA ARG F 377 -48.04 -3.80 9.54
C ARG F 377 -48.24 -2.36 9.11
N THR F 378 -48.60 -2.10 7.85
CA THR F 378 -48.88 -0.74 7.43
C THR F 378 -50.27 -0.28 7.82
N ARG F 379 -51.15 -1.22 8.18
CA ARG F 379 -52.52 -0.91 8.55
C ARG F 379 -52.68 -0.96 10.05
N TYR F 380 -53.33 0.03 10.61
CA TYR F 380 -53.43 0.19 12.05
C TYR F 380 -54.59 -0.63 12.59
N PHE F 381 -54.30 -1.51 13.54
CA PHE F 381 -55.30 -2.29 14.25
C PHE F 381 -55.35 -1.76 15.67
N SER F 382 -56.41 -1.03 15.99
CA SER F 382 -56.49 -0.40 17.30
C SER F 382 -56.59 -1.42 18.42
N MET F 383 -57.22 -2.57 18.17
CA MET F 383 -57.49 -3.52 19.24
C MET F 383 -56.19 -4.01 19.87
N TRP F 384 -55.38 -4.72 19.10
CA TRP F 384 -54.06 -5.13 19.60
C TRP F 384 -53.07 -3.99 19.61
N ASN F 385 -53.50 -2.78 19.28
CA ASN F 385 -52.64 -1.60 19.30
C ASN F 385 -51.47 -1.76 18.34
N SER F 386 -51.67 -2.48 17.24
CA SER F 386 -50.65 -2.62 16.22
C SER F 386 -50.50 -1.31 15.45
N ALA F 387 -49.57 -0.48 15.88
CA ALA F 387 -49.42 0.88 15.36
C ALA F 387 -47.94 1.15 15.10
N VAL F 388 -47.32 0.26 14.32
CA VAL F 388 -45.87 0.21 14.11
C VAL F 388 -45.25 1.58 13.97
N ASP F 389 -44.22 1.84 14.78
CA ASP F 389 -43.52 3.12 14.72
C ASP F 389 -42.69 3.19 13.46
N SER F 390 -42.83 4.30 12.73
CA SER F 390 -42.23 4.44 11.41
C SER F 390 -41.73 5.87 11.25
N TYR F 391 -40.42 6.05 11.32
CA TYR F 391 -39.83 7.35 11.11
C TYR F 391 -40.14 7.86 9.71
N ASP F 392 -40.31 9.17 9.60
CA ASP F 392 -40.54 9.77 8.29
C ASP F 392 -39.33 9.53 7.41
N PRO F 393 -39.50 8.97 6.20
CA PRO F 393 -38.34 8.74 5.34
C PRO F 393 -37.67 10.02 4.89
N ASP F 394 -38.34 11.16 4.96
CA ASP F 394 -37.77 12.43 4.51
C ASP F 394 -37.04 13.19 5.61
N VAL F 395 -37.04 12.68 6.84
CA VAL F 395 -36.34 13.35 7.92
C VAL F 395 -35.09 12.59 8.37
N ARG F 396 -35.06 11.27 8.22
CA ARG F 396 -33.81 10.55 8.42
C ARG F 396 -32.79 10.93 7.35
N ILE F 397 -33.25 11.05 6.12
CA ILE F 397 -32.45 11.54 5.01
C ILE F 397 -33.01 12.89 4.63
N ILE F 398 -32.18 13.92 4.68
CA ILE F 398 -32.66 15.30 4.66
C ILE F 398 -32.51 15.87 3.25
N GLU F 399 -32.60 15.00 2.24
CA GLU F 399 -32.47 15.41 0.85
C GLU F 399 -33.26 16.67 0.56
N ASN F 400 -32.56 17.72 0.15
CA ASN F 400 -33.19 19.00 -0.12
C ASN F 400 -32.84 19.43 -1.54
N HIS F 401 -33.86 19.79 -2.31
CA HIS F 401 -33.67 20.27 -3.67
C HIS F 401 -33.75 21.78 -3.72
N GLY F 402 -33.24 22.44 -2.68
CA GLY F 402 -33.42 23.86 -2.60
C GLY F 402 -34.87 24.18 -2.28
N VAL F 403 -35.29 25.36 -2.67
CA VAL F 403 -36.63 25.85 -2.36
C VAL F 403 -37.24 26.47 -3.62
N GLU F 404 -38.51 26.18 -3.85
CA GLU F 404 -39.20 26.62 -5.08
C GLU F 404 -39.63 28.08 -4.92
N ASP F 405 -38.69 28.99 -5.12
CA ASP F 405 -38.99 30.40 -5.16
C ASP F 405 -38.43 30.99 -6.45
N GLU F 406 -39.29 31.67 -7.21
CA GLU F 406 -38.85 32.31 -8.43
C GLU F 406 -39.32 33.75 -8.46
N LEU F 407 -40.47 34.03 -7.86
CA LEU F 407 -41.02 35.37 -7.81
C LEU F 407 -41.29 35.77 -6.36
N PRO F 408 -41.22 37.06 -6.06
CA PRO F 408 -41.37 37.50 -4.68
C PRO F 408 -42.81 37.43 -4.21
N ASN F 409 -42.97 37.50 -2.90
CA ASN F 409 -44.27 37.55 -2.25
C ASN F 409 -44.32 38.78 -1.37
N TYR F 410 -45.45 39.48 -1.39
CA TYR F 410 -45.55 40.78 -0.76
C TYR F 410 -46.62 40.81 0.32
N CYS F 411 -46.46 41.75 1.25
CA CYS F 411 -47.48 42.09 2.23
C CYS F 411 -47.90 43.54 1.99
N PHE F 412 -49.20 43.78 1.96
CA PHE F 412 -49.74 45.08 1.62
C PHE F 412 -50.53 45.66 2.78
N PRO F 413 -50.65 46.99 2.86
CA PRO F 413 -51.42 47.59 3.94
C PRO F 413 -52.90 47.26 3.82
N LEU F 414 -53.59 47.34 4.95
CA LEU F 414 -54.97 46.88 5.01
C LEU F 414 -55.85 47.59 3.99
N ASN F 415 -55.63 48.88 3.76
CA ASN F 415 -56.46 49.63 2.83
C ASN F 415 -55.62 50.01 1.62
N GLY F 416 -55.44 49.06 0.70
CA GLY F 416 -54.94 49.39 -0.61
C GLY F 416 -53.51 49.86 -0.59
N THR F 417 -53.32 51.06 -0.03
CA THR F 417 -52.03 51.72 0.06
C THR F 417 -51.93 52.40 1.41
N GLY F 418 -50.70 52.60 1.87
CA GLY F 418 -50.48 53.29 3.13
C GLY F 418 -50.29 54.78 2.93
N THR F 419 -50.98 55.32 1.93
CA THR F 419 -50.76 56.72 1.56
C THR F 419 -51.18 57.66 2.68
N ASN F 420 -50.33 58.64 2.95
CA ASN F 420 -50.63 59.73 3.87
C ASN F 420 -50.25 61.02 3.14
N SER F 421 -51.16 61.53 2.32
CA SER F 421 -50.83 62.66 1.46
C SER F 421 -52.12 63.36 1.07
N THR F 422 -52.34 64.55 1.60
CA THR F 422 -53.49 65.35 1.21
C THR F 422 -53.22 66.02 -0.14
N TYR F 423 -54.31 66.36 -0.83
CA TYR F 423 -54.22 67.06 -2.10
C TYR F 423 -55.44 67.96 -2.24
N GLN F 424 -55.42 68.80 -3.27
CA GLN F 424 -56.53 69.69 -3.56
C GLN F 424 -56.78 69.71 -5.06
N GLY F 425 -58.05 69.89 -5.43
CA GLY F 425 -58.40 69.96 -6.84
C GLY F 425 -57.96 71.28 -7.43
N VAL F 426 -57.48 71.24 -8.67
CA VAL F 426 -57.01 72.43 -9.36
C VAL F 426 -57.60 72.46 -10.77
N LYS F 427 -57.66 73.66 -11.32
CA LYS F 427 -58.31 73.90 -12.60
C LYS F 427 -57.38 74.72 -13.49
N ILE F 428 -57.50 74.52 -14.79
CA ILE F 428 -56.72 75.25 -15.78
C ILE F 428 -57.58 76.39 -16.33
N THR F 429 -57.06 77.60 -16.29
CA THR F 429 -57.81 78.78 -16.71
C THR F 429 -57.62 79.01 -18.22
N ASN F 430 -58.08 78.03 -19.01
CA ASN F 430 -58.16 78.10 -20.46
C ASN F 430 -56.77 78.11 -21.11
N GLY F 431 -55.71 78.13 -20.31
CA GLY F 431 -54.36 78.09 -20.85
C GLY F 431 -53.46 77.13 -20.11
N ASN F 432 -52.94 76.12 -20.83
CA ASN F 432 -52.09 75.09 -20.24
C ASN F 432 -50.62 75.46 -20.22
N ASP F 433 -50.27 76.66 -20.68
CA ASP F 433 -48.87 77.06 -20.79
C ASP F 433 -48.33 77.52 -19.44
N GLY F 434 -47.11 77.09 -19.14
CA GLY F 434 -46.42 77.53 -17.94
C GLY F 434 -47.09 77.04 -16.66
N ALA F 435 -46.79 77.76 -15.58
CA ALA F 435 -47.31 77.45 -14.26
C ALA F 435 -48.50 78.32 -13.88
N GLU F 436 -49.09 79.02 -14.84
CA GLU F 436 -50.27 79.84 -14.60
C GLU F 436 -51.57 79.06 -14.68
N GLU F 437 -51.50 77.75 -14.95
CA GLU F 437 -52.69 76.92 -15.01
C GLU F 437 -53.18 76.50 -13.63
N SER F 438 -53.27 77.43 -12.69
CA SER F 438 -53.64 77.11 -11.33
C SER F 438 -54.88 77.93 -10.95
N GLU F 439 -56.04 77.37 -11.27
CA GLU F 439 -57.29 77.85 -10.70
C GLU F 439 -57.71 76.91 -9.58
N TRP F 440 -56.86 76.89 -8.55
CA TRP F 440 -57.03 75.92 -7.46
C TRP F 440 -58.39 76.06 -6.79
N GLU F 441 -58.90 77.27 -6.68
CA GLU F 441 -60.23 77.49 -6.11
C GLU F 441 -61.26 76.86 -7.03
N LYS F 442 -61.84 75.75 -6.60
CA LYS F 442 -62.75 74.99 -7.43
C LYS F 442 -63.77 74.30 -6.52
N ASP F 443 -64.45 73.29 -7.05
CA ASP F 443 -65.49 72.55 -6.33
C ASP F 443 -64.96 71.24 -5.75
N ASP F 444 -63.69 71.20 -5.36
CA ASP F 444 -63.08 70.01 -4.81
C ASP F 444 -62.60 70.26 -3.39
N ALA F 445 -61.97 69.24 -2.80
CA ALA F 445 -61.51 69.32 -1.41
C ALA F 445 -60.31 70.24 -1.34
N ILE F 446 -60.59 71.54 -1.27
CA ILE F 446 -59.54 72.56 -1.25
C ILE F 446 -58.71 72.40 0.01
N SER F 447 -59.34 72.58 1.16
CA SER F 447 -58.66 72.43 2.44
C SER F 447 -58.76 71.03 3.00
N ARG F 448 -59.36 70.10 2.26
CA ARG F 448 -59.50 68.71 2.71
C ARG F 448 -58.70 67.80 1.80
N GLN F 449 -58.45 66.60 2.29
CA GLN F 449 -57.53 65.70 1.63
C GLN F 449 -58.16 65.05 0.40
N ASN F 450 -57.29 64.57 -0.47
CA ASN F 450 -57.64 63.61 -1.53
C ASN F 450 -56.48 62.62 -1.55
N GLN F 451 -56.59 61.56 -0.77
CA GLN F 451 -55.46 60.67 -0.54
C GLN F 451 -55.03 60.01 -1.84
N ILE F 452 -53.78 60.24 -2.23
CA ILE F 452 -53.23 59.65 -3.44
C ILE F 452 -51.85 59.11 -3.11
N CYS F 453 -51.59 57.86 -3.48
CA CYS F 453 -50.32 57.22 -3.10
C CYS F 453 -49.13 57.89 -3.74
N LYS F 454 -49.32 58.62 -4.83
CA LYS F 454 -48.30 59.40 -5.54
C LYS F 454 -47.23 58.51 -6.15
N GLY F 455 -47.31 57.20 -5.97
CA GLY F 455 -46.30 56.32 -6.49
C GLY F 455 -46.75 54.89 -6.37
N ASN F 456 -45.78 53.99 -6.43
CA ASN F 456 -46.08 52.56 -6.30
C ASN F 456 -46.71 52.29 -4.95
N VAL F 457 -47.49 51.20 -4.89
CA VAL F 457 -48.12 50.80 -3.65
C VAL F 457 -47.06 50.46 -2.63
N TYR F 458 -47.18 51.01 -1.42
CA TYR F 458 -46.26 50.68 -0.36
C TYR F 458 -46.43 49.22 0.05
N ALA F 459 -45.32 48.50 0.14
CA ALA F 459 -45.38 47.10 0.50
C ALA F 459 -43.99 46.65 0.94
N MET F 460 -43.95 45.54 1.67
CA MET F 460 -42.71 44.86 2.01
C MET F 460 -42.86 43.38 1.68
N GLU F 461 -41.73 42.72 1.47
CA GLU F 461 -41.74 41.39 0.88
C GLU F 461 -41.30 40.36 1.91
N ILE F 462 -41.67 39.11 1.65
CA ILE F 462 -41.34 37.99 2.51
C ILE F 462 -41.14 36.76 1.64
N ASN F 463 -40.05 36.04 1.86
CA ASN F 463 -39.78 34.82 1.11
C ASN F 463 -40.56 33.70 1.80
N LEU F 464 -41.78 33.47 1.31
CA LEU F 464 -42.65 32.48 1.94
C LEU F 464 -42.05 31.09 1.88
N GLN F 465 -41.64 30.66 0.68
CA GLN F 465 -41.21 29.28 0.51
C GLN F 465 -39.95 28.97 1.32
N ALA F 466 -38.98 29.90 1.32
CA ALA F 466 -37.76 29.66 2.08
C ALA F 466 -38.03 29.61 3.58
N ASN F 467 -38.83 30.55 4.09
CA ASN F 467 -39.16 30.55 5.51
C ASN F 467 -39.89 29.28 5.89
N LEU F 468 -40.82 28.85 5.04
CA LEU F 468 -41.56 27.62 5.32
C LEU F 468 -40.63 26.42 5.31
N TRP F 469 -39.68 26.38 4.37
CA TRP F 469 -38.75 25.26 4.31
C TRP F 469 -37.79 25.26 5.49
N LYS F 470 -37.27 26.44 5.85
CA LYS F 470 -36.31 26.51 6.95
C LYS F 470 -36.97 26.15 8.27
N SER F 471 -38.25 26.45 8.43
CA SER F 471 -38.96 26.07 9.64
C SER F 471 -39.07 24.55 9.75
N PHE F 472 -39.31 23.88 8.63
CA PHE F 472 -39.39 22.42 8.64
C PHE F 472 -38.07 21.81 9.06
N LEU F 473 -36.96 22.37 8.57
CA LEU F 473 -35.64 21.82 8.90
C LEU F 473 -35.34 21.96 10.38
N TYR F 474 -35.54 23.16 10.93
CA TYR F 474 -35.18 23.38 12.33
C TYR F 474 -36.04 22.54 13.26
N SER F 475 -37.34 22.46 12.98
CA SER F 475 -38.26 21.88 13.94
C SER F 475 -37.98 20.39 14.16
N ASN F 476 -37.73 19.65 13.07
CA ASN F 476 -37.61 18.20 13.17
C ASN F 476 -36.23 17.68 12.77
N VAL F 477 -35.23 18.56 12.69
CA VAL F 477 -33.86 18.09 12.56
C VAL F 477 -32.99 18.75 13.62
N ALA F 478 -33.04 20.07 13.69
CA ALA F 478 -32.17 20.80 14.62
C ALA F 478 -32.44 20.41 16.06
N LEU F 479 -33.70 20.33 16.45
CA LEU F 479 -34.03 20.04 17.84
C LEU F 479 -33.69 18.61 18.24
N TYR F 480 -33.42 17.72 17.30
CA TYR F 480 -33.12 16.34 17.61
C TYR F 480 -31.63 16.02 17.41
N LEU F 481 -30.79 17.02 17.59
CA LEU F 481 -29.35 16.81 17.57
C LEU F 481 -28.88 16.26 18.91
N PRO F 482 -27.75 15.56 18.92
CA PRO F 482 -27.20 15.10 20.20
C PRO F 482 -26.87 16.28 21.11
N ASP F 483 -26.94 16.03 22.41
CA ASP F 483 -26.89 17.11 23.39
C ASP F 483 -25.65 17.98 23.25
N SER F 484 -24.52 17.40 22.86
CA SER F 484 -23.26 18.15 22.86
C SER F 484 -23.31 19.38 21.96
N TYR F 485 -24.17 19.38 20.94
CA TYR F 485 -24.29 20.56 20.08
C TYR F 485 -25.10 21.67 20.75
N LYS F 486 -26.09 21.33 21.55
CA LYS F 486 -26.93 22.32 22.19
C LYS F 486 -26.15 23.06 23.28
N TYR F 487 -26.63 24.26 23.61
CA TYR F 487 -26.04 25.07 24.66
C TYR F 487 -27.14 25.72 25.47
N THR F 488 -26.80 26.13 26.68
CA THR F 488 -27.89 26.77 27.41
C THR F 488 -27.71 28.28 27.43
N PRO F 489 -28.80 29.04 27.40
CA PRO F 489 -28.68 30.49 27.54
C PRO F 489 -28.20 30.87 28.93
N ALA F 490 -27.74 32.12 29.03
CA ALA F 490 -27.01 32.54 30.22
C ALA F 490 -27.93 32.68 31.44
N ASN F 491 -29.16 33.14 31.23
CA ASN F 491 -30.04 33.53 32.32
C ASN F 491 -31.09 32.45 32.62
N VAL F 492 -30.71 31.18 32.52
CA VAL F 492 -31.60 30.08 32.86
C VAL F 492 -30.87 29.08 33.73
N LYS F 493 -31.63 28.24 34.41
CA LYS F 493 -31.11 27.13 35.20
C LYS F 493 -31.84 25.86 34.80
N LEU F 494 -31.09 24.77 34.72
CA LEU F 494 -31.64 23.49 34.29
C LEU F 494 -31.35 22.42 35.33
N PRO F 495 -32.18 21.39 35.40
CA PRO F 495 -31.99 20.35 36.42
C PRO F 495 -30.68 19.62 36.23
N ALA F 496 -30.31 18.87 37.27
CA ALA F 496 -29.02 18.17 37.28
C ALA F 496 -28.96 17.11 36.18
N ASN F 497 -29.81 16.10 36.27
CA ASN F 497 -29.72 14.98 35.34
C ASN F 497 -30.21 15.38 33.96
N THR F 498 -29.62 14.76 32.94
CA THR F 498 -29.89 15.09 31.56
C THR F 498 -31.02 14.28 30.95
N ASN F 499 -31.69 13.44 31.74
CA ASN F 499 -32.80 12.66 31.24
C ASN F 499 -34.15 13.31 31.48
N THR F 500 -34.23 14.29 32.36
CA THR F 500 -35.51 14.92 32.67
C THR F 500 -35.99 15.76 31.49
N TYR F 501 -37.31 15.95 31.43
CA TYR F 501 -37.90 16.73 30.36
C TYR F 501 -37.45 18.18 30.42
N GLU F 502 -37.34 18.74 31.63
CA GLU F 502 -36.99 20.15 31.78
C GLU F 502 -35.62 20.44 31.17
N TYR F 503 -34.65 19.56 31.41
CA TYR F 503 -33.33 19.75 30.82
C TYR F 503 -33.36 19.52 29.32
N MET F 504 -34.08 18.49 28.87
CA MET F 504 -34.14 18.19 27.44
C MET F 504 -34.87 19.27 26.67
N ASN F 505 -35.55 20.17 27.36
CA ASN F 505 -36.30 21.25 26.75
C ASN F 505 -35.69 22.62 26.99
N GLY F 506 -35.04 22.81 28.13
CA GLY F 506 -34.52 24.14 28.45
C GLY F 506 -33.43 24.59 27.49
N ARG F 507 -32.48 23.71 27.20
CA ARG F 507 -31.33 24.11 26.40
C ARG F 507 -31.69 24.22 24.93
N VAL F 508 -31.03 25.15 24.24
CA VAL F 508 -31.40 25.54 22.89
C VAL F 508 -30.29 25.13 21.93
N VAL F 509 -30.63 25.11 20.64
CA VAL F 509 -29.70 24.76 19.58
C VAL F 509 -29.59 25.92 18.62
N ALA F 510 -28.46 26.00 17.93
CA ALA F 510 -28.28 27.10 16.98
C ALA F 510 -29.03 26.79 15.69
N PRO F 511 -29.92 27.68 15.25
CA PRO F 511 -30.66 27.41 14.00
C PRO F 511 -29.77 27.24 12.79
N SER F 512 -28.65 27.96 12.73
CA SER F 512 -27.76 27.89 11.58
C SER F 512 -27.02 26.57 11.48
N LEU F 513 -27.11 25.73 12.51
CA LEU F 513 -26.39 24.46 12.48
C LEU F 513 -26.89 23.56 11.36
N VAL F 514 -28.19 23.58 11.09
CA VAL F 514 -28.78 22.75 10.04
C VAL F 514 -29.62 23.63 9.11
N ASP F 515 -29.20 24.88 8.92
CA ASP F 515 -29.93 25.83 8.10
C ASP F 515 -30.13 25.32 6.68
N ALA F 516 -30.96 26.00 5.90
CA ALA F 516 -31.41 25.47 4.62
C ALA F 516 -30.29 25.24 3.62
N TYR F 517 -29.11 25.82 3.86
CA TYR F 517 -28.01 25.72 2.93
C TYR F 517 -27.06 24.56 3.23
N ILE F 518 -27.53 23.49 3.85
CA ILE F 518 -26.67 22.37 4.17
C ILE F 518 -26.86 21.27 3.13
N ASN F 519 -25.76 20.83 2.53
CA ASN F 519 -25.77 19.75 1.56
C ASN F 519 -26.81 20.00 0.48
N ILE F 520 -26.79 21.22 -0.08
CA ILE F 520 -27.79 21.60 -1.08
C ILE F 520 -27.72 20.66 -2.26
N GLY F 521 -28.87 20.13 -2.65
CA GLY F 521 -28.95 19.20 -3.76
C GLY F 521 -28.23 17.90 -3.52
N ALA F 522 -28.39 17.33 -2.32
CA ALA F 522 -27.72 16.09 -1.99
C ALA F 522 -28.63 15.24 -1.11
N ARG F 523 -28.62 13.94 -1.36
CA ARG F 523 -29.37 12.99 -0.52
C ARG F 523 -28.43 12.53 0.56
N TRP F 524 -28.38 13.28 1.66
CA TRP F 524 -27.39 13.08 2.70
C TRP F 524 -28.07 13.18 4.06
N SER F 525 -27.53 12.44 5.03
CA SER F 525 -28.04 12.47 6.39
C SER F 525 -26.94 13.01 7.30
N LEU F 526 -27.30 13.96 8.16
CA LEU F 526 -26.33 14.59 9.03
C LEU F 526 -25.63 13.54 9.89
N ASP F 527 -24.31 13.42 9.68
CA ASP F 527 -23.51 12.50 10.49
C ASP F 527 -23.65 12.72 11.99
N PRO F 528 -23.71 13.95 12.51
CA PRO F 528 -23.92 14.10 13.96
C PRO F 528 -25.14 13.34 14.47
N MET F 529 -26.23 13.31 13.72
CA MET F 529 -27.43 12.59 14.13
C MET F 529 -27.74 11.43 13.20
N ASP F 530 -26.70 10.81 12.63
CA ASP F 530 -26.92 9.59 11.87
C ASP F 530 -27.18 8.40 12.79
N ASN F 531 -26.44 8.32 13.89
CA ASN F 531 -26.60 7.24 14.87
C ASN F 531 -27.43 7.69 16.06
N VAL F 532 -28.44 8.52 15.83
CA VAL F 532 -29.39 8.93 16.84
C VAL F 532 -30.74 8.31 16.51
N ASN F 533 -31.36 7.70 17.50
CA ASN F 533 -32.58 6.92 17.32
C ASN F 533 -33.61 7.71 16.52
N PRO F 534 -33.98 7.26 15.32
CA PRO F 534 -34.93 8.00 14.50
C PRO F 534 -36.38 7.72 14.83
N PHE F 535 -36.65 6.71 15.65
CA PHE F 535 -38.01 6.35 16.03
C PHE F 535 -38.49 7.12 17.24
N ASN F 536 -37.87 8.26 17.53
CA ASN F 536 -38.25 9.14 18.63
C ASN F 536 -38.44 10.53 18.01
N HIS F 537 -39.67 10.81 17.58
CA HIS F 537 -39.87 11.96 16.71
C HIS F 537 -41.35 12.31 16.66
N PRO F 538 -41.71 13.60 16.61
CA PRO F 538 -43.14 13.93 16.53
C PRO F 538 -43.78 13.46 15.25
N ARG F 539 -42.99 13.18 14.21
CA ARG F 539 -43.53 12.70 12.95
C ARG F 539 -43.45 11.18 12.84
N ASN F 540 -43.19 10.50 13.94
CA ASN F 540 -43.27 9.04 13.98
C ASN F 540 -44.74 8.66 13.90
N ALA F 541 -45.19 8.33 12.70
CA ALA F 541 -46.63 8.18 12.46
C ALA F 541 -47.24 7.11 13.35
N GLY F 542 -46.44 6.11 13.74
CA GLY F 542 -46.98 5.07 14.60
C GLY F 542 -47.24 5.56 16.01
N LEU F 543 -46.19 6.02 16.68
CA LEU F 543 -46.33 6.49 18.05
C LEU F 543 -47.29 7.68 18.12
N ARG F 544 -47.24 8.57 17.14
CA ARG F 544 -48.19 9.67 17.10
C ARG F 544 -49.62 9.17 17.11
N TYR F 545 -49.87 8.00 16.51
CA TYR F 545 -51.22 7.44 16.50
C TYR F 545 -51.60 6.91 17.87
N ARG F 546 -50.70 6.16 18.50
CA ARG F 546 -51.01 5.57 19.80
C ARG F 546 -51.25 6.64 20.85
N SER F 547 -50.49 7.72 20.80
CA SER F 547 -50.63 8.77 21.82
C SER F 547 -52.03 9.36 21.82
N MET F 548 -52.56 9.67 20.64
CA MET F 548 -53.89 10.25 20.55
C MET F 548 -54.99 9.21 20.53
N LEU F 549 -54.64 7.92 20.58
CA LEU F 549 -55.66 6.90 20.75
C LEU F 549 -56.17 6.86 22.19
N LEU F 550 -55.33 7.23 23.15
CA LEU F 550 -55.76 7.35 24.53
C LEU F 550 -56.40 8.70 24.82
N GLY F 551 -56.24 9.69 23.95
CA GLY F 551 -56.82 11.00 24.15
C GLY F 551 -55.80 12.11 24.19
N ASN F 552 -56.15 13.22 24.85
CA ASN F 552 -55.25 14.38 25.00
C ASN F 552 -55.38 14.87 26.43
N GLY F 553 -54.63 14.27 27.35
CA GLY F 553 -54.74 14.68 28.73
C GLY F 553 -53.75 13.94 29.59
N ARG F 554 -53.79 14.28 30.88
CA ARG F 554 -52.91 13.68 31.87
C ARG F 554 -53.57 12.59 32.69
N TYR F 555 -54.89 12.44 32.61
CA TYR F 555 -55.61 11.55 33.51
C TYR F 555 -56.51 10.61 32.72
N VAL F 556 -55.93 9.96 31.72
CA VAL F 556 -56.69 9.04 30.89
C VAL F 556 -57.00 7.77 31.66
N PRO F 557 -58.26 7.34 31.75
CA PRO F 557 -58.53 5.94 32.08
C PRO F 557 -58.46 5.10 30.81
N PHE F 558 -57.82 3.95 30.89
CA PHE F 558 -57.55 3.13 29.73
C PHE F 558 -58.22 1.77 29.85
N HIS F 559 -58.61 1.22 28.70
CA HIS F 559 -59.24 -0.10 28.63
C HIS F 559 -58.55 -0.83 27.48
N ILE F 560 -57.43 -1.47 27.78
CA ILE F 560 -56.60 -2.10 26.76
C ILE F 560 -56.74 -3.61 26.88
N GLN F 561 -56.46 -4.30 25.78
CA GLN F 561 -56.71 -5.74 25.65
C GLN F 561 -55.45 -6.40 25.10
N VAL F 562 -54.59 -6.88 26.00
CA VAL F 562 -53.29 -7.42 25.62
C VAL F 562 -53.48 -8.80 25.00
N PRO F 563 -52.78 -9.12 23.92
CA PRO F 563 -52.81 -10.49 23.40
C PRO F 563 -51.88 -11.42 24.17
N GLN F 564 -51.72 -12.64 23.68
CA GLN F 564 -50.76 -13.58 24.25
C GLN F 564 -49.68 -13.87 23.23
N LYS F 565 -48.42 -13.68 23.61
CA LYS F 565 -47.33 -13.70 22.66
C LYS F 565 -46.36 -14.86 22.83
N PHE F 566 -46.53 -15.70 23.86
CA PHE F 566 -45.64 -16.84 24.01
C PHE F 566 -45.92 -17.87 22.94
N PHE F 567 -44.86 -18.50 22.44
CA PHE F 567 -45.02 -19.32 21.23
C PHE F 567 -45.70 -20.66 21.51
N ALA F 568 -45.47 -21.25 22.68
CA ALA F 568 -46.00 -22.59 22.94
C ALA F 568 -47.51 -22.57 23.07
N ILE F 569 -48.07 -21.49 23.60
CA ILE F 569 -49.50 -21.41 23.84
C ILE F 569 -50.12 -20.24 23.07
N LYS F 570 -49.46 -19.77 22.02
CA LYS F 570 -50.03 -18.71 21.21
C LYS F 570 -51.28 -19.17 20.51
N ASN F 571 -51.22 -20.32 19.82
CA ASN F 571 -52.36 -20.87 19.12
C ASN F 571 -52.57 -22.32 19.49
N LEU F 572 -52.25 -22.68 20.73
CA LEU F 572 -52.53 -24.01 21.23
C LEU F 572 -54.02 -24.27 21.25
N LEU F 573 -54.43 -25.45 20.82
CA LEU F 573 -55.83 -25.87 20.87
C LEU F 573 -55.96 -26.86 22.01
N LEU F 574 -56.41 -26.37 23.16
CA LEU F 574 -56.42 -27.19 24.37
C LEU F 574 -57.82 -27.74 24.62
N LEU F 575 -57.86 -29.00 25.01
CA LEU F 575 -59.04 -29.84 25.08
C LEU F 575 -59.76 -29.63 26.41
N PRO F 576 -60.92 -30.24 26.64
CA PRO F 576 -61.65 -30.00 27.89
C PRO F 576 -60.84 -30.34 29.13
N GLY F 577 -61.07 -29.56 30.19
CA GLY F 577 -60.36 -29.74 31.43
C GLY F 577 -60.61 -28.54 32.34
N SER F 578 -59.59 -28.22 33.12
CA SER F 578 -59.63 -27.06 34.00
C SER F 578 -58.21 -26.67 34.33
N TYR F 579 -57.77 -25.51 33.83
CA TYR F 579 -56.38 -25.10 33.91
C TYR F 579 -56.24 -23.88 34.80
N THR F 580 -55.00 -23.44 34.97
CA THR F 580 -54.74 -22.35 35.92
C THR F 580 -53.92 -21.23 35.29
N TYR F 581 -54.35 -20.77 34.11
CA TYR F 581 -53.73 -19.64 33.44
C TYR F 581 -53.49 -18.48 34.38
N GLU F 582 -52.24 -17.99 34.45
CA GLU F 582 -51.92 -16.84 35.27
C GLU F 582 -50.68 -16.16 34.70
N TRP F 583 -50.56 -14.86 34.94
CA TRP F 583 -49.47 -14.10 34.35
C TRP F 583 -49.14 -12.89 35.23
N ASN F 584 -47.95 -12.35 35.04
CA ASN F 584 -47.45 -11.21 35.79
C ASN F 584 -47.29 -10.02 34.86
N PHE F 585 -47.92 -8.91 35.19
CA PHE F 585 -47.87 -7.70 34.39
C PHE F 585 -46.90 -6.70 34.99
N ARG F 586 -46.55 -5.70 34.20
CA ARG F 586 -45.52 -4.74 34.59
C ARG F 586 -46.17 -3.40 34.88
N LYS F 587 -46.22 -3.01 36.15
CA LYS F 587 -46.75 -1.70 36.53
C LYS F 587 -45.73 -0.59 36.38
N ASP F 588 -44.50 -0.91 36.00
CA ASP F 588 -43.52 0.12 35.72
C ASP F 588 -44.00 1.02 34.60
N VAL F 589 -43.76 2.31 34.74
CA VAL F 589 -44.22 3.28 33.75
C VAL F 589 -43.21 3.48 32.64
N ASN F 590 -41.91 3.38 32.97
CA ASN F 590 -40.88 3.66 31.99
C ASN F 590 -40.77 2.58 30.93
N MET F 591 -41.29 1.39 31.19
CA MET F 591 -41.21 0.30 30.23
C MET F 591 -42.45 0.17 29.35
N ILE F 592 -43.64 0.43 29.91
CA ILE F 592 -44.88 0.22 29.18
C ILE F 592 -45.41 1.49 28.54
N LEU F 593 -44.67 2.59 28.58
CA LEU F 593 -45.11 3.85 27.98
C LEU F 593 -43.98 4.41 27.13
N GLN F 594 -44.16 4.37 25.82
CA GLN F 594 -43.18 4.92 24.90
C GLN F 594 -43.39 6.42 24.77
N SER F 595 -42.31 7.18 24.93
CA SER F 595 -42.35 8.64 24.83
C SER F 595 -41.51 9.08 23.65
N SER F 596 -42.07 9.98 22.84
CA SER F 596 -41.38 10.39 21.62
C SER F 596 -40.08 11.12 21.93
N LEU F 597 -40.07 11.95 22.98
CA LEU F 597 -38.86 12.70 23.29
C LEU F 597 -37.77 11.81 23.85
N GLY F 598 -38.11 10.60 24.31
CA GLY F 598 -37.13 9.68 24.83
C GLY F 598 -36.66 9.97 26.24
N ASN F 599 -37.33 10.86 26.95
CA ASN F 599 -36.89 11.28 28.28
C ASN F 599 -37.23 10.19 29.29
N ASP F 600 -37.07 10.49 30.57
CA ASP F 600 -37.41 9.58 31.65
C ASP F 600 -38.83 9.87 32.10
N LEU F 601 -39.63 8.82 32.27
CA LEU F 601 -41.02 8.98 32.64
C LEU F 601 -41.31 8.80 34.12
N ARG F 602 -40.43 8.12 34.85
CA ARG F 602 -40.71 7.88 36.26
C ARG F 602 -40.55 9.13 37.10
N VAL F 603 -39.82 10.13 36.59
CA VAL F 603 -39.71 11.39 37.30
C VAL F 603 -40.94 12.26 37.14
N ASP F 604 -41.90 11.86 36.29
CA ASP F 604 -43.03 12.70 35.95
C ASP F 604 -44.37 12.09 36.40
N GLY F 605 -44.71 10.89 35.95
CA GLY F 605 -46.00 10.32 36.27
C GLY F 605 -46.11 8.87 35.82
N ALA F 606 -46.93 8.09 36.51
CA ALA F 606 -46.91 6.64 36.35
C ALA F 606 -48.33 6.08 36.29
N SER F 607 -48.43 4.90 35.68
CA SER F 607 -49.69 4.14 35.64
C SER F 607 -49.96 3.55 37.01
N VAL F 608 -50.51 4.37 37.91
CA VAL F 608 -50.52 4.04 39.33
C VAL F 608 -51.32 2.77 39.61
N ARG F 609 -52.33 2.48 38.81
CA ARG F 609 -53.27 1.44 39.22
C ARG F 609 -53.71 0.59 38.04
N PHE F 610 -53.75 -0.72 38.27
CA PHE F 610 -54.51 -1.65 37.45
C PHE F 610 -55.74 -2.03 38.28
N ASP F 611 -56.90 -1.49 37.89
CA ASP F 611 -58.10 -1.75 38.67
C ASP F 611 -58.53 -3.21 38.55
N SER F 612 -58.60 -3.74 37.33
CA SER F 612 -59.08 -5.10 37.15
C SER F 612 -58.49 -5.69 35.88
N VAL F 613 -58.40 -7.01 35.85
CA VAL F 613 -57.83 -7.76 34.74
C VAL F 613 -58.64 -9.02 34.54
N ASN F 614 -59.33 -9.13 33.41
CA ASN F 614 -60.19 -10.28 33.13
C ASN F 614 -59.68 -11.04 31.91
N LEU F 615 -60.08 -12.29 31.81
CA LEU F 615 -59.81 -13.12 30.65
C LEU F 615 -61.04 -13.15 29.76
N TYR F 616 -60.84 -13.33 28.46
CA TYR F 616 -61.94 -13.31 27.51
C TYR F 616 -61.82 -14.43 26.48
N ALA F 617 -61.60 -15.65 26.95
CA ALA F 617 -61.60 -16.80 26.05
C ALA F 617 -62.94 -16.92 25.33
N THR F 618 -62.89 -17.16 24.02
CA THR F 618 -64.08 -17.37 23.21
C THR F 618 -64.01 -18.72 22.53
N PHE F 619 -65.13 -19.44 22.56
CA PHE F 619 -65.20 -20.80 22.02
C PHE F 619 -65.93 -20.80 20.68
N PHE F 620 -65.67 -21.85 19.91
CA PHE F 620 -66.39 -22.07 18.66
C PHE F 620 -67.52 -23.04 18.91
N PRO F 621 -68.77 -22.65 18.69
CA PRO F 621 -69.87 -23.57 19.01
C PRO F 621 -69.89 -24.75 18.06
N MET F 622 -69.44 -25.89 18.55
CA MET F 622 -69.21 -27.06 17.72
C MET F 622 -70.11 -28.19 18.19
N ALA F 623 -70.69 -28.91 17.23
CA ALA F 623 -71.57 -30.03 17.58
C ALA F 623 -70.83 -31.03 18.45
N HIS F 624 -71.48 -31.46 19.53
CA HIS F 624 -70.82 -32.32 20.50
C HIS F 624 -70.45 -33.67 19.90
N ASN F 625 -71.05 -34.04 18.77
CA ASN F 625 -70.63 -35.25 18.08
C ASN F 625 -69.21 -35.11 17.55
N THR F 626 -68.92 -34.00 16.86
CA THR F 626 -67.58 -33.78 16.35
C THR F 626 -66.61 -33.39 17.46
N ALA F 627 -67.04 -32.51 18.36
CA ALA F 627 -66.12 -32.04 19.40
C ALA F 627 -65.65 -33.19 20.28
N SER F 628 -66.55 -34.12 20.60
CA SER F 628 -66.12 -35.32 21.30
C SER F 628 -65.19 -36.16 20.43
N THR F 629 -65.50 -36.27 19.14
CA THR F 629 -64.63 -37.04 18.26
C THR F 629 -63.29 -36.35 18.05
N LEU F 630 -63.31 -35.03 17.86
CA LEU F 630 -62.06 -34.30 17.70
C LEU F 630 -61.20 -34.41 18.96
N GLU F 631 -61.83 -34.33 20.13
CA GLU F 631 -61.09 -34.48 21.37
C GLU F 631 -60.47 -35.86 21.48
N ALA F 632 -61.21 -36.89 21.08
CA ALA F 632 -60.69 -38.25 21.18
C ALA F 632 -59.45 -38.44 20.33
N MET F 633 -59.43 -37.85 19.14
CA MET F 633 -58.26 -37.98 18.27
C MET F 633 -57.08 -37.16 18.78
N LEU F 634 -57.33 -35.91 19.18
CA LEU F 634 -56.25 -35.09 19.70
C LEU F 634 -55.74 -35.59 21.03
N ARG F 635 -56.52 -36.43 21.72
CA ARG F 635 -56.06 -37.03 22.97
C ARG F 635 -55.01 -38.09 22.75
N ASN F 636 -54.80 -38.51 21.51
CA ASN F 636 -53.85 -39.57 21.19
C ASN F 636 -52.43 -39.11 21.44
N ASP F 637 -51.45 -39.97 21.22
CA ASP F 637 -50.05 -39.59 21.38
C ASP F 637 -49.36 -39.30 20.06
N THR F 638 -49.92 -39.75 18.94
CA THR F 638 -49.40 -39.40 17.64
C THR F 638 -49.86 -38.04 17.16
N HIS F 639 -50.86 -37.46 17.80
CA HIS F 639 -51.46 -36.21 17.37
C HIS F 639 -51.05 -35.03 18.23
N ASP F 640 -50.02 -35.19 19.06
CA ASP F 640 -49.58 -34.10 19.91
C ASP F 640 -49.14 -32.92 19.05
N GLN F 641 -49.74 -31.76 19.31
CA GLN F 641 -49.47 -30.56 18.54
C GLN F 641 -48.06 -30.08 18.77
N SER F 642 -47.46 -29.50 17.75
CA SER F 642 -46.11 -29.01 17.83
C SER F 642 -46.03 -27.59 17.28
N PHE F 643 -45.33 -26.72 18.01
CA PHE F 643 -45.16 -25.33 17.62
C PHE F 643 -43.67 -25.01 17.65
N ASN F 644 -43.31 -23.87 17.07
CA ASN F 644 -41.93 -23.44 17.09
C ASN F 644 -41.88 -21.93 17.02
N ASP F 645 -40.94 -21.35 17.78
CA ASP F 645 -40.79 -19.90 17.82
C ASP F 645 -40.37 -19.39 16.44
N TYR F 646 -40.98 -18.28 16.01
CA TYR F 646 -40.67 -17.75 14.68
C TYR F 646 -39.25 -17.21 14.59
N LEU F 647 -38.65 -16.83 15.71
CA LEU F 647 -37.29 -16.32 15.69
C LEU F 647 -36.44 -17.27 16.51
N SER F 648 -36.57 -18.57 16.24
CA SER F 648 -35.87 -19.57 17.04
C SER F 648 -34.38 -19.28 17.04
N ALA F 649 -33.88 -18.82 18.17
CA ALA F 649 -32.50 -18.36 18.28
C ALA F 649 -32.19 -18.08 19.73
N ALA F 650 -30.93 -18.28 20.12
CA ALA F 650 -30.47 -18.05 21.47
C ALA F 650 -29.83 -16.68 21.53
N ASN F 651 -30.51 -15.73 22.16
CA ASN F 651 -30.05 -14.35 22.18
C ASN F 651 -29.02 -14.15 23.29
N MET F 652 -27.86 -13.62 22.92
CA MET F 652 -26.87 -13.19 23.88
C MET F 652 -26.38 -11.81 23.51
N LEU F 653 -26.06 -11.01 24.52
CA LEU F 653 -25.62 -9.64 24.33
C LEU F 653 -24.21 -9.49 24.87
N TYR F 654 -23.28 -9.15 24.01
CA TYR F 654 -21.93 -8.87 24.46
C TYR F 654 -21.71 -7.38 24.54
N PRO F 655 -21.04 -6.87 25.56
CA PRO F 655 -20.86 -5.42 25.68
C PRO F 655 -19.58 -4.96 25.00
N ILE F 656 -19.65 -3.75 24.46
CA ILE F 656 -18.48 -3.11 23.87
C ILE F 656 -18.32 -1.73 24.50
N PRO F 657 -17.17 -1.40 25.05
CA PRO F 657 -17.01 -0.15 25.78
C PRO F 657 -16.99 1.05 24.84
N ALA F 658 -16.77 2.22 25.42
CA ALA F 658 -16.74 3.44 24.64
C ALA F 658 -15.45 3.51 23.82
N LYS F 659 -15.59 3.97 22.58
CA LYS F 659 -14.44 4.18 21.69
C LYS F 659 -13.61 2.91 21.52
N ALA F 660 -14.29 1.77 21.45
CA ALA F 660 -13.64 0.48 21.24
C ALA F 660 -14.03 -0.05 19.88
N THR F 661 -13.03 -0.44 19.09
CA THR F 661 -13.26 -0.91 17.73
C THR F 661 -13.42 -2.42 17.67
N ASN F 662 -12.39 -3.15 18.06
CA ASN F 662 -12.42 -4.60 18.00
C ASN F 662 -13.34 -5.18 19.07
N VAL F 663 -14.03 -6.25 18.74
CA VAL F 663 -14.95 -6.91 19.66
C VAL F 663 -14.81 -8.41 19.47
N PRO F 664 -14.07 -9.10 20.32
CA PRO F 664 -13.92 -10.54 20.18
C PRO F 664 -14.94 -11.30 21.01
N ILE F 665 -15.35 -12.47 20.55
CA ILE F 665 -16.23 -13.35 21.32
C ILE F 665 -15.69 -14.77 21.18
N SER F 666 -16.26 -15.67 21.99
CA SER F 666 -15.94 -17.08 21.87
C SER F 666 -16.96 -17.90 22.62
N ILE F 667 -17.25 -19.08 22.10
CA ILE F 667 -18.10 -20.03 22.79
C ILE F 667 -17.39 -21.37 22.80
N PRO F 668 -17.26 -22.01 23.96
CA PRO F 668 -16.43 -23.22 24.05
C PRO F 668 -17.00 -24.40 23.28
N SER F 669 -16.29 -25.53 23.32
CA SER F 669 -16.66 -26.68 22.51
C SER F 669 -18.10 -27.08 22.75
N ARG F 670 -18.81 -27.39 21.66
CA ARG F 670 -20.24 -27.58 21.72
C ARG F 670 -20.68 -28.30 20.47
N ASN F 671 -21.66 -29.20 20.60
CA ASN F 671 -22.23 -29.84 19.44
C ASN F 671 -22.93 -28.80 18.58
N TRP F 672 -22.76 -28.90 17.26
CA TRP F 672 -23.23 -27.86 16.37
C TRP F 672 -24.22 -28.36 15.32
N ALA F 673 -24.83 -29.52 15.54
CA ALA F 673 -25.78 -30.04 14.59
C ALA F 673 -27.05 -29.19 14.56
N ALA F 674 -27.69 -29.16 13.39
CA ALA F 674 -28.94 -28.44 13.19
C ALA F 674 -28.78 -26.95 13.53
N PHE F 675 -27.63 -26.40 13.17
CA PHE F 675 -27.40 -24.97 13.25
C PHE F 675 -28.13 -24.30 12.10
N ARG F 676 -28.30 -22.98 12.19
CA ARG F 676 -28.98 -22.25 11.13
C ARG F 676 -28.26 -20.99 10.66
N GLY F 677 -27.51 -20.33 11.53
CA GLY F 677 -26.76 -19.16 11.11
C GLY F 677 -26.91 -17.96 12.02
N TRP F 678 -25.95 -17.05 12.00
CA TRP F 678 -25.93 -15.93 12.92
C TRP F 678 -26.86 -14.82 12.45
N SER F 679 -27.07 -13.84 13.34
CA SER F 679 -27.81 -12.64 13.03
C SER F 679 -27.46 -11.60 14.09
N PHE F 680 -26.84 -10.50 13.70
CA PHE F 680 -26.27 -9.58 14.68
C PHE F 680 -26.52 -8.14 14.31
N THR F 681 -26.86 -7.34 15.32
CA THR F 681 -26.85 -5.89 15.24
C THR F 681 -26.31 -5.37 16.56
N ARG F 682 -25.98 -4.09 16.58
CA ARG F 682 -25.56 -3.45 17.82
C ARG F 682 -26.62 -2.45 18.25
N LEU F 683 -26.90 -2.43 19.54
CA LEU F 683 -27.86 -1.49 20.11
C LEU F 683 -27.22 -0.82 21.31
N LYS F 684 -27.46 0.48 21.43
CA LYS F 684 -26.90 1.25 22.53
C LYS F 684 -27.40 0.70 23.85
N THR F 685 -26.52 0.65 24.85
CA THR F 685 -26.89 0.08 26.13
C THR F 685 -27.68 1.03 27.01
N LYS F 686 -27.67 2.33 26.69
CA LYS F 686 -28.50 3.27 27.44
C LYS F 686 -29.98 2.97 27.25
N GLU F 687 -30.33 2.24 26.21
CA GLU F 687 -31.71 1.99 25.81
C GLU F 687 -31.97 0.50 25.68
N THR F 688 -31.59 -0.27 26.71
CA THR F 688 -31.95 -1.67 26.79
C THR F 688 -32.20 -1.99 28.26
N PRO F 689 -33.32 -2.63 28.57
CA PRO F 689 -33.62 -3.01 29.95
C PRO F 689 -32.85 -4.28 30.31
N SER F 690 -33.10 -4.77 31.53
CA SER F 690 -32.51 -6.00 32.02
C SER F 690 -33.65 -6.93 32.41
N LEU F 691 -34.09 -7.75 31.47
CA LEU F 691 -35.24 -8.61 31.70
C LEU F 691 -34.94 -9.77 32.64
N GLY F 692 -33.67 -10.01 32.98
CA GLY F 692 -33.35 -11.11 33.85
C GLY F 692 -33.93 -10.96 35.24
N SER F 693 -34.14 -9.72 35.68
CA SER F 693 -34.68 -9.42 36.98
C SER F 693 -36.10 -8.86 36.84
N GLY F 694 -36.66 -8.42 37.95
CA GLY F 694 -37.91 -7.69 37.92
C GLY F 694 -37.68 -6.27 37.48
N PHE F 695 -38.32 -5.31 38.12
CA PHE F 695 -38.06 -3.91 37.81
C PHE F 695 -36.63 -3.55 38.19
N ASP F 696 -35.97 -2.78 37.33
CA ASP F 696 -34.61 -2.31 37.56
C ASP F 696 -34.56 -0.79 37.47
N PRO F 697 -33.90 -0.15 38.41
CA PRO F 697 -33.97 1.32 38.48
C PRO F 697 -33.04 2.02 37.51
N TYR F 698 -31.96 1.34 37.10
CA TYR F 698 -30.95 2.02 36.29
C TYR F 698 -31.37 2.20 34.85
N PHE F 699 -32.51 1.66 34.45
CA PHE F 699 -33.06 1.85 33.10
C PHE F 699 -33.89 3.13 33.12
N VAL F 700 -33.32 4.23 32.63
CA VAL F 700 -33.95 5.54 32.73
C VAL F 700 -34.40 6.10 31.39
N TYR F 701 -34.50 5.27 30.37
CA TYR F 701 -34.84 5.72 29.03
C TYR F 701 -36.19 5.15 28.62
N SER F 702 -37.12 6.03 28.26
CA SER F 702 -38.45 5.57 27.84
C SER F 702 -38.47 5.26 26.35
N GLY F 703 -38.25 6.27 25.52
CA GLY F 703 -37.89 6.11 24.12
C GLY F 703 -38.51 4.97 23.35
N SER F 704 -37.68 4.24 22.61
CA SER F 704 -38.12 3.09 21.83
C SER F 704 -36.99 2.07 21.84
N ILE F 705 -37.12 1.05 22.69
CA ILE F 705 -36.05 0.08 22.89
C ILE F 705 -35.95 -0.85 21.69
N PRO F 706 -34.81 -0.88 21.01
CA PRO F 706 -34.67 -1.77 19.85
C PRO F 706 -34.54 -3.24 20.20
N TYR F 707 -34.31 -3.57 21.48
CA TYR F 707 -34.03 -4.95 21.83
C TYR F 707 -35.28 -5.82 21.71
N LEU F 708 -36.31 -5.50 22.47
CA LEU F 708 -37.55 -6.28 22.40
C LEU F 708 -38.49 -5.78 21.31
N ASP F 709 -38.41 -4.51 20.95
CA ASP F 709 -39.16 -3.98 19.82
C ASP F 709 -38.21 -3.88 18.63
N GLY F 710 -38.54 -4.55 17.54
CA GLY F 710 -37.57 -4.74 16.48
C GLY F 710 -37.26 -3.53 15.61
N THR F 711 -36.98 -2.39 16.23
CA THR F 711 -36.59 -1.19 15.50
C THR F 711 -35.08 -0.97 15.67
N PHE F 712 -34.24 -1.60 14.87
CA PHE F 712 -32.79 -1.48 15.01
C PHE F 712 -32.28 -0.45 14.13
N TYR F 713 -31.44 0.44 14.60
CA TYR F 713 -30.95 1.53 13.82
C TYR F 713 -29.49 1.83 13.74
N LEU F 714 -28.61 1.01 14.27
CA LEU F 714 -27.20 1.34 14.33
C LEU F 714 -26.56 0.21 13.68
N ASN F 715 -27.21 -0.39 12.74
CA ASN F 715 -26.67 -1.46 11.99
C ASN F 715 -25.65 -1.11 11.01
N HIS F 716 -25.39 0.14 10.74
CA HIS F 716 -24.53 0.53 9.68
C HIS F 716 -23.25 0.84 10.14
N THR F 717 -22.90 0.40 11.30
CA THR F 717 -21.65 0.74 11.86
C THR F 717 -21.00 -0.51 12.10
N PHE F 718 -20.64 -1.24 11.09
CA PHE F 718 -19.92 -2.43 11.31
C PHE F 718 -18.89 -2.48 10.25
N LYS F 719 -17.84 -3.18 10.38
CA LYS F 719 -16.75 -3.43 9.44
C LYS F 719 -16.50 -4.94 9.50
N LYS F 720 -15.36 -5.36 8.98
CA LYS F 720 -14.99 -6.77 8.91
C LYS F 720 -15.46 -7.57 10.11
N VAL F 721 -16.13 -8.70 9.85
CA VAL F 721 -16.52 -9.66 10.88
C VAL F 721 -15.96 -11.01 10.47
N SER F 722 -15.25 -11.65 11.39
CA SER F 722 -14.50 -12.86 11.08
C SER F 722 -15.06 -14.05 11.86
N ILE F 723 -15.09 -15.21 11.20
CA ILE F 723 -15.46 -16.46 11.83
C ILE F 723 -14.28 -17.41 11.70
N MET F 724 -13.90 -18.04 12.80
CA MET F 724 -12.86 -19.05 12.79
C MET F 724 -13.32 -20.17 13.69
N PHE F 725 -13.51 -21.37 13.13
CA PHE F 725 -14.39 -22.32 13.80
C PHE F 725 -13.70 -23.10 14.91
N ASP F 726 -12.76 -23.98 14.57
CA ASP F 726 -12.26 -24.83 15.65
C ASP F 726 -11.21 -24.09 16.47
N SER F 727 -10.04 -23.87 15.88
CA SER F 727 -9.15 -22.81 16.32
C SER F 727 -8.45 -22.12 15.17
N SER F 728 -8.44 -22.70 13.99
CA SER F 728 -7.79 -22.17 12.80
C SER F 728 -8.70 -22.14 11.59
N VAL F 729 -9.56 -23.14 11.42
CA VAL F 729 -10.41 -23.19 10.22
C VAL F 729 -11.36 -22.01 10.23
N SER F 730 -11.39 -21.29 9.11
CA SER F 730 -12.27 -20.14 8.94
C SER F 730 -13.53 -20.59 8.21
N TRP F 731 -14.68 -20.44 8.85
CA TRP F 731 -15.91 -20.99 8.29
C TRP F 731 -16.32 -20.43 6.94
N PRO F 732 -16.27 -19.09 6.68
CA PRO F 732 -16.97 -18.54 5.51
C PRO F 732 -16.77 -19.32 4.22
N GLY F 733 -15.77 -20.17 4.20
CA GLY F 733 -15.63 -21.13 3.13
C GLY F 733 -14.16 -21.41 2.85
N ASN F 734 -13.94 -22.41 2.02
CA ASN F 734 -12.59 -22.70 1.55
C ASN F 734 -12.02 -21.49 0.81
N ASP F 735 -12.74 -21.02 -0.21
CA ASP F 735 -12.47 -19.72 -0.79
C ASP F 735 -13.75 -19.30 -1.50
N ARG F 736 -14.54 -18.47 -0.83
CA ARG F 736 -15.89 -18.18 -1.31
C ARG F 736 -16.23 -16.71 -1.41
N LEU F 737 -15.30 -15.81 -1.07
CA LEU F 737 -15.57 -14.39 -1.12
C LEU F 737 -14.42 -13.69 -1.83
N LEU F 738 -14.65 -12.45 -2.22
CA LEU F 738 -13.59 -11.66 -2.83
C LEU F 738 -12.44 -11.41 -1.86
N THR F 739 -12.68 -11.50 -0.56
CA THR F 739 -11.63 -11.47 0.47
C THR F 739 -11.88 -12.66 1.39
N PRO F 740 -11.62 -13.86 0.91
CA PRO F 740 -12.20 -15.06 1.54
C PRO F 740 -11.60 -15.39 2.90
N ASN F 741 -11.58 -14.42 3.81
CA ASN F 741 -11.22 -14.69 5.19
C ASN F 741 -12.14 -14.06 6.20
N GLU F 742 -12.88 -13.02 5.84
CA GLU F 742 -13.89 -12.44 6.71
C GLU F 742 -14.89 -11.68 5.86
N PHE F 743 -16.08 -11.49 6.42
CA PHE F 743 -17.14 -10.76 5.73
C PHE F 743 -16.90 -9.27 5.92
N GLU F 744 -16.61 -8.57 4.83
CA GLU F 744 -16.34 -7.14 4.88
C GLU F 744 -17.62 -6.40 4.53
N ILE F 745 -17.99 -5.43 5.36
CA ILE F 745 -19.27 -4.76 5.27
C ILE F 745 -19.14 -3.32 4.80
N LYS F 746 -18.10 -2.62 5.24
CA LYS F 746 -17.86 -1.25 4.82
C LYS F 746 -16.40 -1.12 4.42
N ARG F 747 -16.14 -1.12 3.12
CA ARG F 747 -14.78 -0.89 2.65
C ARG F 747 -14.45 0.58 2.83
N SER F 748 -13.80 0.92 3.96
CA SER F 748 -13.60 2.32 4.33
C SER F 748 -12.86 3.08 3.24
N VAL F 749 -11.77 2.51 2.73
CA VAL F 749 -11.03 3.08 1.62
C VAL F 749 -10.77 1.97 0.62
N ASP F 750 -11.22 2.15 -0.61
CA ASP F 750 -11.19 1.10 -1.61
C ASP F 750 -10.18 1.43 -2.70
N GLY F 751 -9.35 0.46 -3.05
CA GLY F 751 -8.40 0.62 -4.12
C GLY F 751 -8.87 0.03 -5.43
N GLU F 752 -9.89 -0.82 -5.38
CA GLU F 752 -10.40 -1.48 -6.57
C GLU F 752 -11.76 -2.08 -6.26
N GLY F 753 -12.71 -1.88 -7.18
CA GLY F 753 -14.04 -2.46 -7.13
C GLY F 753 -14.67 -2.49 -5.75
N TYR F 754 -15.37 -3.58 -5.44
CA TYR F 754 -15.73 -3.91 -4.06
C TYR F 754 -16.60 -2.83 -3.42
N ASN F 755 -17.36 -2.11 -4.24
CA ASN F 755 -18.22 -1.03 -3.80
C ASN F 755 -19.57 -1.15 -4.50
N VAL F 756 -20.20 -2.32 -4.36
CA VAL F 756 -21.25 -2.83 -5.23
C VAL F 756 -22.23 -1.78 -5.73
N ALA F 757 -22.70 -0.89 -4.87
CA ALA F 757 -23.64 0.13 -5.29
C ALA F 757 -22.96 1.50 -5.16
N GLN F 758 -23.72 2.51 -5.38
CA GLN F 758 -23.06 3.73 -5.18
C GLN F 758 -22.96 3.96 -3.72
N CYS F 759 -22.34 3.05 -2.98
CA CYS F 759 -22.31 3.18 -1.59
C CYS F 759 -21.07 2.57 -1.21
N ASN F 760 -20.91 2.26 0.07
CA ASN F 760 -19.74 1.65 0.53
C ASN F 760 -19.84 0.21 0.88
N MET F 761 -20.86 -0.50 0.53
CA MET F 761 -20.97 -1.84 0.95
C MET F 761 -20.06 -2.60 0.10
N THR F 762 -19.61 -3.76 0.50
CA THR F 762 -18.80 -4.57 -0.33
C THR F 762 -19.61 -5.35 -1.23
N LYS F 763 -19.01 -5.92 -2.21
CA LYS F 763 -19.77 -6.51 -3.23
C LYS F 763 -20.11 -7.82 -2.87
N ASP F 764 -19.47 -8.34 -1.87
CA ASP F 764 -19.89 -9.64 -1.39
C ASP F 764 -20.92 -9.57 -0.28
N TRP F 765 -20.78 -8.60 0.64
CA TRP F 765 -21.78 -8.45 1.68
C TRP F 765 -23.15 -8.16 1.09
N PHE F 766 -23.18 -7.40 0.00
CA PHE F 766 -24.42 -7.24 -0.74
C PHE F 766 -24.91 -8.58 -1.25
N LEU F 767 -24.02 -9.37 -1.83
CA LEU F 767 -24.41 -10.67 -2.37
C LEU F 767 -24.91 -11.59 -1.26
N VAL F 768 -24.20 -11.65 -0.14
CA VAL F 768 -24.62 -12.53 0.95
C VAL F 768 -25.99 -12.13 1.47
N GLN F 769 -26.19 -10.84 1.71
CA GLN F 769 -27.48 -10.38 2.19
C GLN F 769 -28.56 -10.59 1.16
N MET F 770 -28.22 -10.46 -0.12
CA MET F 770 -29.22 -10.58 -1.16
C MET F 770 -29.76 -12.01 -1.24
N LEU F 771 -28.87 -13.00 -1.31
CA LEU F 771 -29.32 -14.39 -1.34
C LEU F 771 -29.40 -15.01 0.04
N SER F 772 -29.59 -14.20 1.08
CA SER F 772 -29.98 -14.70 2.39
C SER F 772 -31.44 -14.42 2.69
N HIS F 773 -31.87 -13.16 2.54
CA HIS F 773 -33.29 -12.85 2.64
C HIS F 773 -34.07 -13.48 1.50
N TYR F 774 -33.51 -13.45 0.29
CA TYR F 774 -34.14 -14.03 -0.88
C TYR F 774 -33.18 -15.03 -1.51
N ASN F 775 -33.45 -15.46 -2.74
CA ASN F 775 -32.52 -16.29 -3.48
C ASN F 775 -31.93 -15.56 -4.67
N ILE F 776 -32.03 -14.24 -4.69
CA ILE F 776 -31.43 -13.44 -5.75
C ILE F 776 -29.93 -13.39 -5.58
N GLY F 777 -29.19 -13.51 -6.67
CA GLY F 777 -27.75 -13.34 -6.59
C GLY F 777 -26.91 -14.21 -7.49
N TYR F 778 -27.42 -15.38 -7.87
CA TYR F 778 -26.70 -16.25 -8.79
C TYR F 778 -27.17 -16.11 -10.22
N GLN F 779 -28.31 -15.47 -10.46
CA GLN F 779 -28.88 -15.33 -11.79
C GLN F 779 -29.42 -13.91 -11.97
N GLY F 780 -28.63 -12.92 -11.58
CA GLY F 780 -29.01 -11.54 -11.70
C GLY F 780 -29.32 -10.91 -10.35
N PHE F 781 -29.58 -9.62 -10.39
CA PHE F 781 -29.88 -8.84 -9.19
C PHE F 781 -31.20 -8.10 -9.36
N HIS F 782 -32.21 -8.76 -9.90
CA HIS F 782 -33.50 -8.10 -10.08
C HIS F 782 -34.10 -7.74 -8.72
N VAL F 783 -34.76 -6.59 -8.67
CA VAL F 783 -35.43 -6.17 -7.43
C VAL F 783 -36.54 -7.17 -7.11
N PRO F 784 -36.65 -7.64 -5.86
CA PRO F 784 -37.57 -8.75 -5.57
C PRO F 784 -39.03 -8.36 -5.63
N GLU F 785 -39.90 -9.35 -5.52
CA GLU F 785 -41.34 -9.11 -5.55
C GLU F 785 -41.79 -8.41 -4.27
N GLY F 786 -42.96 -7.77 -4.36
CA GLY F 786 -43.47 -7.05 -3.21
C GLY F 786 -43.73 -7.95 -2.01
N TYR F 787 -44.26 -9.15 -2.25
CA TYR F 787 -44.54 -10.05 -1.14
C TYR F 787 -43.26 -10.66 -0.59
N LYS F 788 -42.22 -10.79 -1.41
CA LYS F 788 -41.03 -11.50 -0.98
C LYS F 788 -40.22 -10.68 0.01
N ASP F 789 -40.31 -9.35 -0.06
CA ASP F 789 -39.61 -8.47 0.88
C ASP F 789 -40.63 -7.75 1.74
N ARG F 790 -40.35 -7.67 3.02
CA ARG F 790 -41.29 -7.16 4.01
C ARG F 790 -40.71 -5.90 4.65
N MET F 791 -41.38 -5.43 5.71
CA MET F 791 -40.92 -4.21 6.37
C MET F 791 -39.53 -4.38 6.98
N TYR F 792 -39.17 -5.59 7.36
CA TYR F 792 -37.87 -5.87 7.95
C TYR F 792 -36.90 -6.51 6.98
N SER F 793 -37.25 -6.56 5.69
CA SER F 793 -36.35 -7.13 4.70
C SER F 793 -35.22 -6.18 4.38
N PHE F 794 -34.15 -6.74 3.82
CA PHE F 794 -32.95 -5.97 3.54
C PHE F 794 -33.18 -4.89 2.50
N PHE F 795 -33.93 -5.21 1.45
CA PHE F 795 -34.00 -4.32 0.30
C PHE F 795 -34.82 -3.08 0.59
N ARG F 796 -35.92 -3.23 1.34
CA ARG F 796 -36.89 -2.15 1.43
C ARG F 796 -36.30 -0.91 2.09
N ASN F 797 -35.36 -1.10 3.01
CA ASN F 797 -34.81 0.04 3.73
C ASN F 797 -33.29 0.09 3.65
N PHE F 798 -32.75 -0.06 2.45
CA PHE F 798 -31.31 0.06 2.20
C PHE F 798 -31.10 1.30 1.32
N GLN F 799 -30.58 2.36 1.91
CA GLN F 799 -30.52 3.66 1.26
C GLN F 799 -29.09 4.12 1.06
N PRO F 800 -28.50 3.95 -0.12
CA PRO F 800 -27.20 4.54 -0.40
C PRO F 800 -27.26 6.05 -0.52
N MET F 801 -26.16 6.69 -0.18
CA MET F 801 -26.08 8.15 -0.14
C MET F 801 -24.67 8.57 -0.51
N SER F 802 -24.53 9.83 -0.92
CA SER F 802 -23.23 10.35 -1.32
C SER F 802 -23.31 11.87 -1.47
N ARG F 803 -22.18 12.53 -1.26
CA ARG F 803 -22.10 13.98 -1.35
C ARG F 803 -20.65 14.38 -1.53
N GLN F 804 -20.42 15.65 -1.86
CA GLN F 804 -19.10 16.19 -2.09
C GLN F 804 -18.87 17.38 -1.18
N VAL F 805 -17.62 17.56 -0.73
CA VAL F 805 -17.25 18.65 0.14
C VAL F 805 -15.91 19.22 -0.31
N VAL F 806 -15.58 20.40 0.22
CA VAL F 806 -14.35 21.07 -0.16
C VAL F 806 -13.15 20.23 0.25
N ASP F 807 -12.18 20.11 -0.64
CA ASP F 807 -10.94 19.40 -0.37
C ASP F 807 -9.96 20.37 0.27
N GLU F 808 -9.72 20.20 1.57
CA GLU F 808 -8.86 21.13 2.29
C GLU F 808 -7.44 21.11 1.73
N ILE F 809 -6.92 19.92 1.45
CA ILE F 809 -5.51 19.79 1.08
C ILE F 809 -5.26 20.37 -0.32
N ASN F 810 -6.13 20.04 -1.27
CA ASN F 810 -5.89 20.47 -2.64
C ASN F 810 -6.22 21.95 -2.84
N TYR F 811 -7.24 22.45 -2.17
CA TYR F 811 -7.65 23.83 -2.35
C TYR F 811 -6.66 24.75 -1.64
N LYS F 812 -6.11 25.71 -2.39
CA LYS F 812 -5.06 26.57 -1.85
C LYS F 812 -5.60 27.52 -0.79
N ASP F 813 -6.73 28.17 -1.08
CA ASP F 813 -7.28 29.22 -0.22
C ASP F 813 -8.41 28.72 0.65
N TYR F 814 -8.34 27.47 1.11
CA TYR F 814 -9.35 26.96 2.02
C TYR F 814 -9.18 27.57 3.40
N LYS F 815 -10.30 27.80 4.08
CA LYS F 815 -10.30 28.26 5.45
C LYS F 815 -11.30 27.45 6.26
N ALA F 816 -11.13 27.48 7.57
CA ALA F 816 -11.84 26.56 8.45
C ALA F 816 -12.81 27.29 9.38
N VAL F 817 -13.60 28.20 8.81
CA VAL F 817 -14.55 28.97 9.61
C VAL F 817 -15.48 28.01 10.35
N THR F 818 -15.55 28.17 11.67
CA THR F 818 -16.39 27.32 12.50
C THR F 818 -17.79 27.93 12.62
N LEU F 819 -18.63 27.26 13.42
CA LEU F 819 -20.03 27.69 13.51
C LEU F 819 -20.21 29.10 14.06
N PRO F 820 -19.60 29.50 15.19
CA PRO F 820 -19.93 30.81 15.75
C PRO F 820 -19.34 31.98 14.98
N PHE F 821 -18.79 31.71 13.80
CA PHE F 821 -18.19 32.77 12.99
C PHE F 821 -18.78 32.87 11.60
N GLN F 822 -19.13 31.76 10.97
CA GLN F 822 -19.67 31.80 9.63
C GLN F 822 -21.03 32.48 9.63
N HIS F 823 -21.32 33.30 8.61
CA HIS F 823 -22.58 34.01 8.45
C HIS F 823 -23.29 34.08 7.15
N ASN F 824 -24.47 33.52 7.00
CA ASN F 824 -25.26 33.56 5.79
C ASN F 824 -26.58 33.95 6.25
N ASN F 825 -27.36 34.59 5.43
CA ASN F 825 -28.65 35.06 5.77
C ASN F 825 -28.48 35.85 6.96
N SER F 826 -27.46 36.65 7.00
CA SER F 826 -27.22 37.47 8.11
C SER F 826 -28.15 38.52 7.97
N GLY F 827 -28.61 39.08 9.04
CA GLY F 827 -29.47 40.22 8.92
C GLY F 827 -30.89 39.92 8.91
N PHE F 828 -31.23 38.69 8.69
CA PHE F 828 -32.62 38.25 8.65
C PHE F 828 -32.85 37.01 9.50
N THR F 829 -31.94 36.71 10.43
CA THR F 829 -32.07 35.52 11.27
C THR F 829 -31.35 35.79 12.59
N GLY F 830 -31.76 35.07 13.62
CA GLY F 830 -31.12 35.21 14.91
C GLY F 830 -29.68 34.72 14.88
N TYR F 831 -28.88 35.25 15.79
CA TYR F 831 -27.45 34.99 15.78
C TYR F 831 -27.14 33.51 16.00
N LEU F 832 -27.46 33.00 17.18
CA LEU F 832 -27.21 31.60 17.50
C LEU F 832 -28.43 30.95 18.15
N ALA F 833 -29.57 31.61 18.10
CA ALA F 833 -30.78 31.17 18.75
C ALA F 833 -31.95 31.39 17.80
N PRO F 834 -33.07 30.71 18.02
CA PRO F 834 -34.24 30.95 17.18
C PRO F 834 -34.94 32.26 17.50
N THR F 835 -34.25 33.14 18.22
CA THR F 835 -34.83 34.38 18.70
C THR F 835 -34.91 35.40 17.56
N MET F 836 -35.15 36.66 17.92
CA MET F 836 -35.39 37.70 16.95
C MET F 836 -34.19 37.91 16.04
N ARG F 837 -34.45 38.25 14.77
CA ARG F 837 -33.38 38.57 13.85
C ARG F 837 -32.61 39.78 14.35
N GLN F 838 -31.29 39.65 14.41
CA GLN F 838 -30.43 40.68 14.99
C GLN F 838 -29.20 40.86 14.13
N GLY F 839 -29.38 40.96 12.82
CA GLY F 839 -28.22 40.98 11.96
C GLY F 839 -28.04 42.22 11.11
N GLN F 840 -27.07 42.27 10.21
CA GLN F 840 -26.84 43.37 9.25
C GLN F 840 -26.84 42.61 7.99
N PRO F 841 -27.08 43.24 6.88
CA PRO F 841 -27.04 42.41 5.71
C PRO F 841 -25.75 42.52 5.03
N TYR F 842 -25.06 41.47 4.62
CA TYR F 842 -23.73 41.59 4.05
C TYR F 842 -23.46 40.38 3.27
N PRO F 843 -22.51 40.38 2.38
CA PRO F 843 -22.37 39.17 1.63
C PRO F 843 -21.96 38.05 2.48
N ALA F 844 -22.32 36.82 2.19
CA ALA F 844 -22.07 35.67 3.04
C ALA F 844 -20.79 35.00 2.96
N ASN F 845 -20.64 33.91 3.68
CA ASN F 845 -19.29 33.35 3.61
C ASN F 845 -19.21 31.85 3.87
N PHE F 846 -20.19 31.21 4.49
CA PHE F 846 -19.94 29.83 4.86
C PHE F 846 -19.99 28.84 3.70
N PRO F 847 -21.14 28.65 3.03
CA PRO F 847 -21.28 27.48 2.16
C PRO F 847 -20.44 27.60 0.91
N TYR F 848 -19.35 26.85 0.83
CA TYR F 848 -18.50 26.94 -0.34
C TYR F 848 -19.24 26.43 -1.57
N PRO F 849 -19.15 27.14 -2.70
CA PRO F 849 -19.95 26.79 -3.89
C PRO F 849 -19.30 25.63 -4.64
N LEU F 850 -20.05 24.55 -4.82
CA LEU F 850 -19.54 23.35 -5.46
C LEU F 850 -20.04 23.16 -6.88
N ILE F 851 -20.92 24.03 -7.37
CA ILE F 851 -21.58 23.80 -8.65
C ILE F 851 -21.41 24.95 -9.63
N GLY F 852 -21.16 26.16 -9.18
CA GLY F 852 -21.15 27.30 -10.08
C GLY F 852 -19.94 27.32 -10.99
N GLN F 853 -19.94 28.31 -11.87
CA GLN F 853 -18.78 28.54 -12.73
C GLN F 853 -17.52 28.80 -11.91
N THR F 854 -17.69 29.32 -10.69
CA THR F 854 -16.59 29.60 -9.78
C THR F 854 -16.47 28.53 -8.70
N ALA F 855 -16.61 27.26 -9.09
CA ALA F 855 -16.60 26.16 -8.14
C ALA F 855 -15.25 26.02 -7.45
N VAL F 856 -15.16 25.08 -6.52
CA VAL F 856 -13.95 24.85 -5.74
C VAL F 856 -13.60 23.37 -5.82
N PRO F 857 -12.32 23.01 -5.97
CA PRO F 857 -11.97 21.59 -6.03
C PRO F 857 -12.46 20.86 -4.80
N SER F 858 -13.05 19.68 -5.02
CA SER F 858 -13.77 19.00 -3.97
C SER F 858 -13.41 17.53 -3.88
N VAL F 859 -14.09 16.80 -3.01
CA VAL F 859 -13.87 15.37 -2.85
C VAL F 859 -15.16 14.73 -2.36
N THR F 860 -15.47 13.55 -2.89
CA THR F 860 -16.75 12.91 -2.62
C THR F 860 -16.66 12.01 -1.40
N GLN F 861 -17.83 11.74 -0.81
CA GLN F 861 -17.94 10.83 0.31
C GLN F 861 -19.18 9.97 0.12
N LYS F 862 -19.01 8.65 0.17
CA LYS F 862 -20.13 7.73 0.09
C LYS F 862 -20.43 7.21 1.48
N LYS F 863 -21.66 6.74 1.67
CA LYS F 863 -22.04 5.99 2.85
C LYS F 863 -23.45 5.47 2.66
N PHE F 864 -23.77 4.39 3.34
CA PHE F 864 -25.09 3.79 3.29
C PHE F 864 -25.68 3.76 4.69
N LEU F 865 -27.01 3.74 4.76
CA LEU F 865 -27.72 3.90 6.03
C LEU F 865 -28.99 3.06 5.95
N CYS F 866 -28.93 1.87 6.56
CA CYS F 866 -30.07 0.96 6.57
C CYS F 866 -30.53 0.73 8.00
N ASP F 867 -31.82 0.58 8.19
CA ASP F 867 -32.36 0.44 9.49
C ASP F 867 -33.23 -0.73 9.49
N ARG F 868 -33.65 -1.15 10.63
CA ARG F 868 -34.59 -2.19 10.72
C ARG F 868 -34.21 -3.54 10.23
N VAL F 869 -33.00 -3.82 9.91
CA VAL F 869 -32.65 -5.13 9.49
C VAL F 869 -31.51 -5.70 10.25
N MET F 870 -31.47 -6.98 10.42
CA MET F 870 -30.43 -7.54 11.18
C MET F 870 -29.59 -8.26 10.25
N TRP F 871 -28.31 -8.06 10.27
CA TRP F 871 -27.50 -8.62 9.32
C TRP F 871 -27.60 -10.08 9.49
N ARG F 872 -27.43 -10.88 8.47
CA ARG F 872 -27.59 -12.29 8.55
C ARG F 872 -26.49 -13.00 7.92
N ILE F 873 -26.03 -14.11 8.44
CA ILE F 873 -25.03 -14.92 7.74
C ILE F 873 -25.51 -16.36 7.74
N PRO F 874 -26.22 -16.78 6.71
CA PRO F 874 -26.78 -18.15 6.71
C PRO F 874 -25.69 -19.20 6.77
N PHE F 875 -25.99 -20.28 7.46
CA PHE F 875 -25.04 -21.36 7.65
C PHE F 875 -25.27 -22.44 6.58
N SER F 876 -25.03 -22.03 5.34
CA SER F 876 -25.16 -22.93 4.20
C SER F 876 -23.95 -22.76 3.29
N SER F 877 -23.74 -23.75 2.43
CA SER F 877 -22.57 -23.74 1.56
C SER F 877 -22.63 -22.58 0.57
N ASN F 878 -23.78 -22.38 -0.06
CA ASN F 878 -23.97 -21.32 -1.04
C ASN F 878 -24.77 -20.16 -0.48
N PHE F 879 -25.03 -20.15 0.82
CA PHE F 879 -25.79 -19.12 1.54
C PHE F 879 -27.26 -19.10 1.16
N MET F 880 -27.70 -19.92 0.23
CA MET F 880 -29.11 -19.95 -0.11
C MET F 880 -29.90 -20.68 0.97
N SER F 881 -31.17 -20.32 1.08
CA SER F 881 -32.08 -20.93 2.04
C SER F 881 -32.91 -21.97 1.30
N MET F 882 -32.34 -23.15 1.12
CA MET F 882 -33.04 -24.24 0.47
C MET F 882 -33.90 -25.06 1.42
N GLY F 883 -33.87 -24.77 2.71
CA GLY F 883 -34.70 -25.47 3.66
C GLY F 883 -34.46 -24.94 5.06
N ALA F 884 -35.29 -25.42 5.99
CA ALA F 884 -35.11 -25.05 7.38
C ALA F 884 -33.86 -25.69 7.96
N LEU F 885 -33.81 -27.02 7.96
CA LEU F 885 -32.60 -27.73 8.35
C LEU F 885 -31.55 -27.50 7.29
N THR F 886 -30.53 -26.71 7.61
CA THR F 886 -29.63 -26.22 6.58
C THR F 886 -28.78 -27.35 6.01
N ASP F 887 -27.93 -26.99 5.05
CA ASP F 887 -27.13 -27.99 4.36
C ASP F 887 -26.02 -28.53 5.26
N LEU F 888 -25.33 -27.64 5.97
CA LEU F 888 -24.25 -28.05 6.87
C LEU F 888 -24.76 -28.44 8.24
N GLY F 889 -26.06 -28.35 8.48
CA GLY F 889 -26.61 -28.77 9.74
C GLY F 889 -26.83 -30.24 9.86
N GLN F 890 -26.46 -31.01 8.86
CA GLN F 890 -26.61 -32.46 8.88
C GLN F 890 -25.38 -33.23 8.44
N ASN F 891 -24.40 -32.59 7.82
CA ASN F 891 -23.19 -33.31 7.46
C ASN F 891 -22.35 -33.56 8.71
N MET F 892 -21.52 -34.61 8.66
CA MET F 892 -20.94 -35.17 9.87
C MET F 892 -19.72 -34.40 10.38
N LEU F 893 -19.14 -33.50 9.60
CA LEU F 893 -18.10 -32.64 10.14
C LEU F 893 -18.66 -31.73 11.23
N TYR F 894 -19.83 -31.16 11.01
CA TYR F 894 -20.48 -30.26 11.96
C TYR F 894 -21.62 -30.94 12.70
N ALA F 895 -21.74 -32.26 12.61
CA ALA F 895 -22.74 -32.99 13.38
C ALA F 895 -22.13 -34.02 14.31
N ASN F 896 -21.18 -34.82 13.82
CA ASN F 896 -20.59 -35.87 14.64
C ASN F 896 -19.65 -35.28 15.69
N SER F 897 -18.80 -34.34 15.29
CA SER F 897 -17.76 -33.82 16.17
C SER F 897 -18.30 -32.63 16.97
N ALA F 898 -17.39 -31.94 17.68
CA ALA F 898 -17.74 -30.78 18.47
C ALA F 898 -16.64 -29.73 18.31
N HIS F 899 -17.03 -28.53 17.88
CA HIS F 899 -16.10 -27.44 17.62
C HIS F 899 -16.43 -26.27 18.54
N ALA F 900 -15.60 -25.22 18.49
CA ALA F 900 -15.73 -24.09 19.40
C ALA F 900 -15.37 -22.80 18.65
N LEU F 901 -16.36 -22.15 18.06
CA LEU F 901 -16.07 -21.01 17.20
C LEU F 901 -15.65 -19.79 18.00
N ASP F 902 -14.91 -18.91 17.32
CA ASP F 902 -14.50 -17.63 17.87
C ASP F 902 -14.73 -16.57 16.81
N MET F 903 -15.46 -15.52 17.17
CA MET F 903 -15.78 -14.44 16.25
C MET F 903 -15.21 -13.13 16.77
N THR F 904 -14.67 -12.33 15.86
CA THR F 904 -14.15 -11.02 16.21
C THR F 904 -14.78 -10.00 15.27
N PHE F 905 -15.53 -9.06 15.84
CA PHE F 905 -16.15 -7.99 15.08
C PHE F 905 -15.28 -6.75 15.11
N GLU F 906 -15.30 -6.01 14.02
CA GLU F 906 -14.65 -4.71 13.96
C GLU F 906 -15.74 -3.66 13.78
N VAL F 907 -15.95 -2.84 14.80
CA VAL F 907 -17.03 -1.88 14.84
C VAL F 907 -16.43 -0.49 14.98
N ASP F 908 -16.87 0.44 14.13
CA ASP F 908 -16.34 1.79 14.23
C ASP F 908 -16.73 2.40 15.58
N PRO F 909 -15.87 3.24 16.14
CA PRO F 909 -16.04 3.65 17.54
C PRO F 909 -17.25 4.53 17.74
N MET F 910 -17.79 4.47 18.96
CA MET F 910 -18.84 5.36 19.41
C MET F 910 -18.52 5.77 20.84
N ASP F 911 -18.74 7.06 21.14
CA ASP F 911 -18.46 7.54 22.49
C ASP F 911 -19.41 6.96 23.53
N GLU F 912 -20.52 6.40 23.10
CA GLU F 912 -21.48 5.81 24.04
C GLU F 912 -21.34 4.31 24.06
N PRO F 913 -21.31 3.69 25.23
CA PRO F 913 -20.97 2.26 25.30
C PRO F 913 -22.09 1.33 24.86
N THR F 914 -22.20 1.07 23.57
CA THR F 914 -23.23 0.17 23.07
C THR F 914 -22.93 -1.26 23.49
N LEU F 915 -23.79 -2.19 23.06
CA LEU F 915 -23.50 -3.60 23.24
C LEU F 915 -23.91 -4.37 21.99
N LEU F 916 -23.05 -5.31 21.58
CA LEU F 916 -23.34 -6.19 20.47
C LEU F 916 -24.51 -7.10 20.82
N TYR F 917 -25.31 -7.44 19.82
CA TYR F 917 -26.48 -8.29 20.04
C TYR F 917 -26.47 -9.40 19.00
N LEU F 918 -25.88 -10.53 19.36
CA LEU F 918 -25.72 -11.65 18.45
C LEU F 918 -26.84 -12.67 18.69
N LEU F 919 -27.27 -13.32 17.61
CA LEU F 919 -28.26 -14.38 17.69
C LEU F 919 -27.72 -15.61 16.99
N PHE F 920 -27.82 -16.76 17.65
CA PHE F 920 -27.52 -18.03 17.01
C PHE F 920 -28.84 -18.67 16.63
N GLU F 921 -29.20 -18.62 15.36
CA GLU F 921 -30.46 -19.21 14.94
C GLU F 921 -30.44 -20.72 15.14
N VAL F 922 -31.46 -21.23 15.80
CA VAL F 922 -31.56 -22.63 16.18
C VAL F 922 -32.96 -23.11 15.86
N PHE F 923 -33.30 -24.32 16.27
CA PHE F 923 -34.67 -24.80 16.25
C PHE F 923 -35.23 -24.78 17.67
N ASP F 924 -36.46 -24.30 17.83
CA ASP F 924 -37.07 -24.09 19.13
C ASP F 924 -38.41 -24.81 19.22
N VAL F 925 -38.43 -26.08 18.84
CA VAL F 925 -39.68 -26.82 18.71
C VAL F 925 -40.27 -27.09 20.09
N VAL F 926 -41.52 -27.57 20.08
CA VAL F 926 -42.28 -27.89 21.28
C VAL F 926 -43.28 -28.99 20.93
N ARG F 927 -43.51 -29.91 21.86
CA ARG F 927 -44.44 -31.01 21.67
C ARG F 927 -45.44 -31.01 22.82
N VAL F 928 -46.68 -30.63 22.54
CA VAL F 928 -47.71 -30.49 23.56
C VAL F 928 -48.58 -31.74 23.56
N HIS F 929 -48.65 -32.41 24.70
CA HIS F 929 -49.37 -33.68 24.83
C HIS F 929 -50.33 -33.57 26.01
N GLN F 930 -51.59 -33.95 25.81
CA GLN F 930 -52.61 -33.89 26.83
C GLN F 930 -53.47 -35.14 26.79
N PRO F 931 -53.15 -36.15 27.58
CA PRO F 931 -53.78 -37.48 27.42
C PRO F 931 -54.96 -37.80 28.34
N HIS F 932 -55.49 -36.85 29.09
CA HIS F 932 -56.54 -37.15 30.08
C HIS F 932 -57.46 -35.96 30.17
N ARG F 933 -58.21 -35.86 31.26
CA ARG F 933 -59.29 -34.88 31.39
C ARG F 933 -58.70 -33.54 31.76
N GLY F 934 -57.47 -33.34 31.31
CA GLY F 934 -56.74 -32.10 31.41
C GLY F 934 -55.51 -32.27 32.26
N VAL F 935 -54.44 -32.65 31.59
CA VAL F 935 -53.08 -32.62 32.11
C VAL F 935 -52.21 -32.24 30.93
N ILE F 936 -51.82 -30.98 30.84
CA ILE F 936 -51.11 -30.49 29.67
C ILE F 936 -49.62 -30.70 29.90
N GLU F 937 -49.04 -31.65 29.19
CA GLU F 937 -47.64 -32.01 29.32
C GLU F 937 -46.91 -31.64 28.04
N ALA F 938 -45.86 -30.84 28.17
CA ALA F 938 -45.11 -30.36 27.02
C ALA F 938 -43.63 -30.63 27.21
N VAL F 939 -42.95 -31.03 26.14
CA VAL F 939 -41.52 -31.20 26.15
C VAL F 939 -40.91 -30.20 25.18
N TYR F 940 -39.83 -29.56 25.62
CA TYR F 940 -39.16 -28.53 24.86
C TYR F 940 -37.84 -29.08 24.33
N LEU F 941 -37.38 -28.52 23.21
CA LEU F 941 -36.11 -28.97 22.63
C LEU F 941 -35.57 -27.83 21.77
N ARG F 942 -34.46 -27.26 22.21
CA ARG F 942 -33.69 -26.31 21.41
C ARG F 942 -32.42 -27.04 20.98
N THR F 943 -32.31 -27.33 19.69
CA THR F 943 -31.35 -28.36 19.27
C THR F 943 -29.90 -27.95 19.50
N PRO F 944 -29.36 -26.89 18.85
CA PRO F 944 -27.97 -26.55 19.09
C PRO F 944 -27.70 -26.09 20.52
N PHE F 945 -28.40 -25.06 20.97
CA PHE F 945 -28.14 -24.47 22.29
C PHE F 945 -29.14 -24.99 23.32
N SER F 946 -29.08 -26.30 23.54
CA SER F 946 -30.03 -26.94 24.44
C SER F 946 -29.86 -26.44 25.86
N ALA F 947 -30.97 -26.39 26.59
CA ALA F 947 -30.97 -26.03 28.01
C ALA F 947 -31.72 -27.14 28.74
N GLY F 948 -31.01 -28.20 29.08
CA GLY F 948 -31.63 -29.35 29.71
C GLY F 948 -30.68 -30.21 30.51
N ASN F 949 -31.06 -30.51 31.75
CA ASN F 949 -30.24 -31.36 32.62
C ASN F 949 -30.70 -32.80 32.54
N MET G 6 -15.52 -43.88 34.66
CA MET G 6 -15.31 -45.31 34.50
C MET G 6 -15.40 -46.03 35.83
N MET G 7 -16.26 -47.04 35.88
CA MET G 7 -16.39 -47.84 37.10
C MET G 7 -15.10 -48.53 37.54
N PRO G 8 -14.28 -49.13 36.66
CA PRO G 8 -13.08 -49.81 37.16
C PRO G 8 -12.15 -48.89 37.94
N GLN G 9 -11.98 -47.64 37.52
CA GLN G 9 -11.20 -46.71 38.32
C GLN G 9 -11.92 -46.38 39.62
N TRP G 10 -13.24 -46.24 39.56
CA TRP G 10 -14.01 -45.99 40.78
C TRP G 10 -13.86 -47.13 41.77
N ALA G 11 -13.93 -48.36 41.28
CA ALA G 11 -13.92 -49.51 42.19
C ALA G 11 -12.52 -49.76 42.74
N TYR G 12 -11.49 -49.63 41.90
CA TYR G 12 -10.14 -49.92 42.37
C TYR G 12 -9.65 -48.91 43.37
N MET G 13 -10.06 -47.65 43.24
CA MET G 13 -9.63 -46.59 44.14
C MET G 13 -10.62 -46.34 45.27
N HIS G 14 -11.65 -47.18 45.39
CA HIS G 14 -12.62 -47.10 46.48
C HIS G 14 -13.35 -45.76 46.47
N ILE G 15 -13.96 -45.46 45.33
CA ILE G 15 -14.93 -44.39 45.24
C ILE G 15 -16.36 -44.93 45.13
N ALA G 16 -16.56 -46.11 44.55
CA ALA G 16 -17.88 -46.69 44.47
C ALA G 16 -17.89 -48.19 44.70
N GLY G 17 -16.85 -48.77 45.27
CA GLY G 17 -16.74 -50.20 45.41
C GLY G 17 -17.43 -50.72 46.66
N GLN G 18 -16.99 -51.90 47.10
CA GLN G 18 -17.52 -52.50 48.31
C GLN G 18 -16.98 -51.76 49.53
N ASP G 19 -17.60 -52.01 50.68
CA ASP G 19 -17.22 -51.36 51.92
C ASP G 19 -15.95 -52.00 52.47
N ALA G 20 -15.27 -51.25 53.36
CA ALA G 20 -14.01 -51.71 53.91
C ALA G 20 -14.14 -52.98 54.71
N SER G 21 -15.34 -53.32 55.16
CA SER G 21 -15.53 -54.59 55.84
C SER G 21 -15.65 -55.76 54.89
N GLU G 22 -15.61 -55.50 53.58
CA GLU G 22 -15.88 -56.53 52.59
C GLU G 22 -14.70 -56.83 51.68
N TYR G 23 -13.97 -55.81 51.23
CA TYR G 23 -12.88 -56.09 50.32
C TYR G 23 -11.57 -56.44 51.03
N LEU G 24 -11.43 -56.09 52.29
CA LEU G 24 -10.28 -56.57 53.04
C LEU G 24 -10.35 -58.09 53.17
N SER G 25 -9.19 -58.71 53.32
CA SER G 25 -9.16 -60.14 53.52
C SER G 25 -9.86 -60.49 54.83
N PRO G 26 -10.49 -61.66 54.91
CA PRO G 26 -11.18 -62.03 56.16
C PRO G 26 -10.27 -62.04 57.36
N GLY G 27 -8.99 -62.33 57.18
CA GLY G 27 -8.07 -62.31 58.30
C GLY G 27 -7.87 -60.92 58.86
N LEU G 28 -7.73 -59.92 57.99
CA LEU G 28 -7.47 -58.56 58.46
C LEU G 28 -8.64 -58.03 59.27
N VAL G 29 -9.86 -58.29 58.83
CA VAL G 29 -11.02 -57.74 59.53
C VAL G 29 -11.17 -58.38 60.90
N GLN G 30 -10.87 -59.68 61.01
CA GLN G 30 -10.84 -60.30 62.33
C GLN G 30 -9.75 -59.69 63.18
N PHE G 31 -8.58 -59.43 62.59
CA PHE G 31 -7.48 -58.82 63.33
C PHE G 31 -7.86 -57.43 63.80
N ALA G 32 -8.33 -56.58 62.89
CA ALA G 32 -8.59 -55.19 63.22
C ALA G 32 -9.69 -55.07 64.28
N ARG G 33 -10.71 -55.91 64.20
CA ARG G 33 -11.76 -55.89 65.20
C ARG G 33 -11.23 -56.29 66.57
N ALA G 34 -10.39 -57.34 66.61
CA ALA G 34 -9.94 -57.88 67.90
C ALA G 34 -9.11 -56.86 68.66
N THR G 35 -8.22 -56.17 67.98
CA THR G 35 -7.31 -55.23 68.63
C THR G 35 -7.79 -53.80 68.57
N ASP G 36 -9.08 -53.58 68.32
CA ASP G 36 -9.58 -52.23 68.12
C ASP G 36 -9.44 -51.36 69.37
N THR G 37 -9.34 -51.99 70.54
CA THR G 37 -9.36 -51.23 71.78
C THR G 37 -8.15 -50.30 71.88
N TYR G 38 -6.98 -50.77 71.49
CA TYR G 38 -5.74 -50.02 71.69
C TYR G 38 -5.03 -49.65 70.40
N PHE G 39 -4.86 -50.60 69.48
CA PHE G 39 -4.23 -50.33 68.19
C PHE G 39 -5.31 -50.38 67.12
N SER G 40 -5.66 -49.22 66.58
CA SER G 40 -6.79 -49.08 65.68
C SER G 40 -6.32 -49.01 64.24
N LEU G 41 -6.97 -49.79 63.37
CA LEU G 41 -6.69 -49.80 61.94
C LEU G 41 -7.89 -49.30 61.14
N GLY G 42 -8.68 -48.40 61.73
CA GLY G 42 -9.90 -47.98 61.09
C GLY G 42 -9.76 -46.84 60.12
N ASN G 43 -8.99 -45.82 60.51
CA ASN G 43 -8.90 -44.60 59.71
C ASN G 43 -7.92 -44.72 58.56
N LYS G 44 -7.53 -45.93 58.18
CA LYS G 44 -6.57 -46.13 57.09
C LYS G 44 -7.18 -46.83 55.89
N PHE G 45 -8.45 -47.21 55.94
CA PHE G 45 -9.10 -47.86 54.82
C PHE G 45 -10.36 -47.08 54.47
N ARG G 46 -10.47 -46.69 53.20
CA ARG G 46 -11.55 -45.82 52.77
C ARG G 46 -12.81 -46.64 52.49
N ASN G 47 -13.95 -46.14 52.96
CA ASN G 47 -15.23 -46.78 52.73
C ASN G 47 -16.02 -45.98 51.71
N PRO G 48 -16.35 -46.56 50.57
CA PRO G 48 -17.14 -45.81 49.58
C PRO G 48 -18.50 -45.45 50.12
N THR G 49 -18.98 -44.27 49.74
CA THR G 49 -20.33 -43.83 50.06
C THR G 49 -20.95 -43.30 48.78
N VAL G 50 -21.98 -43.97 48.29
CA VAL G 50 -22.61 -43.65 47.02
C VAL G 50 -24.04 -43.23 47.29
N ALA G 51 -24.39 -42.01 46.89
CA ALA G 51 -25.74 -41.54 47.04
C ALA G 51 -26.67 -42.27 46.09
N PRO G 52 -27.92 -42.50 46.47
CA PRO G 52 -28.85 -43.17 45.56
C PRO G 52 -29.13 -42.32 44.35
N THR G 53 -29.39 -42.98 43.23
CA THR G 53 -29.52 -42.31 41.95
C THR G 53 -30.85 -42.54 41.25
N HIS G 54 -31.62 -43.55 41.63
CA HIS G 54 -32.78 -43.93 40.83
C HIS G 54 -34.01 -43.07 41.14
N ASP G 55 -34.54 -43.18 42.34
CA ASP G 55 -35.88 -42.69 42.63
C ASP G 55 -35.91 -41.89 43.92
N VAL G 56 -34.97 -40.95 44.06
CA VAL G 56 -34.95 -40.06 45.22
C VAL G 56 -35.11 -38.60 44.82
N THR G 57 -35.15 -38.29 43.53
CA THR G 57 -35.31 -36.91 43.10
C THR G 57 -35.93 -36.88 41.71
N THR G 58 -36.46 -35.72 41.36
CA THR G 58 -37.23 -35.55 40.14
C THR G 58 -36.40 -34.86 39.06
N ASP G 59 -36.98 -34.80 37.86
CA ASP G 59 -36.33 -34.16 36.73
C ASP G 59 -37.30 -33.31 35.93
N ARG G 60 -38.54 -33.14 36.38
CA ARG G 60 -39.59 -32.52 35.56
C ARG G 60 -39.80 -31.05 35.91
N SER G 61 -38.74 -30.33 36.24
CA SER G 61 -38.77 -28.89 36.41
C SER G 61 -39.82 -28.48 37.44
N GLN G 62 -39.60 -28.91 38.68
CA GLN G 62 -40.54 -28.68 39.76
C GLN G 62 -40.00 -27.57 40.67
N ARG G 63 -40.84 -26.57 40.92
CA ARG G 63 -40.45 -25.47 41.80
C ARG G 63 -40.11 -26.01 43.17
N LEU G 64 -39.04 -25.47 43.77
CA LEU G 64 -38.58 -25.97 45.06
C LEU G 64 -39.30 -25.29 46.22
N THR G 65 -39.23 -23.97 46.30
CA THR G 65 -39.90 -23.20 47.33
C THR G 65 -41.07 -22.47 46.69
N LEU G 66 -42.27 -22.74 47.19
CA LEU G 66 -43.46 -22.10 46.66
C LEU G 66 -43.88 -20.95 47.56
N ARG G 67 -44.48 -19.94 46.95
CA ARG G 67 -44.95 -18.75 47.65
C ARG G 67 -46.41 -18.53 47.33
N PHE G 68 -47.24 -18.39 48.35
CA PHE G 68 -48.67 -18.20 48.18
C PHE G 68 -49.06 -16.81 48.64
N VAL G 69 -50.13 -16.29 48.06
CA VAL G 69 -50.60 -14.95 48.36
C VAL G 69 -52.03 -15.05 48.88
N PRO G 70 -52.46 -14.17 49.78
CA PRO G 70 -53.79 -14.32 50.37
C PRO G 70 -54.89 -14.14 49.32
N VAL G 71 -55.97 -14.88 49.53
CA VAL G 71 -57.12 -14.79 48.64
C VAL G 71 -58.15 -13.81 49.17
N ASP G 72 -58.28 -13.71 50.49
CA ASP G 72 -59.07 -12.68 51.12
C ASP G 72 -58.29 -12.15 52.31
N ARG G 73 -58.64 -10.93 52.74
CA ARG G 73 -57.88 -10.25 53.77
C ARG G 73 -58.77 -9.24 54.46
N GLU G 74 -59.01 -9.44 55.75
CA GLU G 74 -59.88 -8.56 56.53
C GLU G 74 -59.04 -7.89 57.61
N ALA G 75 -59.07 -6.57 57.65
CA ALA G 75 -58.34 -5.79 58.64
C ALA G 75 -59.36 -5.21 59.61
N THR G 76 -59.70 -5.99 60.63
CA THR G 76 -60.66 -5.56 61.64
C THR G 76 -59.97 -4.61 62.62
N THR G 77 -60.65 -4.27 63.71
CA THR G 77 -60.05 -3.40 64.71
C THR G 77 -58.89 -4.09 65.42
N TYR G 78 -59.09 -5.35 65.83
CA TYR G 78 -58.04 -6.09 66.50
C TYR G 78 -57.88 -7.48 65.92
N LEU G 79 -57.94 -7.60 64.59
CA LEU G 79 -57.69 -8.86 63.92
C LEU G 79 -57.13 -8.57 62.54
N TYR G 80 -56.51 -9.58 61.95
CA TYR G 80 -56.14 -9.51 60.54
C TYR G 80 -56.22 -10.94 59.99
N LYS G 81 -57.37 -11.28 59.43
CA LYS G 81 -57.57 -12.62 58.89
C LYS G 81 -57.02 -12.69 57.48
N ALA G 82 -56.26 -13.74 57.19
CA ALA G 82 -55.74 -14.01 55.87
C ALA G 82 -56.13 -15.43 55.47
N ARG G 83 -56.64 -15.59 54.26
CA ARG G 83 -57.10 -16.88 53.77
C ARG G 83 -56.32 -17.25 52.52
N PHE G 84 -55.56 -18.33 52.59
CA PHE G 84 -54.77 -18.80 51.47
C PHE G 84 -55.39 -20.05 50.87
N THR G 85 -54.95 -20.40 49.68
CA THR G 85 -55.37 -21.64 49.03
C THR G 85 -54.11 -22.48 48.81
N LEU G 86 -53.73 -23.23 49.82
CA LEU G 86 -52.54 -24.07 49.76
C LEU G 86 -52.85 -25.24 48.82
N ALA G 87 -52.39 -25.12 47.59
CA ALA G 87 -52.67 -26.12 46.55
C ALA G 87 -51.40 -26.92 46.32
N VAL G 88 -51.41 -28.17 46.76
CA VAL G 88 -50.30 -29.08 46.58
C VAL G 88 -50.66 -30.04 45.46
N GLY G 89 -49.97 -29.92 44.33
CA GLY G 89 -50.32 -30.67 43.15
C GLY G 89 -50.02 -32.15 43.30
N ASP G 90 -50.32 -32.89 42.25
CA ASP G 90 -50.11 -34.33 42.26
C ASP G 90 -48.63 -34.66 42.44
N ASN G 91 -48.36 -35.74 43.17
CA ASN G 91 -47.01 -36.21 43.43
C ASN G 91 -46.19 -35.18 44.20
N ARG G 92 -46.74 -34.73 45.32
CA ARG G 92 -46.06 -33.81 46.22
C ARG G 92 -46.33 -34.24 47.66
N VAL G 93 -45.45 -33.80 48.55
CA VAL G 93 -45.42 -34.28 49.92
C VAL G 93 -45.34 -33.16 50.95
N LEU G 94 -46.07 -32.07 50.73
CA LEU G 94 -45.84 -30.75 51.32
C LEU G 94 -45.25 -30.74 52.72
N ASP G 95 -45.72 -31.58 53.64
CA ASP G 95 -45.12 -31.69 54.97
C ASP G 95 -45.20 -30.35 55.72
N MET G 96 -46.41 -30.05 56.18
CA MET G 96 -46.79 -28.75 56.74
C MET G 96 -45.74 -28.14 57.67
N ALA G 97 -44.92 -28.98 58.32
CA ALA G 97 -43.87 -28.46 59.19
C ALA G 97 -42.93 -27.50 58.49
N SER G 98 -43.01 -27.38 57.16
CA SER G 98 -42.15 -26.47 56.42
C SER G 98 -42.79 -25.13 56.16
N THR G 99 -44.11 -25.01 56.23
CA THR G 99 -44.78 -23.75 55.94
C THR G 99 -44.52 -22.75 57.04
N TYR G 100 -44.61 -21.47 56.68
CA TYR G 100 -44.47 -20.38 57.64
C TYR G 100 -44.97 -19.10 57.00
N PHE G 101 -45.80 -18.37 57.74
CA PHE G 101 -46.25 -17.07 57.24
C PHE G 101 -45.09 -16.10 57.19
N ASP G 102 -45.22 -15.09 56.33
CA ASP G 102 -44.18 -14.10 56.12
C ASP G 102 -44.83 -12.72 56.21
N ILE G 103 -44.95 -12.20 57.42
CA ILE G 103 -45.61 -10.93 57.68
C ILE G 103 -44.58 -9.82 57.52
N ARG G 104 -45.05 -8.62 57.19
CA ARG G 104 -44.19 -7.45 57.16
C ARG G 104 -45.04 -6.20 57.10
N GLY G 105 -44.71 -5.23 57.94
CA GLY G 105 -45.45 -3.99 57.98
C GLY G 105 -44.59 -2.89 58.55
N VAL G 106 -45.25 -1.96 59.24
CA VAL G 106 -44.58 -0.82 59.85
C VAL G 106 -44.91 -0.84 61.34
N LEU G 107 -43.87 -0.78 62.16
CA LEU G 107 -43.99 -0.81 63.61
C LEU G 107 -43.56 0.53 64.19
N ASP G 108 -44.26 0.97 65.23
CA ASP G 108 -43.99 2.25 65.88
C ASP G 108 -43.93 2.02 67.38
N ARG G 109 -42.73 1.78 67.91
CA ARG G 109 -42.55 1.76 69.35
C ARG G 109 -42.81 3.16 69.90
N GLY G 110 -43.46 3.22 71.06
CA GLY G 110 -43.92 4.47 71.58
C GLY G 110 -42.78 5.37 72.01
N PRO G 111 -43.14 6.52 72.59
CA PRO G 111 -42.11 7.41 73.14
C PRO G 111 -41.32 6.78 74.27
N SER G 112 -41.84 5.72 74.88
CA SER G 112 -41.23 5.07 76.02
C SER G 112 -40.12 4.11 75.63
N PHE G 113 -39.60 4.19 74.42
CA PHE G 113 -38.59 3.24 73.94
C PHE G 113 -37.23 3.91 74.04
N LYS G 114 -36.48 3.57 75.08
CA LYS G 114 -35.08 3.97 75.20
C LYS G 114 -34.25 2.70 75.37
N PRO G 115 -33.51 2.29 74.35
CA PRO G 115 -32.82 1.00 74.44
C PRO G 115 -31.45 1.08 75.10
N TYR G 116 -30.90 2.28 75.21
CA TYR G 116 -29.60 2.44 75.83
C TYR G 116 -29.76 2.96 77.26
N SER G 117 -28.73 2.72 78.07
CA SER G 117 -28.84 2.97 79.50
C SER G 117 -28.51 4.41 79.88
N GLY G 118 -27.38 4.91 79.44
CA GLY G 118 -26.97 6.25 79.83
C GLY G 118 -27.61 7.34 79.00
N THR G 119 -26.80 8.26 78.51
CA THR G 119 -27.25 9.29 77.60
C THR G 119 -26.24 9.41 76.46
N ALA G 120 -26.72 9.85 75.30
CA ALA G 120 -25.89 9.97 74.13
C ALA G 120 -25.24 11.33 73.98
N TYR G 121 -25.56 12.28 74.85
CA TYR G 121 -25.06 13.64 74.73
C TYR G 121 -24.41 14.05 76.04
N ASN G 122 -23.18 14.54 75.97
CA ASN G 122 -22.46 15.06 77.12
C ASN G 122 -22.45 14.04 78.27
N SER G 123 -22.21 12.78 77.93
CA SER G 123 -22.23 11.73 78.95
C SER G 123 -21.14 11.94 79.99
N LEU G 124 -20.00 12.51 79.59
CA LEU G 124 -18.89 12.69 80.52
C LEU G 124 -19.06 13.92 81.41
N ALA G 125 -20.01 14.79 81.11
CA ALA G 125 -20.18 15.98 81.91
C ALA G 125 -20.61 15.63 83.33
N PRO G 126 -20.19 16.41 84.32
CA PRO G 126 -20.72 16.21 85.67
C PRO G 126 -22.23 16.39 85.67
N LYS G 127 -22.90 15.55 86.46
CA LYS G 127 -24.34 15.42 86.34
C LYS G 127 -25.08 16.70 86.68
N GLY G 128 -24.47 17.61 87.44
CA GLY G 128 -25.15 18.84 87.82
C GLY G 128 -24.43 20.09 87.35
N ALA G 129 -23.86 20.04 86.15
CA ALA G 129 -23.11 21.18 85.63
C ALA G 129 -23.97 21.94 84.65
N PRO G 130 -24.33 23.19 84.94
CA PRO G 130 -25.14 23.95 83.99
C PRO G 130 -24.30 24.47 82.84
N ASN G 131 -24.85 24.38 81.63
CA ASN G 131 -24.21 24.96 80.48
C ASN G 131 -24.22 26.48 80.59
N PRO G 132 -23.28 27.16 79.94
CA PRO G 132 -23.23 28.63 80.05
C PRO G 132 -24.53 29.25 79.60
N SER G 133 -24.95 30.29 80.32
CA SER G 133 -26.25 30.91 80.05
C SER G 133 -26.25 32.32 80.60
N GLN G 134 -27.45 32.89 80.67
CA GLN G 134 -27.65 34.23 81.19
C GLN G 134 -29.08 34.33 81.69
N TRP G 135 -29.33 35.32 82.54
CA TRP G 135 -30.65 35.43 83.16
C TRP G 135 -30.87 36.83 83.68
N GLU G 136 -32.00 37.42 83.29
CA GLU G 136 -32.40 38.73 83.78
C GLU G 136 -32.68 38.67 85.28
N THR G 137 -32.27 39.71 85.99
CA THR G 137 -32.40 39.74 87.44
C THR G 137 -32.62 41.17 87.90
N LYS G 138 -32.46 41.38 89.21
CA LYS G 138 -32.50 42.70 89.83
C LYS G 138 -31.40 42.75 90.89
N GLU G 139 -30.48 43.70 90.75
CA GLU G 139 -29.32 43.77 91.61
C GLU G 139 -29.12 45.21 92.09
N LYS G 140 -28.57 45.35 93.29
CA LYS G 140 -28.33 46.65 93.89
C LYS G 140 -27.07 47.27 93.32
N GLN G 141 -27.13 48.57 93.02
CA GLN G 141 -25.98 49.34 92.55
C GLN G 141 -25.71 50.44 93.57
N GLY G 142 -24.92 50.10 94.60
CA GLY G 142 -24.58 51.04 95.64
C GLY G 142 -25.65 51.15 96.71
N THR G 143 -25.26 51.75 97.84
CA THR G 143 -26.19 51.93 98.94
C THR G 143 -27.31 52.90 98.57
N THR G 144 -26.95 54.08 98.06
CA THR G 144 -27.96 55.06 97.71
C THR G 144 -28.69 54.67 96.42
N GLY G 145 -27.94 54.20 95.42
CA GLY G 145 -28.54 53.74 94.18
C GLY G 145 -29.46 52.55 94.39
N GLY G 146 -30.68 52.64 93.89
CA GLY G 146 -31.63 51.58 94.07
C GLY G 146 -31.26 50.33 93.30
N VAL G 147 -32.02 49.26 93.55
CA VAL G 147 -31.78 47.99 92.89
C VAL G 147 -32.09 48.16 91.41
N GLN G 148 -31.08 47.95 90.56
CA GLN G 148 -31.25 48.10 89.13
C GLN G 148 -31.85 46.83 88.55
N GLN G 149 -33.01 46.97 87.89
CA GLN G 149 -33.75 45.82 87.37
C GLN G 149 -33.25 45.47 85.96
N GLU G 150 -31.97 45.13 85.89
CA GLU G 150 -31.29 44.87 84.62
C GLU G 150 -30.59 43.52 84.66
N LYS G 151 -29.75 43.30 83.67
CA LYS G 151 -29.03 42.04 83.51
C LYS G 151 -27.74 41.98 84.29
N ASP G 152 -27.67 42.66 85.43
CA ASP G 152 -26.43 42.79 86.20
C ASP G 152 -25.66 41.48 86.36
N VAL G 153 -26.26 40.49 87.03
CA VAL G 153 -25.54 39.26 87.38
C VAL G 153 -25.77 38.21 86.29
N THR G 154 -26.22 38.65 85.12
CA THR G 154 -26.45 37.71 84.03
C THR G 154 -25.12 37.24 83.45
N LYS G 155 -25.16 36.42 82.39
CA LYS G 155 -23.97 35.85 81.77
C LYS G 155 -23.23 34.93 82.73
N THR G 156 -23.96 34.31 83.65
CA THR G 156 -23.32 33.45 84.64
C THR G 156 -22.71 32.24 83.98
N PHE G 157 -21.55 31.82 84.50
CA PHE G 157 -20.89 30.59 84.10
C PHE G 157 -20.62 30.53 82.61
N GLY G 158 -20.31 31.67 82.00
CA GLY G 158 -19.95 31.67 80.60
C GLY G 158 -18.54 31.18 80.38
N VAL G 159 -18.31 29.89 80.57
CA VAL G 159 -17.00 29.30 80.33
C VAL G 159 -16.59 29.63 78.91
N ALA G 160 -15.49 30.37 78.76
CA ALA G 160 -15.09 30.89 77.45
C ALA G 160 -13.56 30.86 77.40
N ALA G 161 -13.02 29.92 76.65
CA ALA G 161 -11.57 29.77 76.52
C ALA G 161 -11.23 29.56 75.05
N THR G 162 -10.47 30.49 74.48
CA THR G 162 -9.94 30.37 73.13
C THR G 162 -8.93 31.49 72.91
N GLY G 163 -7.92 31.22 72.09
CA GLY G 163 -6.92 32.22 71.81
C GLY G 163 -7.49 33.39 71.03
N GLY G 164 -6.79 34.51 71.12
CA GLY G 164 -7.19 35.69 70.39
C GLY G 164 -6.14 36.79 70.42
N ILE G 165 -5.80 37.34 69.26
CA ILE G 165 -4.84 38.43 69.22
C ILE G 165 -5.40 39.66 69.89
N ASN G 166 -6.64 40.03 69.55
CA ASN G 166 -7.30 41.20 70.10
C ASN G 166 -8.78 41.12 69.76
N ILE G 167 -9.62 41.57 70.68
CA ILE G 167 -11.07 41.50 70.53
C ILE G 167 -11.60 42.89 70.26
N THR G 168 -12.30 43.05 69.14
CA THR G 168 -12.91 44.30 68.73
C THR G 168 -14.40 44.07 68.48
N ASN G 169 -15.08 45.14 68.04
CA ASN G 169 -16.51 45.03 67.78
C ASN G 169 -16.80 44.05 66.65
N GLN G 170 -15.93 43.98 65.65
CA GLN G 170 -16.19 43.14 64.50
C GLN G 170 -16.22 41.66 64.89
N GLY G 171 -15.34 41.24 65.79
CA GLY G 171 -15.29 39.84 66.18
C GLY G 171 -14.26 39.53 67.25
N LEU G 172 -13.50 38.46 67.05
CA LEU G 172 -12.50 38.02 68.01
C LEU G 172 -11.08 38.06 67.49
N LEU G 173 -10.89 38.05 66.16
CA LEU G 173 -9.57 38.16 65.55
C LEU G 173 -8.64 37.03 66.01
N LEU G 174 -9.00 35.82 65.58
CA LEU G 174 -8.20 34.64 65.89
C LEU G 174 -6.74 34.83 65.50
N GLY G 175 -6.51 35.34 64.29
CA GLY G 175 -5.16 35.52 63.81
C GLY G 175 -5.11 36.52 62.68
N THR G 176 -3.95 36.57 62.03
CA THR G 176 -3.72 37.50 60.92
C THR G 176 -3.07 36.75 59.76
N ASP G 177 -3.47 37.13 58.55
CA ASP G 177 -2.91 36.57 57.33
C ASP G 177 -2.26 37.69 56.53
N GLU G 178 -1.04 37.43 56.04
CA GLU G 178 -0.29 38.42 55.27
C GLU G 178 -0.55 38.30 53.77
N THR G 179 -1.45 37.40 53.35
CA THR G 179 -1.71 37.25 51.91
C THR G 179 -2.25 38.54 51.31
N ALA G 180 -3.20 39.18 52.00
CA ALA G 180 -3.77 40.45 51.56
C ALA G 180 -3.72 41.52 52.65
N GLU G 181 -2.93 41.31 53.69
CA GLU G 181 -2.79 42.25 54.80
C GLU G 181 -4.12 42.50 55.49
N ASN G 182 -4.84 41.40 55.77
CA ASN G 182 -6.12 41.46 56.45
C ASN G 182 -6.13 40.50 57.62
N GLY G 183 -6.71 40.95 58.73
CA GLY G 183 -6.87 40.12 59.90
C GLY G 183 -8.15 39.31 59.85
N LYS G 184 -8.04 37.99 59.97
CA LYS G 184 -9.19 37.12 59.87
C LYS G 184 -9.97 37.13 61.18
N LYS G 185 -11.13 37.77 61.18
CA LYS G 185 -12.02 37.70 62.33
C LYS G 185 -12.61 36.30 62.43
N ASP G 186 -13.47 36.10 63.41
CA ASP G 186 -14.09 34.81 63.64
C ASP G 186 -15.46 34.76 62.99
N ILE G 187 -15.70 33.73 62.19
CA ILE G 187 -16.99 33.57 61.52
C ILE G 187 -18.00 33.13 62.57
N TYR G 188 -18.81 34.07 63.06
CA TYR G 188 -19.71 33.77 64.16
C TYR G 188 -20.94 33.00 63.72
N ALA G 189 -20.95 32.47 62.50
CA ALA G 189 -22.02 31.56 62.11
C ALA G 189 -21.77 30.17 62.67
N ASP G 190 -20.52 29.70 62.59
CA ASP G 190 -20.13 28.41 63.21
C ASP G 190 -19.06 28.57 64.19
N LYS G 191 -17.93 29.11 63.77
CA LYS G 191 -16.78 29.26 64.63
C LYS G 191 -16.84 30.51 65.32
N THR G 192 -17.38 30.45 66.49
CA THR G 192 -17.40 31.62 67.25
C THR G 192 -16.35 31.27 68.08
N PHE G 193 -16.13 30.00 68.01
CA PHE G 193 -15.20 29.45 68.82
C PHE G 193 -15.96 28.27 68.44
N GLN G 194 -15.86 27.19 69.14
CA GLN G 194 -16.61 26.13 68.73
C GLN G 194 -16.56 25.57 70.00
N PRO G 195 -17.46 24.75 70.24
CA PRO G 195 -17.28 24.33 71.58
C PRO G 195 -16.27 23.23 71.78
N GLU G 196 -15.46 22.85 70.82
CA GLU G 196 -14.41 21.86 71.03
C GLU G 196 -13.01 22.47 70.97
N PRO G 197 -12.61 23.18 69.89
CA PRO G 197 -11.23 23.64 69.81
C PRO G 197 -10.93 24.75 70.79
N GLN G 198 -10.68 24.38 72.04
CA GLN G 198 -10.40 25.34 73.10
C GLN G 198 -8.97 25.81 72.98
N VAL G 199 -8.46 26.45 74.04
CA VAL G 199 -7.08 26.87 74.05
C VAL G 199 -6.18 25.64 73.88
N GLY G 200 -4.95 25.89 73.44
CA GLY G 200 -4.01 24.83 73.18
C GLY G 200 -3.86 23.87 74.34
N GLU G 201 -3.36 22.68 74.06
CA GLU G 201 -3.25 21.65 75.09
C GLU G 201 -2.22 22.01 76.15
N GLU G 202 -1.41 23.03 75.94
CA GLU G 202 -0.42 23.41 76.92
C GLU G 202 -1.08 24.14 78.09
N ASN G 203 -1.46 23.39 79.13
CA ASN G 203 -2.05 24.03 80.30
C ASN G 203 -1.06 24.99 80.96
N TRP G 204 0.22 24.64 80.97
CA TRP G 204 1.22 25.56 81.49
C TRP G 204 1.28 26.82 80.65
N GLN G 205 1.22 26.68 79.33
CA GLN G 205 1.21 27.83 78.44
C GLN G 205 -0.19 28.28 78.09
N GLU G 206 -1.16 28.00 78.96
CA GLU G 206 -2.51 28.52 78.79
C GLU G 206 -2.54 29.99 79.15
N ASN G 207 -1.92 30.82 78.31
CA ASN G 207 -1.82 32.25 78.56
C ASN G 207 -2.06 32.97 77.24
N GLU G 208 -3.23 33.57 77.10
CA GLU G 208 -3.58 34.37 75.94
C GLU G 208 -4.06 35.73 76.41
N ALA G 209 -3.83 36.74 75.58
CA ALA G 209 -4.21 38.10 75.94
C ALA G 209 -5.73 38.21 76.09
N PHE G 210 -6.48 37.61 75.18
CA PHE G 210 -7.93 37.70 75.20
C PHE G 210 -8.52 36.33 74.91
N TYR G 211 -9.73 36.12 75.43
CA TYR G 211 -10.45 34.87 75.24
C TYR G 211 -11.85 35.15 74.73
N GLY G 212 -12.56 34.08 74.38
CA GLY G 212 -13.89 34.20 73.86
C GLY G 212 -14.65 32.91 74.00
N GLY G 213 -15.93 32.94 73.66
CA GLY G 213 -16.77 31.78 73.77
C GLY G 213 -18.20 32.13 73.48
N ARG G 214 -19.07 31.12 73.60
CA ARG G 214 -20.49 31.28 73.31
C ARG G 214 -21.30 30.78 74.49
N ALA G 215 -22.47 31.40 74.68
CA ALA G 215 -23.35 31.04 75.77
C ALA G 215 -24.79 31.24 75.33
N LEU G 216 -25.69 30.51 75.96
CA LEU G 216 -27.11 30.58 75.64
C LEU G 216 -27.72 31.86 76.16
N LYS G 217 -28.83 32.26 75.55
CA LYS G 217 -29.52 33.48 75.96
C LYS G 217 -30.52 33.18 77.07
N LYS G 218 -31.21 34.22 77.52
CA LYS G 218 -32.17 34.09 78.60
C LYS G 218 -33.50 33.49 78.17
N ASP G 219 -33.73 33.33 76.87
CA ASP G 219 -35.00 32.84 76.38
C ASP G 219 -35.01 31.34 76.14
N THR G 220 -33.91 30.65 76.38
CA THR G 220 -33.81 29.24 76.03
C THR G 220 -34.19 28.31 77.18
N LYS G 221 -34.50 28.84 78.36
CA LYS G 221 -34.92 28.03 79.51
C LYS G 221 -33.85 26.99 79.84
N MET G 222 -32.71 27.50 80.30
CA MET G 222 -31.50 26.70 80.45
C MET G 222 -31.75 25.47 81.30
N LYS G 223 -31.19 24.35 80.85
CA LYS G 223 -31.29 23.03 81.47
C LYS G 223 -29.87 22.51 81.67
N PRO G 224 -29.69 21.52 82.54
CA PRO G 224 -28.33 21.03 82.80
C PRO G 224 -27.66 20.53 81.54
N CYS G 225 -26.35 20.79 81.45
CA CYS G 225 -25.62 20.40 80.26
C CYS G 225 -25.40 18.90 80.17
N TYR G 226 -25.76 18.15 81.20
CA TYR G 226 -25.48 16.71 81.21
C TYR G 226 -26.15 16.03 80.03
N GLY G 227 -27.45 16.23 79.86
CA GLY G 227 -28.20 15.58 78.80
C GLY G 227 -28.69 16.46 77.69
N SER G 228 -28.25 17.71 77.62
CA SER G 228 -28.83 18.65 76.67
C SER G 228 -28.43 18.30 75.25
N PHE G 229 -29.24 18.77 74.29
CA PHE G 229 -29.00 18.56 72.88
C PHE G 229 -29.62 19.71 72.12
N ALA G 230 -29.06 20.00 70.94
CA ALA G 230 -29.57 21.09 70.13
C ALA G 230 -29.17 20.85 68.68
N ARG G 231 -30.15 20.57 67.82
CA ARG G 231 -29.87 20.16 66.46
C ARG G 231 -29.14 21.28 65.72
N PRO G 232 -28.22 20.93 64.82
CA PRO G 232 -27.48 21.96 64.10
C PRO G 232 -28.39 22.72 63.14
N THR G 233 -27.95 23.93 62.79
CA THR G 233 -28.69 24.78 61.88
C THR G 233 -28.02 24.90 60.52
N ASN G 234 -26.74 25.23 60.48
CA ASN G 234 -26.02 25.37 59.22
C ASN G 234 -25.11 24.17 58.99
N GLU G 235 -24.79 23.95 57.71
CA GLU G 235 -23.98 22.79 57.34
C GLU G 235 -22.59 22.85 57.94
N LYS G 236 -22.08 24.05 58.18
CA LYS G 236 -20.72 24.24 58.70
C LYS G 236 -20.56 23.75 60.12
N GLY G 237 -21.56 23.11 60.71
CA GLY G 237 -21.45 22.62 62.06
C GLY G 237 -21.93 23.58 63.13
N GLY G 238 -22.38 24.77 62.74
CA GLY G 238 -22.80 25.74 63.74
C GLY G 238 -23.94 25.21 64.59
N GLN G 239 -23.90 25.53 65.87
CA GLN G 239 -24.95 25.10 66.78
C GLN G 239 -26.25 25.81 66.42
N ALA G 240 -27.35 25.29 66.97
CA ALA G 240 -28.67 25.86 66.69
C ALA G 240 -28.72 27.33 67.07
N LYS G 241 -28.81 28.19 66.08
CA LYS G 241 -29.14 29.60 66.31
C LYS G 241 -30.30 29.89 65.39
N PHE G 242 -31.51 29.58 65.84
CA PHE G 242 -32.65 29.78 64.95
C PHE G 242 -32.91 31.27 64.79
N LYS G 243 -33.62 31.59 63.71
CA LYS G 243 -33.75 32.97 63.28
C LYS G 243 -34.44 33.81 64.36
N PRO G 244 -34.16 35.11 64.43
CA PRO G 244 -34.77 35.94 65.46
C PRO G 244 -36.28 35.95 65.34
N VAL G 245 -36.94 36.17 66.48
CA VAL G 245 -38.39 36.22 66.50
C VAL G 245 -38.85 37.36 65.60
N ASN G 246 -39.49 37.01 64.49
CA ASN G 246 -39.87 37.96 63.47
C ASN G 246 -41.31 37.67 63.06
N GLU G 247 -41.86 38.52 62.19
CA GLU G 247 -43.18 38.29 61.65
C GLU G 247 -43.17 37.02 60.79
N GLY G 248 -44.37 36.58 60.41
CA GLY G 248 -44.51 35.32 59.70
C GLY G 248 -44.14 35.39 58.23
N GLU G 249 -43.18 36.25 57.89
CA GLU G 249 -42.80 36.44 56.49
C GLU G 249 -41.29 36.31 56.26
N GLN G 250 -40.48 36.79 57.20
CA GLN G 250 -39.04 36.92 57.01
C GLN G 250 -38.26 36.31 58.17
N PRO G 251 -38.25 34.97 58.30
CA PRO G 251 -37.33 34.33 59.24
C PRO G 251 -36.02 33.95 58.57
N LYS G 252 -35.18 34.96 58.30
CA LYS G 252 -34.02 34.75 57.44
C LYS G 252 -32.71 35.27 58.01
N ASP G 253 -32.70 35.83 59.21
CA ASP G 253 -31.47 36.31 59.83
C ASP G 253 -31.03 35.35 60.93
N LEU G 254 -29.93 35.70 61.59
CA LEU G 254 -29.41 34.92 62.70
C LEU G 254 -29.57 35.68 64.00
N ASP G 255 -29.34 34.97 65.10
CA ASP G 255 -29.72 35.43 66.44
C ASP G 255 -28.52 35.45 67.37
N ILE G 256 -27.41 36.03 66.91
CA ILE G 256 -26.17 36.07 67.68
C ILE G 256 -25.79 37.53 67.93
N ASP G 257 -25.43 37.82 69.17
CA ASP G 257 -24.92 39.13 69.55
C ASP G 257 -23.81 38.95 70.57
N PHE G 258 -22.96 39.96 70.68
CA PHE G 258 -21.74 39.89 71.47
C PHE G 258 -21.97 40.50 72.85
N ALA G 259 -21.22 39.98 73.83
CA ALA G 259 -21.16 40.54 75.17
C ALA G 259 -19.70 40.66 75.58
N TYR G 260 -19.35 41.81 76.17
CA TYR G 260 -17.96 42.12 76.47
C TYR G 260 -17.78 42.28 77.98
N PHE G 261 -16.66 41.75 78.49
CA PHE G 261 -16.40 41.76 79.93
C PHE G 261 -14.97 42.22 80.18
N ASP G 262 -14.76 42.79 81.36
CA ASP G 262 -13.47 43.33 81.76
C ASP G 262 -13.19 42.95 83.20
N VAL G 263 -11.93 42.69 83.50
CA VAL G 263 -11.52 42.33 84.86
C VAL G 263 -11.73 43.53 85.76
N PRO G 264 -12.53 43.41 86.80
CA PRO G 264 -12.84 44.58 87.64
C PRO G 264 -11.57 45.16 88.27
N GLY G 265 -11.54 46.47 88.36
CA GLY G 265 -10.40 47.15 88.95
C GLY G 265 -9.10 47.01 88.17
N GLY G 266 -9.16 47.13 86.85
CA GLY G 266 -7.94 47.17 86.06
C GLY G 266 -7.07 48.33 86.49
N SER G 267 -5.84 48.02 86.92
CA SER G 267 -4.99 49.05 87.52
C SER G 267 -4.70 50.24 86.61
N PRO G 268 -4.29 50.06 85.34
CA PRO G 268 -3.96 51.24 84.53
C PRO G 268 -5.19 52.08 84.27
N PRO G 269 -5.04 53.40 84.21
CA PRO G 269 -6.13 54.25 83.75
C PRO G 269 -6.35 54.08 82.25
N ALA G 270 -7.56 54.41 81.81
CA ALA G 270 -7.92 54.27 80.41
C ALA G 270 -7.20 55.37 79.63
N GLY G 271 -5.95 55.07 79.27
CA GLY G 271 -5.13 56.06 78.59
C GLY G 271 -4.87 57.30 79.40
N GLY G 272 -4.75 57.16 80.72
CA GLY G 272 -4.58 58.29 81.60
C GLY G 272 -5.87 58.99 81.99
N SER G 273 -7.02 58.51 81.52
CA SER G 273 -8.32 59.13 81.80
C SER G 273 -9.31 58.02 82.14
N GLY G 274 -9.44 57.72 83.44
CA GLY G 274 -10.32 56.69 83.95
C GLY G 274 -9.60 55.84 84.96
N GLU G 275 -10.23 54.72 85.33
CA GLU G 275 -9.62 53.81 86.28
C GLU G 275 -9.88 52.34 85.93
N GLU G 276 -10.02 52.03 84.65
CA GLU G 276 -10.12 50.65 84.20
C GLU G 276 -9.80 50.62 82.71
N TYR G 277 -10.06 49.48 82.08
CA TYR G 277 -9.57 49.26 80.72
C TYR G 277 -10.58 48.54 79.84
N LYS G 278 -10.12 48.04 78.70
CA LYS G 278 -10.98 47.51 77.65
C LYS G 278 -11.30 46.03 77.88
N ALA G 279 -12.33 45.57 77.19
CA ALA G 279 -12.80 44.20 77.36
C ALA G 279 -11.71 43.20 77.02
N ASP G 280 -11.63 42.14 77.81
CA ASP G 280 -10.66 41.07 77.59
C ASP G 280 -11.30 39.70 77.46
N ILE G 281 -12.61 39.64 77.26
CA ILE G 281 -13.29 38.39 76.96
C ILE G 281 -14.63 38.71 76.31
N ILE G 282 -14.94 38.03 75.21
CA ILE G 282 -16.13 38.31 74.41
C ILE G 282 -16.97 37.05 74.34
N LEU G 283 -18.26 37.18 74.65
CA LEU G 283 -19.20 36.08 74.59
C LEU G 283 -20.16 36.25 73.42
N TYR G 284 -20.40 35.18 72.73
CA TYR G 284 -21.24 35.26 71.61
C TYR G 284 -22.49 34.62 72.10
N THR G 285 -23.51 35.36 72.41
CA THR G 285 -24.66 34.76 72.98
C THR G 285 -25.75 34.54 72.02
N GLU G 286 -26.23 33.32 71.91
CA GLU G 286 -27.33 33.01 71.03
C GLU G 286 -28.34 32.00 71.50
N ASN G 287 -29.56 32.02 71.02
CA ASN G 287 -30.60 31.14 71.48
C ASN G 287 -30.46 29.91 70.76
N VAL G 288 -31.05 28.84 71.19
CA VAL G 288 -30.84 27.56 70.60
C VAL G 288 -32.03 26.66 70.82
N ASN G 289 -32.10 25.54 70.19
CA ASN G 289 -33.21 24.59 70.24
C ASN G 289 -33.07 23.60 71.39
N LEU G 290 -32.46 24.01 72.49
CA LEU G 290 -32.15 23.16 73.63
C LEU G 290 -33.33 22.26 73.99
N GLU G 291 -33.07 20.96 74.05
CA GLU G 291 -34.07 19.98 74.48
C GLU G 291 -33.42 18.64 74.79
N THR G 292 -33.70 18.09 75.97
CA THR G 292 -33.09 16.85 76.41
C THR G 292 -33.93 15.68 75.92
N PRO G 293 -33.44 14.84 75.01
CA PRO G 293 -34.31 13.80 74.46
C PRO G 293 -34.58 12.67 75.43
N ASP G 294 -33.70 12.40 76.37
CA ASP G 294 -33.95 11.27 77.26
C ASP G 294 -33.86 11.61 78.74
N THR G 295 -32.93 12.47 79.14
CA THR G 295 -32.74 12.74 80.55
C THR G 295 -33.87 13.61 81.10
N HIS G 296 -34.15 13.45 82.39
CA HIS G 296 -35.14 14.25 83.10
C HIS G 296 -34.51 14.85 84.34
N VAL G 297 -34.95 16.06 84.70
CA VAL G 297 -34.41 16.72 85.87
C VAL G 297 -34.95 16.04 87.12
N VAL G 298 -34.03 15.57 87.97
CA VAL G 298 -34.45 14.91 89.21
C VAL G 298 -34.73 15.95 90.29
N TYR G 299 -33.83 16.91 90.46
CA TYR G 299 -33.96 17.92 91.50
C TYR G 299 -33.92 19.30 90.88
N LYS G 300 -34.95 20.10 91.12
CA LYS G 300 -34.89 21.51 90.82
C LYS G 300 -35.41 22.29 92.03
N PRO G 301 -34.72 23.35 92.42
CA PRO G 301 -35.07 24.04 93.67
C PRO G 301 -36.43 24.69 93.65
N GLY G 302 -36.70 25.53 92.66
CA GLY G 302 -37.93 26.28 92.60
C GLY G 302 -38.97 25.63 91.71
N THR G 303 -40.22 26.03 91.92
CA THR G 303 -41.30 25.57 91.06
C THR G 303 -41.15 26.13 89.65
N SER G 304 -40.74 27.39 89.55
CA SER G 304 -40.61 28.03 88.25
C SER G 304 -39.49 27.38 87.44
N ASP G 305 -39.75 27.20 86.15
CA ASP G 305 -38.79 26.58 85.23
C ASP G 305 -38.45 27.60 84.16
N ASN G 306 -37.46 28.44 84.44
CA ASN G 306 -37.01 29.43 83.49
C ASN G 306 -35.61 29.89 83.90
N SER G 307 -34.98 30.65 83.01
CA SER G 307 -33.60 31.08 83.22
C SER G 307 -33.54 32.01 84.43
N SER G 308 -32.94 31.52 85.51
CA SER G 308 -32.82 32.28 86.74
C SER G 308 -31.64 31.73 87.54
N GLU G 309 -31.21 32.52 88.52
CA GLU G 309 -30.04 32.16 89.32
C GLU G 309 -30.23 30.82 90.02
N ILE G 310 -31.37 30.64 90.68
CA ILE G 310 -31.58 29.44 91.48
C ILE G 310 -31.61 28.20 90.60
N ASN G 311 -32.22 28.30 89.42
CA ASN G 311 -32.31 27.15 88.53
C ASN G 311 -30.98 26.78 87.90
N LEU G 312 -29.90 27.48 88.25
CA LEU G 312 -28.59 27.10 87.75
C LEU G 312 -28.17 25.74 88.30
N VAL G 313 -28.66 25.38 89.48
CA VAL G 313 -28.27 24.14 90.15
C VAL G 313 -29.38 23.14 89.91
N GLN G 314 -29.27 22.38 88.83
CA GLN G 314 -30.23 21.34 88.52
C GLN G 314 -29.49 20.07 88.14
N GLN G 315 -29.96 18.94 88.64
CA GLN G 315 -29.36 17.64 88.38
C GLN G 315 -30.34 16.78 87.61
N SER G 316 -29.85 16.13 86.56
CA SER G 316 -30.68 15.33 85.69
C SER G 316 -30.09 13.93 85.55
N MET G 317 -30.76 12.95 86.11
CA MET G 317 -30.33 11.59 85.88
C MET G 317 -30.96 11.07 84.59
N PRO G 318 -30.28 10.16 83.90
CA PRO G 318 -30.86 9.61 82.66
C PRO G 318 -32.04 8.71 82.99
N ASN G 319 -33.12 8.86 82.22
CA ASN G 319 -34.31 8.10 82.50
C ASN G 319 -34.10 6.62 82.18
N ARG G 320 -34.96 5.78 82.74
CA ARG G 320 -34.70 4.35 82.81
C ARG G 320 -34.70 3.74 81.40
N PRO G 321 -33.85 2.76 81.15
CA PRO G 321 -33.88 2.06 79.87
C PRO G 321 -35.12 1.22 79.72
N ASN G 322 -35.55 1.03 78.48
CA ASN G 322 -36.77 0.27 78.20
C ASN G 322 -36.64 -0.31 76.81
N TYR G 323 -36.54 -1.64 76.72
CA TYR G 323 -36.42 -2.33 75.46
C TYR G 323 -37.78 -2.82 75.01
N ILE G 324 -38.03 -2.76 73.70
CA ILE G 324 -39.31 -3.18 73.13
C ILE G 324 -39.02 -4.03 71.89
N GLY G 325 -39.73 -5.12 71.76
CA GLY G 325 -39.56 -6.02 70.66
C GLY G 325 -40.55 -7.09 70.67
N PHE G 326 -40.55 -7.94 69.72
CA PHE G 326 -41.51 -8.92 69.67
C PHE G 326 -41.29 -9.95 70.70
N ARG G 327 -42.21 -10.83 70.97
CA ARG G 327 -42.02 -11.73 72.03
C ARG G 327 -41.23 -12.86 71.49
N ASP G 328 -40.95 -13.88 72.26
CA ASP G 328 -40.17 -15.01 71.84
C ASP G 328 -40.95 -15.75 70.87
N ASN G 329 -40.35 -16.38 69.92
CA ASN G 329 -41.05 -17.18 69.01
C ASN G 329 -42.29 -16.55 68.57
N PHE G 330 -42.42 -15.27 68.68
CA PHE G 330 -43.61 -14.54 68.24
C PHE G 330 -44.87 -15.07 68.90
N VAL G 331 -44.80 -15.37 70.20
CA VAL G 331 -46.00 -15.82 70.90
C VAL G 331 -46.98 -14.66 71.01
N GLY G 332 -48.23 -14.90 70.68
CA GLY G 332 -49.26 -13.90 70.73
C GLY G 332 -49.58 -13.26 69.40
N LEU G 333 -48.74 -13.44 68.40
CA LEU G 333 -48.98 -12.85 67.09
C LEU G 333 -50.02 -13.60 66.28
N MET G 334 -50.40 -14.80 66.71
CA MET G 334 -51.43 -15.58 66.04
C MET G 334 -52.47 -16.02 67.06
N TYR G 335 -53.74 -15.86 66.70
CA TYR G 335 -54.82 -16.25 67.60
C TYR G 335 -54.83 -17.77 67.75
N TYR G 336 -54.39 -18.26 68.90
CA TYR G 336 -54.35 -19.68 69.17
C TYR G 336 -55.42 -20.07 70.18
N ASN G 337 -56.09 -21.18 69.90
CA ASN G 337 -57.10 -21.77 70.78
C ASN G 337 -58.03 -20.72 71.37
N SER G 338 -58.64 -19.94 70.48
CA SER G 338 -59.73 -19.05 70.84
C SER G 338 -60.90 -19.36 69.92
N THR G 339 -61.98 -19.89 70.49
CA THR G 339 -63.09 -20.37 69.69
C THR G 339 -63.78 -19.26 68.91
N GLY G 340 -63.64 -18.01 69.34
CA GLY G 340 -64.26 -16.92 68.59
C GLY G 340 -63.71 -16.80 67.18
N ASN G 341 -62.39 -16.93 67.03
CA ASN G 341 -61.75 -16.79 65.72
C ASN G 341 -60.55 -17.73 65.70
N MET G 342 -60.76 -18.93 65.17
CA MET G 342 -59.72 -19.94 65.10
C MET G 342 -59.32 -20.17 63.65
N GLY G 343 -58.14 -20.74 63.47
CA GLY G 343 -57.66 -21.06 62.15
C GLY G 343 -58.42 -22.20 61.53
N VAL G 344 -58.14 -22.45 60.25
CA VAL G 344 -58.80 -23.52 59.53
C VAL G 344 -57.85 -24.10 58.49
N LEU G 345 -57.65 -25.41 58.55
CA LEU G 345 -56.98 -26.16 57.50
C LEU G 345 -57.97 -27.22 57.03
N ALA G 346 -58.57 -26.99 55.87
CA ALA G 346 -59.68 -27.81 55.42
C ALA G 346 -59.53 -28.08 53.93
N GLY G 347 -60.15 -29.17 53.49
CA GLY G 347 -60.22 -29.42 52.07
C GLY G 347 -60.94 -28.30 51.34
N GLN G 348 -60.54 -28.07 50.10
CA GLN G 348 -61.16 -27.01 49.32
C GLN G 348 -62.65 -27.24 49.15
N ALA G 349 -63.07 -28.50 49.15
CA ALA G 349 -64.46 -28.83 48.86
C ALA G 349 -65.13 -29.54 50.02
N SER G 350 -64.92 -29.06 51.24
CA SER G 350 -65.55 -29.66 52.40
C SER G 350 -65.62 -28.63 53.51
N GLN G 351 -66.68 -28.69 54.30
CA GLN G 351 -66.87 -27.78 55.40
C GLN G 351 -66.25 -28.26 56.70
N LEU G 352 -65.36 -29.24 56.62
CA LEU G 352 -64.73 -29.83 57.79
C LEU G 352 -63.27 -29.39 57.86
N ASN G 353 -62.89 -28.78 58.98
CA ASN G 353 -61.51 -28.38 59.20
C ASN G 353 -60.84 -29.28 60.22
N ALA G 354 -59.57 -29.58 59.99
CA ALA G 354 -58.85 -30.48 60.89
C ALA G 354 -58.56 -29.83 62.23
N VAL G 355 -58.20 -28.56 62.22
CA VAL G 355 -57.78 -27.88 63.46
C VAL G 355 -59.02 -27.56 64.28
N VAL G 356 -59.09 -28.13 65.48
CA VAL G 356 -60.18 -27.90 66.42
C VAL G 356 -59.53 -27.65 67.77
N ASP G 357 -59.39 -26.38 68.15
CA ASP G 357 -58.74 -26.01 69.40
C ASP G 357 -59.78 -25.48 70.37
N LEU G 358 -59.60 -25.83 71.65
CA LEU G 358 -60.56 -25.50 72.68
C LEU G 358 -60.23 -24.14 73.29
N GLN G 359 -61.01 -23.75 74.29
CA GLN G 359 -60.82 -22.49 74.97
C GLN G 359 -59.80 -22.58 76.09
N ASP G 360 -59.43 -23.79 76.52
CA ASP G 360 -58.55 -23.93 77.69
C ASP G 360 -57.10 -24.23 77.29
N ARG G 361 -56.85 -25.31 76.58
CA ARG G 361 -55.47 -25.71 76.32
C ARG G 361 -54.78 -24.68 75.44
N ASN G 362 -53.55 -24.32 75.81
CA ASN G 362 -52.80 -23.29 75.11
C ASN G 362 -51.64 -23.94 74.35
N THR G 363 -51.50 -23.57 73.09
CA THR G 363 -50.44 -24.10 72.24
C THR G 363 -49.22 -23.19 72.23
N GLU G 364 -49.23 -22.11 73.00
CA GLU G 364 -48.06 -21.26 73.12
C GLU G 364 -47.11 -21.80 74.18
N LEU G 365 -47.62 -22.03 75.39
CA LEU G 365 -46.78 -22.60 76.45
C LEU G 365 -46.32 -24.00 76.07
N SER G 366 -47.17 -24.78 75.41
CA SER G 366 -46.78 -26.12 75.00
C SER G 366 -45.63 -26.08 74.02
N TYR G 367 -45.75 -25.28 72.97
CA TYR G 367 -44.68 -25.20 71.97
C TYR G 367 -43.43 -24.60 72.58
N GLN G 368 -43.58 -23.77 73.61
CA GLN G 368 -42.41 -23.23 74.30
C GLN G 368 -41.65 -24.36 75.00
N LEU G 369 -42.37 -25.29 75.62
CA LEU G 369 -41.73 -26.42 76.28
C LEU G 369 -41.14 -27.39 75.26
N LEU G 370 -41.81 -27.55 74.12
CA LEU G 370 -41.36 -28.54 73.15
C LEU G 370 -39.98 -28.20 72.60
N LEU G 371 -39.74 -26.92 72.29
CA LEU G 371 -38.44 -26.52 71.75
C LEU G 371 -37.32 -26.83 72.72
N ASP G 372 -37.54 -26.56 74.01
CA ASP G 372 -36.53 -26.85 75.01
C ASP G 372 -36.23 -28.34 75.09
N SER G 373 -37.27 -29.17 74.99
CA SER G 373 -37.08 -30.61 75.07
C SER G 373 -36.27 -31.13 73.88
N LEU G 374 -36.63 -30.69 72.66
CA LEU G 374 -35.94 -31.20 71.48
C LEU G 374 -34.49 -30.76 71.44
N GLY G 375 -34.23 -29.49 71.74
CA GLY G 375 -32.89 -28.96 71.54
C GLY G 375 -32.32 -28.22 72.73
N ASP G 376 -31.56 -27.16 72.42
CA ASP G 376 -30.85 -26.38 73.43
C ASP G 376 -31.26 -24.93 73.26
N ARG G 377 -31.98 -24.39 74.24
CA ARG G 377 -32.55 -23.04 74.13
C ARG G 377 -31.65 -22.01 74.81
N THR G 378 -30.41 -21.94 74.34
CA THR G 378 -29.56 -20.80 74.64
C THR G 378 -28.74 -20.35 73.44
N ARG G 379 -28.94 -20.95 72.27
CA ARG G 379 -28.38 -20.46 71.03
C ARG G 379 -29.48 -19.71 70.29
N TYR G 380 -29.27 -18.42 70.06
CA TYR G 380 -30.32 -17.59 69.47
C TYR G 380 -30.50 -17.93 68.01
N PHE G 381 -31.75 -18.11 67.59
CA PHE G 381 -32.10 -18.30 66.19
C PHE G 381 -32.86 -17.07 65.74
N SER G 382 -32.21 -16.25 64.91
CA SER G 382 -32.80 -14.98 64.52
C SER G 382 -34.06 -15.17 63.71
N MET G 383 -34.10 -16.19 62.85
CA MET G 383 -35.22 -16.33 61.92
C MET G 383 -36.53 -16.50 62.65
N TRP G 384 -36.61 -17.45 63.57
CA TRP G 384 -37.83 -17.62 64.34
C TRP G 384 -37.93 -16.68 65.52
N ASN G 385 -36.95 -15.80 65.71
CA ASN G 385 -36.95 -14.86 66.82
C ASN G 385 -37.03 -15.61 68.15
N SER G 386 -36.23 -16.66 68.27
CA SER G 386 -36.34 -17.61 69.36
C SER G 386 -35.32 -17.35 70.46
N ALA G 387 -35.03 -16.09 70.76
CA ALA G 387 -34.16 -15.79 71.88
C ALA G 387 -34.96 -15.91 73.17
N VAL G 388 -34.63 -16.90 73.99
CA VAL G 388 -35.44 -17.17 75.17
C VAL G 388 -35.24 -16.08 76.21
N ASP G 389 -36.30 -15.82 76.96
CA ASP G 389 -36.25 -14.82 78.02
C ASP G 389 -35.39 -15.32 79.16
N SER G 390 -34.49 -14.48 79.63
CA SER G 390 -33.55 -14.86 80.67
C SER G 390 -33.33 -13.69 81.62
N TYR G 391 -32.81 -14.01 82.80
CA TYR G 391 -32.47 -13.02 83.81
C TYR G 391 -31.07 -13.30 84.30
N ASP G 392 -30.32 -12.25 84.58
CA ASP G 392 -28.96 -12.41 85.05
C ASP G 392 -28.98 -13.14 86.39
N PRO G 393 -28.31 -14.28 86.53
CA PRO G 393 -28.35 -14.98 87.82
C PRO G 393 -27.82 -14.17 88.97
N ASP G 394 -26.84 -13.29 88.72
CA ASP G 394 -26.28 -12.48 89.79
C ASP G 394 -27.31 -11.53 90.36
N VAL G 395 -28.11 -10.89 89.49
CA VAL G 395 -29.00 -9.84 89.96
C VAL G 395 -30.22 -10.40 90.68
N ARG G 396 -30.64 -11.62 90.37
CA ARG G 396 -31.76 -12.21 91.11
C ARG G 396 -31.33 -12.57 92.53
N ILE G 397 -30.15 -13.14 92.68
CA ILE G 397 -29.64 -13.58 93.98
C ILE G 397 -28.34 -12.82 94.21
N ILE G 398 -28.43 -11.70 94.89
CA ILE G 398 -27.29 -10.79 95.05
C ILE G 398 -26.21 -11.45 95.90
N GLU G 399 -25.07 -11.75 95.29
CA GLU G 399 -23.97 -12.37 96.02
C GLU G 399 -23.42 -11.45 97.10
N ASN G 400 -22.95 -10.27 96.68
CA ASN G 400 -22.48 -9.22 97.60
C ASN G 400 -21.31 -9.71 98.45
N HIS G 401 -20.20 -9.99 97.75
CA HIS G 401 -18.93 -10.30 98.39
C HIS G 401 -18.16 -9.06 98.79
N GLY G 402 -18.79 -7.89 98.79
CA GLY G 402 -18.04 -6.70 99.10
C GLY G 402 -17.18 -6.28 97.92
N VAL G 403 -16.20 -5.42 98.21
CA VAL G 403 -15.36 -4.81 97.20
C VAL G 403 -13.90 -5.10 97.52
N GLU G 404 -13.12 -5.35 96.47
CA GLU G 404 -11.68 -5.61 96.63
C GLU G 404 -10.93 -4.29 96.61
N ASP G 405 -11.15 -3.50 97.66
CA ASP G 405 -10.47 -2.21 97.82
C ASP G 405 -9.43 -2.36 98.92
N GLU G 406 -8.17 -2.44 98.52
CA GLU G 406 -7.07 -2.54 99.47
C GLU G 406 -6.14 -1.34 99.41
N LEU G 407 -5.87 -0.85 98.24
CA LEU G 407 -5.07 0.35 98.13
C LEU G 407 -5.95 1.54 97.76
N PRO G 408 -5.61 2.73 98.21
CA PRO G 408 -6.31 3.93 97.75
C PRO G 408 -6.03 4.18 96.28
N ASN G 409 -6.99 4.82 95.62
CA ASN G 409 -6.86 5.24 94.23
C ASN G 409 -6.90 6.76 94.18
N TYR G 410 -5.93 7.35 93.50
CA TYR G 410 -5.77 8.79 93.50
C TYR G 410 -5.95 9.36 92.10
N CYS G 411 -6.32 10.64 92.05
CA CYS G 411 -6.42 11.39 90.80
C CYS G 411 -5.62 12.67 90.95
N PHE G 412 -4.48 12.72 90.32
CA PHE G 412 -3.50 13.79 90.42
C PHE G 412 -3.80 14.90 89.42
N PRO G 413 -3.25 16.09 89.60
CA PRO G 413 -3.56 17.20 88.69
C PRO G 413 -3.03 16.93 87.29
N LEU G 414 -3.45 17.78 86.36
CA LEU G 414 -3.01 17.64 84.97
C LEU G 414 -1.50 17.79 84.86
N ASN G 415 -0.93 18.74 85.59
CA ASN G 415 0.51 18.89 85.64
C ASN G 415 1.05 18.05 86.79
N GLY G 416 2.32 18.26 87.14
CA GLY G 416 2.87 17.53 88.27
C GLY G 416 2.18 17.85 89.58
N THR G 417 1.96 19.13 89.84
CA THR G 417 1.25 19.57 91.05
C THR G 417 0.84 21.02 90.86
N GLY G 418 -0.43 21.32 91.13
CA GLY G 418 -0.93 22.67 90.91
C GLY G 418 -0.39 23.68 91.90
N THR G 419 0.93 23.78 91.97
CA THR G 419 1.58 24.68 92.92
C THR G 419 1.76 26.07 92.32
N ASN G 420 1.96 27.03 93.21
CA ASN G 420 2.30 28.41 92.85
C ASN G 420 3.38 28.92 93.79
N SER G 421 4.35 28.08 94.12
CA SER G 421 5.31 28.42 95.15
C SER G 421 6.25 29.53 94.71
N THR G 422 6.82 29.41 93.52
CA THR G 422 7.65 30.44 92.91
C THR G 422 8.82 30.83 93.82
N TYR G 423 9.71 29.86 94.02
CA TYR G 423 10.94 30.11 94.76
C TYR G 423 11.97 30.81 93.88
N GLN G 424 13.05 31.25 94.53
CA GLN G 424 14.19 31.85 93.84
C GLN G 424 15.47 31.17 94.28
N GLY G 425 16.42 31.06 93.36
CA GLY G 425 17.67 30.40 93.69
C GLY G 425 18.53 31.22 94.63
N VAL G 426 19.33 30.52 95.44
CA VAL G 426 20.28 31.14 96.34
C VAL G 426 21.59 30.37 96.27
N LYS G 427 22.65 31.02 96.73
CA LYS G 427 24.00 30.48 96.64
C LYS G 427 24.71 30.67 97.97
N ILE G 428 25.58 29.73 98.32
CA ILE G 428 26.36 29.84 99.54
C ILE G 428 27.55 30.74 99.31
N THR G 429 27.90 31.53 100.31
CA THR G 429 29.08 32.40 100.23
C THR G 429 30.34 31.54 100.40
N ASN G 430 31.49 32.22 100.51
CA ASN G 430 32.76 31.50 100.65
C ASN G 430 32.85 30.71 101.94
N GLY G 431 32.09 31.09 102.97
CA GLY G 431 32.15 30.37 104.23
C GLY G 431 31.59 28.96 104.12
N ASN G 432 31.82 28.18 105.17
CA ASN G 432 31.33 26.81 105.19
C ASN G 432 29.82 26.76 105.38
N ASP G 433 29.35 27.23 106.52
CA ASP G 433 27.92 27.33 106.82
C ASP G 433 27.75 28.07 108.14
N GLY G 434 26.50 28.32 108.50
CA GLY G 434 26.17 29.07 109.68
C GLY G 434 24.78 29.68 109.60
N ALA G 435 24.67 30.98 109.87
CA ALA G 435 23.41 31.68 109.81
C ALA G 435 23.52 32.99 109.05
N GLU G 436 24.60 33.18 108.29
CA GLU G 436 24.72 34.33 107.40
C GLU G 436 25.29 33.96 106.03
N GLU G 437 25.85 32.76 105.86
CA GLU G 437 26.46 32.34 104.61
C GLU G 437 25.38 31.84 103.67
N SER G 438 24.69 32.78 103.03
CA SER G 438 23.74 32.42 101.97
C SER G 438 23.59 33.66 101.09
N GLU G 439 24.23 33.64 99.93
CA GLU G 439 24.21 34.76 99.00
C GLU G 439 23.11 34.56 97.97
N TRP G 440 22.35 35.61 97.72
CA TRP G 440 21.30 35.54 96.71
C TRP G 440 21.93 35.30 95.35
N GLU G 441 21.36 34.35 94.61
CA GLU G 441 21.97 33.91 93.36
C GLU G 441 21.78 34.97 92.26
N LYS G 442 22.49 34.75 91.16
CA LYS G 442 22.36 35.59 89.98
C LYS G 442 22.23 34.81 88.68
N ASP G 443 22.53 33.52 88.68
CA ASP G 443 22.39 32.67 87.50
C ASP G 443 21.05 31.96 87.44
N ASP G 444 20.32 31.93 88.55
CA ASP G 444 18.98 31.36 88.58
C ASP G 444 17.95 32.48 88.59
N ALA G 445 16.71 32.12 88.23
CA ALA G 445 15.70 33.14 88.04
C ALA G 445 15.24 33.72 89.36
N ILE G 446 14.58 34.87 89.26
CA ILE G 446 13.93 35.50 90.40
C ILE G 446 12.74 34.63 90.79
N SER G 447 12.12 34.94 91.93
CA SER G 447 11.12 34.05 92.53
C SER G 447 10.04 33.65 91.54
N ARG G 448 9.55 34.59 90.73
CA ARG G 448 8.34 34.40 89.95
C ARG G 448 8.44 33.25 88.95
N GLN G 449 9.60 32.58 88.91
CA GLN G 449 9.85 31.57 87.89
C GLN G 449 10.03 30.17 88.46
N ASN G 450 10.96 29.97 89.40
CA ASN G 450 11.27 28.62 89.86
C ASN G 450 10.12 28.08 90.69
N GLN G 451 9.41 27.08 90.16
CA GLN G 451 8.24 26.51 90.83
C GLN G 451 8.59 25.14 91.38
N ILE G 452 8.30 24.92 92.66
CA ILE G 452 8.60 23.66 93.34
C ILE G 452 7.44 23.33 94.27
N CYS G 453 7.03 22.06 94.27
CA CYS G 453 5.86 21.65 95.06
C CYS G 453 6.10 21.82 96.56
N LYS G 454 7.14 21.26 97.08
CA LYS G 454 7.33 21.28 98.53
C LYS G 454 6.28 20.53 99.19
N GLY G 455 6.24 19.25 98.99
CA GLY G 455 5.31 18.45 99.68
C GLY G 455 4.99 17.36 98.74
N ASN G 456 4.18 16.43 99.15
CA ASN G 456 3.79 15.45 98.23
C ASN G 456 2.85 16.10 97.25
N VAL G 457 2.69 15.51 96.11
CA VAL G 457 1.82 16.03 95.10
C VAL G 457 0.38 16.07 95.52
N TYR G 458 -0.41 17.07 95.15
CA TYR G 458 -1.79 17.22 95.57
C TYR G 458 -2.57 16.17 94.97
N ALA G 459 -3.56 15.65 95.65
CA ALA G 459 -4.24 14.55 95.12
C ALA G 459 -5.44 14.26 95.81
N MET G 460 -6.41 13.94 95.08
CA MET G 460 -7.67 13.55 95.69
C MET G 460 -7.77 12.03 95.73
N GLU G 461 -8.77 11.53 96.44
CA GLU G 461 -8.92 10.11 96.67
C GLU G 461 -10.33 9.69 96.28
N ILE G 462 -10.44 8.48 95.73
CA ILE G 462 -11.73 7.92 95.34
C ILE G 462 -11.67 6.40 95.49
N ASN G 463 -12.65 5.85 96.19
CA ASN G 463 -12.77 4.40 96.32
C ASN G 463 -13.36 3.90 95.00
N LEU G 464 -12.47 3.45 94.11
CA LEU G 464 -12.91 3.05 92.78
C LEU G 464 -13.81 1.82 92.84
N GLN G 465 -13.37 0.79 93.54
CA GLN G 465 -14.10 -0.48 93.54
C GLN G 465 -15.48 -0.33 94.16
N ALA G 466 -15.58 0.42 95.26
CA ALA G 466 -16.87 0.57 95.92
C ALA G 466 -17.87 1.30 95.04
N ASN G 467 -17.41 2.33 94.32
CA ASN G 467 -18.33 3.09 93.49
C ASN G 467 -18.93 2.23 92.38
N LEU G 468 -18.11 1.38 91.75
CA LEU G 468 -18.63 0.50 90.71
C LEU G 468 -19.66 -0.46 91.28
N TRP G 469 -19.40 -1.00 92.48
CA TRP G 469 -20.33 -1.93 93.10
C TRP G 469 -21.65 -1.25 93.43
N LYS G 470 -21.58 -0.01 93.93
CA LYS G 470 -22.82 0.72 94.22
C LYS G 470 -23.58 1.05 92.95
N SER G 471 -22.87 1.50 91.91
CA SER G 471 -23.54 1.90 90.68
C SER G 471 -24.20 0.70 90.01
N PHE G 472 -23.53 -0.44 90.01
CA PHE G 472 -24.16 -1.66 89.48
C PHE G 472 -25.37 -2.04 90.33
N LEU G 473 -25.29 -1.80 91.64
CA LEU G 473 -26.40 -2.15 92.51
C LEU G 473 -27.57 -1.20 92.31
N TYR G 474 -27.32 0.00 91.78
CA TYR G 474 -28.40 0.97 91.65
C TYR G 474 -29.10 0.91 90.30
N SER G 475 -28.35 0.79 89.21
CA SER G 475 -28.99 0.62 87.91
C SER G 475 -29.84 -0.63 87.90
N ASN G 476 -29.34 -1.69 88.51
CA ASN G 476 -30.06 -2.92 88.81
C ASN G 476 -30.91 -2.69 90.05
N VAL G 477 -31.18 -3.76 90.80
CA VAL G 477 -32.34 -3.94 91.66
C VAL G 477 -32.83 -2.68 92.38
N ALA G 478 -31.91 -1.77 92.72
CA ALA G 478 -32.33 -0.57 93.44
C ALA G 478 -33.43 0.19 92.72
N LEU G 479 -33.38 0.22 91.40
CA LEU G 479 -34.41 0.90 90.62
C LEU G 479 -35.62 0.02 90.31
N TYR G 480 -35.56 -1.27 90.62
CA TYR G 480 -36.62 -2.20 90.28
C TYR G 480 -37.42 -2.64 91.49
N LEU G 481 -37.41 -1.85 92.56
CA LEU G 481 -38.23 -2.15 93.72
C LEU G 481 -39.69 -1.83 93.43
N PRO G 482 -40.62 -2.45 94.14
CA PRO G 482 -42.03 -2.10 93.97
C PRO G 482 -42.27 -0.64 94.31
N ASP G 483 -43.28 -0.05 93.66
CA ASP G 483 -43.49 1.38 93.74
C ASP G 483 -43.73 1.87 95.15
N SER G 484 -44.14 0.99 96.07
CA SER G 484 -44.38 1.43 97.44
C SER G 484 -43.10 1.93 98.09
N TYR G 485 -41.95 1.39 97.67
CA TYR G 485 -40.68 1.85 98.22
C TYR G 485 -40.25 3.17 97.58
N LYS G 486 -40.86 3.53 96.46
CA LYS G 486 -40.52 4.75 95.75
C LYS G 486 -41.35 5.91 96.25
N TYR G 487 -40.75 7.09 96.27
CA TYR G 487 -41.43 8.33 96.60
C TYR G 487 -41.23 9.33 95.46
N THR G 488 -41.80 10.51 95.62
CA THR G 488 -41.69 11.50 94.56
C THR G 488 -41.16 12.82 95.10
N PRO G 489 -40.36 13.54 94.32
CA PRO G 489 -39.85 14.84 94.77
C PRO G 489 -40.98 15.84 94.91
N ALA G 490 -40.66 16.94 95.59
CA ALA G 490 -41.69 17.93 95.90
C ALA G 490 -42.09 18.74 94.69
N ASN G 491 -41.14 19.09 93.83
CA ASN G 491 -41.37 20.06 92.76
C ASN G 491 -41.64 19.43 91.40
N VAL G 492 -42.02 18.15 91.36
CA VAL G 492 -42.34 17.50 90.10
C VAL G 492 -43.78 17.02 90.15
N LYS G 493 -44.40 16.93 88.98
CA LYS G 493 -45.76 16.42 88.83
C LYS G 493 -45.75 15.22 87.91
N LEU G 494 -46.38 14.14 88.34
CA LEU G 494 -46.44 12.93 87.56
C LEU G 494 -47.87 12.64 87.13
N PRO G 495 -48.05 11.97 85.99
CA PRO G 495 -49.40 11.61 85.57
C PRO G 495 -50.03 10.64 86.55
N ALA G 496 -51.36 10.72 86.68
CA ALA G 496 -52.05 9.88 87.64
C ALA G 496 -51.97 8.41 87.26
N ASN G 497 -51.94 8.10 85.97
CA ASN G 497 -51.92 6.71 85.53
C ASN G 497 -50.66 6.02 86.05
N THR G 498 -50.85 4.83 86.60
CA THR G 498 -49.76 4.10 87.23
C THR G 498 -48.97 3.24 86.25
N ASN G 499 -49.59 2.82 85.15
CA ASN G 499 -48.94 1.93 84.20
C ASN G 499 -48.16 2.67 83.13
N THR G 500 -48.24 3.99 83.08
CA THR G 500 -47.57 4.76 82.06
C THR G 500 -46.08 4.85 82.35
N TYR G 501 -45.29 4.96 81.29
CA TYR G 501 -43.84 5.05 81.44
C TYR G 501 -43.44 6.29 82.21
N GLU G 502 -44.10 7.41 81.94
CA GLU G 502 -43.74 8.66 82.62
C GLU G 502 -43.88 8.53 84.13
N TYR G 503 -44.87 7.78 84.60
CA TYR G 503 -45.05 7.61 86.03
C TYR G 503 -43.89 6.83 86.64
N MET G 504 -43.58 5.66 86.09
CA MET G 504 -42.46 4.89 86.62
C MET G 504 -41.14 5.38 86.10
N ASN G 505 -40.98 6.71 86.09
CA ASN G 505 -39.73 7.36 85.74
C ASN G 505 -39.83 8.77 86.33
N GLY G 506 -39.21 8.98 87.47
CA GLY G 506 -39.50 10.19 88.23
C GLY G 506 -40.11 9.81 89.56
N ARG G 507 -39.86 8.58 89.98
CA ARG G 507 -40.28 8.07 91.27
C ARG G 507 -39.04 7.67 92.07
N VAL G 508 -38.07 8.58 92.12
CA VAL G 508 -36.70 8.34 92.57
C VAL G 508 -36.66 7.45 93.81
N VAL G 509 -35.85 6.40 93.75
CA VAL G 509 -35.65 5.50 94.88
C VAL G 509 -34.50 6.00 95.72
N ALA G 510 -34.59 5.78 97.02
CA ALA G 510 -33.49 6.13 97.89
C ALA G 510 -32.33 5.17 97.68
N PRO G 511 -31.14 5.65 97.34
CA PRO G 511 -30.02 4.72 97.11
C PRO G 511 -29.68 3.87 98.32
N SER G 512 -29.88 4.41 99.53
CA SER G 512 -29.56 3.64 100.72
C SER G 512 -30.54 2.52 101.00
N LEU G 513 -31.64 2.45 100.25
CA LEU G 513 -32.60 1.38 100.47
C LEU G 513 -31.96 0.02 100.20
N VAL G 514 -31.11 -0.06 99.18
CA VAL G 514 -30.25 -1.21 98.95
C VAL G 514 -28.89 -0.67 98.58
N ASP G 515 -27.91 -0.88 99.44
CA ASP G 515 -26.58 -0.29 99.26
C ASP G 515 -25.54 -1.39 99.30
N ALA G 516 -24.26 -1.03 99.33
CA ALA G 516 -23.21 -2.04 99.39
C ALA G 516 -23.24 -2.83 100.70
N TYR G 517 -23.97 -2.35 101.71
CA TYR G 517 -23.99 -2.95 103.03
C TYR G 517 -25.27 -3.72 103.30
N ILE G 518 -25.92 -4.29 102.28
CA ILE G 518 -27.12 -5.08 102.47
C ILE G 518 -26.73 -6.55 102.44
N ASN G 519 -27.04 -7.27 103.52
CA ASN G 519 -26.81 -8.70 103.61
C ASN G 519 -25.38 -9.04 103.23
N ILE G 520 -24.43 -8.25 103.72
CA ILE G 520 -23.05 -8.39 103.30
C ILE G 520 -22.55 -9.79 103.62
N GLY G 521 -22.04 -10.47 102.60
CA GLY G 521 -21.51 -11.80 102.75
C GLY G 521 -22.50 -12.92 102.53
N ALA G 522 -23.77 -12.62 102.28
CA ALA G 522 -24.79 -13.63 102.10
C ALA G 522 -25.50 -13.42 100.77
N ARG G 523 -25.82 -14.51 100.08
CA ARG G 523 -26.58 -14.44 98.85
C ARG G 523 -28.06 -14.46 99.20
N TRP G 524 -28.73 -13.33 99.00
CA TRP G 524 -30.11 -13.14 99.43
C TRP G 524 -30.90 -12.54 98.29
N SER G 525 -32.18 -12.92 98.21
CA SER G 525 -33.03 -12.45 97.13
C SER G 525 -33.63 -11.09 97.38
N LEU G 526 -33.40 -10.48 98.55
CA LEU G 526 -33.91 -9.15 98.85
C LEU G 526 -35.44 -9.13 98.77
N ASP G 527 -36.05 -9.80 99.75
CA ASP G 527 -37.48 -10.07 99.88
C ASP G 527 -38.40 -8.98 99.35
N PRO G 528 -38.14 -7.69 99.59
CA PRO G 528 -38.99 -6.67 98.97
C PRO G 528 -39.17 -6.84 97.48
N MET G 529 -38.14 -7.29 96.77
CA MET G 529 -38.22 -7.57 95.34
C MET G 529 -38.01 -9.05 95.06
N ASP G 530 -38.64 -9.90 95.87
CA ASP G 530 -38.58 -11.34 95.65
C ASP G 530 -39.70 -11.80 94.72
N ASN G 531 -40.94 -11.44 95.03
CA ASN G 531 -42.08 -11.75 94.15
C ASN G 531 -42.34 -10.60 93.18
N VAL G 532 -41.30 -10.19 92.47
CA VAL G 532 -41.39 -9.19 91.42
C VAL G 532 -40.77 -9.78 90.17
N ASN G 533 -41.49 -9.72 89.05
CA ASN G 533 -41.12 -10.40 87.81
C ASN G 533 -39.67 -10.12 87.45
N PRO G 534 -38.80 -11.13 87.51
CA PRO G 534 -37.37 -10.91 87.27
C PRO G 534 -36.99 -10.92 85.81
N PHE G 535 -37.95 -11.11 84.90
CA PHE G 535 -37.68 -11.15 83.47
C PHE G 535 -37.95 -9.81 82.81
N ASN G 536 -38.02 -8.74 83.61
CA ASN G 536 -38.18 -7.37 83.13
C ASN G 536 -36.97 -6.61 83.62
N HIS G 537 -35.94 -6.50 82.80
CA HIS G 537 -34.65 -6.02 83.28
C HIS G 537 -33.81 -5.62 82.09
N PRO G 538 -32.90 -4.64 82.26
CA PRO G 538 -31.93 -4.38 81.20
C PRO G 538 -31.02 -5.56 80.94
N ARG G 539 -30.88 -6.45 81.92
CA ARG G 539 -30.02 -7.62 81.80
C ARG G 539 -30.74 -8.81 81.21
N ASN G 540 -31.98 -8.63 80.77
CA ASN G 540 -32.69 -9.73 80.12
C ASN G 540 -32.05 -9.95 78.76
N ALA G 541 -31.05 -10.84 78.71
CA ALA G 541 -30.27 -11.00 77.49
C ALA G 541 -31.11 -11.47 76.32
N GLY G 542 -32.18 -12.20 76.59
CA GLY G 542 -33.07 -12.60 75.52
C GLY G 542 -33.80 -11.44 74.90
N LEU G 543 -34.35 -10.55 75.73
CA LEU G 543 -35.12 -9.43 75.21
C LEU G 543 -34.22 -8.48 74.42
N ARG G 544 -33.12 -8.04 75.03
CA ARG G 544 -32.34 -6.99 74.39
C ARG G 544 -31.55 -7.52 73.21
N TYR G 545 -31.55 -8.84 73.01
CA TYR G 545 -31.07 -9.36 71.73
C TYR G 545 -32.13 -9.22 70.65
N ARG G 546 -33.37 -9.56 70.99
CA ARG G 546 -34.43 -9.46 69.99
C ARG G 546 -35.13 -8.11 70.02
N SER G 547 -34.65 -7.19 70.84
CA SER G 547 -35.09 -5.80 70.72
C SER G 547 -34.18 -5.02 69.79
N MET G 548 -32.87 -5.26 69.90
CA MET G 548 -31.92 -4.63 68.99
C MET G 548 -31.97 -5.28 67.62
N LEU G 549 -32.58 -6.45 67.51
CA LEU G 549 -32.72 -7.11 66.21
C LEU G 549 -33.57 -6.27 65.28
N LEU G 550 -34.66 -5.70 65.78
CA LEU G 550 -35.51 -4.86 64.94
C LEU G 550 -34.83 -3.56 64.59
N GLY G 551 -34.14 -2.94 65.53
CA GLY G 551 -33.42 -1.71 65.27
C GLY G 551 -33.26 -0.90 66.54
N ASN G 552 -32.62 0.25 66.38
CA ASN G 552 -32.39 1.13 67.52
C ASN G 552 -33.22 2.41 67.43
N GLY G 553 -34.31 2.41 66.67
CA GLY G 553 -35.09 3.61 66.45
C GLY G 553 -36.53 3.46 66.92
N ARG G 554 -37.26 4.56 66.79
CA ARG G 554 -38.66 4.59 67.20
C ARG G 554 -39.56 3.99 66.12
N TYR G 555 -39.50 4.52 64.90
CA TYR G 555 -40.25 3.99 63.77
C TYR G 555 -39.41 2.93 63.08
N VAL G 556 -39.96 1.72 62.98
CA VAL G 556 -39.16 0.59 62.49
C VAL G 556 -40.00 -0.29 61.57
N PRO G 557 -39.77 -0.26 60.27
CA PRO G 557 -40.33 -1.31 59.40
C PRO G 557 -39.72 -2.65 59.74
N PHE G 558 -40.52 -3.70 59.64
CA PHE G 558 -40.09 -5.03 60.03
C PHE G 558 -40.49 -6.05 58.99
N HIS G 559 -39.82 -7.20 59.01
CA HIS G 559 -40.11 -8.29 58.09
C HIS G 559 -39.84 -9.59 58.85
N ILE G 560 -40.89 -10.17 59.41
CA ILE G 560 -40.77 -11.37 60.23
C ILE G 560 -41.40 -12.53 59.50
N GLN G 561 -41.22 -13.72 60.05
CA GLN G 561 -41.80 -14.94 59.51
C GLN G 561 -42.16 -15.86 60.67
N VAL G 562 -43.41 -15.80 61.09
CA VAL G 562 -43.89 -16.59 62.23
C VAL G 562 -44.03 -18.06 61.83
N PRO G 563 -43.72 -18.98 62.71
CA PRO G 563 -43.90 -20.40 62.39
C PRO G 563 -45.29 -20.89 62.75
N GLN G 564 -45.54 -22.18 62.57
CA GLN G 564 -46.79 -22.80 62.99
C GLN G 564 -46.54 -23.59 64.25
N LYS G 565 -47.35 -23.35 65.29
CA LYS G 565 -47.12 -23.99 66.58
C LYS G 565 -48.38 -24.66 67.11
N PHE G 566 -49.20 -25.22 66.23
CA PHE G 566 -50.34 -26.03 66.62
C PHE G 566 -49.98 -27.50 66.50
N PHE G 567 -50.47 -28.31 67.44
CA PHE G 567 -49.95 -29.66 67.55
C PHE G 567 -50.43 -30.58 66.44
N ALA G 568 -51.61 -30.35 65.90
CA ALA G 568 -52.17 -31.24 64.89
C ALA G 568 -51.83 -30.83 63.47
N ILE G 569 -51.05 -29.77 63.29
CA ILE G 569 -50.75 -29.29 61.95
C ILE G 569 -49.24 -29.19 61.75
N LYS G 570 -48.51 -28.97 62.81
CA LYS G 570 -47.11 -28.64 62.60
C LYS G 570 -46.27 -29.82 62.20
N ASN G 571 -46.83 -30.98 61.90
CA ASN G 571 -46.07 -32.09 61.36
C ASN G 571 -46.80 -32.85 60.28
N LEU G 572 -47.97 -32.39 59.85
CA LEU G 572 -48.80 -33.16 58.93
C LEU G 572 -48.11 -33.29 57.58
N LEU G 573 -48.20 -34.47 56.99
CA LEU G 573 -47.51 -34.71 55.72
C LEU G 573 -48.25 -34.14 54.53
N LEU G 574 -49.59 -34.13 54.58
CA LEU G 574 -50.42 -33.37 53.62
C LEU G 574 -50.22 -33.85 52.19
N LEU G 575 -50.72 -35.06 51.93
CA LEU G 575 -50.76 -35.67 50.62
C LEU G 575 -51.41 -34.73 49.60
N PRO G 576 -51.21 -34.95 48.29
CA PRO G 576 -51.64 -33.96 47.31
C PRO G 576 -53.13 -33.67 47.35
N GLY G 577 -53.46 -32.43 47.05
CA GLY G 577 -54.85 -31.99 47.05
C GLY G 577 -54.91 -30.48 46.88
N SER G 578 -56.04 -29.91 47.24
CA SER G 578 -56.23 -28.47 47.23
C SER G 578 -56.85 -28.06 48.55
N TYR G 579 -56.16 -27.21 49.30
CA TYR G 579 -56.55 -26.91 50.66
C TYR G 579 -56.72 -25.41 50.86
N THR G 580 -57.62 -25.06 51.78
CA THR G 580 -57.72 -23.70 52.27
C THR G 580 -57.07 -23.66 53.65
N TYR G 581 -56.35 -22.59 53.92
CA TYR G 581 -55.48 -22.52 55.10
C TYR G 581 -55.45 -21.09 55.59
N GLU G 582 -56.29 -20.77 56.55
CA GLU G 582 -56.55 -19.41 56.97
C GLU G 582 -56.26 -19.25 58.45
N TRP G 583 -55.65 -18.13 58.82
CA TRP G 583 -55.32 -17.88 60.22
C TRP G 583 -55.42 -16.39 60.51
N ASN G 584 -55.89 -16.08 61.71
CA ASN G 584 -56.11 -14.69 62.14
C ASN G 584 -54.94 -14.22 62.98
N PHE G 585 -54.45 -13.02 62.69
CA PHE G 585 -53.30 -12.47 63.37
C PHE G 585 -53.72 -11.32 64.29
N ARG G 586 -53.23 -11.36 65.52
CA ARG G 586 -53.65 -10.43 66.56
C ARG G 586 -52.85 -9.15 66.45
N LYS G 587 -53.50 -8.06 66.06
CA LYS G 587 -52.82 -6.77 65.92
C LYS G 587 -53.04 -5.90 67.15
N ASP G 588 -52.68 -6.45 68.32
CA ASP G 588 -52.74 -5.73 69.58
C ASP G 588 -51.33 -5.58 70.12
N VAL G 589 -50.95 -4.33 70.42
CA VAL G 589 -49.56 -4.05 70.76
C VAL G 589 -49.19 -4.65 72.11
N ASN G 590 -50.11 -4.63 73.08
CA ASN G 590 -49.79 -5.13 74.41
C ASN G 590 -49.51 -6.62 74.41
N MET G 591 -49.94 -7.35 73.37
CA MET G 591 -49.71 -8.77 73.32
C MET G 591 -48.52 -9.14 72.47
N ILE G 592 -48.46 -8.63 71.24
CA ILE G 592 -47.40 -9.04 70.33
C ILE G 592 -46.06 -8.45 70.76
N LEU G 593 -46.04 -7.21 71.24
CA LEU G 593 -44.81 -6.58 71.66
C LEU G 593 -44.49 -6.98 73.10
N GLN G 594 -43.37 -6.47 73.60
CA GLN G 594 -42.92 -6.77 74.96
C GLN G 594 -42.00 -5.66 75.41
N SER G 595 -42.25 -5.12 76.59
CA SER G 595 -41.48 -4.00 77.12
C SER G 595 -40.62 -4.47 78.28
N SER G 596 -39.35 -4.08 78.27
CA SER G 596 -38.45 -4.45 79.36
C SER G 596 -38.90 -3.83 80.67
N LEU G 597 -39.34 -2.58 80.63
CA LEU G 597 -39.74 -1.90 81.86
C LEU G 597 -41.03 -2.49 82.44
N GLY G 598 -41.82 -3.19 81.63
CA GLY G 598 -43.06 -3.75 82.08
C GLY G 598 -44.25 -2.81 82.02
N ASN G 599 -44.09 -1.61 81.45
CA ASN G 599 -45.14 -0.61 81.45
C ASN G 599 -46.20 -0.98 80.42
N ASP G 600 -47.14 -0.06 80.18
CA ASP G 600 -48.26 -0.30 79.28
C ASP G 600 -47.97 0.36 77.94
N LEU G 601 -47.99 -0.44 76.88
CA LEU G 601 -47.76 0.06 75.53
C LEU G 601 -49.04 0.51 74.84
N ARG G 602 -50.19 0.04 75.30
CA ARG G 602 -51.45 0.43 74.68
C ARG G 602 -51.69 1.92 74.77
N VAL G 603 -50.99 2.60 75.69
CA VAL G 603 -51.17 4.03 75.86
C VAL G 603 -50.18 4.85 75.01
N ASP G 604 -49.12 4.22 74.51
CA ASP G 604 -48.01 4.96 73.92
C ASP G 604 -47.90 4.79 72.41
N GLY G 605 -47.76 3.56 71.92
CA GLY G 605 -47.57 3.34 70.49
C GLY G 605 -47.74 1.90 70.09
N ALA G 606 -48.29 1.67 68.90
CA ALA G 606 -48.72 0.34 68.50
C ALA G 606 -48.19 -0.02 67.12
N SER G 607 -48.13 -1.33 66.86
CA SER G 607 -47.75 -1.84 65.55
C SER G 607 -48.77 -1.38 64.53
N VAL G 608 -48.37 -0.44 63.68
CA VAL G 608 -49.33 0.36 62.92
C VAL G 608 -50.19 -0.54 62.04
N ARG G 609 -49.55 -1.45 61.30
CA ARG G 609 -50.33 -2.24 60.36
C ARG G 609 -49.50 -3.42 59.88
N PHE G 610 -50.20 -4.40 59.33
CA PHE G 610 -49.58 -5.49 58.57
C PHE G 610 -49.83 -5.16 57.10
N ASP G 611 -48.80 -4.63 56.43
CA ASP G 611 -48.96 -4.25 55.04
C ASP G 611 -49.29 -5.44 54.16
N SER G 612 -48.62 -6.56 54.38
CA SER G 612 -48.83 -7.73 53.54
C SER G 612 -48.50 -8.99 54.31
N VAL G 613 -49.19 -10.08 53.96
CA VAL G 613 -48.97 -11.39 54.57
C VAL G 613 -48.88 -12.40 53.45
N ASN G 614 -47.87 -13.27 53.49
CA ASN G 614 -47.69 -14.31 52.50
C ASN G 614 -47.38 -15.62 53.20
N LEU G 615 -47.62 -16.71 52.50
CA LEU G 615 -47.33 -18.05 53.00
C LEU G 615 -46.30 -18.71 52.12
N TYR G 616 -45.28 -19.29 52.74
CA TYR G 616 -44.21 -19.95 52.02
C TYR G 616 -44.20 -21.43 52.38
N ALA G 617 -43.77 -22.25 51.42
CA ALA G 617 -43.72 -23.68 51.60
C ALA G 617 -42.56 -24.24 50.81
N THR G 618 -42.08 -25.41 51.24
CA THR G 618 -40.96 -26.07 50.60
C THR G 618 -41.30 -27.53 50.38
N PHE G 619 -41.26 -27.96 49.13
CA PHE G 619 -41.58 -29.32 48.75
C PHE G 619 -40.29 -30.08 48.46
N PHE G 620 -40.17 -31.25 49.04
CA PHE G 620 -39.04 -32.10 48.71
C PHE G 620 -39.19 -32.55 47.25
N PRO G 621 -38.22 -32.30 46.39
CA PRO G 621 -38.40 -32.68 44.98
C PRO G 621 -38.35 -34.18 44.79
N MET G 622 -39.30 -34.88 45.40
CA MET G 622 -39.31 -36.34 45.35
C MET G 622 -39.69 -36.82 43.96
N ALA G 623 -39.19 -38.00 43.61
CA ALA G 623 -39.46 -38.57 42.30
C ALA G 623 -40.95 -38.83 42.14
N HIS G 624 -41.46 -38.56 40.93
CA HIS G 624 -42.89 -38.64 40.69
C HIS G 624 -43.42 -40.06 40.81
N ASN G 625 -42.58 -41.08 40.71
CA ASN G 625 -43.05 -42.44 40.92
C ASN G 625 -42.88 -42.89 42.37
N THR G 626 -41.92 -42.32 43.08
CA THR G 626 -41.81 -42.59 44.52
C THR G 626 -42.94 -41.92 45.28
N ALA G 627 -43.18 -40.64 45.00
CA ALA G 627 -44.24 -39.92 45.72
C ALA G 627 -45.61 -40.45 45.40
N SER G 628 -45.82 -40.95 44.17
CA SER G 628 -47.10 -41.58 43.86
C SER G 628 -47.29 -42.85 44.67
N THR G 629 -46.22 -43.63 44.85
CA THR G 629 -46.30 -44.79 45.73
C THR G 629 -46.49 -44.38 47.18
N LEU G 630 -45.81 -43.32 47.60
CA LEU G 630 -45.91 -42.87 48.98
C LEU G 630 -47.33 -42.45 49.32
N GLU G 631 -47.94 -41.64 48.46
CA GLU G 631 -49.32 -41.22 48.73
C GLU G 631 -50.31 -42.33 48.43
N ALA G 632 -49.86 -43.40 47.77
CA ALA G 632 -50.74 -44.55 47.58
C ALA G 632 -50.92 -45.31 48.88
N MET G 633 -49.94 -45.22 49.78
CA MET G 633 -50.05 -45.91 51.06
C MET G 633 -50.65 -45.00 52.13
N LEU G 634 -50.24 -43.75 52.16
CA LEU G 634 -50.70 -42.86 53.22
C LEU G 634 -52.19 -42.55 53.10
N ARG G 635 -52.82 -42.88 51.97
CA ARG G 635 -54.27 -42.77 51.88
C ARG G 635 -54.97 -44.03 52.36
N ASN G 636 -54.22 -45.07 52.71
CA ASN G 636 -54.82 -46.27 53.27
C ASN G 636 -55.37 -45.98 54.65
N ASP G 637 -56.33 -46.80 55.07
CA ASP G 637 -56.97 -46.58 56.36
C ASP G 637 -56.07 -47.02 57.52
N THR G 638 -55.29 -48.08 57.31
CA THR G 638 -54.57 -48.70 58.42
C THR G 638 -53.48 -47.80 58.98
N HIS G 639 -52.81 -47.03 58.13
CA HIS G 639 -51.75 -46.14 58.58
C HIS G 639 -52.10 -44.71 58.25
N ASP G 640 -52.45 -43.94 59.27
CA ASP G 640 -52.75 -42.52 59.16
C ASP G 640 -52.03 -41.79 60.27
N GLN G 641 -51.49 -40.62 59.96
CA GLN G 641 -50.69 -39.89 60.92
C GLN G 641 -51.46 -39.66 62.20
N SER G 642 -50.72 -39.47 63.29
CA SER G 642 -51.33 -39.22 64.58
C SER G 642 -50.33 -38.52 65.47
N PHE G 643 -50.73 -37.41 66.08
CA PHE G 643 -49.86 -36.59 66.89
C PHE G 643 -50.48 -36.41 68.26
N ASN G 644 -49.73 -35.80 69.16
CA ASN G 644 -50.21 -35.50 70.50
C ASN G 644 -49.58 -34.22 71.00
N ASP G 645 -50.38 -33.38 71.64
CA ASP G 645 -49.87 -32.15 72.22
C ASP G 645 -48.80 -32.47 73.26
N TYR G 646 -47.71 -31.71 73.24
CA TYR G 646 -46.63 -31.95 74.19
C TYR G 646 -47.11 -31.72 75.60
N LEU G 647 -47.53 -30.49 75.92
CA LEU G 647 -48.15 -30.21 77.21
C LEU G 647 -49.58 -30.74 77.18
N SER G 648 -49.68 -32.07 77.17
CA SER G 648 -50.96 -32.74 77.00
C SER G 648 -51.76 -32.54 78.28
N ALA G 649 -52.40 -31.38 78.40
CA ALA G 649 -53.07 -31.04 79.64
C ALA G 649 -54.18 -30.05 79.38
N ALA G 650 -55.28 -30.20 80.13
CA ALA G 650 -56.37 -29.25 80.14
C ALA G 650 -56.22 -28.35 81.36
N ASN G 651 -56.06 -27.05 81.14
CA ASN G 651 -55.65 -26.14 82.19
C ASN G 651 -56.73 -25.10 82.45
N MET G 652 -57.12 -24.97 83.71
CA MET G 652 -57.98 -23.90 84.18
C MET G 652 -57.30 -23.20 85.34
N LEU G 653 -57.54 -21.90 85.45
CA LEU G 653 -56.92 -21.08 86.48
C LEU G 653 -57.99 -20.45 87.36
N TYR G 654 -57.87 -20.64 88.67
CA TYR G 654 -58.82 -20.19 89.67
C TYR G 654 -58.32 -18.93 90.35
N PRO G 655 -59.21 -17.98 90.64
CA PRO G 655 -58.78 -16.73 91.25
C PRO G 655 -58.36 -16.93 92.69
N ILE G 656 -57.49 -16.03 93.15
CA ILE G 656 -57.06 -15.98 94.54
C ILE G 656 -57.13 -14.53 94.99
N PRO G 657 -58.07 -14.14 95.85
CA PRO G 657 -58.20 -12.74 96.22
C PRO G 657 -56.99 -12.25 97.01
N ALA G 658 -56.93 -10.94 97.20
CA ALA G 658 -55.80 -10.33 97.88
C ALA G 658 -55.70 -10.85 99.31
N LYS G 659 -54.48 -11.14 99.74
CA LYS G 659 -54.18 -11.61 101.08
C LYS G 659 -54.98 -12.85 101.46
N ALA G 660 -55.22 -13.75 100.51
CA ALA G 660 -55.92 -14.99 100.78
C ALA G 660 -54.91 -16.13 100.82
N THR G 661 -54.91 -16.87 101.92
CA THR G 661 -53.94 -17.93 102.14
C THR G 661 -54.50 -19.32 101.89
N ASN G 662 -55.66 -19.44 101.26
CA ASN G 662 -56.26 -20.72 100.98
C ASN G 662 -57.15 -20.63 99.75
N VAL G 663 -57.18 -21.70 98.97
CA VAL G 663 -57.98 -21.72 97.75
C VAL G 663 -58.44 -23.16 97.46
N PRO G 664 -59.73 -23.44 97.56
CA PRO G 664 -60.20 -24.79 97.21
C PRO G 664 -60.66 -24.90 95.78
N ILE G 665 -60.51 -26.08 95.18
CA ILE G 665 -61.01 -26.38 93.85
C ILE G 665 -61.83 -27.66 93.94
N SER G 666 -62.67 -27.89 92.93
CA SER G 666 -63.58 -29.03 92.99
C SER G 666 -64.02 -29.41 91.58
N ILE G 667 -63.83 -30.66 91.21
CA ILE G 667 -64.27 -31.21 89.94
C ILE G 667 -65.39 -32.21 90.25
N PRO G 668 -66.61 -32.00 89.76
CA PRO G 668 -67.76 -32.73 90.31
C PRO G 668 -67.69 -34.25 90.20
N SER G 669 -67.69 -34.80 88.99
CA SER G 669 -67.56 -36.25 88.84
C SER G 669 -67.16 -36.53 87.39
N ARG G 670 -65.90 -36.80 87.17
CA ARG G 670 -65.43 -37.16 85.85
C ARG G 670 -65.06 -38.63 85.84
N ASN G 671 -64.51 -39.08 84.72
CA ASN G 671 -63.85 -40.36 84.61
C ASN G 671 -62.37 -40.09 84.35
N TRP G 672 -61.51 -40.68 85.16
CA TRP G 672 -60.07 -40.39 85.10
C TRP G 672 -59.33 -41.43 84.27
N ALA G 673 -59.93 -41.85 83.15
CA ALA G 673 -59.50 -43.05 82.45
C ALA G 673 -58.06 -42.98 81.99
N ALA G 674 -57.49 -41.79 81.82
CA ALA G 674 -56.09 -41.71 81.43
C ALA G 674 -55.35 -40.60 82.14
N PHE G 675 -55.97 -39.94 83.12
CA PHE G 675 -55.34 -38.88 83.89
C PHE G 675 -53.94 -39.29 84.30
N ARG G 676 -52.99 -38.36 84.15
CA ARG G 676 -51.60 -38.72 84.39
C ARG G 676 -50.85 -37.65 85.18
N GLY G 677 -51.54 -36.90 86.02
CA GLY G 677 -50.88 -36.05 86.99
C GLY G 677 -51.36 -34.61 86.91
N TRP G 678 -51.03 -33.88 87.96
CA TRP G 678 -51.33 -32.45 88.08
C TRP G 678 -50.07 -31.64 87.79
N SER G 679 -50.26 -30.32 87.68
CA SER G 679 -49.17 -29.37 87.62
C SER G 679 -49.74 -28.00 87.95
N PHE G 680 -49.00 -27.19 88.70
CA PHE G 680 -49.58 -25.96 89.19
C PHE G 680 -48.50 -24.95 89.50
N THR G 681 -48.81 -23.69 89.17
CA THR G 681 -47.96 -22.55 89.50
C THR G 681 -48.86 -21.35 89.70
N ARG G 682 -48.33 -20.33 90.34
CA ARG G 682 -49.10 -19.16 90.75
C ARG G 682 -48.79 -18.01 89.81
N LEU G 683 -49.84 -17.40 89.28
CA LEU G 683 -49.75 -16.30 88.33
C LEU G 683 -50.40 -15.06 88.93
N LYS G 684 -49.84 -13.90 88.59
CA LYS G 684 -50.44 -12.63 88.96
C LYS G 684 -51.58 -12.31 87.99
N THR G 685 -52.68 -11.80 88.53
CA THR G 685 -53.80 -11.46 87.67
C THR G 685 -53.51 -10.22 86.83
N LYS G 686 -52.51 -9.43 87.22
CA LYS G 686 -52.16 -8.24 86.43
C LYS G 686 -51.59 -8.64 85.07
N GLU G 687 -50.96 -9.80 84.97
CA GLU G 687 -50.23 -10.17 83.78
C GLU G 687 -50.73 -11.50 83.21
N THR G 688 -52.04 -11.63 83.05
CA THR G 688 -52.59 -12.77 82.37
C THR G 688 -53.83 -12.31 81.61
N PRO G 689 -53.90 -12.52 80.31
CA PRO G 689 -55.08 -12.13 79.55
C PRO G 689 -56.22 -13.10 79.77
N SER G 690 -57.42 -12.65 79.39
CA SER G 690 -58.56 -13.55 79.38
C SER G 690 -58.33 -14.64 78.34
N LEU G 691 -58.75 -15.87 78.69
CA LEU G 691 -58.34 -17.03 77.90
C LEU G 691 -58.95 -17.02 76.51
N GLY G 692 -60.27 -16.82 76.41
CA GLY G 692 -60.95 -17.01 75.15
C GLY G 692 -61.44 -15.74 74.50
N SER G 693 -60.83 -14.60 74.84
CA SER G 693 -61.23 -13.32 74.29
C SER G 693 -60.15 -12.83 73.32
N GLY G 694 -60.59 -12.30 72.18
CA GLY G 694 -59.66 -11.76 71.21
C GLY G 694 -59.01 -10.47 71.65
N PHE G 695 -59.59 -9.79 72.62
CA PHE G 695 -59.05 -8.52 73.12
C PHE G 695 -59.68 -8.26 74.47
N ASP G 696 -58.86 -8.16 75.52
CA ASP G 696 -59.36 -7.89 76.85
C ASP G 696 -58.96 -6.50 77.28
N PRO G 697 -59.91 -5.60 77.52
CA PRO G 697 -59.54 -4.22 77.86
C PRO G 697 -58.78 -4.08 79.15
N TYR G 698 -58.84 -5.06 80.05
CA TYR G 698 -58.20 -4.94 81.35
C TYR G 698 -56.74 -5.34 81.34
N PHE G 699 -56.20 -5.73 80.20
CA PHE G 699 -54.81 -6.18 80.10
C PHE G 699 -53.95 -4.96 79.79
N VAL G 700 -53.40 -4.34 80.83
CA VAL G 700 -52.64 -3.11 80.68
C VAL G 700 -51.20 -3.33 81.10
N TYR G 701 -50.60 -4.46 80.80
CA TYR G 701 -49.21 -4.75 81.13
C TYR G 701 -48.55 -5.38 80.01
N SER G 702 -47.35 -4.98 79.61
CA SER G 702 -46.70 -5.47 78.43
C SER G 702 -45.57 -6.39 78.55
N GLY G 703 -45.00 -6.57 79.70
CA GLY G 703 -43.82 -7.36 79.84
C GLY G 703 -44.11 -8.81 79.86
N SER G 704 -43.24 -9.64 80.34
CA SER G 704 -43.46 -11.05 80.17
C SER G 704 -44.71 -11.57 80.69
N ILE G 705 -45.26 -12.56 80.01
CA ILE G 705 -46.51 -13.11 80.39
C ILE G 705 -46.29 -14.52 80.75
N PRO G 706 -46.05 -14.84 81.99
CA PRO G 706 -45.70 -16.23 82.32
C PRO G 706 -46.74 -17.23 81.89
N TYR G 707 -47.98 -16.81 81.66
CA TYR G 707 -49.04 -17.78 81.38
C TYR G 707 -48.77 -18.57 80.12
N LEU G 708 -48.32 -17.91 79.06
CA LEU G 708 -48.24 -18.55 77.76
C LEU G 708 -46.85 -18.63 77.16
N ASP G 709 -45.79 -18.37 77.93
CA ASP G 709 -44.44 -18.61 77.44
C ASP G 709 -43.51 -19.23 78.45
N GLY G 710 -44.02 -19.71 79.58
CA GLY G 710 -43.23 -20.48 80.52
C GLY G 710 -42.09 -19.72 81.17
N THR G 711 -42.41 -18.71 81.97
CA THR G 711 -41.42 -18.00 82.75
C THR G 711 -41.95 -17.77 84.16
N PHE G 712 -42.49 -18.83 84.76
CA PHE G 712 -43.09 -18.72 86.08
C PHE G 712 -42.04 -18.38 87.13
N TYR G 713 -42.43 -17.57 88.10
CA TYR G 713 -41.50 -17.15 89.15
C TYR G 713 -42.11 -17.14 90.54
N LEU G 714 -43.39 -17.47 90.69
CA LEU G 714 -44.07 -17.34 91.97
C LEU G 714 -44.32 -18.66 92.66
N ASN G 715 -43.80 -19.76 92.12
CA ASN G 715 -44.08 -21.06 92.71
C ASN G 715 -43.25 -21.34 93.95
N HIS G 716 -42.64 -20.31 94.55
CA HIS G 716 -41.99 -20.43 95.84
C HIS G 716 -42.86 -19.94 96.97
N THR G 717 -44.11 -19.60 96.70
CA THR G 717 -45.05 -19.11 97.70
C THR G 717 -46.13 -20.13 98.03
N PHE G 718 -45.80 -21.41 97.95
CA PHE G 718 -46.77 -22.46 98.18
C PHE G 718 -46.56 -23.10 99.55
N LYS G 719 -47.61 -23.74 100.03
CA LYS G 719 -47.57 -24.56 101.23
C LYS G 719 -48.43 -25.79 100.95
N LYS G 720 -48.81 -26.49 102.02
CA LYS G 720 -49.54 -27.76 101.93
C LYS G 720 -50.61 -27.74 100.86
N VAL G 721 -50.53 -28.68 99.93
CA VAL G 721 -51.58 -28.97 98.98
C VAL G 721 -52.10 -30.37 99.28
N SER G 722 -53.40 -30.49 99.50
CA SER G 722 -53.99 -31.74 99.93
C SER G 722 -54.89 -32.28 98.83
N ILE G 723 -54.34 -33.08 97.93
CA ILE G 723 -55.17 -33.79 96.97
C ILE G 723 -56.14 -34.69 97.72
N MET G 724 -57.34 -34.84 97.17
CA MET G 724 -58.34 -35.69 97.80
C MET G 724 -59.47 -35.92 96.83
N PHE G 725 -59.85 -37.18 96.66
CA PHE G 725 -61.03 -37.53 95.89
C PHE G 725 -62.24 -37.25 96.76
N ASP G 726 -63.40 -37.82 96.43
CA ASP G 726 -64.56 -37.67 97.30
C ASP G 726 -64.15 -38.01 98.73
N SER G 727 -64.92 -37.57 99.72
CA SER G 727 -64.40 -37.25 101.05
C SER G 727 -63.46 -38.30 101.65
N SER G 728 -63.39 -39.48 101.03
CA SER G 728 -62.38 -40.48 101.34
C SER G 728 -60.98 -39.89 101.34
N VAL G 729 -60.04 -40.59 101.98
CA VAL G 729 -58.70 -40.05 102.18
C VAL G 729 -58.00 -39.82 100.84
N SER G 730 -56.90 -39.07 100.90
CA SER G 730 -56.15 -38.64 99.73
C SER G 730 -55.74 -39.82 98.88
N TRP G 731 -55.36 -39.54 97.64
CA TRP G 731 -55.03 -40.61 96.71
C TRP G 731 -53.71 -41.30 97.06
N PRO G 732 -52.70 -40.63 97.65
CA PRO G 732 -51.58 -41.40 98.20
C PRO G 732 -51.89 -41.87 99.61
N GLY G 733 -53.17 -41.84 99.97
CA GLY G 733 -53.59 -41.98 101.34
C GLY G 733 -53.27 -43.30 102.02
N ASN G 734 -52.47 -44.14 101.37
CA ASN G 734 -51.98 -45.32 102.07
C ASN G 734 -50.88 -44.98 103.06
N ASP G 735 -50.78 -43.70 103.40
CA ASP G 735 -49.72 -43.17 104.25
C ASP G 735 -48.35 -43.37 103.60
N ARG G 736 -48.21 -42.85 102.39
CA ARG G 736 -46.92 -42.82 101.72
C ARG G 736 -46.04 -41.67 102.18
N LEU G 737 -46.63 -40.54 102.56
CA LEU G 737 -45.88 -39.33 102.82
C LEU G 737 -45.50 -39.22 104.29
N LEU G 738 -44.38 -38.53 104.54
CA LEU G 738 -43.89 -38.36 105.90
C LEU G 738 -44.91 -37.64 106.77
N THR G 739 -45.69 -36.75 106.19
CA THR G 739 -46.82 -36.18 106.90
C THR G 739 -48.12 -36.79 106.37
N PRO G 740 -49.10 -37.05 107.22
CA PRO G 740 -50.26 -37.83 106.79
C PRO G 740 -51.22 -37.05 105.91
N ASN G 741 -51.75 -37.74 104.90
CA ASN G 741 -52.84 -37.31 104.03
C ASN G 741 -52.77 -35.85 103.59
N GLU G 742 -51.57 -35.36 103.27
CA GLU G 742 -51.41 -34.07 102.61
C GLU G 742 -49.96 -33.92 102.19
N PHE G 743 -49.77 -33.26 101.06
CA PHE G 743 -48.43 -32.85 100.69
C PHE G 743 -48.06 -31.60 101.48
N GLU G 744 -46.78 -31.21 101.39
CA GLU G 744 -46.34 -30.02 102.11
C GLU G 744 -45.16 -29.43 101.34
N ILE G 745 -45.46 -28.41 100.54
CA ILE G 745 -44.45 -27.83 99.65
C ILE G 745 -43.27 -27.32 100.47
N LYS G 746 -43.52 -26.33 101.32
CA LYS G 746 -42.48 -25.75 102.14
C LYS G 746 -42.93 -25.74 103.58
N ARG G 747 -41.97 -25.78 104.48
CA ARG G 747 -42.25 -25.84 105.90
C ARG G 747 -41.80 -24.54 106.56
N SER G 748 -42.63 -24.00 107.43
CA SER G 748 -42.35 -22.71 108.04
C SER G 748 -41.32 -22.86 109.15
N VAL G 749 -41.23 -21.86 110.02
CA VAL G 749 -40.23 -21.79 111.09
C VAL G 749 -40.22 -23.06 111.93
N ASP G 750 -41.30 -23.84 111.89
CA ASP G 750 -41.40 -25.02 112.73
C ASP G 750 -40.32 -26.04 112.40
N GLY G 751 -39.36 -26.21 113.31
CA GLY G 751 -38.29 -27.16 113.13
C GLY G 751 -38.52 -28.52 113.77
N GLU G 752 -39.47 -29.28 113.23
CA GLU G 752 -39.62 -30.67 113.69
C GLU G 752 -38.47 -31.53 113.22
N GLY G 753 -37.88 -31.21 112.06
CA GLY G 753 -36.79 -31.98 111.52
C GLY G 753 -37.00 -32.42 110.08
N TYR G 754 -37.91 -31.76 109.38
CA TYR G 754 -38.21 -32.08 107.98
C TYR G 754 -37.86 -30.87 107.12
N ASN G 755 -36.58 -30.79 106.72
CA ASN G 755 -36.14 -29.78 105.77
C ASN G 755 -34.95 -30.38 105.02
N VAL G 756 -34.71 -29.87 103.82
CA VAL G 756 -33.71 -30.46 102.95
C VAL G 756 -32.89 -29.36 102.30
N ALA G 757 -31.65 -29.70 101.93
CA ALA G 757 -30.77 -28.82 101.16
C ALA G 757 -30.58 -27.47 101.84
N GLN G 758 -30.50 -27.49 103.17
CA GLN G 758 -30.44 -26.29 104.00
C GLN G 758 -31.35 -25.18 103.47
N CYS G 759 -32.62 -25.52 103.34
CA CYS G 759 -33.66 -24.57 103.00
C CYS G 759 -34.94 -24.99 103.70
N ASN G 760 -36.01 -24.22 103.50
CA ASN G 760 -37.28 -24.53 104.14
C ASN G 760 -38.21 -25.27 103.17
N MET G 761 -37.72 -26.40 102.66
CA MET G 761 -38.49 -27.29 101.81
C MET G 761 -38.46 -28.68 102.41
N THR G 762 -39.62 -29.31 102.53
CA THR G 762 -39.71 -30.60 103.20
C THR G 762 -39.01 -31.68 102.38
N LYS G 763 -38.70 -32.79 103.06
CA LYS G 763 -37.97 -33.86 102.39
C LYS G 763 -38.87 -34.63 101.44
N ASP G 764 -40.10 -34.93 101.85
CA ASP G 764 -40.98 -35.69 100.98
C ASP G 764 -41.29 -34.93 99.70
N TRP G 765 -41.51 -33.62 99.81
CA TRP G 765 -41.76 -32.83 98.62
C TRP G 765 -40.54 -32.78 97.71
N PHE G 766 -39.35 -32.62 98.29
CA PHE G 766 -38.14 -32.65 97.48
C PHE G 766 -37.99 -34.00 96.81
N LEU G 767 -38.34 -35.08 97.51
CA LEU G 767 -38.29 -36.41 96.91
C LEU G 767 -39.24 -36.50 95.73
N VAL G 768 -40.46 -35.97 95.87
CA VAL G 768 -41.45 -36.10 94.82
C VAL G 768 -40.99 -35.41 93.56
N GLN G 769 -40.49 -34.18 93.68
CA GLN G 769 -40.04 -33.44 92.52
C GLN G 769 -38.84 -34.12 91.87
N MET G 770 -37.88 -34.56 92.69
CA MET G 770 -36.74 -35.28 92.15
C MET G 770 -37.19 -36.59 91.52
N LEU G 771 -38.16 -37.26 92.13
CA LEU G 771 -38.63 -38.53 91.59
C LEU G 771 -39.42 -38.32 90.30
N SER G 772 -40.22 -37.26 90.25
CA SER G 772 -41.06 -37.03 89.08
C SER G 772 -40.24 -36.74 87.83
N HIS G 773 -39.18 -35.94 87.97
CA HIS G 773 -38.44 -35.48 86.80
C HIS G 773 -37.35 -36.43 86.36
N TYR G 774 -36.67 -37.10 87.30
CA TYR G 774 -35.52 -37.92 86.93
C TYR G 774 -35.52 -39.32 87.51
N ASN G 775 -36.49 -39.68 88.35
CA ASN G 775 -36.54 -41.00 88.98
C ASN G 775 -35.26 -41.28 89.77
N ILE G 776 -34.79 -40.30 90.52
CA ILE G 776 -33.56 -40.45 91.29
C ILE G 776 -33.86 -40.36 92.78
N GLY G 777 -35.01 -40.86 93.19
CA GLY G 777 -35.40 -40.77 94.59
C GLY G 777 -35.07 -41.97 95.46
N TYR G 778 -35.26 -43.17 94.93
CA TYR G 778 -35.14 -44.37 95.73
C TYR G 778 -33.72 -44.91 95.81
N GLN G 779 -32.81 -44.45 94.95
CA GLN G 779 -31.44 -44.93 94.92
C GLN G 779 -30.46 -43.85 95.37
N GLY G 780 -30.84 -43.04 96.34
CA GLY G 780 -30.00 -41.96 96.77
C GLY G 780 -30.07 -40.78 95.82
N PHE G 781 -29.82 -39.58 96.32
CA PHE G 781 -29.92 -38.38 95.51
C PHE G 781 -28.57 -38.05 94.90
N HIS G 782 -28.54 -37.86 93.59
CA HIS G 782 -27.35 -37.43 92.88
C HIS G 782 -27.75 -36.44 91.81
N VAL G 783 -26.85 -35.52 91.49
CA VAL G 783 -27.18 -34.52 90.48
C VAL G 783 -27.43 -35.20 89.14
N PRO G 784 -28.55 -34.95 88.48
CA PRO G 784 -28.89 -35.72 87.28
C PRO G 784 -28.00 -35.36 86.10
N GLU G 785 -28.03 -36.23 85.10
CA GLU G 785 -27.21 -36.03 83.91
C GLU G 785 -27.69 -34.81 83.12
N GLY G 786 -26.76 -34.22 82.37
CA GLY G 786 -27.04 -32.97 81.71
C GLY G 786 -28.17 -33.07 80.70
N TYR G 787 -28.16 -34.12 79.87
CA TYR G 787 -29.20 -34.27 78.86
C TYR G 787 -30.57 -34.43 79.49
N LYS G 788 -30.65 -35.05 80.65
CA LYS G 788 -31.90 -35.25 81.35
C LYS G 788 -32.33 -34.00 82.13
N ASP G 789 -31.50 -32.97 82.17
CA ASP G 789 -31.75 -31.77 82.95
C ASP G 789 -31.86 -30.59 81.98
N ARG G 790 -33.08 -30.18 81.69
CA ARG G 790 -33.33 -29.16 80.69
C ARG G 790 -33.43 -27.78 81.35
N MET G 791 -33.73 -26.76 80.54
CA MET G 791 -33.87 -25.42 81.06
C MET G 791 -35.06 -25.30 82.01
N TYR G 792 -36.18 -25.92 81.66
CA TYR G 792 -37.39 -25.86 82.47
C TYR G 792 -37.48 -26.98 83.48
N SER G 793 -36.36 -27.54 83.88
CA SER G 793 -36.35 -28.64 84.83
C SER G 793 -36.24 -28.12 86.26
N PHE G 794 -36.49 -29.01 87.20
CA PHE G 794 -36.55 -28.60 88.60
C PHE G 794 -35.17 -28.30 89.16
N PHE G 795 -34.19 -29.15 88.86
CA PHE G 795 -32.92 -29.04 89.55
C PHE G 795 -32.12 -27.83 89.09
N ARG G 796 -32.11 -27.56 87.78
CA ARG G 796 -31.27 -26.49 87.27
C ARG G 796 -31.66 -25.13 87.83
N ASN G 797 -32.93 -24.96 88.22
CA ASN G 797 -33.40 -23.68 88.72
C ASN G 797 -33.54 -23.64 90.24
N PHE G 798 -33.40 -24.77 90.92
CA PHE G 798 -33.51 -24.78 92.37
C PHE G 798 -32.34 -24.01 92.98
N GLN G 799 -32.66 -23.11 93.91
CA GLN G 799 -31.65 -22.22 94.48
C GLN G 799 -32.00 -21.95 95.94
N PRO G 800 -31.41 -22.68 96.88
CA PRO G 800 -31.61 -22.38 98.28
C PRO G 800 -30.67 -21.30 98.78
N MET G 801 -31.21 -20.44 99.65
CA MET G 801 -30.45 -19.33 100.21
C MET G 801 -30.75 -19.26 101.70
N SER G 802 -29.95 -18.46 102.40
CA SER G 802 -30.17 -18.25 103.83
C SER G 802 -29.29 -17.10 104.31
N ARG G 803 -29.85 -16.29 105.20
CA ARG G 803 -29.12 -15.19 105.83
C ARG G 803 -29.60 -15.08 107.27
N GLN G 804 -29.12 -14.08 107.99
CA GLN G 804 -29.54 -13.89 109.37
C GLN G 804 -29.46 -12.42 109.74
N VAL G 805 -30.46 -11.95 110.47
CA VAL G 805 -30.53 -10.55 110.85
C VAL G 805 -30.37 -10.43 112.36
N VAL G 806 -30.26 -9.21 112.86
CA VAL G 806 -30.07 -8.99 114.28
C VAL G 806 -31.31 -9.44 115.03
N ASP G 807 -31.11 -10.21 116.09
CA ASP G 807 -32.22 -10.70 116.91
C ASP G 807 -32.88 -9.51 117.60
N GLU G 808 -34.07 -9.13 117.12
CA GLU G 808 -34.75 -7.96 117.67
C GLU G 808 -35.19 -8.17 119.11
N ILE G 809 -35.28 -9.41 119.57
CA ILE G 809 -35.82 -9.71 120.89
C ILE G 809 -34.69 -9.93 121.89
N ASN G 810 -33.86 -10.95 121.63
CA ASN G 810 -32.85 -11.36 122.59
C ASN G 810 -31.78 -10.30 122.78
N TYR G 811 -31.47 -9.52 121.74
CA TYR G 811 -30.45 -8.50 121.88
C TYR G 811 -30.97 -7.38 122.78
N LYS G 812 -30.17 -7.03 123.79
CA LYS G 812 -30.65 -6.13 124.82
C LYS G 812 -30.73 -4.69 124.35
N ASP G 813 -29.77 -4.28 123.51
CA ASP G 813 -29.62 -2.88 123.13
C ASP G 813 -29.99 -2.65 121.66
N TYR G 814 -31.04 -3.30 121.19
CA TYR G 814 -31.46 -3.17 119.80
C TYR G 814 -32.47 -2.04 119.65
N LYS G 815 -32.19 -1.13 118.72
CA LYS G 815 -33.09 -0.02 118.41
C LYS G 815 -33.41 -0.04 116.93
N ALA G 816 -34.70 0.00 116.60
CA ALA G 816 -35.13 -0.03 115.22
C ALA G 816 -35.02 1.37 114.63
N VAL G 817 -34.30 1.48 113.52
CA VAL G 817 -34.09 2.76 112.85
C VAL G 817 -34.75 2.68 111.47
N THR G 818 -35.68 3.58 111.22
CA THR G 818 -36.30 3.65 109.91
C THR G 818 -35.38 4.33 108.92
N LEU G 819 -35.67 4.14 107.63
CA LEU G 819 -34.79 4.60 106.56
C LEU G 819 -34.39 6.07 106.65
N PRO G 820 -35.30 7.03 106.88
CA PRO G 820 -34.87 8.43 106.80
C PRO G 820 -33.99 8.88 107.95
N PHE G 821 -33.58 7.96 108.82
CA PHE G 821 -32.75 8.33 109.96
C PHE G 821 -31.41 7.63 109.99
N GLN G 822 -31.35 6.34 109.67
CA GLN G 822 -30.10 5.60 109.74
C GLN G 822 -29.15 6.08 108.66
N HIS G 823 -27.90 6.39 109.05
CA HIS G 823 -26.95 7.10 108.20
C HIS G 823 -25.64 6.36 108.09
N ASN G 824 -25.54 5.46 107.13
CA ASN G 824 -24.26 4.88 106.77
C ASN G 824 -23.66 5.67 105.62
N ASN G 825 -22.34 5.81 105.64
CA ASN G 825 -21.61 6.44 104.54
C ASN G 825 -22.08 7.88 104.34
N SER G 826 -22.35 8.57 105.43
CA SER G 826 -22.84 9.94 105.33
C SER G 826 -21.72 10.88 104.89
N GLY G 827 -22.11 12.00 104.31
CA GLY G 827 -21.18 13.01 103.88
C GLY G 827 -20.49 12.70 102.57
N PHE G 828 -20.72 11.52 101.98
CA PHE G 828 -20.16 11.18 100.69
C PHE G 828 -21.22 10.63 99.74
N THR G 829 -22.50 10.73 100.11
CA THR G 829 -23.58 10.19 99.30
C THR G 829 -24.82 11.05 99.49
N GLY G 830 -25.74 10.95 98.56
CA GLY G 830 -26.96 11.72 98.64
C GLY G 830 -27.82 11.31 99.82
N TYR G 831 -28.65 12.24 100.27
CA TYR G 831 -29.51 11.99 101.42
C TYR G 831 -30.48 10.86 101.12
N LEU G 832 -31.38 11.07 100.17
CA LEU G 832 -32.39 10.06 99.86
C LEU G 832 -32.61 9.93 98.36
N ALA G 833 -31.64 10.30 97.54
CA ALA G 833 -31.78 10.30 96.10
C ALA G 833 -30.40 10.15 95.47
N PRO G 834 -30.30 9.88 94.18
CA PRO G 834 -28.97 9.87 93.54
C PRO G 834 -28.42 11.27 93.31
N THR G 835 -28.99 12.25 93.99
CA THR G 835 -28.57 13.64 93.80
C THR G 835 -27.16 13.86 94.36
N MET G 836 -26.72 15.10 94.29
CA MET G 836 -25.39 15.47 94.73
C MET G 836 -25.19 15.14 96.20
N ARG G 837 -23.98 14.69 96.54
CA ARG G 837 -23.70 14.28 97.91
C ARG G 837 -23.85 15.46 98.86
N GLN G 838 -24.21 15.15 100.10
CA GLN G 838 -24.41 16.17 101.11
C GLN G 838 -24.13 15.57 102.47
N GLY G 839 -23.88 16.44 103.43
CA GLY G 839 -23.62 16.01 104.79
C GLY G 839 -22.15 16.06 105.15
N GLN G 840 -21.87 15.56 106.34
CA GLN G 840 -20.51 15.56 106.87
C GLN G 840 -20.14 14.16 107.35
N PRO G 841 -18.88 13.78 107.23
CA PRO G 841 -18.46 12.43 107.63
C PRO G 841 -18.69 12.21 109.11
N TYR G 842 -19.09 10.99 109.46
CA TYR G 842 -19.48 10.66 110.82
C TYR G 842 -19.61 9.14 110.91
N PRO G 843 -19.44 8.57 112.10
CA PRO G 843 -19.58 7.12 112.25
C PRO G 843 -20.96 6.65 111.82
N ALA G 844 -20.99 5.53 111.10
CA ALA G 844 -22.23 4.97 110.61
C ALA G 844 -22.95 4.22 111.72
N ASN G 845 -24.27 4.07 111.55
CA ASN G 845 -25.07 3.43 112.57
C ASN G 845 -26.12 2.46 112.03
N PHE G 846 -26.28 2.32 110.72
CA PHE G 846 -27.39 1.46 110.30
C PHE G 846 -27.09 -0.03 110.38
N PRO G 847 -26.09 -0.56 109.67
CA PRO G 847 -25.96 -2.02 109.56
C PRO G 847 -25.33 -2.60 110.82
N TYR G 848 -26.12 -3.31 111.60
CA TYR G 848 -25.61 -3.91 112.81
C TYR G 848 -24.57 -4.98 112.48
N PRO G 849 -23.40 -4.94 113.08
CA PRO G 849 -22.36 -5.91 112.74
C PRO G 849 -22.78 -7.32 113.12
N LEU G 850 -22.38 -8.28 112.29
CA LEU G 850 -22.70 -9.68 112.52
C LEU G 850 -21.46 -10.55 112.68
N ILE G 851 -20.26 -9.97 112.64
CA ILE G 851 -19.01 -10.70 112.76
C ILE G 851 -18.10 -9.94 113.72
N GLY G 852 -16.88 -10.44 113.89
CA GLY G 852 -15.92 -9.80 114.75
C GLY G 852 -16.15 -10.12 116.21
N GLN G 853 -15.33 -9.51 117.06
CA GLN G 853 -15.44 -9.72 118.49
C GLN G 853 -16.67 -9.08 119.10
N THR G 854 -17.38 -8.24 118.37
CA THR G 854 -18.54 -7.54 118.88
C THR G 854 -19.81 -7.86 118.08
N ALA G 855 -19.92 -9.10 117.61
CA ALA G 855 -21.11 -9.50 116.88
C ALA G 855 -22.32 -9.53 117.80
N VAL G 856 -23.50 -9.33 117.21
CA VAL G 856 -24.74 -9.30 117.97
C VAL G 856 -25.48 -10.62 117.79
N PRO G 857 -26.28 -11.04 118.75
CA PRO G 857 -27.06 -12.27 118.57
C PRO G 857 -28.00 -12.14 117.38
N SER G 858 -28.18 -13.24 116.66
CA SER G 858 -28.88 -13.22 115.39
C SER G 858 -29.80 -14.43 115.28
N VAL G 859 -30.79 -14.29 114.40
CA VAL G 859 -31.72 -15.36 114.08
C VAL G 859 -31.71 -15.54 112.56
N THR G 860 -31.55 -16.77 112.11
CA THR G 860 -31.40 -17.04 110.68
C THR G 860 -32.73 -17.40 110.05
N GLN G 861 -33.01 -16.81 108.90
CA GLN G 861 -34.21 -17.10 108.15
C GLN G 861 -33.82 -17.74 106.82
N LYS G 862 -34.47 -18.85 106.50
CA LYS G 862 -34.17 -19.60 105.28
C LYS G 862 -35.33 -19.50 104.31
N LYS G 863 -35.01 -19.49 103.03
CA LYS G 863 -35.99 -19.54 101.97
C LYS G 863 -35.30 -20.08 100.73
N PHE G 864 -36.11 -20.50 99.76
CA PHE G 864 -35.56 -21.01 98.52
C PHE G 864 -36.20 -20.32 97.34
N LEU G 865 -35.47 -20.27 96.23
CA LEU G 865 -35.83 -19.49 95.06
C LEU G 865 -35.93 -20.45 93.88
N CYS G 866 -37.14 -20.86 93.55
CA CYS G 866 -37.39 -21.71 92.39
C CYS G 866 -38.23 -20.93 91.38
N ASP G 867 -37.89 -21.06 90.11
CA ASP G 867 -38.59 -20.34 89.07
C ASP G 867 -38.43 -21.09 87.76
N ARG G 868 -39.15 -20.63 86.74
CA ARG G 868 -39.15 -21.20 85.40
C ARG G 868 -39.64 -22.64 85.36
N VAL G 869 -40.18 -23.16 86.47
CA VAL G 869 -40.62 -24.54 86.53
C VAL G 869 -42.01 -24.60 87.15
N MET G 870 -42.70 -25.71 86.87
CA MET G 870 -44.03 -25.96 87.40
C MET G 870 -43.97 -27.16 88.34
N TRP G 871 -44.53 -27.02 89.52
CA TRP G 871 -44.59 -28.13 90.45
C TRP G 871 -45.37 -29.28 89.82
N ARG G 872 -44.95 -30.50 90.11
CA ARG G 872 -45.54 -31.68 89.50
C ARG G 872 -45.89 -32.71 90.56
N ILE G 873 -47.06 -33.31 90.42
CA ILE G 873 -47.48 -34.43 91.27
C ILE G 873 -47.97 -35.54 90.35
N PRO G 874 -47.12 -36.50 89.99
CA PRO G 874 -47.51 -37.48 88.98
C PRO G 874 -48.54 -38.45 89.54
N PHE G 875 -49.55 -38.75 88.73
CA PHE G 875 -50.62 -39.65 89.14
C PHE G 875 -50.19 -41.10 88.87
N SER G 876 -49.20 -41.53 89.64
CA SER G 876 -48.73 -42.90 89.60
C SER G 876 -48.56 -43.40 91.02
N SER G 877 -48.43 -44.73 91.15
CA SER G 877 -48.41 -45.34 92.48
C SER G 877 -47.23 -44.84 93.30
N ASN G 878 -46.05 -44.77 92.70
CA ASN G 878 -44.82 -44.45 93.41
C ASN G 878 -44.16 -43.18 92.89
N PHE G 879 -44.94 -42.29 92.28
CA PHE G 879 -44.44 -41.01 91.78
C PHE G 879 -43.30 -41.20 90.78
N MET G 880 -43.34 -42.27 90.00
CA MET G 880 -42.29 -42.55 89.03
C MET G 880 -42.91 -42.58 87.64
N SER G 881 -42.17 -42.06 86.67
CA SER G 881 -42.65 -42.03 85.29
C SER G 881 -42.11 -43.24 84.53
N MET G 882 -42.54 -44.41 84.99
CA MET G 882 -42.19 -45.67 84.33
C MET G 882 -42.99 -45.91 83.06
N GLY G 883 -43.74 -44.91 82.61
CA GLY G 883 -44.50 -45.02 81.37
C GLY G 883 -45.40 -43.82 81.22
N ALA G 884 -45.82 -43.59 79.98
CA ALA G 884 -46.68 -42.45 79.70
C ALA G 884 -48.09 -42.67 80.24
N LEU G 885 -48.66 -43.85 80.01
CA LEU G 885 -49.98 -44.21 80.54
C LEU G 885 -49.76 -44.82 81.91
N THR G 886 -50.02 -44.04 82.95
CA THR G 886 -49.63 -44.42 84.30
C THR G 886 -50.38 -45.65 84.77
N ASP G 887 -49.80 -46.34 85.74
CA ASP G 887 -50.43 -47.57 86.25
C ASP G 887 -51.75 -47.27 86.93
N LEU G 888 -51.83 -46.16 87.66
CA LEU G 888 -53.11 -45.77 88.24
C LEU G 888 -54.09 -45.33 87.17
N GLY G 889 -53.60 -44.67 86.12
CA GLY G 889 -54.47 -44.20 85.06
C GLY G 889 -55.23 -45.29 84.36
N GLN G 890 -54.67 -46.48 84.25
CA GLN G 890 -55.35 -47.60 83.62
C GLN G 890 -55.89 -48.60 84.62
N ASN G 891 -56.00 -48.23 85.89
CA ASN G 891 -56.54 -49.12 86.91
C ASN G 891 -58.02 -49.35 86.65
N MET G 892 -58.57 -50.45 87.17
CA MET G 892 -60.00 -50.70 87.02
C MET G 892 -60.82 -49.68 87.79
N LEU G 893 -60.36 -49.32 88.99
CA LEU G 893 -61.13 -48.41 89.83
C LEU G 893 -61.23 -47.02 89.21
N TYR G 894 -60.13 -46.52 88.66
CA TYR G 894 -60.08 -45.16 88.14
C TYR G 894 -60.44 -45.06 86.67
N ALA G 895 -60.88 -46.15 86.05
CA ALA G 895 -61.32 -46.12 84.66
C ALA G 895 -62.79 -46.48 84.51
N ASN G 896 -63.21 -47.58 85.15
CA ASN G 896 -64.60 -48.02 85.06
C ASN G 896 -65.41 -47.49 86.25
N SER G 897 -65.36 -46.17 86.45
CA SER G 897 -66.07 -45.53 87.54
C SER G 897 -65.96 -44.01 87.46
N ALA G 898 -66.60 -43.31 88.39
CA ALA G 898 -66.51 -41.86 88.45
C ALA G 898 -66.11 -41.45 89.86
N HIS G 899 -65.40 -40.33 89.96
CA HIS G 899 -64.87 -39.92 91.25
C HIS G 899 -64.77 -38.41 91.30
N ALA G 900 -65.37 -37.82 92.33
CA ALA G 900 -65.19 -36.41 92.60
C ALA G 900 -63.72 -36.12 92.88
N LEU G 901 -63.39 -34.84 92.96
CA LEU G 901 -62.02 -34.43 93.24
C LEU G 901 -62.04 -33.10 93.97
N ASP G 902 -61.43 -33.05 95.15
CA ASP G 902 -61.38 -31.85 95.96
C ASP G 902 -59.94 -31.59 96.37
N MET G 903 -59.39 -30.47 95.90
CA MET G 903 -58.02 -30.09 96.20
C MET G 903 -58.02 -28.77 96.95
N THR G 904 -56.99 -28.56 97.77
CA THR G 904 -56.95 -27.40 98.66
C THR G 904 -55.52 -26.93 98.76
N PHE G 905 -55.24 -25.76 98.21
CA PHE G 905 -53.90 -25.17 98.23
C PHE G 905 -53.81 -24.09 99.30
N GLU G 906 -52.67 -24.06 99.98
CA GLU G 906 -52.37 -22.99 100.92
C GLU G 906 -51.15 -22.24 100.42
N VAL G 907 -51.26 -20.92 100.30
CA VAL G 907 -50.22 -20.11 99.70
C VAL G 907 -49.89 -18.95 100.63
N ASP G 908 -48.72 -18.37 100.41
CA ASP G 908 -48.35 -17.17 101.16
C ASP G 908 -49.21 -16.00 100.71
N PRO G 909 -49.68 -15.16 101.63
CA PRO G 909 -50.49 -14.01 101.24
C PRO G 909 -49.69 -13.01 100.42
N MET G 910 -50.40 -12.34 99.51
CA MET G 910 -49.79 -11.33 98.67
C MET G 910 -50.75 -10.15 98.55
N ASP G 911 -50.19 -8.98 98.25
CA ASP G 911 -50.97 -7.75 98.29
C ASP G 911 -51.97 -7.68 97.15
N GLU G 912 -51.57 -8.07 95.95
CA GLU G 912 -52.45 -7.91 94.80
C GLU G 912 -53.05 -9.25 94.38
N PRO G 913 -54.24 -9.24 93.79
CA PRO G 913 -54.89 -10.51 93.43
C PRO G 913 -54.05 -11.32 92.47
N THR G 914 -54.04 -12.63 92.67
CA THR G 914 -53.26 -13.53 91.84
C THR G 914 -54.16 -14.63 91.29
N LEU G 915 -53.55 -15.63 90.65
CA LEU G 915 -54.30 -16.75 90.13
C LEU G 915 -53.73 -18.07 90.65
N LEU G 916 -54.18 -19.18 90.10
CA LEU G 916 -53.60 -20.48 90.41
C LEU G 916 -53.66 -21.29 89.13
N TYR G 917 -52.56 -21.31 88.39
CA TYR G 917 -52.55 -21.95 87.07
C TYR G 917 -52.50 -23.47 87.23
N LEU G 918 -53.63 -24.02 87.66
CA LEU G 918 -53.75 -25.47 87.74
C LEU G 918 -53.72 -26.06 86.34
N LEU G 919 -53.33 -27.32 86.26
CA LEU G 919 -53.09 -27.95 84.97
C LEU G 919 -53.23 -29.45 85.14
N PHE G 920 -54.31 -30.01 84.61
CA PHE G 920 -54.55 -31.44 84.67
C PHE G 920 -53.94 -32.10 83.44
N GLU G 921 -52.88 -32.86 83.63
CA GLU G 921 -52.30 -33.57 82.50
C GLU G 921 -53.28 -34.60 81.97
N VAL G 922 -53.47 -34.60 80.66
CA VAL G 922 -54.45 -35.46 80.00
C VAL G 922 -53.76 -36.12 78.82
N PHE G 923 -54.52 -36.80 77.98
CA PHE G 923 -53.94 -37.53 76.87
C PHE G 923 -54.50 -37.14 75.52
N ASP G 924 -54.55 -35.85 75.21
CA ASP G 924 -55.16 -35.42 73.96
C ASP G 924 -54.29 -35.82 72.77
N VAL G 925 -54.90 -36.47 71.78
CA VAL G 925 -54.22 -36.91 70.59
C VAL G 925 -55.09 -36.55 69.40
N VAL G 926 -54.64 -36.97 68.22
CA VAL G 926 -55.29 -36.63 66.96
C VAL G 926 -55.00 -37.76 65.98
N ARG G 927 -55.94 -38.03 65.09
CA ARG G 927 -55.76 -39.06 64.06
C ARG G 927 -56.26 -38.51 62.73
N VAL G 928 -55.32 -38.17 61.85
CA VAL G 928 -55.62 -37.48 60.60
C VAL G 928 -55.66 -38.50 59.48
N HIS G 929 -56.75 -38.50 58.71
CA HIS G 929 -56.98 -39.47 57.66
C HIS G 929 -57.37 -38.73 56.39
N GLN G 930 -56.77 -39.11 55.26
CA GLN G 930 -56.99 -38.44 53.99
C GLN G 930 -57.36 -39.48 52.93
N PRO G 931 -58.62 -39.90 52.91
CA PRO G 931 -59.01 -41.00 52.01
C PRO G 931 -58.87 -40.70 50.53
N HIS G 932 -58.95 -39.43 50.12
CA HIS G 932 -58.85 -39.06 48.72
C HIS G 932 -58.01 -37.80 48.62
N ARG G 933 -58.04 -37.15 47.47
CA ARG G 933 -57.23 -35.95 47.31
C ARG G 933 -58.07 -34.73 47.61
N GLY G 934 -57.57 -33.87 48.49
CA GLY G 934 -58.28 -32.68 48.89
C GLY G 934 -59.27 -32.86 50.02
N VAL G 935 -59.14 -33.91 50.82
CA VAL G 935 -60.06 -34.19 51.91
C VAL G 935 -59.28 -34.55 53.16
N ILE G 936 -59.55 -33.85 54.26
CA ILE G 936 -58.95 -34.13 55.55
C ILE G 936 -60.06 -34.29 56.58
N GLU G 937 -60.15 -35.46 57.18
CA GLU G 937 -60.96 -35.67 58.37
C GLU G 937 -60.06 -36.10 59.51
N ALA G 938 -60.20 -35.42 60.65
CA ALA G 938 -59.36 -35.69 61.80
C ALA G 938 -60.24 -35.89 63.02
N VAL G 939 -59.96 -36.94 63.79
CA VAL G 939 -60.75 -37.31 64.95
C VAL G 939 -59.92 -37.03 66.20
N TYR G 940 -60.50 -36.29 67.13
CA TYR G 940 -59.79 -35.84 68.32
C TYR G 940 -60.24 -36.64 69.53
N LEU G 941 -59.29 -36.97 70.40
CA LEU G 941 -59.58 -37.61 71.67
C LEU G 941 -58.84 -36.85 72.77
N ARG G 942 -59.47 -36.73 73.93
CA ARG G 942 -58.87 -36.05 75.07
C ARG G 942 -59.44 -36.73 76.31
N THR G 943 -58.73 -37.75 76.80
CA THR G 943 -59.40 -38.81 77.55
C THR G 943 -59.98 -38.36 78.88
N PRO G 944 -59.25 -37.71 79.79
CA PRO G 944 -59.85 -37.36 81.08
C PRO G 944 -60.94 -36.30 80.98
N PHE G 945 -60.64 -35.17 80.35
CA PHE G 945 -61.61 -34.09 80.17
C PHE G 945 -62.10 -34.15 78.73
N SER G 946 -63.03 -35.06 78.48
CA SER G 946 -63.44 -35.40 77.12
C SER G 946 -64.48 -34.40 76.62
N ALA G 947 -64.04 -33.49 75.77
CA ALA G 947 -64.94 -32.54 75.11
C ALA G 947 -65.27 -33.05 73.70
N GLY G 948 -66.05 -34.13 73.66
CA GLY G 948 -66.38 -34.81 72.43
C GLY G 948 -67.86 -34.74 72.09
N ASN G 949 -68.18 -35.38 70.97
CA ASN G 949 -69.54 -35.42 70.44
C ASN G 949 -70.11 -36.82 70.57
N ALA G 950 -71.33 -36.92 71.09
CA ALA G 950 -71.99 -38.21 71.20
C ALA G 950 -72.44 -38.70 69.82
N THR G 951 -72.65 -40.01 69.72
CA THR G 951 -73.03 -40.61 68.45
C THR G 951 -74.42 -40.16 68.04
N THR G 952 -74.57 -39.84 66.76
CA THR G 952 -75.87 -39.48 66.21
C THR G 952 -76.58 -40.71 65.66
N MET H 6 -6.42 -67.94 86.47
CA MET H 6 -7.44 -67.51 87.41
C MET H 6 -7.50 -68.41 88.63
N MET H 7 -6.70 -68.10 89.64
CA MET H 7 -6.73 -68.87 90.87
C MET H 7 -8.10 -68.72 91.53
N PRO H 8 -8.51 -69.73 92.32
CA PRO H 8 -9.89 -69.73 92.83
C PRO H 8 -10.27 -68.49 93.60
N GLN H 9 -9.34 -67.90 94.34
CA GLN H 9 -9.68 -66.70 95.11
C GLN H 9 -10.05 -65.54 94.20
N TRP H 10 -9.49 -65.50 93.00
CA TRP H 10 -9.83 -64.44 92.07
C TRP H 10 -11.23 -64.63 91.51
N ALA H 11 -11.56 -65.85 91.08
CA ALA H 11 -12.88 -66.09 90.52
C ALA H 11 -13.98 -65.91 91.56
N TYR H 12 -13.72 -66.35 92.78
CA TYR H 12 -14.72 -66.23 93.83
C TYR H 12 -14.99 -64.78 94.20
N MET H 13 -14.01 -63.90 94.01
CA MET H 13 -14.19 -62.48 94.28
C MET H 13 -14.49 -61.67 93.04
N HIS H 14 -14.65 -62.33 91.90
CA HIS H 14 -14.95 -61.67 90.63
C HIS H 14 -13.90 -60.62 90.29
N ILE H 15 -12.63 -61.00 90.46
CA ILE H 15 -11.54 -60.25 89.87
C ILE H 15 -11.18 -60.77 88.49
N ALA H 16 -11.50 -62.03 88.19
CA ALA H 16 -11.39 -62.58 86.85
C ALA H 16 -12.38 -63.71 86.73
N GLY H 17 -12.71 -64.05 85.49
CA GLY H 17 -13.61 -65.17 85.25
C GLY H 17 -14.95 -64.76 84.68
N GLN H 18 -16.03 -65.21 85.32
CA GLN H 18 -17.37 -64.93 84.82
C GLN H 18 -17.72 -63.46 85.04
N ASP H 19 -18.78 -63.02 84.35
CA ASP H 19 -19.31 -61.68 84.50
C ASP H 19 -20.74 -61.75 85.00
N ALA H 20 -21.25 -60.61 85.48
CA ALA H 20 -22.53 -60.59 86.19
C ALA H 20 -23.64 -61.24 85.38
N SER H 21 -23.67 -60.99 84.08
CA SER H 21 -24.71 -61.59 83.27
C SER H 21 -24.51 -63.09 83.06
N GLU H 22 -23.53 -63.70 83.71
CA GLU H 22 -23.20 -65.09 83.44
C GLU H 22 -23.15 -65.97 84.66
N TYR H 23 -22.70 -65.46 85.82
CA TYR H 23 -22.68 -66.27 87.02
C TYR H 23 -23.91 -66.13 87.89
N LEU H 24 -24.66 -65.04 87.75
CA LEU H 24 -25.96 -64.95 88.38
C LEU H 24 -26.89 -66.00 87.79
N SER H 25 -27.77 -66.53 88.62
CA SER H 25 -28.72 -67.53 88.15
C SER H 25 -29.63 -66.91 87.10
N PRO H 26 -30.16 -67.72 86.19
CA PRO H 26 -31.02 -67.16 85.13
C PRO H 26 -32.24 -66.43 85.66
N GLY H 27 -32.69 -66.77 86.86
CA GLY H 27 -33.84 -66.08 87.41
C GLY H 27 -33.57 -64.61 87.68
N LEU H 28 -32.42 -64.32 88.28
CA LEU H 28 -32.14 -62.94 88.68
C LEU H 28 -31.83 -62.06 87.48
N VAL H 29 -31.04 -62.56 86.54
CA VAL H 29 -30.61 -61.72 85.42
C VAL H 29 -31.81 -61.26 84.61
N GLN H 30 -32.77 -62.15 84.37
CA GLN H 30 -33.97 -61.73 83.65
C GLN H 30 -34.89 -60.90 84.52
N PHE H 31 -34.69 -60.93 85.84
CA PHE H 31 -35.39 -59.98 86.71
C PHE H 31 -34.77 -58.60 86.61
N ALA H 32 -33.44 -58.54 86.61
CA ALA H 32 -32.76 -57.25 86.60
C ALA H 32 -32.92 -56.55 85.25
N ARG H 33 -33.05 -57.33 84.18
CA ARG H 33 -33.31 -56.74 82.88
C ARG H 33 -34.68 -56.09 82.84
N ALA H 34 -35.68 -56.74 83.43
CA ALA H 34 -37.04 -56.22 83.36
C ALA H 34 -37.16 -54.88 84.06
N THR H 35 -36.71 -54.80 85.31
CA THR H 35 -36.89 -53.61 86.13
C THR H 35 -35.77 -52.59 85.96
N ASP H 36 -35.02 -52.67 84.87
CA ASP H 36 -33.87 -51.79 84.72
C ASP H 36 -34.24 -50.36 84.51
N THR H 37 -35.52 -49.99 84.50
CA THR H 37 -35.95 -48.62 84.27
C THR H 37 -36.18 -47.86 85.56
N TYR H 38 -36.79 -48.48 86.55
CA TYR H 38 -37.12 -47.81 87.80
C TYR H 38 -36.34 -48.32 89.01
N PHE H 39 -36.02 -49.61 89.05
CA PHE H 39 -35.28 -50.18 90.17
C PHE H 39 -34.10 -50.97 89.60
N SER H 40 -32.91 -50.38 89.67
CA SER H 40 -31.73 -50.92 89.00
C SER H 40 -30.90 -51.75 89.98
N LEU H 41 -30.44 -52.91 89.51
CA LEU H 41 -29.56 -53.78 90.28
C LEU H 41 -28.20 -53.94 89.64
N GLY H 42 -27.92 -53.21 88.55
CA GLY H 42 -26.69 -53.41 87.83
C GLY H 42 -25.46 -52.97 88.59
N ASN H 43 -25.55 -51.85 89.30
CA ASN H 43 -24.36 -51.23 89.87
C ASN H 43 -23.85 -51.97 91.10
N LYS H 44 -24.48 -53.08 91.50
CA LYS H 44 -24.04 -53.84 92.66
C LYS H 44 -23.12 -54.99 92.27
N PHE H 45 -23.63 -55.94 91.48
CA PHE H 45 -22.80 -57.03 91.00
C PHE H 45 -21.75 -56.50 90.04
N ARG H 46 -20.52 -56.98 90.16
CA ARG H 46 -19.40 -56.39 89.44
C ARG H 46 -18.87 -57.33 88.38
N ASN H 47 -18.22 -56.73 87.37
CA ASN H 47 -17.75 -57.42 86.19
C ASN H 47 -16.23 -57.29 86.08
N PRO H 48 -15.53 -58.36 85.73
CA PRO H 48 -14.08 -58.27 85.56
C PRO H 48 -13.69 -57.72 84.20
N THR H 49 -12.40 -57.44 84.06
CA THR H 49 -11.78 -57.09 82.79
C THR H 49 -10.36 -57.62 82.84
N VAL H 50 -9.99 -58.47 81.89
CA VAL H 50 -8.88 -59.39 82.13
C VAL H 50 -7.70 -59.17 81.17
N ALA H 51 -7.64 -58.02 80.49
CA ALA H 51 -6.35 -57.51 79.99
C ALA H 51 -5.51 -58.54 79.22
N PRO H 52 -5.78 -58.76 77.93
CA PRO H 52 -5.22 -59.92 77.24
C PRO H 52 -3.70 -60.00 77.39
N THR H 53 -3.21 -61.23 77.52
CA THR H 53 -1.87 -61.48 78.03
C THR H 53 -0.85 -61.85 76.96
N HIS H 54 -1.15 -62.83 76.12
CA HIS H 54 -0.10 -63.51 75.39
C HIS H 54 0.48 -62.67 74.26
N ASP H 55 -0.33 -62.34 73.26
CA ASP H 55 0.23 -61.80 72.03
C ASP H 55 -0.17 -60.35 71.77
N VAL H 56 -0.11 -59.51 72.79
CA VAL H 56 -0.35 -58.08 72.61
C VAL H 56 0.91 -57.24 72.82
N THR H 57 1.99 -57.83 73.30
CA THR H 57 3.20 -57.07 73.56
C THR H 57 4.39 -58.02 73.56
N THR H 58 5.57 -57.45 73.45
CA THR H 58 6.81 -58.20 73.35
C THR H 58 7.63 -58.04 74.63
N ASP H 59 8.72 -58.79 74.69
CA ASP H 59 9.71 -58.68 75.75
C ASP H 59 11.11 -58.80 75.17
N ARG H 60 11.32 -58.22 73.99
CA ARG H 60 12.58 -58.32 73.27
C ARG H 60 13.43 -57.08 73.41
N SER H 61 13.11 -56.19 74.35
CA SER H 61 13.85 -54.97 74.59
C SER H 61 13.87 -54.08 73.34
N GLN H 62 12.70 -53.63 72.96
CA GLN H 62 12.56 -52.61 71.93
C GLN H 62 12.59 -51.22 72.55
N ARG H 63 13.05 -50.26 71.77
CA ARG H 63 12.98 -48.86 72.19
C ARG H 63 11.61 -48.31 71.81
N LEU H 64 10.93 -47.71 72.78
CA LEU H 64 9.55 -47.28 72.54
C LEU H 64 9.49 -46.12 71.56
N THR H 65 10.34 -45.12 71.75
CA THR H 65 10.37 -43.95 70.88
C THR H 65 11.79 -43.74 70.38
N LEU H 66 11.95 -43.71 69.07
CA LEU H 66 13.26 -43.52 68.46
C LEU H 66 13.60 -42.05 68.35
N ARG H 67 14.71 -41.77 67.69
CA ARG H 67 15.15 -40.41 67.40
C ARG H 67 16.17 -40.48 66.28
N PHE H 68 15.85 -39.87 65.14
CA PHE H 68 16.69 -39.94 63.96
C PHE H 68 17.36 -38.60 63.74
N VAL H 69 18.67 -38.62 63.54
CA VAL H 69 19.43 -37.41 63.26
C VAL H 69 19.57 -37.26 61.76
N PRO H 70 19.48 -36.05 61.21
CA PRO H 70 19.51 -35.90 59.75
C PRO H 70 20.82 -36.42 59.18
N VAL H 71 20.71 -37.14 58.05
CA VAL H 71 21.91 -37.61 57.37
C VAL H 71 22.66 -36.46 56.71
N ASP H 72 21.93 -35.58 56.03
CA ASP H 72 22.49 -34.37 55.45
C ASP H 72 21.55 -33.21 55.69
N ARG H 73 22.03 -32.02 55.41
CA ARG H 73 21.27 -30.81 55.69
C ARG H 73 21.81 -29.66 54.85
N GLU H 74 21.01 -28.61 54.73
CA GLU H 74 21.43 -27.38 54.08
C GLU H 74 20.69 -26.23 54.72
N ALA H 75 21.26 -25.03 54.60
CA ALA H 75 20.66 -23.83 55.19
C ALA H 75 20.90 -22.67 54.22
N THR H 76 19.94 -22.44 53.34
CA THR H 76 19.99 -21.27 52.47
C THR H 76 19.39 -20.08 53.18
N THR H 77 19.28 -18.96 52.47
CA THR H 77 18.64 -17.79 53.04
C THR H 77 17.13 -17.94 53.11
N TYR H 78 16.56 -18.83 52.31
CA TYR H 78 15.12 -19.01 52.26
C TYR H 78 14.64 -20.12 53.20
N LEU H 79 15.29 -21.27 53.15
CA LEU H 79 14.75 -22.47 53.77
C LEU H 79 15.88 -23.29 54.37
N TYR H 80 15.49 -24.43 54.93
CA TYR H 80 16.42 -25.33 55.63
C TYR H 80 15.96 -26.75 55.38
N LYS H 81 16.61 -27.43 54.45
CA LYS H 81 16.26 -28.80 54.07
C LYS H 81 17.05 -29.79 54.91
N ALA H 82 16.35 -30.76 55.47
CA ALA H 82 16.98 -31.82 56.24
C ALA H 82 16.48 -33.17 55.75
N ARG H 83 17.40 -34.09 55.49
CA ARG H 83 17.07 -35.38 54.93
C ARG H 83 17.42 -36.48 55.92
N PHE H 84 16.47 -37.38 56.18
CA PHE H 84 16.61 -38.44 57.14
C PHE H 84 16.62 -39.79 56.44
N THR H 85 16.78 -40.84 57.23
CA THR H 85 16.74 -42.23 56.76
C THR H 85 15.88 -43.07 57.69
N LEU H 86 14.66 -42.60 57.93
CA LEU H 86 13.71 -43.31 58.78
C LEU H 86 13.67 -44.79 58.42
N ALA H 87 14.02 -45.63 59.40
CA ALA H 87 14.17 -47.07 59.18
C ALA H 87 13.32 -47.81 60.19
N VAL H 88 12.54 -48.76 59.70
CA VAL H 88 11.69 -49.60 60.55
C VAL H 88 12.33 -50.97 60.64
N GLY H 89 12.35 -51.53 61.84
CA GLY H 89 12.94 -52.84 62.06
C GLY H 89 12.23 -53.94 61.32
N ASP H 90 12.66 -55.19 61.53
CA ASP H 90 12.11 -56.29 60.78
C ASP H 90 10.75 -56.74 61.30
N ASN H 91 10.40 -56.40 62.53
CA ASN H 91 9.10 -56.75 63.06
C ASN H 91 8.36 -55.59 63.71
N ARG H 92 8.89 -54.38 63.62
CA ARG H 92 8.11 -53.21 64.02
C ARG H 92 7.11 -52.87 62.92
N VAL H 93 6.10 -52.10 63.30
CA VAL H 93 5.15 -51.57 62.33
C VAL H 93 4.80 -50.15 62.71
N LEU H 94 5.41 -49.17 62.04
CA LEU H 94 5.30 -47.78 62.44
C LEU H 94 4.06 -47.15 61.85
N ASP H 95 3.26 -46.52 62.70
CA ASP H 95 2.16 -45.69 62.26
C ASP H 95 2.66 -44.26 62.13
N MET H 96 2.68 -43.73 60.92
CA MET H 96 3.33 -42.46 60.67
C MET H 96 2.54 -41.27 61.20
N ALA H 97 1.49 -41.50 61.98
CA ALA H 97 0.86 -40.37 62.65
C ALA H 97 1.67 -39.92 63.86
N SER H 98 2.44 -40.83 64.46
CA SER H 98 3.24 -40.52 65.64
C SER H 98 4.65 -40.12 65.25
N THR H 99 4.78 -39.16 64.35
CA THR H 99 6.06 -38.63 63.95
C THR H 99 5.99 -37.11 63.95
N TYR H 100 7.12 -36.47 64.27
CA TYR H 100 7.17 -35.02 64.22
C TYR H 100 8.63 -34.60 64.16
N PHE H 101 8.84 -33.36 63.72
CA PHE H 101 10.17 -32.80 63.63
C PHE H 101 10.41 -31.91 64.84
N ASP H 102 11.40 -32.25 65.64
CA ASP H 102 11.70 -31.53 66.87
C ASP H 102 12.70 -30.42 66.54
N ILE H 103 12.19 -29.28 66.11
CA ILE H 103 13.02 -28.15 65.68
C ILE H 103 13.34 -27.30 66.90
N ARG H 104 14.55 -26.75 66.92
CA ARG H 104 14.93 -25.82 67.98
C ARG H 104 16.02 -24.89 67.48
N GLY H 105 15.86 -23.61 67.78
CA GLY H 105 16.82 -22.63 67.34
C GLY H 105 16.74 -21.37 68.18
N VAL H 106 16.88 -20.23 67.51
CA VAL H 106 16.83 -18.92 68.15
C VAL H 106 15.93 -18.02 67.34
N LEU H 107 15.03 -17.33 68.02
CA LEU H 107 14.08 -16.43 67.39
C LEU H 107 14.29 -15.02 67.92
N ASP H 108 14.07 -14.03 67.05
CA ASP H 108 14.09 -12.63 67.46
C ASP H 108 12.92 -11.93 66.80
N ARG H 109 12.07 -11.31 67.60
CA ARG H 109 10.90 -10.62 67.07
C ARG H 109 11.14 -9.14 66.85
N GLY H 110 12.34 -8.64 67.13
CA GLY H 110 12.73 -7.32 66.72
C GLY H 110 12.12 -6.21 67.54
N PRO H 111 12.37 -4.96 67.13
CA PRO H 111 11.88 -3.82 67.90
C PRO H 111 10.37 -3.71 67.97
N SER H 112 9.66 -4.16 66.94
CA SER H 112 8.21 -3.96 66.85
C SER H 112 7.44 -4.80 67.81
N PHE H 113 8.09 -5.45 68.77
CA PHE H 113 7.40 -6.37 69.67
C PHE H 113 6.96 -5.65 70.93
N LYS H 114 5.70 -5.82 71.29
CA LYS H 114 5.15 -5.28 72.53
C LYS H 114 3.96 -6.12 72.91
N PRO H 115 4.11 -7.06 73.83
CA PRO H 115 3.03 -8.00 74.13
C PRO H 115 2.05 -7.49 75.16
N TYR H 116 2.04 -6.19 75.42
CA TYR H 116 1.18 -5.66 76.47
C TYR H 116 0.70 -4.27 76.12
N SER H 117 -0.59 -4.05 76.20
CA SER H 117 -1.13 -2.72 75.99
C SER H 117 -0.80 -1.82 77.17
N GLY H 118 -0.56 -0.55 76.89
CA GLY H 118 -0.15 0.37 77.93
C GLY H 118 1.32 0.28 78.21
N THR H 119 1.75 1.06 79.19
CA THR H 119 3.16 1.15 79.55
C THR H 119 3.47 0.30 80.77
N ALA H 120 4.69 0.44 81.24
CA ALA H 120 5.07 -0.30 82.39
C ALA H 120 5.78 0.61 83.29
N TYR H 121 6.32 1.70 82.81
CA TYR H 121 7.06 2.52 83.72
C TYR H 121 6.31 3.76 84.09
N ASN H 122 6.26 4.08 85.34
CA ASN H 122 5.62 5.28 85.77
C ASN H 122 4.30 5.35 85.19
N SER H 123 3.54 4.28 85.21
CA SER H 123 2.18 4.26 84.67
C SER H 123 1.11 5.05 85.27
N LEU H 124 1.08 5.17 86.56
CA LEU H 124 -0.03 5.83 87.16
C LEU H 124 0.07 7.27 86.90
N ALA H 125 1.25 7.74 86.60
CA ALA H 125 1.43 9.17 86.39
C ALA H 125 0.49 9.65 85.29
N PRO H 126 -0.15 10.82 85.46
CA PRO H 126 -0.99 11.35 84.39
C PRO H 126 -0.14 11.74 83.19
N LYS H 127 -0.48 11.20 82.02
CA LYS H 127 0.29 11.50 80.83
C LYS H 127 0.28 12.99 80.57
N GLY H 128 1.45 13.55 80.29
CA GLY H 128 1.64 14.97 80.20
C GLY H 128 2.24 15.60 81.44
N ALA H 129 2.21 14.90 82.56
CA ALA H 129 2.87 15.41 83.76
C ALA H 129 4.38 15.27 83.60
N PRO H 130 5.13 16.37 83.63
CA PRO H 130 6.57 16.28 83.36
C PRO H 130 7.38 15.98 84.61
N ASN H 131 8.42 15.19 84.43
CA ASN H 131 9.37 14.96 85.50
C ASN H 131 10.25 16.19 85.68
N PRO H 132 10.81 16.38 86.88
CA PRO H 132 11.61 17.59 87.13
C PRO H 132 12.79 17.68 86.17
N SER H 133 13.09 18.93 85.89
CA SER H 133 14.14 19.20 84.96
C SER H 133 14.64 20.59 85.06
N GLN H 134 15.40 21.01 84.10
CA GLN H 134 15.95 22.30 84.14
C GLN H 134 16.04 22.78 82.74
N TRP H 135 15.87 24.05 82.47
CA TRP H 135 16.07 24.50 81.14
C TRP H 135 16.68 25.82 81.12
N GLU H 136 17.61 26.04 80.24
CA GLU H 136 18.23 27.33 80.11
C GLU H 136 17.33 28.36 79.49
N THR H 137 17.50 29.64 79.82
CA THR H 137 16.58 30.67 79.35
C THR H 137 16.97 32.14 79.18
N LYS H 138 16.55 32.81 78.12
CA LYS H 138 16.80 34.25 77.98
C LYS H 138 15.86 35.03 78.90
N GLU H 139 16.05 34.82 80.21
CA GLU H 139 15.16 35.42 81.19
C GLU H 139 15.28 36.93 81.20
N LYS H 140 14.15 37.61 81.28
CA LYS H 140 14.09 39.06 81.36
C LYS H 140 13.91 39.46 82.82
N GLN H 141 14.98 39.94 83.43
CA GLN H 141 14.95 40.45 84.80
C GLN H 141 15.05 41.97 84.78
N GLY H 142 14.12 42.64 85.44
CA GLY H 142 14.12 44.08 85.43
C GLY H 142 13.92 44.63 84.03
N THR H 143 14.51 45.79 83.79
CA THR H 143 14.49 46.42 82.47
C THR H 143 15.88 46.60 81.89
N THR H 144 16.81 47.17 82.66
CA THR H 144 18.17 47.34 82.17
C THR H 144 18.89 46.01 82.04
N GLY H 145 18.51 45.03 82.86
CA GLY H 145 19.13 43.71 82.77
C GLY H 145 18.88 43.04 81.43
N GLY H 146 17.72 43.27 80.83
CA GLY H 146 17.42 42.67 79.55
C GLY H 146 17.33 41.16 79.65
N VAL H 147 17.77 40.49 78.60
CA VAL H 147 17.78 39.02 78.59
C VAL H 147 19.03 38.52 79.30
N GLN H 148 18.93 38.33 80.61
CA GLN H 148 20.05 37.82 81.39
C GLN H 148 20.16 36.33 81.12
N GLN H 149 20.93 35.98 80.09
CA GLN H 149 20.99 34.60 79.59
C GLN H 149 21.70 33.73 80.61
N GLU H 150 20.93 32.97 81.38
CA GLU H 150 21.47 32.05 82.36
C GLU H 150 20.48 30.92 82.57
N LYS H 151 20.74 29.92 83.41
CA LYS H 151 19.83 28.77 83.56
C LYS H 151 18.86 29.20 84.51
N ASP H 152 18.24 30.29 84.21
CA ASP H 152 17.39 30.83 85.19
C ASP H 152 16.03 30.22 85.77
N VAL H 153 14.96 29.94 84.99
CA VAL H 153 13.65 29.44 85.50
C VAL H 153 13.92 28.06 85.36
N THR H 154 15.14 27.77 85.53
CA THR H 154 15.43 26.49 85.25
C THR H 154 14.72 25.48 86.02
N LYS H 155 14.60 25.61 87.32
CA LYS H 155 14.05 24.48 88.01
C LYS H 155 12.65 24.51 87.92
N THR H 156 12.23 24.10 86.79
CA THR H 156 10.88 24.25 86.51
C THR H 156 9.92 23.53 87.30
N PHE H 157 10.16 22.29 87.48
CA PHE H 157 9.18 21.64 88.21
C PHE H 157 10.26 21.08 89.00
N GLY H 158 10.02 20.90 90.27
CA GLY H 158 11.14 20.50 91.05
C GLY H 158 10.62 19.85 92.24
N VAL H 159 9.59 19.18 92.02
CA VAL H 159 8.88 18.50 93.11
C VAL H 159 9.87 17.92 94.10
N ALA H 160 9.75 18.34 95.37
CA ALA H 160 10.74 18.02 96.40
C ALA H 160 9.99 17.74 97.70
N ALA H 161 9.70 16.47 97.93
CA ALA H 161 9.10 16.03 99.19
C ALA H 161 10.20 15.43 100.05
N THR H 162 10.41 15.99 101.24
CA THR H 162 11.58 15.64 102.01
C THR H 162 11.48 16.18 103.42
N GLY H 163 11.83 15.34 104.39
CA GLY H 163 12.08 15.83 105.74
C GLY H 163 13.56 16.11 105.92
N GLY H 164 13.86 17.22 106.58
CA GLY H 164 15.23 17.60 106.81
C GLY H 164 15.41 18.53 107.99
N ILE H 165 16.34 18.19 108.88
CA ILE H 165 16.58 19.04 110.04
C ILE H 165 17.25 20.34 109.62
N ASN H 166 18.24 20.27 108.73
CA ASN H 166 18.96 21.46 108.31
C ASN H 166 19.58 21.19 106.94
N ILE H 167 19.83 22.28 106.22
CA ILE H 167 20.44 22.23 104.90
C ILE H 167 21.78 22.93 104.96
N THR H 168 22.82 22.26 104.48
CA THR H 168 24.17 22.79 104.47
C THR H 168 24.82 22.53 103.12
N ASN H 169 26.03 23.06 102.96
CA ASN H 169 26.73 22.94 101.69
C ASN H 169 27.03 21.50 101.33
N GLN H 170 27.21 20.63 102.33
CA GLN H 170 27.59 19.25 102.10
C GLN H 170 26.37 18.33 101.96
N GLY H 171 25.18 18.88 101.93
CA GLY H 171 24.00 18.09 101.66
C GLY H 171 22.84 18.53 102.51
N LEU H 172 21.81 17.69 102.55
CA LEU H 172 20.60 17.91 103.33
C LEU H 172 20.65 16.99 104.54
N LEU H 173 20.80 17.57 105.73
CA LEU H 173 20.87 16.78 106.94
C LEU H 173 19.51 16.19 107.29
N LEU H 174 19.49 14.90 107.59
CA LEU H 174 18.28 14.21 108.03
C LEU H 174 18.61 13.36 109.25
N GLY H 175 18.42 13.92 110.43
CA GLY H 175 18.62 13.18 111.66
C GLY H 175 20.04 13.24 112.20
N THR H 176 20.17 13.31 113.52
CA THR H 176 21.46 13.32 114.18
C THR H 176 21.74 11.94 114.75
N ASP H 177 22.84 11.81 115.49
CA ASP H 177 23.27 10.52 116.01
C ASP H 177 23.80 10.72 117.43
N GLU H 178 24.52 9.73 117.94
CA GLU H 178 25.03 9.74 119.30
C GLU H 178 26.53 9.48 119.38
N THR H 179 27.07 8.64 118.51
CA THR H 179 28.46 8.18 118.60
C THR H 179 29.44 9.35 118.65
N ALA H 180 29.49 10.16 117.60
CA ALA H 180 30.32 11.36 117.58
C ALA H 180 29.51 12.58 117.19
N GLU H 181 28.18 12.50 117.29
CA GLU H 181 27.28 13.58 116.88
C GLU H 181 27.51 13.99 115.42
N ASN H 182 27.85 13.01 114.58
CA ASN H 182 28.04 13.27 113.16
C ASN H 182 26.68 13.24 112.48
N GLY H 183 26.18 14.41 112.09
CA GLY H 183 24.92 14.48 111.39
C GLY H 183 25.00 13.80 110.05
N LYS H 184 24.33 12.65 109.92
CA LYS H 184 24.37 11.88 108.68
C LYS H 184 23.69 12.66 107.57
N LYS H 185 24.47 13.23 106.66
CA LYS H 185 23.91 14.16 105.70
C LYS H 185 23.16 13.43 104.59
N ASP H 186 23.88 12.72 103.72
CA ASP H 186 23.27 12.03 102.60
C ASP H 186 24.28 11.21 101.81
N ILE H 187 23.88 10.04 101.33
CA ILE H 187 24.63 9.32 100.30
C ILE H 187 24.00 9.76 98.98
N TYR H 188 24.46 10.90 98.47
CA TYR H 188 23.83 11.46 97.28
C TYR H 188 23.99 10.58 96.05
N ALA H 189 24.71 9.46 96.15
CA ALA H 189 24.71 8.49 95.07
C ALA H 189 23.36 7.76 94.99
N ASP H 190 22.85 7.30 96.13
CA ASP H 190 21.58 6.58 96.20
C ASP H 190 20.62 7.18 97.22
N LYS H 191 21.14 7.69 98.33
CA LYS H 191 20.35 8.25 99.43
C LYS H 191 20.20 9.74 99.24
N THR H 192 20.01 10.12 97.98
CA THR H 192 19.94 11.50 97.53
C THR H 192 18.58 12.06 97.89
N PHE H 193 17.96 11.43 98.88
CA PHE H 193 16.53 11.52 99.13
C PHE H 193 15.76 11.00 97.92
N GLN H 194 15.83 9.67 97.80
CA GLN H 194 15.23 8.80 96.82
C GLN H 194 13.81 9.27 96.49
N PRO H 195 13.34 9.04 95.28
CA PRO H 195 11.99 9.49 94.91
C PRO H 195 10.89 9.22 95.93
N GLU H 196 10.99 8.21 96.80
CA GLU H 196 9.84 8.01 97.68
C GLU H 196 10.09 7.36 99.05
N PRO H 197 11.03 7.85 99.88
CA PRO H 197 10.94 7.53 101.30
C PRO H 197 10.39 8.68 102.13
N GLN H 198 10.02 9.78 101.46
CA GLN H 198 9.83 11.06 102.11
C GLN H 198 8.85 10.98 103.29
N VAL H 199 9.03 11.92 104.22
CA VAL H 199 8.24 11.96 105.45
C VAL H 199 6.83 12.48 105.23
N GLY H 200 6.44 12.74 104.00
CA GLY H 200 5.12 13.28 103.72
C GLY H 200 3.96 12.33 103.99
N GLU H 201 4.22 11.19 104.64
CA GLU H 201 3.15 10.21 104.87
C GLU H 201 2.04 10.80 105.73
N GLU H 202 2.36 11.68 106.67
CA GLU H 202 1.34 12.40 107.43
C GLU H 202 0.74 13.46 106.52
N ASN H 203 -0.44 13.14 105.99
CA ASN H 203 -1.04 13.87 104.89
C ASN H 203 -0.98 15.38 105.05
N TRP H 204 -1.32 15.90 106.22
CA TRP H 204 -1.30 17.33 106.44
C TRP H 204 -0.25 17.80 107.42
N GLN H 205 0.26 16.90 108.27
CA GLN H 205 1.25 17.31 109.27
C GLN H 205 2.65 17.41 108.70
N GLU H 206 2.79 17.48 107.39
CA GLU H 206 4.10 17.69 106.77
C GLU H 206 4.49 19.15 107.00
N ASN H 207 5.22 19.39 108.08
CA ASN H 207 5.69 20.74 108.41
C ASN H 207 7.18 20.75 108.66
N GLU H 208 7.94 20.01 107.86
CA GLU H 208 9.38 19.98 108.02
C GLU H 208 9.98 21.35 107.72
N ALA H 209 11.03 21.69 108.45
CA ALA H 209 11.67 23.00 108.26
C ALA H 209 12.28 23.13 106.88
N PHE H 210 12.93 22.09 106.39
CA PHE H 210 13.65 22.14 105.13
C PHE H 210 13.28 20.95 104.27
N TYR H 211 13.36 21.14 102.95
CA TYR H 211 12.97 20.12 101.99
C TYR H 211 14.08 19.93 100.96
N GLY H 212 13.99 18.82 100.24
CA GLY H 212 14.98 18.47 99.26
C GLY H 212 14.39 17.54 98.22
N GLY H 213 15.17 17.31 97.16
CA GLY H 213 14.67 16.48 96.08
C GLY H 213 15.68 16.38 94.96
N ARG H 214 15.27 15.70 93.90
CA ARG H 214 16.14 15.40 92.78
C ARG H 214 15.49 15.86 91.48
N ALA H 215 16.34 16.21 90.52
CA ALA H 215 15.89 16.69 89.22
C ALA H 215 17.00 16.47 88.20
N LEU H 216 16.66 16.67 86.93
CA LEU H 216 17.58 16.41 85.84
C LEU H 216 18.12 17.71 85.26
N LYS H 217 19.38 17.68 84.84
CA LYS H 217 20.01 18.85 84.27
C LYS H 217 19.43 19.14 82.88
N LYS H 218 19.88 20.26 82.30
CA LYS H 218 19.40 20.67 80.99
C LYS H 218 19.99 19.82 79.86
N ASP H 219 21.00 19.00 80.16
CA ASP H 219 21.66 18.22 79.12
C ASP H 219 20.87 16.98 78.72
N THR H 220 19.81 16.65 79.46
CA THR H 220 19.01 15.47 79.16
C THR H 220 17.72 15.90 78.50
N LYS H 221 17.42 15.33 77.33
CA LYS H 221 16.19 15.65 76.62
C LYS H 221 14.99 15.22 77.45
N MET H 222 14.25 16.18 77.97
CA MET H 222 13.20 15.86 78.94
C MET H 222 11.95 15.35 78.24
N LYS H 223 11.35 14.33 78.82
CA LYS H 223 10.17 13.65 78.33
C LYS H 223 9.14 13.60 79.43
N PRO H 224 7.86 13.40 79.10
CA PRO H 224 6.85 13.28 80.15
C PRO H 224 7.14 12.09 81.06
N CYS H 225 6.73 12.22 82.32
CA CYS H 225 7.01 11.16 83.29
C CYS H 225 6.39 9.84 82.89
N TYR H 226 5.23 9.88 82.22
CA TYR H 226 4.55 8.68 81.77
C TYR H 226 5.45 7.85 80.87
N GLY H 227 5.81 6.65 81.31
CA GLY H 227 6.62 5.76 80.50
C GLY H 227 8.02 6.24 80.25
N SER H 228 8.68 6.78 81.27
CA SER H 228 10.07 7.23 81.17
C SER H 228 10.93 6.37 82.08
N PHE H 229 11.99 5.78 81.53
CA PHE H 229 12.82 4.82 82.21
C PHE H 229 14.27 5.30 82.23
N ALA H 230 14.98 4.97 83.30
CA ALA H 230 16.38 5.36 83.43
C ALA H 230 17.12 4.22 84.11
N ARG H 231 18.02 3.59 83.37
CA ARG H 231 18.69 2.40 83.87
C ARG H 231 19.48 2.72 85.13
N PRO H 232 19.41 1.89 86.16
CA PRO H 232 20.14 2.17 87.39
C PRO H 232 21.64 2.07 87.19
N THR H 233 22.38 2.78 88.04
CA THR H 233 23.83 2.78 88.01
C THR H 233 24.45 2.09 89.21
N ASN H 234 24.00 2.43 90.41
CA ASN H 234 24.53 1.83 91.63
C ASN H 234 23.72 0.61 92.02
N GLU H 235 24.41 -0.44 92.47
CA GLU H 235 23.73 -1.59 93.05
C GLU H 235 22.91 -1.20 94.27
N LYS H 236 23.25 -0.07 94.91
CA LYS H 236 22.52 0.41 96.07
C LYS H 236 21.11 0.86 95.72
N GLY H 237 20.78 0.96 94.44
CA GLY H 237 19.46 1.37 94.00
C GLY H 237 19.39 2.79 93.51
N GLY H 238 20.48 3.54 93.56
CA GLY H 238 20.45 4.92 93.10
C GLY H 238 20.12 4.99 91.62
N GLN H 239 19.39 6.03 91.25
CA GLN H 239 19.03 6.24 89.86
C GLN H 239 20.29 6.49 89.04
N ALA H 240 20.12 6.51 87.72
CA ALA H 240 21.25 6.72 86.83
C ALA H 240 21.97 8.01 87.18
N LYS H 241 23.27 7.91 87.38
CA LYS H 241 24.13 9.06 87.56
C LYS H 241 25.22 8.93 86.50
N PHE H 242 25.02 9.60 85.38
CA PHE H 242 26.01 9.56 84.31
C PHE H 242 27.35 10.07 84.82
N LYS H 243 28.41 9.34 84.48
CA LYS H 243 29.74 9.87 84.69
C LYS H 243 29.89 11.14 83.84
N PRO H 244 30.71 12.08 84.29
CA PRO H 244 30.79 13.37 83.58
C PRO H 244 31.33 13.23 82.17
N VAL H 245 31.42 14.36 81.47
CA VAL H 245 31.77 14.38 80.05
C VAL H 245 33.27 14.16 79.87
N ASN H 246 33.97 13.89 80.97
CA ASN H 246 35.40 13.65 80.95
C ASN H 246 35.80 12.71 79.82
N GLU H 247 36.77 13.14 79.02
CA GLU H 247 37.19 12.42 77.83
C GLU H 247 38.70 12.19 77.89
N GLY H 248 39.15 11.16 77.16
CA GLY H 248 40.54 10.79 77.18
C GLY H 248 41.00 10.22 78.50
N GLU H 249 40.08 9.85 79.37
CA GLU H 249 40.40 9.37 80.71
C GLU H 249 39.29 8.44 81.17
N GLN H 250 39.60 7.61 82.14
CA GLN H 250 38.59 6.73 82.71
C GLN H 250 37.57 7.56 83.49
N PRO H 251 36.29 7.46 83.20
CA PRO H 251 35.30 8.26 83.93
C PRO H 251 35.11 7.75 85.35
N LYS H 252 35.59 8.51 86.34
CA LYS H 252 35.47 8.15 87.75
C LYS H 252 34.88 9.35 88.50
N ASP H 253 33.56 9.49 88.43
CA ASP H 253 32.85 10.61 89.05
C ASP H 253 31.36 10.44 88.80
N LEU H 254 30.55 11.30 89.39
CA LEU H 254 29.11 11.34 89.11
C LEU H 254 28.71 12.77 88.76
N ASP H 255 27.77 12.90 87.84
CA ASP H 255 27.30 14.21 87.40
C ASP H 255 26.16 14.67 88.29
N ILE H 256 26.51 14.98 89.54
CA ILE H 256 25.54 15.42 90.54
C ILE H 256 26.07 16.67 91.22
N ASP H 257 25.18 17.60 91.53
CA ASP H 257 25.51 18.79 92.29
C ASP H 257 24.26 19.29 92.99
N PHE H 258 24.42 20.34 93.78
CA PHE H 258 23.33 20.87 94.59
C PHE H 258 22.87 22.22 94.04
N ALA H 259 21.57 22.46 94.13
CA ALA H 259 20.98 23.75 93.82
C ALA H 259 20.10 24.17 94.98
N TYR H 260 20.26 25.41 95.43
CA TYR H 260 19.58 25.91 96.62
C TYR H 260 18.57 26.98 96.23
N PHE H 261 17.37 26.89 96.80
CA PHE H 261 16.29 27.80 96.47
C PHE H 261 15.69 28.35 97.75
N ASP H 262 15.05 29.52 97.64
CA ASP H 262 14.48 30.18 98.80
C ASP H 262 13.19 30.90 98.42
N VAL H 263 12.34 31.10 99.42
CA VAL H 263 11.09 31.83 99.28
C VAL H 263 11.36 33.30 99.59
N PRO H 264 11.05 34.21 98.67
CA PRO H 264 11.42 35.62 98.90
C PRO H 264 10.57 36.26 99.97
N GLY H 265 11.05 37.40 100.45
CA GLY H 265 10.25 38.22 101.35
C GLY H 265 10.05 37.64 102.73
N GLY H 266 11.11 37.55 103.51
CA GLY H 266 11.00 37.11 104.89
C GLY H 266 11.40 38.18 105.88
N SER H 267 12.53 37.98 106.55
CA SER H 267 13.02 38.92 107.54
C SER H 267 14.53 39.10 107.37
N PRO H 268 15.06 40.24 107.76
CA PRO H 268 16.52 40.45 107.68
C PRO H 268 17.26 39.43 108.52
N PRO H 269 18.42 38.97 108.06
CA PRO H 269 19.16 37.93 108.79
C PRO H 269 19.71 38.43 110.12
N ALA H 270 20.36 39.58 110.11
CA ALA H 270 21.00 40.15 111.28
C ALA H 270 20.32 41.46 111.65
N GLY H 271 20.90 42.16 112.63
CA GLY H 271 20.38 43.47 112.99
C GLY H 271 20.43 44.46 111.85
N GLY H 272 21.55 44.50 111.14
CA GLY H 272 21.64 45.26 109.91
C GLY H 272 22.08 44.40 108.75
N SER H 273 21.18 44.18 107.80
CA SER H 273 21.46 43.32 106.64
C SER H 273 20.33 43.53 105.63
N GLY H 274 20.33 42.73 104.57
CA GLY H 274 19.30 42.81 103.56
C GLY H 274 18.03 42.08 103.94
N GLU H 275 17.42 41.40 102.97
CA GLU H 275 16.17 40.68 103.19
C GLU H 275 16.47 39.23 103.56
N GLU H 276 15.43 38.38 103.52
CA GLU H 276 15.59 37.00 103.93
C GLU H 276 16.61 36.30 103.04
N TYR H 277 17.27 35.29 103.61
CA TYR H 277 18.44 34.73 102.95
C TYR H 277 18.43 33.20 102.90
N LYS H 278 17.75 32.55 103.85
CA LYS H 278 18.02 31.13 104.07
C LYS H 278 16.78 30.27 104.24
N ALA H 279 15.58 30.77 103.93
CA ALA H 279 14.38 29.93 104.02
C ALA H 279 14.43 28.95 102.84
N ASP H 280 15.29 27.95 102.98
CA ASP H 280 15.84 27.24 101.83
C ASP H 280 15.25 25.84 101.68
N ILE H 281 15.31 25.35 100.43
CA ILE H 281 15.20 23.95 100.09
C ILE H 281 16.28 23.65 99.06
N ILE H 282 16.58 22.36 98.89
CA ILE H 282 17.71 21.94 98.07
C ILE H 282 17.20 21.01 96.97
N LEU H 283 17.95 20.95 95.87
CA LEU H 283 17.68 20.04 94.76
C LEU H 283 18.98 19.41 94.32
N TYR H 284 18.94 18.10 94.04
CA TYR H 284 20.11 17.38 93.54
C TYR H 284 19.95 17.17 92.05
N THR H 285 20.43 18.12 91.25
CA THR H 285 20.39 18.00 89.80
C THR H 285 21.36 16.92 89.35
N GLU H 286 21.07 16.29 88.22
CA GLU H 286 21.89 15.20 87.73
C GLU H 286 21.58 14.97 86.25
N ASN H 287 22.11 13.87 85.73
CA ASN H 287 21.84 13.44 84.36
C ASN H 287 21.65 11.93 84.35
N VAL H 288 20.62 11.47 83.64
CA VAL H 288 20.30 10.06 83.54
C VAL H 288 20.24 9.69 82.07
N ASN H 289 20.14 8.39 81.81
CA ASN H 289 19.98 7.92 80.44
C ASN H 289 18.66 8.38 79.85
N LEU H 290 17.57 8.13 80.57
CA LEU H 290 16.24 8.61 80.21
C LEU H 290 15.82 8.17 78.81
N GLU H 291 15.71 6.86 78.64
CA GLU H 291 15.07 6.31 77.46
C GLU H 291 13.61 6.06 77.76
N THR H 292 12.79 6.06 76.72
CA THR H 292 11.34 5.95 76.85
C THR H 292 10.84 4.81 75.99
N PRO H 293 11.07 3.57 76.41
CA PRO H 293 10.56 2.44 75.65
C PRO H 293 9.04 2.39 75.71
N ASP H 294 8.45 1.80 74.68
CA ASP H 294 7.01 1.60 74.56
C ASP H 294 6.23 2.85 74.93
N THR H 295 6.65 3.99 74.39
CA THR H 295 5.93 5.24 74.60
C THR H 295 6.39 6.25 73.57
N HIS H 296 5.44 6.77 72.79
CA HIS H 296 5.71 7.79 71.79
C HIS H 296 4.96 9.06 72.14
N VAL H 297 5.58 10.19 71.90
CA VAL H 297 4.94 11.48 72.17
C VAL H 297 3.90 11.76 71.11
N VAL H 298 2.68 12.06 71.54
CA VAL H 298 1.59 12.30 70.60
C VAL H 298 1.28 13.79 70.44
N TYR H 299 1.78 14.64 71.33
CA TYR H 299 1.62 16.08 71.21
C TYR H 299 2.93 16.75 71.57
N LYS H 300 3.49 17.51 70.63
CA LYS H 300 4.71 18.28 70.89
C LYS H 300 4.46 19.70 70.43
N PRO H 301 4.53 20.69 71.31
CA PRO H 301 4.19 22.06 70.93
C PRO H 301 5.14 22.66 69.93
N GLY H 302 6.44 22.65 70.23
CA GLY H 302 7.44 23.25 69.39
C GLY H 302 7.94 22.31 68.33
N THR H 303 9.09 22.65 67.76
CA THR H 303 9.74 21.85 66.73
C THR H 303 10.93 21.07 67.26
N SER H 304 11.88 21.77 67.89
CA SER H 304 13.06 21.14 68.46
C SER H 304 12.86 20.98 69.96
N ASP H 305 13.07 19.77 70.45
CA ASP H 305 12.78 19.43 71.85
C ASP H 305 14.05 19.49 72.70
N ASN H 306 14.63 20.68 72.80
CA ASN H 306 15.79 20.87 73.67
C ASN H 306 15.36 21.34 75.06
N SER H 307 14.38 20.63 75.62
CA SER H 307 13.92 20.84 77.00
C SER H 307 13.49 22.29 77.24
N SER H 308 12.98 22.97 76.22
CA SER H 308 12.61 24.38 76.36
C SER H 308 11.43 24.53 77.31
N GLU H 309 11.06 25.79 77.57
CA GLU H 309 9.95 26.06 78.48
C GLU H 309 8.66 25.46 77.96
N ILE H 310 8.30 25.76 76.71
CA ILE H 310 7.09 25.21 76.11
C ILE H 310 7.19 23.70 76.00
N ASN H 311 8.40 23.15 75.99
CA ASN H 311 8.59 21.72 75.86
C ASN H 311 8.17 20.96 77.10
N LEU H 312 7.85 21.64 78.19
CA LEU H 312 7.34 20.99 79.40
C LEU H 312 5.84 20.77 79.29
N VAL H 313 5.41 20.26 78.15
CA VAL H 313 3.99 20.05 77.87
C VAL H 313 3.69 18.68 77.28
N GLN H 314 4.68 17.99 76.73
CA GLN H 314 4.44 16.86 75.84
C GLN H 314 3.58 15.80 76.52
N GLN H 315 2.64 15.26 75.75
CA GLN H 315 1.81 14.15 76.16
C GLN H 315 2.17 12.94 75.32
N SER H 316 2.06 11.75 75.91
CA SER H 316 2.64 10.57 75.27
C SER H 316 1.74 9.36 75.56
N MET H 317 0.93 8.99 74.57
CA MET H 317 0.22 7.73 74.64
C MET H 317 1.19 6.56 74.48
N PRO H 318 0.88 5.41 75.04
CA PRO H 318 1.75 4.24 74.86
C PRO H 318 1.65 3.69 73.46
N ASN H 319 2.63 2.86 73.11
CA ASN H 319 2.65 2.24 71.80
C ASN H 319 1.52 1.22 71.67
N ARG H 320 1.18 0.89 70.43
CA ARG H 320 0.12 -0.07 70.17
C ARG H 320 0.59 -1.48 70.51
N PRO H 321 -0.20 -2.26 71.22
CA PRO H 321 0.19 -3.65 71.50
C PRO H 321 0.31 -4.44 70.21
N ASN H 322 1.30 -5.34 70.17
CA ASN H 322 1.57 -6.11 68.96
C ASN H 322 2.21 -7.43 69.37
N TYR H 323 1.41 -8.49 69.41
CA TYR H 323 1.87 -9.81 69.80
C TYR H 323 2.43 -10.53 68.58
N ILE H 324 3.65 -11.06 68.70
CA ILE H 324 4.27 -11.81 67.62
C ILE H 324 4.50 -13.23 68.11
N GLY H 325 3.82 -14.19 67.49
CA GLY H 325 3.99 -15.58 67.83
C GLY H 325 3.97 -16.45 66.60
N PHE H 326 4.23 -17.73 66.80
CA PHE H 326 4.18 -18.66 65.70
C PHE H 326 2.75 -18.82 65.20
N ARG H 327 2.63 -19.20 63.93
CA ARG H 327 1.32 -19.38 63.33
C ARG H 327 0.62 -20.58 63.98
N ASP H 328 -0.68 -20.68 63.74
CA ASP H 328 -1.44 -21.82 64.26
C ASP H 328 -0.92 -23.11 63.66
N ASN H 329 -0.84 -24.15 64.49
CA ASN H 329 -0.37 -25.47 64.07
C ASN H 329 0.96 -25.39 63.34
N PHE H 330 1.72 -24.33 63.55
CA PHE H 330 2.92 -24.04 62.77
C PHE H 330 2.62 -24.08 61.28
N VAL H 331 1.52 -23.43 60.90
CA VAL H 331 1.17 -23.32 59.49
C VAL H 331 2.23 -22.49 58.78
N GLY H 332 2.73 -23.00 57.66
CA GLY H 332 3.72 -22.31 56.88
C GLY H 332 5.16 -22.65 57.20
N LEU H 333 5.41 -23.44 58.23
CA LEU H 333 6.78 -23.80 58.57
C LEU H 333 7.34 -24.90 57.68
N MET H 334 6.50 -25.60 56.93
CA MET H 334 6.94 -26.66 56.04
C MET H 334 6.35 -26.41 54.66
N TYR H 335 7.19 -26.48 53.63
CA TYR H 335 6.70 -26.28 52.28
C TYR H 335 5.73 -27.38 51.89
N TYR H 336 4.46 -27.07 51.85
CA TYR H 336 3.43 -28.00 51.43
C TYR H 336 2.89 -27.58 50.07
N ASN H 337 2.51 -28.58 49.28
CA ASN H 337 1.95 -28.41 47.94
C ASN H 337 2.68 -27.34 47.14
N SER H 338 4.00 -27.28 47.30
CA SER H 338 4.87 -26.46 46.47
C SER H 338 5.78 -27.41 45.69
N THR H 339 5.57 -27.50 44.39
CA THR H 339 6.36 -28.40 43.57
C THR H 339 7.82 -27.99 43.48
N GLY H 340 8.13 -26.73 43.77
CA GLY H 340 9.52 -26.29 43.69
C GLY H 340 10.43 -27.09 44.61
N ASN H 341 10.00 -27.26 45.86
CA ASN H 341 10.78 -28.02 46.85
C ASN H 341 9.78 -28.79 47.71
N MET H 342 9.51 -30.03 47.32
CA MET H 342 8.58 -30.89 48.03
C MET H 342 9.37 -31.96 48.78
N GLY H 343 8.87 -32.34 49.95
CA GLY H 343 9.48 -33.43 50.68
C GLY H 343 9.27 -34.76 49.98
N VAL H 344 10.08 -35.74 50.34
CA VAL H 344 10.01 -37.06 49.73
C VAL H 344 9.87 -38.11 50.81
N LEU H 345 9.27 -39.24 50.43
CA LEU H 345 9.18 -40.41 51.29
C LEU H 345 9.32 -41.61 50.34
N ALA H 346 10.56 -42.07 50.17
CA ALA H 346 10.87 -43.09 49.18
C ALA H 346 11.67 -44.20 49.83
N GLY H 347 11.45 -45.42 49.35
CA GLY H 347 12.27 -46.52 49.80
C GLY H 347 13.74 -46.27 49.51
N GLN H 348 14.60 -46.67 50.43
CA GLN H 348 16.03 -46.45 50.24
C GLN H 348 16.54 -47.19 49.03
N ALA H 349 15.95 -48.36 48.72
CA ALA H 349 16.41 -49.15 47.59
C ALA H 349 16.22 -48.41 46.28
N SER H 350 15.09 -47.73 46.13
CA SER H 350 14.73 -47.04 44.90
C SER H 350 14.30 -45.63 45.22
N GLN H 351 15.14 -44.65 44.90
CA GLN H 351 14.84 -43.25 45.16
C GLN H 351 13.74 -42.83 44.18
N LEU H 352 12.50 -43.15 44.55
CA LEU H 352 11.33 -42.99 43.71
C LEU H 352 10.20 -42.34 44.49
N ASN H 353 10.51 -41.18 45.09
CA ASN H 353 9.64 -40.45 46.01
C ASN H 353 8.15 -40.61 45.70
N ALA H 354 7.39 -41.02 46.71
CA ALA H 354 5.98 -41.35 46.57
C ALA H 354 5.07 -40.25 47.11
N VAL H 355 5.53 -39.01 47.12
CA VAL H 355 4.72 -37.89 47.57
C VAL H 355 4.57 -36.97 46.38
N VAL H 356 3.50 -37.14 45.62
CA VAL H 356 3.23 -36.32 44.45
C VAL H 356 2.39 -35.14 44.90
N ASP H 357 3.03 -34.01 45.13
CA ASP H 357 2.37 -32.80 45.60
C ASP H 357 2.06 -31.90 44.43
N LEU H 358 0.84 -31.40 44.38
CA LEU H 358 0.39 -30.53 43.30
C LEU H 358 0.41 -29.08 43.75
N GLN H 359 0.25 -28.19 42.78
CA GLN H 359 0.08 -26.78 43.07
C GLN H 359 -1.37 -26.43 43.42
N ASP H 360 -2.28 -27.39 43.34
CA ASP H 360 -3.70 -27.13 43.53
C ASP H 360 -4.16 -27.45 44.96
N ARG H 361 -3.91 -28.67 45.43
CA ARG H 361 -4.39 -29.04 46.75
C ARG H 361 -3.77 -28.15 47.81
N ASN H 362 -4.54 -27.89 48.87
CA ASN H 362 -4.15 -26.99 49.94
C ASN H 362 -4.11 -27.80 51.23
N THR H 363 -2.97 -28.43 51.50
CA THR H 363 -2.89 -29.33 52.65
C THR H 363 -2.81 -28.56 53.96
N GLU H 364 -2.47 -27.27 53.91
CA GLU H 364 -2.44 -26.49 55.13
C GLU H 364 -3.86 -26.15 55.58
N LEU H 365 -4.71 -25.75 54.65
CA LEU H 365 -6.09 -25.44 55.00
C LEU H 365 -6.90 -26.70 55.28
N SER H 366 -6.61 -27.78 54.56
CA SER H 366 -7.34 -29.01 54.77
C SER H 366 -7.11 -29.55 56.17
N TYR H 367 -5.87 -29.51 56.66
CA TYR H 367 -5.60 -29.99 58.00
C TYR H 367 -6.17 -29.05 59.05
N GLN H 368 -6.50 -27.82 58.67
CA GLN H 368 -7.19 -26.93 59.59
C GLN H 368 -8.63 -27.33 59.76
N LEU H 369 -9.30 -27.67 58.65
CA LEU H 369 -10.68 -28.12 58.71
C LEU H 369 -10.78 -29.49 59.35
N LEU H 370 -9.80 -30.35 59.11
CA LEU H 370 -9.85 -31.69 59.66
C LEU H 370 -9.82 -31.67 61.19
N LEU H 371 -8.97 -30.84 61.77
CA LEU H 371 -8.88 -30.80 63.23
C LEU H 371 -10.21 -30.37 63.85
N ASP H 372 -10.86 -29.36 63.27
CA ASP H 372 -12.12 -28.91 63.81
C ASP H 372 -13.21 -29.96 63.69
N SER H 373 -13.27 -30.63 62.53
CA SER H 373 -14.26 -31.69 62.36
C SER H 373 -13.98 -32.88 63.25
N LEU H 374 -12.70 -33.25 63.36
CA LEU H 374 -12.33 -34.42 64.15
C LEU H 374 -12.47 -34.15 65.64
N GLY H 375 -11.99 -32.99 66.10
CA GLY H 375 -12.05 -32.65 67.50
C GLY H 375 -13.01 -31.51 67.80
N ASP H 376 -12.55 -30.54 68.57
CA ASP H 376 -13.37 -29.40 68.96
C ASP H 376 -12.70 -28.06 68.64
N ARG H 377 -11.38 -27.97 68.78
CA ARG H 377 -10.64 -26.73 68.55
C ARG H 377 -11.18 -25.59 69.40
N THR H 378 -11.35 -25.87 70.68
CA THR H 378 -11.61 -24.84 71.68
C THR H 378 -10.72 -24.96 72.90
N ARG H 379 -10.17 -26.14 73.18
CA ARG H 379 -9.16 -26.31 74.20
C ARG H 379 -7.78 -26.15 73.57
N TYR H 380 -6.87 -25.51 74.31
CA TYR H 380 -5.55 -25.19 73.79
C TYR H 380 -4.61 -26.37 74.01
N PHE H 381 -3.90 -26.75 72.96
CA PHE H 381 -2.89 -27.81 73.03
C PHE H 381 -1.55 -27.17 72.69
N SER H 382 -0.68 -27.03 73.68
CA SER H 382 0.59 -26.37 73.45
C SER H 382 1.55 -27.22 72.64
N MET H 383 1.42 -28.54 72.72
CA MET H 383 2.35 -29.43 72.04
C MET H 383 2.37 -29.16 70.55
N TRP H 384 1.21 -29.17 69.91
CA TRP H 384 1.12 -28.82 68.50
C TRP H 384 0.94 -27.33 68.27
N ASN H 385 0.94 -26.53 69.34
CA ASN H 385 0.73 -25.09 69.23
C ASN H 385 -0.58 -24.79 68.51
N SER H 386 -1.60 -25.59 68.80
CA SER H 386 -2.87 -25.49 68.10
C SER H 386 -3.88 -24.66 68.89
N ALA H 387 -3.53 -23.39 69.08
CA ALA H 387 -4.47 -22.43 69.65
C ALA H 387 -5.22 -21.78 68.50
N VAL H 388 -6.51 -22.08 68.40
CA VAL H 388 -7.29 -21.63 67.24
C VAL H 388 -7.37 -20.12 67.24
N ASP H 389 -7.12 -19.52 66.09
CA ASP H 389 -7.18 -18.07 65.97
C ASP H 389 -8.63 -17.61 66.07
N SER H 390 -8.87 -16.62 66.93
CA SER H 390 -10.23 -16.16 67.17
C SER H 390 -10.22 -14.68 67.48
N TYR H 391 -11.39 -14.08 67.37
CA TYR H 391 -11.59 -12.67 67.66
C TYR H 391 -12.62 -12.55 68.79
N ASP H 392 -12.70 -11.35 69.35
CA ASP H 392 -13.65 -11.10 70.43
C ASP H 392 -15.01 -10.81 69.80
N PRO H 393 -16.03 -11.64 70.03
CA PRO H 393 -17.31 -11.43 69.37
C PRO H 393 -17.94 -10.09 69.70
N ASP H 394 -17.78 -9.61 70.92
CA ASP H 394 -18.37 -8.35 71.33
C ASP H 394 -17.59 -7.13 70.85
N VAL H 395 -16.59 -7.32 69.99
CA VAL H 395 -15.84 -6.21 69.43
C VAL H 395 -15.89 -6.20 67.91
N ARG H 396 -16.21 -7.31 67.26
CA ARG H 396 -16.48 -7.27 65.83
C ARG H 396 -17.73 -6.46 65.54
N ILE H 397 -18.77 -6.64 66.35
CA ILE H 397 -20.01 -5.89 66.23
C ILE H 397 -20.25 -5.21 67.58
N ILE H 398 -19.98 -3.91 67.64
CA ILE H 398 -20.10 -3.19 68.90
C ILE H 398 -21.56 -3.19 69.34
N GLU H 399 -21.84 -3.89 70.44
CA GLU H 399 -23.19 -3.99 70.97
C GLU H 399 -23.40 -2.89 72.01
N ASN H 400 -23.62 -1.68 71.50
CA ASN H 400 -23.63 -0.50 72.34
C ASN H 400 -24.91 -0.40 73.16
N HIS H 401 -24.95 -1.04 74.32
CA HIS H 401 -26.05 -0.92 75.25
C HIS H 401 -25.98 0.35 76.08
N GLY H 402 -25.11 1.28 75.73
CA GLY H 402 -24.93 2.44 76.56
C GLY H 402 -24.19 2.08 77.82
N VAL H 403 -24.10 3.07 78.71
CA VAL H 403 -23.35 2.96 79.95
C VAL H 403 -24.33 3.03 81.10
N GLU H 404 -24.26 2.05 82.00
CA GLU H 404 -25.23 1.94 83.09
C GLU H 404 -24.71 2.66 84.32
N ASP H 405 -24.86 3.98 84.32
CA ASP H 405 -24.56 4.82 85.47
C ASP H 405 -25.79 5.63 85.81
N GLU H 406 -26.17 5.64 87.08
CA GLU H 406 -27.31 6.42 87.54
C GLU H 406 -26.95 7.45 88.59
N LEU H 407 -26.11 7.09 89.57
CA LEU H 407 -25.68 8.02 90.58
C LEU H 407 -24.24 8.44 90.31
N PRO H 408 -23.86 9.66 90.69
CA PRO H 408 -22.51 10.13 90.40
C PRO H 408 -21.47 9.46 91.28
N ASN H 409 -20.22 9.63 90.89
CA ASN H 409 -19.08 9.15 91.65
C ASN H 409 -18.17 10.32 91.96
N TYR H 410 -17.69 10.38 93.19
CA TYR H 410 -16.96 11.55 93.67
C TYR H 410 -15.54 11.21 94.06
N CYS H 411 -14.66 12.20 93.97
CA CYS H 411 -13.30 12.12 94.45
C CYS H 411 -13.14 13.10 95.60
N PHE H 412 -12.70 12.62 96.75
CA PHE H 412 -12.62 13.48 97.91
C PHE H 412 -11.17 13.72 98.30
N PRO H 413 -10.86 14.83 98.96
CA PRO H 413 -9.48 15.13 99.31
C PRO H 413 -8.98 14.21 100.41
N LEU H 414 -7.66 14.24 100.62
CA LEU H 414 -7.04 13.33 101.58
C LEU H 414 -7.52 13.59 102.99
N ASN H 415 -7.79 14.84 103.34
CA ASN H 415 -8.30 15.13 104.68
C ASN H 415 -9.69 14.59 104.90
N GLY H 416 -10.36 14.14 103.84
CA GLY H 416 -11.79 13.93 103.87
C GLY H 416 -12.60 15.19 103.79
N THR H 417 -11.98 16.34 104.06
CA THR H 417 -12.64 17.63 103.99
C THR H 417 -11.57 18.67 103.70
N GLY H 418 -11.49 19.11 102.44
CA GLY H 418 -10.47 20.08 102.10
C GLY H 418 -10.87 21.45 102.59
N THR H 419 -10.22 21.91 103.66
CA THR H 419 -10.59 23.15 104.29
C THR H 419 -9.36 23.98 104.58
N ASN H 420 -9.57 25.29 104.64
CA ASN H 420 -8.54 26.23 105.03
C ASN H 420 -9.05 27.22 106.08
N SER H 421 -10.26 27.02 106.57
CA SER H 421 -10.90 27.97 107.47
C SER H 421 -10.23 27.94 108.83
N THR H 422 -10.62 28.89 109.67
CA THR H 422 -10.14 28.97 111.04
C THR H 422 -11.17 29.71 111.87
N TYR H 423 -11.58 29.13 112.99
CA TYR H 423 -12.59 29.71 113.85
C TYR H 423 -12.13 29.66 115.29
N GLN H 424 -12.48 30.69 116.06
CA GLN H 424 -12.14 30.77 117.47
C GLN H 424 -13.38 30.51 118.31
N GLY H 425 -13.26 29.62 119.29
CA GLY H 425 -14.40 29.29 120.12
C GLY H 425 -14.81 30.46 121.01
N VAL H 426 -16.13 30.67 121.09
CA VAL H 426 -16.69 31.77 121.87
C VAL H 426 -17.89 31.27 122.64
N LYS H 427 -18.04 31.76 123.86
CA LYS H 427 -19.18 31.41 124.71
C LYS H 427 -20.05 32.63 124.96
N ILE H 428 -21.29 32.39 125.32
CA ILE H 428 -22.26 33.45 125.57
C ILE H 428 -22.41 33.62 127.08
N THR H 429 -22.89 34.80 127.47
CA THR H 429 -23.17 35.07 128.87
C THR H 429 -24.60 34.66 129.20
N ASN H 430 -25.01 34.88 130.44
CA ASN H 430 -26.36 34.53 130.88
C ASN H 430 -27.43 35.40 130.24
N GLY H 431 -27.05 36.49 129.56
CA GLY H 431 -28.02 37.41 129.01
C GLY H 431 -28.79 36.88 127.82
N ASN H 432 -29.47 37.77 127.10
CA ASN H 432 -30.31 37.41 125.98
C ASN H 432 -29.49 37.33 124.71
N ASP H 433 -29.63 36.23 123.98
CA ASP H 433 -28.81 35.99 122.80
C ASP H 433 -29.10 37.01 121.71
N GLY H 434 -28.04 37.46 121.05
CA GLY H 434 -28.12 38.52 120.07
C GLY H 434 -26.74 38.87 119.53
N ALA H 435 -26.40 40.15 119.51
CA ALA H 435 -25.08 40.60 119.08
C ALA H 435 -24.23 41.10 120.23
N GLU H 436 -24.54 40.70 121.46
CA GLU H 436 -23.84 41.19 122.64
C GLU H 436 -23.21 40.07 123.46
N GLU H 437 -23.79 38.88 123.46
CA GLU H 437 -23.27 37.76 124.23
C GLU H 437 -22.14 37.12 123.44
N SER H 438 -20.93 37.67 123.56
CA SER H 438 -19.80 37.15 122.80
C SER H 438 -18.55 37.28 123.67
N GLU H 439 -18.06 36.16 124.17
CA GLU H 439 -16.84 36.12 124.96
C GLU H 439 -15.91 35.05 124.39
N TRP H 440 -14.62 35.37 124.34
CA TRP H 440 -13.61 34.49 123.78
C TRP H 440 -12.49 34.27 124.78
N GLU H 441 -12.87 33.90 126.00
CA GLU H 441 -11.93 33.87 127.12
C GLU H 441 -10.90 32.75 127.00
N LYS H 442 -11.36 31.50 127.02
CA LYS H 442 -10.46 30.39 127.28
C LYS H 442 -11.00 29.12 126.62
N ASP H 443 -10.22 28.05 126.75
CA ASP H 443 -10.57 26.71 126.26
C ASP H 443 -10.74 26.67 124.75
N ASP H 444 -10.18 27.63 124.04
CA ASP H 444 -10.27 27.72 122.59
C ASP H 444 -9.15 28.63 122.10
N ALA H 445 -8.47 28.21 121.04
CA ALA H 445 -7.30 28.96 120.58
C ALA H 445 -7.74 30.23 119.85
N ILE H 446 -7.19 31.36 120.28
CA ILE H 446 -7.61 32.64 119.73
C ILE H 446 -7.14 32.81 118.29
N SER H 447 -5.87 32.48 118.03
CA SER H 447 -5.22 32.84 116.77
C SER H 447 -5.06 31.66 115.82
N ARG H 448 -4.46 30.57 116.27
CA ARG H 448 -4.10 29.44 115.42
C ARG H 448 -5.07 28.27 115.59
N GLN H 449 -6.36 28.54 115.73
CA GLN H 449 -7.29 27.50 116.13
C GLN H 449 -7.63 26.59 114.96
N ASN H 450 -8.65 25.77 115.15
CA ASN H 450 -9.01 24.65 114.31
C ASN H 450 -9.54 25.12 112.96
N GLN H 451 -9.84 24.15 112.11
CA GLN H 451 -10.41 24.37 110.79
C GLN H 451 -11.71 23.60 110.67
N ILE H 452 -12.72 24.24 110.08
CA ILE H 452 -14.02 23.61 109.88
C ILE H 452 -14.51 23.95 108.48
N CYS H 453 -14.85 22.92 107.71
CA CYS H 453 -15.42 23.12 106.38
C CYS H 453 -16.87 23.56 106.56
N LYS H 454 -17.11 24.87 106.45
CA LYS H 454 -18.44 25.38 106.74
C LYS H 454 -19.48 24.85 105.77
N GLY H 455 -19.07 24.53 104.55
CA GLY H 455 -19.95 23.89 103.58
C GLY H 455 -19.80 22.38 103.59
N ASN H 456 -20.42 21.74 102.60
CA ASN H 456 -20.22 20.32 102.42
C ASN H 456 -18.76 20.04 102.08
N VAL H 457 -18.38 18.77 102.16
CA VAL H 457 -17.01 18.39 101.86
C VAL H 457 -16.70 18.71 100.41
N TYR H 458 -15.56 19.35 100.18
CA TYR H 458 -15.13 19.64 98.82
C TYR H 458 -14.92 18.33 98.06
N ALA H 459 -15.37 18.29 96.81
CA ALA H 459 -15.29 17.07 96.03
C ALA H 459 -15.36 17.40 94.54
N MET H 460 -14.95 16.44 93.74
CA MET H 460 -15.04 16.50 92.29
C MET H 460 -15.76 15.27 91.78
N GLU H 461 -16.34 15.38 90.59
CA GLU H 461 -17.21 14.35 90.07
C GLU H 461 -16.64 13.76 88.79
N ILE H 462 -16.74 12.45 88.67
CA ILE H 462 -16.23 11.72 87.52
C ILE H 462 -17.21 10.60 87.19
N ASN H 463 -17.53 10.46 85.91
CA ASN H 463 -18.41 9.38 85.46
C ASN H 463 -17.52 8.16 85.22
N LEU H 464 -17.48 7.27 86.20
CA LEU H 464 -16.65 6.07 86.09
C LEU H 464 -17.10 5.19 84.94
N GLN H 465 -18.39 4.85 84.91
CA GLN H 465 -18.86 3.83 83.98
C GLN H 465 -18.71 4.28 82.53
N ALA H 466 -18.98 5.55 82.25
CA ALA H 466 -18.81 6.04 80.89
C ALA H 466 -17.36 6.01 80.45
N ASN H 467 -16.44 6.40 81.35
CA ASN H 467 -15.03 6.43 80.99
C ASN H 467 -14.51 5.03 80.68
N LEU H 468 -14.93 4.04 81.45
CA LEU H 468 -14.56 2.66 81.16
C LEU H 468 -15.07 2.25 79.79
N TRP H 469 -16.33 2.58 79.50
CA TRP H 469 -16.91 2.22 78.22
C TRP H 469 -16.29 3.03 77.08
N LYS H 470 -15.92 4.27 77.35
CA LYS H 470 -15.31 5.10 76.32
C LYS H 470 -13.89 4.66 76.02
N SER H 471 -13.16 4.21 77.05
CA SER H 471 -11.78 3.78 76.85
C SER H 471 -11.73 2.42 76.18
N PHE H 472 -12.64 1.51 76.55
CA PHE H 472 -12.69 0.22 75.88
C PHE H 472 -12.99 0.38 74.41
N LEU H 473 -13.91 1.29 74.07
CA LEU H 473 -14.30 1.48 72.68
C LEU H 473 -13.14 2.02 71.87
N TYR H 474 -12.41 3.00 72.41
CA TYR H 474 -11.31 3.60 71.66
C TYR H 474 -10.17 2.60 71.47
N SER H 475 -9.77 1.92 72.55
CA SER H 475 -8.61 1.06 72.48
C SER H 475 -8.83 -0.11 71.53
N ASN H 476 -10.04 -0.65 71.48
CA ASN H 476 -10.30 -1.90 70.79
C ASN H 476 -11.07 -1.75 69.49
N VAL H 477 -11.58 -0.58 69.17
CA VAL H 477 -12.31 -0.44 67.90
C VAL H 477 -11.88 0.81 67.14
N ALA H 478 -11.22 1.74 67.81
CA ALA H 478 -10.89 3.01 67.18
C ALA H 478 -9.46 3.06 66.63
N LEU H 479 -8.53 2.33 67.24
CA LEU H 479 -7.18 2.29 66.72
C LEU H 479 -7.03 1.33 65.55
N TYR H 480 -8.06 0.54 65.26
CA TYR H 480 -8.00 -0.44 64.19
C TYR H 480 -8.82 -0.03 62.98
N LEU H 481 -9.13 1.25 62.86
CA LEU H 481 -9.79 1.76 61.67
C LEU H 481 -8.82 1.73 60.49
N PRO H 482 -9.34 1.70 59.27
CA PRO H 482 -8.46 1.78 58.10
C PRO H 482 -7.68 3.08 58.09
N ASP H 483 -6.56 3.08 57.36
CA ASP H 483 -5.68 4.23 57.36
C ASP H 483 -6.30 5.45 56.70
N SER H 484 -7.42 5.30 56.00
CA SER H 484 -8.06 6.46 55.38
C SER H 484 -8.55 7.47 56.40
N TYR H 485 -8.83 7.03 57.63
CA TYR H 485 -9.36 7.90 58.67
C TYR H 485 -8.29 8.51 59.55
N LYS H 486 -7.25 7.75 59.88
CA LYS H 486 -6.22 8.22 60.78
C LYS H 486 -5.40 9.31 60.10
N TYR H 487 -5.26 10.45 60.76
CA TYR H 487 -4.44 11.52 60.22
C TYR H 487 -3.12 11.59 60.99
N THR H 488 -2.15 12.26 60.37
CA THR H 488 -0.92 12.35 61.15
C THR H 488 -0.81 13.70 61.83
N PRO H 489 -0.26 13.75 63.04
CA PRO H 489 -0.09 15.04 63.71
C PRO H 489 0.93 15.90 62.97
N ALA H 490 0.81 17.22 63.17
CA ALA H 490 1.59 18.16 62.39
C ALA H 490 3.08 18.05 62.67
N ASN H 491 3.47 17.87 63.93
CA ASN H 491 4.86 18.09 64.35
C ASN H 491 5.65 16.80 64.47
N VAL H 492 5.29 15.74 63.75
CA VAL H 492 6.08 14.52 63.73
C VAL H 492 6.28 14.10 62.28
N LYS H 493 7.29 13.26 62.07
CA LYS H 493 7.59 12.69 60.76
C LYS H 493 7.55 11.18 60.86
N LEU H 494 6.87 10.55 59.91
CA LEU H 494 6.71 9.11 59.86
C LEU H 494 7.44 8.53 58.65
N PRO H 495 7.80 7.25 58.69
CA PRO H 495 8.52 6.65 57.56
C PRO H 495 7.68 6.59 56.30
N ALA H 496 8.28 6.10 55.21
CA ALA H 496 7.60 6.12 53.92
C ALA H 496 6.56 5.02 53.82
N ASN H 497 6.98 3.76 53.92
CA ASN H 497 6.09 2.66 53.61
C ASN H 497 5.05 2.47 54.69
N THR H 498 3.82 2.16 54.27
CA THR H 498 2.70 1.97 55.18
C THR H 498 2.67 0.57 55.76
N ASN H 499 3.81 0.04 56.19
CA ASN H 499 3.85 -1.25 56.86
C ASN H 499 4.72 -1.29 58.09
N THR H 500 5.69 -0.40 58.25
CA THR H 500 6.55 -0.43 59.41
C THR H 500 5.76 -0.10 60.67
N TYR H 501 6.16 -0.73 61.77
CA TYR H 501 5.56 -0.42 63.06
C TYR H 501 5.82 1.03 63.45
N GLU H 502 6.82 1.65 62.84
CA GLU H 502 7.05 3.07 63.05
C GLU H 502 5.85 3.88 62.55
N TYR H 503 5.28 3.46 61.42
CA TYR H 503 4.22 4.24 60.79
C TYR H 503 2.87 3.99 61.45
N MET H 504 2.38 2.75 61.38
CA MET H 504 1.04 2.44 61.85
C MET H 504 0.89 2.57 63.36
N ASN H 505 1.94 3.02 64.04
CA ASN H 505 1.86 3.38 65.45
C ASN H 505 1.99 4.88 65.67
N GLY H 506 2.58 5.61 64.72
CA GLY H 506 2.70 7.04 64.82
C GLY H 506 1.46 7.82 64.45
N ARG H 507 0.52 7.21 63.72
CA ARG H 507 -0.70 7.90 63.34
C ARG H 507 -1.67 7.98 64.50
N VAL H 508 -2.58 8.95 64.45
CA VAL H 508 -3.55 9.19 65.50
C VAL H 508 -4.92 9.28 64.88
N VAL H 509 -5.90 8.59 65.47
CA VAL H 509 -7.28 8.67 65.05
C VAL H 509 -8.00 9.66 65.95
N ALA H 510 -9.13 10.14 65.48
CA ALA H 510 -9.98 11.00 66.30
C ALA H 510 -10.81 10.15 67.24
N PRO H 511 -10.74 10.34 68.55
CA PRO H 511 -11.58 9.54 69.44
C PRO H 511 -13.06 9.74 69.17
N SER H 512 -13.46 10.91 68.70
CA SER H 512 -14.85 11.15 68.36
C SER H 512 -15.30 10.38 67.13
N LEU H 513 -14.36 9.78 66.38
CA LEU H 513 -14.75 9.04 65.19
C LEU H 513 -15.64 7.85 65.55
N VAL H 514 -15.32 7.16 66.64
CA VAL H 514 -16.23 6.18 67.21
C VAL H 514 -16.21 6.35 68.73
N ASP H 515 -17.22 7.02 69.26
CA ASP H 515 -17.32 7.30 70.68
C ASP H 515 -18.48 6.50 71.26
N ALA H 516 -18.78 6.75 72.54
CA ALA H 516 -19.82 5.99 73.20
C ALA H 516 -21.21 6.22 72.62
N TYR H 517 -21.39 7.23 71.78
CA TYR H 517 -22.72 7.62 71.32
C TYR H 517 -23.05 7.17 69.91
N ILE H 518 -22.24 6.30 69.31
CA ILE H 518 -22.52 5.87 67.94
C ILE H 518 -23.38 4.62 67.96
N ASN H 519 -24.45 4.63 67.16
CA ASN H 519 -25.33 3.48 67.00
C ASN H 519 -25.84 2.99 68.36
N ILE H 520 -26.27 3.93 69.19
CA ILE H 520 -26.69 3.60 70.55
C ILE H 520 -27.87 2.65 70.50
N GLY H 521 -27.74 1.52 71.20
CA GLY H 521 -28.79 0.52 71.23
C GLY H 521 -28.87 -0.37 70.02
N ALA H 522 -27.83 -0.41 69.18
CA ALA H 522 -27.87 -1.15 67.93
C ALA H 522 -26.71 -2.12 67.85
N ARG H 523 -26.92 -3.20 67.10
CA ARG H 523 -25.90 -4.21 66.85
C ARG H 523 -25.13 -3.91 65.57
N TRP H 524 -24.63 -2.69 65.44
CA TRP H 524 -24.01 -2.28 64.18
C TRP H 524 -22.55 -2.68 64.15
N SER H 525 -22.07 -2.97 62.94
CA SER H 525 -20.73 -3.51 62.76
C SER H 525 -19.70 -2.44 62.45
N LEU H 526 -20.09 -1.16 62.41
CA LEU H 526 -19.19 -0.07 62.06
C LEU H 526 -18.58 -0.28 60.68
N ASP H 527 -19.47 -0.21 59.67
CA ASP H 527 -19.20 -0.43 58.26
C ASP H 527 -17.83 0.07 57.78
N PRO H 528 -17.35 1.25 58.22
CA PRO H 528 -15.98 1.63 57.85
C PRO H 528 -14.94 0.56 58.14
N MET H 529 -15.09 -0.18 59.24
CA MET H 529 -14.20 -1.28 59.56
C MET H 529 -14.94 -2.62 59.52
N ASP H 530 -15.81 -2.78 58.53
CA ASP H 530 -16.50 -4.05 58.37
C ASP H 530 -15.62 -5.06 57.66
N ASN H 531 -15.08 -4.70 56.50
CA ASN H 531 -14.19 -5.59 55.76
C ASN H 531 -12.73 -5.25 56.05
N VAL H 532 -12.38 -5.30 57.33
CA VAL H 532 -11.00 -5.23 57.78
C VAL H 532 -10.74 -6.46 58.64
N ASN H 533 -9.59 -7.09 58.45
CA ASN H 533 -9.30 -8.39 59.05
C ASN H 533 -9.56 -8.36 60.55
N PRO H 534 -10.59 -9.09 61.02
CA PRO H 534 -10.94 -9.03 62.44
C PRO H 534 -10.09 -9.94 63.30
N PHE H 535 -9.26 -10.80 62.71
CA PHE H 535 -8.39 -11.69 63.45
C PHE H 535 -7.04 -11.07 63.73
N ASN H 536 -6.96 -9.74 63.78
CA ASN H 536 -5.73 -9.01 64.05
C ASN H 536 -6.03 -8.03 65.17
N HIS H 537 -5.87 -8.47 66.41
CA HIS H 537 -6.36 -7.69 67.54
C HIS H 537 -5.57 -8.08 68.79
N PRO H 538 -5.36 -7.17 69.73
CA PRO H 538 -4.83 -7.58 71.02
C PRO H 538 -5.75 -8.53 71.73
N ARG H 539 -7.06 -8.41 71.51
CA ARG H 539 -8.04 -9.35 72.07
C ARG H 539 -8.29 -10.50 71.11
N ASN H 540 -7.21 -11.11 70.63
CA ASN H 540 -7.29 -12.33 69.85
C ASN H 540 -6.99 -13.46 70.83
N ALA H 541 -8.03 -14.20 71.21
CA ALA H 541 -7.87 -15.20 72.27
C ALA H 541 -6.80 -16.21 71.92
N GLY H 542 -6.55 -16.45 70.64
CA GLY H 542 -5.57 -17.42 70.23
C GLY H 542 -4.18 -16.84 70.11
N LEU H 543 -4.04 -15.73 69.38
CA LEU H 543 -2.73 -15.16 69.14
C LEU H 543 -2.04 -14.76 70.43
N ARG H 544 -2.75 -14.09 71.33
CA ARG H 544 -2.13 -13.69 72.58
C ARG H 544 -1.74 -14.88 73.44
N TYR H 545 -2.22 -16.07 73.11
CA TYR H 545 -1.74 -17.28 73.79
C TYR H 545 -0.44 -17.76 73.17
N ARG H 546 -0.42 -17.94 71.86
CA ARG H 546 0.78 -18.43 71.19
C ARG H 546 1.92 -17.43 71.31
N SER H 547 1.61 -16.14 71.45
CA SER H 547 2.66 -15.15 71.62
C SER H 547 3.28 -15.25 73.00
N MET H 548 2.45 -15.35 74.04
CA MET H 548 2.99 -15.42 75.40
C MET H 548 3.57 -16.80 75.69
N LEU H 549 3.04 -17.83 75.06
CA LEU H 549 3.57 -19.18 75.26
C LEU H 549 5.04 -19.25 74.85
N LEU H 550 5.42 -18.50 73.82
CA LEU H 550 6.82 -18.42 73.44
C LEU H 550 7.63 -17.67 74.48
N GLY H 551 7.02 -16.69 75.14
CA GLY H 551 7.69 -15.92 76.16
C GLY H 551 7.75 -14.45 75.81
N ASN H 552 7.62 -13.59 76.81
CA ASN H 552 7.72 -12.16 76.56
C ASN H 552 9.17 -11.77 76.27
N GLY H 553 9.33 -10.67 75.55
CA GLY H 553 10.64 -10.17 75.21
C GLY H 553 11.17 -10.75 73.91
N ARG H 554 12.18 -10.08 73.37
CA ARG H 554 12.84 -10.55 72.16
C ARG H 554 13.86 -11.63 72.50
N TYR H 555 14.57 -12.11 71.48
CA TYR H 555 15.65 -13.08 71.65
C TYR H 555 15.17 -14.29 72.45
N VAL H 556 14.22 -15.01 71.86
CA VAL H 556 13.59 -16.15 72.52
C VAL H 556 14.09 -17.42 71.83
N PRO H 557 14.93 -18.21 72.46
CA PRO H 557 15.17 -19.57 71.96
C PRO H 557 13.90 -20.38 72.07
N PHE H 558 13.69 -21.26 71.10
CA PHE H 558 12.45 -22.03 71.04
C PHE H 558 12.74 -23.50 70.81
N HIS H 559 11.70 -24.30 70.98
CA HIS H 559 11.78 -25.75 70.83
C HIS H 559 10.38 -26.23 70.48
N ILE H 560 10.14 -26.53 69.22
CA ILE H 560 8.80 -26.78 68.72
C ILE H 560 8.74 -28.16 68.08
N GLN H 561 7.55 -28.73 68.07
CA GLN H 561 7.29 -30.06 67.51
C GLN H 561 6.28 -29.92 66.39
N VAL H 562 6.76 -29.66 65.17
CA VAL H 562 5.86 -29.52 64.03
C VAL H 562 5.35 -30.89 63.62
N PRO H 563 4.05 -31.07 63.48
CA PRO H 563 3.51 -32.38 63.08
C PRO H 563 3.64 -32.60 61.58
N GLN H 564 3.12 -33.72 61.10
CA GLN H 564 3.09 -34.03 59.69
C GLN H 564 1.64 -33.97 59.21
N LYS H 565 1.37 -33.11 58.22
CA LYS H 565 0.00 -32.86 57.81
C LYS H 565 -0.18 -32.96 56.30
N PHE H 566 0.46 -33.93 55.66
CA PHE H 566 0.17 -34.23 54.27
C PHE H 566 -0.82 -35.38 54.22
N PHE H 567 -1.79 -35.28 53.32
CA PHE H 567 -2.94 -36.17 53.38
C PHE H 567 -2.55 -37.61 53.09
N ALA H 568 -1.62 -37.83 52.17
CA ALA H 568 -1.24 -39.19 51.83
C ALA H 568 -0.46 -39.85 52.95
N ILE H 569 0.52 -39.16 53.51
CA ILE H 569 1.27 -39.74 54.62
C ILE H 569 1.12 -38.88 55.87
N LYS H 570 0.03 -39.07 56.60
CA LYS H 570 -0.06 -38.55 57.95
C LYS H 570 -0.68 -39.52 58.93
N ASN H 571 -1.47 -40.48 58.47
CA ASN H 571 -1.83 -41.65 59.27
C ASN H 571 -1.64 -42.85 58.34
N LEU H 572 -0.41 -43.32 58.25
CA LEU H 572 -0.04 -44.40 57.34
C LEU H 572 0.76 -45.44 58.11
N LEU H 573 0.41 -46.70 57.92
CA LEU H 573 1.06 -47.79 58.63
C LEU H 573 2.22 -48.27 57.77
N LEU H 574 3.44 -47.95 58.20
CA LEU H 574 4.65 -48.27 57.43
C LEU H 574 5.16 -49.63 57.85
N LEU H 575 5.13 -50.58 56.93
CA LEU H 575 5.66 -51.91 57.17
C LEU H 575 7.18 -51.86 57.23
N PRO H 576 7.83 -52.92 57.71
CA PRO H 576 9.29 -52.93 57.78
C PRO H 576 9.96 -52.50 56.49
N GLY H 577 11.14 -51.92 56.62
CA GLY H 577 11.89 -51.41 55.50
C GLY H 577 12.80 -50.28 55.95
N SER H 578 13.27 -49.51 54.98
CA SER H 578 14.14 -48.37 55.23
C SER H 578 13.83 -47.30 54.20
N TYR H 579 13.40 -46.13 54.66
CA TYR H 579 12.89 -45.10 53.77
C TYR H 579 13.65 -43.80 53.98
N THR H 580 13.82 -43.03 52.92
CA THR H 580 14.31 -41.68 53.06
C THR H 580 13.15 -40.75 53.34
N TYR H 581 13.42 -39.66 54.05
CA TYR H 581 12.34 -38.78 54.50
C TYR H 581 12.94 -37.40 54.71
N GLU H 582 12.77 -36.52 53.72
CA GLU H 582 13.30 -35.17 53.80
C GLU H 582 12.16 -34.17 53.69
N TRP H 583 12.40 -32.96 54.19
CA TRP H 583 11.42 -31.90 54.06
C TRP H 583 12.12 -30.56 54.18
N ASN H 584 11.59 -29.58 53.47
CA ASN H 584 12.14 -28.23 53.44
C ASN H 584 11.34 -27.34 54.38
N PHE H 585 12.03 -26.68 55.29
CA PHE H 585 11.39 -25.85 56.31
C PHE H 585 11.56 -24.38 55.94
N ARG H 586 10.46 -23.66 55.86
CA ARG H 586 10.48 -22.27 55.45
C ARG H 586 11.06 -21.40 56.55
N LYS H 587 12.10 -20.64 56.24
CA LYS H 587 12.77 -19.78 57.20
C LYS H 587 12.32 -18.33 57.09
N ASP H 588 11.31 -18.06 56.28
CA ASP H 588 10.81 -16.70 56.08
C ASP H 588 10.03 -16.29 57.32
N VAL H 589 10.48 -15.24 58.00
CA VAL H 589 9.84 -14.83 59.24
C VAL H 589 8.42 -14.33 58.97
N ASN H 590 8.22 -13.68 57.83
CA ASN H 590 6.90 -13.13 57.53
C ASN H 590 5.85 -14.22 57.46
N MET H 591 6.18 -15.36 56.87
CA MET H 591 5.20 -16.42 56.69
C MET H 591 4.94 -17.18 57.99
N ILE H 592 5.98 -17.38 58.81
CA ILE H 592 5.89 -18.31 59.93
C ILE H 592 5.71 -17.60 61.27
N LEU H 593 5.55 -16.28 61.27
CA LEU H 593 5.35 -15.54 62.50
C LEU H 593 4.27 -14.49 62.27
N GLN H 594 3.09 -14.73 62.83
CA GLN H 594 2.01 -13.77 62.68
C GLN H 594 2.04 -12.76 63.82
N SER H 595 1.72 -11.52 63.49
CA SER H 595 1.68 -10.44 64.46
C SER H 595 0.28 -9.85 64.49
N SER H 596 -0.08 -9.28 65.64
CA SER H 596 -1.43 -8.75 65.79
C SER H 596 -1.67 -7.58 64.85
N LEU H 597 -0.69 -6.68 64.72
CA LEU H 597 -0.90 -5.53 63.86
C LEU H 597 -0.89 -5.90 62.38
N GLY H 598 -0.25 -7.00 62.01
CA GLY H 598 -0.11 -7.33 60.61
C GLY H 598 1.02 -6.60 59.92
N ASN H 599 1.82 -5.83 60.64
CA ASN H 599 2.89 -5.07 60.05
C ASN H 599 3.95 -6.00 59.46
N ASP H 600 4.63 -5.52 58.43
CA ASP H 600 5.69 -6.29 57.81
C ASP H 600 6.81 -6.53 58.83
N LEU H 601 7.26 -7.78 58.92
CA LEU H 601 8.24 -8.17 59.92
C LEU H 601 9.67 -8.13 59.41
N ARG H 602 9.89 -8.40 58.13
CA ARG H 602 11.25 -8.35 57.59
C ARG H 602 11.82 -6.95 57.65
N VAL H 603 10.99 -5.94 57.38
CA VAL H 603 11.51 -4.59 57.17
C VAL H 603 12.14 -4.05 58.45
N ASP H 604 11.47 -4.22 59.58
CA ASP H 604 11.97 -3.64 60.82
C ASP H 604 13.07 -4.50 61.44
N GLY H 605 12.73 -5.72 61.83
CA GLY H 605 13.73 -6.65 62.31
C GLY H 605 13.11 -7.92 62.82
N ALA H 606 13.65 -9.06 62.39
CA ALA H 606 13.21 -10.37 62.84
C ALA H 606 14.09 -11.44 62.23
N SER H 607 14.22 -12.59 62.89
CA SER H 607 15.10 -13.62 62.37
C SER H 607 14.64 -14.97 62.89
N VAL H 608 15.01 -16.01 62.16
CA VAL H 608 14.85 -17.40 62.59
C VAL H 608 16.14 -18.12 62.26
N ARG H 609 16.60 -18.96 63.17
CA ARG H 609 17.92 -19.59 63.07
C ARG H 609 17.78 -21.04 63.51
N PHE H 610 17.49 -21.93 62.56
CA PHE H 610 17.28 -23.34 62.89
C PHE H 610 18.62 -23.97 63.25
N ASP H 611 18.84 -24.20 64.55
CA ASP H 611 20.09 -24.81 64.97
C ASP H 611 20.13 -26.29 64.61
N SER H 612 19.04 -27.02 64.85
CA SER H 612 19.03 -28.45 64.57
C SER H 612 17.59 -28.93 64.50
N VAL H 613 17.35 -29.93 63.66
CA VAL H 613 16.05 -30.57 63.54
C VAL H 613 16.25 -32.07 63.63
N ASN H 614 15.35 -32.75 64.33
CA ASN H 614 15.40 -34.19 64.47
C ASN H 614 14.01 -34.75 64.21
N LEU H 615 13.96 -36.04 63.89
CA LEU H 615 12.71 -36.73 63.62
C LEU H 615 12.48 -37.74 64.74
N TYR H 616 11.34 -37.62 65.42
CA TYR H 616 10.98 -38.51 66.50
C TYR H 616 9.83 -39.41 66.06
N ALA H 617 9.97 -40.70 66.28
CA ALA H 617 8.94 -41.65 65.92
C ALA H 617 8.84 -42.70 67.01
N THR H 618 7.61 -43.06 67.38
CA THR H 618 7.37 -44.05 68.41
C THR H 618 6.56 -45.20 67.85
N PHE H 619 6.99 -46.42 68.17
CA PHE H 619 6.36 -47.64 67.68
C PHE H 619 5.62 -48.32 68.81
N PHE H 620 4.42 -48.81 68.53
CA PHE H 620 3.71 -49.62 69.50
C PHE H 620 4.40 -50.97 69.60
N PRO H 621 4.90 -51.35 70.77
CA PRO H 621 5.64 -52.62 70.86
C PRO H 621 4.70 -53.82 70.76
N MET H 622 4.67 -54.45 69.60
CA MET H 622 3.89 -55.66 69.40
C MET H 622 4.78 -56.87 69.50
N ALA H 623 4.21 -57.98 69.94
CA ALA H 623 4.95 -59.23 69.92
C ALA H 623 5.36 -59.55 68.49
N HIS H 624 6.61 -59.97 68.31
CA HIS H 624 7.08 -60.29 66.98
C HIS H 624 6.26 -61.41 66.35
N ASN H 625 5.60 -62.21 67.18
CA ASN H 625 4.75 -63.28 66.65
C ASN H 625 3.57 -62.71 65.86
N THR H 626 2.94 -61.66 66.38
CA THR H 626 1.77 -61.10 65.72
C THR H 626 2.14 -60.05 64.68
N ALA H 627 3.08 -59.17 65.00
CA ALA H 627 3.44 -58.12 64.05
C ALA H 627 4.03 -58.70 62.77
N SER H 628 4.47 -59.95 62.81
CA SER H 628 4.91 -60.62 61.59
C SER H 628 3.72 -61.06 60.75
N THR H 629 2.63 -61.47 61.40
CA THR H 629 1.43 -61.80 60.64
C THR H 629 0.71 -60.55 60.17
N LEU H 630 0.72 -59.50 61.00
CA LEU H 630 0.13 -58.24 60.58
C LEU H 630 0.83 -57.70 59.35
N GLU H 631 2.17 -57.71 59.35
CA GLU H 631 2.90 -57.30 58.16
C GLU H 631 2.61 -58.24 57.00
N ALA H 632 2.53 -59.54 57.25
CA ALA H 632 2.27 -60.50 56.19
C ALA H 632 0.93 -60.24 55.53
N MET H 633 -0.11 -59.94 56.33
CA MET H 633 -1.41 -59.63 55.77
C MET H 633 -1.40 -58.26 55.09
N LEU H 634 -0.77 -57.28 55.73
CA LEU H 634 -0.92 -55.90 55.30
C LEU H 634 -0.26 -55.59 53.97
N ARG H 635 0.53 -56.53 53.44
CA ARG H 635 1.18 -56.31 52.14
C ARG H 635 0.65 -57.24 51.06
N ASN H 636 -0.59 -57.70 51.19
CA ASN H 636 -1.28 -58.27 50.05
C ASN H 636 -1.86 -57.17 49.19
N ASP H 637 -2.22 -57.53 47.95
CA ASP H 637 -2.78 -56.56 47.04
C ASP H 637 -4.23 -56.20 47.36
N THR H 638 -4.98 -57.11 47.99
CA THR H 638 -6.38 -56.84 48.25
C THR H 638 -6.56 -55.67 49.20
N HIS H 639 -5.73 -55.59 50.24
CA HIS H 639 -5.91 -54.59 51.29
C HIS H 639 -4.68 -53.71 51.41
N ASP H 640 -4.68 -52.62 50.67
CA ASP H 640 -3.67 -51.58 50.76
C ASP H 640 -4.33 -50.30 51.22
N GLN H 641 -3.66 -49.56 52.11
CA GLN H 641 -4.30 -48.42 52.74
C GLN H 641 -4.76 -47.41 51.71
N SER H 642 -5.92 -46.82 51.94
CA SER H 642 -6.47 -45.80 51.08
C SER H 642 -6.80 -44.58 51.91
N PHE H 643 -6.29 -43.43 51.51
CA PHE H 643 -6.55 -42.18 52.17
C PHE H 643 -7.16 -41.20 51.17
N ASN H 644 -7.57 -40.05 51.67
CA ASN H 644 -8.04 -38.99 50.78
C ASN H 644 -7.96 -37.67 51.53
N ASP H 645 -7.64 -36.60 50.80
CA ASP H 645 -7.59 -35.28 51.39
C ASP H 645 -8.97 -34.94 51.95
N TYR H 646 -8.99 -34.43 53.18
CA TYR H 646 -10.27 -34.13 53.81
C TYR H 646 -11.02 -33.07 53.01
N LEU H 647 -10.32 -32.02 52.59
CA LEU H 647 -10.95 -31.01 51.75
C LEU H 647 -11.38 -31.61 50.42
N SER H 648 -10.53 -32.44 49.82
CA SER H 648 -10.79 -33.07 48.53
C SER H 648 -11.24 -32.05 47.51
N ALA H 649 -10.37 -31.10 47.24
CA ALA H 649 -10.76 -29.95 46.42
C ALA H 649 -9.60 -29.50 45.56
N ALA H 650 -9.91 -29.04 44.36
CA ALA H 650 -8.96 -28.40 43.47
C ALA H 650 -9.29 -26.91 43.44
N ASN H 651 -8.44 -26.09 44.06
CA ASN H 651 -8.74 -24.69 44.26
C ASN H 651 -7.85 -23.84 43.37
N MET H 652 -8.46 -22.87 42.68
CA MET H 652 -7.74 -21.89 41.88
C MET H 652 -8.18 -20.49 42.28
N LEU H 653 -7.31 -19.52 42.04
CA LEU H 653 -7.52 -18.15 42.48
C LEU H 653 -7.63 -17.25 41.27
N TYR H 654 -8.69 -16.45 41.23
CA TYR H 654 -8.92 -15.53 40.13
C TYR H 654 -8.84 -14.10 40.64
N PRO H 655 -8.11 -13.23 39.97
CA PRO H 655 -7.96 -11.85 40.46
C PRO H 655 -9.22 -11.03 40.26
N ILE H 656 -9.35 -10.01 41.09
CA ILE H 656 -10.45 -9.06 41.01
C ILE H 656 -9.85 -7.66 41.12
N PRO H 657 -9.98 -6.83 40.10
CA PRO H 657 -9.36 -5.50 40.15
C PRO H 657 -9.94 -4.61 41.23
N ALA H 658 -9.39 -3.41 41.36
CA ALA H 658 -9.84 -2.47 42.39
C ALA H 658 -11.14 -1.81 41.95
N LYS H 659 -12.05 -1.67 42.91
CA LYS H 659 -13.31 -0.96 42.71
C LYS H 659 -14.12 -1.58 41.58
N ALA H 660 -14.03 -2.90 41.42
CA ALA H 660 -14.64 -3.59 40.29
C ALA H 660 -15.54 -4.71 40.77
N THR H 661 -16.67 -4.88 40.10
CA THR H 661 -17.61 -5.95 40.34
C THR H 661 -17.83 -6.74 39.06
N ASN H 662 -18.73 -7.71 39.12
CA ASN H 662 -19.07 -8.57 37.98
C ASN H 662 -17.82 -9.26 37.45
N VAL H 663 -17.31 -10.18 38.27
CA VAL H 663 -16.17 -11.00 37.91
C VAL H 663 -16.65 -12.23 37.15
N PRO H 664 -16.32 -12.35 35.86
CA PRO H 664 -16.63 -13.58 35.14
C PRO H 664 -15.46 -14.55 35.19
N ILE H 665 -15.77 -15.83 35.03
CA ILE H 665 -14.75 -16.88 34.93
C ILE H 665 -15.25 -17.89 33.92
N SER H 666 -14.41 -18.89 33.67
CA SER H 666 -14.82 -20.01 32.84
C SER H 666 -13.82 -21.14 32.96
N ILE H 667 -14.29 -22.34 32.66
CA ILE H 667 -13.44 -23.53 32.54
C ILE H 667 -13.67 -24.10 31.15
N PRO H 668 -12.63 -24.33 30.36
CA PRO H 668 -12.83 -24.89 29.02
C PRO H 668 -13.40 -26.29 29.12
N SER H 669 -14.02 -26.73 28.01
CA SER H 669 -14.81 -27.96 28.02
C SER H 669 -13.99 -29.13 28.52
N ARG H 670 -14.56 -29.89 29.44
CA ARG H 670 -13.90 -31.04 30.04
C ARG H 670 -14.96 -31.94 30.65
N ASN H 671 -14.52 -32.92 31.43
CA ASN H 671 -15.43 -33.90 32.02
C ASN H 671 -15.66 -33.59 33.49
N TRP H 672 -16.83 -34.00 33.99
CA TRP H 672 -17.24 -33.77 35.36
C TRP H 672 -17.67 -35.09 36.01
N ALA H 673 -16.80 -36.09 35.90
CA ALA H 673 -17.17 -37.46 36.21
C ALA H 673 -17.65 -37.62 37.65
N ALA H 674 -16.96 -37.01 38.60
CA ALA H 674 -17.37 -37.16 40.00
C ALA H 674 -17.39 -35.83 40.72
N PHE H 675 -17.71 -34.76 40.01
CA PHE H 675 -17.79 -33.44 40.61
C PHE H 675 -18.77 -33.43 41.77
N ARG H 676 -18.44 -32.68 42.81
CA ARG H 676 -19.25 -32.65 44.02
C ARG H 676 -19.78 -31.29 44.41
N GLY H 677 -19.34 -30.22 43.77
CA GLY H 677 -19.88 -28.90 44.04
C GLY H 677 -18.78 -27.87 44.08
N TRP H 678 -19.19 -26.64 44.37
CA TRP H 678 -18.28 -25.51 44.48
C TRP H 678 -18.16 -25.07 45.93
N SER H 679 -17.19 -24.19 46.18
CA SER H 679 -16.99 -23.55 47.47
C SER H 679 -16.11 -22.35 47.22
N PHE H 680 -16.51 -21.19 47.72
CA PHE H 680 -15.78 -19.99 47.34
C PHE H 680 -15.85 -18.94 48.44
N THR H 681 -14.90 -18.02 48.38
CA THR H 681 -14.84 -16.87 49.26
C THR H 681 -14.00 -15.81 48.55
N ARG H 682 -13.59 -14.79 49.29
CA ARG H 682 -13.00 -13.61 48.67
C ARG H 682 -11.82 -13.15 49.53
N LEU H 683 -10.62 -13.55 49.14
CA LEU H 683 -9.43 -13.20 49.89
C LEU H 683 -9.01 -11.77 49.54
N LYS H 684 -7.81 -11.40 49.98
CA LYS H 684 -7.23 -10.11 49.70
C LYS H 684 -5.81 -10.32 49.21
N THR H 685 -5.43 -9.62 48.13
CA THR H 685 -4.10 -9.86 47.56
C THR H 685 -3.00 -9.43 48.52
N LYS H 686 -3.27 -8.41 49.34
CA LYS H 686 -2.29 -8.01 50.35
C LYS H 686 -2.03 -9.12 51.35
N GLU H 687 -3.01 -9.99 51.58
CA GLU H 687 -2.92 -11.04 52.57
C GLU H 687 -2.91 -12.43 51.97
N THR H 688 -2.20 -12.64 50.86
CA THR H 688 -2.12 -13.96 50.27
C THR H 688 -0.76 -14.13 49.61
N PRO H 689 0.07 -15.05 50.09
CA PRO H 689 1.39 -15.24 49.51
C PRO H 689 1.31 -16.05 48.22
N SER H 690 2.31 -15.85 47.37
CA SER H 690 2.46 -16.65 46.17
C SER H 690 3.34 -17.86 46.49
N LEU H 691 2.74 -18.80 47.22
CA LEU H 691 3.48 -19.96 47.71
C LEU H 691 3.77 -20.98 46.61
N GLY H 692 3.52 -20.63 45.35
CA GLY H 692 4.01 -21.47 44.27
C GLY H 692 5.49 -21.35 44.03
N SER H 693 6.16 -20.41 44.68
CA SER H 693 7.59 -20.20 44.57
C SER H 693 8.24 -20.36 45.93
N GLY H 694 9.57 -20.43 45.92
CA GLY H 694 10.30 -20.65 47.17
C GLY H 694 10.12 -19.52 48.17
N PHE H 695 10.13 -18.28 47.69
CA PHE H 695 10.06 -17.13 48.58
C PHE H 695 9.70 -15.91 47.75
N ASP H 696 8.59 -15.26 48.08
CA ASP H 696 8.13 -14.10 47.32
C ASP H 696 8.46 -12.82 48.06
N PRO H 697 9.35 -11.99 47.56
CA PRO H 697 9.73 -10.79 48.30
C PRO H 697 8.76 -9.64 48.09
N TYR H 698 7.56 -9.93 47.59
CA TYR H 698 6.53 -8.92 47.42
C TYR H 698 5.35 -9.16 48.34
N PHE H 699 5.53 -9.96 49.37
CA PHE H 699 4.51 -10.30 50.35
C PHE H 699 4.94 -9.67 51.67
N VAL H 700 4.38 -8.52 51.98
CA VAL H 700 4.72 -7.77 53.19
C VAL H 700 3.48 -7.80 54.08
N TYR H 701 3.38 -8.82 54.92
CA TYR H 701 2.22 -8.97 55.78
C TYR H 701 2.48 -10.03 56.84
N SER H 702 2.28 -9.67 58.11
CA SER H 702 2.45 -10.64 59.17
C SER H 702 1.15 -11.27 59.62
N GLY H 703 0.04 -10.54 59.57
CA GLY H 703 -1.22 -10.98 60.12
C GLY H 703 -1.78 -12.25 59.52
N SER H 704 -2.98 -12.64 59.95
CA SER H 704 -3.53 -13.93 59.57
C SER H 704 -3.66 -14.05 58.06
N ILE H 705 -3.35 -15.23 57.55
CA ILE H 705 -3.45 -15.52 56.12
C ILE H 705 -4.72 -16.32 55.88
N PRO H 706 -5.80 -15.69 55.42
CA PRO H 706 -7.05 -16.45 55.25
C PRO H 706 -6.95 -17.59 54.27
N TYR H 707 -5.94 -17.56 53.39
CA TYR H 707 -5.82 -18.59 52.37
C TYR H 707 -5.59 -19.96 53.00
N LEU H 708 -4.47 -20.14 53.68
CA LEU H 708 -4.11 -21.45 54.22
C LEU H 708 -4.42 -21.60 55.70
N ASP H 709 -4.99 -20.59 56.36
CA ASP H 709 -5.25 -20.66 57.77
C ASP H 709 -6.69 -20.98 58.11
N GLY H 710 -7.63 -20.67 57.21
CA GLY H 710 -9.02 -20.94 57.47
C GLY H 710 -9.67 -19.93 58.38
N THR H 711 -9.53 -18.65 58.06
CA THR H 711 -10.13 -17.59 58.84
C THR H 711 -10.77 -16.56 57.92
N PHE H 712 -11.56 -17.04 56.97
CA PHE H 712 -12.17 -16.15 55.99
C PHE H 712 -13.10 -15.15 56.67
N TYR H 713 -13.11 -13.94 56.14
CA TYR H 713 -13.85 -12.86 56.70
C TYR H 713 -14.53 -11.94 55.79
N LEU H 714 -14.59 -12.21 54.51
CA LEU H 714 -15.13 -11.25 53.59
C LEU H 714 -16.03 -11.94 52.75
N ASN H 715 -16.75 -12.86 53.27
CA ASN H 715 -17.69 -13.50 52.47
C ASN H 715 -19.02 -12.89 52.57
N HIS H 716 -19.14 -11.73 53.15
CA HIS H 716 -20.36 -11.09 53.19
C HIS H 716 -20.43 -10.23 52.08
N THR H 717 -19.52 -10.28 51.14
CA THR H 717 -19.60 -9.33 50.09
C THR H 717 -19.85 -9.83 48.77
N PHE H 718 -20.50 -10.93 48.56
CA PHE H 718 -20.84 -11.31 47.24
C PHE H 718 -22.26 -10.94 47.10
N LYS H 719 -22.75 -10.63 45.93
CA LYS H 719 -24.12 -10.22 45.67
C LYS H 719 -24.91 -11.34 45.00
N LYS H 720 -24.46 -11.79 43.83
CA LYS H 720 -25.13 -12.84 43.09
C LYS H 720 -24.09 -13.78 42.51
N VAL H 721 -24.54 -14.99 42.18
CA VAL H 721 -23.70 -16.01 41.55
C VAL H 721 -24.52 -16.63 40.43
N SER H 722 -23.95 -16.66 39.23
CA SER H 722 -24.60 -17.28 38.08
C SER H 722 -23.77 -18.45 37.61
N ILE H 723 -24.38 -19.62 37.53
CA ILE H 723 -23.72 -20.82 37.07
C ILE H 723 -24.38 -21.26 35.78
N MET H 724 -23.60 -21.30 34.70
CA MET H 724 -24.09 -21.77 33.42
C MET H 724 -23.07 -22.69 32.81
N PHE H 725 -23.55 -23.75 32.19
CA PHE H 725 -22.70 -24.62 31.40
C PHE H 725 -22.59 -24.00 30.00
N ASP H 726 -22.15 -24.78 29.01
CA ASP H 726 -21.92 -24.28 27.66
C ASP H 726 -23.01 -23.32 27.20
N SER H 727 -24.25 -23.79 27.20
CA SER H 727 -25.41 -22.92 27.02
C SER H 727 -26.58 -23.29 27.92
N SER H 728 -26.55 -24.44 28.59
CA SER H 728 -27.66 -24.88 29.42
C SER H 728 -27.87 -23.91 30.54
N VAL H 729 -28.87 -23.04 30.37
CA VAL H 729 -29.07 -21.93 31.30
C VAL H 729 -29.26 -22.46 32.70
N SER H 730 -28.57 -21.85 33.66
CA SER H 730 -28.92 -21.96 35.08
C SER H 730 -28.89 -23.41 35.55
N TRP H 731 -27.66 -23.94 35.64
CA TRP H 731 -27.51 -25.24 36.30
C TRP H 731 -28.33 -25.37 37.59
N PRO H 732 -28.40 -24.32 38.47
CA PRO H 732 -29.14 -24.46 39.74
C PRO H 732 -30.37 -25.32 39.66
N GLY H 733 -31.06 -25.25 38.53
CA GLY H 733 -32.10 -26.23 38.26
C GLY H 733 -32.93 -25.80 37.09
N ASN H 734 -33.81 -26.72 36.68
CA ASN H 734 -34.78 -26.41 35.66
C ASN H 734 -35.72 -25.32 36.14
N ASP H 735 -36.27 -25.48 37.34
CA ASP H 735 -37.06 -24.44 37.98
C ASP H 735 -36.79 -24.40 39.49
N ARG H 736 -35.67 -24.98 39.93
CA ARG H 736 -35.50 -25.36 41.32
C ARG H 736 -34.86 -24.23 42.13
N LEU H 737 -35.58 -23.12 42.22
CA LEU H 737 -35.13 -21.96 43.00
C LEU H 737 -36.24 -20.92 42.97
N LEU H 738 -36.09 -19.89 43.81
CA LEU H 738 -37.05 -18.79 43.80
C LEU H 738 -36.81 -17.84 42.63
N THR H 739 -35.55 -17.68 42.24
CA THR H 739 -35.17 -16.95 41.02
C THR H 739 -34.32 -17.91 40.21
N PRO H 740 -34.94 -18.74 39.38
CA PRO H 740 -34.23 -19.93 38.85
C PRO H 740 -33.01 -19.61 38.03
N ASN H 741 -32.91 -18.39 37.48
CA ASN H 741 -31.80 -18.08 36.60
C ASN H 741 -30.46 -18.17 37.33
N GLU H 742 -30.40 -17.67 38.56
CA GLU H 742 -29.13 -17.65 39.26
C GLU H 742 -29.37 -17.55 40.76
N PHE H 743 -28.35 -17.96 41.53
CA PHE H 743 -28.35 -17.75 42.96
C PHE H 743 -28.12 -16.29 43.25
N GLU H 744 -28.67 -15.81 44.37
CA GLU H 744 -28.36 -14.47 44.84
C GLU H 744 -28.37 -14.47 46.36
N ILE H 745 -27.47 -13.68 46.93
CA ILE H 745 -27.20 -13.74 48.36
C ILE H 745 -27.77 -12.50 49.05
N LYS H 746 -27.28 -11.33 48.65
CA LYS H 746 -27.72 -10.08 49.24
C LYS H 746 -28.77 -9.45 48.36
N ARG H 747 -29.94 -9.17 48.94
CA ARG H 747 -30.98 -8.43 48.24
C ARG H 747 -30.81 -6.94 48.49
N SER H 748 -29.68 -6.43 48.01
CA SER H 748 -29.18 -5.14 48.45
C SER H 748 -30.15 -4.00 48.16
N VAL H 749 -30.74 -3.98 46.97
CA VAL H 749 -31.62 -2.87 46.61
C VAL H 749 -32.87 -2.88 47.47
N ASP H 750 -33.68 -3.93 47.33
CA ASP H 750 -34.90 -4.14 48.11
C ASP H 750 -35.50 -5.45 47.62
N GLY H 751 -36.48 -5.94 48.37
CA GLY H 751 -37.13 -7.17 48.01
C GLY H 751 -38.64 -7.04 48.12
N GLU H 752 -39.33 -7.89 47.35
CA GLU H 752 -40.78 -8.08 47.51
C GLU H 752 -41.05 -9.23 48.46
N GLY H 753 -40.40 -9.20 49.60
CA GLY H 753 -40.50 -10.29 50.56
C GLY H 753 -39.60 -11.46 50.22
N TYR H 754 -38.29 -11.22 50.16
CA TYR H 754 -37.33 -12.26 49.86
C TYR H 754 -36.12 -12.17 50.79
N ASN H 755 -36.38 -11.91 52.07
CA ASN H 755 -35.32 -11.82 53.06
C ASN H 755 -35.69 -12.69 54.24
N VAL H 756 -34.68 -13.11 55.01
CA VAL H 756 -34.90 -13.96 56.15
C VAL H 756 -34.13 -13.44 57.36
N ALA H 757 -34.58 -13.85 58.54
CA ALA H 757 -33.86 -13.63 59.79
C ALA H 757 -33.67 -12.14 60.10
N GLN H 758 -34.59 -11.30 59.63
CA GLN H 758 -34.47 -9.85 59.78
C GLN H 758 -33.11 -9.37 59.24
N CYS H 759 -32.78 -9.83 58.04
CA CYS H 759 -31.52 -9.49 57.39
C CYS H 759 -31.78 -9.43 55.90
N ASN H 760 -30.74 -9.51 55.09
CA ASN H 760 -30.90 -9.42 53.65
C ASN H 760 -30.57 -10.70 52.90
N MET H 761 -30.30 -11.80 53.59
CA MET H 761 -30.12 -13.07 52.92
C MET H 761 -31.42 -13.47 52.22
N THR H 762 -31.32 -13.87 50.96
CA THR H 762 -32.50 -14.33 50.24
C THR H 762 -32.96 -15.67 50.79
N LYS H 763 -34.26 -15.94 50.67
CA LYS H 763 -34.81 -17.17 51.20
C LYS H 763 -34.19 -18.39 50.53
N ASP H 764 -33.74 -18.25 49.32
CA ASP H 764 -33.07 -19.38 48.79
C ASP H 764 -31.66 -19.56 49.24
N TRP H 765 -30.86 -18.55 49.47
CA TRP H 765 -29.55 -18.81 49.96
C TRP H 765 -29.61 -19.42 51.28
N PHE H 766 -30.47 -19.01 52.15
CA PHE H 766 -30.48 -19.63 53.41
C PHE H 766 -30.79 -21.03 53.17
N LEU H 767 -31.75 -21.35 52.36
CA LEU H 767 -32.04 -22.75 52.23
C LEU H 767 -30.91 -23.51 51.67
N VAL H 768 -30.25 -23.08 50.62
CA VAL H 768 -29.20 -23.94 50.17
C VAL H 768 -28.16 -24.07 51.20
N GLN H 769 -27.76 -23.02 51.89
CA GLN H 769 -26.71 -23.23 52.80
C GLN H 769 -27.11 -24.17 53.88
N MET H 770 -28.30 -24.08 54.42
CA MET H 770 -28.64 -24.96 55.46
C MET H 770 -28.68 -26.34 54.97
N LEU H 771 -29.23 -26.58 53.83
CA LEU H 771 -29.40 -27.93 53.33
C LEU H 771 -28.09 -28.52 53.10
N SER H 772 -27.14 -27.77 52.65
CA SER H 772 -25.86 -28.31 52.51
C SER H 772 -25.25 -28.71 53.78
N HIS H 773 -25.06 -27.78 54.68
CA HIS H 773 -24.30 -28.18 55.84
C HIS H 773 -25.03 -29.09 56.86
N TYR H 774 -26.33 -29.04 57.05
CA TYR H 774 -27.11 -29.77 58.04
C TYR H 774 -28.22 -30.65 57.46
N ASN H 775 -28.48 -30.59 56.16
CA ASN H 775 -29.55 -31.35 55.53
C ASN H 775 -30.93 -31.03 56.11
N ILE H 776 -31.11 -29.82 56.62
CA ILE H 776 -32.40 -29.38 57.12
C ILE H 776 -32.96 -28.32 56.18
N GLY H 777 -34.27 -28.20 56.16
CA GLY H 777 -34.91 -27.20 55.33
C GLY H 777 -36.18 -27.69 54.66
N TYR H 778 -36.26 -28.98 54.35
CA TYR H 778 -37.48 -29.53 53.80
C TYR H 778 -38.51 -29.88 54.86
N GLN H 779 -38.10 -29.95 56.12
CA GLN H 779 -38.98 -30.34 57.21
C GLN H 779 -38.79 -29.42 58.40
N GLY H 780 -38.81 -28.11 58.14
CA GLY H 780 -38.63 -27.13 59.18
C GLY H 780 -37.20 -26.66 59.28
N PHE H 781 -37.01 -25.58 60.03
CA PHE H 781 -35.70 -24.96 60.21
C PHE H 781 -35.25 -25.04 61.66
N HIS H 782 -35.44 -26.19 62.30
CA HIS H 782 -35.01 -26.34 63.69
C HIS H 782 -33.51 -26.06 63.80
N VAL H 783 -33.14 -25.35 64.86
CA VAL H 783 -31.73 -25.00 65.04
C VAL H 783 -30.92 -26.28 65.22
N PRO H 784 -29.83 -26.48 64.46
CA PRO H 784 -29.15 -27.76 64.47
C PRO H 784 -28.41 -28.02 65.77
N GLU H 785 -28.21 -29.30 66.06
CA GLU H 785 -27.63 -29.71 67.33
C GLU H 785 -26.14 -29.40 67.38
N GLY H 786 -25.58 -29.49 68.59
CA GLY H 786 -24.21 -29.06 68.79
C GLY H 786 -23.19 -29.89 68.04
N TYR H 787 -23.36 -31.22 68.05
CA TYR H 787 -22.38 -32.07 67.40
C TYR H 787 -22.38 -31.90 65.89
N LYS H 788 -23.46 -31.36 65.32
CA LYS H 788 -23.56 -31.26 63.87
C LYS H 788 -23.09 -29.93 63.32
N ASP H 789 -23.05 -28.88 64.15
CA ASP H 789 -22.48 -27.60 63.75
C ASP H 789 -21.13 -27.42 64.42
N ARG H 790 -20.16 -26.97 63.64
CA ARG H 790 -18.79 -26.88 64.11
C ARG H 790 -18.35 -25.42 64.19
N MET H 791 -17.07 -25.21 64.48
CA MET H 791 -16.54 -23.85 64.51
C MET H 791 -16.59 -23.21 63.13
N TYR H 792 -16.31 -23.98 62.09
CA TYR H 792 -16.23 -23.48 60.73
C TYR H 792 -17.54 -23.64 59.97
N SER H 793 -18.61 -24.04 60.63
CA SER H 793 -19.88 -24.27 59.96
C SER H 793 -20.55 -22.92 59.68
N PHE H 794 -21.80 -22.97 59.22
CA PHE H 794 -22.51 -21.78 58.78
C PHE H 794 -23.32 -21.13 59.90
N PHE H 795 -24.23 -21.89 60.50
CA PHE H 795 -25.15 -21.31 61.47
C PHE H 795 -24.42 -20.82 62.71
N ARG H 796 -23.28 -21.42 63.03
CA ARG H 796 -22.57 -21.04 64.26
C ARG H 796 -22.16 -19.58 64.24
N ASN H 797 -21.74 -19.06 63.08
CA ASN H 797 -21.23 -17.70 63.00
C ASN H 797 -22.02 -16.83 62.03
N PHE H 798 -23.29 -17.18 61.77
CA PHE H 798 -24.17 -16.27 61.04
C PHE H 798 -24.73 -15.24 62.02
N GLN H 799 -24.76 -13.98 61.58
CA GLN H 799 -25.00 -12.87 62.51
C GLN H 799 -25.79 -11.77 61.81
N PRO H 800 -27.11 -11.78 61.91
CA PRO H 800 -27.90 -10.65 61.42
C PRO H 800 -27.77 -9.43 62.33
N MET H 801 -28.08 -8.27 61.75
CA MET H 801 -28.04 -7.02 62.48
C MET H 801 -28.73 -5.94 61.64
N SER H 802 -29.09 -4.84 62.30
CA SER H 802 -29.80 -3.77 61.63
C SER H 802 -29.82 -2.54 62.53
N ARG H 803 -29.71 -1.37 61.93
CA ARG H 803 -29.76 -0.09 62.63
C ARG H 803 -30.67 0.86 61.86
N GLN H 804 -30.85 2.04 62.42
CA GLN H 804 -31.70 3.06 61.79
C GLN H 804 -31.03 4.42 61.93
N VAL H 805 -31.09 5.21 60.86
CA VAL H 805 -30.45 6.52 60.83
C VAL H 805 -31.41 7.53 60.23
N VAL H 806 -31.09 8.81 60.42
CA VAL H 806 -31.87 9.88 59.83
C VAL H 806 -31.85 9.76 58.32
N ASP H 807 -33.02 9.96 57.70
CA ASP H 807 -33.12 10.00 56.25
C ASP H 807 -33.14 11.47 55.82
N GLU H 808 -32.02 11.92 55.24
CA GLU H 808 -31.90 13.32 54.86
C GLU H 808 -32.92 13.71 53.81
N ILE H 809 -33.30 12.77 52.94
CA ILE H 809 -34.20 13.09 51.84
C ILE H 809 -35.57 13.51 52.36
N ASN H 810 -36.10 12.75 53.32
CA ASN H 810 -37.47 12.96 53.79
C ASN H 810 -37.54 13.75 55.08
N TYR H 811 -36.42 14.30 55.55
CA TYR H 811 -36.39 15.11 56.76
C TYR H 811 -36.31 16.58 56.36
N LYS H 812 -37.16 17.40 56.97
CA LYS H 812 -37.31 18.78 56.52
C LYS H 812 -36.04 19.58 56.72
N ASP H 813 -35.37 19.41 57.86
CA ASP H 813 -34.27 20.29 58.24
C ASP H 813 -33.06 19.47 58.68
N TYR H 814 -32.71 18.46 57.89
CA TYR H 814 -31.46 17.75 58.10
C TYR H 814 -30.29 18.63 57.66
N LYS H 815 -29.20 18.54 58.41
CA LYS H 815 -27.99 19.30 58.10
C LYS H 815 -26.79 18.39 58.33
N ALA H 816 -26.16 17.95 57.25
CA ALA H 816 -25.01 17.07 57.37
C ALA H 816 -23.83 17.85 57.93
N VAL H 817 -23.25 17.36 59.03
CA VAL H 817 -22.10 17.97 59.67
C VAL H 817 -20.95 16.97 59.61
N THR H 818 -19.80 17.44 59.14
CA THR H 818 -18.64 16.58 59.01
C THR H 818 -18.08 16.26 60.40
N LEU H 819 -17.06 15.42 60.43
CA LEU H 819 -16.45 15.04 61.71
C LEU H 819 -15.85 16.22 62.46
N PRO H 820 -15.07 17.12 61.85
CA PRO H 820 -14.38 18.13 62.65
C PRO H 820 -15.25 19.31 63.03
N PHE H 821 -16.57 19.19 62.89
CA PHE H 821 -17.48 20.29 63.21
C PHE H 821 -18.58 19.87 64.17
N GLN H 822 -18.64 18.60 64.55
CA GLN H 822 -19.69 18.10 65.42
C GLN H 822 -19.14 17.98 66.84
N HIS H 823 -19.75 18.70 67.78
CA HIS H 823 -19.23 18.83 69.13
C HIS H 823 -20.21 18.19 70.12
N ASN H 824 -20.08 16.90 70.29
CA ASN H 824 -20.78 16.19 71.35
C ASN H 824 -19.82 15.98 72.51
N ASN H 825 -20.33 16.12 73.73
CA ASN H 825 -19.54 15.90 74.93
C ASN H 825 -18.34 16.82 74.99
N SER H 826 -18.46 18.00 74.38
CA SER H 826 -17.34 18.92 74.31
C SER H 826 -17.03 19.51 75.67
N GLY H 827 -15.75 19.79 75.90
CA GLY H 827 -15.30 20.39 77.13
C GLY H 827 -14.75 19.41 78.13
N PHE H 828 -15.09 18.13 77.99
CA PHE H 828 -14.63 17.10 78.91
C PHE H 828 -13.88 16.00 78.18
N THR H 829 -13.45 16.26 76.95
CA THR H 829 -12.72 15.28 76.16
C THR H 829 -11.91 15.99 75.10
N GLY H 830 -10.96 15.27 74.52
CA GLY H 830 -10.07 15.87 73.55
C GLY H 830 -10.78 16.28 72.27
N TYR H 831 -10.09 17.10 71.49
CA TYR H 831 -10.68 17.63 70.26
C TYR H 831 -10.69 16.59 69.15
N LEU H 832 -9.51 16.18 68.70
CA LEU H 832 -9.41 15.18 67.64
C LEU H 832 -8.33 14.15 67.93
N ALA H 833 -7.73 14.18 69.11
CA ALA H 833 -6.71 13.22 69.50
C ALA H 833 -6.90 12.88 70.96
N PRO H 834 -6.49 11.70 71.38
CA PRO H 834 -6.57 11.36 72.80
C PRO H 834 -5.59 12.17 73.62
N THR H 835 -5.83 13.47 73.72
CA THR H 835 -4.93 14.41 74.38
C THR H 835 -5.65 15.05 75.55
N MET H 836 -5.02 16.08 76.12
CA MET H 836 -5.60 16.78 77.24
C MET H 836 -6.97 17.34 76.87
N ARG H 837 -7.90 17.28 77.83
CA ARG H 837 -9.24 17.76 77.59
C ARG H 837 -9.22 19.24 77.22
N GLN H 838 -9.99 19.59 76.19
CA GLN H 838 -10.10 20.97 75.75
C GLN H 838 -11.50 21.20 75.21
N GLY H 839 -12.13 22.26 75.70
CA GLY H 839 -13.43 22.67 75.21
C GLY H 839 -14.26 23.33 76.28
N GLN H 840 -15.28 24.07 75.88
CA GLN H 840 -16.16 24.68 76.80
C GLN H 840 -17.27 23.69 76.89
N PRO H 841 -18.10 23.80 77.86
CA PRO H 841 -19.17 22.86 77.85
C PRO H 841 -20.35 23.50 77.21
N TYR H 842 -21.12 22.86 76.35
CA TYR H 842 -22.18 23.54 75.64
C TYR H 842 -23.05 22.52 75.11
N PRO H 843 -24.24 22.86 74.71
CA PRO H 843 -25.04 21.75 74.31
C PRO H 843 -24.59 21.09 73.08
N ALA H 844 -24.79 19.81 72.87
CA ALA H 844 -24.36 19.05 71.72
C ALA H 844 -24.93 19.26 70.40
N ASN H 845 -24.55 18.44 69.42
CA ASN H 845 -25.27 18.57 68.17
C ASN H 845 -25.15 17.40 67.22
N PHE H 846 -24.21 16.48 67.41
CA PHE H 846 -24.02 15.46 66.38
C PHE H 846 -25.08 14.36 66.40
N PRO H 847 -25.22 13.59 67.48
CA PRO H 847 -26.09 12.41 67.40
C PRO H 847 -27.55 12.78 67.34
N TYR H 848 -28.17 12.67 66.18
CA TYR H 848 -29.58 13.00 66.08
C TYR H 848 -30.40 12.01 66.90
N PRO H 849 -31.35 12.48 67.69
CA PRO H 849 -32.14 11.55 68.50
C PRO H 849 -33.03 10.67 67.63
N LEU H 850 -33.27 9.46 68.11
CA LEU H 850 -34.15 8.53 67.44
C LEU H 850 -35.24 7.99 68.35
N ILE H 851 -35.34 8.48 69.59
CA ILE H 851 -36.30 7.99 70.56
C ILE H 851 -37.02 9.18 71.17
N GLY H 852 -38.04 8.86 71.97
CA GLY H 852 -38.80 9.88 72.67
C GLY H 852 -39.72 10.65 71.73
N GLN H 853 -40.54 11.51 72.32
CA GLN H 853 -41.44 12.33 71.53
C GLN H 853 -40.75 13.58 70.99
N THR H 854 -39.53 13.41 70.46
CA THR H 854 -38.86 14.43 69.67
C THR H 854 -38.09 13.82 68.52
N ALA H 855 -38.27 12.53 68.27
CA ALA H 855 -37.44 11.81 67.31
C ALA H 855 -37.65 12.33 65.90
N VAL H 856 -36.62 12.15 65.08
CA VAL H 856 -36.64 12.58 63.69
C VAL H 856 -37.00 11.38 62.83
N PRO H 857 -37.55 11.58 61.63
CA PRO H 857 -37.83 10.45 60.75
C PRO H 857 -36.56 9.66 60.47
N SER H 858 -36.70 8.34 60.38
CA SER H 858 -35.55 7.45 60.32
C SER H 858 -35.77 6.41 59.24
N VAL H 859 -34.66 5.81 58.81
CA VAL H 859 -34.64 4.81 57.75
C VAL H 859 -33.74 3.68 58.19
N THR H 860 -34.18 2.44 57.94
CA THR H 860 -33.46 1.26 58.41
C THR H 860 -32.40 0.83 57.41
N GLN H 861 -31.36 0.17 57.92
CA GLN H 861 -30.27 -0.33 57.10
C GLN H 861 -29.89 -1.71 57.61
N LYS H 862 -30.49 -2.75 57.04
CA LYS H 862 -30.16 -4.12 57.41
C LYS H 862 -28.80 -4.50 56.85
N LYS H 863 -28.28 -5.63 57.31
CA LYS H 863 -26.95 -6.11 56.96
C LYS H 863 -26.76 -7.44 57.69
N PHE H 864 -25.75 -8.19 57.27
CA PHE H 864 -25.38 -9.40 57.99
C PHE H 864 -23.90 -9.63 57.84
N LEU H 865 -23.28 -10.16 58.90
CA LEU H 865 -21.87 -10.48 58.91
C LEU H 865 -21.70 -11.99 59.06
N CYS H 866 -20.91 -12.58 58.18
CA CYS H 866 -20.57 -13.98 58.25
C CYS H 866 -19.07 -14.11 58.01
N ASP H 867 -18.44 -14.92 58.87
CA ASP H 867 -17.01 -15.11 58.82
C ASP H 867 -16.70 -16.48 59.15
N ARG H 868 -15.64 -16.97 58.65
CA ARG H 868 -15.21 -18.28 58.85
C ARG H 868 -15.86 -19.35 58.01
N VAL H 869 -16.77 -19.05 57.11
CA VAL H 869 -17.39 -20.12 56.39
C VAL H 869 -17.28 -19.90 54.95
N MET H 870 -17.31 -20.94 54.13
CA MET H 870 -17.10 -20.75 52.77
C MET H 870 -18.29 -21.22 52.11
N TRP H 871 -18.93 -20.38 51.39
CA TRP H 871 -20.14 -20.72 50.84
C TRP H 871 -20.09 -21.97 50.07
N ARG H 872 -21.13 -22.75 49.97
CA ARG H 872 -21.10 -23.99 49.33
C ARG H 872 -22.22 -24.12 48.43
N ILE H 873 -22.05 -24.69 47.25
CA ILE H 873 -23.21 -24.98 46.42
C ILE H 873 -23.09 -26.42 45.95
N PRO H 874 -23.60 -27.38 46.70
CA PRO H 874 -23.36 -28.79 46.37
C PRO H 874 -23.94 -29.15 45.02
N PHE H 875 -23.20 -29.99 44.30
CA PHE H 875 -23.62 -30.46 42.98
C PHE H 875 -24.52 -31.68 43.15
N SER H 876 -25.70 -31.43 43.70
CA SER H 876 -26.71 -32.46 43.89
C SER H 876 -28.06 -31.94 43.42
N SER H 877 -29.00 -32.87 43.23
CA SER H 877 -30.30 -32.50 42.68
C SER H 877 -31.12 -31.70 43.68
N ASN H 878 -31.13 -32.12 44.94
CA ASN H 878 -31.92 -31.47 45.97
C ASN H 878 -31.06 -30.73 46.98
N PHE H 879 -29.78 -30.52 46.70
CA PHE H 879 -28.83 -29.80 47.53
C PHE H 879 -28.51 -30.52 48.83
N MET H 880 -29.09 -31.69 49.09
CA MET H 880 -28.80 -32.39 50.32
C MET H 880 -27.51 -33.19 50.15
N SER H 881 -27.13 -33.90 51.21
CA SER H 881 -25.95 -34.77 51.20
C SER H 881 -26.43 -36.18 51.49
N MET H 882 -26.85 -36.88 50.44
CA MET H 882 -27.26 -38.27 50.55
C MET H 882 -26.09 -39.23 50.38
N GLY H 883 -24.90 -38.73 50.10
CA GLY H 883 -23.74 -39.58 49.96
C GLY H 883 -22.52 -38.77 49.58
N ALA H 884 -21.40 -39.47 49.46
CA ALA H 884 -20.16 -38.84 49.05
C ALA H 884 -20.13 -38.62 47.54
N LEU H 885 -20.20 -39.70 46.76
CA LEU H 885 -20.33 -39.59 45.32
C LEU H 885 -21.74 -39.09 45.03
N THR H 886 -21.84 -37.82 44.65
CA THR H 886 -23.12 -37.14 44.65
C THR H 886 -24.07 -37.73 43.62
N ASP H 887 -25.33 -37.30 43.71
CA ASP H 887 -26.37 -37.86 42.85
C ASP H 887 -26.12 -37.51 41.39
N LEU H 888 -25.74 -36.27 41.12
CA LEU H 888 -25.49 -35.86 39.74
C LEU H 888 -24.10 -36.26 39.26
N GLY H 889 -23.22 -36.63 40.18
CA GLY H 889 -21.88 -37.03 39.79
C GLY H 889 -21.89 -38.29 38.95
N GLN H 890 -22.65 -39.29 39.37
CA GLN H 890 -22.71 -40.57 38.68
C GLN H 890 -23.74 -40.60 37.57
N ASN H 891 -24.13 -39.44 37.05
CA ASN H 891 -25.10 -39.36 35.98
C ASN H 891 -24.39 -39.39 34.63
N MET H 892 -24.97 -40.12 33.68
CA MET H 892 -24.32 -40.35 32.40
C MET H 892 -24.34 -39.14 31.48
N LEU H 893 -25.21 -38.16 31.75
CA LEU H 893 -25.09 -36.87 31.06
C LEU H 893 -23.75 -36.23 31.35
N TYR H 894 -23.33 -36.27 32.62
CA TYR H 894 -22.06 -35.70 33.04
C TYR H 894 -20.93 -36.72 33.08
N ALA H 895 -21.23 -38.01 33.19
CA ALA H 895 -20.18 -39.02 33.17
C ALA H 895 -19.61 -39.20 31.77
N ASN H 896 -20.47 -39.29 30.76
CA ASN H 896 -20.02 -39.68 29.43
C ASN H 896 -19.44 -38.51 28.65
N SER H 897 -20.24 -37.50 28.37
CA SER H 897 -19.84 -36.42 27.49
C SER H 897 -19.01 -35.39 28.25
N ALA H 898 -18.73 -34.26 27.62
CA ALA H 898 -17.95 -33.19 28.21
C ALA H 898 -18.73 -31.88 28.11
N HIS H 899 -18.63 -31.05 29.15
CA HIS H 899 -19.34 -29.79 29.20
C HIS H 899 -18.45 -28.70 29.75
N ALA H 900 -18.52 -27.53 29.15
CA ALA H 900 -17.81 -26.38 29.66
C ALA H 900 -18.49 -25.86 30.92
N LEU H 901 -18.01 -24.73 31.43
CA LEU H 901 -18.60 -24.14 32.62
C LEU H 901 -18.24 -22.67 32.68
N ASP H 902 -19.26 -21.82 32.69
CA ASP H 902 -19.06 -20.37 32.69
C ASP H 902 -19.84 -19.80 33.86
N MET H 903 -19.12 -19.30 34.86
CA MET H 903 -19.74 -18.72 36.04
C MET H 903 -19.57 -17.21 36.02
N THR H 904 -20.26 -16.54 36.93
CA THR H 904 -20.22 -15.08 36.98
C THR H 904 -20.58 -14.66 38.40
N PHE H 905 -19.58 -14.27 39.19
CA PHE H 905 -19.81 -13.77 40.53
C PHE H 905 -19.92 -12.25 40.47
N GLU H 906 -20.98 -11.71 41.05
CA GLU H 906 -21.11 -10.27 41.23
C GLU H 906 -20.86 -9.96 42.70
N VAL H 907 -19.91 -9.06 42.97
CA VAL H 907 -19.44 -8.80 44.32
C VAL H 907 -19.55 -7.32 44.62
N ASP H 908 -19.34 -6.98 45.87
CA ASP H 908 -19.31 -5.59 46.28
C ASP H 908 -18.00 -4.95 45.82
N PRO H 909 -18.04 -3.70 45.39
CA PRO H 909 -16.83 -3.03 44.89
C PRO H 909 -15.92 -2.52 46.00
N MET H 910 -15.06 -3.41 46.50
CA MET H 910 -14.06 -3.00 47.46
C MET H 910 -12.99 -2.14 46.78
N ASP H 911 -12.36 -1.29 47.58
CA ASP H 911 -11.51 -0.25 47.01
C ASP H 911 -10.06 -0.68 46.84
N GLU H 912 -9.73 -1.94 47.11
CA GLU H 912 -8.37 -2.43 47.01
C GLU H 912 -8.35 -3.74 46.26
N PRO H 913 -7.21 -4.09 45.64
CA PRO H 913 -7.20 -5.22 44.72
C PRO H 913 -7.31 -6.58 45.39
N THR H 914 -8.52 -7.04 45.64
CA THR H 914 -8.75 -8.35 46.22
C THR H 914 -8.65 -9.43 45.13
N LEU H 915 -9.05 -10.66 45.46
CA LEU H 915 -9.06 -11.73 44.49
C LEU H 915 -9.99 -12.85 44.95
N LEU H 916 -10.80 -13.34 44.03
CA LEU H 916 -11.72 -14.43 44.30
C LEU H 916 -10.96 -15.74 44.50
N TYR H 917 -11.57 -16.66 45.24
CA TYR H 917 -10.92 -17.90 45.67
C TYR H 917 -11.84 -19.09 45.44
N LEU H 918 -12.34 -19.23 44.22
CA LEU H 918 -13.15 -20.39 43.87
C LEU H 918 -12.42 -21.67 44.20
N LEU H 919 -13.18 -22.70 44.54
CA LEU H 919 -12.58 -23.94 45.04
C LEU H 919 -13.56 -25.07 44.71
N PHE H 920 -13.24 -25.85 43.68
CA PHE H 920 -14.12 -26.94 43.28
C PHE H 920 -14.08 -28.07 44.29
N GLU H 921 -14.78 -29.15 43.98
CA GLU H 921 -14.82 -30.33 44.84
C GLU H 921 -14.49 -31.55 44.00
N VAL H 922 -13.50 -32.31 44.44
CA VAL H 922 -13.01 -33.47 43.70
C VAL H 922 -12.91 -34.64 44.67
N PHE H 923 -12.34 -35.75 44.21
CA PHE H 923 -12.31 -36.99 44.97
C PHE H 923 -10.90 -37.56 45.02
N ASP H 924 -9.91 -36.74 45.34
CA ASP H 924 -8.53 -37.21 45.28
C ASP H 924 -8.24 -38.22 46.38
N VAL H 925 -7.72 -39.38 46.00
CA VAL H 925 -7.42 -40.47 46.91
C VAL H 925 -6.07 -41.05 46.55
N VAL H 926 -5.57 -41.94 47.40
CA VAL H 926 -4.34 -42.68 47.13
C VAL H 926 -4.56 -44.13 47.48
N ARG H 927 -3.63 -44.99 47.05
CA ARG H 927 -3.64 -46.41 47.39
C ARG H 927 -2.18 -46.83 47.56
N VAL H 928 -1.66 -46.73 48.78
CA VAL H 928 -0.27 -47.02 49.03
C VAL H 928 -0.07 -48.52 49.16
N HIS H 929 0.88 -49.07 48.41
CA HIS H 929 1.11 -50.49 48.32
C HIS H 929 2.56 -50.77 48.68
N GLN H 930 2.79 -51.82 49.46
CA GLN H 930 4.13 -52.18 49.96
C GLN H 930 4.39 -53.64 49.66
N PRO H 931 4.69 -53.97 48.41
CA PRO H 931 4.80 -55.39 48.03
C PRO H 931 5.84 -56.17 48.80
N HIS H 932 7.00 -55.58 49.11
CA HIS H 932 8.01 -56.27 49.89
C HIS H 932 8.91 -55.23 50.56
N ARG H 933 9.86 -55.71 51.34
CA ARG H 933 10.60 -54.87 52.27
C ARG H 933 11.29 -53.72 51.55
N GLY H 934 11.12 -52.52 52.08
CA GLY H 934 11.78 -51.35 51.54
C GLY H 934 11.16 -50.77 50.29
N VAL H 935 10.00 -51.26 49.87
CA VAL H 935 9.36 -50.82 48.64
C VAL H 935 8.00 -50.23 48.99
N ILE H 936 7.77 -48.99 48.59
CA ILE H 936 6.49 -48.32 48.79
C ILE H 936 6.13 -47.60 47.50
N GLU H 937 4.90 -47.79 47.03
CA GLU H 937 4.43 -47.11 45.84
C GLU H 937 2.98 -46.68 46.05
N ALA H 938 2.57 -45.62 45.36
CA ALA H 938 1.24 -45.07 45.52
C ALA H 938 0.67 -44.75 44.15
N VAL H 939 -0.66 -44.65 44.08
CA VAL H 939 -1.32 -44.25 42.84
C VAL H 939 -2.37 -43.20 43.13
N TYR H 940 -2.02 -41.94 42.98
CA TYR H 940 -2.96 -40.86 43.22
C TYR H 940 -4.00 -40.79 42.11
N LEU H 941 -5.17 -40.26 42.44
CA LEU H 941 -6.23 -40.11 41.44
C LEU H 941 -7.18 -39.03 41.90
N ARG H 942 -7.14 -37.88 41.24
CA ARG H 942 -8.11 -36.81 41.41
C ARG H 942 -9.05 -36.89 40.20
N THR H 943 -10.31 -37.25 40.45
CA THR H 943 -11.09 -37.68 39.29
C THR H 943 -11.63 -36.53 38.45
N PRO H 944 -12.36 -35.54 39.01
CA PRO H 944 -12.90 -34.50 38.14
C PRO H 944 -11.81 -33.68 37.48
N PHE H 945 -10.93 -33.07 38.27
CA PHE H 945 -9.82 -32.28 37.74
C PHE H 945 -8.54 -33.10 37.83
N SER H 946 -8.42 -34.06 36.91
CA SER H 946 -7.31 -34.99 36.94
C SER H 946 -5.98 -34.27 36.79
N ALA H 947 -5.03 -34.63 37.65
CA ALA H 947 -3.70 -34.03 37.59
C ALA H 947 -2.83 -34.66 36.51
N GLY H 948 -3.30 -35.72 35.87
CA GLY H 948 -2.54 -36.35 34.80
C GLY H 948 -3.47 -36.76 33.68
N ASN H 949 -2.92 -36.80 32.48
CA ASN H 949 -3.69 -37.20 31.31
C ASN H 949 -2.74 -37.87 30.34
N ALA H 950 -3.18 -38.01 29.09
CA ALA H 950 -2.35 -38.69 28.10
C ALA H 950 -1.05 -37.95 27.84
N THR H 951 -1.11 -36.61 27.81
CA THR H 951 0.07 -35.82 27.50
C THR H 951 1.16 -35.99 28.55
N THR H 952 0.82 -35.79 29.81
CA THR H 952 1.81 -35.86 30.88
C THR H 952 1.90 -37.29 31.40
N ALA I 2 -55.14 -51.78 81.26
CA ALA I 2 -55.65 -52.93 81.99
C ALA I 2 -57.16 -52.80 82.19
N THR I 3 -57.80 -52.00 81.36
CA THR I 3 -59.25 -51.83 81.38
C THR I 3 -59.82 -52.36 80.09
N PRO I 4 -60.38 -53.57 80.08
CA PRO I 4 -60.91 -54.13 78.82
C PRO I 4 -61.98 -53.27 78.18
N SER I 5 -62.79 -52.57 78.97
CA SER I 5 -63.86 -51.77 78.39
C SER I 5 -63.30 -50.63 77.55
N MET I 6 -62.24 -49.98 78.01
CA MET I 6 -61.69 -48.82 77.33
C MET I 6 -60.61 -49.15 76.33
N MET I 7 -60.17 -50.41 76.26
CA MET I 7 -59.07 -50.75 75.37
C MET I 7 -59.33 -50.45 73.90
N PRO I 8 -60.48 -50.80 73.31
CA PRO I 8 -60.65 -50.48 71.88
C PRO I 8 -60.57 -49.01 71.58
N GLN I 9 -61.02 -48.15 72.49
CA GLN I 9 -60.95 -46.72 72.24
C GLN I 9 -59.52 -46.22 72.31
N TRP I 10 -58.69 -46.85 73.13
CA TRP I 10 -57.27 -46.48 73.19
C TRP I 10 -56.50 -47.05 72.01
N ALA I 11 -56.81 -48.27 71.60
CA ALA I 11 -56.09 -48.89 70.50
C ALA I 11 -56.31 -48.11 69.21
N TYR I 12 -57.51 -47.58 69.01
CA TYR I 12 -57.78 -46.79 67.82
C TYR I 12 -56.96 -45.51 67.82
N MET I 13 -56.84 -44.84 68.96
CA MET I 13 -56.12 -43.58 69.03
C MET I 13 -54.66 -43.73 69.40
N HIS I 14 -54.18 -44.96 69.59
CA HIS I 14 -52.78 -45.23 69.90
C HIS I 14 -52.35 -44.55 71.18
N ILE I 15 -53.09 -44.83 72.26
CA ILE I 15 -52.68 -44.42 73.59
C ILE I 15 -52.09 -45.64 74.27
N ALA I 16 -52.53 -46.82 73.85
CA ALA I 16 -52.00 -48.07 74.38
C ALA I 16 -52.36 -49.18 73.41
N GLY I 17 -51.36 -49.81 72.81
CA GLY I 17 -51.62 -50.87 71.86
C GLY I 17 -50.43 -51.24 71.01
N GLN I 18 -50.64 -51.36 69.71
CA GLN I 18 -49.55 -51.68 68.80
C GLN I 18 -48.57 -50.51 68.72
N ASP I 19 -47.31 -50.85 68.52
CA ASP I 19 -46.27 -49.85 68.28
C ASP I 19 -46.30 -49.44 66.82
N ALA I 20 -45.81 -48.22 66.54
CA ALA I 20 -45.88 -47.70 65.18
C ALA I 20 -45.21 -48.61 64.18
N SER I 21 -44.15 -49.29 64.58
CA SER I 21 -43.47 -50.19 63.66
C SER I 21 -44.27 -51.44 63.37
N GLU I 22 -45.37 -51.69 64.08
CA GLU I 22 -46.08 -52.94 63.93
C GLU I 22 -47.59 -52.81 63.74
N TYR I 23 -48.10 -51.60 63.48
CA TYR I 23 -49.48 -51.49 63.01
C TYR I 23 -49.61 -50.81 61.66
N LEU I 24 -48.56 -50.14 61.20
CA LEU I 24 -48.56 -49.66 59.82
C LEU I 24 -48.51 -50.85 58.87
N SER I 25 -48.85 -50.61 57.62
CA SER I 25 -48.70 -51.65 56.62
C SER I 25 -47.24 -52.02 56.48
N PRO I 26 -46.95 -53.29 56.19
CA PRO I 26 -45.54 -53.69 56.05
C PRO I 26 -44.83 -52.95 54.94
N GLY I 27 -45.56 -52.48 53.93
CA GLY I 27 -44.94 -51.65 52.91
C GLY I 27 -44.48 -50.31 53.44
N LEU I 28 -45.33 -49.66 54.25
CA LEU I 28 -45.00 -48.32 54.72
C LEU I 28 -43.78 -48.35 55.65
N VAL I 29 -43.73 -49.31 56.57
CA VAL I 29 -42.63 -49.34 57.52
C VAL I 29 -41.32 -49.68 56.81
N GLN I 30 -41.35 -50.56 55.82
CA GLN I 30 -40.17 -50.81 55.01
C GLN I 30 -39.76 -49.58 54.22
N PHE I 31 -40.74 -48.86 53.69
CA PHE I 31 -40.46 -47.62 52.97
C PHE I 31 -39.83 -46.58 53.89
N ALA I 32 -40.34 -46.45 55.11
CA ALA I 32 -39.91 -45.38 55.98
C ALA I 32 -38.45 -45.53 56.38
N ARG I 33 -38.04 -46.75 56.72
CA ARG I 33 -36.66 -46.95 57.17
C ARG I 33 -35.68 -46.85 56.02
N ALA I 34 -36.13 -47.07 54.79
CA ALA I 34 -35.23 -47.00 53.64
C ALA I 34 -34.83 -45.57 53.35
N THR I 35 -35.72 -44.61 53.58
CA THR I 35 -35.50 -43.22 53.23
C THR I 35 -35.32 -42.32 54.44
N ASP I 36 -35.03 -42.90 55.61
CA ASP I 36 -34.94 -42.08 56.81
C ASP I 36 -33.72 -41.18 56.81
N THR I 37 -32.79 -41.36 55.88
CA THR I 37 -31.60 -40.52 55.87
C THR I 37 -31.93 -39.09 55.47
N TYR I 38 -32.87 -38.91 54.54
CA TYR I 38 -33.17 -37.58 54.03
C TYR I 38 -34.63 -37.16 54.18
N PHE I 39 -35.56 -38.10 54.24
CA PHE I 39 -36.98 -37.78 54.42
C PHE I 39 -37.51 -38.67 55.54
N SER I 40 -37.80 -38.05 56.69
CA SER I 40 -38.15 -38.79 57.89
C SER I 40 -39.66 -38.86 58.06
N LEU I 41 -40.17 -40.06 58.30
CA LEU I 41 -41.58 -40.28 58.61
C LEU I 41 -41.76 -40.79 60.04
N GLY I 42 -40.88 -40.37 60.95
CA GLY I 42 -40.91 -40.89 62.29
C GLY I 42 -41.83 -40.14 63.23
N ASN I 43 -41.73 -38.82 63.25
CA ASN I 43 -42.48 -38.02 64.21
C ASN I 43 -43.96 -37.96 63.88
N LYS I 44 -44.37 -38.49 62.76
CA LYS I 44 -45.74 -38.40 62.40
C LYS I 44 -46.46 -39.53 63.05
N PHE I 45 -46.34 -40.76 62.63
CA PHE I 45 -47.03 -41.78 63.32
C PHE I 45 -46.61 -41.92 64.77
N ARG I 46 -47.50 -42.20 65.73
CA ARG I 46 -47.18 -42.28 67.19
C ARG I 46 -47.02 -43.63 67.71
N ASN I 47 -46.11 -43.82 68.65
CA ASN I 47 -45.88 -45.09 69.22
C ASN I 47 -46.27 -45.00 70.65
N PRO I 48 -47.14 -45.84 71.13
CA PRO I 48 -47.54 -45.86 72.50
C PRO I 48 -46.62 -46.37 73.49
N THR I 49 -46.64 -45.87 74.74
CA THR I 49 -45.86 -46.41 75.83
C THR I 49 -46.83 -46.56 76.95
N VAL I 50 -46.84 -47.67 77.65
CA VAL I 50 -47.81 -47.93 78.72
C VAL I 50 -47.08 -48.53 79.91
N ALA I 51 -47.29 -47.96 81.09
CA ALA I 51 -46.61 -48.42 82.28
C ALA I 51 -47.13 -49.80 82.69
N PRO I 52 -46.34 -50.54 83.46
CA PRO I 52 -46.79 -51.86 83.92
C PRO I 52 -47.87 -51.72 84.98
N THR I 53 -48.48 -52.86 85.31
CA THR I 53 -49.57 -52.88 86.26
C THR I 53 -49.46 -54.10 87.16
N HIS I 54 -50.02 -53.98 88.35
CA HIS I 54 -50.34 -55.06 89.29
C HIS I 54 -49.12 -55.87 89.74
N ASP I 55 -47.91 -55.49 89.33
CA ASP I 55 -46.75 -56.25 89.76
C ASP I 55 -45.52 -55.42 90.08
N VAL I 56 -45.59 -54.09 90.01
CA VAL I 56 -44.42 -53.25 90.25
C VAL I 56 -44.56 -52.39 91.48
N THR I 57 -45.72 -52.37 92.13
CA THR I 57 -45.91 -51.52 93.28
C THR I 57 -47.00 -52.09 94.17
N THR I 58 -46.78 -51.99 95.48
CA THR I 58 -47.71 -52.55 96.44
C THR I 58 -48.99 -51.74 96.49
N ASP I 59 -50.03 -52.36 97.07
CA ASP I 59 -51.29 -51.69 97.33
C ASP I 59 -51.58 -51.60 98.81
N ARG I 60 -50.71 -52.15 99.67
CA ARG I 60 -50.86 -52.03 101.10
C ARG I 60 -50.52 -50.62 101.54
N SER I 61 -50.50 -50.42 102.86
CA SER I 61 -50.22 -49.11 103.44
C SER I 61 -48.84 -49.17 104.10
N GLN I 62 -47.81 -48.72 103.37
CA GLN I 62 -46.48 -48.67 103.93
C GLN I 62 -45.85 -47.33 103.58
N ARG I 63 -45.14 -46.74 104.54
CA ARG I 63 -44.57 -45.42 104.35
C ARG I 63 -43.38 -45.48 103.39
N LEU I 64 -43.22 -44.41 102.61
CA LEU I 64 -42.13 -44.35 101.63
C LEU I 64 -40.78 -44.09 102.29
N THR I 65 -40.72 -43.20 103.28
CA THR I 65 -39.47 -42.82 103.90
C THR I 65 -39.65 -42.77 105.41
N LEU I 66 -38.64 -43.22 106.14
CA LEU I 66 -38.69 -43.28 107.59
C LEU I 66 -37.51 -42.54 108.19
N ARG I 67 -37.69 -42.06 109.42
CA ARG I 67 -36.60 -41.50 110.21
C ARG I 67 -36.45 -42.30 111.49
N PHE I 68 -35.22 -42.67 111.81
CA PHE I 68 -34.91 -43.43 113.01
C PHE I 68 -34.20 -42.52 113.99
N VAL I 69 -34.78 -42.35 115.17
CA VAL I 69 -34.16 -41.56 116.22
C VAL I 69 -33.03 -42.40 116.80
N PRO I 70 -31.92 -41.79 117.25
CA PRO I 70 -30.81 -42.59 117.77
C PRO I 70 -31.21 -43.28 119.06
N VAL I 71 -30.63 -44.47 119.28
CA VAL I 71 -31.03 -45.27 120.43
C VAL I 71 -30.26 -44.84 121.67
N ASP I 72 -28.93 -44.70 121.55
CA ASP I 72 -28.10 -44.30 122.69
C ASP I 72 -27.01 -43.34 122.19
N ARG I 73 -27.32 -42.06 122.27
CA ARG I 73 -26.34 -41.04 121.92
C ARG I 73 -25.20 -41.02 122.93
N GLU I 74 -24.03 -40.59 122.48
CA GLU I 74 -22.86 -40.42 123.33
C GLU I 74 -22.07 -39.23 122.84
N ALA I 75 -21.94 -38.20 123.69
CA ALA I 75 -21.35 -36.93 123.29
C ALA I 75 -20.04 -36.74 124.04
N THR I 76 -18.95 -37.20 123.42
CA THR I 76 -17.63 -36.99 123.98
C THR I 76 -17.21 -35.54 123.76
N THR I 77 -15.98 -35.21 124.18
CA THR I 77 -15.46 -33.87 123.99
C THR I 77 -15.28 -33.55 122.51
N TYR I 78 -14.83 -34.53 121.73
CA TYR I 78 -14.59 -34.31 120.30
C TYR I 78 -15.28 -35.33 119.41
N LEU I 79 -15.98 -36.31 119.95
CA LEU I 79 -16.73 -37.27 119.17
C LEU I 79 -18.22 -37.04 119.35
N TYR I 80 -19.01 -37.87 118.67
CA TYR I 80 -20.44 -37.98 118.95
C TYR I 80 -20.90 -39.31 118.39
N LYS I 81 -21.23 -40.24 119.26
CA LYS I 81 -21.51 -41.61 118.88
C LYS I 81 -23.02 -41.82 118.90
N ALA I 82 -23.59 -42.14 117.75
CA ALA I 82 -25.02 -42.37 117.62
C ALA I 82 -25.25 -43.81 117.17
N ARG I 83 -26.10 -44.54 117.90
CA ARG I 83 -26.41 -45.91 117.57
C ARG I 83 -27.89 -46.02 117.23
N PHE I 84 -28.19 -46.66 116.11
CA PHE I 84 -29.56 -46.78 115.61
C PHE I 84 -29.96 -48.24 115.58
N THR I 85 -31.18 -48.49 115.12
CA THR I 85 -31.74 -49.82 114.95
C THR I 85 -32.42 -49.93 113.61
N LEU I 86 -31.70 -49.56 112.56
CA LEU I 86 -32.19 -49.62 111.19
C LEU I 86 -32.87 -50.96 110.96
N ALA I 87 -34.18 -50.94 110.72
CA ALA I 87 -35.00 -52.15 110.72
C ALA I 87 -35.84 -52.19 109.46
N VAL I 88 -35.42 -52.98 108.48
CA VAL I 88 -36.20 -53.22 107.28
C VAL I 88 -37.26 -54.26 107.62
N GLY I 89 -38.54 -53.86 107.53
CA GLY I 89 -39.59 -54.63 108.16
C GLY I 89 -39.77 -56.04 107.66
N ASP I 90 -40.32 -56.21 106.46
CA ASP I 90 -40.54 -57.54 105.90
C ASP I 90 -41.07 -57.38 104.50
N ASN I 91 -40.72 -58.34 103.64
CA ASN I 91 -41.01 -58.32 102.21
C ASN I 91 -40.90 -56.90 101.64
N ARG I 92 -39.80 -56.25 101.97
CA ARG I 92 -39.39 -55.02 101.30
C ARG I 92 -37.89 -54.88 101.45
N VAL I 93 -37.26 -54.26 100.47
CA VAL I 93 -35.82 -54.16 100.39
C VAL I 93 -35.42 -52.70 100.42
N LEU I 94 -34.37 -52.40 101.17
CA LEU I 94 -33.84 -51.05 101.28
C LEU I 94 -32.48 -50.99 100.60
N ASP I 95 -32.30 -50.02 99.71
CA ASP I 95 -31.02 -49.77 99.09
C ASP I 95 -30.26 -48.75 99.92
N MET I 96 -29.10 -49.15 100.45
CA MET I 96 -28.40 -48.33 101.42
C MET I 96 -27.93 -47.00 100.85
N ALA I 97 -27.93 -46.84 99.51
CA ALA I 97 -27.52 -45.57 98.94
C ALA I 97 -28.44 -44.44 99.36
N SER I 98 -29.70 -44.75 99.63
CA SER I 98 -30.70 -43.76 100.02
C SER I 98 -30.80 -43.64 101.53
N THR I 99 -29.68 -43.46 102.22
CA THR I 99 -29.68 -43.26 103.67
C THR I 99 -28.67 -42.16 103.99
N TYR I 100 -29.09 -41.19 104.78
CA TYR I 100 -28.21 -40.08 105.12
C TYR I 100 -28.47 -39.65 106.55
N PHE I 101 -27.39 -39.55 107.32
CA PHE I 101 -27.45 -39.05 108.68
C PHE I 101 -27.80 -37.58 108.63
N ASP I 102 -28.91 -37.20 109.25
CA ASP I 102 -29.38 -35.82 109.23
C ASP I 102 -29.01 -35.17 110.55
N ILE I 103 -27.90 -34.44 110.57
CA ILE I 103 -27.38 -33.82 111.78
C ILE I 103 -27.91 -32.39 111.85
N ARG I 104 -28.04 -31.89 113.08
CA ARG I 104 -28.64 -30.58 113.30
C ARG I 104 -28.20 -30.06 114.65
N GLY I 105 -27.54 -28.91 114.65
CA GLY I 105 -27.03 -28.36 115.88
C GLY I 105 -26.89 -26.86 115.78
N VAL I 106 -25.87 -26.34 116.48
CA VAL I 106 -25.55 -24.93 116.48
C VAL I 106 -24.07 -24.78 116.19
N LEU I 107 -23.74 -23.97 115.20
CA LEU I 107 -22.36 -23.72 114.81
C LEU I 107 -22.01 -22.27 115.09
N ASP I 108 -20.82 -22.05 115.66
CA ASP I 108 -20.33 -20.71 115.96
C ASP I 108 -18.96 -20.56 115.32
N ARG I 109 -18.90 -19.85 114.20
CA ARG I 109 -17.62 -19.50 113.63
C ARG I 109 -16.92 -18.46 114.49
N GLY I 110 -15.59 -18.44 114.44
CA GLY I 110 -14.83 -17.62 115.33
C GLY I 110 -14.97 -16.15 115.01
N PRO I 111 -14.33 -15.32 115.83
CA PRO I 111 -14.19 -13.90 115.47
C PRO I 111 -13.39 -13.70 114.21
N SER I 112 -12.62 -14.70 113.78
CA SER I 112 -11.86 -14.66 112.55
C SER I 112 -12.75 -14.63 111.32
N PHE I 113 -14.04 -14.88 111.46
CA PHE I 113 -14.93 -14.93 110.31
C PHE I 113 -15.13 -13.53 109.74
N LYS I 114 -15.02 -13.42 108.42
CA LYS I 114 -15.31 -12.20 107.69
C LYS I 114 -15.59 -12.56 106.25
N PRO I 115 -16.85 -12.73 105.88
CA PRO I 115 -17.16 -13.27 104.55
C PRO I 115 -17.28 -12.24 103.46
N TYR I 116 -16.81 -11.01 103.69
CA TYR I 116 -16.81 -9.99 102.66
C TYR I 116 -15.45 -9.30 102.64
N SER I 117 -15.09 -8.78 101.47
CA SER I 117 -13.72 -8.31 101.28
C SER I 117 -13.51 -6.93 101.89
N GLY I 118 -14.22 -5.92 101.42
CA GLY I 118 -14.05 -4.56 101.91
C GLY I 118 -14.64 -4.38 103.29
N THR I 119 -14.99 -3.14 103.60
CA THR I 119 -15.69 -2.82 104.83
C THR I 119 -17.18 -2.65 104.55
N ALA I 120 -17.91 -2.23 105.57
CA ALA I 120 -19.34 -1.99 105.45
C ALA I 120 -19.77 -0.62 105.95
N TYR I 121 -18.91 0.10 106.67
CA TYR I 121 -19.26 1.38 107.25
C TYR I 121 -18.40 2.46 106.65
N ASN I 122 -19.03 3.51 106.14
CA ASN I 122 -18.33 4.62 105.50
C ASN I 122 -17.37 4.10 104.44
N SER I 123 -17.90 3.23 103.58
CA SER I 123 -17.05 2.58 102.58
C SER I 123 -16.41 3.59 101.65
N LEU I 124 -17.16 4.60 101.23
CA LEU I 124 -16.67 5.56 100.26
C LEU I 124 -15.76 6.61 100.88
N ALA I 125 -15.63 6.65 102.20
CA ALA I 125 -14.76 7.64 102.82
C ALA I 125 -13.31 7.38 102.45
N PRO I 126 -12.52 8.43 102.23
CA PRO I 126 -11.08 8.23 102.05
C PRO I 126 -10.46 7.59 103.27
N LYS I 127 -9.49 6.71 103.04
CA LYS I 127 -8.96 5.88 104.12
C LYS I 127 -8.22 6.68 105.17
N GLY I 128 -7.79 7.90 104.85
CA GLY I 128 -7.14 8.75 105.82
C GLY I 128 -8.05 9.80 106.44
N ALA I 129 -9.34 9.78 106.14
CA ALA I 129 -10.23 10.82 106.63
C ALA I 129 -10.59 10.56 108.08
N PRO I 130 -10.32 11.48 108.99
CA PRO I 130 -10.72 11.31 110.39
C PRO I 130 -12.07 11.94 110.67
N ASN I 131 -12.89 11.26 111.45
CA ASN I 131 -14.14 11.85 111.87
C ASN I 131 -13.87 12.98 112.85
N PRO I 132 -14.74 13.99 112.88
CA PRO I 132 -14.52 15.14 113.78
C PRO I 132 -14.42 14.70 115.23
N SER I 133 -13.63 15.50 115.90
CA SER I 133 -13.40 15.26 117.28
C SER I 133 -12.69 16.35 117.95
N GLN I 134 -12.34 16.10 119.21
CA GLN I 134 -11.61 17.06 119.97
C GLN I 134 -10.40 16.52 120.72
N TRP I 135 -9.31 17.25 120.80
CA TRP I 135 -8.19 16.81 121.59
C TRP I 135 -7.67 17.93 122.40
N GLU I 136 -7.21 17.68 123.62
CA GLU I 136 -6.60 18.72 124.45
C GLU I 136 -5.25 19.16 123.97
N THR I 137 -4.76 20.31 124.42
CA THR I 137 -3.50 20.82 123.86
C THR I 137 -2.59 21.65 124.75
N LYS I 138 -1.60 22.33 124.16
CA LYS I 138 -0.69 23.16 124.94
C LYS I 138 -0.37 24.44 124.19
N GLU I 139 -1.36 25.00 123.50
CA GLU I 139 -1.11 26.12 122.60
C GLU I 139 -0.70 27.37 123.36
N LYS I 140 0.18 28.16 122.74
CA LYS I 140 0.59 29.43 123.32
C LYS I 140 -0.54 30.45 123.20
N GLN I 141 -0.60 31.38 124.14
CA GLN I 141 -1.68 32.36 124.19
C GLN I 141 -1.07 33.74 124.40
N GLY I 142 -0.92 34.50 123.31
CA GLY I 142 -0.52 35.88 123.37
C GLY I 142 0.98 36.06 123.58
N THR I 143 1.35 37.32 123.84
CA THR I 143 2.75 37.68 124.05
C THR I 143 3.32 37.00 125.28
N THR I 144 2.47 36.68 126.26
CA THR I 144 2.94 36.06 127.50
C THR I 144 3.62 34.72 127.23
N GLY I 145 3.17 33.97 126.23
CA GLY I 145 3.76 32.68 125.97
C GLY I 145 3.35 31.60 126.94
N GLY I 146 2.36 31.87 127.79
CA GLY I 146 1.87 30.90 128.73
C GLY I 146 1.34 29.65 128.04
N VAL I 147 1.71 28.49 128.57
CA VAL I 147 1.28 27.21 127.98
C VAL I 147 -0.08 26.90 128.59
N GLN I 148 -1.12 27.47 127.99
CA GLN I 148 -2.48 27.32 128.48
C GLN I 148 -2.99 25.95 128.04
N GLN I 149 -2.84 24.96 128.92
CA GLN I 149 -3.21 23.58 128.60
C GLN I 149 -4.73 23.47 128.63
N GLU I 150 -5.36 23.94 127.56
CA GLU I 150 -6.80 23.88 127.44
C GLU I 150 -7.14 23.34 126.05
N LYS I 151 -8.43 23.04 125.86
CA LYS I 151 -8.89 22.47 124.60
C LYS I 151 -8.91 23.53 123.52
N ASP I 152 -7.74 24.12 123.24
CA ASP I 152 -7.67 25.30 122.39
C ASP I 152 -8.04 24.96 120.95
N VAL I 153 -7.37 23.97 120.32
CA VAL I 153 -7.60 23.61 118.91
C VAL I 153 -8.33 22.36 119.04
N THR I 154 -9.13 22.34 120.03
CA THR I 154 -9.72 21.15 120.24
C THR I 154 -10.67 20.67 119.18
N LYS I 155 -11.57 21.46 118.64
CA LYS I 155 -12.56 20.90 117.73
C LYS I 155 -12.04 20.94 116.44
N THR I 156 -11.06 20.17 116.23
CA THR I 156 -10.37 20.27 115.06
C THR I 156 -10.81 19.96 113.75
N PHE I 157 -11.36 18.82 113.58
CA PHE I 157 -11.62 18.57 112.24
C PHE I 157 -12.99 18.53 112.07
N GLY I 158 -13.62 19.39 112.79
CA GLY I 158 -15.00 19.49 112.55
C GLY I 158 -15.52 19.87 111.20
N VAL I 159 -16.60 19.27 110.79
CA VAL I 159 -17.32 19.60 109.57
C VAL I 159 -18.79 19.73 109.88
N ALA I 160 -19.35 20.91 109.65
CA ALA I 160 -20.74 21.18 109.98
C ALA I 160 -21.32 22.08 108.90
N ALA I 161 -22.29 21.57 108.14
CA ALA I 161 -22.90 22.35 107.08
C ALA I 161 -24.41 22.12 107.03
N THR I 162 -25.04 21.97 108.19
CA THR I 162 -26.48 21.74 108.19
C THR I 162 -27.25 22.97 107.80
N GLY I 163 -26.83 24.15 108.28
CA GLY I 163 -27.52 25.37 107.94
C GLY I 163 -28.63 25.71 108.90
N GLY I 164 -28.74 26.98 109.27
CA GLY I 164 -29.77 27.40 110.20
C GLY I 164 -30.01 28.89 110.12
N ILE I 165 -31.19 29.30 110.60
CA ILE I 165 -31.58 30.70 110.53
C ILE I 165 -30.76 31.54 111.50
N ASN I 166 -30.63 31.08 112.74
CA ASN I 166 -29.95 31.86 113.76
C ASN I 166 -29.52 30.94 114.89
N ILE I 167 -28.44 31.31 115.57
CA ILE I 167 -27.86 30.49 116.63
C ILE I 167 -28.16 31.14 117.97
N THR I 168 -28.70 30.36 118.90
CA THR I 168 -28.92 30.78 120.27
C THR I 168 -28.38 29.70 121.20
N ASN I 169 -28.35 30.01 122.49
CA ASN I 169 -27.94 29.01 123.48
C ASN I 169 -28.88 27.81 123.46
N GLN I 170 -30.13 28.01 123.07
CA GLN I 170 -31.10 26.92 123.08
C GLN I 170 -30.81 25.90 121.98
N GLY I 171 -30.22 26.33 120.87
CA GLY I 171 -29.93 25.41 119.78
C GLY I 171 -29.54 26.07 118.48
N LEU I 172 -29.95 25.47 117.36
CA LEU I 172 -29.58 25.97 116.04
C LEU I 172 -30.72 26.68 115.32
N LEU I 173 -31.96 26.48 115.74
CA LEU I 173 -33.11 27.21 115.18
C LEU I 173 -33.19 26.98 113.66
N LEU I 174 -33.48 25.72 113.31
CA LEU I 174 -33.56 25.33 111.91
C LEU I 174 -34.56 26.20 111.15
N GLY I 175 -35.83 26.12 111.52
CA GLY I 175 -36.86 26.86 110.83
C GLY I 175 -37.80 27.54 111.82
N THR I 176 -38.60 28.46 111.27
CA THR I 176 -39.56 29.23 112.08
C THR I 176 -40.88 29.27 111.31
N ASP I 177 -41.74 28.28 111.57
CA ASP I 177 -43.11 28.28 111.07
C ASP I 177 -44.00 28.56 112.28
N GLU I 178 -44.17 29.84 112.58
CA GLU I 178 -44.80 30.26 113.83
C GLU I 178 -46.31 30.12 113.70
N THR I 179 -46.85 29.02 114.22
CA THR I 179 -48.30 28.93 114.38
C THR I 179 -48.79 29.95 115.39
N ALA I 180 -48.31 29.86 116.63
CA ALA I 180 -48.55 30.87 117.65
C ALA I 180 -47.29 31.57 118.12
N GLU I 181 -46.32 30.82 118.64
CA GLU I 181 -45.09 31.40 119.16
C GLU I 181 -43.84 30.59 118.82
N ASN I 182 -43.95 29.52 118.04
CA ASN I 182 -42.92 28.51 117.98
C ASN I 182 -41.82 28.90 116.99
N GLY I 183 -40.60 28.97 117.49
CA GLY I 183 -39.41 28.99 116.66
C GLY I 183 -38.68 27.68 116.84
N LYS I 184 -38.70 26.83 115.82
CA LYS I 184 -38.28 25.44 115.97
C LYS I 184 -36.78 25.36 116.21
N LYS I 185 -36.39 25.07 117.45
CA LYS I 185 -35.02 24.68 117.74
C LYS I 185 -34.84 23.23 117.28
N ASP I 186 -33.68 22.64 117.56
CA ASP I 186 -33.39 21.30 117.08
C ASP I 186 -33.25 20.33 118.24
N ILE I 187 -33.69 19.10 118.02
CA ILE I 187 -33.58 18.03 119.00
C ILE I 187 -32.14 17.53 119.00
N TYR I 188 -31.46 17.66 120.13
CA TYR I 188 -30.08 17.21 120.24
C TYR I 188 -29.97 15.72 120.51
N ALA I 189 -31.02 14.95 120.27
CA ALA I 189 -30.98 13.51 120.42
C ALA I 189 -30.99 12.79 119.08
N ASP I 190 -31.99 13.05 118.23
CA ASP I 190 -32.14 12.35 116.96
C ASP I 190 -31.99 13.27 115.76
N LYS I 191 -32.69 14.40 115.75
CA LYS I 191 -32.65 15.36 114.66
C LYS I 191 -31.42 16.25 114.74
N THR I 192 -30.40 15.77 115.46
CA THR I 192 -29.27 16.59 115.85
C THR I 192 -28.42 16.91 114.63
N PHE I 193 -29.00 17.61 113.66
CA PHE I 193 -28.34 17.92 112.42
C PHE I 193 -27.77 16.64 111.81
N GLN I 194 -28.68 15.71 111.55
CA GLN I 194 -28.39 14.37 111.09
C GLN I 194 -27.29 14.40 110.04
N PRO I 195 -26.33 13.49 110.10
CA PRO I 195 -25.16 13.60 109.22
C PRO I 195 -25.50 13.60 107.74
N GLU I 196 -26.60 12.97 107.31
CA GLU I 196 -26.93 13.01 105.88
C GLU I 196 -27.39 14.39 105.43
N PRO I 197 -28.52 14.92 105.91
CA PRO I 197 -29.04 16.14 105.30
C PRO I 197 -28.24 17.36 105.73
N GLN I 198 -27.72 18.09 104.75
CA GLN I 198 -27.04 19.35 104.98
C GLN I 198 -27.39 20.28 103.81
N VAL I 199 -26.70 21.41 103.73
CA VAL I 199 -27.05 22.47 102.78
C VAL I 199 -26.86 21.98 101.35
N GLY I 200 -26.38 20.75 101.19
CA GLY I 200 -26.23 20.18 99.87
C GLY I 200 -27.53 20.00 99.12
N GLU I 201 -28.68 20.16 99.79
CA GLU I 201 -29.95 20.09 99.09
C GLU I 201 -29.96 21.03 97.90
N GLU I 202 -29.65 22.31 98.14
CA GLU I 202 -29.19 23.17 97.06
C GLU I 202 -27.77 22.79 96.72
N ASN I 203 -27.43 22.85 95.44
CA ASN I 203 -26.10 22.40 95.05
C ASN I 203 -25.06 23.46 95.38
N TRP I 204 -23.88 23.30 94.79
CA TRP I 204 -22.67 24.06 95.09
C TRP I 204 -22.89 25.52 95.45
N GLN I 205 -23.82 26.19 94.77
CA GLN I 205 -23.98 27.62 95.02
C GLN I 205 -24.69 27.93 96.33
N GLU I 206 -25.06 26.92 97.11
CA GLU I 206 -25.77 27.18 98.36
C GLU I 206 -24.88 27.87 99.38
N ASN I 207 -25.44 28.86 100.06
CA ASN I 207 -24.77 29.52 101.17
C ASN I 207 -25.81 29.81 102.25
N GLU I 208 -25.35 29.85 103.49
CA GLU I 208 -26.24 30.03 104.63
C GLU I 208 -25.56 30.92 105.66
N ALA I 209 -26.38 31.49 106.56
CA ALA I 209 -25.86 32.40 107.57
C ALA I 209 -25.13 31.63 108.67
N PHE I 210 -25.68 30.52 109.12
CA PHE I 210 -25.10 29.75 110.21
C PHE I 210 -25.12 28.27 109.86
N TYR I 211 -24.26 27.51 110.52
CA TYR I 211 -24.17 26.08 110.32
C TYR I 211 -24.02 25.38 111.66
N GLY I 212 -24.39 24.10 111.68
CA GLY I 212 -24.25 23.30 112.88
C GLY I 212 -24.00 21.85 112.51
N GLY I 213 -23.49 21.10 113.47
CA GLY I 213 -23.19 19.71 113.20
C GLY I 213 -22.70 19.00 114.44
N ARG I 214 -22.56 17.69 114.31
CA ARG I 214 -22.12 16.84 115.40
C ARG I 214 -20.62 16.60 115.31
N ALA I 215 -20.02 16.30 116.47
CA ALA I 215 -18.60 16.01 116.55
C ALA I 215 -18.35 15.16 117.79
N LEU I 216 -17.36 14.28 117.69
CA LEU I 216 -17.01 13.44 118.83
C LEU I 216 -16.30 14.27 119.89
N LYS I 217 -16.24 13.72 121.10
CA LYS I 217 -15.63 14.42 122.22
C LYS I 217 -14.30 13.77 122.59
N LYS I 218 -13.60 14.42 123.52
CA LYS I 218 -12.25 13.99 123.90
C LYS I 218 -12.23 12.59 124.48
N ASP I 219 -13.32 12.18 125.12
CA ASP I 219 -13.33 10.91 125.84
C ASP I 219 -13.28 9.70 124.92
N THR I 220 -13.47 9.88 123.62
CA THR I 220 -13.48 8.78 122.67
C THR I 220 -12.18 8.76 121.87
N LYS I 221 -11.54 7.60 121.83
CA LYS I 221 -10.30 7.45 121.06
C LYS I 221 -10.64 7.54 119.58
N MET I 222 -10.33 8.68 118.97
CA MET I 222 -10.75 8.92 117.60
C MET I 222 -9.98 8.00 116.65
N LYS I 223 -10.71 7.50 115.66
CA LYS I 223 -10.22 6.56 114.65
C LYS I 223 -10.69 7.05 113.30
N PRO I 224 -10.03 6.61 112.22
CA PRO I 224 -10.41 7.10 110.89
C PRO I 224 -11.87 6.80 110.56
N CYS I 225 -12.47 7.69 109.78
CA CYS I 225 -13.87 7.55 109.43
C CYS I 225 -14.13 6.25 108.70
N TYR I 226 -13.17 5.76 107.93
CA TYR I 226 -13.31 4.51 107.21
C TYR I 226 -13.58 3.37 108.18
N GLY I 227 -14.68 2.65 107.96
CA GLY I 227 -15.00 1.49 108.78
C GLY I 227 -15.21 1.81 110.24
N SER I 228 -15.90 2.90 110.54
CA SER I 228 -16.18 3.29 111.92
C SER I 228 -17.66 3.16 112.20
N PHE I 229 -18.00 2.42 113.25
CA PHE I 229 -19.37 2.14 113.60
C PHE I 229 -19.67 2.66 115.00
N ALA I 230 -20.93 2.97 115.25
CA ALA I 230 -21.35 3.49 116.55
C ALA I 230 -22.81 3.11 116.76
N ARG I 231 -23.04 2.15 117.65
CA ARG I 231 -24.37 1.58 117.82
C ARG I 231 -25.37 2.66 118.23
N PRO I 232 -26.54 2.73 117.59
CA PRO I 232 -27.49 3.78 117.93
C PRO I 232 -28.06 3.60 119.33
N THR I 233 -28.58 4.70 119.86
CA THR I 233 -29.12 4.72 121.22
C THR I 233 -30.63 4.83 121.26
N ASN I 234 -31.21 5.79 120.55
CA ASN I 234 -32.65 6.00 120.57
C ASN I 234 -33.28 5.48 119.29
N GLU I 235 -34.56 5.10 119.40
CA GLU I 235 -35.28 4.52 118.28
C GLU I 235 -35.47 5.52 117.14
N LYS I 236 -35.33 6.81 117.42
CA LYS I 236 -35.55 7.85 116.41
C LYS I 236 -34.34 8.05 115.52
N GLY I 237 -33.44 7.08 115.46
CA GLY I 237 -32.29 7.15 114.60
C GLY I 237 -31.12 7.93 115.15
N GLY I 238 -31.26 8.52 116.34
CA GLY I 238 -30.19 9.33 116.87
C GLY I 238 -28.91 8.56 117.00
N GLN I 239 -27.80 9.21 116.66
CA GLN I 239 -26.50 8.58 116.77
C GLN I 239 -26.22 8.27 118.24
N ALA I 240 -25.27 7.35 118.44
CA ALA I 240 -24.91 6.92 119.78
C ALA I 240 -24.63 8.12 120.68
N LYS I 241 -24.91 7.94 121.96
CA LYS I 241 -24.59 8.94 122.97
C LYS I 241 -24.57 8.23 124.31
N PHE I 242 -23.40 8.11 124.90
CA PHE I 242 -23.29 7.49 126.21
C PHE I 242 -24.12 8.28 127.23
N LYS I 243 -24.86 7.60 128.05
CA LYS I 243 -25.58 8.31 129.04
C LYS I 243 -24.43 8.82 129.84
N PRO I 244 -24.63 9.88 130.60
CA PRO I 244 -23.43 10.39 131.21
C PRO I 244 -22.95 9.49 132.27
N VAL I 245 -21.67 9.61 132.51
CA VAL I 245 -21.08 8.80 133.50
C VAL I 245 -21.84 8.99 134.76
N ASN I 246 -22.17 7.88 135.40
CA ASN I 246 -22.92 7.93 136.64
C ASN I 246 -22.27 7.14 137.75
N GLU I 247 -22.64 7.43 138.97
CA GLU I 247 -22.05 6.76 140.13
C GLU I 247 -22.96 5.64 140.57
N GLY I 248 -23.36 5.63 141.83
CA GLY I 248 -24.21 4.57 142.33
C GLY I 248 -25.54 4.47 141.61
N GLU I 249 -26.12 5.60 141.30
CA GLU I 249 -27.44 5.63 140.69
C GLU I 249 -27.54 5.24 139.22
N GLN I 250 -28.75 4.95 138.78
CA GLN I 250 -28.97 4.57 137.39
C GLN I 250 -28.84 5.78 136.51
N PRO I 251 -28.46 5.57 135.24
CA PRO I 251 -28.24 6.71 134.35
C PRO I 251 -29.40 7.08 133.47
N LYS I 252 -29.60 8.37 133.19
CA LYS I 252 -30.64 8.73 132.23
C LYS I 252 -30.41 10.01 131.43
N ASP I 253 -29.34 10.74 131.67
CA ASP I 253 -29.01 11.94 130.93
C ASP I 253 -28.22 11.56 129.68
N LEU I 254 -27.73 12.58 128.97
CA LEU I 254 -26.96 12.39 127.74
C LEU I 254 -25.74 13.30 127.77
N ASP I 255 -24.81 13.02 126.86
CA ASP I 255 -23.53 13.71 126.82
C ASP I 255 -23.50 14.89 125.86
N ILE I 256 -24.63 15.19 125.20
CA ILE I 256 -24.65 16.25 124.20
C ILE I 256 -24.38 17.59 124.87
N ASP I 257 -23.50 18.39 124.26
CA ASP I 257 -23.25 19.74 124.73
C ASP I 257 -22.75 20.58 123.55
N PHE I 258 -23.04 21.87 123.60
CA PHE I 258 -22.78 22.75 122.46
C PHE I 258 -21.42 23.41 122.58
N ALA I 259 -20.90 23.81 121.43
CA ALA I 259 -19.68 24.60 121.32
C ALA I 259 -19.85 25.60 120.20
N TYR I 260 -19.48 26.86 120.44
CA TYR I 260 -19.72 27.93 119.50
C TYR I 260 -18.39 28.51 119.04
N PHE I 261 -18.37 29.02 117.81
CA PHE I 261 -17.16 29.52 117.20
C PHE I 261 -17.44 30.88 116.56
N ASP I 262 -16.43 31.44 115.91
CA ASP I 262 -16.56 32.71 115.21
C ASP I 262 -15.42 32.90 114.23
N VAL I 263 -15.66 33.63 113.15
CA VAL I 263 -14.59 34.00 112.24
C VAL I 263 -13.74 35.06 112.93
N PRO I 264 -12.46 34.79 113.19
CA PRO I 264 -11.62 35.79 113.86
C PRO I 264 -11.20 36.93 112.96
N GLY I 265 -11.56 36.88 111.68
CA GLY I 265 -11.17 37.92 110.75
C GLY I 265 -11.92 39.23 110.97
N GLY I 266 -12.07 40.02 109.91
CA GLY I 266 -12.75 41.29 110.02
C GLY I 266 -14.15 41.15 110.56
N SER I 267 -14.34 41.57 111.81
CA SER I 267 -15.63 41.46 112.48
C SER I 267 -15.92 42.80 113.14
N PRO I 268 -16.99 43.50 112.75
CA PRO I 268 -17.22 44.83 113.29
C PRO I 268 -17.48 44.77 114.77
N PRO I 269 -17.19 45.85 115.50
CA PRO I 269 -17.43 45.86 116.94
C PRO I 269 -18.91 46.04 117.26
N ALA I 270 -19.67 44.94 117.23
CA ALA I 270 -21.10 45.01 117.43
C ALA I 270 -21.43 45.50 118.84
N GLY I 271 -22.51 46.26 118.95
CA GLY I 271 -22.99 46.72 120.24
C GLY I 271 -22.21 47.86 120.86
N GLY I 272 -21.39 48.56 120.07
CA GLY I 272 -20.60 49.64 120.60
C GLY I 272 -19.64 49.19 121.69
N SER I 273 -18.95 48.10 121.44
CA SER I 273 -18.05 47.48 122.41
C SER I 273 -16.81 47.01 121.68
N GLY I 274 -16.04 46.13 122.31
CA GLY I 274 -14.83 45.59 121.72
C GLY I 274 -15.02 44.99 120.35
N GLU I 275 -13.94 44.91 119.57
CA GLU I 275 -14.01 44.44 118.20
C GLU I 275 -14.22 42.94 118.15
N GLU I 276 -14.56 42.47 116.95
CA GLU I 276 -14.94 41.07 116.76
C GLU I 276 -16.37 40.87 117.24
N TYR I 277 -16.83 39.63 117.27
CA TYR I 277 -18.20 39.39 117.62
C TYR I 277 -18.53 37.94 117.76
N LYS I 278 -19.78 37.56 117.53
CA LYS I 278 -20.13 36.16 117.50
C LYS I 278 -20.85 35.70 116.26
N ALA I 279 -20.11 35.63 115.14
CA ALA I 279 -20.65 35.08 113.90
C ALA I 279 -20.51 33.64 114.21
N ASP I 280 -21.09 32.74 113.44
CA ASP I 280 -21.04 31.38 113.91
C ASP I 280 -21.12 30.08 113.22
N ILE I 281 -20.77 29.04 113.93
CA ILE I 281 -20.91 27.72 113.47
C ILE I 281 -21.07 27.11 114.81
N ILE I 282 -22.08 26.29 115.02
CA ILE I 282 -22.30 25.63 116.28
C ILE I 282 -22.01 24.20 116.10
N LEU I 283 -21.48 23.56 117.10
CA LEU I 283 -21.08 22.15 117.07
C LEU I 283 -21.66 21.45 118.29
N TYR I 284 -22.33 20.33 118.06
CA TYR I 284 -22.83 19.49 119.15
C TYR I 284 -21.83 18.37 119.36
N THR I 285 -21.40 18.18 120.60
CA THR I 285 -20.34 17.25 120.92
C THR I 285 -20.83 16.18 121.89
N GLU I 286 -20.32 14.97 121.74
CA GLU I 286 -20.66 13.86 122.61
C GLU I 286 -19.67 12.73 122.37
N ASN I 287 -19.86 11.63 123.09
CA ASN I 287 -19.06 10.44 122.91
C ASN I 287 -19.95 9.27 122.53
N VAL I 288 -19.41 8.37 121.69
CA VAL I 288 -20.16 7.26 121.14
C VAL I 288 -19.37 5.98 121.34
N ASN I 289 -20.07 4.86 121.28
CA ASN I 289 -19.43 3.55 121.32
C ASN I 289 -18.76 3.34 119.98
N LEU I 290 -17.46 3.64 119.89
CA LEU I 290 -16.78 3.78 118.60
C LEU I 290 -16.03 2.51 118.21
N GLU I 291 -16.60 1.35 118.49
CA GLU I 291 -16.01 0.12 117.98
C GLU I 291 -15.98 0.15 116.47
N THR I 292 -14.86 -0.33 115.90
CA THR I 292 -14.65 -0.35 114.46
C THR I 292 -14.36 -1.78 114.03
N PRO I 293 -15.41 -2.58 113.79
CA PRO I 293 -15.19 -3.95 113.35
C PRO I 293 -14.67 -3.98 111.92
N ASP I 294 -14.07 -5.13 111.58
CA ASP I 294 -13.52 -5.39 110.25
C ASP I 294 -12.71 -4.21 109.70
N THR I 295 -11.90 -3.61 110.57
CA THR I 295 -11.00 -2.54 110.13
C THR I 295 -9.91 -2.39 111.18
N HIS I 296 -8.66 -2.46 110.75
CA HIS I 296 -7.52 -2.29 111.63
C HIS I 296 -6.66 -1.14 111.13
N VAL I 297 -6.11 -0.37 112.06
CA VAL I 297 -5.23 0.74 111.70
C VAL I 297 -3.94 0.16 111.15
N VAL I 298 -3.67 0.43 109.87
CA VAL I 298 -2.45 -0.07 109.26
C VAL I 298 -1.27 0.86 109.51
N TYR I 299 -1.51 2.09 109.93
CA TYR I 299 -0.43 3.01 110.24
C TYR I 299 -0.93 4.05 111.22
N LYS I 300 -0.35 4.05 112.42
CA LYS I 300 -0.57 5.13 113.36
C LYS I 300 0.77 5.78 113.69
N PRO I 301 0.86 7.11 113.66
CA PRO I 301 2.17 7.76 113.79
C PRO I 301 2.87 7.49 115.11
N GLY I 302 2.14 7.35 116.21
CA GLY I 302 2.76 7.21 117.51
C GLY I 302 2.13 6.08 118.29
N THR I 303 2.90 5.59 119.27
CA THR I 303 2.43 4.50 120.11
C THR I 303 1.23 4.90 120.95
N SER I 304 1.05 6.19 121.23
CA SER I 304 -0.09 6.64 122.00
C SER I 304 -1.38 6.41 121.24
N ASP I 305 -2.44 6.04 121.96
CA ASP I 305 -3.73 5.77 121.36
C ASP I 305 -4.77 6.84 121.62
N ASN I 306 -4.67 7.56 122.73
CA ASN I 306 -5.66 8.58 123.05
C ASN I 306 -5.63 9.70 122.01
N SER I 307 -6.79 10.32 121.82
CA SER I 307 -6.94 11.31 120.75
C SER I 307 -5.99 12.48 120.92
N SER I 308 -5.33 12.84 119.83
CA SER I 308 -4.42 13.98 119.79
C SER I 308 -4.17 14.32 118.32
N GLU I 309 -3.75 15.56 118.08
CA GLU I 309 -3.61 16.03 116.71
C GLU I 309 -2.68 15.14 115.88
N ILE I 310 -1.68 14.54 116.52
CA ILE I 310 -0.81 13.60 115.82
C ILE I 310 -1.61 12.38 115.37
N ASN I 311 -2.45 11.86 116.27
CA ASN I 311 -3.28 10.69 115.96
C ASN I 311 -4.38 11.00 114.97
N LEU I 312 -4.46 12.22 114.45
CA LEU I 312 -5.46 12.55 113.45
C LEU I 312 -5.13 11.99 112.08
N VAL I 313 -3.94 11.42 111.91
CA VAL I 313 -3.47 10.98 110.61
C VAL I 313 -3.49 9.45 110.49
N GLN I 314 -4.29 8.78 111.32
CA GLN I 314 -4.35 7.33 111.24
C GLN I 314 -4.97 6.90 109.91
N GLN I 315 -4.44 5.81 109.37
CA GLN I 315 -4.97 5.21 108.15
C GLN I 315 -5.35 3.76 108.44
N SER I 316 -6.47 3.33 107.89
CA SER I 316 -7.00 2.01 108.17
C SER I 316 -7.20 1.26 106.87
N MET I 317 -7.00 -0.04 106.90
CA MET I 317 -7.32 -0.89 105.78
C MET I 317 -8.21 -2.04 106.24
N PRO I 318 -9.10 -2.54 105.39
CA PRO I 318 -10.00 -3.60 105.82
C PRO I 318 -9.25 -4.87 106.13
N ASN I 319 -9.81 -5.65 107.06
CA ASN I 319 -9.22 -6.94 107.38
C ASN I 319 -9.32 -7.87 106.19
N ARG I 320 -8.41 -8.83 106.14
CA ARG I 320 -8.39 -9.76 105.02
C ARG I 320 -9.66 -10.60 105.02
N PRO I 321 -10.22 -10.91 103.86
CA PRO I 321 -11.41 -11.75 103.80
C PRO I 321 -11.11 -13.13 104.34
N ASN I 322 -12.14 -13.75 104.93
CA ASN I 322 -11.96 -15.07 105.54
C ASN I 322 -13.33 -15.75 105.54
N TYR I 323 -13.55 -16.68 104.62
CA TYR I 323 -14.77 -17.45 104.58
C TYR I 323 -14.59 -18.75 105.36
N ILE I 324 -15.65 -19.20 106.01
CA ILE I 324 -15.62 -20.41 106.81
C ILE I 324 -16.88 -21.22 106.51
N GLY I 325 -16.69 -22.50 106.20
CA GLY I 325 -17.83 -23.36 105.92
C GLY I 325 -17.41 -24.81 105.97
N PHE I 326 -18.37 -25.63 105.86
CA PHE I 326 -18.07 -26.98 105.91
C PHE I 326 -17.26 -27.41 104.74
N ARG I 327 -16.54 -28.50 104.84
CA ARG I 327 -15.74 -28.98 103.79
C ARG I 327 -16.67 -29.56 102.84
N ASP I 328 -16.22 -29.85 101.66
CA ASP I 328 -17.03 -30.42 100.62
C ASP I 328 -17.47 -31.74 100.88
N ASN I 329 -18.64 -32.09 100.50
CA ASN I 329 -19.10 -33.41 100.64
C ASN I 329 -18.87 -33.79 101.98
N PHE I 330 -19.01 -32.90 102.87
CA PHE I 330 -18.86 -33.14 104.22
C PHE I 330 -17.80 -34.10 104.49
N VAL I 331 -16.58 -33.79 104.17
CA VAL I 331 -15.50 -34.66 104.50
C VAL I 331 -15.11 -34.46 105.93
N GLY I 332 -14.49 -35.43 106.57
CA GLY I 332 -14.02 -35.19 107.91
C GLY I 332 -15.09 -35.17 108.97
N LEU I 333 -16.36 -35.25 108.58
CA LEU I 333 -17.45 -35.26 109.54
C LEU I 333 -17.80 -36.67 110.01
N MET I 334 -17.19 -37.69 109.43
CA MET I 334 -17.37 -39.06 109.89
C MET I 334 -16.02 -39.72 109.98
N TYR I 335 -15.81 -40.51 111.03
CA TYR I 335 -14.55 -41.22 111.20
C TYR I 335 -14.48 -42.34 110.18
N TYR I 336 -13.78 -42.10 109.08
CA TYR I 336 -13.54 -43.11 108.06
C TYR I 336 -12.10 -43.60 108.18
N ASN I 337 -11.94 -44.93 108.11
CA ASN I 337 -10.62 -45.56 108.13
C ASN I 337 -9.86 -45.27 109.40
N SER I 338 -10.55 -44.92 110.47
CA SER I 338 -9.95 -44.78 111.80
C SER I 338 -10.41 -45.99 112.59
N THR I 339 -9.55 -47.01 112.67
CA THR I 339 -9.95 -48.28 113.25
C THR I 339 -10.32 -48.14 114.72
N GLY I 340 -9.85 -47.10 115.40
CA GLY I 340 -10.26 -46.88 116.77
C GLY I 340 -11.75 -46.59 116.89
N ASN I 341 -12.26 -45.72 116.02
CA ASN I 341 -13.65 -45.29 116.11
C ASN I 341 -14.42 -45.63 114.85
N MET I 342 -14.23 -46.84 114.32
CA MET I 342 -14.99 -47.24 113.16
C MET I 342 -16.46 -47.41 113.51
N GLY I 343 -17.32 -47.24 112.51
CA GLY I 343 -18.72 -47.54 112.66
C GLY I 343 -18.95 -49.03 112.64
N VAL I 344 -20.22 -49.41 112.70
CA VAL I 344 -20.58 -50.82 112.59
C VAL I 344 -21.98 -50.92 112.01
N LEU I 345 -22.11 -51.67 110.92
CA LEU I 345 -23.39 -52.05 110.34
C LEU I 345 -23.47 -53.56 110.47
N ALA I 346 -24.23 -54.04 111.44
CA ALA I 346 -24.31 -55.45 111.74
C ALA I 346 -25.76 -55.86 111.95
N GLY I 347 -26.03 -57.15 111.74
CA GLY I 347 -27.32 -57.68 112.11
C GLY I 347 -27.50 -57.58 113.61
N GLN I 348 -28.68 -57.14 114.06
CA GLN I 348 -28.86 -56.95 115.50
C GLN I 348 -28.86 -58.28 116.23
N ALA I 349 -29.36 -59.34 115.60
CA ALA I 349 -29.40 -60.64 116.27
C ALA I 349 -28.00 -61.12 116.60
N SER I 350 -27.08 -61.03 115.66
CA SER I 350 -25.70 -61.46 115.83
C SER I 350 -24.80 -60.27 115.58
N GLN I 351 -24.18 -59.75 116.63
CA GLN I 351 -23.42 -58.51 116.51
C GLN I 351 -22.13 -58.75 115.75
N LEU I 352 -22.25 -59.23 114.52
CA LEU I 352 -21.10 -59.53 113.67
C LEU I 352 -20.90 -58.33 112.74
N ASN I 353 -20.01 -57.43 113.14
CA ASN I 353 -19.78 -56.21 112.38
C ASN I 353 -19.30 -56.55 110.98
N ALA I 354 -19.86 -55.85 109.99
CA ALA I 354 -19.60 -56.13 108.59
C ALA I 354 -19.06 -54.91 107.85
N VAL I 355 -18.29 -54.06 108.54
CA VAL I 355 -17.77 -52.85 107.93
C VAL I 355 -16.26 -52.77 108.19
N VAL I 356 -15.63 -53.93 108.33
CA VAL I 356 -14.21 -53.99 108.67
C VAL I 356 -13.40 -53.23 107.63
N ASP I 357 -12.73 -52.16 108.06
CA ASP I 357 -11.92 -51.34 107.17
C ASP I 357 -10.56 -51.07 107.80
N LEU I 358 -9.55 -50.95 106.95
CA LEU I 358 -8.17 -50.87 107.37
C LEU I 358 -7.79 -49.44 107.73
N GLN I 359 -6.52 -49.23 108.03
CA GLN I 359 -5.99 -47.91 108.36
C GLN I 359 -5.41 -47.21 107.15
N ASP I 360 -5.40 -47.85 105.99
CA ASP I 360 -4.78 -47.30 104.79
C ASP I 360 -5.73 -47.45 103.60
N ARG I 361 -6.97 -47.02 103.79
CA ARG I 361 -7.98 -47.08 102.76
C ARG I 361 -8.32 -45.72 102.17
N ASN I 362 -8.52 -44.71 103.00
CA ASN I 362 -8.76 -43.33 102.56
C ASN I 362 -10.00 -43.26 101.65
N THR I 363 -11.15 -43.58 102.25
CA THR I 363 -12.38 -43.61 101.47
C THR I 363 -12.85 -42.23 101.05
N GLU I 364 -12.46 -41.20 101.80
CA GLU I 364 -12.91 -39.85 101.45
C GLU I 364 -12.28 -39.38 100.14
N LEU I 365 -11.01 -39.71 99.91
CA LEU I 365 -10.41 -39.41 98.63
C LEU I 365 -11.01 -40.28 97.53
N SER I 366 -11.30 -41.54 97.83
CA SER I 366 -11.90 -42.42 96.84
C SER I 366 -13.26 -41.90 96.40
N TYR I 367 -14.07 -41.46 97.36
CA TYR I 367 -15.40 -40.96 97.02
C TYR I 367 -15.32 -39.61 96.33
N GLN I 368 -14.21 -38.90 96.50
CA GLN I 368 -14.03 -37.63 95.78
C GLN I 368 -13.82 -37.87 94.30
N LEU I 369 -12.99 -38.86 93.95
CA LEU I 369 -12.77 -39.16 92.54
C LEU I 369 -13.96 -39.88 91.94
N LEU I 370 -14.70 -40.63 92.75
CA LEU I 370 -15.86 -41.36 92.23
C LEU I 370 -16.92 -40.40 91.70
N LEU I 371 -17.19 -39.33 92.44
CA LEU I 371 -18.21 -38.37 92.01
C LEU I 371 -17.82 -37.71 90.69
N ASP I 372 -16.54 -37.36 90.53
CA ASP I 372 -16.12 -36.71 89.31
C ASP I 372 -16.24 -37.65 88.11
N SER I 373 -15.94 -38.92 88.30
CA SER I 373 -16.08 -39.88 87.21
C SER I 373 -17.53 -40.04 86.79
N LEU I 374 -18.44 -40.11 87.77
CA LEU I 374 -19.85 -40.26 87.46
C LEU I 374 -20.43 -38.98 86.88
N GLY I 375 -20.14 -37.84 87.50
CA GLY I 375 -20.74 -36.59 87.09
C GLY I 375 -19.76 -35.60 86.49
N ASP I 376 -19.87 -34.33 86.88
CA ASP I 376 -19.01 -33.30 86.32
C ASP I 376 -18.42 -32.41 87.41
N ARG I 377 -19.08 -32.36 88.56
CA ARG I 377 -18.59 -31.63 89.73
C ARG I 377 -18.57 -30.13 89.52
N THR I 378 -18.93 -29.66 88.33
CA THR I 378 -19.05 -28.24 88.09
C THR I 378 -20.42 -27.68 88.47
N ARG I 379 -21.37 -28.55 88.78
CA ARG I 379 -22.69 -28.15 89.22
C ARG I 379 -22.79 -28.35 90.73
N TYR I 380 -23.41 -27.39 91.41
CA TYR I 380 -23.44 -27.39 92.86
C TYR I 380 -24.71 -28.07 93.35
N PHE I 381 -24.54 -29.16 94.10
CA PHE I 381 -25.64 -29.84 94.76
C PHE I 381 -25.58 -29.46 96.23
N SER I 382 -26.39 -28.48 96.62
CA SER I 382 -26.36 -27.99 97.99
C SER I 382 -26.77 -29.05 98.99
N MET I 383 -27.53 -30.05 98.57
CA MET I 383 -28.01 -31.07 99.50
C MET I 383 -26.86 -31.80 100.15
N TRP I 384 -25.95 -32.33 99.34
CA TRP I 384 -24.76 -33.00 99.85
C TRP I 384 -23.60 -32.05 100.05
N ASN I 385 -23.80 -30.76 99.80
CA ASN I 385 -22.72 -29.77 99.89
C ASN I 385 -21.59 -30.13 98.94
N SER I 386 -21.95 -30.33 97.67
CA SER I 386 -20.98 -30.76 96.66
C SER I 386 -20.49 -29.57 95.84
N ALA I 387 -19.79 -28.66 96.53
CA ALA I 387 -19.17 -27.51 95.87
C ALA I 387 -17.67 -27.74 95.84
N VAL I 388 -17.14 -27.99 94.65
CA VAL I 388 -15.74 -28.36 94.51
C VAL I 388 -14.85 -27.15 94.70
N ASP I 389 -13.82 -27.30 95.51
CA ASP I 389 -12.81 -26.25 95.63
C ASP I 389 -12.15 -26.03 94.28
N SER I 390 -11.99 -24.76 93.92
CA SER I 390 -11.47 -24.43 92.59
C SER I 390 -10.86 -23.04 92.63
N TYR I 391 -9.55 -22.96 92.45
CA TYR I 391 -8.90 -21.67 92.34
C TYR I 391 -9.35 -20.94 91.09
N ASP I 392 -9.29 -19.62 91.14
CA ASP I 392 -9.51 -18.84 89.94
C ASP I 392 -8.35 -19.11 88.97
N PRO I 393 -8.62 -19.51 87.73
CA PRO I 393 -7.53 -19.82 86.80
C PRO I 393 -6.65 -18.62 86.48
N ASP I 394 -7.12 -17.40 86.70
CA ASP I 394 -6.34 -16.21 86.38
C ASP I 394 -5.52 -15.70 87.56
N VAL I 395 -5.64 -16.32 88.74
CA VAL I 395 -4.84 -15.88 89.88
C VAL I 395 -3.73 -16.86 90.17
N ARG I 396 -3.81 -18.08 89.65
CA ARG I 396 -2.65 -18.97 89.70
C ARG I 396 -1.61 -18.52 88.69
N ILE I 397 -1.98 -18.49 87.42
CA ILE I 397 -1.16 -17.90 86.37
C ILE I 397 -1.58 -16.44 86.27
N ILE I 398 -0.63 -15.52 86.46
CA ILE I 398 -0.96 -14.12 86.63
C ILE I 398 -0.72 -13.37 85.32
N GLU I 399 -0.84 -14.09 84.21
CA GLU I 399 -0.61 -13.53 82.88
C GLU I 399 -1.33 -12.20 82.71
N ASN I 400 -0.55 -11.15 82.49
CA ASN I 400 -1.08 -9.80 82.36
C ASN I 400 -0.73 -9.26 80.98
N HIS I 401 -1.74 -8.81 80.25
CA HIS I 401 -1.53 -8.11 78.98
C HIS I 401 -1.54 -6.62 79.28
N GLY I 402 -0.74 -6.24 80.27
CA GLY I 402 -0.70 -4.86 80.69
C GLY I 402 -2.07 -4.36 81.07
N VAL I 403 -2.41 -3.15 80.64
CA VAL I 403 -3.70 -2.55 80.96
C VAL I 403 -4.19 -1.78 79.73
N GLU I 404 -5.48 -1.94 79.43
CA GLU I 404 -6.07 -1.34 78.24
C GLU I 404 -6.43 0.11 78.55
N ASP I 405 -5.51 1.02 78.29
CA ASP I 405 -5.78 2.44 78.49
C ASP I 405 -5.01 3.24 77.44
N GLU I 406 -5.72 4.03 76.66
CA GLU I 406 -5.11 4.93 75.70
C GLU I 406 -5.42 6.39 75.98
N LEU I 407 -6.69 6.74 76.11
CA LEU I 407 -7.01 8.14 76.36
C LEU I 407 -7.17 8.39 77.86
N PRO I 408 -6.86 9.58 78.33
CA PRO I 408 -6.89 9.84 79.76
C PRO I 408 -8.32 9.99 80.28
N ASN I 409 -8.45 9.87 81.59
CA ASN I 409 -9.70 10.14 82.28
C ASN I 409 -9.57 11.44 83.07
N TYR I 410 -10.70 11.91 83.59
CA TYR I 410 -10.70 13.21 84.24
C TYR I 410 -11.74 13.24 85.35
N CYS I 411 -11.55 14.18 86.27
CA CYS I 411 -12.52 14.50 87.30
C CYS I 411 -12.74 16.00 87.28
N PHE I 412 -14.00 16.42 87.30
CA PHE I 412 -14.36 17.82 87.15
C PHE I 412 -15.11 18.31 88.39
N PRO I 413 -15.11 19.61 88.64
CA PRO I 413 -15.85 20.12 89.80
C PRO I 413 -17.34 19.90 89.64
N LEU I 414 -18.05 20.04 90.74
CA LEU I 414 -19.50 19.83 90.72
C LEU I 414 -20.19 20.83 89.81
N ASN I 415 -19.77 22.08 89.84
CA ASN I 415 -20.43 23.14 89.08
C ASN I 415 -19.98 23.19 87.63
N GLY I 416 -19.08 22.31 87.20
CA GLY I 416 -18.59 22.31 85.86
C GLY I 416 -17.35 23.15 85.63
N THR I 417 -16.99 24.01 86.58
CA THR I 417 -15.80 24.85 86.47
C THR I 417 -15.49 25.42 87.84
N GLY I 418 -14.20 25.49 88.17
CA GLY I 418 -13.81 26.12 89.41
C GLY I 418 -13.78 27.63 89.29
N THR I 419 -14.82 28.19 88.68
CA THR I 419 -14.86 29.62 88.40
C THR I 419 -14.81 30.41 89.69
N ASN I 420 -13.86 31.30 89.79
CA ASN I 420 -13.77 32.18 90.93
C ASN I 420 -13.67 33.65 90.53
N SER I 421 -12.99 33.95 89.43
CA SER I 421 -12.81 35.33 89.01
C SER I 421 -14.11 35.91 88.47
N THR I 422 -14.36 37.16 88.80
CA THR I 422 -15.55 37.88 88.36
C THR I 422 -15.21 38.81 87.21
N TYR I 423 -16.25 39.39 86.62
CA TYR I 423 -16.09 40.32 85.51
C TYR I 423 -17.20 41.35 85.56
N GLN I 424 -17.18 42.27 84.60
CA GLN I 424 -18.22 43.28 84.51
C GLN I 424 -18.47 43.62 83.04
N GLY I 425 -19.68 44.08 82.76
CA GLY I 425 -20.11 44.29 81.40
C GLY I 425 -19.70 45.61 80.77
N VAL I 426 -18.45 45.71 80.33
CA VAL I 426 -18.02 46.91 79.62
C VAL I 426 -18.77 47.03 78.30
N LYS I 427 -18.95 48.26 77.85
CA LYS I 427 -19.68 48.57 76.63
C LYS I 427 -18.79 49.39 75.71
N ILE I 428 -18.92 49.17 74.41
CA ILE I 428 -18.10 49.84 73.42
C ILE I 428 -18.79 51.14 72.99
N THR I 429 -17.98 52.17 72.77
CA THR I 429 -18.48 53.43 72.25
C THR I 429 -18.65 53.31 70.73
N ASN I 430 -18.82 54.44 70.05
CA ASN I 430 -19.01 54.40 68.59
C ASN I 430 -17.81 53.81 67.89
N GLY I 431 -16.60 54.22 68.27
CA GLY I 431 -15.41 53.66 67.67
C GLY I 431 -15.02 52.33 68.28
N ASN I 432 -14.23 51.56 67.52
CA ASN I 432 -13.75 50.25 67.96
C ASN I 432 -12.31 50.29 68.43
N ASP I 433 -11.72 51.48 68.56
CA ASP I 433 -10.31 51.60 68.92
C ASP I 433 -10.06 51.08 70.33
N GLY I 434 -8.92 50.43 70.51
CA GLY I 434 -8.60 49.86 71.79
C GLY I 434 -8.27 50.90 72.84
N ALA I 435 -8.44 50.50 74.10
CA ALA I 435 -8.13 51.27 75.31
C ALA I 435 -8.99 52.52 75.47
N GLU I 436 -9.94 52.78 74.57
CA GLU I 436 -10.85 53.90 74.70
C GLU I 436 -12.30 53.51 74.44
N GLU I 437 -12.56 52.27 74.02
CA GLU I 437 -13.91 51.84 73.72
C GLU I 437 -14.71 51.54 74.99
N SER I 438 -14.04 51.11 76.05
CA SER I 438 -14.74 50.55 77.20
C SER I 438 -15.52 51.63 77.94
N GLU I 439 -16.75 51.27 78.32
CA GLU I 439 -17.62 52.12 79.15
C GLU I 439 -18.34 51.19 80.11
N TRP I 440 -17.81 51.07 81.32
CA TRP I 440 -18.29 50.08 82.28
C TRP I 440 -19.50 50.55 83.07
N GLU I 441 -20.24 51.54 82.58
CA GLU I 441 -21.50 51.96 83.20
C GLU I 441 -22.71 51.30 82.56
N LYS I 442 -22.53 50.12 81.98
CA LYS I 442 -23.61 49.42 81.29
C LYS I 442 -24.53 48.77 82.33
N ASP I 443 -25.46 47.96 81.86
CA ASP I 443 -26.42 47.28 82.73
C ASP I 443 -25.96 45.84 82.98
N ASP I 444 -24.83 45.71 83.65
CA ASP I 444 -24.28 44.41 84.01
C ASP I 444 -23.65 44.51 85.40
N ALA I 445 -22.97 43.44 85.82
CA ALA I 445 -22.48 43.35 87.18
C ALA I 445 -21.29 44.28 87.41
N ILE I 446 -21.54 45.59 87.36
CA ILE I 446 -20.50 46.56 87.63
C ILE I 446 -20.09 46.51 89.10
N SER I 447 -21.00 46.10 89.98
CA SER I 447 -20.73 46.02 91.40
C SER I 447 -20.97 44.62 91.97
N ARG I 448 -21.29 43.65 91.14
CA ARG I 448 -21.54 42.28 91.57
C ARG I 448 -20.71 41.32 90.73
N GLN I 449 -20.78 40.04 91.09
CA GLN I 449 -19.93 39.02 90.46
C GLN I 449 -20.61 38.51 89.20
N ASN I 450 -20.02 38.80 88.05
CA ASN I 450 -20.41 38.17 86.80
C ASN I 450 -19.42 37.04 86.47
N GLN I 451 -19.47 36.00 87.30
CA GLN I 451 -18.43 34.99 87.30
C GLN I 451 -18.32 34.26 85.96
N ILE I 452 -17.09 34.12 85.48
CA ILE I 452 -16.79 33.48 84.20
C ILE I 452 -15.43 32.80 84.32
N CYS I 453 -15.35 31.55 83.86
CA CYS I 453 -14.07 30.84 83.84
C CYS I 453 -13.24 31.33 82.67
N LYS I 454 -11.96 31.59 82.92
CA LYS I 454 -11.10 32.15 81.90
C LYS I 454 -10.57 31.06 80.96
N GLY I 455 -9.80 30.12 81.49
CA GLY I 455 -9.21 29.07 80.71
C GLY I 455 -10.12 27.88 80.56
N ASN I 456 -9.51 26.71 80.32
CA ASN I 456 -10.27 25.49 80.20
C ASN I 456 -10.94 25.14 81.52
N VAL I 457 -11.77 24.09 81.47
CA VAL I 457 -12.38 23.57 82.68
C VAL I 457 -11.29 23.01 83.59
N TYR I 458 -11.31 23.41 84.85
CA TYR I 458 -10.38 22.84 85.83
C TYR I 458 -10.68 21.37 86.00
N ALA I 459 -9.63 20.54 85.97
CA ALA I 459 -9.83 19.11 86.05
C ALA I 459 -8.56 18.44 86.56
N MET I 460 -8.71 17.23 87.09
CA MET I 460 -7.59 16.42 87.56
C MET I 460 -7.72 15.03 86.96
N GLU I 461 -6.60 14.49 86.51
CA GLU I 461 -6.56 13.27 85.72
C GLU I 461 -6.38 12.06 86.62
N ILE I 462 -7.05 10.97 86.26
CA ILE I 462 -6.91 9.68 86.92
C ILE I 462 -6.56 8.64 85.86
N ASN I 463 -6.21 7.45 86.32
CA ASN I 463 -5.82 6.34 85.45
C ASN I 463 -6.57 5.08 85.84
N LEU I 464 -7.91 5.19 85.88
CA LEU I 464 -8.72 4.16 86.51
C LEU I 464 -8.47 2.77 85.93
N GLN I 465 -8.09 2.68 84.66
CA GLN I 465 -7.81 1.37 84.08
C GLN I 465 -6.63 0.71 84.78
N ALA I 466 -5.55 1.47 85.00
CA ALA I 466 -4.41 0.92 85.71
C ALA I 466 -4.76 0.59 87.16
N ASN I 467 -5.51 1.48 87.81
CA ASN I 467 -5.86 1.25 89.21
C ASN I 467 -6.71 0.00 89.39
N LEU I 468 -7.63 -0.24 88.47
CA LEU I 468 -8.41 -1.47 88.53
C LEU I 468 -7.52 -2.68 88.43
N TRP I 469 -6.53 -2.65 87.53
CA TRP I 469 -5.63 -3.78 87.38
C TRP I 469 -4.66 -3.86 88.55
N LYS I 470 -4.16 -2.71 89.01
CA LYS I 470 -3.23 -2.72 90.13
C LYS I 470 -3.88 -3.25 91.40
N SER I 471 -5.14 -2.88 91.63
CA SER I 471 -5.81 -3.32 92.85
C SER I 471 -6.22 -4.78 92.77
N PHE I 472 -6.44 -5.29 91.56
CA PHE I 472 -6.73 -6.72 91.41
C PHE I 472 -5.54 -7.56 91.84
N LEU I 473 -4.34 -7.13 91.48
CA LEU I 473 -3.14 -7.89 91.83
C LEU I 473 -2.91 -7.88 93.34
N TYR I 474 -2.94 -6.70 93.95
CA TYR I 474 -2.62 -6.62 95.37
C TYR I 474 -3.62 -7.40 96.21
N SER I 475 -4.90 -7.29 95.88
CA SER I 475 -5.92 -7.88 96.73
C SER I 475 -5.81 -9.41 96.79
N ASN I 476 -5.54 -10.05 95.65
CA ASN I 476 -5.58 -11.51 95.59
C ASN I 476 -4.28 -12.13 95.11
N VAL I 477 -3.18 -11.38 95.11
CA VAL I 477 -1.87 -12.00 94.93
C VAL I 477 -0.93 -11.56 96.03
N ALA I 478 -0.82 -10.24 96.23
CA ALA I 478 0.14 -9.71 97.18
C ALA I 478 -0.16 -10.19 98.60
N LEU I 479 -1.42 -10.18 99.00
CA LEU I 479 -1.77 -10.54 100.36
C LEU I 479 -1.56 -12.02 100.64
N TYR I 480 -1.32 -12.84 99.63
CA TYR I 480 -1.18 -14.28 99.80
C TYR I 480 0.24 -14.75 99.61
N LEU I 481 1.22 -13.86 99.67
CA LEU I 481 2.61 -14.25 99.63
C LEU I 481 2.99 -14.93 100.94
N PRO I 482 4.00 -15.78 100.93
CA PRO I 482 4.44 -16.42 102.17
C PRO I 482 4.92 -15.41 103.19
N ASP I 483 4.81 -15.77 104.46
CA ASP I 483 5.06 -14.82 105.54
C ASP I 483 6.51 -14.36 105.60
N SER I 484 7.42 -15.03 104.87
CA SER I 484 8.80 -14.57 104.82
C SER I 484 8.94 -13.23 104.10
N TYR I 485 7.91 -12.81 103.35
CA TYR I 485 7.95 -11.57 102.59
C TYR I 485 7.31 -10.41 103.32
N LYS I 486 6.23 -10.65 104.06
CA LYS I 486 5.59 -9.58 104.80
C LYS I 486 6.49 -9.09 105.92
N TYR I 487 6.39 -7.80 106.23
CA TYR I 487 7.12 -7.20 107.32
C TYR I 487 6.15 -6.55 108.29
N THR I 488 6.39 -6.74 109.58
CA THR I 488 5.54 -6.16 110.60
C THR I 488 5.83 -4.67 110.74
N PRO I 489 4.80 -3.81 110.74
CA PRO I 489 5.04 -2.38 110.91
C PRO I 489 5.62 -2.04 112.28
N ALA I 490 5.96 -0.77 112.48
CA ALA I 490 6.74 -0.39 113.67
C ALA I 490 5.90 -0.45 114.93
N ASN I 491 4.68 0.07 114.90
CA ASN I 491 3.94 0.35 116.13
C ASN I 491 3.10 -0.82 116.61
N VAL I 492 2.65 -1.70 115.72
CA VAL I 492 1.70 -2.72 116.13
C VAL I 492 2.42 -3.89 116.79
N LYS I 493 1.68 -4.63 117.60
CA LYS I 493 2.15 -5.84 118.26
C LYS I 493 1.32 -7.01 117.78
N LEU I 494 1.96 -8.17 117.59
CA LEU I 494 1.28 -9.31 117.04
C LEU I 494 1.46 -10.53 117.94
N PRO I 495 0.51 -11.46 117.91
CA PRO I 495 0.63 -12.66 118.74
C PRO I 495 1.81 -13.51 118.35
N ALA I 496 2.25 -14.34 119.30
CA ALA I 496 3.44 -15.16 119.08
C ALA I 496 3.23 -16.16 117.96
N ASN I 497 2.16 -16.95 118.04
CA ASN I 497 1.94 -18.02 117.08
C ASN I 497 1.49 -17.45 115.75
N THR I 498 2.10 -17.93 114.68
CA THR I 498 1.88 -17.42 113.34
C THR I 498 0.68 -18.04 112.64
N ASN I 499 -0.26 -18.60 113.41
CA ASN I 499 -1.47 -19.17 112.82
C ASN I 499 -2.72 -18.38 113.14
N THR I 500 -2.73 -17.60 114.20
CA THR I 500 -3.93 -16.86 114.59
C THR I 500 -4.29 -15.83 113.53
N TYR I 501 -5.59 -15.56 113.42
CA TYR I 501 -6.07 -14.61 112.42
C TYR I 501 -5.49 -13.22 112.63
N GLU I 502 -5.43 -12.77 113.89
CA GLU I 502 -4.94 -11.42 114.15
C GLU I 502 -3.44 -11.29 113.91
N TYR I 503 -2.76 -12.35 113.47
CA TYR I 503 -1.38 -12.24 113.05
C TYR I 503 -1.27 -12.06 111.54
N MET I 504 -1.76 -13.04 110.77
CA MET I 504 -1.69 -12.95 109.33
C MET I 504 -2.58 -11.86 108.75
N ASN I 505 -3.30 -11.14 109.60
CA ASN I 505 -4.05 -9.97 109.20
C ASN I 505 -3.37 -8.65 109.54
N GLY I 506 -2.50 -8.65 110.54
CA GLY I 506 -1.79 -7.46 110.94
C GLY I 506 -0.51 -7.18 110.18
N ARG I 507 0.01 -8.15 109.42
CA ARG I 507 1.26 -8.00 108.70
C ARG I 507 0.99 -7.39 107.33
N VAL I 508 1.83 -6.45 106.92
CA VAL I 508 1.67 -5.76 105.66
C VAL I 508 2.67 -6.32 104.66
N VAL I 509 2.39 -6.11 103.38
CA VAL I 509 3.29 -6.50 102.30
C VAL I 509 3.55 -5.28 101.43
N ALA I 510 4.64 -5.33 100.68
CA ALA I 510 4.98 -4.27 99.76
C ALA I 510 4.10 -4.37 98.53
N PRO I 511 3.31 -3.36 98.20
CA PRO I 511 2.51 -3.43 96.96
C PRO I 511 3.37 -3.59 95.73
N SER I 512 4.61 -3.08 95.75
CA SER I 512 5.50 -3.24 94.62
C SER I 512 6.08 -4.65 94.54
N LEU I 513 5.89 -5.46 95.57
CA LEU I 513 6.42 -6.83 95.53
C LEU I 513 5.82 -7.61 94.38
N VAL I 514 4.52 -7.43 94.13
CA VAL I 514 3.88 -7.84 92.89
C VAL I 514 3.05 -6.66 92.43
N ASP I 515 3.63 -5.83 91.57
CA ASP I 515 2.98 -4.61 91.10
C ASP I 515 2.42 -4.85 89.71
N ALA I 516 1.92 -3.79 89.07
CA ALA I 516 1.35 -3.92 87.74
C ALA I 516 2.39 -4.28 86.69
N TYR I 517 3.68 -4.20 87.02
CA TYR I 517 4.75 -4.39 86.05
C TYR I 517 5.53 -5.69 86.26
N ILE I 518 4.95 -6.68 86.90
CA ILE I 518 5.65 -7.93 87.14
C ILE I 518 5.41 -8.86 85.96
N ASN I 519 6.50 -9.41 85.42
CA ASN I 519 6.44 -10.38 84.32
C ASN I 519 5.55 -9.87 83.20
N ILE I 520 5.81 -8.64 82.78
CA ILE I 520 4.92 -7.96 81.84
C ILE I 520 4.83 -8.75 80.55
N GLY I 521 3.61 -9.09 80.16
CA GLY I 521 3.37 -9.77 78.91
C GLY I 521 3.62 -11.26 78.91
N ALA I 522 4.00 -11.84 80.06
CA ALA I 522 4.33 -13.25 80.14
C ALA I 522 3.30 -14.00 80.96
N ARG I 523 2.94 -15.19 80.49
CA ARG I 523 1.99 -16.05 81.19
C ARG I 523 2.75 -16.86 82.25
N TRP I 524 3.18 -16.16 83.29
CA TRP I 524 4.11 -16.70 84.26
C TRP I 524 3.57 -16.48 85.67
N SER I 525 3.71 -17.51 86.50
CA SER I 525 3.27 -17.44 87.89
C SER I 525 4.47 -17.20 88.79
N LEU I 526 4.25 -16.45 89.87
CA LEU I 526 5.33 -16.11 90.78
C LEU I 526 5.94 -17.36 91.39
N ASP I 527 7.27 -17.42 91.42
CA ASP I 527 7.94 -18.52 92.12
C ASP I 527 7.62 -18.57 93.61
N PRO I 528 7.61 -17.46 94.36
CA PRO I 528 7.27 -17.59 95.79
C PRO I 528 5.90 -18.20 96.02
N MET I 529 4.92 -17.90 95.16
CA MET I 529 3.58 -18.45 95.28
C MET I 529 3.39 -19.66 94.36
N ASP I 530 4.47 -20.22 93.84
CA ASP I 530 4.33 -21.40 92.98
C ASP I 530 3.86 -22.60 93.80
N ASN I 531 4.40 -22.78 95.00
CA ASN I 531 4.08 -23.91 95.85
C ASN I 531 3.37 -23.47 97.13
N VAL I 532 2.47 -22.49 97.00
CA VAL I 532 1.62 -22.04 98.09
C VAL I 532 0.19 -22.39 97.72
N ASN I 533 -0.49 -23.14 98.59
CA ASN I 533 -1.79 -23.73 98.33
C ASN I 533 -2.72 -22.75 97.63
N PRO I 534 -3.12 -23.05 96.38
CA PRO I 534 -3.94 -22.11 95.62
C PRO I 534 -5.43 -22.20 95.88
N PHE I 535 -5.84 -23.15 96.67
CA PHE I 535 -7.23 -23.34 96.81
C PHE I 535 -7.66 -22.76 98.04
N ASN I 536 -6.88 -21.91 98.67
CA ASN I 536 -7.33 -21.18 99.81
C ASN I 536 -7.24 -19.75 99.40
N HIS I 537 -8.28 -19.15 98.87
CA HIS I 537 -8.23 -17.80 98.40
C HIS I 537 -9.63 -17.22 98.50
N PRO I 538 -9.77 -15.89 98.52
CA PRO I 538 -11.06 -15.31 98.58
C PRO I 538 -11.73 -15.82 97.36
N ARG I 539 -11.11 -15.88 96.21
CA ARG I 539 -11.78 -16.22 94.98
C ARG I 539 -11.92 -17.61 94.65
N ASN I 540 -12.02 -18.45 95.61
CA ASN I 540 -12.31 -19.87 95.50
C ASN I 540 -13.81 -20.06 95.37
N ALA I 541 -14.28 -20.34 94.16
CA ALA I 541 -15.71 -20.35 93.89
C ALA I 541 -16.43 -21.40 94.71
N GLY I 542 -15.82 -22.58 94.85
CA GLY I 542 -16.47 -23.64 95.59
C GLY I 542 -16.60 -23.34 97.07
N LEU I 543 -15.54 -22.81 97.67
CA LEU I 543 -15.56 -22.56 99.11
C LEU I 543 -16.49 -21.42 99.47
N ARG I 544 -16.39 -20.30 98.74
CA ARG I 544 -17.22 -19.15 99.07
C ARG I 544 -18.70 -19.47 98.88
N TYR I 545 -19.01 -20.51 98.10
CA TYR I 545 -20.39 -20.95 98.00
C TYR I 545 -20.84 -21.66 99.27
N ARG I 546 -20.00 -22.57 99.78
CA ARG I 546 -20.37 -23.31 100.99
C ARG I 546 -20.35 -22.40 102.21
N SER I 547 -19.62 -21.29 102.15
CA SER I 547 -19.59 -20.39 103.29
C SER I 547 -20.89 -19.61 103.40
N MET I 548 -21.26 -18.88 102.36
CA MET I 548 -22.46 -18.07 102.39
C MET I 548 -23.74 -18.88 102.25
N LEU I 549 -23.64 -20.19 102.02
CA LEU I 549 -24.81 -21.04 102.06
C LEU I 549 -25.27 -21.29 103.49
N LEU I 550 -24.35 -21.32 104.44
CA LEU I 550 -24.73 -21.39 105.85
C LEU I 550 -25.26 -20.06 106.37
N GLY I 551 -24.92 -18.96 105.71
CA GLY I 551 -25.37 -17.65 106.10
C GLY I 551 -24.20 -16.69 106.14
N ASN I 552 -24.39 -15.59 106.85
CA ASN I 552 -23.32 -14.62 107.06
C ASN I 552 -23.29 -14.28 108.55
N GLY I 553 -22.10 -14.29 109.13
CA GLY I 553 -22.00 -13.99 110.55
C GLY I 553 -21.91 -15.23 111.42
N ARG I 554 -21.44 -15.07 112.65
CA ARG I 554 -21.30 -16.18 113.56
C ARG I 554 -22.67 -16.67 114.00
N TYR I 555 -22.65 -17.72 114.83
CA TYR I 555 -23.85 -18.26 115.45
C TYR I 555 -24.87 -18.69 114.38
N VAL I 556 -24.47 -19.70 113.62
CA VAL I 556 -25.29 -20.19 112.52
C VAL I 556 -25.83 -21.57 112.91
N PRO I 557 -27.09 -21.69 113.30
CA PRO I 557 -27.70 -23.02 113.38
C PRO I 557 -27.70 -23.66 112.01
N PHE I 558 -27.44 -24.96 111.96
CA PHE I 558 -27.28 -25.66 110.70
C PHE I 558 -28.11 -26.93 110.69
N HIS I 559 -28.47 -27.36 109.49
CA HIS I 559 -29.23 -28.59 109.28
C HIS I 559 -28.67 -29.24 108.03
N ILE I 560 -27.88 -30.29 108.21
CA ILE I 560 -27.13 -30.90 107.11
C ILE I 560 -27.51 -32.37 106.99
N GLN I 561 -27.23 -32.93 105.83
CA GLN I 561 -27.51 -34.33 105.53
C GLN I 561 -26.21 -34.97 105.04
N VAL I 562 -25.47 -35.59 105.94
CA VAL I 562 -24.20 -36.20 105.59
C VAL I 562 -24.47 -37.53 104.89
N PRO I 563 -23.93 -37.76 103.71
CA PRO I 563 -24.17 -39.03 103.02
C PRO I 563 -23.37 -40.16 103.64
N GLN I 564 -23.39 -41.33 103.04
CA GLN I 564 -22.56 -42.46 103.46
C GLN I 564 -21.58 -42.76 102.33
N LYS I 565 -20.30 -42.50 102.58
CA LYS I 565 -19.30 -42.60 101.51
C LYS I 565 -18.29 -43.72 101.77
N PHE I 566 -18.66 -44.71 102.58
CA PHE I 566 -17.92 -45.96 102.58
C PHE I 566 -18.18 -46.68 101.26
N PHE I 567 -17.51 -47.81 101.05
CA PHE I 567 -17.65 -48.50 99.78
C PHE I 567 -18.34 -49.84 99.87
N ALA I 568 -18.20 -50.56 100.98
CA ALA I 568 -18.92 -51.82 101.12
C ALA I 568 -20.42 -51.61 101.18
N ILE I 569 -20.86 -50.58 101.89
CA ILE I 569 -22.27 -50.34 102.13
C ILE I 569 -22.74 -49.03 101.50
N LYS I 570 -22.00 -48.54 100.50
CA LYS I 570 -22.43 -47.33 99.82
C LYS I 570 -23.75 -47.55 99.10
N ASN I 571 -23.82 -48.59 98.28
CA ASN I 571 -25.02 -48.91 97.52
C ASN I 571 -25.43 -50.35 97.75
N LEU I 572 -25.12 -50.88 98.92
CA LEU I 572 -25.55 -52.22 99.28
C LEU I 572 -27.07 -52.30 99.34
N LEU I 573 -27.62 -53.40 98.85
CA LEU I 573 -29.05 -53.67 98.93
C LEU I 573 -29.25 -54.75 99.97
N LEU I 574 -29.76 -54.38 101.14
CA LEU I 574 -29.87 -55.30 102.26
C LEU I 574 -31.31 -55.75 102.44
N LEU I 575 -31.50 -57.05 102.52
CA LEU I 575 -32.78 -57.73 102.56
C LEU I 575 -33.46 -57.49 103.90
N PRO I 576 -34.70 -57.93 104.10
CA PRO I 576 -35.38 -57.66 105.37
C PRO I 576 -34.65 -58.28 106.54
N GLY I 577 -34.78 -57.62 107.69
CA GLY I 577 -34.11 -58.05 108.91
C GLY I 577 -34.17 -56.99 109.98
N SER I 578 -33.09 -56.87 110.76
CA SER I 578 -33.01 -55.86 111.81
C SER I 578 -31.55 -55.60 112.11
N TYR I 579 -31.08 -54.39 111.83
CA TYR I 579 -29.66 -54.09 111.85
C TYR I 579 -29.37 -52.96 112.82
N THR I 580 -28.09 -52.81 113.15
CA THR I 580 -27.68 -51.87 114.19
C THR I 580 -26.72 -50.82 113.66
N TYR I 581 -27.07 -50.22 112.53
CA TYR I 581 -26.31 -49.13 111.94
C TYR I 581 -25.92 -48.09 112.98
N GLU I 582 -24.65 -47.72 112.99
CA GLU I 582 -24.18 -46.68 113.90
C GLU I 582 -22.83 -46.16 113.43
N TRP I 583 -22.52 -44.92 113.80
CA TRP I 583 -21.31 -44.28 113.32
C TRP I 583 -20.86 -43.24 114.33
N ASN I 584 -19.59 -42.87 114.24
CA ASN I 584 -18.98 -41.88 115.13
C ASN I 584 -18.67 -40.63 114.32
N PHE I 585 -19.22 -39.50 114.74
CA PHE I 585 -19.01 -38.24 114.05
C PHE I 585 -17.92 -37.42 114.74
N ARG I 586 -17.29 -36.56 113.96
CA ARG I 586 -16.24 -35.71 114.49
C ARG I 586 -16.84 -34.41 115.00
N LYS I 587 -16.16 -33.81 115.98
CA LYS I 587 -16.56 -32.52 116.50
C LYS I 587 -15.42 -31.53 116.55
N ASP I 588 -14.29 -31.86 115.93
CA ASP I 588 -13.14 -30.96 115.87
C ASP I 588 -13.43 -29.89 114.83
N VAL I 589 -13.57 -28.64 115.29
CA VAL I 589 -13.88 -27.54 114.38
C VAL I 589 -12.77 -27.38 113.35
N ASN I 590 -11.54 -27.71 113.74
CA ASN I 590 -10.40 -27.50 112.86
C ASN I 590 -10.38 -28.46 111.69
N MET I 591 -11.25 -29.46 111.68
CA MET I 591 -11.27 -30.45 110.62
C MET I 591 -12.58 -30.51 109.86
N ILE I 592 -13.72 -30.43 110.56
CA ILE I 592 -15.00 -30.57 109.89
C ILE I 592 -15.28 -29.38 108.98
N LEU I 593 -14.79 -28.20 109.34
CA LEU I 593 -15.04 -27.01 108.56
C LEU I 593 -13.73 -26.30 108.25
N GLN I 594 -13.66 -25.73 107.04
CA GLN I 594 -12.44 -25.13 106.53
C GLN I 594 -12.57 -23.61 106.45
N SER I 595 -11.43 -22.94 106.44
CA SER I 595 -11.35 -21.50 106.38
C SER I 595 -10.52 -21.10 105.17
N SER I 596 -11.01 -20.09 104.45
CA SER I 596 -10.31 -19.65 103.24
C SER I 596 -8.92 -19.14 103.56
N LEU I 597 -8.78 -18.39 104.66
CA LEU I 597 -7.47 -17.88 105.03
C LEU I 597 -6.51 -18.98 105.45
N GLY I 598 -7.03 -20.14 105.82
CA GLY I 598 -6.17 -21.24 106.22
C GLY I 598 -5.57 -21.10 107.59
N ASN I 599 -6.18 -20.32 108.46
CA ASN I 599 -5.66 -20.08 109.80
C ASN I 599 -6.08 -21.23 110.71
N ASP I 600 -5.94 -21.05 112.02
CA ASP I 600 -6.30 -22.06 113.02
C ASP I 600 -7.63 -21.67 113.63
N LEU I 601 -8.67 -22.44 113.33
CA LEU I 601 -9.99 -22.17 113.90
C LEU I 601 -10.07 -22.56 115.37
N ARG I 602 -9.34 -23.59 115.77
CA ARG I 602 -9.52 -24.17 117.10
C ARG I 602 -9.27 -23.16 118.20
N VAL I 603 -8.47 -22.13 117.93
CA VAL I 603 -8.18 -21.11 118.94
C VAL I 603 -9.18 -19.96 118.91
N ASP I 604 -10.20 -20.03 118.06
CA ASP I 604 -11.15 -18.93 117.91
C ASP I 604 -12.57 -19.32 118.28
N GLY I 605 -13.13 -20.36 117.66
CA GLY I 605 -14.51 -20.73 117.92
C GLY I 605 -14.89 -22.03 117.24
N ALA I 606 -15.72 -22.83 117.91
CA ALA I 606 -15.92 -24.22 117.54
C ALA I 606 -17.39 -24.53 117.35
N SER I 607 -17.65 -25.64 116.67
CA SER I 607 -19.00 -26.15 116.49
C SER I 607 -19.50 -26.66 117.83
N VAL I 608 -20.18 -25.79 118.58
CA VAL I 608 -20.34 -26.00 120.01
C VAL I 608 -21.10 -27.29 120.29
N ARG I 609 -22.14 -27.58 119.51
CA ARG I 609 -23.02 -28.67 119.88
C ARG I 609 -23.56 -29.38 118.65
N PHE I 610 -23.86 -30.65 118.83
CA PHE I 610 -24.71 -31.42 117.92
C PHE I 610 -26.01 -31.65 118.68
N ASP I 611 -27.01 -30.81 118.44
CA ASP I 611 -28.26 -30.92 119.19
C ASP I 611 -28.95 -32.25 118.91
N SER I 612 -28.67 -32.83 117.73
CA SER I 612 -29.26 -34.10 117.35
C SER I 612 -28.77 -34.78 116.14
N VAL I 613 -28.91 -36.08 115.92
CA VAL I 613 -28.59 -36.76 114.68
C VAL I 613 -29.80 -37.61 114.47
N ASN I 614 -30.14 -38.07 113.28
CA ASN I 614 -31.27 -38.92 113.00
C ASN I 614 -30.90 -39.60 111.73
N LEU I 615 -31.55 -40.62 111.19
CA LEU I 615 -31.09 -41.26 109.95
C LEU I 615 -32.28 -41.35 109.20
N TYR I 616 -32.27 -41.22 107.92
CA TYR I 616 -33.44 -41.18 107.20
C TYR I 616 -33.22 -42.15 106.14
N ALA I 617 -34.19 -42.92 105.78
CA ALA I 617 -34.08 -43.87 104.77
C ALA I 617 -35.25 -43.76 103.92
N THR I 618 -35.28 -44.35 102.75
CA THR I 618 -36.46 -44.35 101.89
C THR I 618 -36.53 -45.67 101.14
N PHE I 619 -37.73 -46.24 101.07
CA PHE I 619 -37.96 -47.58 100.55
C PHE I 619 -38.75 -47.49 99.26
N PHE I 620 -38.40 -48.35 98.32
CA PHE I 620 -39.21 -48.45 97.10
C PHE I 620 -40.45 -49.27 97.40
N PRO I 621 -41.64 -48.72 97.21
CA PRO I 621 -42.85 -49.46 97.57
C PRO I 621 -43.12 -50.63 96.63
N MET I 622 -42.19 -51.59 96.62
CA MET I 622 -42.34 -52.74 95.74
C MET I 622 -43.48 -53.62 96.21
N ALA I 623 -44.12 -54.28 95.25
CA ALA I 623 -45.22 -55.19 95.59
C ALA I 623 -44.69 -56.35 96.44
N HIS I 624 -45.45 -56.70 97.48
CA HIS I 624 -45.01 -57.75 98.39
C HIS I 624 -44.84 -59.08 97.67
N ASN I 625 -45.60 -59.29 96.60
CA ASN I 625 -45.50 -60.54 95.86
C ASN I 625 -44.12 -60.70 95.24
N THR I 626 -43.53 -59.59 94.77
CA THR I 626 -42.25 -59.69 94.10
C THR I 626 -41.09 -59.38 95.05
N ALA I 627 -41.34 -58.58 96.08
CA ALA I 627 -40.28 -58.31 97.05
C ALA I 627 -39.84 -59.60 97.75
N SER I 628 -40.78 -60.47 98.08
CA SER I 628 -40.42 -61.77 98.60
C SER I 628 -39.67 -62.59 97.57
N THR I 629 -40.10 -62.53 96.31
CA THR I 629 -39.37 -63.22 95.25
C THR I 629 -37.99 -62.64 95.07
N LEU I 630 -37.86 -61.31 95.11
CA LEU I 630 -36.55 -60.68 95.03
C LEU I 630 -35.65 -61.15 96.14
N GLU I 631 -36.15 -61.13 97.38
CA GLU I 631 -35.37 -61.60 98.51
C GLU I 631 -35.04 -63.07 98.38
N ALA I 632 -35.98 -63.87 97.89
CA ALA I 632 -35.77 -65.32 97.83
C ALA I 632 -34.59 -65.67 96.96
N MET I 633 -34.46 -65.02 95.81
CA MET I 633 -33.33 -65.28 94.93
C MET I 633 -32.09 -64.50 95.30
N LEU I 634 -32.24 -63.29 95.83
CA LEU I 634 -31.09 -62.51 96.29
C LEU I 634 -30.49 -63.08 97.56
N ARG I 635 -31.19 -63.99 98.24
CA ARG I 635 -30.66 -64.67 99.41
C ARG I 635 -29.80 -65.86 99.05
N ASN I 636 -29.68 -66.27 97.80
CA ASN I 636 -28.95 -67.46 97.44
C ASN I 636 -27.51 -67.21 97.52
N ASP I 637 -26.69 -68.01 96.87
CA ASP I 637 -25.28 -67.84 97.03
C ASP I 637 -24.62 -67.36 95.85
N THR I 638 -25.03 -67.80 94.70
CA THR I 638 -24.46 -67.34 93.50
C THR I 638 -24.70 -65.91 93.45
N HIS I 639 -25.85 -65.46 93.90
CA HIS I 639 -26.18 -64.08 93.86
C HIS I 639 -25.76 -63.24 94.97
N ASP I 640 -24.50 -62.93 95.12
CA ASP I 640 -24.14 -62.03 96.14
C ASP I 640 -23.53 -60.85 95.60
N GLN I 641 -23.80 -59.72 96.17
CA GLN I 641 -23.40 -58.54 95.64
C GLN I 641 -21.99 -58.40 95.85
N SER I 642 -21.30 -57.55 95.15
CA SER I 642 -19.94 -57.28 95.43
C SER I 642 -19.52 -55.93 94.99
N PHE I 643 -18.77 -55.20 95.74
CA PHE I 643 -18.40 -53.83 95.41
C PHE I 643 -16.90 -53.67 95.49
N ASN I 644 -16.35 -52.91 94.56
CA ASN I 644 -14.93 -52.59 94.55
C ASN I 644 -14.73 -51.11 94.83
N ASP I 645 -13.90 -50.82 95.82
CA ASP I 645 -13.55 -49.43 96.12
C ASP I 645 -12.97 -48.78 94.88
N TYR I 646 -13.44 -47.58 94.56
CA TYR I 646 -13.04 -46.92 93.33
C TYR I 646 -11.54 -46.68 93.31
N LEU I 647 -11.05 -45.87 94.24
CA LEU I 647 -9.61 -45.71 94.38
C LEU I 647 -9.05 -46.92 95.09
N SER I 648 -9.07 -48.07 94.43
CA SER I 648 -8.60 -49.31 95.04
C SER I 648 -7.09 -49.18 95.22
N ALA I 649 -6.66 -48.89 96.44
CA ALA I 649 -5.30 -48.42 96.64
C ALA I 649 -4.90 -48.59 98.09
N ALA I 650 -3.66 -49.02 98.32
CA ALA I 650 -3.10 -49.12 99.66
C ALA I 650 -2.16 -47.93 99.84
N ASN I 651 -2.54 -47.01 100.71
CA ASN I 651 -1.86 -45.73 100.83
C ASN I 651 -0.86 -45.76 101.97
N MET I 652 0.34 -45.25 101.70
CA MET I 652 1.35 -45.02 102.72
C MET I 652 1.88 -43.61 102.56
N LEU I 653 2.32 -43.02 103.67
CA LEU I 653 2.78 -41.64 103.72
C LEU I 653 4.23 -41.63 104.18
N TYR I 654 5.14 -41.66 103.24
CA TYR I 654 6.54 -41.58 103.63
C TYR I 654 6.91 -40.13 103.90
N PRO I 655 7.67 -39.84 104.94
CA PRO I 655 8.07 -38.46 105.22
C PRO I 655 9.38 -38.11 104.57
N ILE I 656 9.50 -36.85 104.17
CA ILE I 656 10.74 -36.32 103.63
C ILE I 656 11.13 -35.10 104.46
N PRO I 657 12.38 -34.98 104.88
CA PRO I 657 12.75 -33.89 105.78
C PRO I 657 12.82 -32.55 105.08
N ALA I 658 13.29 -31.53 105.80
CA ALA I 658 13.41 -30.20 105.21
C ALA I 658 14.55 -30.17 104.20
N LYS I 659 14.32 -29.48 103.09
CA LYS I 659 15.26 -29.31 101.99
C LYS I 659 16.09 -30.55 101.72
N ALA I 660 15.43 -31.70 101.61
CA ALA I 660 16.07 -32.96 101.25
C ALA I 660 15.51 -33.42 99.91
N THR I 661 16.40 -33.82 99.00
CA THR I 661 15.97 -34.15 97.66
C THR I 661 15.77 -35.64 97.44
N ASN I 662 16.52 -36.49 98.11
CA ASN I 662 16.48 -37.92 97.87
C ASN I 662 15.52 -38.57 98.87
N VAL I 663 14.61 -39.39 98.36
CA VAL I 663 13.61 -40.06 99.19
C VAL I 663 13.64 -41.56 98.89
N PRO I 664 14.53 -42.32 99.52
CA PRO I 664 14.67 -43.75 99.22
C PRO I 664 13.73 -44.68 99.99
N ILE I 665 12.51 -44.83 99.50
CA ILE I 665 11.58 -45.78 100.10
C ILE I 665 12.04 -47.20 99.79
N SER I 666 11.44 -48.17 100.48
CA SER I 666 11.70 -49.57 100.22
C SER I 666 10.53 -50.40 100.71
N ILE I 667 10.38 -51.58 100.10
CA ILE I 667 9.29 -52.50 100.41
C ILE I 667 9.90 -53.87 100.66
N PRO I 668 9.55 -54.56 101.74
CA PRO I 668 10.07 -55.91 101.95
C PRO I 668 9.56 -56.86 100.88
N SER I 669 10.24 -58.00 100.76
CA SER I 669 9.98 -58.92 99.67
C SER I 669 8.66 -59.66 99.87
N ARG I 670 7.57 -59.07 99.42
CA ARG I 670 6.26 -59.70 99.47
C ARG I 670 5.86 -60.18 98.07
N ASN I 671 4.62 -60.63 97.94
CA ASN I 671 4.13 -61.24 96.71
C ASN I 671 3.33 -60.23 95.90
N TRP I 672 3.71 -60.04 94.64
CA TRP I 672 3.11 -59.04 93.77
C TRP I 672 2.07 -59.67 92.86
N ALA I 673 1.01 -60.20 93.48
CA ALA I 673 0.08 -61.07 92.78
C ALA I 673 -0.62 -60.39 91.61
N ALA I 674 -1.45 -59.40 91.89
CA ALA I 674 -2.28 -58.74 90.88
C ALA I 674 -2.10 -57.24 90.96
N PHE I 675 -0.85 -56.81 91.02
CA PHE I 675 -0.54 -55.39 91.08
C PHE I 675 -1.17 -54.65 89.91
N ARG I 676 -1.34 -53.35 90.08
CA ARG I 676 -2.06 -52.57 89.08
C ARG I 676 -1.39 -51.24 88.73
N GLY I 677 -0.44 -50.76 89.52
CA GLY I 677 0.24 -49.51 89.20
C GLY I 677 0.57 -48.68 90.41
N TRP I 678 1.29 -47.58 90.21
CA TRP I 678 1.62 -46.63 91.27
C TRP I 678 0.86 -45.33 91.05
N SER I 679 0.92 -44.46 92.06
CA SER I 679 0.38 -43.11 91.97
C SER I 679 0.92 -42.33 93.14
N PHE I 680 1.52 -41.17 92.88
CA PHE I 680 2.16 -40.43 93.95
C PHE I 680 1.95 -38.93 93.77
N THR I 681 1.97 -38.23 94.90
CA THR I 681 1.97 -36.78 94.94
C THR I 681 2.76 -36.35 96.17
N ARG I 682 2.57 -35.11 96.60
CA ARG I 682 3.38 -34.58 97.68
C ARG I 682 2.58 -33.50 98.38
N LEU I 683 2.40 -33.63 99.69
CA LEU I 683 1.66 -32.67 100.47
C LEU I 683 2.48 -32.27 101.69
N LYS I 684 2.42 -30.99 102.05
CA LYS I 684 3.14 -30.51 103.22
C LYS I 684 2.58 -31.15 104.47
N THR I 685 3.46 -31.43 105.44
CA THR I 685 3.02 -32.07 106.67
C THR I 685 2.26 -31.13 107.58
N LYS I 686 2.28 -29.83 107.30
CA LYS I 686 1.43 -28.90 108.04
C LYS I 686 -0.03 -29.06 107.67
N GLU I 687 -0.32 -29.66 106.51
CA GLU I 687 -1.66 -29.78 105.97
C GLU I 687 -2.09 -31.24 105.93
N THR I 688 -1.81 -31.98 106.97
CA THR I 688 -2.18 -33.39 106.97
C THR I 688 -2.39 -33.88 108.39
N PRO I 689 -3.62 -34.28 108.73
CA PRO I 689 -3.87 -34.85 110.06
C PRO I 689 -3.39 -36.28 110.14
N SER I 690 -3.25 -36.76 111.37
CA SER I 690 -2.93 -38.15 111.64
C SER I 690 -4.25 -38.85 111.95
N LEU I 691 -4.84 -39.49 110.94
CA LEU I 691 -6.16 -40.08 111.07
C LEU I 691 -6.19 -41.28 111.99
N GLY I 692 -5.03 -41.82 112.39
CA GLY I 692 -5.03 -42.96 113.29
C GLY I 692 -5.65 -42.63 114.63
N SER I 693 -5.28 -41.50 115.21
CA SER I 693 -5.81 -41.10 116.50
C SER I 693 -7.18 -40.46 116.34
N GLY I 694 -7.94 -40.46 117.44
CA GLY I 694 -9.25 -39.83 117.42
C GLY I 694 -9.16 -38.31 117.37
N PHE I 695 -8.03 -37.75 117.79
CA PHE I 695 -7.86 -36.30 117.81
C PHE I 695 -6.39 -35.95 117.98
N ASP I 696 -5.85 -35.15 117.07
CA ASP I 696 -4.44 -34.75 117.14
C ASP I 696 -4.32 -33.27 117.37
N PRO I 697 -4.00 -32.81 118.58
CA PRO I 697 -3.93 -31.37 118.86
C PRO I 697 -2.74 -30.67 118.22
N TYR I 698 -1.97 -31.36 117.38
CA TYR I 698 -0.87 -30.74 116.66
C TYR I 698 -1.23 -30.48 115.20
N PHE I 699 -2.50 -30.55 114.87
CA PHE I 699 -3.01 -30.26 113.53
C PHE I 699 -3.74 -28.92 113.62
N VAL I 700 -2.99 -27.84 113.40
CA VAL I 700 -3.56 -26.51 113.58
C VAL I 700 -4.07 -25.92 112.26
N TYR I 701 -3.42 -26.23 111.14
CA TYR I 701 -3.90 -25.74 109.86
C TYR I 701 -5.31 -26.22 109.59
N SER I 702 -6.15 -25.32 109.10
CA SER I 702 -7.57 -25.61 108.91
C SER I 702 -8.07 -25.42 107.49
N GLY I 703 -7.22 -24.96 106.58
CA GLY I 703 -7.64 -24.79 105.21
C GLY I 703 -7.88 -26.11 104.51
N SER I 704 -7.83 -26.12 103.18
CA SER I 704 -8.03 -27.36 102.44
C SER I 704 -6.87 -28.31 102.71
N ILE I 705 -7.20 -29.56 103.05
CA ILE I 705 -6.20 -30.59 103.31
C ILE I 705 -6.15 -31.51 102.09
N PRO I 706 -5.09 -31.45 101.28
CA PRO I 706 -5.09 -32.18 100.01
C PRO I 706 -5.05 -33.69 100.17
N TYR I 707 -4.94 -34.21 101.40
CA TYR I 707 -4.83 -35.66 101.55
C TYR I 707 -6.16 -36.33 101.25
N LEU I 708 -7.18 -36.07 102.07
CA LEU I 708 -8.52 -36.58 101.80
C LEU I 708 -9.39 -35.54 101.11
N ASP I 709 -8.87 -34.89 100.08
CA ASP I 709 -9.66 -33.90 99.37
C ASP I 709 -9.52 -33.96 97.85
N GLY I 710 -8.46 -34.55 97.31
CA GLY I 710 -8.23 -34.51 95.89
C GLY I 710 -7.97 -33.12 95.36
N THR I 711 -7.10 -32.37 96.03
CA THR I 711 -6.73 -31.03 95.61
C THR I 711 -5.22 -30.85 95.68
N PHE I 712 -4.49 -31.81 95.12
CA PHE I 712 -3.04 -31.77 95.16
C PHE I 712 -2.50 -30.62 94.32
N TYR I 713 -1.45 -29.98 94.81
CA TYR I 713 -0.89 -28.82 94.14
C TYR I 713 0.63 -28.83 94.10
N LEU I 714 1.30 -29.80 94.71
CA LEU I 714 2.75 -29.83 94.78
C LEU I 714 3.36 -30.88 93.89
N ASN I 715 2.58 -31.51 93.01
CA ASN I 715 3.12 -32.58 92.19
C ASN I 715 3.93 -32.05 91.00
N HIS I 716 4.22 -30.76 90.96
CA HIS I 716 5.09 -30.21 89.93
C HIS I 716 6.54 -30.13 90.39
N THR I 717 6.88 -30.75 91.51
CA THR I 717 8.20 -30.61 92.11
C THR I 717 9.05 -31.86 91.98
N PHE I 718 8.47 -32.98 91.58
CA PHE I 718 9.27 -34.17 91.34
C PHE I 718 10.20 -33.95 90.17
N LYS I 719 11.36 -34.60 90.22
CA LYS I 719 12.30 -34.54 89.11
C LYS I 719 12.57 -35.89 88.51
N LYS I 720 12.87 -36.90 89.32
CA LYS I 720 13.14 -38.24 88.80
C LYS I 720 12.53 -39.28 89.72
N VAL I 721 12.15 -40.41 89.12
CA VAL I 721 11.59 -41.53 89.84
C VAL I 721 12.28 -42.79 89.36
N SER I 722 12.80 -43.60 90.29
CA SER I 722 13.47 -44.84 89.95
C SER I 722 12.72 -46.01 90.57
N ILE I 723 12.47 -47.04 89.79
CA ILE I 723 11.79 -48.24 90.26
C ILE I 723 12.69 -49.43 89.96
N MET I 724 12.86 -50.30 90.96
CA MET I 724 13.79 -51.41 90.80
C MET I 724 13.37 -52.57 91.69
N PHE I 725 13.02 -53.70 91.08
CA PHE I 725 12.68 -54.89 91.83
C PHE I 725 13.93 -55.66 92.20
N ASP I 726 13.88 -56.33 93.36
CA ASP I 726 14.96 -57.20 93.84
C ASP I 726 16.29 -56.47 93.92
N SER I 727 16.28 -55.15 93.89
CA SER I 727 17.49 -54.33 93.90
C SER I 727 18.42 -54.63 92.72
N SER I 728 17.92 -55.33 91.72
CA SER I 728 18.75 -55.69 90.57
C SER I 728 18.12 -55.34 89.23
N VAL I 729 16.82 -55.53 89.07
CA VAL I 729 16.14 -55.31 87.80
C VAL I 729 15.33 -54.02 87.90
N SER I 730 15.53 -53.13 86.94
CA SER I 730 14.75 -51.89 86.87
C SER I 730 13.49 -52.15 86.08
N TRP I 731 12.34 -51.95 86.71
CA TRP I 731 11.07 -52.29 86.05
C TRP I 731 10.78 -51.50 84.79
N PRO I 732 10.97 -50.16 84.73
CA PRO I 732 10.28 -49.36 83.70
C PRO I 732 10.27 -49.96 82.31
N GLY I 733 11.21 -50.85 82.06
CA GLY I 733 11.20 -51.65 80.87
C GLY I 733 12.58 -52.21 80.60
N ASN I 734 12.61 -53.12 79.63
CA ASN I 734 13.89 -53.61 79.14
C ASN I 734 14.71 -52.48 78.56
N ASP I 735 14.19 -51.85 77.50
CA ASP I 735 14.77 -50.62 76.98
C ASP I 735 13.68 -49.66 76.52
N ARG I 736 12.53 -49.67 77.20
CA ARG I 736 11.35 -48.99 76.68
C ARG I 736 11.58 -47.49 76.57
N LEU I 737 11.79 -46.81 77.69
CA LEU I 737 11.74 -45.36 77.71
C LEU I 737 12.91 -44.77 76.93
N LEU I 738 12.81 -43.45 76.68
CA LEU I 738 13.92 -42.73 76.07
C LEU I 738 15.14 -42.73 76.98
N THR I 739 14.93 -42.57 78.27
CA THR I 739 15.95 -42.85 79.28
C THR I 739 15.60 -44.19 79.92
N PRO I 740 16.33 -45.25 79.61
CA PRO I 740 15.83 -46.59 79.94
C PRO I 740 15.72 -46.87 81.43
N ASN I 741 16.42 -46.13 82.29
CA ASN I 741 16.57 -46.58 83.66
C ASN I 741 15.62 -45.91 84.65
N GLU I 742 15.27 -44.64 84.44
CA GLU I 742 14.47 -43.89 85.38
C GLU I 742 13.46 -43.15 84.62
N PHE I 743 12.54 -42.52 85.28
CA PHE I 743 11.48 -41.84 84.61
C PHE I 743 11.80 -40.49 85.02
N GLU I 744 11.91 -39.56 84.14
CA GLU I 744 12.32 -38.26 84.54
C GLU I 744 11.19 -37.40 84.27
N ILE I 745 10.80 -36.52 85.15
CA ILE I 745 9.66 -35.72 84.96
C ILE I 745 9.97 -34.29 84.69
N LYS I 746 11.15 -33.79 84.92
CA LYS I 746 11.32 -32.41 84.70
C LYS I 746 12.64 -32.05 84.42
N ARG I 747 13.12 -32.44 83.30
CA ARG I 747 14.45 -32.11 82.90
C ARG I 747 14.86 -30.71 83.07
N SER I 748 15.88 -30.48 83.84
CA SER I 748 16.47 -29.15 84.00
C SER I 748 17.19 -28.81 82.71
N VAL I 749 18.07 -27.81 82.75
CA VAL I 749 18.78 -27.35 81.56
C VAL I 749 19.19 -28.55 80.71
N ASP I 750 18.76 -28.56 79.46
CA ASP I 750 18.70 -29.77 78.66
C ASP I 750 19.80 -29.79 77.61
N GLY I 751 20.38 -30.96 77.40
CA GLY I 751 21.43 -31.12 76.42
C GLY I 751 20.91 -31.57 75.08
N GLU I 752 20.05 -32.58 75.07
CA GLU I 752 19.58 -33.20 73.83
C GLU I 752 18.05 -33.26 73.83
N GLY I 753 17.42 -32.15 73.43
CA GLY I 753 16.04 -32.11 73.00
C GLY I 753 15.06 -33.06 73.64
N TYR I 754 14.87 -32.98 74.95
CA TYR I 754 13.94 -33.87 75.64
C TYR I 754 12.86 -33.08 76.37
N ASN I 755 12.29 -32.09 75.70
CA ASN I 755 11.17 -31.33 76.23
C ASN I 755 10.05 -31.36 75.21
N VAL I 756 8.86 -31.81 75.64
CA VAL I 756 7.80 -32.09 74.68
C VAL I 756 7.06 -30.82 74.32
N ALA I 757 6.37 -30.24 75.30
CA ALA I 757 5.64 -29.01 75.05
C ALA I 757 6.59 -27.85 75.17
N GLN I 758 6.06 -26.65 75.27
CA GLN I 758 6.96 -25.54 75.52
C GLN I 758 7.50 -25.54 76.93
N CYS I 759 7.07 -26.49 77.75
CA CYS I 759 7.52 -26.66 79.12
C CYS I 759 8.80 -27.48 79.13
N ASN I 760 9.01 -28.05 80.34
CA ASN I 760 10.17 -28.83 80.62
C ASN I 760 9.82 -30.24 81.01
N MET I 761 8.71 -30.79 80.66
CA MET I 761 8.48 -32.12 81.04
C MET I 761 9.16 -32.92 80.05
N THR I 762 9.62 -34.10 80.35
CA THR I 762 10.19 -34.86 79.34
C THR I 762 9.26 -35.61 78.53
N LYS I 763 9.74 -36.03 77.43
CA LYS I 763 8.94 -36.71 76.52
C LYS I 763 8.45 -37.95 77.05
N ASP I 764 9.27 -38.64 77.76
CA ASP I 764 8.85 -39.89 78.30
C ASP I 764 7.71 -39.70 79.22
N TRP I 765 7.70 -38.75 80.11
CA TRP I 765 6.62 -38.62 80.97
C TRP I 765 5.46 -38.23 80.19
N PHE I 766 5.58 -37.33 79.26
CA PHE I 766 4.36 -36.99 78.64
C PHE I 766 3.86 -38.24 78.07
N LEU I 767 4.63 -38.96 77.33
CA LEU I 767 4.04 -40.12 76.68
C LEU I 767 3.37 -41.03 77.70
N VAL I 768 4.02 -41.28 78.82
CA VAL I 768 3.47 -42.20 79.82
C VAL I 768 2.16 -41.66 80.37
N GLN I 769 2.14 -40.38 80.76
CA GLN I 769 0.93 -39.81 81.33
C GLN I 769 -0.21 -39.80 80.33
N MET I 770 0.08 -39.41 79.09
CA MET I 770 -0.94 -39.46 78.06
C MET I 770 -1.39 -40.89 77.80
N LEU I 771 -0.44 -41.82 77.81
CA LEU I 771 -0.76 -43.22 77.59
C LEU I 771 -1.49 -43.83 78.77
N SER I 772 -1.48 -43.18 79.93
CA SER I 772 -2.05 -43.79 81.12
C SER I 772 -3.50 -43.39 81.35
N HIS I 773 -3.78 -42.10 81.48
CA HIS I 773 -5.15 -41.65 81.65
C HIS I 773 -5.99 -42.03 80.43
N TYR I 774 -5.65 -41.48 79.28
CA TYR I 774 -6.23 -41.87 78.01
C TYR I 774 -5.30 -42.88 77.35
N ASN I 775 -5.61 -43.26 76.12
CA ASN I 775 -4.72 -44.12 75.35
C ASN I 775 -4.05 -43.36 74.22
N ILE I 776 -4.12 -42.03 74.23
CA ILE I 776 -3.38 -41.23 73.27
C ILE I 776 -1.91 -41.56 73.40
N GLY I 777 -1.25 -41.80 72.26
CA GLY I 777 0.04 -42.44 72.31
C GLY I 777 0.56 -42.85 70.95
N TYR I 778 0.85 -44.14 70.81
CA TYR I 778 1.50 -44.67 69.62
C TYR I 778 0.82 -44.28 68.32
N GLN I 779 -0.43 -43.82 68.37
CA GLN I 779 -1.14 -43.41 67.17
C GLN I 779 -1.06 -41.91 66.94
N GLY I 780 -0.25 -41.19 67.71
CA GLY I 780 -0.12 -39.76 67.54
C GLY I 780 -0.94 -38.97 68.53
N PHE I 781 -0.37 -37.90 69.07
CA PHE I 781 -1.06 -37.12 70.08
C PHE I 781 -2.19 -36.29 69.48
N HIS I 782 -3.20 -36.02 70.30
CA HIS I 782 -4.29 -35.12 69.95
C HIS I 782 -5.04 -34.82 71.22
N VAL I 783 -5.78 -33.71 71.21
CA VAL I 783 -6.53 -33.31 72.40
C VAL I 783 -7.58 -34.38 72.67
N PRO I 784 -7.60 -34.97 73.87
CA PRO I 784 -8.51 -36.08 74.12
C PRO I 784 -9.95 -35.63 74.19
N GLU I 785 -10.85 -36.59 74.03
CA GLU I 785 -12.27 -36.31 73.95
C GLU I 785 -12.78 -35.74 75.27
N GLY I 786 -13.82 -34.91 75.17
CA GLY I 786 -14.31 -34.21 76.36
C GLY I 786 -14.82 -35.15 77.43
N TYR I 787 -15.59 -36.17 77.03
CA TYR I 787 -16.13 -37.10 78.02
C TYR I 787 -15.04 -37.91 78.69
N LYS I 788 -13.92 -38.12 78.00
CA LYS I 788 -12.82 -38.89 78.54
C LYS I 788 -11.80 -38.03 79.27
N ASP I 789 -12.07 -36.74 79.41
CA ASP I 789 -11.16 -35.80 80.05
C ASP I 789 -11.90 -35.17 81.23
N ARG I 790 -11.84 -35.83 82.37
CA ARG I 790 -12.60 -35.42 83.55
C ARG I 790 -11.86 -34.28 84.25
N MET I 791 -12.27 -33.95 85.47
CA MET I 791 -11.67 -32.83 86.18
C MET I 791 -10.31 -33.18 86.76
N TYR I 792 -10.11 -34.44 87.16
CA TYR I 792 -8.85 -34.87 87.75
C TYR I 792 -7.94 -35.56 86.73
N SER I 793 -8.00 -35.14 85.48
CA SER I 793 -7.19 -35.76 84.45
C SER I 793 -5.94 -34.94 84.16
N PHE I 794 -5.01 -35.56 83.46
CA PHE I 794 -3.70 -34.95 83.23
C PHE I 794 -3.80 -33.76 82.27
N PHE I 795 -4.50 -33.94 81.16
CA PHE I 795 -4.48 -32.91 80.12
C PHE I 795 -5.35 -31.72 80.46
N ARG I 796 -6.38 -31.91 81.28
CA ARG I 796 -7.31 -30.82 81.55
C ARG I 796 -6.61 -29.64 82.21
N ASN I 797 -5.73 -29.91 83.17
CA ASN I 797 -5.12 -28.87 84.00
C ASN I 797 -3.61 -28.98 83.97
N PHE I 798 -3.05 -29.08 82.78
CA PHE I 798 -1.60 -29.03 82.56
C PHE I 798 -1.30 -27.72 81.85
N GLN I 799 -0.59 -26.82 82.51
CA GLN I 799 -0.40 -25.46 82.01
C GLN I 799 1.07 -25.11 81.90
N PRO I 800 1.70 -25.30 80.74
CA PRO I 800 3.07 -24.84 80.54
C PRO I 800 3.18 -23.32 80.56
N MET I 801 4.33 -22.84 81.05
CA MET I 801 4.61 -21.42 81.17
C MET I 801 6.03 -21.16 80.74
N SER I 802 6.38 -19.89 80.60
CA SER I 802 7.74 -19.47 80.29
C SER I 802 7.83 -17.96 80.33
N ARG I 803 9.03 -17.46 80.64
CA ARG I 803 9.29 -16.03 80.70
C ARG I 803 10.78 -15.79 80.51
N GLN I 804 11.14 -14.54 80.29
CA GLN I 804 12.52 -14.16 80.02
C GLN I 804 12.95 -13.03 80.95
N VAL I 805 14.18 -13.11 81.45
CA VAL I 805 14.71 -12.15 82.40
C VAL I 805 16.11 -11.76 82.00
N VAL I 806 16.55 -10.61 82.54
CA VAL I 806 17.85 -10.06 82.16
C VAL I 806 18.97 -11.02 82.50
N ASP I 807 19.95 -11.13 81.61
CA ASP I 807 21.16 -11.87 81.93
C ASP I 807 21.96 -11.13 82.99
N GLU I 808 22.31 -11.85 84.05
CA GLU I 808 23.08 -11.26 85.12
C GLU I 808 24.58 -11.29 84.88
N ILE I 809 25.05 -12.05 83.89
CA ILE I 809 26.47 -12.19 83.60
C ILE I 809 26.81 -11.73 82.20
N ASN I 810 25.99 -12.07 81.20
CA ASN I 810 26.26 -11.64 79.84
C ASN I 810 25.92 -10.18 79.59
N TYR I 811 25.23 -9.53 80.51
CA TYR I 811 24.92 -8.10 80.37
C TYR I 811 26.11 -7.29 80.84
N LYS I 812 26.49 -6.29 80.05
CA LYS I 812 27.69 -5.53 80.35
C LYS I 812 27.55 -4.78 81.67
N ASP I 813 26.40 -4.16 81.91
CA ASP I 813 26.17 -3.34 83.09
C ASP I 813 24.82 -3.72 83.68
N TYR I 814 24.82 -4.70 84.58
CA TYR I 814 23.62 -5.15 85.26
C TYR I 814 23.82 -4.93 86.75
N LYS I 815 23.05 -4.03 87.34
CA LYS I 815 23.16 -3.67 88.74
C LYS I 815 21.88 -4.11 89.43
N ALA I 816 21.94 -5.24 90.12
CA ALA I 816 20.75 -5.77 90.78
C ALA I 816 20.34 -4.86 91.93
N VAL I 817 19.05 -4.53 91.98
CA VAL I 817 18.50 -3.62 92.97
C VAL I 817 17.47 -4.36 93.79
N THR I 818 17.60 -4.29 95.12
CA THR I 818 16.66 -4.97 96.00
C THR I 818 15.33 -4.23 96.02
N LEU I 819 14.36 -4.85 96.70
CA LEU I 819 13.01 -4.28 96.75
C LEU I 819 12.95 -2.87 97.33
N PRO I 820 13.55 -2.58 98.50
CA PRO I 820 13.34 -1.27 99.11
C PRO I 820 14.11 -0.13 98.45
N PHE I 821 14.68 -0.33 97.27
CA PHE I 821 15.38 0.75 96.58
C PHE I 821 14.83 1.03 95.18
N GLN I 822 14.39 0.01 94.46
CA GLN I 822 13.81 0.23 93.14
C GLN I 822 12.51 1.03 93.26
N HIS I 823 12.36 2.02 92.38
CA HIS I 823 11.22 2.94 92.46
C HIS I 823 10.58 3.07 91.09
N ASN I 824 9.42 2.45 90.92
CA ASN I 824 8.56 2.62 89.77
C ASN I 824 7.25 3.23 90.26
N ASN I 825 6.62 4.03 89.40
CA ASN I 825 5.41 4.77 89.78
C ASN I 825 5.66 5.66 90.99
N SER I 826 6.89 6.14 91.15
CA SER I 826 7.26 6.88 92.34
C SER I 826 6.48 8.19 92.42
N GLY I 827 6.10 8.56 93.64
CA GLY I 827 5.35 9.76 93.87
C GLY I 827 3.85 9.60 93.75
N PHE I 828 3.38 8.49 93.19
CA PHE I 828 1.95 8.23 93.07
C PHE I 828 1.53 6.95 93.79
N THR I 829 2.40 6.40 94.64
CA THR I 829 2.10 5.14 95.30
C THR I 829 2.82 5.12 96.64
N GLY I 830 2.34 4.26 97.55
CA GLY I 830 2.96 4.15 98.85
C GLY I 830 4.36 3.56 98.76
N TYR I 831 5.18 3.89 99.75
CA TYR I 831 6.57 3.43 99.79
C TYR I 831 6.63 1.91 99.87
N LEU I 832 6.17 1.36 100.97
CA LEU I 832 6.20 -0.09 101.16
C LEU I 832 4.91 -0.64 101.73
N ALA I 833 4.15 0.15 102.32
CA ALA I 833 2.85 -0.36 102.71
C ALA I 833 1.76 0.32 101.90
N PRO I 834 0.62 -0.31 101.68
CA PRO I 834 -0.44 0.38 100.96
C PRO I 834 -1.01 1.49 101.84
N THR I 835 -0.58 2.70 101.57
CA THR I 835 -0.87 3.84 102.44
C THR I 835 -1.10 5.05 101.53
N MET I 836 -1.08 6.22 102.13
CA MET I 836 -1.27 7.45 101.36
C MET I 836 -0.14 7.60 100.34
N ARG I 837 -0.47 8.11 99.17
CA ARG I 837 0.53 8.34 98.14
C ARG I 837 1.63 9.25 98.66
N GLN I 838 2.87 8.89 98.37
CA GLN I 838 4.00 9.63 98.91
C GLN I 838 5.19 9.49 97.99
N GLY I 839 5.89 10.60 97.77
CA GLY I 839 7.07 10.61 96.94
C GLY I 839 7.15 11.80 96.02
N GLN I 840 7.88 11.66 94.92
CA GLN I 840 7.94 12.67 93.87
C GLN I 840 7.97 11.95 92.53
N PRO I 841 7.53 12.61 91.47
CA PRO I 841 7.66 12.00 90.14
C PRO I 841 9.12 11.88 89.74
N TYR I 842 9.42 10.81 89.01
CA TYR I 842 10.78 10.54 88.57
C TYR I 842 10.78 9.34 87.63
N PRO I 843 11.70 9.26 86.68
CA PRO I 843 11.76 8.07 85.82
C PRO I 843 12.07 6.83 86.63
N ALA I 844 11.45 5.72 86.24
CA ALA I 844 11.59 4.47 86.96
C ALA I 844 12.93 3.80 86.66
N ASN I 845 13.24 2.78 87.44
CA ASN I 845 14.51 2.08 87.26
C ASN I 845 14.43 0.57 87.34
N PHE I 846 13.36 -0.02 87.85
CA PHE I 846 13.40 -1.46 88.07
C PHE I 846 13.17 -2.33 86.85
N PRO I 847 12.06 -2.18 86.12
CA PRO I 847 11.57 -3.30 85.29
C PRO I 847 12.52 -3.78 84.21
N TYR I 848 13.51 -2.99 83.79
CA TYR I 848 14.53 -3.48 82.86
C TYR I 848 13.93 -3.95 81.53
N PRO I 849 13.58 -3.04 80.63
CA PRO I 849 12.79 -3.40 79.46
C PRO I 849 13.42 -4.53 78.65
N LEU I 850 12.58 -5.47 78.22
CA LEU I 850 13.01 -6.60 77.42
C LEU I 850 12.58 -6.49 75.97
N ILE I 851 12.03 -5.35 75.56
CA ILE I 851 11.57 -5.14 74.20
C ILE I 851 12.07 -3.79 73.72
N GLY I 852 11.81 -3.50 72.45
CA GLY I 852 12.20 -2.23 71.86
C GLY I 852 13.65 -2.23 71.40
N GLN I 853 14.02 -1.14 70.73
CA GLN I 853 15.39 -1.00 70.25
C GLN I 853 16.40 -0.94 71.38
N THR I 854 15.95 -0.64 72.60
CA THR I 854 16.82 -0.52 73.76
C THR I 854 16.60 -1.68 74.73
N ALA I 855 16.39 -2.87 74.18
CA ALA I 855 16.18 -4.05 75.01
C ALA I 855 17.51 -4.48 75.63
N VAL I 856 17.48 -5.59 76.36
CA VAL I 856 18.64 -6.05 77.11
C VAL I 856 18.81 -7.54 76.84
N PRO I 857 20.05 -8.05 76.72
CA PRO I 857 20.23 -9.49 76.57
C PRO I 857 19.59 -10.24 77.73
N SER I 858 18.91 -11.34 77.41
CA SER I 858 18.04 -12.01 78.36
C SER I 858 18.16 -13.52 78.21
N VAL I 859 17.71 -14.23 79.24
CA VAL I 859 17.70 -15.68 79.26
C VAL I 859 16.31 -16.16 79.65
N THR I 860 15.74 -17.05 78.86
CA THR I 860 14.39 -17.55 79.13
C THR I 860 14.40 -18.53 80.29
N GLN I 861 13.20 -18.80 80.81
CA GLN I 861 13.03 -19.70 81.95
C GLN I 861 11.73 -20.47 81.75
N LYS I 862 11.83 -21.75 81.44
CA LYS I 862 10.65 -22.57 81.22
C LYS I 862 10.21 -23.24 82.51
N LYS I 863 8.90 -23.47 82.63
CA LYS I 863 8.32 -24.13 83.78
C LYS I 863 6.93 -24.61 83.42
N PHE I 864 6.42 -25.56 84.19
CA PHE I 864 5.04 -25.99 84.05
C PHE I 864 4.41 -26.14 85.43
N LEU I 865 3.09 -26.06 85.49
CA LEU I 865 2.37 -25.92 86.74
C LEU I 865 1.17 -26.86 86.77
N CYS I 866 1.40 -28.14 86.45
CA CYS I 866 0.34 -29.12 86.58
C CYS I 866 -0.01 -29.34 88.05
N ASP I 867 -1.31 -29.48 88.33
CA ASP I 867 -1.77 -29.73 89.68
C ASP I 867 -3.15 -30.39 89.61
N ARG I 868 -3.72 -30.64 90.78
CA ARG I 868 -5.02 -31.29 90.95
C ARG I 868 -5.04 -32.72 90.43
N VAL I 869 -3.88 -33.30 90.13
CA VAL I 869 -3.79 -34.66 89.62
C VAL I 869 -2.74 -35.42 90.40
N MET I 870 -2.81 -36.74 90.31
CA MET I 870 -1.80 -37.63 90.86
C MET I 870 -1.02 -38.25 89.71
N TRP I 871 0.30 -38.11 89.73
CA TRP I 871 1.12 -38.75 88.71
C TRP I 871 0.85 -40.25 88.70
N ARG I 872 0.75 -40.82 87.51
CA ARG I 872 0.34 -42.20 87.35
C ARG I 872 1.41 -42.98 86.59
N ILE I 873 1.69 -44.18 87.08
CA ILE I 873 2.61 -45.08 86.40
C ILE I 873 1.96 -46.45 86.30
N PRO I 874 1.26 -46.77 85.23
CA PRO I 874 0.58 -48.06 85.14
C PRO I 874 1.58 -49.20 85.09
N PHE I 875 1.23 -50.36 85.52
CA PHE I 875 2.13 -51.47 85.59
C PHE I 875 1.69 -52.27 84.52
N SER I 876 1.88 -51.83 83.31
CA SER I 876 1.57 -52.64 82.21
C SER I 876 2.64 -52.55 81.26
N SER I 877 2.70 -53.46 80.31
CA SER I 877 3.78 -53.49 79.36
C SER I 877 3.91 -52.33 78.49
N ASN I 878 2.80 -51.88 77.94
CA ASN I 878 2.79 -50.82 77.05
C ASN I 878 2.21 -49.67 77.63
N PHE I 879 2.18 -49.60 78.92
CA PHE I 879 1.75 -48.47 79.59
C PHE I 879 0.41 -48.13 79.24
N MET I 880 -0.38 -49.00 78.71
CA MET I 880 -1.67 -48.57 78.33
C MET I 880 -2.65 -49.03 79.31
N SER I 881 -3.94 -49.01 79.00
CA SER I 881 -4.95 -49.59 79.89
C SER I 881 -5.92 -50.35 79.01
N MET I 882 -5.58 -51.59 78.68
CA MET I 882 -6.43 -52.46 77.89
C MET I 882 -7.18 -53.47 78.74
N GLY I 883 -7.08 -53.38 80.05
CA GLY I 883 -7.82 -54.27 80.92
C GLY I 883 -7.72 -53.81 82.36
N ALA I 884 -8.63 -54.31 83.17
CA ALA I 884 -8.65 -53.92 84.58
C ALA I 884 -7.54 -54.61 85.37
N LEU I 885 -7.22 -55.88 85.05
CA LEU I 885 -6.16 -56.64 85.73
C LEU I 885 -4.93 -56.01 85.24
N THR I 886 -4.12 -56.65 84.47
CA THR I 886 -3.01 -55.96 83.85
C THR I 886 -2.49 -57.09 83.16
N ASP I 887 -1.34 -57.01 82.54
CA ASP I 887 -0.79 -58.19 81.98
C ASP I 887 0.50 -58.51 82.56
N LEU I 888 1.04 -57.64 83.37
CA LEU I 888 2.26 -57.92 84.04
C LEU I 888 1.72 -58.27 85.40
N GLY I 889 0.44 -58.55 85.49
CA GLY I 889 -0.15 -58.85 86.75
C GLY I 889 -0.75 -60.16 86.65
N GLN I 890 -0.40 -60.89 85.65
CA GLN I 890 -0.85 -62.21 85.57
C GLN I 890 0.23 -63.18 85.09
N ASN I 891 1.40 -62.75 84.65
CA ASN I 891 2.48 -63.65 84.27
C ASN I 891 3.15 -64.23 85.51
N MET I 892 3.63 -65.47 85.38
CA MET I 892 4.10 -66.21 86.53
C MET I 892 5.38 -65.66 87.13
N LEU I 893 6.11 -64.81 86.39
CA LEU I 893 7.27 -64.16 86.98
C LEU I 893 6.89 -63.28 88.16
N TYR I 894 5.80 -62.52 88.01
CA TYR I 894 5.29 -61.67 89.07
C TYR I 894 4.16 -62.30 89.86
N ALA I 895 3.34 -63.13 89.22
CA ALA I 895 2.27 -63.81 89.93
C ALA I 895 2.81 -64.85 90.89
N ASN I 896 3.54 -65.84 90.36
CA ASN I 896 4.01 -66.97 91.17
C ASN I 896 5.47 -66.76 91.59
N SER I 897 5.68 -65.73 92.40
CA SER I 897 6.99 -65.44 92.98
C SER I 897 6.89 -64.29 93.98
N ALA I 898 8.00 -63.94 94.61
CA ALA I 898 8.08 -62.81 95.51
C ALA I 898 9.23 -61.90 95.10
N HIS I 899 8.99 -60.60 95.12
CA HIS I 899 10.00 -59.63 94.72
C HIS I 899 9.97 -58.45 95.66
N ALA I 900 11.15 -57.91 95.97
CA ALA I 900 11.24 -56.66 96.71
C ALA I 900 10.88 -55.51 95.78
N LEU I 901 10.94 -54.28 96.31
CA LEU I 901 10.65 -53.11 95.49
C LEU I 901 11.34 -51.91 96.11
N ASP I 902 12.40 -51.44 95.47
CA ASP I 902 13.14 -50.27 95.92
C ASP I 902 12.87 -49.11 94.97
N MET I 903 12.45 -47.99 95.51
CA MET I 903 12.17 -46.80 94.72
C MET I 903 12.98 -45.63 95.26
N THR I 904 13.23 -44.65 94.40
CA THR I 904 14.09 -43.52 94.74
C THR I 904 13.58 -42.28 94.02
N PHE I 905 13.03 -41.33 94.76
CA PHE I 905 12.51 -40.10 94.21
C PHE I 905 13.51 -38.98 94.42
N GLU I 906 13.66 -38.12 93.41
CA GLU I 906 14.42 -36.90 93.54
C GLU I 906 13.45 -35.75 93.37
N VAL I 907 13.23 -34.99 94.45
CA VAL I 907 12.25 -33.92 94.44
C VAL I 907 12.96 -32.60 94.67
N ASP I 908 12.30 -31.52 94.29
CA ASP I 908 12.86 -30.20 94.57
C ASP I 908 12.88 -29.97 96.08
N PRO I 909 13.94 -29.39 96.60
CA PRO I 909 13.99 -29.11 98.04
C PRO I 909 12.95 -28.07 98.43
N MET I 910 12.42 -28.22 99.64
CA MET I 910 11.50 -27.25 100.21
C MET I 910 11.87 -27.04 101.67
N ASP I 911 11.88 -25.78 102.08
CA ASP I 911 12.24 -25.47 103.46
C ASP I 911 11.25 -26.07 104.45
N GLU I 912 9.97 -26.03 104.12
CA GLU I 912 8.98 -26.63 105.00
C GLU I 912 9.03 -28.14 104.89
N PRO I 913 8.87 -28.87 106.00
CA PRO I 913 8.85 -30.33 105.92
C PRO I 913 7.58 -30.80 105.23
N THR I 914 7.73 -31.73 104.30
CA THR I 914 6.62 -32.32 103.57
C THR I 914 6.59 -33.82 103.85
N LEU I 915 5.74 -34.53 103.14
CA LEU I 915 5.78 -35.99 103.19
C LEU I 915 5.25 -36.55 101.87
N LEU I 916 6.10 -37.32 101.20
CA LEU I 916 5.71 -37.99 99.97
C LEU I 916 4.52 -38.91 100.24
N TYR I 917 3.50 -38.81 99.40
CA TYR I 917 2.27 -39.60 99.57
C TYR I 917 2.21 -40.62 98.44
N LEU I 918 2.89 -41.73 98.62
CA LEU I 918 2.80 -42.80 97.65
C LEU I 918 1.46 -43.50 97.79
N LEU I 919 1.03 -44.14 96.70
CA LEU I 919 -0.28 -44.78 96.68
C LEU I 919 -0.22 -45.90 95.65
N PHE I 920 -0.09 -47.14 96.13
CA PHE I 920 -0.13 -48.27 95.23
C PHE I 920 -1.54 -48.44 94.67
N GLU I 921 -1.69 -49.39 93.75
CA GLU I 921 -2.99 -49.69 93.17
C GLU I 921 -3.23 -51.18 93.24
N VAL I 922 -4.36 -51.55 93.84
CA VAL I 922 -4.65 -52.94 94.16
C VAL I 922 -6.10 -53.21 93.77
N PHE I 923 -6.59 -54.40 94.08
CA PHE I 923 -8.01 -54.70 94.04
C PHE I 923 -8.53 -54.76 95.46
N ASP I 924 -9.74 -54.23 95.68
CA ASP I 924 -10.26 -54.05 97.04
C ASP I 924 -11.72 -54.50 97.12
N VAL I 925 -12.03 -55.62 96.48
CA VAL I 925 -13.40 -56.05 96.34
C VAL I 925 -13.88 -56.67 97.65
N VAL I 926 -15.19 -56.78 97.77
CA VAL I 926 -15.85 -57.42 98.91
C VAL I 926 -17.21 -57.90 98.44
N ARG I 927 -17.54 -59.16 98.73
CA ARG I 927 -18.85 -59.70 98.38
C ARG I 927 -19.66 -59.92 99.65
N VAL I 928 -20.94 -59.55 99.60
CA VAL I 928 -21.80 -59.51 100.78
C VAL I 928 -22.86 -60.58 100.63
N HIS I 929 -22.90 -61.51 101.58
CA HIS I 929 -23.83 -62.62 101.57
C HIS I 929 -24.76 -62.51 102.77
N GLN I 930 -26.06 -62.70 102.53
CA GLN I 930 -27.08 -62.59 103.59
C GLN I 930 -27.91 -63.86 103.62
N PRO I 931 -27.50 -64.84 104.41
CA PRO I 931 -28.20 -66.14 104.41
C PRO I 931 -29.63 -66.06 104.93
N HIS I 932 -29.82 -65.49 106.12
CA HIS I 932 -31.15 -65.47 106.72
C HIS I 932 -31.57 -64.05 107.10
N ARG I 933 -32.67 -63.91 107.83
CA ARG I 933 -33.09 -62.61 108.30
C ARG I 933 -32.11 -62.10 109.35
N GLY I 934 -31.75 -60.82 109.24
CA GLY I 934 -30.95 -60.19 110.27
C GLY I 934 -29.51 -60.61 110.34
N VAL I 935 -28.99 -61.30 109.33
CA VAL I 935 -27.60 -61.74 109.31
C VAL I 935 -26.96 -61.28 108.01
N ILE I 936 -25.85 -60.56 108.12
CA ILE I 936 -25.09 -60.11 106.96
C ILE I 936 -23.62 -60.35 107.24
N GLU I 937 -22.95 -61.05 106.34
CA GLU I 937 -21.54 -61.35 106.49
C GLU I 937 -20.81 -61.00 105.21
N ALA I 938 -19.70 -60.27 105.33
CA ALA I 938 -18.92 -59.81 104.20
C ALA I 938 -17.55 -60.45 104.23
N VAL I 939 -17.00 -60.71 103.05
CA VAL I 939 -15.69 -61.34 102.91
C VAL I 939 -14.81 -60.38 102.12
N TYR I 940 -14.02 -59.59 102.83
CA TYR I 940 -13.13 -58.64 102.18
C TYR I 940 -11.92 -59.35 101.61
N LEU I 941 -11.35 -58.76 100.56
CA LEU I 941 -10.12 -59.29 99.97
C LEU I 941 -9.41 -58.17 99.23
N ARG I 942 -8.19 -57.87 99.64
CA ARG I 942 -7.31 -56.96 98.91
C ARG I 942 -6.18 -57.80 98.34
N THR I 943 -6.03 -57.81 97.02
CA THR I 943 -5.23 -58.89 96.45
C THR I 943 -3.72 -58.69 96.61
N PRO I 944 -3.10 -57.61 96.09
CA PRO I 944 -1.64 -57.48 96.26
C PRO I 944 -1.23 -57.29 97.71
N PHE I 945 -1.74 -56.25 98.35
CA PHE I 945 -1.38 -55.92 99.73
C PHE I 945 -2.44 -56.46 100.68
N SER I 946 -2.49 -57.79 100.74
CA SER I 946 -3.57 -58.47 101.47
C SER I 946 -3.47 -58.15 102.94
N ALA I 947 -4.39 -57.32 103.44
CA ALA I 947 -4.48 -57.00 104.85
C ALA I 947 -5.46 -57.96 105.49
N GLY I 948 -4.98 -58.81 106.38
CA GLY I 948 -5.84 -59.75 107.07
C GLY I 948 -5.14 -61.04 107.44
N ASN I 949 -5.34 -61.48 108.67
CA ASN I 949 -4.75 -62.71 109.18
C ASN I 949 -5.70 -63.86 108.99
N ALA I 950 -5.17 -65.00 108.57
CA ALA I 950 -5.95 -66.23 108.35
C ALA I 950 -7.13 -65.98 107.41
N ALA J 2 28.82 -45.74 -27.98
CA ALA J 2 30.24 -45.54 -28.23
C ALA J 2 30.57 -45.81 -29.70
N THR J 3 31.84 -45.65 -30.05
CA THR J 3 32.29 -45.93 -31.41
C THR J 3 33.05 -47.24 -31.42
N PRO J 4 32.52 -48.28 -32.06
CA PRO J 4 33.20 -49.59 -32.01
C PRO J 4 34.59 -49.57 -32.61
N SER J 5 34.90 -48.63 -33.51
CA SER J 5 36.22 -48.60 -34.11
C SER J 5 37.25 -48.06 -33.13
N MET J 6 36.89 -47.04 -32.35
CA MET J 6 37.83 -46.42 -31.43
C MET J 6 37.97 -47.17 -30.12
N MET J 7 37.10 -48.13 -29.84
CA MET J 7 37.17 -48.82 -28.56
C MET J 7 38.50 -49.51 -28.31
N PRO J 8 39.17 -50.15 -29.29
CA PRO J 8 40.49 -50.72 -29.00
C PRO J 8 41.50 -49.72 -28.46
N GLN J 9 41.50 -48.49 -28.96
CA GLN J 9 42.39 -47.48 -28.41
C GLN J 9 41.89 -46.99 -27.05
N TRP J 10 40.57 -46.86 -26.90
CA TRP J 10 40.02 -46.47 -25.62
C TRP J 10 40.36 -47.49 -24.54
N ALA J 11 40.10 -48.77 -24.82
CA ALA J 11 40.30 -49.80 -23.80
C ALA J 11 41.77 -49.96 -23.46
N TYR J 12 42.65 -49.92 -24.47
CA TYR J 12 44.06 -50.17 -24.21
C TYR J 12 44.69 -49.05 -23.40
N MET J 13 44.26 -47.81 -23.62
CA MET J 13 44.79 -46.67 -22.90
C MET J 13 43.91 -46.28 -21.71
N HIS J 14 42.85 -47.03 -21.45
CA HIS J 14 41.95 -46.82 -20.32
C HIS J 14 41.24 -45.47 -20.38
N ILE J 15 41.08 -44.91 -21.58
CA ILE J 15 40.23 -43.73 -21.72
C ILE J 15 38.79 -44.11 -21.43
N ALA J 16 38.35 -45.25 -21.95
CA ALA J 16 37.02 -45.78 -21.66
C ALA J 16 37.14 -47.29 -21.62
N GLY J 17 37.38 -47.84 -20.43
CA GLY J 17 37.68 -49.24 -20.31
C GLY J 17 36.82 -49.97 -19.31
N GLN J 18 37.44 -50.68 -18.38
CA GLN J 18 36.73 -51.54 -17.46
C GLN J 18 37.23 -51.39 -16.03
N ASP J 19 37.29 -50.16 -15.52
CA ASP J 19 37.29 -49.97 -14.07
C ASP J 19 38.47 -50.63 -13.36
N ALA J 20 39.65 -50.01 -13.42
CA ALA J 20 40.93 -50.62 -13.08
C ALA J 20 40.89 -51.64 -11.96
N SER J 21 40.06 -51.42 -10.94
CA SER J 21 39.80 -52.48 -9.98
C SER J 21 39.38 -53.79 -10.64
N GLU J 22 39.02 -53.77 -11.93
CA GLU J 22 38.56 -54.97 -12.62
C GLU J 22 39.53 -55.51 -13.65
N TYR J 23 40.48 -54.73 -14.15
CA TYR J 23 41.41 -55.26 -15.14
C TYR J 23 42.77 -55.60 -14.59
N LEU J 24 43.13 -55.10 -13.41
CA LEU J 24 44.36 -55.54 -12.77
C LEU J 24 44.25 -57.02 -12.45
N SER J 25 45.40 -57.69 -12.39
CA SER J 25 45.41 -59.10 -12.07
C SER J 25 44.82 -59.30 -10.67
N PRO J 26 44.14 -60.43 -10.44
CA PRO J 26 43.48 -60.63 -9.15
C PRO J 26 44.44 -60.56 -7.97
N GLY J 27 45.71 -60.85 -8.19
CA GLY J 27 46.68 -60.72 -7.11
C GLY J 27 46.88 -59.28 -6.69
N LEU J 28 47.01 -58.36 -7.65
CA LEU J 28 47.33 -56.98 -7.32
C LEU J 28 46.19 -56.31 -6.56
N VAL J 29 44.97 -56.40 -7.08
CA VAL J 29 43.85 -55.69 -6.44
C VAL J 29 43.64 -56.22 -5.03
N GLN J 30 43.79 -57.53 -4.83
CA GLN J 30 43.76 -58.08 -3.48
C GLN J 30 44.92 -57.55 -2.66
N PHE J 31 46.11 -57.44 -3.28
CA PHE J 31 47.27 -56.89 -2.57
C PHE J 31 47.04 -55.43 -2.21
N ALA J 32 46.67 -54.61 -3.19
CA ALA J 32 46.56 -53.18 -2.95
C ALA J 32 45.44 -52.87 -1.96
N ARG J 33 44.42 -53.72 -1.92
CA ARG J 33 43.34 -53.52 -0.95
C ARG J 33 43.84 -53.69 0.47
N ALA J 34 44.72 -54.66 0.70
CA ALA J 34 45.20 -54.93 2.05
C ALA J 34 46.09 -53.81 2.57
N THR J 35 47.02 -53.35 1.73
CA THR J 35 48.06 -52.42 2.16
C THR J 35 47.70 -50.97 1.87
N ASP J 36 46.42 -50.66 1.63
CA ASP J 36 46.04 -49.30 1.34
C ASP J 36 46.23 -48.37 2.54
N THR J 37 46.32 -48.92 3.75
CA THR J 37 46.43 -48.08 4.94
C THR J 37 47.70 -47.26 4.94
N TYR J 38 48.82 -47.87 4.56
CA TYR J 38 50.12 -47.20 4.64
C TYR J 38 50.72 -46.88 3.28
N PHE J 39 50.78 -47.85 2.37
CA PHE J 39 51.36 -47.65 1.05
C PHE J 39 50.24 -47.81 0.02
N SER J 40 49.73 -46.69 -0.46
CA SER J 40 48.54 -46.69 -1.32
C SER J 40 48.94 -46.68 -2.79
N LEU J 41 48.28 -47.51 -3.58
CA LEU J 41 48.50 -47.60 -5.01
C LEU J 41 47.31 -47.11 -5.82
N GLY J 42 46.38 -46.40 -5.19
CA GLY J 42 45.17 -46.01 -5.90
C GLY J 42 45.42 -45.03 -7.02
N ASN J 43 46.25 -44.02 -6.78
CA ASN J 43 46.43 -42.98 -7.79
C ASN J 43 47.41 -43.38 -8.88
N LYS J 44 47.97 -44.58 -8.82
CA LYS J 44 48.85 -45.04 -9.87
C LYS J 44 48.09 -45.47 -11.12
N PHE J 45 46.92 -46.08 -10.95
CA PHE J 45 46.16 -46.66 -12.04
C PHE J 45 44.94 -45.82 -12.36
N ARG J 46 44.55 -45.84 -13.63
CA ARG J 46 43.43 -45.06 -14.13
C ARG J 46 42.18 -45.92 -14.20
N ASN J 47 41.10 -45.42 -13.62
CA ASN J 47 39.78 -46.04 -13.76
C ASN J 47 38.87 -45.07 -14.49
N PRO J 48 38.42 -45.40 -15.69
CA PRO J 48 37.73 -44.41 -16.52
C PRO J 48 36.29 -44.21 -16.11
N THR J 49 35.75 -43.04 -16.47
CA THR J 49 34.34 -42.72 -16.35
C THR J 49 33.80 -42.36 -17.72
N VAL J 50 32.70 -42.99 -18.12
CA VAL J 50 32.12 -42.82 -19.44
C VAL J 50 30.70 -42.31 -19.28
N ALA J 51 30.41 -41.17 -19.90
CA ALA J 51 29.07 -40.61 -19.83
C ALA J 51 28.09 -41.48 -20.61
N PRO J 52 26.83 -41.54 -20.18
CA PRO J 52 25.84 -42.31 -20.93
C PRO J 52 25.56 -41.68 -22.27
N THR J 53 25.21 -42.51 -23.24
CA THR J 53 24.99 -42.05 -24.60
C THR J 53 23.62 -42.39 -25.16
N HIS J 54 23.00 -43.47 -24.70
CA HIS J 54 21.84 -44.00 -25.41
C HIS J 54 20.64 -43.07 -25.31
N ASP J 55 20.12 -42.87 -24.11
CA ASP J 55 18.78 -42.32 -23.94
C ASP J 55 18.74 -41.32 -22.80
N VAL J 56 19.71 -40.42 -22.74
CA VAL J 56 19.78 -39.42 -21.68
C VAL J 56 19.21 -38.08 -22.12
N THR J 57 19.62 -37.61 -23.30
CA THR J 57 19.20 -36.31 -23.78
C THR J 57 18.80 -36.40 -25.24
N THR J 58 17.89 -35.51 -25.64
CA THR J 58 17.32 -35.56 -26.97
C THR J 58 18.30 -35.06 -28.01
N ASP J 59 17.99 -35.35 -29.27
CA ASP J 59 18.72 -34.83 -30.41
C ASP J 59 17.88 -33.87 -31.25
N ARG J 60 16.59 -33.77 -30.99
CA ARG J 60 15.74 -32.84 -31.72
C ARG J 60 15.98 -31.41 -31.25
N SER J 61 15.19 -30.48 -31.78
CA SER J 61 15.33 -29.08 -31.44
C SER J 61 14.48 -28.75 -30.22
N GLN J 62 15.11 -28.18 -29.20
CA GLN J 62 14.41 -27.76 -28.01
C GLN J 62 15.13 -26.57 -27.39
N ARG J 63 14.37 -25.60 -26.93
CA ARG J 63 14.95 -24.52 -26.13
C ARG J 63 15.32 -25.05 -24.75
N LEU J 64 16.21 -24.31 -24.09
CA LEU J 64 16.54 -24.59 -22.71
C LEU J 64 15.95 -23.58 -21.74
N THR J 65 15.82 -22.32 -22.16
CA THR J 65 15.24 -21.28 -21.34
C THR J 65 14.11 -20.63 -22.12
N LEU J 66 12.96 -20.48 -21.48
CA LEU J 66 11.81 -19.85 -22.12
C LEU J 66 11.33 -18.68 -21.26
N ARG J 67 11.08 -17.55 -21.91
CA ARG J 67 10.46 -16.41 -21.26
C ARG J 67 8.98 -16.39 -21.61
N PHE J 68 8.14 -15.96 -20.67
CA PHE J 68 6.71 -15.89 -20.88
C PHE J 68 6.23 -14.48 -20.53
N VAL J 69 5.67 -13.78 -21.50
CA VAL J 69 5.14 -12.44 -21.26
C VAL J 69 3.76 -12.59 -20.62
N PRO J 70 3.32 -11.63 -19.82
CA PRO J 70 2.00 -11.76 -19.18
C PRO J 70 0.88 -11.74 -20.21
N VAL J 71 -0.08 -12.64 -20.01
CA VAL J 71 -1.27 -12.63 -20.86
C VAL J 71 -2.14 -11.42 -20.53
N ASP J 72 -2.35 -11.16 -19.24
CA ASP J 72 -3.06 -9.97 -18.79
C ASP J 72 -2.39 -9.43 -17.55
N ARG J 73 -2.46 -8.12 -17.38
CA ARG J 73 -1.76 -7.43 -16.30
C ARG J 73 -2.68 -6.40 -15.67
N GLU J 74 -2.59 -6.25 -14.36
CA GLU J 74 -3.39 -5.29 -13.62
C GLU J 74 -2.49 -4.52 -12.68
N ALA J 75 -2.39 -3.21 -12.90
CA ALA J 75 -1.50 -2.35 -12.13
C ALA J 75 -2.35 -1.44 -11.25
N THR J 76 -2.65 -1.91 -10.04
CA THR J 76 -3.33 -1.08 -9.06
C THR J 76 -2.34 -0.07 -8.49
N THR J 77 -2.83 0.80 -7.60
CA THR J 77 -1.95 1.80 -7.01
C THR J 77 -0.85 1.16 -6.17
N TYR J 78 -1.11 -0.02 -5.61
CA TYR J 78 -0.14 -0.72 -4.78
C TYR J 78 -0.02 -2.20 -5.11
N LEU J 79 -0.41 -2.62 -6.31
CA LEU J 79 -0.38 -4.01 -6.71
C LEU J 79 0.23 -4.16 -8.08
N TYR J 80 0.45 -5.40 -8.48
CA TYR J 80 0.71 -5.74 -9.87
C TYR J 80 0.36 -7.20 -10.03
N LYS J 81 -0.69 -7.48 -10.79
CA LYS J 81 -1.26 -8.82 -10.90
C LYS J 81 -1.00 -9.32 -12.31
N ALA J 82 0.02 -10.16 -12.46
CA ALA J 82 0.43 -10.69 -13.75
C ALA J 82 0.01 -12.14 -13.84
N ARG J 83 -0.63 -12.51 -14.95
CA ARG J 83 -1.13 -13.85 -15.16
C ARG J 83 -0.52 -14.41 -16.45
N PHE J 84 0.21 -15.51 -16.32
CA PHE J 84 0.86 -16.15 -17.44
C PHE J 84 0.16 -17.46 -17.77
N THR J 85 0.68 -18.17 -18.77
CA THR J 85 0.20 -19.50 -19.12
C THR J 85 1.43 -20.36 -19.39
N LEU J 86 1.84 -21.14 -18.40
CA LEU J 86 2.89 -22.13 -18.64
C LEU J 86 2.45 -23.10 -19.71
N ALA J 87 3.35 -23.41 -20.63
CA ALA J 87 3.06 -24.33 -21.73
C ALA J 87 4.17 -25.38 -21.76
N VAL J 88 3.99 -26.43 -20.96
CA VAL J 88 4.91 -27.55 -20.96
C VAL J 88 4.49 -28.48 -22.09
N GLY J 89 5.16 -28.36 -23.23
CA GLY J 89 4.81 -29.15 -24.39
C GLY J 89 4.96 -30.64 -24.15
N ASP J 90 4.56 -31.42 -25.14
CA ASP J 90 4.59 -32.87 -24.99
C ASP J 90 6.02 -33.39 -24.91
N ASN J 91 6.18 -34.51 -24.21
CA ASN J 91 7.45 -35.21 -24.12
C ASN J 91 8.54 -34.35 -23.47
N ARG J 92 8.16 -33.60 -22.44
CA ARG J 92 9.14 -32.86 -21.65
C ARG J 92 8.51 -32.52 -20.31
N VAL J 93 9.32 -32.50 -19.27
CA VAL J 93 8.88 -32.23 -17.91
C VAL J 93 9.61 -31.02 -17.38
N LEU J 94 8.89 -30.16 -16.67
CA LEU J 94 9.45 -28.94 -16.10
C LEU J 94 9.47 -29.05 -14.58
N ASP J 95 10.65 -28.85 -13.99
CA ASP J 95 10.78 -28.80 -12.55
C ASP J 95 10.54 -27.37 -12.10
N MET J 96 9.54 -27.18 -11.23
CA MET J 96 9.08 -25.85 -10.89
C MET J 96 10.12 -25.03 -10.15
N ALA J 97 11.18 -25.65 -9.62
CA ALA J 97 12.20 -24.88 -8.92
C ALA J 97 12.99 -23.99 -9.86
N SER J 98 13.02 -24.30 -11.15
CA SER J 98 13.80 -23.49 -12.08
C SER J 98 13.11 -22.17 -12.41
N THR J 99 11.79 -22.13 -12.38
CA THR J 99 11.06 -20.93 -12.76
C THR J 99 11.31 -19.80 -11.78
N TYR J 100 11.30 -18.58 -12.30
CA TYR J 100 11.42 -17.39 -11.46
C TYR J 100 10.93 -16.19 -12.24
N PHE J 101 10.44 -15.19 -11.51
CA PHE J 101 9.90 -13.98 -12.11
C PHE J 101 11.04 -12.99 -12.31
N ASP J 102 11.08 -12.38 -13.50
CA ASP J 102 12.08 -11.37 -13.81
C ASP J 102 11.38 -10.03 -13.95
N ILE J 103 11.22 -9.32 -12.85
CA ILE J 103 10.53 -8.04 -12.85
C ILE J 103 11.57 -6.96 -13.13
N ARG J 104 11.12 -5.88 -13.77
CA ARG J 104 12.04 -4.85 -14.22
C ARG J 104 11.31 -3.51 -14.27
N GLY J 105 11.86 -2.51 -13.60
CA GLY J 105 11.25 -1.20 -13.57
C GLY J 105 12.28 -0.16 -13.19
N VAL J 106 11.79 0.94 -12.65
CA VAL J 106 12.64 2.01 -12.15
C VAL J 106 12.15 2.40 -10.76
N LEU J 107 13.04 2.30 -9.78
CA LEU J 107 12.73 2.66 -8.41
C LEU J 107 13.55 3.87 -8.00
N ASP J 108 12.94 4.71 -7.16
CA ASP J 108 13.54 5.96 -6.72
C ASP J 108 13.45 6.04 -5.21
N ARG J 109 14.55 5.75 -4.52
CA ARG J 109 14.59 5.99 -3.09
C ARG J 109 14.57 7.49 -2.82
N GLY J 110 14.02 7.86 -1.68
CA GLY J 110 13.75 9.26 -1.40
C GLY J 110 15.00 10.06 -1.16
N PRO J 111 14.84 11.33 -0.80
CA PRO J 111 16.00 12.15 -0.49
C PRO J 111 16.64 11.79 0.83
N SER J 112 16.18 10.71 1.44
CA SER J 112 16.71 10.20 2.70
C SER J 112 17.64 9.02 2.45
N PHE J 113 18.46 9.12 1.40
CA PHE J 113 19.26 7.99 0.95
C PHE J 113 20.73 8.35 0.92
N LYS J 114 21.25 8.89 2.01
CA LYS J 114 22.68 9.08 2.12
C LYS J 114 23.33 7.74 2.41
N PRO J 115 24.00 7.12 1.44
CA PRO J 115 24.58 5.79 1.68
C PRO J 115 25.93 5.84 2.37
N TYR J 116 26.76 6.83 2.07
CA TYR J 116 28.08 6.92 2.67
C TYR J 116 27.99 7.58 4.04
N SER J 117 28.97 7.26 4.89
CA SER J 117 28.91 7.67 6.28
C SER J 117 29.23 9.16 6.44
N GLY J 118 30.43 9.57 6.07
CA GLY J 118 30.85 10.94 6.22
C GLY J 118 30.25 11.86 5.17
N THR J 119 30.96 12.93 4.88
CA THR J 119 30.58 13.83 3.79
C THR J 119 31.43 13.53 2.56
N ALA J 120 31.23 14.32 1.52
CA ALA J 120 31.98 14.15 0.28
C ALA J 120 32.77 15.39 -0.13
N TYR J 121 32.28 16.58 0.19
CA TYR J 121 32.91 17.83 -0.23
C TYR J 121 33.66 18.45 0.94
N ASN J 122 34.87 18.90 0.68
CA ASN J 122 35.71 19.51 1.71
C ASN J 122 35.76 18.63 2.95
N SER J 123 36.02 17.34 2.73
CA SER J 123 35.98 16.39 3.82
C SER J 123 37.03 16.69 4.86
N LEU J 124 38.22 17.09 4.42
CA LEU J 124 39.33 17.34 5.34
C LEU J 124 39.24 18.68 6.04
N ALA J 125 38.31 19.54 5.65
CA ALA J 125 38.22 20.85 6.27
C ALA J 125 37.88 20.71 7.76
N PRO J 126 38.41 21.59 8.61
CA PRO J 126 37.97 21.59 10.01
C PRO J 126 36.49 21.86 10.09
N LYS J 127 35.83 21.20 11.05
CA LYS J 127 34.38 21.14 11.07
C LYS J 127 33.76 22.53 11.21
N GLY J 128 34.38 23.42 11.98
CA GLY J 128 33.81 24.73 12.20
C GLY J 128 34.42 25.81 11.32
N ALA J 129 35.09 25.42 10.25
CA ALA J 129 35.75 26.39 9.39
C ALA J 129 34.74 27.08 8.49
N PRO J 130 34.65 28.41 8.54
CA PRO J 130 33.77 29.11 7.59
C PRO J 130 34.49 29.46 6.30
N ASN J 131 33.88 29.17 5.15
CA ASN J 131 34.47 29.55 3.89
C ASN J 131 34.44 31.07 3.74
N PRO J 132 35.34 31.64 2.95
CA PRO J 132 35.40 33.10 2.84
C PRO J 132 34.09 33.68 2.35
N SER J 133 33.73 34.84 2.91
CA SER J 133 32.46 35.47 2.60
C SER J 133 32.53 36.94 2.98
N GLN J 134 31.40 37.63 2.82
CA GLN J 134 31.32 39.04 3.15
C GLN J 134 29.88 39.37 3.53
N TRP J 135 29.70 40.53 4.17
CA TRP J 135 28.41 40.79 4.81
C TRP J 135 28.32 42.25 5.23
N GLU J 136 27.10 42.79 5.18
CA GLU J 136 26.84 44.15 5.63
C GLU J 136 26.95 44.24 7.15
N THR J 137 27.18 45.45 7.65
CA THR J 137 27.30 45.67 9.08
C THR J 137 27.22 47.17 9.34
N LYS J 138 27.41 47.53 10.61
CA LYS J 138 27.51 48.92 11.05
C LYS J 138 28.73 49.04 11.94
N GLU J 139 29.56 50.05 11.68
CA GLU J 139 30.83 50.18 12.38
C GLU J 139 31.08 51.63 12.75
N LYS J 140 31.92 51.82 13.76
CA LYS J 140 32.33 53.15 14.16
C LYS J 140 33.08 53.85 13.04
N GLN J 141 32.91 55.16 12.95
CA GLN J 141 33.56 55.94 11.90
C GLN J 141 33.70 57.38 12.34
N GLY J 142 34.80 58.00 11.94
CA GLY J 142 35.01 59.42 12.18
C GLY J 142 35.54 59.72 13.57
N THR J 143 35.88 61.00 13.78
CA THR J 143 36.35 61.45 15.08
C THR J 143 35.28 61.31 16.14
N THR J 144 34.04 61.67 15.81
CA THR J 144 32.94 61.55 16.76
C THR J 144 32.69 60.09 17.11
N GLY J 145 32.76 59.20 16.13
CA GLY J 145 32.46 57.80 16.35
C GLY J 145 31.14 57.41 15.74
N GLY J 146 30.77 58.07 14.64
CA GLY J 146 29.53 57.80 13.95
C GLY J 146 29.41 56.36 13.50
N VAL J 147 28.25 55.75 13.75
CA VAL J 147 28.00 54.36 13.37
C VAL J 147 27.60 54.39 11.90
N GLN J 148 28.60 54.28 11.03
CA GLN J 148 28.38 54.36 9.59
C GLN J 148 28.06 52.97 9.06
N GLN J 149 26.84 52.80 8.55
CA GLN J 149 26.32 51.49 8.15
C GLN J 149 26.74 51.22 6.70
N GLU J 150 27.82 50.47 6.53
CA GLU J 150 28.26 50.04 5.21
C GLU J 150 29.00 48.71 5.35
N LYS J 151 29.55 48.24 4.24
CA LYS J 151 30.29 46.99 4.20
C LYS J 151 31.65 47.16 4.87
N ASP J 152 31.65 47.42 6.17
CA ASP J 152 32.88 47.84 6.85
C ASP J 152 33.75 46.64 7.26
N VAL J 153 33.24 45.78 8.14
CA VAL J 153 33.93 44.59 8.60
C VAL J 153 33.65 43.48 7.59
N THR J 154 33.15 43.90 6.42
CA THR J 154 32.49 42.99 5.50
C THR J 154 33.36 41.79 5.12
N LYS J 155 34.65 42.01 4.89
CA LYS J 155 35.48 40.96 4.31
C LYS J 155 36.17 40.11 5.36
N THR J 156 35.50 39.89 6.50
CA THR J 156 36.08 39.25 7.68
C THR J 156 36.90 38.00 7.38
N PHE J 157 36.56 37.28 6.32
CA PHE J 157 37.33 36.10 5.94
C PHE J 157 37.54 36.13 4.44
N GLY J 158 38.79 36.39 4.03
CA GLY J 158 39.14 36.42 2.64
C GLY J 158 40.42 35.68 2.34
N VAL J 159 40.63 34.52 2.97
CA VAL J 159 41.89 33.79 2.84
C VAL J 159 42.24 33.64 1.37
N ALA J 160 43.36 34.23 0.97
CA ALA J 160 43.69 34.37 -0.44
C ALA J 160 45.20 34.30 -0.61
N ALA J 161 45.67 33.25 -1.27
CA ALA J 161 47.08 33.10 -1.61
C ALA J 161 47.19 32.86 -3.09
N THR J 162 48.07 33.61 -3.76
CA THR J 162 48.39 33.37 -5.16
C THR J 162 49.54 34.30 -5.55
N GLY J 163 50.31 33.88 -6.55
CA GLY J 163 51.45 34.64 -6.97
C GLY J 163 51.02 35.88 -7.74
N GLY J 164 51.38 37.05 -7.25
CA GLY J 164 51.04 38.28 -7.95
C GLY J 164 52.24 39.16 -8.20
N ILE J 165 52.57 39.37 -9.47
CA ILE J 165 53.67 40.27 -9.81
C ILE J 165 53.31 41.70 -9.43
N ASN J 166 52.14 42.16 -9.86
CA ASN J 166 51.71 43.53 -9.60
C ASN J 166 50.21 43.62 -9.78
N ILE J 167 49.50 43.99 -8.73
CA ILE J 167 48.05 44.15 -8.81
C ILE J 167 47.73 45.47 -9.50
N THR J 168 46.83 45.42 -10.48
CA THR J 168 46.38 46.60 -11.20
C THR J 168 44.86 46.65 -11.17
N ASN J 169 44.31 47.71 -11.77
CA ASN J 169 42.86 47.84 -11.85
C ASN J 169 42.26 46.72 -12.67
N GLN J 170 42.92 46.35 -13.77
CA GLN J 170 42.38 45.32 -14.65
C GLN J 170 42.29 43.97 -13.94
N GLY J 171 43.32 43.61 -13.16
CA GLY J 171 43.33 42.33 -12.51
C GLY J 171 44.48 42.12 -11.55
N LEU J 172 45.12 40.94 -11.61
CA LEU J 172 46.18 40.60 -10.68
C LEU J 172 47.55 40.46 -11.33
N LEU J 173 47.61 40.26 -12.65
CA LEU J 173 48.88 40.15 -13.38
C LEU J 173 49.71 38.96 -12.86
N LEU J 174 49.15 37.77 -13.10
CA LEU J 174 49.83 36.54 -12.71
C LEU J 174 51.21 36.44 -13.34
N GLY J 175 51.28 36.63 -14.66
CA GLY J 175 52.53 36.48 -15.38
C GLY J 175 52.66 37.50 -16.48
N THR J 176 53.87 37.53 -17.07
CA THR J 176 54.19 38.48 -18.13
C THR J 176 54.87 37.72 -19.25
N ASP J 177 54.32 37.83 -20.47
CA ASP J 177 54.93 37.25 -21.66
C ASP J 177 55.49 38.39 -22.51
N GLU J 178 56.80 38.37 -22.74
CA GLU J 178 57.43 39.44 -23.51
C GLU J 178 57.14 39.32 -25.00
N THR J 179 56.89 38.10 -25.49
CA THR J 179 56.72 37.91 -26.93
C THR J 179 55.47 38.63 -27.44
N ALA J 180 54.37 38.53 -26.70
CA ALA J 180 53.14 39.22 -27.08
C ALA J 180 53.10 40.66 -26.62
N GLU J 181 54.12 41.12 -25.89
CA GLU J 181 54.18 42.48 -25.35
C GLU J 181 52.97 42.77 -24.47
N ASN J 182 52.51 41.77 -23.72
CA ASN J 182 51.33 41.90 -22.88
C ASN J 182 51.63 41.33 -21.50
N GLY J 183 51.01 41.93 -20.50
CA GLY J 183 51.05 41.38 -19.15
C GLY J 183 49.85 40.50 -18.91
N LYS J 184 50.07 39.19 -18.74
CA LYS J 184 48.98 38.23 -18.65
C LYS J 184 48.25 38.43 -17.34
N LYS J 185 47.12 39.13 -17.38
CA LYS J 185 46.25 39.19 -16.22
C LYS J 185 45.53 37.86 -16.05
N ASP J 186 44.82 37.74 -14.94
CA ASP J 186 44.05 36.53 -14.68
C ASP J 186 42.76 36.54 -15.50
N ILE J 187 41.98 35.47 -15.34
CA ILE J 187 40.66 35.37 -15.94
C ILE J 187 39.67 35.12 -14.83
N TYR J 188 38.69 36.01 -14.69
CA TYR J 188 37.69 35.84 -13.65
C TYR J 188 36.84 34.60 -13.84
N ALA J 189 36.69 34.13 -15.09
CA ALA J 189 35.86 32.97 -15.35
C ALA J 189 36.41 31.72 -14.68
N ASP J 190 37.59 31.26 -15.09
CA ASP J 190 38.15 30.00 -14.61
C ASP J 190 39.41 30.21 -13.78
N LYS J 191 40.43 30.86 -14.35
CA LYS J 191 41.69 31.05 -13.63
C LYS J 191 41.54 32.24 -12.70
N THR J 192 40.49 32.21 -11.90
CA THR J 192 40.23 33.26 -10.93
C THR J 192 41.03 32.96 -9.67
N PHE J 193 42.33 32.71 -9.85
CA PHE J 193 43.17 32.18 -8.78
C PHE J 193 42.47 31.00 -8.12
N GLN J 194 42.26 29.97 -8.92
CA GLN J 194 41.48 28.80 -8.55
C GLN J 194 41.90 28.30 -7.18
N PRO J 195 40.99 27.71 -6.42
CA PRO J 195 41.32 27.37 -5.02
C PRO J 195 42.54 26.48 -4.88
N GLU J 196 42.80 25.57 -5.81
CA GLU J 196 43.99 24.71 -5.65
C GLU J 196 45.29 25.47 -5.90
N PRO J 197 45.59 25.97 -7.11
CA PRO J 197 46.95 26.43 -7.40
C PRO J 197 47.29 27.76 -6.73
N GLN J 198 47.29 27.74 -5.41
CA GLN J 198 47.67 28.89 -4.61
C GLN J 198 49.17 28.78 -4.30
N VAL J 199 49.65 29.55 -3.31
CA VAL J 199 51.07 29.70 -3.00
C VAL J 199 51.81 28.37 -3.13
N GLY J 200 52.96 28.41 -3.77
CA GLY J 200 53.67 27.19 -4.15
C GLY J 200 54.15 26.41 -2.95
N GLU J 201 54.75 25.26 -3.27
CA GLU J 201 55.21 24.31 -2.27
C GLU J 201 56.37 24.83 -1.43
N GLU J 202 56.79 26.08 -1.63
CA GLU J 202 57.94 26.66 -0.97
C GLU J 202 57.53 27.51 0.23
N ASN J 203 56.53 27.04 0.98
CA ASN J 203 55.79 27.87 1.93
C ASN J 203 56.68 28.82 2.73
N TRP J 204 57.60 28.31 3.54
CA TRP J 204 58.42 29.26 4.27
C TRP J 204 59.61 29.74 3.46
N GLN J 205 59.37 30.03 2.19
CA GLN J 205 60.27 30.79 1.34
C GLN J 205 59.55 31.75 0.43
N GLU J 206 58.24 31.62 0.26
CA GLU J 206 57.49 32.39 -0.73
C GLU J 206 56.84 33.58 -0.02
N ASN J 207 57.35 34.77 -0.30
CA ASN J 207 56.76 36.03 0.16
C ASN J 207 56.52 36.88 -1.09
N GLU J 208 55.38 36.65 -1.73
CA GLU J 208 55.05 37.39 -2.93
C GLU J 208 54.63 38.82 -2.57
N ALA J 209 54.86 39.73 -3.51
CA ALA J 209 54.50 41.12 -3.26
C ALA J 209 52.99 41.29 -3.08
N PHE J 210 52.20 40.61 -3.91
CA PHE J 210 50.76 40.77 -3.87
C PHE J 210 50.10 39.40 -4.03
N TYR J 211 48.92 39.26 -3.43
CA TYR J 211 48.18 38.02 -3.44
C TYR J 211 46.75 38.29 -3.89
N GLY J 212 45.97 37.22 -4.05
CA GLY J 212 44.61 37.35 -4.52
C GLY J 212 43.84 36.07 -4.31
N GLY J 213 42.53 36.20 -4.31
CA GLY J 213 41.67 35.05 -4.09
C GLY J 213 40.20 35.36 -4.26
N ARG J 214 39.35 34.43 -3.85
CA ARG J 214 37.92 34.51 -4.11
C ARG J 214 37.14 34.62 -2.81
N ALA J 215 35.99 35.28 -2.88
CA ALA J 215 35.12 35.43 -1.73
C ALA J 215 33.68 35.39 -2.20
N LEU J 216 32.76 35.21 -1.27
CA LEU J 216 31.34 35.11 -1.57
C LEU J 216 30.65 36.40 -1.16
N LYS J 217 29.87 36.97 -2.07
CA LYS J 217 29.18 38.22 -1.78
C LYS J 217 28.11 38.01 -0.72
N LYS J 218 27.58 39.13 -0.21
CA LYS J 218 26.62 39.06 0.89
C LYS J 218 25.31 38.42 0.47
N ASP J 219 25.02 38.36 -0.83
CA ASP J 219 23.77 37.79 -1.29
C ASP J 219 23.69 36.29 -1.03
N THR J 220 24.82 35.63 -0.83
CA THR J 220 24.85 34.20 -0.57
C THR J 220 24.87 33.94 0.93
N LYS J 221 23.95 33.10 1.39
CA LYS J 221 23.87 32.78 2.82
C LYS J 221 25.14 32.06 3.25
N MET J 222 25.71 32.49 4.37
CA MET J 222 26.94 31.89 4.86
C MET J 222 26.66 30.50 5.41
N LYS J 223 27.51 29.54 5.04
CA LYS J 223 27.45 28.19 5.54
C LYS J 223 28.87 27.68 5.73
N PRO J 224 29.09 26.75 6.66
CA PRO J 224 30.45 26.30 6.93
C PRO J 224 31.09 25.66 5.72
N CYS J 225 32.42 25.82 5.62
CA CYS J 225 33.15 25.26 4.51
C CYS J 225 33.10 23.74 4.50
N TYR J 226 32.79 23.12 5.64
CA TYR J 226 32.93 21.67 5.77
C TYR J 226 32.11 20.92 4.75
N GLY J 227 30.82 21.22 4.66
CA GLY J 227 29.94 20.51 3.75
C GLY J 227 29.55 21.26 2.51
N SER J 228 30.20 22.36 2.19
CA SER J 228 29.76 23.24 1.12
C SER J 228 29.94 22.60 -0.25
N PHE J 229 29.09 23.00 -1.19
CA PHE J 229 29.19 22.59 -2.58
C PHE J 229 28.55 23.64 -3.45
N ALA J 230 29.02 23.73 -4.70
CA ALA J 230 28.47 24.70 -5.64
C ALA J 230 28.80 24.24 -7.05
N ARG J 231 27.78 23.94 -7.84
CA ARG J 231 27.99 23.34 -9.14
C ARG J 231 28.76 24.27 -10.06
N PRO J 232 29.62 23.74 -10.92
CA PRO J 232 30.36 24.60 -11.84
C PRO J 232 29.44 25.24 -12.86
N THR J 233 29.86 26.40 -13.36
CA THR J 233 29.11 27.12 -14.38
C THR J 233 29.69 26.93 -15.78
N ASN J 234 30.99 27.13 -15.94
CA ASN J 234 31.65 26.96 -17.21
C ASN J 234 32.57 25.74 -17.15
N GLU J 235 32.68 25.05 -18.29
CA GLU J 235 33.47 23.83 -18.34
C GLU J 235 34.96 24.07 -18.11
N LYS J 236 35.41 25.33 -18.17
CA LYS J 236 36.79 25.65 -17.88
C LYS J 236 37.14 25.51 -16.40
N GLY J 237 36.20 25.04 -15.57
CA GLY J 237 36.43 24.88 -14.16
C GLY J 237 35.88 25.99 -13.30
N GLY J 238 35.27 27.00 -13.89
CA GLY J 238 34.74 28.11 -13.13
C GLY J 238 33.70 27.71 -12.10
N GLN J 239 33.85 28.22 -10.89
CA GLN J 239 32.87 27.97 -9.85
C GLN J 239 31.53 28.59 -10.24
N ALA J 240 30.49 28.25 -9.48
CA ALA J 240 29.16 28.75 -9.79
C ALA J 240 29.15 30.27 -9.81
N LYS J 241 28.67 30.84 -10.92
CA LYS J 241 28.51 32.28 -11.07
C LYS J 241 27.08 32.54 -11.51
N PHE J 242 26.23 32.93 -10.58
CA PHE J 242 24.90 33.37 -10.96
C PHE J 242 25.02 34.54 -11.93
N LYS J 243 24.27 34.48 -13.02
CA LYS J 243 24.14 35.66 -13.85
C LYS J 243 23.44 36.75 -13.04
N PRO J 244 23.94 37.98 -13.07
CA PRO J 244 23.31 39.04 -12.28
C PRO J 244 21.85 39.22 -12.70
N VAL J 245 21.03 39.61 -11.73
CA VAL J 245 19.59 39.63 -11.94
C VAL J 245 19.26 40.54 -13.12
N ASN J 246 18.73 39.93 -14.19
CA ASN J 246 18.37 40.66 -15.39
C ASN J 246 16.94 41.20 -15.27
N GLU J 247 16.51 41.92 -16.29
CA GLU J 247 15.13 42.43 -16.36
C GLU J 247 14.24 41.45 -17.10
N GLY J 248 14.29 40.18 -16.68
CA GLY J 248 13.53 39.14 -17.34
C GLY J 248 13.92 38.90 -18.78
N GLU J 249 15.22 38.95 -19.08
CA GLU J 249 15.68 38.80 -20.45
C GLU J 249 17.19 38.56 -20.46
N GLN J 250 17.62 37.55 -21.23
CA GLN J 250 19.00 37.21 -21.58
C GLN J 250 19.98 37.39 -20.43
N PRO J 251 19.93 36.53 -19.41
CA PRO J 251 20.94 36.60 -18.34
C PRO J 251 22.30 36.12 -18.82
N LYS J 252 23.05 36.99 -19.48
CA LYS J 252 24.31 36.60 -20.12
C LYS J 252 25.56 37.12 -19.43
N ASP J 253 25.42 37.89 -18.36
CA ASP J 253 26.59 38.42 -17.67
C ASP J 253 26.95 37.53 -16.48
N LEU J 254 28.06 37.85 -15.83
CA LEU J 254 28.48 37.16 -14.61
C LEU J 254 28.80 38.21 -13.55
N ASP J 255 28.48 37.88 -12.29
CA ASP J 255 28.60 38.82 -11.19
C ASP J 255 29.92 38.59 -10.46
N ILE J 256 31.00 39.13 -11.03
CA ILE J 256 32.32 39.11 -10.42
C ILE J 256 32.80 40.54 -10.35
N ASP J 257 33.19 40.98 -9.16
CA ASP J 257 33.75 42.31 -8.96
C ASP J 257 34.97 42.21 -8.05
N PHE J 258 35.84 43.20 -8.17
CA PHE J 258 37.09 43.21 -7.44
C PHE J 258 36.92 43.91 -6.09
N ALA J 259 37.76 43.50 -5.14
CA ALA J 259 37.86 44.15 -3.84
C ALA J 259 39.33 44.31 -3.51
N TYR J 260 39.72 45.51 -3.10
CA TYR J 260 41.12 45.82 -2.88
C TYR J 260 41.36 46.13 -1.40
N PHE J 261 42.56 45.78 -0.92
CA PHE J 261 42.89 45.93 0.48
C PHE J 261 44.32 46.43 0.62
N ASP J 262 44.62 46.97 1.80
CA ASP J 262 45.93 47.52 2.08
C ASP J 262 46.19 47.40 3.58
N VAL J 263 47.44 47.14 3.93
CA VAL J 263 47.79 46.99 5.35
C VAL J 263 47.67 48.33 6.05
N PRO J 264 46.89 48.43 7.13
CA PRO J 264 46.67 49.72 7.79
C PRO J 264 47.98 50.42 8.14
N GLY J 265 48.15 51.64 7.65
CA GLY J 265 49.39 52.35 7.83
C GLY J 265 50.35 52.04 6.71
N GLY J 266 50.78 53.07 5.99
CA GLY J 266 51.78 52.95 4.95
C GLY J 266 53.03 53.72 5.33
N SER J 267 54.16 53.01 5.33
CA SER J 267 55.42 53.65 5.72
C SER J 267 55.80 54.82 4.82
N PRO J 268 55.76 54.72 3.49
CA PRO J 268 56.06 55.89 2.67
C PRO J 268 54.82 56.70 2.40
N PRO J 269 54.84 57.99 2.72
CA PRO J 269 53.75 58.87 2.28
C PRO J 269 53.67 58.91 0.77
N ALA J 270 52.44 58.96 0.25
CA ALA J 270 52.22 59.06 -1.18
C ALA J 270 52.56 60.47 -1.63
N GLY J 271 53.75 60.64 -2.21
CA GLY J 271 54.18 61.95 -2.65
C GLY J 271 54.49 62.92 -1.53
N GLY J 272 54.79 62.42 -0.33
CA GLY J 272 55.13 63.27 0.78
C GLY J 272 53.94 63.64 1.66
N SER J 273 52.83 64.03 1.03
CA SER J 273 51.63 64.42 1.75
C SER J 273 50.70 63.25 2.06
N GLY J 274 51.02 62.05 1.57
CA GLY J 274 50.18 60.90 1.81
C GLY J 274 50.40 60.28 3.18
N GLU J 275 49.62 59.24 3.46
CA GLU J 275 49.72 58.51 4.71
C GLU J 275 49.77 57.00 4.54
N GLU J 276 49.35 56.46 3.40
CA GLU J 276 49.34 55.01 3.19
C GLU J 276 49.80 54.77 1.76
N TYR J 277 49.55 53.56 1.25
CA TYR J 277 50.15 53.15 -0.01
C TYR J 277 49.12 52.35 -0.82
N LYS J 278 49.62 51.70 -1.88
CA LYS J 278 48.80 51.08 -2.90
C LYS J 278 48.23 49.74 -2.43
N ALA J 279 47.23 49.26 -3.16
CA ALA J 279 46.46 48.09 -2.75
C ALA J 279 47.33 46.85 -2.68
N ASP J 280 47.21 46.14 -1.57
CA ASP J 280 47.78 44.82 -1.36
C ASP J 280 46.75 43.78 -1.76
N ILE J 281 46.87 42.57 -1.21
CA ILE J 281 46.08 41.39 -1.57
C ILE J 281 44.63 41.74 -1.86
N ILE J 282 44.11 41.22 -2.97
CA ILE J 282 42.86 41.63 -3.57
C ILE J 282 41.94 40.42 -3.71
N LEU J 283 40.67 40.55 -3.48
CA LEU J 283 39.80 39.41 -3.54
C LEU J 283 38.82 39.58 -4.63
N TYR J 284 38.48 38.52 -5.33
CA TYR J 284 37.53 38.60 -6.40
C TYR J 284 36.25 38.03 -5.90
N THR J 285 35.28 38.85 -5.54
CA THR J 285 34.06 38.35 -4.97
C THR J 285 33.12 37.76 -5.98
N GLU J 286 32.13 37.00 -5.57
CA GLU J 286 31.19 36.35 -6.46
C GLU J 286 29.94 35.81 -5.76
N ASN J 287 28.99 35.22 -6.47
CA ASN J 287 27.86 34.59 -5.82
C ASN J 287 27.66 33.26 -6.44
N VAL J 288 27.64 32.20 -5.66
CA VAL J 288 27.54 30.88 -6.19
C VAL J 288 26.32 30.12 -5.71
N ASN J 289 25.92 29.08 -6.41
CA ASN J 289 24.79 28.27 -6.01
C ASN J 289 25.12 27.44 -4.82
N LEU J 290 25.46 28.02 -3.72
CA LEU J 290 25.91 27.34 -2.51
C LEU J 290 24.77 26.55 -1.89
N GLU J 291 25.03 25.29 -1.60
CA GLU J 291 24.06 24.42 -0.94
C GLU J 291 24.72 23.15 -0.44
N THR J 292 24.51 22.81 0.82
CA THR J 292 25.09 21.60 1.39
C THR J 292 24.15 20.44 1.12
N PRO J 293 24.52 19.48 0.28
CA PRO J 293 23.57 18.42 -0.07
C PRO J 293 23.51 17.29 0.93
N ASP J 294 24.52 17.14 1.80
CA ASP J 294 24.52 16.03 2.73
C ASP J 294 25.04 16.45 4.11
N THR J 295 24.79 17.69 4.51
CA THR J 295 25.26 18.16 5.81
C THR J 295 24.31 19.21 6.34
N HIS J 296 24.15 19.23 7.66
CA HIS J 296 23.26 20.17 8.33
C HIS J 296 24.02 20.85 9.46
N VAL J 297 23.66 22.10 9.74
CA VAL J 297 24.31 22.84 10.81
C VAL J 297 23.82 22.30 12.15
N VAL J 298 24.76 22.10 13.07
CA VAL J 298 24.43 21.59 14.40
C VAL J 298 24.23 22.77 15.34
N TYR J 299 25.23 23.64 15.42
CA TYR J 299 25.18 24.82 16.27
C TYR J 299 25.17 26.06 15.40
N LYS J 300 24.22 26.96 15.67
CA LYS J 300 24.22 28.28 15.07
C LYS J 300 23.85 29.25 16.19
N PRO J 301 24.63 30.30 16.39
CA PRO J 301 24.42 31.15 17.58
C PRO J 301 23.10 31.90 17.55
N GLY J 302 22.81 32.57 16.45
CA GLY J 302 21.61 33.37 16.31
C GLY J 302 20.43 32.57 15.83
N THR J 303 19.48 33.28 15.21
CA THR J 303 18.32 32.65 14.60
C THR J 303 18.07 33.20 13.20
N SER J 304 19.13 33.56 12.49
CA SER J 304 19.02 34.16 11.17
C SER J 304 20.02 33.54 10.22
N ASP J 305 19.74 33.66 8.93
CA ASP J 305 20.66 33.25 7.88
C ASP J 305 21.04 34.44 7.00
N ASN J 306 21.07 35.63 7.58
CA ASN J 306 21.40 36.84 6.86
C ASN J 306 22.90 37.08 6.77
N SER J 307 23.71 36.03 6.94
CA SER J 307 25.16 36.12 6.81
C SER J 307 25.75 37.13 7.81
N SER J 308 25.21 37.16 9.02
CA SER J 308 25.65 38.12 10.02
C SER J 308 27.10 37.83 10.44
N GLU J 309 27.60 38.69 11.33
CA GLU J 309 28.96 38.50 11.84
C GLU J 309 29.10 37.20 12.60
N ILE J 310 28.17 36.93 13.51
CA ILE J 310 28.25 35.70 14.31
C ILE J 310 27.93 34.46 13.52
N ASN J 311 27.49 34.60 12.26
CA ASN J 311 27.29 33.42 11.42
C ASN J 311 28.60 32.80 10.97
N LEU J 312 29.74 33.45 11.22
CA LEU J 312 31.01 32.81 10.93
C LEU J 312 31.18 31.54 11.75
N VAL J 313 30.81 31.58 13.02
CA VAL J 313 31.05 30.45 13.93
C VAL J 313 29.84 29.53 13.81
N GLN J 314 29.91 28.63 12.84
CA GLN J 314 28.92 27.59 12.66
C GLN J 314 29.62 26.25 12.51
N GLN J 315 28.96 25.20 12.98
CA GLN J 315 29.47 23.85 12.85
C GLN J 315 28.41 22.99 12.17
N SER J 316 28.90 21.96 11.50
CA SER J 316 28.04 21.08 10.80
C SER J 316 28.42 19.67 10.84
N MET J 317 27.66 18.85 11.49
CA MET J 317 27.92 17.47 11.51
C MET J 317 27.34 16.92 10.28
N PRO J 318 27.92 15.91 9.72
CA PRO J 318 27.44 15.28 8.55
C PRO J 318 26.20 14.49 8.79
N ASN J 319 25.32 14.27 7.82
CA ASN J 319 24.06 13.61 8.09
C ASN J 319 24.24 12.15 8.31
N ARG J 320 23.35 11.52 9.05
CA ARG J 320 23.48 10.16 9.39
C ARG J 320 23.29 9.29 8.26
N PRO J 321 24.06 8.27 8.13
CA PRO J 321 23.93 7.31 7.07
C PRO J 321 22.69 6.55 6.91
N ASN J 322 22.10 6.32 5.75
CA ASN J 322 20.93 5.47 5.63
C ASN J 322 21.13 4.72 4.39
N TYR J 323 20.89 3.44 4.31
CA TYR J 323 21.18 2.74 3.09
C TYR J 323 19.93 2.03 2.68
N ILE J 324 19.30 2.21 1.52
CA ILE J 324 18.03 1.53 1.26
C ILE J 324 17.91 0.63 0.07
N GLY J 325 17.76 -0.66 0.22
CA GLY J 325 17.57 -1.59 -0.87
C GLY J 325 16.68 -2.75 -0.64
N PHE J 326 16.45 -3.62 -1.57
CA PHE J 326 15.47 -4.67 -1.41
C PHE J 326 15.83 -5.57 -0.24
N ARG J 327 14.80 -6.21 0.32
CA ARG J 327 15.01 -7.07 1.46
C ARG J 327 15.74 -8.34 1.04
N ASP J 328 16.16 -9.12 2.03
CA ASP J 328 16.79 -10.41 1.77
C ASP J 328 15.83 -11.31 1.01
N ASN J 329 16.36 -12.02 0.01
CA ASN J 329 15.58 -12.98 -0.77
C ASN J 329 14.31 -12.37 -1.34
N PHE J 330 14.25 -11.04 -1.40
CA PHE J 330 13.08 -10.32 -1.89
C PHE J 330 11.82 -10.71 -1.12
N VAL J 331 11.95 -10.82 0.20
CA VAL J 331 10.76 -11.05 1.00
C VAL J 331 9.85 -9.83 0.93
N GLY J 332 8.55 -10.07 0.80
CA GLY J 332 7.59 -9.00 0.74
C GLY J 332 7.24 -8.51 -0.65
N LEU J 333 7.97 -8.97 -1.68
CA LEU J 333 7.68 -8.49 -3.01
C LEU J 333 6.54 -9.25 -3.69
N MET J 334 6.15 -10.41 -3.16
CA MET J 334 5.01 -11.13 -3.68
C MET J 334 4.13 -11.57 -2.52
N TYR J 335 2.84 -11.47 -2.71
CA TYR J 335 1.97 -11.67 -1.63
C TYR J 335 1.81 -13.04 -1.39
N TYR J 336 2.34 -13.50 -0.30
CA TYR J 336 2.29 -14.84 -0.08
C TYR J 336 1.51 -14.84 1.12
N ASN J 337 0.69 -15.86 1.32
CA ASN J 337 -0.11 -16.03 2.50
C ASN J 337 -1.10 -15.01 2.83
N SER J 338 -1.75 -14.44 1.86
CA SER J 338 -2.82 -13.58 2.18
C SER J 338 -3.87 -14.17 1.38
N THR J 339 -5.00 -14.50 1.94
CA THR J 339 -5.97 -15.20 1.18
C THR J 339 -6.64 -14.26 0.26
N GLY J 340 -6.60 -13.01 0.52
CA GLY J 340 -7.15 -12.14 -0.47
C GLY J 340 -6.47 -12.05 -1.78
N ASN J 341 -5.15 -11.88 -1.82
CA ASN J 341 -4.48 -11.69 -3.04
C ASN J 341 -3.55 -12.81 -3.08
N MET J 342 -4.00 -13.96 -3.53
CA MET J 342 -3.19 -15.11 -3.47
C MET J 342 -2.93 -15.61 -4.82
N GLY J 343 -1.89 -16.38 -4.96
CA GLY J 343 -1.56 -16.76 -6.32
C GLY J 343 -2.43 -17.90 -6.81
N VAL J 344 -2.27 -18.21 -8.11
CA VAL J 344 -3.07 -19.23 -8.77
C VAL J 344 -2.17 -19.99 -9.74
N LEU J 345 -1.89 -21.25 -9.44
CA LEU J 345 -1.29 -22.18 -10.39
C LEU J 345 -2.34 -23.25 -10.67
N ALA J 346 -2.95 -23.18 -11.84
CA ALA J 346 -4.12 -23.99 -12.14
C ALA J 346 -3.97 -24.65 -13.50
N GLY J 347 -4.67 -25.75 -13.68
CA GLY J 347 -4.67 -26.52 -14.90
C GLY J 347 -5.58 -25.89 -15.93
N GLN J 348 -5.08 -24.88 -16.64
CA GLN J 348 -5.86 -23.93 -17.42
C GLN J 348 -7.11 -24.51 -18.06
N ALA J 349 -7.01 -25.72 -18.62
CA ALA J 349 -8.19 -26.38 -19.14
C ALA J 349 -9.29 -26.48 -18.10
N SER J 350 -8.92 -26.70 -16.83
CA SER J 350 -9.88 -26.80 -15.73
C SER J 350 -9.39 -25.90 -14.62
N GLN J 351 -10.07 -24.78 -14.41
CA GLN J 351 -9.57 -23.77 -13.49
C GLN J 351 -9.69 -24.23 -12.04
N LEU J 352 -8.92 -25.25 -11.68
CA LEU J 352 -8.92 -25.82 -10.34
C LEU J 352 -7.61 -25.40 -9.67
N ASN J 353 -7.66 -24.30 -8.94
CA ASN J 353 -6.46 -23.77 -8.31
C ASN J 353 -5.89 -24.77 -7.30
N ALA J 354 -4.57 -24.90 -7.32
CA ALA J 354 -3.87 -25.86 -6.47
C ALA J 354 -2.92 -25.18 -5.49
N VAL J 355 -3.16 -23.91 -5.19
CA VAL J 355 -2.27 -23.14 -4.32
C VAL J 355 -3.07 -22.62 -3.13
N VAL J 356 -4.04 -23.39 -2.67
CA VAL J 356 -4.87 -22.99 -1.53
C VAL J 356 -3.96 -22.62 -0.36
N ASP J 357 -4.01 -21.36 0.05
CA ASP J 357 -3.06 -20.79 0.99
C ASP J 357 -3.81 -20.29 2.21
N LEU J 358 -3.28 -20.63 3.39
CA LEU J 358 -3.94 -20.26 4.63
C LEU J 358 -3.48 -18.87 5.07
N GLN J 359 -4.21 -18.32 6.05
CA GLN J 359 -3.98 -16.97 6.48
C GLN J 359 -2.81 -16.84 7.46
N ASP J 360 -2.38 -17.93 8.07
CA ASP J 360 -1.42 -17.84 9.17
C ASP J 360 -0.01 -18.25 8.78
N ARG J 361 0.18 -19.46 8.26
CA ARG J 361 1.53 -19.99 8.04
C ARG J 361 2.28 -19.10 7.06
N ASN J 362 3.29 -18.39 7.54
CA ASN J 362 4.03 -17.49 6.67
C ASN J 362 5.16 -18.23 5.98
N THR J 363 5.19 -18.14 4.66
CA THR J 363 6.23 -18.81 3.88
C THR J 363 7.47 -17.95 3.70
N GLU J 364 7.43 -16.69 4.13
CA GLU J 364 8.65 -15.89 4.14
C GLU J 364 9.60 -16.37 5.23
N LEU J 365 9.07 -16.55 6.44
CA LEU J 365 9.90 -17.01 7.55
C LEU J 365 10.29 -18.47 7.37
N SER J 366 9.40 -19.26 6.77
CA SER J 366 9.73 -20.66 6.52
C SER J 366 10.88 -20.78 5.53
N TYR J 367 10.92 -19.90 4.54
CA TYR J 367 11.95 -20.01 3.51
C TYR J 367 13.31 -19.59 4.05
N GLN J 368 13.35 -18.57 4.92
CA GLN J 368 14.63 -18.15 5.48
C GLN J 368 15.27 -19.28 6.27
N LEU J 369 14.49 -19.99 7.08
CA LEU J 369 15.03 -21.12 7.83
C LEU J 369 15.49 -22.23 6.89
N LEU J 370 14.70 -22.51 5.84
CA LEU J 370 15.09 -23.53 4.88
C LEU J 370 16.39 -23.18 4.21
N LEU J 371 16.58 -21.90 3.86
CA LEU J 371 17.81 -21.47 3.22
C LEU J 371 19.01 -21.71 4.13
N ASP J 372 18.85 -21.43 5.42
CA ASP J 372 19.95 -21.65 6.36
C ASP J 372 20.24 -23.13 6.53
N SER J 373 19.21 -23.97 6.49
CA SER J 373 19.41 -25.40 6.66
C SER J 373 20.22 -26.00 5.52
N LEU J 374 19.96 -25.57 4.29
CA LEU J 374 20.72 -26.03 3.13
C LEU J 374 21.97 -25.16 2.99
N GLY J 375 23.13 -25.75 3.19
CA GLY J 375 24.32 -24.94 3.12
C GLY J 375 24.38 -23.93 4.26
N ASP J 376 25.05 -22.82 4.01
CA ASP J 376 25.17 -21.77 5.01
C ASP J 376 25.02 -20.42 4.33
N ARG J 377 24.41 -19.48 5.05
CA ARG J 377 24.09 -18.15 4.54
C ARG J 377 25.19 -17.20 4.98
N THR J 378 26.38 -17.38 4.43
CA THR J 378 27.45 -16.41 4.60
C THR J 378 28.05 -15.95 3.28
N ARG J 379 27.90 -16.72 2.22
CA ARG J 379 28.27 -16.27 0.89
C ARG J 379 27.09 -15.53 0.28
N TYR J 380 27.35 -14.35 -0.28
CA TYR J 380 26.30 -13.50 -0.80
C TYR J 380 25.98 -13.93 -2.24
N PHE J 381 24.80 -14.50 -2.43
CA PHE J 381 24.32 -14.85 -3.77
C PHE J 381 23.58 -13.63 -4.32
N SER J 382 24.12 -13.03 -5.37
CA SER J 382 23.53 -11.80 -5.88
C SER J 382 22.23 -12.08 -6.63
N MET J 383 22.17 -13.17 -7.39
CA MET J 383 21.04 -13.39 -8.29
C MET J 383 19.72 -13.43 -7.52
N TRP J 384 19.64 -14.29 -6.51
CA TRP J 384 18.46 -14.31 -5.67
C TRP J 384 18.46 -13.18 -4.65
N ASN J 385 19.53 -12.41 -4.58
CA ASN J 385 19.68 -11.33 -3.61
C ASN J 385 19.62 -11.88 -2.19
N SER J 386 20.40 -12.92 -1.94
CA SER J 386 20.52 -13.49 -0.60
C SER J 386 21.68 -12.81 0.11
N ALA J 387 21.36 -12.05 1.15
CA ALA J 387 22.38 -11.39 1.96
C ALA J 387 21.79 -11.20 3.34
N VAL J 388 22.15 -12.11 4.27
CA VAL J 388 21.54 -12.10 5.58
C VAL J 388 21.93 -10.85 6.34
N ASP J 389 20.94 -10.20 6.94
CA ASP J 389 21.19 -9.05 7.79
C ASP J 389 22.02 -9.48 8.99
N SER J 390 23.26 -9.02 9.06
CA SER J 390 24.21 -9.50 10.07
C SER J 390 24.78 -8.29 10.81
N TYR J 391 24.20 -7.98 11.97
CA TYR J 391 24.72 -6.92 12.81
C TYR J 391 26.16 -7.23 13.21
N ASP J 392 26.96 -6.18 13.29
CA ASP J 392 28.35 -6.36 13.71
C ASP J 392 28.37 -6.94 15.12
N PRO J 393 29.09 -8.03 15.36
CA PRO J 393 29.07 -8.62 16.70
C PRO J 393 29.61 -7.70 17.78
N ASP J 394 30.56 -6.82 17.43
CA ASP J 394 31.19 -5.99 18.43
C ASP J 394 30.26 -4.86 18.89
N VAL J 395 29.49 -4.28 17.97
CA VAL J 395 28.70 -3.11 18.32
C VAL J 395 27.56 -3.48 19.26
N ARG J 396 26.97 -4.66 19.09
CA ARG J 396 25.89 -5.08 19.98
C ARG J 396 26.40 -5.27 21.40
N ILE J 397 27.57 -5.86 21.55
CA ILE J 397 28.15 -6.16 22.85
C ILE J 397 29.48 -5.42 22.92
N ILE J 398 29.45 -4.21 23.48
CA ILE J 398 30.61 -3.33 23.46
C ILE J 398 31.64 -3.84 24.46
N GLU J 399 32.64 -4.57 23.97
CA GLU J 399 33.75 -5.03 24.79
C GLU J 399 34.78 -3.92 24.82
N ASN J 400 34.72 -3.09 25.86
CA ASN J 400 35.56 -1.89 25.97
C ASN J 400 36.86 -2.29 26.64
N HIS J 401 37.91 -2.46 25.84
CA HIS J 401 39.24 -2.78 26.35
C HIS J 401 40.11 -1.55 26.47
N GLY J 402 39.54 -0.37 26.59
CA GLY J 402 40.31 0.84 26.71
C GLY J 402 41.03 1.16 25.41
N VAL J 403 41.86 2.18 25.48
CA VAL J 403 42.60 2.67 24.32
C VAL J 403 44.04 2.21 24.43
N GLU J 404 44.51 1.51 23.40
CA GLU J 404 45.83 0.89 23.42
C GLU J 404 46.88 1.95 23.07
N ASP J 405 47.14 2.83 24.04
CA ASP J 405 48.11 3.89 23.89
C ASP J 405 49.11 3.83 25.02
N GLU J 406 50.38 4.00 24.68
CA GLU J 406 51.40 4.10 25.72
C GLU J 406 52.30 5.30 25.56
N LEU J 407 52.63 5.67 24.32
CA LEU J 407 53.49 6.82 24.08
C LEU J 407 52.72 7.89 23.31
N PRO J 408 53.10 9.15 23.48
CA PRO J 408 52.34 10.23 22.86
C PRO J 408 52.55 10.31 21.35
N ASN J 409 51.70 11.11 20.72
CA ASN J 409 51.78 11.39 19.30
C ASN J 409 51.83 12.90 19.10
N TYR J 410 52.58 13.34 18.10
CA TYR J 410 52.87 14.76 17.95
C TYR J 410 52.62 15.22 16.52
N CYS J 411 52.38 16.53 16.40
CA CYS J 411 52.33 17.21 15.12
C CYS J 411 53.32 18.36 15.15
N PHE J 412 54.08 18.52 14.07
CA PHE J 412 55.21 19.43 14.02
C PHE J 412 55.03 20.44 12.90
N PRO J 413 55.66 21.61 13.01
CA PRO J 413 55.44 22.65 12.01
C PRO J 413 55.94 22.21 10.64
N LEU J 414 55.35 22.80 9.61
CA LEU J 414 55.68 22.41 8.24
C LEU J 414 57.15 22.65 7.94
N ASN J 415 57.70 23.79 8.36
CA ASN J 415 59.10 24.08 8.10
C ASN J 415 60.03 23.17 8.90
N GLY J 416 59.51 22.41 9.85
CA GLY J 416 60.32 21.48 10.60
C GLY J 416 60.51 21.87 12.04
N THR J 417 60.71 23.16 12.29
CA THR J 417 60.95 23.63 13.65
C THR J 417 60.03 24.79 14.03
N GLY J 418 59.71 25.65 13.07
CA GLY J 418 58.93 26.82 13.38
C GLY J 418 59.69 27.92 14.08
N THR J 419 61.02 27.85 14.08
CA THR J 419 61.82 28.85 14.75
C THR J 419 61.59 30.22 14.13
N ASN J 420 61.45 31.24 14.99
CA ASN J 420 61.16 32.58 14.55
C ASN J 420 62.07 33.61 15.20
N SER J 421 63.20 33.17 15.75
CA SER J 421 64.16 34.05 16.41
C SER J 421 65.45 34.04 15.61
N THR J 422 65.97 35.23 15.31
CA THR J 422 67.20 35.36 14.56
C THR J 422 68.38 35.53 15.50
N TYR J 423 69.57 35.25 14.98
CA TYR J 423 70.80 35.39 15.74
C TYR J 423 71.87 36.03 14.87
N GLN J 424 72.82 36.69 15.52
CA GLN J 424 73.79 37.51 14.80
C GLN J 424 74.93 36.68 14.21
N GLY J 425 75.71 36.03 15.08
CA GLY J 425 76.90 35.36 14.61
C GLY J 425 78.16 36.11 15.01
N VAL J 426 78.92 35.56 15.95
CA VAL J 426 80.04 36.29 16.52
C VAL J 426 81.33 35.49 16.41
N LYS J 427 82.42 36.05 16.92
CA LYS J 427 83.74 35.45 16.82
C LYS J 427 84.52 35.76 18.08
N ILE J 428 85.33 34.82 18.52
CA ILE J 428 86.10 34.99 19.75
C ILE J 428 87.33 35.83 19.48
N THR J 429 87.66 36.71 20.42
CA THR J 429 88.89 37.48 20.34
C THR J 429 90.10 36.55 20.48
N ASN J 430 91.28 37.09 20.18
CA ASN J 430 92.50 36.31 20.32
C ASN J 430 92.80 35.97 21.79
N GLY J 431 92.21 36.69 22.74
CA GLY J 431 92.43 36.44 24.14
C GLY J 431 91.67 35.22 24.63
N ASN J 432 91.66 35.08 25.95
CA ASN J 432 90.98 33.96 26.59
C ASN J 432 89.48 34.26 26.68
N ASP J 433 88.75 33.43 27.43
CA ASP J 433 87.34 33.65 27.61
C ASP J 433 87.09 34.64 28.74
N GLY J 434 85.85 35.12 28.81
CA GLY J 434 85.47 36.09 29.82
C GLY J 434 84.02 36.45 29.67
N ALA J 435 83.74 37.75 29.72
CA ALA J 435 82.41 38.27 29.47
C ALA J 435 82.38 39.30 28.35
N GLU J 436 83.53 39.72 27.83
CA GLU J 436 83.59 40.77 26.83
C GLU J 436 84.59 40.45 25.74
N GLU J 437 84.89 39.17 25.54
CA GLU J 437 85.82 38.72 24.50
C GLU J 437 84.97 38.15 23.37
N SER J 438 84.61 39.01 22.40
CA SER J 438 83.79 38.58 21.30
C SER J 438 83.81 39.64 20.22
N GLU J 439 83.92 39.21 18.96
CA GLU J 439 83.89 40.08 17.80
C GLU J 439 82.78 39.61 16.88
N TRP J 440 82.01 40.56 16.35
CA TRP J 440 80.91 40.23 15.45
C TRP J 440 81.46 40.25 14.03
N GLU J 441 81.93 39.10 13.57
CA GLU J 441 82.59 39.02 12.28
C GLU J 441 81.60 39.25 11.13
N LYS J 442 82.14 39.68 10.00
CA LYS J 442 81.33 39.98 8.82
C LYS J 442 81.00 38.74 8.00
N ASP J 443 81.53 37.58 8.37
CA ASP J 443 81.36 36.38 7.57
C ASP J 443 80.05 35.66 7.83
N ASP J 444 79.23 36.16 8.74
CA ASP J 444 77.92 35.59 9.04
C ASP J 444 76.85 36.67 8.91
N ALA J 445 75.64 36.35 9.38
CA ALA J 445 74.54 37.30 9.32
C ALA J 445 74.89 38.58 10.05
N ILE J 446 74.46 39.72 9.49
CA ILE J 446 74.65 40.99 10.17
C ILE J 446 73.79 40.98 11.42
N SER J 447 72.46 40.98 11.24
CA SER J 447 71.55 40.79 12.36
C SER J 447 70.35 39.94 12.01
N ARG J 448 70.25 39.43 10.78
CA ARG J 448 69.02 38.80 10.31
C ARG J 448 69.22 37.35 9.88
N GLN J 449 70.17 37.11 8.98
CA GLN J 449 70.16 35.92 8.14
C GLN J 449 70.18 34.60 8.92
N ASN J 450 70.74 34.58 10.12
CA ASN J 450 70.79 33.36 10.92
C ASN J 450 69.56 33.30 11.80
N GLN J 451 68.74 32.26 11.64
CA GLN J 451 67.65 31.96 12.54
C GLN J 451 67.83 30.55 13.10
N ILE J 452 67.58 30.39 14.40
CA ILE J 452 67.87 29.16 15.10
C ILE J 452 66.84 28.96 16.19
N CYS J 453 66.37 27.73 16.35
CA CYS J 453 65.44 27.40 17.42
C CYS J 453 66.21 27.24 18.72
N LYS J 454 65.87 28.05 19.72
CA LYS J 454 66.60 28.01 20.98
C LYS J 454 66.33 26.73 21.74
N GLY J 455 65.06 26.36 21.87
CA GLY J 455 64.66 25.18 22.61
C GLY J 455 64.40 23.99 21.70
N ASN J 456 63.50 23.12 22.14
CA ASN J 456 63.13 21.96 21.36
C ASN J 456 62.20 22.39 20.21
N VAL J 457 61.73 21.41 19.46
CA VAL J 457 60.85 21.67 18.33
C VAL J 457 59.45 21.96 18.83
N TYR J 458 58.89 23.08 18.40
CA TYR J 458 57.52 23.45 18.77
C TYR J 458 56.56 22.35 18.33
N ALA J 459 55.93 21.67 19.28
CA ALA J 459 55.09 20.53 18.97
C ALA J 459 53.79 20.59 19.76
N MET J 460 52.79 19.87 19.26
CA MET J 460 51.50 19.75 19.93
C MET J 460 51.11 18.28 19.99
N GLU J 461 50.60 17.86 21.14
CA GLU J 461 50.31 16.46 21.39
C GLU J 461 48.86 16.14 21.10
N ILE J 462 48.61 14.90 20.69
CA ILE J 462 47.26 14.43 20.40
C ILE J 462 47.21 12.94 20.65
N ASN J 463 46.22 12.50 21.42
CA ASN J 463 46.02 11.07 21.69
C ASN J 463 45.36 10.46 20.46
N LEU J 464 46.16 9.77 19.65
CA LEU J 464 45.63 9.21 18.41
C LEU J 464 44.64 8.09 18.69
N GLN J 465 45.01 7.16 19.57
CA GLN J 465 44.18 5.97 19.77
C GLN J 465 42.84 6.33 20.40
N ALA J 466 42.83 7.28 21.34
CA ALA J 466 41.59 7.61 22.03
C ALA J 466 40.55 8.16 21.07
N ASN J 467 40.96 9.04 20.17
CA ASN J 467 40.00 9.64 19.25
C ASN J 467 39.38 8.60 18.34
N LEU J 468 40.18 7.66 17.84
CA LEU J 468 39.65 6.60 17.00
C LEU J 468 38.65 5.75 17.76
N TRP J 469 38.98 5.41 19.01
CA TRP J 469 38.07 4.59 19.79
C TRP J 469 36.85 5.38 20.26
N LYS J 470 37.02 6.69 20.44
CA LYS J 470 35.88 7.50 20.84
C LYS J 470 34.94 7.76 19.66
N SER J 471 35.49 7.92 18.47
CA SER J 471 34.66 8.10 17.29
C SER J 471 33.88 6.83 16.96
N PHE J 472 34.55 5.68 17.01
CA PHE J 472 33.86 4.43 16.75
C PHE J 472 32.73 4.21 17.74
N LEU J 473 32.96 4.54 19.01
CA LEU J 473 31.92 4.39 20.01
C LEU J 473 30.75 5.30 19.71
N TYR J 474 31.01 6.59 19.50
CA TYR J 474 29.92 7.55 19.28
C TYR J 474 29.22 7.27 17.96
N SER J 475 29.98 7.15 16.88
CA SER J 475 29.40 7.21 15.54
C SER J 475 28.39 6.10 15.29
N ASN J 476 28.54 4.96 15.95
CA ASN J 476 27.65 3.85 15.64
C ASN J 476 27.21 3.11 16.90
N VAL J 477 27.27 3.74 18.07
CA VAL J 477 26.55 3.18 19.20
C VAL J 477 25.83 4.28 19.97
N ALA J 478 26.20 5.53 19.72
CA ALA J 478 25.53 6.64 20.39
C ALA J 478 24.36 7.17 19.59
N LEU J 479 24.54 7.34 18.28
CA LEU J 479 23.48 7.86 17.44
C LEU J 479 22.29 6.95 17.35
N TYR J 480 22.41 5.69 17.78
CA TYR J 480 21.32 4.74 17.71
C TYR J 480 20.68 4.50 19.08
N LEU J 481 20.88 5.42 20.02
CA LEU J 481 20.18 5.36 21.28
C LEU J 481 18.71 5.70 21.07
N PRO J 482 17.83 5.23 21.96
CA PRO J 482 16.40 5.52 21.78
C PRO J 482 16.13 7.01 21.81
N ASP J 483 15.06 7.42 21.11
CA ASP J 483 14.80 8.83 20.89
C ASP J 483 14.61 9.59 22.19
N SER J 484 14.21 8.91 23.27
CA SER J 484 13.97 9.60 24.53
C SER J 484 15.26 10.19 25.10
N TYR J 485 16.40 9.57 24.81
CA TYR J 485 17.66 10.05 25.36
C TYR J 485 18.13 11.32 24.67
N LYS J 486 17.97 11.39 23.35
CA LYS J 486 18.50 12.49 22.57
C LYS J 486 17.57 13.69 22.64
N TYR J 487 18.13 14.85 22.91
CA TYR J 487 17.37 16.09 22.98
C TYR J 487 17.44 16.83 21.64
N THR J 488 16.81 17.99 21.58
CA THR J 488 16.80 18.79 20.38
C THR J 488 17.53 20.11 20.60
N PRO J 489 18.21 20.63 19.59
CA PRO J 489 18.96 21.88 19.76
C PRO J 489 18.02 23.05 20.02
N ALA J 490 18.63 24.20 20.32
CA ALA J 490 17.84 25.37 20.70
C ALA J 490 17.06 25.94 19.52
N ASN J 491 17.73 26.13 18.39
CA ASN J 491 17.16 26.86 17.26
C ASN J 491 16.97 25.98 16.03
N VAL J 492 16.49 24.76 16.22
CA VAL J 492 16.16 23.87 15.13
C VAL J 492 14.75 23.34 15.36
N LYS J 493 13.87 23.52 14.37
CA LYS J 493 12.48 23.10 14.47
C LYS J 493 12.27 21.90 13.57
N LEU J 494 12.15 20.73 14.18
CA LEU J 494 11.96 19.48 13.47
C LEU J 494 10.50 19.29 13.09
N PRO J 495 10.22 18.52 12.05
CA PRO J 495 8.84 18.25 11.67
C PRO J 495 8.12 17.43 12.73
N ALA J 496 6.79 17.38 12.59
CA ALA J 496 5.94 16.81 13.63
C ALA J 496 6.22 15.32 13.81
N ASN J 497 5.96 14.53 12.78
CA ASN J 497 6.02 13.08 12.93
C ASN J 497 7.46 12.63 13.20
N THR J 498 7.60 11.69 14.13
CA THR J 498 8.90 11.25 14.60
C THR J 498 9.46 10.09 13.78
N ASN J 499 9.03 9.94 12.53
CA ASN J 499 9.54 8.91 11.65
C ASN J 499 10.24 9.46 10.42
N THR J 500 10.03 10.71 10.06
CA THR J 500 10.69 11.28 8.90
C THR J 500 12.19 11.39 9.14
N TYR J 501 12.94 11.39 8.04
CA TYR J 501 14.40 11.40 8.14
C TYR J 501 14.89 12.68 8.79
N GLU J 502 14.31 13.82 8.42
CA GLU J 502 14.78 15.08 8.99
C GLU J 502 14.46 15.21 10.47
N TYR J 503 13.64 14.32 11.03
CA TYR J 503 13.44 14.31 12.48
C TYR J 503 14.54 13.51 13.17
N MET J 504 14.71 12.25 12.79
CA MET J 504 15.75 11.45 13.44
C MET J 504 17.09 11.80 12.81
N ASN J 505 17.34 13.10 12.70
CA ASN J 505 18.57 13.67 12.20
C ASN J 505 18.53 15.16 12.55
N GLY J 506 19.40 15.60 13.44
CA GLY J 506 19.23 16.91 14.03
C GLY J 506 18.59 16.77 15.39
N ARG J 507 18.99 15.71 16.10
CA ARG J 507 18.55 15.41 17.46
C ARG J 507 19.75 15.05 18.32
N VAL J 508 20.75 15.93 18.31
CA VAL J 508 22.10 15.66 18.80
C VAL J 508 22.10 14.87 20.11
N VAL J 509 22.99 13.89 20.19
CA VAL J 509 23.15 13.04 21.37
C VAL J 509 24.40 13.48 22.09
N ALA J 510 24.31 13.59 23.41
CA ALA J 510 25.49 13.95 24.19
C ALA J 510 26.54 12.85 24.06
N PRO J 511 27.73 13.14 23.55
CA PRO J 511 28.73 12.08 23.37
C PRO J 511 29.13 11.42 24.67
N SER J 512 29.02 12.13 25.80
CA SER J 512 29.42 11.57 27.08
C SER J 512 28.51 10.46 27.55
N LEU J 513 27.39 10.23 26.88
CA LEU J 513 26.48 9.15 27.27
C LEU J 513 27.17 7.81 27.18
N VAL J 514 27.86 7.54 26.08
CA VAL J 514 28.43 6.22 25.83
C VAL J 514 29.89 6.35 25.43
N ASP J 515 30.57 7.37 25.91
CA ASP J 515 31.93 7.65 25.46
C ASP J 515 32.89 6.62 26.06
N ALA J 516 34.19 6.87 25.89
CA ALA J 516 35.22 5.84 26.00
C ALA J 516 35.37 5.21 27.38
N TYR J 517 34.55 5.59 28.35
CA TYR J 517 34.71 5.06 29.71
C TYR J 517 33.50 4.28 30.21
N ILE J 518 32.55 3.93 29.34
CA ILE J 518 31.39 3.18 29.80
C ILE J 518 31.79 1.73 30.00
N ASN J 519 31.62 1.24 31.24
CA ASN J 519 31.97 -0.13 31.59
C ASN J 519 33.37 -0.47 31.09
N ILE J 520 34.35 0.27 31.62
CA ILE J 520 35.67 0.34 31.02
C ILE J 520 36.38 -1.01 31.01
N GLY J 521 35.80 -2.02 31.62
CA GLY J 521 36.46 -3.31 31.63
C GLY J 521 35.72 -4.43 30.94
N ALA J 522 34.39 -4.41 30.99
CA ALA J 522 33.59 -5.58 30.64
C ALA J 522 32.98 -5.45 29.25
N ARG J 523 32.50 -6.59 28.76
CA ARG J 523 31.72 -6.63 27.52
C ARG J 523 30.24 -6.58 27.90
N TRP J 524 29.75 -5.37 28.15
CA TRP J 524 28.39 -5.18 28.65
C TRP J 524 27.56 -4.50 27.58
N SER J 525 26.44 -5.11 27.24
CA SER J 525 25.52 -4.48 26.30
C SER J 525 24.89 -3.25 26.94
N LEU J 526 24.97 -2.13 26.24
CA LEU J 526 24.44 -0.88 26.78
C LEU J 526 22.96 -1.05 27.05
N ASP J 527 22.57 -0.99 28.32
CA ASP J 527 21.19 -1.28 28.72
C ASP J 527 20.14 -0.43 28.00
N PRO J 528 20.31 0.88 27.80
CA PRO J 528 19.28 1.63 27.07
C PRO J 528 18.99 1.06 25.69
N MET J 529 20.02 0.60 24.98
CA MET J 529 19.85 0.03 23.64
C MET J 529 19.91 -1.48 23.67
N ASP J 530 19.40 -2.10 24.73
CA ASP J 530 19.27 -3.55 24.72
C ASP J 530 18.12 -3.99 23.84
N ASN J 531 17.00 -3.27 23.89
CA ASN J 531 15.80 -3.62 23.14
C ASN J 531 15.69 -2.90 21.80
N VAL J 532 16.69 -2.10 21.43
CA VAL J 532 16.69 -1.44 20.14
C VAL J 532 17.08 -2.46 19.08
N ASN J 533 16.42 -2.42 17.94
CA ASN J 533 16.67 -3.37 16.87
C ASN J 533 18.12 -3.24 16.40
N PRO J 534 18.92 -4.31 16.46
CA PRO J 534 20.33 -4.21 16.07
C PRO J 534 20.59 -4.39 14.60
N PHE J 535 19.62 -4.85 13.82
CA PHE J 535 19.79 -5.08 12.40
C PHE J 535 19.52 -3.83 11.58
N ASN J 536 19.62 -2.65 12.19
CA ASN J 536 19.46 -1.37 11.53
C ASN J 536 20.73 -0.58 11.80
N HIS J 537 21.72 -0.71 10.92
CA HIS J 537 23.03 -0.16 11.23
C HIS J 537 23.80 0.07 9.95
N PRO J 538 24.64 1.11 9.88
CA PRO J 538 25.53 1.24 8.72
C PRO J 538 26.52 0.12 8.62
N ARG J 539 26.79 -0.58 9.71
CA ARG J 539 27.73 -1.69 9.74
C ARG J 539 27.05 -3.03 9.53
N ASN J 540 25.75 -3.05 9.23
CA ASN J 540 25.04 -4.27 8.93
C ASN J 540 25.50 -4.75 7.55
N ALA J 541 26.50 -5.62 7.53
CA ALA J 541 27.17 -5.96 6.27
C ALA J 541 26.22 -6.64 5.29
N GLY J 542 25.17 -7.26 5.81
CA GLY J 542 24.19 -7.86 4.93
C GLY J 542 23.43 -6.83 4.12
N LEU J 543 23.16 -5.67 4.73
CA LEU J 543 22.38 -4.64 4.05
C LEU J 543 23.25 -3.79 3.15
N ARG J 544 24.36 -3.27 3.67
CA ARG J 544 25.16 -2.34 2.89
C ARG J 544 25.67 -2.98 1.61
N TYR J 545 25.78 -4.30 1.58
CA TYR J 545 26.02 -4.97 0.31
C TYR J 545 24.75 -5.04 -0.52
N ARG J 546 23.60 -5.18 0.14
CA ARG J 546 22.34 -5.34 -0.58
C ARG J 546 21.85 -4.01 -1.12
N SER J 547 22.41 -2.89 -0.63
CA SER J 547 22.01 -1.58 -1.12
C SER J 547 22.92 -1.13 -2.25
N MET J 548 24.24 -1.30 -2.07
CA MET J 548 25.18 -0.92 -3.11
C MET J 548 25.08 -1.80 -4.35
N LEU J 549 24.33 -2.90 -4.27
CA LEU J 549 24.08 -3.70 -5.46
C LEU J 549 23.26 -2.92 -6.48
N LEU J 550 22.29 -2.14 -6.03
CA LEU J 550 21.47 -1.36 -6.95
C LEU J 550 22.22 -0.16 -7.50
N GLY J 551 23.10 0.44 -6.71
CA GLY J 551 23.85 1.59 -7.15
C GLY J 551 24.19 2.47 -5.97
N ASN J 552 24.47 3.73 -6.28
CA ASN J 552 24.75 4.73 -5.24
C ASN J 552 23.99 6.03 -5.49
N GLY J 553 23.01 6.00 -6.40
CA GLY J 553 22.23 7.18 -6.73
C GLY J 553 20.79 7.03 -6.25
N ARG J 554 20.04 8.12 -6.41
CA ARG J 554 18.65 8.12 -5.98
C ARG J 554 17.78 7.32 -6.93
N TYR J 555 18.00 7.47 -8.24
CA TYR J 555 17.17 6.83 -9.25
C TYR J 555 17.87 5.59 -9.77
N VAL J 556 17.19 4.44 -9.68
CA VAL J 556 17.79 3.16 -10.05
C VAL J 556 16.86 2.37 -10.95
N PRO J 557 17.15 2.24 -12.23
CA PRO J 557 16.41 1.30 -13.06
C PRO J 557 16.81 -0.14 -12.80
N PHE J 558 16.20 -0.75 -11.79
CA PHE J 558 16.60 -2.06 -11.30
C PHE J 558 16.17 -3.18 -12.25
N HIS J 559 16.64 -4.38 -11.94
CA HIS J 559 16.28 -5.58 -12.70
C HIS J 559 16.53 -6.76 -11.77
N ILE J 560 15.46 -7.37 -11.26
CA ILE J 560 15.58 -8.39 -10.23
C ILE J 560 14.94 -9.68 -10.72
N GLN J 561 15.18 -10.76 -9.97
CA GLN J 561 14.84 -12.12 -10.36
C GLN J 561 14.15 -12.85 -9.21
N VAL J 562 13.09 -12.26 -8.68
CA VAL J 562 12.42 -12.80 -7.49
C VAL J 562 12.09 -14.27 -7.69
N PRO J 563 12.46 -15.16 -6.77
CA PRO J 563 12.16 -16.59 -6.93
C PRO J 563 10.76 -16.93 -6.48
N GLN J 564 10.44 -18.21 -6.46
CA GLN J 564 9.17 -18.72 -5.96
C GLN J 564 9.43 -19.54 -4.70
N LYS J 565 8.72 -19.23 -3.62
CA LYS J 565 9.03 -19.82 -2.32
C LYS J 565 7.81 -20.35 -1.59
N PHE J 566 6.74 -20.70 -2.30
CA PHE J 566 5.63 -21.41 -1.68
C PHE J 566 5.95 -22.89 -1.63
N PHE J 567 5.57 -23.55 -0.54
CA PHE J 567 6.12 -24.88 -0.26
C PHE J 567 5.58 -25.95 -1.20
N ALA J 568 4.37 -25.78 -1.72
CA ALA J 568 3.81 -26.76 -2.64
C ALA J 568 4.17 -26.50 -4.09
N ILE J 569 4.77 -25.36 -4.39
CA ILE J 569 5.19 -25.03 -5.74
C ILE J 569 6.70 -25.00 -5.89
N LYS J 570 7.44 -24.88 -4.79
CA LYS J 570 8.87 -24.61 -4.89
C LYS J 570 9.62 -25.77 -5.53
N ASN J 571 9.14 -27.00 -5.35
CA ASN J 571 9.84 -28.16 -5.87
C ASN J 571 8.93 -29.07 -6.71
N LEU J 572 7.80 -28.56 -7.17
CA LEU J 572 6.91 -29.36 -7.99
C LEU J 572 7.61 -29.78 -9.26
N LEU J 573 7.23 -30.94 -9.78
CA LEU J 573 7.70 -31.43 -11.07
C LEU J 573 6.51 -31.49 -12.01
N LEU J 574 6.41 -30.51 -12.90
CA LEU J 574 5.23 -30.34 -13.72
C LEU J 574 5.28 -31.27 -14.93
N LEU J 575 4.33 -32.18 -15.00
CA LEU J 575 4.19 -33.04 -16.16
C LEU J 575 3.59 -32.25 -17.32
N PRO J 576 3.72 -32.74 -18.55
CA PRO J 576 3.45 -31.89 -19.71
C PRO J 576 1.99 -31.55 -19.93
N GLY J 577 1.51 -30.51 -19.27
CA GLY J 577 0.18 -29.99 -19.55
C GLY J 577 0.22 -28.56 -20.09
N SER J 578 -0.69 -27.71 -19.62
CA SER J 578 -0.69 -26.31 -19.99
C SER J 578 -1.42 -25.55 -18.89
N TYR J 579 -0.68 -24.82 -18.06
CA TYR J 579 -1.19 -24.30 -16.81
C TYR J 579 -1.15 -22.78 -16.80
N THR J 580 -2.05 -22.18 -16.02
CA THR J 580 -1.99 -20.76 -15.74
C THR J 580 -1.12 -20.53 -14.51
N TYR J 581 -0.59 -19.32 -14.39
CA TYR J 581 0.31 -18.99 -13.29
C TYR J 581 0.17 -17.51 -13.00
N GLU J 582 -0.66 -17.19 -12.02
CA GLU J 582 -0.99 -15.81 -11.68
C GLU J 582 -0.47 -15.50 -10.29
N TRP J 583 0.09 -14.30 -10.11
CA TRP J 583 0.60 -13.92 -8.79
C TRP J 583 0.55 -12.42 -8.62
N ASN J 584 -0.03 -11.98 -7.51
CA ASN J 584 -0.11 -10.56 -7.20
C ASN J 584 1.16 -10.10 -6.53
N PHE J 585 1.79 -9.06 -7.08
CA PHE J 585 3.00 -8.51 -6.51
C PHE J 585 2.66 -7.39 -5.53
N ARG J 586 3.65 -6.60 -5.13
CA ARG J 586 3.42 -5.60 -4.10
C ARG J 586 4.33 -4.41 -4.35
N LYS J 587 3.75 -3.21 -4.43
CA LYS J 587 4.49 -2.00 -4.70
C LYS J 587 4.63 -1.10 -3.48
N ASP J 588 4.29 -1.60 -2.30
CA ASP J 588 4.41 -0.82 -1.08
C ASP J 588 5.89 -0.62 -0.77
N VAL J 589 6.36 0.63 -0.82
CA VAL J 589 7.78 0.89 -0.65
C VAL J 589 8.22 0.54 0.76
N ASN J 590 7.36 0.75 1.76
CA ASN J 590 7.71 0.40 3.13
C ASN J 590 7.97 -1.09 3.28
N MET J 591 7.39 -1.92 2.41
CA MET J 591 7.49 -3.36 2.58
C MET J 591 8.64 -3.93 1.76
N ILE J 592 8.65 -3.68 0.44
CA ILE J 592 9.66 -4.29 -0.40
C ILE J 592 11.04 -3.69 -0.12
N LEU J 593 11.12 -2.39 0.10
CA LEU J 593 12.39 -1.78 0.42
C LEU J 593 12.74 -2.03 1.88
N GLN J 594 13.94 -1.58 2.27
CA GLN J 594 14.40 -1.71 3.65
C GLN J 594 15.43 -0.62 3.89
N SER J 595 15.09 0.36 4.71
CA SER J 595 16.04 1.41 5.03
C SER J 595 16.98 0.92 6.13
N SER J 596 17.84 1.81 6.61
CA SER J 596 18.76 1.49 7.68
C SER J 596 18.41 2.17 8.99
N LEU J 597 17.68 3.29 8.95
CA LEU J 597 17.20 3.93 10.16
C LEU J 597 15.84 3.41 10.59
N GLY J 598 15.18 2.61 9.77
CA GLY J 598 13.82 2.23 10.06
C GLY J 598 12.86 3.39 10.03
N ASN J 599 13.09 4.35 9.15
CA ASN J 599 12.20 5.52 9.03
C ASN J 599 11.00 5.13 8.18
N ASP J 600 10.22 6.12 7.75
CA ASP J 600 9.02 5.89 6.96
C ASP J 600 9.32 6.29 5.51
N LEU J 601 9.49 5.29 4.65
CA LEU J 601 9.82 5.56 3.26
C LEU J 601 8.62 5.97 2.42
N ARG J 602 7.41 5.74 2.92
CA ARG J 602 6.23 6.15 2.16
C ARG J 602 6.14 7.66 2.05
N VAL J 603 6.80 8.39 2.96
CA VAL J 603 6.74 9.84 2.95
C VAL J 603 7.79 10.47 2.05
N ASP J 604 8.76 9.69 1.55
CA ASP J 604 9.90 10.24 0.86
C ASP J 604 9.96 9.85 -0.61
N GLY J 605 9.96 8.56 -0.94
CA GLY J 605 10.09 8.13 -2.31
C GLY J 605 9.79 6.66 -2.45
N ALA J 606 9.19 6.30 -3.58
CA ALA J 606 8.64 4.96 -3.75
C ALA J 606 9.04 4.37 -5.09
N SER J 607 9.05 3.04 -5.14
CA SER J 607 9.30 2.30 -6.38
C SER J 607 8.10 2.48 -7.29
N VAL J 608 8.18 3.47 -8.17
CA VAL J 608 7.00 3.94 -8.88
C VAL J 608 6.44 2.85 -9.79
N ARG J 609 7.30 2.17 -10.53
CA ARG J 609 6.83 1.39 -11.66
C ARG J 609 7.37 -0.03 -11.63
N PHE J 610 6.49 -0.98 -11.94
CA PHE J 610 6.87 -2.32 -12.38
C PHE J 610 6.51 -2.40 -13.86
N ASP J 611 7.51 -2.40 -14.73
CA ASP J 611 7.22 -2.29 -16.14
C ASP J 611 6.84 -3.63 -16.76
N SER J 612 7.77 -4.58 -16.77
CA SER J 612 7.66 -5.73 -17.66
C SER J 612 8.04 -7.03 -16.96
N VAL J 613 7.41 -7.31 -15.82
CA VAL J 613 7.63 -8.59 -15.16
C VAL J 613 7.22 -9.72 -16.09
N ASN J 614 8.12 -10.68 -16.30
CA ASN J 614 7.84 -11.84 -17.12
C ASN J 614 8.63 -13.02 -16.59
N LEU J 615 7.99 -14.19 -16.59
CA LEU J 615 8.49 -15.37 -15.90
C LEU J 615 9.32 -16.23 -16.83
N TYR J 616 10.44 -16.74 -16.33
CA TYR J 616 11.36 -17.58 -17.08
C TYR J 616 11.29 -19.01 -16.56
N ALA J 617 11.54 -19.97 -17.44
CA ALA J 617 11.52 -21.38 -17.08
C ALA J 617 12.61 -22.12 -17.84
N THR J 618 13.24 -23.07 -17.16
CA THR J 618 14.33 -23.85 -17.75
C THR J 618 13.95 -25.31 -17.78
N PHE J 619 14.07 -25.92 -18.95
CA PHE J 619 13.71 -27.31 -19.17
C PHE J 619 14.97 -28.15 -19.34
N PHE J 620 15.04 -29.27 -18.66
CA PHE J 620 16.12 -30.21 -18.91
C PHE J 620 15.85 -30.89 -20.23
N PRO J 621 16.74 -30.78 -21.21
CA PRO J 621 16.48 -31.46 -22.49
C PRO J 621 16.63 -32.96 -22.33
N MET J 622 15.51 -33.66 -22.26
CA MET J 622 15.50 -35.08 -21.98
C MET J 622 14.98 -35.82 -23.21
N ALA J 623 15.54 -37.00 -23.46
CA ALA J 623 15.11 -37.78 -24.62
C ALA J 623 13.62 -38.07 -24.53
N HIS J 624 12.94 -38.00 -25.67
CA HIS J 624 11.50 -38.15 -25.67
C HIS J 624 11.08 -39.57 -25.30
N ASN J 625 12.01 -40.53 -25.42
CA ASN J 625 11.71 -41.88 -24.97
C ASN J 625 11.58 -41.93 -23.46
N THR J 626 12.55 -41.38 -22.74
CA THR J 626 12.49 -41.43 -21.28
C THR J 626 11.53 -40.40 -20.72
N ALA J 627 11.46 -39.21 -21.34
CA ALA J 627 10.56 -38.18 -20.83
C ALA J 627 9.11 -38.64 -20.93
N SER J 628 8.79 -39.47 -21.91
CA SER J 628 7.45 -40.04 -21.97
C SER J 628 7.27 -41.16 -20.96
N THR J 629 8.31 -41.97 -20.77
CA THR J 629 8.24 -43.02 -19.75
C THR J 629 8.15 -42.41 -18.36
N LEU J 630 8.95 -41.38 -18.09
CA LEU J 630 8.89 -40.72 -16.79
C LEU J 630 7.52 -40.15 -16.52
N GLU J 631 6.93 -39.47 -17.50
CA GLU J 631 5.57 -38.98 -17.33
C GLU J 631 4.60 -40.13 -17.14
N ALA J 632 4.76 -41.21 -17.89
CA ALA J 632 3.79 -42.29 -17.88
C ALA J 632 3.66 -42.90 -16.48
N MET J 633 4.73 -42.86 -15.70
CA MET J 633 4.64 -43.42 -14.36
C MET J 633 4.48 -42.35 -13.30
N LEU J 634 5.09 -41.17 -13.48
CA LEU J 634 4.84 -40.09 -12.53
C LEU J 634 3.39 -39.67 -12.54
N ARG J 635 2.67 -39.92 -13.64
CA ARG J 635 1.26 -39.62 -13.71
C ARG J 635 0.42 -40.67 -13.00
N ASN J 636 0.99 -41.85 -12.73
CA ASN J 636 0.25 -42.89 -12.05
C ASN J 636 -0.01 -42.52 -10.60
N ASP J 637 -1.23 -42.74 -10.15
CA ASP J 637 -1.66 -42.28 -8.83
C ASP J 637 -1.00 -43.01 -7.67
N THR J 638 -0.31 -44.13 -7.93
CA THR J 638 0.38 -44.83 -6.85
C THR J 638 1.46 -43.96 -6.23
N HIS J 639 2.19 -43.22 -7.06
CA HIS J 639 3.29 -42.38 -6.58
C HIS J 639 3.11 -40.98 -7.13
N ASP J 640 3.12 -39.99 -6.23
CA ASP J 640 2.94 -38.60 -6.59
C ASP J 640 3.68 -37.75 -5.58
N GLN J 641 4.11 -36.57 -6.02
CA GLN J 641 4.95 -35.74 -5.18
C GLN J 641 4.26 -35.38 -3.88
N SER J 642 5.05 -35.14 -2.85
CA SER J 642 4.54 -34.79 -1.53
C SER J 642 5.55 -33.88 -0.85
N PHE J 643 5.14 -32.67 -0.54
CA PHE J 643 6.03 -31.67 0.05
C PHE J 643 5.48 -31.21 1.38
N ASN J 644 6.35 -31.05 2.35
CA ASN J 644 5.99 -30.50 3.66
C ASN J 644 6.69 -29.17 3.85
N ASP J 645 5.91 -28.16 4.26
CA ASP J 645 6.49 -26.87 4.57
C ASP J 645 7.56 -27.03 5.63
N TYR J 646 8.72 -26.40 5.42
CA TYR J 646 9.85 -26.66 6.30
C TYR J 646 9.55 -26.23 7.73
N LEU J 647 8.95 -25.06 7.90
CA LEU J 647 8.58 -24.62 9.24
C LEU J 647 7.49 -25.50 9.81
N SER J 648 6.42 -25.72 9.04
CA SER J 648 5.31 -26.57 9.43
C SER J 648 4.76 -26.18 10.80
N ALA J 649 4.25 -24.96 10.89
CA ALA J 649 3.73 -24.48 12.16
C ALA J 649 2.64 -23.47 11.92
N ALA J 650 1.50 -23.67 12.57
CA ALA J 650 0.40 -22.71 12.54
C ALA J 650 0.70 -21.62 13.55
N ASN J 651 1.05 -20.43 13.06
CA ASN J 651 1.52 -19.35 13.91
C ASN J 651 0.40 -18.33 14.13
N MET J 652 0.30 -17.84 15.36
CA MET J 652 -0.67 -16.82 15.72
C MET J 652 0.02 -15.75 16.54
N LEU J 653 -0.51 -14.54 16.48
CA LEU J 653 0.11 -13.38 17.12
C LEU J 653 -0.76 -12.90 18.26
N TYR J 654 -0.28 -13.04 19.46
CA TYR J 654 -1.13 -12.46 20.49
C TYR J 654 -0.58 -11.11 20.93
N PRO J 655 -1.46 -10.16 21.20
CA PRO J 655 -1.02 -8.81 21.58
C PRO J 655 -0.53 -8.75 23.02
N ILE J 656 0.25 -7.71 23.31
CA ILE J 656 0.75 -7.41 24.65
C ILE J 656 0.77 -5.90 24.81
N PRO J 657 -0.06 -5.33 25.68
CA PRO J 657 -0.10 -3.86 25.79
C PRO J 657 1.14 -3.29 26.45
N ALA J 658 1.18 -1.97 26.60
CA ALA J 658 2.33 -1.31 27.19
C ALA J 658 2.43 -1.66 28.67
N LYS J 659 3.67 -1.82 29.14
CA LYS J 659 4.00 -2.07 30.54
C LYS J 659 3.38 -3.35 31.07
N ALA J 660 2.74 -4.16 30.24
CA ALA J 660 2.15 -5.40 30.70
C ALA J 660 3.23 -6.43 30.95
N THR J 661 3.02 -7.26 31.96
CA THR J 661 3.96 -8.29 32.34
C THR J 661 3.41 -9.69 32.13
N ASN J 662 2.26 -10.00 32.71
CA ASN J 662 1.65 -11.31 32.59
C ASN J 662 0.70 -11.31 31.40
N VAL J 663 1.05 -12.07 30.37
CA VAL J 663 0.22 -12.21 29.18
C VAL J 663 -0.28 -13.64 29.11
N PRO J 664 -1.55 -13.89 29.38
CA PRO J 664 -2.08 -15.25 29.26
C PRO J 664 -2.68 -15.51 27.89
N ILE J 665 -2.64 -16.76 27.45
CA ILE J 665 -3.30 -17.15 26.21
C ILE J 665 -4.21 -18.33 26.52
N SER J 666 -4.94 -18.79 25.51
CA SER J 666 -5.79 -19.94 25.68
C SER J 666 -6.07 -20.58 24.33
N ILE J 667 -6.47 -21.85 24.39
CA ILE J 667 -6.89 -22.61 23.20
C ILE J 667 -8.11 -23.44 23.60
N PRO J 668 -9.22 -23.30 22.90
CA PRO J 668 -10.40 -24.11 23.24
C PRO J 668 -10.14 -25.58 23.02
N SER J 669 -10.98 -26.41 23.64
CA SER J 669 -10.77 -27.85 23.61
C SER J 669 -10.60 -28.36 22.19
N ARG J 670 -9.58 -29.18 21.98
CA ARG J 670 -9.09 -29.47 20.64
C ARG J 670 -8.32 -30.77 20.69
N ASN J 671 -8.25 -31.45 19.55
CA ASN J 671 -7.57 -32.72 19.44
C ASN J 671 -6.12 -32.50 19.02
N TRP J 672 -5.19 -32.89 19.88
CA TRP J 672 -3.76 -32.69 19.63
C TRP J 672 -3.13 -33.95 19.03
N ALA J 673 -3.58 -34.29 17.83
CA ALA J 673 -3.22 -35.57 17.21
C ALA J 673 -1.72 -35.71 17.01
N ALA J 674 -1.13 -34.91 16.14
CA ALA J 674 0.30 -34.99 15.84
C ALA J 674 0.88 -33.61 16.09
N PHE J 675 1.25 -33.34 17.32
CA PHE J 675 1.68 -32.02 17.75
C PHE J 675 3.15 -32.10 18.16
N ARG J 676 3.98 -31.26 17.55
CA ARG J 676 5.42 -31.39 17.72
C ARG J 676 6.04 -30.35 18.65
N GLY J 677 5.25 -29.48 19.27
CA GLY J 677 5.77 -28.58 20.27
C GLY J 677 5.44 -27.15 19.95
N TRP J 678 5.94 -26.25 20.79
CA TRP J 678 5.73 -24.82 20.65
C TRP J 678 7.02 -24.14 20.24
N SER J 679 6.92 -22.86 19.91
CA SER J 679 8.05 -22.01 19.61
C SER J 679 7.58 -20.57 19.60
N PHE J 680 8.23 -19.71 20.38
CA PHE J 680 7.68 -18.39 20.61
C PHE J 680 8.79 -17.34 20.65
N THR J 681 8.39 -16.10 20.41
CA THR J 681 9.29 -14.95 20.48
C THR J 681 8.44 -13.71 20.68
N ARG J 682 9.10 -12.56 20.76
CA ARG J 682 8.42 -11.29 20.93
C ARG J 682 8.73 -10.37 19.76
N LEU J 683 7.72 -9.66 19.28
CA LEU J 683 7.86 -8.73 18.17
C LEU J 683 7.29 -7.39 18.59
N LYS J 684 8.05 -6.33 18.38
CA LYS J 684 7.53 -4.99 18.63
C LYS J 684 6.42 -4.69 17.63
N THR J 685 5.28 -4.21 18.11
CA THR J 685 4.13 -4.07 17.24
C THR J 685 4.25 -2.90 16.28
N LYS J 686 5.16 -1.96 16.53
CA LYS J 686 5.32 -0.87 15.58
C LYS J 686 6.03 -1.31 14.32
N GLU J 687 6.60 -2.52 14.30
CA GLU J 687 7.26 -3.07 13.11
C GLU J 687 6.70 -4.48 12.87
N THR J 688 5.54 -4.52 12.24
CA THR J 688 4.93 -5.76 11.78
C THR J 688 3.76 -5.39 10.88
N PRO J 689 3.70 -5.95 9.68
CA PRO J 689 2.61 -5.60 8.77
C PRO J 689 1.35 -6.40 9.05
N SER J 690 0.21 -5.79 8.78
CA SER J 690 -1.05 -6.52 8.82
C SER J 690 -1.11 -7.35 7.55
N LEU J 691 -0.65 -8.60 7.66
CA LEU J 691 -0.44 -9.42 6.49
C LEU J 691 -1.75 -9.74 5.77
N GLY J 692 -2.86 -9.82 6.50
CA GLY J 692 -4.11 -10.19 5.89
C GLY J 692 -4.73 -9.14 5.00
N SER J 693 -4.21 -7.92 5.03
CA SER J 693 -4.74 -6.83 4.23
C SER J 693 -3.88 -6.64 2.98
N GLY J 694 -4.52 -6.16 1.91
CA GLY J 694 -3.78 -5.85 0.70
C GLY J 694 -2.77 -4.75 0.91
N PHE J 695 -3.11 -3.77 1.74
CA PHE J 695 -2.22 -2.63 1.98
C PHE J 695 -2.66 -1.94 3.26
N ASP J 696 -1.77 -1.83 4.24
CA ASP J 696 -2.09 -1.20 5.50
C ASP J 696 -1.37 0.13 5.61
N PRO J 697 -2.09 1.25 5.65
CA PRO J 697 -1.43 2.56 5.75
C PRO J 697 -0.87 2.87 7.13
N TYR J 698 -0.96 1.94 8.08
CA TYR J 698 -0.53 2.18 9.45
C TYR J 698 0.80 1.52 9.76
N PHE J 699 1.54 1.10 8.74
CA PHE J 699 2.83 0.44 8.91
C PHE J 699 3.92 1.47 8.62
N VAL J 700 4.21 2.29 9.61
CA VAL J 700 5.22 3.35 9.48
C VAL J 700 6.55 2.72 9.87
N TYR J 701 7.16 2.03 8.93
CA TYR J 701 8.42 1.36 9.22
C TYR J 701 9.07 0.95 7.92
N SER J 702 10.40 0.87 7.94
CA SER J 702 11.12 0.39 6.77
C SER J 702 12.16 -0.64 7.16
N GLY J 703 12.66 -0.56 8.39
CA GLY J 703 13.75 -1.41 8.83
C GLY J 703 13.36 -2.88 8.85
N SER J 704 14.27 -3.67 9.41
CA SER J 704 14.10 -5.12 9.42
C SER J 704 12.79 -5.50 10.10
N ILE J 705 12.11 -6.49 9.53
CA ILE J 705 10.80 -6.91 10.02
C ILE J 705 10.93 -8.33 10.55
N PRO J 706 11.17 -8.52 11.84
CA PRO J 706 11.50 -9.86 12.34
C PRO J 706 10.39 -10.87 12.12
N TYR J 707 9.15 -10.42 11.91
CA TYR J 707 8.05 -11.36 11.75
C TYR J 707 8.28 -12.29 10.58
N LEU J 708 8.38 -11.72 9.37
CA LEU J 708 8.51 -12.53 8.17
C LEU J 708 9.94 -12.61 7.66
N ASP J 709 10.90 -12.09 8.42
CA ASP J 709 12.31 -12.08 8.00
C ASP J 709 13.16 -13.07 8.78
N GLY J 710 13.00 -13.15 10.08
CA GLY J 710 13.74 -14.09 10.90
C GLY J 710 14.79 -13.49 11.81
N THR J 711 14.84 -12.17 11.95
CA THR J 711 15.84 -11.52 12.78
C THR J 711 15.20 -11.09 14.08
N PHE J 712 15.09 -12.03 15.02
CA PHE J 712 14.50 -11.77 16.32
C PHE J 712 15.55 -11.27 17.29
N TYR J 713 15.22 -10.22 18.02
CA TYR J 713 16.17 -9.62 18.95
C TYR J 713 15.58 -9.47 20.34
N LEU J 714 14.27 -9.31 20.41
CA LEU J 714 13.55 -9.17 21.68
C LEU J 714 13.33 -10.50 22.36
N ASN J 715 14.08 -11.51 21.95
CA ASN J 715 13.91 -12.88 22.38
C ASN J 715 14.35 -13.12 23.81
N HIS J 716 15.01 -12.15 24.45
CA HIS J 716 15.62 -12.35 25.74
C HIS J 716 14.83 -11.76 26.89
N THR J 717 13.58 -11.37 26.67
CA THR J 717 12.81 -10.64 27.69
C THR J 717 11.73 -11.51 28.33
N PHE J 718 11.75 -12.81 28.08
CA PHE J 718 10.84 -13.72 28.75
C PHE J 718 11.38 -14.09 30.12
N LYS J 719 10.48 -14.43 31.04
CA LYS J 719 10.88 -14.90 32.35
C LYS J 719 10.37 -16.29 32.66
N LYS J 720 9.06 -16.52 32.54
CA LYS J 720 8.47 -17.78 32.94
C LYS J 720 7.39 -18.18 31.95
N VAL J 721 7.14 -19.49 31.85
CA VAL J 721 6.12 -20.04 30.96
C VAL J 721 5.45 -21.19 31.68
N SER J 722 4.12 -21.29 31.55
CA SER J 722 3.38 -22.40 32.12
C SER J 722 2.46 -22.98 31.06
N ILE J 723 2.43 -24.31 30.96
CA ILE J 723 1.70 -25.01 29.92
C ILE J 723 0.62 -25.84 30.60
N MET J 724 -0.56 -25.27 30.77
CA MET J 724 -1.62 -25.93 31.49
C MET J 724 -2.59 -26.60 30.52
N PHE J 725 -2.82 -27.89 30.72
CA PHE J 725 -3.74 -28.67 29.89
C PHE J 725 -5.04 -28.85 30.68
N ASP J 726 -5.99 -27.95 30.43
CA ASP J 726 -7.31 -27.96 31.07
C ASP J 726 -7.24 -28.28 32.56
N SER J 727 -6.52 -27.42 33.28
CA SER J 727 -6.34 -27.45 34.73
C SER J 727 -5.54 -28.64 35.21
N SER J 728 -5.06 -29.51 34.33
CA SER J 728 -4.09 -30.51 34.74
C SER J 728 -2.76 -29.84 35.05
N VAL J 729 -1.87 -30.59 35.69
CA VAL J 729 -0.54 -30.07 35.94
C VAL J 729 0.13 -29.76 34.61
N SER J 730 1.15 -28.92 34.68
CA SER J 730 1.83 -28.47 33.47
C SER J 730 2.26 -29.65 32.62
N TRP J 731 2.39 -29.41 31.32
CA TRP J 731 2.66 -30.51 30.39
C TRP J 731 3.89 -31.32 30.76
N PRO J 732 5.00 -30.75 31.23
CA PRO J 732 6.09 -31.60 31.72
C PRO J 732 5.91 -32.05 33.16
N GLY J 733 4.71 -31.96 33.71
CA GLY J 733 4.51 -32.02 35.14
C GLY J 733 4.68 -33.35 35.82
N ASN J 734 5.40 -34.29 35.22
CA ASN J 734 5.72 -35.51 35.95
C ASN J 734 6.93 -35.29 36.83
N ASP J 735 6.94 -34.19 37.58
CA ASP J 735 8.09 -33.78 38.38
C ASP J 735 9.39 -33.95 37.60
N ARG J 736 9.45 -33.31 36.44
CA ARG J 736 10.51 -33.56 35.47
C ARG J 736 11.45 -32.39 35.31
N LEU J 737 11.44 -31.44 36.25
CA LEU J 737 12.34 -30.29 36.14
C LEU J 737 12.75 -29.86 37.54
N LEU J 738 13.63 -28.86 37.59
CA LEU J 738 14.03 -28.30 38.88
C LEU J 738 12.86 -27.59 39.56
N THR J 739 12.02 -26.91 38.77
CA THR J 739 10.77 -26.31 39.25
C THR J 739 9.68 -26.91 38.38
N PRO J 740 9.23 -28.13 38.69
CA PRO J 740 8.45 -28.91 37.72
C PRO J 740 7.12 -28.29 37.33
N ASN J 741 6.72 -27.18 37.92
CA ASN J 741 5.41 -26.63 37.60
C ASN J 741 5.44 -25.66 36.42
N GLU J 742 6.59 -25.06 36.12
CA GLU J 742 6.66 -24.11 35.03
C GLU J 742 8.12 -23.93 34.62
N PHE J 743 8.31 -23.33 33.45
CA PHE J 743 9.63 -23.16 32.85
C PHE J 743 10.20 -21.80 33.24
N GLU J 744 11.14 -21.78 34.17
CA GLU J 744 11.93 -20.57 34.39
C GLU J 744 12.83 -20.35 33.18
N ILE J 745 13.10 -19.09 32.88
CA ILE J 745 13.97 -18.78 31.75
C ILE J 745 15.08 -17.82 32.18
N LYS J 746 14.70 -16.70 32.79
CA LYS J 746 15.59 -15.59 33.05
C LYS J 746 15.57 -15.25 34.52
N ARG J 747 15.73 -16.27 35.35
CA ARG J 747 15.58 -16.14 36.79
C ARG J 747 16.33 -14.94 37.34
N SER J 748 15.61 -14.11 38.09
CA SER J 748 16.15 -12.88 38.65
C SER J 748 16.99 -13.19 39.87
N VAL J 749 17.27 -12.18 40.69
CA VAL J 749 18.04 -12.32 41.91
C VAL J 749 17.53 -13.53 42.67
N ASP J 750 18.42 -14.47 42.97
CA ASP J 750 18.01 -15.77 43.47
C ASP J 750 19.08 -16.29 44.42
N GLY J 751 18.64 -16.99 45.46
CA GLY J 751 19.54 -17.48 46.49
C GLY J 751 20.11 -18.84 46.19
N GLU J 752 19.27 -19.78 45.79
CA GLU J 752 19.74 -21.12 45.50
C GLU J 752 20.55 -21.13 44.20
N GLY J 753 21.30 -22.21 44.02
CA GLY J 753 22.17 -22.32 42.87
C GLY J 753 21.50 -22.85 41.62
N TYR J 754 20.73 -22.00 40.93
CA TYR J 754 20.00 -22.46 39.76
C TYR J 754 20.35 -21.73 38.47
N ASN J 755 21.07 -20.61 38.53
CA ASN J 755 21.59 -20.03 37.30
C ASN J 755 22.61 -20.98 36.66
N VAL J 756 23.03 -20.67 35.45
CA VAL J 756 23.95 -21.53 34.72
C VAL J 756 24.79 -20.69 33.76
N ALA J 757 25.97 -21.21 33.43
CA ALA J 757 26.82 -20.67 32.38
C ALA J 757 27.19 -19.21 32.63
N GLN J 758 27.44 -18.86 33.89
CA GLN J 758 27.91 -17.54 34.29
C GLN J 758 26.91 -16.44 33.98
N CYS J 759 25.67 -16.77 33.65
CA CYS J 759 24.65 -15.77 33.40
C CYS J 759 23.45 -16.05 34.27
N ASN J 760 22.32 -15.39 34.02
CA ASN J 760 21.13 -15.59 34.83
C ASN J 760 20.15 -16.57 34.22
N MET J 761 20.44 -17.13 33.05
CA MET J 761 19.59 -18.17 32.51
C MET J 761 19.60 -19.37 33.44
N THR J 762 18.43 -19.90 33.74
CA THR J 762 18.33 -20.95 34.73
C THR J 762 18.88 -22.25 34.18
N LYS J 763 18.86 -23.28 35.02
CA LYS J 763 19.56 -24.52 34.72
C LYS J 763 18.75 -25.39 33.77
N ASP J 764 17.50 -25.68 34.13
CA ASP J 764 16.68 -26.57 33.31
C ASP J 764 16.44 -25.99 31.93
N TRP J 765 16.19 -24.68 31.85
CA TRP J 765 15.92 -24.07 30.55
C TRP J 765 17.10 -24.23 29.62
N PHE J 766 18.32 -24.05 30.12
CA PHE J 766 19.49 -24.36 29.33
C PHE J 766 19.48 -25.83 28.92
N LEU J 767 19.12 -26.71 29.85
CA LEU J 767 19.04 -28.13 29.53
C LEU J 767 17.98 -28.40 28.47
N VAL J 768 16.82 -27.76 28.58
CA VAL J 768 15.77 -27.97 27.59
C VAL J 768 16.20 -27.45 26.23
N GLN J 769 16.79 -26.27 26.20
CA GLN J 769 17.18 -25.68 24.93
C GLN J 769 18.28 -26.49 24.27
N MET J 770 19.28 -26.91 25.05
CA MET J 770 20.37 -27.70 24.48
C MET J 770 19.87 -29.05 24.01
N LEU J 771 18.97 -29.69 24.76
CA LEU J 771 18.43 -30.97 24.37
C LEU J 771 17.61 -30.87 23.09
N SER J 772 16.85 -29.78 22.94
CA SER J 772 15.96 -29.66 21.80
C SER J 772 16.75 -29.57 20.49
N HIS J 773 17.73 -28.67 20.44
CA HIS J 773 18.46 -28.46 19.19
C HIS J 773 19.42 -29.60 18.88
N TYR J 774 20.17 -30.08 19.87
CA TYR J 774 21.30 -30.97 19.61
C TYR J 774 21.24 -32.32 20.31
N ASN J 775 20.29 -32.55 21.21
CA ASN J 775 20.21 -33.81 21.97
C ASN J 775 21.51 -34.09 22.72
N ILE J 776 22.10 -33.04 23.28
CA ILE J 776 23.37 -33.18 23.99
C ILE J 776 23.20 -32.85 25.46
N GLY J 777 22.04 -33.19 26.02
CA GLY J 777 21.78 -32.87 27.40
C GLY J 777 22.20 -33.92 28.41
N TYR J 778 21.80 -35.17 28.19
CA TYR J 778 22.01 -36.21 29.19
C TYR J 778 23.44 -36.72 29.26
N GLN J 779 24.11 -36.85 28.12
CA GLN J 779 25.48 -37.36 28.10
C GLN J 779 26.49 -36.22 28.17
N GLY J 780 26.36 -35.36 29.16
CA GLY J 780 27.28 -34.26 29.36
C GLY J 780 27.09 -33.14 28.36
N PHE J 781 27.55 -31.96 28.76
CA PHE J 781 27.47 -30.77 27.91
C PHE J 781 28.79 -30.58 27.19
N HIS J 782 28.70 -30.40 25.86
CA HIS J 782 29.87 -30.12 25.05
C HIS J 782 29.43 -29.22 23.90
N VAL J 783 30.37 -28.44 23.38
CA VAL J 783 30.04 -27.58 22.24
C VAL J 783 29.66 -28.46 21.06
N PRO J 784 28.51 -28.24 20.43
CA PRO J 784 28.02 -29.17 19.41
C PRO J 784 28.81 -29.06 18.12
N GLU J 785 28.48 -29.96 17.20
CA GLU J 785 29.18 -30.01 15.92
C GLU J 785 28.97 -28.72 15.13
N GLY J 786 30.00 -28.31 14.41
CA GLY J 786 29.93 -27.06 13.67
C GLY J 786 28.80 -27.06 12.64
N TYR J 787 28.57 -28.19 11.99
CA TYR J 787 27.46 -28.27 11.05
C TYR J 787 26.12 -28.35 11.77
N LYS J 788 26.11 -28.88 13.00
CA LYS J 788 24.86 -29.16 13.68
C LYS J 788 24.22 -27.89 14.25
N ASP J 789 25.00 -26.83 14.44
CA ASP J 789 24.47 -25.54 14.85
C ASP J 789 24.53 -24.59 13.67
N ARG J 790 23.37 -24.05 13.31
CA ARG J 790 23.24 -23.20 12.14
C ARG J 790 23.19 -21.74 12.58
N MET J 791 22.92 -20.84 11.63
CA MET J 791 22.83 -19.43 11.97
C MET J 791 21.72 -19.15 12.96
N TYR J 792 20.57 -19.81 12.79
CA TYR J 792 19.41 -19.60 13.66
C TYR J 792 19.34 -20.63 14.77
N SER J 793 20.48 -21.12 15.24
CA SER J 793 20.52 -22.09 16.32
C SER J 793 20.85 -21.39 17.64
N PHE J 794 20.59 -22.10 18.74
CA PHE J 794 20.68 -21.50 20.06
C PHE J 794 22.14 -21.23 20.45
N PHE J 795 23.01 -22.21 20.26
CA PHE J 795 24.35 -22.12 20.83
C PHE J 795 25.19 -21.04 20.15
N ARG J 796 24.99 -20.84 18.85
CA ARG J 796 25.83 -19.89 18.14
C ARG J 796 25.59 -18.46 18.59
N ASN J 797 24.38 -18.15 19.07
CA ASN J 797 24.02 -16.78 19.39
C ASN J 797 24.03 -16.48 20.89
N PHE J 798 24.10 -17.50 21.74
CA PHE J 798 24.09 -17.28 23.17
C PHE J 798 25.29 -16.46 23.60
N GLN J 799 25.07 -15.44 24.43
CA GLN J 799 26.12 -14.51 24.82
C GLN J 799 25.88 -14.07 26.26
N PRO J 800 26.61 -14.62 27.21
CA PRO J 800 26.56 -14.12 28.59
C PRO J 800 27.49 -12.94 28.80
N MET J 801 27.17 -12.10 29.77
CA MET J 801 27.91 -10.90 29.97
C MET J 801 27.71 -10.47 31.39
N SER J 802 28.51 -9.58 31.98
CA SER J 802 28.38 -9.16 33.40
C SER J 802 29.13 -7.92 33.75
N ARG J 803 28.77 -7.16 34.76
CA ARG J 803 29.46 -5.97 35.04
C ARG J 803 29.26 -5.67 36.41
N GLN J 804 30.00 -4.79 36.98
CA GLN J 804 29.93 -4.49 38.37
C GLN J 804 29.79 -3.03 38.54
N VAL J 805 28.88 -2.53 39.33
CA VAL J 805 28.71 -1.13 39.40
C VAL J 805 28.69 -0.69 40.79
N VAL J 806 28.99 0.56 41.06
CA VAL J 806 29.12 0.98 42.40
C VAL J 806 27.83 0.82 43.08
N ASP J 807 27.68 -0.10 44.04
CA ASP J 807 26.45 -0.14 44.81
C ASP J 807 26.20 1.18 45.51
N GLU J 808 24.94 1.55 45.62
CA GLU J 808 24.58 2.83 46.21
C GLU J 808 24.26 2.73 47.70
N ILE J 809 23.84 1.55 48.16
CA ILE J 809 23.30 1.39 49.50
C ILE J 809 24.36 0.91 50.48
N ASN J 810 25.62 0.83 50.07
CA ASN J 810 26.67 0.37 50.97
C ASN J 810 27.94 1.20 50.92
N TYR J 811 28.12 2.06 49.92
CA TYR J 811 29.37 2.79 49.78
C TYR J 811 29.50 3.92 50.80
N LYS J 812 28.38 4.43 51.30
CA LYS J 812 28.35 5.44 52.37
C LYS J 812 28.81 6.80 51.87
N ASP J 813 29.28 6.88 50.63
CA ASP J 813 29.69 8.14 50.03
C ASP J 813 29.17 8.30 48.61
N TYR J 814 28.25 7.45 48.17
CA TYR J 814 27.73 7.53 46.82
C TYR J 814 26.96 8.82 46.62
N LYS J 815 27.22 9.49 45.49
CA LYS J 815 26.52 10.72 45.12
C LYS J 815 26.09 10.60 43.67
N ALA J 816 24.79 10.38 43.46
CA ALA J 816 24.26 10.14 42.13
C ALA J 816 24.30 11.43 41.32
N VAL J 817 25.29 11.56 40.45
CA VAL J 817 25.43 12.73 39.60
C VAL J 817 24.74 12.48 38.27
N THR J 818 23.79 13.34 37.93
CA THR J 818 23.08 13.23 36.66
C THR J 818 24.02 13.59 35.51
N LEU J 819 23.65 13.14 34.31
CA LEU J 819 24.48 13.33 33.13
C LEU J 819 24.90 14.77 32.88
N PRO J 820 23.96 15.70 32.99
CA PRO J 820 24.45 17.02 32.65
C PRO J 820 25.49 17.53 33.51
N PHE J 821 25.76 16.92 34.65
CA PHE J 821 26.72 17.51 35.54
C PHE J 821 28.06 16.86 35.63
N GLN J 822 28.19 15.60 35.26
CA GLN J 822 29.43 14.89 35.30
C GLN J 822 30.47 15.41 34.42
N HIS J 823 31.72 15.44 34.83
CA HIS J 823 32.68 16.02 33.96
C HIS J 823 33.93 15.37 33.63
N ASN J 824 33.91 14.34 32.84
CA ASN J 824 35.13 13.65 32.62
C ASN J 824 35.66 14.16 31.42
N ASN J 825 36.92 14.14 31.35
CA ASN J 825 37.65 14.55 30.16
C ASN J 825 37.27 15.97 29.75
N SER J 826 36.90 16.79 30.73
CA SER J 826 36.43 18.13 30.44
C SER J 826 37.57 19.01 29.93
N GLY J 827 37.19 20.07 29.23
CA GLY J 827 38.16 20.97 28.65
C GLY J 827 38.75 20.50 27.34
N PHE J 828 38.47 19.27 26.93
CA PHE J 828 38.99 18.74 25.67
C PHE J 828 37.89 18.13 24.80
N THR J 829 36.63 18.42 25.08
CA THR J 829 35.53 17.89 24.29
C THR J 829 34.31 18.79 24.48
N GLY J 830 33.27 18.50 23.71
CA GLY J 830 32.08 19.30 23.76
C GLY J 830 31.33 19.13 25.07
N TYR J 831 30.46 20.09 25.35
CA TYR J 831 29.72 20.06 26.61
C TYR J 831 28.66 18.97 26.60
N LEU J 832 27.68 19.09 25.71
CA LEU J 832 26.67 18.04 25.57
C LEU J 832 26.32 17.76 24.11
N ALA J 833 27.12 18.24 23.17
CA ALA J 833 26.90 18.00 21.75
C ALA J 833 28.24 17.74 21.09
N PRO J 834 28.25 16.98 19.99
CA PRO J 834 29.50 16.76 19.27
C PRO J 834 29.96 18.03 18.55
N THR J 835 30.41 19.01 19.33
CA THR J 835 30.75 20.32 18.77
C THR J 835 32.16 20.73 19.14
N MET J 836 32.46 22.00 18.91
CA MET J 836 33.77 22.55 19.26
C MET J 836 34.03 22.37 20.74
N ARG J 837 35.24 21.92 21.08
CA ARG J 837 35.57 21.60 22.46
C ARG J 837 35.54 22.85 23.32
N GLN J 838 34.92 22.80 24.48
CA GLN J 838 34.85 23.94 25.33
C GLN J 838 35.18 23.51 26.68
N GLY J 839 35.90 24.29 27.44
CA GLY J 839 36.12 23.93 28.83
C GLY J 839 37.42 24.23 29.51
N GLN J 840 37.69 23.65 30.66
CA GLN J 840 38.96 23.80 31.30
C GLN J 840 39.37 22.48 31.69
N PRO J 841 40.62 22.29 31.88
CA PRO J 841 40.92 20.97 32.32
C PRO J 841 40.62 20.85 33.77
N TYR J 842 40.34 19.68 34.29
CA TYR J 842 40.14 19.50 35.71
C TYR J 842 39.92 18.03 35.99
N PRO J 843 40.38 17.47 37.11
CA PRO J 843 40.18 16.06 37.44
C PRO J 843 38.73 15.65 37.28
N ALA J 844 38.52 14.45 36.75
CA ALA J 844 37.19 13.98 36.42
C ALA J 844 36.48 13.46 37.66
N ASN J 845 35.18 13.20 37.52
CA ASN J 845 34.41 12.65 38.61
C ASN J 845 33.43 11.54 38.24
N PHE J 846 33.14 11.32 36.96
CA PHE J 846 32.00 10.46 36.65
C PHE J 846 32.25 8.98 36.92
N PRO J 847 33.20 8.32 36.25
CA PRO J 847 33.28 6.85 36.35
C PRO J 847 33.94 6.45 37.67
N TYR J 848 33.15 5.90 38.57
CA TYR J 848 33.68 5.51 39.87
C TYR J 848 34.70 4.39 39.68
N PRO J 849 35.91 4.52 40.23
CA PRO J 849 36.93 3.49 40.01
C PRO J 849 36.52 2.16 40.63
N LEU J 850 36.83 1.08 39.91
CA LEU J 850 36.51 -0.26 40.37
C LEU J 850 37.76 -1.11 40.59
N ILE J 851 38.94 -0.49 40.57
CA ILE J 851 40.21 -1.20 40.72
C ILE J 851 41.13 -0.36 41.59
N GLY J 852 42.33 -0.88 41.83
CA GLY J 852 43.31 -0.17 42.62
C GLY J 852 43.02 -0.25 44.10
N GLN J 853 43.87 0.43 44.87
CA GLN J 853 43.72 0.47 46.31
C GLN J 853 42.57 1.37 46.77
N THR J 854 41.96 2.11 45.84
CA THR J 854 40.85 3.00 46.17
C THR J 854 39.55 2.55 45.52
N ALA J 855 39.44 1.28 45.17
CA ALA J 855 38.23 0.78 44.52
C ALA J 855 37.06 0.83 45.49
N VAL J 856 35.91 1.27 44.97
CA VAL J 856 34.69 1.37 45.76
C VAL J 856 34.01 0.00 45.81
N PRO J 857 33.25 -0.30 46.85
CA PRO J 857 32.49 -1.55 46.85
C PRO J 857 31.45 -1.54 45.75
N SER J 858 31.12 -2.73 45.25
CA SER J 858 30.29 -2.83 44.06
C SER J 858 29.43 -4.09 44.14
N VAL J 859 28.40 -4.11 43.30
CA VAL J 859 27.49 -5.24 43.18
C VAL J 859 27.46 -5.67 41.71
N THR J 860 27.67 -6.95 41.47
CA THR J 860 27.70 -7.46 40.10
C THR J 860 26.30 -7.74 39.60
N GLN J 861 26.05 -7.43 38.34
CA GLN J 861 24.80 -7.76 37.68
C GLN J 861 25.11 -8.47 36.38
N LYS J 862 24.52 -9.64 36.20
CA LYS J 862 24.84 -10.53 35.08
C LYS J 862 23.57 -10.89 34.32
N LYS J 863 23.60 -10.69 33.01
CA LYS J 863 22.49 -11.11 32.17
C LYS J 863 23.07 -11.70 30.89
N PHE J 864 22.18 -12.11 30.00
CA PHE J 864 22.59 -12.72 28.74
C PHE J 864 21.86 -12.04 27.59
N LEU J 865 22.39 -12.25 26.39
CA LEU J 865 21.91 -11.56 25.19
C LEU J 865 21.78 -12.59 24.06
N CYS J 866 20.61 -13.21 23.98
CA CYS J 866 20.34 -14.21 22.95
C CYS J 866 19.36 -13.62 21.94
N ASP J 867 19.69 -13.73 20.66
CA ASP J 867 18.86 -13.17 19.61
C ASP J 867 18.97 -14.05 18.37
N ARG J 868 18.18 -13.72 17.36
CA ARG J 868 18.10 -14.42 16.09
C ARG J 868 17.62 -15.86 16.23
N VAL J 869 17.11 -16.24 17.41
CA VAL J 869 16.56 -17.57 17.62
C VAL J 869 15.19 -17.43 18.26
N MET J 870 14.40 -18.48 18.13
CA MET J 870 13.11 -18.59 18.79
C MET J 870 13.16 -19.74 19.77
N TRP J 871 12.76 -19.49 21.01
CA TRP J 871 12.80 -20.53 22.02
C TRP J 871 11.95 -21.72 21.58
N ARG J 872 12.39 -22.92 21.93
CA ARG J 872 11.71 -24.14 21.52
C ARG J 872 11.42 -24.99 22.74
N ILE J 873 10.22 -25.57 22.78
CA ILE J 873 9.82 -26.51 23.82
C ILE J 873 9.26 -27.75 23.14
N PRO J 874 10.08 -28.73 22.80
CA PRO J 874 9.58 -29.87 22.04
C PRO J 874 8.55 -30.65 22.83
N PHE J 875 7.53 -31.11 22.10
CA PHE J 875 6.45 -31.90 22.68
C PHE J 875 6.90 -33.35 22.66
N SER J 876 7.95 -33.65 23.42
CA SER J 876 8.44 -35.01 23.52
C SER J 876 8.62 -35.35 24.99
N SER J 877 8.50 -36.64 25.29
CA SER J 877 8.50 -37.09 26.69
C SER J 877 9.80 -36.73 27.39
N ASN J 878 10.93 -36.86 26.71
CA ASN J 878 12.23 -36.55 27.28
C ASN J 878 12.89 -35.36 26.62
N PHE J 879 12.12 -34.53 25.92
CA PHE J 879 12.56 -33.32 25.24
C PHE J 879 13.50 -33.60 24.09
N MET J 880 13.81 -34.85 23.78
CA MET J 880 14.71 -35.13 22.68
C MET J 880 13.97 -35.07 21.37
N SER J 881 14.70 -35.28 20.28
CA SER J 881 14.16 -35.34 18.93
C SER J 881 14.49 -36.71 18.38
N MET J 882 13.61 -37.67 18.65
CA MET J 882 13.77 -39.04 18.18
C MET J 882 12.99 -39.31 16.89
N GLY J 883 12.57 -38.27 16.21
CA GLY J 883 11.86 -38.42 14.95
C GLY J 883 10.98 -37.23 14.69
N ALA J 884 10.30 -37.27 13.56
CA ALA J 884 9.38 -36.19 13.21
C ALA J 884 8.08 -36.31 13.98
N LEU J 885 7.41 -37.45 13.85
CA LEU J 885 6.19 -37.71 14.61
C LEU J 885 6.62 -37.98 16.04
N THR J 886 6.47 -36.98 16.90
CA THR J 886 7.04 -37.03 18.24
C THR J 886 6.48 -38.20 19.04
N ASP J 887 7.14 -38.47 20.18
CA ASP J 887 6.78 -39.61 20.99
C ASP J 887 5.36 -39.47 21.54
N LEU J 888 4.99 -38.27 21.97
CA LEU J 888 3.68 -38.07 22.58
C LEU J 888 2.61 -37.78 21.54
N GLY J 889 3.00 -37.49 20.30
CA GLY J 889 2.01 -37.33 19.25
C GLY J 889 1.24 -38.61 19.01
N GLN J 890 1.95 -39.72 18.91
CA GLN J 890 1.27 -40.99 18.71
C GLN J 890 0.45 -41.38 19.92
N ASN J 891 0.85 -40.90 21.10
CA ASN J 891 0.13 -41.25 22.32
C ASN J 891 -1.25 -40.60 22.36
N MET J 892 -1.36 -39.38 21.84
CA MET J 892 -2.67 -38.74 21.74
C MET J 892 -3.59 -39.52 20.82
N LEU J 893 -3.05 -39.97 19.68
CA LEU J 893 -3.86 -40.72 18.73
C LEU J 893 -4.39 -42.01 19.36
N TYR J 894 -3.53 -42.73 20.07
CA TYR J 894 -3.99 -43.94 20.76
C TYR J 894 -5.00 -43.60 21.85
N ALA J 895 -4.74 -42.54 22.61
CA ALA J 895 -5.71 -42.11 23.61
C ALA J 895 -7.01 -41.63 22.96
N ASN J 896 -6.90 -40.84 21.89
CA ASN J 896 -8.04 -40.34 21.14
C ASN J 896 -8.99 -39.55 22.04
N SER J 897 -8.47 -38.45 22.57
CA SER J 897 -9.27 -37.55 23.39
C SER J 897 -8.78 -36.12 23.17
N ALA J 898 -9.63 -35.16 23.51
CA ALA J 898 -9.36 -33.76 23.27
C ALA J 898 -9.16 -33.01 24.58
N HIS J 899 -8.13 -32.18 24.63
CA HIS J 899 -7.82 -31.37 25.80
C HIS J 899 -7.61 -29.93 25.40
N ALA J 900 -8.11 -29.02 26.22
CA ALA J 900 -7.88 -27.59 26.05
C ALA J 900 -6.51 -27.23 26.61
N LEU J 901 -5.93 -26.15 26.08
CA LEU J 901 -4.61 -25.72 26.49
C LEU J 901 -4.66 -24.30 27.03
N ASP J 902 -3.96 -24.05 28.13
CA ASP J 902 -3.91 -22.74 28.76
C ASP J 902 -2.46 -22.41 29.05
N MET J 903 -1.96 -21.31 28.50
CA MET J 903 -0.58 -20.90 28.70
C MET J 903 -0.53 -19.47 29.18
N THR J 904 0.41 -19.19 30.08
CA THR J 904 0.65 -17.85 30.57
C THR J 904 2.13 -17.55 30.48
N PHE J 905 2.48 -16.30 30.26
CA PHE J 905 3.86 -15.86 30.15
C PHE J 905 4.13 -14.72 31.10
N GLU J 906 5.40 -14.55 31.45
CA GLU J 906 5.86 -13.39 32.22
C GLU J 906 6.99 -12.75 31.42
N VAL J 907 6.70 -11.62 30.79
CA VAL J 907 7.67 -10.94 29.97
C VAL J 907 8.16 -9.70 30.70
N ASP J 908 9.35 -9.26 30.35
CA ASP J 908 9.87 -8.01 30.88
C ASP J 908 9.02 -6.86 30.37
N PRO J 909 8.57 -5.97 31.24
CA PRO J 909 7.72 -4.86 30.79
C PRO J 909 8.47 -3.93 29.83
N MET J 910 7.73 -3.44 28.84
CA MET J 910 8.25 -2.48 27.88
C MET J 910 7.26 -1.33 27.74
N ASP J 911 7.79 -0.15 27.45
CA ASP J 911 6.95 1.04 27.36
C ASP J 911 6.24 1.18 26.04
N GLU J 912 6.46 0.27 25.10
CA GLU J 912 5.79 0.31 23.81
C GLU J 912 5.08 -1.01 23.56
N PRO J 913 3.91 -0.97 22.93
CA PRO J 913 3.16 -2.21 22.71
C PRO J 913 3.95 -3.17 21.84
N THR J 914 3.86 -4.45 22.16
CA THR J 914 4.59 -5.50 21.46
C THR J 914 3.62 -6.61 21.09
N LEU J 915 4.17 -7.67 20.51
CA LEU J 915 3.40 -8.83 20.11
C LEU J 915 4.09 -10.09 20.61
N LEU J 916 3.31 -11.02 21.15
CA LEU J 916 3.80 -12.35 21.46
C LEU J 916 3.55 -13.22 20.24
N TYR J 917 4.61 -13.65 19.58
CA TYR J 917 4.52 -14.42 18.35
C TYR J 917 4.79 -15.88 18.67
N LEU J 918 3.73 -16.64 18.93
CA LEU J 918 3.85 -18.04 19.31
C LEU J 918 3.29 -18.90 18.20
N LEU J 919 4.04 -19.93 17.82
CA LEU J 919 3.64 -20.83 16.76
C LEU J 919 3.66 -22.27 17.27
N PHE J 920 2.65 -23.03 16.87
CA PHE J 920 2.53 -24.43 17.25
C PHE J 920 3.09 -25.29 16.11
N GLU J 921 4.05 -26.15 16.43
CA GLU J 921 4.60 -27.04 15.42
C GLU J 921 3.55 -28.06 14.99
N VAL J 922 3.37 -28.20 13.68
CA VAL J 922 2.35 -29.06 13.10
C VAL J 922 2.98 -29.84 11.95
N PHE J 923 2.16 -30.60 11.25
CA PHE J 923 2.53 -31.21 9.97
C PHE J 923 1.75 -30.50 8.87
N ASP J 924 2.44 -30.13 7.80
CA ASP J 924 1.86 -29.27 6.77
C ASP J 924 2.08 -29.86 5.38
N VAL J 925 1.78 -31.14 5.23
CA VAL J 925 2.12 -31.89 4.03
C VAL J 925 1.06 -31.69 2.96
N VAL J 926 1.46 -31.83 1.69
CA VAL J 926 0.56 -31.83 0.54
C VAL J 926 0.87 -33.06 -0.30
N ARG J 927 -0.05 -33.39 -1.19
CA ARG J 927 0.00 -34.64 -1.94
C ARG J 927 -0.35 -34.40 -3.41
N VAL J 928 0.30 -33.43 -4.04
CA VAL J 928 -0.07 -33.03 -5.39
C VAL J 928 0.00 -34.22 -6.35
N HIS J 929 -1.06 -34.39 -7.14
CA HIS J 929 -1.24 -35.53 -8.02
C HIS J 929 -1.89 -35.06 -9.31
N GLN J 930 -1.29 -35.41 -10.45
CA GLN J 930 -1.76 -34.96 -11.76
C GLN J 930 -2.11 -36.17 -12.61
N PRO J 931 -3.39 -36.49 -12.75
CA PRO J 931 -3.77 -37.75 -13.39
C PRO J 931 -3.86 -37.70 -14.90
N HIS J 932 -4.16 -36.54 -15.46
CA HIS J 932 -4.31 -36.40 -16.91
C HIS J 932 -3.46 -35.22 -17.38
N ARG J 933 -3.61 -34.87 -18.64
CA ARG J 933 -2.83 -33.77 -19.19
C ARG J 933 -3.43 -32.45 -18.75
N GLY J 934 -2.59 -31.57 -18.20
CA GLY J 934 -3.04 -30.25 -17.79
C GLY J 934 -4.07 -30.24 -16.69
N VAL J 935 -3.85 -30.99 -15.62
CA VAL J 935 -4.76 -31.01 -14.47
C VAL J 935 -3.95 -31.33 -13.23
N ILE J 936 -4.05 -30.47 -12.22
CA ILE J 936 -3.35 -30.66 -10.95
C ILE J 936 -4.39 -30.76 -9.85
N GLU J 937 -4.28 -31.80 -9.02
CA GLU J 937 -5.16 -31.99 -7.88
C GLU J 937 -4.31 -32.07 -6.63
N ALA J 938 -4.26 -30.97 -5.87
CA ALA J 938 -3.46 -30.91 -4.66
C ALA J 938 -4.39 -31.01 -3.45
N VAL J 939 -4.10 -31.94 -2.56
CA VAL J 939 -4.89 -32.16 -1.37
C VAL J 939 -4.02 -31.86 -0.16
N TYR J 940 -4.47 -30.93 0.68
CA TYR J 940 -3.68 -30.40 1.78
C TYR J 940 -4.15 -31.02 3.09
N LEU J 941 -3.20 -31.38 3.94
CA LEU J 941 -3.50 -31.83 5.29
C LEU J 941 -2.59 -31.11 6.26
N ARG J 942 -3.17 -30.64 7.36
CA ARG J 942 -2.41 -30.02 8.44
C ARG J 942 -2.99 -30.54 9.75
N THR J 943 -2.32 -31.53 10.34
CA THR J 943 -2.99 -32.43 11.26
C THR J 943 -3.45 -31.78 12.56
N PRO J 944 -2.57 -31.33 13.46
CA PRO J 944 -3.06 -30.94 14.79
C PRO J 944 -3.91 -29.69 14.80
N PHE J 945 -3.73 -28.77 13.86
CA PHE J 945 -4.60 -27.61 13.71
C PHE J 945 -5.14 -27.60 12.29
N SER J 946 -6.18 -28.40 12.04
CA SER J 946 -6.69 -28.52 10.70
C SER J 946 -7.36 -27.22 10.27
N ALA J 947 -7.45 -27.02 8.96
CA ALA J 947 -8.06 -25.82 8.40
C ALA J 947 -8.99 -26.18 7.25
N GLY J 948 -9.59 -27.35 7.32
CA GLY J 948 -10.41 -27.87 6.23
C GLY J 948 -11.87 -27.99 6.63
N ASN J 949 -12.76 -27.69 5.69
CA ASN J 949 -14.19 -27.86 5.86
C ASN J 949 -14.70 -29.15 5.22
N ALA J 950 -13.81 -30.05 4.83
CA ALA J 950 -14.18 -31.29 4.14
C ALA J 950 -13.49 -32.47 4.84
N THR J 951 -14.30 -33.38 5.39
CA THR J 951 -13.80 -34.63 5.95
C THR J 951 -13.73 -35.68 4.82
N THR J 952 -12.94 -35.34 3.81
CA THR J 952 -12.79 -36.17 2.61
C THR J 952 -14.14 -36.41 1.94
N THR K 3 40.38 -60.77 36.84
CA THR K 3 41.10 -62.04 36.99
C THR K 3 42.24 -62.15 35.99
N PRO K 4 43.37 -61.51 36.28
CA PRO K 4 44.55 -61.65 35.41
C PRO K 4 45.12 -63.06 35.45
N SER K 5 44.59 -63.90 36.34
CA SER K 5 45.00 -65.30 36.38
C SER K 5 44.45 -66.09 35.20
N MET K 6 43.17 -65.89 34.87
CA MET K 6 42.50 -66.68 33.86
C MET K 6 42.44 -65.98 32.51
N MET K 7 43.21 -64.92 32.32
CA MET K 7 43.20 -64.17 31.07
C MET K 7 44.41 -63.25 30.99
N PRO K 8 45.08 -63.18 29.85
CA PRO K 8 46.27 -62.32 29.73
C PRO K 8 45.91 -60.87 29.93
N GLN K 9 46.89 -60.10 30.42
CA GLN K 9 46.61 -58.71 30.78
C GLN K 9 46.22 -57.88 29.58
N TRP K 10 46.84 -58.11 28.43
CA TRP K 10 46.41 -57.40 27.24
C TRP K 10 45.01 -57.81 26.81
N ALA K 11 44.69 -59.09 26.88
CA ALA K 11 43.37 -59.55 26.50
C ALA K 11 42.34 -59.33 27.60
N TYR K 12 42.65 -58.67 28.69
CA TYR K 12 41.63 -58.45 29.68
C TYR K 12 41.39 -57.08 29.70
N MET K 13 42.36 -56.26 29.42
CA MET K 13 42.17 -54.85 29.53
C MET K 13 42.02 -54.33 28.18
N HIS K 14 41.84 -55.17 27.23
CA HIS K 14 41.62 -54.80 25.87
C HIS K 14 42.59 -54.07 25.09
N ILE K 15 43.86 -54.17 25.40
CA ILE K 15 44.91 -53.57 24.61
C ILE K 15 45.10 -54.29 23.33
N ALA K 16 44.83 -55.56 23.30
CA ALA K 16 45.04 -56.26 22.10
C ALA K 16 44.37 -57.53 22.15
N GLY K 17 43.15 -57.53 21.80
CA GLY K 17 42.30 -58.69 21.88
C GLY K 17 41.33 -58.76 20.71
N GLN K 18 40.05 -58.85 21.01
CA GLN K 18 38.99 -58.87 20.01
C GLN K 18 38.15 -57.61 20.13
N ASP K 19 37.52 -57.23 19.03
CA ASP K 19 36.79 -55.98 18.94
C ASP K 19 35.65 -55.92 19.96
N ALA K 20 35.14 -54.72 20.17
CA ALA K 20 34.08 -54.52 21.15
C ALA K 20 32.83 -55.31 20.78
N SER K 21 32.61 -55.52 19.49
CA SER K 21 31.45 -56.30 19.06
C SER K 21 31.62 -57.78 19.37
N GLU K 22 32.80 -58.20 19.83
CA GLU K 22 33.06 -59.61 20.01
C GLU K 22 32.77 -60.06 21.44
N TYR K 23 33.48 -59.49 22.42
CA TYR K 23 33.39 -60.00 23.78
C TYR K 23 32.09 -59.63 24.49
N LEU K 24 31.38 -58.61 24.03
CA LEU K 24 30.10 -58.29 24.64
C LEU K 24 29.08 -59.36 24.28
N SER K 25 28.24 -59.69 25.25
CA SER K 25 27.22 -60.69 25.03
C SER K 25 26.27 -60.23 23.92
N PRO K 26 25.69 -61.17 23.17
CA PRO K 26 24.87 -60.76 22.03
C PRO K 26 23.67 -59.91 22.41
N GLY K 27 23.25 -59.99 23.67
CA GLY K 27 22.17 -59.11 24.12
C GLY K 27 22.56 -57.65 24.12
N LEU K 28 23.77 -57.35 24.59
CA LEU K 28 24.15 -55.95 24.76
C LEU K 28 24.46 -55.29 23.42
N VAL K 29 25.14 -55.99 22.52
CA VAL K 29 25.42 -55.39 21.21
C VAL K 29 24.13 -55.17 20.44
N GLN K 30 23.16 -56.07 20.60
CA GLN K 30 21.86 -55.87 19.99
C GLN K 30 21.14 -54.68 20.61
N PHE K 31 21.33 -54.47 21.92
CA PHE K 31 20.74 -53.32 22.58
C PHE K 31 21.41 -52.04 22.17
N ALA K 32 22.75 -52.03 22.17
CA ALA K 32 23.48 -50.79 21.94
C ALA K 32 23.23 -50.24 20.54
N ARG K 33 22.98 -51.12 19.57
CA ARG K 33 22.62 -50.65 18.23
C ARG K 33 21.25 -50.00 18.21
N ALA K 34 20.31 -50.56 18.96
CA ALA K 34 18.93 -50.07 18.92
C ALA K 34 18.83 -48.64 19.41
N THR K 35 19.49 -48.33 20.53
CA THR K 35 19.38 -47.02 21.15
C THR K 35 20.56 -46.11 20.81
N ASP K 36 21.19 -46.35 19.67
CA ASP K 36 22.43 -45.62 19.37
C ASP K 36 22.17 -44.14 19.09
N THR K 37 20.97 -43.79 18.65
CA THR K 37 20.72 -42.43 18.21
C THR K 37 20.67 -41.45 19.38
N TYR K 38 19.97 -41.82 20.46
CA TYR K 38 19.74 -40.91 21.57
C TYR K 38 20.53 -41.23 22.82
N PHE K 39 20.73 -42.51 23.14
CA PHE K 39 21.45 -42.91 24.34
C PHE K 39 22.64 -43.77 23.90
N SER K 40 23.78 -43.13 23.69
CA SER K 40 24.93 -43.80 23.12
C SER K 40 25.69 -44.60 24.17
N LEU K 41 26.33 -45.68 23.72
CA LEU K 41 27.19 -46.50 24.57
C LEU K 41 28.54 -46.79 23.91
N GLY K 42 28.82 -46.18 22.77
CA GLY K 42 30.04 -46.51 22.05
C GLY K 42 31.31 -46.09 22.78
N ASN K 43 31.32 -44.88 23.33
CA ASN K 43 32.55 -44.32 23.87
C ASN K 43 32.96 -44.93 25.19
N LYS K 44 32.25 -45.96 25.66
CA LYS K 44 32.57 -46.61 26.92
C LYS K 44 33.36 -47.90 26.74
N PHE K 45 32.86 -48.83 25.93
CA PHE K 45 33.58 -50.05 25.66
C PHE K 45 34.63 -49.78 24.58
N ARG K 46 35.90 -49.89 24.95
CA ARG K 46 36.98 -49.69 23.99
C ARG K 46 37.34 -51.02 23.35
N ASN K 47 37.89 -50.94 22.14
CA ASN K 47 38.28 -52.12 21.40
C ASN K 47 39.72 -51.99 20.92
N PRO K 48 40.42 -53.11 20.78
CA PRO K 48 41.86 -53.03 20.52
C PRO K 48 42.18 -52.49 19.15
N THR K 49 43.37 -51.91 19.03
CA THR K 49 43.91 -51.42 17.77
C THR K 49 45.36 -51.87 17.71
N VAL K 50 45.61 -52.93 16.96
CA VAL K 50 46.94 -53.54 16.88
C VAL K 50 47.53 -53.24 15.52
N ALA K 51 48.82 -53.21 15.46
CA ALA K 51 49.43 -52.97 14.18
C ALA K 51 49.99 -54.26 13.60
N PRO K 52 50.00 -54.41 12.28
CA PRO K 52 50.60 -55.60 11.69
C PRO K 52 52.10 -55.65 11.99
N THR K 53 52.62 -56.86 12.11
CA THR K 53 54.01 -57.00 12.55
C THR K 53 54.79 -58.02 11.74
N HIS K 54 54.38 -58.34 10.52
CA HIS K 54 55.18 -59.33 9.83
C HIS K 54 55.58 -58.94 8.41
N ASP K 55 54.70 -58.29 7.66
CA ASP K 55 54.98 -58.04 6.25
C ASP K 55 54.77 -56.58 5.87
N VAL K 56 55.05 -55.67 6.80
CA VAL K 56 54.88 -54.25 6.53
C VAL K 56 56.18 -53.47 6.68
N THR K 57 57.22 -54.05 7.26
CA THR K 57 58.49 -53.35 7.41
C THR K 57 59.58 -54.39 7.54
N THR K 58 60.81 -53.95 7.30
CA THR K 58 61.95 -54.81 7.24
C THR K 58 62.82 -54.68 8.42
N ASP K 59 63.84 -55.51 8.52
CA ASP K 59 64.78 -55.46 9.61
C ASP K 59 66.21 -55.52 9.19
N ARG K 60 66.50 -55.26 7.93
CA ARG K 60 67.82 -55.27 7.45
C ARG K 60 68.14 -53.86 7.58
N SER K 61 69.11 -53.38 6.89
CA SER K 61 69.46 -52.04 7.08
C SER K 61 69.11 -51.36 5.82
N GLN K 62 68.49 -50.21 5.87
CA GLN K 62 68.05 -49.62 4.66
C GLN K 62 67.90 -48.20 4.96
N ARG K 63 68.50 -47.33 4.20
CA ARG K 63 68.48 -45.96 4.54
C ARG K 63 67.18 -45.51 4.13
N LEU K 64 66.46 -44.84 4.98
CA LEU K 64 65.18 -44.31 4.66
C LEU K 64 65.32 -43.25 3.67
N THR K 65 66.31 -42.40 3.75
CA THR K 65 66.35 -41.31 2.80
C THR K 65 67.69 -41.10 2.20
N LEU K 66 67.79 -41.00 0.90
CA LEU K 66 69.07 -40.95 0.23
C LEU K 66 69.30 -39.59 -0.40
N ARG K 67 70.56 -39.22 -0.56
CA ARG K 67 70.96 -37.99 -1.23
C ARG K 67 71.85 -38.36 -2.41
N PHE K 68 71.46 -37.95 -3.61
CA PHE K 68 72.20 -38.27 -4.82
C PHE K 68 72.92 -37.02 -5.30
N VAL K 69 74.25 -37.11 -5.39
CA VAL K 69 75.05 -36.03 -5.95
C VAL K 69 74.98 -36.13 -7.47
N PRO K 70 75.11 -35.02 -8.20
CA PRO K 70 75.02 -35.10 -9.66
C PRO K 70 76.24 -35.78 -10.24
N VAL K 71 76.01 -36.60 -11.26
CA VAL K 71 77.12 -37.28 -11.93
C VAL K 71 77.92 -36.28 -12.75
N ASP K 72 77.25 -35.40 -13.48
CA ASP K 72 77.90 -34.32 -14.20
C ASP K 72 77.01 -33.09 -14.13
N ARG K 73 77.58 -31.95 -14.50
CA ARG K 73 76.83 -30.71 -14.50
C ARG K 73 77.47 -29.74 -15.47
N GLU K 74 76.64 -28.96 -16.15
CA GLU K 74 77.10 -27.90 -17.02
C GLU K 74 76.28 -26.64 -16.74
N ALA K 75 76.96 -25.51 -16.65
CA ALA K 75 76.32 -24.24 -16.32
C ALA K 75 76.57 -23.27 -17.47
N THR K 76 75.60 -23.15 -18.36
CA THR K 76 75.68 -22.21 -19.46
C THR K 76 75.19 -20.83 -19.00
N THR K 77 74.98 -19.92 -19.95
CA THR K 77 74.52 -18.59 -19.59
C THR K 77 73.06 -18.59 -19.15
N TYR K 78 72.25 -19.49 -19.68
CA TYR K 78 70.82 -19.52 -19.38
C TYR K 78 70.36 -20.75 -18.64
N LEU K 79 71.00 -21.89 -18.85
CA LEU K 79 70.54 -23.16 -18.31
C LEU K 79 71.42 -23.59 -17.14
N TYR K 80 71.08 -24.75 -16.60
CA TYR K 80 71.95 -25.48 -15.67
C TYR K 80 71.44 -26.91 -15.65
N LYS K 81 72.27 -27.85 -16.11
CA LYS K 81 71.84 -29.22 -16.31
C LYS K 81 72.48 -30.11 -15.26
N ALA K 82 71.67 -30.97 -14.64
CA ALA K 82 72.14 -31.98 -13.71
C ALA K 82 71.72 -33.35 -14.23
N ARG K 83 72.54 -34.35 -13.98
CA ARG K 83 72.36 -35.67 -14.58
C ARG K 83 72.55 -36.79 -13.56
N PHE K 84 71.83 -36.72 -12.45
CA PHE K 84 71.87 -37.80 -11.47
C PHE K 84 71.48 -39.13 -12.11
N THR K 85 72.07 -40.20 -11.61
CA THR K 85 71.66 -41.55 -11.96
C THR K 85 71.15 -42.20 -10.69
N LEU K 86 69.88 -41.97 -10.36
CA LEU K 86 69.29 -42.57 -9.17
C LEU K 86 69.15 -44.06 -9.41
N ALA K 87 69.50 -44.86 -8.42
CA ALA K 87 69.43 -46.31 -8.51
C ALA K 87 68.49 -46.79 -7.43
N VAL K 88 67.41 -47.44 -7.83
CA VAL K 88 66.40 -47.91 -6.86
C VAL K 88 66.86 -49.30 -6.44
N GLY K 89 67.85 -49.33 -5.56
CA GLY K 89 68.22 -50.48 -4.76
C GLY K 89 68.02 -51.85 -5.37
N ASP K 90 67.42 -52.73 -4.58
CA ASP K 90 66.94 -54.03 -5.01
C ASP K 90 65.98 -54.51 -3.94
N ASN K 91 64.84 -55.05 -4.37
CA ASN K 91 63.72 -55.31 -3.48
C ASN K 91 63.23 -54.03 -2.81
N ARG K 92 63.37 -52.91 -3.51
CA ARG K 92 62.82 -51.64 -3.08
C ARG K 92 61.80 -51.15 -4.11
N VAL K 93 61.03 -50.15 -3.72
CA VAL K 93 60.07 -49.51 -4.61
C VAL K 93 60.03 -48.02 -4.29
N LEU K 94 60.59 -47.21 -5.17
CA LEU K 94 60.64 -45.76 -4.98
C LEU K 94 59.41 -45.15 -5.60
N ASP K 95 58.56 -44.54 -4.77
CA ASP K 95 57.48 -43.72 -5.30
C ASP K 95 58.06 -42.37 -5.72
N MET K 96 57.97 -42.07 -7.01
CA MET K 96 58.63 -40.90 -7.56
C MET K 96 58.13 -39.60 -6.97
N ALA K 97 56.96 -39.62 -6.33
CA ALA K 97 56.42 -38.40 -5.74
C ALA K 97 57.25 -37.92 -4.57
N SER K 98 58.09 -38.76 -3.98
CA SER K 98 58.89 -38.39 -2.83
C SER K 98 60.26 -37.82 -3.20
N THR K 99 60.61 -37.80 -4.48
CA THR K 99 61.90 -37.30 -4.91
C THR K 99 61.80 -35.83 -5.30
N TYR K 100 62.76 -35.03 -4.84
CA TYR K 100 62.77 -33.62 -5.13
C TYR K 100 64.22 -33.15 -5.25
N PHE K 101 64.42 -32.09 -6.03
CA PHE K 101 65.73 -31.50 -6.20
C PHE K 101 65.97 -30.48 -5.10
N ASP K 102 67.17 -30.49 -4.54
CA ASP K 102 67.57 -29.54 -3.51
C ASP K 102 68.63 -28.63 -4.11
N ILE K 103 68.40 -27.33 -4.07
CA ILE K 103 69.23 -26.36 -4.78
C ILE K 103 69.77 -25.34 -3.79
N ARG K 104 71.02 -24.94 -3.99
CA ARG K 104 71.66 -23.89 -3.22
C ARG K 104 72.33 -22.91 -4.17
N GLY K 105 72.54 -21.69 -3.68
CA GLY K 105 73.15 -20.66 -4.49
C GLY K 105 73.00 -19.31 -3.81
N VAL K 106 73.53 -18.30 -4.48
CA VAL K 106 73.50 -16.93 -3.98
C VAL K 106 72.63 -16.12 -4.93
N LEU K 107 71.61 -15.47 -4.37
CA LEU K 107 70.65 -14.71 -5.13
C LEU K 107 70.77 -13.23 -4.76
N ASP K 108 70.87 -12.38 -5.75
CA ASP K 108 70.94 -10.93 -5.55
C ASP K 108 69.77 -10.28 -6.25
N ARG K 109 68.98 -9.50 -5.52
CA ARG K 109 67.79 -8.89 -6.06
C ARG K 109 68.04 -7.51 -6.67
N GLY K 110 69.25 -6.99 -6.57
CA GLY K 110 69.59 -5.75 -7.23
C GLY K 110 69.08 -4.53 -6.48
N PRO K 111 69.29 -3.34 -7.07
CA PRO K 111 68.93 -2.11 -6.37
C PRO K 111 67.45 -1.77 -6.39
N SER K 112 66.65 -2.45 -7.21
CA SER K 112 65.23 -2.17 -7.31
C SER K 112 64.42 -2.89 -6.24
N PHE K 113 65.05 -3.28 -5.14
CA PHE K 113 64.39 -4.05 -4.10
C PHE K 113 64.13 -3.15 -2.90
N LYS K 114 62.90 -3.16 -2.43
CA LYS K 114 62.50 -2.42 -1.23
C LYS K 114 61.31 -3.14 -0.64
N PRO K 115 61.51 -3.91 0.40
CA PRO K 115 60.42 -4.75 0.92
C PRO K 115 59.43 -3.98 1.78
N TYR K 116 59.88 -2.93 2.45
CA TYR K 116 58.98 -2.20 3.34
C TYR K 116 58.32 -1.04 2.61
N SER K 117 57.12 -0.69 3.07
CA SER K 117 56.30 0.29 2.37
C SER K 117 56.82 1.70 2.57
N GLY K 118 56.90 2.15 3.81
CA GLY K 118 57.33 3.51 4.08
C GLY K 118 58.83 3.68 4.02
N THR K 119 59.38 4.45 4.94
CA THR K 119 60.81 4.63 5.09
C THR K 119 61.25 4.13 6.46
N ALA K 120 62.53 4.31 6.76
CA ALA K 120 63.10 3.82 8.01
C ALA K 120 63.82 4.86 8.82
N TYR K 121 64.30 5.94 8.22
CA TYR K 121 65.13 6.92 8.90
C TYR K 121 64.35 8.23 9.04
N ASN K 122 64.27 8.72 10.27
CA ASN K 122 63.48 9.91 10.58
C ASN K 122 62.06 9.75 10.04
N SER K 123 61.46 8.60 10.34
CA SER K 123 60.12 8.33 9.85
C SER K 123 59.12 9.34 10.38
N LEU K 124 59.20 9.66 11.66
CA LEU K 124 58.29 10.63 12.27
C LEU K 124 58.76 12.05 11.99
N ALA K 125 58.98 12.39 10.73
CA ALA K 125 59.40 13.74 10.42
C ALA K 125 58.45 14.38 9.42
N PRO K 126 58.23 15.67 9.50
CA PRO K 126 57.37 16.34 8.54
C PRO K 126 58.05 16.52 7.20
N LYS K 127 57.93 15.51 6.33
CA LYS K 127 58.56 15.50 5.02
C LYS K 127 58.53 16.88 4.39
N GLY K 128 59.71 17.38 4.04
CA GLY K 128 59.90 18.79 3.78
C GLY K 128 60.64 19.51 4.88
N ALA K 129 60.82 18.87 6.03
CA ALA K 129 61.61 19.48 7.10
C ALA K 129 63.09 19.34 6.80
N PRO K 130 63.83 20.43 6.67
CA PRO K 130 65.26 20.33 6.39
C PRO K 130 66.06 20.11 7.66
N ASN K 131 67.03 19.20 7.58
CA ASN K 131 67.96 19.03 8.68
C ASN K 131 68.89 20.23 8.76
N PRO K 132 69.50 20.46 9.92
CA PRO K 132 70.38 21.62 10.08
C PRO K 132 71.48 21.62 9.02
N SER K 133 71.73 22.81 8.46
CA SER K 133 72.65 22.91 7.33
C SER K 133 73.16 24.34 7.23
N GLN K 134 74.14 24.53 6.36
CA GLN K 134 74.67 25.84 6.03
C GLN K 134 74.77 25.97 4.53
N TRP K 135 74.88 27.22 4.07
CA TRP K 135 75.05 27.49 2.65
C TRP K 135 75.51 28.92 2.43
N GLU K 136 76.63 29.10 1.75
CA GLU K 136 77.21 30.42 1.57
C GLU K 136 76.64 31.10 0.33
N THR K 137 76.28 32.37 0.48
CA THR K 137 75.67 33.14 -0.59
C THR K 137 76.12 34.59 -0.46
N LYS K 138 75.60 35.43 -1.34
CA LYS K 138 75.91 36.86 -1.32
C LYS K 138 74.82 37.59 -0.56
N GLU K 139 75.23 38.42 0.39
CA GLU K 139 74.30 39.21 1.19
C GLU K 139 74.77 40.66 1.25
N LYS K 140 73.81 41.55 1.44
CA LYS K 140 74.07 42.99 1.48
C LYS K 140 73.57 43.55 2.80
N GLN K 141 74.32 44.51 3.34
CA GLN K 141 73.95 45.14 4.61
C GLN K 141 74.43 46.60 4.55
N GLY K 142 73.54 47.47 4.09
CA GLY K 142 73.85 48.87 3.91
C GLY K 142 74.15 49.19 2.45
N THR K 143 74.08 50.49 2.15
CA THR K 143 74.35 50.95 0.79
C THR K 143 75.79 50.68 0.39
N THR K 144 76.73 51.11 1.21
CA THR K 144 78.15 50.84 1.02
C THR K 144 78.64 49.78 2.01
N GLY K 145 77.76 48.85 2.35
CA GLY K 145 78.05 47.89 3.41
C GLY K 145 78.60 46.57 2.94
N GLY K 146 79.18 46.50 1.74
CA GLY K 146 79.78 45.26 1.30
C GLY K 146 78.79 44.17 0.94
N VAL K 147 78.13 44.32 -0.21
CA VAL K 147 77.26 43.29 -0.78
C VAL K 147 78.06 42.01 -1.02
N GLN K 148 79.38 42.09 -0.82
CA GLN K 148 80.29 40.96 -1.01
C GLN K 148 79.77 39.69 -0.35
N GLN K 149 80.03 38.57 -1.01
CA GLN K 149 79.58 37.27 -0.53
C GLN K 149 80.25 36.90 0.78
N GLU K 150 79.45 36.42 1.72
CA GLU K 150 79.94 35.85 2.97
C GLU K 150 79.03 34.71 3.37
N LYS K 151 79.53 33.85 4.24
CA LYS K 151 78.73 32.71 4.71
C LYS K 151 77.67 33.20 5.68
N ASP K 152 76.79 34.06 5.20
CA ASP K 152 75.92 34.85 6.07
C ASP K 152 74.71 34.06 6.54
N VAL K 153 73.89 33.60 5.60
CA VAL K 153 72.64 32.92 5.93
C VAL K 153 72.94 31.47 6.28
N THR K 154 74.22 31.14 6.34
CA THR K 154 74.66 29.82 6.80
C THR K 154 74.05 29.53 8.16
N LYS K 155 73.98 28.25 8.53
CA LYS K 155 73.27 27.83 9.74
C LYS K 155 71.83 28.34 9.72
N THR K 156 71.20 28.18 8.57
CA THR K 156 69.86 28.73 8.37
C THR K 156 68.86 28.11 9.33
N PHE K 157 68.98 26.80 9.58
CA PHE K 157 68.12 26.10 10.53
C PHE K 157 69.03 25.37 11.48
N GLY K 158 69.42 26.04 12.55
CA GLY K 158 70.44 25.55 13.45
C GLY K 158 69.92 25.06 14.78
N VAL K 159 68.86 24.26 14.78
CA VAL K 159 68.16 23.85 15.99
C VAL K 159 69.13 23.56 17.11
N ALA K 160 68.96 24.26 18.24
CA ALA K 160 69.88 24.15 19.37
C ALA K 160 69.29 23.14 20.36
N ALA K 161 70.06 22.12 20.68
CA ALA K 161 69.51 20.97 21.37
C ALA K 161 69.67 21.07 22.89
N THR K 162 70.91 21.09 23.38
CA THR K 162 71.20 20.86 24.77
C THR K 162 71.65 22.13 25.46
N GLY K 163 71.19 22.33 26.69
CA GLY K 163 71.56 23.49 27.47
C GLY K 163 72.86 23.27 28.22
N GLY K 164 73.69 24.31 28.22
CA GLY K 164 74.94 24.28 28.95
C GLY K 164 75.05 25.49 29.87
N ILE K 165 75.96 25.38 30.84
CA ILE K 165 76.14 26.46 31.80
C ILE K 165 77.07 27.55 31.30
N ASN K 166 77.93 27.25 30.32
CA ASN K 166 78.83 28.26 29.78
C ASN K 166 79.34 27.80 28.42
N ILE K 167 79.73 28.75 27.59
CA ILE K 167 80.29 28.49 26.28
C ILE K 167 81.66 29.13 26.22
N THR K 168 82.67 28.34 25.84
CA THR K 168 84.05 28.81 25.92
C THR K 168 84.80 28.62 24.61
N ASN K 169 86.11 28.88 24.63
CA ASN K 169 86.93 28.74 23.44
C ASN K 169 86.99 27.29 22.96
N GLN K 170 86.67 26.33 23.82
CA GLN K 170 86.69 24.91 23.47
C GLN K 170 85.32 24.31 23.79
N GLY K 171 84.41 24.42 22.82
CA GLY K 171 83.08 23.86 23.01
C GLY K 171 82.30 24.60 24.09
N LEU K 172 81.25 23.95 24.55
CA LEU K 172 80.43 24.46 25.64
C LEU K 172 80.71 23.66 26.91
N LEU K 173 80.03 24.04 27.99
CA LEU K 173 80.26 23.45 29.30
C LEU K 173 79.02 22.69 29.75
N LEU K 174 79.24 21.49 30.30
CA LEU K 174 78.17 20.64 30.81
C LEU K 174 78.50 20.27 32.25
N GLY K 175 78.03 21.06 33.20
CA GLY K 175 78.22 20.76 34.61
C GLY K 175 79.64 21.04 35.08
N THR K 176 79.89 20.68 36.33
CA THR K 176 81.19 20.89 36.95
C THR K 176 81.43 19.78 37.96
N ASP K 177 82.70 19.60 38.31
CA ASP K 177 83.12 18.60 39.28
C ASP K 177 83.77 19.28 40.47
N GLU K 178 84.33 18.47 41.38
CA GLU K 178 84.97 18.97 42.58
C GLU K 178 86.43 18.55 42.71
N THR K 179 86.93 17.68 41.84
CA THR K 179 88.34 17.30 41.89
C THR K 179 89.25 18.49 41.67
N ALA K 180 89.13 19.14 40.51
CA ALA K 180 89.84 20.38 40.23
C ALA K 180 88.97 21.33 39.44
N GLU K 181 87.66 21.26 39.63
CA GLU K 181 86.69 22.04 38.85
C GLU K 181 86.88 21.81 37.36
N ASN K 182 87.19 20.57 36.99
CA ASN K 182 87.44 20.21 35.60
C ASN K 182 86.15 20.36 34.81
N GLY K 183 86.09 21.37 33.95
CA GLY K 183 84.92 21.59 33.13
C GLY K 183 84.66 20.42 32.20
N LYS K 184 83.53 19.74 32.40
CA LYS K 184 83.20 18.54 31.63
C LYS K 184 82.66 18.96 30.27
N LYS K 185 83.52 19.51 29.44
CA LYS K 185 83.15 19.94 28.10
C LYS K 185 82.99 18.72 27.19
N ASP K 186 82.13 18.89 26.19
CA ASP K 186 81.74 17.76 25.36
C ASP K 186 82.86 17.36 24.40
N ILE K 187 82.79 16.07 24.08
CA ILE K 187 83.71 15.51 23.12
C ILE K 187 83.06 15.81 21.85
N TYR K 188 83.82 16.27 20.90
CA TYR K 188 83.24 16.69 19.71
C TYR K 188 82.56 15.54 19.12
N ALA K 189 83.19 14.42 19.15
CA ALA K 189 82.59 13.33 18.44
C ALA K 189 81.30 12.70 18.89
N ASP K 190 81.14 12.38 20.16
CA ASP K 190 79.95 11.66 20.57
C ASP K 190 79.20 12.30 21.64
N LYS K 191 79.73 12.43 22.83
CA LYS K 191 79.02 13.19 23.85
C LYS K 191 79.17 14.59 23.44
N THR K 192 78.68 14.89 22.26
CA THR K 192 78.75 16.18 21.76
C THR K 192 77.39 16.51 21.98
N PHE K 193 76.82 17.27 21.12
CA PHE K 193 75.46 17.42 21.28
C PHE K 193 74.77 16.32 20.66
N GLN K 194 74.60 15.23 21.34
CA GLN K 194 74.06 14.13 20.70
C GLN K 194 72.80 14.59 20.21
N PRO K 195 72.48 14.16 19.07
CA PRO K 195 71.29 14.74 18.58
C PRO K 195 70.14 14.46 19.45
N GLU K 196 70.01 13.27 19.95
CA GLU K 196 68.90 12.91 20.82
C GLU K 196 68.77 13.52 22.21
N PRO K 197 69.84 13.60 22.99
CA PRO K 197 69.68 14.20 24.27
C PRO K 197 69.64 15.61 24.25
N GLN K 198 68.49 16.13 24.10
CA GLN K 198 68.30 17.57 24.24
C GLN K 198 67.36 17.89 25.41
N VAL K 199 67.17 19.18 25.68
CA VAL K 199 66.60 19.70 26.93
C VAL K 199 65.47 18.81 27.44
N GLY K 200 65.51 18.51 28.73
CA GLY K 200 64.68 17.48 29.33
C GLY K 200 63.20 17.72 29.23
N GLU K 201 62.43 16.84 29.87
CA GLU K 201 60.97 16.90 29.75
C GLU K 201 60.39 18.17 30.36
N GLU K 202 61.17 18.92 31.14
CA GLU K 202 60.67 20.15 31.73
C GLU K 202 60.57 21.23 30.65
N ASN K 203 59.79 20.97 29.62
CA ASN K 203 59.75 21.79 28.42
C ASN K 203 59.45 23.26 28.74
N TRP K 204 58.24 23.52 29.23
CA TRP K 204 57.88 24.90 29.52
C TRP K 204 58.65 25.44 30.71
N GLN K 205 59.23 24.56 31.53
CA GLN K 205 59.97 24.96 32.72
C GLN K 205 61.46 24.73 32.57
N GLU K 206 61.97 24.81 31.34
CA GLU K 206 63.41 24.81 31.10
C GLU K 206 63.82 26.14 30.50
N ASN K 207 64.78 26.80 31.14
CA ASN K 207 65.30 28.09 30.69
C ASN K 207 66.79 28.07 30.97
N GLU K 208 67.56 27.64 29.97
CA GLU K 208 69.01 27.56 30.09
C GLU K 208 69.65 28.79 29.49
N ALA K 209 70.77 29.21 30.09
CA ALA K 209 71.47 30.39 29.61
C ALA K 209 72.05 30.16 28.21
N PHE K 210 72.62 28.99 27.97
CA PHE K 210 73.30 28.69 26.72
C PHE K 210 72.83 27.37 26.15
N TYR K 211 72.83 27.28 24.83
CA TYR K 211 72.41 26.08 24.13
C TYR K 211 73.42 25.72 23.06
N GLY K 212 73.37 24.46 22.63
CA GLY K 212 74.27 23.98 21.59
C GLY K 212 73.56 23.01 20.68
N GLY K 213 74.18 22.77 19.54
CA GLY K 213 73.60 21.86 18.57
C GLY K 213 74.61 21.47 17.52
N ARG K 214 74.12 20.74 16.51
CA ARG K 214 74.95 20.26 15.42
C ARG K 214 74.30 20.60 14.10
N ALA K 215 75.13 20.74 13.06
CA ALA K 215 74.65 21.10 11.74
C ALA K 215 75.66 20.62 10.71
N LEU K 216 75.25 20.64 9.45
CA LEU K 216 76.07 20.17 8.36
C LEU K 216 76.70 21.36 7.64
N LYS K 217 77.96 21.20 7.25
CA LYS K 217 78.64 22.27 6.54
C LYS K 217 78.08 22.40 5.12
N LYS K 218 78.42 23.51 4.46
CA LYS K 218 77.83 23.83 3.18
C LYS K 218 78.28 22.91 2.06
N ASP K 219 79.35 22.14 2.26
CA ASP K 219 79.82 21.24 1.20
C ASP K 219 78.80 20.15 0.91
N THR K 220 78.16 19.62 1.96
CA THR K 220 77.25 18.51 1.78
C THR K 220 75.95 18.96 1.12
N LYS K 221 75.49 18.18 0.15
CA LYS K 221 74.23 18.47 -0.52
C LYS K 221 73.09 18.31 0.48
N MET K 222 72.48 19.43 0.86
CA MET K 222 71.42 19.39 1.86
C MET K 222 70.20 18.67 1.32
N LYS K 223 69.63 17.80 2.13
CA LYS K 223 68.47 16.98 1.80
C LYS K 223 67.47 17.09 2.93
N PRO K 224 66.20 16.78 2.67
CA PRO K 224 65.20 16.82 3.75
C PRO K 224 65.50 15.77 4.81
N CYS K 225 65.07 16.06 6.03
CA CYS K 225 65.33 15.15 7.14
C CYS K 225 64.67 13.80 6.90
N TYR K 226 63.45 13.80 6.39
CA TYR K 226 62.72 12.58 6.12
C TYR K 226 63.50 11.66 5.22
N GLY K 227 63.86 10.49 5.75
CA GLY K 227 64.58 9.50 4.96
C GLY K 227 66.07 9.73 4.85
N SER K 228 66.64 10.61 5.66
CA SER K 228 68.06 10.90 5.60
C SER K 228 68.83 9.98 6.53
N PHE K 229 69.99 9.51 6.07
CA PHE K 229 70.81 8.57 6.81
C PHE K 229 72.27 8.93 6.64
N ALA K 230 73.09 8.56 7.63
CA ALA K 230 74.52 8.85 7.56
C ALA K 230 75.23 7.86 8.47
N ARG K 231 76.02 6.98 7.88
CA ARG K 231 76.63 5.88 8.62
C ARG K 231 77.53 6.40 9.73
N PRO K 232 77.57 5.73 10.88
CA PRO K 232 78.41 6.20 11.97
C PRO K 232 79.88 6.12 11.63
N THR K 233 80.67 6.99 12.25
CA THR K 233 82.11 7.01 12.05
C THR K 233 82.86 6.26 13.14
N ASN K 234 82.51 6.50 14.40
CA ASN K 234 83.18 5.85 15.52
C ASN K 234 82.20 4.97 16.29
N GLU K 235 82.73 3.89 16.87
CA GLU K 235 81.90 2.94 17.60
C GLU K 235 81.23 3.56 18.81
N LYS K 236 81.71 4.72 19.27
CA LYS K 236 81.13 5.39 20.41
C LYS K 236 79.81 6.09 20.10
N GLY K 237 79.24 5.81 18.92
CA GLY K 237 77.94 6.35 18.57
C GLY K 237 77.98 7.67 17.84
N GLY K 238 79.16 8.26 17.64
CA GLY K 238 79.24 9.53 16.96
C GLY K 238 78.63 9.44 15.56
N GLN K 239 77.86 10.46 15.19
CA GLN K 239 77.30 10.54 13.87
C GLN K 239 78.42 10.59 12.84
N ALA K 240 78.05 10.39 11.58
CA ALA K 240 79.01 10.48 10.48
C ALA K 240 79.82 11.77 10.60
N LYS K 241 81.14 11.61 10.58
CA LYS K 241 82.06 12.74 10.59
C LYS K 241 83.17 12.40 9.61
N PHE K 242 83.12 13.00 8.43
CA PHE K 242 84.13 12.74 7.43
C PHE K 242 85.49 13.14 7.93
N LYS K 243 86.51 12.38 7.54
CA LYS K 243 87.86 12.88 7.65
C LYS K 243 88.00 14.09 6.72
N PRO K 244 88.76 15.11 7.10
CA PRO K 244 88.86 16.30 6.26
C PRO K 244 89.49 15.97 4.92
N VAL K 245 89.42 16.94 4.01
CA VAL K 245 89.91 16.71 2.65
C VAL K 245 91.43 16.70 2.70
N ASN K 246 92.00 15.51 2.79
CA ASN K 246 93.43 15.33 2.95
C ASN K 246 94.08 15.07 1.60
N GLU K 247 95.41 15.01 1.62
CA GLU K 247 96.18 14.71 0.43
C GLU K 247 96.14 13.19 0.18
N GLY K 248 97.01 12.72 -0.71
CA GLY K 248 97.04 11.31 -1.04
C GLY K 248 97.77 10.48 -0.01
N GLU K 249 98.15 11.08 1.11
CA GLU K 249 98.94 10.37 2.12
C GLU K 249 98.05 9.50 3.01
N GLN K 250 97.18 10.13 3.80
CA GLN K 250 96.34 9.42 4.76
C GLN K 250 95.33 10.34 5.40
N PRO K 251 94.07 9.89 5.58
CA PRO K 251 93.13 10.67 6.38
C PRO K 251 93.23 10.32 7.86
N LYS K 252 93.43 11.32 8.70
CA LYS K 252 93.61 11.06 10.13
C LYS K 252 92.69 11.89 11.02
N ASP K 253 92.44 13.15 10.69
CA ASP K 253 91.70 14.05 11.54
C ASP K 253 90.19 13.88 11.32
N LEU K 254 89.41 14.68 12.04
CA LEU K 254 87.98 14.83 11.80
C LEU K 254 87.65 16.31 11.78
N ASP K 255 86.88 16.74 10.78
CA ASP K 255 86.61 18.17 10.61
C ASP K 255 85.32 18.52 11.35
N ILE K 256 85.46 19.24 12.45
CA ILE K 256 84.34 19.81 13.19
C ILE K 256 84.72 21.23 13.57
N ASP K 257 83.83 22.17 13.31
CA ASP K 257 84.08 23.57 13.62
C ASP K 257 82.99 24.10 14.53
N PHE K 258 83.28 25.22 15.17
CA PHE K 258 82.36 25.85 16.11
C PHE K 258 81.81 27.13 15.50
N ALA K 259 80.51 27.34 15.66
CA ALA K 259 79.84 28.55 15.23
C ALA K 259 79.12 29.16 16.42
N TYR K 260 79.30 30.46 16.62
CA TYR K 260 78.70 31.17 17.74
C TYR K 260 77.77 32.25 17.23
N PHE K 261 76.58 32.35 17.83
CA PHE K 261 75.55 33.28 17.38
C PHE K 261 74.96 33.99 18.57
N ASP K 262 75.21 35.30 18.67
CA ASP K 262 74.67 36.11 19.75
C ASP K 262 73.31 36.67 19.37
N VAL K 263 72.44 36.79 20.37
CA VAL K 263 71.17 37.48 20.19
C VAL K 263 71.47 38.92 19.76
N PRO K 264 70.79 39.45 18.74
CA PRO K 264 71.17 40.78 18.23
C PRO K 264 71.12 41.87 19.29
N GLY K 265 70.18 41.80 20.22
CA GLY K 265 70.14 42.75 21.30
C GLY K 265 71.21 42.47 22.34
N GLY K 266 71.35 43.40 23.28
CA GLY K 266 72.29 43.22 24.36
C GLY K 266 72.76 44.50 25.01
N SER K 267 72.90 44.47 26.33
CA SER K 267 73.45 45.60 27.06
C SER K 267 74.95 45.72 26.78
N PRO K 268 75.53 46.90 27.03
CA PRO K 268 76.97 47.07 26.83
C PRO K 268 77.77 46.06 27.64
N PRO K 269 78.83 45.50 27.06
CA PRO K 269 79.64 44.54 27.82
C PRO K 269 80.23 45.11 29.10
N ALA K 270 80.66 46.37 29.06
CA ALA K 270 81.27 47.02 30.21
C ALA K 270 81.26 48.53 29.96
N GLY K 271 81.99 49.27 30.79
CA GLY K 271 82.09 50.70 30.64
C GLY K 271 83.03 51.18 29.56
N GLY K 272 83.71 50.28 28.88
CA GLY K 272 84.62 50.66 27.81
C GLY K 272 84.35 49.91 26.52
N SER K 273 83.09 49.65 26.22
CA SER K 273 82.72 48.89 25.03
C SER K 273 81.46 49.51 24.44
N GLY K 274 80.88 48.81 23.46
CA GLY K 274 79.68 49.28 22.79
C GLY K 274 78.42 48.57 23.27
N GLU K 275 77.98 47.56 22.52
CA GLU K 275 76.81 46.78 22.88
C GLU K 275 76.99 45.37 22.33
N GLU K 276 75.89 44.61 22.32
CA GLU K 276 75.83 43.30 21.67
C GLU K 276 77.02 42.42 22.06
N TYR K 277 77.07 42.08 23.34
CA TYR K 277 78.18 41.31 23.88
C TYR K 277 78.03 39.84 23.51
N LYS K 278 78.84 38.99 24.14
CA LYS K 278 78.82 37.55 23.87
C LYS K 278 77.72 36.92 24.72
N ALA K 279 76.51 36.93 24.17
CA ALA K 279 75.33 36.38 24.85
C ALA K 279 74.73 35.30 23.97
N ASP K 280 75.58 34.41 23.50
CA ASP K 280 75.35 33.60 22.32
C ASP K 280 74.95 32.17 22.66
N ILE K 281 74.81 31.37 21.60
CA ILE K 281 74.69 29.92 21.70
C ILE K 281 75.69 29.32 20.71
N ILE K 282 76.18 28.13 21.05
CA ILE K 282 77.21 27.46 20.27
C ILE K 282 76.53 26.51 19.31
N LEU K 283 77.28 26.10 18.28
CA LEU K 283 76.74 25.15 17.31
C LEU K 283 77.90 24.45 16.60
N TYR K 284 78.05 23.16 16.87
CA TYR K 284 79.03 22.34 16.18
C TYR K 284 78.58 22.13 14.75
N THR K 285 79.52 22.01 13.83
CA THR K 285 79.22 21.80 12.43
C THR K 285 80.17 20.74 11.86
N GLU K 286 79.76 20.12 10.76
CA GLU K 286 80.50 18.99 10.21
C GLU K 286 80.00 18.72 8.80
N ASN K 287 80.48 17.63 8.22
CA ASN K 287 79.96 17.11 6.96
C ASN K 287 79.90 15.60 7.07
N VAL K 288 78.81 15.01 6.59
CA VAL K 288 78.50 13.60 6.82
C VAL K 288 78.33 12.89 5.49
N ASN K 289 78.17 11.57 5.57
CA ASN K 289 77.83 10.76 4.40
C ASN K 289 76.31 10.83 4.19
N LEU K 290 75.86 12.01 3.79
CA LEU K 290 74.42 12.28 3.76
C LEU K 290 73.75 11.52 2.63
N GLU K 291 73.40 10.27 2.88
CA GLU K 291 72.80 9.39 1.89
C GLU K 291 71.33 9.17 2.23
N THR K 292 70.49 9.15 1.20
CA THR K 292 69.05 8.99 1.37
C THR K 292 68.61 7.72 0.66
N PRO K 293 68.71 6.57 1.30
CA PRO K 293 68.19 5.35 0.69
C PRO K 293 66.68 5.39 0.63
N ASP K 294 66.13 4.66 -0.35
CA ASP K 294 64.72 4.34 -0.47
C ASP K 294 63.79 5.55 -0.46
N THR K 295 64.32 6.77 -0.56
CA THR K 295 63.50 7.96 -0.65
C THR K 295 64.03 8.87 -1.74
N HIS K 296 63.14 9.35 -2.61
CA HIS K 296 63.48 10.31 -3.64
C HIS K 296 62.86 11.65 -3.31
N VAL K 297 63.04 12.60 -4.21
CA VAL K 297 62.56 13.97 -4.01
C VAL K 297 61.45 14.25 -5.02
N VAL K 298 60.29 14.66 -4.53
CA VAL K 298 59.15 14.96 -5.39
C VAL K 298 59.23 16.40 -5.85
N TYR K 299 59.17 17.34 -4.92
CA TYR K 299 59.21 18.76 -5.23
C TYR K 299 60.62 19.27 -5.03
N LYS K 300 61.15 19.96 -6.04
CA LYS K 300 62.50 20.51 -5.98
C LYS K 300 62.50 21.83 -6.73
N PRO K 301 62.43 22.95 -6.02
CA PRO K 301 62.48 24.24 -6.71
C PRO K 301 63.82 24.44 -7.39
N GLY K 302 63.79 25.07 -8.56
CA GLY K 302 65.01 25.28 -9.30
C GLY K 302 65.57 23.96 -9.84
N THR K 303 66.80 24.06 -10.32
CA THR K 303 67.50 22.90 -10.87
C THR K 303 68.79 22.58 -10.14
N SER K 304 69.45 23.56 -9.54
CA SER K 304 70.67 23.30 -8.79
C SER K 304 70.37 22.43 -7.58
N ASP K 305 71.26 21.48 -7.31
CA ASP K 305 71.09 20.57 -6.19
C ASP K 305 72.00 20.88 -5.01
N ASN K 306 72.92 21.83 -5.15
CA ASN K 306 73.77 22.21 -4.04
C ASN K 306 72.98 23.03 -3.02
N SER K 307 73.63 23.30 -1.89
CA SER K 307 72.94 23.93 -0.77
C SER K 307 72.64 25.40 -1.06
N SER K 308 71.41 25.81 -0.81
CA SER K 308 70.99 27.20 -0.95
C SER K 308 69.61 27.34 -0.30
N GLU K 309 69.14 28.59 -0.23
CA GLU K 309 67.86 28.85 0.45
C GLU K 309 66.70 28.19 -0.25
N ILE K 310 66.69 28.22 -1.58
CA ILE K 310 65.61 27.57 -2.32
C ILE K 310 65.63 26.08 -2.07
N ASN K 311 66.81 25.46 -2.08
CA ASN K 311 66.91 24.03 -1.82
C ASN K 311 66.56 23.67 -0.39
N LEU K 312 66.43 24.65 0.50
CA LEU K 312 66.02 24.38 1.87
C LEU K 312 64.62 23.78 1.94
N VAL K 313 63.81 23.96 0.89
CA VAL K 313 62.46 23.42 0.84
C VAL K 313 62.46 22.31 -0.20
N GLN K 314 62.60 21.07 0.27
CA GLN K 314 62.48 19.90 -0.58
C GLN K 314 61.66 18.86 0.14
N GLN K 315 60.70 18.27 -0.57
CA GLN K 315 59.81 17.28 0.00
C GLN K 315 60.16 15.91 -0.57
N SER K 316 60.27 14.92 0.30
CA SER K 316 60.67 13.57 -0.08
C SER K 316 59.50 12.63 0.09
N MET K 317 59.14 11.95 -0.95
CA MET K 317 58.22 10.86 -0.69
C MET K 317 58.96 9.54 -0.74
N PRO K 318 58.54 8.55 0.05
CA PRO K 318 59.25 7.27 0.05
C PRO K 318 59.08 6.54 -1.27
N ASN K 319 60.10 5.76 -1.63
CA ASN K 319 60.04 4.99 -2.85
C ASN K 319 58.98 3.90 -2.75
N ARG K 320 58.44 3.52 -3.90
CA ARG K 320 57.38 2.53 -3.92
C ARG K 320 57.89 1.18 -3.42
N PRO K 321 57.12 0.49 -2.59
CA PRO K 321 57.53 -0.85 -2.15
C PRO K 321 57.56 -1.80 -3.33
N ASN K 322 58.54 -2.70 -3.32
CA ASN K 322 58.70 -3.65 -4.43
C ASN K 322 59.28 -4.93 -3.86
N TYR K 323 58.39 -5.86 -3.52
CA TYR K 323 58.80 -7.17 -3.03
C TYR K 323 59.34 -8.01 -4.17
N ILE K 324 60.37 -8.81 -3.91
CA ILE K 324 60.92 -9.74 -4.87
C ILE K 324 61.13 -11.08 -4.20
N GLY K 325 60.80 -12.16 -4.91
CA GLY K 325 60.99 -13.48 -4.37
C GLY K 325 60.72 -14.51 -5.43
N PHE K 326 60.88 -15.78 -5.06
CA PHE K 326 60.65 -16.84 -6.02
C PHE K 326 59.16 -16.93 -6.35
N ARG K 327 58.86 -17.59 -7.45
CA ARG K 327 57.49 -17.73 -7.89
C ARG K 327 56.78 -18.83 -7.08
N ASP K 328 55.46 -18.85 -7.21
CA ASP K 328 54.67 -19.86 -6.51
C ASP K 328 55.07 -21.25 -6.97
N ASN K 329 55.17 -22.18 -6.02
CA ASN K 329 55.56 -23.56 -6.29
C ASN K 329 56.85 -23.64 -7.12
N PHE K 330 57.66 -22.59 -7.08
CA PHE K 330 58.83 -22.46 -7.93
C PHE K 330 58.47 -22.67 -9.40
N VAL K 331 57.37 -22.02 -9.81
CA VAL K 331 56.99 -22.05 -11.22
C VAL K 331 58.05 -21.34 -12.03
N GLY K 332 58.67 -22.05 -12.97
CA GLY K 332 59.65 -21.48 -13.86
C GLY K 332 61.08 -21.84 -13.56
N LEU K 333 61.33 -22.66 -12.53
CA LEU K 333 62.70 -23.05 -12.19
C LEU K 333 63.14 -24.32 -12.88
N MET K 334 62.27 -25.01 -13.60
CA MET K 334 62.64 -26.19 -14.37
C MET K 334 62.04 -26.07 -15.76
N TYR K 335 62.84 -26.37 -16.77
CA TYR K 335 62.38 -26.25 -18.15
C TYR K 335 61.32 -27.30 -18.42
N TYR K 336 60.07 -26.87 -18.48
CA TYR K 336 58.96 -27.74 -18.83
C TYR K 336 58.47 -27.43 -20.22
N ASN K 337 58.24 -28.48 -21.00
CA ASN K 337 57.64 -28.41 -22.33
C ASN K 337 58.54 -27.75 -23.37
N SER K 338 59.70 -27.24 -22.96
CA SER K 338 60.67 -26.69 -23.91
C SER K 338 61.30 -27.86 -24.64
N THR K 339 60.79 -28.15 -25.83
CA THR K 339 61.27 -29.31 -26.58
C THR K 339 62.74 -29.18 -26.97
N GLY K 340 63.28 -27.97 -27.00
CA GLY K 340 64.69 -27.80 -27.30
C GLY K 340 65.58 -28.43 -26.25
N ASN K 341 65.25 -28.22 -24.98
CA ASN K 341 66.04 -28.75 -23.86
C ASN K 341 65.07 -29.31 -22.83
N MET K 342 64.83 -30.62 -22.91
CA MET K 342 63.88 -31.29 -22.06
C MET K 342 64.59 -32.30 -21.16
N GLY K 343 63.94 -32.65 -20.06
CA GLY K 343 64.48 -33.62 -19.14
C GLY K 343 64.37 -35.03 -19.67
N VAL K 344 64.94 -35.97 -18.92
CA VAL K 344 64.94 -37.36 -19.34
C VAL K 344 64.94 -38.28 -18.12
N LEU K 345 63.98 -39.20 -18.07
CA LEU K 345 63.93 -40.27 -17.07
C LEU K 345 63.89 -41.57 -17.85
N ALA K 346 65.03 -42.23 -17.97
CA ALA K 346 65.14 -43.44 -18.77
C ALA K 346 66.00 -44.46 -18.07
N GLY K 347 65.84 -45.72 -18.48
CA GLY K 347 66.75 -46.75 -18.03
C GLY K 347 68.16 -46.46 -18.52
N GLN K 348 69.15 -46.81 -17.71
CA GLN K 348 70.53 -46.49 -18.05
C GLN K 348 70.97 -47.22 -19.30
N ALA K 349 70.59 -48.50 -19.44
CA ALA K 349 71.03 -49.27 -20.59
C ALA K 349 70.41 -48.74 -21.88
N SER K 350 69.10 -48.55 -21.90
CA SER K 350 68.42 -48.11 -23.10
C SER K 350 68.52 -46.60 -23.26
N GLN K 351 68.15 -46.12 -24.46
CA GLN K 351 68.11 -44.70 -24.75
C GLN K 351 66.69 -44.22 -25.03
N LEU K 352 65.69 -44.94 -24.54
CA LEU K 352 64.29 -44.59 -24.75
C LEU K 352 63.88 -43.63 -23.64
N ASN K 353 63.80 -42.35 -23.98
CA ASN K 353 63.38 -41.35 -22.99
C ASN K 353 61.89 -41.51 -22.72
N ALA K 354 61.55 -41.79 -21.46
CA ALA K 354 60.15 -42.00 -21.10
C ALA K 354 59.39 -40.70 -20.89
N VAL K 355 60.06 -39.55 -20.93
CA VAL K 355 59.42 -38.26 -20.76
C VAL K 355 59.30 -37.61 -22.12
N VAL K 356 58.07 -37.42 -22.57
CA VAL K 356 57.79 -36.80 -23.87
C VAL K 356 57.10 -35.47 -23.60
N ASP K 357 57.77 -34.37 -23.92
CA ASP K 357 57.25 -33.03 -23.71
C ASP K 357 56.87 -32.42 -25.05
N LEU K 358 55.67 -31.86 -25.12
CA LEU K 358 55.22 -31.13 -26.29
C LEU K 358 55.45 -29.64 -26.09
N GLN K 359 55.27 -28.88 -27.16
CA GLN K 359 55.36 -27.44 -27.06
C GLN K 359 54.09 -26.81 -26.52
N ASP K 360 52.99 -27.55 -26.46
CA ASP K 360 51.70 -26.97 -26.15
C ASP K 360 51.21 -27.26 -24.74
N ARG K 361 51.32 -28.50 -24.26
CA ARG K 361 50.80 -28.80 -22.93
C ARG K 361 51.50 -27.95 -21.88
N ASN K 362 50.75 -27.56 -20.86
CA ASN K 362 51.22 -26.59 -19.86
C ASN K 362 51.22 -27.28 -18.50
N THR K 363 52.37 -27.83 -18.11
CA THR K 363 52.43 -28.56 -16.86
C THR K 363 52.40 -27.63 -15.66
N GLU K 364 53.02 -26.45 -15.76
CA GLU K 364 53.02 -25.53 -14.64
C GLU K 364 51.61 -25.07 -14.29
N LEU K 365 50.81 -24.76 -15.31
CA LEU K 365 49.42 -24.39 -15.05
C LEU K 365 48.63 -25.60 -14.57
N SER K 366 48.88 -26.77 -15.16
CA SER K 366 48.14 -27.97 -14.76
C SER K 366 48.41 -28.32 -13.31
N TYR K 367 49.67 -28.22 -12.88
CA TYR K 367 49.99 -28.53 -11.49
C TYR K 367 49.47 -27.45 -10.56
N GLN K 368 49.19 -26.26 -11.09
CA GLN K 368 48.62 -25.21 -10.25
C GLN K 368 47.16 -25.50 -9.93
N LEU K 369 46.39 -25.91 -10.93
CA LEU K 369 44.99 -26.25 -10.70
C LEU K 369 44.88 -27.53 -9.89
N LEU K 370 45.78 -28.48 -10.11
CA LEU K 370 45.70 -29.76 -9.42
C LEU K 370 45.79 -29.59 -7.92
N LEU K 371 46.70 -28.71 -7.47
CA LEU K 371 46.87 -28.50 -6.03
C LEU K 371 45.58 -27.99 -5.40
N ASP K 372 44.88 -27.09 -6.10
CA ASP K 372 43.64 -26.55 -5.55
C ASP K 372 42.58 -27.62 -5.42
N SER K 373 42.49 -28.54 -6.38
CA SER K 373 41.47 -29.58 -6.32
C SER K 373 41.75 -30.56 -5.19
N LEU K 374 43.03 -30.86 -4.94
CA LEU K 374 43.38 -31.79 -3.88
C LEU K 374 43.00 -31.23 -2.51
N GLY K 375 43.36 -29.98 -2.25
CA GLY K 375 43.05 -29.35 -0.98
C GLY K 375 43.22 -27.87 -1.09
N ASP K 376 42.60 -27.15 -0.16
CA ASP K 376 42.61 -25.69 -0.23
C ASP K 376 44.03 -25.15 -0.16
N ARG K 377 44.29 -24.12 -0.96
CA ARG K 377 45.61 -23.50 -1.03
C ARG K 377 45.70 -22.24 -0.20
N THR K 378 44.70 -21.97 0.64
CA THR K 378 44.77 -20.83 1.54
C THR K 378 45.86 -20.96 2.57
N ARG K 379 46.36 -22.17 2.81
CA ARG K 379 47.39 -22.43 3.81
C ARG K 379 48.76 -22.43 3.17
N TYR K 380 49.71 -21.76 3.81
CA TYR K 380 51.05 -21.59 3.27
C TYR K 380 51.92 -22.78 3.65
N PHE K 381 52.52 -23.41 2.64
CA PHE K 381 53.48 -24.49 2.83
C PHE K 381 54.85 -23.94 2.52
N SER K 382 55.70 -23.82 3.54
CA SER K 382 57.00 -23.21 3.35
C SER K 382 57.92 -24.07 2.50
N MET K 383 57.80 -25.40 2.61
CA MET K 383 58.76 -26.28 1.96
C MET K 383 58.70 -26.15 0.45
N TRP K 384 57.52 -26.28 -0.13
CA TRP K 384 57.38 -26.14 -1.57
C TRP K 384 57.27 -24.69 -2.00
N ASN K 385 57.32 -23.74 -1.06
CA ASN K 385 57.18 -22.32 -1.36
C ASN K 385 55.86 -22.06 -2.08
N SER K 386 54.81 -22.72 -1.60
CA SER K 386 53.50 -22.66 -2.25
C SER K 386 52.62 -21.65 -1.52
N ALA K 387 52.89 -20.39 -1.79
CA ALA K 387 52.05 -19.29 -1.29
C ALA K 387 51.23 -18.77 -2.47
N VAL K 388 49.92 -19.00 -2.43
CA VAL K 388 49.07 -18.67 -3.56
C VAL K 388 49.01 -17.16 -3.73
N ASP K 389 49.18 -16.70 -4.96
CA ASP K 389 49.16 -15.27 -5.25
C ASP K 389 47.72 -14.76 -5.14
N SER K 390 47.45 -13.96 -4.13
CA SER K 390 46.10 -13.49 -3.86
C SER K 390 46.10 -11.97 -3.71
N TYR K 391 45.34 -11.30 -4.54
CA TYR K 391 45.12 -9.87 -4.40
C TYR K 391 44.25 -9.60 -3.17
N ASP K 392 44.25 -8.34 -2.74
CA ASP K 392 43.40 -7.96 -1.62
C ASP K 392 41.94 -8.03 -2.05
N PRO K 393 41.07 -8.64 -1.24
CA PRO K 393 39.69 -8.85 -1.67
C PRO K 393 38.92 -7.56 -1.92
N ASP K 394 39.33 -6.45 -1.34
CA ASP K 394 38.59 -5.21 -1.47
C ASP K 394 39.37 -4.04 -2.05
N VAL K 395 40.66 -4.22 -2.38
CA VAL K 395 41.37 -3.15 -3.06
C VAL K 395 41.15 -3.22 -4.55
N ARG K 396 40.69 -4.35 -5.07
CA ARG K 396 40.32 -4.43 -6.49
C ARG K 396 39.00 -3.72 -6.74
N ILE K 397 38.04 -3.93 -5.86
CA ILE K 397 36.72 -3.31 -5.97
C ILE K 397 36.57 -2.40 -4.75
N ILE K 398 36.81 -1.10 -4.96
CA ILE K 398 36.85 -0.17 -3.85
C ILE K 398 35.45 0.01 -3.29
N GLU K 399 35.19 -0.64 -2.16
CA GLU K 399 33.87 -0.58 -1.51
C GLU K 399 33.81 0.68 -0.65
N ASN K 400 33.79 1.82 -1.34
CA ASN K 400 33.96 3.11 -0.67
C ASN K 400 32.67 3.49 0.04
N HIS K 401 32.54 3.01 1.26
CA HIS K 401 31.63 3.68 2.17
C HIS K 401 32.27 4.99 2.61
N GLY K 402 31.48 5.82 3.26
CA GLY K 402 32.03 7.07 3.77
C GLY K 402 33.02 6.82 4.88
N VAL K 403 33.66 7.91 5.30
CA VAL K 403 34.53 7.85 6.47
C VAL K 403 33.74 8.33 7.68
N GLU K 404 33.61 7.46 8.69
CA GLU K 404 32.76 7.74 9.83
C GLU K 404 33.46 8.72 10.75
N ASP K 405 33.09 9.99 10.66
CA ASP K 405 33.70 11.03 11.49
C ASP K 405 32.59 12.01 11.90
N GLU K 406 31.98 11.74 13.05
CA GLU K 406 30.96 12.65 13.56
C GLU K 406 31.57 13.69 14.49
N LEU K 407 32.17 13.24 15.55
CA LEU K 407 32.74 14.27 16.41
C LEU K 407 34.17 14.59 16.00
N PRO K 408 34.60 15.83 16.18
CA PRO K 408 35.95 16.23 15.78
C PRO K 408 37.00 15.78 16.78
N ASN K 409 38.25 15.90 16.36
CA ASN K 409 39.40 15.59 17.19
C ASN K 409 40.39 16.73 17.11
N TYR K 410 41.13 16.94 18.19
CA TYR K 410 41.96 18.13 18.34
C TYR K 410 43.37 17.75 18.76
N CYS K 411 44.30 18.64 18.44
CA CYS K 411 45.67 18.58 18.95
C CYS K 411 45.85 19.74 19.92
N PHE K 412 46.31 19.43 21.11
CA PHE K 412 46.50 20.46 22.12
C PHE K 412 47.98 20.67 22.40
N PRO K 413 48.38 21.86 22.87
CA PRO K 413 49.80 22.08 23.18
C PRO K 413 50.22 21.24 24.36
N LEU K 414 51.54 21.10 24.51
CA LEU K 414 52.08 20.22 25.55
C LEU K 414 51.67 20.68 26.94
N ASN K 415 51.71 21.99 27.19
CA ASN K 415 51.45 22.50 28.53
C ASN K 415 49.98 22.58 28.86
N GLY K 416 49.13 21.84 28.13
CA GLY K 416 47.71 21.88 28.38
C GLY K 416 47.06 23.06 27.71
N THR K 417 47.55 24.26 28.01
CA THR K 417 47.09 25.47 27.36
C THR K 417 48.30 26.31 26.98
N GLY K 418 48.31 26.82 25.76
CA GLY K 418 49.43 27.61 25.30
C GLY K 418 49.36 29.05 25.78
N THR K 419 48.81 29.24 26.97
CA THR K 419 48.66 30.59 27.52
C THR K 419 50.01 31.25 27.70
N ASN K 420 50.09 32.52 27.32
CA ASN K 420 51.29 33.31 27.49
C ASN K 420 51.05 34.64 28.19
N SER K 421 49.80 35.07 28.32
CA SER K 421 49.50 36.32 29.00
C SER K 421 49.71 36.16 30.51
N THR K 422 50.12 37.25 31.14
CA THR K 422 50.34 37.29 32.57
C THR K 422 49.21 38.07 33.25
N TYR K 423 49.25 38.12 34.57
CA TYR K 423 48.22 38.77 35.37
C TYR K 423 48.88 39.32 36.62
N GLN K 424 48.08 39.61 37.65
CA GLN K 424 48.60 39.93 38.97
C GLN K 424 47.45 39.86 39.96
N GLY K 425 47.73 39.34 41.14
CA GLY K 425 46.70 39.18 42.14
C GLY K 425 46.21 40.53 42.66
N VAL K 426 44.90 40.64 42.85
CA VAL K 426 44.28 41.83 43.40
C VAL K 426 43.24 41.40 44.42
N LYS K 427 42.89 42.32 45.31
CA LYS K 427 41.89 42.06 46.34
C LYS K 427 41.02 43.30 46.54
N ILE K 428 39.83 43.07 47.08
CA ILE K 428 38.84 44.12 47.27
C ILE K 428 39.08 44.79 48.61
N THR K 429 39.01 46.13 48.62
CA THR K 429 39.21 46.86 49.87
C THR K 429 38.05 46.62 50.83
N ASN K 430 36.85 47.05 50.46
CA ASN K 430 35.66 46.86 51.28
C ASN K 430 34.42 47.19 50.46
N GLY K 431 33.38 46.41 50.65
CA GLY K 431 32.09 46.73 50.05
C GLY K 431 31.86 46.04 48.72
N ASN K 432 31.20 46.76 47.81
CA ASN K 432 30.79 46.24 46.52
C ASN K 432 31.97 46.25 45.56
N ASP K 433 31.68 46.09 44.27
CA ASP K 433 32.69 46.14 43.21
C ASP K 433 32.64 47.50 42.54
N GLY K 434 33.80 48.10 42.31
CA GLY K 434 33.91 49.33 41.58
C GLY K 434 35.29 49.45 40.95
N ALA K 435 35.43 50.45 40.07
CA ALA K 435 36.71 50.67 39.42
C ALA K 435 37.77 51.19 40.38
N GLU K 436 37.39 51.58 41.60
CA GLU K 436 38.31 52.12 42.58
C GLU K 436 38.49 51.22 43.80
N GLU K 437 37.61 50.24 43.99
CA GLU K 437 37.70 49.32 45.12
C GLU K 437 38.60 48.16 44.72
N SER K 438 39.90 48.43 44.69
CA SER K 438 40.87 47.43 44.25
C SER K 438 42.25 47.81 44.77
N GLU K 439 42.83 46.97 45.61
CA GLU K 439 44.18 47.15 46.10
C GLU K 439 45.00 45.92 45.71
N TRP K 440 46.19 46.16 45.17
CA TRP K 440 47.05 45.11 44.61
C TRP K 440 48.29 45.00 45.50
N GLU K 441 48.14 44.31 46.61
CA GLU K 441 49.27 44.02 47.50
C GLU K 441 49.20 42.61 48.06
N LYS K 442 48.38 41.74 47.48
CA LYS K 442 48.13 40.42 48.04
C LYS K 442 49.39 39.56 47.96
N ASP K 443 49.31 38.34 48.46
CA ASP K 443 50.43 37.41 48.38
C ASP K 443 50.75 37.03 46.95
N ASP K 444 49.83 37.24 46.01
CA ASP K 444 50.05 36.81 44.64
C ASP K 444 51.14 37.65 43.98
N ALA K 445 51.94 36.99 43.15
CA ALA K 445 53.05 37.65 42.50
C ALA K 445 52.54 38.71 41.52
N ILE K 446 53.36 39.73 41.28
CA ILE K 446 52.95 40.85 40.45
C ILE K 446 53.65 40.83 39.10
N SER K 447 54.98 40.93 39.09
CA SER K 447 55.72 41.07 37.84
C SER K 447 55.82 39.76 37.08
N ARG K 448 56.46 38.75 37.69
CA ARG K 448 56.53 37.42 37.10
C ARG K 448 55.35 36.57 37.57
N GLN K 449 54.15 37.11 37.41
CA GLN K 449 52.97 36.44 37.92
C GLN K 449 52.54 35.33 36.97
N ASN K 450 51.74 34.41 37.52
CA ASN K 450 51.24 33.22 36.83
C ASN K 450 50.59 33.52 35.49
N GLN K 451 50.49 32.48 34.66
CA GLN K 451 50.00 32.61 33.29
C GLN K 451 48.65 31.94 33.19
N ILE K 452 47.59 32.73 33.03
CA ILE K 452 46.22 32.25 33.05
C ILE K 452 45.62 32.39 31.66
N CYS K 453 45.05 31.31 31.15
CA CYS K 453 44.39 31.34 29.85
C CYS K 453 42.98 31.88 30.03
N LYS K 454 42.71 33.07 29.51
CA LYS K 454 41.42 33.69 29.70
C LYS K 454 40.32 33.04 28.88
N GLY K 455 40.68 32.23 27.89
CA GLY K 455 39.68 31.55 27.09
C GLY K 455 39.87 30.06 27.11
N ASN K 456 39.20 29.34 26.22
CA ASN K 456 39.39 27.91 26.13
C ASN K 456 40.84 27.59 25.76
N VAL K 457 41.20 26.32 25.90
CA VAL K 457 42.56 25.89 25.59
C VAL K 457 42.78 26.00 24.09
N TYR K 458 43.91 26.62 23.72
CA TYR K 458 44.28 26.70 22.32
C TYR K 458 44.40 25.30 21.75
N ALA K 459 43.91 25.12 20.52
CA ALA K 459 43.87 23.78 19.93
C ALA K 459 43.64 23.88 18.44
N MET K 460 44.38 23.08 17.68
CA MET K 460 44.11 22.85 16.27
C MET K 460 43.45 21.50 16.11
N GLU K 461 42.65 21.36 15.06
CA GLU K 461 41.86 20.16 14.87
C GLU K 461 42.21 19.51 13.55
N ILE K 462 41.92 18.21 13.46
CA ILE K 462 42.28 17.39 12.32
C ILE K 462 41.24 16.29 12.17
N ASN K 463 40.65 16.19 10.99
CA ASN K 463 39.71 15.11 10.69
C ASN K 463 40.54 13.85 10.42
N LEU K 464 41.03 13.25 11.51
CA LEU K 464 42.01 12.18 11.37
C LEU K 464 41.39 10.92 10.76
N GLN K 465 40.08 10.77 10.87
CA GLN K 465 39.44 9.58 10.32
C GLN K 465 39.45 9.62 8.80
N ALA K 466 39.30 10.81 8.22
CA ALA K 466 39.33 10.94 6.77
C ALA K 466 40.75 10.83 6.24
N ASN K 467 41.72 11.46 6.91
CA ASN K 467 43.11 11.36 6.48
C ASN K 467 43.55 9.90 6.47
N LEU K 468 43.09 9.12 7.44
CA LEU K 468 43.46 7.72 7.50
C LEU K 468 42.93 6.95 6.29
N TRP K 469 41.69 7.24 5.90
CA TRP K 469 41.11 6.55 4.76
C TRP K 469 41.69 7.05 3.44
N LYS K 470 41.91 8.36 3.35
CA LYS K 470 42.46 8.91 2.11
C LYS K 470 43.87 8.42 1.87
N SER K 471 44.67 8.27 2.94
CA SER K 471 46.03 7.77 2.78
C SER K 471 46.03 6.32 2.32
N PHE K 472 45.13 5.50 2.87
CA PHE K 472 45.01 4.12 2.41
C PHE K 472 44.59 4.06 0.96
N LEU K 473 43.66 4.93 0.57
CA LEU K 473 43.18 4.93 -0.81
C LEU K 473 44.29 5.30 -1.77
N TYR K 474 45.11 6.28 -1.41
CA TYR K 474 46.15 6.74 -2.31
C TYR K 474 47.16 5.63 -2.60
N SER K 475 47.87 5.18 -1.58
CA SER K 475 48.97 4.26 -1.79
C SER K 475 48.54 2.91 -2.34
N ASN K 476 47.26 2.56 -2.21
CA ASN K 476 46.80 1.24 -2.61
C ASN K 476 46.04 1.21 -3.93
N VAL K 477 45.54 2.34 -4.43
CA VAL K 477 45.00 2.34 -5.79
C VAL K 477 45.64 3.43 -6.62
N ALA K 478 45.81 4.63 -6.05
CA ALA K 478 46.23 5.78 -6.85
C ALA K 478 47.60 5.55 -7.48
N LEU K 479 48.55 5.00 -6.72
CA LEU K 479 49.89 4.80 -7.26
C LEU K 479 49.96 3.67 -8.26
N TYR K 480 48.90 2.87 -8.40
CA TYR K 480 48.91 1.74 -9.31
C TYR K 480 48.08 1.98 -10.56
N LEU K 481 47.77 3.24 -10.85
CA LEU K 481 47.07 3.56 -12.09
C LEU K 481 47.98 3.32 -13.29
N PRO K 482 47.42 3.03 -14.46
CA PRO K 482 48.24 2.80 -15.64
C PRO K 482 49.06 4.04 -15.99
N ASP K 483 50.23 3.81 -16.57
CA ASP K 483 51.22 4.87 -16.76
C ASP K 483 50.83 5.79 -17.91
N SER K 484 49.61 6.31 -17.82
CA SER K 484 49.16 7.40 -18.68
C SER K 484 48.49 8.50 -17.89
N TYR K 485 47.93 8.20 -16.73
CA TYR K 485 47.34 9.22 -15.87
C TYR K 485 48.41 9.96 -15.07
N LYS K 486 49.61 9.42 -15.01
CA LYS K 486 50.68 10.00 -14.22
C LYS K 486 51.60 10.84 -15.08
N TYR K 487 51.92 12.03 -14.60
CA TYR K 487 52.75 12.98 -15.32
C TYR K 487 54.09 13.12 -14.62
N THR K 488 55.15 13.22 -15.40
CA THR K 488 56.47 13.44 -14.84
C THR K 488 56.60 14.91 -14.44
N PRO K 489 57.04 15.20 -13.21
CA PRO K 489 57.15 16.59 -12.78
C PRO K 489 58.32 17.29 -13.45
N ALA K 490 58.52 18.54 -13.07
CA ALA K 490 59.61 19.32 -13.61
C ALA K 490 60.87 19.14 -12.77
N ASN K 491 62.01 19.46 -13.37
CA ASN K 491 63.33 19.40 -12.71
C ASN K 491 63.66 17.99 -12.25
N VAL K 492 63.16 16.98 -12.96
CA VAL K 492 63.53 15.59 -12.70
C VAL K 492 63.89 14.94 -14.03
N LYS K 493 64.72 13.90 -13.95
CA LYS K 493 65.15 13.15 -15.11
C LYS K 493 64.75 11.69 -14.94
N LEU K 494 64.28 11.09 -16.02
CA LEU K 494 63.81 9.72 -15.98
C LEU K 494 64.49 8.90 -17.06
N PRO K 495 64.62 7.59 -16.86
CA PRO K 495 65.20 6.75 -17.92
C PRO K 495 64.30 6.65 -19.13
N ALA K 496 64.77 5.95 -20.16
CA ALA K 496 64.00 5.85 -21.41
C ALA K 496 62.88 4.83 -21.29
N ASN K 497 63.23 3.57 -21.04
CA ASN K 497 62.24 2.51 -21.08
C ASN K 497 61.31 2.57 -19.86
N THR K 498 60.06 2.19 -20.08
CA THR K 498 59.03 2.25 -19.06
C THR K 498 59.21 1.18 -17.97
N ASN K 499 60.00 0.15 -18.22
CA ASN K 499 60.11 -0.96 -17.30
C ASN K 499 61.20 -0.76 -16.25
N THR K 500 61.97 0.33 -16.33
CA THR K 500 62.96 0.60 -15.30
C THR K 500 62.27 0.91 -13.98
N TYR K 501 62.96 0.62 -12.87
CA TYR K 501 62.39 0.93 -11.58
C TYR K 501 62.23 2.43 -11.39
N GLU K 502 63.22 3.22 -11.84
CA GLU K 502 63.15 4.67 -11.67
C GLU K 502 61.95 5.26 -12.38
N TYR K 503 61.68 4.80 -13.60
CA TYR K 503 60.59 5.38 -14.37
C TYR K 503 59.25 5.16 -13.68
N MET K 504 58.96 3.93 -13.29
CA MET K 504 57.71 3.65 -12.60
C MET K 504 57.76 4.02 -11.12
N ASN K 505 58.76 4.78 -10.70
CA ASN K 505 58.85 5.29 -9.35
C ASN K 505 59.10 6.79 -9.28
N GLY K 506 59.76 7.36 -10.30
CA GLY K 506 60.02 8.78 -10.30
C GLY K 506 58.90 9.58 -10.96
N ARG K 507 57.79 8.92 -11.27
CA ARG K 507 56.68 9.55 -11.97
C ARG K 507 55.53 9.73 -10.98
N VAL K 508 55.01 10.95 -10.88
CA VAL K 508 54.08 11.30 -9.82
C VAL K 508 52.65 11.09 -10.30
N VAL K 509 51.74 10.95 -9.33
CA VAL K 509 50.32 10.72 -9.59
C VAL K 509 49.53 11.79 -8.85
N ALA K 510 48.54 12.37 -9.52
CA ALA K 510 47.70 13.36 -8.88
C ALA K 510 46.81 12.68 -7.84
N PRO K 511 46.87 13.08 -6.58
CA PRO K 511 46.03 12.42 -5.57
C PRO K 511 44.55 12.54 -5.83
N SER K 512 44.10 13.66 -6.39
CA SER K 512 42.67 13.87 -6.64
C SER K 512 42.13 12.97 -7.72
N LEU K 513 42.99 12.24 -8.43
CA LEU K 513 42.51 11.35 -9.49
C LEU K 513 41.59 10.28 -8.92
N VAL K 514 41.95 9.71 -7.79
CA VAL K 514 41.06 8.84 -7.02
C VAL K 514 41.17 9.29 -5.57
N ASP K 515 40.20 10.10 -5.14
CA ASP K 515 40.19 10.70 -3.83
C ASP K 515 39.14 10.01 -2.97
N ALA K 516 38.89 10.56 -1.78
CA ALA K 516 37.90 9.98 -0.88
C ALA K 516 36.49 10.11 -1.42
N TYR K 517 36.27 10.88 -2.47
CA TYR K 517 34.92 11.14 -2.98
C TYR K 517 34.60 10.39 -4.26
N ILE K 518 35.43 9.42 -4.67
CA ILE K 518 35.17 8.72 -5.91
C ILE K 518 34.14 7.62 -5.66
N ASN K 519 33.09 7.61 -6.48
CA ASN K 519 32.08 6.56 -6.46
C ASN K 519 31.55 6.34 -5.05
N ILE K 520 31.25 7.43 -4.37
CA ILE K 520 30.84 7.37 -2.97
C ILE K 520 29.60 6.49 -2.84
N GLY K 521 29.65 5.54 -1.91
CA GLY K 521 28.56 4.65 -1.68
C GLY K 521 28.38 3.57 -2.73
N ALA K 522 29.30 3.43 -3.66
CA ALA K 522 29.18 2.48 -4.75
C ALA K 522 30.27 1.43 -4.66
N ARG K 523 29.94 0.22 -5.10
CA ARG K 523 30.91 -0.88 -5.12
C ARG K 523 31.61 -0.95 -6.47
N TRP K 524 32.13 0.19 -6.93
CA TRP K 524 32.71 0.25 -8.25
C TRP K 524 34.16 -0.21 -8.22
N SER K 525 34.65 -0.65 -9.38
CA SER K 525 35.98 -1.21 -9.50
C SER K 525 36.98 -0.28 -10.16
N LEU K 526 36.62 1.00 -10.36
CA LEU K 526 37.52 2.00 -10.90
C LEU K 526 38.05 1.58 -12.28
N ASP K 527 37.12 1.56 -13.23
CA ASP K 527 37.32 1.12 -14.61
C ASP K 527 38.66 1.52 -15.24
N PRO K 528 39.18 2.74 -14.99
CA PRO K 528 40.54 3.02 -15.48
C PRO K 528 41.58 2.03 -15.00
N MET K 529 41.46 1.54 -13.77
CA MET K 529 42.37 0.57 -13.21
C MET K 529 41.72 -0.81 -13.10
N ASP K 530 40.90 -1.16 -14.08
CA ASP K 530 40.20 -2.43 -14.04
C ASP K 530 40.99 -3.54 -14.72
N ASN K 531 41.48 -3.28 -15.93
CA ASN K 531 42.20 -4.29 -16.70
C ASN K 531 43.69 -4.30 -16.41
N VAL K 532 44.15 -3.53 -15.43
CA VAL K 532 45.52 -3.64 -14.96
C VAL K 532 45.64 -4.90 -14.11
N ASN K 533 46.86 -5.43 -14.01
CA ASN K 533 47.05 -6.69 -13.32
C ASN K 533 46.78 -6.51 -11.83
N PRO K 534 45.88 -7.31 -11.24
CA PRO K 534 45.56 -7.13 -9.82
C PRO K 534 46.53 -7.81 -8.87
N PHE K 535 47.32 -8.77 -9.33
CA PHE K 535 48.23 -9.50 -8.46
C PHE K 535 49.60 -8.84 -8.38
N ASN K 536 49.68 -7.54 -8.60
CA ASN K 536 50.92 -6.77 -8.49
C ASN K 536 50.67 -5.70 -7.43
N HIS K 537 51.00 -6.00 -6.19
CA HIS K 537 50.57 -5.12 -5.12
C HIS K 537 51.33 -5.37 -3.82
N PRO K 538 51.58 -4.35 -3.00
CA PRO K 538 52.12 -4.62 -1.66
C PRO K 538 51.19 -5.48 -0.83
N ARG K 539 49.88 -5.36 -1.03
CA ARG K 539 48.92 -6.19 -0.31
C ARG K 539 48.61 -7.46 -1.09
N ASN K 540 49.65 -8.15 -1.52
CA ASN K 540 49.53 -9.46 -2.16
C ASN K 540 50.11 -10.46 -1.17
N ALA K 541 49.24 -10.96 -0.28
CA ALA K 541 49.71 -11.73 0.88
C ALA K 541 50.56 -12.92 0.45
N GLY K 542 50.24 -13.51 -0.70
CA GLY K 542 51.05 -14.62 -1.18
C GLY K 542 52.46 -14.20 -1.51
N LEU K 543 52.61 -13.10 -2.24
CA LEU K 543 53.93 -12.67 -2.68
C LEU K 543 54.77 -12.15 -1.53
N ARG K 544 54.20 -11.25 -0.71
CA ARG K 544 54.99 -10.68 0.37
C ARG K 544 55.40 -11.72 1.39
N TYR K 545 54.71 -12.85 1.42
CA TYR K 545 55.18 -13.97 2.25
C TYR K 545 56.43 -14.60 1.65
N ARG K 546 56.44 -14.80 0.34
CA ARG K 546 57.60 -15.40 -0.30
C ARG K 546 58.77 -14.45 -0.32
N SER K 547 58.52 -13.15 -0.47
CA SER K 547 59.61 -12.18 -0.45
C SER K 547 60.28 -12.15 0.92
N MET K 548 59.48 -12.13 1.99
CA MET K 548 60.05 -12.07 3.33
C MET K 548 60.58 -13.43 3.76
N LEU K 549 60.17 -14.50 3.08
CA LEU K 549 60.66 -15.83 3.44
C LEU K 549 62.15 -15.96 3.21
N LEU K 550 62.65 -15.41 2.10
CA LEU K 550 64.08 -15.47 1.84
C LEU K 550 64.85 -14.57 2.79
N GLY K 551 64.32 -13.39 3.08
CA GLY K 551 64.98 -12.48 3.99
C GLY K 551 64.55 -11.05 3.69
N ASN K 552 65.40 -10.11 4.12
CA ASN K 552 65.11 -8.69 3.97
C ASN K 552 66.29 -7.93 3.41
N GLY K 553 67.11 -8.57 2.58
CA GLY K 553 68.28 -7.92 2.02
C GLY K 553 68.45 -8.24 0.55
N ARG K 554 69.44 -7.60 -0.05
CA ARG K 554 69.73 -7.83 -1.46
C ARG K 554 70.41 -9.17 -1.66
N TYR K 555 71.37 -9.51 -0.80
CA TYR K 555 72.34 -10.58 -1.06
C TYR K 555 72.00 -11.86 -0.34
N VAL K 556 70.73 -12.22 -0.28
CA VAL K 556 70.28 -13.40 0.44
C VAL K 556 70.73 -14.67 -0.28
N PRO K 557 71.46 -15.55 0.40
CA PRO K 557 71.68 -16.90 -0.15
C PRO K 557 70.51 -17.80 0.22
N PHE K 558 70.18 -18.72 -0.68
CA PHE K 558 68.96 -19.49 -0.57
C PHE K 558 69.23 -20.98 -0.53
N HIS K 559 68.18 -21.73 -0.24
CA HIS K 559 68.23 -23.19 -0.17
C HIS K 559 66.80 -23.67 -0.36
N ILE K 560 66.49 -24.23 -1.53
CA ILE K 560 65.12 -24.53 -1.90
C ILE K 560 65.02 -25.98 -2.37
N GLN K 561 63.79 -26.50 -2.35
CA GLN K 561 63.50 -27.87 -2.74
C GLN K 561 62.39 -27.84 -3.80
N VAL K 562 62.77 -27.78 -5.06
CA VAL K 562 61.80 -27.73 -6.15
C VAL K 562 61.20 -29.13 -6.33
N PRO K 563 59.89 -29.27 -6.31
CA PRO K 563 59.27 -30.58 -6.50
C PRO K 563 59.18 -30.93 -7.99
N GLN K 564 58.91 -32.20 -8.24
CA GLN K 564 58.73 -32.70 -9.61
C GLN K 564 57.25 -32.64 -9.95
N LYS K 565 56.89 -31.83 -10.93
CA LYS K 565 55.49 -31.58 -11.22
C LYS K 565 55.11 -31.90 -12.67
N PHE K 566 55.93 -32.68 -13.37
CA PHE K 566 55.49 -33.24 -14.64
C PHE K 566 54.54 -34.40 -14.38
N PHE K 567 53.59 -34.61 -15.28
CA PHE K 567 52.45 -35.47 -14.97
C PHE K 567 52.73 -36.95 -15.11
N ALA K 568 53.56 -37.38 -16.05
CA ALA K 568 53.79 -38.81 -16.24
C ALA K 568 54.60 -39.40 -15.10
N ILE K 569 55.69 -38.72 -14.71
CA ILE K 569 56.61 -39.26 -13.72
C ILE K 569 56.39 -38.61 -12.36
N LYS K 570 55.21 -38.06 -12.11
CA LYS K 570 54.95 -37.49 -10.80
C LYS K 570 54.65 -38.57 -9.77
N ASN K 571 53.97 -39.64 -10.18
CA ASN K 571 53.39 -40.58 -9.24
C ASN K 571 53.63 -42.02 -9.65
N LEU K 572 54.63 -42.29 -10.48
CA LEU K 572 54.86 -43.67 -10.89
C LEU K 572 55.69 -44.40 -9.86
N LEU K 573 55.39 -45.67 -9.69
CA LEU K 573 56.08 -46.51 -8.71
C LEU K 573 57.30 -47.10 -9.40
N LEU K 574 58.46 -46.54 -9.08
CA LEU K 574 59.69 -46.91 -9.78
C LEU K 574 60.24 -48.23 -9.26
N LEU K 575 60.06 -49.29 -10.02
CA LEU K 575 60.53 -50.62 -9.64
C LEU K 575 62.04 -50.66 -9.67
N PRO K 576 62.66 -51.64 -9.00
CA PRO K 576 64.10 -51.54 -8.72
C PRO K 576 64.99 -51.74 -9.93
N GLY K 577 65.21 -50.68 -10.70
CA GLY K 577 66.22 -50.71 -11.73
C GLY K 577 67.41 -49.84 -11.37
N SER K 578 67.99 -49.16 -12.37
CA SER K 578 69.07 -48.20 -12.17
C SER K 578 68.95 -47.16 -13.28
N TYR K 579 68.25 -46.07 -12.98
CA TYR K 579 67.82 -45.12 -14.00
C TYR K 579 68.70 -43.89 -14.01
N THR K 580 68.55 -43.10 -15.06
CA THR K 580 69.18 -41.79 -15.16
C THR K 580 68.10 -40.72 -15.17
N TYR K 581 68.32 -39.65 -14.43
CA TYR K 581 67.28 -38.66 -14.16
C TYR K 581 67.89 -37.27 -14.32
N GLU K 582 67.83 -36.73 -15.53
CA GLU K 582 68.48 -35.47 -15.86
C GLU K 582 67.43 -34.40 -16.12
N TRP K 583 67.67 -33.20 -15.60
CA TRP K 583 66.75 -32.09 -15.80
C TRP K 583 67.53 -30.79 -15.91
N ASN K 584 66.95 -29.84 -16.64
CA ASN K 584 67.59 -28.55 -16.89
C ASN K 584 66.86 -27.48 -16.12
N PHE K 585 67.61 -26.64 -15.41
CA PHE K 585 67.04 -25.61 -14.55
C PHE K 585 67.28 -24.23 -15.16
N ARG K 586 66.23 -23.44 -15.24
CA ARG K 586 66.34 -22.11 -15.80
C ARG K 586 67.16 -21.21 -14.90
N LYS K 587 67.99 -20.38 -15.51
CA LYS K 587 68.80 -19.40 -14.77
C LYS K 587 68.44 -17.97 -15.17
N ASP K 588 67.32 -17.79 -15.85
CA ASP K 588 66.87 -16.47 -16.26
C ASP K 588 66.28 -15.77 -15.05
N VAL K 589 66.92 -14.68 -14.62
CA VAL K 589 66.45 -13.96 -13.44
C VAL K 589 65.04 -13.44 -13.65
N ASN K 590 64.76 -12.93 -14.85
CA ASN K 590 63.48 -12.31 -15.11
C ASN K 590 62.31 -13.28 -15.03
N MET K 591 62.58 -14.58 -15.08
CA MET K 591 61.48 -15.55 -15.05
C MET K 591 61.13 -15.95 -13.62
N ILE K 592 62.05 -16.59 -12.90
CA ILE K 592 61.78 -16.91 -11.51
C ILE K 592 62.34 -15.84 -10.59
N LEU K 593 61.75 -14.66 -10.58
CA LEU K 593 62.02 -13.68 -9.53
C LEU K 593 60.84 -12.76 -9.33
N GLN K 594 59.62 -13.29 -9.45
CA GLN K 594 58.40 -12.48 -9.45
C GLN K 594 58.48 -11.32 -8.48
N SER K 595 58.24 -10.12 -8.99
CA SER K 595 58.31 -8.91 -8.19
C SER K 595 56.96 -8.19 -8.23
N SER K 596 56.71 -7.41 -7.19
CA SER K 596 55.40 -6.78 -7.04
C SER K 596 55.17 -5.71 -8.09
N LEU K 597 56.16 -4.83 -8.29
CA LEU K 597 55.97 -3.73 -9.22
C LEU K 597 55.85 -4.20 -10.66
N GLY K 598 56.30 -5.41 -10.98
CA GLY K 598 56.22 -5.88 -12.34
C GLY K 598 57.20 -5.23 -13.29
N ASN K 599 58.29 -4.66 -12.79
CA ASN K 599 59.28 -4.03 -13.63
C ASN K 599 60.13 -5.11 -14.30
N ASP K 600 61.20 -4.70 -14.96
CA ASP K 600 62.08 -5.63 -15.65
C ASP K 600 63.35 -5.82 -14.81
N LEU K 601 63.69 -7.09 -14.57
CA LEU K 601 64.78 -7.41 -13.66
C LEU K 601 66.11 -7.68 -14.34
N ARG K 602 66.10 -8.00 -15.64
CA ARG K 602 67.37 -8.17 -16.34
C ARG K 602 68.14 -6.86 -16.39
N VAL K 603 67.45 -5.75 -16.68
CA VAL K 603 68.12 -4.45 -16.71
C VAL K 603 68.62 -4.08 -15.33
N ASP K 604 67.81 -4.32 -14.30
CA ASP K 604 68.25 -4.08 -12.93
C ASP K 604 69.31 -5.10 -12.55
N GLY K 605 70.11 -4.74 -11.54
CA GLY K 605 71.25 -5.57 -11.21
C GLY K 605 70.89 -6.86 -10.48
N ALA K 606 69.90 -7.58 -10.99
CA ALA K 606 69.45 -8.82 -10.39
C ALA K 606 70.09 -10.00 -11.10
N SER K 607 70.47 -11.01 -10.32
CA SER K 607 71.12 -12.19 -10.88
C SER K 607 71.04 -13.33 -9.89
N VAL K 608 71.30 -14.53 -10.39
CA VAL K 608 71.35 -15.73 -9.56
C VAL K 608 72.55 -16.56 -9.99
N ARG K 609 72.88 -17.56 -9.18
CA ARG K 609 73.83 -18.59 -9.57
C ARG K 609 73.52 -19.84 -8.76
N PHE K 610 73.55 -20.98 -9.42
CA PHE K 610 73.25 -22.24 -8.77
C PHE K 610 74.56 -22.84 -8.25
N ASP K 611 74.76 -22.76 -6.94
CA ASP K 611 75.98 -23.30 -6.35
C ASP K 611 76.06 -24.81 -6.56
N SER K 612 74.99 -25.53 -6.24
CA SER K 612 74.98 -26.97 -6.36
C SER K 612 73.55 -27.47 -6.23
N VAL K 613 73.24 -28.56 -6.91
CA VAL K 613 71.94 -29.20 -6.83
C VAL K 613 72.14 -30.63 -6.34
N ASN K 614 71.07 -31.21 -5.84
CA ASN K 614 71.10 -32.58 -5.34
C ASN K 614 69.73 -33.20 -5.53
N LEU K 615 69.69 -34.53 -5.51
CA LEU K 615 68.44 -35.27 -5.62
C LEU K 615 68.24 -36.01 -4.30
N TYR K 616 67.09 -35.80 -3.68
CA TYR K 616 66.74 -36.48 -2.44
C TYR K 616 65.57 -37.40 -2.69
N ALA K 617 65.73 -38.66 -2.29
CA ALA K 617 64.67 -39.65 -2.44
C ALA K 617 64.50 -40.36 -1.12
N THR K 618 63.26 -40.76 -0.82
CA THR K 618 62.95 -41.52 0.38
C THR K 618 62.20 -42.78 0.01
N PHE K 619 62.64 -43.90 0.58
CA PHE K 619 62.08 -45.21 0.29
C PHE K 619 61.31 -45.72 1.50
N PHE K 620 60.12 -46.23 1.27
CA PHE K 620 59.38 -46.88 2.34
C PHE K 620 60.07 -48.19 2.69
N PRO K 621 60.51 -48.39 3.92
CA PRO K 621 61.27 -49.60 4.25
C PRO K 621 60.39 -50.84 4.26
N MET K 622 59.79 -51.15 3.11
CA MET K 622 58.94 -52.32 3.00
C MET K 622 59.78 -53.58 3.15
N ALA K 623 59.17 -54.60 3.76
CA ALA K 623 59.87 -55.86 3.95
C ALA K 623 60.24 -56.48 2.61
N HIS K 624 61.43 -57.06 2.56
CA HIS K 624 61.92 -57.62 1.29
C HIS K 624 61.06 -58.80 0.85
N ASN K 625 60.37 -59.43 1.80
CA ASN K 625 59.49 -60.53 1.44
C ASN K 625 58.33 -60.06 0.57
N THR K 626 57.75 -58.90 0.90
CA THR K 626 56.60 -58.42 0.17
C THR K 626 56.97 -57.41 -0.91
N ALA K 627 58.08 -56.68 -0.74
CA ALA K 627 58.52 -55.78 -1.79
C ALA K 627 58.89 -56.54 -3.05
N SER K 628 59.25 -57.78 -2.94
CA SER K 628 59.48 -58.52 -4.14
C SER K 628 58.26 -58.96 -4.77
N THR K 629 57.23 -59.29 -4.04
CA THR K 629 56.06 -59.67 -4.72
C THR K 629 55.54 -58.54 -5.43
N LEU K 630 55.61 -57.36 -4.89
CA LEU K 630 54.98 -56.31 -5.61
C LEU K 630 55.68 -56.14 -6.81
N GLU K 631 56.96 -56.21 -6.80
CA GLU K 631 57.63 -55.90 -7.97
C GLU K 631 57.27 -56.85 -8.91
N ALA K 632 57.23 -58.06 -8.58
CA ALA K 632 56.89 -58.93 -9.61
C ALA K 632 55.55 -58.74 -10.17
N MET K 633 54.54 -58.53 -9.39
CA MET K 633 53.30 -58.29 -10.06
C MET K 633 53.32 -57.04 -10.85
N LEU K 634 53.82 -55.96 -10.38
CA LEU K 634 53.78 -54.78 -11.13
C LEU K 634 54.60 -54.89 -12.35
N ARG K 635 55.40 -55.90 -12.50
CA ARG K 635 56.09 -56.03 -13.76
C ARG K 635 55.48 -57.04 -14.68
N ASN K 636 54.17 -57.08 -14.81
CA ASN K 636 53.48 -58.00 -15.69
C ASN K 636 52.71 -57.02 -16.50
N ASP K 637 52.33 -57.31 -17.71
CA ASP K 637 51.71 -56.33 -18.57
C ASP K 637 50.41 -55.80 -18.20
N THR K 638 49.56 -56.62 -17.67
CA THR K 638 48.26 -56.20 -17.38
C THR K 638 48.33 -55.12 -16.42
N HIS K 639 49.21 -55.16 -15.47
CA HIS K 639 49.26 -54.05 -14.62
C HIS K 639 50.28 -53.07 -14.95
N ASP K 640 49.91 -51.97 -15.59
CA ASP K 640 50.85 -50.94 -15.86
C ASP K 640 50.33 -49.63 -15.54
N GLN K 641 50.99 -49.01 -14.63
CA GLN K 641 50.44 -47.75 -14.15
C GLN K 641 50.21 -46.79 -15.31
N SER K 642 49.17 -45.97 -15.18
CA SER K 642 48.81 -45.02 -16.21
C SER K 642 48.19 -43.80 -15.56
N PHE K 643 48.65 -42.62 -15.95
CA PHE K 643 48.22 -41.36 -15.35
C PHE K 643 47.77 -40.41 -16.45
N ASN K 644 46.96 -39.44 -16.06
CA ASN K 644 46.45 -38.44 -16.99
C ASN K 644 46.77 -37.05 -16.48
N ASP K 645 47.21 -36.19 -17.38
CA ASP K 645 47.44 -34.79 -17.02
C ASP K 645 46.13 -34.19 -16.54
N TYR K 646 46.20 -33.44 -15.44
CA TYR K 646 44.97 -32.91 -14.84
C TYR K 646 44.27 -31.96 -15.80
N LEU K 647 45.00 -30.98 -16.31
CA LEU K 647 44.39 -30.05 -17.26
C LEU K 647 44.04 -30.77 -18.56
N SER K 648 44.89 -31.50 -19.17
CA SER K 648 44.61 -32.12 -20.41
C SER K 648 44.10 -31.26 -21.43
N ALA K 649 44.93 -30.42 -21.98
CA ALA K 649 44.46 -29.66 -23.04
C ALA K 649 45.51 -29.03 -23.79
N ALA K 650 45.25 -28.74 -25.03
CA ALA K 650 46.21 -28.25 -25.89
C ALA K 650 46.18 -26.82 -25.92
N ASN K 651 47.13 -26.19 -25.37
CA ASN K 651 47.06 -24.82 -25.29
C ASN K 651 47.56 -24.17 -26.47
N MET K 652 46.77 -23.31 -27.08
CA MET K 652 47.25 -22.56 -28.20
C MET K 652 46.91 -21.15 -27.98
N LEU K 653 47.85 -20.26 -28.11
CA LEU K 653 47.63 -18.87 -27.91
C LEU K 653 47.63 -18.05 -29.19
N TYR K 654 46.48 -17.55 -29.63
CA TYR K 654 46.36 -16.85 -30.86
C TYR K 654 46.53 -15.37 -30.62
N PRO K 655 46.72 -14.51 -31.66
CA PRO K 655 46.99 -13.13 -31.33
C PRO K 655 45.90 -12.15 -31.45
N ILE K 656 45.85 -11.03 -30.71
CA ILE K 656 44.82 -10.02 -30.94
C ILE K 656 45.50 -8.67 -31.06
N PRO K 657 45.45 -8.02 -32.21
CA PRO K 657 46.19 -6.76 -32.38
C PRO K 657 45.68 -5.68 -31.44
N ALA K 658 46.44 -4.60 -31.36
CA ALA K 658 46.07 -3.49 -30.50
C ALA K 658 44.83 -2.79 -31.03
N LYS K 659 43.99 -2.33 -30.11
CA LYS K 659 42.77 -1.58 -30.45
C LYS K 659 41.87 -2.38 -31.39
N ALA K 660 41.93 -3.70 -31.31
CA ALA K 660 41.24 -4.56 -32.24
C ALA K 660 39.97 -5.14 -31.63
N THR K 661 39.24 -5.87 -32.47
CA THR K 661 37.98 -6.49 -32.11
C THR K 661 38.11 -7.97 -32.49
N ASN K 662 36.96 -8.63 -32.64
CA ASN K 662 36.84 -10.08 -32.74
C ASN K 662 38.02 -10.78 -33.42
N VAL K 663 38.53 -11.81 -32.77
CA VAL K 663 39.62 -12.62 -33.30
C VAL K 663 39.02 -13.89 -33.89
N PRO K 664 39.12 -14.12 -35.18
CA PRO K 664 38.62 -15.36 -35.75
C PRO K 664 39.70 -16.43 -35.81
N ILE K 665 39.33 -17.69 -35.64
CA ILE K 665 40.27 -18.80 -35.66
C ILE K 665 39.65 -19.96 -36.42
N SER K 666 40.48 -20.69 -37.15
CA SER K 666 40.04 -21.80 -37.97
C SER K 666 40.95 -23.01 -37.73
N ILE K 667 40.33 -24.16 -37.56
CA ILE K 667 41.03 -25.43 -37.37
C ILE K 667 40.79 -26.28 -38.62
N PRO K 668 41.84 -26.70 -39.34
CA PRO K 668 41.62 -27.57 -40.49
C PRO K 668 40.99 -28.87 -40.06
N SER K 669 40.27 -29.48 -40.99
CA SER K 669 39.40 -30.60 -40.66
C SER K 669 40.17 -31.75 -40.02
N ARG K 670 39.63 -32.27 -38.92
CA ARG K 670 40.19 -33.41 -38.22
C ARG K 670 39.09 -33.99 -37.35
N ASN K 671 39.28 -35.23 -36.92
CA ASN K 671 38.24 -35.91 -36.14
C ASN K 671 38.45 -35.62 -34.65
N TRP K 672 37.35 -35.29 -33.98
CA TRP K 672 37.38 -34.96 -32.56
C TRP K 672 36.91 -36.20 -31.79
N ALA K 673 37.83 -37.17 -31.69
CA ALA K 673 37.44 -38.49 -31.21
C ALA K 673 36.89 -38.44 -29.80
N ALA K 674 37.62 -37.82 -28.87
CA ALA K 674 37.16 -37.65 -27.50
C ALA K 674 37.49 -36.22 -27.11
N PHE K 675 36.59 -35.30 -27.42
CA PHE K 675 36.79 -33.87 -27.20
C PHE K 675 35.92 -33.44 -26.05
N ARG K 676 36.54 -32.91 -24.99
CA ARG K 676 35.80 -32.61 -23.78
C ARG K 676 35.18 -31.21 -23.77
N GLY K 677 35.76 -30.25 -24.49
CA GLY K 677 35.18 -28.93 -24.54
C GLY K 677 36.26 -27.89 -24.76
N TRP K 678 35.89 -26.63 -24.58
CA TRP K 678 36.78 -25.50 -24.77
C TRP K 678 37.03 -24.80 -23.45
N SER K 679 38.01 -23.90 -23.46
CA SER K 679 38.30 -23.01 -22.36
C SER K 679 39.15 -21.88 -22.90
N PHE K 680 38.92 -20.65 -22.44
CA PHE K 680 39.64 -19.52 -23.00
C PHE K 680 39.70 -18.39 -21.99
N THR K 681 40.75 -17.59 -22.12
CA THR K 681 40.94 -16.38 -21.34
C THR K 681 41.87 -15.48 -22.14
N ARG K 682 41.83 -14.18 -21.85
CA ARG K 682 42.57 -13.18 -22.59
C ARG K 682 43.83 -12.83 -21.82
N LEU K 683 44.98 -12.91 -22.48
CA LEU K 683 46.26 -12.64 -21.88
C LEU K 683 46.91 -11.44 -22.57
N LYS K 684 47.55 -10.59 -21.79
CA LYS K 684 48.28 -9.47 -22.35
C LYS K 684 49.62 -9.95 -22.90
N THR K 685 50.00 -9.42 -24.07
CA THR K 685 51.20 -9.92 -24.73
C THR K 685 52.46 -9.63 -23.92
N LYS K 686 52.52 -8.45 -23.30
CA LYS K 686 53.73 -8.05 -22.60
C LYS K 686 54.06 -8.99 -21.45
N GLU K 687 53.04 -9.55 -20.81
CA GLU K 687 53.21 -10.39 -19.63
C GLU K 687 53.07 -11.87 -19.96
N THR K 688 53.60 -12.28 -21.10
CA THR K 688 53.60 -13.70 -21.45
C THR K 688 54.86 -14.06 -22.22
N PRO K 689 55.63 -15.03 -21.76
CA PRO K 689 56.85 -15.42 -22.46
C PRO K 689 56.52 -16.15 -23.75
N SER K 690 57.49 -16.14 -24.67
CA SER K 690 57.33 -16.89 -25.90
C SER K 690 57.23 -18.37 -25.61
N LEU K 691 56.13 -18.98 -26.07
CA LEU K 691 55.84 -20.37 -25.72
C LEU K 691 56.91 -21.30 -26.27
N GLY K 692 57.36 -22.22 -25.43
CA GLY K 692 58.30 -23.25 -25.85
C GLY K 692 59.66 -22.73 -26.27
N SER K 693 60.21 -21.79 -25.51
CA SER K 693 61.52 -21.22 -25.82
C SER K 693 62.41 -21.30 -24.58
N GLY K 694 63.69 -21.58 -24.80
CA GLY K 694 64.63 -21.60 -23.69
C GLY K 694 64.82 -20.24 -23.06
N PHE K 695 64.79 -19.19 -23.87
CA PHE K 695 65.00 -17.83 -23.40
C PHE K 695 64.56 -16.86 -24.48
N ASP K 696 63.71 -15.89 -24.12
CA ASP K 696 63.20 -14.93 -25.09
C ASP K 696 63.56 -13.52 -24.63
N PRO K 697 64.30 -12.75 -25.42
CA PRO K 697 64.77 -11.45 -24.97
C PRO K 697 63.74 -10.33 -25.07
N TYR K 698 62.53 -10.61 -25.55
CA TYR K 698 61.47 -9.62 -25.60
C TYR K 698 60.57 -9.67 -24.39
N PHE K 699 60.89 -10.51 -23.40
CA PHE K 699 60.07 -10.65 -22.20
C PHE K 699 60.62 -9.76 -21.10
N VAL K 700 60.41 -8.45 -21.27
CA VAL K 700 60.84 -7.46 -20.28
C VAL K 700 59.64 -7.27 -19.34
N TYR K 701 59.54 -8.16 -18.36
CA TYR K 701 58.45 -8.13 -17.38
C TYR K 701 58.76 -9.15 -16.31
N SER K 702 58.44 -8.83 -15.06
CA SER K 702 58.74 -9.71 -13.95
C SER K 702 57.57 -10.03 -13.05
N GLY K 703 56.45 -9.33 -13.17
CA GLY K 703 55.29 -9.61 -12.34
C GLY K 703 54.72 -10.98 -12.63
N SER K 704 53.54 -11.23 -12.08
CA SER K 704 52.91 -12.53 -12.24
C SER K 704 52.63 -12.79 -13.71
N ILE K 705 52.79 -14.05 -14.11
CA ILE K 705 52.55 -14.46 -15.49
C ILE K 705 51.26 -15.28 -15.52
N PRO K 706 50.15 -14.70 -15.96
CA PRO K 706 48.89 -15.46 -15.93
C PRO K 706 48.92 -16.71 -16.77
N TYR K 707 49.86 -16.81 -17.71
CA TYR K 707 49.84 -17.93 -18.64
C TYR K 707 50.05 -19.26 -17.92
N LEU K 708 50.97 -19.32 -16.98
CA LEU K 708 51.40 -20.60 -16.46
C LEU K 708 51.28 -20.73 -14.94
N ASP K 709 50.62 -19.80 -14.26
CA ASP K 709 50.37 -19.97 -12.84
C ASP K 709 48.92 -19.71 -12.45
N GLY K 710 48.03 -19.49 -13.42
CA GLY K 710 46.62 -19.38 -13.13
C GLY K 710 46.23 -18.14 -12.35
N THR K 711 46.51 -16.97 -12.91
CA THR K 711 46.14 -15.70 -12.32
C THR K 711 45.44 -14.83 -13.36
N PHE K 712 44.49 -15.42 -14.07
CA PHE K 712 43.81 -14.72 -15.14
C PHE K 712 42.91 -13.63 -14.58
N TYR K 713 42.86 -12.50 -15.26
CA TYR K 713 42.06 -11.38 -14.82
C TYR K 713 41.33 -10.65 -15.93
N LEU K 714 41.50 -11.04 -17.19
CA LEU K 714 40.91 -10.33 -18.31
C LEU K 714 39.72 -11.05 -18.93
N ASN K 715 39.25 -12.14 -18.33
CA ASN K 715 38.14 -12.84 -18.95
C ASN K 715 36.82 -12.12 -18.78
N HIS K 716 36.82 -10.88 -18.29
CA HIS K 716 35.61 -10.09 -18.19
C HIS K 716 35.42 -9.16 -19.37
N THR K 717 36.20 -9.34 -20.45
CA THR K 717 36.13 -8.46 -21.60
C THR K 717 35.73 -9.21 -22.87
N PHE K 718 35.07 -10.35 -22.72
CA PHE K 718 34.54 -11.08 -23.85
C PHE K 718 33.08 -10.72 -24.05
N LYS K 719 32.63 -10.74 -25.31
CA LYS K 719 31.24 -10.44 -25.61
C LYS K 719 30.50 -11.63 -26.20
N LYS K 720 30.95 -12.19 -27.31
CA LYS K 720 30.19 -13.26 -27.93
C LYS K 720 31.14 -14.28 -28.56
N VAL K 721 30.87 -15.56 -28.30
CA VAL K 721 31.65 -16.65 -28.84
C VAL K 721 30.75 -17.43 -29.78
N SER K 722 31.20 -17.60 -31.02
CA SER K 722 30.41 -18.29 -32.04
C SER K 722 31.19 -19.50 -32.52
N ILE K 723 30.54 -20.66 -32.52
CA ILE K 723 31.17 -21.92 -32.90
C ILE K 723 30.44 -22.47 -34.12
N MET K 724 31.21 -22.83 -35.14
CA MET K 724 30.65 -23.40 -36.36
C MET K 724 31.50 -24.58 -36.78
N PHE K 725 30.88 -25.72 -37.02
CA PHE K 725 31.55 -26.91 -37.52
C PHE K 725 31.45 -26.89 -39.04
N ASP K 726 32.58 -26.70 -39.70
CA ASP K 726 32.67 -26.60 -41.17
C ASP K 726 31.52 -25.78 -41.75
N SER K 727 31.29 -24.61 -41.15
CA SER K 727 30.26 -23.66 -41.58
C SER K 727 28.87 -24.27 -41.59
N SER K 728 28.64 -25.33 -40.83
CA SER K 728 27.32 -25.91 -40.69
C SER K 728 26.52 -25.07 -39.71
N VAL K 729 25.41 -25.63 -39.24
CA VAL K 729 24.72 -25.02 -38.12
C VAL K 729 25.66 -25.02 -36.92
N SER K 730 25.51 -24.01 -36.07
CA SER K 730 26.40 -23.85 -34.92
C SER K 730 26.33 -25.07 -34.02
N TRP K 731 27.46 -25.44 -33.44
CA TRP K 731 27.48 -26.58 -32.53
C TRP K 731 26.55 -26.43 -31.33
N PRO K 732 26.49 -25.27 -30.62
CA PRO K 732 25.77 -25.22 -29.34
C PRO K 732 24.43 -25.93 -29.35
N GLY K 733 23.86 -26.09 -30.53
CA GLY K 733 22.76 -27.00 -30.70
C GLY K 733 21.79 -26.47 -31.71
N ASN K 734 20.58 -27.04 -31.67
CA ASN K 734 19.53 -26.64 -32.59
C ASN K 734 18.93 -25.31 -32.15
N ASP K 735 18.37 -25.26 -30.95
CA ASP K 735 17.87 -24.00 -30.40
C ASP K 735 18.13 -23.96 -28.89
N ARG K 736 19.29 -24.43 -28.46
CA ARG K 736 19.53 -24.57 -27.04
C ARG K 736 19.65 -23.24 -26.31
N LEU K 737 19.84 -22.14 -27.02
CA LEU K 737 20.17 -20.88 -26.36
C LEU K 737 19.13 -19.81 -26.66
N LEU K 738 18.95 -18.91 -25.69
CA LEU K 738 18.01 -17.81 -25.85
C LEU K 738 18.36 -16.98 -27.08
N THR K 739 19.61 -16.56 -27.19
CA THR K 739 20.08 -16.00 -28.44
C THR K 739 20.10 -17.10 -29.50
N PRO K 740 19.78 -16.76 -30.74
CA PRO K 740 19.51 -17.81 -31.73
C PRO K 740 20.70 -18.69 -32.07
N ASN K 741 21.83 -18.10 -32.48
CA ASN K 741 22.87 -18.91 -33.10
C ASN K 741 24.27 -18.53 -32.62
N GLU K 742 24.45 -18.27 -31.33
CA GLU K 742 25.76 -17.94 -30.79
C GLU K 742 25.69 -17.95 -29.27
N PHE K 743 26.85 -17.83 -28.65
CA PHE K 743 26.93 -17.64 -27.21
C PHE K 743 27.09 -16.16 -26.92
N GLU K 744 26.28 -15.65 -25.99
CA GLU K 744 26.28 -14.24 -25.65
C GLU K 744 26.80 -14.06 -24.24
N ILE K 745 27.78 -13.18 -24.09
CA ILE K 745 28.30 -12.78 -22.80
C ILE K 745 28.30 -11.25 -22.75
N LYS K 746 28.29 -10.71 -21.54
CA LYS K 746 28.49 -9.28 -21.33
C LYS K 746 27.61 -8.45 -22.25
N ARG K 747 26.32 -8.78 -22.28
CA ARG K 747 25.37 -8.06 -23.11
C ARG K 747 25.13 -6.69 -22.49
N SER K 748 26.15 -5.83 -22.58
CA SER K 748 26.22 -4.64 -21.73
C SER K 748 25.55 -3.42 -22.34
N VAL K 749 25.66 -3.24 -23.65
CA VAL K 749 25.18 -2.01 -24.28
C VAL K 749 23.71 -1.82 -23.97
N ASP K 750 22.90 -2.85 -24.20
CA ASP K 750 21.48 -2.82 -23.89
C ASP K 750 20.92 -4.22 -24.07
N GLY K 751 20.04 -4.59 -23.15
CA GLY K 751 19.36 -5.87 -23.24
C GLY K 751 17.93 -5.75 -22.78
N GLU K 752 16.99 -6.09 -23.65
CA GLU K 752 15.58 -5.89 -23.34
C GLU K 752 15.15 -6.75 -22.16
N GLY K 753 15.55 -8.01 -22.14
CA GLY K 753 15.16 -8.88 -21.05
C GLY K 753 16.17 -9.94 -20.64
N TYR K 754 17.44 -9.77 -21.00
CA TYR K 754 18.45 -10.80 -20.76
C TYR K 754 19.58 -10.23 -19.92
N ASN K 755 19.52 -10.48 -18.62
CA ASN K 755 20.58 -10.14 -17.68
C ASN K 755 20.38 -11.01 -16.45
N VAL K 756 21.41 -11.07 -15.61
CA VAL K 756 21.35 -11.92 -14.42
C VAL K 756 22.14 -11.27 -13.30
N ALA K 757 21.65 -11.45 -12.08
CA ALA K 757 22.37 -11.08 -10.86
C ALA K 757 22.69 -9.59 -10.79
N GLN K 758 21.80 -8.76 -11.35
CA GLN K 758 21.99 -7.31 -11.37
C GLN K 758 23.33 -6.95 -11.99
N CYS K 759 23.71 -7.64 -13.06
CA CYS K 759 24.91 -7.32 -13.80
C CYS K 759 24.60 -7.36 -15.29
N ASN K 760 25.63 -7.33 -16.14
CA ASN K 760 25.42 -7.30 -17.57
C ASN K 760 25.77 -8.63 -18.25
N MET K 761 25.71 -9.74 -17.51
CA MET K 761 25.92 -11.04 -18.12
C MET K 761 24.67 -11.43 -18.91
N THR K 762 24.63 -12.68 -19.36
CA THR K 762 23.50 -13.17 -20.11
C THR K 762 22.83 -14.30 -19.33
N LYS K 763 21.51 -14.39 -19.47
CA LYS K 763 20.76 -15.39 -18.72
C LYS K 763 21.13 -16.79 -19.15
N ASP K 764 21.60 -16.96 -20.38
CA ASP K 764 22.04 -18.27 -20.84
C ASP K 764 23.50 -18.54 -20.55
N TRP K 765 24.36 -17.52 -20.61
CA TRP K 765 25.76 -17.72 -20.28
C TRP K 765 25.94 -18.07 -18.81
N PHE K 766 25.16 -17.42 -17.94
CA PHE K 766 25.17 -17.80 -16.53
C PHE K 766 24.71 -19.25 -16.37
N LEU K 767 23.67 -19.63 -17.11
CA LEU K 767 23.18 -21.00 -17.03
C LEU K 767 24.24 -21.99 -17.48
N VAL K 768 24.96 -21.67 -18.56
CA VAL K 768 26.00 -22.57 -19.05
C VAL K 768 27.13 -22.68 -18.05
N GLN K 769 27.58 -21.53 -17.51
CA GLN K 769 28.75 -21.54 -16.66
C GLN K 769 28.50 -22.32 -15.38
N MET K 770 27.36 -22.06 -14.73
CA MET K 770 27.03 -22.81 -13.52
C MET K 770 26.75 -24.26 -13.85
N LEU K 771 26.38 -24.56 -15.09
CA LEU K 771 26.08 -25.93 -15.46
C LEU K 771 27.36 -26.74 -15.66
N SER K 772 28.42 -26.10 -16.14
CA SER K 772 29.65 -26.82 -16.39
C SER K 772 30.41 -27.10 -15.10
N HIS K 773 30.31 -26.19 -14.13
CA HIS K 773 31.10 -26.34 -12.91
C HIS K 773 30.38 -27.19 -11.87
N TYR K 774 29.16 -26.80 -11.49
CA TYR K 774 28.48 -27.45 -10.38
C TYR K 774 27.20 -28.16 -10.77
N ASN K 775 26.87 -28.22 -12.07
CA ASN K 775 25.67 -28.87 -12.56
C ASN K 775 24.39 -28.25 -12.01
N ILE K 776 24.46 -27.03 -11.48
CA ILE K 776 23.29 -26.37 -10.89
C ILE K 776 22.63 -25.56 -12.00
N GLY K 777 21.87 -26.26 -12.84
CA GLY K 777 21.21 -25.54 -13.91
C GLY K 777 19.72 -25.73 -14.08
N TYR K 778 19.20 -26.90 -13.71
CA TYR K 778 17.85 -27.27 -14.09
C TYR K 778 16.90 -27.41 -12.91
N GLN K 779 17.40 -27.81 -11.74
CA GLN K 779 16.60 -27.85 -10.53
C GLN K 779 16.66 -26.56 -9.76
N GLY K 780 16.87 -25.44 -10.44
CA GLY K 780 16.98 -24.15 -9.80
C GLY K 780 18.40 -23.83 -9.36
N PHE K 781 18.65 -22.55 -9.17
CA PHE K 781 19.97 -22.09 -8.79
C PHE K 781 20.09 -22.02 -7.27
N HIS K 782 21.27 -22.32 -6.77
CA HIS K 782 21.58 -22.16 -5.35
C HIS K 782 23.09 -22.09 -5.20
N VAL K 783 23.53 -21.53 -4.09
CA VAL K 783 24.97 -21.45 -3.85
C VAL K 783 25.54 -22.86 -3.69
N PRO K 784 26.58 -23.22 -4.43
CA PRO K 784 27.08 -24.59 -4.37
C PRO K 784 27.79 -24.88 -3.05
N GLU K 785 27.96 -26.17 -2.78
CA GLU K 785 28.58 -26.59 -1.54
C GLU K 785 30.03 -26.14 -1.48
N GLY K 786 30.53 -25.98 -0.25
CA GLY K 786 31.89 -25.47 -0.07
C GLY K 786 32.95 -26.37 -0.68
N TYR K 787 32.81 -27.68 -0.47
CA TYR K 787 33.81 -28.60 -1.01
C TYR K 787 33.82 -28.60 -2.53
N LYS K 788 32.68 -28.32 -3.15
CA LYS K 788 32.57 -28.34 -4.60
C LYS K 788 32.90 -26.99 -5.22
N ASP K 789 33.15 -25.97 -4.42
CA ASP K 789 33.46 -24.63 -4.89
C ASP K 789 34.88 -24.28 -4.44
N ARG K 790 35.83 -24.45 -5.34
CA ARG K 790 37.23 -24.21 -5.04
C ARG K 790 37.55 -22.73 -5.24
N MET K 791 38.84 -22.38 -5.23
CA MET K 791 39.23 -20.98 -5.40
C MET K 791 39.43 -20.60 -6.86
N TYR K 792 39.42 -21.57 -7.77
CA TYR K 792 39.48 -21.29 -9.20
C TYR K 792 38.15 -21.49 -9.89
N SER K 793 37.06 -21.57 -9.14
CA SER K 793 35.75 -21.84 -9.70
C SER K 793 34.97 -20.55 -9.93
N PHE K 794 33.88 -20.68 -10.67
CA PHE K 794 33.16 -19.52 -11.16
C PHE K 794 32.50 -18.74 -10.04
N PHE K 795 31.75 -19.43 -9.19
CA PHE K 795 30.90 -18.72 -8.23
C PHE K 795 31.73 -18.05 -7.15
N ARG K 796 32.89 -18.60 -6.81
CA ARG K 796 33.74 -17.99 -5.79
C ARG K 796 34.23 -16.62 -6.24
N ASN K 797 34.54 -16.46 -7.52
CA ASN K 797 35.16 -15.24 -8.03
C ASN K 797 34.24 -14.35 -8.84
N PHE K 798 32.94 -14.60 -8.84
CA PHE K 798 32.02 -13.79 -9.62
C PHE K 798 31.49 -12.63 -8.78
N GLN K 799 31.76 -11.40 -9.21
CA GLN K 799 31.41 -10.20 -8.47
C GLN K 799 30.72 -9.18 -9.37
N PRO K 800 29.42 -8.99 -9.24
CA PRO K 800 28.74 -7.92 -9.99
C PRO K 800 28.79 -6.59 -9.25
N MET K 801 28.68 -5.52 -10.03
CA MET K 801 28.78 -4.17 -9.48
C MET K 801 28.15 -3.19 -10.45
N SER K 802 27.83 -1.99 -9.94
CA SER K 802 27.16 -0.98 -10.73
C SER K 802 27.22 0.36 -10.01
N ARG K 803 27.34 1.44 -10.78
CA ARG K 803 27.40 2.78 -10.23
C ARG K 803 26.46 3.68 -11.02
N GLN K 804 26.46 4.97 -10.68
CA GLN K 804 25.39 5.89 -11.04
C GLN K 804 25.95 7.22 -11.56
N VAL K 805 26.83 7.17 -12.56
CA VAL K 805 27.37 8.42 -13.10
C VAL K 805 26.25 9.35 -13.56
N VAL K 806 26.57 10.65 -13.58
CA VAL K 806 25.61 11.68 -13.95
C VAL K 806 25.52 11.72 -15.47
N ASP K 807 24.34 11.44 -16.01
CA ASP K 807 24.16 11.51 -17.45
C ASP K 807 24.17 12.97 -17.90
N GLU K 808 24.79 13.21 -19.05
CA GLU K 808 24.93 14.56 -19.58
C GLU K 808 23.90 14.90 -20.64
N ILE K 809 23.34 13.90 -21.32
CA ILE K 809 22.38 14.17 -22.39
C ILE K 809 21.11 14.78 -21.84
N ASN K 810 20.61 14.26 -20.72
CA ASN K 810 19.33 14.71 -20.18
C ASN K 810 19.45 15.75 -19.09
N TYR K 811 20.62 15.90 -18.48
CA TYR K 811 20.79 16.91 -17.45
C TYR K 811 20.74 18.29 -18.08
N LYS K 812 20.05 19.21 -17.40
CA LYS K 812 19.88 20.56 -17.93
C LYS K 812 21.22 21.24 -18.15
N ASP K 813 21.98 21.44 -17.07
CA ASP K 813 23.23 22.19 -17.11
C ASP K 813 24.35 21.30 -16.59
N TYR K 814 25.05 20.65 -17.50
CA TYR K 814 26.20 19.81 -17.18
C TYR K 814 27.43 20.39 -17.85
N LYS K 815 28.49 20.58 -17.07
CA LYS K 815 29.74 21.15 -17.57
C LYS K 815 30.87 20.19 -17.20
N ALA K 816 31.35 19.43 -18.18
CA ALA K 816 32.41 18.46 -17.94
C ALA K 816 33.71 19.20 -17.64
N VAL K 817 34.16 19.13 -16.38
CA VAL K 817 35.38 19.79 -15.94
C VAL K 817 36.48 18.76 -15.84
N THR K 818 37.62 19.06 -16.46
CA THR K 818 38.74 18.13 -16.46
C THR K 818 39.42 18.13 -15.10
N LEU K 819 40.26 17.12 -14.88
CA LEU K 819 40.95 16.96 -13.60
C LEU K 819 41.77 18.19 -13.18
N PRO K 820 42.55 18.84 -14.05
CA PRO K 820 43.34 19.98 -13.57
C PRO K 820 42.50 21.16 -13.11
N PHE K 821 41.23 21.23 -13.47
CA PHE K 821 40.41 22.37 -13.11
C PHE K 821 39.43 22.10 -11.98
N GLN K 822 39.00 20.85 -11.80
CA GLN K 822 38.09 20.53 -10.72
C GLN K 822 38.79 20.67 -9.37
N HIS K 823 38.09 21.26 -8.39
CA HIS K 823 38.66 21.49 -7.08
C HIS K 823 37.70 21.04 -6.00
N ASN K 824 38.15 20.09 -5.19
CA ASN K 824 37.41 19.66 -4.01
C ASN K 824 38.38 19.56 -2.86
N ASN K 825 37.89 19.87 -1.66
CA ASN K 825 38.69 19.80 -0.44
C ASN K 825 39.93 20.68 -0.56
N SER K 826 39.82 21.77 -1.32
CA SER K 826 40.96 22.61 -1.60
C SER K 826 41.42 23.34 -0.34
N GLY K 827 42.63 23.87 -0.40
CA GLY K 827 43.22 24.58 0.72
C GLY K 827 43.73 23.69 1.83
N PHE K 828 43.24 22.46 1.93
CA PHE K 828 43.66 21.52 2.96
C PHE K 828 44.34 20.30 2.38
N THR K 829 44.82 20.38 1.14
CA THR K 829 45.44 19.24 0.48
C THR K 829 46.41 19.78 -0.58
N GLY K 830 47.09 18.85 -1.24
CA GLY K 830 48.03 19.22 -2.28
C GLY K 830 47.34 19.53 -3.59
N TYR K 831 48.16 19.91 -4.58
CA TYR K 831 47.66 20.25 -5.91
C TYR K 831 48.34 19.34 -6.93
N LEU K 832 47.58 18.37 -7.42
CA LEU K 832 48.01 17.44 -8.46
C LEU K 832 49.23 16.63 -8.09
N ALA K 833 49.66 16.67 -6.82
CA ALA K 833 50.82 15.91 -6.39
C ALA K 833 50.76 15.75 -4.89
N PRO K 834 51.16 14.61 -4.35
CA PRO K 834 51.14 14.45 -2.90
C PRO K 834 52.20 15.30 -2.22
N THR K 835 52.04 16.61 -2.29
CA THR K 835 53.01 17.55 -1.77
C THR K 835 52.36 18.37 -0.65
N MET K 836 53.08 19.40 -0.21
CA MET K 836 52.60 20.25 0.86
C MET K 836 51.27 20.90 0.48
N ARG K 837 50.36 20.98 1.45
CA ARG K 837 49.03 21.52 1.18
C ARG K 837 49.11 22.96 0.72
N GLN K 838 48.33 23.29 -0.30
CA GLN K 838 48.31 24.65 -0.82
C GLN K 838 46.91 24.95 -1.31
N GLY K 839 46.45 26.16 -1.05
CA GLY K 839 45.15 26.56 -1.52
C GLY K 839 44.46 27.44 -0.50
N GLN K 840 43.19 27.76 -0.78
CA GLN K 840 42.35 28.50 0.13
C GLN K 840 41.19 27.68 0.22
N PRO K 841 40.37 27.92 1.21
CA PRO K 841 39.24 27.02 1.18
C PRO K 841 38.15 27.64 0.36
N TYR K 842 37.28 26.92 -0.30
CA TYR K 842 36.18 27.51 -1.02
C TYR K 842 35.20 26.46 -1.26
N PRO K 843 34.04 26.81 -1.71
CA PRO K 843 33.18 25.71 -1.93
C PRO K 843 33.72 24.85 -2.98
N ALA K 844 33.36 23.60 -3.05
CA ALA K 844 33.83 22.68 -4.04
C ALA K 844 33.02 22.56 -5.23
N ASN K 845 33.41 21.72 -6.19
CA ASN K 845 32.60 21.68 -7.40
C ASN K 845 32.62 20.36 -8.16
N PHE K 846 33.61 19.48 -7.95
CA PHE K 846 33.74 18.34 -8.84
C PHE K 846 32.67 17.27 -8.62
N PRO K 847 32.57 16.65 -7.44
CA PRO K 847 31.66 15.49 -7.33
C PRO K 847 30.21 15.91 -7.42
N TYR K 848 29.56 15.61 -8.54
CA TYR K 848 28.16 15.97 -8.68
C TYR K 848 27.31 15.17 -7.71
N PRO K 849 26.43 15.80 -6.95
CA PRO K 849 25.67 15.07 -5.95
C PRO K 849 24.69 14.11 -6.60
N LEU K 850 24.38 13.03 -5.87
CA LEU K 850 23.41 12.05 -6.35
C LEU K 850 22.33 11.75 -5.32
N ILE K 851 22.29 12.49 -4.22
CA ILE K 851 21.35 12.24 -3.13
C ILE K 851 20.83 13.58 -2.61
N GLY K 852 19.84 13.50 -1.72
CA GLY K 852 19.30 14.68 -1.11
C GLY K 852 18.28 15.39 -1.98
N GLN K 853 17.99 16.63 -1.60
CA GLN K 853 17.03 17.43 -2.35
C GLN K 853 17.53 17.69 -3.77
N THR K 854 18.80 18.06 -3.90
CA THR K 854 19.43 18.24 -5.19
C THR K 854 19.97 16.90 -5.65
N ALA K 855 19.32 16.31 -6.65
CA ALA K 855 19.50 14.92 -7.01
C ALA K 855 19.64 14.77 -8.52
N VAL K 856 20.57 15.53 -9.11
CA VAL K 856 20.77 15.64 -10.55
C VAL K 856 20.59 14.29 -11.25
N PRO K 857 19.89 14.25 -12.37
CA PRO K 857 19.57 12.96 -12.99
C PRO K 857 20.81 12.20 -13.40
N SER K 858 20.70 10.88 -13.43
CA SER K 858 21.85 10.01 -13.61
C SER K 858 21.48 8.81 -14.46
N VAL K 859 22.50 8.17 -15.02
CA VAL K 859 22.36 6.95 -15.79
C VAL K 859 23.25 5.89 -15.15
N THR K 860 22.77 4.64 -15.14
CA THR K 860 23.41 3.57 -14.41
C THR K 860 24.12 2.62 -15.35
N GLN K 861 25.38 2.33 -15.05
CA GLN K 861 26.18 1.39 -15.82
C GLN K 861 26.61 0.26 -14.89
N LYS K 862 26.34 -0.98 -15.30
CA LYS K 862 26.70 -2.15 -14.53
C LYS K 862 27.83 -2.89 -15.20
N LYS K 863 28.44 -3.79 -14.45
CA LYS K 863 29.65 -4.48 -14.87
C LYS K 863 29.88 -5.64 -13.93
N PHE K 864 30.87 -6.47 -14.24
CA PHE K 864 31.24 -7.57 -13.37
C PHE K 864 32.69 -7.94 -13.59
N LEU K 865 33.32 -8.45 -12.53
CA LEU K 865 34.69 -8.91 -12.57
C LEU K 865 34.73 -10.41 -12.31
N CYS K 866 35.63 -11.10 -12.99
CA CYS K 866 35.78 -12.54 -12.81
C CYS K 866 37.25 -12.89 -12.99
N ASP K 867 37.95 -13.08 -11.87
CA ASP K 867 39.38 -13.36 -11.89
C ASP K 867 39.64 -14.83 -11.59
N ARG K 868 40.86 -15.26 -11.88
CA ARG K 868 41.33 -16.61 -11.59
C ARG K 868 40.43 -17.69 -12.15
N VAL K 869 39.67 -17.39 -13.20
CA VAL K 869 38.70 -18.34 -13.74
C VAL K 869 38.78 -18.31 -15.26
N MET K 870 38.68 -19.50 -15.86
CA MET K 870 38.65 -19.64 -17.30
C MET K 870 37.23 -19.97 -17.75
N TRP K 871 36.72 -19.23 -18.72
CA TRP K 871 35.41 -19.55 -19.27
C TRP K 871 35.43 -20.97 -19.82
N ARG K 872 34.34 -21.70 -19.60
CA ARG K 872 34.27 -23.10 -19.97
C ARG K 872 33.02 -23.34 -20.79
N ILE K 873 33.17 -24.09 -21.87
CA ILE K 873 32.06 -24.50 -22.72
C ILE K 873 32.17 -26.00 -22.94
N PRO K 874 31.61 -26.80 -22.04
CA PRO K 874 31.76 -28.26 -22.17
C PRO K 874 31.12 -28.77 -23.45
N PHE K 875 31.80 -29.74 -24.07
CA PHE K 875 31.33 -30.33 -25.31
C PHE K 875 30.37 -31.45 -24.94
N SER K 876 29.18 -31.06 -24.48
CA SER K 876 28.15 -32.02 -24.13
C SER K 876 26.82 -31.49 -24.63
N SER K 877 25.86 -32.42 -24.75
CA SER K 877 24.55 -32.04 -25.27
C SER K 877 23.83 -31.07 -24.34
N ASN K 878 23.88 -31.33 -23.03
CA ASN K 878 23.19 -30.51 -22.05
C ASN K 878 24.14 -29.78 -21.13
N PHE K 879 25.41 -29.66 -21.51
CA PHE K 879 26.42 -28.90 -20.77
C PHE K 879 26.66 -29.46 -19.37
N MET K 880 26.28 -30.71 -19.10
CA MET K 880 26.48 -31.26 -17.78
C MET K 880 27.82 -31.97 -17.72
N SER K 881 28.07 -32.68 -16.63
CA SER K 881 29.31 -33.41 -16.39
C SER K 881 29.00 -34.85 -16.05
N MET K 882 28.16 -35.48 -16.86
CA MET K 882 27.75 -36.85 -16.62
C MET K 882 28.92 -37.84 -16.70
N GLY K 883 30.04 -37.42 -17.28
CA GLY K 883 31.22 -38.26 -17.28
C GLY K 883 32.41 -37.52 -17.83
N ALA K 884 33.59 -38.06 -17.55
CA ALA K 884 34.82 -37.46 -18.08
C ALA K 884 34.85 -37.55 -19.59
N LEU K 885 34.46 -38.69 -20.14
CA LEU K 885 34.34 -38.86 -21.59
C LEU K 885 32.93 -38.45 -21.99
N THR K 886 32.80 -37.29 -22.62
CA THR K 886 31.50 -36.72 -22.90
C THR K 886 30.69 -37.62 -23.82
N ASP K 887 29.38 -37.43 -23.81
CA ASP K 887 28.52 -38.23 -24.67
C ASP K 887 28.59 -37.76 -26.11
N LEU K 888 28.71 -36.44 -26.32
CA LEU K 888 28.77 -35.91 -27.68
C LEU K 888 30.11 -36.22 -28.33
N GLY K 889 31.19 -36.16 -27.56
CA GLY K 889 32.50 -36.51 -28.07
C GLY K 889 32.72 -38.01 -28.04
N GLN K 890 31.63 -38.74 -28.26
CA GLN K 890 31.65 -40.19 -28.33
C GLN K 890 30.76 -40.70 -29.45
N ASN K 891 29.91 -39.87 -30.02
CA ASN K 891 29.01 -40.26 -31.09
C ASN K 891 29.79 -40.60 -32.35
N MET K 892 29.19 -41.43 -33.19
CA MET K 892 29.82 -41.79 -34.46
C MET K 892 30.02 -40.57 -35.35
N LEU K 893 29.15 -39.56 -35.22
CA LEU K 893 29.22 -38.41 -36.10
C LEU K 893 30.53 -37.66 -35.92
N TYR K 894 31.03 -37.57 -34.69
CA TYR K 894 32.24 -36.82 -34.42
C TYR K 894 33.48 -37.68 -34.34
N ALA K 895 33.34 -38.95 -34.00
CA ALA K 895 34.49 -39.84 -33.82
C ALA K 895 34.73 -40.74 -35.03
N ASN K 896 34.01 -40.54 -36.13
CA ASN K 896 34.23 -41.35 -37.32
C ASN K 896 34.22 -40.50 -38.58
N SER K 897 34.59 -39.23 -38.47
CA SER K 897 34.66 -38.34 -39.61
C SER K 897 35.43 -37.10 -39.18
N ALA K 898 35.83 -36.30 -40.15
CA ALA K 898 36.60 -35.10 -39.91
C ALA K 898 35.72 -33.87 -40.10
N HIS K 899 35.74 -32.97 -39.14
CA HIS K 899 34.96 -31.74 -39.19
C HIS K 899 35.87 -30.55 -38.96
N ALA K 900 35.65 -29.49 -39.71
CA ALA K 900 36.41 -28.26 -39.53
C ALA K 900 35.90 -27.55 -38.27
N LEU K 901 36.38 -26.34 -38.03
CA LEU K 901 35.93 -25.58 -36.87
C LEU K 901 36.29 -24.12 -37.06
N ASP K 902 35.31 -23.23 -36.93
CA ASP K 902 35.51 -21.80 -37.03
C ASP K 902 34.93 -21.14 -35.79
N MET K 903 35.71 -20.27 -35.15
CA MET K 903 35.27 -19.60 -33.93
C MET K 903 35.61 -18.12 -34.00
N THR K 904 34.68 -17.29 -33.55
CA THR K 904 34.86 -15.85 -33.45
C THR K 904 34.55 -15.43 -32.02
N PHE K 905 35.21 -14.39 -31.54
CA PHE K 905 35.17 -14.12 -30.11
C PHE K 905 34.71 -12.72 -29.71
N GLU K 906 34.75 -11.74 -30.60
CA GLU K 906 34.18 -10.41 -30.34
C GLU K 906 34.66 -9.86 -28.99
N VAL K 907 35.94 -9.61 -28.91
CA VAL K 907 36.56 -9.18 -27.68
C VAL K 907 36.45 -7.66 -27.55
N ASP K 908 36.47 -7.18 -26.31
CA ASP K 908 36.43 -5.74 -26.08
C ASP K 908 37.72 -5.07 -26.57
N PRO K 909 37.63 -3.85 -27.06
CA PRO K 909 38.82 -3.17 -27.63
C PRO K 909 39.79 -2.64 -26.60
N MET K 910 40.67 -3.51 -26.12
CA MET K 910 41.78 -3.07 -25.29
C MET K 910 42.80 -2.32 -26.13
N ASP K 911 43.55 -1.44 -25.48
CA ASP K 911 44.46 -0.54 -26.19
C ASP K 911 45.89 -1.06 -26.28
N GLU K 912 46.14 -2.28 -25.80
CA GLU K 912 47.48 -2.83 -25.85
C GLU K 912 47.46 -4.21 -26.47
N PRO K 913 48.56 -4.62 -27.10
CA PRO K 913 48.58 -5.95 -27.73
C PRO K 913 48.29 -7.04 -26.72
N THR K 914 47.49 -8.01 -27.14
CA THR K 914 47.09 -9.12 -26.28
C THR K 914 46.92 -10.35 -27.16
N LEU K 915 46.53 -11.46 -26.49
CA LEU K 915 46.41 -12.78 -27.09
C LEU K 915 45.38 -13.66 -26.46
N LEU K 916 44.43 -14.25 -27.16
CA LEU K 916 43.51 -15.17 -26.58
C LEU K 916 44.22 -16.42 -26.25
N TYR K 917 43.76 -17.24 -25.34
CA TYR K 917 44.41 -18.43 -24.96
C TYR K 917 43.51 -19.60 -24.90
N LEU K 918 43.06 -20.15 -25.99
CA LEU K 918 42.12 -21.22 -25.95
C LEU K 918 42.80 -22.46 -25.50
N LEU K 919 42.14 -23.35 -24.79
CA LEU K 919 42.68 -24.57 -24.39
C LEU K 919 41.62 -25.43 -24.89
N PHE K 920 41.89 -26.36 -25.73
CA PHE K 920 40.88 -27.13 -26.24
C PHE K 920 41.12 -28.27 -25.38
N GLU K 921 40.14 -28.73 -24.66
CA GLU K 921 40.31 -29.78 -23.75
C GLU K 921 40.41 -31.03 -24.48
N VAL K 922 41.20 -31.93 -24.00
CA VAL K 922 41.49 -33.19 -24.68
C VAL K 922 41.69 -34.28 -23.64
N PHE K 923 42.06 -35.48 -24.09
CA PHE K 923 42.45 -36.57 -23.21
C PHE K 923 43.94 -36.78 -23.35
N ASP K 924 44.64 -36.85 -22.22
CA ASP K 924 46.10 -36.94 -22.21
C ASP K 924 46.49 -38.08 -21.27
N VAL K 925 46.89 -39.22 -21.83
CA VAL K 925 47.11 -40.43 -21.04
C VAL K 925 48.49 -40.99 -21.36
N VAL K 926 49.01 -41.80 -20.44
CA VAL K 926 50.24 -42.54 -20.61
C VAL K 926 49.99 -44.00 -20.22
N ARG K 927 50.99 -44.84 -20.44
CA ARG K 927 50.98 -46.23 -19.96
C ARG K 927 52.42 -46.62 -19.69
N VAL K 928 52.86 -46.46 -18.45
CA VAL K 928 54.25 -46.73 -18.09
C VAL K 928 54.38 -48.21 -17.79
N HIS K 929 55.30 -48.86 -18.49
CA HIS K 929 55.46 -50.31 -18.42
C HIS K 929 56.94 -50.60 -18.23
N GLN K 930 57.28 -51.31 -17.16
CA GLN K 930 58.66 -51.62 -16.82
C GLN K 930 58.83 -53.12 -16.73
N PRO K 931 59.14 -53.78 -17.85
CA PRO K 931 59.13 -55.26 -17.83
C PRO K 931 60.29 -55.87 -17.08
N HIS K 932 61.50 -55.36 -17.27
CA HIS K 932 62.67 -55.97 -16.67
C HIS K 932 63.36 -55.01 -15.70
N ARG K 933 64.51 -55.40 -15.19
CA ARG K 933 65.22 -54.58 -14.22
C ARG K 933 65.92 -53.43 -14.94
N GLY K 934 65.48 -52.21 -14.68
CA GLY K 934 66.12 -51.04 -15.26
C GLY K 934 65.61 -50.64 -16.62
N VAL K 935 64.31 -50.79 -16.88
CA VAL K 935 63.71 -50.45 -18.16
C VAL K 935 62.44 -49.66 -17.92
N ILE K 936 62.34 -48.48 -18.52
CA ILE K 936 61.11 -47.69 -18.52
C ILE K 936 60.73 -47.41 -19.96
N GLU K 937 59.46 -47.61 -20.29
CA GLU K 937 58.97 -47.34 -21.62
C GLU K 937 57.48 -47.06 -21.56
N ALA K 938 57.07 -45.95 -22.17
CA ALA K 938 55.69 -45.51 -22.08
C ALA K 938 55.19 -45.07 -23.44
N VAL K 939 53.90 -45.26 -23.68
CA VAL K 939 53.25 -44.79 -24.90
C VAL K 939 52.22 -43.74 -24.51
N TYR K 940 52.19 -42.65 -25.24
CA TYR K 940 51.35 -41.50 -24.91
C TYR K 940 50.15 -41.46 -25.84
N LEU K 941 49.21 -40.59 -25.51
CA LEU K 941 48.01 -40.44 -26.34
C LEU K 941 47.36 -39.10 -26.00
N ARG K 942 47.25 -38.22 -26.99
CA ARG K 942 46.39 -37.06 -26.93
C ARG K 942 45.33 -37.25 -27.99
N THR K 943 44.09 -37.39 -27.58
CA THR K 943 43.11 -37.98 -28.49
C THR K 943 42.58 -37.01 -29.55
N PRO K 944 42.20 -35.78 -29.21
CA PRO K 944 41.83 -34.84 -30.28
C PRO K 944 43.01 -34.23 -31.01
N PHE K 945 44.08 -33.88 -30.29
CA PHE K 945 45.23 -33.20 -30.87
C PHE K 945 46.47 -34.03 -30.58
N SER K 946 46.74 -35.01 -31.44
CA SER K 946 47.83 -35.94 -31.19
C SER K 946 49.12 -35.47 -31.83
N ALA K 947 50.21 -35.68 -31.11
CA ALA K 947 51.55 -35.57 -31.67
C ALA K 947 52.12 -36.94 -32.02
N GLY K 948 51.31 -37.99 -31.95
CA GLY K 948 51.79 -39.33 -32.16
C GLY K 948 52.22 -39.58 -33.59
N ASN K 949 52.90 -40.70 -33.77
CA ASN K 949 53.52 -41.06 -35.04
C ASN K 949 52.97 -42.38 -35.54
N ALA K 950 52.83 -42.49 -36.86
CA ALA K 950 52.35 -43.71 -37.49
C ALA K 950 53.37 -44.83 -37.31
N THR K 951 53.02 -46.00 -37.84
CA THR K 951 53.87 -47.17 -37.70
C THR K 951 55.10 -47.02 -38.58
N THR K 952 56.18 -46.48 -38.01
CA THR K 952 57.44 -46.35 -38.73
C THR K 952 57.96 -47.76 -39.06
N PRO L 4 -3.59 -47.77 17.93
CA PRO L 4 -3.70 -47.05 16.65
C PRO L 4 -2.55 -46.09 16.42
N SER L 5 -1.39 -46.61 16.04
CA SER L 5 -0.25 -45.77 15.69
C SER L 5 -0.32 -45.21 14.29
N MET L 6 -1.21 -45.74 13.44
CA MET L 6 -1.35 -45.29 12.07
C MET L 6 -2.81 -45.04 11.77
N MET L 7 -3.13 -43.81 11.38
CA MET L 7 -4.45 -43.48 10.90
C MET L 7 -4.44 -43.42 9.38
N PRO L 8 -5.51 -43.85 8.71
CA PRO L 8 -5.51 -43.86 7.24
C PRO L 8 -5.14 -42.51 6.62
N GLN L 9 -5.59 -41.41 7.20
CA GLN L 9 -5.22 -40.10 6.67
C GLN L 9 -3.71 -39.86 6.82
N TRP L 10 -3.10 -40.46 7.83
CA TRP L 10 -1.66 -40.25 8.04
C TRP L 10 -0.84 -41.04 7.02
N ALA L 11 -1.21 -42.30 6.78
CA ALA L 11 -0.46 -43.11 5.83
C ALA L 11 -0.60 -42.59 4.42
N TYR L 12 -1.78 -42.06 4.08
CA TYR L 12 -2.00 -41.51 2.74
C TYR L 12 -1.14 -40.26 2.51
N MET L 13 -1.04 -39.40 3.51
CA MET L 13 -0.26 -38.17 3.38
C MET L 13 1.20 -38.35 3.79
N HIS L 14 1.61 -39.57 4.11
CA HIS L 14 3.01 -39.89 4.43
C HIS L 14 3.48 -39.13 5.67
N ILE L 15 2.68 -39.20 6.73
CA ILE L 15 3.13 -38.81 8.06
C ILE L 15 3.63 -40.01 8.84
N ALA L 16 3.14 -41.20 8.53
CA ALA L 16 3.66 -42.44 9.11
C ALA L 16 3.45 -43.55 8.10
N GLY L 17 4.20 -44.63 8.25
CA GLY L 17 4.06 -45.75 7.34
C GLY L 17 5.30 -45.98 6.50
N GLN L 18 5.11 -46.45 5.27
CA GLN L 18 6.24 -46.78 4.42
C GLN L 18 6.97 -45.53 3.96
N ASP L 19 8.27 -45.66 3.77
CA ASP L 19 9.10 -44.58 3.26
C ASP L 19 9.10 -44.62 1.74
N ALA L 20 9.74 -43.62 1.13
CA ALA L 20 9.65 -43.44 -0.31
C ALA L 20 10.27 -44.61 -1.07
N SER L 21 11.26 -45.26 -0.47
CA SER L 21 11.90 -46.37 -1.16
C SER L 21 10.96 -47.57 -1.31
N GLU L 22 9.81 -47.55 -0.64
CA GLU L 22 8.90 -48.68 -0.63
C GLU L 22 7.61 -48.42 -1.39
N TYR L 23 6.90 -47.33 -1.07
CA TYR L 23 5.58 -47.15 -1.67
C TYR L 23 5.65 -46.72 -3.13
N LEU L 24 6.75 -46.14 -3.57
CA LEU L 24 6.89 -45.85 -4.99
C LEU L 24 6.88 -47.14 -5.79
N SER L 25 6.38 -47.06 -7.01
CA SER L 25 6.39 -48.23 -7.87
C SER L 25 7.83 -48.64 -8.18
N PRO L 26 8.08 -49.94 -8.36
CA PRO L 26 9.46 -50.38 -8.62
C PRO L 26 10.08 -49.75 -9.84
N GLY L 27 9.26 -49.35 -10.83
CA GLY L 27 9.81 -48.68 -11.99
C GLY L 27 10.46 -47.35 -11.64
N LEU L 28 9.80 -46.57 -10.79
CA LEU L 28 10.35 -45.26 -10.45
C LEU L 28 11.61 -45.37 -9.61
N VAL L 29 11.61 -46.25 -8.61
CA VAL L 29 12.77 -46.36 -7.73
C VAL L 29 14.01 -46.74 -8.53
N GLN L 30 13.86 -47.70 -9.45
CA GLN L 30 14.96 -48.04 -10.33
C GLN L 30 15.35 -46.86 -11.21
N PHE L 31 14.35 -46.13 -11.72
CA PHE L 31 14.64 -44.95 -12.52
C PHE L 31 15.38 -43.89 -11.72
N ALA L 32 14.85 -43.52 -10.56
CA ALA L 32 15.44 -42.43 -9.80
C ALA L 32 16.84 -42.75 -9.31
N ARG L 33 17.11 -44.03 -9.04
CA ARG L 33 18.48 -44.41 -8.71
C ARG L 33 19.40 -44.21 -9.90
N ALA L 34 18.91 -44.51 -11.11
CA ALA L 34 19.75 -44.39 -12.30
C ALA L 34 20.09 -42.93 -12.59
N THR L 35 19.08 -42.10 -12.85
CA THR L 35 19.30 -40.71 -13.20
C THR L 35 19.37 -39.88 -11.93
N ASP L 36 20.52 -39.95 -11.26
CA ASP L 36 20.72 -39.18 -10.05
C ASP L 36 21.98 -38.33 -10.05
N THR L 37 22.99 -38.67 -10.84
CA THR L 37 24.09 -37.75 -11.06
C THR L 37 23.58 -36.45 -11.66
N TYR L 38 22.53 -36.53 -12.45
CA TYR L 38 21.85 -35.39 -13.04
C TYR L 38 20.36 -35.58 -12.82
N PHE L 39 19.64 -34.47 -12.65
CA PHE L 39 18.18 -34.47 -12.59
C PHE L 39 17.69 -35.40 -11.47
N SER L 40 18.01 -35.01 -10.25
CA SER L 40 17.62 -35.78 -9.08
C SER L 40 16.11 -35.69 -8.84
N LEU L 41 15.55 -36.78 -8.32
CA LEU L 41 14.13 -36.85 -7.99
C LEU L 41 13.90 -37.17 -6.52
N GLY L 42 14.91 -36.98 -5.67
CA GLY L 42 14.82 -37.45 -4.31
C GLY L 42 14.39 -36.41 -3.29
N ASN L 43 13.96 -35.24 -3.73
CA ASN L 43 13.49 -34.22 -2.81
C ASN L 43 12.02 -33.91 -3.01
N LYS L 44 11.31 -34.76 -3.74
CA LYS L 44 9.89 -34.55 -4.01
C LYS L 44 9.00 -35.58 -3.35
N PHE L 45 9.51 -36.76 -3.04
CA PHE L 45 8.76 -37.79 -2.33
C PHE L 45 9.27 -37.84 -0.90
N ARG L 46 8.45 -37.39 0.03
CA ARG L 46 8.84 -37.37 1.44
C ARG L 46 8.57 -38.72 2.07
N ASN L 47 9.37 -39.05 3.09
CA ASN L 47 9.29 -40.34 3.74
C ASN L 47 9.21 -40.14 5.25
N PRO L 48 8.32 -40.84 5.94
CA PRO L 48 8.08 -40.56 7.35
C PRO L 48 9.25 -40.99 8.22
N THR L 49 9.38 -40.30 9.36
CA THR L 49 10.32 -40.68 10.42
C THR L 49 9.55 -40.56 11.74
N VAL L 50 8.89 -41.64 12.15
CA VAL L 50 8.16 -41.65 13.41
C VAL L 50 9.16 -41.89 14.53
N ALA L 51 8.72 -41.71 15.76
CA ALA L 51 9.58 -41.89 16.91
C ALA L 51 9.15 -43.12 17.70
N PRO L 52 10.08 -43.77 18.42
CA PRO L 52 9.70 -44.94 19.20
C PRO L 52 8.75 -44.56 20.33
N THR L 53 7.90 -45.49 20.68
CA THR L 53 6.81 -45.21 21.62
C THR L 53 6.85 -46.09 22.86
N HIS L 54 7.26 -47.35 22.75
CA HIS L 54 6.99 -48.31 23.81
C HIS L 54 7.84 -48.05 25.04
N ASP L 55 9.16 -48.16 24.92
CA ASP L 55 10.02 -48.21 26.09
C ASP L 55 11.24 -47.32 25.93
N VAL L 56 11.01 -46.06 25.56
CA VAL L 56 12.07 -45.06 25.54
C VAL L 56 11.90 -44.04 26.63
N THR L 57 10.79 -44.07 27.36
CA THR L 57 10.57 -43.12 28.45
C THR L 57 9.63 -43.76 29.45
N THR L 58 9.67 -43.25 30.67
CA THR L 58 8.88 -43.78 31.77
C THR L 58 7.74 -42.84 32.10
N ASP L 59 6.89 -43.29 33.02
CA ASP L 59 5.74 -42.51 33.47
C ASP L 59 5.66 -42.41 34.98
N ARG L 60 6.65 -42.92 35.71
CA ARG L 60 6.59 -42.95 37.16
C ARG L 60 7.10 -41.65 37.77
N SER L 61 6.65 -40.52 37.23
CA SER L 61 6.82 -39.20 37.84
C SER L 61 8.14 -39.03 38.57
N GLN L 62 9.25 -39.23 37.88
CA GLN L 62 10.56 -39.19 38.52
C GLN L 62 11.33 -37.95 38.09
N ARG L 63 12.24 -37.52 38.95
CA ARG L 63 13.01 -36.31 38.72
C ARG L 63 13.88 -36.47 37.48
N LEU L 64 14.40 -35.34 36.99
CA LEU L 64 15.27 -35.33 35.82
C LEU L 64 16.67 -34.84 36.12
N THR L 65 16.80 -33.82 36.98
CA THR L 65 18.10 -33.22 37.30
C THR L 65 18.21 -33.17 38.82
N LEU L 66 18.81 -34.20 39.40
CA LEU L 66 18.97 -34.23 40.84
C LEU L 66 19.99 -33.20 41.30
N ARG L 67 20.20 -33.14 42.61
CA ARG L 67 21.13 -32.19 43.22
C ARG L 67 21.46 -32.69 44.62
N PHE L 68 22.73 -32.94 44.88
CA PHE L 68 23.16 -33.53 46.13
C PHE L 68 23.96 -32.51 46.93
N VAL L 69 23.48 -32.18 48.11
CA VAL L 69 24.20 -31.26 48.99
C VAL L 69 25.34 -32.04 49.65
N PRO L 70 26.45 -31.38 49.99
CA PRO L 70 27.56 -32.11 50.62
C PRO L 70 27.16 -32.71 51.95
N VAL L 71 27.70 -33.89 52.23
CA VAL L 71 27.41 -34.56 53.50
C VAL L 71 28.33 -34.09 54.62
N ASP L 72 29.49 -33.54 54.29
CA ASP L 72 30.37 -32.90 55.25
C ASP L 72 31.32 -31.99 54.48
N ARG L 73 32.24 -31.36 55.20
CA ARG L 73 33.22 -30.49 54.57
C ARG L 73 34.35 -30.21 55.54
N GLU L 74 35.47 -29.73 55.01
CA GLU L 74 36.64 -29.42 55.81
C GLU L 74 37.02 -27.95 55.80
N ALA L 75 37.23 -27.36 54.62
CA ALA L 75 37.64 -25.96 54.49
C ALA L 75 38.94 -25.70 55.23
N THR L 76 40.01 -26.36 54.80
CA THR L 76 41.34 -26.15 55.34
C THR L 76 41.89 -24.83 54.80
N THR L 77 43.14 -24.49 55.14
CA THR L 77 43.73 -23.24 54.68
C THR L 77 43.89 -23.22 53.17
N TYR L 78 44.31 -24.33 52.59
CA TYR L 78 44.47 -24.42 51.15
C TYR L 78 43.81 -25.64 50.53
N LEU L 79 42.77 -26.18 51.15
CA LEU L 79 41.93 -27.22 50.57
C LEU L 79 40.48 -26.93 50.90
N TYR L 80 39.59 -27.68 50.26
CA TYR L 80 38.18 -27.67 50.66
C TYR L 80 37.61 -29.02 50.22
N LYS L 81 37.56 -29.96 51.15
CA LYS L 81 37.08 -31.30 50.84
C LYS L 81 35.58 -31.36 51.07
N ALA L 82 34.86 -31.86 50.08
CA ALA L 82 33.42 -32.05 50.19
C ALA L 82 33.10 -33.50 49.88
N ARG L 83 32.31 -34.13 50.74
CA ARG L 83 31.89 -35.50 50.53
C ARG L 83 30.39 -35.54 50.28
N PHE L 84 30.00 -36.18 49.20
CA PHE L 84 28.61 -36.36 48.85
C PHE L 84 28.23 -37.82 48.99
N THR L 85 26.93 -38.08 48.94
CA THR L 85 26.44 -39.44 49.01
C THR L 85 25.67 -39.74 47.72
N LEU L 86 26.30 -39.42 46.59
CA LEU L 86 25.72 -39.63 45.28
C LEU L 86 25.09 -41.02 45.20
N ALA L 87 23.77 -41.06 45.07
CA ALA L 87 23.01 -42.29 45.24
C ALA L 87 22.02 -42.41 44.09
N VAL L 88 22.42 -43.14 43.05
CA VAL L 88 21.53 -43.40 41.93
C VAL L 88 20.58 -44.52 42.33
N GLY L 89 19.28 -44.24 42.30
CA GLY L 89 18.29 -45.18 42.76
C GLY L 89 18.15 -46.35 41.80
N ASP L 90 17.32 -47.30 42.22
CA ASP L 90 17.15 -48.51 41.42
C ASP L 90 16.36 -48.18 40.15
N ASN L 91 16.53 -49.04 39.15
CA ASN L 91 15.93 -48.85 37.82
C ASN L 91 16.32 -47.50 37.22
N ARG L 92 17.62 -47.21 37.27
CA ARG L 92 18.15 -45.97 36.73
C ARG L 92 19.65 -46.15 36.55
N VAL L 93 20.13 -45.94 35.33
CA VAL L 93 21.56 -46.01 35.03
C VAL L 93 21.99 -44.59 34.68
N LEU L 94 22.59 -43.89 35.64
CA LEU L 94 22.71 -42.45 35.47
C LEU L 94 23.67 -42.06 34.35
N ASP L 95 24.94 -41.96 34.69
CA ASP L 95 26.07 -41.63 33.82
C ASP L 95 27.15 -41.19 34.79
N MET L 96 28.32 -40.82 34.30
CA MET L 96 29.20 -39.99 35.10
C MET L 96 29.69 -38.76 34.36
N ALA L 97 29.31 -38.58 33.10
CA ALA L 97 29.75 -37.42 32.34
C ALA L 97 29.00 -36.17 32.75
N SER L 98 27.71 -36.29 33.06
CA SER L 98 26.89 -35.13 33.41
C SER L 98 26.79 -34.97 34.92
N THR L 99 27.94 -34.74 35.55
CA THR L 99 28.01 -34.60 37.00
C THR L 99 28.90 -33.42 37.39
N TYR L 100 28.64 -32.28 36.78
CA TYR L 100 29.43 -31.10 37.11
C TYR L 100 29.18 -30.67 38.55
N PHE L 101 30.20 -30.08 39.16
CA PHE L 101 30.03 -29.49 40.48
C PHE L 101 29.37 -28.13 40.33
N ASP L 102 29.19 -27.42 41.44
CA ASP L 102 28.58 -26.09 41.40
C ASP L 102 29.17 -25.29 42.55
N ILE L 103 30.25 -24.58 42.28
CA ILE L 103 30.96 -23.81 43.28
C ILE L 103 30.51 -22.37 43.16
N ARG L 104 30.19 -21.74 44.29
CA ARG L 104 29.84 -20.33 44.32
C ARG L 104 30.36 -19.69 45.59
N GLY L 105 30.96 -18.53 45.44
CA GLY L 105 31.52 -17.84 46.58
C GLY L 105 31.82 -16.40 46.22
N VAL L 106 32.83 -15.84 46.87
CA VAL L 106 33.30 -14.51 46.56
C VAL L 106 34.74 -14.63 46.11
N LEU L 107 35.21 -13.58 45.43
CA LEU L 107 36.54 -13.59 44.84
C LEU L 107 37.07 -12.16 44.80
N ASP L 108 38.30 -11.98 45.23
CA ASP L 108 38.96 -10.69 45.18
C ASP L 108 40.20 -10.80 44.31
N ARG L 109 40.32 -9.91 43.33
CA ARG L 109 41.43 -9.94 42.40
C ARG L 109 42.55 -8.98 42.81
N GLY L 110 42.44 -8.34 43.96
CA GLY L 110 43.53 -7.57 44.51
C GLY L 110 43.74 -6.26 43.77
N PRO L 111 44.63 -5.42 44.30
CA PRO L 111 44.88 -4.13 43.67
C PRO L 111 45.58 -4.24 42.33
N SER L 112 46.17 -5.38 42.02
CA SER L 112 46.94 -5.57 40.79
C SER L 112 46.07 -5.79 39.57
N PHE L 113 44.79 -5.49 39.66
CA PHE L 113 43.84 -5.79 38.60
C PHE L 113 43.53 -4.53 37.81
N LYS L 114 43.64 -4.63 36.49
CA LYS L 114 43.29 -3.53 35.60
C LYS L 114 42.96 -4.10 34.23
N PRO L 115 41.70 -4.39 33.96
CA PRO L 115 41.32 -5.07 32.72
C PRO L 115 41.10 -4.13 31.55
N TYR L 116 42.00 -3.17 31.37
CA TYR L 116 41.92 -2.26 30.23
C TYR L 116 43.20 -1.46 30.06
N SER L 117 43.73 -1.42 28.85
CA SER L 117 44.91 -0.63 28.59
C SER L 117 44.56 0.85 28.60
N GLY L 118 45.51 1.67 29.05
CA GLY L 118 45.30 3.09 29.11
C GLY L 118 44.48 3.49 30.31
N THR L 119 44.31 4.80 30.46
CA THR L 119 43.60 5.35 31.60
C THR L 119 42.09 5.33 31.34
N ALA L 120 41.34 5.94 32.24
CA ALA L 120 39.91 6.12 32.05
C ALA L 120 39.43 7.55 32.27
N TYR L 121 40.20 8.39 32.96
CA TYR L 121 39.81 9.75 33.29
C TYR L 121 40.69 10.73 32.53
N ASN L 122 40.05 11.70 31.89
CA ASN L 122 40.75 12.71 31.10
C ASN L 122 41.69 12.06 30.09
N SER L 123 41.18 11.02 29.42
CA SER L 123 42.01 10.28 28.48
C SER L 123 42.51 11.15 27.34
N LEU L 124 41.71 12.13 26.93
CA LEU L 124 42.09 13.00 25.81
C LEU L 124 43.16 14.01 26.19
N ALA L 125 43.33 14.29 27.47
CA ALA L 125 44.29 15.31 27.88
C ALA L 125 45.70 14.89 27.52
N PRO L 126 46.55 15.80 27.06
CA PRO L 126 47.96 15.45 26.84
C PRO L 126 48.61 15.00 28.13
N LYS L 127 49.49 14.00 28.01
CA LYS L 127 50.00 13.31 29.19
C LYS L 127 50.87 14.20 30.06
N GLY L 128 51.32 15.34 29.56
CA GLY L 128 52.08 16.29 30.35
C GLY L 128 51.29 17.50 30.82
N ALA L 129 49.98 17.52 30.60
CA ALA L 129 49.19 18.70 30.93
C ALA L 129 48.87 18.73 32.41
N PRO L 130 49.30 19.76 33.15
CA PRO L 130 48.97 19.85 34.57
C PRO L 130 47.66 20.59 34.80
N ASN L 131 46.85 20.04 35.70
CA ASN L 131 45.62 20.71 36.06
C ASN L 131 45.93 21.94 36.91
N PRO L 132 45.01 22.91 36.95
CA PRO L 132 45.25 24.13 37.72
C PRO L 132 45.56 23.82 39.18
N SER L 133 46.40 24.71 39.66
CA SER L 133 46.81 24.58 41.00
C SER L 133 47.26 25.88 41.51
N GLN L 134 48.11 25.83 42.50
CA GLN L 134 48.55 27.01 43.12
C GLN L 134 49.73 26.47 43.85
N TRP L 135 50.63 27.28 44.31
CA TRP L 135 51.70 26.79 45.11
C TRP L 135 52.24 27.92 45.90
N GLU L 136 53.15 27.66 46.80
CA GLU L 136 53.74 28.75 47.51
C GLU L 136 55.17 28.90 47.16
N THR L 137 55.59 30.09 46.83
CA THR L 137 56.94 30.28 46.37
C THR L 137 57.73 31.28 47.09
N LYS L 138 58.80 31.73 46.45
CA LYS L 138 59.63 32.76 47.02
C LYS L 138 60.10 33.72 45.95
N GLU L 139 59.34 34.74 45.64
CA GLU L 139 59.59 35.80 44.67
C GLU L 139 59.91 37.10 45.39
N LYS L 140 60.80 37.89 44.79
CA LYS L 140 61.17 39.19 45.31
C LYS L 140 60.56 40.28 44.44
N GLN L 141 60.41 41.47 45.02
CA GLN L 141 59.77 42.56 44.33
C GLN L 141 60.33 43.89 44.83
N GLY L 142 60.18 44.93 44.01
CA GLY L 142 60.59 46.27 44.37
C GLY L 142 62.05 46.53 44.04
N THR L 143 62.40 47.81 44.11
CA THR L 143 63.79 48.22 43.86
C THR L 143 64.72 47.71 44.95
N THR L 144 64.21 47.64 46.18
CA THR L 144 64.98 47.00 47.26
C THR L 144 65.22 45.53 46.95
N GLY L 145 64.22 44.85 46.39
CA GLY L 145 64.36 43.46 46.05
C GLY L 145 64.18 42.50 47.20
N GLY L 146 63.55 42.94 48.29
CA GLY L 146 63.28 42.06 49.41
C GLY L 146 62.44 40.86 49.01
N VAL L 147 62.86 39.67 49.42
CA VAL L 147 62.16 38.44 49.05
C VAL L 147 60.84 38.35 49.80
N GLN L 148 59.74 38.54 49.09
CA GLN L 148 58.40 38.43 49.67
C GLN L 148 57.97 36.97 49.57
N GLN L 149 58.21 36.20 50.64
CA GLN L 149 57.79 34.81 50.66
C GLN L 149 56.28 34.73 50.80
N GLU L 150 55.59 34.67 49.67
CA GLU L 150 54.13 34.74 49.67
C GLU L 150 53.60 33.76 48.62
N LYS L 151 52.31 33.63 48.41
CA LYS L 151 51.86 32.60 47.47
C LYS L 151 52.00 33.26 46.23
N ASP L 152 53.16 33.81 46.03
CA ASP L 152 53.43 34.54 44.82
C ASP L 152 52.91 33.99 43.45
N VAL L 153 53.69 33.16 42.73
CA VAL L 153 53.27 32.65 41.41
C VAL L 153 52.44 31.52 41.78
N THR L 154 51.39 31.84 42.44
CA THR L 154 50.55 30.84 42.81
C THR L 154 49.62 30.85 41.66
N LYS L 155 48.63 29.98 41.64
CA LYS L 155 47.59 30.02 40.65
C LYS L 155 48.09 29.92 39.32
N THR L 156 49.18 29.29 39.24
CA THR L 156 49.79 29.24 38.02
C THR L 156 49.05 28.93 36.82
N PHE L 157 48.25 27.92 36.84
CA PHE L 157 47.71 27.58 35.61
C PHE L 157 46.25 27.68 35.76
N GLY L 158 45.68 28.86 35.53
CA GLY L 158 44.28 29.01 35.85
C GLY L 158 43.41 29.04 34.62
N VAL L 159 43.26 27.91 33.93
CA VAL L 159 42.41 27.88 32.75
C VAL L 159 41.01 28.25 33.18
N ALA L 160 40.55 29.42 32.73
CA ALA L 160 39.25 29.97 33.12
C ALA L 160 38.59 30.52 31.88
N ALA L 161 37.47 29.90 31.47
CA ALA L 161 36.82 30.33 30.23
C ALA L 161 35.30 30.34 30.37
N THR L 162 34.78 30.53 31.56
CA THR L 162 33.34 30.68 31.76
C THR L 162 32.98 32.15 31.64
N GLY L 163 32.02 32.46 30.77
CA GLY L 163 31.66 33.84 30.54
C GLY L 163 30.98 34.45 31.74
N GLY L 164 30.94 35.78 31.76
CA GLY L 164 30.31 36.53 32.82
C GLY L 164 30.03 37.94 32.36
N ILE L 165 29.47 38.74 33.27
CA ILE L 165 29.20 40.14 32.98
C ILE L 165 29.87 41.09 33.96
N ASN L 166 30.15 40.66 35.18
CA ASN L 166 30.78 41.51 36.18
C ASN L 166 31.22 40.64 37.35
N ILE L 167 32.29 41.07 38.01
CA ILE L 167 32.89 40.35 39.12
C ILE L 167 32.84 41.21 40.37
N THR L 168 32.32 40.66 41.46
CA THR L 168 32.26 41.33 42.74
C THR L 168 32.68 40.37 43.84
N ASN L 169 32.64 40.84 45.07
CA ASN L 169 33.03 40.01 46.21
C ASN L 169 32.08 38.89 46.46
N GLN L 170 30.94 38.87 45.77
CA GLN L 170 29.95 37.82 45.94
C GLN L 170 30.16 36.64 45.03
N GLY L 171 30.54 36.86 43.77
CA GLY L 171 30.73 35.76 42.85
C GLY L 171 31.07 36.18 41.43
N LEU L 172 30.41 35.56 40.44
CA LEU L 172 30.72 35.77 39.04
C LEU L 172 29.64 36.52 38.27
N LEU L 173 28.40 36.53 38.77
CA LEU L 173 27.29 37.24 38.12
C LEU L 173 27.08 36.71 36.70
N LEU L 174 26.64 35.46 36.64
CA LEU L 174 26.41 34.80 35.35
C LEU L 174 25.40 35.56 34.50
N GLY L 175 24.31 36.04 35.11
CA GLY L 175 23.29 36.71 34.35
C GLY L 175 22.40 37.55 35.23
N THR L 176 21.37 38.12 34.61
CA THR L 176 20.43 38.99 35.30
C THR L 176 19.01 38.54 34.98
N ASP L 177 18.09 38.79 35.92
CA ASP L 177 16.71 38.36 35.76
C ASP L 177 15.75 39.52 35.93
N GLU L 178 14.44 39.23 35.94
CA GLU L 178 13.41 40.26 35.96
C GLU L 178 12.76 40.43 37.34
N THR L 179 12.72 39.38 38.15
CA THR L 179 12.10 39.48 39.48
C THR L 179 12.98 40.32 40.37
N ALA L 180 12.62 41.61 40.52
CA ALA L 180 13.39 42.58 41.29
C ALA L 180 14.81 42.72 40.78
N GLU L 181 15.07 42.32 39.54
CA GLU L 181 16.39 42.34 38.92
C GLU L 181 17.41 41.60 39.79
N ASN L 182 17.16 40.29 39.93
CA ASN L 182 18.05 39.44 40.70
C ASN L 182 19.42 39.38 40.05
N GLY L 183 20.46 39.49 40.89
CA GLY L 183 21.82 39.26 40.42
C GLY L 183 22.14 37.79 40.48
N LYS L 184 22.09 37.12 39.33
CA LYS L 184 22.22 35.67 39.27
C LYS L 184 23.69 35.28 39.47
N LYS L 185 24.14 35.43 40.71
CA LYS L 185 25.51 35.05 41.06
C LYS L 185 25.66 33.53 40.92
N ASP L 186 26.87 33.12 40.56
CA ASP L 186 27.15 31.69 40.45
C ASP L 186 27.23 31.06 41.83
N ILE L 187 26.62 29.89 41.96
CA ILE L 187 26.63 29.14 43.22
C ILE L 187 27.91 28.32 43.26
N TYR L 188 28.74 28.57 44.26
CA TYR L 188 30.04 27.89 44.34
C TYR L 188 29.95 26.52 44.97
N ALA L 189 28.75 25.95 45.08
CA ALA L 189 28.62 24.60 45.63
C ALA L 189 28.62 23.55 44.52
N ASP L 190 27.66 23.62 43.61
CA ASP L 190 27.54 22.63 42.54
C ASP L 190 27.70 23.26 41.16
N LYS L 191 26.87 24.23 40.79
CA LYS L 191 26.97 24.88 39.49
C LYS L 191 28.07 25.92 39.56
N THR L 192 29.24 25.51 40.02
CA THR L 192 30.38 26.41 40.21
C THR L 192 31.08 26.64 38.88
N PHE L 193 30.31 27.15 37.91
CA PHE L 193 30.73 27.27 36.53
C PHE L 193 31.49 26.01 36.12
N GLN L 194 30.78 24.89 36.09
CA GLN L 194 31.28 23.53 35.88
C GLN L 194 32.35 23.51 34.78
N PRO L 195 33.35 22.65 34.92
CA PRO L 195 34.47 22.69 33.96
C PRO L 195 34.07 22.53 32.51
N GLU L 196 33.04 21.75 32.20
CA GLU L 196 32.70 21.59 30.79
C GLU L 196 32.15 22.88 30.19
N PRO L 197 30.99 23.40 30.65
CA PRO L 197 30.39 24.53 29.94
C PRO L 197 31.19 25.81 30.11
N GLN L 198 31.79 26.28 29.03
CA GLN L 198 32.59 27.49 29.05
C GLN L 198 32.32 28.27 27.78
N VAL L 199 33.19 29.27 27.51
CA VAL L 199 32.94 30.23 26.45
C VAL L 199 32.75 29.58 25.09
N GLY L 200 33.26 28.37 24.92
CA GLY L 200 33.25 27.70 23.63
C GLY L 200 31.89 27.46 23.02
N GLU L 201 30.81 27.87 23.71
CA GLU L 201 29.49 27.79 23.11
C GLU L 201 29.48 28.45 21.74
N GLU L 202 29.98 29.69 21.67
CA GLU L 202 30.29 30.32 20.40
C GLU L 202 31.71 29.94 20.03
N ASN L 203 31.85 29.24 18.91
CA ASN L 203 33.06 28.47 18.60
C ASN L 203 34.36 29.20 18.95
N TRP L 204 34.68 30.25 18.23
CA TRP L 204 35.95 30.93 18.44
C TRP L 204 35.84 32.44 18.40
N GLN L 205 34.64 32.99 18.27
CA GLN L 205 34.45 34.43 18.17
C GLN L 205 33.92 35.02 19.47
N GLU L 206 33.86 34.23 20.54
CA GLU L 206 33.26 34.66 21.79
C GLU L 206 34.26 35.54 22.54
N ASN L 207 33.91 36.80 22.72
CA ASN L 207 34.71 37.74 23.51
C ASN L 207 33.88 38.19 24.70
N GLU L 208 34.42 38.01 25.89
CA GLU L 208 33.70 38.30 27.12
C GLU L 208 34.52 39.23 28.00
N ALA L 209 33.81 40.01 28.81
CA ALA L 209 34.48 40.98 29.67
C ALA L 209 35.23 40.32 30.80
N PHE L 210 34.64 39.30 31.42
CA PHE L 210 35.24 38.65 32.57
C PHE L 210 35.10 37.14 32.43
N TYR L 211 35.98 36.40 33.11
CA TYR L 211 36.00 34.96 33.05
C TYR L 211 36.20 34.39 34.45
N GLY L 212 35.81 33.12 34.61
CA GLY L 212 35.96 32.44 35.87
C GLY L 212 36.38 31.00 35.65
N GLY L 213 36.94 30.42 36.70
CA GLY L 213 37.44 29.06 36.63
C GLY L 213 37.73 28.53 38.01
N ARG L 214 38.14 27.26 38.06
CA ARG L 214 38.41 26.59 39.31
C ARG L 214 39.83 26.04 39.32
N ALA L 215 40.44 26.06 40.49
CA ALA L 215 41.79 25.55 40.66
C ALA L 215 41.88 24.79 41.96
N LEU L 216 43.08 24.31 42.26
CA LEU L 216 43.33 23.53 43.46
C LEU L 216 44.25 24.29 44.40
N LYS L 217 43.92 24.27 45.69
CA LYS L 217 44.76 24.94 46.67
C LYS L 217 46.07 24.18 46.86
N LYS L 218 47.05 24.86 47.46
CA LYS L 218 48.38 24.29 47.60
C LYS L 218 48.40 23.06 48.49
N ASP L 219 47.37 22.84 49.30
CA ASP L 219 47.34 21.69 50.19
C ASP L 219 47.19 20.38 49.44
N THR L 220 46.77 20.43 48.18
CA THR L 220 46.59 19.23 47.37
C THR L 220 47.77 19.08 46.42
N LYS L 221 48.38 17.90 46.43
CA LYS L 221 49.59 17.67 45.65
C LYS L 221 49.27 17.69 44.16
N MET L 222 50.18 18.29 43.38
CA MET L 222 49.95 18.47 41.96
C MET L 222 50.18 17.15 41.22
N LYS L 223 49.24 16.81 40.34
CA LYS L 223 49.32 15.64 39.50
C LYS L 223 48.92 16.02 38.09
N PRO L 224 49.40 15.29 37.08
CA PRO L 224 48.99 15.59 35.70
C PRO L 224 47.51 15.34 35.52
N CYS L 225 46.89 16.11 34.62
CA CYS L 225 45.46 15.97 34.39
C CYS L 225 45.12 14.58 33.87
N TYR L 226 46.01 13.99 33.08
CA TYR L 226 45.82 12.65 32.54
C TYR L 226 45.79 11.64 33.68
N GLY L 227 44.61 11.13 33.99
CA GLY L 227 44.46 10.12 35.01
C GLY L 227 43.94 10.64 36.34
N SER L 228 43.84 11.95 36.52
CA SER L 228 43.36 12.49 37.79
C SER L 228 41.89 12.14 38.00
N PHE L 229 41.50 12.02 39.27
CA PHE L 229 40.13 11.71 39.64
C PHE L 229 39.84 12.27 41.01
N ALA L 230 38.57 12.60 41.26
CA ALA L 230 38.15 13.14 42.54
C ALA L 230 36.69 12.84 42.73
N ARG L 231 36.36 12.07 43.76
CA ARG L 231 34.99 11.65 43.96
C ARG L 231 34.09 12.87 44.21
N PRO L 232 32.91 12.92 43.62
CA PRO L 232 32.03 14.07 43.83
C PRO L 232 31.56 14.13 45.27
N THR L 233 31.33 15.35 45.75
CA THR L 233 30.91 15.58 47.13
C THR L 233 29.40 15.78 47.25
N ASN L 234 28.82 16.65 46.44
CA ASN L 234 27.39 16.89 46.47
C ASN L 234 26.72 16.26 45.26
N GLU L 235 25.46 15.86 45.44
CA GLU L 235 24.72 15.12 44.42
C GLU L 235 24.46 15.93 43.16
N LYS L 236 24.65 17.25 43.19
CA LYS L 236 24.42 18.08 42.02
C LYS L 236 25.66 18.28 41.17
N GLY L 237 26.56 17.29 41.16
CA GLY L 237 27.70 17.31 40.27
C GLY L 237 28.90 18.05 40.79
N GLY L 238 28.78 18.69 41.95
CA GLY L 238 29.89 19.45 42.50
C GLY L 238 31.13 18.59 42.67
N GLN L 239 32.26 19.08 42.19
CA GLN L 239 33.51 18.36 42.34
C GLN L 239 33.83 18.21 43.82
N ALA L 240 34.81 17.36 44.12
CA ALA L 240 35.22 17.17 45.49
C ALA L 240 35.56 18.50 46.13
N LYS L 241 34.95 18.76 47.27
CA LYS L 241 35.03 20.05 47.95
C LYS L 241 35.27 19.84 49.43
N PHE L 242 36.33 19.09 49.73
CA PHE L 242 36.70 18.67 51.09
C PHE L 242 36.36 19.72 52.15
N LYS L 243 35.67 19.30 53.19
CA LYS L 243 35.30 20.22 54.25
C LYS L 243 36.57 20.79 54.89
N PRO L 244 36.56 22.04 55.32
CA PRO L 244 37.73 22.60 56.01
C PRO L 244 38.01 21.81 57.29
N VAL L 245 39.30 21.67 57.59
CA VAL L 245 39.71 20.81 58.70
C VAL L 245 39.15 21.34 60.01
N ASN L 246 38.54 20.45 60.79
CA ASN L 246 37.93 20.78 62.06
C ASN L 246 38.66 20.08 63.20
N GLU L 247 38.36 20.50 64.42
CA GLU L 247 39.03 19.96 65.60
C GLU L 247 38.25 18.79 66.21
N GLY L 248 37.02 19.05 66.67
CA GLY L 248 36.22 18.01 67.28
C GLY L 248 34.74 18.12 66.96
N GLU L 249 34.39 19.00 66.04
CA GLU L 249 33.01 19.25 65.65
C GLU L 249 32.73 18.62 64.29
N GLN L 250 31.45 18.48 63.98
CA GLN L 250 31.04 17.96 62.69
C GLN L 250 31.46 18.91 61.58
N PRO L 251 32.15 18.42 60.55
CA PRO L 251 32.51 19.30 59.42
C PRO L 251 31.26 19.73 58.67
N LYS L 252 31.03 21.04 58.64
CA LYS L 252 29.77 21.59 58.13
C LYS L 252 29.90 22.13 56.71
N ASP L 253 30.80 23.10 56.51
CA ASP L 253 30.85 23.83 55.24
C ASP L 253 31.89 23.19 54.31
N LEU L 254 32.13 23.84 53.18
CA LEU L 254 33.09 23.41 52.19
C LEU L 254 34.33 24.31 52.24
N ASP L 255 35.26 24.08 51.32
CA ASP L 255 36.54 24.78 51.29
C ASP L 255 36.71 25.43 49.91
N ILE L 256 36.18 26.63 49.76
CA ILE L 256 36.30 27.39 48.51
C ILE L 256 36.77 28.80 48.85
N ASP L 257 37.79 29.26 48.14
CA ASP L 257 38.32 30.61 48.30
C ASP L 257 38.34 31.32 46.96
N PHE L 258 38.26 32.64 47.00
CA PHE L 258 38.23 33.45 45.79
C PHE L 258 39.59 34.10 45.55
N ALA L 259 40.05 34.00 44.31
CA ALA L 259 41.30 34.64 43.89
C ALA L 259 41.02 35.50 42.67
N TYR L 260 41.58 36.70 42.67
CA TYR L 260 41.33 37.69 41.63
C TYR L 260 42.64 38.07 40.96
N PHE L 261 42.60 38.25 39.65
CA PHE L 261 43.80 38.52 38.87
C PHE L 261 43.51 39.55 37.78
N ASP L 262 44.00 40.77 37.97
CA ASP L 262 43.85 41.84 37.00
C ASP L 262 45.09 41.93 36.11
N VAL L 263 44.87 42.34 34.87
CA VAL L 263 45.97 42.47 33.89
C VAL L 263 46.84 43.66 34.28
N PRO L 264 48.13 43.47 34.52
CA PRO L 264 48.98 44.62 34.89
C PRO L 264 49.00 45.70 33.84
N GLY L 265 49.02 45.32 32.57
CA GLY L 265 48.95 46.30 31.50
C GLY L 265 47.53 46.77 31.27
N GLY L 266 47.40 47.77 30.40
CA GLY L 266 46.09 48.31 30.08
C GLY L 266 45.38 48.82 31.31
N SER L 267 46.09 49.58 32.14
CA SER L 267 45.63 49.96 33.47
C SER L 267 45.64 51.48 33.57
N PRO L 268 44.65 52.16 33.00
CA PRO L 268 44.57 53.62 33.11
C PRO L 268 44.19 54.04 34.52
N PRO L 269 44.37 55.31 34.87
CA PRO L 269 43.97 55.77 36.19
C PRO L 269 42.45 55.81 36.35
N ALA L 270 41.84 54.67 36.61
CA ALA L 270 40.39 54.62 36.76
C ALA L 270 39.93 55.48 37.92
N GLY L 271 40.60 55.38 39.06
CA GLY L 271 40.27 56.21 40.20
C GLY L 271 40.90 57.59 40.19
N GLY L 272 41.80 57.85 39.25
CA GLY L 272 42.49 59.12 39.17
C GLY L 272 43.66 59.28 40.12
N SER L 273 43.96 58.27 40.93
CA SER L 273 45.04 58.33 41.91
C SER L 273 45.88 57.06 41.84
N GLY L 274 46.22 56.65 40.62
CA GLY L 274 47.03 55.46 40.45
C GLY L 274 47.16 55.14 38.98
N GLU L 275 47.81 54.01 38.71
CA GLU L 275 48.02 53.52 37.34
C GLU L 275 47.64 52.05 37.24
N GLU L 276 46.49 51.70 37.80
CA GLU L 276 46.09 50.30 37.89
C GLU L 276 44.61 50.26 38.20
N TYR L 277 44.05 49.05 38.14
CA TYR L 277 42.60 48.87 38.20
C TYR L 277 42.30 47.41 38.52
N LYS L 278 41.04 47.01 38.36
CA LYS L 278 40.63 45.61 38.49
C LYS L 278 39.81 45.22 37.28
N ALA L 279 40.44 44.54 36.32
CA ALA L 279 39.73 43.90 35.21
C ALA L 279 39.86 42.41 35.42
N ASP L 280 39.75 41.98 36.66
CA ASP L 280 40.19 40.69 37.13
C ASP L 280 39.34 39.56 36.55
N ILE L 281 39.82 38.34 36.77
CA ILE L 281 39.06 37.12 36.50
C ILE L 281 39.23 36.20 37.70
N ILE L 282 38.11 35.77 38.26
CA ILE L 282 38.08 35.05 39.52
C ILE L 282 38.48 33.61 39.28
N LEU L 283 39.03 32.99 40.32
CA LEU L 283 39.31 31.57 40.35
C LEU L 283 38.86 31.01 41.69
N TYR L 284 37.99 30.01 41.66
CA TYR L 284 37.47 29.42 42.88
C TYR L 284 38.39 28.30 43.30
N THR L 285 39.32 28.60 44.19
CA THR L 285 40.29 27.62 44.68
C THR L 285 39.61 26.66 45.63
N GLU L 286 40.13 25.43 45.70
CA GLU L 286 39.57 24.39 46.54
C GLU L 286 40.61 23.30 46.72
N ASN L 287 40.19 22.17 47.29
CA ASN L 287 41.07 21.04 47.47
C ASN L 287 40.22 19.78 47.42
N VAL L 288 40.69 18.79 46.65
CA VAL L 288 39.90 17.61 46.32
C VAL L 288 40.65 16.36 46.74
N ASN L 289 39.93 15.24 46.76
CA ASN L 289 40.56 13.94 46.94
C ASN L 289 41.13 13.53 45.59
N LEU L 290 42.43 13.74 45.41
CA LEU L 290 43.06 13.69 44.09
C LEU L 290 43.71 12.34 43.82
N GLU L 291 43.11 11.25 44.27
CA GLU L 291 43.65 9.93 43.95
C GLU L 291 43.62 9.72 42.44
N THR L 292 44.69 9.12 41.92
CA THR L 292 44.86 8.90 40.48
C THR L 292 45.06 7.41 40.24
N PRO L 293 43.99 6.65 40.09
CA PRO L 293 44.14 5.21 39.87
C PRO L 293 44.70 4.92 38.48
N ASP L 294 45.25 3.72 38.35
CA ASP L 294 45.80 3.17 37.11
C ASP L 294 46.65 4.15 36.31
N THR L 295 47.36 5.05 37.00
CA THR L 295 48.28 5.96 36.34
C THR L 295 49.44 6.22 37.28
N HIS L 296 50.66 5.98 36.81
CA HIS L 296 51.85 6.21 37.60
C HIS L 296 52.71 7.26 36.92
N VAL L 297 53.26 8.18 37.72
CA VAL L 297 54.11 9.24 37.19
C VAL L 297 55.40 8.62 36.70
N VAL L 298 55.59 8.54 35.38
CA VAL L 298 56.79 7.93 34.84
C VAL L 298 57.99 8.83 35.09
N TYR L 299 57.84 10.13 34.88
CA TYR L 299 58.93 11.07 35.06
C TYR L 299 58.50 12.18 35.99
N LYS L 300 59.29 12.43 37.04
CA LYS L 300 59.11 13.60 37.87
C LYS L 300 60.51 14.16 38.13
N PRO L 301 60.71 15.46 37.94
CA PRO L 301 62.06 16.01 38.01
C PRO L 301 62.65 15.99 39.43
N GLY L 302 61.92 16.55 40.38
CA GLY L 302 62.43 16.63 41.73
C GLY L 302 62.25 15.34 42.50
N THR L 303 62.83 15.32 43.70
CA THR L 303 62.70 14.19 44.60
C THR L 303 61.49 14.30 45.50
N SER L 304 60.76 15.41 45.43
CA SER L 304 59.57 15.63 46.23
C SER L 304 58.32 15.40 45.40
N ASP L 305 57.21 15.18 46.10
CA ASP L 305 55.91 14.92 45.48
C ASP L 305 54.93 16.04 45.81
N ASN L 306 55.39 17.27 45.73
CA ASN L 306 54.64 18.43 46.18
C ASN L 306 54.36 19.39 45.02
N SER L 307 53.91 20.58 45.38
CA SER L 307 53.68 21.71 44.50
C SER L 307 55.02 22.35 44.18
N SER L 308 55.05 23.66 43.87
CA SER L 308 56.25 24.34 43.39
C SER L 308 56.59 23.91 41.97
N GLU L 309 55.93 24.56 41.01
CA GLU L 309 55.81 24.18 39.60
C GLU L 309 57.04 23.58 38.95
N ILE L 310 58.22 23.74 39.54
CA ILE L 310 59.34 22.92 39.08
C ILE L 310 58.90 21.46 39.13
N ASN L 311 57.90 21.17 39.96
CA ASN L 311 57.22 19.88 39.99
C ASN L 311 55.94 19.86 39.17
N LEU L 312 55.66 20.92 38.42
CA LEU L 312 54.46 20.93 37.58
C LEU L 312 54.62 20.02 36.38
N VAL L 313 55.81 19.95 35.82
CA VAL L 313 56.07 19.14 34.63
C VAL L 313 56.33 17.71 35.06
N GLN L 314 55.38 16.82 34.79
CA GLN L 314 55.61 15.40 35.05
C GLN L 314 54.63 14.59 34.23
N GLN L 315 55.15 13.80 33.30
CA GLN L 315 54.32 12.91 32.53
C GLN L 315 53.82 11.76 33.41
N SER L 316 52.80 11.06 32.93
CA SER L 316 52.27 9.92 33.66
C SER L 316 51.72 8.92 32.65
N MET L 317 52.53 7.93 32.30
CA MET L 317 52.04 6.86 31.45
C MET L 317 51.03 6.02 32.23
N PRO L 318 50.02 5.49 31.55
CA PRO L 318 49.02 4.66 32.23
C PRO L 318 49.62 3.36 32.74
N ASN L 319 48.95 2.79 33.72
CA ASN L 319 49.42 1.53 34.30
C ASN L 319 49.32 0.40 33.29
N ARG L 320 50.16 -0.60 33.49
CA ARG L 320 50.20 -1.73 32.57
C ARG L 320 48.96 -2.59 32.74
N PRO L 321 48.31 -2.98 31.65
CA PRO L 321 47.07 -3.76 31.77
C PRO L 321 47.32 -5.15 32.32
N ASN L 322 46.27 -5.73 32.90
CA ASN L 322 46.38 -7.00 33.59
C ASN L 322 45.00 -7.59 33.78
N TYR L 323 44.82 -8.84 33.34
CA TYR L 323 43.56 -9.55 33.49
C TYR L 323 43.79 -10.76 34.39
N ILE L 324 42.90 -10.96 35.35
CA ILE L 324 43.11 -11.98 36.38
C ILE L 324 41.97 -12.98 36.42
N GLY L 325 41.40 -13.32 35.27
CA GLY L 325 40.32 -14.27 35.23
C GLY L 325 40.75 -15.68 35.62
N PHE L 326 39.76 -16.57 35.66
CA PHE L 326 40.00 -17.97 36.00
C PHE L 326 40.83 -18.66 34.90
N ARG L 327 41.16 -19.92 35.15
CA ARG L 327 41.93 -20.71 34.22
C ARG L 327 41.05 -21.25 33.09
N ASP L 328 41.69 -21.86 32.11
CA ASP L 328 40.94 -22.59 31.09
C ASP L 328 40.41 -23.89 31.67
N ASN L 329 39.16 -24.19 31.37
CA ASN L 329 38.52 -25.43 31.82
C ASN L 329 38.63 -25.62 33.32
N PHE L 330 38.94 -24.56 34.04
CA PHE L 330 39.21 -24.62 35.47
C PHE L 330 40.29 -25.66 35.78
N VAL L 331 41.39 -25.60 35.04
CA VAL L 331 42.52 -26.44 35.40
C VAL L 331 43.03 -25.99 36.76
N GLY L 332 43.59 -26.94 37.50
CA GLY L 332 44.09 -26.63 38.83
C GLY L 332 43.02 -26.19 39.80
N LEU L 333 41.91 -26.93 39.87
CA LEU L 333 40.86 -26.63 40.84
C LEU L 333 40.31 -27.89 41.50
N MET L 334 40.88 -29.06 41.23
CA MET L 334 40.32 -30.27 41.82
C MET L 334 41.37 -31.24 42.34
N TYR L 335 42.65 -30.85 42.40
CA TYR L 335 43.69 -31.70 42.98
C TYR L 335 43.74 -33.07 42.28
N TYR L 336 44.06 -33.04 41.00
CA TYR L 336 44.24 -34.29 40.27
C TYR L 336 45.67 -34.78 40.42
N ASN L 337 45.81 -36.10 40.42
CA ASN L 337 47.13 -36.75 40.41
C ASN L 337 47.99 -36.29 41.58
N SER L 338 47.38 -36.17 42.75
CA SER L 338 48.09 -35.80 43.97
C SER L 338 47.78 -36.87 45.01
N THR L 339 48.76 -37.74 45.27
CA THR L 339 48.55 -38.83 46.21
C THR L 339 48.27 -38.31 47.62
N GLY L 340 48.77 -37.12 47.95
CA GLY L 340 48.52 -36.57 49.27
C GLY L 340 47.04 -36.43 49.59
N ASN L 341 46.25 -36.00 48.61
CA ASN L 341 44.82 -35.82 48.82
C ASN L 341 44.11 -36.08 47.50
N MET L 342 43.53 -37.27 47.37
CA MET L 342 42.80 -37.67 46.18
C MET L 342 41.35 -37.94 46.52
N GLY L 343 40.47 -37.68 45.56
CA GLY L 343 39.07 -37.98 45.75
C GLY L 343 38.82 -39.46 45.74
N VAL L 344 37.66 -39.85 46.24
CA VAL L 344 37.24 -41.24 46.25
C VAL L 344 35.86 -41.36 45.64
N LEU L 345 35.57 -42.53 45.08
CA LEU L 345 34.29 -42.82 44.46
C LEU L 345 33.86 -44.23 44.83
N ALA L 346 34.01 -44.58 46.09
CA ALA L 346 33.70 -45.93 46.53
C ALA L 346 32.20 -46.14 46.64
N GLY L 347 31.81 -47.41 46.82
CA GLY L 347 30.45 -47.73 47.14
C GLY L 347 30.26 -47.80 48.65
N GLN L 348 29.02 -47.54 49.09
CA GLN L 348 28.76 -47.52 50.52
C GLN L 348 28.67 -48.91 51.14
N ALA L 349 28.49 -49.95 50.33
CA ALA L 349 28.47 -51.31 50.88
C ALA L 349 29.79 -51.65 51.54
N SER L 350 30.90 -51.28 50.89
CA SER L 350 32.24 -51.47 51.45
C SER L 350 33.11 -50.37 50.92
N GLN L 351 33.71 -49.59 51.82
CA GLN L 351 34.44 -48.41 51.39
C GLN L 351 35.73 -48.79 50.70
N LEU L 352 35.61 -49.34 49.50
CA LEU L 352 36.76 -49.74 48.70
C LEU L 352 36.88 -48.74 47.55
N ASN L 353 37.91 -47.89 47.59
CA ASN L 353 38.01 -46.79 46.65
C ASN L 353 38.19 -47.31 45.23
N ALA L 354 37.51 -46.66 44.29
CA ALA L 354 37.54 -47.06 42.89
C ALA L 354 38.38 -46.14 42.02
N VAL L 355 38.87 -45.03 42.55
CA VAL L 355 39.70 -44.09 41.81
C VAL L 355 41.04 -44.00 42.50
N VAL L 356 42.12 -44.32 41.78
CA VAL L 356 43.47 -44.25 42.30
C VAL L 356 44.29 -43.38 41.35
N ASP L 357 45.01 -42.42 41.92
CA ASP L 357 45.77 -41.43 41.16
C ASP L 357 47.25 -41.70 41.33
N LEU L 358 47.96 -41.77 40.21
CA LEU L 358 49.41 -41.87 40.25
C LEU L 358 50.01 -40.49 40.47
N GLN L 359 51.29 -40.46 40.80
CA GLN L 359 52.01 -39.21 40.97
C GLN L 359 52.45 -38.60 39.65
N ASP L 360 52.33 -39.35 38.55
CA ASP L 360 52.84 -38.93 37.25
C ASP L 360 51.82 -39.17 36.16
N ARG L 361 50.58 -38.72 36.38
CA ARG L 361 49.54 -38.94 35.39
C ARG L 361 49.23 -37.68 34.59
N ASN L 362 49.11 -36.55 35.26
CA ASN L 362 48.87 -35.26 34.62
C ASN L 362 47.58 -35.28 33.78
N THR L 363 46.46 -35.46 34.48
CA THR L 363 45.17 -35.49 33.81
C THR L 363 44.66 -34.12 33.42
N GLU L 364 45.29 -33.04 33.88
CA GLU L 364 44.94 -31.73 33.38
C GLU L 364 45.38 -31.55 31.94
N LEU L 365 46.62 -31.92 31.64
CA LEU L 365 47.12 -31.83 30.28
C LEU L 365 46.37 -32.78 29.35
N SER L 366 46.04 -33.97 29.84
CA SER L 366 45.34 -34.94 29.00
C SER L 366 44.01 -34.40 28.54
N TYR L 367 43.28 -33.70 29.42
CA TYR L 367 41.97 -33.18 29.05
C TYR L 367 42.08 -32.10 27.99
N GLN L 368 43.12 -31.26 28.07
CA GLN L 368 43.28 -30.21 27.09
C GLN L 368 43.39 -30.79 25.68
N LEU L 369 44.23 -31.82 25.52
CA LEU L 369 44.36 -32.46 24.21
C LEU L 369 43.08 -33.17 23.83
N LEU L 370 42.45 -33.85 24.78
CA LEU L 370 41.22 -34.58 24.48
C LEU L 370 40.13 -33.65 23.99
N LEU L 371 40.01 -32.47 24.60
CA LEU L 371 39.00 -31.52 24.17
C LEU L 371 39.23 -31.09 22.73
N ASP L 372 40.50 -30.83 22.38
CA ASP L 372 40.79 -30.31 21.05
C ASP L 372 40.57 -31.37 19.98
N SER L 373 40.97 -32.62 20.26
CA SER L 373 40.80 -33.68 19.27
C SER L 373 39.36 -34.15 19.16
N LEU L 374 38.48 -33.71 20.05
CA LEU L 374 37.08 -34.10 19.98
C LEU L 374 36.34 -33.23 18.97
N GLY L 375 36.35 -31.92 19.19
CA GLY L 375 35.76 -30.98 18.25
C GLY L 375 36.77 -29.94 17.83
N ASP L 376 36.42 -28.67 17.97
CA ASP L 376 37.34 -27.58 17.71
C ASP L 376 37.31 -26.62 18.89
N ARG L 377 38.46 -26.02 19.18
CA ARG L 377 38.61 -25.13 20.32
C ARG L 377 38.45 -23.67 19.93
N THR L 378 38.15 -23.38 18.67
CA THR L 378 38.01 -21.99 18.25
C THR L 378 36.83 -21.31 18.92
N ARG L 379 35.71 -22.02 19.09
CA ARG L 379 34.50 -21.43 19.63
C ARG L 379 34.43 -21.62 21.14
N TYR L 380 34.05 -20.57 21.84
CA TYR L 380 34.06 -20.54 23.30
C TYR L 380 32.84 -21.25 23.87
N PHE L 381 32.95 -21.61 25.15
CA PHE L 381 31.84 -22.24 25.86
C PHE L 381 31.91 -21.75 27.30
N SER L 382 31.10 -20.75 27.62
CA SER L 382 31.17 -20.15 28.96
C SER L 382 30.80 -21.15 30.04
N MET L 383 29.96 -22.13 29.72
CA MET L 383 29.49 -23.08 30.73
C MET L 383 30.65 -23.79 31.40
N TRP L 384 31.55 -24.37 30.61
CA TRP L 384 32.74 -24.99 31.15
C TRP L 384 33.92 -24.04 31.22
N ASN L 385 33.71 -22.76 30.89
CA ASN L 385 34.78 -21.77 30.87
C ASN L 385 35.92 -22.23 29.97
N SER L 386 35.56 -22.79 28.81
CA SER L 386 36.55 -23.33 27.89
C SER L 386 36.91 -22.24 26.89
N ALA L 387 37.93 -21.45 27.22
CA ALA L 387 38.50 -20.48 26.30
C ALA L 387 39.98 -20.76 26.20
N VAL L 388 40.45 -21.05 24.99
CA VAL L 388 41.84 -21.47 24.81
C VAL L 388 42.76 -20.27 24.87
N ASP L 389 43.76 -20.34 25.73
CA ASP L 389 44.81 -19.34 25.75
C ASP L 389 45.50 -19.33 24.40
N SER L 390 45.37 -18.23 23.66
CA SER L 390 45.88 -18.15 22.30
C SER L 390 46.49 -16.78 22.08
N TYR L 391 47.79 -16.75 21.80
CA TYR L 391 48.45 -15.48 21.54
C TYR L 391 47.98 -14.89 20.22
N ASP L 392 48.19 -13.59 20.07
CA ASP L 392 47.92 -12.93 18.81
C ASP L 392 48.85 -13.51 17.74
N PRO L 393 48.33 -13.87 16.57
CA PRO L 393 49.15 -14.64 15.62
C PRO L 393 50.38 -13.91 15.12
N ASP L 394 50.41 -12.58 15.19
CA ASP L 394 51.52 -11.83 14.60
C ASP L 394 52.47 -11.19 15.61
N VAL L 395 52.01 -10.91 16.83
CA VAL L 395 52.90 -10.29 17.81
C VAL L 395 54.05 -11.22 18.17
N ARG L 396 53.84 -12.52 18.05
CA ARG L 396 54.96 -13.45 18.26
C ARG L 396 55.92 -13.44 17.08
N ILE L 397 55.41 -13.17 15.88
CA ILE L 397 56.18 -13.25 14.65
C ILE L 397 56.27 -11.87 14.04
N ILE L 398 56.41 -10.84 14.88
CA ILE L 398 56.32 -9.44 14.48
C ILE L 398 57.05 -9.20 13.17
N GLU L 399 56.33 -8.67 12.19
CA GLU L 399 56.85 -8.51 10.83
C GLU L 399 56.29 -7.22 10.27
N ASN L 400 57.14 -6.21 10.16
CA ASN L 400 56.73 -4.90 9.70
C ASN L 400 56.99 -4.78 8.21
N HIS L 401 55.94 -4.52 7.45
CA HIS L 401 56.08 -4.10 6.07
C HIS L 401 56.28 -2.60 5.97
N GLY L 402 56.76 -1.97 7.03
CA GLY L 402 56.79 -0.54 7.06
C GLY L 402 55.38 -0.01 7.26
N VAL L 403 55.27 1.30 7.09
CA VAL L 403 54.00 2.01 7.27
C VAL L 403 53.66 2.69 5.95
N GLU L 404 52.47 2.41 5.44
CA GLU L 404 52.06 2.95 4.14
C GLU L 404 51.60 4.38 4.34
N ASP L 405 52.52 5.33 4.22
CA ASP L 405 52.19 6.75 4.26
C ASP L 405 52.88 7.42 3.09
N GLU L 406 52.09 7.95 2.15
CA GLU L 406 52.61 8.69 1.02
C GLU L 406 52.27 10.17 1.09
N LEU L 407 51.02 10.49 1.20
CA LEU L 407 50.75 11.91 1.35
C LEU L 407 50.74 12.31 2.81
N PRO L 408 51.12 13.54 3.12
CA PRO L 408 51.14 13.98 4.52
C PRO L 408 49.72 14.17 5.06
N ASN L 409 49.66 14.38 6.37
CA ASN L 409 48.41 14.68 7.06
C ASN L 409 48.59 15.94 7.88
N TYR L 410 47.58 16.80 7.87
CA TYR L 410 47.71 18.13 8.43
C TYR L 410 46.66 18.39 9.51
N CYS L 411 47.01 19.28 10.43
CA CYS L 411 46.10 19.79 11.45
C CYS L 411 45.92 21.28 11.23
N PHE L 412 44.68 21.74 11.21
CA PHE L 412 44.37 23.13 10.91
C PHE L 412 43.70 23.79 12.11
N PRO L 413 43.81 25.11 12.23
CA PRO L 413 43.15 25.79 13.34
C PRO L 413 41.64 25.76 13.19
N LEU L 414 40.96 25.98 14.31
CA LEU L 414 39.51 25.87 14.35
C LEU L 414 38.85 26.88 13.42
N ASN L 415 39.40 28.09 13.34
CA ASN L 415 38.77 29.19 12.62
C ASN L 415 39.16 29.22 11.15
N GLY L 416 39.49 28.08 10.57
CA GLY L 416 39.98 28.09 9.20
C GLY L 416 41.47 28.32 9.20
N THR L 417 41.88 29.57 9.06
CA THR L 417 43.27 29.97 9.19
C THR L 417 43.44 30.80 10.46
N GLY L 418 44.66 30.79 10.99
CA GLY L 418 44.98 31.65 12.12
C GLY L 418 45.09 33.08 11.68
N THR L 419 44.01 33.59 11.09
CA THR L 419 44.04 34.87 10.39
C THR L 419 44.27 36.02 11.37
N ASN L 420 45.25 36.85 11.06
CA ASN L 420 45.55 38.05 11.83
C ASN L 420 45.77 39.18 10.83
N SER L 421 46.36 40.28 11.30
CA SER L 421 46.75 41.39 10.44
C SER L 421 45.56 41.94 9.66
N THR L 422 44.60 42.47 10.42
CA THR L 422 43.41 43.06 9.84
C THR L 422 43.80 44.15 8.84
N TYR L 423 43.16 44.11 7.67
CA TYR L 423 43.47 45.01 6.57
C TYR L 423 42.43 46.12 6.49
N GLN L 424 42.49 46.92 5.43
CA GLN L 424 41.53 47.97 5.18
C GLN L 424 41.25 48.06 3.69
N GLY L 425 40.01 48.37 3.33
CA GLY L 425 39.66 48.50 1.94
C GLY L 425 40.25 49.75 1.32
N VAL L 426 40.54 49.68 0.03
CA VAL L 426 41.09 50.80 -0.72
C VAL L 426 40.43 50.84 -2.08
N LYS L 427 40.07 52.04 -2.52
CA LYS L 427 39.43 52.27 -3.81
C LYS L 427 40.38 53.04 -4.70
N ILE L 428 40.54 52.57 -5.95
CA ILE L 428 41.45 53.21 -6.89
C ILE L 428 40.85 54.53 -7.36
N THR L 429 41.67 55.40 -7.93
CA THR L 429 41.19 56.61 -8.55
C THR L 429 40.79 56.29 -10.00
N ASN L 430 40.55 57.33 -10.80
CA ASN L 430 40.14 57.15 -12.20
C ASN L 430 41.36 57.38 -13.08
N GLY L 431 42.13 56.32 -13.31
CA GLY L 431 43.29 56.43 -14.17
C GLY L 431 44.23 55.25 -14.10
N ASN L 432 45.53 55.54 -13.99
CA ASN L 432 46.55 54.50 -13.96
C ASN L 432 46.46 53.74 -12.63
N ASP L 433 47.35 52.77 -12.46
CA ASP L 433 47.40 51.97 -11.24
C ASP L 433 48.79 52.06 -10.62
N GLY L 434 49.35 53.26 -10.61
CA GLY L 434 50.66 53.50 -10.04
C GLY L 434 50.60 53.62 -8.53
N ALA L 435 51.69 54.14 -7.96
CA ALA L 435 51.83 54.20 -6.51
C ALA L 435 50.88 55.21 -5.87
N GLU L 436 50.36 56.17 -6.62
CA GLU L 436 49.59 57.27 -6.05
C GLU L 436 48.23 57.42 -6.72
N GLU L 437 47.50 56.31 -6.87
CA GLU L 437 46.13 56.35 -7.37
C GLU L 437 45.20 55.47 -6.55
N SER L 438 45.37 55.41 -5.24
CA SER L 438 44.52 54.64 -4.35
C SER L 438 43.90 55.55 -3.30
N GLU L 439 42.63 55.29 -2.98
CA GLU L 439 41.89 56.07 -1.99
C GLU L 439 41.40 55.13 -0.91
N TRP L 440 41.96 55.26 0.29
CA TRP L 440 41.56 54.45 1.43
C TRP L 440 40.33 54.98 2.14
N GLU L 441 39.60 55.88 1.51
CA GLU L 441 38.41 56.49 2.10
C GLU L 441 37.12 55.79 1.65
N LYS L 442 37.19 54.48 1.43
CA LYS L 442 36.05 53.72 0.96
C LYS L 442 35.11 53.41 2.13
N ASP L 443 34.18 52.49 1.91
CA ASP L 443 33.15 52.13 2.89
C ASP L 443 33.39 50.75 3.49
N ASP L 444 34.65 50.44 3.77
CA ASP L 444 35.04 49.19 4.42
C ASP L 444 35.74 49.52 5.74
N ALA L 445 36.29 48.50 6.39
CA ALA L 445 36.93 48.68 7.69
C ALA L 445 38.13 49.62 7.58
N ILE L 446 38.01 50.81 8.14
CA ILE L 446 39.09 51.79 8.03
C ILE L 446 40.27 51.40 8.89
N SER L 447 40.05 51.25 10.20
CA SER L 447 41.14 50.91 11.11
C SER L 447 40.77 49.86 12.15
N ARG L 448 39.51 49.43 12.24
CA ARG L 448 39.12 48.53 13.32
C ARG L 448 39.48 47.08 13.00
N GLN L 449 38.86 46.51 11.97
CA GLN L 449 39.05 45.09 11.72
C GLN L 449 38.59 44.65 10.33
N ASN L 450 39.53 44.16 9.51
CA ASN L 450 39.19 43.42 8.30
C ASN L 450 40.32 42.40 8.10
N GLN L 451 40.12 41.20 8.60
CA GLN L 451 41.19 40.22 8.73
C GLN L 451 41.20 39.28 7.52
N ILE L 452 42.37 39.15 6.90
CA ILE L 452 42.55 38.29 5.74
C ILE L 452 43.91 37.60 5.86
N CYS L 453 43.95 36.30 5.60
CA CYS L 453 45.21 35.57 5.63
C CYS L 453 46.00 35.85 4.37
N LYS L 454 47.20 36.41 4.53
CA LYS L 454 47.98 36.83 3.37
C LYS L 454 48.46 35.65 2.55
N GLY L 455 49.05 34.66 3.21
CA GLY L 455 49.64 33.53 2.53
C GLY L 455 48.75 32.30 2.56
N ASN L 456 49.38 31.14 2.49
CA ASN L 456 48.66 29.88 2.55
C ASN L 456 48.02 29.69 3.92
N VAL L 457 47.25 28.61 4.05
CA VAL L 457 46.62 28.30 5.33
C VAL L 457 47.66 27.84 6.32
N TYR L 458 47.60 28.40 7.54
CA TYR L 458 48.48 27.92 8.59
C TYR L 458 48.11 26.50 8.97
N ALA L 459 49.12 25.65 9.12
CA ALA L 459 48.87 24.23 9.36
C ALA L 459 50.04 23.64 10.12
N MET L 460 49.99 22.32 10.30
CA MET L 460 50.95 21.59 11.10
C MET L 460 50.79 20.11 10.79
N GLU L 461 51.89 19.41 10.54
CA GLU L 461 51.85 18.08 9.97
C GLU L 461 52.11 17.00 11.00
N ILE L 462 51.38 15.90 10.89
CA ILE L 462 51.55 14.72 11.71
C ILE L 462 51.47 13.49 10.82
N ASN L 463 52.41 12.57 10.99
CA ASN L 463 52.40 11.30 10.26
C ASN L 463 51.65 10.29 11.12
N LEU L 464 50.32 10.28 11.02
CA LEU L 464 49.53 9.41 11.88
C LEU L 464 49.77 7.94 11.58
N GLN L 465 49.91 7.58 10.32
CA GLN L 465 50.11 6.16 9.98
C GLN L 465 51.37 5.62 10.63
N ALA L 466 52.45 6.41 10.64
CA ALA L 466 53.66 5.98 11.32
C ALA L 466 53.49 6.01 12.83
N ASN L 467 52.88 7.07 13.36
CA ASN L 467 52.65 7.14 14.79
C ASN L 467 51.80 5.98 15.28
N LEU L 468 50.74 5.65 14.54
CA LEU L 468 49.88 4.54 14.93
C LEU L 468 50.63 3.22 14.91
N TRP L 469 51.63 3.10 14.03
CA TRP L 469 52.40 1.87 13.95
C TRP L 469 53.37 1.74 15.12
N LYS L 470 54.04 2.83 15.49
CA LYS L 470 54.96 2.79 16.62
C LYS L 470 54.24 2.47 17.91
N SER L 471 53.05 3.04 18.09
CA SER L 471 52.28 2.78 19.31
C SER L 471 51.92 1.31 19.42
N PHE L 472 51.54 0.69 18.32
CA PHE L 472 51.22 -0.73 18.34
C PHE L 472 52.42 -1.56 18.75
N LEU L 473 53.59 -1.21 18.22
CA LEU L 473 54.80 -1.95 18.57
C LEU L 473 55.15 -1.78 20.03
N TYR L 474 55.19 -0.53 20.51
CA TYR L 474 55.63 -0.28 21.88
C TYR L 474 54.69 -0.94 22.88
N SER L 475 53.39 -0.81 22.65
CA SER L 475 52.42 -1.34 23.61
C SER L 475 52.41 -2.86 23.64
N ASN L 476 52.62 -3.52 22.51
CA ASN L 476 52.45 -4.96 22.42
C ASN L 476 53.73 -5.77 22.48
N VAL L 477 54.87 -5.18 22.13
CA VAL L 477 56.12 -5.93 22.19
C VAL L 477 57.22 -5.22 22.95
N ALA L 478 57.18 -3.89 23.13
CA ALA L 478 58.26 -3.24 23.86
C ALA L 478 58.12 -3.46 25.35
N LEU L 479 56.90 -3.40 25.88
CA LEU L 479 56.71 -3.66 27.31
C LEU L 479 56.49 -5.12 27.60
N TYR L 480 57.27 -6.00 27.00
CA TYR L 480 57.27 -7.40 27.37
C TYR L 480 58.65 -8.03 27.29
N LEU L 481 59.68 -7.25 27.00
CA LEU L 481 61.02 -7.77 26.98
C LEU L 481 61.44 -8.15 28.40
N PRO L 482 62.38 -9.08 28.53
CA PRO L 482 62.82 -9.50 29.87
C PRO L 482 63.36 -8.32 30.65
N ASP L 483 63.24 -8.41 31.98
CA ASP L 483 63.53 -7.27 32.84
C ASP L 483 64.96 -6.77 32.70
N SER L 484 65.87 -7.61 32.20
CA SER L 484 67.25 -7.16 32.02
C SER L 484 67.35 -5.99 31.06
N TYR L 485 66.43 -5.89 30.10
CA TYR L 485 66.46 -4.78 29.16
C TYR L 485 65.95 -3.48 29.79
N LYS L 486 64.96 -3.58 30.67
CA LYS L 486 64.38 -2.39 31.26
C LYS L 486 65.33 -1.78 32.28
N TYR L 487 65.17 -0.48 32.49
CA TYR L 487 65.98 0.25 33.47
C TYR L 487 65.07 1.02 34.39
N THR L 488 65.40 1.02 35.68
CA THR L 488 64.61 1.76 36.65
C THR L 488 64.85 3.26 36.47
N PRO L 489 63.80 4.06 36.33
CA PRO L 489 64.00 5.50 36.16
C PRO L 489 64.46 6.14 37.46
N ALA L 490 65.05 7.32 37.32
CA ALA L 490 65.55 8.02 38.49
C ALA L 490 64.40 8.60 39.31
N ASN L 491 64.71 8.91 40.57
CA ASN L 491 63.77 9.57 41.49
C ASN L 491 62.51 8.75 41.73
N VAL L 492 62.61 7.43 41.62
CA VAL L 492 61.52 6.55 41.99
C VAL L 492 62.08 5.42 42.86
N LYS L 493 61.21 4.84 43.69
CA LYS L 493 61.59 3.76 44.59
C LYS L 493 60.68 2.56 44.34
N LEU L 494 61.28 1.39 44.26
CA LEU L 494 60.59 0.17 43.85
C LEU L 494 60.76 -0.91 44.90
N PRO L 495 59.81 -1.84 44.98
CA PRO L 495 59.90 -2.90 46.00
C PRO L 495 61.03 -3.87 45.73
N ALA L 496 61.18 -4.87 46.60
CA ALA L 496 62.30 -5.78 46.51
C ALA L 496 62.06 -6.87 45.47
N ASN L 497 61.05 -7.70 45.69
CA ASN L 497 60.83 -8.85 44.82
C ASN L 497 60.38 -8.40 43.44
N THR L 498 60.86 -9.10 42.43
CA THR L 498 60.61 -8.73 41.04
C THR L 498 59.29 -9.27 40.51
N ASN L 499 58.51 -9.96 41.33
CA ASN L 499 57.27 -10.57 40.86
C ASN L 499 56.06 -9.70 41.10
N THR L 500 56.12 -8.75 42.04
CA THR L 500 54.97 -7.93 42.34
C THR L 500 54.60 -7.03 41.17
N TYR L 501 53.30 -6.86 40.97
CA TYR L 501 52.83 -6.03 39.86
C TYR L 501 53.32 -4.60 39.98
N GLU L 502 53.54 -4.14 41.20
CA GLU L 502 54.04 -2.79 41.40
C GLU L 502 55.42 -2.61 40.77
N TYR L 503 56.27 -3.62 40.92
CA TYR L 503 57.63 -3.51 40.38
C TYR L 503 57.64 -3.63 38.86
N MET L 504 56.93 -4.61 38.32
CA MET L 504 57.05 -4.88 36.89
C MET L 504 56.25 -3.92 36.04
N ASN L 505 55.59 -2.93 36.64
CA ASN L 505 54.96 -1.85 35.90
C ASN L 505 55.57 -0.50 36.16
N GLY L 506 56.41 -0.38 37.19
CA GLY L 506 57.07 0.87 37.49
C GLY L 506 58.43 0.98 36.84
N ARG L 507 58.68 0.15 35.83
CA ARG L 507 59.93 0.16 35.10
C ARG L 507 59.66 0.58 33.66
N VAL L 508 60.62 1.28 33.07
CA VAL L 508 60.47 1.91 31.76
C VAL L 508 61.37 1.21 30.76
N VAL L 509 60.80 0.89 29.60
CA VAL L 509 61.55 0.31 28.48
C VAL L 509 61.84 1.42 27.49
N ALA L 510 63.00 1.36 26.88
CA ALA L 510 63.33 2.32 25.83
C ALA L 510 62.53 1.97 24.58
N PRO L 511 61.70 2.89 24.07
CA PRO L 511 60.95 2.59 22.84
C PRO L 511 61.85 2.25 21.66
N SER L 512 63.03 2.87 21.58
CA SER L 512 63.93 2.57 20.47
C SER L 512 64.49 1.16 20.55
N LEU L 513 64.32 0.48 21.68
CA LEU L 513 64.80 -0.90 21.80
C LEU L 513 64.13 -1.80 20.77
N VAL L 514 62.84 -1.61 20.55
CA VAL L 514 62.13 -2.17 19.40
C VAL L 514 61.29 -1.04 18.83
N ASP L 515 61.84 -0.35 17.84
CA ASP L 515 61.16 0.76 17.19
C ASP L 515 60.52 0.28 15.90
N ALA L 516 60.05 1.21 15.07
CA ALA L 516 59.39 0.89 13.82
C ALA L 516 60.38 0.62 12.69
N TYR L 517 61.63 0.32 13.00
CA TYR L 517 62.64 0.06 11.98
C TYR L 517 63.46 -1.18 12.31
N ILE L 518 62.91 -2.11 13.07
CA ILE L 518 63.62 -3.33 13.43
C ILE L 518 63.22 -4.43 12.44
N ASN L 519 64.22 -5.04 11.82
CA ASN L 519 64.01 -6.16 10.93
C ASN L 519 62.99 -5.82 9.84
N ILE L 520 63.16 -4.64 9.24
CA ILE L 520 62.18 -4.12 8.31
C ILE L 520 62.08 -5.05 7.11
N GLY L 521 60.84 -5.35 6.71
CA GLY L 521 60.63 -6.26 5.61
C GLY L 521 60.97 -7.70 5.91
N ALA L 522 60.91 -8.11 7.17
CA ALA L 522 61.24 -9.47 7.56
C ALA L 522 60.23 -9.97 8.57
N ARG L 523 60.06 -11.29 8.62
CA ARG L 523 59.19 -11.94 9.59
C ARG L 523 59.95 -12.38 10.83
N TRP L 524 60.97 -11.64 11.23
CA TRP L 524 61.86 -12.06 12.30
C TRP L 524 61.21 -11.83 13.65
N SER L 525 60.86 -12.92 14.34
CA SER L 525 60.50 -12.83 15.74
C SER L 525 61.70 -12.34 16.53
N LEU L 526 61.47 -11.35 17.40
CA LEU L 526 62.57 -10.75 18.14
C LEU L 526 63.25 -11.79 19.01
N ASP L 527 64.57 -11.91 18.85
CA ASP L 527 65.33 -12.86 19.66
C ASP L 527 65.23 -12.61 21.16
N PRO L 528 65.33 -11.39 21.67
CA PRO L 528 65.22 -11.21 23.13
C PRO L 528 63.92 -11.75 23.70
N MET L 529 62.81 -11.56 23.00
CA MET L 529 61.51 -12.00 23.46
C MET L 529 61.13 -13.36 22.91
N ASP L 530 62.02 -13.98 22.12
CA ASP L 530 61.72 -15.25 21.48
C ASP L 530 61.35 -16.32 22.51
N ASN L 531 62.14 -16.43 23.58
CA ASN L 531 61.88 -17.42 24.63
C ASN L 531 61.17 -16.81 25.83
N VAL L 532 60.28 -15.86 25.58
CA VAL L 532 59.44 -15.27 26.60
C VAL L 532 58.01 -15.75 26.37
N ASN L 533 57.37 -16.25 27.43
CA ASN L 533 56.03 -16.83 27.39
C ASN L 533 55.10 -15.96 26.58
N PRO L 534 54.62 -16.41 25.42
CA PRO L 534 53.83 -15.56 24.55
C PRO L 534 52.34 -15.54 24.88
N PHE L 535 51.90 -16.31 25.87
CA PHE L 535 50.50 -16.39 26.23
C PHE L 535 50.14 -15.43 27.35
N ASN L 536 51.09 -14.62 27.80
CA ASN L 536 50.87 -13.58 28.80
C ASN L 536 50.84 -12.25 28.06
N HIS L 537 49.65 -11.85 27.60
CA HIS L 537 49.54 -10.69 26.74
C HIS L 537 48.13 -10.12 26.86
N PRO L 538 47.96 -8.81 26.74
CA PRO L 538 46.60 -8.25 26.71
C PRO L 538 45.84 -8.60 25.46
N ARG L 539 46.50 -9.19 24.45
CA ARG L 539 45.85 -9.64 23.25
C ARG L 539 45.59 -11.15 23.27
N ASN L 540 45.77 -11.79 24.42
CA ASN L 540 45.44 -13.20 24.55
C ASN L 540 43.93 -13.34 24.56
N ALA L 541 43.35 -13.55 23.37
CA ALA L 541 41.90 -13.48 23.23
C ALA L 541 41.20 -14.49 24.12
N GLY L 542 41.86 -15.61 24.40
CA GLY L 542 41.25 -16.60 25.25
C GLY L 542 41.30 -16.25 26.73
N LEU L 543 42.04 -15.21 27.08
CA LEU L 543 42.11 -14.76 28.46
C LEU L 543 41.28 -13.51 28.72
N ARG L 544 41.17 -12.63 27.73
CA ARG L 544 40.24 -11.51 27.85
C ARG L 544 38.82 -12.01 28.08
N TYR L 545 38.39 -12.98 27.29
CA TYR L 545 37.05 -13.52 27.45
C TYR L 545 36.87 -14.18 28.80
N ARG L 546 37.90 -14.88 29.27
CA ARG L 546 37.83 -15.51 30.58
C ARG L 546 37.74 -14.45 31.68
N SER L 547 38.52 -13.38 31.56
CA SER L 547 38.54 -12.37 32.60
C SER L 547 37.27 -11.51 32.59
N MET L 548 36.80 -11.13 31.40
CA MET L 548 35.62 -10.30 31.30
C MET L 548 34.33 -11.07 31.57
N LEU L 549 34.41 -12.40 31.66
CA LEU L 549 33.22 -13.19 31.96
C LEU L 549 32.80 -13.06 33.42
N LEU L 550 33.68 -12.60 34.30
CA LEU L 550 33.36 -12.42 35.70
C LEU L 550 32.95 -10.99 36.04
N GLY L 551 33.40 -10.02 35.28
CA GLY L 551 33.14 -8.62 35.55
C GLY L 551 34.37 -7.77 35.35
N ASN L 552 34.25 -6.51 35.77
CA ASN L 552 35.33 -5.53 35.63
C ASN L 552 35.56 -4.89 37.01
N GLY L 553 36.33 -5.57 37.83
CA GLY L 553 36.68 -5.02 39.14
C GLY L 553 36.88 -6.12 40.15
N ARG L 554 37.31 -5.72 41.33
CA ARG L 554 37.46 -6.64 42.43
C ARG L 554 36.09 -7.05 42.97
N TYR L 555 36.09 -7.99 43.90
CA TYR L 555 34.87 -8.42 44.59
C TYR L 555 33.83 -8.93 43.58
N VAL L 556 34.19 -10.04 42.93
CA VAL L 556 33.33 -10.64 41.92
C VAL L 556 32.77 -11.97 42.41
N PRO L 557 31.51 -12.02 42.83
CA PRO L 557 30.88 -13.32 43.09
C PRO L 557 30.87 -14.16 41.83
N PHE L 558 30.99 -15.48 42.00
CA PHE L 558 31.09 -16.38 40.87
C PHE L 558 30.21 -17.61 41.08
N HIS L 559 29.87 -18.27 39.97
CA HIS L 559 29.02 -19.46 39.99
C HIS L 559 29.57 -20.51 39.04
N ILE L 560 30.86 -20.83 39.16
CA ILE L 560 31.53 -21.73 38.24
C ILE L 560 30.95 -23.14 38.30
N GLN L 561 31.31 -23.99 37.34
CA GLN L 561 30.77 -25.34 37.23
C GLN L 561 31.80 -26.44 37.45
N VAL L 562 33.00 -26.33 36.86
CA VAL L 562 34.10 -27.24 37.16
C VAL L 562 33.76 -28.69 36.84
N PRO L 563 33.76 -29.10 35.57
CA PRO L 563 33.40 -30.48 35.23
C PRO L 563 34.39 -31.50 35.78
N GLN L 564 34.12 -32.77 35.54
CA GLN L 564 34.96 -33.87 36.00
C GLN L 564 35.92 -34.29 34.90
N LYS L 565 37.21 -34.38 35.24
CA LYS L 565 38.23 -34.62 34.24
C LYS L 565 38.95 -35.96 34.36
N PHE L 566 38.87 -36.62 35.50
CA PHE L 566 39.60 -37.87 35.68
C PHE L 566 39.13 -38.91 34.68
N PHE L 567 40.09 -39.62 34.09
CA PHE L 567 39.78 -40.42 32.90
C PHE L 567 38.92 -41.62 33.22
N ALA L 568 39.10 -42.23 34.40
CA ALA L 568 38.40 -43.47 34.70
C ALA L 568 36.91 -43.26 34.91
N ILE L 569 36.51 -42.05 35.33
CA ILE L 569 35.11 -41.80 35.64
C ILE L 569 34.64 -40.56 34.90
N LYS L 570 35.36 -40.18 33.85
CA LYS L 570 34.94 -39.04 33.06
C LYS L 570 33.62 -39.31 32.36
N ASN L 571 33.44 -40.52 31.84
CA ASN L 571 32.21 -40.91 31.17
C ASN L 571 31.81 -42.31 31.59
N LEU L 572 31.98 -42.62 32.86
CA LEU L 572 31.54 -43.90 33.41
C LEU L 572 30.02 -43.96 33.42
N LEU L 573 29.48 -45.16 33.22
CA LEU L 573 28.05 -45.40 33.31
C LEU L 573 27.77 -46.10 34.63
N LEU L 574 27.16 -45.39 35.55
CA LEU L 574 27.03 -45.84 36.94
C LEU L 574 25.72 -46.58 37.12
N LEU L 575 25.81 -47.87 37.43
CA LEU L 575 24.62 -48.66 37.68
C LEU L 575 24.04 -48.29 39.05
N PRO L 576 22.78 -48.64 39.32
CA PRO L 576 22.16 -48.21 40.58
C PRO L 576 22.91 -48.73 41.80
N GLY L 577 22.87 -47.92 42.86
CA GLY L 577 23.55 -48.24 44.09
C GLY L 577 23.56 -47.06 45.04
N SER L 578 24.63 -46.91 45.82
CA SER L 578 24.75 -45.79 46.73
C SER L 578 26.23 -45.53 46.95
N TYR L 579 26.76 -44.49 46.34
CA TYR L 579 28.19 -44.24 46.29
C TYR L 579 28.54 -43.01 47.14
N THR L 580 29.84 -42.81 47.34
CA THR L 580 30.30 -41.75 48.22
C THR L 580 31.25 -40.82 47.49
N TYR L 581 30.84 -40.36 46.32
CA TYR L 581 31.62 -39.43 45.52
C TYR L 581 32.05 -38.23 46.35
N GLU L 582 33.34 -37.93 46.31
CA GLU L 582 33.90 -36.83 47.09
C GLU L 582 35.20 -36.39 46.45
N TRP L 583 35.57 -35.13 46.67
CA TRP L 583 36.74 -34.58 46.00
C TRP L 583 37.38 -33.52 46.88
N ASN L 584 38.54 -33.03 46.44
CA ASN L 584 39.38 -32.13 47.23
C ASN L 584 39.77 -30.95 46.34
N PHE L 585 39.27 -29.76 46.65
CA PHE L 585 39.49 -28.60 45.81
C PHE L 585 40.68 -27.79 46.31
N ARG L 586 41.16 -26.90 45.45
CA ARG L 586 42.34 -26.10 45.73
C ARG L 586 41.93 -24.66 45.98
N LYS L 587 42.20 -24.15 47.18
CA LYS L 587 41.85 -22.80 47.55
C LYS L 587 42.95 -21.80 47.25
N ASP L 588 44.11 -22.26 46.77
CA ASP L 588 45.22 -21.37 46.50
C ASP L 588 44.86 -20.38 45.40
N VAL L 589 45.07 -19.10 45.67
CA VAL L 589 44.75 -18.07 44.70
C VAL L 589 45.72 -18.10 43.52
N ASN L 590 47.01 -18.33 43.81
CA ASN L 590 48.02 -18.28 42.76
C ASN L 590 47.80 -19.36 41.71
N MET L 591 47.17 -20.46 42.08
CA MET L 591 47.03 -21.58 41.16
C MET L 591 45.74 -21.53 40.35
N ILE L 592 44.62 -21.13 40.96
CA ILE L 592 43.33 -21.16 40.30
C ILE L 592 43.02 -19.88 39.54
N LEU L 593 43.88 -18.87 39.63
CA LEU L 593 43.70 -17.61 38.92
C LEU L 593 44.86 -17.40 37.96
N GLN L 594 44.54 -17.10 36.71
CA GLN L 594 45.54 -16.84 35.69
C GLN L 594 45.65 -15.32 35.49
N SER L 595 46.85 -14.79 35.63
CA SER L 595 47.09 -13.37 35.47
C SER L 595 47.69 -13.10 34.10
N SER L 596 47.65 -11.93 33.58
CA SER L 596 48.31 -11.77 32.34
C SER L 596 49.69 -11.36 32.48
N LEU L 597 49.99 -10.38 33.25
CA LEU L 597 51.31 -9.94 33.33
C LEU L 597 52.11 -11.00 33.88
N GLY L 598 51.54 -11.93 34.60
CA GLY L 598 52.32 -12.95 35.27
C GLY L 598 52.69 -12.62 36.68
N ASN L 599 52.06 -11.65 37.28
CA ASN L 599 52.50 -11.24 38.59
C ASN L 599 52.22 -12.23 39.57
N ASP L 600 52.91 -12.21 40.67
CA ASP L 600 52.62 -13.09 41.73
C ASP L 600 51.37 -12.62 42.21
N LEU L 601 50.48 -13.52 42.33
CA LEU L 601 49.11 -13.23 42.76
C LEU L 601 48.89 -13.45 44.25
N ARG L 602 49.65 -14.35 44.87
CA ARG L 602 49.37 -14.71 46.26
C ARG L 602 49.64 -13.57 47.23
N VAL L 603 50.32 -12.50 46.79
CA VAL L 603 50.61 -11.38 47.67
C VAL L 603 49.58 -10.26 47.57
N ASP L 604 48.59 -10.37 46.68
CA ASP L 604 47.65 -9.28 46.46
C ASP L 604 46.19 -9.67 46.75
N GLY L 605 45.67 -10.73 46.11
CA GLY L 605 44.28 -11.08 46.22
C GLY L 605 44.10 -12.56 46.56
N ALA L 606 42.85 -12.96 46.75
CA ALA L 606 42.57 -14.32 47.18
C ALA L 606 41.11 -14.67 46.91
N SER L 607 40.88 -15.83 46.30
CA SER L 607 39.55 -16.42 46.21
C SER L 607 39.18 -16.96 47.58
N VAL L 608 38.92 -16.05 48.52
CA VAL L 608 38.98 -16.38 49.94
C VAL L 608 37.95 -17.45 50.29
N ARG L 609 36.73 -17.30 49.80
CA ARG L 609 35.61 -18.08 50.31
C ARG L 609 35.02 -18.96 49.22
N PHE L 610 34.91 -20.25 49.52
CA PHE L 610 34.04 -21.17 48.80
C PHE L 610 32.80 -21.31 49.67
N ASP L 611 31.77 -20.52 49.37
CA ASP L 611 30.60 -20.49 50.23
C ASP L 611 29.89 -21.84 50.27
N SER L 612 29.71 -22.46 49.11
CA SER L 612 29.05 -23.76 49.06
C SER L 612 29.39 -24.44 47.74
N VAL L 613 29.20 -25.75 47.72
CA VAL L 613 29.46 -26.55 46.52
C VAL L 613 28.61 -27.81 46.59
N ASN L 614 27.91 -28.10 45.50
CA ASN L 614 27.06 -29.28 45.44
C ASN L 614 26.90 -29.73 44.00
N LEU L 615 27.30 -30.97 43.73
CA LEU L 615 27.32 -31.50 42.37
C LEU L 615 25.89 -31.74 41.90
N TYR L 616 25.69 -31.64 40.58
CA TYR L 616 24.40 -31.88 39.95
C TYR L 616 24.52 -33.07 39.02
N ALA L 617 23.53 -33.95 39.05
CA ALA L 617 23.47 -35.07 38.14
C ALA L 617 22.42 -34.80 37.07
N THR L 618 22.22 -35.79 36.20
CA THR L 618 21.16 -35.71 35.19
C THR L 618 20.88 -37.11 34.68
N PHE L 619 19.65 -37.58 34.85
CA PHE L 619 19.28 -38.94 34.54
C PHE L 619 18.43 -38.97 33.29
N PHE L 620 18.76 -39.86 32.36
CA PHE L 620 17.88 -40.08 31.23
C PHE L 620 16.62 -40.77 31.73
N PRO L 621 15.45 -40.19 31.55
CA PRO L 621 14.24 -40.87 32.02
C PRO L 621 13.94 -42.07 31.14
N MET L 622 14.26 -43.25 31.64
CA MET L 622 14.19 -44.48 30.85
C MET L 622 13.20 -45.43 31.49
N ALA L 623 12.41 -46.11 30.66
CA ALA L 623 11.42 -47.03 31.18
C ALA L 623 12.10 -48.08 32.04
N HIS L 624 11.52 -48.34 33.22
CA HIS L 624 12.18 -49.22 34.17
C HIS L 624 12.23 -50.65 33.68
N ASN L 625 11.50 -50.97 32.60
CA ASN L 625 11.71 -52.25 31.94
C ASN L 625 12.98 -52.23 31.11
N THR L 626 13.39 -51.06 30.63
CA THR L 626 14.59 -50.93 29.82
C THR L 626 15.82 -50.68 30.67
N ALA L 627 15.71 -49.80 31.67
CA ALA L 627 16.84 -49.54 32.55
C ALA L 627 17.22 -50.79 33.35
N SER L 628 16.22 -51.57 33.75
CA SER L 628 16.51 -52.81 34.46
C SER L 628 17.24 -53.80 33.56
N THR L 629 16.80 -53.94 32.30
CA THR L 629 17.52 -54.81 31.39
C THR L 629 18.92 -54.30 31.10
N LEU L 630 19.05 -53.00 30.88
CA LEU L 630 20.38 -52.43 30.66
C LEU L 630 21.27 -52.63 31.86
N GLU L 631 20.73 -52.45 33.06
CA GLU L 631 21.50 -52.71 34.27
C GLU L 631 21.81 -54.19 34.41
N ALA L 632 20.86 -55.05 34.03
CA ALA L 632 21.07 -56.49 34.18
C ALA L 632 22.23 -56.96 33.31
N MET L 633 22.33 -56.42 32.09
CA MET L 633 23.46 -56.78 31.23
C MET L 633 24.76 -56.19 31.76
N LEU L 634 24.74 -54.91 32.10
CA LEU L 634 25.99 -54.19 32.36
C LEU L 634 26.71 -54.69 33.60
N ARG L 635 26.08 -55.51 34.42
CA ARG L 635 26.77 -56.09 35.57
C ARG L 635 27.08 -57.57 35.36
N ASN L 636 27.32 -58.00 34.14
CA ASN L 636 27.94 -59.29 33.91
C ASN L 636 29.46 -59.14 33.96
N ASP L 637 30.14 -60.28 34.00
CA ASP L 637 31.60 -60.26 34.08
C ASP L 637 32.22 -59.71 32.81
N THR L 638 31.71 -60.12 31.65
CA THR L 638 32.31 -59.75 30.38
C THR L 638 31.93 -58.34 29.92
N HIS L 639 31.02 -57.68 30.61
CA HIS L 639 30.47 -56.41 30.18
C HIS L 639 31.12 -55.21 30.85
N ASP L 640 32.17 -55.41 31.62
CA ASP L 640 32.80 -54.29 32.30
C ASP L 640 33.35 -53.30 31.27
N GLN L 641 33.32 -52.03 31.64
CA GLN L 641 33.64 -50.95 30.72
C GLN L 641 35.09 -50.57 30.85
N SER L 642 35.73 -50.26 29.72
CA SER L 642 37.16 -50.00 29.68
C SER L 642 37.41 -48.60 29.15
N PHE L 643 38.07 -47.77 29.95
CA PHE L 643 38.45 -46.44 29.56
C PHE L 643 39.96 -46.34 29.51
N ASN L 644 40.46 -45.34 28.79
CA ASN L 644 41.90 -45.13 28.76
C ASN L 644 42.18 -43.64 28.68
N ASP L 645 43.25 -43.22 29.34
CA ASP L 645 43.71 -41.84 29.24
C ASP L 645 43.98 -41.48 27.79
N TYR L 646 43.54 -40.29 27.38
CA TYR L 646 43.86 -39.85 26.03
C TYR L 646 45.36 -39.66 25.87
N LEU L 647 45.97 -38.91 26.77
CA LEU L 647 47.43 -38.80 26.80
C LEU L 647 47.98 -39.96 27.63
N SER L 648 47.93 -41.14 27.02
CA SER L 648 48.32 -42.35 27.74
C SER L 648 49.82 -42.31 27.93
N ALA L 649 50.26 -41.68 29.01
CA ALA L 649 51.65 -41.29 29.13
C ALA L 649 52.05 -41.23 30.59
N ALA L 650 53.25 -41.74 30.90
CA ALA L 650 53.87 -41.60 32.19
C ALA L 650 55.02 -40.61 32.05
N ASN L 651 54.90 -39.47 32.73
CA ASN L 651 55.80 -38.35 32.49
C ASN L 651 56.58 -37.99 33.73
N MET L 652 57.82 -37.55 33.54
CA MET L 652 58.66 -37.05 34.61
C MET L 652 59.41 -35.84 34.09
N LEU L 653 59.84 -34.99 35.02
CA LEU L 653 60.54 -33.76 34.70
C LEU L 653 61.97 -33.85 35.19
N TYR L 654 62.93 -33.78 34.27
CA TYR L 654 64.34 -33.82 34.62
C TYR L 654 64.89 -32.40 34.64
N PRO L 655 65.36 -31.90 35.77
CA PRO L 655 65.84 -30.52 35.81
C PRO L 655 67.10 -30.34 34.97
N ILE L 656 67.23 -29.14 34.40
CA ILE L 656 68.43 -28.75 33.68
C ILE L 656 68.87 -27.41 34.23
N PRO L 657 70.09 -27.28 34.73
CA PRO L 657 70.49 -26.03 35.40
C PRO L 657 70.57 -24.85 34.46
N ALA L 658 70.89 -23.68 34.99
CA ALA L 658 70.99 -22.48 34.18
C ALA L 658 72.17 -22.59 33.23
N LYS L 659 71.94 -22.22 31.98
CA LYS L 659 72.96 -22.13 30.94
C LYS L 659 73.58 -23.49 30.59
N ALA L 660 73.09 -24.58 31.17
CA ALA L 660 73.56 -25.90 30.77
C ALA L 660 73.10 -26.22 29.36
N THR L 661 73.85 -27.09 28.70
CA THR L 661 73.61 -27.37 27.29
C THR L 661 73.10 -28.77 27.00
N ASN L 662 73.40 -29.77 27.84
CA ASN L 662 72.94 -31.13 27.59
C ASN L 662 72.22 -31.65 28.82
N VAL L 663 71.26 -32.54 28.58
CA VAL L 663 70.48 -33.15 29.66
C VAL L 663 70.69 -34.66 29.60
N PRO L 664 71.69 -35.19 30.28
CA PRO L 664 71.89 -36.64 30.28
C PRO L 664 70.89 -37.34 31.19
N ILE L 665 70.06 -38.21 30.61
CA ILE L 665 69.10 -38.98 31.39
C ILE L 665 69.45 -40.45 31.23
N SER L 666 68.88 -41.27 32.11
CA SER L 666 69.13 -42.70 32.06
C SER L 666 68.00 -43.43 32.76
N ILE L 667 67.85 -44.71 32.44
CA ILE L 667 66.82 -45.56 33.01
C ILE L 667 67.44 -46.94 33.24
N PRO L 668 67.25 -47.47 34.43
CA PRO L 668 67.89 -48.74 34.57
C PRO L 668 67.07 -49.73 33.88
N SER L 669 67.35 -51.00 34.02
CA SER L 669 66.64 -51.96 33.27
C SER L 669 65.17 -52.10 33.48
N ARG L 670 64.40 -52.27 32.43
CA ARG L 670 62.99 -52.38 32.51
C ARG L 670 62.53 -53.17 31.34
N ASN L 671 61.28 -53.55 31.26
CA ASN L 671 60.75 -54.23 30.09
C ASN L 671 60.11 -53.14 29.37
N TRP L 672 60.18 -53.06 28.05
CA TRP L 672 59.49 -52.05 27.29
C TRP L 672 58.41 -52.79 26.61
N ALA L 673 57.51 -53.40 27.37
CA ALA L 673 56.56 -54.39 26.88
C ALA L 673 55.70 -53.84 25.75
N ALA L 674 55.11 -52.67 25.93
CA ALA L 674 54.23 -52.09 24.94
C ALA L 674 54.51 -50.60 24.78
N PHE L 675 55.78 -50.25 24.70
CA PHE L 675 56.16 -48.85 24.52
C PHE L 675 55.52 -48.30 23.25
N ARG L 676 55.33 -46.98 23.22
CA ARG L 676 54.57 -46.40 22.13
C ARG L 676 55.22 -45.14 21.58
N GLY L 677 56.23 -44.62 22.25
CA GLY L 677 56.95 -43.47 21.74
C GLY L 677 57.40 -42.55 22.86
N TRP L 678 57.96 -41.42 22.45
CA TRP L 678 58.42 -40.38 23.36
C TRP L 678 57.69 -39.07 23.07
N SER L 679 57.96 -38.07 23.92
CA SER L 679 57.50 -36.71 23.73
C SER L 679 58.20 -35.83 24.75
N PHE L 680 58.63 -34.64 24.33
CA PHE L 680 59.41 -33.83 25.24
C PHE L 680 59.31 -32.36 24.86
N THR L 681 59.64 -31.52 25.84
CA THR L 681 59.62 -30.07 25.72
C THR L 681 60.21 -29.51 27.01
N ARG L 682 60.93 -28.41 26.90
CA ARG L 682 61.55 -27.81 28.08
C ARG L 682 60.63 -26.74 28.65
N LEU L 683 60.48 -26.77 29.97
CA LEU L 683 59.61 -25.87 30.69
C LEU L 683 60.44 -25.01 31.63
N LYS L 684 60.16 -23.71 31.65
CA LYS L 684 60.80 -22.84 32.63
C LYS L 684 60.35 -23.25 34.02
N THR L 685 61.27 -23.20 34.99
CA THR L 685 61.00 -23.82 36.28
C THR L 685 59.99 -23.03 37.10
N LYS L 686 60.04 -21.70 37.03
CA LYS L 686 59.08 -20.91 37.79
C LYS L 686 57.66 -21.07 37.29
N GLU L 687 57.49 -21.63 36.10
CA GLU L 687 56.18 -21.91 35.53
C GLU L 687 55.77 -23.36 35.71
N THR L 688 56.16 -23.98 36.82
CA THR L 688 55.82 -25.37 37.07
C THR L 688 55.76 -25.64 38.56
N PRO L 689 54.58 -25.89 39.11
CA PRO L 689 54.47 -26.26 40.52
C PRO L 689 54.88 -27.71 40.74
N SER L 690 55.06 -28.06 42.00
CA SER L 690 55.39 -29.42 42.39
C SER L 690 54.10 -30.11 42.84
N LEU L 691 53.45 -30.81 41.92
CA LEU L 691 52.18 -31.45 42.23
C LEU L 691 52.32 -32.66 43.15
N GLY L 692 53.55 -33.11 43.41
CA GLY L 692 53.74 -34.22 44.33
C GLY L 692 53.28 -33.96 45.73
N SER L 693 53.06 -32.70 46.10
CA SER L 693 52.58 -32.35 47.43
C SER L 693 51.33 -31.49 47.33
N GLY L 694 50.91 -30.91 48.46
CA GLY L 694 49.82 -29.95 48.43
C GLY L 694 50.32 -28.60 47.97
N PHE L 695 49.83 -27.53 48.57
CA PHE L 695 50.27 -26.20 48.21
C PHE L 695 51.75 -26.03 48.53
N ASP L 696 52.49 -25.45 47.58
CA ASP L 696 53.93 -25.26 47.74
C ASP L 696 54.26 -23.78 47.79
N PRO L 697 55.07 -23.36 48.76
CA PRO L 697 55.33 -21.94 48.99
C PRO L 697 56.38 -21.32 48.07
N TYR L 698 56.79 -21.99 47.01
CA TYR L 698 57.74 -21.41 46.07
C TYR L 698 57.13 -21.05 44.73
N PHE L 699 56.00 -21.64 44.37
CA PHE L 699 55.33 -21.33 43.12
C PHE L 699 54.77 -19.92 43.19
N VAL L 700 55.47 -18.98 42.56
CA VAL L 700 55.09 -17.59 42.55
C VAL L 700 54.93 -17.05 41.18
N TYR L 701 54.07 -17.58 40.33
CA TYR L 701 54.01 -17.11 38.97
C TYR L 701 52.71 -16.57 38.56
N SER L 702 51.64 -17.30 38.70
CA SER L 702 50.35 -16.87 38.20
C SER L 702 50.16 -16.50 36.79
N GLY L 703 50.49 -17.33 35.86
CA GLY L 703 50.42 -16.99 34.46
C GLY L 703 50.38 -18.32 33.84
N SER L 704 50.21 -18.45 32.56
CA SER L 704 50.03 -19.76 32.01
C SER L 704 51.06 -20.73 32.35
N ILE L 705 50.72 -21.81 33.01
CA ILE L 705 51.66 -22.88 33.32
C ILE L 705 51.54 -23.97 32.27
N PRO L 706 52.46 -24.05 31.31
CA PRO L 706 52.30 -25.01 30.22
C PRO L 706 52.44 -26.45 30.64
N TYR L 707 52.82 -26.72 31.90
CA TYR L 707 52.99 -28.10 32.33
C TYR L 707 51.67 -28.87 32.25
N LEU L 708 50.58 -28.24 32.68
CA LEU L 708 49.28 -28.89 32.66
C LEU L 708 48.28 -28.15 31.78
N ASP L 709 48.62 -26.93 31.34
CA ASP L 709 47.72 -26.12 30.53
C ASP L 709 47.83 -26.40 29.04
N GLY L 710 48.84 -27.16 28.61
CA GLY L 710 48.99 -27.47 27.20
C GLY L 710 49.30 -26.29 26.32
N THR L 711 50.22 -25.44 26.74
CA THR L 711 50.59 -24.23 26.00
C THR L 711 52.11 -24.11 25.90
N PHE L 712 52.80 -25.06 25.34
CA PHE L 712 54.26 -25.05 25.36
C PHE L 712 54.91 -24.11 24.43
N TYR L 713 56.01 -23.51 24.79
CA TYR L 713 56.62 -22.50 23.99
C TYR L 713 58.08 -22.46 23.80
N LEU L 714 58.87 -23.36 24.32
CA LEU L 714 60.30 -23.28 24.28
C LEU L 714 60.71 -24.49 23.60
N ASN L 715 59.85 -25.12 22.86
CA ASN L 715 60.19 -26.38 22.29
C ASN L 715 61.09 -26.20 21.19
N HIS L 716 61.34 -25.00 20.81
CA HIS L 716 62.14 -24.69 19.69
C HIS L 716 63.54 -24.53 19.97
N THR L 717 63.98 -24.79 21.18
CA THR L 717 65.35 -24.76 21.43
C THR L 717 65.80 -26.12 21.78
N PHE L 718 66.25 -26.92 20.85
CA PHE L 718 66.79 -28.22 21.11
C PHE L 718 67.76 -28.41 19.95
N LYS L 719 68.77 -29.27 19.98
CA LYS L 719 69.80 -29.48 18.98
C LYS L 719 69.89 -30.93 18.53
N LYS L 720 70.02 -31.87 19.45
CA LYS L 720 70.08 -33.27 19.05
C LYS L 720 69.54 -34.15 20.16
N VAL L 721 69.03 -35.31 19.75
CA VAL L 721 68.53 -36.33 20.67
C VAL L 721 69.20 -37.64 20.28
N SER L 722 69.86 -38.27 21.25
CA SER L 722 70.57 -39.52 20.99
C SER L 722 70.04 -40.58 21.94
N ILE L 723 69.72 -41.75 21.38
CA ILE L 723 69.14 -42.84 22.13
C ILE L 723 70.03 -44.06 21.98
N MET L 724 70.33 -44.73 23.09
CA MET L 724 71.13 -45.95 23.09
C MET L 724 70.40 -46.97 23.95
N PHE L 725 69.77 -47.95 23.32
CA PHE L 725 68.79 -48.76 24.04
C PHE L 725 69.46 -49.66 25.06
N ASP L 726 70.53 -50.32 24.68
CA ASP L 726 71.41 -50.91 25.68
C ASP L 726 72.52 -49.92 25.98
N SER L 727 73.58 -50.38 26.64
CA SER L 727 74.70 -49.49 26.86
C SER L 727 75.49 -49.21 25.58
N SER L 728 75.22 -49.93 24.49
CA SER L 728 76.01 -49.81 23.28
C SER L 728 75.21 -49.37 22.06
N VAL L 729 74.12 -50.06 21.73
CA VAL L 729 73.50 -49.95 20.42
C VAL L 729 72.52 -48.79 20.40
N SER L 730 72.62 -47.95 19.38
CA SER L 730 71.75 -46.79 19.23
C SER L 730 70.43 -47.22 18.61
N TRP L 731 69.31 -46.84 19.25
CA TRP L 731 68.01 -47.25 18.74
C TRP L 731 67.66 -46.69 17.37
N PRO L 732 67.83 -45.36 17.09
CA PRO L 732 67.07 -44.73 16.01
C PRO L 732 66.89 -45.57 14.75
N GLY L 733 67.84 -46.45 14.49
CA GLY L 733 67.70 -47.41 13.43
C GLY L 733 69.04 -48.02 13.07
N ASN L 734 68.97 -49.01 12.19
CA ASN L 734 70.18 -49.58 11.62
C ASN L 734 70.92 -48.49 10.87
N ASP L 735 70.32 -48.03 9.77
CA ASP L 735 70.86 -46.88 9.05
C ASP L 735 69.73 -45.98 8.57
N ARG L 736 68.63 -45.91 9.33
CA ARG L 736 67.39 -45.35 8.84
C ARG L 736 67.25 -43.85 9.10
N LEU L 737 68.36 -43.13 9.18
CA LEU L 737 68.30 -41.69 9.30
C LEU L 737 69.44 -41.08 8.49
N LEU L 738 69.27 -39.79 8.16
CA LEU L 738 70.30 -39.09 7.40
C LEU L 738 71.60 -39.03 8.19
N THR L 739 71.51 -38.80 9.49
CA THR L 739 72.64 -39.00 10.38
C THR L 739 72.37 -40.24 11.20
N PRO L 740 72.99 -41.38 10.89
CA PRO L 740 72.57 -42.65 11.51
C PRO L 740 72.70 -42.67 13.01
N ASN L 741 73.69 -41.99 13.58
CA ASN L 741 73.96 -42.07 15.01
C ASN L 741 72.86 -41.46 15.86
N GLU L 742 72.28 -40.34 15.46
CA GLU L 742 71.43 -39.58 16.35
C GLU L 742 70.42 -38.79 15.55
N PHE L 743 69.40 -38.29 16.25
CA PHE L 743 68.43 -37.35 15.69
C PHE L 743 69.03 -35.96 15.71
N GLU L 744 68.85 -35.22 14.62
CA GLU L 744 69.28 -33.84 14.54
C GLU L 744 68.07 -32.95 14.35
N ILE L 745 67.53 -32.43 15.43
CA ILE L 745 66.32 -31.61 15.32
C ILE L 745 66.59 -30.24 14.71
N LYS L 746 67.71 -29.60 15.05
CA LYS L 746 68.06 -28.33 14.42
C LYS L 746 69.56 -28.34 14.17
N ARG L 747 70.01 -27.64 13.15
CA ARG L 747 71.37 -27.73 12.65
C ARG L 747 71.83 -26.35 12.19
N SER L 748 72.69 -25.71 12.98
CA SER L 748 73.09 -24.34 12.67
C SER L 748 73.92 -24.26 11.40
N VAL L 749 74.96 -25.09 11.29
CA VAL L 749 75.92 -25.01 10.20
C VAL L 749 76.05 -26.37 9.55
N ASP L 750 75.95 -26.40 8.22
CA ASP L 750 76.14 -27.64 7.47
C ASP L 750 76.67 -27.30 6.09
N GLY L 751 77.86 -27.80 5.77
CA GLY L 751 78.35 -27.69 4.41
C GLY L 751 77.57 -28.54 3.43
N GLU L 752 76.93 -29.59 3.92
CA GLU L 752 76.04 -30.43 3.12
C GLU L 752 74.61 -29.97 3.36
N GLY L 753 73.86 -29.81 2.28
CA GLY L 753 72.50 -29.33 2.41
C GLY L 753 71.61 -30.28 3.19
N TYR L 754 71.27 -29.91 4.41
CA TYR L 754 70.42 -30.73 5.28
C TYR L 754 69.41 -29.86 6.00
N ASN L 755 68.81 -28.92 5.29
CA ASN L 755 67.80 -28.03 5.86
C ASN L 755 66.53 -28.12 5.03
N VAL L 756 65.42 -27.71 5.63
CA VAL L 756 64.12 -27.81 4.99
C VAL L 756 63.34 -26.51 5.16
N ALA L 757 62.62 -26.13 4.11
CA ALA L 757 61.64 -25.04 4.17
C ALA L 757 62.28 -23.71 4.56
N GLN L 758 63.49 -23.46 4.03
CA GLN L 758 64.21 -22.21 4.29
C GLN L 758 64.36 -21.96 5.78
N CYS L 759 64.53 -23.03 6.55
CA CYS L 759 64.76 -22.92 7.99
C CYS L 759 66.02 -23.69 8.34
N ASN L 760 66.28 -23.91 9.63
CA ASN L 760 67.50 -24.58 10.05
C ASN L 760 67.26 -25.96 10.64
N MET L 761 66.03 -26.47 10.62
CA MET L 761 65.83 -27.85 11.02
C MET L 761 66.31 -28.79 9.93
N THR L 762 66.39 -30.08 10.25
CA THR L 762 66.96 -31.05 9.33
C THR L 762 65.89 -31.82 8.59
N LYS L 763 66.29 -32.41 7.46
CA LYS L 763 65.33 -33.12 6.62
C LYS L 763 64.76 -34.33 7.35
N ASP L 764 65.61 -35.11 8.01
CA ASP L 764 65.12 -36.30 8.70
C ASP L 764 64.18 -35.93 9.84
N TRP L 765 64.53 -34.92 10.63
CA TRP L 765 63.66 -34.54 11.73
C TRP L 765 62.33 -34.00 11.21
N PHE L 766 62.36 -33.25 10.12
CA PHE L 766 61.11 -32.82 9.50
C PHE L 766 60.31 -34.02 9.03
N LEU L 767 60.98 -35.00 8.42
CA LEU L 767 60.28 -36.21 8.00
C LEU L 767 59.68 -36.94 9.19
N VAL L 768 60.44 -37.08 10.26
CA VAL L 768 59.95 -37.82 11.43
C VAL L 768 58.71 -37.14 12.00
N GLN L 769 58.75 -35.81 12.12
CA GLN L 769 57.61 -35.09 12.65
C GLN L 769 56.40 -35.25 11.73
N MET L 770 56.60 -35.02 10.44
CA MET L 770 55.50 -35.17 9.49
C MET L 770 55.01 -36.61 9.43
N LEU L 771 55.90 -37.56 9.71
CA LEU L 771 55.52 -38.97 9.64
C LEU L 771 54.88 -39.45 10.94
N SER L 772 54.91 -38.64 11.99
CA SER L 772 54.32 -39.04 13.25
C SER L 772 52.89 -38.51 13.41
N HIS L 773 52.71 -37.20 13.30
CA HIS L 773 51.37 -36.64 13.38
C HIS L 773 50.50 -37.13 12.23
N TYR L 774 51.05 -37.17 11.03
CA TYR L 774 50.36 -37.68 9.85
C TYR L 774 51.18 -38.85 9.30
N ASN L 775 50.78 -39.34 8.13
CA ASN L 775 51.49 -40.44 7.50
C ASN L 775 51.98 -40.02 6.12
N ILE L 776 52.61 -38.85 6.06
CA ILE L 776 52.78 -38.12 4.82
C ILE L 776 54.10 -38.40 4.12
N GLY L 777 55.18 -38.49 4.89
CA GLY L 777 56.51 -38.32 4.32
C GLY L 777 56.88 -39.30 3.22
N TYR L 778 56.32 -40.51 3.25
CA TYR L 778 56.83 -41.55 2.36
C TYR L 778 56.38 -41.39 0.92
N GLN L 779 55.36 -40.58 0.64
CA GLN L 779 54.86 -40.41 -0.72
C GLN L 779 54.67 -38.94 -1.04
N GLY L 780 55.69 -38.14 -0.74
CA GLY L 780 55.67 -36.74 -1.08
C GLY L 780 54.95 -35.90 -0.05
N PHE L 781 55.59 -34.80 0.36
CA PHE L 781 54.99 -33.93 1.36
C PHE L 781 53.90 -33.07 0.73
N HIS L 782 52.80 -32.90 1.46
CA HIS L 782 51.74 -32.00 1.06
C HIS L 782 51.05 -31.51 2.32
N VAL L 783 50.33 -30.40 2.19
CA VAL L 783 49.64 -29.87 3.37
C VAL L 783 48.61 -30.89 3.85
N PRO L 784 48.58 -31.22 5.13
CA PRO L 784 47.64 -32.23 5.61
C PRO L 784 46.22 -31.73 5.54
N GLU L 785 45.29 -32.68 5.50
CA GLU L 785 43.88 -32.33 5.43
C GLU L 785 43.45 -31.61 6.71
N GLY L 786 42.45 -30.76 6.58
CA GLY L 786 42.07 -29.87 7.67
C GLY L 786 41.69 -30.59 8.94
N TYR L 787 41.02 -31.73 8.82
CA TYR L 787 40.63 -32.48 10.01
C TYR L 787 41.79 -33.25 10.63
N LYS L 788 42.88 -33.46 9.89
CA LYS L 788 44.00 -34.24 10.40
C LYS L 788 44.96 -33.43 11.24
N ASP L 789 44.90 -32.10 11.18
CA ASP L 789 45.78 -31.25 11.97
C ASP L 789 44.93 -30.39 12.89
N ARG L 790 45.05 -30.63 14.19
CA ARG L 790 44.28 -29.90 15.18
C ARG L 790 45.07 -28.67 15.63
N MET L 791 44.64 -28.05 16.73
CA MET L 791 45.35 -26.90 17.25
C MET L 791 46.71 -27.26 17.81
N TYR L 792 46.90 -28.51 18.24
CA TYR L 792 48.16 -28.95 18.83
C TYR L 792 48.95 -29.84 17.89
N SER L 793 48.87 -29.60 16.59
CA SER L 793 49.59 -30.39 15.61
C SER L 793 50.77 -29.60 15.04
N PHE L 794 51.72 -30.34 14.50
CA PHE L 794 53.00 -29.76 14.10
C PHE L 794 52.83 -28.76 12.97
N PHE L 795 52.14 -29.16 11.90
CA PHE L 795 52.08 -28.30 10.72
C PHE L 795 51.25 -27.06 10.95
N ARG L 796 50.27 -27.12 11.84
CA ARG L 796 49.38 -25.98 12.05
C ARG L 796 50.16 -24.77 12.55
N ASN L 797 51.10 -24.96 13.46
CA ASN L 797 51.81 -23.85 14.08
C ASN L 797 53.31 -24.05 13.99
N PHE L 798 53.81 -24.42 12.81
CA PHE L 798 55.23 -24.41 12.52
C PHE L 798 55.50 -23.38 11.44
N GLN L 799 56.44 -22.46 11.71
CA GLN L 799 56.68 -21.39 10.78
C GLN L 799 58.13 -20.92 10.82
N PRO L 800 58.86 -21.04 9.72
CA PRO L 800 60.23 -20.55 9.66
C PRO L 800 60.28 -19.04 9.47
N MET L 801 61.49 -18.50 9.59
CA MET L 801 61.71 -17.07 9.42
C MET L 801 63.21 -16.84 9.32
N SER L 802 63.59 -15.76 8.65
CA SER L 802 65.00 -15.49 8.42
C SER L 802 65.18 -14.03 8.04
N ARG L 803 66.35 -13.48 8.37
CA ARG L 803 66.63 -12.09 8.07
C ARG L 803 68.13 -11.93 7.85
N GLN L 804 68.49 -10.79 7.27
CA GLN L 804 69.87 -10.44 6.98
C GLN L 804 70.33 -9.36 7.95
N VAL L 805 71.57 -9.47 8.41
CA VAL L 805 72.16 -8.46 9.29
C VAL L 805 73.53 -8.09 8.74
N VAL L 806 74.01 -6.91 9.17
CA VAL L 806 75.28 -6.41 8.69
C VAL L 806 76.38 -7.42 8.95
N ASP L 807 77.17 -7.72 7.92
CA ASP L 807 78.30 -8.62 8.08
C ASP L 807 79.40 -7.90 8.82
N GLU L 808 79.44 -8.03 10.14
CA GLU L 808 80.43 -7.31 10.94
C GLU L 808 81.86 -7.66 10.55
N ILE L 809 82.08 -8.80 9.92
CA ILE L 809 83.41 -9.24 9.53
C ILE L 809 83.76 -8.70 8.16
N ASN L 810 82.96 -9.03 7.15
CA ASN L 810 83.31 -8.66 5.78
C ASN L 810 83.17 -7.17 5.52
N TYR L 811 82.26 -6.49 6.23
CA TYR L 811 82.03 -5.08 5.96
C TYR L 811 83.26 -4.27 6.30
N LYS L 812 83.56 -3.27 5.45
CA LYS L 812 84.83 -2.57 5.56
C LYS L 812 84.87 -1.64 6.76
N ASP L 813 83.75 -0.99 7.07
CA ASP L 813 83.70 0.06 8.08
C ASP L 813 82.51 -0.13 9.00
N TYR L 814 82.32 -1.34 9.48
CA TYR L 814 81.25 -1.61 10.42
C TYR L 814 81.57 -1.03 11.79
N LYS L 815 80.54 -0.59 12.50
CA LYS L 815 80.68 -0.03 13.83
C LYS L 815 79.62 -0.64 14.75
N ALA L 816 79.93 -0.63 16.04
CA ALA L 816 79.16 -1.33 17.06
C ALA L 816 78.31 -0.39 17.90
N VAL L 817 77.67 0.60 17.25
CA VAL L 817 76.87 1.58 17.96
C VAL L 817 75.84 0.87 18.84
N THR L 818 75.89 1.16 20.14
CA THR L 818 74.98 0.55 21.10
C THR L 818 73.68 1.35 21.18
N LEU L 819 72.76 0.87 22.02
CA LEU L 819 71.44 1.51 22.11
C LEU L 819 71.48 2.95 22.58
N PRO L 820 72.16 3.32 23.67
CA PRO L 820 72.06 4.70 24.15
C PRO L 820 72.75 5.72 23.28
N PHE L 821 73.41 5.32 22.20
CA PHE L 821 74.13 6.25 21.35
C PHE L 821 73.62 6.30 19.92
N GLN L 822 72.60 5.52 19.57
CA GLN L 822 72.08 5.47 18.22
C GLN L 822 70.79 6.30 18.16
N HIS L 823 70.75 7.27 17.25
CA HIS L 823 69.63 8.20 17.16
C HIS L 823 68.92 8.03 15.83
N ASN L 824 67.62 7.78 15.91
CA ASN L 824 66.73 7.82 14.76
C ASN L 824 65.43 8.48 15.22
N ASN L 825 64.77 9.19 14.30
CA ASN L 825 63.65 10.06 14.68
C ASN L 825 64.08 10.99 15.79
N SER L 826 65.28 11.55 15.65
CA SER L 826 65.96 12.19 16.78
C SER L 826 65.10 13.28 17.41
N GLY L 827 64.61 14.21 16.61
CA GLY L 827 63.93 15.35 17.18
C GLY L 827 62.47 15.17 17.48
N PHE L 828 61.92 13.97 17.30
CA PHE L 828 60.48 13.78 17.39
C PHE L 828 60.11 12.59 18.26
N THR L 829 60.96 12.25 19.23
CA THR L 829 60.68 11.16 20.15
C THR L 829 61.47 11.38 21.44
N GLY L 830 61.08 10.67 22.48
CA GLY L 830 61.81 10.73 23.73
C GLY L 830 63.18 10.11 23.63
N TYR L 831 64.06 10.53 24.54
CA TYR L 831 65.43 10.03 24.53
C TYR L 831 65.46 8.53 24.77
N LEU L 832 65.07 8.11 25.98
CA LEU L 832 64.94 6.69 26.29
C LEU L 832 63.64 6.33 26.98
N ALA L 833 62.99 7.23 27.56
CA ALA L 833 61.70 6.88 28.14
C ALA L 833 60.57 7.29 27.22
N PRO L 834 59.42 6.64 27.29
CA PRO L 834 58.27 7.09 26.50
C PRO L 834 57.72 8.39 27.03
N THR L 835 58.51 9.44 26.86
CA THR L 835 58.14 10.73 27.34
C THR L 835 58.15 11.73 26.24
N MET L 836 58.29 13.02 26.52
CA MET L 836 58.14 14.04 25.51
C MET L 836 59.28 14.11 24.61
N ARG L 837 59.08 14.74 23.47
CA ARG L 837 60.12 14.77 22.50
C ARG L 837 61.21 15.55 22.99
N GLN L 838 62.41 15.06 22.93
CA GLN L 838 63.51 15.87 23.28
C GLN L 838 64.38 15.68 22.14
N GLY L 839 64.74 16.71 21.41
CA GLY L 839 65.71 16.49 20.37
C GLY L 839 65.92 17.40 19.21
N GLN L 840 67.03 17.28 18.52
CA GLN L 840 67.35 18.11 17.41
C GLN L 840 67.02 17.24 16.27
N PRO L 841 66.81 17.79 15.09
CA PRO L 841 66.67 16.84 14.02
C PRO L 841 68.05 16.68 13.35
N TYR L 842 68.54 15.52 12.92
CA TYR L 842 69.83 15.37 12.26
C TYR L 842 69.72 14.06 11.61
N PRO L 843 70.54 13.72 10.67
CA PRO L 843 70.31 12.44 10.06
C PRO L 843 70.40 11.19 10.94
N ALA L 844 69.64 10.09 10.74
CA ALA L 844 69.78 8.96 11.63
C ALA L 844 71.06 8.18 11.33
N ASN L 845 71.45 7.32 12.27
CA ASN L 845 72.67 6.55 12.08
C ASN L 845 72.56 5.08 12.43
N PHE L 846 71.51 4.63 13.11
CA PHE L 846 71.52 3.25 13.56
C PHE L 846 71.19 2.24 12.46
N PRO L 847 70.00 2.27 11.85
CA PRO L 847 69.63 1.15 10.98
C PRO L 847 70.46 1.12 9.71
N TYR L 848 71.34 0.13 9.61
CA TYR L 848 72.17 0.04 8.42
C TYR L 848 71.31 -0.37 7.23
N PRO L 849 71.35 0.38 6.13
CA PRO L 849 70.54 0.01 4.97
C PRO L 849 70.97 -1.33 4.41
N LEU L 850 70.00 -2.11 3.96
CA LEU L 850 70.25 -3.40 3.35
C LEU L 850 69.73 -3.49 1.93
N ILE L 851 69.22 -2.39 1.39
CA ILE L 851 68.66 -2.33 0.04
C ILE L 851 69.25 -1.13 -0.68
N GLY L 852 68.77 -0.90 -1.90
CA GLY L 852 69.25 0.20 -2.70
C GLY L 852 70.60 -0.10 -3.30
N GLN L 853 71.07 0.85 -4.12
CA GLN L 853 72.38 0.71 -4.74
C GLN L 853 73.52 0.83 -3.74
N THR L 854 73.24 1.25 -2.52
CA THR L 854 74.25 1.45 -1.49
C THR L 854 74.04 0.50 -0.32
N ALA L 855 73.68 -0.75 -0.61
CA ALA L 855 73.52 -1.75 0.43
C ALA L 855 74.89 -2.12 1.00
N VAL L 856 74.87 -3.02 1.98
CA VAL L 856 76.09 -3.43 2.68
C VAL L 856 76.17 -4.95 2.67
N PRO L 857 77.37 -5.54 2.73
CA PRO L 857 77.46 -6.99 2.85
C PRO L 857 76.75 -7.48 4.10
N SER L 858 76.07 -8.62 3.96
CA SER L 858 75.20 -9.10 5.02
C SER L 858 75.30 -10.61 5.12
N VAL L 859 74.96 -11.12 6.30
CA VAL L 859 74.97 -12.56 6.57
C VAL L 859 73.60 -12.95 7.12
N THR L 860 72.98 -13.92 6.48
CA THR L 860 71.66 -14.37 6.90
C THR L 860 71.75 -15.25 8.13
N GLN L 861 70.62 -15.40 8.83
CA GLN L 861 70.56 -16.28 9.98
C GLN L 861 69.13 -16.84 10.06
N LYS L 862 68.95 -18.04 9.50
CA LYS L 862 67.65 -18.69 9.53
C LYS L 862 67.36 -19.19 10.94
N LYS L 863 66.06 -19.33 11.23
CA LYS L 863 65.63 -19.81 12.55
C LYS L 863 64.16 -20.16 12.44
N PHE L 864 63.76 -21.32 12.93
CA PHE L 864 62.34 -21.63 12.95
C PHE L 864 61.79 -21.44 14.35
N LEU L 865 60.48 -21.59 14.47
CA LEU L 865 59.80 -21.27 15.72
C LEU L 865 58.44 -21.94 15.72
N CYS L 866 58.24 -22.88 16.64
CA CYS L 866 56.95 -23.54 16.77
C CYS L 866 56.63 -23.68 18.25
N ASP L 867 55.32 -23.58 18.54
CA ASP L 867 54.83 -23.59 19.89
C ASP L 867 53.66 -24.42 19.90
N ARG L 868 53.21 -24.77 21.05
CA ARG L 868 52.06 -25.58 21.21
C ARG L 868 52.18 -26.94 20.66
N VAL L 869 53.37 -27.45 20.42
CA VAL L 869 53.54 -28.82 20.01
C VAL L 869 54.57 -29.53 20.78
N MET L 870 54.43 -30.82 20.96
CA MET L 870 55.34 -31.55 21.73
C MET L 870 55.98 -32.44 20.77
N TRP L 871 57.29 -32.45 20.70
CA TRP L 871 57.94 -33.18 19.70
C TRP L 871 57.62 -34.61 19.87
N ARG L 872 57.65 -35.40 18.83
CA ARG L 872 57.25 -36.78 18.94
C ARG L 872 58.25 -37.67 18.24
N ILE L 873 58.61 -38.77 18.88
CA ILE L 873 59.49 -39.78 18.29
C ILE L 873 58.82 -41.13 18.45
N PRO L 874 57.99 -41.55 17.51
CA PRO L 874 57.25 -42.80 17.68
C PRO L 874 58.18 -44.00 17.69
N PHE L 875 57.68 -45.09 18.26
CA PHE L 875 58.46 -46.30 18.48
C PHE L 875 58.15 -47.38 17.46
N SER L 876 57.93 -47.00 16.21
CA SER L 876 57.72 -47.96 15.14
C SER L 876 58.96 -48.02 14.26
N SER L 877 58.96 -49.01 13.34
CA SER L 877 60.11 -49.17 12.46
C SER L 877 60.20 -48.04 11.44
N ASN L 878 59.07 -47.69 10.83
CA ASN L 878 59.01 -46.65 9.81
C ASN L 878 58.46 -45.33 10.34
N PHE L 879 58.26 -45.22 11.66
CA PHE L 879 57.78 -44.01 12.32
C PHE L 879 56.30 -43.76 12.04
N MET L 880 55.70 -44.54 11.15
CA MET L 880 54.28 -44.35 10.92
C MET L 880 53.47 -44.98 12.06
N SER L 881 52.20 -44.65 12.09
CA SER L 881 51.28 -45.18 13.09
C SER L 881 50.20 -45.98 12.37
N MET L 882 50.50 -47.24 12.10
CA MET L 882 49.54 -48.15 11.51
C MET L 882 48.68 -48.86 12.55
N GLY L 883 48.89 -48.56 13.83
CA GLY L 883 48.06 -49.10 14.88
C GLY L 883 48.43 -48.47 16.20
N ALA L 884 47.58 -48.69 17.20
CA ALA L 884 47.85 -48.18 18.53
C ALA L 884 49.02 -48.91 19.17
N LEU L 885 48.99 -50.24 19.14
CA LEU L 885 50.11 -51.03 19.63
C LEU L 885 51.16 -51.10 18.53
N THR L 886 52.33 -50.56 18.80
CA THR L 886 53.31 -50.31 17.75
C THR L 886 53.83 -51.62 17.15
N ASP L 887 54.57 -51.47 16.06
CA ASP L 887 55.23 -52.61 15.45
C ASP L 887 56.29 -53.19 16.39
N LEU L 888 57.04 -52.31 17.04
CA LEU L 888 58.07 -52.72 18.00
C LEU L 888 57.51 -52.98 19.38
N GLY L 889 56.25 -52.64 19.64
CA GLY L 889 55.67 -52.94 20.92
C GLY L 889 55.29 -54.37 21.11
N GLN L 890 55.43 -55.18 20.07
CA GLN L 890 55.25 -56.62 20.18
C GLN L 890 56.44 -57.36 19.61
N ASN L 891 57.54 -56.67 19.34
CA ASN L 891 58.78 -57.32 18.93
C ASN L 891 59.25 -58.25 20.03
N MET L 892 59.69 -59.45 19.64
CA MET L 892 60.02 -60.45 20.64
C MET L 892 61.25 -60.08 21.46
N LEU L 893 62.09 -59.17 20.98
CA LEU L 893 63.23 -58.75 21.80
C LEU L 893 62.78 -57.87 22.95
N TYR L 894 61.92 -56.89 22.67
CA TYR L 894 61.50 -55.97 23.72
C TYR L 894 60.49 -56.61 24.66
N ALA L 895 59.64 -57.49 24.13
CA ALA L 895 58.56 -58.03 24.94
C ALA L 895 59.02 -59.11 25.91
N ASN L 896 60.24 -59.63 25.74
CA ASN L 896 60.66 -60.82 26.47
C ASN L 896 61.98 -60.63 27.21
N SER L 897 62.41 -59.40 27.46
CA SER L 897 63.67 -59.17 28.14
C SER L 897 63.66 -57.77 28.72
N ALA L 898 64.66 -57.50 29.56
CA ALA L 898 64.79 -56.20 30.21
C ALA L 898 66.06 -55.51 29.72
N HIS L 899 65.90 -54.33 29.13
CA HIS L 899 67.00 -53.51 28.66
C HIS L 899 67.03 -52.22 29.47
N ALA L 900 67.94 -51.31 29.12
CA ALA L 900 68.11 -50.09 29.90
C ALA L 900 68.59 -48.98 28.97
N LEU L 901 67.69 -48.09 28.60
CA LEU L 901 68.00 -47.05 27.63
C LEU L 901 68.56 -45.81 28.31
N ASP L 902 69.35 -45.06 27.55
CA ASP L 902 69.93 -43.80 28.01
C ASP L 902 69.81 -42.77 26.90
N MET L 903 69.27 -41.60 27.21
CA MET L 903 69.04 -40.56 26.23
C MET L 903 69.80 -39.31 26.67
N THR L 904 70.42 -38.63 25.71
CA THR L 904 71.18 -37.42 25.99
C THR L 904 70.66 -36.30 25.09
N PHE L 905 69.76 -35.49 25.62
CA PHE L 905 69.28 -34.31 24.92
C PHE L 905 70.30 -33.21 25.00
N GLU L 906 70.47 -32.49 23.89
CA GLU L 906 71.36 -31.33 23.82
C GLU L 906 70.53 -30.13 23.42
N VAL L 907 70.51 -29.10 24.26
CA VAL L 907 69.64 -27.94 24.09
C VAL L 907 70.45 -26.67 24.28
N ASP L 908 70.20 -25.68 23.44
CA ASP L 908 70.89 -24.41 23.54
C ASP L 908 70.64 -23.75 24.89
N PRO L 909 71.64 -23.09 25.46
CA PRO L 909 71.53 -22.61 26.84
C PRO L 909 70.50 -21.49 26.98
N MET L 910 69.92 -21.41 28.16
CA MET L 910 69.01 -20.35 28.54
C MET L 910 69.37 -19.86 29.93
N ASP L 911 69.05 -18.59 30.20
CA ASP L 911 69.41 -18.01 31.49
C ASP L 911 68.66 -18.68 32.63
N GLU L 912 67.36 -18.93 32.46
CA GLU L 912 66.56 -19.48 33.54
C GLU L 912 66.84 -20.97 33.71
N PRO L 913 66.70 -21.49 34.93
CA PRO L 913 66.93 -22.94 35.16
C PRO L 913 65.72 -23.79 34.78
N THR L 914 65.56 -24.03 33.49
CA THR L 914 64.37 -24.70 32.97
C THR L 914 64.37 -26.18 33.37
N LEU L 915 63.31 -26.88 32.95
CA LEU L 915 63.16 -28.31 33.17
C LEU L 915 62.80 -28.99 31.86
N LEU L 916 63.41 -30.14 31.61
CA LEU L 916 63.05 -30.97 30.48
C LEU L 916 61.87 -31.85 30.86
N TYR L 917 60.76 -31.71 30.13
CA TYR L 917 59.54 -32.45 30.46
C TYR L 917 59.44 -33.65 29.52
N LEU L 918 60.25 -34.67 29.77
CA LEU L 918 60.18 -35.91 29.03
C LEU L 918 58.87 -36.61 29.35
N LEU L 919 58.30 -37.25 28.35
CA LEU L 919 56.95 -37.82 28.47
C LEU L 919 56.91 -39.11 27.67
N PHE L 920 57.03 -40.24 28.36
CA PHE L 920 56.95 -41.53 27.68
C PHE L 920 55.52 -41.80 27.25
N GLU L 921 55.38 -42.72 26.30
CA GLU L 921 54.08 -43.12 25.79
C GLU L 921 53.78 -44.53 26.26
N VAL L 922 52.64 -44.69 26.91
CA VAL L 922 52.29 -45.95 27.56
C VAL L 922 50.85 -46.28 27.23
N PHE L 923 50.32 -47.32 27.86
CA PHE L 923 48.89 -47.59 27.89
C PHE L 923 48.40 -47.38 29.31
N ASP L 924 47.18 -46.87 29.47
CA ASP L 924 46.71 -46.52 30.79
C ASP L 924 45.26 -46.95 31.00
N VAL L 925 44.92 -48.15 30.56
CA VAL L 925 43.52 -48.59 30.55
C VAL L 925 43.04 -48.91 31.96
N VAL L 926 41.74 -49.11 32.09
CA VAL L 926 41.08 -49.46 33.35
C VAL L 926 39.81 -50.22 33.03
N ARG L 927 39.55 -51.28 33.79
CA ARG L 927 38.35 -52.10 33.61
C ARG L 927 37.47 -51.94 34.84
N VAL L 928 36.33 -51.27 34.67
CA VAL L 928 35.43 -50.98 35.78
C VAL L 928 34.35 -52.06 35.83
N HIS L 929 34.31 -52.80 36.94
CA HIS L 929 33.40 -53.92 37.12
C HIS L 929 32.45 -53.63 38.27
N GLN L 930 31.17 -53.87 38.07
CA GLN L 930 30.13 -53.61 39.06
C GLN L 930 29.30 -54.87 39.24
N PRO L 931 29.82 -55.86 39.96
CA PRO L 931 29.16 -57.17 39.95
C PRO L 931 27.79 -57.20 40.60
N HIS L 932 27.61 -56.51 41.71
CA HIS L 932 26.33 -56.52 42.42
C HIS L 932 25.85 -55.08 42.60
N ARG L 933 24.82 -54.91 43.42
CA ARG L 933 24.25 -53.58 43.64
C ARG L 933 25.11 -52.78 44.60
N GLY L 934 25.49 -51.59 44.18
CA GLY L 934 26.21 -50.68 45.06
C GLY L 934 27.66 -50.98 45.26
N VAL L 935 28.25 -51.89 44.47
CA VAL L 935 29.65 -52.26 44.61
C VAL L 935 30.35 -51.98 43.28
N ILE L 936 31.38 -51.15 43.33
CA ILE L 936 32.18 -50.83 42.16
C ILE L 936 33.65 -51.00 42.52
N GLU L 937 34.38 -51.71 41.67
CA GLU L 937 35.82 -51.84 41.81
C GLU L 937 36.45 -51.90 40.43
N ALA L 938 37.60 -51.25 40.29
CA ALA L 938 38.26 -51.11 39.01
C ALA L 938 39.70 -51.61 39.11
N VAL L 939 40.21 -52.13 38.00
CA VAL L 939 41.57 -52.64 37.93
C VAL L 939 42.35 -51.78 36.97
N TYR L 940 43.43 -51.16 37.46
CA TYR L 940 44.24 -50.27 36.66
C TYR L 940 45.48 -50.99 36.16
N LEU L 941 45.97 -50.57 35.00
CA LEU L 941 47.15 -51.18 34.40
C LEU L 941 47.81 -50.18 33.47
N ARG L 942 48.89 -49.57 33.91
CA ARG L 942 49.78 -48.81 33.04
C ARG L 942 50.82 -49.80 32.51
N THR L 943 50.92 -49.92 31.22
CA THR L 943 51.77 -50.94 30.68
C THR L 943 53.21 -50.84 30.58
N PRO L 944 53.72 -49.95 29.79
CA PRO L 944 55.13 -50.05 29.85
C PRO L 944 55.73 -49.69 31.13
N PHE L 945 55.35 -48.67 31.87
CA PHE L 945 56.03 -48.40 33.08
C PHE L 945 54.94 -48.65 33.95
N SER L 946 55.10 -49.50 34.92
CA SER L 946 53.98 -49.89 35.71
C SER L 946 54.21 -49.77 37.12
N ALA L 947 53.18 -49.92 37.91
CA ALA L 947 53.38 -49.98 39.35
C ALA L 947 54.27 -48.91 39.80
N GLY L 948 53.90 -47.74 39.44
CA GLY L 948 54.60 -46.53 39.85
C GLY L 948 56.10 -46.61 39.75
N ASN L 949 56.62 -47.26 38.71
CA ASN L 949 58.06 -47.31 38.52
C ASN L 949 58.60 -45.92 38.20
N ALA L 950 59.70 -45.56 38.84
CA ALA L 950 60.30 -44.23 38.70
C ALA L 950 59.30 -43.14 39.06
N GLU M 24 15.66 -59.42 -135.18
CA GLU M 24 15.61 -58.38 -134.18
C GLU M 24 15.52 -57.01 -134.82
N VAL M 25 14.77 -56.10 -134.18
CA VAL M 25 14.60 -54.75 -134.67
C VAL M 25 15.93 -54.01 -134.53
N PRO M 26 16.20 -53.02 -135.39
CA PRO M 26 17.45 -52.27 -135.26
C PRO M 26 17.54 -51.55 -133.92
N PHE M 27 18.75 -51.45 -133.41
CA PHE M 27 19.02 -50.77 -132.15
C PHE M 27 19.37 -49.31 -132.44
N VAL M 28 18.47 -48.41 -132.08
CA VAL M 28 18.64 -46.99 -132.34
C VAL M 28 18.89 -46.27 -131.02
N PRO M 29 20.14 -46.06 -130.63
CA PRO M 29 20.40 -45.38 -129.37
C PRO M 29 19.88 -43.95 -129.41
N PRO M 30 19.33 -43.47 -128.29
CA PRO M 30 18.82 -42.10 -128.28
C PRO M 30 19.95 -41.09 -128.39
N ARG M 31 19.59 -39.91 -128.88
CA ARG M 31 20.53 -38.81 -129.08
C ARG M 31 20.16 -37.71 -128.09
N TYR M 32 20.92 -37.58 -127.02
CA TYR M 32 20.63 -36.60 -125.99
C TYR M 32 21.34 -35.28 -126.28
N MET M 33 20.69 -34.19 -125.91
CA MET M 33 21.27 -32.87 -126.04
C MET M 33 22.35 -32.66 -124.98
N ALA M 34 23.37 -31.90 -125.33
CA ALA M 34 24.49 -31.68 -124.43
C ALA M 34 24.07 -30.84 -123.24
N PRO M 35 24.75 -31.00 -122.10
CA PRO M 35 24.38 -30.22 -120.90
C PRO M 35 24.57 -28.73 -121.13
N THR M 36 23.47 -27.99 -121.05
CA THR M 36 23.49 -26.55 -121.23
C THR M 36 23.97 -25.81 -119.98
N GLU M 37 24.47 -26.53 -118.99
CA GLU M 37 24.91 -25.96 -117.73
C GLU M 37 26.20 -26.61 -117.26
N GLY M 38 26.99 -27.15 -118.20
CA GLY M 38 28.09 -28.03 -117.86
C GLY M 38 29.35 -27.28 -117.47
N ARG M 39 30.46 -28.02 -117.52
CA ARG M 39 31.75 -27.49 -117.08
C ARG M 39 32.13 -26.25 -117.90
N ASN M 40 32.36 -26.43 -119.20
CA ASN M 40 32.63 -25.30 -120.07
C ASN M 40 31.34 -24.54 -120.28
N SER M 41 31.14 -23.48 -119.51
CA SER M 41 29.93 -22.67 -119.62
C SER M 41 30.16 -21.35 -118.93
N ILE M 42 30.03 -20.21 -119.60
CA ILE M 42 30.27 -18.92 -119.01
C ILE M 42 28.95 -18.24 -118.98
N ARG M 43 28.28 -18.16 -117.85
CA ARG M 43 26.92 -17.69 -117.79
C ARG M 43 26.63 -16.42 -117.11
N TYR M 44 25.87 -15.54 -117.72
CA TYR M 44 25.59 -14.25 -117.18
C TYR M 44 24.17 -14.50 -116.99
N SER M 45 23.55 -13.91 -116.00
CA SER M 45 22.18 -14.18 -115.68
C SER M 45 21.21 -13.82 -116.67
N GLU M 46 21.36 -12.67 -117.24
CA GLU M 46 20.34 -12.19 -118.12
C GLU M 46 20.12 -12.95 -119.41
N LEU M 47 21.17 -13.42 -120.03
CA LEU M 47 21.06 -14.10 -121.30
C LEU M 47 21.45 -15.60 -121.32
N ALA M 48 21.40 -16.26 -122.47
CA ALA M 48 21.77 -17.65 -122.64
C ALA M 48 23.26 -17.83 -122.36
N PRO M 49 23.65 -18.98 -121.83
CA PRO M 49 25.05 -19.17 -121.44
C PRO M 49 25.94 -19.42 -122.64
N GLN M 50 27.01 -18.65 -122.76
CA GLN M 50 28.06 -19.00 -123.70
C GLN M 50 28.75 -20.28 -123.24
N TYR M 51 29.29 -21.02 -124.20
CA TYR M 51 29.67 -22.40 -123.95
C TYR M 51 31.17 -22.64 -123.87
N ASP M 52 31.95 -22.22 -124.85
CA ASP M 52 33.36 -22.63 -124.85
C ASP M 52 34.31 -21.47 -124.61
N THR M 53 34.27 -20.44 -125.45
CA THR M 53 35.19 -19.32 -125.30
C THR M 53 34.45 -18.03 -125.63
N THR M 54 34.89 -16.95 -125.01
CA THR M 54 34.34 -15.63 -125.26
C THR M 54 35.48 -14.64 -125.03
N ARG M 55 35.14 -13.36 -124.87
CA ARG M 55 36.14 -12.39 -124.45
C ARG M 55 35.47 -11.24 -123.73
N VAL M 56 36.19 -10.67 -122.78
CA VAL M 56 35.73 -9.53 -122.00
C VAL M 56 36.70 -8.39 -122.24
N TYR M 57 36.16 -7.21 -122.54
CA TYR M 57 36.96 -6.06 -122.93
C TYR M 57 37.02 -5.07 -121.78
N LEU M 58 38.24 -4.66 -121.44
CA LEU M 58 38.48 -3.68 -120.39
C LEU M 58 38.89 -2.38 -121.07
N VAL M 59 37.91 -1.56 -121.39
CA VAL M 59 38.12 -0.33 -122.12
C VAL M 59 37.62 0.84 -121.29
N ASP M 60 38.28 1.98 -121.44
CA ASP M 60 37.86 3.19 -120.74
C ASP M 60 36.43 3.56 -121.13
N ASN M 61 35.61 3.81 -120.13
CA ASN M 61 34.21 4.18 -120.34
C ASN M 61 34.00 5.59 -119.81
N LYS M 62 33.84 6.54 -120.72
CA LYS M 62 33.66 7.94 -120.36
C LYS M 62 32.22 8.29 -120.07
N SER M 63 31.35 7.30 -119.91
CA SER M 63 29.96 7.57 -119.59
C SER M 63 29.84 8.14 -118.18
N ALA M 64 28.84 9.02 -118.00
CA ALA M 64 28.69 9.72 -116.73
C ALA M 64 28.42 8.75 -115.59
N ASP M 65 27.67 7.68 -115.86
CA ASP M 65 27.40 6.69 -114.82
C ASP M 65 28.69 6.03 -114.35
N ILE M 66 29.55 5.63 -115.29
CA ILE M 66 30.84 5.06 -114.91
C ILE M 66 31.76 6.13 -114.35
N ALA M 67 31.79 7.31 -114.97
CA ALA M 67 32.73 8.35 -114.54
C ALA M 67 32.48 8.78 -113.10
N SER M 68 31.26 8.56 -112.61
CA SER M 68 30.97 8.89 -111.21
C SER M 68 31.76 8.01 -110.26
N LEU M 69 32.22 6.85 -110.71
CA LEU M 69 33.00 5.97 -109.86
C LEU M 69 34.39 6.54 -109.61
N ASN M 70 35.16 6.72 -110.67
CA ASN M 70 36.55 7.15 -110.57
C ASN M 70 36.61 8.66 -110.82
N TYR M 71 36.35 9.44 -109.78
CA TYR M 71 36.43 10.89 -109.89
C TYR M 71 37.86 11.39 -109.83
N GLN M 72 38.80 10.59 -109.32
CA GLN M 72 40.20 10.98 -109.20
C GLN M 72 41.11 9.85 -109.64
N ASN M 73 40.77 9.20 -110.74
CA ASN M 73 41.63 8.16 -111.32
C ASN M 73 41.88 8.49 -112.78
N ASP M 74 43.16 8.54 -113.16
CA ASP M 74 43.51 8.80 -114.55
C ASP M 74 43.42 7.49 -115.34
N HIS M 75 43.87 7.52 -116.59
CA HIS M 75 43.77 6.36 -117.47
C HIS M 75 44.75 5.26 -117.11
N SER M 76 45.55 5.44 -116.06
CA SER M 76 46.49 4.41 -115.63
C SER M 76 46.02 3.61 -114.43
N ASN M 77 45.03 4.10 -113.67
CA ASN M 77 44.51 3.41 -112.50
C ASN M 77 43.00 3.53 -112.45
N PHE M 78 42.35 3.34 -113.59
CA PHE M 78 40.91 3.50 -113.70
C PHE M 78 40.22 2.15 -113.53
N LEU M 79 39.00 2.19 -112.99
CA LEU M 79 38.15 1.01 -112.93
C LEU M 79 36.93 1.23 -113.82
N THR M 80 36.60 0.21 -114.60
CA THR M 80 35.54 0.27 -115.60
C THR M 80 34.65 -0.96 -115.48
N THR M 81 33.64 -1.02 -116.33
CA THR M 81 32.68 -2.11 -116.33
C THR M 81 33.10 -3.17 -117.35
N VAL M 82 32.55 -4.37 -117.18
CA VAL M 82 32.77 -5.48 -118.08
C VAL M 82 31.51 -5.86 -118.82
N VAL M 83 30.42 -6.11 -118.09
CA VAL M 83 29.16 -6.45 -118.73
C VAL M 83 28.69 -5.27 -119.55
N GLN M 84 28.39 -5.52 -120.82
CA GLN M 84 27.95 -4.49 -121.76
C GLN M 84 26.61 -4.93 -122.33
N ASN M 85 25.54 -4.61 -121.62
CA ASN M 85 24.19 -4.85 -122.11
C ASN M 85 23.69 -3.57 -122.78
N ASN M 86 23.16 -3.72 -124.00
CA ASN M 86 22.79 -2.54 -124.77
C ASN M 86 21.68 -1.73 -124.11
N ASP M 87 20.86 -2.36 -123.28
CA ASP M 87 19.72 -1.69 -122.65
C ASP M 87 20.05 -1.14 -121.27
N PHE M 88 20.77 -1.91 -120.44
CA PHE M 88 21.10 -1.45 -119.10
C PHE M 88 21.97 -0.21 -119.15
N THR M 89 21.63 0.78 -118.33
CA THR M 89 22.50 1.91 -118.14
C THR M 89 23.79 1.46 -117.47
N PRO M 90 24.92 2.12 -117.75
CA PRO M 90 26.19 1.67 -117.16
C PRO M 90 26.18 1.60 -115.64
N ALA M 91 25.41 2.47 -114.98
CA ALA M 91 25.30 2.40 -113.53
C ALA M 91 24.67 1.08 -113.09
N GLU M 92 23.60 0.66 -113.78
CA GLU M 92 22.93 -0.58 -113.41
C GLU M 92 23.71 -1.80 -113.85
N ALA M 93 24.34 -1.73 -115.03
CA ALA M 93 25.04 -2.90 -115.57
C ALA M 93 26.20 -3.30 -114.68
N SER M 94 26.85 -2.33 -114.11
CA SER M 94 28.01 -2.59 -113.32
C SER M 94 27.75 -3.62 -112.31
N THR M 95 26.54 -3.68 -111.81
CA THR M 95 26.23 -4.60 -110.77
C THR M 95 26.31 -6.03 -111.20
N GLN M 96 25.89 -6.32 -112.39
CA GLN M 96 25.82 -7.70 -112.78
C GLN M 96 27.08 -8.47 -112.89
N THR M 97 27.01 -9.77 -112.68
CA THR M 97 28.20 -10.62 -112.63
C THR M 97 28.30 -11.66 -113.69
N ILE M 98 29.45 -11.83 -114.33
CA ILE M 98 29.62 -12.88 -115.29
C ILE M 98 30.20 -13.96 -114.52
N ASN M 99 29.51 -15.05 -114.46
CA ASN M 99 29.93 -16.11 -113.55
C ASN M 99 30.31 -17.35 -114.34
N PHE M 100 31.60 -17.68 -114.35
CA PHE M 100 32.05 -18.92 -114.97
C PHE M 100 31.60 -20.10 -114.11
N ASP M 101 31.85 -21.31 -114.59
CA ASP M 101 31.50 -22.49 -113.84
C ASP M 101 32.56 -22.81 -112.81
N GLU M 102 32.12 -23.32 -111.66
CA GLU M 102 33.01 -23.64 -110.56
C GLU M 102 33.49 -25.08 -110.59
N ARG M 103 33.17 -25.83 -111.64
CA ARG M 103 33.66 -27.19 -111.80
C ARG M 103 34.79 -27.25 -112.83
N SER M 104 35.51 -26.15 -113.00
CA SER M 104 36.66 -26.12 -113.89
C SER M 104 37.54 -24.94 -113.49
N ARG M 105 38.79 -25.00 -113.92
CA ARG M 105 39.74 -23.91 -113.73
C ARG M 105 39.89 -23.18 -115.06
N TRP M 106 39.64 -21.88 -115.05
CA TRP M 106 39.61 -21.09 -116.26
C TRP M 106 40.89 -20.26 -116.40
N GLY M 107 41.38 -20.17 -117.63
CA GLY M 107 42.53 -19.36 -117.94
C GLY M 107 42.24 -18.38 -119.04
N GLY M 108 42.85 -17.21 -118.98
CA GLY M 108 42.62 -16.17 -119.97
C GLY M 108 43.85 -15.87 -120.77
N ASP M 109 43.66 -15.60 -122.05
CA ASP M 109 44.76 -15.27 -122.96
C ASP M 109 44.80 -13.75 -123.09
N LEU M 110 45.44 -13.12 -122.11
CA LEU M 110 45.43 -11.66 -122.01
C LEU M 110 46.14 -11.03 -123.20
N LYS M 111 45.51 -9.99 -123.75
CA LYS M 111 46.13 -9.12 -124.75
C LYS M 111 45.90 -7.67 -124.32
N THR M 112 46.94 -6.85 -124.43
CA THR M 112 46.89 -5.49 -123.93
C THR M 112 47.35 -4.52 -124.99
N ILE M 113 46.66 -3.38 -125.08
CA ILE M 113 47.01 -2.28 -125.98
C ILE M 113 47.36 -1.08 -125.12
N LEU M 114 48.55 -0.54 -125.32
CA LEU M 114 49.04 0.57 -124.52
C LEU M 114 49.54 1.68 -125.43
N HIS M 115 49.26 2.92 -125.04
CA HIS M 115 49.73 4.08 -125.79
C HIS M 115 49.95 5.23 -124.82
N THR M 116 51.17 5.74 -124.79
CA THR M 116 51.53 6.79 -123.85
C THR M 116 52.28 7.90 -124.57
N ASN M 117 52.46 9.02 -123.87
CA ASN M 117 53.15 10.17 -124.44
C ASN M 117 53.84 10.90 -123.29
N MET M 118 55.13 10.63 -123.12
CA MET M 118 55.88 11.19 -122.01
C MET M 118 56.83 12.27 -122.51
N PRO M 119 56.84 13.45 -121.90
CA PRO M 119 57.87 14.43 -122.22
C PRO M 119 59.25 13.88 -121.87
N ASN M 120 60.25 14.31 -122.63
CA ASN M 120 61.60 13.79 -122.44
C ASN M 120 62.13 14.16 -121.07
N VAL M 121 61.90 15.39 -120.62
CA VAL M 121 62.35 15.86 -119.32
C VAL M 121 61.12 16.24 -118.50
N ASN M 122 61.00 15.65 -117.32
CA ASN M 122 59.85 15.89 -116.46
C ASN M 122 60.24 15.62 -115.02
N GLU M 123 59.42 16.13 -114.10
CA GLU M 123 59.65 15.88 -112.68
C GLU M 123 59.55 14.39 -112.37
N TYR M 124 58.54 13.73 -112.91
CA TYR M 124 58.43 12.28 -112.76
C TYR M 124 59.54 11.60 -113.55
N MET M 125 59.80 10.35 -113.20
CA MET M 125 60.89 9.56 -113.79
C MET M 125 62.25 10.17 -113.48
N PHE M 126 62.27 11.22 -112.67
CA PHE M 126 63.52 11.86 -112.21
C PHE M 126 64.41 12.31 -113.37
N THR M 127 63.82 12.53 -114.55
CA THR M 127 64.59 13.04 -115.67
C THR M 127 65.04 14.47 -115.46
N SER M 128 64.44 15.18 -114.51
CA SER M 128 64.84 16.52 -114.12
C SER M 128 65.41 16.47 -112.70
N LYS M 129 65.67 17.65 -112.14
CA LYS M 129 66.04 17.80 -110.74
C LYS M 129 67.34 17.05 -110.41
N PHE M 130 68.42 17.50 -111.03
CA PHE M 130 69.74 17.02 -110.66
C PHE M 130 70.31 17.90 -109.54
N LYS M 131 71.42 17.47 -108.96
CA LYS M 131 72.01 18.16 -107.82
C LYS M 131 73.51 18.28 -108.03
N ALA M 132 74.06 19.44 -107.64
CA ALA M 132 75.48 19.72 -107.82
C ALA M 132 76.01 20.42 -106.59
N ARG M 133 77.27 20.84 -106.66
CA ARG M 133 77.97 21.50 -105.57
C ARG M 133 78.92 22.51 -106.18
N VAL M 134 78.68 23.79 -105.94
CA VAL M 134 79.41 24.86 -106.61
C VAL M 134 79.92 25.85 -105.56
N MET M 135 80.72 26.79 -106.04
CA MET M 135 81.17 27.88 -105.19
C MET M 135 79.98 28.77 -104.83
N VAL M 136 79.91 29.18 -103.57
CA VAL M 136 78.85 30.06 -103.11
C VAL M 136 79.37 31.46 -102.80
N SER M 137 80.52 31.56 -102.13
CA SER M 137 81.07 32.86 -101.77
C SER M 137 82.58 32.80 -101.78
N ARG M 138 83.20 33.86 -102.27
CA ARG M 138 84.65 34.03 -102.25
C ARG M 138 84.99 35.28 -101.45
N LYS M 139 85.50 35.06 -100.23
CA LYS M 139 85.84 36.16 -99.34
C LYS M 139 87.12 36.83 -99.81
N HIS M 140 87.28 38.09 -99.42
CA HIS M 140 88.48 38.84 -99.79
C HIS M 140 89.53 38.74 -98.69
N PRO M 141 90.80 38.62 -99.06
CA PRO M 141 91.86 38.62 -98.05
C PRO M 141 92.08 40.01 -97.48
N GLU M 142 91.66 40.22 -96.23
CA GLU M 142 91.79 41.52 -95.59
C GLU M 142 93.25 41.85 -95.30
N GLY M 143 93.65 43.09 -95.59
CA GLY M 143 95.02 43.52 -95.40
C GLY M 143 95.99 43.03 -96.45
N VAL M 144 95.51 42.43 -97.53
CA VAL M 144 96.37 41.88 -98.55
C VAL M 144 96.10 42.60 -99.87
N VAL M 145 97.04 42.49 -100.82
CA VAL M 145 96.85 43.08 -102.13
C VAL M 145 95.68 42.40 -102.84
N GLU M 146 94.81 43.22 -103.43
CA GLU M 146 93.56 42.72 -103.98
C GLU M 146 93.73 42.09 -105.36
N THR M 147 94.12 42.89 -106.36
CA THR M 147 94.22 42.36 -107.71
C THR M 147 95.52 41.61 -107.94
N ASP M 148 96.56 41.92 -107.15
CA ASP M 148 97.85 41.26 -107.34
C ASP M 148 97.75 39.77 -107.08
N LEU M 149 97.01 39.37 -106.05
CA LEU M 149 96.82 37.97 -105.71
C LEU M 149 95.43 37.81 -105.12
N SER M 150 94.70 36.80 -105.58
CA SER M 150 93.31 36.61 -105.19
C SER M 150 93.08 35.35 -104.38
N GLN M 151 94.13 34.71 -103.88
CA GLN M 151 93.94 33.51 -103.08
C GLN M 151 93.35 33.88 -101.72
N ASP M 152 92.28 33.19 -101.33
CA ASP M 152 91.63 33.44 -100.06
C ASP M 152 90.64 32.32 -99.74
N LYS M 153 89.83 32.53 -98.71
CA LYS M 153 88.85 31.53 -98.30
C LYS M 153 87.78 31.36 -99.36
N LEU M 154 87.36 30.12 -99.56
CA LEU M 154 86.28 29.80 -100.48
C LEU M 154 85.29 28.89 -99.77
N GLU M 155 84.04 28.94 -100.21
CA GLU M 155 82.98 28.14 -99.62
C GLU M 155 82.27 27.36 -100.71
N TYR M 156 81.75 26.19 -100.33
CA TYR M 156 81.04 25.33 -101.27
C TYR M 156 79.80 24.78 -100.60
N GLU M 157 78.64 24.98 -101.22
CA GLU M 157 77.38 24.51 -100.68
C GLU M 157 76.67 23.68 -101.74
N TRP M 158 76.19 22.50 -101.36
CA TRP M 158 75.43 21.68 -102.28
C TRP M 158 74.11 22.34 -102.63
N PHE M 159 73.74 22.26 -103.91
CA PHE M 159 72.47 22.79 -104.38
C PHE M 159 71.82 21.76 -105.31
N GLU M 160 70.50 21.81 -105.36
CA GLU M 160 69.73 21.00 -106.30
C GLU M 160 69.11 21.92 -107.34
N PHE M 161 69.25 21.53 -108.61
CA PHE M 161 68.85 22.36 -109.73
C PHE M 161 67.70 21.71 -110.47
N THR M 162 66.88 22.55 -111.11
CA THR M 162 65.67 22.09 -111.78
C THR M 162 65.68 22.58 -113.22
N LEU M 163 65.03 21.82 -114.08
CA LEU M 163 64.90 22.14 -115.49
C LEU M 163 63.44 22.29 -115.86
N PRO M 164 63.11 23.22 -116.74
CA PRO M 164 61.75 23.29 -117.28
C PRO M 164 61.41 22.00 -118.02
N GLU M 165 60.22 21.48 -117.76
CA GLU M 165 59.80 20.22 -118.34
C GLU M 165 59.48 20.38 -119.82
N GLY M 166 59.59 19.27 -120.55
CA GLY M 166 59.22 19.25 -121.95
C GLY M 166 60.27 19.75 -122.92
N ASN M 167 61.46 20.12 -122.44
CA ASN M 167 62.52 20.58 -123.33
C ASN M 167 63.25 19.37 -123.88
N PHE M 168 62.81 18.91 -125.05
CA PHE M 168 63.39 17.75 -125.72
C PHE M 168 64.64 18.16 -126.48
N SER M 169 65.10 17.32 -127.42
CA SER M 169 66.23 17.66 -128.26
C SER M 169 67.50 17.85 -127.44
N GLU M 170 68.07 16.75 -126.93
CA GLU M 170 69.10 16.74 -125.91
C GLU M 170 70.18 17.80 -126.08
N THR M 171 70.42 18.23 -127.31
CA THR M 171 71.26 19.40 -127.53
C THR M 171 70.79 20.57 -126.68
N MET M 172 69.46 20.75 -126.59
CA MET M 172 68.90 21.74 -125.68
C MET M 172 69.15 21.37 -124.22
N THR M 173 68.93 20.11 -123.85
CA THR M 173 68.96 19.73 -122.44
C THR M 173 70.35 19.95 -121.84
N ILE M 174 71.40 19.54 -122.55
CA ILE M 174 72.75 19.82 -122.07
C ILE M 174 72.97 21.32 -121.97
N ASP M 175 72.29 22.03 -122.81
CA ASP M 175 72.40 23.46 -122.74
C ASP M 175 71.61 24.04 -121.62
N LEU M 176 70.43 23.54 -121.42
CA LEU M 176 69.60 24.03 -120.37
C LEU M 176 70.20 23.81 -119.00
N MET M 177 70.85 22.70 -118.79
CA MET M 177 71.45 22.51 -117.53
C MET M 177 72.55 23.52 -117.27
N ASN M 178 73.32 23.83 -118.30
CA ASN M 178 74.40 24.78 -118.15
C ASN M 178 73.76 26.10 -117.81
N ASN M 179 72.64 26.35 -118.44
CA ASN M 179 71.98 27.58 -118.19
C ASN M 179 71.62 27.66 -116.78
N ALA M 180 71.42 26.55 -116.12
CA ALA M 180 70.98 26.64 -114.73
C ALA M 180 72.06 26.91 -113.72
N ILE M 181 73.23 26.41 -113.97
CA ILE M 181 74.30 26.72 -113.08
C ILE M 181 74.60 28.19 -113.22
N LEU M 182 74.36 28.71 -114.39
CA LEU M 182 74.58 30.10 -114.57
C LEU M 182 73.49 30.82 -113.87
N GLU M 183 72.30 30.28 -113.74
CA GLU M 183 71.31 31.02 -112.98
C GLU M 183 71.64 31.13 -111.54
N ASN M 184 72.07 30.01 -111.03
CA ASN M 184 72.41 30.00 -109.65
C ASN M 184 73.57 30.84 -109.53
N TYR M 185 74.45 30.82 -110.53
CA TYR M 185 75.68 31.51 -110.34
C TYR M 185 75.26 32.80 -110.17
N LEU M 186 74.44 33.26 -111.03
CA LEU M 186 74.15 34.60 -110.99
C LEU M 186 73.72 34.97 -109.66
N GLN M 187 72.61 34.41 -109.24
CA GLN M 187 72.17 34.98 -108.00
C GLN M 187 73.18 34.91 -106.87
N VAL M 188 73.52 33.69 -106.53
CA VAL M 188 74.30 33.62 -105.32
C VAL M 188 75.65 34.24 -105.42
N GLY M 189 76.28 33.94 -106.51
CA GLY M 189 77.65 34.36 -106.62
C GLY M 189 77.85 35.80 -106.80
N ARG M 190 76.97 36.35 -107.61
CA ARG M 190 77.23 37.69 -107.94
C ARG M 190 77.09 38.37 -106.67
N GLN M 191 76.09 37.95 -105.95
CA GLN M 191 75.97 38.73 -104.79
C GLN M 191 77.11 38.53 -103.84
N ASN M 192 77.81 37.40 -103.93
CA ASN M 192 78.78 37.14 -102.88
C ASN M 192 80.19 37.18 -103.33
N GLY M 193 80.41 37.62 -104.55
CA GLY M 193 81.77 37.78 -105.00
C GLY M 193 82.51 36.70 -105.73
N VAL M 194 81.84 35.62 -106.11
CA VAL M 194 82.55 34.64 -106.90
C VAL M 194 82.79 35.15 -108.30
N LEU M 195 83.92 34.78 -108.88
CA LEU M 195 84.26 35.26 -110.21
C LEU M 195 83.42 34.58 -111.22
N GLU M 196 83.33 35.14 -112.40
CA GLU M 196 82.58 34.50 -113.45
C GLU M 196 83.42 33.50 -114.18
N SER M 197 84.66 33.37 -113.81
CA SER M 197 85.52 32.43 -114.44
C SER M 197 85.57 31.26 -113.56
N ASP M 198 84.76 31.27 -112.53
CA ASP M 198 84.83 30.20 -111.61
C ASP M 198 83.47 29.67 -111.46
N ILE M 199 82.82 29.39 -112.56
CA ILE M 199 81.50 28.77 -112.45
C ILE M 199 81.61 27.43 -111.76
N GLY M 200 82.68 26.68 -112.00
CA GLY M 200 82.88 25.41 -111.36
C GLY M 200 82.43 24.20 -112.17
N VAL M 201 81.13 24.13 -112.45
CA VAL M 201 80.55 22.98 -113.14
C VAL M 201 79.97 23.43 -114.47
N LYS M 202 80.32 22.72 -115.53
CA LYS M 202 79.81 23.00 -116.86
C LYS M 202 79.80 21.71 -117.66
N PHE M 203 78.74 21.54 -118.45
CA PHE M 203 78.56 20.35 -119.27
C PHE M 203 78.97 20.68 -120.69
N ASP M 204 79.88 19.89 -121.24
CA ASP M 204 80.43 20.12 -122.56
C ASP M 204 80.49 18.80 -123.32
N SER M 205 80.97 18.86 -124.55
CA SER M 205 81.12 17.65 -125.36
C SER M 205 82.41 17.63 -126.19
N ARG M 206 83.28 18.62 -126.04
CA ARG M 206 84.48 18.69 -126.86
C ARG M 206 85.54 17.73 -126.34
N ASN M 207 86.54 17.49 -127.19
CA ASN M 207 87.71 16.70 -126.84
C ASN M 207 88.86 17.69 -126.70
N PHE M 208 89.05 18.20 -125.48
CA PHE M 208 89.99 19.29 -125.25
C PHE M 208 91.43 18.88 -125.50
N LYS M 209 91.72 17.59 -125.63
CA LYS M 209 93.07 17.11 -125.87
C LYS M 209 93.28 16.70 -127.33
N LEU M 210 92.43 17.17 -128.24
CA LEU M 210 92.50 16.71 -129.62
C LEU M 210 93.74 17.24 -130.32
N GLY M 211 94.00 18.54 -130.21
CA GLY M 211 95.13 19.13 -130.90
C GLY M 211 96.39 19.15 -130.06
N TRP M 212 96.40 18.34 -129.01
CA TRP M 212 97.52 18.32 -128.08
C TRP M 212 98.76 17.74 -128.74
N ASP M 213 99.92 18.28 -128.39
CA ASP M 213 101.19 17.83 -128.93
C ASP M 213 102.08 17.38 -127.79
N PRO M 214 102.59 16.14 -127.80
CA PRO M 214 103.35 15.64 -126.65
C PRO M 214 104.61 16.44 -126.33
N VAL M 215 105.29 16.97 -127.34
CA VAL M 215 106.56 17.65 -127.09
C VAL M 215 106.34 18.94 -126.33
N THR M 216 105.37 19.74 -126.77
CA THR M 216 105.11 21.04 -126.15
C THR M 216 104.05 20.97 -125.05
N LYS M 217 103.31 19.87 -124.95
CA LYS M 217 102.23 19.72 -123.98
C LYS M 217 101.23 20.88 -124.08
N LEU M 218 101.09 21.41 -125.28
CA LEU M 218 100.17 22.51 -125.46
C LEU M 218 99.27 22.23 -126.62
N VAL M 219 98.13 22.89 -126.69
CA VAL M 219 97.24 22.59 -127.76
C VAL M 219 97.73 23.48 -128.81
N MET M 220 98.27 22.92 -129.85
CA MET M 220 98.83 23.75 -130.84
C MET M 220 97.95 24.68 -131.64
N PRO M 221 96.80 24.21 -132.08
CA PRO M 221 96.07 25.10 -132.95
C PRO M 221 95.68 26.40 -132.36
N GLY M 222 95.28 26.39 -131.13
CA GLY M 222 94.81 27.62 -130.53
C GLY M 222 93.34 27.68 -130.30
N VAL M 223 92.63 26.65 -130.67
CA VAL M 223 91.24 26.61 -130.38
C VAL M 223 90.96 25.19 -130.13
N TYR M 224 90.03 24.92 -129.28
CA TYR M 224 89.71 23.56 -129.12
C TYR M 224 88.80 23.14 -130.23
N THR M 225 89.12 22.07 -130.90
CA THR M 225 88.32 21.64 -132.03
C THR M 225 86.85 21.53 -131.62
N TYR M 226 85.99 22.25 -132.32
CA TYR M 226 84.59 22.37 -131.96
C TYR M 226 83.76 21.16 -132.38
N GLU M 227 84.39 20.04 -132.72
CA GLU M 227 83.67 18.85 -133.11
C GLU M 227 83.24 18.09 -131.86
N ALA M 228 81.94 17.79 -131.77
CA ALA M 228 81.41 17.09 -130.61
C ALA M 228 81.85 15.62 -130.62
N PHE M 229 82.26 15.13 -129.46
CA PHE M 229 82.65 13.73 -129.31
C PHE M 229 81.70 12.98 -128.38
N HIS M 230 81.51 13.46 -127.16
CA HIS M 230 80.62 12.82 -126.20
C HIS M 230 80.39 13.76 -125.03
N PRO M 231 79.18 13.81 -124.48
CA PRO M 231 78.93 14.68 -123.32
C PRO M 231 79.84 14.30 -122.16
N ASP M 232 80.26 15.32 -121.41
CA ASP M 232 81.07 15.11 -120.23
C ASP M 232 80.90 16.33 -119.32
N VAL M 233 81.72 16.40 -118.27
CA VAL M 233 81.64 17.46 -117.30
C VAL M 233 83.02 18.08 -117.12
N VAL M 234 83.03 19.37 -116.76
CA VAL M 234 84.25 20.11 -116.46
C VAL M 234 84.11 20.65 -115.05
N LEU M 235 85.06 20.32 -114.17
CA LEU M 235 84.94 20.61 -112.76
C LEU M 235 86.15 21.37 -112.26
N LEU M 236 85.90 22.47 -111.55
CA LEU M 236 86.93 23.18 -110.80
C LEU M 236 87.27 22.41 -109.53
N PRO M 237 88.41 22.70 -108.91
CA PRO M 237 88.71 22.08 -107.61
C PRO M 237 87.64 22.42 -106.59
N GLY M 238 87.27 21.42 -105.78
CA GLY M 238 86.32 21.61 -104.71
C GLY M 238 84.86 21.62 -105.11
N CYS M 239 84.55 21.28 -106.36
CA CYS M 239 83.16 21.22 -106.82
C CYS M 239 82.88 19.86 -107.43
N GLY M 240 81.60 19.49 -107.45
CA GLY M 240 81.22 18.20 -107.96
C GLY M 240 79.73 18.12 -108.23
N VAL M 241 79.32 16.98 -108.80
CA VAL M 241 77.93 16.76 -109.19
C VAL M 241 77.44 15.46 -108.57
N ASP M 242 76.13 15.31 -108.56
CA ASP M 242 75.48 14.11 -108.04
C ASP M 242 74.37 13.70 -109.00
N PHE M 243 74.18 12.39 -109.16
CA PHE M 243 73.11 11.86 -109.99
C PHE M 243 72.43 10.67 -109.33
N THR M 244 72.46 10.61 -107.99
CA THR M 244 71.93 9.45 -107.30
C THR M 244 70.43 9.30 -107.55
N GLU M 245 69.68 10.39 -107.47
CA GLU M 245 68.24 10.31 -107.65
C GLU M 245 67.84 10.60 -109.10
N SER M 246 68.35 11.70 -109.65
CA SER M 246 68.00 12.06 -111.02
C SER M 246 68.63 11.09 -112.01
N ARG M 247 67.88 10.76 -113.06
CA ARG M 247 68.34 9.86 -114.11
C ARG M 247 68.96 10.61 -115.28
N LEU M 248 69.52 11.79 -115.04
CA LEU M 248 70.18 12.53 -116.11
C LEU M 248 71.52 11.91 -116.51
N SER M 249 72.07 11.02 -115.69
CA SER M 249 73.31 10.37 -116.06
C SER M 249 73.15 9.55 -117.32
N ASN M 250 72.00 8.88 -117.48
CA ASN M 250 71.73 8.15 -118.72
C ASN M 250 71.73 9.09 -119.92
N LEU M 251 71.09 10.26 -119.78
CA LEU M 251 71.16 11.26 -120.83
C LEU M 251 72.57 11.79 -121.00
N LEU M 252 73.30 11.94 -119.89
CA LEU M 252 74.66 12.46 -119.96
C LEU M 252 75.61 11.50 -120.64
N GLY M 253 75.20 10.26 -120.88
CA GLY M 253 76.10 9.28 -121.44
C GLY M 253 77.10 8.72 -120.46
N ILE M 254 76.82 8.84 -119.17
CA ILE M 254 77.69 8.34 -118.11
C ILE M 254 76.90 7.32 -117.31
N ARG M 255 77.44 6.11 -117.18
CA ARG M 255 76.80 5.05 -116.42
C ARG M 255 77.81 4.47 -115.45
N LYS M 256 77.45 4.17 -114.20
CA LYS M 256 78.39 3.69 -113.20
C LYS M 256 78.72 2.26 -113.38
N LYS M 257 79.97 1.87 -113.24
CA LYS M 257 80.35 0.51 -113.55
C LYS M 257 79.71 -0.47 -112.67
N GLN M 258 79.64 -0.22 -111.37
CA GLN M 258 79.08 -1.24 -110.54
C GLN M 258 77.90 -0.55 -110.10
N PRO M 259 76.82 -0.83 -110.78
CA PRO M 259 75.69 -0.01 -110.44
C PRO M 259 75.08 -0.11 -109.12
N PHE M 260 74.96 -1.26 -108.56
CA PHE M 260 74.21 -1.35 -107.36
C PHE M 260 74.72 -0.58 -106.17
N GLN M 261 76.01 -0.53 -105.94
CA GLN M 261 76.51 0.13 -104.76
C GLN M 261 76.05 1.50 -104.96
N GLU M 262 75.54 2.14 -103.93
CA GLU M 262 74.92 3.45 -104.16
C GLU M 262 75.70 4.73 -104.30
N GLY M 263 75.16 5.65 -105.07
CA GLY M 263 75.76 6.97 -105.18
C GLY M 263 76.64 7.30 -106.35
N PHE M 264 76.17 8.15 -107.24
CA PHE M 264 76.96 8.48 -108.36
C PHE M 264 77.39 9.85 -108.11
N ARG M 265 78.40 9.99 -107.29
CA ARG M 265 78.95 11.32 -107.08
C ARG M 265 80.24 11.46 -107.86
N ILE M 266 80.37 12.58 -108.57
CA ILE M 266 81.59 12.93 -109.28
C ILE M 266 82.24 14.10 -108.55
N MET M 267 83.51 13.97 -108.24
CA MET M 267 84.24 15.01 -107.53
C MET M 267 85.50 15.37 -108.30
N TYR M 268 86.04 16.55 -107.99
CA TYR M 268 87.24 17.01 -108.69
C TYR M 268 88.40 16.07 -108.45
N GLU M 269 88.62 15.65 -107.21
CA GLU M 269 89.70 14.72 -106.91
C GLU M 269 89.46 13.35 -107.53
N ASP M 270 88.22 13.01 -107.85
CA ASP M 270 87.94 11.73 -108.46
C ASP M 270 88.42 11.68 -109.92
N LEU M 271 88.33 12.80 -110.63
CA LEU M 271 88.77 12.85 -112.02
C LEU M 271 90.27 13.07 -112.09
N GLU M 272 91.05 12.27 -111.38
CA GLU M 272 92.50 12.43 -111.35
C GLU M 272 93.11 11.71 -112.53
N GLY M 273 93.83 12.45 -113.36
CA GLY M 273 94.47 11.87 -114.53
C GLY M 273 94.24 12.70 -115.78
N GLY M 274 93.21 13.53 -115.78
CA GLY M 274 92.94 14.37 -116.92
C GLY M 274 92.72 15.83 -116.57
N ASN M 275 93.60 16.69 -117.06
CA ASN M 275 93.46 18.14 -116.91
C ASN M 275 93.47 18.77 -118.29
N ILE M 276 92.63 19.78 -118.49
CA ILE M 276 92.52 20.44 -119.78
C ILE M 276 93.80 21.20 -120.07
N PRO M 277 94.49 20.89 -121.16
CA PRO M 277 95.72 21.62 -121.49
C PRO M 277 95.42 23.05 -121.91
N ALA M 278 96.40 23.92 -121.70
CA ALA M 278 96.27 25.30 -122.10
C ALA M 278 96.44 25.44 -123.60
N LEU M 279 96.10 26.62 -124.11
CA LEU M 279 96.10 26.89 -125.54
C LEU M 279 97.27 27.78 -125.90
N LEU M 280 98.00 27.40 -126.94
CA LEU M 280 99.04 28.25 -127.48
C LEU M 280 98.43 29.45 -128.18
N ASP M 281 98.95 30.63 -127.88
CA ASP M 281 98.49 31.86 -128.53
C ASP M 281 99.12 31.93 -129.91
N VAL M 282 98.28 32.06 -130.94
CA VAL M 282 98.79 32.04 -132.31
C VAL M 282 99.76 33.18 -132.60
N PRO M 283 99.46 34.45 -132.27
CA PRO M 283 100.37 35.53 -132.72
C PRO M 283 101.78 35.41 -132.17
N LYS M 284 101.93 35.09 -130.89
CA LYS M 284 103.26 35.05 -130.28
C LYS M 284 104.12 33.98 -130.93
N TYR M 285 103.56 32.80 -131.17
CA TYR M 285 104.32 31.75 -131.83
C TYR M 285 104.72 32.16 -133.24
N LEU M 286 103.78 32.74 -133.99
CA LEU M 286 104.09 33.15 -135.35
C LEU M 286 105.12 34.27 -135.39
N GLU M 287 105.03 35.21 -134.44
CA GLU M 287 106.02 36.28 -134.39
C GLU M 287 107.41 35.72 -134.16
N SER M 288 107.56 34.83 -133.18
CA SER M 288 108.86 34.25 -132.89
C SER M 288 109.37 33.43 -134.07
N LYS M 289 108.48 32.63 -134.68
CA LYS M 289 108.90 31.79 -135.80
C LYS M 289 109.41 32.63 -136.96
N LYS M 290 108.68 33.69 -137.32
CA LYS M 290 109.11 34.52 -138.44
C LYS M 290 110.35 35.32 -138.09
N LYS M 291 110.36 35.93 -136.90
CA LYS M 291 111.48 36.80 -136.53
C LYS M 291 112.78 36.02 -136.40
N VAL M 292 112.77 34.95 -135.60
CA VAL M 292 114.02 34.24 -135.32
C VAL M 292 114.58 33.61 -136.59
N GLU M 293 113.71 32.98 -137.38
CA GLU M 293 114.18 32.31 -138.59
C GLU M 293 114.78 33.31 -139.59
N ASP M 294 114.06 34.40 -139.85
CA ASP M 294 114.54 35.37 -140.83
C ASP M 294 115.81 36.06 -140.35
N GLU M 295 115.85 36.43 -139.07
CA GLU M 295 116.99 37.17 -138.55
C GLU M 295 118.23 36.29 -138.44
N THR M 296 118.08 35.08 -137.91
CA THR M 296 119.24 34.21 -137.71
C THR M 296 119.86 33.80 -139.04
N LYS M 297 119.03 33.42 -140.01
CA LYS M 297 119.56 32.92 -141.28
C LYS M 297 120.20 34.04 -142.09
N ASN M 298 119.50 35.17 -142.24
CA ASN M 298 120.04 36.26 -143.04
C ASN M 298 121.28 36.87 -142.40
N ALA M 299 121.27 37.04 -141.09
CA ALA M 299 122.41 37.59 -140.38
C ALA M 299 123.30 36.48 -139.82
N LYS M 325 116.27 29.84 -130.86
CA LYS M 325 115.29 29.09 -130.07
C LYS M 325 113.99 29.87 -129.91
N VAL M 326 112.94 29.37 -130.55
CA VAL M 326 111.63 29.98 -130.44
C VAL M 326 110.99 29.55 -129.12
N GLU M 327 110.16 30.43 -128.56
CA GLU M 327 109.53 30.20 -127.28
C GLU M 327 108.02 30.09 -127.45
N VAL M 328 107.40 29.29 -126.58
CA VAL M 328 105.98 29.02 -126.62
C VAL M 328 105.37 29.41 -125.27
N LEU M 329 104.28 30.19 -125.31
CA LEU M 329 103.65 30.68 -124.11
C LEU M 329 102.18 30.30 -124.09
N PRO M 330 101.70 29.67 -123.02
CA PRO M 330 100.26 29.41 -122.90
C PRO M 330 99.48 30.70 -122.68
N ILE M 331 98.20 30.65 -123.03
CA ILE M 331 97.32 31.81 -122.92
C ILE M 331 96.91 31.99 -121.47
N GLU M 332 97.19 33.17 -120.92
CA GLU M 332 96.86 33.44 -119.53
C GLU M 332 95.36 33.63 -119.33
N LYS M 333 94.71 34.37 -120.23
CA LYS M 333 93.28 34.62 -120.12
C LYS M 333 92.75 35.02 -121.48
N ASP M 334 91.43 35.04 -121.60
CA ASP M 334 90.76 35.36 -122.85
C ASP M 334 90.55 36.87 -122.99
N GLU M 335 89.78 37.26 -124.00
CA GLU M 335 89.65 38.67 -124.34
C GLU M 335 88.84 39.44 -123.30
N SER M 336 87.74 38.84 -122.83
CA SER M 336 86.87 39.55 -121.90
C SER M 336 87.50 39.75 -120.53
N GLY M 337 88.62 39.11 -120.24
CA GLY M 337 89.27 39.22 -118.95
C GLY M 337 89.06 38.04 -118.04
N ARG M 338 88.16 37.12 -118.40
CA ARG M 338 87.98 35.90 -117.61
C ARG M 338 89.26 35.08 -117.62
N SER M 339 89.63 34.57 -116.45
CA SER M 339 90.92 33.93 -116.27
C SER M 339 90.81 32.42 -116.47
N TYR M 340 91.68 31.88 -117.33
CA TYR M 340 91.76 30.44 -117.51
C TYR M 340 92.38 29.73 -116.32
N ASN M 341 92.95 30.47 -115.37
CA ASN M 341 93.57 29.95 -114.16
C ASN M 341 94.42 28.72 -114.46
N LEU M 342 95.42 28.91 -115.32
CA LEU M 342 96.38 27.87 -115.60
C LEU M 342 97.27 27.62 -114.39
N ILE M 343 97.72 26.37 -114.25
CA ILE M 343 98.58 26.01 -113.13
C ILE M 343 99.95 26.63 -113.35
N GLN M 344 100.41 27.40 -112.38
CA GLN M 344 101.69 28.09 -112.51
C GLN M 344 102.81 27.08 -112.62
N GLY M 345 103.70 27.29 -113.60
CA GLY M 345 104.80 26.40 -113.86
C GLY M 345 104.43 25.21 -114.73
N THR M 346 103.16 25.06 -115.07
CA THR M 346 102.68 23.94 -115.87
C THR M 346 101.80 24.45 -117.01
N HIS M 347 101.62 23.59 -118.01
CA HIS M 347 100.80 23.90 -119.17
C HIS M 347 99.34 23.46 -119.00
N ASP M 348 98.97 22.99 -117.82
CA ASP M 348 97.61 22.53 -117.58
C ASP M 348 96.76 23.64 -116.98
N THR M 349 95.50 23.34 -116.72
CA THR M 349 94.58 24.26 -116.08
C THR M 349 93.84 23.52 -114.98
N LEU M 350 93.20 24.30 -114.09
CA LEU M 350 92.43 23.68 -113.02
C LEU M 350 91.05 23.29 -113.51
N TYR M 351 90.99 22.60 -114.64
CA TYR M 351 89.74 22.08 -115.19
C TYR M 351 89.97 20.64 -115.58
N ARG M 352 89.31 19.72 -114.89
CA ARG M 352 89.46 18.29 -115.15
C ARG M 352 88.25 17.81 -115.93
N SER M 353 88.47 17.48 -117.19
CA SER M 353 87.41 16.97 -118.06
C SER M 353 87.25 15.48 -117.82
N TRP M 354 86.02 15.05 -117.56
CA TRP M 354 85.77 13.63 -117.31
C TRP M 354 86.14 12.79 -118.51
N TYR M 355 85.86 13.29 -119.72
CA TYR M 355 86.19 12.52 -120.91
C TYR M 355 87.70 12.32 -121.04
N LEU M 356 88.49 13.35 -120.74
CA LEU M 356 89.94 13.20 -120.80
C LEU M 356 90.43 12.18 -119.77
N SER M 357 89.86 12.21 -118.56
CA SER M 357 90.27 11.25 -117.55
C SER M 357 89.95 9.83 -117.97
N TYR M 358 88.79 9.63 -118.61
CA TYR M 358 88.40 8.29 -119.02
C TYR M 358 89.38 7.71 -120.03
N THR M 359 89.66 8.45 -121.10
CA THR M 359 90.54 7.94 -122.14
C THR M 359 92.02 8.16 -121.79
N TYR M 360 92.42 9.43 -121.67
CA TYR M 360 93.81 9.78 -121.42
C TYR M 360 94.04 9.83 -119.91
N GLY M 361 94.14 8.64 -119.30
CA GLY M 361 94.34 8.57 -117.87
C GLY M 361 94.62 7.15 -117.45
N ASP M 362 94.99 7.01 -116.19
CA ASP M 362 95.29 5.69 -115.64
C ASP M 362 94.02 4.87 -115.55
N PRO M 363 94.01 3.64 -116.08
CA PRO M 363 92.79 2.81 -115.98
C PRO M 363 92.41 2.45 -114.55
N GLU M 364 93.34 2.54 -113.60
CA GLU M 364 93.03 2.21 -112.22
C GLU M 364 92.86 3.43 -111.34
N LYS M 365 93.63 4.49 -111.60
CA LYS M 365 93.56 5.71 -110.81
C LYS M 365 92.61 6.74 -111.41
N GLY M 366 91.93 6.40 -112.51
CA GLY M 366 90.98 7.29 -113.14
C GLY M 366 89.57 6.72 -113.11
N VAL M 367 88.66 7.45 -113.76
CA VAL M 367 87.27 7.04 -113.82
C VAL M 367 87.06 5.78 -114.64
N GLN M 368 88.08 5.35 -115.39
CA GLN M 368 87.97 4.09 -116.10
C GLN M 368 87.72 2.93 -115.16
N SER M 369 88.16 3.06 -113.90
CA SER M 369 88.01 1.97 -112.94
C SER M 369 86.56 1.76 -112.54
N TRP M 370 85.81 2.85 -112.34
CA TRP M 370 84.48 2.74 -111.76
C TRP M 370 83.41 3.49 -112.56
N THR M 371 83.72 3.93 -113.78
CA THR M 371 82.75 4.63 -114.59
C THR M 371 82.85 4.16 -116.03
N LEU M 372 81.70 3.97 -116.68
CA LEU M 372 81.63 3.40 -118.01
C LEU M 372 81.03 4.39 -118.98
N LEU M 373 81.68 4.55 -120.13
CA LEU M 373 81.16 5.41 -121.19
C LEU M 373 80.03 4.71 -121.93
N THR M 374 79.05 5.48 -122.37
CA THR M 374 77.92 4.91 -123.10
C THR M 374 77.30 5.98 -123.99
N THR M 375 76.50 5.53 -124.94
CA THR M 375 75.89 6.43 -125.89
C THR M 375 74.75 7.20 -125.22
N PRO M 376 74.76 8.52 -125.26
CA PRO M 376 73.62 9.27 -124.70
C PRO M 376 72.33 8.96 -125.45
N ASP M 377 71.24 8.86 -124.69
CA ASP M 377 69.92 8.63 -125.27
C ASP M 377 68.93 9.56 -124.61
N VAL M 378 68.13 10.24 -125.42
CA VAL M 378 67.17 11.20 -124.89
C VAL M 378 66.09 10.50 -124.07
N THR M 379 65.78 9.24 -124.40
CA THR M 379 64.72 8.53 -123.70
C THR M 379 65.05 8.34 -122.22
N CYS M 380 66.31 8.51 -121.83
CA CYS M 380 66.73 8.28 -120.45
C CYS M 380 66.36 6.88 -119.99
N GLY M 381 66.66 5.90 -120.84
CA GLY M 381 66.32 4.53 -120.56
C GLY M 381 64.85 4.23 -120.82
N ALA M 382 64.53 2.94 -120.77
CA ALA M 382 63.17 2.45 -120.98
C ALA M 382 62.86 1.49 -119.84
N GLU M 383 62.19 1.99 -118.81
CA GLU M 383 61.78 1.15 -117.70
C GLU M 383 60.65 0.23 -118.14
N GLN M 384 60.35 -0.75 -117.30
CA GLN M 384 59.27 -1.68 -117.59
C GLN M 384 57.99 -1.22 -116.90
N VAL M 385 56.87 -1.53 -117.53
CA VAL M 385 55.62 -1.19 -116.96
C VAL M 385 55.06 -2.47 -116.59
N TYR M 386 54.20 -2.49 -115.60
CA TYR M 386 53.68 -3.72 -115.12
C TYR M 386 52.22 -3.57 -115.18
N TRP M 387 51.52 -4.53 -115.70
CA TRP M 387 50.12 -4.42 -115.87
C TRP M 387 49.53 -5.23 -114.85
N SER M 388 48.68 -4.69 -114.04
CA SER M 388 47.99 -5.48 -113.10
C SER M 388 46.55 -5.30 -113.21
N LEU M 389 45.80 -6.35 -113.23
CA LEU M 389 44.39 -6.24 -113.24
C LEU M 389 44.20 -6.87 -111.94
N PRO M 390 43.53 -6.21 -111.08
CA PRO M 390 43.48 -6.90 -109.83
C PRO M 390 42.37 -7.87 -109.63
N ASP M 391 41.15 -7.59 -110.05
CA ASP M 391 40.03 -8.47 -109.71
C ASP M 391 39.55 -9.43 -110.73
N LEU M 392 40.26 -9.56 -111.80
CA LEU M 392 39.95 -10.46 -112.89
C LEU M 392 40.84 -11.70 -112.87
N MET M 393 42.15 -11.52 -112.96
CA MET M 393 43.08 -12.63 -113.03
C MET M 393 43.48 -13.05 -111.63
N GLN M 394 43.51 -14.36 -111.39
CA GLN M 394 43.97 -14.87 -110.11
C GLN M 394 45.43 -14.48 -109.91
N ASP M 395 45.79 -14.22 -108.66
CA ASP M 395 47.11 -13.70 -108.37
C ASP M 395 48.17 -14.73 -108.75
N PRO M 396 49.32 -14.29 -109.25
CA PRO M 396 50.40 -15.23 -109.57
C PRO M 396 50.99 -15.89 -108.33
N VAL M 397 52.07 -16.66 -108.53
CA VAL M 397 52.51 -17.64 -107.53
C VAL M 397 52.72 -16.99 -106.18
N THR M 398 53.65 -16.04 -106.09
CA THR M 398 54.09 -15.51 -104.81
C THR M 398 53.60 -14.09 -104.56
N PHE M 399 52.43 -13.74 -105.09
CA PHE M 399 51.81 -12.45 -104.84
C PHE M 399 50.60 -12.63 -103.94
N ARG M 400 50.43 -11.72 -103.00
CA ARG M 400 49.27 -11.72 -102.13
C ARG M 400 48.44 -10.47 -102.38
N SER M 401 47.14 -10.58 -102.15
CA SER M 401 46.20 -9.50 -102.46
C SER M 401 46.39 -8.37 -101.47
N THR M 402 47.12 -7.35 -101.86
CA THR M 402 47.26 -6.11 -101.09
C THR M 402 46.56 -4.99 -101.83
N GLN M 403 45.62 -4.33 -101.16
CA GLN M 403 44.88 -3.23 -101.74
C GLN M 403 45.64 -1.91 -101.63
N GLN M 404 46.94 -1.96 -101.40
CA GLN M 404 47.75 -0.75 -101.45
C GLN M 404 47.69 -0.17 -102.86
N VAL M 405 47.73 1.16 -102.95
CA VAL M 405 47.75 1.80 -104.26
C VAL M 405 48.96 1.33 -105.06
N SER M 406 50.12 1.30 -104.42
CA SER M 406 51.34 0.86 -105.08
C SER M 406 51.24 -0.61 -105.49
N ASN M 407 51.18 -1.50 -104.51
CA ASN M 407 51.32 -2.93 -104.78
C ASN M 407 50.01 -3.51 -105.31
N TYR M 408 50.10 -4.13 -106.49
CA TYR M 408 49.01 -4.94 -107.02
C TYR M 408 49.64 -6.18 -107.65
N PRO M 409 48.92 -7.29 -107.70
CA PRO M 409 49.47 -8.48 -108.34
C PRO M 409 49.67 -8.26 -109.83
N VAL M 410 50.94 -8.21 -110.27
CA VAL M 410 51.21 -7.99 -111.68
C VAL M 410 50.74 -9.19 -112.49
N VAL M 411 50.44 -8.95 -113.76
CA VAL M 411 49.97 -10.01 -114.64
C VAL M 411 50.87 -10.08 -115.86
N GLY M 412 51.47 -8.95 -116.21
CA GLY M 412 52.37 -8.91 -117.35
C GLY M 412 53.34 -7.76 -117.23
N ALA M 413 54.42 -7.85 -117.99
CA ALA M 413 55.45 -6.83 -117.97
C ALA M 413 55.84 -6.50 -119.41
N GLU M 414 55.99 -5.20 -119.69
CA GLU M 414 56.41 -4.73 -120.99
C GLU M 414 57.29 -3.50 -120.80
N LEU M 415 58.11 -3.22 -121.81
CA LEU M 415 58.79 -1.93 -121.88
C LEU M 415 57.78 -0.86 -122.17
N MET M 416 58.08 0.37 -121.74
CA MET M 416 57.18 1.47 -122.04
C MET M 416 57.14 1.70 -123.55
N PRO M 417 56.02 2.20 -124.08
CA PRO M 417 55.95 2.48 -125.52
C PRO M 417 56.99 3.51 -125.95
N PHE M 418 57.50 4.25 -124.97
CA PHE M 418 58.60 5.18 -125.21
C PHE M 418 59.81 4.43 -125.78
N ARG M 419 60.39 4.97 -126.84
CA ARG M 419 61.62 4.40 -127.37
C ARG M 419 62.38 5.50 -128.10
N ALA M 420 63.68 5.28 -128.26
CA ALA M 420 64.57 6.25 -128.85
C ALA M 420 64.88 5.85 -130.28
N LYS M 421 64.80 6.82 -131.19
CA LYS M 421 65.13 6.62 -132.60
C LYS M 421 66.39 7.38 -132.93
N SER M 422 67.38 6.69 -133.48
CA SER M 422 68.65 7.33 -133.81
C SER M 422 68.47 8.27 -134.99
N PHE M 423 69.02 9.47 -134.87
CA PHE M 423 68.95 10.48 -135.91
C PHE M 423 70.34 11.05 -136.14
N TYR M 424 70.64 11.41 -137.38
CA TYR M 424 71.99 11.79 -137.77
C TYR M 424 71.95 12.86 -138.85
N ASN M 425 72.83 13.85 -138.74
CA ASN M 425 73.00 14.86 -139.78
C ASN M 425 74.35 15.53 -139.57
N ASP M 426 75.11 15.66 -140.66
CA ASP M 426 76.47 16.19 -140.54
C ASP M 426 76.46 17.63 -140.07
N LEU M 427 75.54 18.44 -140.59
CA LEU M 427 75.58 19.87 -140.32
C LEU M 427 74.94 20.19 -138.98
N ALA M 428 75.36 19.48 -137.93
CA ALA M 428 74.84 19.78 -136.60
C ALA M 428 75.40 21.09 -136.06
N VAL M 429 76.72 21.28 -136.18
CA VAL M 429 77.32 22.52 -135.71
C VAL M 429 76.84 23.70 -136.52
N TYR M 430 76.78 23.55 -137.84
CA TYR M 430 76.31 24.64 -138.70
C TYR M 430 74.88 25.02 -138.37
N SER M 431 74.03 24.03 -138.12
CA SER M 431 72.64 24.31 -137.76
C SER M 431 72.56 25.02 -136.41
N GLN M 432 73.49 24.71 -135.50
CA GLN M 432 73.46 25.35 -134.19
C GLN M 432 73.69 26.85 -134.30
N LEU M 433 74.60 27.27 -135.17
CA LEU M 433 74.86 28.69 -135.34
C LEU M 433 73.63 29.42 -135.88
N ILE M 434 72.89 28.77 -136.78
CA ILE M 434 71.69 29.38 -137.33
C ILE M 434 70.67 29.65 -136.23
N ARG M 435 70.49 28.68 -135.34
CA ARG M 435 69.52 28.85 -134.25
C ARG M 435 69.89 30.03 -133.36
N SER M 436 71.18 30.34 -133.26
CA SER M 436 71.59 31.49 -132.47
C SER M 436 71.03 32.78 -133.04
N TYR M 437 71.10 32.94 -134.36
CA TYR M 437 70.57 34.16 -134.98
C TYR M 437 69.06 34.20 -134.91
N THR M 438 68.40 33.08 -135.19
CA THR M 438 66.94 33.05 -135.21
C THR M 438 66.36 33.34 -133.83
N SER M 439 66.92 32.71 -132.79
CA SER M 439 66.43 32.94 -131.45
C SER M 439 66.62 34.38 -131.01
N LEU M 440 67.60 35.07 -131.59
CA LEU M 440 67.82 36.50 -131.37
C LEU M 440 68.11 36.81 -129.90
N THR M 441 68.69 35.85 -129.18
CA THR M 441 69.07 36.07 -127.79
C THR M 441 70.27 35.20 -127.47
N HIS M 442 71.06 35.65 -126.50
CA HIS M 442 72.26 34.93 -126.08
C HIS M 442 72.13 34.41 -124.66
N VAL M 443 70.92 34.04 -124.24
CA VAL M 443 70.73 33.44 -122.93
C VAL M 443 71.49 32.12 -122.83
N PHE M 444 71.64 31.42 -123.95
CA PHE M 444 72.33 30.14 -123.98
C PHE M 444 73.82 30.27 -124.29
N ASN M 445 74.30 31.46 -124.61
CA ASN M 445 75.70 31.67 -124.96
C ASN M 445 76.23 32.92 -124.27
N ARG M 446 76.00 33.00 -122.95
CA ARG M 446 76.39 34.18 -122.21
C ARG M 446 77.90 34.41 -122.15
N PHE M 447 78.71 33.43 -122.52
CA PHE M 447 80.17 33.55 -122.48
C PHE M 447 80.75 33.15 -123.82
N PRO M 448 80.54 33.96 -124.87
CA PRO M 448 81.14 33.64 -126.17
C PRO M 448 82.65 33.78 -126.17
N ASP M 449 83.19 34.66 -125.34
CA ASP M 449 84.63 34.92 -125.35
C ASP M 449 85.42 33.70 -124.88
N ASN M 450 85.04 33.14 -123.73
CA ASN M 450 85.79 32.04 -123.15
C ASN M 450 85.60 30.78 -123.99
N GLN M 451 86.72 30.14 -124.36
CA GLN M 451 86.64 28.95 -125.19
C GLN M 451 86.16 27.75 -124.40
N ILE M 452 86.66 27.57 -123.18
CA ILE M 452 86.25 26.43 -122.37
C ILE M 452 84.91 26.66 -121.68
N LEU M 453 84.40 27.89 -121.70
CA LEU M 453 83.08 28.20 -121.17
C LEU M 453 82.09 28.52 -122.28
N CYS M 454 82.49 28.36 -123.54
CA CYS M 454 81.61 28.66 -124.66
C CYS M 454 80.46 27.66 -124.72
N ARG M 455 79.57 27.86 -125.68
CA ARG M 455 78.45 26.95 -125.85
C ARG M 455 78.96 25.60 -126.37
N PRO M 456 78.58 24.49 -125.74
CA PRO M 456 79.06 23.20 -126.21
C PRO M 456 78.52 22.91 -127.61
N PRO M 457 79.28 22.20 -128.43
CA PRO M 457 78.82 21.91 -129.79
C PRO M 457 77.69 20.89 -129.79
N ALA M 458 76.84 21.00 -130.80
CA ALA M 458 75.79 20.00 -130.99
C ALA M 458 76.42 18.68 -131.45
N PRO M 459 75.81 17.55 -131.09
CA PRO M 459 76.35 16.26 -131.53
C PRO M 459 75.86 15.88 -132.92
N THR M 460 76.80 15.37 -133.73
CA THR M 460 76.47 15.02 -135.11
C THR M 460 75.42 13.91 -135.16
N ILE M 461 75.53 12.93 -134.28
CA ILE M 461 74.60 11.81 -134.23
C ILE M 461 73.95 11.79 -132.85
N THR M 462 72.62 11.78 -132.83
CA THR M 462 71.88 11.83 -131.58
C THR M 462 70.64 10.97 -131.71
N THR M 463 69.73 11.10 -130.75
CA THR M 463 68.48 10.36 -130.75
C THR M 463 67.32 11.33 -130.55
N VAL M 464 66.14 10.91 -131.00
CA VAL M 464 64.90 11.64 -130.77
C VAL M 464 63.85 10.65 -130.29
N SER M 465 63.21 10.94 -129.17
CA SER M 465 62.25 10.02 -128.59
C SER M 465 60.98 9.96 -129.43
N GLU M 466 60.46 8.75 -129.60
CA GLU M 466 59.23 8.55 -130.34
C GLU M 466 58.34 7.59 -129.58
N ASN M 467 57.03 7.79 -129.70
CA ASN M 467 56.05 6.96 -129.02
C ASN M 467 55.37 6.06 -130.04
N VAL M 468 55.48 4.76 -129.83
CA VAL M 468 54.87 3.75 -130.70
C VAL M 468 53.82 3.01 -129.90
N PRO M 469 52.58 2.93 -130.35
CA PRO M 469 51.57 2.16 -129.61
C PRO M 469 51.98 0.69 -129.52
N ALA M 470 52.27 0.25 -128.30
CA ALA M 470 52.81 -1.08 -128.05
C ALA M 470 51.66 -2.05 -127.89
N LEU M 471 51.39 -2.84 -128.92
CA LEU M 471 50.39 -3.90 -128.89
C LEU M 471 51.12 -5.23 -128.80
N THR M 472 50.95 -5.92 -127.68
CA THR M 472 51.56 -7.23 -127.48
C THR M 472 50.51 -8.17 -126.91
N ASP M 473 50.95 -9.36 -126.51
CA ASP M 473 50.08 -10.35 -125.91
C ASP M 473 50.84 -11.14 -124.86
N HIS M 474 50.09 -11.73 -123.94
CA HIS M 474 50.63 -12.55 -122.88
C HIS M 474 49.90 -13.89 -122.86
N GLY M 475 50.58 -14.91 -122.37
CA GLY M 475 50.04 -16.25 -122.41
C GLY M 475 48.88 -16.44 -121.44
N THR M 476 48.40 -17.68 -121.40
CA THR M 476 47.32 -18.02 -120.51
C THR M 476 47.76 -17.92 -119.05
N LEU M 477 46.84 -17.58 -118.17
CA LEU M 477 47.08 -17.56 -116.74
C LEU M 477 45.75 -17.72 -116.01
N PRO M 478 45.78 -18.20 -114.77
CA PRO M 478 44.53 -18.55 -114.10
C PRO M 478 43.60 -17.35 -113.94
N LEU M 479 42.31 -17.63 -113.93
CA LEU M 479 41.28 -16.61 -113.91
C LEU M 479 40.23 -16.99 -112.88
N ARG M 480 39.69 -15.98 -112.20
CA ARG M 480 38.79 -16.23 -111.08
C ARG M 480 37.44 -16.73 -111.56
N SER M 481 36.81 -17.58 -110.74
CA SER M 481 35.57 -18.23 -111.14
C SER M 481 34.45 -17.22 -111.35
N SER M 482 34.34 -16.22 -110.48
CA SER M 482 33.29 -15.22 -110.56
C SER M 482 33.92 -13.86 -110.84
N ILE M 483 33.41 -13.17 -111.85
CA ILE M 483 33.91 -11.87 -112.26
C ILE M 483 32.87 -10.81 -111.92
N ARG M 484 33.26 -9.84 -111.10
CA ARG M 484 32.36 -8.77 -110.74
C ARG M 484 32.12 -7.85 -111.93
N GLY M 485 31.13 -6.96 -111.79
CA GLY M 485 30.80 -6.06 -112.88
C GLY M 485 31.91 -5.06 -113.16
N VAL M 486 32.50 -4.48 -112.11
CA VAL M 486 33.51 -3.45 -112.24
C VAL M 486 34.86 -4.05 -111.92
N GLN M 487 35.84 -3.89 -112.81
CA GLN M 487 37.16 -4.41 -112.59
C GLN M 487 38.12 -3.24 -112.69
N ARG M 488 39.25 -3.26 -112.01
CA ARG M 488 40.19 -2.13 -111.99
C ARG M 488 41.24 -2.50 -112.93
N VAL M 489 41.77 -1.62 -113.73
CA VAL M 489 42.87 -1.97 -114.56
C VAL M 489 43.99 -1.06 -114.31
N THR M 490 45.16 -1.55 -113.98
CA THR M 490 46.21 -0.67 -113.62
C THR M 490 47.47 -0.87 -114.36
N VAL M 491 48.16 0.19 -114.73
CA VAL M 491 49.45 0.04 -115.34
C VAL M 491 50.32 0.82 -114.47
N THR M 492 51.40 0.24 -113.98
CA THR M 492 52.29 0.92 -113.07
C THR M 492 53.74 0.68 -113.43
N ASP M 493 54.69 1.41 -112.90
CA ASP M 493 56.11 1.29 -113.28
C ASP M 493 57.06 0.42 -112.47
N ALA M 494 58.38 0.55 -112.61
CA ALA M 494 59.24 -0.32 -111.81
C ALA M 494 59.03 -0.07 -110.33
N ARG M 495 58.89 1.19 -109.93
CA ARG M 495 58.70 1.52 -108.52
C ARG M 495 57.31 1.19 -108.01
N ARG M 496 56.50 0.51 -108.83
CA ARG M 496 55.13 0.18 -108.47
C ARG M 496 54.32 1.42 -108.12
N ARG M 497 54.42 2.45 -108.96
CA ARG M 497 53.59 3.63 -108.84
C ARG M 497 53.05 3.99 -110.22
N THR M 498 51.85 4.55 -110.25
CA THR M 498 51.17 4.76 -111.52
C THR M 498 51.88 5.81 -112.36
N CYS M 499 52.04 5.50 -113.64
CA CYS M 499 52.62 6.46 -114.58
C CYS M 499 51.53 7.41 -115.06
N PRO M 500 51.66 8.72 -114.82
CA PRO M 500 50.56 9.63 -115.16
C PRO M 500 50.41 9.90 -116.64
N TYR M 501 51.41 9.56 -117.46
CA TYR M 501 51.41 9.99 -118.85
C TYR M 501 50.79 8.98 -119.80
N VAL M 502 49.94 8.09 -119.30
CA VAL M 502 49.25 7.15 -120.19
C VAL M 502 47.94 7.78 -120.65
N TYR M 503 47.79 7.92 -121.97
CA TYR M 503 46.58 8.49 -122.54
C TYR M 503 45.63 7.48 -123.13
N LYS M 504 45.99 6.20 -123.12
CA LYS M 504 45.08 5.15 -123.58
C LYS M 504 45.59 3.80 -123.09
N ALA M 505 44.78 3.09 -122.34
CA ALA M 505 45.08 1.74 -121.91
C ALA M 505 43.90 0.85 -122.23
N LEU M 506 44.18 -0.35 -122.73
CA LEU M 506 43.14 -1.30 -123.12
C LEU M 506 43.41 -2.64 -122.47
N GLY M 507 42.53 -3.59 -122.73
CA GLY M 507 42.71 -4.93 -122.24
C GLY M 507 41.61 -5.85 -122.70
N ILE M 508 41.98 -7.02 -123.22
CA ILE M 508 41.02 -8.01 -123.68
C ILE M 508 41.50 -9.38 -123.25
N VAL M 509 40.60 -10.18 -122.68
CA VAL M 509 40.92 -11.49 -122.12
C VAL M 509 40.08 -12.53 -122.84
N ALA M 510 40.66 -13.70 -123.12
CA ALA M 510 39.98 -14.78 -123.83
C ALA M 510 39.91 -16.00 -122.93
N PRO M 511 38.83 -16.15 -122.16
CA PRO M 511 38.76 -17.29 -121.23
C PRO M 511 38.65 -18.62 -121.95
N ARG M 512 39.21 -19.64 -121.31
CA ARG M 512 39.15 -21.01 -121.80
C ARG M 512 39.31 -21.95 -120.61
N VAL M 513 38.92 -23.20 -120.81
CA VAL M 513 38.98 -24.21 -119.77
C VAL M 513 40.39 -24.77 -119.69
N LEU M 514 40.98 -24.74 -118.51
CA LEU M 514 42.34 -25.24 -118.30
C LEU M 514 42.36 -26.66 -117.78
N SER M 515 41.57 -26.97 -116.77
CA SER M 515 41.55 -28.31 -116.19
C SER M 515 40.21 -28.49 -115.48
N SER M 516 40.12 -29.53 -114.66
CA SER M 516 38.93 -29.82 -113.89
C SER M 516 39.29 -29.93 -112.42
N ARG M 517 38.33 -29.67 -111.55
CA ARG M 517 38.61 -29.66 -110.12
C ARG M 517 37.67 -30.55 -109.32
N THR M 518 36.40 -30.65 -109.71
CA THR M 518 35.47 -31.47 -108.93
C THR M 518 35.86 -32.95 -108.98
N PHE M 519 36.23 -33.45 -110.15
CA PHE M 519 36.73 -34.81 -110.32
C PHE M 519 35.71 -35.89 -109.95
N ARG N 4 109.60 28.70 -119.11
CA ARG N 4 109.06 28.55 -120.46
C ARG N 4 109.59 27.28 -121.12
N LEU N 5 109.30 27.13 -122.40
CA LEU N 5 109.75 25.98 -123.19
C LEU N 5 110.43 26.47 -124.45
N ARG N 6 111.62 25.94 -124.72
CA ARG N 6 112.39 26.30 -125.90
C ARG N 6 112.51 25.09 -126.82
N VAL N 7 111.84 25.15 -127.96
CA VAL N 7 111.93 24.08 -128.95
C VAL N 7 113.12 24.33 -129.86
N GLU N 8 113.51 23.31 -130.64
CA GLU N 8 114.68 23.41 -131.49
C GLU N 8 114.40 24.36 -132.66
N ASP N 9 115.39 24.53 -133.55
CA ASP N 9 115.27 25.48 -134.63
C ASP N 9 114.21 25.04 -135.65
N ASP N 10 114.17 23.75 -135.96
CA ASP N 10 113.29 23.22 -137.00
C ASP N 10 112.16 22.37 -136.45
N PHE N 11 111.59 22.76 -135.32
CA PHE N 11 110.41 22.07 -134.80
C PHE N 11 109.25 22.21 -135.77
N ASN N 12 108.59 21.11 -136.09
CA ASN N 12 107.58 21.10 -137.14
C ASN N 12 106.23 20.65 -136.60
N PRO N 13 105.38 21.54 -136.14
CA PRO N 13 104.00 21.16 -135.82
C PRO N 13 103.21 20.84 -137.07
N VAL N 14 102.62 19.69 -137.18
CA VAL N 14 101.97 19.39 -138.42
C VAL N 14 100.56 19.91 -138.55
N TYR N 15 100.35 21.21 -138.38
CA TYR N 15 99.03 21.75 -138.67
C TYR N 15 99.32 22.81 -139.67
N PRO N 16 98.55 22.84 -140.75
CA PRO N 16 98.74 23.93 -141.65
C PRO N 16 98.40 25.01 -140.75
N TYR N 17 99.25 25.99 -140.60
CA TYR N 17 98.95 26.96 -139.59
C TYR N 17 98.57 28.28 -140.16
N GLY N 18 99.41 28.78 -141.03
CA GLY N 18 99.15 30.11 -141.52
C GLY N 18 97.89 30.20 -142.32
N TYR N 19 97.68 29.23 -143.21
CA TYR N 19 96.53 29.33 -144.08
C TYR N 19 96.18 27.98 -144.62
N ALA N 20 94.91 27.80 -144.94
CA ALA N 20 94.48 26.48 -145.39
C ALA N 20 95.07 26.16 -146.76
N GLN O 4 26.39 -48.59 -73.24
CA GLN O 4 27.54 -48.95 -74.07
C GLN O 4 28.11 -47.73 -74.76
N ALA O 5 29.25 -47.90 -75.42
CA ALA O 5 29.84 -46.81 -76.18
C ALA O 5 29.01 -46.52 -77.42
N PRO O 6 28.56 -45.29 -77.62
CA PRO O 6 27.71 -44.98 -78.78
C PRO O 6 28.44 -45.24 -80.08
N ASP O 7 27.67 -45.67 -81.09
CA ASP O 7 28.23 -45.98 -82.39
C ASP O 7 28.73 -44.69 -83.05
N PRO O 8 30.01 -44.61 -83.42
CA PRO O 8 30.49 -43.37 -84.06
C PRO O 8 29.76 -43.02 -85.34
N ALA O 9 29.43 -44.00 -86.17
CA ALA O 9 28.76 -43.69 -87.43
C ALA O 9 27.39 -43.09 -87.19
N ILE O 10 26.65 -43.61 -86.22
CA ILE O 10 25.35 -43.01 -85.87
C ILE O 10 25.56 -41.62 -85.30
N ARG O 11 26.54 -41.47 -84.41
CA ARG O 11 26.81 -40.16 -83.82
C ARG O 11 27.29 -39.17 -84.87
N ALA O 12 28.13 -39.63 -85.82
CA ALA O 12 28.58 -38.75 -86.88
C ALA O 12 27.42 -38.27 -87.74
N ALA O 13 26.50 -39.17 -88.07
CA ALA O 13 25.31 -38.77 -88.81
C ALA O 13 24.38 -37.91 -87.96
N LEU O 14 24.57 -37.92 -86.64
CA LEU O 14 23.76 -37.09 -85.76
C LEU O 14 24.27 -35.67 -85.66
N GLN O 15 25.36 -35.33 -86.34
CA GLN O 15 25.84 -33.98 -86.34
C GLN O 15 26.29 -33.51 -87.65
N SER O 16 26.15 -34.32 -88.68
CA SER O 16 26.44 -33.86 -90.01
C SER O 16 25.35 -33.97 -91.06
N GLN O 17 24.16 -34.44 -90.74
CA GLN O 17 23.15 -34.66 -91.75
C GLN O 17 21.90 -33.95 -91.41
N PRO O 18 21.17 -33.50 -92.41
CA PRO O 18 20.06 -32.66 -92.09
C PRO O 18 19.13 -33.40 -91.27
N SER O 19 18.57 -32.73 -90.32
CA SER O 19 17.68 -33.37 -89.41
C SER O 19 16.52 -33.85 -90.16
N GLY O 20 16.08 -33.04 -91.09
CA GLY O 20 14.87 -33.36 -91.80
C GLY O 20 15.21 -34.11 -93.04
N LEU O 21 14.64 -33.71 -94.15
CA LEU O 21 14.87 -34.51 -95.33
C LEU O 21 16.01 -34.02 -96.18
N ALA O 22 16.79 -34.93 -96.71
CA ALA O 22 17.87 -34.58 -97.61
C ALA O 22 17.77 -35.46 -98.85
N SER O 23 18.72 -35.28 -99.78
CA SER O 23 18.75 -36.10 -100.98
C SER O 23 18.97 -37.57 -100.66
N ASP O 24 19.59 -37.88 -99.51
CA ASP O 24 19.75 -39.27 -99.11
C ASP O 24 18.39 -39.92 -98.83
N ASP O 25 17.48 -39.20 -98.19
CA ASP O 25 16.15 -39.73 -97.91
C ASP O 25 15.25 -39.55 -99.13
N TRP O 26 15.72 -40.01 -100.28
CA TRP O 26 14.94 -39.84 -101.51
C TRP O 26 13.66 -40.68 -101.46
N GLU O 27 13.75 -41.90 -100.94
CA GLU O 27 12.58 -42.78 -100.92
C GLU O 27 11.50 -42.24 -100.01
N ALA O 28 11.89 -41.61 -98.90
CA ALA O 28 10.89 -41.00 -98.03
C ALA O 28 10.37 -39.70 -98.63
N ALA O 29 11.21 -38.99 -99.38
CA ALA O 29 10.77 -37.76 -100.02
C ALA O 29 9.71 -38.02 -101.07
N MET O 30 9.88 -39.08 -101.88
CA MET O 30 8.92 -39.37 -102.92
C MET O 30 7.57 -39.78 -102.35
N GLN O 31 7.57 -40.36 -101.15
CA GLN O 31 6.31 -40.73 -100.53
C GLN O 31 5.53 -39.50 -100.09
N ARG O 32 6.23 -38.43 -99.72
CA ARG O 32 5.55 -37.20 -99.35
C ARG O 32 4.92 -36.52 -100.55
N ILE O 33 5.69 -36.41 -101.65
CA ILE O 33 5.20 -35.64 -102.79
C ILE O 33 4.16 -36.39 -103.61
N MET O 34 3.80 -37.60 -103.23
CA MET O 34 2.79 -38.36 -103.94
C MET O 34 1.75 -38.98 -103.02
N ALA O 35 1.68 -38.52 -101.77
CA ALA O 35 0.62 -38.91 -100.84
C ALA O 35 0.56 -40.41 -100.62
N LEU O 36 1.73 -41.03 -100.47
CA LEU O 36 1.83 -42.43 -100.10
C LEU O 36 2.06 -42.61 -98.60
N THR O 37 2.09 -41.53 -97.84
CA THR O 37 2.36 -41.62 -96.41
C THR O 37 1.09 -41.95 -95.66
N THR O 38 1.16 -43.00 -94.82
CA THR O 38 0.00 -43.39 -94.03
C THR O 38 -0.33 -42.33 -92.98
N ARG O 39 0.66 -41.62 -92.47
CA ARG O 39 0.44 -40.63 -91.43
C ARG O 39 -0.51 -39.54 -91.92
N ASN O 40 -0.09 -38.79 -92.94
CA ASN O 40 -0.91 -37.73 -93.51
C ASN O 40 -0.59 -37.56 -94.98
N PRO O 41 -1.49 -37.95 -95.88
CA PRO O 41 -1.20 -37.85 -97.31
C PRO O 41 -1.44 -36.46 -97.88
N GLU O 42 -2.32 -35.70 -97.26
CA GLU O 42 -2.73 -34.40 -97.77
C GLU O 42 -1.82 -33.27 -97.34
N SER O 43 -0.73 -33.56 -96.63
CA SER O 43 0.15 -32.51 -96.16
C SER O 43 0.81 -31.78 -97.33
N PHE O 44 1.39 -32.52 -98.27
CA PHE O 44 2.13 -31.89 -99.35
C PHE O 44 1.24 -31.06 -100.26
N ARG O 45 0.02 -31.54 -100.51
CA ARG O 45 -0.87 -30.85 -101.44
C ARG O 45 -1.15 -29.42 -101.00
N GLN O 46 -1.07 -29.14 -99.69
CA GLN O 46 -1.48 -27.86 -99.14
C GLN O 46 -0.34 -26.86 -98.99
N GLN O 47 0.86 -27.21 -99.42
CA GLN O 47 1.98 -26.31 -99.25
C GLN O 47 1.91 -25.14 -100.23
N PRO O 48 2.56 -24.03 -99.91
CA PRO O 48 2.68 -22.96 -100.89
C PRO O 48 3.49 -23.39 -102.09
N GLN O 49 3.21 -22.77 -103.23
CA GLN O 49 3.85 -23.16 -104.47
C GLN O 49 5.37 -23.03 -104.41
N ALA O 50 5.88 -22.09 -103.59
CA ALA O 50 7.31 -21.85 -103.55
C ALA O 50 8.07 -23.07 -103.05
N ASN O 51 7.68 -23.60 -101.90
CA ASN O 51 8.35 -24.77 -101.34
C ASN O 51 7.64 -26.06 -101.70
N ARG O 52 6.72 -26.02 -102.66
CA ARG O 52 6.15 -27.23 -103.21
C ARG O 52 6.88 -27.66 -104.47
N LEU O 53 7.29 -26.69 -105.29
CA LEU O 53 8.07 -27.00 -106.48
C LEU O 53 9.51 -27.36 -106.13
N SER O 54 10.12 -26.63 -105.20
CA SER O 54 11.50 -26.89 -104.86
C SER O 54 11.69 -28.31 -104.32
N ALA O 55 10.65 -28.85 -103.69
CA ALA O 55 10.72 -30.24 -103.23
C ALA O 55 10.56 -31.20 -104.40
N ILE O 56 9.78 -30.81 -105.41
CA ILE O 56 9.60 -31.67 -106.58
C ILE O 56 10.87 -31.74 -107.40
N LEU O 57 11.52 -30.59 -107.62
CA LEU O 57 12.71 -30.55 -108.46
C LEU O 57 13.82 -31.42 -107.87
N GLU O 58 14.02 -31.32 -106.56
CA GLU O 58 15.08 -32.10 -105.93
C GLU O 58 14.82 -33.59 -106.05
N ALA O 59 13.58 -34.02 -105.85
CA ALA O 59 13.26 -35.44 -105.91
C ALA O 59 13.46 -36.00 -107.31
N VAL O 60 13.07 -35.26 -108.33
CA VAL O 60 13.20 -35.77 -109.70
C VAL O 60 14.66 -35.90 -110.10
N VAL O 61 15.45 -34.86 -109.86
CA VAL O 61 16.87 -34.86 -110.16
C VAL O 61 17.63 -34.66 -108.86
N PRO O 62 18.11 -35.74 -108.24
CA PRO O 62 18.84 -35.60 -106.98
C PRO O 62 20.12 -34.82 -107.16
N SER O 63 20.54 -34.17 -106.09
CA SER O 63 21.72 -33.33 -106.08
C SER O 63 22.89 -34.13 -105.49
N ARG O 64 23.95 -34.29 -106.27
CA ARG O 64 25.14 -34.99 -105.80
C ARG O 64 25.83 -34.19 -104.71
N THR O 65 26.25 -34.87 -103.65
CA THR O 65 26.87 -34.19 -102.52
C THR O 65 28.30 -34.66 -102.31
N ASN O 66 28.94 -34.19 -101.25
CA ASN O 66 30.31 -34.55 -100.93
C ASN O 66 30.33 -35.27 -99.58
N PRO O 67 30.50 -36.59 -99.55
CA PRO O 67 30.51 -37.31 -98.28
C PRO O 67 31.85 -37.32 -97.56
N THR O 68 32.82 -36.51 -98.01
CA THR O 68 34.14 -36.56 -97.43
C THR O 68 34.13 -36.16 -95.97
N HIS O 69 33.41 -35.08 -95.64
CA HIS O 69 33.43 -34.59 -94.27
C HIS O 69 32.67 -35.51 -93.33
N GLU O 70 31.63 -36.19 -93.82
CA GLU O 70 30.89 -37.11 -92.98
C GLU O 70 31.74 -38.31 -92.60
N LYS O 71 32.51 -38.85 -93.55
CA LYS O 71 33.36 -40.00 -93.26
C LYS O 71 34.40 -39.66 -92.22
N VAL O 72 35.13 -38.55 -92.43
CA VAL O 72 36.21 -38.20 -91.52
C VAL O 72 35.67 -37.87 -90.13
N LEU O 73 34.50 -37.25 -90.06
CA LEU O 73 33.92 -36.98 -88.75
C LEU O 73 33.61 -38.27 -88.01
N ALA O 74 33.26 -39.33 -88.74
CA ALA O 74 33.02 -40.62 -88.10
C ALA O 74 34.28 -41.16 -87.48
N ILE O 75 35.42 -40.99 -88.15
CA ILE O 75 36.68 -41.50 -87.62
C ILE O 75 37.10 -40.72 -86.38
N VAL O 76 37.07 -39.39 -86.46
CA VAL O 76 37.53 -38.58 -85.32
C VAL O 76 36.58 -38.74 -84.14
N ASN O 77 35.31 -39.06 -84.38
CA ASN O 77 34.41 -39.38 -83.28
C ASN O 77 34.80 -40.71 -82.65
N ALA O 78 35.30 -41.64 -83.46
CA ALA O 78 35.67 -42.95 -82.92
C ALA O 78 36.98 -42.90 -82.16
N LEU O 79 37.90 -42.05 -82.59
CA LEU O 79 39.19 -41.93 -81.90
C LEU O 79 39.00 -41.44 -80.48
N ALA O 80 38.07 -40.51 -80.27
CA ALA O 80 37.83 -39.98 -78.93
C ALA O 80 37.31 -41.06 -77.99
N GLU O 81 36.45 -41.94 -78.49
CA GLU O 81 35.86 -42.95 -77.61
C GLU O 81 36.88 -44.00 -77.18
N ASN O 82 37.91 -44.23 -77.98
CA ASN O 82 39.03 -45.05 -77.53
C ASN O 82 40.06 -44.25 -76.76
N LYS O 83 39.83 -42.94 -76.58
CA LYS O 83 40.71 -42.04 -75.87
C LYS O 83 42.08 -41.93 -76.52
N ALA O 84 42.18 -42.27 -77.81
CA ALA O 84 43.43 -42.07 -78.53
C ALA O 84 43.76 -40.60 -78.69
N ILE O 85 42.78 -39.72 -78.55
CA ILE O 85 42.97 -38.28 -78.55
C ILE O 85 42.12 -37.67 -77.46
N ARG O 86 42.60 -36.56 -76.93
CA ARG O 86 41.81 -35.86 -75.92
C ARG O 86 40.57 -35.26 -76.56
N PRO O 87 39.49 -35.12 -75.80
CA PRO O 87 38.26 -34.56 -76.39
C PRO O 87 38.44 -33.17 -76.97
N ASP O 88 39.29 -32.34 -76.36
CA ASP O 88 39.50 -31.00 -76.89
C ASP O 88 40.35 -31.05 -78.16
N GLU O 89 41.09 -32.13 -78.36
CA GLU O 89 41.90 -32.25 -79.57
C GLU O 89 41.05 -32.60 -80.79
N ALA O 90 39.77 -32.91 -80.57
CA ALA O 90 38.93 -33.35 -81.67
C ALA O 90 38.80 -32.28 -82.75
N GLY O 91 38.81 -31.02 -82.35
CA GLY O 91 38.79 -29.95 -83.35
C GLY O 91 40.04 -29.92 -84.19
N LEU O 92 41.20 -30.11 -83.57
CA LEU O 92 42.45 -30.10 -84.31
C LEU O 92 42.52 -31.27 -85.28
N VAL O 93 42.25 -32.48 -84.79
CA VAL O 93 42.41 -33.68 -85.61
C VAL O 93 41.45 -33.65 -86.79
N TYR O 94 40.20 -33.22 -86.57
CA TYR O 94 39.22 -33.19 -87.64
C TYR O 94 39.72 -32.35 -88.81
N ASN O 95 40.21 -31.15 -88.52
CA ASN O 95 40.75 -30.31 -89.59
C ASN O 95 42.05 -30.88 -90.14
N ALA O 96 42.85 -31.60 -89.40
CA ALA O 96 44.05 -32.13 -90.03
C ALA O 96 43.87 -33.28 -90.96
N LEU O 97 43.06 -34.21 -90.58
CA LEU O 97 42.86 -35.32 -91.41
C LEU O 97 42.22 -34.79 -92.61
N LEU O 98 41.36 -33.81 -92.49
CA LEU O 98 40.66 -33.34 -93.66
C LEU O 98 41.61 -32.76 -94.60
N GLU O 99 42.53 -31.97 -94.14
CA GLU O 99 43.51 -31.49 -95.05
C GLU O 99 44.35 -32.52 -95.67
N ARG O 100 44.79 -33.53 -94.98
CA ARG O 100 45.55 -34.52 -95.70
C ARG O 100 44.75 -35.18 -96.73
N VAL O 101 43.51 -35.51 -96.46
CA VAL O 101 42.77 -36.11 -97.52
C VAL O 101 42.59 -35.16 -98.64
N GLY O 102 42.39 -33.91 -98.42
CA GLY O 102 42.28 -33.04 -99.55
C GLY O 102 43.55 -33.01 -100.32
N ARG O 103 44.67 -32.92 -99.69
CA ARG O 103 45.87 -32.79 -100.43
C ARG O 103 46.10 -33.94 -101.28
N TYR O 104 45.54 -35.08 -100.98
CA TYR O 104 45.85 -36.26 -101.75
C TYR O 104 44.67 -37.03 -102.20
N ASN O 105 43.53 -36.43 -102.38
CA ASN O 105 42.31 -37.16 -102.67
C ASN O 105 42.39 -37.89 -103.91
N SER O 106 41.66 -38.98 -104.01
CA SER O 106 41.56 -39.77 -105.21
C SER O 106 40.66 -40.87 -104.86
N THR O 107 40.32 -41.68 -105.81
CA THR O 107 39.38 -42.71 -105.54
C THR O 107 39.86 -43.74 -104.56
N ASN O 108 41.12 -44.12 -104.61
CA ASN O 108 41.53 -45.15 -103.72
C ASN O 108 41.42 -44.56 -102.41
N VAL O 109 41.81 -43.33 -102.23
CA VAL O 109 41.76 -42.82 -100.90
C VAL O 109 40.38 -42.80 -100.44
N GLN O 110 39.45 -42.38 -101.25
CA GLN O 110 38.14 -42.32 -100.70
C GLN O 110 37.68 -43.68 -100.33
N SER O 111 37.96 -44.70 -101.07
CA SER O 111 37.45 -45.98 -100.62
C SER O 111 38.07 -46.52 -99.35
N ASN O 112 39.32 -46.25 -99.15
CA ASN O 112 39.88 -46.75 -97.97
C ASN O 112 39.38 -46.03 -96.75
N LEU O 113 38.97 -44.79 -96.88
CA LEU O 113 38.41 -44.10 -95.75
C LEU O 113 37.16 -44.79 -95.41
N ASP O 114 36.43 -45.24 -96.38
CA ASP O 114 35.27 -46.01 -96.07
C ASP O 114 35.55 -47.30 -95.37
N ARG O 115 36.60 -47.99 -95.69
CA ARG O 115 36.79 -49.20 -94.97
C ARG O 115 37.07 -48.85 -93.59
N LEU O 116 37.80 -47.79 -93.38
CA LEU O 116 38.15 -47.49 -92.03
C LEU O 116 36.94 -47.19 -91.30
N VAL O 117 35.93 -46.58 -91.84
CA VAL O 117 34.83 -46.23 -91.01
C VAL O 117 34.24 -47.46 -90.43
N THR O 118 34.01 -48.50 -91.22
CA THR O 118 33.50 -49.76 -90.72
C THR O 118 34.41 -50.45 -89.76
N ASP O 119 35.66 -50.42 -90.09
CA ASP O 119 36.56 -51.06 -89.22
C ASP O 119 36.54 -50.43 -87.89
N VAL O 120 36.42 -49.13 -87.81
CA VAL O 120 36.53 -48.52 -86.53
C VAL O 120 35.28 -48.74 -85.71
N ARG O 121 34.15 -49.01 -86.33
CA ARG O 121 32.99 -49.25 -85.52
C ARG O 121 33.22 -50.53 -84.77
N GLU O 122 33.70 -51.50 -85.49
CA GLU O 122 33.96 -52.75 -84.86
C GLU O 122 34.99 -52.59 -83.81
N ALA O 123 35.97 -51.76 -84.01
CA ALA O 123 36.94 -51.54 -82.98
C ALA O 123 36.46 -50.93 -81.72
N VAL O 124 35.59 -49.96 -81.79
CA VAL O 124 35.02 -49.43 -80.59
C VAL O 124 34.28 -50.55 -79.92
N ALA O 125 33.65 -51.41 -80.64
CA ALA O 125 32.99 -52.47 -79.91
C ALA O 125 33.95 -53.39 -79.25
N GLN O 126 35.06 -53.66 -79.89
CA GLN O 126 35.93 -54.64 -79.34
C GLN O 126 36.34 -54.10 -78.07
N ARG O 127 36.63 -52.84 -78.00
CA ARG O 127 37.13 -52.31 -76.77
C ARG O 127 36.15 -52.38 -75.66
N GLU O 128 34.91 -52.06 -75.87
CA GLU O 128 34.00 -52.17 -74.78
C GLU O 128 33.95 -53.60 -74.33
N ARG O 129 33.84 -54.53 -75.26
CA ARG O 129 33.68 -55.88 -74.79
C ARG O 129 34.89 -56.25 -73.98
N PHE O 130 36.07 -55.91 -74.44
CA PHE O 130 37.28 -56.28 -73.74
C PHE O 130 37.41 -55.65 -72.39
N LYS O 131 37.05 -54.40 -72.25
CA LYS O 131 37.10 -53.78 -70.96
C LYS O 131 36.17 -54.43 -70.02
N ASN O 132 35.00 -54.82 -70.47
CA ASN O 132 34.07 -55.54 -69.60
C ASN O 132 34.52 -56.95 -69.24
N GLU O 133 35.01 -57.73 -70.19
CA GLU O 133 35.53 -59.07 -69.93
C GLU O 133 36.70 -59.01 -69.03
N GLY O 134 37.43 -57.93 -69.10
CA GLY O 134 38.60 -57.76 -68.29
C GLY O 134 39.66 -58.76 -68.60
N LEU O 135 39.85 -59.18 -69.83
CA LEU O 135 40.84 -60.23 -70.09
C LEU O 135 42.32 -59.95 -69.78
N GLY O 136 42.65 -58.68 -69.68
CA GLY O 136 44.05 -58.33 -69.48
C GLY O 136 44.57 -58.86 -68.18
N SER O 137 43.73 -58.82 -67.18
CA SER O 137 44.13 -59.32 -65.89
C SER O 137 44.43 -60.77 -65.90
N LEU O 138 43.66 -61.54 -66.60
CA LEU O 138 43.92 -62.93 -66.69
C LEU O 138 45.22 -63.10 -67.36
N VAL O 139 45.47 -62.33 -68.39
CA VAL O 139 46.78 -62.53 -68.95
C VAL O 139 47.86 -62.27 -67.93
N ALA O 140 47.71 -61.30 -67.06
CA ALA O 140 48.82 -61.11 -66.12
C ALA O 140 48.85 -62.02 -64.88
N LEU O 141 47.72 -62.61 -64.52
CA LEU O 141 47.75 -63.54 -63.40
C LEU O 141 48.62 -64.63 -63.84
N ASN O 142 48.61 -64.93 -65.12
CA ASN O 142 49.37 -66.06 -65.61
C ASN O 142 50.84 -65.77 -65.56
N ALA O 143 51.24 -64.53 -65.86
CA ALA O 143 52.66 -64.19 -65.75
C ALA O 143 53.16 -64.30 -64.32
N PHE O 144 52.34 -63.84 -63.42
CA PHE O 144 52.74 -63.93 -62.07
C PHE O 144 52.83 -65.34 -61.65
N LEU O 145 51.89 -66.17 -62.06
CA LEU O 145 51.89 -67.52 -61.56
C LEU O 145 53.14 -68.12 -62.05
N ALA O 146 53.51 -67.79 -63.28
CA ALA O 146 54.72 -68.33 -63.86
C ALA O 146 55.97 -67.97 -63.11
N THR O 147 56.09 -66.72 -62.74
CA THR O 147 57.24 -66.31 -61.95
C THR O 147 57.39 -67.17 -60.74
N GLN O 148 56.32 -67.42 -60.04
CA GLN O 148 56.32 -68.12 -58.78
C GLN O 148 56.60 -69.61 -59.01
N PRO O 149 57.47 -70.22 -58.20
CA PRO O 149 57.72 -71.65 -58.35
C PRO O 149 56.47 -72.47 -58.04
N ALA O 150 55.93 -73.11 -59.06
CA ALA O 150 54.68 -73.85 -58.94
C ALA O 150 54.96 -75.34 -59.07
N ASN O 151 53.95 -76.13 -58.67
CA ASN O 151 53.98 -77.59 -58.74
C ASN O 151 55.00 -78.19 -57.78
N VAL O 152 55.73 -77.35 -57.06
CA VAL O 152 56.74 -77.83 -56.13
C VAL O 152 56.52 -77.23 -54.75
N PRO O 153 55.44 -77.58 -54.05
CA PRO O 153 55.37 -77.24 -52.61
C PRO O 153 55.83 -78.40 -51.75
N ARG O 154 56.52 -78.11 -50.66
CA ARG O 154 57.03 -79.20 -49.82
C ARG O 154 55.93 -79.85 -49.02
N GLY O 155 55.02 -79.06 -48.43
CA GLY O 155 54.00 -79.60 -47.55
C GLY O 155 52.89 -80.34 -48.24
N GLN O 156 52.07 -79.63 -49.03
CA GLN O 156 50.92 -80.22 -49.68
C GLN O 156 50.71 -79.54 -51.03
N ASP O 157 49.96 -80.20 -51.90
CA ASP O 157 49.63 -79.64 -53.21
C ASP O 157 48.15 -79.30 -53.34
N ASP O 158 47.49 -78.95 -52.23
CA ASP O 158 46.26 -78.17 -52.33
C ASP O 158 46.57 -76.73 -52.70
N TYR O 159 47.84 -76.33 -52.61
CA TYR O 159 48.29 -75.05 -53.14
C TYR O 159 47.98 -74.95 -54.62
N THR O 160 48.03 -76.07 -55.35
CA THR O 160 47.59 -76.07 -56.74
C THR O 160 46.11 -75.77 -56.84
N ASN O 161 45.29 -76.35 -55.95
CA ASN O 161 43.88 -76.05 -55.95
C ASN O 161 43.62 -74.60 -55.58
N PHE O 162 44.45 -74.03 -54.71
CA PHE O 162 44.34 -72.62 -54.38
C PHE O 162 44.58 -71.75 -55.60
N ILE O 163 45.57 -72.11 -56.42
CA ILE O 163 45.86 -71.34 -57.62
C ILE O 163 44.67 -71.38 -58.59
N SER O 164 44.02 -72.55 -58.69
CA SER O 164 42.84 -72.64 -59.55
C SER O 164 41.74 -71.71 -59.07
N ALA O 165 41.64 -71.50 -57.76
CA ALA O 165 40.67 -70.54 -57.24
C ALA O 165 41.07 -69.11 -57.57
N LEU O 166 42.37 -68.84 -57.71
CA LEU O 166 42.82 -67.52 -58.11
C LEU O 166 42.33 -67.17 -59.51
N ARG O 167 42.45 -68.10 -60.45
CA ARG O 167 41.97 -67.85 -61.80
C ARG O 167 40.46 -67.69 -61.83
N LEU O 168 39.74 -68.39 -60.95
CA LEU O 168 38.30 -68.21 -60.87
C LEU O 168 37.94 -66.79 -60.45
N MET O 169 38.64 -66.26 -59.44
CA MET O 169 38.32 -64.92 -58.94
C MET O 169 38.55 -63.87 -60.02
N VAL O 170 39.66 -63.97 -60.74
CA VAL O 170 39.92 -63.02 -61.82
C VAL O 170 38.89 -63.16 -62.92
N THR O 171 38.45 -64.40 -63.20
CA THR O 171 37.44 -64.61 -64.23
C THR O 171 36.06 -64.16 -63.78
N GLU O 172 35.69 -64.47 -62.53
CA GLU O 172 34.34 -64.21 -62.04
C GLU O 172 34.15 -62.79 -61.52
N VAL O 173 35.18 -61.96 -61.53
CA VAL O 173 35.02 -60.56 -61.14
C VAL O 173 35.29 -59.70 -62.36
N PRO O 174 34.29 -59.46 -63.21
CA PRO O 174 34.52 -58.60 -64.39
C PRO O 174 34.86 -57.18 -64.02
N GLN O 175 34.43 -56.72 -62.85
CA GLN O 175 34.56 -55.32 -62.47
C GLN O 175 35.91 -55.06 -61.84
N SER O 176 36.78 -54.36 -62.55
CA SER O 176 38.08 -53.92 -62.03
C SER O 176 38.97 -55.09 -61.64
N GLU O 177 38.91 -56.16 -62.41
CA GLU O 177 39.89 -57.24 -62.26
C GLU O 177 41.21 -56.74 -62.84
N VAL O 178 42.12 -56.32 -61.97
CA VAL O 178 43.36 -55.68 -62.39
C VAL O 178 44.54 -56.41 -61.78
N TYR O 179 45.56 -56.66 -62.59
CA TYR O 179 46.82 -57.24 -62.14
C TYR O 179 47.94 -56.34 -62.63
N GLN O 180 48.25 -55.31 -61.84
CA GLN O 180 49.29 -54.37 -62.21
C GLN O 180 50.64 -55.06 -62.18
N SER O 181 51.49 -54.73 -63.15
CA SER O 181 52.86 -55.24 -63.13
C SER O 181 53.65 -54.65 -61.98
N GLY O 182 53.36 -53.41 -61.61
CA GLY O 182 54.03 -52.76 -60.52
C GLY O 182 55.46 -52.42 -60.87
N PRO O 183 56.20 -51.88 -59.92
CA PRO O 183 57.62 -51.62 -60.13
C PRO O 183 58.40 -52.92 -60.28
N ASP O 184 58.25 -53.81 -59.30
CA ASP O 184 58.88 -55.12 -59.33
C ASP O 184 57.94 -56.26 -58.96
N TYR O 185 56.86 -55.99 -58.25
CA TYR O 185 55.96 -57.03 -57.77
C TYR O 185 54.57 -56.85 -58.39
N PHE O 186 53.88 -57.97 -58.58
CA PHE O 186 52.54 -57.94 -59.14
C PHE O 186 51.52 -57.68 -58.04
N PHE O 187 50.44 -56.99 -58.41
CA PHE O 187 49.43 -56.56 -57.46
C PHE O 187 48.06 -57.09 -57.89
N GLN O 188 47.20 -57.34 -56.91
CA GLN O 188 45.83 -57.75 -57.15
C GLN O 188 44.87 -56.78 -56.47
N THR O 189 43.72 -56.57 -57.09
CA THR O 189 42.72 -55.67 -56.52
C THR O 189 41.34 -56.11 -57.00
N SER O 190 40.31 -55.59 -56.33
CA SER O 190 38.94 -55.91 -56.67
C SER O 190 38.13 -54.72 -57.16
N ARG O 191 38.33 -53.55 -56.58
CA ARG O 191 37.56 -52.35 -56.93
C ARG O 191 38.47 -51.35 -57.63
N GLN O 192 37.90 -50.62 -58.60
CA GLN O 192 38.68 -49.61 -59.31
C GLN O 192 39.25 -48.55 -58.38
N GLY O 193 38.60 -48.30 -57.25
CA GLY O 193 39.14 -47.36 -56.27
C GLY O 193 40.32 -47.89 -55.49
N LEU O 194 40.66 -49.17 -55.65
CA LEU O 194 41.82 -49.79 -55.03
C LEU O 194 41.76 -49.74 -53.50
N GLN O 195 40.55 -49.70 -52.93
CA GLN O 195 40.45 -49.65 -51.48
C GLN O 195 40.99 -50.92 -50.83
N THR O 196 41.14 -52.01 -51.58
CA THR O 196 41.68 -53.26 -51.07
C THR O 196 42.62 -53.85 -52.11
N VAL O 197 43.92 -53.70 -51.89
CA VAL O 197 44.93 -54.17 -52.83
C VAL O 197 45.75 -55.27 -52.16
N ASN O 198 46.49 -56.01 -52.99
CA ASN O 198 47.35 -57.08 -52.50
C ASN O 198 48.71 -56.96 -53.16
N LEU O 199 49.74 -57.28 -52.38
CA LEU O 199 51.10 -57.41 -52.90
C LEU O 199 51.27 -58.88 -53.25
N SER O 200 50.77 -59.27 -54.42
CA SER O 200 50.72 -60.69 -54.81
C SER O 200 52.07 -61.35 -54.81
N GLN O 201 53.20 -60.65 -54.81
CA GLN O 201 54.49 -61.29 -54.62
C GLN O 201 54.85 -61.50 -53.17
N ALA O 202 54.11 -60.92 -52.23
CA ALA O 202 54.33 -61.13 -50.81
C ALA O 202 53.44 -62.22 -50.24
N PHE O 203 52.75 -62.99 -51.08
CA PHE O 203 52.03 -64.15 -50.58
C PHE O 203 52.93 -65.36 -50.38
N LYS O 204 54.25 -65.18 -50.46
CA LYS O 204 55.18 -66.27 -50.21
C LYS O 204 55.18 -66.68 -48.74
N ASN O 205 54.55 -65.92 -47.85
CA ASN O 205 54.27 -66.43 -46.52
C ASN O 205 53.39 -67.67 -46.59
N LEU O 206 52.44 -67.68 -47.53
CA LEU O 206 51.61 -68.86 -47.74
C LEU O 206 52.46 -70.04 -48.19
N ARG O 207 53.58 -69.77 -48.87
CA ARG O 207 54.43 -70.85 -49.37
C ARG O 207 55.00 -71.68 -48.21
N GLY O 208 55.38 -71.01 -47.13
CA GLY O 208 55.85 -71.75 -45.96
C GLY O 208 54.74 -72.56 -45.31
N LEU O 209 53.54 -71.98 -45.22
CA LEU O 209 52.43 -72.60 -44.50
C LEU O 209 51.50 -73.36 -45.45
N TRP O 210 52.04 -74.39 -46.09
CA TRP O 210 51.24 -75.34 -46.86
C TRP O 210 51.31 -76.70 -46.20
N GLY O 211 50.16 -77.26 -45.87
CA GLY O 211 50.09 -78.54 -45.22
C GLY O 211 50.31 -78.51 -43.72
N VAL O 212 50.56 -77.34 -43.14
CA VAL O 212 50.82 -77.25 -41.71
C VAL O 212 49.51 -77.43 -40.96
N GLN O 213 49.44 -78.47 -40.13
CA GLN O 213 48.21 -78.77 -39.40
C GLN O 213 47.80 -77.60 -38.51
N ALA O 214 46.51 -77.32 -38.50
CA ALA O 214 46.00 -76.15 -37.80
C ALA O 214 46.03 -76.39 -36.29
N PRO O 215 46.63 -75.49 -35.51
CA PRO O 215 46.54 -75.60 -34.05
C PRO O 215 45.11 -75.37 -33.58
N VAL O 216 44.59 -76.33 -32.82
CA VAL O 216 43.20 -76.23 -32.37
C VAL O 216 43.03 -75.11 -31.36
N GLY O 217 44.03 -74.88 -30.51
CA GLY O 217 43.89 -73.96 -29.40
C GLY O 217 43.62 -72.51 -29.74
N ASP O 218 44.59 -71.82 -30.31
CA ASP O 218 44.52 -70.38 -30.48
C ASP O 218 44.91 -69.99 -31.90
N ARG O 219 44.25 -68.95 -32.41
CA ARG O 219 44.65 -68.36 -33.70
C ARG O 219 46.04 -67.74 -33.61
N SER O 220 46.35 -67.09 -32.49
CA SER O 220 47.66 -66.49 -32.26
C SER O 220 48.57 -67.56 -31.64
N THR O 221 49.46 -68.12 -32.45
CA THR O 221 50.36 -69.17 -32.00
C THR O 221 51.66 -69.06 -32.78
N VAL O 222 52.47 -70.12 -32.71
CA VAL O 222 53.70 -70.17 -33.50
C VAL O 222 53.37 -70.20 -34.99
N SER O 223 52.20 -70.73 -35.34
CA SER O 223 51.75 -70.78 -36.72
C SER O 223 51.08 -69.50 -37.18
N SER O 224 50.95 -68.51 -36.31
CA SER O 224 50.38 -67.21 -36.67
C SER O 224 51.45 -66.34 -37.33
N LEU O 225 51.94 -66.81 -38.47
CA LEU O 225 52.96 -66.12 -39.24
C LEU O 225 52.37 -65.34 -40.41
N LEU O 226 51.05 -65.25 -40.49
CA LEU O 226 50.40 -64.61 -41.62
C LEU O 226 50.46 -63.09 -41.50
N THR O 227 51.14 -62.46 -42.45
CA THR O 227 51.14 -61.02 -42.56
C THR O 227 49.72 -60.54 -42.90
N PRO O 228 49.30 -59.40 -42.35
CA PRO O 228 47.97 -58.88 -42.72
C PRO O 228 47.78 -58.67 -44.21
N ASN O 229 48.88 -58.50 -44.96
CA ASN O 229 48.78 -58.51 -46.41
C ASN O 229 48.33 -59.87 -46.93
N SER O 230 48.87 -60.94 -46.33
CA SER O 230 48.51 -62.28 -46.78
C SER O 230 47.07 -62.63 -46.41
N ARG O 231 46.65 -62.30 -45.18
CA ARG O 231 45.29 -62.62 -44.76
C ARG O 231 44.26 -61.89 -45.60
N LEU O 232 44.64 -60.77 -46.21
CA LEU O 232 43.72 -60.10 -47.12
C LEU O 232 43.51 -60.92 -48.38
N LEU O 233 44.55 -61.59 -48.86
CA LEU O 233 44.41 -62.45 -50.03
C LEU O 233 43.44 -63.59 -49.77
N LEU O 234 43.55 -64.22 -48.61
CA LEU O 234 42.61 -65.28 -48.26
C LEU O 234 41.19 -64.74 -48.12
N LEU O 235 41.06 -63.55 -47.54
CA LEU O 235 39.74 -62.94 -47.38
C LEU O 235 39.07 -62.69 -48.72
N LEU O 236 39.84 -62.20 -49.70
CA LEU O 236 39.26 -61.87 -50.99
C LEU O 236 38.83 -63.13 -51.75
N ILE O 237 39.66 -64.17 -51.73
CA ILE O 237 39.37 -65.36 -52.52
C ILE O 237 38.44 -66.32 -51.81
N ALA O 238 38.09 -66.07 -50.55
CA ALA O 238 37.24 -66.99 -49.80
C ALA O 238 35.89 -67.23 -50.47
N PRO O 239 35.15 -66.23 -50.94
CA PRO O 239 33.87 -66.54 -51.62
C PRO O 239 34.04 -67.30 -52.92
N PHE O 240 35.23 -67.29 -53.52
CA PHE O 240 35.45 -67.93 -54.80
C PHE O 240 36.12 -69.30 -54.70
N THR O 241 36.35 -69.79 -53.49
CA THR O 241 36.91 -71.12 -53.29
C THR O 241 35.87 -71.99 -52.62
N ASP O 242 35.60 -73.15 -53.22
CA ASP O 242 34.66 -74.12 -52.68
C ASP O 242 35.42 -75.13 -51.84
N SER O 243 34.78 -76.25 -51.49
CA SER O 243 35.43 -77.28 -50.71
C SER O 243 36.56 -77.93 -51.52
N GLY O 244 37.34 -78.77 -50.83
CA GLY O 244 38.53 -79.38 -51.39
C GLY O 244 39.78 -79.12 -50.58
N SER O 245 39.93 -77.89 -50.07
CA SER O 245 40.94 -77.60 -49.05
C SER O 245 40.32 -78.00 -47.71
N VAL O 246 40.68 -79.20 -47.22
CA VAL O 246 39.98 -79.81 -46.11
C VAL O 246 40.08 -78.93 -44.87
N ASN O 247 39.01 -78.91 -44.08
CA ASN O 247 39.05 -78.21 -42.81
C ASN O 247 40.08 -78.83 -41.87
N ARG O 248 40.15 -80.17 -41.85
CA ARG O 248 41.19 -80.86 -41.10
C ARG O 248 42.57 -80.69 -41.72
N ASN O 249 42.64 -80.13 -42.93
CA ASN O 249 43.90 -79.90 -43.61
C ASN O 249 44.58 -78.65 -43.06
N SER O 250 45.53 -78.10 -43.82
CA SER O 250 46.41 -77.03 -43.37
C SER O 250 45.69 -75.85 -42.73
N TYR O 251 46.44 -75.08 -41.93
CA TYR O 251 45.88 -73.91 -41.27
C TYR O 251 45.23 -72.96 -42.27
N LEU O 252 45.80 -72.83 -43.47
CA LEU O 252 45.15 -72.03 -44.50
C LEU O 252 43.82 -72.65 -44.91
N GLY O 253 43.74 -73.99 -44.92
CA GLY O 253 42.48 -74.63 -45.21
C GLY O 253 41.40 -74.32 -44.19
N HIS O 254 41.81 -74.17 -42.92
CA HIS O 254 40.83 -73.87 -41.89
C HIS O 254 40.38 -72.41 -41.96
N LEU O 255 41.30 -71.49 -42.22
CA LEU O 255 40.95 -70.08 -42.26
C LEU O 255 39.97 -69.78 -43.37
N LEU O 256 40.12 -70.45 -44.52
CA LEU O 256 39.22 -70.22 -45.63
C LEU O 256 37.79 -70.59 -45.28
N THR O 257 37.62 -71.59 -44.41
CA THR O 257 36.28 -71.93 -43.93
C THR O 257 35.73 -70.83 -43.03
N LEU O 258 36.58 -70.28 -42.15
CA LEU O 258 36.14 -69.21 -41.27
C LEU O 258 35.77 -67.96 -42.05
N TYR O 259 36.55 -67.61 -43.07
CA TYR O 259 36.26 -66.43 -43.86
C TYR O 259 34.99 -66.61 -44.68
N ARG O 260 34.75 -67.82 -45.19
CA ARG O 260 33.53 -68.06 -45.96
C ARG O 260 32.29 -67.84 -45.09
N GLU O 261 32.32 -68.32 -43.85
CA GLU O 261 31.19 -68.10 -42.96
C GLU O 261 31.10 -66.65 -42.52
N ALA O 262 32.26 -66.02 -42.26
CA ALA O 262 32.26 -64.62 -41.84
C ALA O 262 31.69 -63.73 -42.94
N ILE O 263 32.10 -63.96 -44.18
CA ILE O 263 31.49 -63.25 -45.31
C ILE O 263 30.02 -63.60 -45.42
N GLY O 264 29.69 -64.90 -45.27
CA GLY O 264 28.29 -65.29 -45.28
C GLY O 264 27.51 -64.67 -44.15
N GLN O 265 28.15 -64.49 -42.99
CA GLN O 265 27.50 -63.79 -41.89
C GLN O 265 27.26 -62.32 -42.23
N ALA O 266 28.22 -61.69 -42.91
CA ALA O 266 28.11 -60.26 -43.21
C ALA O 266 26.93 -59.98 -44.15
N GLN O 267 26.76 -60.81 -45.19
CA GLN O 267 25.66 -60.60 -46.11
C GLN O 267 24.32 -60.90 -45.43
N VAL O 268 24.32 -61.85 -44.49
CA VAL O 268 23.14 -62.04 -43.64
C VAL O 268 22.93 -60.81 -42.78
N ASP O 269 24.01 -60.26 -42.22
CA ASP O 269 23.90 -59.09 -41.35
C ASP O 269 23.46 -57.86 -42.13
N GLU O 270 23.91 -57.73 -43.38
CA GLU O 270 23.53 -56.59 -44.19
C GLU O 270 22.02 -56.55 -44.42
N GLN O 271 21.43 -57.69 -44.72
CA GLN O 271 19.97 -57.75 -44.88
C GLN O 271 19.27 -57.45 -43.56
N THR O 272 19.79 -57.98 -42.46
CA THR O 272 19.18 -57.74 -41.15
C THR O 272 19.24 -56.27 -40.78
N PHE O 273 20.38 -55.62 -41.02
CA PHE O 273 20.55 -54.23 -40.61
C PHE O 273 19.58 -53.31 -41.34
N GLN O 274 19.42 -53.50 -42.65
CA GLN O 274 18.56 -52.61 -43.42
C GLN O 274 17.12 -52.67 -42.95
N GLU O 275 16.64 -53.87 -42.61
CA GLU O 275 15.27 -54.00 -42.10
C GLU O 275 15.11 -53.31 -40.77
N ILE O 276 16.11 -53.43 -39.88
CA ILE O 276 16.03 -52.77 -38.58
C ILE O 276 16.04 -51.24 -38.76
N THR O 277 16.92 -50.73 -39.62
CA THR O 277 17.03 -49.30 -39.81
C THR O 277 15.73 -48.71 -40.36
N SER O 278 15.11 -49.38 -41.33
CA SER O 278 13.86 -48.88 -41.89
C SER O 278 12.75 -48.87 -40.84
N VAL O 279 12.65 -49.93 -40.04
CA VAL O 279 11.65 -49.96 -38.98
C VAL O 279 11.97 -48.93 -37.91
N SER O 280 13.24 -48.83 -37.52
CA SER O 280 13.61 -47.91 -36.44
C SER O 280 13.35 -46.46 -36.83
N ARG O 281 13.66 -46.08 -38.07
CA ARG O 281 13.44 -44.70 -38.49
C ARG O 281 11.97 -44.35 -38.61
N ALA O 282 11.09 -45.33 -38.65
CA ALA O 282 9.65 -45.07 -38.75
C ALA O 282 9.02 -44.98 -37.36
N ALA O 314 -43.14 -45.52 -65.57
CA ALA O 314 -44.40 -45.97 -64.98
C ALA O 314 -44.18 -46.49 -63.57
N GLU O 315 -43.36 -47.54 -63.44
CA GLU O 315 -43.06 -48.09 -62.13
C GLU O 315 -42.28 -47.11 -61.28
N GLU O 316 -41.35 -46.37 -61.90
CA GLU O 316 -40.57 -45.37 -61.17
C GLU O 316 -41.46 -44.24 -60.64
N GLU O 317 -42.43 -43.81 -61.46
CA GLU O 317 -43.28 -42.69 -61.07
C GLU O 317 -44.10 -43.02 -59.82
N ARG O 318 -44.49 -44.28 -59.66
CA ARG O 318 -45.22 -44.68 -58.46
C ARG O 318 -44.36 -44.49 -57.22
N ILE O 319 -43.06 -44.77 -57.33
CA ILE O 319 -42.15 -44.51 -56.21
C ILE O 319 -42.06 -43.02 -55.92
N LEU O 320 -42.03 -42.20 -56.99
CA LEU O 320 -41.95 -40.75 -56.81
C LEU O 320 -43.15 -40.23 -56.04
N ARG O 321 -44.34 -40.73 -56.35
CA ARG O 321 -45.54 -40.28 -55.64
C ARG O 321 -45.47 -40.63 -54.16
N TYR O 322 -44.95 -41.81 -53.83
CA TYR O 322 -44.79 -42.19 -52.44
C TYR O 322 -43.78 -41.29 -51.73
N VAL O 323 -42.67 -40.96 -52.41
CA VAL O 323 -41.64 -40.13 -51.79
C VAL O 323 -42.19 -38.74 -51.49
N GLN O 324 -42.96 -38.17 -52.43
CA GLN O 324 -43.55 -36.86 -52.20
C GLN O 324 -44.48 -36.88 -51.00
N GLN O 325 -45.30 -37.93 -50.88
CA GLN O 325 -46.24 -38.00 -49.76
C GLN O 325 -45.52 -38.31 -48.45
N SER O 326 -44.57 -39.25 -48.48
CA SER O 326 -43.88 -39.63 -47.26
C SER O 326 -43.08 -38.47 -46.68
N VAL O 327 -42.35 -37.74 -47.53
CA VAL O 327 -41.59 -36.59 -47.05
C VAL O 327 -42.54 -35.51 -46.54
N GLY O 328 -43.60 -35.23 -47.29
CA GLY O 328 -44.55 -34.23 -46.86
C GLY O 328 -45.25 -34.58 -45.56
N LEU O 329 -45.64 -35.85 -45.42
CA LEU O 329 -46.30 -36.29 -44.20
C LEU O 329 -45.36 -36.20 -42.99
N PHE O 330 -44.11 -36.61 -43.16
CA PHE O 330 -43.17 -36.59 -42.05
C PHE O 330 -42.86 -35.17 -41.61
N LEU O 331 -42.76 -34.23 -42.56
CA LEU O 331 -42.59 -32.84 -42.20
C LEU O 331 -43.84 -32.27 -41.52
N MET O 332 -45.01 -32.85 -41.82
CA MET O 332 -46.24 -32.42 -41.15
C MET O 332 -46.23 -32.83 -39.68
N GLN O 333 -45.92 -34.10 -39.40
CA GLN O 333 -46.02 -34.60 -38.04
C GLN O 333 -44.86 -34.15 -37.16
N GLU O 334 -43.69 -33.93 -37.74
CA GLU O 334 -42.52 -33.57 -36.96
C GLU O 334 -41.81 -32.31 -37.44
N GLY O 335 -41.77 -32.05 -38.74
CA GLY O 335 -41.00 -30.91 -39.23
C GLY O 335 -39.51 -31.07 -39.01
N ALA O 336 -38.97 -32.25 -39.27
CA ALA O 336 -37.56 -32.53 -39.05
C ALA O 336 -36.71 -31.98 -40.19
N THR O 337 -35.41 -32.18 -40.08
CA THR O 337 -34.50 -31.71 -41.11
C THR O 337 -34.72 -32.48 -42.41
N PRO O 338 -34.44 -31.87 -43.56
CA PRO O 338 -34.63 -32.59 -44.83
C PRO O 338 -33.87 -33.90 -44.93
N SER O 339 -32.65 -33.96 -44.37
CA SER O 339 -31.92 -35.22 -44.37
C SER O 339 -32.63 -36.27 -43.53
N ALA O 340 -33.17 -35.87 -42.37
CA ALA O 340 -33.91 -36.80 -41.54
C ALA O 340 -35.22 -37.22 -42.21
N ALA O 341 -35.88 -36.29 -42.88
CA ALA O 341 -37.12 -36.62 -43.57
C ALA O 341 -36.91 -37.63 -44.68
N LEU O 342 -35.84 -37.46 -45.46
CA LEU O 342 -35.55 -38.42 -46.52
C LEU O 342 -35.16 -39.78 -45.94
N ASP O 343 -34.44 -39.79 -44.82
CA ASP O 343 -34.02 -41.05 -44.22
C ASP O 343 -35.23 -41.87 -43.76
N MET O 344 -36.21 -41.20 -43.14
CA MET O 344 -37.41 -41.92 -42.70
C MET O 344 -38.25 -42.38 -43.89
N THR O 345 -38.24 -41.61 -44.98
CA THR O 345 -38.96 -42.03 -46.18
C THR O 345 -38.37 -43.30 -46.76
N ALA O 346 -37.04 -43.41 -46.80
CA ALA O 346 -36.40 -44.56 -47.43
C ALA O 346 -36.58 -45.82 -46.60
N ARG O 347 -36.75 -45.69 -45.29
CA ARG O 347 -36.83 -46.86 -44.43
C ARG O 347 -38.24 -47.44 -44.34
N ASN O 348 -39.23 -46.82 -44.99
CA ASN O 348 -40.61 -47.29 -44.94
C ASN O 348 -41.13 -47.60 -46.34
N MET O 349 -40.32 -48.27 -47.15
CA MET O 349 -40.68 -48.64 -48.51
C MET O 349 -40.76 -50.15 -48.64
N GLU O 350 -41.50 -50.61 -49.66
CA GLU O 350 -41.59 -52.03 -49.92
C GLU O 350 -40.22 -52.56 -50.34
N PRO O 351 -39.75 -53.67 -49.76
CA PRO O 351 -38.41 -54.17 -50.11
C PRO O 351 -38.25 -54.46 -51.59
N SER O 352 -39.29 -54.99 -52.24
CA SER O 352 -39.22 -55.21 -53.69
C SER O 352 -39.08 -53.90 -54.44
N MET O 353 -39.86 -52.89 -54.04
CA MET O 353 -39.76 -51.58 -54.68
C MET O 353 -38.39 -50.94 -54.44
N TYR O 354 -37.89 -51.04 -53.21
CA TYR O 354 -36.58 -50.45 -52.90
C TYR O 354 -35.46 -51.14 -53.65
N ALA O 355 -35.48 -52.48 -53.66
CA ALA O 355 -34.41 -53.23 -54.30
C ALA O 355 -34.39 -53.03 -55.81
N ALA O 356 -35.56 -53.02 -56.44
CA ALA O 356 -35.61 -52.92 -57.90
C ALA O 356 -35.12 -51.57 -58.39
N ASN O 357 -35.52 -50.49 -57.71
CA ASN O 357 -35.18 -49.14 -58.14
C ASN O 357 -34.23 -48.45 -57.16
N ARG O 358 -33.32 -49.22 -56.57
CA ARG O 358 -32.37 -48.66 -55.61
C ARG O 358 -31.49 -47.56 -56.19
N PRO O 359 -30.88 -47.70 -57.38
CA PRO O 359 -30.12 -46.57 -57.92
C PRO O 359 -30.97 -45.34 -58.18
N PHE O 360 -32.23 -45.52 -58.59
CA PHE O 360 -33.10 -44.37 -58.84
C PHE O 360 -33.42 -43.63 -57.55
N ILE O 361 -33.68 -44.36 -56.46
CA ILE O 361 -34.08 -43.72 -55.21
C ILE O 361 -32.97 -42.81 -54.71
N ASN O 362 -31.72 -43.29 -54.73
CA ASN O 362 -30.61 -42.48 -54.26
C ASN O 362 -30.46 -41.22 -55.10
N LYS O 363 -30.62 -41.33 -56.43
CA LYS O 363 -30.60 -40.15 -57.28
C LYS O 363 -31.78 -39.24 -56.98
N LEU O 364 -32.97 -39.83 -56.76
CA LEU O 364 -34.15 -39.02 -56.46
C LEU O 364 -33.98 -38.26 -55.14
N MET O 365 -33.42 -38.92 -54.12
CA MET O 365 -33.23 -38.26 -52.84
C MET O 365 -32.26 -37.08 -52.95
N ASP O 366 -31.17 -37.25 -53.70
CA ASP O 366 -30.17 -36.19 -53.79
C ASP O 366 -30.73 -34.94 -54.46
N TYR O 367 -31.47 -35.12 -55.56
CA TYR O 367 -32.06 -33.97 -56.23
C TYR O 367 -33.10 -33.29 -55.35
N LEU O 368 -33.92 -34.09 -54.66
CA LEU O 368 -34.92 -33.50 -53.75
C LEU O 368 -34.25 -32.78 -52.59
N HIS O 369 -33.15 -33.33 -52.07
CA HIS O 369 -32.45 -32.68 -50.97
C HIS O 369 -31.88 -31.34 -51.40
N ARG O 370 -31.22 -31.30 -52.56
CA ARG O 370 -30.66 -30.03 -53.03
C ARG O 370 -31.75 -29.07 -53.50
N ALA O 371 -32.84 -29.58 -54.07
CA ALA O 371 -33.94 -28.71 -54.46
C ALA O 371 -34.55 -28.03 -53.25
N ALA O 372 -34.72 -28.75 -52.14
CA ALA O 372 -35.13 -28.12 -50.90
C ALA O 372 -34.05 -27.19 -50.38
N ALA O 373 -32.79 -27.53 -50.61
CA ALA O 373 -31.69 -26.67 -50.19
C ALA O 373 -31.71 -25.35 -50.92
N MET O 374 -32.03 -25.37 -52.22
CA MET O 374 -32.10 -24.12 -52.99
C MET O 374 -33.19 -23.21 -52.45
N ASN O 375 -34.41 -23.73 -52.32
CA ASN O 375 -35.54 -22.92 -51.86
C ASN O 375 -36.64 -23.87 -51.39
N THR O 376 -37.00 -23.78 -50.10
CA THR O 376 -38.03 -24.66 -49.56
C THR O 376 -39.42 -24.25 -50.00
N ASP O 377 -39.65 -22.97 -50.25
CA ASP O 377 -40.98 -22.51 -50.67
C ASP O 377 -41.37 -23.14 -52.00
N TYR O 378 -40.45 -23.15 -52.96
CA TYR O 378 -40.69 -23.85 -54.22
C TYR O 378 -40.72 -25.36 -53.99
N PHE O 379 -39.96 -25.85 -53.01
CA PHE O 379 -39.98 -27.27 -52.68
C PHE O 379 -41.34 -27.70 -52.16
N THR O 380 -41.96 -26.88 -51.32
CA THR O 380 -43.30 -27.20 -50.81
C THR O 380 -44.32 -27.24 -51.95
N ASN O 381 -44.21 -26.30 -52.90
CA ASN O 381 -45.10 -26.31 -54.05
C ASN O 381 -44.94 -27.57 -54.87
N ALA O 382 -43.70 -28.01 -55.09
CA ALA O 382 -43.46 -29.23 -55.86
C ALA O 382 -44.06 -30.45 -55.17
N ILE O 383 -43.89 -30.54 -53.84
CA ILE O 383 -44.50 -31.64 -53.10
C ILE O 383 -46.02 -31.54 -53.13
N LEU O 384 -46.55 -30.34 -52.93
CA LEU O 384 -47.99 -30.12 -52.94
C LEU O 384 -48.58 -30.08 -54.34
N ASN O 385 -47.78 -30.34 -55.37
CA ASN O 385 -48.30 -30.45 -56.72
C ASN O 385 -48.08 -31.87 -57.20
N PRO O 386 -49.07 -32.75 -57.13
CA PRO O 386 -48.89 -34.10 -57.69
C PRO O 386 -48.66 -34.09 -59.20
N HIS O 387 -49.06 -33.01 -59.88
CA HIS O 387 -48.82 -32.93 -61.32
C HIS O 387 -47.35 -32.65 -61.61
N TRP O 388 -46.56 -32.35 -60.58
CA TRP O 388 -45.13 -32.08 -60.75
C TRP O 388 -44.42 -33.28 -61.35
N LEU O 389 -43.53 -33.02 -62.29
CA LEU O 389 -42.66 -33.99 -62.92
C LEU O 389 -41.22 -33.49 -62.90
N PRO O 390 -40.24 -34.42 -62.77
CA PRO O 390 -38.90 -33.86 -62.72
C PRO O 390 -38.61 -33.03 -63.93
N PRO O 391 -37.96 -31.89 -63.73
CA PRO O 391 -37.63 -31.04 -64.86
C PRO O 391 -36.44 -31.63 -65.52
N PRO O 392 -36.24 -31.28 -66.76
CA PRO O 392 -35.02 -31.88 -67.27
C PRO O 392 -33.88 -31.24 -66.54
N GLY O 393 -32.78 -31.94 -66.51
CA GLY O 393 -31.65 -31.46 -65.77
C GLY O 393 -31.60 -32.35 -64.56
N PHE O 394 -32.72 -32.97 -64.20
CA PHE O 394 -32.69 -33.96 -63.13
C PHE O 394 -31.97 -35.08 -63.77
N TYR O 395 -32.29 -35.31 -65.02
CA TYR O 395 -31.74 -36.43 -65.74
C TYR O 395 -30.32 -36.44 -66.03
N THR O 396 -29.95 -35.18 -66.39
CA THR O 396 -28.52 -35.03 -66.70
C THR O 396 -27.82 -33.96 -65.88
N MET P 1 -2.03 5.66 36.12
CA MET P 1 -1.04 4.65 36.47
C MET P 1 -1.68 3.51 37.27
N ASN P 2 -3.00 3.60 37.46
CA ASN P 2 -3.73 2.61 38.24
C ASN P 2 -5.02 2.29 37.52
N GLY P 3 -5.92 1.58 38.20
CA GLY P 3 -7.19 1.16 37.67
C GLY P 3 -7.20 -0.28 37.18
N THR P 4 -6.05 -0.80 36.79
CA THR P 4 -5.90 -2.20 36.37
C THR P 4 -4.73 -2.77 37.15
N GLY P 5 -5.01 -3.22 38.36
CA GLY P 5 -3.94 -3.64 39.26
C GLY P 5 -2.99 -2.52 39.60
N GLY P 6 -3.52 -1.32 39.87
CA GLY P 6 -2.67 -0.19 40.20
C GLY P 6 -1.88 -0.38 41.47
N ALA P 7 -2.29 -1.32 42.32
CA ALA P 7 -1.56 -1.63 43.53
C ALA P 7 -1.25 -3.11 43.70
N PHE P 8 -1.79 -3.98 42.84
CA PHE P 8 -1.49 -5.42 42.90
C PHE P 8 -1.58 -6.00 41.50
N GLU P 9 -1.70 -7.33 41.40
CA GLU P 9 -1.60 -8.06 40.14
C GLU P 9 -2.31 -7.37 38.98
N GLY P 10 -1.66 -7.33 37.83
CA GLY P 10 -2.20 -6.58 36.71
C GLY P 10 -1.33 -6.57 35.46
N GLY P 11 -1.29 -5.50 34.75
CA GLY P 11 -0.56 -5.57 33.55
C GLY P 11 -1.74 -6.15 32.91
N LEU P 12 -1.93 -7.47 32.93
CA LEU P 12 -3.16 -8.11 32.40
C LEU P 12 -3.93 -9.18 33.05
N PHE P 13 -4.65 -8.90 34.06
CA PHE P 13 -5.36 -9.95 34.62
C PHE P 13 -6.41 -10.34 33.80
N SER P 14 -7.03 -9.37 33.26
CA SER P 14 -8.26 -9.59 32.59
C SER P 14 -8.41 -10.61 31.69
N PRO P 15 -7.40 -10.80 30.99
CA PRO P 15 -7.93 -11.68 30.07
C PRO P 15 -7.30 -12.73 29.53
N TYR P 16 -8.10 -13.50 28.90
CA TYR P 16 -7.53 -14.51 28.26
C TYR P 16 -7.27 -13.50 27.20
N LEU P 17 -6.04 -13.14 26.89
CA LEU P 17 -5.68 -12.10 25.94
C LEU P 17 -5.64 -12.92 24.89
N THR P 18 -6.77 -13.36 24.52
CA THR P 18 -6.72 -14.33 23.50
C THR P 18 -7.27 -13.91 22.28
N THR P 19 -7.42 -12.66 22.18
CA THR P 19 -7.83 -12.35 20.92
C THR P 19 -6.55 -12.58 20.19
N ARG P 20 -6.58 -13.25 19.07
CA ARG P 20 -5.41 -13.36 18.29
C ARG P 20 -5.52 -12.07 17.63
N LEU P 21 -4.45 -11.48 17.15
CA LEU P 21 -4.54 -10.18 16.62
C LEU P 21 -5.39 -10.42 15.49
N PRO P 22 -6.34 -9.57 15.29
CA PRO P 22 -7.20 -9.92 14.22
C PRO P 22 -6.41 -9.59 13.09
N GLY P 23 -6.27 -10.41 12.10
CA GLY P 23 -5.47 -9.96 10.98
C GLY P 23 -6.19 -9.15 9.93
N TRP P 24 -6.34 -7.85 10.12
CA TRP P 24 -6.95 -7.00 9.14
C TRP P 24 -6.37 -5.69 9.40
N ALA P 25 -5.98 -4.91 8.40
CA ALA P 25 -5.40 -3.62 8.77
C ALA P 25 -6.38 -2.83 9.64
N GLY P 26 -5.88 -1.77 10.25
CA GLY P 26 -6.70 -0.88 11.04
C GLY P 26 -6.75 -1.19 12.52
N VAL P 27 -6.10 -2.24 13.01
CA VAL P 27 -6.10 -2.49 14.44
C VAL P 27 -4.94 -1.75 15.08
N ARG P 28 -5.09 -0.44 15.25
CA ARG P 28 -4.11 0.41 15.93
C ARG P 28 -4.87 1.66 16.36
N GLN P 29 -5.11 1.79 17.67
CA GLN P 29 -6.17 2.68 18.13
C GLN P 29 -5.89 4.14 17.78
N ASN P 30 -4.66 4.60 18.00
CA ASN P 30 -4.35 6.01 17.77
C ASN P 30 -3.02 6.16 17.06
N VAL P 31 -2.75 5.33 16.06
CA VAL P 31 -1.52 5.47 15.33
C VAL P 31 -1.72 6.21 14.07
N MET P 32 -1.12 7.38 13.96
CA MET P 32 -1.36 8.20 12.81
C MET P 32 -0.90 7.39 11.74
N GLY P 33 -1.76 7.18 10.81
CA GLY P 33 -1.42 6.33 9.74
C GLY P 33 -0.53 7.07 8.87
N SER P 34 0.02 6.37 7.93
CA SER P 34 0.94 6.98 7.09
C SER P 34 0.17 7.37 6.03
N THR P 35 0.37 6.63 4.99
CA THR P 35 -0.24 7.12 3.87
C THR P 35 -0.50 6.29 2.76
N VAL P 36 -1.28 6.85 1.93
CA VAL P 36 -1.64 6.16 0.85
C VAL P 36 -0.35 5.95 0.22
N ASP P 37 -0.22 4.82 -0.42
CA ASP P 37 1.01 4.44 -1.00
C ASP P 37 1.52 5.50 -1.76
N GLY P 38 2.80 5.69 -1.62
CA GLY P 38 3.47 6.63 -2.45
C GLY P 38 3.21 8.01 -2.09
N ARG P 39 1.95 8.30 -2.07
CA ARG P 39 1.64 9.57 -1.68
C ARG P 39 2.09 9.48 -0.28
N PRO P 40 2.40 10.59 0.28
CA PRO P 40 2.69 10.52 1.68
C PRO P 40 1.57 11.22 2.27
N VAL P 41 0.47 11.28 1.58
CA VAL P 41 -0.60 12.07 2.04
C VAL P 41 -0.72 11.66 3.43
N LEU P 42 -0.47 12.59 4.29
CA LEU P 42 -0.37 12.23 5.66
C LEU P 42 -1.54 11.66 6.15
N PRO P 43 -2.57 12.25 5.73
CA PRO P 43 -3.62 11.56 6.38
C PRO P 43 -3.89 10.18 6.10
N ALA P 44 -4.03 9.45 7.15
CA ALA P 44 -4.54 8.18 7.02
C ALA P 44 -4.70 8.79 8.35
N ASN P 45 -5.89 9.14 8.78
CA ASN P 45 -6.06 9.91 9.97
C ASN P 45 -6.24 9.22 11.25
N SER P 46 -6.24 7.91 11.29
CA SER P 46 -6.23 7.14 12.51
C SER P 46 -7.19 6.09 12.90
N SER P 47 -8.10 5.68 12.07
CA SER P 47 -8.98 4.53 12.36
C SER P 47 -9.65 4.44 13.66
N THR P 48 -9.97 5.54 14.27
CA THR P 48 -10.71 5.51 15.46
C THR P 48 -11.14 6.88 15.15
N MET P 49 -11.46 7.13 13.90
CA MET P 49 -11.74 8.49 13.60
C MET P 49 -12.96 8.97 12.84
N THR P 50 -12.87 9.00 11.51
CA THR P 50 -13.95 9.51 10.69
C THR P 50 -14.03 8.58 9.54
N TYR P 51 -14.51 7.40 9.85
CA TYR P 51 -14.55 6.41 8.79
C TYR P 51 -15.97 6.00 8.42
N ALA P 52 -16.98 6.60 9.05
CA ALA P 52 -18.34 6.46 8.53
C ALA P 52 -18.45 7.06 7.15
N THR P 53 -18.02 8.31 6.99
CA THR P 53 -17.94 8.93 5.68
C THR P 53 -16.83 8.21 4.93
N VAL P 54 -17.22 7.29 4.06
CA VAL P 54 -16.29 6.34 3.45
C VAL P 54 -15.27 7.07 2.60
N GLY P 55 -14.22 6.35 2.20
CA GLY P 55 -13.05 6.92 1.57
C GLY P 55 -13.31 8.05 0.60
N ASN P 56 -12.72 9.19 0.93
CA ASN P 56 -12.87 10.39 0.12
C ASN P 56 -12.15 10.17 -1.21
N SER P 57 -12.90 9.83 -2.25
CA SER P 57 -12.32 9.46 -3.54
C SER P 57 -11.77 10.72 -4.20
N SER P 58 -10.59 11.13 -3.73
CA SER P 58 -9.98 12.36 -4.19
C SER P 58 -9.60 12.25 -5.67
N LEU P 59 -9.70 13.38 -6.36
CA LEU P 59 -9.35 13.43 -7.77
C LEU P 59 -7.88 13.06 -7.96
N ASP P 60 -7.63 12.17 -8.92
CA ASP P 60 -6.31 11.62 -9.10
C ASP P 60 -5.37 12.61 -9.77
N SER P 61 -4.08 12.49 -9.45
CA SER P 61 -3.04 13.39 -9.96
C SER P 61 -2.71 13.00 -11.40
N THR P 62 -3.33 13.74 -12.33
CA THR P 62 -3.10 13.56 -13.76
C THR P 62 -3.06 14.92 -14.45
N ALA P 63 -2.33 15.86 -13.85
CA ALA P 63 -2.34 17.24 -14.33
C ALA P 63 -1.80 17.33 -15.76
N ALA P 64 -0.70 16.64 -16.05
CA ALA P 64 -0.10 16.74 -17.37
C ALA P 64 -0.95 16.04 -18.43
N ALA P 65 -1.38 14.80 -18.16
CA ALA P 65 -2.08 14.02 -19.17
C ALA P 65 -3.50 14.52 -19.38
N ALA P 66 -4.25 14.76 -18.28
CA ALA P 66 -5.66 15.09 -18.42
C ALA P 66 -5.86 16.47 -19.04
N ALA P 67 -5.08 17.46 -18.60
CA ALA P 67 -5.20 18.80 -19.18
C ALA P 67 -4.84 18.79 -20.65
N ALA P 68 -3.86 17.97 -21.04
CA ALA P 68 -3.55 17.82 -22.46
C ALA P 68 -4.73 17.23 -23.22
N ALA P 69 -5.39 16.22 -22.65
CA ALA P 69 -6.63 15.71 -23.24
C ALA P 69 -7.73 16.76 -23.16
N ALA P 70 -7.81 17.50 -22.04
CA ALA P 70 -8.78 18.58 -21.94
C ALA P 70 -8.51 19.67 -22.95
N ALA P 71 -7.23 20.01 -23.16
CA ALA P 71 -6.88 20.97 -24.20
C ALA P 71 -7.24 20.43 -25.58
N MET P 72 -6.95 19.15 -25.82
CA MET P 72 -7.35 18.54 -27.08
C MET P 72 -8.86 18.49 -27.21
N THR P 73 -9.56 18.18 -26.13
CA THR P 73 -11.02 18.19 -26.16
C THR P 73 -11.55 19.59 -26.43
N ALA P 74 -10.95 20.60 -25.81
CA ALA P 74 -11.34 21.98 -26.09
C ALA P 74 -11.12 22.33 -27.56
N THR P 75 -9.99 21.88 -28.11
CA THR P 75 -9.75 22.09 -29.54
C THR P 75 -10.78 21.35 -30.38
N ARG P 76 -11.10 20.11 -30.01
CA ARG P 76 -11.96 19.28 -30.86
C ARG P 76 -13.42 19.74 -30.79
N LEU P 77 -13.89 20.17 -29.62
CA LEU P 77 -15.29 20.57 -29.49
C LEU P 77 -15.62 21.73 -30.41
N ALA P 78 -14.73 22.72 -30.49
CA ALA P 78 -14.94 23.82 -31.42
C ALA P 78 -14.72 23.38 -32.86
N SER P 79 -13.70 22.55 -33.09
CA SER P 79 -13.44 22.06 -34.43
C SER P 79 -14.58 21.17 -34.94
N SER P 80 -15.17 20.37 -34.05
CA SER P 80 -16.27 19.50 -34.46
C SER P 80 -17.47 20.31 -34.94
N TYR P 81 -17.67 21.50 -34.37
CA TYR P 81 -18.78 22.37 -34.73
C TYR P 81 -20.12 21.67 -34.55
N SER P 94 -42.15 36.58 -52.05
CA SER P 94 -43.42 35.87 -52.09
C SER P 94 -44.58 36.82 -52.25
N ILE P 95 -45.03 37.03 -53.50
CA ILE P 95 -46.11 37.93 -53.81
C ILE P 95 -47.25 37.11 -54.40
N ILE P 96 -48.46 37.29 -53.85
CA ILE P 96 -49.60 36.50 -54.29
C ILE P 96 -50.07 36.95 -55.66
N ALA P 97 -50.30 35.97 -56.53
CA ALA P 97 -50.78 36.22 -57.89
C ALA P 97 -52.27 36.53 -57.85
N GLU P 98 -52.69 37.43 -58.76
CA GLU P 98 -54.10 37.82 -58.81
C GLU P 98 -54.98 36.64 -59.20
N GLU P 99 -54.42 35.64 -59.90
CA GLU P 99 -55.21 34.49 -60.33
C GLU P 99 -55.77 33.76 -59.12
N LYS P 100 -54.96 33.57 -58.08
CA LYS P 100 -55.46 32.95 -56.86
C LYS P 100 -56.49 33.83 -56.18
N LEU P 101 -56.24 35.14 -56.11
CA LEU P 101 -57.13 36.04 -55.39
C LEU P 101 -58.49 36.15 -56.09
N LEU P 102 -58.47 36.43 -57.40
CA LEU P 102 -59.72 36.62 -58.12
C LEU P 102 -60.57 35.35 -58.11
N ALA P 103 -59.93 34.19 -58.20
CA ALA P 103 -60.66 32.94 -58.03
C ALA P 103 -61.24 32.83 -56.63
N LEU P 104 -60.47 33.24 -55.62
CA LEU P 104 -60.92 33.12 -54.25
C LEU P 104 -62.14 34.00 -53.99
N LEU P 105 -62.12 35.23 -54.51
CA LEU P 105 -63.26 36.14 -54.29
C LEU P 105 -64.52 35.59 -54.94
N ALA P 106 -64.41 35.08 -56.16
CA ALA P 106 -65.58 34.57 -56.86
C ALA P 106 -66.20 33.39 -56.12
N GLU P 107 -65.37 32.50 -55.58
CA GLU P 107 -65.89 31.37 -54.83
C GLU P 107 -66.63 31.83 -53.59
N LEU P 108 -66.10 32.84 -52.89
CA LEU P 108 -66.78 33.33 -51.70
C LEU P 108 -68.13 33.94 -52.03
N GLU P 109 -68.20 34.73 -53.10
CA GLU P 109 -69.48 35.32 -53.48
C GLU P 109 -70.49 34.27 -53.90
N ALA P 110 -70.02 33.24 -54.61
CA ALA P 110 -70.93 32.17 -55.02
C ALA P 110 -71.51 31.45 -53.81
N LEU P 111 -70.67 31.14 -52.83
CA LEU P 111 -71.16 30.49 -51.62
C LEU P 111 -72.07 31.44 -50.83
N SER P 112 -71.73 32.73 -50.79
CA SER P 112 -72.52 33.68 -50.03
C SER P 112 -73.94 33.79 -50.58
N ARG P 113 -74.07 33.85 -51.90
CA ARG P 113 -75.41 33.94 -52.50
C ARG P 113 -76.21 32.67 -52.24
N GLN P 114 -75.57 31.51 -52.31
CA GLN P 114 -76.25 30.27 -51.95
C GLN P 114 -76.63 30.28 -50.47
N LEU P 115 -75.73 30.76 -49.61
CA LEU P 115 -76.01 30.77 -48.18
C LEU P 115 -77.16 31.70 -47.84
N ALA P 116 -77.22 32.86 -48.50
CA ALA P 116 -78.34 33.77 -48.28
C ALA P 116 -79.65 33.15 -48.75
N ALA P 117 -79.61 32.41 -49.86
CA ALA P 117 -80.81 31.77 -50.37
C ALA P 117 -81.33 30.71 -49.40
N LEU P 118 -80.42 29.90 -48.84
CA LEU P 118 -80.85 28.87 -47.90
C LEU P 118 -81.39 29.48 -46.61
N THR P 119 -80.87 30.65 -46.22
CA THR P 119 -81.39 31.31 -45.03
C THR P 119 -82.85 31.71 -45.22
N GLN P 120 -83.19 32.17 -46.43
CA GLN P 120 -84.58 32.57 -46.69
C GLN P 120 -85.53 31.39 -46.54
N GLN P 121 -85.16 30.22 -47.07
CA GLN P 121 -86.04 29.07 -46.99
C GLN P 121 -86.29 28.66 -45.55
N VAL P 122 -85.24 28.66 -44.72
CA VAL P 122 -85.42 28.30 -43.31
C VAL P 122 -86.29 29.33 -42.61
N SER P 123 -86.05 30.61 -42.87
CA SER P 123 -86.84 31.66 -42.23
C SER P 123 -88.31 31.55 -42.62
N GLU P 124 -88.58 31.26 -43.90
CA GLU P 124 -89.95 31.04 -44.33
C GLU P 124 -90.56 29.83 -43.64
N LEU P 125 -89.78 28.76 -43.48
CA LEU P 125 -90.30 27.54 -42.88
C LEU P 125 -90.78 27.78 -41.45
N ARG P 126 -90.00 28.53 -40.67
CA ARG P 126 -90.41 28.84 -39.31
C ARG P 126 -91.70 29.66 -39.29
N GLU P 127 -91.78 30.67 -40.16
CA GLU P 127 -92.99 31.48 -40.22
C GLU P 127 -94.20 30.67 -40.66
N GLN P 128 -94.01 29.78 -41.64
CA GLN P 128 -95.13 29.00 -42.14
C GLN P 128 -95.73 28.12 -41.05
N GLN P 129 -94.89 27.42 -40.28
CA GLN P 129 -95.40 26.63 -39.18
C GLN P 129 -95.99 27.52 -38.10
N GLN P 130 -95.36 28.65 -37.81
CA GLN P 130 -95.83 29.53 -36.74
C GLN P 130 -97.21 30.08 -37.05
N GLN P 131 -97.45 30.48 -38.31
CA GLN P 131 -98.74 31.07 -38.66
C GLN P 131 -99.84 30.02 -38.68
N GLN P 132 -99.55 28.81 -39.13
CA GLN P 132 -100.55 27.75 -39.12
C GLN P 132 -100.93 27.37 -37.69
N ASN P 133 -99.95 27.36 -36.78
CA ASN P 133 -100.25 27.08 -35.39
C ASN P 133 -101.10 28.18 -34.77
N LYS P 134 -100.82 29.43 -35.10
CA LYS P 134 -101.60 30.55 -34.61
C LYS P 134 -102.96 30.63 -35.29
N MET Q 1 -12.80 6.47 37.16
CA MET Q 1 -13.59 7.29 36.24
C MET Q 1 -13.91 6.53 34.96
N ASN Q 2 -13.17 6.84 33.90
CA ASN Q 2 -13.40 6.23 32.60
C ASN Q 2 -12.56 4.94 32.49
N GLY Q 3 -12.66 4.37 31.31
CA GLY Q 3 -11.96 3.15 31.07
C GLY Q 3 -13.02 2.18 30.73
N THR Q 4 -13.06 1.11 31.48
CA THR Q 4 -13.98 0.04 31.19
C THR Q 4 -15.27 0.42 31.80
N GLY Q 5 -16.18 0.84 30.95
CA GLY Q 5 -17.44 1.27 31.45
C GLY Q 5 -17.36 2.41 32.40
N GLY Q 6 -16.78 3.49 31.93
CA GLY Q 6 -16.70 4.67 32.74
C GLY Q 6 -18.10 5.01 33.02
N ALA Q 7 -18.98 4.47 32.21
CA ALA Q 7 -20.31 4.81 32.40
C ALA Q 7 -21.10 3.58 32.42
N PHE Q 8 -20.49 2.48 32.05
CA PHE Q 8 -21.30 1.31 31.98
C PHE Q 8 -20.61 0.01 32.29
N GLU Q 9 -21.15 -1.09 31.83
CA GLU Q 9 -20.65 -2.41 32.20
C GLU Q 9 -19.39 -2.69 32.67
N GLY Q 10 -19.38 -3.66 33.49
CA GLY Q 10 -18.12 -4.10 33.89
C GLY Q 10 -17.19 -3.29 34.64
N GLY Q 11 -16.99 -3.71 35.85
CA GLY Q 11 -15.94 -3.08 36.54
C GLY Q 11 -15.05 -3.74 35.61
N LEU Q 12 -15.46 -4.95 35.17
CA LEU Q 12 -14.67 -5.71 34.21
C LEU Q 12 -15.49 -6.46 33.30
N PHE Q 13 -15.54 -6.07 32.06
CA PHE Q 13 -16.34 -6.84 31.28
C PHE Q 13 -15.59 -7.36 30.27
N SER Q 14 -14.50 -6.71 30.03
CA SER Q 14 -13.62 -7.19 29.01
C SER Q 14 -13.49 -8.63 29.13
N PRO Q 15 -13.10 -9.07 30.24
CA PRO Q 15 -12.71 -10.40 30.19
C PRO Q 15 -13.36 -11.60 30.46
N TYR Q 16 -12.54 -12.62 30.49
CA TYR Q 16 -12.99 -13.86 30.84
C TYR Q 16 -12.32 -13.91 32.19
N LEU Q 17 -11.46 -13.00 32.55
CA LEU Q 17 -10.76 -12.92 33.85
C LEU Q 17 -10.36 -14.12 34.28
N THR Q 18 -10.00 -14.92 33.34
CA THR Q 18 -9.67 -16.23 33.73
C THR Q 18 -8.25 -16.44 33.78
N THR Q 19 -7.55 -15.39 33.92
CA THR Q 19 -6.22 -15.69 34.10
C THR Q 19 -6.45 -16.22 35.47
N ARG Q 20 -5.99 -17.41 35.77
CA ARG Q 20 -6.05 -17.89 37.08
C ARG Q 20 -4.80 -17.26 37.46
N LEU Q 21 -4.68 -16.72 38.63
CA LEU Q 21 -3.52 -15.97 39.00
C LEU Q 21 -2.49 -16.96 38.82
N PRO Q 22 -1.45 -16.61 38.12
CA PRO Q 22 -0.54 -17.68 37.92
C PRO Q 22 0.28 -17.55 39.09
N GLY Q 23 0.70 -18.62 39.74
CA GLY Q 23 1.43 -18.45 40.98
C GLY Q 23 2.92 -18.44 40.87
N TRP Q 24 3.53 -17.27 40.94
CA TRP Q 24 4.94 -17.17 40.89
C TRP Q 24 5.20 -15.88 41.56
N ALA Q 25 6.27 -15.70 42.33
CA ALA Q 25 6.47 -14.38 42.90
C ALA Q 25 6.42 -13.32 41.81
N GLY Q 26 6.26 -12.07 42.24
CA GLY Q 26 6.34 -10.96 41.32
C GLY Q 26 5.13 -10.79 40.43
N VAL Q 27 4.06 -11.54 40.67
CA VAL Q 27 2.86 -11.38 39.87
C VAL Q 27 2.22 -10.01 40.09
N ARG Q 28 2.49 -9.37 41.23
CA ARG Q 28 1.93 -8.07 41.55
C ARG Q 28 2.59 -7.00 40.70
N GLN Q 29 1.89 -5.87 40.53
CA GLN Q 29 2.24 -4.92 39.49
C GLN Q 29 3.21 -3.84 39.96
N ASN Q 30 2.83 -3.06 40.96
CA ASN Q 30 3.64 -1.93 41.41
C ASN Q 30 3.80 -1.94 42.91
N VAL Q 31 3.87 -3.13 43.50
CA VAL Q 31 4.05 -3.26 44.95
C VAL Q 31 5.52 -3.03 45.26
N MET Q 32 5.80 -2.06 46.13
CA MET Q 32 7.15 -1.92 46.63
C MET Q 32 7.46 -3.17 47.44
N GLY Q 33 8.28 -4.05 46.88
CA GLY Q 33 8.46 -5.36 47.46
C GLY Q 33 9.20 -5.32 48.77
N SER Q 34 9.24 -6.48 49.42
CA SER Q 34 9.89 -6.62 50.70
C SER Q 34 11.39 -6.66 50.50
N THR Q 35 12.10 -7.03 51.56
CA THR Q 35 13.54 -7.20 51.50
C THR Q 35 13.87 -8.67 51.29
N VAL Q 36 15.05 -8.91 50.72
CA VAL Q 36 15.66 -10.22 50.87
C VAL Q 36 15.64 -10.53 52.36
N ASP Q 37 15.31 -11.77 52.69
CA ASP Q 37 15.03 -12.12 54.07
C ASP Q 37 16.09 -11.56 55.01
N GLY Q 38 15.70 -10.59 55.82
CA GLY Q 38 16.64 -9.92 56.68
C GLY Q 38 17.69 -9.09 55.98
N ARG Q 39 17.35 -8.45 54.87
CA ARG Q 39 18.24 -7.52 54.18
C ARG Q 39 17.50 -6.24 53.84
N PRO Q 40 17.02 -5.49 54.84
CA PRO Q 40 16.14 -4.35 54.55
C PRO Q 40 16.86 -3.12 54.06
N VAL Q 41 16.78 -2.88 52.74
CA VAL Q 41 17.13 -1.59 52.17
C VAL Q 41 16.01 -1.21 51.21
N LEU Q 42 14.81 -1.75 51.47
CA LEU Q 42 13.72 -1.78 50.51
C LEU Q 42 14.23 -2.29 49.16
N PRO Q 43 14.85 -3.47 49.12
CA PRO Q 43 15.51 -3.92 47.88
C PRO Q 43 14.55 -4.12 46.72
N ALA Q 44 13.51 -4.92 46.91
CA ALA Q 44 12.62 -5.26 45.80
C ALA Q 44 11.81 -4.03 45.44
N ASN Q 45 12.29 -3.29 44.44
CA ASN Q 45 11.59 -2.07 44.04
C ASN Q 45 10.21 -2.39 43.50
N SER Q 46 10.14 -3.31 42.54
CA SER Q 46 8.88 -3.76 41.96
C SER Q 46 9.19 -4.82 40.92
N SER Q 47 8.20 -5.62 40.52
CA SER Q 47 8.40 -6.44 39.32
C SER Q 47 7.90 -5.69 38.09
N THR Q 48 8.28 -4.41 38.03
CA THR Q 48 8.24 -3.59 36.82
C THR Q 48 9.31 -2.54 37.02
N MET Q 49 10.54 -2.84 36.60
CA MET Q 49 11.65 -2.10 37.16
C MET Q 49 12.98 -2.34 36.45
N THR Q 50 14.07 -1.97 37.12
CA THR Q 50 15.43 -2.19 36.69
C THR Q 50 15.75 -3.67 36.57
N TYR Q 51 14.76 -4.55 36.74
CA TYR Q 51 14.95 -5.97 36.48
C TYR Q 51 15.30 -6.25 35.02
N ALA Q 52 15.45 -5.23 34.19
CA ALA Q 52 16.10 -5.39 32.89
C ALA Q 52 17.54 -5.89 33.02
N THR Q 53 18.26 -5.46 34.05
CA THR Q 53 19.62 -5.93 34.33
C THR Q 53 19.63 -7.05 35.37
N VAL Q 54 18.63 -7.92 35.32
CA VAL Q 54 18.41 -8.99 36.29
C VAL Q 54 19.71 -9.72 36.59
N GLY Q 55 19.86 -10.13 37.85
CA GLY Q 55 21.03 -10.91 38.22
C GLY Q 55 21.96 -10.16 39.15
N ASN Q 56 21.40 -9.31 40.00
CA ASN Q 56 22.22 -8.55 40.95
C ASN Q 56 22.69 -9.51 42.03
N SER Q 57 23.75 -10.25 41.74
CA SER Q 57 24.36 -11.08 42.76
C SER Q 57 25.09 -10.20 43.76
N SER Q 58 24.40 -9.84 44.84
CA SER Q 58 24.86 -8.80 45.74
C SER Q 58 25.60 -9.43 46.91
N LEU Q 59 26.86 -9.02 47.10
CA LEU Q 59 27.58 -9.40 48.29
C LEU Q 59 26.97 -8.69 49.50
N ASP Q 60 26.70 -9.46 50.55
CA ASP Q 60 25.99 -8.94 51.72
C ASP Q 60 26.89 -7.97 52.50
N SER Q 61 26.35 -7.43 53.59
CA SER Q 61 27.06 -6.46 54.41
C SER Q 61 27.83 -7.12 55.56
N THR Q 62 28.43 -8.28 55.30
CA THR Q 62 29.25 -9.00 56.32
C THR Q 62 30.76 -8.59 56.57
N ALA Q 63 30.97 -7.37 57.05
CA ALA Q 63 32.35 -6.86 57.24
C ALA Q 63 33.32 -7.54 58.23
N ALA Q 64 32.83 -8.01 59.38
CA ALA Q 64 33.71 -8.78 60.27
C ALA Q 64 34.15 -10.10 59.61
N ALA Q 65 33.25 -10.73 58.86
CA ALA Q 65 33.65 -11.92 58.13
C ALA Q 65 34.72 -11.50 57.14
N ALA Q 66 34.54 -10.34 56.54
CA ALA Q 66 35.58 -9.83 55.63
C ALA Q 66 36.95 -9.64 56.33
N ALA Q 67 36.99 -9.11 57.56
CA ALA Q 67 38.27 -9.02 58.31
C ALA Q 67 38.83 -10.41 58.74
N ALA Q 68 37.94 -11.38 58.96
CA ALA Q 68 38.39 -12.75 59.27
C ALA Q 68 39.10 -13.22 58.04
N ALA Q 69 38.57 -12.84 56.89
CA ALA Q 69 39.23 -13.17 55.63
C ALA Q 69 40.57 -12.49 55.53
N ALA Q 70 40.64 -11.25 55.98
CA ALA Q 70 41.92 -10.55 55.98
C ALA Q 70 42.91 -11.34 56.78
N ALA Q 71 42.50 -11.86 57.94
CA ALA Q 71 43.46 -12.74 58.65
C ALA Q 71 43.80 -14.08 57.96
N MET Q 72 42.82 -14.79 57.42
CA MET Q 72 43.04 -16.11 56.81
C MET Q 72 43.77 -16.10 55.47
N THR Q 73 43.74 -14.97 54.78
CA THR Q 73 44.43 -14.79 53.50
C THR Q 73 45.89 -14.40 53.71
N ALA Q 74 46.17 -13.52 54.68
CA ALA Q 74 47.54 -13.12 54.93
C ALA Q 74 48.39 -14.30 55.40
N THR Q 75 47.74 -15.30 56.01
CA THR Q 75 48.45 -16.54 56.35
C THR Q 75 48.97 -17.21 55.10
N ARG Q 76 48.15 -17.26 54.05
CA ARG Q 76 48.62 -17.72 52.75
C ARG Q 76 49.65 -16.75 52.17
N LEU Q 77 49.42 -15.45 52.34
CA LEU Q 77 50.35 -14.44 51.85
C LEU Q 77 51.71 -14.57 52.52
N ALA Q 78 51.73 -14.75 53.85
CA ALA Q 78 52.99 -14.87 54.56
C ALA Q 78 53.66 -16.22 54.30
N SER Q 79 52.87 -17.25 53.98
CA SER Q 79 53.43 -18.57 53.76
C SER Q 79 54.37 -18.58 52.56
N SER Q 80 53.97 -17.93 51.47
CA SER Q 80 54.75 -17.97 50.24
C SER Q 80 56.05 -17.20 50.40
N TYR Q 81 57.14 -17.75 49.85
CA TYR Q 81 58.45 -17.11 49.89
C TYR Q 81 59.05 -17.01 48.50
N ILE Q 96 76.91 -28.04 43.08
CA ILE Q 96 75.90 -27.06 42.71
C ILE Q 96 76.24 -26.45 41.35
N ALA Q 97 77.50 -26.07 41.18
CA ALA Q 97 77.99 -25.50 39.92
C ALA Q 97 78.49 -26.57 38.96
N GLU Q 98 77.98 -27.80 39.07
CA GLU Q 98 78.49 -28.91 38.27
C GLU Q 98 78.26 -28.68 36.79
N GLU Q 99 77.02 -28.39 36.41
CA GLU Q 99 76.72 -28.24 34.99
C GLU Q 99 77.18 -26.88 34.47
N LYS Q 100 77.54 -25.97 35.37
CA LYS Q 100 78.19 -24.73 34.93
C LYS Q 100 79.51 -25.04 34.24
N LEU Q 101 80.26 -26.00 34.78
CA LEU Q 101 81.55 -26.35 34.19
C LEU Q 101 81.38 -26.94 32.80
N LEU Q 102 80.45 -27.88 32.63
CA LEU Q 102 80.26 -28.50 31.32
C LEU Q 102 79.79 -27.48 30.30
N ALA Q 103 78.96 -26.52 30.72
CA ALA Q 103 78.54 -25.47 29.80
C ALA Q 103 79.72 -24.65 29.32
N LEU Q 104 80.61 -24.27 30.24
CA LEU Q 104 81.79 -23.52 29.86
C LEU Q 104 82.70 -24.35 28.97
N LEU Q 105 82.89 -25.62 29.29
CA LEU Q 105 83.74 -26.48 28.47
C LEU Q 105 83.18 -26.63 27.06
N ALA Q 106 81.86 -26.69 26.92
CA ALA Q 106 81.26 -26.78 25.60
C ALA Q 106 81.55 -25.52 24.78
N GLU Q 107 81.50 -24.36 25.42
CA GLU Q 107 81.74 -23.11 24.70
C GLU Q 107 83.16 -23.05 24.17
N LEU Q 108 84.14 -23.48 24.96
CA LEU Q 108 85.53 -23.46 24.50
C LEU Q 108 85.72 -24.37 23.30
N GLU Q 109 85.07 -25.54 23.32
CA GLU Q 109 85.19 -26.45 22.19
C GLU Q 109 84.58 -25.85 20.93
N ALA Q 110 83.45 -25.15 21.07
CA ALA Q 110 82.88 -24.43 19.94
C ALA Q 110 83.81 -23.32 19.48
N LEU Q 111 84.40 -22.57 20.42
CA LEU Q 111 85.33 -21.51 20.07
C LEU Q 111 86.57 -22.07 19.39
N SER Q 112 87.09 -23.20 19.90
CA SER Q 112 88.33 -23.76 19.37
C SER Q 112 88.19 -24.13 17.90
N ARG Q 113 86.99 -24.56 17.48
CA ARG Q 113 86.78 -24.92 16.08
C ARG Q 113 86.96 -23.71 15.18
N GLN Q 114 86.50 -22.54 15.62
CA GLN Q 114 86.67 -21.33 14.82
C GLN Q 114 88.15 -21.01 14.62
N LEU Q 115 88.95 -21.15 15.67
CA LEU Q 115 90.38 -20.89 15.53
C LEU Q 115 91.03 -21.86 14.55
N ALA Q 116 90.50 -23.08 14.46
CA ALA Q 116 91.01 -24.02 13.47
C ALA Q 116 90.71 -23.53 12.05
N ALA Q 117 89.53 -22.93 11.85
CA ALA Q 117 89.18 -22.42 10.52
C ALA Q 117 90.02 -21.22 10.13
N LEU Q 118 90.77 -20.64 11.08
CA LEU Q 118 91.60 -19.50 10.76
C LEU Q 118 92.79 -19.87 9.88
N THR Q 119 93.10 -21.16 9.77
CA THR Q 119 94.25 -21.58 8.98
C THR Q 119 94.06 -21.29 7.50
N GLN Q 120 92.91 -21.70 6.94
CA GLN Q 120 92.71 -21.53 5.50
C GLN Q 120 92.60 -20.05 5.13
N GLN Q 121 92.11 -19.22 6.05
CA GLN Q 121 92.05 -17.79 5.77
C GLN Q 121 93.44 -17.21 5.55
N VAL Q 122 94.40 -17.61 6.39
CA VAL Q 122 95.76 -17.09 6.24
C VAL Q 122 96.40 -17.65 4.97
N SER Q 123 96.14 -18.92 4.67
CA SER Q 123 96.74 -19.53 3.49
C SER Q 123 96.26 -18.85 2.21
N GLU Q 124 94.97 -18.53 2.13
CA GLU Q 124 94.44 -17.87 0.93
C GLU Q 124 95.00 -16.45 0.81
N LEU Q 125 95.45 -15.87 1.91
CA LEU Q 125 96.06 -14.55 1.84
C LEU Q 125 97.33 -14.58 1.01
N ARG Q 126 98.12 -15.65 1.13
CA ARG Q 126 99.40 -15.73 0.43
C ARG Q 126 99.21 -15.67 -1.08
N GLU Q 127 98.15 -16.30 -1.59
CA GLU Q 127 97.85 -16.21 -3.01
C GLU Q 127 97.54 -14.76 -3.38
N GLN Q 128 98.15 -14.30 -4.46
CA GLN Q 128 97.99 -12.93 -4.95
C GLN Q 128 98.31 -11.90 -3.88
N ASN R 2 -6.10 3.90 26.43
CA ASN R 2 -5.03 4.41 27.26
C ASN R 2 -4.06 3.29 27.63
N GLY R 3 -4.30 2.66 28.79
CA GLY R 3 -3.48 1.52 29.17
C GLY R 3 -3.61 0.37 28.19
N THR R 4 -4.85 0.01 27.86
CA THR R 4 -5.08 -0.97 26.81
C THR R 4 -4.99 -0.37 25.41
N GLY R 5 -5.00 0.95 25.32
CA GLY R 5 -4.96 1.67 24.07
C GLY R 5 -3.58 2.23 23.83
N GLY R 6 -3.37 3.50 24.16
CA GLY R 6 -2.12 4.15 23.82
C GLY R 6 -1.99 4.24 22.32
N ALA R 7 -1.12 3.41 21.75
CA ALA R 7 -1.03 3.22 20.31
C ALA R 7 -1.02 1.71 20.06
N PHE R 8 -2.19 1.10 20.06
CA PHE R 8 -2.29 -0.35 20.03
C PHE R 8 -3.70 -0.73 19.58
N GLU R 9 -4.05 -2.00 19.73
CA GLU R 9 -5.36 -2.49 19.33
C GLU R 9 -6.44 -1.93 20.25
N GLY R 10 -7.66 -1.89 19.73
CA GLY R 10 -8.73 -1.15 20.38
C GLY R 10 -8.97 -1.61 21.81
N GLY R 11 -9.53 -0.69 22.60
CA GLY R 11 -9.66 -0.85 24.03
C GLY R 11 -10.21 -2.18 24.48
N LEU R 12 -10.80 -2.93 23.55
CA LEU R 12 -11.33 -4.26 23.80
C LEU R 12 -10.44 -5.35 23.21
N PHE R 13 -9.15 -5.07 23.06
CA PHE R 13 -8.26 -6.06 22.45
C PHE R 13 -7.98 -7.20 23.39
N SER R 14 -7.79 -6.91 24.67
CA SER R 14 -7.35 -7.92 25.61
C SER R 14 -8.32 -9.09 25.74
N PRO R 15 -9.60 -8.87 25.97
CA PRO R 15 -10.44 -9.97 26.44
C PRO R 15 -10.97 -10.88 25.36
N TYR R 16 -11.83 -11.81 25.79
CA TYR R 16 -12.69 -12.54 24.89
C TYR R 16 -14.16 -12.18 25.10
N LEU R 17 -14.42 -11.11 25.84
CA LEU R 17 -15.78 -10.60 26.06
C LEU R 17 -16.72 -11.67 26.58
N THR R 18 -16.20 -12.51 27.48
CA THR R 18 -17.00 -13.62 28.00
C THR R 18 -18.27 -13.11 28.66
N THR R 19 -18.22 -11.93 29.24
CA THR R 19 -19.33 -11.45 30.05
C THR R 19 -20.48 -11.12 29.11
N ARG R 20 -21.11 -12.18 28.61
CA ARG R 20 -22.43 -12.02 28.03
C ARG R 20 -23.24 -11.27 29.06
N LEU R 21 -23.62 -10.04 28.76
CA LEU R 21 -24.19 -9.12 29.74
C LEU R 21 -25.26 -9.85 30.54
N PRO R 22 -24.99 -10.18 31.79
CA PRO R 22 -25.90 -11.04 32.54
C PRO R 22 -27.20 -10.33 32.85
N GLY R 23 -28.26 -11.12 33.02
CA GLY R 23 -29.55 -10.52 33.25
C GLY R 23 -29.77 -10.24 34.72
N TRP R 24 -29.48 -9.01 35.13
CA TRP R 24 -29.78 -8.49 36.45
C TRP R 24 -29.37 -7.03 36.47
N ALA R 25 -29.93 -6.29 37.43
CA ALA R 25 -29.52 -4.91 37.60
C ALA R 25 -28.11 -4.85 38.16
N GLY R 26 -27.47 -3.71 37.95
CA GLY R 26 -26.11 -3.52 38.44
C GLY R 26 -25.03 -3.85 37.44
N VAL R 27 -25.35 -3.93 36.16
CA VAL R 27 -24.36 -4.15 35.12
C VAL R 27 -24.05 -2.80 34.47
N ARG R 28 -24.25 -1.73 35.23
CA ARG R 28 -23.93 -0.38 34.79
C ARG R 28 -23.07 0.28 35.86
N GLN R 29 -21.81 0.54 35.53
CA GLN R 29 -20.80 0.80 36.56
C GLN R 29 -21.06 2.10 37.32
N ASN R 30 -21.26 3.20 36.60
CA ASN R 30 -21.41 4.49 37.26
C ASN R 30 -22.67 5.23 36.83
N VAL R 31 -23.68 4.52 36.34
CA VAL R 31 -24.93 5.17 36.01
C VAL R 31 -25.58 5.70 37.27
N MET R 32 -25.94 6.98 37.26
CA MET R 32 -26.74 7.52 38.34
C MET R 32 -28.14 6.98 38.17
N GLY R 33 -28.30 5.68 38.34
CA GLY R 33 -29.58 5.04 38.18
C GLY R 33 -30.60 5.64 39.11
N SER R 34 -31.57 6.32 38.53
CA SER R 34 -32.54 7.07 39.30
C SER R 34 -33.88 6.34 39.23
N THR R 35 -34.91 7.02 39.74
CA THR R 35 -36.29 6.67 39.45
C THR R 35 -36.64 5.25 39.91
N VAL R 36 -36.63 5.07 41.23
CA VAL R 36 -37.37 3.95 41.79
C VAL R 36 -38.80 4.02 41.25
N ASP R 37 -39.38 2.86 40.97
CA ASP R 37 -40.66 2.82 40.28
C ASP R 37 -41.69 3.64 41.03
N GLY R 38 -42.40 4.49 40.28
CA GLY R 38 -43.38 5.37 40.89
C GLY R 38 -42.80 6.29 41.93
N ARG R 39 -41.53 6.63 41.81
CA ARG R 39 -40.87 7.50 42.79
C ARG R 39 -39.75 8.24 42.08
N PRO R 40 -39.94 9.51 41.77
CA PRO R 40 -38.86 10.29 41.14
C PRO R 40 -37.62 10.41 42.00
N VAL R 41 -37.72 10.14 43.30
CA VAL R 41 -36.58 10.30 44.19
C VAL R 41 -35.45 9.41 43.73
N LEU R 42 -34.24 9.96 43.70
CA LEU R 42 -33.06 9.25 43.26
C LEU R 42 -32.73 8.12 44.22
N PRO R 43 -32.93 6.86 43.84
CA PRO R 43 -32.67 5.76 44.78
C PRO R 43 -31.20 5.46 44.98
N ALA R 44 -30.45 5.40 43.87
CA ALA R 44 -29.08 4.93 43.89
C ALA R 44 -28.17 6.07 43.49
N ASN R 45 -27.21 6.38 44.37
CA ASN R 45 -26.10 7.23 43.93
C ASN R 45 -25.31 6.54 42.83
N SER R 46 -25.35 5.22 42.80
CA SER R 46 -24.85 4.39 41.73
C SER R 46 -25.19 2.95 42.08
N SER R 47 -24.83 2.01 41.23
CA SER R 47 -24.86 0.60 41.61
C SER R 47 -23.54 0.13 42.16
N THR R 48 -22.58 1.05 42.34
CA THR R 48 -21.23 0.71 42.76
C THR R 48 -20.85 1.35 44.08
N MET R 49 -21.83 1.78 44.88
CA MET R 49 -21.53 2.36 46.18
C MET R 49 -22.75 2.23 47.08
N THR R 50 -22.50 2.43 48.38
CA THR R 50 -23.50 2.41 49.45
C THR R 50 -24.57 1.34 49.27
N TYR R 51 -24.16 0.14 48.85
CA TYR R 51 -25.07 -0.99 48.76
C TYR R 51 -24.67 -2.15 49.65
N ALA R 52 -23.59 -2.02 50.42
CA ALA R 52 -23.37 -2.95 51.51
C ALA R 52 -24.53 -2.90 52.49
N THR R 53 -24.78 -1.72 53.07
CA THR R 53 -26.02 -1.51 53.80
C THR R 53 -27.19 -1.76 52.86
N VAL R 54 -28.20 -2.43 53.38
CA VAL R 54 -29.27 -2.95 52.54
C VAL R 54 -30.43 -1.99 52.56
N GLY R 55 -31.41 -2.23 51.69
CA GLY R 55 -32.46 -1.32 51.31
C GLY R 55 -32.99 -0.41 52.40
N ASN R 56 -33.18 0.85 52.04
CA ASN R 56 -33.72 1.83 52.96
C ASN R 56 -34.98 1.30 53.65
N SER R 57 -35.84 0.62 52.89
CA SER R 57 -36.98 -0.09 53.45
C SER R 57 -37.92 0.85 54.21
N SER R 58 -37.85 2.14 53.91
CA SER R 58 -38.64 3.15 54.61
C SER R 58 -39.97 3.36 53.90
N LEU R 59 -40.68 4.42 54.28
CA LEU R 59 -41.99 4.73 53.73
C LEU R 59 -41.84 5.63 52.50
N ASP R 60 -42.45 5.22 51.39
CA ASP R 60 -42.35 5.97 50.15
C ASP R 60 -43.53 6.91 49.95
N SER R 61 -44.74 6.35 49.77
CA SER R 61 -45.91 7.17 49.49
C SER R 61 -47.18 6.70 50.20
N THR R 62 -47.11 5.69 51.05
CA THR R 62 -48.32 5.16 51.69
C THR R 62 -48.88 6.17 52.68
N ALA R 63 -50.02 6.75 52.34
CA ALA R 63 -50.67 7.73 53.20
C ALA R 63 -52.13 7.41 53.47
N ALA R 64 -52.85 6.87 52.49
CA ALA R 64 -54.25 6.55 52.70
C ALA R 64 -54.42 5.43 53.72
N ALA R 65 -53.56 4.41 53.66
CA ALA R 65 -53.65 3.31 54.61
C ALA R 65 -53.40 3.78 56.04
N ALA R 66 -52.43 4.67 56.22
CA ALA R 66 -52.13 5.17 57.56
C ALA R 66 -53.31 5.92 58.15
N ALA R 67 -53.99 6.73 57.34
CA ALA R 67 -55.14 7.47 57.83
C ALA R 67 -56.26 6.52 58.28
N ALA R 68 -56.54 5.49 57.47
CA ALA R 68 -57.55 4.51 57.87
C ALA R 68 -57.10 3.74 59.10
N ALA R 69 -55.82 3.34 59.15
CA ALA R 69 -55.32 2.59 60.29
C ALA R 69 -55.23 3.46 61.54
N ALA R 70 -55.03 4.77 61.37
CA ALA R 70 -55.00 5.66 62.53
C ALA R 70 -56.32 5.61 63.28
N ALA R 71 -57.43 5.50 62.56
CA ALA R 71 -58.71 5.27 63.21
C ALA R 71 -58.75 3.92 63.90
N MET R 72 -58.14 2.91 63.28
CA MET R 72 -58.20 1.55 63.82
C MET R 72 -57.52 1.48 65.18
N THR R 73 -56.36 2.13 65.31
CA THR R 73 -55.68 2.13 66.62
C THR R 73 -56.34 3.09 67.59
N ALA R 74 -56.96 4.16 67.08
CA ALA R 74 -57.59 5.13 67.97
C ALA R 74 -58.73 4.48 68.75
N THR R 75 -59.54 3.66 68.08
CA THR R 75 -60.62 2.98 68.77
C THR R 75 -60.10 1.85 69.66
N ARG R 76 -58.98 1.23 69.29
CA ARG R 76 -58.37 0.25 70.18
C ARG R 76 -57.84 0.92 71.45
N LEU R 77 -57.22 2.08 71.30
CA LEU R 77 -56.76 2.83 72.47
C LEU R 77 -57.93 3.28 73.33
N ALA R 78 -59.00 3.77 72.70
CA ALA R 78 -60.15 4.26 73.46
C ALA R 78 -60.84 3.12 74.19
N SER R 79 -60.71 1.89 73.70
CA SER R 79 -61.32 0.73 74.34
C SER R 79 -60.26 -0.01 75.15
N SER R 80 -59.94 0.55 76.32
CA SER R 80 -58.98 -0.08 77.21
C SER R 80 -59.28 0.37 78.63
N TYR R 81 -58.69 -0.35 79.59
CA TYR R 81 -59.03 -0.14 80.99
C TYR R 81 -58.66 1.27 81.45
N MET R 82 -57.42 1.68 81.22
CA MET R 82 -56.94 3.00 81.60
C MET R 82 -56.33 3.64 80.35
N PRO R 83 -57.15 4.23 79.50
CA PRO R 83 -56.67 4.66 78.18
C PRO R 83 -55.88 5.95 78.15
N SER R 84 -56.07 6.84 79.11
CA SER R 84 -55.48 8.17 79.03
C SER R 84 -54.34 8.31 80.02
N SER R 85 -53.24 8.89 79.54
CA SER R 85 -52.11 9.19 80.41
C SER R 85 -52.50 10.17 81.51
N GLY R 86 -53.56 10.94 81.30
CA GLY R 86 -54.08 11.80 82.34
C GLY R 86 -54.68 10.99 83.48
N SER R 87 -55.52 11.66 84.25
CA SER R 87 -56.13 11.04 85.41
C SER R 87 -56.86 9.76 85.01
N SER R 88 -56.34 8.61 85.48
CA SER R 88 -56.98 7.33 85.19
C SER R 88 -56.52 6.26 86.17
N PRO R 89 -56.84 6.39 87.45
CA PRO R 89 -56.52 5.31 88.41
C PRO R 89 -57.69 4.34 88.56
N SER R 90 -57.44 3.27 89.31
CA SER R 90 -58.47 2.30 89.58
C SER R 90 -59.25 2.67 90.84
N VAL R 91 -60.37 1.99 91.06
CA VAL R 91 -61.22 2.23 92.22
C VAL R 91 -61.65 0.90 92.83
N PRO R 92 -61.43 0.69 94.12
CA PRO R 92 -61.96 -0.50 94.79
C PRO R 92 -63.31 -0.21 95.42
N SER R 93 -64.10 -1.28 95.57
CA SER R 93 -65.43 -1.16 96.17
C SER R 93 -65.92 -2.57 96.51
N SER R 94 -67.00 -2.61 97.28
CA SER R 94 -67.63 -3.88 97.68
C SER R 94 -69.10 -3.82 97.30
N ILE R 95 -69.58 -4.88 96.64
CA ILE R 95 -70.95 -4.89 96.13
C ILE R 95 -71.96 -4.92 97.28
N ILE R 96 -71.61 -5.61 98.37
CA ILE R 96 -72.57 -5.77 99.46
C ILE R 96 -72.90 -4.42 100.10
N ALA R 97 -71.87 -3.60 100.35
CA ALA R 97 -72.10 -2.31 100.97
C ALA R 97 -72.91 -1.39 100.07
N GLU R 98 -72.66 -1.43 98.77
CA GLU R 98 -73.37 -0.56 97.85
C GLU R 98 -74.86 -0.87 97.83
N GLU R 99 -75.23 -2.14 97.87
CA GLU R 99 -76.64 -2.50 97.81
C GLU R 99 -77.40 -1.96 99.01
N LYS R 100 -76.82 -2.04 100.20
CA LYS R 100 -77.49 -1.50 101.38
C LYS R 100 -77.58 0.02 101.31
N LEU R 101 -76.53 0.67 100.78
CA LEU R 101 -76.57 2.12 100.64
C LEU R 101 -77.67 2.53 99.67
N LEU R 102 -77.80 1.82 98.55
CA LEU R 102 -78.83 2.15 97.58
C LEU R 102 -80.22 1.99 98.17
N ALA R 103 -80.41 0.96 99.00
CA ALA R 103 -81.69 0.79 99.67
C ALA R 103 -81.90 1.85 100.74
N LEU R 104 -80.82 2.29 101.39
CA LEU R 104 -80.95 3.32 102.41
C LEU R 104 -81.46 4.63 101.83
N LEU R 105 -80.89 5.06 100.70
CA LEU R 105 -81.26 6.33 100.12
C LEU R 105 -82.72 6.35 99.70
N ALA R 106 -83.27 5.19 99.33
CA ALA R 106 -84.68 5.12 98.95
C ALA R 106 -85.57 5.46 100.13
N GLU R 107 -85.34 4.81 101.28
CA GLU R 107 -86.15 5.09 102.45
C GLU R 107 -85.82 6.45 103.03
N LEU R 108 -84.54 6.83 103.03
CA LEU R 108 -84.14 8.10 103.62
C LEU R 108 -84.75 9.27 102.86
N GLU R 109 -84.77 9.20 101.53
CA GLU R 109 -85.42 10.24 100.75
C GLU R 109 -86.93 10.28 101.02
N ALA R 110 -87.56 9.11 101.09
CA ALA R 110 -89.00 9.06 101.32
C ALA R 110 -89.36 9.69 102.66
N LEU R 111 -88.48 9.56 103.65
CA LEU R 111 -88.73 10.21 104.94
C LEU R 111 -88.70 11.72 104.82
N SER R 112 -87.81 12.24 103.96
CA SER R 112 -87.69 13.69 103.82
C SER R 112 -88.99 14.30 103.32
N ARG R 113 -89.61 13.68 102.32
CA ARG R 113 -90.84 14.23 101.76
C ARG R 113 -92.02 13.97 102.68
N GLN R 114 -92.05 12.81 103.33
CA GLN R 114 -93.14 12.53 104.27
C GLN R 114 -93.12 13.50 105.44
N LEU R 115 -91.93 13.76 105.98
CA LEU R 115 -91.83 14.72 107.09
C LEU R 115 -92.21 16.12 106.64
N ALA R 116 -91.95 16.45 105.37
CA ALA R 116 -92.44 17.71 104.83
C ALA R 116 -93.96 17.72 104.78
N ALA R 117 -94.58 16.60 104.44
CA ALA R 117 -96.04 16.53 104.41
C ALA R 117 -96.62 16.67 105.81
N LEU R 118 -96.00 16.04 106.81
CA LEU R 118 -96.51 16.13 108.17
C LEU R 118 -96.42 17.55 108.70
N THR R 119 -95.49 18.34 108.18
CA THR R 119 -95.40 19.74 108.59
C THR R 119 -96.65 20.51 108.21
N GLN R 120 -97.18 20.26 107.00
CA GLN R 120 -98.39 20.93 106.58
C GLN R 120 -99.58 20.56 107.46
N GLN R 121 -99.69 19.28 107.83
CA GLN R 121 -100.80 18.86 108.68
C GLN R 121 -100.76 19.58 110.02
N VAL R 122 -99.57 19.66 110.64
CA VAL R 122 -99.44 20.44 111.86
C VAL R 122 -99.64 21.91 111.58
N SER R 123 -99.15 22.39 110.43
CA SER R 123 -99.38 23.78 110.06
C SER R 123 -100.86 24.07 109.87
N GLU R 124 -101.59 23.14 109.24
CA GLU R 124 -103.03 23.31 109.10
C GLU R 124 -103.73 23.22 110.45
N LEU R 125 -103.26 22.32 111.32
CA LEU R 125 -103.86 22.19 112.64
C LEU R 125 -103.72 23.48 113.44
N ARG R 126 -102.56 24.13 113.36
CA ARG R 126 -102.35 25.37 114.09
C ARG R 126 -103.30 26.47 113.63
N GLU R 127 -103.49 26.59 112.32
CA GLU R 127 -104.38 27.62 111.80
C GLU R 127 -105.84 27.30 112.11
N GLN R 128 -106.18 26.01 112.14
CA GLN R 128 -107.55 25.62 112.48
C GLN R 128 -107.91 26.03 113.89
N GLN R 129 -106.98 25.83 114.84
CA GLN R 129 -107.24 26.24 116.22
C GLN R 129 -107.36 27.75 116.34
N GLN R 130 -106.49 28.48 115.65
CA GLN R 130 -106.56 29.95 115.69
C GLN R 130 -107.88 30.44 115.09
N GLN R 131 -108.31 29.83 113.99
CA GLN R 131 -109.61 30.18 113.42
C GLN R 131 -110.74 29.88 114.40
N GLN R 132 -110.67 28.73 115.07
CA GLN R 132 -111.68 28.39 116.08
C GLN R 132 -111.63 29.37 117.25
N ASN R 133 -110.44 29.77 117.66
CA ASN R 133 -110.27 30.74 118.74
C ASN R 133 -110.07 32.15 118.22
N LYS R 134 -110.64 32.49 117.07
CA LYS R 134 -110.48 33.82 116.49
C LYS R 134 -111.29 34.85 117.28
N ASN S 2 25.84 -34.12 115.51
CA ASN S 2 25.49 -34.05 116.92
C ASN S 2 24.10 -34.62 117.17
N GLY S 3 23.28 -34.66 116.12
CA GLY S 3 21.95 -35.21 116.26
C GLY S 3 21.97 -36.69 116.60
N THR S 4 22.64 -37.49 115.77
CA THR S 4 22.81 -38.91 116.04
C THR S 4 24.12 -39.20 116.75
N GLY S 5 25.24 -38.86 116.12
CA GLY S 5 26.55 -39.13 116.70
C GLY S 5 27.01 -38.06 117.66
N GLY S 6 26.08 -37.47 118.40
CA GLY S 6 26.47 -36.47 119.38
C GLY S 6 27.36 -37.03 120.45
N ALA S 7 27.01 -38.20 120.99
CA ALA S 7 27.85 -38.86 121.96
C ALA S 7 27.89 -40.37 121.83
N PHE S 8 27.23 -40.95 120.83
CA PHE S 8 27.13 -42.40 120.77
C PHE S 8 26.98 -42.85 119.31
N GLU S 9 26.46 -44.06 119.13
CA GLU S 9 26.58 -44.86 117.92
C GLU S 9 26.44 -44.07 116.63
N GLY S 10 27.47 -44.14 115.80
CA GLY S 10 27.38 -43.84 114.38
C GLY S 10 27.37 -42.38 114.01
N GLY S 11 28.23 -42.00 113.07
CA GLY S 11 27.99 -40.75 112.37
C GLY S 11 26.76 -40.83 111.49
N LEU S 12 26.40 -42.05 111.08
CA LEU S 12 25.14 -42.32 110.41
C LEU S 12 24.77 -43.77 110.74
N PHE S 13 23.76 -43.93 111.59
CA PHE S 13 23.23 -45.24 111.90
C PHE S 13 21.72 -45.20 111.74
N SER S 14 21.14 -44.03 111.98
CA SER S 14 19.71 -43.85 111.79
C SER S 14 19.24 -44.26 110.41
N PRO S 15 19.94 -43.94 109.32
CA PRO S 15 19.65 -44.62 108.06
C PRO S 15 20.22 -46.03 108.07
N TYR S 16 19.36 -47.00 107.80
CA TYR S 16 19.81 -48.35 107.46
C TYR S 16 20.31 -48.24 106.03
N LEU S 17 21.58 -47.89 105.89
CA LEU S 17 22.06 -47.28 104.67
C LEU S 17 22.12 -48.27 103.52
N THR S 18 20.99 -48.87 103.19
CA THR S 18 20.84 -49.63 101.94
C THR S 18 20.48 -48.71 100.79
N THR S 19 20.63 -47.41 100.98
CA THR S 19 20.37 -46.46 99.91
C THR S 19 21.51 -46.51 98.90
N ARG S 20 21.42 -47.43 97.95
CA ARG S 20 22.40 -47.47 96.87
C ARG S 20 22.40 -46.12 96.15
N LEU S 21 23.58 -45.64 95.83
CA LEU S 21 23.71 -44.34 95.22
C LEU S 21 22.99 -44.33 93.88
N PRO S 22 22.00 -43.47 93.68
CA PRO S 22 21.25 -43.47 92.43
C PRO S 22 22.14 -43.10 91.26
N GLY S 23 21.82 -43.65 90.09
CA GLY S 23 22.62 -43.42 88.91
C GLY S 23 22.21 -42.21 88.12
N TRP S 24 22.17 -41.04 88.76
CA TRP S 24 21.93 -39.81 88.04
C TRP S 24 22.71 -38.68 88.69
N ALA S 25 23.19 -37.75 87.87
CA ALA S 25 23.94 -36.62 88.37
C ALA S 25 23.04 -35.71 89.19
N GLY S 26 23.66 -35.01 90.14
CA GLY S 26 22.95 -34.06 90.97
C GLY S 26 22.69 -34.52 92.38
N VAL S 27 23.20 -35.68 92.80
CA VAL S 27 23.08 -36.10 94.21
C VAL S 27 24.31 -35.56 94.91
N ARG S 28 24.28 -34.26 95.20
CA ARG S 28 25.39 -33.59 95.88
C ARG S 28 24.83 -32.29 96.44
N GLN S 29 24.73 -32.20 97.77
CA GLN S 29 24.20 -30.99 98.38
C GLN S 29 25.28 -29.93 98.53
N ASN S 30 24.95 -28.71 98.11
CA ASN S 30 25.83 -27.55 98.27
C ASN S 30 27.19 -27.77 97.62
N VAL S 31 27.26 -28.63 96.62
CA VAL S 31 28.48 -28.87 95.86
C VAL S 31 28.39 -27.97 94.63
N MET S 32 29.11 -26.85 94.67
CA MET S 32 29.09 -25.90 93.57
C MET S 32 29.54 -26.57 92.28
N GLY S 33 28.63 -26.70 91.32
CA GLY S 33 28.92 -27.37 90.08
C GLY S 33 29.94 -26.61 89.26
N SER S 34 30.07 -27.05 88.01
CA SER S 34 31.09 -26.49 87.13
C SER S 34 30.49 -26.17 85.77
N THR S 35 31.36 -25.91 84.79
CA THR S 35 30.95 -25.59 83.43
C THR S 35 29.84 -26.52 82.96
N VAL S 36 28.88 -25.95 82.24
CA VAL S 36 27.90 -26.78 81.54
C VAL S 36 28.66 -27.78 80.66
N ASP S 37 29.43 -27.26 79.72
CA ASP S 37 30.38 -28.08 78.97
C ASP S 37 31.45 -27.14 78.42
N GLY S 38 32.61 -27.12 79.08
CA GLY S 38 33.67 -26.23 78.64
C GLY S 38 33.33 -24.77 78.68
N ARG S 39 32.31 -24.39 79.45
CA ARG S 39 31.88 -22.99 79.58
C ARG S 39 31.83 -22.63 81.06
N PRO S 40 32.98 -22.55 81.72
CA PRO S 40 32.98 -22.16 83.14
C PRO S 40 32.68 -20.68 83.31
N VAL S 41 31.47 -20.38 83.74
CA VAL S 41 31.07 -19.01 84.09
C VAL S 41 30.71 -19.04 85.58
N LEU S 42 31.43 -19.87 86.34
CA LEU S 42 31.03 -20.31 87.66
C LEU S 42 29.59 -20.82 87.59
N PRO S 43 29.25 -21.64 86.60
CA PRO S 43 27.84 -21.94 86.36
C PRO S 43 27.38 -23.13 87.16
N ALA S 44 26.14 -23.56 86.90
CA ALA S 44 25.57 -24.78 87.48
C ALA S 44 25.66 -24.73 89.00
N ASN S 45 24.92 -23.78 89.56
CA ASN S 45 24.80 -23.65 91.01
C ASN S 45 24.39 -24.97 91.64
N SER S 46 24.59 -25.10 92.94
CA SER S 46 24.29 -26.34 93.63
C SER S 46 22.86 -26.78 93.33
N SER S 47 22.67 -28.07 93.12
CA SER S 47 21.40 -28.60 92.64
C SER S 47 20.29 -28.51 93.65
N THR S 48 20.47 -27.82 94.77
CA THR S 48 19.41 -27.65 95.76
C THR S 48 18.83 -26.24 95.75
N MET S 49 18.98 -25.51 94.67
CA MET S 49 18.42 -24.16 94.59
C MET S 49 18.40 -23.69 93.15
N THR S 50 17.41 -22.86 92.83
CA THR S 50 17.25 -22.25 91.50
C THR S 50 16.98 -23.31 90.44
N TYR S 51 16.06 -24.22 90.76
CA TYR S 51 15.55 -25.17 89.78
C TYR S 51 14.03 -25.25 89.81
N ALA S 52 13.37 -24.37 90.57
CA ALA S 52 11.96 -24.12 90.32
C ALA S 52 11.76 -23.47 88.97
N THR S 53 12.53 -22.43 88.67
CA THR S 53 12.65 -21.88 87.33
C THR S 53 13.52 -22.85 86.53
N VAL S 54 12.97 -24.05 86.34
CA VAL S 54 13.79 -25.20 85.98
C VAL S 54 14.41 -25.02 84.60
N GLY S 55 13.58 -24.86 83.58
CA GLY S 55 14.11 -24.68 82.25
C GLY S 55 14.96 -23.42 82.14
N ASN S 56 16.14 -23.53 81.56
CA ASN S 56 16.95 -22.38 81.22
C ASN S 56 17.51 -22.55 79.81
N SER S 57 17.66 -21.44 79.10
CA SER S 57 18.19 -21.48 77.73
C SER S 57 18.78 -20.10 77.44
N SER S 58 20.10 -20.03 77.41
CA SER S 58 20.77 -18.79 77.03
C SER S 58 21.25 -18.89 75.58
N LEU S 59 21.41 -17.72 74.96
CA LEU S 59 21.83 -17.66 73.57
C LEU S 59 23.32 -17.97 73.45
N ASP S 60 23.77 -18.19 72.22
CA ASP S 60 25.19 -18.54 71.98
C ASP S 60 26.18 -17.40 72.21
N SER S 61 27.45 -17.74 72.39
CA SER S 61 28.48 -16.72 72.56
C SER S 61 29.62 -16.95 71.56
N THR S 62 30.10 -15.91 70.88
CA THR S 62 31.12 -16.12 69.86
C THR S 62 32.19 -15.02 69.74
N ALA S 63 33.33 -15.17 70.41
CA ALA S 63 34.44 -14.21 70.28
C ALA S 63 35.75 -14.97 70.46
N ALA S 64 36.87 -14.47 69.94
CA ALA S 64 38.19 -15.11 70.14
C ALA S 64 38.21 -16.58 69.76
N ALA S 65 37.65 -16.94 68.60
CA ALA S 65 37.53 -18.37 68.24
C ALA S 65 38.51 -19.08 67.29
N ALA S 66 39.72 -18.58 66.99
CA ALA S 66 40.62 -19.32 66.05
C ALA S 66 41.74 -20.31 66.55
N ALA S 67 41.68 -20.75 67.79
CA ALA S 67 42.68 -21.72 68.31
C ALA S 67 42.67 -23.07 67.61
N ALA S 68 41.49 -23.49 67.17
CA ALA S 68 41.38 -24.74 66.44
C ALA S 68 42.12 -24.61 65.13
N ALA S 69 41.95 -23.46 64.52
CA ALA S 69 42.59 -23.23 63.27
C ALA S 69 44.02 -23.39 63.61
N ALA S 70 44.41 -22.80 64.74
CA ALA S 70 45.84 -22.84 65.14
C ALA S 70 46.44 -24.24 65.29
N ALA S 71 45.78 -25.11 66.02
CA ALA S 71 46.34 -26.41 66.17
C ALA S 71 46.41 -27.12 64.88
N MET S 72 45.35 -27.07 64.10
CA MET S 72 45.42 -27.90 62.91
C MET S 72 46.50 -27.44 62.02
N THR S 73 46.62 -26.12 61.92
CA THR S 73 47.60 -25.53 61.03
C THR S 73 48.84 -26.34 60.96
N ALA S 74 49.21 -26.97 62.06
CA ALA S 74 50.52 -27.67 62.12
C ALA S 74 50.61 -29.02 61.45
N THR S 75 49.62 -29.88 61.57
CA THR S 75 49.85 -31.15 60.95
C THR S 75 50.03 -30.88 59.47
N ARG S 76 49.22 -29.99 58.88
CA ARG S 76 49.28 -29.66 57.45
C ARG S 76 50.56 -28.99 57.01
N LEU S 77 51.04 -28.06 57.85
CA LEU S 77 52.31 -27.37 57.61
C LEU S 77 53.42 -28.33 57.86
N ALA S 78 53.37 -29.04 59.02
CA ALA S 78 54.40 -30.09 59.21
C ALA S 78 55.19 -30.68 57.98
N SER S 79 56.47 -31.03 58.17
CA SER S 79 57.35 -31.55 57.11
C SER S 79 57.41 -30.59 55.93
N SER S 80 57.42 -29.29 56.23
CA SER S 80 57.47 -28.27 55.19
C SER S 80 58.79 -28.34 54.43
N TYR S 81 58.75 -27.91 53.18
CA TYR S 81 59.87 -28.10 52.27
C TYR S 81 60.69 -26.83 52.10
N SER S 93 78.38 -26.59 46.82
CA SER S 93 78.48 -27.81 47.60
C SER S 93 79.26 -28.89 46.85
N SER S 94 79.90 -28.48 45.76
CA SER S 94 80.71 -29.39 44.96
C SER S 94 81.94 -28.65 44.46
N ILE S 95 83.00 -29.40 44.19
CA ILE S 95 84.25 -28.83 43.71
C ILE S 95 84.82 -29.72 42.60
N ILE S 96 85.69 -29.13 41.80
CA ILE S 96 86.49 -29.83 40.81
C ILE S 96 87.94 -29.54 41.10
N ALA S 97 88.80 -30.50 40.78
CA ALA S 97 90.22 -30.44 41.13
C ALA S 97 90.82 -29.08 40.76
N GLU S 98 91.32 -28.38 41.78
CA GLU S 98 91.86 -27.03 41.57
C GLU S 98 93.04 -27.04 40.61
N GLU S 99 93.84 -28.10 40.62
CA GLU S 99 94.95 -28.20 39.69
C GLU S 99 94.46 -28.26 38.25
N LYS S 100 93.37 -29.00 38.00
CA LYS S 100 92.85 -29.09 36.65
C LYS S 100 92.37 -27.75 36.13
N LEU S 101 91.65 -26.99 36.96
CA LEU S 101 91.23 -25.66 36.54
C LEU S 101 92.43 -24.73 36.38
N LEU S 102 93.42 -24.85 37.27
CA LEU S 102 94.63 -24.06 37.13
C LEU S 102 95.40 -24.46 35.88
N ALA S 103 95.46 -25.76 35.60
CA ALA S 103 96.12 -26.22 34.38
C ALA S 103 95.41 -25.71 33.13
N LEU S 104 94.08 -25.80 33.12
CA LEU S 104 93.32 -25.30 31.97
C LEU S 104 93.51 -23.80 31.81
N LEU S 105 93.47 -23.05 32.91
CA LEU S 105 93.62 -21.60 32.82
C LEU S 105 95.00 -21.23 32.28
N ALA S 106 95.99 -22.08 32.50
CA ALA S 106 97.32 -21.81 31.98
C ALA S 106 97.34 -21.83 30.46
N GLU S 107 96.68 -22.82 29.84
CA GLU S 107 96.69 -22.91 28.39
C GLU S 107 95.97 -21.72 27.75
N LEU S 108 94.86 -21.29 28.35
CA LEU S 108 94.16 -20.13 27.81
C LEU S 108 95.02 -18.89 27.84
N GLU S 109 95.85 -18.75 28.88
CA GLU S 109 96.80 -17.64 28.90
C GLU S 109 97.78 -17.73 27.74
N ALA S 110 98.31 -18.92 27.48
CA ALA S 110 99.21 -19.10 26.36
C ALA S 110 98.51 -18.86 25.04
N LEU S 111 97.26 -19.30 24.93
CA LEU S 111 96.50 -19.10 23.70
C LEU S 111 96.28 -17.61 23.44
N SER S 112 95.98 -16.84 24.48
CA SER S 112 95.77 -15.41 24.30
C SER S 112 97.04 -14.73 23.82
N ARG S 113 98.19 -15.12 24.35
CA ARG S 113 99.45 -14.51 23.93
C ARG S 113 99.70 -14.76 22.45
N GLN S 114 99.49 -16.00 21.99
CA GLN S 114 99.73 -16.31 20.58
C GLN S 114 98.70 -15.62 19.69
N LEU S 115 97.45 -15.54 20.13
CA LEU S 115 96.46 -14.78 19.38
C LEU S 115 96.85 -13.31 19.29
N ALA S 116 97.33 -12.75 20.40
CA ALA S 116 97.82 -11.37 20.37
C ALA S 116 99.04 -11.24 19.47
N ALA S 117 99.94 -12.23 19.52
CA ALA S 117 101.13 -12.18 18.69
C ALA S 117 100.79 -12.20 17.21
N LEU S 118 99.84 -13.04 16.81
CA LEU S 118 99.45 -13.11 15.41
C LEU S 118 98.86 -11.79 14.93
N THR S 119 98.07 -11.14 15.78
CA THR S 119 97.42 -9.89 15.38
C THR S 119 98.45 -8.83 15.04
N GLN S 120 99.53 -8.76 15.81
CA GLN S 120 100.56 -7.75 15.53
C GLN S 120 101.18 -7.95 14.16
N GLN S 121 101.47 -9.20 13.79
CA GLN S 121 102.07 -9.46 12.49
C GLN S 121 101.11 -9.12 11.36
N VAL S 122 99.83 -9.46 11.52
CA VAL S 122 98.85 -9.10 10.50
C VAL S 122 98.73 -7.59 10.39
N SER S 123 98.67 -6.89 11.52
CA SER S 123 98.60 -5.44 11.49
C SER S 123 99.85 -4.85 10.86
N GLU S 124 101.03 -5.34 11.24
CA GLU S 124 102.26 -4.85 10.65
C GLU S 124 102.31 -5.17 9.16
N LEU S 125 101.69 -6.26 8.74
CA LEU S 125 101.63 -6.57 7.31
C LEU S 125 100.82 -5.54 6.56
N ARG S 126 99.70 -5.09 7.13
CA ARG S 126 98.86 -4.12 6.44
C ARG S 126 99.55 -2.77 6.30
N GLU S 127 100.23 -2.32 7.36
CA GLU S 127 100.94 -1.05 7.28
C GLU S 127 102.02 -1.09 6.21
N GLN S 128 102.62 -2.26 6.00
CA GLN S 128 103.60 -2.40 4.92
C GLN S 128 102.96 -2.13 3.56
N GLN S 129 101.77 -2.69 3.32
CA GLN S 129 101.15 -2.56 2.00
C GLN S 129 100.70 -1.12 1.76
N GLN S 130 100.08 -0.49 2.76
CA GLN S 130 99.59 0.87 2.55
C GLN S 130 100.73 1.85 2.35
N GLN S 131 101.88 1.62 3.01
CA GLN S 131 103.05 2.47 2.76
C GLN S 131 103.57 2.26 1.35
N GLN S 132 103.49 1.05 0.82
CA GLN S 132 103.86 0.81 -0.57
C GLN S 132 102.98 1.60 -1.52
N ASN S 133 101.68 1.66 -1.23
CA ASN S 133 100.78 2.49 -2.03
C ASN S 133 101.15 3.96 -1.93
N LYS S 134 101.51 4.41 -0.72
CA LYS S 134 101.98 5.78 -0.53
C LYS S 134 103.27 6.00 -1.31
N MET T 1 54.69 -50.78 -51.79
CA MET T 1 55.20 -51.06 -50.44
C MET T 1 54.48 -50.19 -49.41
N SER T 2 53.98 -50.84 -48.37
CA SER T 2 53.24 -50.14 -47.33
C SER T 2 53.26 -50.95 -46.04
N LYS T 3 52.95 -50.26 -44.95
CA LYS T 3 52.54 -50.96 -43.75
C LYS T 3 51.26 -51.71 -44.03
N GLU T 4 51.16 -52.93 -43.52
CA GLU T 4 49.91 -53.66 -43.58
C GLU T 4 48.92 -53.18 -42.53
N ILE T 5 49.30 -52.18 -41.74
CA ILE T 5 48.44 -51.60 -40.72
C ILE T 5 48.40 -50.10 -40.94
N PRO T 6 47.72 -49.62 -41.97
CA PRO T 6 47.71 -48.18 -42.26
C PRO T 6 46.62 -47.45 -41.49
N THR T 7 46.83 -46.15 -41.32
CA THR T 7 45.84 -45.33 -40.66
C THR T 7 44.64 -45.11 -41.59
N PRO T 8 43.43 -45.18 -41.06
CA PRO T 8 42.25 -45.06 -41.91
C PRO T 8 42.10 -43.65 -42.45
N TYR T 9 41.38 -43.56 -43.58
CA TYR T 9 41.10 -42.28 -44.22
C TYR T 9 39.75 -41.79 -43.75
N MET T 10 39.72 -40.84 -42.85
CA MET T 10 38.50 -40.30 -42.35
C MET T 10 37.92 -39.52 -43.43
N TRP T 11 36.61 -39.40 -43.56
CA TRP T 11 35.99 -38.75 -44.67
C TRP T 11 35.25 -37.60 -44.20
N SER T 12 35.32 -36.44 -44.76
CA SER T 12 34.70 -35.28 -44.20
C SER T 12 33.47 -34.76 -44.86
N TYR T 13 32.54 -34.08 -44.20
CA TYR T 13 31.24 -33.71 -44.76
C TYR T 13 31.11 -32.34 -45.24
N GLN T 14 30.47 -32.04 -46.38
CA GLN T 14 30.24 -30.68 -46.79
C GLN T 14 28.82 -30.56 -46.56
N PRO T 15 28.37 -30.27 -45.38
CA PRO T 15 26.93 -30.33 -45.14
C PRO T 15 26.09 -29.60 -46.18
N GLN T 16 26.60 -28.50 -46.74
CA GLN T 16 25.78 -27.68 -47.61
C GLN T 16 25.35 -28.43 -48.86
N MET T 17 26.22 -29.08 -49.56
CA MET T 17 25.79 -29.68 -50.80
C MET T 17 25.53 -31.03 -50.50
N GLY T 18 25.62 -31.37 -49.26
CA GLY T 18 25.37 -32.71 -48.84
C GLY T 18 26.06 -33.88 -49.34
N LEU T 19 27.35 -33.85 -49.51
CA LEU T 19 28.07 -34.93 -50.09
C LEU T 19 29.41 -34.80 -49.48
N ALA T 20 30.28 -35.77 -49.57
CA ALA T 20 31.54 -35.75 -48.92
C ALA T 20 32.56 -35.04 -49.57
N ALA T 21 33.58 -34.65 -48.84
CA ALA T 21 34.63 -33.89 -49.38
C ALA T 21 35.98 -34.34 -49.02
N GLY T 22 36.46 -35.45 -49.49
CA GLY T 22 37.83 -35.79 -49.23
C GLY T 22 38.20 -36.68 -48.11
N ALA T 23 39.47 -36.89 -47.92
CA ALA T 23 39.88 -37.67 -46.83
C ALA T 23 41.30 -37.46 -46.53
N SER T 24 41.72 -37.89 -45.39
CA SER T 24 43.05 -37.69 -45.00
C SER T 24 43.25 -38.41 -43.78
N GLN T 25 44.16 -39.30 -43.75
CA GLN T 25 44.34 -40.13 -42.67
C GLN T 25 44.23 -39.46 -41.40
N ASP T 26 43.69 -40.10 -40.40
CA ASP T 26 43.47 -39.47 -39.10
C ASP T 26 44.82 -39.19 -38.45
N TYR T 27 45.19 -37.93 -38.42
CA TYR T 27 46.39 -37.50 -37.72
C TYR T 27 46.10 -37.04 -36.31
N SER T 28 44.87 -37.27 -35.83
CA SER T 28 44.47 -36.80 -34.52
C SER T 28 44.43 -37.90 -33.47
N THR T 29 44.26 -39.17 -33.86
CA THR T 29 44.13 -40.25 -32.90
C THR T 29 45.35 -41.15 -32.85
N ARG T 30 46.46 -40.75 -33.45
CA ARG T 30 47.65 -41.58 -33.43
C ARG T 30 48.26 -41.62 -32.04
N MET T 31 48.84 -42.77 -31.71
CA MET T 31 49.60 -42.95 -30.48
C MET T 31 51.06 -42.63 -30.74
N ASN T 32 51.82 -42.49 -29.65
CA ASN T 32 53.23 -42.09 -29.73
C ASN T 32 54.06 -43.18 -29.08
N TRP T 33 54.38 -44.22 -29.85
CA TRP T 33 55.12 -45.35 -29.34
C TRP T 33 56.62 -45.19 -29.46
N LEU T 34 57.09 -44.02 -29.85
CA LEU T 34 58.52 -43.85 -30.14
C LEU T 34 59.39 -43.96 -28.92
N SER T 35 58.84 -44.28 -27.76
CA SER T 35 59.63 -44.48 -26.55
C SER T 35 59.15 -45.74 -25.84
N ALA T 36 58.95 -46.81 -26.61
CA ALA T 36 58.47 -48.08 -26.08
C ALA T 36 59.32 -49.21 -26.63
N GLY T 37 59.39 -50.29 -25.86
CA GLY T 37 60.19 -51.43 -26.25
C GLY T 37 59.52 -52.25 -27.32
N PRO T 38 60.24 -53.28 -27.77
CA PRO T 38 59.67 -54.15 -28.82
C PRO T 38 58.37 -54.82 -28.41
N SER T 39 58.02 -54.90 -27.17
CA SER T 39 56.72 -55.51 -26.91
C SER T 39 55.56 -54.59 -26.82
N MET T 40 55.75 -53.45 -26.24
CA MET T 40 54.68 -52.56 -26.26
C MET T 40 54.49 -52.20 -27.68
N ILE T 41 55.51 -52.12 -28.51
CA ILE T 41 55.26 -51.69 -29.84
C ILE T 41 54.40 -52.69 -30.42
N SER T 42 54.59 -53.95 -30.19
CA SER T 42 53.65 -54.87 -30.76
C SER T 42 52.30 -54.81 -30.27
N ARG T 43 52.11 -54.63 -29.01
CA ARG T 43 50.74 -54.50 -28.63
C ARG T 43 50.12 -53.28 -29.26
N VAL T 44 50.82 -52.17 -29.41
CA VAL T 44 50.23 -51.03 -30.12
C VAL T 44 49.93 -51.38 -31.53
N ASN T 45 50.77 -52.10 -32.20
CA ASN T 45 50.42 -52.45 -33.52
C ASN T 45 49.21 -53.27 -33.55
N GLY T 46 49.02 -54.16 -32.63
CA GLY T 46 47.80 -54.90 -32.56
C GLY T 46 46.55 -54.12 -32.30
N VAL T 47 46.61 -53.14 -31.43
CA VAL T 47 45.47 -52.32 -31.27
C VAL T 47 45.19 -51.60 -32.56
N ARG T 48 46.20 -51.15 -33.26
CA ARG T 48 45.96 -50.52 -34.51
C ARG T 48 45.38 -51.42 -35.45
N SER T 49 45.74 -52.67 -35.48
CA SER T 49 45.18 -53.49 -36.50
C SER T 49 43.96 -54.13 -36.15
N HIS T 50 43.48 -53.92 -34.97
CA HIS T 50 42.20 -54.45 -34.71
C HIS T 50 41.32 -53.40 -35.26
N ARG T 51 41.67 -52.16 -35.24
CA ARG T 51 40.78 -51.12 -35.67
C ARG T 51 40.49 -51.30 -37.06
N ASN T 52 41.43 -51.70 -37.80
CA ASN T 52 41.22 -51.78 -39.17
C ASN T 52 40.21 -52.82 -39.46
N GLN T 53 40.23 -53.92 -38.76
CA GLN T 53 39.25 -54.89 -38.98
C GLN T 53 37.87 -54.46 -38.63
N ILE T 54 37.70 -53.69 -37.60
CA ILE T 54 36.40 -53.32 -37.21
C ILE T 54 35.95 -52.46 -38.29
N LEU T 55 36.75 -51.59 -38.82
CA LEU T 55 36.25 -50.72 -39.84
C LEU T 55 35.81 -51.52 -41.02
N LEU T 56 36.50 -52.53 -41.45
CA LEU T 56 35.98 -53.26 -42.60
C LEU T 56 34.69 -53.95 -42.36
N GLU T 57 34.54 -54.56 -41.23
CA GLU T 57 33.29 -55.16 -40.97
C GLU T 57 32.22 -54.14 -40.90
N GLN T 58 32.46 -52.99 -40.33
CA GLN T 58 31.38 -52.09 -40.26
C GLN T 58 31.01 -51.74 -41.58
N ALA T 59 31.94 -51.52 -42.44
CA ALA T 59 31.50 -51.09 -43.73
C ALA T 59 30.69 -52.11 -44.36
N ALA T 60 31.07 -53.35 -44.32
CA ALA T 60 30.21 -54.29 -44.99
C ALA T 60 28.86 -54.28 -44.44
N VAL T 61 28.75 -54.28 -43.15
CA VAL T 61 27.45 -54.32 -42.57
C VAL T 61 26.60 -53.13 -42.90
N THR T 62 27.11 -51.95 -42.90
CA THR T 62 26.24 -50.82 -43.12
C THR T 62 26.29 -50.12 -44.44
N SER T 63 27.49 -49.86 -44.94
CA SER T 63 27.59 -49.04 -46.14
C SER T 63 26.89 -49.67 -47.32
N THR T 64 26.26 -48.84 -48.14
CA THR T 64 25.63 -49.29 -49.36
C THR T 64 26.68 -49.68 -50.39
N PRO T 65 26.57 -50.85 -51.01
CA PRO T 65 27.57 -51.25 -52.02
C PRO T 65 27.52 -50.31 -53.21
N ARG T 66 28.66 -49.69 -53.51
CA ARG T 66 28.76 -48.72 -54.59
C ARG T 66 29.87 -49.12 -55.55
N ALA T 67 29.73 -48.70 -56.79
CA ALA T 67 30.79 -48.85 -57.78
C ALA T 67 31.72 -47.64 -57.80
N LYS T 68 31.49 -46.66 -56.93
CA LYS T 68 32.23 -45.41 -56.99
C LYS T 68 32.12 -44.70 -55.65
N LEU T 69 33.24 -44.53 -54.98
CA LEU T 69 33.24 -43.82 -53.70
C LEU T 69 32.84 -42.36 -53.92
N ASN T 70 32.01 -41.85 -53.00
CA ASN T 70 31.55 -40.47 -53.03
C ASN T 70 30.92 -40.12 -54.37
N PRO T 71 29.75 -40.68 -54.68
CA PRO T 71 29.09 -40.32 -55.94
C PRO T 71 28.64 -38.88 -55.93
N ARG T 72 28.63 -38.27 -57.12
CA ARG T 72 28.24 -36.88 -57.22
C ARG T 72 26.74 -36.67 -57.03
N ASN T 73 25.95 -37.74 -57.02
CA ASN T 73 24.52 -37.62 -56.85
C ASN T 73 23.95 -38.98 -56.49
N TRP T 74 23.01 -39.00 -55.56
CA TRP T 74 22.46 -40.24 -55.04
C TRP T 74 21.08 -40.50 -55.60
N PRO T 75 20.80 -41.71 -56.07
CA PRO T 75 19.46 -42.00 -56.59
C PRO T 75 18.42 -41.93 -55.50
N SER T 76 17.18 -41.70 -55.93
CA SER T 76 16.08 -41.56 -54.98
C SER T 76 15.91 -42.79 -54.12
N THR T 77 16.23 -43.96 -54.65
CA THR T 77 16.03 -45.20 -53.91
C THR T 77 16.91 -45.27 -52.67
N LEU T 78 18.14 -44.79 -52.78
CA LEU T 78 19.15 -45.00 -51.74
C LEU T 78 19.14 -43.92 -50.67
N VAL T 79 18.39 -42.84 -50.85
CA VAL T 79 18.37 -41.74 -49.88
C VAL T 79 17.21 -41.95 -48.93
N TYR T 80 17.46 -41.79 -47.64
CA TYR T 80 16.39 -41.89 -46.66
C TYR T 80 15.31 -40.88 -46.96
N GLN T 81 14.08 -41.37 -47.13
CA GLN T 81 12.93 -40.54 -47.46
C GLN T 81 12.00 -40.51 -46.27
N GLU T 82 11.67 -39.31 -45.80
CA GLU T 82 10.70 -39.16 -44.72
C GLU T 82 9.31 -39.34 -45.29
N ILE T 83 8.59 -40.35 -44.82
CA ILE T 83 7.25 -40.65 -45.29
C ILE T 83 6.29 -40.53 -44.12
N PRO T 84 5.67 -39.38 -43.94
CA PRO T 84 4.67 -39.23 -42.88
C PRO T 84 3.37 -39.93 -43.24
N GLY T 85 2.56 -40.17 -42.23
CA GLY T 85 1.27 -40.81 -42.42
C GLY T 85 0.30 -39.88 -43.12
N PRO T 86 -0.73 -40.46 -43.74
CA PRO T 86 -1.76 -39.63 -44.36
C PRO T 86 -2.41 -38.72 -43.34
N THR T 87 -2.70 -37.48 -43.76
CA THR T 87 -3.25 -36.47 -42.88
C THR T 87 -4.75 -36.39 -43.06
N THR T 88 -5.49 -36.66 -42.00
CA THR T 88 -6.94 -36.61 -42.02
C THR T 88 -7.42 -35.25 -41.53
N VAL T 89 -8.44 -34.73 -42.18
CA VAL T 89 -9.04 -33.46 -41.82
C VAL T 89 -10.52 -33.67 -41.57
N LEU T 90 -11.04 -33.07 -40.51
CA LEU T 90 -12.45 -33.17 -40.17
C LEU T 90 -13.10 -31.86 -40.58
N LEU T 91 -13.79 -31.89 -41.71
CA LEU T 91 -14.38 -30.67 -42.26
C LEU T 91 -15.47 -30.14 -41.35
N PRO T 92 -15.37 -28.89 -40.90
CA PRO T 92 -16.34 -28.38 -39.92
C PRO T 92 -17.74 -28.15 -40.47
N ARG T 93 -17.86 -27.50 -41.61
CA ARG T 93 -19.18 -27.08 -42.07
C ARG T 93 -19.84 -28.14 -42.94
N ASP T 94 -21.15 -27.96 -43.15
CA ASP T 94 -21.91 -28.69 -44.15
C ASP T 94 -22.18 -27.73 -45.29
N ALA T 95 -21.76 -28.10 -46.51
CA ALA T 95 -21.82 -27.18 -47.63
C ALA T 95 -23.26 -26.86 -48.01
N LEU T 96 -24.10 -27.88 -48.16
CA LEU T 96 -25.47 -27.66 -48.61
C LEU T 96 -26.33 -27.08 -47.50
N ALA T 97 -26.15 -27.54 -46.26
CA ALA T 97 -27.04 -27.13 -45.19
C ALA T 97 -26.96 -25.63 -44.95
N GLU T 98 -25.75 -25.07 -44.95
CA GLU T 98 -25.61 -23.65 -44.68
C GLU T 98 -26.15 -22.82 -45.84
N VAL T 99 -26.17 -23.38 -47.05
CA VAL T 99 -26.79 -22.69 -48.17
C VAL T 99 -28.30 -22.65 -47.99
N ARG T 100 -28.89 -23.78 -47.60
CA ARG T 100 -30.33 -23.84 -47.41
C ARG T 100 -30.77 -22.91 -46.29
N MET T 101 -30.06 -22.93 -45.16
CA MET T 101 -30.43 -22.07 -44.04
C MET T 101 -30.28 -20.60 -44.39
N THR T 102 -29.18 -20.24 -45.06
CA THR T 102 -28.94 -18.84 -45.39
C THR T 102 -30.00 -18.32 -46.36
N ASN T 103 -30.37 -19.12 -47.36
CA ASN T 103 -31.40 -18.70 -48.30
C ASN T 103 -32.74 -18.52 -47.61
N SER T 104 -32.98 -19.29 -46.54
CA SER T 104 -34.24 -19.21 -45.83
C SER T 104 -34.44 -17.84 -45.20
N GLY T 105 -33.38 -17.28 -44.64
CA GLY T 105 -33.47 -16.04 -43.89
C GLY T 105 -32.71 -16.15 -42.60
N VAL T 106 -32.35 -17.38 -42.24
CA VAL T 106 -31.56 -17.63 -41.05
C VAL T 106 -30.19 -16.99 -41.22
N GLN T 107 -29.72 -16.33 -40.18
CA GLN T 107 -28.45 -15.62 -40.18
C GLN T 107 -27.49 -16.37 -39.27
N LEU T 108 -26.64 -17.19 -39.87
CA LEU T 108 -25.73 -18.02 -39.10
C LEU T 108 -24.62 -17.18 -38.48
N ALA T 109 -24.00 -17.72 -37.43
CA ALA T 109 -22.91 -17.07 -36.75
C ALA T 109 -22.02 -18.16 -36.14
N GLY T 110 -21.09 -17.75 -35.29
CA GLY T 110 -20.25 -18.69 -34.57
C GLY T 110 -19.46 -19.65 -35.43
N VAL T 140 -7.67 -35.33 -61.99
CA VAL T 140 -6.93 -35.94 -60.90
C VAL T 140 -7.82 -35.98 -59.66
N SER T 141 -7.64 -37.01 -58.83
CA SER T 141 -8.45 -37.23 -57.65
C SER T 141 -7.55 -37.62 -56.48
N SER T 142 -7.30 -36.67 -55.59
CA SER T 142 -6.50 -36.90 -54.40
C SER T 142 -7.25 -36.38 -53.17
N SER T 143 -8.16 -37.21 -52.65
CA SER T 143 -8.98 -36.88 -51.48
C SER T 143 -9.91 -38.04 -51.15
N ILE T 144 -10.47 -38.05 -49.95
CA ILE T 144 -11.41 -39.09 -49.53
C ILE T 144 -12.48 -38.43 -48.67
N GLY T 145 -13.72 -38.43 -49.14
CA GLY T 145 -14.81 -37.86 -48.37
C GLY T 145 -15.52 -38.89 -47.49
N LEU T 146 -14.82 -39.36 -46.45
CA LEU T 146 -15.36 -40.39 -45.59
C LEU T 146 -16.31 -39.78 -44.56
N ARG T 147 -17.56 -40.24 -44.55
CA ARG T 147 -18.51 -39.77 -43.56
C ARG T 147 -18.34 -40.54 -42.25
N PRO T 148 -18.43 -39.86 -41.10
CA PRO T 148 -18.27 -40.54 -39.81
C PRO T 148 -19.55 -41.07 -39.19
N ASP T 149 -20.65 -41.15 -39.94
CA ASP T 149 -21.91 -41.64 -39.40
C ASP T 149 -21.79 -43.08 -38.92
N GLY T 158 -16.85 -26.66 -35.39
CA GLY T 158 -17.46 -27.86 -34.85
C GLY T 158 -18.78 -28.20 -35.51
N ARG T 159 -19.52 -29.14 -34.93
CA ARG T 159 -20.78 -29.57 -35.50
C ARG T 159 -21.81 -28.44 -35.42
N SER T 160 -22.97 -28.70 -36.00
CA SER T 160 -24.08 -27.77 -35.99
C SER T 160 -25.38 -28.54 -35.79
N SER T 161 -26.36 -27.88 -35.18
CA SER T 161 -27.59 -28.57 -34.81
C SER T 161 -28.43 -28.92 -36.03
N PHE T 162 -28.47 -28.05 -37.03
CA PHE T 162 -29.41 -28.20 -38.13
C PHE T 162 -29.05 -29.33 -39.09
N THR T 163 -27.87 -29.93 -38.97
CA THR T 163 -27.53 -31.06 -39.83
C THR T 163 -26.66 -32.06 -39.10
N PRO T 164 -26.90 -33.36 -39.29
CA PRO T 164 -26.05 -34.39 -38.69
C PRO T 164 -24.92 -34.89 -39.58
N ASN T 165 -24.67 -34.25 -40.72
CA ASN T 165 -23.69 -34.72 -41.69
C ASN T 165 -22.34 -34.08 -41.44
N GLN T 166 -21.34 -34.91 -41.23
CA GLN T 166 -19.94 -34.50 -41.14
C GLN T 166 -19.17 -35.20 -42.26
N ALA T 167 -17.90 -34.85 -42.41
CA ALA T 167 -17.12 -35.43 -43.49
C ALA T 167 -15.64 -35.35 -43.17
N TYR T 168 -14.98 -36.50 -43.13
CA TYR T 168 -13.54 -36.58 -43.02
C TYR T 168 -12.94 -36.29 -44.38
N LEU T 169 -11.65 -35.93 -44.39
CA LEU T 169 -10.91 -35.73 -45.63
C LEU T 169 -9.50 -36.28 -45.44
N THR T 170 -9.13 -37.25 -46.27
CA THR T 170 -7.84 -37.90 -46.16
C THR T 170 -6.92 -37.40 -47.27
N LEU T 171 -5.74 -36.94 -46.88
CA LEU T 171 -4.80 -36.35 -47.81
C LEU T 171 -3.44 -37.04 -47.68
N GLN T 172 -2.76 -37.18 -48.80
CA GLN T 172 -1.37 -37.59 -48.80
C GLN T 172 -0.49 -36.43 -48.37
N SER T 173 0.42 -36.70 -47.44
CA SER T 173 1.29 -35.66 -46.89
C SER T 173 2.72 -35.79 -47.35
N SER T 174 3.01 -36.68 -48.30
CA SER T 174 4.37 -36.87 -48.77
C SER T 174 4.68 -35.96 -49.94
N SER T 175 5.93 -35.97 -50.38
CA SER T 175 6.33 -35.15 -51.50
C SER T 175 5.68 -35.65 -52.78
N SER T 176 5.55 -34.76 -53.75
CA SER T 176 5.03 -35.16 -55.05
C SER T 176 5.96 -36.15 -55.73
N GLU T 177 7.26 -35.92 -55.63
CA GLU T 177 8.26 -36.82 -56.18
C GLU T 177 9.35 -37.08 -55.16
N PRO T 178 9.91 -38.28 -55.15
CA PRO T 178 11.00 -38.57 -54.21
C PRO T 178 12.21 -37.70 -54.50
N ARG T 179 12.92 -37.33 -53.43
CA ARG T 179 14.09 -36.48 -53.52
C ARG T 179 15.33 -37.32 -53.74
N SER T 180 16.12 -36.96 -54.75
CA SER T 180 17.36 -37.69 -55.01
C SER T 180 18.55 -37.02 -54.35
N GLY T 181 18.89 -35.81 -54.78
CA GLY T 181 19.88 -34.96 -54.15
C GLY T 181 21.11 -35.61 -53.56
N GLY T 182 21.54 -35.11 -52.39
CA GLY T 182 22.61 -35.70 -51.63
C GLY T 182 22.09 -36.22 -50.30
N ILE T 183 23.01 -36.76 -49.51
CA ILE T 183 22.65 -37.45 -48.28
C ILE T 183 22.79 -36.51 -47.10
N GLY T 184 22.01 -36.79 -46.06
CA GLY T 184 22.02 -35.99 -44.85
C GLY T 184 23.06 -36.44 -43.86
N THR T 185 22.99 -35.88 -42.66
CA THR T 185 24.00 -36.15 -41.65
C THR T 185 23.90 -37.58 -41.13
N LEU T 186 22.69 -38.01 -40.76
CA LEU T 186 22.53 -39.34 -40.17
C LEU T 186 22.92 -40.43 -41.16
N GLN T 187 22.55 -40.27 -42.43
CA GLN T 187 22.90 -41.28 -43.41
C GLN T 187 24.38 -41.24 -43.75
N PHE T 188 25.00 -40.06 -43.68
CA PHE T 188 26.42 -39.96 -44.02
C PHE T 188 27.27 -40.85 -43.12
N VAL T 189 27.06 -40.75 -41.81
CA VAL T 189 27.87 -41.51 -40.87
C VAL T 189 27.70 -43.01 -41.06
N GLU T 190 26.71 -43.42 -41.85
CA GLU T 190 26.54 -44.84 -42.17
C GLU T 190 27.25 -45.19 -43.47
N GLU T 191 27.08 -44.38 -44.50
CA GLU T 191 27.64 -44.71 -45.80
C GLU T 191 29.16 -44.60 -45.79
N PHE T 192 29.69 -43.51 -45.24
CA PHE T 192 31.11 -43.23 -45.32
C PHE T 192 31.78 -43.51 -43.98
N VAL T 193 32.15 -44.77 -43.77
CA VAL T 193 33.00 -45.14 -42.66
C VAL T 193 34.44 -44.89 -43.11
N PRO T 194 35.39 -44.71 -42.21
CA PRO T 194 36.79 -44.59 -42.64
C PRO T 194 37.20 -45.82 -43.41
N SER T 195 37.96 -45.62 -44.48
CA SER T 195 38.32 -46.70 -45.39
C SER T 195 39.79 -47.01 -45.23
N VAL T 196 40.09 -48.22 -44.76
CA VAL T 196 41.47 -48.67 -44.65
C VAL T 196 42.03 -48.85 -46.04
N TYR T 197 43.23 -48.31 -46.27
CA TYR T 197 43.85 -48.28 -47.59
C TYR T 197 45.13 -49.10 -47.54
N PHE T 198 45.12 -50.27 -48.17
CA PHE T 198 46.28 -51.16 -48.18
C PHE T 198 47.12 -50.93 -49.42
N ASN T 199 48.45 -50.91 -49.23
CA ASN T 199 49.39 -50.71 -50.34
C ASN T 199 48.93 -49.54 -51.18
N PRO T 200 49.01 -48.32 -50.66
CA PRO T 200 48.12 -47.26 -51.14
C PRO T 200 48.24 -46.95 -52.62
N PHE T 201 49.41 -46.51 -53.08
CA PHE T 201 49.55 -46.05 -54.45
C PHE T 201 50.50 -46.98 -55.16
N SER T 202 49.92 -48.03 -55.76
CA SER T 202 50.68 -49.09 -56.40
C SER T 202 50.27 -49.16 -57.87
N GLY T 203 50.94 -48.35 -58.69
CA GLY T 203 50.75 -48.41 -60.12
C GLY T 203 49.38 -47.99 -60.63
N SER T 204 49.28 -47.81 -61.94
CA SER T 204 48.03 -47.47 -62.62
C SER T 204 47.45 -46.17 -62.07
N PRO T 205 48.05 -45.03 -62.40
CA PRO T 205 47.54 -43.75 -61.86
C PRO T 205 46.09 -43.49 -62.18
N GLY T 206 45.50 -44.20 -63.13
CA GLY T 206 44.07 -44.11 -63.37
C GLY T 206 43.24 -44.95 -62.44
N LEU T 207 43.86 -45.66 -61.51
CA LEU T 207 43.15 -46.48 -60.55
C LEU T 207 43.22 -45.93 -59.13
N TYR T 208 44.00 -44.89 -58.89
CA TYR T 208 44.09 -44.33 -57.55
C TYR T 208 42.70 -43.82 -57.13
N PRO T 209 42.39 -43.90 -55.85
CA PRO T 209 41.15 -43.28 -55.38
C PRO T 209 41.28 -41.78 -55.43
N ASP T 210 40.68 -41.15 -56.42
CA ASP T 210 40.75 -39.72 -56.58
C ASP T 210 39.68 -39.01 -55.78
N GLU T 211 38.72 -39.74 -55.22
CA GLU T 211 37.75 -39.14 -54.32
C GLU T 211 38.39 -38.62 -53.05
N PHE T 212 39.57 -39.10 -52.70
CA PHE T 212 40.28 -38.63 -51.52
C PHE T 212 40.82 -37.22 -51.67
N ILE T 213 40.80 -36.66 -52.88
CA ILE T 213 41.31 -35.31 -53.14
C ILE T 213 40.18 -34.34 -52.85
N PRO T 214 40.38 -33.33 -51.99
CA PRO T 214 39.27 -32.45 -51.62
C PRO T 214 38.66 -31.70 -52.78
N ASN T 215 39.43 -31.40 -53.83
CA ASN T 215 38.96 -30.59 -54.94
C ASN T 215 39.03 -31.36 -56.25
N PHE T 216 38.53 -32.58 -56.25
CA PHE T 216 38.47 -33.41 -57.44
C PHE T 216 37.04 -33.45 -57.95
N ASP T 217 36.85 -33.17 -59.23
CA ASP T 217 35.52 -33.15 -59.86
C ASP T 217 35.40 -34.42 -60.69
N ALA T 218 34.68 -35.40 -60.16
CA ALA T 218 34.65 -36.72 -60.77
C ALA T 218 33.98 -36.69 -62.14
N VAL T 219 33.07 -35.75 -62.38
CA VAL T 219 32.34 -35.72 -63.64
C VAL T 219 33.29 -35.47 -64.81
N ARG T 220 34.11 -34.42 -64.69
CA ARG T 220 35.13 -34.15 -65.69
C ARG T 220 36.45 -34.86 -65.41
N GLU T 221 36.58 -35.47 -64.24
CA GLU T 221 37.77 -36.22 -63.85
C GLU T 221 39.03 -35.39 -64.03
N ALA T 222 39.07 -34.26 -63.32
CA ALA T 222 40.22 -33.38 -63.34
C ALA T 222 40.09 -32.41 -62.17
N VAL T 223 41.20 -32.22 -61.45
CA VAL T 223 41.18 -31.32 -60.30
C VAL T 223 40.97 -29.90 -60.79
N ASP T 224 39.99 -29.22 -60.21
CA ASP T 224 39.62 -27.88 -60.62
C ASP T 224 39.94 -26.87 -59.52
N GLY T 225 39.74 -25.61 -59.84
CA GLY T 225 39.88 -24.56 -58.84
C GLY T 225 40.65 -23.36 -59.32
N TYR T 226 40.05 -22.18 -59.18
CA TYR T 226 40.76 -20.94 -59.44
C TYR T 226 41.80 -20.66 -58.36
N ASP T 227 41.48 -21.01 -57.12
CA ASP T 227 42.37 -20.81 -55.98
C ASP T 227 42.86 -19.38 -55.91
N MET U 1 77.14 -84.96 23.22
CA MET U 1 77.23 -86.02 24.22
C MET U 1 76.82 -85.51 25.59
N SER U 2 75.51 -85.46 25.83
CA SER U 2 75.02 -84.96 27.10
C SER U 2 75.19 -86.00 28.20
N LYS U 3 75.10 -85.54 29.43
CA LYS U 3 74.78 -86.43 30.52
C LYS U 3 73.36 -86.94 30.34
N GLU U 4 73.10 -88.13 30.87
CA GLU U 4 71.74 -88.66 30.78
C GLU U 4 70.81 -88.04 31.80
N ILE U 5 71.29 -87.07 32.57
CA ILE U 5 70.50 -86.42 33.61
C ILE U 5 70.57 -84.92 33.41
N PRO U 6 70.02 -84.39 32.32
CA PRO U 6 70.13 -82.95 32.07
C PRO U 6 69.26 -82.14 33.00
N THR U 7 69.68 -80.91 33.25
CA THR U 7 68.90 -79.99 34.06
C THR U 7 67.64 -79.57 33.28
N PRO U 8 66.48 -79.55 33.93
CA PRO U 8 65.27 -79.16 33.22
C PRO U 8 65.32 -77.71 32.75
N TYR U 9 64.67 -77.47 31.61
CA TYR U 9 64.54 -76.14 31.04
C TYR U 9 63.28 -75.49 31.61
N MET U 10 63.44 -74.46 32.43
CA MET U 10 62.30 -73.76 32.99
C MET U 10 61.76 -72.73 32.01
N TRP U 11 60.45 -72.64 31.91
CA TRP U 11 59.78 -71.68 31.05
C TRP U 11 59.42 -70.43 31.83
N SER U 12 59.67 -69.27 31.24
CA SER U 12 59.36 -68.00 31.87
C SER U 12 58.09 -67.42 31.26
N TYR U 13 57.27 -66.81 32.11
CA TYR U 13 55.94 -66.35 31.74
C TYR U 13 55.98 -64.89 31.33
N GLN U 14 55.41 -64.58 30.18
CA GLN U 14 55.23 -63.21 29.74
C GLN U 14 53.78 -62.83 29.96
N PRO U 15 53.44 -62.25 31.11
CA PRO U 15 52.03 -62.16 31.50
C PRO U 15 51.19 -61.34 30.55
N GLN U 16 51.77 -60.36 29.88
CA GLN U 16 50.98 -59.44 29.07
C GLN U 16 50.49 -60.12 27.80
N MET U 17 51.42 -60.53 26.95
CA MET U 17 51.02 -61.17 25.69
C MET U 17 50.29 -62.48 25.93
N GLY U 18 50.54 -63.13 27.06
CA GLY U 18 49.90 -64.40 27.35
C GLY U 18 50.62 -65.62 26.82
N LEU U 19 51.90 -65.51 26.48
CA LEU U 19 52.66 -66.61 25.94
C LEU U 19 53.96 -66.77 26.71
N ALA U 20 54.50 -67.99 26.70
CA ALA U 20 55.80 -68.23 27.31
C ALA U 20 56.88 -67.50 26.53
N ALA U 21 57.87 -66.99 27.26
CA ALA U 21 58.93 -66.19 26.68
C ALA U 21 60.27 -66.88 26.93
N GLY U 22 60.61 -67.82 26.06
CA GLY U 22 61.90 -68.45 26.13
C GLY U 22 62.00 -69.48 27.23
N ALA U 23 63.23 -69.93 27.47
CA ALA U 23 63.51 -70.93 28.48
C ALA U 23 64.98 -70.83 28.85
N SER U 24 65.34 -71.58 29.89
CA SER U 24 66.71 -71.60 30.39
C SER U 24 66.81 -72.69 31.44
N GLN U 25 67.99 -73.28 31.56
CA GLN U 25 68.19 -74.35 32.52
C GLN U 25 67.89 -73.85 33.92
N ASP U 26 67.40 -74.75 34.76
CA ASP U 26 67.08 -74.39 36.14
C ASP U 26 68.39 -74.17 36.88
N TYR U 27 68.83 -72.92 36.92
CA TYR U 27 70.11 -72.57 37.51
C TYR U 27 69.97 -72.00 38.91
N SER U 28 68.77 -72.03 39.49
CA SER U 28 68.57 -71.56 40.86
C SER U 28 68.73 -72.70 41.86
N THR U 29 67.94 -73.75 41.68
CA THR U 29 67.93 -74.88 42.61
C THR U 29 68.92 -75.93 42.13
N ARG U 30 70.09 -75.97 42.75
CA ARG U 30 71.11 -76.94 42.42
C ARG U 30 71.86 -77.33 43.69
N MET U 31 72.26 -78.60 43.77
CA MET U 31 72.96 -79.12 44.93
C MET U 31 74.46 -79.09 44.65
N ASN U 32 75.20 -78.41 45.52
CA ASN U 32 76.64 -78.20 45.33
C ASN U 32 77.40 -79.44 45.78
N TRP U 33 77.24 -80.51 45.04
CA TRP U 33 77.86 -81.78 45.42
C TRP U 33 79.33 -81.79 45.22
N LEU U 34 80.01 -80.70 44.85
CA LEU U 34 81.42 -80.78 44.49
C LEU U 34 82.30 -81.18 45.66
N SER U 35 81.81 -81.13 46.89
CA SER U 35 82.58 -81.53 48.05
C SER U 35 82.15 -82.88 48.61
N ALA U 36 81.33 -83.62 47.90
CA ALA U 36 80.84 -84.92 48.35
C ALA U 36 81.68 -86.05 47.78
N GLY U 37 81.63 -87.19 48.44
CA GLY U 37 82.35 -88.36 48.01
C GLY U 37 81.60 -89.08 46.91
N PRO U 38 82.18 -90.15 46.39
CA PRO U 38 81.47 -90.90 45.33
C PRO U 38 80.19 -91.54 45.80
N SER U 39 80.01 -91.74 47.10
CA SER U 39 78.80 -92.36 47.60
C SER U 39 77.62 -91.39 47.55
N MET U 40 77.84 -90.14 47.96
CA MET U 40 76.77 -89.16 47.93
C MET U 40 76.41 -88.77 46.50
N ILE U 41 77.39 -88.75 45.60
CA ILE U 41 77.10 -88.39 44.22
C ILE U 41 76.13 -89.38 43.60
N SER U 42 76.26 -90.66 43.94
CA SER U 42 75.32 -91.65 43.44
C SER U 42 73.91 -91.35 43.92
N ARG U 43 73.77 -90.80 45.12
CA ARG U 43 72.46 -90.43 45.62
C ARG U 43 71.96 -89.15 44.97
N VAL U 44 72.85 -88.19 44.73
CA VAL U 44 72.46 -86.94 44.11
C VAL U 44 71.94 -87.18 42.70
N ASN U 45 72.61 -88.04 41.93
CA ASN U 45 72.12 -88.37 40.60
C ASN U 45 70.76 -89.06 40.68
N GLY U 46 70.58 -89.93 41.66
CA GLY U 46 69.28 -90.57 41.82
C GLY U 46 68.18 -89.57 42.08
N VAL U 47 68.51 -88.48 42.77
CA VAL U 47 67.54 -87.42 42.99
C VAL U 47 67.24 -86.70 41.68
N ARG U 48 68.28 -86.36 40.92
CA ARG U 48 68.07 -85.60 39.68
C ARG U 48 67.49 -86.48 38.60
N SER U 49 67.80 -87.78 38.60
CA SER U 49 67.15 -88.69 37.68
C SER U 49 65.68 -88.86 38.05
N HIS U 50 65.35 -88.65 39.33
CA HIS U 50 63.96 -88.75 39.76
C HIS U 50 63.18 -87.52 39.34
N ARG U 51 63.85 -86.37 39.28
CA ARG U 51 63.17 -85.14 38.86
C ARG U 51 62.80 -85.20 37.39
N ASN U 52 63.74 -85.59 36.54
CA ASN U 52 63.46 -85.65 35.11
C ASN U 52 62.40 -86.69 34.80
N GLN U 53 62.32 -87.74 35.63
CA GLN U 53 61.33 -88.77 35.39
C GLN U 53 59.93 -88.27 35.70
N ILE U 54 59.79 -87.39 36.69
CA ILE U 54 58.48 -86.83 37.01
C ILE U 54 58.03 -85.87 35.93
N LEU U 55 58.92 -84.97 35.49
CA LEU U 55 58.53 -83.94 34.54
C LEU U 55 58.08 -84.55 33.22
N LEU U 56 58.53 -85.76 32.91
CA LEU U 56 58.06 -86.43 31.70
C LEU U 56 56.66 -86.99 31.90
N GLU U 57 56.35 -87.47 33.11
CA GLU U 57 55.02 -87.96 33.38
C GLU U 57 54.03 -86.82 33.52
N GLN U 58 54.44 -85.74 34.18
CA GLN U 58 53.55 -84.61 34.38
C GLN U 58 53.20 -83.94 33.07
N ALA U 59 54.17 -83.83 32.16
CA ALA U 59 53.91 -83.24 30.85
C ALA U 59 52.91 -84.08 30.06
N ALA U 60 53.05 -85.41 30.12
CA ALA U 60 52.13 -86.27 29.39
C ALA U 60 50.72 -86.21 29.98
N VAL U 61 50.61 -86.15 31.29
CA VAL U 61 49.30 -86.17 31.94
C VAL U 61 48.56 -84.86 31.69
N THR U 62 49.25 -83.73 31.83
CA THR U 62 48.62 -82.43 31.89
C THR U 62 48.66 -81.66 30.58
N SER U 63 49.84 -81.44 30.02
CA SER U 63 49.99 -80.53 28.90
C SER U 63 49.26 -81.04 27.66
N THR U 64 48.76 -80.10 26.87
CA THR U 64 48.05 -80.42 25.64
C THR U 64 49.03 -80.78 24.54
N PRO U 65 48.90 -81.95 23.91
CA PRO U 65 49.82 -82.31 22.83
C PRO U 65 49.68 -81.34 21.66
N ARG U 66 50.82 -80.96 21.07
CA ARG U 66 50.83 -79.98 20.01
C ARG U 66 52.04 -80.21 19.12
N ALA U 67 51.95 -79.70 17.90
CA ALA U 67 53.03 -79.90 16.93
C ALA U 67 54.30 -79.18 17.36
N LYS U 68 54.19 -77.90 17.69
CA LYS U 68 55.32 -77.09 18.11
C LYS U 68 55.06 -76.52 19.48
N LEU U 69 56.04 -76.62 20.37
CA LEU U 69 55.92 -76.05 21.69
C LEU U 69 56.01 -74.52 21.61
N ASN U 70 55.28 -73.86 22.49
CA ASN U 70 55.13 -72.40 22.52
C ASN U 70 54.57 -71.89 21.20
N PRO U 71 53.31 -72.16 20.89
CA PRO U 71 52.71 -71.57 19.70
C PRO U 71 52.42 -70.09 19.92
N ARG U 72 52.33 -69.36 18.81
CA ARG U 72 52.12 -67.93 18.88
C ARG U 72 50.67 -67.56 19.15
N ASN U 73 49.74 -68.51 19.04
CA ASN U 73 48.32 -68.22 19.19
C ASN U 73 47.58 -69.51 19.41
N TRP U 74 46.73 -69.56 20.41
CA TRP U 74 46.01 -70.78 20.72
C TRP U 74 44.61 -70.75 20.14
N PRO U 75 44.12 -71.88 19.64
CA PRO U 75 42.76 -71.91 19.11
C PRO U 75 41.74 -71.77 20.23
N SER U 76 40.57 -71.27 19.85
CA SER U 76 39.52 -71.01 20.83
C SER U 76 38.94 -72.27 21.45
N THR U 77 39.42 -73.45 21.07
CA THR U 77 38.97 -74.70 21.67
C THR U 77 39.89 -75.19 22.77
N LEU U 78 41.05 -74.57 22.96
CA LEU U 78 42.02 -74.99 23.96
C LEU U 78 42.24 -73.97 25.07
N VAL U 79 41.67 -72.79 24.97
CA VAL U 79 41.80 -71.77 25.99
C VAL U 79 40.61 -71.85 26.93
N TYR U 80 40.88 -71.86 28.24
CA TYR U 80 39.82 -71.95 29.22
C TYR U 80 38.79 -70.85 29.02
N GLN U 81 37.58 -71.24 28.65
CA GLN U 81 36.49 -70.30 28.41
C GLN U 81 35.65 -70.17 29.67
N GLU U 82 35.46 -68.94 30.13
CA GLU U 82 34.61 -68.69 31.29
C GLU U 82 33.17 -68.64 30.81
N ILE U 83 32.40 -69.68 31.11
CA ILE U 83 31.02 -69.78 30.65
C ILE U 83 30.09 -69.71 31.85
N PRO U 84 29.48 -68.55 32.10
CA PRO U 84 28.52 -68.44 33.21
C PRO U 84 27.11 -68.75 32.76
N GLY U 85 26.28 -69.06 33.75
CA GLY U 85 24.89 -69.39 33.50
C GLY U 85 24.11 -68.19 33.02
N PRO U 86 23.03 -68.44 32.27
CA PRO U 86 22.19 -67.34 31.80
C PRO U 86 21.60 -66.56 32.95
N THR U 87 21.56 -65.24 32.79
CA THR U 87 20.97 -64.37 33.80
C THR U 87 19.48 -64.21 33.54
N THR U 88 18.73 -64.04 34.62
CA THR U 88 17.29 -63.82 34.55
C THR U 88 16.96 -62.49 35.21
N VAL U 89 16.02 -61.77 34.62
CA VAL U 89 15.58 -60.48 35.13
C VAL U 89 14.09 -60.54 35.38
N LEU U 90 13.68 -60.11 36.58
CA LEU U 90 12.27 -59.96 36.90
C LEU U 90 11.89 -58.53 36.56
N LEU U 91 11.22 -58.35 35.43
CA LEU U 91 10.91 -57.01 34.97
C LEU U 91 9.98 -56.31 35.95
N PRO U 92 10.32 -55.13 36.43
CA PRO U 92 9.50 -54.48 37.46
C PRO U 92 8.14 -54.02 36.97
N ARG U 93 8.10 -53.25 35.88
CA ARG U 93 6.87 -52.61 35.47
C ARG U 93 6.13 -53.47 34.44
N ASP U 94 4.90 -53.04 34.13
CA ASP U 94 4.13 -53.59 33.03
C ASP U 94 3.87 -52.43 32.07
N ALA U 95 4.12 -52.66 30.79
CA ALA U 95 4.03 -51.57 29.81
C ALA U 95 2.59 -51.19 29.55
N LEU U 96 1.71 -52.18 29.37
CA LEU U 96 0.34 -51.89 28.96
C LEU U 96 -0.46 -51.28 30.11
N ALA U 97 -0.35 -51.85 31.31
CA ALA U 97 -1.16 -51.39 32.43
C ALA U 97 -0.82 -49.96 32.81
N GLU U 98 0.47 -49.62 32.82
CA GLU U 98 0.86 -48.27 33.19
C GLU U 98 0.38 -47.25 32.15
N VAL U 99 0.30 -47.68 30.89
CA VAL U 99 -0.21 -46.78 29.86
C VAL U 99 -1.69 -46.54 30.05
N ARG U 100 -2.46 -47.61 30.29
CA ARG U 100 -3.90 -47.45 30.46
C ARG U 100 -4.23 -46.66 31.72
N MET U 101 -3.52 -46.93 32.81
CA MET U 101 -3.78 -46.22 34.06
C MET U 101 -3.47 -44.74 33.92
N THR U 102 -2.33 -44.41 33.29
CA THR U 102 -1.93 -43.02 33.18
C THR U 102 -2.88 -42.23 32.30
N ASN U 103 -3.33 -42.83 31.19
CA ASN U 103 -4.22 -42.12 30.28
C ASN U 103 -5.55 -41.80 30.94
N SER U 104 -5.93 -42.55 31.97
CA SER U 104 -7.23 -42.35 32.59
C SER U 104 -7.19 -41.26 33.66
N GLY U 105 -6.00 -40.78 33.99
CA GLY U 105 -5.89 -39.72 34.98
C GLY U 105 -5.00 -40.08 36.15
N VAL U 106 -4.88 -41.37 36.43
CA VAL U 106 -4.06 -41.83 37.56
C VAL U 106 -2.60 -41.48 37.28
N GLN U 107 -1.93 -40.92 38.29
CA GLN U 107 -0.51 -40.64 38.20
C GLN U 107 0.22 -41.50 39.22
N LEU U 108 1.16 -42.30 38.75
CA LEU U 108 1.86 -43.27 39.58
C LEU U 108 3.05 -42.62 40.28
N ALA U 109 3.57 -43.32 41.28
CA ALA U 109 4.72 -42.84 42.04
C ALA U 109 5.34 -44.02 42.77
N GLY U 110 6.65 -44.18 42.65
CA GLY U 110 7.35 -45.26 43.32
C GLY U 110 7.42 -46.53 42.50
N SER U 142 15.94 -60.92 21.31
CA SER U 142 15.10 -62.09 21.01
C SER U 142 15.38 -63.21 22.01
N SER U 143 15.80 -62.84 23.22
CA SER U 143 16.18 -63.85 24.20
C SER U 143 15.01 -64.71 24.65
N ILE U 144 14.06 -64.14 25.40
CA ILE U 144 12.86 -64.86 25.83
C ILE U 144 11.83 -63.86 26.35
N GLY U 145 10.57 -64.02 25.94
CA GLY U 145 9.46 -63.28 26.51
C GLY U 145 8.63 -64.00 27.55
N LEU U 146 9.25 -64.56 28.58
CA LEU U 146 8.50 -65.32 29.57
C LEU U 146 7.63 -64.37 30.40
N ARG U 147 6.35 -64.74 30.55
CA ARG U 147 5.37 -63.90 31.26
C ARG U 147 4.57 -64.73 32.25
N PRO U 148 5.14 -65.03 33.41
CA PRO U 148 4.36 -65.68 34.47
C PRO U 148 3.35 -64.73 35.09
N ASP U 149 2.37 -65.31 35.77
CA ASP U 149 1.35 -64.52 36.47
C ASP U 149 1.52 -64.64 37.97
N GLY U 158 9.31 -52.95 41.95
CA GLY U 158 8.56 -54.07 42.49
C GLY U 158 7.18 -54.24 41.86
N ARG U 159 6.38 -55.12 42.44
CA ARG U 159 5.05 -55.40 41.91
C ARG U 159 4.13 -54.20 42.11
N SER U 160 3.04 -54.20 41.35
CA SER U 160 2.02 -53.18 41.44
C SER U 160 0.65 -53.83 41.57
N SER U 161 -0.26 -53.16 42.28
CA SER U 161 -1.53 -53.78 42.63
C SER U 161 -2.50 -53.87 41.46
N PHE U 162 -2.34 -53.02 40.45
CA PHE U 162 -3.29 -52.92 39.36
C PHE U 162 -3.01 -53.89 38.22
N THR U 163 -2.05 -54.79 38.38
CA THR U 163 -1.80 -55.78 37.35
C THR U 163 -1.25 -57.06 37.95
N PRO U 164 -1.88 -58.19 37.70
CA PRO U 164 -1.31 -59.49 38.10
C PRO U 164 -0.42 -60.10 37.01
N ASN U 165 0.54 -59.31 36.52
CA ASN U 165 1.39 -59.73 35.43
C ASN U 165 2.85 -59.44 35.75
N GLN U 166 3.70 -60.41 35.50
CA GLN U 166 5.14 -60.26 35.67
C GLN U 166 5.82 -60.85 34.44
N ALA U 167 7.02 -60.35 34.15
CA ALA U 167 7.74 -60.77 32.95
C ALA U 167 9.13 -61.23 33.35
N TYR U 168 9.51 -62.40 32.85
CA TYR U 168 10.86 -62.93 33.03
C TYR U 168 11.66 -62.71 31.76
N LEU U 169 12.88 -62.22 31.91
CA LEU U 169 13.78 -61.99 30.78
C LEU U 169 15.04 -62.81 31.03
N THR U 170 15.23 -63.86 30.25
CA THR U 170 16.38 -64.75 30.38
C THR U 170 17.36 -64.42 29.27
N LEU U 171 18.52 -63.88 29.65
CA LEU U 171 19.53 -63.43 28.70
C LEU U 171 20.74 -64.33 28.73
N GLN U 172 21.45 -64.40 27.60
CA GLN U 172 22.75 -65.05 27.57
C GLN U 172 23.79 -64.14 28.18
N SER U 173 24.58 -64.66 29.10
CA SER U 173 25.53 -63.86 29.85
C SER U 173 26.97 -64.08 29.42
N SER U 174 27.21 -64.80 28.34
CA SER U 174 28.55 -65.10 27.87
C SER U 174 28.83 -64.35 26.57
N SER U 175 30.11 -64.22 26.25
CA SER U 175 30.54 -63.46 25.10
C SER U 175 29.94 -64.03 23.82
N SER U 176 29.81 -63.17 22.81
CA SER U 176 29.27 -63.61 21.53
C SER U 176 30.20 -64.61 20.87
N GLU U 177 31.52 -64.42 21.00
CA GLU U 177 32.48 -65.34 20.42
C GLU U 177 33.54 -65.71 21.44
N PRO U 178 34.03 -66.95 21.40
CA PRO U 178 35.06 -67.36 22.37
C PRO U 178 36.40 -66.70 22.09
N ARG U 179 37.20 -66.60 23.14
CA ARG U 179 38.49 -65.94 23.03
C ARG U 179 39.56 -66.91 22.54
N SER U 180 40.54 -66.39 21.82
CA SER U 180 41.61 -67.22 21.29
C SER U 180 43.00 -66.58 21.34
N GLY U 181 43.20 -65.48 22.04
CA GLY U 181 44.48 -64.81 22.00
C GLY U 181 45.64 -65.58 22.62
N GLY U 182 45.63 -65.71 23.94
CA GLY U 182 46.73 -66.34 24.64
C GLY U 182 46.25 -66.91 25.95
N ILE U 183 47.05 -67.79 26.52
CA ILE U 183 46.65 -68.51 27.72
C ILE U 183 46.86 -67.63 28.95
N GLY U 184 46.11 -67.94 30.00
CA GLY U 184 46.18 -67.16 31.22
C GLY U 184 47.36 -67.55 32.08
N THR U 185 47.14 -67.68 33.39
CA THR U 185 48.16 -68.12 34.31
C THR U 185 47.90 -69.51 34.86
N LEU U 186 46.65 -69.80 35.22
CA LEU U 186 46.32 -71.14 35.71
C LEU U 186 46.47 -72.17 34.60
N GLN U 187 46.43 -71.71 33.35
CA GLN U 187 46.65 -72.64 32.25
C GLN U 187 48.11 -72.66 31.81
N PHE U 188 48.83 -71.55 32.00
CA PHE U 188 50.24 -71.55 31.66
C PHE U 188 51.00 -72.58 32.46
N VAL U 189 50.73 -72.66 33.77
CA VAL U 189 51.42 -73.59 34.62
C VAL U 189 51.06 -75.03 34.28
N GLU U 190 50.05 -75.22 33.43
CA GLU U 190 49.64 -76.58 33.06
C GLU U 190 50.18 -76.97 31.69
N GLU U 191 50.17 -76.06 30.73
CA GLU U 191 50.64 -76.36 29.39
C GLU U 191 52.14 -76.24 29.25
N PHE U 192 52.83 -75.71 30.25
CA PHE U 192 54.26 -75.43 30.10
C PHE U 192 55.09 -75.94 31.27
N VAL U 193 54.92 -77.21 31.62
CA VAL U 193 55.78 -77.82 32.64
C VAL U 193 57.19 -77.85 32.06
N PRO U 194 58.22 -77.82 32.90
CA PRO U 194 59.59 -77.77 32.37
C PRO U 194 59.89 -78.99 31.50
N SER U 195 60.67 -78.77 30.46
CA SER U 195 60.94 -79.79 29.46
C SER U 195 62.37 -80.29 29.65
N VAL U 196 62.52 -81.60 29.78
CA VAL U 196 63.82 -82.23 29.87
C VAL U 196 64.34 -82.42 28.45
N TYR U 197 65.61 -82.08 28.24
CA TYR U 197 66.22 -82.11 26.91
C TYR U 197 67.38 -83.11 26.94
N PHE U 198 67.17 -84.30 26.40
CA PHE U 198 68.20 -85.33 26.36
C PHE U 198 69.02 -85.19 25.10
N ASN U 199 70.34 -85.28 25.24
CA ASN U 199 71.28 -85.11 24.13
C ASN U 199 70.92 -83.84 23.35
N PRO U 200 71.11 -82.67 23.95
CA PRO U 200 70.41 -81.48 23.47
C PRO U 200 70.67 -81.13 22.01
N PHE U 201 71.92 -80.84 21.66
CA PHE U 201 72.21 -80.34 20.32
C PHE U 201 72.96 -81.43 19.56
N SER U 202 72.19 -82.29 18.91
CA SER U 202 72.71 -83.48 18.25
C SER U 202 71.98 -83.69 16.94
N GLY U 203 72.60 -83.27 15.84
CA GLY U 203 72.08 -83.57 14.52
C GLY U 203 70.88 -82.75 14.10
N SER U 204 70.79 -82.49 12.79
CA SER U 204 69.68 -81.79 12.17
C SER U 204 69.44 -80.44 12.85
N PRO U 205 70.29 -79.45 12.61
CA PRO U 205 70.11 -78.14 13.25
C PRO U 205 68.74 -77.53 13.00
N GLY U 206 68.01 -78.04 12.01
CA GLY U 206 66.64 -77.62 11.82
C GLY U 206 65.71 -78.12 12.90
N LEU U 207 66.11 -79.15 13.64
CA LEU U 207 65.29 -79.71 14.70
C LEU U 207 65.66 -79.19 16.09
N TYR U 208 66.63 -78.30 16.18
CA TYR U 208 66.94 -77.71 17.47
C TYR U 208 65.72 -76.96 17.99
N PRO U 209 65.41 -77.04 19.27
CA PRO U 209 64.27 -76.29 19.78
C PRO U 209 64.62 -74.81 19.86
N ASP U 210 64.11 -74.04 18.91
CA ASP U 210 64.40 -72.62 18.90
C ASP U 210 63.48 -71.84 19.84
N GLU U 211 62.45 -72.49 20.36
CA GLU U 211 61.57 -71.83 21.33
C GLU U 211 62.31 -71.47 22.61
N PHE U 212 63.45 -72.10 22.86
CA PHE U 212 64.24 -71.85 24.06
C PHE U 212 65.04 -70.57 23.97
N ILE U 213 64.73 -69.69 23.01
CA ILE U 213 65.44 -68.45 22.82
C ILE U 213 64.46 -67.31 23.11
N PRO U 214 64.78 -66.40 24.01
CA PRO U 214 63.79 -65.37 24.39
C PRO U 214 63.33 -64.51 23.23
N ASN U 215 64.20 -64.21 22.27
CA ASN U 215 63.88 -63.32 21.16
C ASN U 215 63.79 -64.06 19.83
N PHE U 216 63.25 -65.27 19.85
CA PHE U 216 62.96 -66.00 18.63
C PHE U 216 61.61 -65.56 18.08
N ASP U 217 61.39 -65.84 16.79
CA ASP U 217 60.13 -65.50 16.15
C ASP U 217 59.66 -66.73 15.38
N ALA U 218 58.48 -67.23 15.75
CA ALA U 218 58.01 -68.49 15.17
C ALA U 218 57.67 -68.34 13.70
N VAL U 219 56.90 -67.31 13.35
CA VAL U 219 56.40 -67.19 11.98
C VAL U 219 57.55 -66.90 11.02
N ARG U 220 58.37 -65.91 11.35
CA ARG U 220 59.50 -65.58 10.50
C ARG U 220 60.61 -66.61 10.55
N GLU U 221 60.62 -67.46 11.58
CA GLU U 221 61.66 -68.47 11.76
C GLU U 221 63.04 -67.84 11.78
N ALA U 222 63.16 -66.71 12.47
CA ALA U 222 64.43 -66.01 12.56
C ALA U 222 64.43 -65.12 13.79
N VAL U 223 65.59 -65.06 14.43
CA VAL U 223 65.79 -64.23 15.62
C VAL U 223 65.74 -62.77 15.20
N ASP U 224 64.95 -61.98 15.94
CA ASP U 224 64.70 -60.60 15.57
C ASP U 224 65.04 -59.67 16.74
N GLY U 225 65.12 -58.38 16.43
CA GLY U 225 65.26 -57.38 17.47
C GLY U 225 66.14 -56.21 17.09
N TYR U 226 65.64 -55.00 17.31
CA TYR U 226 66.44 -53.81 17.17
C TYR U 226 67.50 -53.68 18.25
N ASP U 227 67.18 -54.13 19.46
CA ASP U 227 68.04 -53.95 20.62
C ASP U 227 68.34 -52.48 20.83
N GLU V 2 -18.76 -43.84 -47.57
CA GLU V 2 -18.33 -43.29 -48.85
C GLU V 2 -16.85 -42.91 -48.84
N ASP V 3 -16.22 -42.97 -50.00
CA ASP V 3 -14.83 -42.56 -50.16
C ASP V 3 -14.67 -41.75 -51.44
N ILE V 4 -15.60 -40.84 -51.70
CA ILE V 4 -15.52 -40.01 -52.90
C ILE V 4 -14.29 -39.11 -52.80
N ASN V 5 -13.77 -38.73 -53.97
CA ASN V 5 -12.58 -37.91 -54.07
C ASN V 5 -12.95 -36.51 -54.53
N PHE V 6 -12.45 -35.50 -53.81
CA PHE V 6 -12.80 -34.10 -54.05
C PHE V 6 -11.66 -33.43 -54.80
N ALA V 7 -11.95 -32.94 -56.00
CA ALA V 7 -11.02 -32.14 -56.78
C ALA V 7 -11.23 -30.67 -56.40
N SER V 8 -10.69 -29.74 -57.19
CA SER V 8 -10.77 -28.32 -56.88
C SER V 8 -11.62 -27.59 -57.91
N LEU V 9 -12.22 -26.49 -57.47
CA LEU V 9 -13.29 -25.81 -58.21
C LEU V 9 -12.80 -25.04 -59.44
N ALA V 10 -11.73 -24.24 -59.29
CA ALA V 10 -11.06 -23.67 -60.46
C ALA V 10 -11.98 -22.80 -61.32
N PRO V 11 -12.18 -21.51 -60.97
CA PRO V 11 -13.06 -20.64 -61.76
C PRO V 11 -13.04 -20.88 -63.26
N ARG V 12 -14.21 -21.06 -63.84
CA ARG V 12 -14.35 -21.68 -65.16
C ARG V 12 -14.38 -20.63 -66.27
N HIS V 13 -13.54 -20.83 -67.28
CA HIS V 13 -13.64 -20.10 -68.54
C HIS V 13 -14.30 -21.02 -69.55
N GLY V 14 -15.63 -21.10 -69.47
CA GLY V 14 -16.37 -22.05 -70.28
C GLY V 14 -16.54 -23.36 -69.55
N THR V 15 -16.65 -24.46 -70.29
CA THR V 15 -16.73 -25.77 -69.64
C THR V 15 -15.44 -26.12 -68.91
N ARG V 16 -14.29 -25.77 -69.49
CA ARG V 16 -13.02 -26.10 -68.89
C ARG V 16 -12.84 -25.33 -67.58
N PRO V 17 -12.25 -25.94 -66.55
CA PRO V 17 -12.10 -25.24 -65.27
C PRO V 17 -11.01 -24.19 -65.25
N PHE V 18 -10.20 -24.06 -66.30
CA PHE V 18 -9.16 -23.04 -66.36
C PHE V 18 -8.25 -23.11 -65.14
N MET V 19 -7.53 -24.23 -65.03
CA MET V 19 -6.64 -24.44 -63.89
C MET V 19 -5.52 -23.41 -63.85
N GLY V 20 -4.65 -23.44 -64.84
CA GLY V 20 -3.50 -22.54 -64.89
C GLY V 20 -2.20 -23.30 -65.02
N THR V 21 -1.12 -22.54 -65.16
CA THR V 21 0.21 -23.07 -65.39
C THR V 21 0.95 -23.23 -64.07
N TRP V 22 2.18 -23.73 -64.16
CA TRP V 22 3.03 -23.95 -62.99
C TRP V 22 3.80 -22.66 -62.71
N ASN V 23 3.25 -21.85 -61.80
CA ASN V 23 3.85 -20.57 -61.43
C ASN V 23 4.22 -20.50 -59.96
N GLU V 24 4.57 -21.64 -59.36
CA GLU V 24 5.02 -21.68 -57.96
C GLU V 24 6.50 -21.31 -57.88
N ILE V 25 6.81 -20.10 -58.35
CA ILE V 25 8.17 -19.62 -58.46
C ILE V 25 8.38 -18.54 -57.39
N GLY V 26 9.44 -18.68 -56.62
CA GLY V 26 9.73 -17.72 -55.57
C GLY V 26 11.15 -17.20 -55.62
N THR V 27 11.69 -16.99 -56.82
CA THR V 27 13.06 -16.56 -57.00
C THR V 27 13.10 -15.07 -57.34
N SER V 28 13.77 -14.29 -56.50
CA SER V 28 13.98 -12.87 -56.76
C SER V 28 15.45 -12.54 -57.02
N GLN V 29 16.31 -12.80 -56.04
CA GLN V 29 17.75 -12.91 -56.30
C GLN V 29 18.35 -11.68 -56.96
N LEU V 30 18.52 -10.60 -56.20
CA LEU V 30 19.01 -9.31 -56.67
C LEU V 30 20.04 -9.43 -57.79
N ASN V 31 20.98 -10.36 -57.65
CA ASN V 31 22.00 -10.64 -58.66
C ASN V 31 21.53 -10.46 -60.10
N PHE W 6 -8.44 -29.04 -90.95
CA PHE W 6 -7.03 -28.73 -91.09
C PHE W 6 -6.81 -27.75 -92.23
N ALA W 7 -7.55 -26.65 -92.21
CA ALA W 7 -7.51 -25.70 -93.31
C ALA W 7 -6.19 -24.92 -93.28
N SER W 8 -5.20 -25.38 -94.04
CA SER W 8 -3.89 -24.74 -94.07
C SER W 8 -3.83 -23.75 -95.23
N LEU W 9 -4.29 -22.53 -94.94
CA LEU W 9 -4.16 -21.38 -95.83
C LEU W 9 -3.51 -20.23 -95.08
N ALA W 10 -2.75 -20.55 -94.07
CA ALA W 10 -2.00 -19.81 -93.08
C ALA W 10 -0.56 -19.60 -93.53
N PRO W 11 0.09 -18.53 -93.08
CA PRO W 11 1.48 -18.30 -93.46
C PRO W 11 2.36 -19.44 -93.00
N ARG W 12 3.42 -19.70 -93.74
CA ARG W 12 4.36 -20.75 -93.41
C ARG W 12 5.53 -20.19 -92.63
N HIS W 13 6.31 -21.10 -92.04
CA HIS W 13 7.59 -20.74 -91.45
C HIS W 13 8.67 -21.65 -92.03
N GLY W 14 8.70 -21.73 -93.34
CA GLY W 14 9.55 -22.68 -94.05
C GLY W 14 8.76 -23.93 -94.36
N THR W 15 8.38 -24.63 -93.31
CA THR W 15 7.35 -25.66 -93.37
C THR W 15 6.60 -25.55 -92.05
N ARG W 16 5.69 -26.50 -91.80
CA ARG W 16 5.03 -26.52 -90.50
C ARG W 16 4.27 -25.20 -90.28
N PRO W 17 3.08 -25.05 -90.88
CA PRO W 17 2.39 -23.75 -90.91
C PRO W 17 2.39 -22.98 -89.60
N PHE W 18 2.24 -21.67 -89.68
CA PHE W 18 2.79 -20.75 -88.68
C PHE W 18 2.40 -21.08 -87.26
N MET W 19 1.13 -20.93 -86.90
CA MET W 19 0.73 -21.08 -85.51
C MET W 19 -0.77 -20.93 -85.39
N GLY W 20 -1.28 -21.26 -84.21
CA GLY W 20 -2.62 -20.93 -83.80
C GLY W 20 -2.96 -21.67 -82.53
N THR W 21 -3.52 -20.97 -81.55
CA THR W 21 -3.91 -21.61 -80.30
C THR W 21 -5.38 -21.95 -80.38
N TRP W 22 -5.70 -23.22 -80.08
CA TRP W 22 -7.08 -23.67 -80.25
C TRP W 22 -8.01 -22.91 -79.46
N ASN W 23 -7.57 -22.46 -78.33
CA ASN W 23 -8.42 -21.70 -77.50
C ASN W 23 -8.08 -20.24 -77.59
N GLU W 24 -8.81 -19.46 -78.35
CA GLU W 24 -8.58 -18.06 -78.33
C GLU W 24 -9.71 -17.21 -78.84
N ILE W 25 -10.82 -17.76 -79.27
CA ILE W 25 -11.94 -16.91 -79.65
C ILE W 25 -12.53 -16.16 -78.38
N GLY W 26 -12.91 -14.85 -78.38
CA GLY W 26 -13.23 -14.06 -77.13
C GLY W 26 -14.12 -13.07 -76.34
N THR W 27 -13.92 -12.94 -75.01
CA THR W 27 -14.72 -12.11 -74.05
C THR W 27 -14.16 -10.99 -73.12
N SER W 28 -14.85 -9.85 -72.96
CA SER W 28 -14.41 -8.78 -72.10
C SER W 28 -15.60 -7.94 -71.76
N GLN W 29 -15.70 -7.33 -70.58
CA GLN W 29 -16.78 -6.41 -70.29
C GLN W 29 -16.27 -5.40 -69.36
N LEU W 30 -17.12 -4.55 -68.83
CA LEU W 30 -16.65 -3.45 -68.01
C LEU W 30 -16.05 -3.90 -66.81
N ASN W 31 -16.61 -4.91 -66.20
CA ASN W 31 -16.02 -5.48 -64.99
C ASN W 31 -14.54 -5.43 -65.11
N ASN X 5 -33.37 -40.63 -9.40
CA ASN X 5 -32.12 -40.25 -10.07
C ASN X 5 -31.73 -38.82 -9.75
N PHE X 6 -32.53 -37.86 -10.23
CA PHE X 6 -32.31 -36.46 -9.95
C PHE X 6 -33.18 -35.93 -8.83
N ALA X 7 -33.99 -36.78 -8.19
CA ALA X 7 -34.79 -36.35 -7.06
C ALA X 7 -33.93 -35.98 -5.86
N SER X 8 -32.70 -36.48 -5.79
CA SER X 8 -31.81 -36.19 -4.67
C SER X 8 -31.37 -34.73 -4.61
N LEU X 9 -31.57 -33.97 -5.69
CA LEU X 9 -31.20 -32.57 -5.71
C LEU X 9 -32.31 -31.66 -5.22
N ALA X 10 -33.48 -32.21 -4.91
CA ALA X 10 -34.57 -31.29 -4.58
C ALA X 10 -34.75 -31.19 -3.07
N PRO X 11 -35.12 -30.01 -2.57
CA PRO X 11 -35.40 -29.87 -1.14
C PRO X 11 -36.52 -30.79 -0.72
N ARG X 12 -36.39 -31.35 0.46
CA ARG X 12 -37.36 -32.31 0.98
C ARG X 12 -38.29 -31.61 1.95
N HIS X 13 -39.59 -31.67 1.66
CA HIS X 13 -40.63 -31.11 2.53
C HIS X 13 -41.26 -32.18 3.40
N GLY X 14 -40.47 -33.13 3.86
CA GLY X 14 -40.97 -34.24 4.65
C GLY X 14 -40.31 -35.54 4.26
N THR X 15 -41.11 -36.54 3.89
CA THR X 15 -40.59 -37.77 3.32
C THR X 15 -40.62 -37.75 1.80
N ARG X 16 -41.02 -36.65 1.20
CA ARG X 16 -41.14 -36.55 -0.25
C ARG X 16 -40.41 -35.31 -0.75
N PRO X 17 -39.82 -35.38 -1.93
CA PRO X 17 -39.14 -34.20 -2.49
C PRO X 17 -40.15 -33.15 -2.91
N PHE X 18 -39.66 -31.91 -3.01
CA PHE X 18 -40.47 -30.77 -3.41
C PHE X 18 -40.26 -30.54 -4.91
N MET X 19 -40.99 -31.32 -5.71
CA MET X 19 -40.88 -31.26 -7.17
C MET X 19 -42.26 -31.09 -7.79
N GLY X 20 -42.28 -30.99 -9.11
CA GLY X 20 -43.52 -30.86 -9.85
C GLY X 20 -43.61 -29.54 -10.60
N THR X 21 -44.84 -29.07 -10.84
CA THR X 21 -45.08 -27.73 -11.37
C THR X 21 -44.36 -27.54 -12.71
N TRP X 22 -44.87 -28.24 -13.72
CA TRP X 22 -44.23 -28.24 -15.03
C TRP X 22 -44.37 -26.87 -15.68
N ASN X 23 -43.69 -25.87 -15.10
CA ASN X 23 -43.71 -24.50 -15.58
C ASN X 23 -42.41 -24.11 -16.26
N GLU X 24 -41.69 -25.08 -16.82
CA GLU X 24 -40.45 -24.78 -17.51
C GLU X 24 -40.78 -24.10 -18.83
N ILE X 25 -41.17 -22.84 -18.77
CA ILE X 25 -41.79 -22.15 -19.89
C ILE X 25 -41.10 -20.81 -20.11
N GLY X 26 -41.44 -20.18 -21.22
CA GLY X 26 -41.13 -18.79 -21.44
C GLY X 26 -41.95 -18.24 -22.60
N THR X 27 -42.68 -17.16 -22.34
CA THR X 27 -43.55 -16.52 -23.33
C THR X 27 -43.58 -15.02 -22.99
N SER X 28 -42.70 -14.27 -23.64
CA SER X 28 -42.51 -12.87 -23.28
C SER X 28 -42.35 -12.06 -24.56
N GLN X 29 -43.44 -11.45 -25.00
CA GLN X 29 -43.43 -10.56 -26.15
C GLN X 29 -44.42 -9.43 -25.91
N LEU X 30 -44.22 -8.33 -26.63
CA LEU X 30 -45.09 -7.17 -26.44
C LEU X 30 -46.53 -7.50 -26.81
N ASN X 31 -46.74 -8.43 -27.74
CA ASN X 31 -48.08 -8.85 -28.17
C ASN X 31 -48.93 -7.68 -28.65
N ASP Y 3 -61.72 -37.71 -27.42
CA ASP Y 3 -60.83 -36.56 -27.31
C ASP Y 3 -61.49 -35.48 -26.46
N ILE Y 4 -61.25 -34.22 -26.82
CA ILE Y 4 -61.82 -33.08 -26.11
C ILE Y 4 -62.90 -32.37 -26.90
N ASN Y 5 -63.05 -32.67 -28.18
CA ASN Y 5 -64.23 -32.33 -28.99
C ASN Y 5 -64.34 -30.85 -29.33
N PHE Y 6 -63.55 -30.00 -28.70
CA PHE Y 6 -63.54 -28.59 -29.11
C PHE Y 6 -62.14 -28.00 -29.02
N ALA Y 7 -61.11 -28.83 -29.19
CA ALA Y 7 -59.75 -28.32 -29.15
C ALA Y 7 -59.47 -27.34 -30.28
N SER Y 8 -60.22 -27.42 -31.37
CA SER Y 8 -59.98 -26.58 -32.53
C SER Y 8 -60.19 -25.10 -32.24
N LEU Y 9 -60.95 -24.75 -31.20
CA LEU Y 9 -61.18 -23.36 -30.85
C LEU Y 9 -60.25 -22.86 -29.76
N ALA Y 10 -59.31 -23.69 -29.31
CA ALA Y 10 -58.60 -23.14 -28.15
C ALA Y 10 -57.14 -22.86 -28.50
N PRO Y 11 -56.56 -21.82 -27.90
CA PRO Y 11 -55.14 -21.54 -28.14
C PRO Y 11 -54.29 -22.70 -27.68
N ARG Y 12 -53.17 -22.90 -28.35
CA ARG Y 12 -52.28 -24.02 -28.08
C ARG Y 12 -51.00 -23.52 -27.44
N HIS Y 13 -50.62 -24.16 -26.34
CA HIS Y 13 -49.32 -23.91 -25.70
C HIS Y 13 -48.42 -25.08 -26.04
N GLY Y 14 -47.72 -24.97 -27.15
CA GLY Y 14 -46.89 -26.07 -27.64
C GLY Y 14 -47.66 -26.95 -28.63
N THR Y 15 -48.06 -28.13 -28.20
CA THR Y 15 -48.84 -29.04 -29.02
C THR Y 15 -50.25 -29.25 -28.51
N ARG Y 16 -50.41 -29.47 -27.26
CA ARG Y 16 -51.64 -29.65 -26.51
C ARG Y 16 -52.36 -28.31 -26.33
N PRO Y 17 -53.69 -28.30 -26.39
CA PRO Y 17 -54.43 -27.05 -26.26
C PRO Y 17 -54.38 -26.51 -24.84
N PHE Y 18 -54.75 -25.25 -24.71
CA PHE Y 18 -54.72 -24.58 -23.40
C PHE Y 18 -55.77 -25.14 -22.47
N MET Y 19 -57.05 -24.95 -22.80
CA MET Y 19 -58.18 -25.63 -22.18
C MET Y 19 -58.08 -25.63 -20.65
N GLY Y 20 -58.21 -24.43 -20.08
CA GLY Y 20 -58.13 -24.24 -18.65
C GLY Y 20 -59.08 -25.06 -17.81
N THR Y 21 -59.01 -24.90 -16.49
CA THR Y 21 -59.71 -25.78 -15.56
C THR Y 21 -61.22 -25.62 -15.68
N TRP Y 22 -61.94 -26.48 -14.94
CA TRP Y 22 -63.40 -26.50 -14.95
C TRP Y 22 -63.93 -25.51 -13.92
N ASN Y 23 -63.82 -24.23 -14.27
CA ASN Y 23 -64.36 -23.14 -13.48
C ASN Y 23 -65.54 -22.50 -14.20
N GLU Y 24 -66.53 -23.28 -14.63
CA GLU Y 24 -67.64 -22.74 -15.43
C GLU Y 24 -68.82 -22.45 -14.65
N ILE Y 25 -68.85 -21.36 -13.94
CA ILE Y 25 -69.93 -21.12 -13.06
C ILE Y 25 -69.90 -19.71 -12.77
N GLY Y 26 -70.86 -19.19 -12.03
CA GLY Y 26 -70.73 -17.83 -11.64
C GLY Y 26 -71.28 -17.52 -10.31
N THR Y 27 -70.64 -17.87 -9.21
CA THR Y 27 -71.28 -17.64 -7.90
C THR Y 27 -70.76 -16.65 -6.88
N SER Y 28 -71.48 -15.56 -6.63
CA SER Y 28 -71.06 -14.61 -5.66
C SER Y 28 -72.24 -13.76 -5.28
N GLN Y 29 -72.34 -13.29 -4.03
CA GLN Y 29 -73.39 -12.41 -3.57
C GLN Y 29 -72.87 -11.74 -2.35
N LEU Y 30 -73.42 -10.62 -1.93
CA LEU Y 30 -73.00 -9.92 -0.74
C LEU Y 30 -72.64 -10.90 0.36
N ASN Y 31 -73.47 -11.91 0.56
CA ASN Y 31 -73.16 -13.05 1.43
C ASN Y 31 -72.78 -12.62 2.83
N ILE Z 4 -40.90 -68.50 86.53
CA ILE Z 4 -41.88 -67.76 85.75
C ILE Z 4 -41.17 -66.73 84.87
N ASN Z 5 -41.96 -65.80 84.31
CA ASN Z 5 -41.44 -64.73 83.48
C ASN Z 5 -41.65 -63.41 84.20
N PHE Z 6 -40.62 -62.56 84.20
CA PHE Z 6 -40.68 -61.25 84.83
C PHE Z 6 -40.89 -60.13 83.83
N ALA Z 7 -41.26 -60.45 82.59
CA ALA Z 7 -41.55 -59.41 81.62
C ALA Z 7 -42.78 -58.60 81.99
N SER Z 8 -43.60 -59.09 82.92
CA SER Z 8 -44.77 -58.34 83.37
C SER Z 8 -44.39 -57.11 84.19
N LEU Z 9 -43.13 -56.98 84.60
CA LEU Z 9 -42.66 -55.84 85.36
C LEU Z 9 -41.97 -54.79 84.50
N ALA Z 10 -41.86 -55.02 83.20
CA ALA Z 10 -41.14 -54.02 82.42
C ALA Z 10 -42.13 -53.13 81.67
N PRO Z 11 -41.80 -51.85 81.51
CA PRO Z 11 -42.67 -50.96 80.73
C PRO Z 11 -42.79 -51.46 79.29
N ARG Z 12 -43.99 -51.31 78.73
CA ARG Z 12 -44.27 -51.78 77.39
C ARG Z 12 -44.20 -50.60 76.42
N HIS Z 13 -43.13 -50.56 75.63
CA HIS Z 13 -43.01 -49.56 74.56
C HIS Z 13 -43.68 -50.14 73.32
N GLY Z 14 -45.00 -49.99 73.29
CA GLY Z 14 -45.80 -50.61 72.26
C GLY Z 14 -46.55 -51.82 72.79
N THR Z 15 -46.28 -53.00 72.25
CA THR Z 15 -46.88 -54.23 72.73
C THR Z 15 -45.91 -55.14 73.45
N ARG Z 16 -44.64 -55.14 73.05
CA ARG Z 16 -43.64 -55.97 73.70
C ARG Z 16 -42.87 -55.16 74.75
N PRO Z 17 -42.47 -55.79 75.84
CA PRO Z 17 -41.82 -55.05 76.92
C PRO Z 17 -40.47 -54.48 76.48
N PHE Z 18 -40.06 -53.41 77.16
CA PHE Z 18 -38.79 -52.75 76.87
C PHE Z 18 -37.64 -53.73 76.98
N MET Z 19 -37.38 -54.23 78.20
CA MET Z 19 -36.42 -55.30 78.44
C MET Z 19 -35.04 -54.94 77.89
N GLY Z 20 -34.44 -53.93 78.52
CA GLY Z 20 -33.12 -53.46 78.14
C GLY Z 20 -32.06 -54.54 78.03
N THR Z 21 -30.97 -54.23 77.34
CA THR Z 21 -29.94 -55.23 77.06
C THR Z 21 -29.14 -55.56 78.31
N TRP Z 22 -28.13 -56.41 78.14
CA TRP Z 22 -27.33 -56.92 79.25
C TRP Z 22 -26.27 -55.90 79.68
N ASN Z 23 -26.75 -54.73 80.06
CA ASN Z 23 -25.92 -53.69 80.66
C ASN Z 23 -25.85 -53.83 82.17
N GLU Z 24 -26.47 -54.88 82.72
CA GLU Z 24 -26.53 -55.09 84.17
C GLU Z 24 -25.16 -55.60 84.64
N ILE Z 25 -24.23 -54.66 84.75
CA ILE Z 25 -22.86 -54.91 85.16
C ILE Z 25 -22.41 -53.75 86.05
N GLY Z 26 -21.20 -53.87 86.58
CA GLY Z 26 -20.54 -52.74 87.19
C GLY Z 26 -19.04 -52.93 87.20
N THR Z 27 -18.29 -51.98 86.62
CA THR Z 27 -16.84 -52.12 86.57
C THR Z 27 -16.24 -50.73 86.42
N SER Z 28 -15.71 -50.19 87.51
CA SER Z 28 -15.11 -48.86 87.48
C SER Z 28 -14.08 -48.77 88.59
N GLN Z 29 -12.92 -48.22 88.24
CA GLN Z 29 -11.85 -47.95 89.19
C GLN Z 29 -10.89 -46.98 88.51
N LEU Z 30 -9.83 -46.60 89.23
CA LEU Z 30 -8.97 -45.54 88.74
C LEU Z 30 -8.29 -45.93 87.44
N ASN Z 31 -7.82 -47.17 87.33
CA ASN Z 31 -7.13 -47.66 86.14
C ASN Z 31 -5.94 -46.78 85.78
N ASN AA 5 -37.21 -54.01 47.44
CA ASN AA 5 -38.24 -53.30 46.69
C ASN AA 5 -38.09 -51.80 46.87
N PHE AA 6 -38.17 -51.35 48.12
CA PHE AA 6 -38.02 -49.94 48.46
C PHE AA 6 -36.62 -49.56 48.87
N ALA AA 7 -35.68 -50.52 48.87
CA ALA AA 7 -34.31 -50.24 49.27
C ALA AA 7 -33.52 -49.45 48.24
N SER AA 8 -34.06 -49.30 47.02
CA SER AA 8 -33.37 -48.56 45.98
C SER AA 8 -33.27 -47.08 46.28
N LEU AA 9 -33.99 -46.58 47.29
CA LEU AA 9 -33.99 -45.17 47.66
C LEU AA 9 -33.04 -44.88 48.81
N ALA AA 10 -32.23 -45.85 49.22
CA ALA AA 10 -31.37 -45.68 50.38
C ALA AA 10 -29.92 -45.46 49.99
N PRO AA 11 -29.21 -44.59 50.69
CA PRO AA 11 -27.78 -44.40 50.40
C PRO AA 11 -27.01 -45.68 50.64
N ARG AA 12 -26.02 -45.93 49.78
CA ARG AA 12 -25.22 -47.14 49.83
C ARG AA 12 -23.91 -46.84 50.57
N HIS AA 13 -23.84 -47.29 51.83
CA HIS AA 13 -22.59 -47.20 52.60
C HIS AA 13 -21.74 -48.40 52.22
N GLY AA 14 -21.21 -48.36 50.99
CA GLY AA 14 -20.49 -49.48 50.43
C GLY AA 14 -21.33 -50.18 49.37
N THR AA 15 -21.73 -51.43 49.66
CA THR AA 15 -22.68 -52.13 48.81
C THR AA 15 -23.97 -52.48 49.54
N ARG AA 16 -24.05 -52.23 50.84
CA ARG AA 16 -25.25 -52.50 51.62
C ARG AA 16 -25.93 -51.18 51.96
N PRO AA 17 -27.18 -50.98 51.55
CA PRO AA 17 -27.83 -49.69 51.81
C PRO AA 17 -27.98 -49.42 53.29
N PHE AA 18 -28.00 -48.12 53.63
CA PHE AA 18 -28.09 -47.67 55.01
C PHE AA 18 -29.45 -47.91 55.65
N MET AA 19 -30.34 -48.63 54.98
CA MET AA 19 -31.67 -48.89 55.54
C MET AA 19 -31.57 -49.71 56.82
N GLY AA 20 -32.52 -49.50 57.71
CA GLY AA 20 -32.57 -50.23 58.96
C GLY AA 20 -32.86 -49.29 60.11
N THR AA 21 -32.64 -49.78 61.33
CA THR AA 21 -32.91 -49.02 62.54
C THR AA 21 -34.37 -48.70 62.67
N TRP AA 22 -35.09 -49.55 63.39
CA TRP AA 22 -36.53 -49.32 63.58
C TRP AA 22 -36.78 -48.39 64.74
N ASN AA 23 -36.71 -47.10 64.45
CA ASN AA 23 -36.97 -46.14 65.46
C ASN AA 23 -37.92 -45.16 64.85
N GLU AA 24 -39.09 -45.64 64.50
CA GLU AA 24 -40.06 -44.72 64.00
C GLU AA 24 -40.61 -44.23 65.31
N ILE AA 25 -39.72 -43.83 66.25
CA ILE AA 25 -40.16 -43.45 67.61
C ILE AA 25 -40.77 -42.05 67.65
N GLY AA 26 -42.05 -41.97 68.01
CA GLY AA 26 -42.73 -40.71 68.01
C GLY AA 26 -43.36 -40.25 69.29
N THR AA 27 -42.89 -40.68 70.45
CA THR AA 27 -43.58 -40.27 71.65
C THR AA 27 -42.91 -39.36 72.69
N SER AA 28 -43.53 -38.24 72.97
CA SER AA 28 -43.02 -37.39 73.96
C SER AA 28 -44.16 -36.62 74.56
N GLN AA 29 -44.19 -36.41 75.87
CA GLN AA 29 -45.18 -35.60 76.47
C GLN AA 29 -44.54 -35.16 77.75
N LEU AA 30 -44.98 -34.10 78.39
CA LEU AA 30 -44.36 -33.56 79.60
C LEU AA 30 -43.94 -34.68 80.53
N ASN AA 31 -44.86 -35.58 80.84
CA ASN AA 31 -44.55 -36.85 81.50
C ASN AA 31 -43.74 -36.68 82.79
N ASN BA 5 -9.54 -67.49 67.17
CA ASN BA 5 -8.44 -67.31 66.24
C ASN BA 5 -7.57 -66.13 66.64
N PHE BA 6 -7.95 -64.93 66.17
CA PHE BA 6 -7.27 -63.70 66.55
C PHE BA 6 -7.88 -63.05 67.79
N ALA BA 7 -8.88 -63.68 68.41
CA ALA BA 7 -9.47 -63.14 69.62
C ALA BA 7 -8.55 -63.23 70.82
N SER BA 8 -7.43 -63.94 70.70
CA SER BA 8 -6.50 -64.04 71.82
C SER BA 8 -5.94 -62.68 72.20
N LEU BA 9 -5.71 -61.81 71.22
CA LEU BA 9 -5.20 -60.46 71.48
C LEU BA 9 -6.35 -59.46 71.58
N ALA BA 10 -7.28 -59.74 72.47
CA ALA BA 10 -8.45 -58.90 72.66
C ALA BA 10 -8.81 -58.84 74.15
N PRO BA 11 -9.14 -57.66 74.67
CA PRO BA 11 -9.55 -57.56 76.06
C PRO BA 11 -10.82 -58.37 76.32
N ARG BA 12 -10.93 -58.89 77.53
CA ARG BA 12 -12.07 -59.70 77.94
C ARG BA 12 -12.88 -58.91 78.95
N HIS BA 13 -14.17 -58.69 78.65
CA HIS BA 13 -15.09 -58.06 79.58
C HIS BA 13 -15.94 -59.09 80.32
N GLY BA 14 -15.36 -60.25 80.59
CA GLY BA 14 -16.07 -61.35 81.20
C GLY BA 14 -15.30 -62.63 80.94
N THR BA 15 -15.99 -63.66 80.46
CA THR BA 15 -15.34 -64.85 79.95
C THR BA 15 -15.22 -64.85 78.43
N ARG BA 16 -15.67 -63.78 77.78
CA ARG BA 16 -15.66 -63.66 76.34
C ARG BA 16 -14.87 -62.43 75.92
N PRO BA 17 -14.22 -62.47 74.75
CA PRO BA 17 -13.48 -61.30 74.28
C PRO BA 17 -14.41 -60.13 74.01
N PHE BA 18 -13.87 -58.93 74.19
CA PHE BA 18 -14.62 -57.68 73.98
C PHE BA 18 -14.26 -57.16 72.59
N MET BA 19 -15.05 -57.54 71.59
CA MET BA 19 -14.80 -57.17 70.22
C MET BA 19 -16.12 -56.72 69.59
N GLY BA 20 -16.12 -56.58 68.26
CA GLY BA 20 -17.33 -56.29 67.52
C GLY BA 20 -17.41 -54.87 67.01
N THR BA 21 -18.63 -54.35 66.88
CA THR BA 21 -18.89 -52.97 66.47
C THR BA 21 -18.24 -52.67 65.12
N TRP BA 22 -18.82 -53.27 64.08
CA TRP BA 22 -18.25 -53.18 62.74
C TRP BA 22 -18.37 -51.75 62.22
N ASN BA 23 -17.34 -50.95 62.45
CA ASN BA 23 -17.29 -49.56 62.02
C ASN BA 23 -15.92 -49.24 61.45
N GLU BA 24 -15.35 -50.18 60.70
CA GLU BA 24 -14.02 -50.01 60.11
C GLU BA 24 -14.16 -49.04 58.94
N ILE BA 25 -14.37 -47.76 59.28
CA ILE BA 25 -14.69 -46.73 58.30
C ILE BA 25 -13.56 -45.72 58.25
N GLY BA 26 -13.37 -45.15 57.06
CA GLY BA 26 -12.45 -44.06 56.88
C GLY BA 26 -13.03 -43.03 55.94
N THR BA 27 -14.35 -42.94 55.92
CA THR BA 27 -15.08 -42.09 54.99
C THR BA 27 -15.46 -40.79 55.69
N SER BA 28 -14.81 -39.70 55.31
CA SER BA 28 -15.10 -38.39 55.87
C SER BA 28 -14.44 -37.30 55.03
N GLN BA 29 -15.21 -36.29 54.64
CA GLN BA 29 -14.69 -35.17 53.87
C GLN BA 29 -15.62 -33.98 54.09
N LEU BA 30 -15.48 -32.95 53.26
CA LEU BA 30 -16.21 -31.72 53.49
C LEU BA 30 -17.72 -31.91 53.35
N ASN BA 31 -18.16 -32.94 52.64
CA ASN BA 31 -19.58 -33.20 52.49
C ASN BA 31 -19.94 -34.59 53.01
N ASP CA 3 11.45 -64.56 22.77
CA ASP CA 3 11.93 -63.87 21.57
C ASP CA 3 11.55 -62.39 21.60
N ILE CA 4 12.21 -61.64 22.48
CA ILE CA 4 11.97 -60.20 22.58
C ILE CA 4 13.20 -59.44 22.12
N ASN CA 5 13.22 -59.05 20.85
CA ASN CA 5 14.29 -58.22 20.33
C ASN CA 5 14.14 -56.79 20.85
N PHE CA 6 15.25 -56.05 20.81
CA PHE CA 6 15.29 -54.67 21.29
C PHE CA 6 15.08 -53.65 20.17
N ALA CA 7 14.73 -54.11 18.97
CA ALA CA 7 14.54 -53.18 17.86
C ALA CA 7 13.38 -52.22 18.12
N SER CA 8 12.43 -52.58 18.98
CA SER CA 8 11.31 -51.70 19.26
C SER CA 8 11.73 -50.40 19.93
N LEU CA 9 12.93 -50.36 20.49
CA LEU CA 9 13.46 -49.15 21.10
C LEU CA 9 14.08 -48.19 20.09
N ALA CA 10 14.20 -48.60 18.83
CA ALA CA 10 14.86 -47.83 17.78
C ALA CA 10 13.87 -46.99 17.00
N PRO CA 11 14.25 -45.76 16.65
CA PRO CA 11 13.38 -44.93 15.81
C PRO CA 11 13.17 -45.57 14.46
N ARG CA 12 11.99 -45.36 13.89
CA ARG CA 12 11.61 -45.97 12.62
C ARG CA 12 11.69 -44.93 11.51
N HIS CA 13 12.52 -45.19 10.52
CA HIS CA 13 12.60 -44.38 9.30
C HIS CA 13 11.86 -45.15 8.21
N GLY CA 14 10.55 -44.97 8.16
CA GLY CA 14 9.71 -45.76 7.28
C GLY CA 14 8.99 -46.86 8.05
N THR CA 15 9.17 -48.10 7.61
CA THR CA 15 8.61 -49.26 8.30
C THR CA 15 9.67 -50.12 8.96
N ARG CA 16 10.95 -49.77 8.82
CA ARG CA 16 12.03 -50.54 9.42
C ARG CA 16 12.74 -49.71 10.48
N PRO CA 17 13.31 -50.35 11.50
CA PRO CA 17 14.03 -49.61 12.53
C PRO CA 17 15.28 -48.96 11.98
N PHE CA 18 15.77 -47.97 12.71
CA PHE CA 18 16.99 -47.24 12.35
C PHE CA 18 18.23 -47.81 13.03
N MET CA 19 18.26 -49.12 13.27
CA MET CA 19 19.43 -49.74 13.90
C MET CA 19 20.67 -49.51 13.06
N GLY CA 20 21.76 -49.12 13.72
CA GLY CA 20 23.00 -48.79 13.04
C GLY CA 20 23.86 -50.01 12.77
N THR CA 21 25.07 -49.73 12.28
CA THR CA 21 26.03 -50.77 11.97
C THR CA 21 26.90 -51.05 13.19
N TRP CA 22 27.99 -51.80 13.00
CA TRP CA 22 28.88 -52.17 14.09
C TRP CA 22 29.96 -51.10 14.26
N ASN CA 23 29.49 -49.90 14.63
CA ASN CA 23 30.36 -48.76 14.92
C ASN CA 23 30.60 -48.59 16.41
N GLU CA 24 30.36 -49.66 17.19
CA GLU CA 24 30.49 -49.64 18.67
C GLU CA 24 31.90 -49.64 19.14
N ILE CA 25 32.53 -48.47 19.17
CA ILE CA 25 33.96 -48.42 19.48
C ILE CA 25 34.44 -47.40 20.47
N GLY CA 26 35.63 -47.59 21.01
CA GLY CA 26 36.17 -46.58 21.87
C GLY CA 26 37.66 -46.63 21.62
N THR CA 27 38.04 -46.55 20.37
CA THR CA 27 39.44 -46.66 19.99
C THR CA 27 40.56 -45.66 20.38
N SER CA 28 40.31 -44.34 20.38
CA SER CA 28 41.36 -43.31 20.54
C SER CA 28 42.32 -43.05 21.66
N GLN CA 29 43.57 -42.69 21.34
CA GLN CA 29 44.58 -42.34 22.31
C GLN CA 29 45.42 -41.40 21.53
N LEU CA 30 46.41 -40.76 22.10
CA LEU CA 30 47.16 -39.69 21.42
C LEU CA 30 47.71 -40.21 20.17
N ASN CA 31 48.16 -41.43 20.20
CA ASN CA 31 48.63 -42.10 19.01
C ASN CA 31 49.77 -41.41 18.38
N ILE DA 4 16.50 -53.12 -17.38
CA ILE DA 4 17.81 -52.61 -17.78
C ILE DA 4 17.68 -51.32 -18.57
N ASN DA 5 16.49 -51.09 -19.12
CA ASN DA 5 16.25 -49.87 -19.88
C ASN DA 5 16.40 -48.64 -18.99
N PHE DA 6 15.87 -48.71 -17.76
CA PHE DA 6 16.05 -47.61 -16.83
C PHE DA 6 17.50 -47.53 -16.34
N ALA DA 7 18.14 -48.68 -16.14
CA ALA DA 7 19.51 -48.71 -15.66
C ALA DA 7 20.52 -48.26 -16.72
N SER DA 8 20.09 -48.14 -17.98
CA SER DA 8 20.99 -47.71 -19.04
C SER DA 8 21.17 -46.21 -19.09
N LEU DA 9 20.49 -45.45 -18.23
CA LEU DA 9 20.56 -44.00 -18.22
C LEU DA 9 21.59 -43.47 -17.23
N ALA DA 10 22.37 -44.35 -16.59
CA ALA DA 10 23.30 -43.90 -15.57
C ALA DA 10 24.73 -43.94 -16.10
N PRO DA 11 25.59 -43.04 -15.62
CA PRO DA 11 26.99 -43.05 -16.06
C PRO DA 11 27.68 -44.37 -15.70
N ARG DA 12 28.57 -44.81 -16.58
CA ARG DA 12 29.31 -46.05 -16.40
C ARG DA 12 30.67 -45.71 -15.82
N HIS DA 13 30.87 -45.99 -14.54
CA HIS DA 13 32.17 -45.83 -13.89
C HIS DA 13 32.96 -47.10 -14.15
N GLY DA 14 33.51 -47.21 -15.35
CA GLY DA 14 34.19 -48.44 -15.78
C GLY DA 14 33.32 -49.27 -16.73
N THR DA 15 32.72 -50.34 -16.20
CA THR DA 15 31.81 -51.17 -16.96
C THR DA 15 30.39 -51.14 -16.44
N ARG DA 16 30.20 -51.30 -15.14
CA ARG DA 16 28.90 -51.27 -14.52
C ARG DA 16 28.43 -49.84 -14.28
N PRO DA 17 27.12 -49.60 -14.27
CA PRO DA 17 26.63 -48.23 -14.07
C PRO DA 17 26.90 -47.70 -12.66
N PHE DA 18 26.46 -46.47 -12.40
CA PHE DA 18 26.71 -45.80 -11.14
C PHE DA 18 25.50 -45.81 -10.21
N MET DA 19 24.52 -46.69 -10.46
CA MET DA 19 23.35 -46.74 -9.60
C MET DA 19 23.72 -47.22 -8.20
N GLY DA 20 22.98 -46.76 -7.21
CA GLY DA 20 23.17 -47.20 -5.85
C GLY DA 20 22.85 -46.11 -4.87
N THR DA 21 22.83 -46.49 -3.59
CA THR DA 21 22.60 -45.57 -2.47
C THR DA 21 21.29 -44.80 -2.67
N TRP DA 22 20.20 -45.56 -2.54
CA TRP DA 22 18.87 -44.97 -2.65
C TRP DA 22 18.70 -43.84 -1.65
N ASN DA 23 18.51 -42.63 -2.16
CA ASN DA 23 18.46 -41.41 -1.36
C ASN DA 23 17.12 -40.70 -1.52
N GLU DA 24 16.03 -41.47 -1.48
CA GLU DA 24 14.69 -40.89 -1.50
C GLU DA 24 14.43 -40.23 -0.15
N ILE DA 25 14.57 -38.91 -0.10
CA ILE DA 25 14.50 -38.16 1.15
C ILE DA 25 13.50 -37.02 1.00
N GLY DA 26 13.47 -36.12 1.98
CA GLY DA 26 12.53 -35.02 1.96
C GLY DA 26 11.70 -34.97 3.23
N THR DA 27 12.24 -35.53 4.30
CA THR DA 27 11.58 -35.52 5.60
C THR DA 27 11.93 -34.30 6.44
N SER DA 28 13.04 -33.62 6.13
CA SER DA 28 13.56 -32.57 6.99
C SER DA 28 12.54 -31.47 7.23
N GLN DA 29 12.44 -31.05 8.49
CA GLN DA 29 11.65 -29.89 8.89
C GLN DA 29 12.35 -29.25 10.09
N LEU DA 30 11.64 -28.40 10.83
CA LEU DA 30 12.28 -27.63 11.88
C LEU DA 30 12.86 -28.52 12.97
N ASN DA 31 12.00 -29.23 13.69
CA ASN DA 31 12.42 -30.11 14.79
C ASN DA 31 13.27 -29.38 15.83
N UNK EA 1 30.86 -63.88 -29.83
CA UNK EA 1 31.04 -62.45 -30.03
C UNK EA 1 30.45 -62.02 -31.37
N UNK EA 2 30.12 -63.00 -32.21
CA UNK EA 2 29.50 -62.70 -33.50
C UNK EA 2 28.08 -62.19 -33.32
N UNK EA 3 27.33 -62.77 -32.38
CA UNK EA 3 25.99 -62.28 -32.09
C UNK EA 3 26.04 -60.91 -31.43
N UNK EA 4 26.96 -60.73 -30.47
CA UNK EA 4 27.06 -59.44 -29.78
C UNK EA 4 27.47 -58.33 -30.74
N UNK EA 5 28.44 -58.61 -31.62
CA UNK EA 5 28.87 -57.60 -32.59
C UNK EA 5 27.74 -57.24 -33.54
N UNK EA 6 26.96 -58.25 -33.97
CA UNK EA 6 25.84 -58.00 -34.86
C UNK EA 6 24.77 -57.17 -34.16
N UNK EA 7 24.47 -57.50 -32.90
CA UNK EA 7 23.42 -56.78 -32.18
C UNK EA 7 23.90 -55.39 -31.75
N UNK EA 8 25.14 -55.29 -31.28
CA UNK EA 8 25.65 -54.01 -30.80
C UNK EA 8 25.76 -53.00 -31.94
N UNK EA 9 26.17 -53.46 -33.13
CA UNK EA 9 26.33 -52.54 -34.25
C UNK EA 9 25.01 -51.86 -34.60
N UNK EA 10 23.92 -52.62 -34.61
CA UNK EA 10 22.61 -52.01 -34.82
C UNK EA 10 22.20 -51.16 -33.63
N UNK EA 11 22.51 -51.62 -32.42
CA UNK EA 11 22.12 -50.87 -31.23
C UNK EA 11 22.93 -49.59 -31.07
N UNK EA 12 24.25 -49.67 -31.26
CA UNK EA 12 25.09 -48.49 -31.08
C UNK EA 12 24.82 -47.46 -32.16
N UNK EA 13 24.49 -47.90 -33.38
CA UNK EA 13 24.16 -46.96 -34.44
C UNK EA 13 22.90 -46.17 -34.10
N UNK EA 14 21.89 -46.84 -33.53
CA UNK EA 14 20.66 -46.15 -33.16
C UNK EA 14 20.91 -45.09 -32.11
N UNK EA 15 21.74 -45.40 -31.11
CA UNK EA 15 22.04 -44.46 -30.04
C UNK EA 15 22.94 -43.33 -30.53
#